data_8RK3
#
_entry.id   8RK3
#
loop_
_entity.id
_entity.type
_entity.pdbx_description
1 polymer 'Tape measure protein N-terminal domain-containing protein'
2 polymer 'DUF2163 domain-containing protein'
3 polymer 'Virion structural protein'
4 polymer 'DUF2793 domain-containing protein'
5 polymer 'Tip attachment protein J domain-containing protein'
6 polymer 'Virion structural protein'
7 polymer 'Virion structural protein'
8 polymer 'Virion structural protein'
#
loop_
_entity_poly.entity_id
_entity_poly.type
_entity_poly.pdbx_seq_one_letter_code
_entity_poly.pdbx_strand_id
1 'polypeptide(L)'
;MATNQQLSIALRIQADLAEAQNALRQLTGNLQQVDRGAVQTRSELSAMGGQLDSLRAQVLGFVGAWASLSALGGLVTMVD
QYGQMADRIQMVTSSTAEYEQVQARLLETASRTYRPLAEAQELYIRTADSLKSLRYTTEQALDITDSFSFLLVTNAASAD
RAASAIDAYSKSIQTGKVSSDAWQSIMAAMPSLVNALAESTGKSTEEIRKLGIEGSLSLRDLNEGLRKTVAANREAADNM
GTSVQDALVSLNNALSAYLGELNRTYDITGSVSSALNVLAENMEVIVKLFGVAAVAGLTRYVASLTLATQAKLAAVLAAR
AQAAEELRTAQAQVASTAAAAANARAQAGLTVSHTQAAAAEAAHTAATQRLAAAQLAAGAAMRGMLAVIGGPAGIAMLVA
GAAASFFLFRDSAQAVKSSLDDLSEPLDQVVERMGKLSEIEQDRELTRLSEQIDGLRQTAVEAAREMREVASTALYGARL
DRIPSAEAQQALQPLIDASADAARGVEVDWKSVMDTLAASGAVPDSLKRKLLDMAAGQAEAGRTATELGQRHAELKARLE
GSTAAINENSDALSKGSDKAAEYIQSLRLAIADLEDPSVLGKAGRRLQQFGADLNAEQSAEILRLETLKANTEKAAQARE
DARRKAESSARQQASTAEQLAKSQEGYVAGLEKQARTLGLTSAEVRAYELAEKGLTGALHARAAAALAALAADEKKRQAD
ANARTNAGLEAEYLRATGRTVDAGLLEIRTKFDAMRRDFEKAGNDAGLAWIDKLIPVAEAKVRLDDVKQQMDDLLADQQR
AESSVNVQQDAGVINEMDARQRILDIHRATYEKLQQIRPILEQMARQPGEVGRAAAESLAQLDAEAARLQQTTTLLETTL
RDGLTTGFTDAIKGLASGTMDLRDAITSLGEAVLNALVNMAAQNLAQSLSSGIMGLFGGGQQDTSMTTGAAAVTASAGAL
STAGASLLTGAAAIQAAAASLAAANGVQGLGAAAGGAGAAGAAAGGGSWLSSIAGIFGFASGGHIKGPGTGTSDSIPILA
SNDEFMTRAAVVRQPGALAFLEQFNRYGMAALAGWANPVRHATGGQIGTPAPNLPAPVRAGANLPEPSKNFSTSVANSIY
LHAVQDTDQMAADMWAGKGGEHFLVWLNKNRQAVKQII
;
A,B,C
2 'polypeptide(L)'
;MSFNSRESSLADGQPVRLYQFSRGAIRWSYNSSDRDITYQNQIFRTVPGGITDNGIICSGDPQSDQFVITAPADLDVALL
YKTRSPSDAIDLVVYDMHYGDAEAAVSWVGQIGDVDWPTVDSCRITCVSEDELMDQPGLTDTYCRTCTAIVGDHRCKVNL
VPYRVTLTPQSVSAWVISSGVVAGYADGWFTGGYVEWQVDGDNYDRRFIEQHAGADLHILGGTEGIPAGGQLRVYPGCDG
LAQTCDDKFSNLPNFRGFNAMQGKSPFDGDQVW
;
g,O,P
3 'polypeptide(L)'
;MATFPGFQVPKPVEGIVAGITPNIDALELNQDISLAAVAASTWGGAYGAHQPVEVIHSTYQAVHQSALEENYYNRLWLIP
TAMELGNVVSTQIRPASVWNAYFSPRTLTAIDREAADGITLSGQASPPLGFAALEERTWTVSIGTDGPPVVNARIVWRLQ
GEPNLVLVITGNRIIAWTFAPDWGDSIVERLSASTNILQSESAVTQRRAMRLAPRREFDANMYAVDRERQLLDMTLFGWG
ARIWALPIWPDIQLLHQPLAAGSLGIPCDTAGLDFRDGGLAMLRGEDAFTYEVVEVKTVTASGLDLVRPVQAAWGTGSRL
YPVRTAQLTEQPTLTRLTDTAQSARVSFLVMEPSAWPELMPATTYRGRPVLEQRPDESEDLTSSYQRLLSTLDNGSAIPR
VTDVAGMALPVIGHRWIGMGRAERSAFRSLVYALRGQQKPLWVPTHADDLTLVATVSQLSTALDVRNIGYARFANGRPGR
RDIRIELYDGTVYHRRILTSTELDADTERVAIDAALGRLVEPTDVARICFMALCSAASDVVEIEHVTDSEGVATAALTFK
GVRDDEF
;
U,r,D
4 'polypeptide(L)'
;MTLYMGPNTGLLINGLPGEGHYSDLIRMWRWDDFLRQPVVKGRVATLPTTGQAEGDTYIFTGSGSNQNRLARWWATGATT
AIWEYMPPRLGWRVQVANETTPSGQVKTYEYSGTAWVELVGGMSDAPSDGKAYARESGAWTELGSAAKSALNVLPFMNLM
PDMGRFAGTAANPLATMFTTSWTPSSFLNGWNGATVADGGKFAFDNSTNGGAGPALNARVQALLAAMGRTWTSVSRYGVE
FFTAVLTAGSQTTTGSAGADGVTRYLCCSNGSKTVFNAGGWATVVMWLRVESGSAHISSAPYTTHRLWINGAVAAPGVVL
PANQWVHLRFSMQSYNGYDNACPYIYASAGAQIAFACPAWFGGLVDPGIHVAPILTINGASA
;
a,W,e,I,E,M,J,F,N
5 'polypeptide(L)'
;MGAKPKAQTVGWRYYFDIHFALGKKVDEVCAIRASGKTAWKGSITSNGQVRINAPELFGGDKGEGGLDGTLDVLFGEEDQ
GVLPRLAAMLGGLVPAFRGVTTCFYSGLVTSVNPYPKKWEILRRGGNRLWDGNPWYPEKQFVWLADGQIKAMNPAHILYL
VYTGRDFRGLARTRMDEASWRAAADTLYAEGFGLCFEWTRSDSFKNFCETVKSHIGAEVYPNRQTGQISIRLLRDDYNVA
DLPLFDEDSGLLEITQEKTGSTSLAPSQLIVKYIDQIDGAQRQIIVNNNAVAASQGRRSSEEIEFLGVPTGELAGRVGER
EMRLKTTGLKRYKGVFDRRARSLNPGQPFLIRSTPRGIPETVVRVGRIEDNFLGDGKITLTVVQDQFNLPATTGVAPPPP
GWTPPDRTPRAITVRRLIEAPYRELAGVIDPANLQLLDVSASYLAALAEAPTSLSQSYTLTDRVGSSGAFVDRGTGDWCP
TGLLAAELPLAAGPNVVTLTNATRLEDVTVGQAAVVDDEIVRVDAVNYASGTVTLARGCADTVPAKHLAGARVWFYDTFE
AVDETVYSQGVTLQARLLTNTSEGQLAPALAATDSLTLTGRQGKPYPPGQFRINGSAYPTKVYGALSVSWAKRDRIGQAD
QLIDTTVGNIGPEDGATVTLQVYSGTTLKRTYAGLTSSSWSYPLAEDMADGPLQDVRLVLRSVRDGIDSWQQHDITIERH
GLGFRLGEELGGVSA
;
o,b,d
6 'polypeptide(L)'
;MATEFGTAVNHADLVERLVQFLTASPDLVAAGQAYEKVFDNTIPASGTAIAVRQVTLRAPGLGGTDAIYMGIQSYGDTAL
DYYNLRLMGGTAFNPGAIPPGGDYWTAFANYSPRVQLLAWNQPMPYWFFANGRRFWIVVKVSTIYESAGAGFILPPCPPS
QYPYPLAVVGSYRGDVATRWSDVSDRHRGISSPYERSCYLRDPAGRWLGFTVDGGAANESDYNNRTLLPLGCGRYAGSSD
TVVKQLRDSFGKFPLKALQFVTRETEGRRYLGDFDGAFYVPTLNSGAEDVIVEDGVDHVVFQTAWRSGNPWLYAIRKD
;
c,i,k,K,Q,T,L,R,V
7 'polypeptide(L)'
;MAYFTGTANNPADLLAKVRVHAESLGWVTDRASASEWLCHNADGYWSFNAGANQFQMAGNTGFDNSLAWNAQPGNSVQNN
PYSSKGPTVAQLSGGPFTRYHLFATAAYLHLHVEIAAGQFRPVMIGSLNKRGVGYTGGQYVCGSFIYTPGQALTNNWSSH
PFDGYHIQYSNSSCMLRLDGLDGGPSPEWLPFDYTTNVPRRVVGPGRGNYSSQYHPDVGLIDASANELNSSTTTVPCAIY
AFGAQQRSRYVGEVPDFGICNMAFLAPGDPLVVGSDTWRVYPLLQRGTATDFDSTSAWVGYCFRVVE
;
S,Y,m,n,G,X,p,H,Z
8 'polypeptide(L)'
;MAQETYFYGQGEIDAAPIVNGVLGKWRWIQDVSAMSIQLAVEKVEHKESYSGQKALVRSFPIGKTATVNITLHSIGPDNL
ALTLYGKVVAKAAGSVTGEVLPADLVAGDVIRLANFGVSELVITDSASSPAPLDPQYYALRADGAYGEVQLLGLPTPAPT
QPFKAAYEYAATKQVGMFTAPQPTVALRYKGINLAEGGAPVIVELYKVATDPLQELALISDGNTVAGMQISGGILLDTSK
PDTGDLGRFGRIIQLG
;
q,s,f,j,h,l
#
# COMPACT_ATOMS: atom_id res chain seq x y z
N ASP A 1126 14.10 24.63 -50.65
CA ASP A 1126 12.77 24.13 -50.95
C ASP A 1126 12.22 23.36 -49.76
N THR A 1127 12.81 22.20 -49.47
CA THR A 1127 12.45 21.38 -48.33
C THR A 1127 13.28 21.71 -47.09
N ASP A 1128 13.88 22.89 -47.05
CA ASP A 1128 14.74 23.30 -45.94
C ASP A 1128 14.12 24.39 -45.07
N GLN A 1129 13.72 25.51 -45.67
CA GLN A 1129 13.18 26.64 -44.92
C GLN A 1129 11.66 26.55 -44.74
N MET A 1130 10.97 25.88 -45.66
CA MET A 1130 9.51 25.78 -45.60
C MET A 1130 9.02 24.47 -45.01
N ALA A 1131 9.88 23.45 -44.94
CA ALA A 1131 9.49 22.14 -44.42
C ALA A 1131 9.72 22.00 -42.93
N ALA A 1132 10.76 22.63 -42.39
CA ALA A 1132 11.12 22.50 -40.98
C ALA A 1132 10.88 23.78 -40.20
N ASP A 1133 11.31 24.93 -40.71
CA ASP A 1133 11.10 26.18 -40.01
C ASP A 1133 9.62 26.54 -39.92
N MET A 1134 8.77 25.87 -40.69
CA MET A 1134 7.33 26.11 -40.60
C MET A 1134 6.81 25.82 -39.20
N TRP A 1135 7.53 25.02 -38.42
CA TRP A 1135 7.09 24.70 -37.06
C TRP A 1135 7.14 25.93 -36.15
N ALA A 1136 7.78 27.00 -36.59
CA ALA A 1136 8.00 28.18 -35.76
C ALA A 1136 6.74 28.60 -35.01
N GLY A 1137 5.68 28.95 -35.74
CA GLY A 1137 4.46 29.41 -35.10
C GLY A 1137 3.17 29.05 -35.81
N LYS A 1138 3.26 28.30 -36.91
CA LYS A 1138 2.08 28.04 -37.73
C LYS A 1138 1.66 26.58 -37.66
N GLY A 1139 2.62 25.66 -37.79
CA GLY A 1139 2.32 24.25 -37.88
C GLY A 1139 2.08 23.59 -36.54
N GLY A 1140 2.00 24.38 -35.47
CA GLY A 1140 1.79 23.83 -34.14
C GLY A 1140 0.33 23.57 -33.83
N GLU A 1141 -0.54 24.54 -34.15
CA GLU A 1141 -1.96 24.38 -33.84
C GLU A 1141 -2.57 23.24 -34.63
N HIS A 1142 -2.23 23.11 -35.91
CA HIS A 1142 -2.76 22.01 -36.71
C HIS A 1142 -2.27 20.67 -36.20
N PHE A 1143 -1.01 20.58 -35.79
CA PHE A 1143 -0.52 19.33 -35.21
C PHE A 1143 -1.24 19.01 -33.91
N LEU A 1144 -1.50 20.03 -33.09
CA LEU A 1144 -2.21 19.80 -31.83
C LEU A 1144 -3.64 19.31 -32.07
N VAL A 1145 -4.34 19.90 -33.03
CA VAL A 1145 -5.69 19.42 -33.31
C VAL A 1145 -5.66 18.02 -33.91
N TRP A 1146 -4.65 17.71 -34.73
CA TRP A 1146 -4.50 16.35 -35.21
C TRP A 1146 -4.28 15.39 -34.05
N LEU A 1147 -3.44 15.77 -33.09
CA LEU A 1147 -3.23 14.96 -31.90
C LEU A 1147 -4.51 14.73 -31.09
N ASN A 1148 -5.30 15.77 -30.87
CA ASN A 1148 -6.57 15.58 -30.17
C ASN A 1148 -7.58 14.82 -31.01
N LYS A 1149 -7.35 14.73 -32.33
CA LYS A 1149 -8.21 13.92 -33.19
C LYS A 1149 -7.90 12.44 -33.02
N ASN A 1150 -6.65 12.06 -33.21
CA ASN A 1150 -6.20 10.67 -33.08
C ASN A 1150 -5.42 10.55 -31.77
N ARG A 1151 -5.97 9.83 -30.81
CA ARG A 1151 -5.34 9.61 -29.52
C ARG A 1151 -5.02 8.14 -29.27
N GLN A 1152 -6.02 7.26 -29.39
CA GLN A 1152 -5.78 5.85 -29.14
C GLN A 1152 -4.79 5.26 -30.13
N ALA A 1153 -4.78 5.76 -31.38
CA ALA A 1153 -3.89 5.24 -32.40
C ALA A 1153 -2.48 5.77 -32.29
N VAL A 1154 -2.25 6.79 -31.48
CA VAL A 1154 -0.91 7.40 -31.36
C VAL A 1154 -0.38 7.21 -29.95
N LYS A 1155 -1.29 7.15 -28.95
CA LYS A 1155 -0.86 7.23 -27.54
C LYS A 1155 0.16 6.15 -27.19
N GLN A 1156 0.01 4.96 -27.75
CA GLN A 1156 0.96 3.87 -27.59
C GLN A 1156 1.65 3.61 -28.94
N ILE A 1157 2.97 3.64 -28.94
CA ILE A 1157 3.74 3.44 -30.16
C ILE A 1157 3.26 4.40 -31.25
N ASP B 1126 3.68 16.67 -54.85
CA ASP B 1126 3.70 17.96 -54.17
C ASP B 1126 3.60 17.76 -52.66
N THR B 1127 2.45 17.29 -52.20
CA THR B 1127 2.23 16.99 -50.78
C THR B 1127 2.54 15.53 -50.45
N ASP B 1128 3.34 14.87 -51.28
CA ASP B 1128 3.69 13.46 -51.09
C ASP B 1128 5.14 13.24 -50.69
N GLN B 1129 6.09 13.75 -51.46
CA GLN B 1129 7.51 13.55 -51.19
C GLN B 1129 8.09 14.62 -50.28
N MET B 1130 7.52 15.82 -50.28
CA MET B 1130 8.04 16.92 -49.48
C MET B 1130 7.27 17.13 -48.18
N ALA B 1131 6.07 16.57 -48.06
CA ALA B 1131 5.25 16.74 -46.87
C ALA B 1131 5.48 15.67 -45.81
N ALA B 1132 5.77 14.43 -46.24
CA ALA B 1132 5.93 13.31 -45.34
C ALA B 1132 7.37 12.82 -45.25
N ASP B 1133 8.03 12.64 -46.39
CA ASP B 1133 9.42 12.19 -46.38
C ASP B 1133 10.35 13.22 -45.76
N MET B 1134 9.88 14.45 -45.58
CA MET B 1134 10.69 15.48 -44.92
C MET B 1134 11.08 15.06 -43.51
N TRP B 1135 10.33 14.13 -42.91
CA TRP B 1135 10.64 13.68 -41.56
C TRP B 1135 11.94 12.90 -41.51
N ALA B 1136 12.50 12.52 -42.66
CA ALA B 1136 13.67 11.67 -42.73
C ALA B 1136 14.76 12.12 -41.77
N GLY B 1137 15.26 13.34 -41.94
CA GLY B 1137 16.34 13.81 -41.10
C GLY B 1137 16.34 15.30 -40.80
N LYS B 1138 15.33 16.03 -41.29
CA LYS B 1138 15.33 17.48 -41.18
C LYS B 1138 14.25 17.98 -40.23
N GLY B 1139 13.04 17.44 -40.35
CA GLY B 1139 11.92 17.93 -39.59
C GLY B 1139 11.84 17.38 -38.18
N GLY B 1140 12.87 16.68 -37.74
CA GLY B 1140 12.88 16.10 -36.41
C GLY B 1140 13.34 17.06 -35.35
N GLU B 1141 14.42 17.79 -35.62
CA GLU B 1141 14.95 18.72 -34.62
C GLU B 1141 13.97 19.85 -34.33
N HIS B 1142 13.35 20.39 -35.38
CA HIS B 1142 12.37 21.46 -35.17
C HIS B 1142 11.16 20.95 -34.39
N PHE B 1143 10.69 19.74 -34.68
CA PHE B 1143 9.60 19.19 -33.90
C PHE B 1143 10.00 18.98 -32.45
N LEU B 1144 11.24 18.53 -32.21
CA LEU B 1144 11.69 18.34 -30.83
C LEU B 1144 11.77 19.65 -30.07
N VAL B 1145 12.27 20.72 -30.70
CA VAL B 1145 12.32 22.00 -30.02
C VAL B 1145 10.91 22.54 -29.79
N TRP B 1146 10.00 22.31 -30.74
CA TRP B 1146 8.61 22.68 -30.50
C TRP B 1146 8.03 21.94 -29.31
N LEU B 1147 8.33 20.64 -29.21
CA LEU B 1147 7.89 19.86 -28.06
C LEU B 1147 8.43 20.39 -26.73
N ASN B 1148 9.74 20.71 -26.69
CA ASN B 1148 10.28 21.28 -25.46
C ASN B 1148 9.78 22.70 -25.21
N LYS B 1149 9.22 23.35 -26.23
CA LYS B 1149 8.60 24.66 -26.06
C LYS B 1149 7.24 24.54 -25.37
N ASN B 1150 6.36 23.73 -25.94
CA ASN B 1150 5.01 23.50 -25.40
C ASN B 1150 4.99 22.11 -24.78
N ARG B 1151 4.88 22.05 -23.45
CA ARG B 1151 4.82 20.79 -22.72
C ARG B 1151 3.50 20.60 -21.99
N GLN B 1152 3.10 21.58 -21.16
CA GLN B 1152 1.85 21.44 -20.42
C GLN B 1152 0.65 21.38 -21.36
N ALA B 1153 0.71 22.06 -22.50
CA ALA B 1153 -0.41 22.09 -23.44
C ALA B 1153 -0.49 20.84 -24.30
N VAL B 1154 0.56 20.02 -24.32
CA VAL B 1154 0.58 18.84 -25.18
C VAL B 1154 0.62 17.58 -24.32
N LYS B 1155 1.23 17.67 -23.13
CA LYS B 1155 1.56 16.45 -22.35
C LYS B 1155 0.32 15.60 -22.08
N GLN B 1156 -0.82 16.24 -21.84
CA GLN B 1156 -2.11 15.56 -21.67
C GLN B 1156 -3.00 15.91 -22.85
N ILE B 1157 -3.50 14.88 -23.53
CA ILE B 1157 -4.35 15.07 -24.69
C ILE B 1157 -3.66 15.97 -25.71
N ASP C 1126 1.59 29.50 -49.32
CA ASP C 1126 2.82 28.73 -49.42
C ASP C 1126 2.99 27.86 -48.18
N THR C 1127 3.24 28.49 -47.04
CA THR C 1127 3.37 27.80 -45.75
C THR C 1127 2.04 27.72 -45.01
N ASP C 1128 0.92 27.86 -45.72
CA ASP C 1128 -0.41 27.85 -45.12
C ASP C 1128 -1.21 26.60 -45.46
N GLN C 1129 -1.38 26.30 -46.74
CA GLN C 1129 -2.18 25.15 -47.18
C GLN C 1129 -1.37 23.88 -47.29
N MET C 1130 -0.06 23.98 -47.54
CA MET C 1130 0.78 22.81 -47.73
C MET C 1130 1.59 22.46 -46.49
N ALA C 1131 1.71 23.37 -45.52
CA ALA C 1131 2.49 23.15 -44.32
C ALA C 1131 1.66 22.56 -43.18
N ALA C 1132 0.39 22.94 -43.08
CA ALA C 1132 -0.48 22.51 -41.98
C ALA C 1132 -1.56 21.56 -42.44
N ASP C 1133 -2.27 21.87 -43.52
CA ASP C 1133 -3.32 20.98 -44.01
C ASP C 1133 -2.75 19.66 -44.51
N MET C 1134 -1.44 19.57 -44.70
CA MET C 1134 -0.83 18.30 -45.09
C MET C 1134 -1.09 17.20 -44.07
N TRP C 1135 -1.40 17.58 -42.83
CA TRP C 1135 -1.68 16.59 -41.79
C TRP C 1135 -2.95 15.82 -42.06
N ALA C 1136 -3.77 16.28 -43.02
CA ALA C 1136 -5.08 15.70 -43.27
C ALA C 1136 -5.02 14.18 -43.34
N GLY C 1137 -4.26 13.62 -44.28
CA GLY C 1137 -4.20 12.18 -44.42
C GLY C 1137 -2.87 11.62 -44.88
N LYS C 1138 -1.86 12.48 -45.06
CA LYS C 1138 -0.60 12.05 -45.64
C LYS C 1138 0.54 12.07 -44.62
N GLY C 1139 0.63 13.14 -43.85
CA GLY C 1139 1.75 13.33 -42.94
C GLY C 1139 1.59 12.61 -41.62
N GLY C 1140 0.57 11.75 -41.51
CA GLY C 1140 0.34 11.02 -40.28
C GLY C 1140 1.16 9.75 -40.17
N GLU C 1141 1.21 8.97 -41.25
CA GLU C 1141 1.95 7.71 -41.22
C GLU C 1141 3.44 7.95 -41.03
N HIS C 1142 4.00 8.94 -41.72
CA HIS C 1142 5.41 9.24 -41.55
C HIS C 1142 5.72 9.71 -40.13
N PHE C 1143 4.85 10.54 -39.56
CA PHE C 1143 5.05 10.95 -38.18
C PHE C 1143 4.97 9.76 -37.23
N LEU C 1144 4.05 8.84 -37.48
CA LEU C 1144 3.93 7.66 -36.62
C LEU C 1144 5.17 6.78 -36.70
N VAL C 1145 5.71 6.56 -37.90
CA VAL C 1145 6.92 5.76 -38.01
C VAL C 1145 8.10 6.49 -37.37
N TRP C 1146 8.15 7.82 -37.49
CA TRP C 1146 9.20 8.56 -36.79
C TRP C 1146 9.07 8.38 -35.29
N LEU C 1147 7.83 8.43 -34.77
CA LEU C 1147 7.61 8.18 -33.35
C LEU C 1147 8.06 6.79 -32.90
N ASN C 1148 7.73 5.75 -33.67
CA ASN C 1148 8.18 4.42 -33.33
C ASN C 1148 9.69 4.26 -33.53
N LYS C 1149 10.32 5.17 -34.28
CA LYS C 1149 11.76 5.16 -34.43
C LYS C 1149 12.45 5.71 -33.19
N ASN C 1150 12.07 6.92 -32.78
CA ASN C 1150 12.62 7.58 -31.61
C ASN C 1150 11.58 7.56 -30.50
N ARG C 1151 11.83 6.78 -29.45
CA ARG C 1151 10.93 6.66 -28.32
C ARG C 1151 11.56 7.17 -27.03
N GLN C 1152 12.74 6.67 -26.66
CA GLN C 1152 13.38 7.11 -25.43
C GLN C 1152 13.71 8.59 -25.47
N ALA C 1153 14.04 9.13 -26.64
CA ALA C 1153 14.41 10.52 -26.76
C ALA C 1153 13.21 11.47 -26.79
N VAL C 1154 12.00 10.94 -26.96
CA VAL C 1154 10.81 11.77 -27.07
C VAL C 1154 9.89 11.50 -25.88
N LYS C 1155 9.91 10.26 -25.36
CA LYS C 1155 8.87 9.83 -24.41
C LYS C 1155 8.79 10.74 -23.19
N GLN C 1156 9.93 11.25 -22.72
CA GLN C 1156 10.00 12.22 -21.64
C GLN C 1156 10.49 13.54 -22.20
N ILE C 1157 9.71 14.60 -21.97
CA ILE C 1157 10.06 15.93 -22.48
C ILE C 1157 10.29 15.87 -23.99
N SER D 2 13.14 57.69 -22.17
CA SER D 2 12.70 57.68 -23.57
C SER D 2 12.54 56.26 -24.08
N PHE D 3 13.08 55.29 -23.34
CA PHE D 3 12.99 53.90 -23.76
C PHE D 3 11.53 53.47 -23.94
N ASN D 4 10.69 53.73 -22.93
CA ASN D 4 9.28 53.40 -23.06
C ASN D 4 8.63 54.21 -24.18
N SER D 5 8.97 55.50 -24.28
CA SER D 5 8.42 56.33 -25.33
C SER D 5 8.81 55.82 -26.71
N ARG D 6 10.08 55.40 -26.86
CA ARG D 6 10.51 54.84 -28.13
C ARG D 6 9.78 53.54 -28.43
N GLU D 7 9.56 52.71 -27.40
CA GLU D 7 8.83 51.46 -27.61
C GLU D 7 7.41 51.75 -28.10
N SER D 8 6.75 52.75 -27.52
CA SER D 8 5.42 53.13 -27.99
C SER D 8 5.47 53.87 -29.31
N SER D 9 6.63 54.41 -29.70
CA SER D 9 6.74 55.17 -30.93
C SER D 9 6.52 54.24 -32.13
N LEU D 10 5.84 54.76 -33.15
CA LEU D 10 5.54 54.01 -34.36
C LEU D 10 6.59 54.19 -35.45
N ALA D 11 7.57 55.06 -35.25
CA ALA D 11 8.56 55.34 -36.29
C ALA D 11 10.01 55.37 -35.80
N ASP D 12 10.26 55.32 -34.49
CA ASP D 12 11.62 55.40 -33.95
C ASP D 12 12.12 54.05 -33.45
N GLY D 13 11.44 52.96 -33.78
CA GLY D 13 11.85 51.64 -33.33
C GLY D 13 13.23 51.24 -33.82
N GLN D 14 14.20 51.18 -32.91
CA GLN D 14 15.56 50.75 -33.22
C GLN D 14 16.00 49.74 -32.17
N PRO D 15 15.38 48.57 -32.15
CA PRO D 15 15.70 47.59 -31.10
C PRO D 15 17.15 47.15 -31.15
N VAL D 16 17.74 46.96 -29.96
CA VAL D 16 19.08 46.43 -29.81
C VAL D 16 19.15 45.70 -28.48
N ARG D 17 19.57 44.45 -28.50
CA ARG D 17 19.62 43.60 -27.32
C ARG D 17 21.07 43.44 -26.86
N LEU D 18 21.30 43.65 -25.57
CA LEU D 18 22.63 43.53 -24.98
C LEU D 18 22.67 42.35 -24.02
N TYR D 19 23.79 41.64 -24.02
CA TYR D 19 24.01 40.52 -23.12
C TYR D 19 25.23 40.82 -22.25
N GLN D 20 25.13 40.48 -20.96
CA GLN D 20 26.20 40.68 -20.00
C GLN D 20 26.42 39.39 -19.23
N PHE D 21 27.55 38.72 -19.49
CA PHE D 21 27.92 37.51 -18.76
C PHE D 21 28.92 37.89 -17.67
N SER D 22 28.56 37.59 -16.43
CA SER D 22 29.36 37.98 -15.27
C SER D 22 29.71 36.76 -14.44
N ARG D 23 30.97 36.69 -14.01
CA ARG D 23 31.45 35.63 -13.11
C ARG D 23 32.37 36.30 -12.09
N GLY D 24 31.80 36.71 -10.97
CA GLY D 24 32.56 37.38 -9.93
C GLY D 24 33.12 38.71 -10.38
N ALA D 25 34.44 38.79 -10.53
CA ALA D 25 35.12 40.03 -10.89
C ALA D 25 35.38 40.14 -12.39
N ILE D 26 34.92 39.19 -13.20
CA ILE D 26 35.15 39.19 -14.64
C ILE D 26 33.80 39.28 -15.34
N ARG D 27 33.68 40.22 -16.27
CA ARG D 27 32.46 40.45 -17.01
C ARG D 27 32.74 40.42 -18.51
N TRP D 28 31.82 39.80 -19.25
CA TRP D 28 31.89 39.74 -20.71
C TRP D 28 30.66 40.45 -21.27
N SER D 29 30.89 41.37 -22.21
CA SER D 29 29.83 42.19 -22.78
C SER D 29 29.75 41.96 -24.28
N TYR D 30 28.54 41.67 -24.76
CA TYR D 30 28.31 41.46 -26.19
C TYR D 30 27.03 42.18 -26.59
N ASN D 31 26.97 42.55 -27.87
CA ASN D 31 25.81 43.24 -28.43
C ASN D 31 25.46 42.62 -29.77
N SER D 32 24.18 42.76 -30.14
CA SER D 32 23.67 42.17 -31.37
C SER D 32 23.74 43.10 -32.57
N SER D 33 24.21 44.35 -32.39
CA SER D 33 24.30 45.29 -33.47
C SER D 33 25.60 45.11 -34.24
N ASP D 34 25.84 45.97 -35.22
CA ASP D 34 27.04 45.93 -36.04
C ASP D 34 28.13 46.87 -35.53
N ARG D 35 27.88 47.62 -34.46
CA ARG D 35 28.88 48.51 -33.89
C ARG D 35 28.79 48.46 -32.38
N ASP D 36 29.91 48.77 -31.71
CA ASP D 36 29.95 48.70 -30.26
C ASP D 36 29.01 49.73 -29.65
N ILE D 37 28.44 49.39 -28.49
CA ILE D 37 27.53 50.26 -27.76
C ILE D 37 28.13 50.49 -26.38
N THR D 38 28.20 51.76 -25.97
CA THR D 38 28.65 52.13 -24.64
C THR D 38 27.43 52.40 -23.77
N TYR D 39 27.34 51.67 -22.65
CA TYR D 39 26.21 51.81 -21.74
C TYR D 39 26.70 51.64 -20.31
N GLN D 40 26.40 52.60 -19.46
CA GLN D 40 26.84 52.59 -18.07
C GLN D 40 28.35 52.40 -17.98
N ASN D 41 29.07 53.13 -18.84
CA ASN D 41 30.53 53.09 -18.90
C ASN D 41 31.06 51.71 -19.29
N GLN D 42 30.20 50.87 -19.86
CA GLN D 42 30.59 49.54 -20.34
C GLN D 42 30.40 49.51 -21.85
N ILE D 43 31.44 49.05 -22.56
CA ILE D 43 31.41 48.94 -24.01
C ILE D 43 31.18 47.48 -24.38
N PHE D 44 30.18 47.24 -25.23
CA PHE D 44 29.81 45.90 -25.65
C PHE D 44 30.43 45.62 -27.02
N ARG D 45 31.21 44.54 -27.10
CA ARG D 45 31.87 44.19 -28.35
C ARG D 45 30.86 43.72 -29.38
N THR D 46 31.20 43.94 -30.65
CA THR D 46 30.41 43.47 -31.77
C THR D 46 31.03 42.18 -32.29
N VAL D 47 30.26 41.09 -32.26
CA VAL D 47 30.73 39.81 -32.75
C VAL D 47 30.60 39.80 -34.28
N PRO D 48 31.66 39.46 -35.02
CA PRO D 48 31.55 39.45 -36.49
C PRO D 48 30.73 38.29 -37.00
N GLY D 49 29.41 38.47 -37.04
CA GLY D 49 28.51 37.41 -37.43
C GLY D 49 27.19 37.49 -36.68
N GLY D 50 27.16 38.28 -35.61
CA GLY D 50 25.92 38.56 -34.92
C GLY D 50 25.60 37.56 -33.82
N ILE D 51 24.93 38.04 -32.77
CA ILE D 51 24.45 37.21 -31.68
C ILE D 51 22.96 37.43 -31.55
N THR D 52 22.19 36.35 -31.57
CA THR D 52 20.73 36.43 -31.55
C THR D 52 20.17 35.29 -30.71
N ASP D 53 18.97 35.51 -30.18
CA ASP D 53 18.26 34.55 -29.34
C ASP D 53 16.99 34.11 -30.04
N ASN D 54 16.18 33.30 -29.34
CA ASN D 54 14.94 32.77 -29.88
C ASN D 54 13.69 33.35 -29.25
N GLY D 55 13.80 34.01 -28.09
CA GLY D 55 12.67 34.60 -27.42
C GLY D 55 12.63 34.23 -25.95
N ILE D 56 11.78 34.96 -25.23
CA ILE D 56 11.62 34.79 -23.79
C ILE D 56 10.23 34.21 -23.53
N ILE D 57 10.19 33.11 -22.78
CA ILE D 57 8.95 32.44 -22.42
C ILE D 57 8.86 32.40 -20.89
N CYS D 58 7.71 32.82 -20.36
CA CYS D 58 7.44 32.78 -18.92
C CYS D 58 6.09 32.12 -18.72
N SER D 59 6.09 30.79 -18.63
CA SER D 59 4.87 30.01 -18.47
C SER D 59 4.80 29.31 -17.12
N GLY D 60 5.75 29.53 -16.23
CA GLY D 60 5.77 28.87 -14.93
C GLY D 60 6.41 27.51 -14.89
N ASP D 61 6.95 27.00 -16.01
CA ASP D 61 7.58 25.69 -16.04
C ASP D 61 9.06 25.83 -16.37
N PRO D 62 9.96 25.52 -15.44
CA PRO D 62 11.37 25.64 -15.72
C PRO D 62 11.85 24.82 -16.88
N GLN D 63 11.28 23.62 -17.09
CA GLN D 63 11.72 22.76 -18.18
C GLN D 63 11.43 23.39 -19.54
N SER D 64 10.37 24.20 -19.63
CA SER D 64 9.94 24.75 -20.91
C SER D 64 10.37 26.20 -21.12
N ASP D 65 10.61 26.95 -20.04
CA ASP D 65 10.94 28.38 -20.17
C ASP D 65 12.43 28.62 -20.28
N GLN D 66 13.09 27.94 -21.21
CA GLN D 66 14.50 28.14 -21.42
C GLN D 66 14.75 29.36 -22.30
N PHE D 67 16.00 29.82 -22.32
CA PHE D 67 16.43 30.90 -23.19
C PHE D 67 17.62 30.41 -24.00
N VAL D 68 17.57 30.65 -25.32
CA VAL D 68 18.55 30.12 -26.25
C VAL D 68 19.29 31.29 -26.89
N ILE D 69 20.61 31.22 -26.91
CA ILE D 69 21.47 32.23 -27.51
C ILE D 69 22.26 31.58 -28.65
N THR D 70 22.38 32.30 -29.75
CA THR D 70 23.13 31.84 -30.92
C THR D 70 24.30 32.78 -31.17
N ALA D 71 25.49 32.22 -31.35
CA ALA D 71 26.69 33.02 -31.56
C ALA D 71 27.68 32.18 -32.37
N PRO D 72 28.69 32.81 -32.97
CA PRO D 72 29.66 32.05 -33.79
C PRO D 72 30.51 31.11 -32.95
N ALA D 73 31.42 30.40 -33.60
CA ALA D 73 32.20 29.37 -32.92
C ALA D 73 33.28 29.95 -32.01
N ASP D 74 33.73 31.18 -32.27
CA ASP D 74 34.88 31.74 -31.58
C ASP D 74 34.48 32.64 -30.41
N LEU D 75 33.25 32.52 -29.92
CA LEU D 75 32.82 33.34 -28.79
C LEU D 75 33.70 33.04 -27.58
N ASP D 76 34.17 34.10 -26.92
CA ASP D 76 35.13 33.93 -25.83
C ASP D 76 34.47 33.31 -24.61
N VAL D 77 33.30 33.82 -24.21
CA VAL D 77 32.66 33.34 -22.99
C VAL D 77 32.31 31.87 -23.11
N ALA D 78 31.77 31.46 -24.25
CA ALA D 78 31.41 30.06 -24.44
C ALA D 78 32.63 29.16 -24.64
N LEU D 79 33.76 29.73 -25.03
CA LEU D 79 34.95 28.92 -25.28
C LEU D 79 35.45 28.23 -24.02
N LEU D 80 35.12 28.75 -22.84
CA LEU D 80 35.56 28.11 -21.60
C LEU D 80 34.97 26.71 -21.46
N TYR D 81 33.72 26.54 -21.88
CA TYR D 81 33.05 25.26 -21.75
C TYR D 81 33.58 24.21 -22.72
N LYS D 82 34.45 24.59 -23.66
CA LYS D 82 34.87 23.65 -24.70
C LYS D 82 35.58 22.44 -24.11
N THR D 83 36.47 22.66 -23.15
CA THR D 83 37.22 21.57 -22.53
C THR D 83 36.56 21.08 -21.24
N ARG D 84 36.27 21.98 -20.30
CA ARG D 84 35.61 21.63 -19.05
C ARG D 84 34.77 22.81 -18.59
N SER D 85 33.60 22.51 -18.07
CA SER D 85 32.70 23.57 -17.61
C SER D 85 33.32 24.29 -16.41
N PRO D 86 33.35 25.62 -16.40
CA PRO D 86 33.89 26.33 -15.22
C PRO D 86 33.10 25.97 -13.97
N SER D 87 33.81 25.90 -12.85
CA SER D 87 33.19 25.49 -11.60
C SER D 87 32.06 26.41 -11.20
N ASP D 88 32.28 27.72 -11.27
CA ASP D 88 31.24 28.68 -10.91
C ASP D 88 30.27 28.87 -12.05
N ALA D 89 29.05 29.28 -11.70
CA ALA D 89 28.02 29.56 -12.69
C ALA D 89 28.21 30.95 -13.28
N ILE D 90 28.03 31.05 -14.60
CA ILE D 90 28.18 32.32 -15.30
C ILE D 90 26.82 33.00 -15.32
N ASP D 91 26.63 33.95 -14.42
CA ASP D 91 25.39 34.72 -14.42
C ASP D 91 25.26 35.51 -15.72
N LEU D 92 24.03 35.58 -16.22
CA LEU D 92 23.73 36.31 -17.46
C LEU D 92 22.61 37.30 -17.20
N VAL D 93 22.81 38.54 -17.64
CA VAL D 93 21.80 39.59 -17.55
C VAL D 93 21.61 40.18 -18.93
N VAL D 94 20.36 40.34 -19.35
CA VAL D 94 20.01 40.81 -20.68
C VAL D 94 19.36 42.19 -20.56
N TYR D 95 19.88 43.16 -21.30
CA TYR D 95 19.34 44.50 -21.35
C TYR D 95 18.73 44.77 -22.72
N ASP D 96 17.80 45.71 -22.77
CA ASP D 96 17.18 46.16 -24.00
C ASP D 96 17.30 47.67 -24.10
N MET D 97 17.81 48.15 -25.25
CA MET D 97 17.96 49.58 -25.46
C MET D 97 17.85 49.87 -26.94
N HIS D 98 17.58 51.14 -27.25
CA HIS D 98 17.45 51.61 -28.61
C HIS D 98 18.62 52.53 -28.95
N TYR D 99 19.15 52.38 -30.15
CA TYR D 99 20.30 53.17 -30.57
C TYR D 99 20.00 54.66 -30.44
N GLY D 100 20.96 55.42 -29.92
CA GLY D 100 20.79 56.84 -29.69
C GLY D 100 20.24 57.20 -28.33
N ASP D 101 19.84 56.21 -27.53
CA ASP D 101 19.32 56.45 -26.18
C ASP D 101 20.26 55.82 -25.16
N ALA D 102 20.43 56.49 -24.02
CA ALA D 102 21.32 56.04 -22.97
C ALA D 102 20.62 55.20 -21.91
N GLU D 103 19.33 54.91 -22.08
CA GLU D 103 18.56 54.16 -21.10
C GLU D 103 18.27 52.77 -21.62
N ALA D 104 18.37 51.77 -20.74
CA ALA D 104 18.13 50.38 -21.08
C ALA D 104 17.26 49.74 -20.00
N ALA D 105 16.54 48.69 -20.40
CA ALA D 105 15.64 47.97 -19.51
C ALA D 105 16.09 46.52 -19.39
N VAL D 106 16.09 46.00 -18.17
CA VAL D 106 16.47 44.61 -17.92
C VAL D 106 15.32 43.71 -18.33
N SER D 107 15.62 42.67 -19.10
CA SER D 107 14.63 41.74 -19.61
C SER D 107 14.73 40.35 -18.99
N TRP D 108 15.92 39.73 -19.06
CA TRP D 108 16.10 38.37 -18.57
C TRP D 108 17.32 38.30 -17.67
N VAL D 109 17.23 37.50 -16.62
CA VAL D 109 18.31 37.26 -15.69
C VAL D 109 18.40 35.76 -15.43
N GLY D 110 19.61 35.21 -15.49
CA GLY D 110 19.77 33.79 -15.28
C GLY D 110 21.23 33.39 -15.37
N GLN D 111 21.46 32.09 -15.51
CA GLN D 111 22.81 31.54 -15.58
C GLN D 111 22.87 30.52 -16.71
N ILE D 112 24.10 30.23 -17.14
CA ILE D 112 24.31 29.28 -18.23
C ILE D 112 23.86 27.90 -17.79
N GLY D 113 22.99 27.29 -18.58
CA GLY D 113 22.51 25.95 -18.30
C GLY D 113 23.20 24.90 -19.13
N ASP D 114 23.40 25.18 -20.41
CA ASP D 114 24.07 24.25 -21.31
C ASP D 114 24.56 25.01 -22.53
N VAL D 115 25.62 24.49 -23.14
CA VAL D 115 26.21 25.08 -24.33
C VAL D 115 26.68 23.96 -25.25
N ASP D 116 26.55 24.19 -26.56
CA ASP D 116 27.03 23.23 -27.54
C ASP D 116 27.40 23.98 -28.81
N TRP D 117 28.26 23.36 -29.61
CA TRP D 117 28.72 23.94 -30.86
C TRP D 117 28.17 23.12 -32.03
N PRO D 118 26.91 23.33 -32.41
CA PRO D 118 26.34 22.49 -33.47
C PRO D 118 27.09 22.58 -34.79
N THR D 119 27.64 23.74 -35.12
CA THR D 119 28.38 23.93 -36.36
C THR D 119 29.66 24.69 -36.07
N VAL D 120 30.63 24.54 -36.98
CA VAL D 120 31.95 25.14 -36.82
C VAL D 120 31.85 26.66 -36.96
N ASP D 121 30.67 27.15 -37.36
CA ASP D 121 30.46 28.58 -37.53
C ASP D 121 29.33 29.13 -36.64
N SER D 122 28.81 28.33 -35.72
CA SER D 122 27.69 28.76 -34.90
C SER D 122 27.73 28.07 -33.55
N CYS D 123 27.01 28.64 -32.60
CA CYS D 123 26.88 28.08 -31.25
C CYS D 123 25.43 28.21 -30.82
N ARG D 124 25.05 27.38 -29.84
CA ARG D 124 23.74 27.47 -29.23
C ARG D 124 23.90 27.31 -27.71
N ILE D 125 23.54 28.34 -26.97
CA ILE D 125 23.68 28.37 -25.52
C ILE D 125 22.28 28.33 -24.91
N THR D 126 22.04 27.33 -24.07
CA THR D 126 20.76 27.18 -23.37
C THR D 126 20.91 27.77 -21.97
N CYS D 127 20.22 28.87 -21.71
CA CYS D 127 20.27 29.55 -20.42
C CYS D 127 19.04 29.18 -19.61
N VAL D 128 19.26 28.89 -18.33
CA VAL D 128 18.21 28.45 -17.43
C VAL D 128 18.01 29.49 -16.34
N SER D 129 16.77 29.61 -15.87
CA SER D 129 16.43 30.55 -14.81
C SER D 129 16.54 29.86 -13.45
N GLU D 130 16.47 30.68 -12.40
CA GLU D 130 16.61 30.15 -11.04
C GLU D 130 15.46 29.23 -10.66
N ASP D 131 14.37 29.23 -11.43
CA ASP D 131 13.21 28.44 -11.06
C ASP D 131 13.45 26.94 -11.25
N GLU D 132 14.30 26.56 -12.21
CA GLU D 132 14.58 25.16 -12.45
C GLU D 132 15.26 24.48 -11.26
N LEU D 133 15.91 25.24 -10.40
CA LEU D 133 16.61 24.67 -9.27
C LEU D 133 15.67 24.14 -8.19
N MET D 134 14.36 24.10 -8.43
CA MET D 134 13.40 23.61 -7.45
C MET D 134 12.87 22.23 -7.78
N ASP D 135 13.41 21.58 -8.83
CA ASP D 135 12.95 20.26 -9.21
C ASP D 135 13.59 19.16 -8.38
N GLN D 136 14.75 19.41 -7.79
CA GLN D 136 15.42 18.39 -7.00
C GLN D 136 14.67 18.16 -5.68
N PRO D 137 14.86 17.00 -5.06
CA PRO D 137 14.18 16.73 -3.79
C PRO D 137 14.57 17.74 -2.72
N GLY D 138 13.85 17.67 -1.60
CA GLY D 138 14.10 18.56 -0.48
C GLY D 138 14.13 17.85 0.86
N LEU D 139 14.18 16.52 0.84
CA LEU D 139 14.21 15.76 2.08
C LEU D 139 15.44 16.13 2.90
N THR D 140 16.63 15.82 2.37
CA THR D 140 17.89 16.23 2.99
C THR D 140 17.91 15.90 4.48
N ASP D 141 17.44 14.70 4.82
CA ASP D 141 17.40 14.27 6.22
C ASP D 141 17.36 12.75 6.26
N THR D 142 18.29 12.15 6.99
CA THR D 142 18.36 10.71 7.14
C THR D 142 18.86 10.37 8.54
N TYR D 143 18.29 9.31 9.11
CA TYR D 143 18.69 8.86 10.45
C TYR D 143 19.68 7.71 10.34
N CYS D 144 20.91 8.05 9.96
CA CYS D 144 21.98 7.08 9.81
C CYS D 144 23.11 7.41 10.80
N ARG D 145 24.18 6.62 10.73
CA ARG D 145 25.26 6.71 11.68
C ARG D 145 26.32 7.72 11.30
N THR D 146 26.49 7.99 10.00
CA THR D 146 27.51 8.94 9.56
C THR D 146 27.07 10.37 9.84
N CYS D 147 27.98 11.31 9.57
CA CYS D 147 27.71 12.71 9.90
C CYS D 147 26.52 13.25 9.12
N THR D 148 26.44 12.94 7.82
CA THR D 148 25.39 13.46 6.95
C THR D 148 25.56 14.96 6.72
N ALA D 149 26.81 15.42 6.69
CA ALA D 149 27.10 16.83 6.49
C ALA D 149 28.42 16.97 5.76
N ILE D 150 28.49 17.93 4.85
CA ILE D 150 29.74 18.22 4.15
C ILE D 150 30.68 18.93 5.10
N VAL D 151 31.93 18.47 5.15
CA VAL D 151 32.92 19.12 5.99
C VAL D 151 33.00 20.58 5.60
N GLY D 152 32.77 21.48 6.57
CA GLY D 152 32.83 22.90 6.34
C GLY D 152 31.52 23.56 5.98
N ASP D 153 30.45 22.79 5.78
CA ASP D 153 29.16 23.39 5.45
C ASP D 153 28.65 24.22 6.64
N HIS D 154 27.51 24.89 6.42
CA HIS D 154 26.95 25.71 7.48
C HIS D 154 26.46 24.89 8.66
N ARG D 155 26.31 23.58 8.50
CA ARG D 155 25.89 22.71 9.60
C ARG D 155 27.08 22.20 10.42
N CYS D 156 28.18 21.85 9.76
CA CYS D 156 29.36 21.40 10.49
C CYS D 156 29.98 22.51 11.31
N LYS D 157 29.94 23.75 10.80
CA LYS D 157 30.50 24.90 11.51
C LYS D 157 31.98 24.69 11.84
N VAL D 158 32.71 24.11 10.90
CA VAL D 158 34.15 23.85 11.05
C VAL D 158 34.90 24.76 10.09
N ASN D 159 35.87 25.49 10.63
CA ASN D 159 36.68 26.41 9.84
C ASN D 159 37.85 25.66 9.21
N LEU D 160 37.89 25.63 7.89
CA LEU D 160 38.95 24.93 7.17
C LEU D 160 40.15 25.80 6.87
N VAL D 161 40.08 27.11 7.13
CA VAL D 161 41.22 27.97 6.84
C VAL D 161 42.47 27.55 7.59
N PRO D 162 42.42 27.15 8.87
CA PRO D 162 43.67 26.68 9.49
C PRO D 162 44.25 25.44 8.80
N TYR D 163 43.39 24.60 8.24
CA TYR D 163 43.84 23.38 7.57
C TYR D 163 44.26 23.62 6.13
N ARG D 164 44.12 24.84 5.62
CA ARG D 164 44.55 25.13 4.26
C ARG D 164 46.04 24.85 4.10
N VAL D 165 46.40 24.20 3.01
CA VAL D 165 47.78 23.89 2.68
C VAL D 165 48.06 24.45 1.29
N THR D 166 49.08 25.28 1.18
CA THR D 166 49.51 25.87 -0.09
C THR D 166 50.81 25.21 -0.51
N LEU D 167 50.84 24.71 -1.75
CA LEU D 167 51.99 23.94 -2.22
C LEU D 167 52.09 24.06 -3.73
N THR D 168 53.28 23.76 -4.24
CA THR D 168 53.52 23.66 -5.68
C THR D 168 53.73 22.20 -6.03
N PRO D 169 52.90 21.61 -6.89
CA PRO D 169 53.02 20.16 -7.15
C PRO D 169 54.39 19.80 -7.71
N GLN D 170 54.87 18.63 -7.30
CA GLN D 170 56.17 18.16 -7.78
C GLN D 170 56.06 17.61 -9.21
N SER D 171 55.11 16.70 -9.44
CA SER D 171 54.90 16.12 -10.75
C SER D 171 53.41 15.92 -10.98
N VAL D 172 52.98 16.14 -12.22
CA VAL D 172 51.59 15.98 -12.61
C VAL D 172 51.52 14.92 -13.70
N SER D 173 50.63 13.96 -13.53
CA SER D 173 50.43 12.88 -14.49
C SER D 173 49.00 12.94 -15.02
N ALA D 174 48.62 11.92 -15.80
CA ALA D 174 47.29 11.92 -16.40
C ALA D 174 46.20 11.88 -15.34
N TRP D 175 46.38 11.07 -14.29
CA TRP D 175 45.37 10.88 -13.27
C TRP D 175 45.85 11.17 -11.86
N VAL D 176 47.16 11.29 -11.64
CA VAL D 176 47.73 11.42 -10.29
C VAL D 176 48.59 12.67 -10.24
N ILE D 177 48.40 13.47 -9.20
CA ILE D 177 49.26 14.62 -8.91
C ILE D 177 50.04 14.28 -7.64
N SER D 178 51.36 14.37 -7.72
CA SER D 178 52.25 13.95 -6.65
C SER D 178 52.98 15.14 -6.07
N SER D 179 53.06 15.19 -4.73
CA SER D 179 53.81 16.22 -4.04
C SER D 179 54.40 15.63 -2.77
N GLY D 180 55.63 16.02 -2.45
CA GLY D 180 56.30 15.50 -1.28
C GLY D 180 55.84 16.08 0.04
N VAL D 181 55.27 17.29 0.02
CA VAL D 181 54.85 17.92 1.26
C VAL D 181 53.73 17.12 1.93
N VAL D 182 52.77 16.67 1.13
CA VAL D 182 51.67 15.86 1.67
C VAL D 182 52.13 14.49 2.11
N ALA D 183 53.34 14.07 1.71
CA ALA D 183 53.85 12.77 2.13
C ALA D 183 54.04 12.69 3.64
N GLY D 184 54.13 13.84 4.32
CA GLY D 184 54.33 13.86 5.76
C GLY D 184 53.08 13.64 6.57
N TYR D 185 51.93 13.47 5.93
CA TYR D 185 50.67 13.23 6.62
C TYR D 185 50.30 11.75 6.54
N ALA D 186 49.50 11.31 7.49
CA ALA D 186 49.07 9.91 7.52
C ALA D 186 48.20 9.61 6.30
N ASP D 187 48.24 8.34 5.87
CA ASP D 187 47.47 7.93 4.71
C ASP D 187 45.99 8.23 4.91
N GLY D 188 45.36 8.76 3.88
CA GLY D 188 43.94 9.09 3.93
C GLY D 188 43.62 10.40 4.61
N TRP D 189 44.64 11.19 4.97
CA TRP D 189 44.37 12.47 5.62
C TRP D 189 43.58 13.41 4.70
N PHE D 190 43.95 13.46 3.42
CA PHE D 190 43.31 14.35 2.46
C PHE D 190 42.14 13.70 1.74
N THR D 191 41.83 12.43 2.03
CA THR D 191 40.72 11.77 1.37
C THR D 191 39.43 12.54 1.62
N GLY D 192 38.68 12.79 0.56
CA GLY D 192 37.45 13.55 0.64
C GLY D 192 37.61 15.05 0.50
N GLY D 193 38.84 15.56 0.47
CA GLY D 193 39.08 16.98 0.30
C GLY D 193 39.05 17.39 -1.16
N TYR D 194 39.22 18.70 -1.38
CA TYR D 194 39.20 19.26 -2.72
C TYR D 194 40.36 20.23 -2.86
N VAL D 195 40.80 20.40 -4.11
CA VAL D 195 41.91 21.27 -4.46
C VAL D 195 41.36 22.49 -5.17
N GLU D 196 41.69 23.68 -4.67
CA GLU D 196 41.24 24.94 -5.26
C GLU D 196 42.46 25.76 -5.68
N TRP D 197 42.42 26.29 -6.89
CA TRP D 197 43.49 27.13 -7.41
C TRP D 197 42.89 28.25 -8.23
N GLN D 198 43.64 29.34 -8.35
CA GLN D 198 43.15 30.53 -9.04
C GLN D 198 43.29 30.36 -10.54
N VAL D 199 42.20 30.61 -11.26
CA VAL D 199 42.20 30.53 -12.73
C VAL D 199 42.43 31.92 -13.29
N ASP D 200 41.56 32.87 -12.91
CA ASP D 200 41.67 34.24 -13.40
C ASP D 200 40.95 35.16 -12.42
N GLY D 201 41.58 36.28 -12.10
CA GLY D 201 40.97 37.21 -11.18
C GLY D 201 40.70 36.56 -9.84
N ASP D 202 39.47 36.73 -9.34
CA ASP D 202 39.05 36.21 -8.05
C ASP D 202 38.19 34.96 -8.18
N ASN D 203 38.40 34.17 -9.22
CA ASN D 203 37.63 32.96 -9.47
C ASN D 203 38.58 31.76 -9.45
N TYR D 204 38.18 30.71 -8.74
CA TYR D 204 38.98 29.50 -8.60
C TYR D 204 38.22 28.30 -9.14
N ASP D 205 38.94 27.42 -9.82
CA ASP D 205 38.40 26.14 -10.28
C ASP D 205 38.86 25.03 -9.34
N ARG D 206 37.95 24.15 -8.98
CA ARG D 206 38.19 23.16 -7.94
C ARG D 206 38.00 21.75 -8.47
N ARG D 207 38.78 20.83 -7.93
CA ARG D 207 38.70 19.41 -8.25
C ARG D 207 38.68 18.63 -6.95
N PHE D 208 38.53 17.31 -7.06
CA PHE D 208 38.36 16.43 -5.91
C PHE D 208 39.56 15.52 -5.76
N ILE D 209 39.57 14.76 -4.66
CA ILE D 209 40.63 13.78 -4.36
C ILE D 209 39.92 12.46 -4.10
N GLU D 210 40.02 11.51 -5.04
CA GLU D 210 39.53 10.16 -4.78
C GLU D 210 40.14 9.58 -3.52
N GLN D 211 41.47 9.61 -3.41
CA GLN D 211 42.17 8.96 -2.31
C GLN D 211 43.52 9.62 -2.16
N HIS D 212 43.99 9.69 -0.90
CA HIS D 212 45.32 10.21 -0.59
C HIS D 212 46.14 9.08 0.00
N ALA D 213 47.28 8.80 -0.64
CA ALA D 213 48.16 7.71 -0.22
C ALA D 213 49.60 8.19 -0.37
N GLY D 214 50.28 8.38 0.76
CA GLY D 214 51.66 8.83 0.69
C GLY D 214 51.77 10.17 -0.01
N ALA D 215 52.66 10.24 -1.00
CA ALA D 215 52.92 11.47 -1.73
C ALA D 215 52.07 11.62 -2.98
N ASP D 216 51.19 10.65 -3.27
CA ASP D 216 50.41 10.64 -4.49
C ASP D 216 48.95 10.95 -4.17
N LEU D 217 48.36 11.85 -4.95
CA LEU D 217 46.95 12.23 -4.81
C LEU D 217 46.20 11.82 -6.06
N HIS D 218 45.08 11.13 -5.88
CA HIS D 218 44.23 10.70 -6.99
C HIS D 218 43.13 11.74 -7.18
N ILE D 219 43.13 12.39 -8.35
CA ILE D 219 42.18 13.46 -8.64
C ILE D 219 41.00 12.87 -9.41
N LEU D 220 39.80 13.25 -8.99
CA LEU D 220 38.57 12.83 -9.65
C LEU D 220 38.46 13.49 -11.02
N GLY D 221 38.27 12.68 -12.06
CA GLY D 221 38.08 13.17 -13.40
C GLY D 221 39.34 13.49 -14.17
N GLY D 222 40.51 13.14 -13.65
CA GLY D 222 41.76 13.43 -14.32
C GLY D 222 42.30 14.80 -13.95
N THR D 223 43.60 14.98 -14.18
CA THR D 223 44.30 16.20 -13.84
C THR D 223 44.31 17.21 -14.97
N GLU D 224 43.49 16.99 -16.00
CA GLU D 224 43.44 17.94 -17.12
C GLU D 224 42.99 19.31 -16.62
N GLY D 225 43.65 20.35 -17.11
CA GLY D 225 43.36 21.71 -16.71
C GLY D 225 44.11 22.18 -15.48
N ILE D 226 44.84 21.30 -14.81
CA ILE D 226 45.62 21.67 -13.62
C ILE D 226 46.96 22.22 -14.08
N PRO D 227 47.32 23.45 -13.75
CA PRO D 227 48.63 23.96 -14.17
C PRO D 227 49.76 23.17 -13.53
N ALA D 228 50.84 22.99 -14.28
CA ALA D 228 51.97 22.20 -13.81
C ALA D 228 52.81 22.92 -12.77
N GLY D 229 52.74 24.24 -12.71
CA GLY D 229 53.51 25.00 -11.74
C GLY D 229 52.69 26.00 -10.96
N GLY D 230 51.39 26.08 -11.26
CA GLY D 230 50.54 27.02 -10.56
C GLY D 230 50.36 26.66 -9.10
N GLN D 231 50.12 27.69 -8.28
CA GLN D 231 49.90 27.47 -6.86
C GLN D 231 48.57 26.79 -6.62
N LEU D 232 48.57 25.77 -5.78
CA LEU D 232 47.37 24.99 -5.49
C LEU D 232 47.10 24.99 -3.99
N ARG D 233 45.83 25.13 -3.63
CA ARG D 233 45.39 25.08 -2.24
C ARG D 233 44.58 23.80 -2.03
N VAL D 234 44.97 23.02 -1.01
CA VAL D 234 44.37 21.72 -0.76
C VAL D 234 43.81 21.71 0.66
N TYR D 235 42.57 21.26 0.79
CA TYR D 235 41.91 21.13 2.09
C TYR D 235 41.71 19.65 2.43
N PRO D 236 41.63 19.30 3.71
CA PRO D 236 41.42 17.91 4.09
C PRO D 236 39.97 17.49 3.87
N GLY D 237 39.66 16.27 4.28
CA GLY D 237 38.31 15.75 4.16
C GLY D 237 37.92 14.99 5.41
N CYS D 238 36.63 15.02 5.71
CA CYS D 238 36.09 14.37 6.89
C CYS D 238 35.38 13.08 6.49
N ASP D 239 35.76 11.97 7.13
CA ASP D 239 35.13 10.70 6.83
C ASP D 239 33.67 10.68 7.27
N GLY D 240 33.33 11.44 8.32
CA GLY D 240 31.99 11.54 8.82
C GLY D 240 31.72 10.76 10.09
N LEU D 241 32.60 9.83 10.46
CA LEU D 241 32.42 9.08 11.68
C LEU D 241 32.62 9.98 12.90
N ALA D 242 31.91 9.67 13.98
CA ALA D 242 32.02 10.48 15.19
C ALA D 242 33.45 10.45 15.73
N GLN D 243 34.07 9.28 15.75
CA GLN D 243 35.47 9.18 16.16
C GLN D 243 36.34 10.06 15.29
N THR D 244 36.17 9.98 13.96
CA THR D 244 36.92 10.83 13.05
C THR D 244 36.61 12.29 13.27
N CYS D 245 35.33 12.61 13.49
CA CYS D 245 34.95 14.01 13.66
C CYS D 245 35.58 14.62 14.90
N ASP D 246 35.64 13.87 15.99
CA ASP D 246 36.13 14.42 17.25
C ASP D 246 37.65 14.39 17.35
N ASP D 247 38.29 13.27 17.01
CA ASP D 247 39.74 13.18 17.18
C ASP D 247 40.46 14.19 16.31
N LYS D 248 40.02 14.35 15.06
CA LYS D 248 40.70 15.25 14.12
C LYS D 248 40.27 16.69 14.29
N PHE D 249 38.96 16.95 14.23
CA PHE D 249 38.44 18.31 14.24
C PHE D 249 37.82 18.73 15.56
N SER D 250 37.59 17.80 16.48
CA SER D 250 37.00 18.11 17.78
C SER D 250 35.69 18.88 17.60
N ASN D 251 34.87 18.44 16.65
CA ASN D 251 33.58 19.03 16.36
C ASN D 251 32.43 18.12 16.78
N LEU D 252 32.67 17.27 17.78
CA LEU D 252 31.63 16.36 18.24
C LEU D 252 30.35 17.07 18.65
N PRO D 253 30.39 18.20 19.36
CA PRO D 253 29.13 18.86 19.74
C PRO D 253 28.24 19.18 18.54
N ASN D 254 28.83 19.50 17.39
CA ASN D 254 28.06 19.77 16.18
C ASN D 254 27.85 18.51 15.34
N PHE D 255 28.29 17.35 15.82
CA PHE D 255 28.10 16.11 15.07
C PHE D 255 26.62 15.88 14.79
N ARG D 256 26.26 15.81 13.51
CA ARG D 256 24.88 15.64 13.11
C ARG D 256 24.46 14.18 12.98
N GLY D 257 25.40 13.24 13.14
CA GLY D 257 25.07 11.84 13.00
C GLY D 257 24.49 11.25 14.27
N PHE D 258 23.85 10.08 14.11
CA PHE D 258 23.25 9.33 15.21
C PHE D 258 23.96 7.98 15.28
N ASN D 259 24.95 7.86 16.16
CA ASN D 259 25.78 6.66 16.18
C ASN D 259 25.06 5.49 16.86
N ALA D 260 24.62 5.68 18.10
CA ALA D 260 24.08 4.57 18.89
C ALA D 260 22.85 5.01 19.68
N MET D 261 21.95 5.76 19.05
CA MET D 261 20.72 6.16 19.73
C MET D 261 19.63 5.10 19.58
N GLN D 262 19.32 4.68 18.35
CA GLN D 262 18.57 3.46 18.12
C GLN D 262 18.63 3.13 16.63
N GLY D 263 18.85 1.85 16.33
CA GLY D 263 18.92 1.40 14.95
C GLY D 263 17.65 0.75 14.46
N LYS D 264 16.99 -0.02 15.35
CA LYS D 264 15.79 -0.74 14.98
C LYS D 264 14.66 -0.51 15.98
N SER D 265 15.01 -0.28 17.24
CA SER D 265 14.09 -0.40 18.36
C SER D 265 12.76 0.32 18.13
N PRO D 266 11.66 -0.42 17.92
CA PRO D 266 10.34 0.20 18.00
C PRO D 266 9.70 0.00 19.37
N PHE D 267 8.67 0.78 19.67
CA PHE D 267 7.87 0.57 20.88
C PHE D 267 6.53 -0.10 20.57
N ASP D 268 6.38 -0.64 19.37
CA ASP D 268 5.19 -1.40 18.98
C ASP D 268 5.59 -2.64 18.20
N GLY D 269 6.62 -3.33 18.65
CA GLY D 269 7.10 -4.52 17.97
C GLY D 269 6.30 -5.76 18.32
N ASP D 270 6.98 -6.89 18.46
CA ASP D 270 6.34 -8.16 18.81
C ASP D 270 6.81 -8.68 20.16
N GLN D 271 8.13 -8.76 20.37
CA GLN D 271 8.68 -9.24 21.64
C GLN D 271 9.90 -8.39 21.96
N VAL D 272 9.83 -7.64 23.06
CA VAL D 272 10.96 -6.80 23.46
C VAL D 272 12.19 -7.65 23.74
N TRP D 273 11.98 -8.91 24.13
CA TRP D 273 13.09 -9.83 24.38
C TRP D 273 13.13 -10.94 23.34
N GLU E 14 81.39 54.92 7.43
CA GLU E 14 81.42 56.12 6.61
C GLU E 14 80.20 56.18 5.70
N GLY E 15 80.18 55.34 4.67
CA GLY E 15 79.06 55.28 3.74
C GLY E 15 79.12 54.04 2.88
N ILE E 16 78.01 53.32 2.76
CA ILE E 16 78.02 52.02 2.10
C ILE E 16 77.02 51.97 0.96
N VAL E 17 75.75 52.27 1.24
CA VAL E 17 74.70 52.09 0.23
C VAL E 17 73.52 52.99 0.59
N ALA E 18 72.87 53.52 -0.44
CA ALA E 18 71.66 54.33 -0.29
C ALA E 18 70.39 53.53 -0.57
N GLY E 19 70.43 52.59 -1.50
CA GLY E 19 69.28 51.77 -1.82
C GLY E 19 68.68 52.08 -3.18
N ILE E 20 67.47 52.64 -3.19
CA ILE E 20 66.78 53.07 -4.40
C ILE E 20 66.85 52.02 -5.49
N THR E 21 66.97 50.75 -5.11
CA THR E 21 67.07 49.68 -6.10
C THR E 21 65.70 49.35 -6.69
N PRO E 22 64.62 49.28 -5.89
CA PRO E 22 63.32 48.93 -6.48
C PRO E 22 62.77 50.04 -7.36
N ASN E 23 62.80 51.27 -6.85
CA ASN E 23 62.13 52.39 -7.50
C ASN E 23 62.64 52.63 -8.92
N ILE E 24 63.92 53.01 -9.05
CA ILE E 24 64.46 53.37 -10.35
C ILE E 24 64.36 52.20 -11.32
N ASP E 25 64.72 51.00 -10.85
CA ASP E 25 64.66 49.83 -11.72
C ASP E 25 63.25 49.59 -12.23
N ALA E 26 62.25 49.82 -11.39
CA ALA E 26 60.86 49.61 -11.75
C ALA E 26 60.15 50.88 -12.19
N LEU E 27 60.86 52.01 -12.24
CA LEU E 27 60.23 53.29 -12.54
C LEU E 27 59.80 53.34 -14.01
N GLU E 28 59.07 54.40 -14.35
CA GLU E 28 58.55 54.56 -15.70
C GLU E 28 59.69 54.86 -16.66
N LEU E 29 60.51 53.86 -16.93
CA LEU E 29 61.73 54.00 -17.72
C LEU E 29 61.70 53.04 -18.88
N ASN E 30 61.93 53.56 -20.10
CA ASN E 30 62.18 52.67 -21.23
C ASN E 30 63.54 52.00 -21.12
N GLN E 31 64.35 52.40 -20.14
CA GLN E 31 65.56 51.70 -19.77
C GLN E 31 65.41 51.20 -18.33
N ASP E 32 66.50 50.67 -17.77
CA ASP E 32 66.42 49.95 -16.50
C ASP E 32 67.84 49.52 -16.13
N ILE E 33 67.98 49.01 -14.91
CA ILE E 33 69.28 48.59 -14.40
C ILE E 33 70.21 49.79 -14.41
N SER E 34 69.66 50.96 -14.07
CA SER E 34 70.44 52.18 -14.07
C SER E 34 71.32 52.24 -12.83
N LEU E 35 72.60 52.54 -13.03
CA LEU E 35 73.55 52.67 -11.93
C LEU E 35 73.60 51.40 -11.09
N ALA E 36 73.51 50.25 -11.76
CA ALA E 36 73.51 48.96 -11.07
C ALA E 36 74.91 48.36 -10.97
N ALA E 37 75.74 48.53 -12.00
CA ALA E 37 77.08 47.97 -11.97
C ALA E 37 77.90 48.55 -10.83
N VAL E 38 77.62 49.80 -10.44
CA VAL E 38 78.38 50.44 -9.37
C VAL E 38 78.10 49.77 -8.03
N ALA E 39 76.91 49.21 -7.84
CA ALA E 39 76.57 48.61 -6.55
C ALA E 39 77.58 47.54 -6.16
N ALA E 40 77.86 46.60 -7.07
CA ALA E 40 78.88 45.60 -6.80
C ALA E 40 80.27 46.20 -6.75
N SER E 41 80.54 47.22 -7.58
CA SER E 41 81.83 47.90 -7.61
C SER E 41 81.85 48.94 -6.49
N THR E 42 82.15 48.47 -5.28
CA THR E 42 82.06 49.34 -4.11
C THR E 42 83.29 50.22 -3.97
N TRP E 43 84.45 49.61 -3.74
CA TRP E 43 85.69 50.36 -3.51
C TRP E 43 85.45 51.43 -2.44
N GLY E 44 86.28 52.46 -2.39
CA GLY E 44 86.06 53.58 -1.49
C GLY E 44 87.29 54.01 -0.73
N GLY E 45 87.65 55.29 -0.86
CA GLY E 45 88.77 55.87 -0.15
C GLY E 45 88.47 57.27 0.34
N ALA E 46 87.20 57.53 0.65
CA ALA E 46 86.78 58.89 0.99
C ALA E 46 87.47 59.39 2.25
N TYR E 47 87.65 58.52 3.24
CA TYR E 47 88.29 58.93 4.48
C TYR E 47 89.67 59.50 4.21
N GLY E 48 89.99 60.60 4.89
CA GLY E 48 91.30 61.25 4.73
C GLY E 48 91.10 62.69 4.28
N ALA E 49 91.75 63.60 5.01
CA ALA E 49 91.65 65.02 4.76
C ALA E 49 93.04 65.64 4.68
N HIS E 50 93.20 66.58 3.74
CA HIS E 50 94.44 67.32 3.55
C HIS E 50 94.24 68.76 4.03
N GLN E 51 95.33 69.53 4.01
CA GLN E 51 95.33 70.91 4.48
C GLN E 51 95.93 71.83 3.43
N PRO E 52 95.20 72.11 2.34
CA PRO E 52 95.53 73.24 1.46
C PRO E 52 95.06 74.57 2.04
N VAL E 53 95.38 74.82 3.30
CA VAL E 53 94.96 75.99 4.05
C VAL E 53 93.52 76.36 3.72
N GLU E 54 92.61 75.38 3.78
CA GLU E 54 91.20 75.66 3.48
C GLU E 54 90.40 75.89 4.77
N VAL E 55 90.13 74.81 5.50
CA VAL E 55 89.65 74.84 6.88
C VAL E 55 89.58 73.37 7.28
N ILE E 56 89.72 73.07 8.57
CA ILE E 56 89.60 71.69 9.01
C ILE E 56 88.14 71.39 9.29
N HIS E 57 87.38 71.03 8.27
CA HIS E 57 85.97 70.70 8.42
C HIS E 57 85.63 69.48 7.60
N SER E 58 85.11 68.45 8.27
CA SER E 58 84.53 67.28 7.61
C SER E 58 83.68 66.53 8.62
N THR E 59 82.37 66.47 8.40
CA THR E 59 81.44 65.93 9.39
C THR E 59 80.57 64.85 8.76
N TYR E 60 80.38 63.76 9.50
CA TYR E 60 79.47 62.69 9.11
C TYR E 60 79.97 61.95 7.87
N GLN E 61 79.81 62.56 6.69
CA GLN E 61 80.23 61.97 5.44
C GLN E 61 79.58 60.60 5.22
N ALA E 62 78.27 60.62 5.08
CA ALA E 62 77.47 59.42 4.93
C ALA E 62 76.70 59.45 3.61
N VAL E 63 75.90 58.40 3.39
CA VAL E 63 75.14 58.22 2.16
C VAL E 63 73.71 58.68 2.41
N HIS E 64 73.09 59.24 1.36
CA HIS E 64 71.70 59.67 1.48
C HIS E 64 71.16 60.01 0.10
N GLN E 65 69.96 59.53 -0.20
CA GLN E 65 69.24 59.97 -1.39
C GLN E 65 70.09 59.69 -2.62
N SER E 66 69.58 60.02 -3.80
CA SER E 66 70.36 59.98 -5.02
C SER E 66 69.87 61.10 -5.93
N ALA E 67 70.24 61.04 -7.20
CA ALA E 67 69.75 62.03 -8.15
C ALA E 67 68.23 62.15 -8.07
N LEU E 68 67.54 61.01 -7.92
CA LEU E 68 66.10 60.87 -7.94
C LEU E 68 65.56 60.95 -9.36
N GLU E 69 66.39 61.28 -10.34
CA GLU E 69 66.04 61.32 -11.75
C GLU E 69 67.09 60.58 -12.57
N GLU E 70 67.38 59.34 -12.16
CA GLU E 70 68.25 58.45 -12.90
C GLU E 70 67.54 57.79 -14.08
N ASN E 71 66.46 58.42 -14.53
CA ASN E 71 65.57 57.82 -15.51
C ASN E 71 66.27 57.60 -16.85
N TYR E 72 65.88 56.53 -17.52
CA TYR E 72 66.21 56.31 -18.93
C TYR E 72 67.70 56.01 -19.12
N TYR E 73 68.28 55.18 -18.26
CA TYR E 73 69.72 54.92 -18.26
C TYR E 73 70.02 53.44 -18.36
N ASN E 74 70.91 53.10 -19.30
CA ASN E 74 71.69 51.86 -19.29
C ASN E 74 70.86 50.58 -19.52
N ARG E 75 70.08 50.57 -20.59
CA ARG E 75 69.68 49.31 -21.24
C ARG E 75 68.92 49.67 -22.51
N LEU E 76 68.32 48.66 -23.14
CA LEU E 76 67.67 48.81 -24.44
C LEU E 76 66.47 49.75 -24.36
N TRP E 77 65.88 50.01 -25.52
CA TRP E 77 64.62 50.73 -25.65
C TRP E 77 63.64 49.88 -26.45
N LEU E 78 62.34 50.12 -26.23
CA LEU E 78 61.30 49.53 -27.06
C LEU E 78 60.29 50.65 -27.37
N ILE E 79 60.56 51.40 -28.44
CA ILE E 79 59.65 52.47 -28.84
C ILE E 79 58.28 51.93 -29.23
N PRO E 80 58.17 50.90 -30.07
CA PRO E 80 56.84 50.41 -30.46
C PRO E 80 56.26 49.48 -29.39
N THR E 81 55.00 49.70 -29.04
CA THR E 81 54.28 48.86 -28.09
C THR E 81 53.02 48.23 -28.67
N ALA E 82 52.36 48.89 -29.62
CA ALA E 82 51.17 48.36 -30.25
C ALA E 82 51.04 48.96 -31.63
N MET E 83 51.04 48.11 -32.66
CA MET E 83 51.00 48.56 -34.05
C MET E 83 49.60 48.37 -34.60
N GLU E 84 49.03 49.44 -35.15
CA GLU E 84 47.68 49.41 -35.73
C GLU E 84 47.83 49.23 -37.24
N LEU E 85 48.11 47.98 -37.63
CA LEU E 85 48.26 47.68 -39.05
C LEU E 85 46.94 47.84 -39.79
N GLY E 86 45.81 47.61 -39.12
CA GLY E 86 44.53 47.74 -39.78
C GLY E 86 44.44 46.79 -40.96
N ASN E 87 44.02 47.32 -42.11
CA ASN E 87 43.86 46.52 -43.32
C ASN E 87 45.14 46.59 -44.14
N VAL E 88 45.75 45.43 -44.38
CA VAL E 88 46.99 45.32 -45.12
C VAL E 88 46.66 44.77 -46.51
N VAL E 89 47.01 45.53 -47.54
CA VAL E 89 46.78 45.10 -48.92
C VAL E 89 48.02 45.18 -49.78
N SER E 90 49.05 45.92 -49.39
CA SER E 90 50.28 46.06 -50.17
C SER E 90 51.47 45.87 -49.24
N THR E 91 52.66 45.82 -49.84
CA THR E 91 53.90 45.64 -49.09
C THR E 91 54.17 46.88 -48.24
N GLN E 92 54.00 46.75 -46.93
CA GLN E 92 54.27 47.84 -45.99
C GLN E 92 55.64 47.64 -45.34
N ILE E 93 56.28 48.76 -45.02
CA ILE E 93 57.57 48.76 -44.34
C ILE E 93 57.46 49.70 -43.14
N ARG E 94 57.92 49.23 -41.98
CA ARG E 94 57.89 50.01 -40.76
C ARG E 94 59.25 49.97 -40.08
N PRO E 95 59.59 51.00 -39.31
CA PRO E 95 60.89 51.01 -38.62
C PRO E 95 60.81 50.44 -37.21
N ALA E 96 61.83 49.66 -36.84
CA ALA E 96 61.99 49.14 -35.50
C ALA E 96 63.39 49.47 -35.03
N SER E 97 63.49 50.16 -33.90
CA SER E 97 64.77 50.61 -33.38
C SER E 97 64.89 50.29 -31.89
N VAL E 98 66.12 49.98 -31.47
CA VAL E 98 66.44 49.70 -30.08
C VAL E 98 67.73 50.43 -29.73
N TRP E 99 67.71 51.18 -28.64
CA TRP E 99 68.85 51.98 -28.21
C TRP E 99 69.39 51.39 -26.91
N ASN E 100 70.65 50.98 -26.93
CA ASN E 100 71.32 50.41 -25.77
C ASN E 100 72.27 51.46 -25.18
N ALA E 101 72.07 51.78 -23.91
CA ALA E 101 72.93 52.73 -23.20
C ALA E 101 73.96 52.04 -22.31
N TYR E 102 73.99 50.71 -22.28
CA TYR E 102 75.00 50.02 -21.49
C TYR E 102 76.39 50.35 -22.00
N PHE E 103 77.35 50.39 -21.07
CA PHE E 103 78.75 50.52 -21.46
C PHE E 103 79.27 49.29 -22.16
N SER E 104 78.54 48.18 -22.13
CA SER E 104 78.86 46.96 -22.86
C SER E 104 77.64 46.51 -23.65
N PRO E 105 77.84 45.86 -24.80
CA PRO E 105 76.69 45.47 -25.62
C PRO E 105 75.79 44.48 -24.90
N ARG E 106 74.50 44.56 -25.21
CA ARG E 106 73.50 43.59 -24.76
C ARG E 106 73.09 42.77 -25.99
N THR E 107 73.63 41.55 -26.08
CA THR E 107 73.40 40.71 -27.24
C THR E 107 72.03 40.05 -27.16
N LEU E 108 71.26 40.13 -28.24
CA LEU E 108 69.97 39.48 -28.29
C LEU E 108 70.13 37.98 -28.42
N THR E 109 69.45 37.23 -27.54
CA THR E 109 69.57 35.77 -27.57
C THR E 109 69.11 35.22 -28.91
N ALA E 110 67.92 35.60 -29.36
CA ALA E 110 67.36 35.15 -30.62
C ALA E 110 66.02 35.85 -30.83
N ILE E 111 65.48 35.68 -32.03
CA ILE E 111 64.15 36.17 -32.37
C ILE E 111 63.32 34.94 -32.74
N ASP E 112 62.63 34.37 -31.76
CA ASP E 112 61.79 33.20 -31.98
C ASP E 112 60.55 33.65 -32.74
N ARG E 113 60.53 33.42 -34.05
CA ARG E 113 59.46 33.89 -34.92
C ARG E 113 58.29 32.91 -34.84
N GLU E 114 57.18 33.35 -34.25
CA GLU E 114 55.96 32.57 -34.17
C GLU E 114 54.89 33.26 -34.99
N ALA E 115 54.31 32.54 -35.95
CA ALA E 115 53.26 33.08 -36.83
C ALA E 115 53.72 34.36 -37.53
N ALA E 116 55.02 34.56 -37.64
CA ALA E 116 55.58 35.74 -38.26
C ALA E 116 56.08 35.49 -39.68
N ASP E 117 55.70 34.35 -40.27
CA ASP E 117 56.14 34.03 -41.62
C ASP E 117 55.69 35.12 -42.59
N GLY E 118 56.55 35.46 -43.54
CA GLY E 118 56.34 36.58 -44.42
C GLY E 118 56.83 37.90 -43.89
N ILE E 119 57.50 37.91 -42.74
CA ILE E 119 58.09 39.11 -42.16
C ILE E 119 59.60 38.90 -42.15
N THR E 120 60.32 39.80 -42.80
CA THR E 120 61.77 39.69 -42.95
C THR E 120 62.42 41.04 -42.70
N LEU E 121 63.66 40.99 -42.22
CA LEU E 121 64.49 42.18 -42.02
C LEU E 121 65.63 42.15 -43.03
N SER E 122 65.80 43.24 -43.77
CA SER E 122 66.83 43.35 -44.80
C SER E 122 67.93 44.29 -44.34
N GLY E 123 69.17 43.95 -44.71
CA GLY E 123 70.32 44.72 -44.33
C GLY E 123 70.83 44.46 -42.93
N GLN E 124 70.27 43.49 -42.22
CA GLN E 124 70.65 43.18 -40.85
C GLN E 124 71.09 41.73 -40.75
N ALA E 125 71.98 41.47 -39.80
CA ALA E 125 72.54 40.14 -39.60
C ALA E 125 71.54 39.30 -38.81
N SER E 126 71.99 38.14 -38.31
CA SER E 126 71.14 37.26 -37.54
C SER E 126 70.75 37.93 -36.21
N PRO E 127 69.66 37.46 -35.60
CA PRO E 127 69.17 38.08 -34.36
C PRO E 127 70.30 38.43 -33.40
N PRO E 128 71.23 37.49 -33.12
CA PRO E 128 72.37 37.86 -32.28
C PRO E 128 73.08 39.11 -32.80
N LEU E 129 73.05 40.18 -32.02
CA LEU E 129 73.53 41.48 -32.46
C LEU E 129 74.04 42.26 -31.26
N GLY E 130 75.32 42.61 -31.29
CA GLY E 130 75.89 43.41 -30.22
C GLY E 130 75.64 44.89 -30.46
N PHE E 131 75.07 45.55 -29.46
CA PHE E 131 74.72 46.97 -29.55
C PHE E 131 75.83 47.80 -28.91
N ALA E 132 76.41 48.70 -29.69
CA ALA E 132 77.40 49.62 -29.14
C ALA E 132 76.74 50.61 -28.18
N ALA E 133 77.51 51.07 -27.21
CA ALA E 133 76.99 52.04 -26.26
C ALA E 133 76.56 53.31 -26.99
N LEU E 134 75.47 53.91 -26.54
CA LEU E 134 74.93 55.13 -27.16
C LEU E 134 74.69 54.94 -28.65
N GLU E 135 74.30 53.72 -29.03
CA GLU E 135 74.02 53.39 -30.43
C GLU E 135 72.58 52.93 -30.56
N GLU E 136 71.88 53.48 -31.53
CA GLU E 136 70.53 53.07 -31.88
C GLU E 136 70.57 52.36 -33.21
N ARG E 137 70.03 51.14 -33.27
CA ARG E 137 70.02 50.34 -34.48
C ARG E 137 68.57 50.19 -34.92
N THR E 138 68.19 50.93 -35.96
CA THR E 138 66.81 50.93 -36.47
C THR E 138 66.73 49.91 -37.60
N TRP E 139 66.09 48.78 -37.31
CA TRP E 139 65.88 47.77 -38.33
C TRP E 139 64.76 48.21 -39.28
N THR E 140 64.69 47.55 -40.42
CA THR E 140 63.69 47.82 -41.45
C THR E 140 62.68 46.67 -41.42
N VAL E 141 61.56 46.89 -40.74
CA VAL E 141 60.50 45.87 -40.62
C VAL E 141 59.73 45.87 -41.93
N SER E 142 60.06 44.94 -42.82
CA SER E 142 59.38 44.81 -44.10
C SER E 142 58.20 43.86 -43.94
N ILE E 143 57.00 44.36 -44.24
CA ILE E 143 55.77 43.58 -44.17
C ILE E 143 55.40 43.17 -45.59
N GLY E 144 55.39 41.87 -45.85
CA GLY E 144 55.09 41.36 -47.17
C GLY E 144 53.60 41.35 -47.47
N THR E 145 53.27 40.85 -48.66
CA THR E 145 51.90 40.75 -49.12
C THR E 145 51.36 39.33 -49.10
N ASP E 146 52.17 38.35 -48.67
CA ASP E 146 51.75 36.96 -48.61
C ASP E 146 51.72 36.51 -47.15
N GLY E 147 50.61 35.91 -46.74
CA GLY E 147 50.46 35.41 -45.41
C GLY E 147 49.02 35.07 -45.07
N PRO E 148 48.79 34.57 -43.86
CA PRO E 148 47.42 34.26 -43.45
C PRO E 148 46.58 35.52 -43.40
N PRO E 149 45.26 35.40 -43.61
CA PRO E 149 44.40 36.60 -43.55
C PRO E 149 44.36 37.25 -42.18
N VAL E 150 44.76 36.55 -41.12
CA VAL E 150 44.78 37.10 -39.77
C VAL E 150 46.23 37.13 -39.31
N VAL E 151 46.71 38.31 -38.93
CA VAL E 151 48.08 38.50 -38.48
C VAL E 151 48.06 38.41 -36.96
N ASN E 152 48.53 37.29 -36.43
CA ASN E 152 48.63 37.06 -34.99
C ASN E 152 50.09 36.69 -34.70
N ALA E 153 50.92 37.72 -34.49
CA ALA E 153 52.35 37.54 -34.32
C ALA E 153 52.77 38.00 -32.94
N ARG E 154 53.73 37.28 -32.35
CA ARG E 154 54.30 37.63 -31.04
C ARG E 154 55.81 37.43 -31.14
N ILE E 155 56.53 38.48 -31.51
CA ILE E 155 57.98 38.43 -31.61
C ILE E 155 58.58 38.78 -30.25
N VAL E 156 59.48 37.94 -29.76
CA VAL E 156 60.03 38.05 -28.42
C VAL E 156 61.47 38.55 -28.51
N TRP E 157 61.77 39.65 -27.82
CA TRP E 157 63.11 40.20 -27.72
C TRP E 157 63.64 39.82 -26.34
N ARG E 158 64.20 38.61 -26.23
CA ARG E 158 64.64 38.06 -24.95
C ARG E 158 66.13 38.33 -24.77
N LEU E 159 66.48 38.92 -23.64
CA LEU E 159 67.88 39.19 -23.32
C LEU E 159 68.16 38.79 -21.88
N GLN E 160 69.44 38.55 -21.60
CA GLN E 160 69.85 38.16 -20.25
C GLN E 160 69.60 39.30 -19.27
N GLY E 161 69.23 38.94 -18.05
CA GLY E 161 69.06 39.92 -16.99
C GLY E 161 67.99 40.96 -17.26
N GLU E 162 67.06 40.67 -18.17
CA GLU E 162 66.00 41.59 -18.51
C GLU E 162 64.74 40.79 -18.79
N PRO E 163 63.58 41.21 -18.26
CA PRO E 163 62.35 40.49 -18.56
C PRO E 163 62.04 40.54 -20.05
N ASN E 164 61.36 39.48 -20.52
CA ASN E 164 61.03 39.39 -21.93
C ASN E 164 60.25 40.61 -22.38
N LEU E 165 60.67 41.20 -23.49
CA LEU E 165 60.02 42.36 -24.10
C LEU E 165 59.50 41.93 -25.46
N VAL E 166 58.27 41.42 -25.48
CA VAL E 166 57.69 40.86 -26.69
C VAL E 166 57.06 41.97 -27.51
N LEU E 167 57.44 42.04 -28.80
CA LEU E 167 56.85 42.99 -29.73
C LEU E 167 55.72 42.28 -30.47
N VAL E 168 54.48 42.67 -30.16
CA VAL E 168 53.31 42.00 -30.72
C VAL E 168 52.84 42.80 -31.94
N ILE E 169 52.75 42.11 -33.09
CA ILE E 169 52.27 42.70 -34.33
C ILE E 169 50.93 42.06 -34.65
N THR E 170 49.91 42.89 -34.84
CA THR E 170 48.55 42.42 -35.10
C THR E 170 47.96 43.17 -36.29
N GLY E 171 47.07 42.49 -37.00
CA GLY E 171 46.44 43.08 -38.17
C GLY E 171 45.77 42.00 -39.01
N ASN E 172 45.47 42.35 -40.26
CA ASN E 172 44.84 41.43 -41.19
C ASN E 172 45.42 41.65 -42.58
N ARG E 173 45.43 40.59 -43.37
CA ARG E 173 45.91 40.62 -44.75
C ARG E 173 44.72 40.53 -45.70
N ILE E 174 44.66 41.45 -46.65
CA ILE E 174 43.57 41.53 -47.61
C ILE E 174 44.15 41.70 -49.01
N ILE E 175 43.37 41.27 -50.00
CA ILE E 175 43.73 41.40 -51.40
C ILE E 175 42.68 42.26 -52.09
N ALA E 176 43.14 43.26 -52.83
CA ALA E 176 42.25 44.22 -53.47
C ALA E 176 41.80 43.72 -54.84
N TRP E 177 40.56 44.05 -55.19
CA TRP E 177 40.00 43.70 -56.49
C TRP E 177 40.45 44.74 -57.50
N THR E 178 41.30 44.33 -58.45
CA THR E 178 41.93 45.24 -59.40
C THR E 178 41.50 44.92 -60.83
N PHE E 179 40.23 44.59 -61.02
CA PHE E 179 39.67 44.30 -62.34
C PHE E 179 38.64 45.35 -62.69
N ALA E 180 38.81 45.96 -63.88
CA ALA E 180 37.87 46.96 -64.35
C ALA E 180 36.72 46.26 -65.07
N PRO E 181 35.49 46.32 -64.57
CA PRO E 181 34.40 45.60 -65.23
C PRO E 181 33.79 46.40 -66.36
N ASP E 182 33.45 45.69 -67.45
CA ASP E 182 32.73 46.32 -68.55
C ASP E 182 31.38 46.82 -68.06
N TRP E 183 30.95 47.95 -68.63
CA TRP E 183 29.75 48.63 -68.14
C TRP E 183 28.72 48.87 -69.23
N GLY E 184 28.80 48.17 -70.36
CA GLY E 184 27.76 48.30 -71.37
C GLY E 184 26.38 48.05 -70.80
N ASP E 185 26.27 47.12 -69.85
CA ASP E 185 25.07 46.92 -69.06
C ASP E 185 25.21 47.70 -67.76
N SER E 186 24.16 48.42 -67.39
CA SER E 186 24.23 49.29 -66.23
C SER E 186 24.58 48.49 -64.98
N ILE E 187 25.44 49.07 -64.14
CA ILE E 187 25.81 48.47 -62.87
C ILE E 187 24.70 48.71 -61.86
N VAL E 188 24.24 47.65 -61.21
CA VAL E 188 23.13 47.73 -60.28
C VAL E 188 23.68 47.72 -58.86
N GLU E 189 23.32 48.75 -58.09
CA GLU E 189 23.66 48.85 -56.67
C GLU E 189 22.39 48.66 -55.86
N ARG E 190 22.45 47.77 -54.88
CA ARG E 190 21.28 47.39 -54.09
C ARG E 190 21.50 47.77 -52.64
N LEU E 191 20.54 48.51 -52.08
CA LEU E 191 20.53 48.88 -50.67
C LEU E 191 19.37 48.14 -50.00
N SER E 192 19.70 47.28 -49.04
CA SER E 192 18.72 46.44 -48.37
C SER E 192 18.78 46.64 -46.86
N ALA E 193 17.61 46.68 -46.23
CA ALA E 193 17.50 46.80 -44.78
C ALA E 193 16.36 45.91 -44.32
N SER E 194 16.32 45.68 -43.00
CA SER E 194 15.31 44.82 -42.39
C SER E 194 14.39 45.66 -41.52
N THR E 195 13.08 45.51 -41.73
CA THR E 195 12.08 46.24 -40.95
C THR E 195 10.83 45.37 -40.88
N ASN E 196 10.69 44.63 -39.79
CA ASN E 196 9.53 43.77 -39.58
C ASN E 196 8.42 44.58 -38.92
N ILE E 197 7.29 44.70 -39.60
CA ILE E 197 6.17 45.52 -39.16
C ILE E 197 4.95 44.63 -38.98
N LEU E 198 4.24 44.83 -37.88
CA LEU E 198 3.00 44.11 -37.59
C LEU E 198 1.88 45.11 -37.39
N GLN E 199 0.74 44.85 -38.03
CA GLN E 199 -0.42 45.72 -37.97
C GLN E 199 -1.58 44.99 -37.31
N SER E 200 -2.43 45.75 -36.63
CA SER E 200 -3.55 45.19 -35.90
C SER E 200 -4.74 45.01 -36.86
N GLU E 201 -5.90 44.68 -36.29
CA GLU E 201 -7.10 44.55 -37.12
C GLU E 201 -7.42 45.85 -37.83
N SER E 202 -7.33 46.98 -37.11
CA SER E 202 -7.45 48.28 -37.75
C SER E 202 -6.18 48.57 -38.54
N ALA E 203 -6.31 49.48 -39.52
CA ALA E 203 -5.20 49.85 -40.38
C ALA E 203 -4.24 50.78 -39.61
N VAL E 204 -3.55 50.18 -38.64
CA VAL E 204 -2.53 50.87 -37.85
C VAL E 204 -1.29 49.99 -37.84
N THR E 205 -0.13 50.61 -38.05
CA THR E 205 1.14 49.89 -38.19
C THR E 205 2.15 50.39 -37.18
N GLN E 206 2.88 49.46 -36.57
CA GLN E 206 4.04 49.76 -35.75
C GLN E 206 5.28 49.19 -36.43
N ARG E 207 6.31 50.01 -36.57
CA ARG E 207 7.49 49.66 -37.34
C ARG E 207 8.70 49.51 -36.42
N ARG E 208 9.54 48.52 -36.72
CA ARG E 208 10.63 48.09 -35.85
C ARG E 208 11.92 47.93 -36.64
N ALA E 209 12.28 48.97 -37.41
CA ALA E 209 13.48 48.95 -38.23
C ALA E 209 14.66 48.32 -37.47
N MET E 210 15.23 47.28 -38.06
CA MET E 210 16.26 46.48 -37.39
C MET E 210 17.67 46.95 -37.74
N ARG E 211 17.99 47.03 -39.02
CA ARG E 211 19.34 47.37 -39.47
C ARG E 211 19.47 48.89 -39.57
N LEU E 212 20.41 49.45 -38.80
CA LEU E 212 20.69 50.88 -38.90
C LEU E 212 21.51 51.20 -40.14
N ALA E 213 22.41 50.30 -40.53
CA ALA E 213 23.24 50.49 -41.72
C ALA E 213 22.84 49.48 -42.79
N PRO E 214 22.15 49.89 -43.86
CA PRO E 214 21.72 48.90 -44.85
C PRO E 214 22.90 48.20 -45.51
N ARG E 215 22.73 46.91 -45.77
CA ARG E 215 23.75 46.13 -46.44
C ARG E 215 23.76 46.47 -47.93
N ARG E 216 24.94 46.75 -48.47
CA ARG E 216 25.09 47.18 -49.85
C ARG E 216 25.58 46.02 -50.70
N GLU E 217 24.91 45.79 -51.83
CA GLU E 217 25.27 44.75 -52.77
C GLU E 217 25.49 45.36 -54.16
N PHE E 218 26.53 44.90 -54.85
CA PHE E 218 26.87 45.37 -56.18
C PHE E 218 26.79 44.21 -57.17
N ASP E 219 26.23 44.46 -58.34
CA ASP E 219 26.15 43.48 -59.41
C ASP E 219 26.72 44.10 -60.68
N ALA E 220 27.64 43.38 -61.32
CA ALA E 220 28.28 43.89 -62.52
C ALA E 220 28.81 42.73 -63.34
N ASN E 221 29.12 43.01 -64.61
CA ASN E 221 29.71 42.06 -65.52
C ASN E 221 31.09 42.58 -65.96
N MET E 222 31.98 41.65 -66.29
CA MET E 222 33.36 42.01 -66.60
C MET E 222 33.90 41.08 -67.67
N TYR E 223 35.10 41.40 -68.15
CA TYR E 223 35.80 40.62 -69.16
C TYR E 223 37.27 40.55 -68.81
N ALA E 224 37.96 39.57 -69.40
CA ALA E 224 39.39 39.39 -69.15
C ALA E 224 39.98 38.64 -70.33
N VAL E 225 40.94 39.25 -71.03
CA VAL E 225 41.49 38.66 -72.24
C VAL E 225 43.01 38.50 -72.16
N ASP E 226 43.73 39.62 -72.02
CA ASP E 226 45.18 39.62 -72.16
C ASP E 226 45.82 39.78 -70.79
N ARG E 227 46.19 38.64 -70.19
CA ARG E 227 46.91 38.58 -68.92
C ARG E 227 46.02 38.89 -67.73
N GLU E 228 44.76 39.28 -67.97
CA GLU E 228 43.83 39.43 -66.86
C GLU E 228 43.00 38.18 -66.62
N ARG E 229 42.84 37.32 -67.63
CA ARG E 229 42.05 36.10 -67.43
C ARG E 229 42.78 35.13 -66.52
N GLN E 230 44.07 34.89 -66.78
CA GLN E 230 44.83 33.99 -65.92
C GLN E 230 44.96 34.56 -64.51
N LEU E 231 45.20 35.87 -64.40
CA LEU E 231 45.28 36.49 -63.08
C LEU E 231 43.97 36.37 -62.33
N LEU E 232 42.85 36.57 -63.04
CA LEU E 232 41.54 36.42 -62.40
C LEU E 232 41.32 34.98 -61.95
N ASP E 233 41.70 34.01 -62.78
CA ASP E 233 41.55 32.61 -62.40
C ASP E 233 42.33 32.31 -61.13
N MET E 234 43.60 32.69 -61.10
CA MET E 234 44.40 32.47 -59.90
C MET E 234 43.87 33.25 -58.69
N THR E 235 43.38 34.47 -58.91
CA THR E 235 42.90 35.29 -57.80
C THR E 235 41.66 34.67 -57.15
N LEU E 236 40.71 34.21 -57.96
CA LEU E 236 39.54 33.53 -57.44
C LEU E 236 39.82 32.08 -57.04
N PHE E 237 40.97 31.54 -57.41
CA PHE E 237 41.37 30.20 -56.99
C PHE E 237 41.97 30.23 -55.59
N GLY E 238 43.01 31.03 -55.41
CA GLY E 238 43.70 31.05 -54.13
C GLY E 238 42.92 31.78 -53.05
N TRP E 239 42.52 33.03 -53.33
CA TRP E 239 41.85 33.82 -52.32
C TRP E 239 40.43 33.32 -52.09
N GLY E 240 39.70 33.04 -53.17
CA GLY E 240 38.37 32.47 -53.03
C GLY E 240 37.45 33.37 -52.23
N ALA E 241 36.76 32.78 -51.25
CA ALA E 241 35.76 33.50 -50.47
C ALA E 241 36.43 34.10 -49.24
N ARG E 242 36.91 35.33 -49.41
CA ARG E 242 37.51 36.08 -48.32
C ARG E 242 37.38 37.56 -48.62
N ILE E 243 37.63 38.38 -47.59
CA ILE E 243 37.39 39.82 -47.71
C ILE E 243 38.25 40.40 -48.81
N TRP E 244 37.62 41.20 -49.68
CA TRP E 244 38.32 41.94 -50.72
C TRP E 244 38.39 43.41 -50.34
N ALA E 245 39.07 44.19 -51.18
CA ALA E 245 39.07 45.64 -51.10
C ALA E 245 38.49 46.14 -52.42
N LEU E 246 37.17 46.22 -52.48
CA LEU E 246 36.49 46.51 -53.74
C LEU E 246 36.51 48.01 -54.02
N PRO E 247 37.12 48.46 -55.12
CA PRO E 247 36.97 49.86 -55.51
C PRO E 247 35.56 50.17 -55.95
N ILE E 248 35.15 51.42 -55.74
CA ILE E 248 33.82 51.88 -56.08
C ILE E 248 33.87 52.35 -57.54
N TRP E 249 33.47 51.47 -58.45
CA TRP E 249 33.51 51.81 -59.88
C TRP E 249 32.66 53.03 -60.20
N PRO E 250 31.42 53.16 -59.71
CA PRO E 250 30.63 54.35 -60.06
C PRO E 250 31.27 55.66 -59.61
N ASP E 251 32.16 55.61 -58.62
CA ASP E 251 32.83 56.81 -58.13
C ASP E 251 34.18 57.03 -58.79
N ILE E 252 34.34 56.60 -60.05
CA ILE E 252 35.60 56.78 -60.74
C ILE E 252 35.98 58.26 -60.76
N GLN E 253 37.28 58.53 -60.78
CA GLN E 253 37.78 59.89 -60.78
C GLN E 253 39.13 59.92 -61.49
N LEU E 254 39.42 61.05 -62.12
CA LEU E 254 40.66 61.24 -62.86
C LEU E 254 41.43 62.41 -62.25
N LEU E 255 42.73 62.23 -62.09
CA LEU E 255 43.58 63.27 -61.52
C LEU E 255 43.71 64.45 -62.48
N HIS E 256 43.73 65.65 -61.93
CA HIS E 256 43.90 66.86 -62.72
C HIS E 256 45.35 67.28 -62.85
N GLN E 257 46.19 66.93 -61.89
CA GLN E 257 47.60 67.27 -61.90
C GLN E 257 48.41 66.04 -61.50
N PRO E 258 49.67 65.97 -61.93
CA PRO E 258 50.49 64.79 -61.57
C PRO E 258 50.73 64.72 -60.08
N LEU E 259 50.87 63.50 -59.58
CA LEU E 259 51.14 63.23 -58.17
C LEU E 259 52.61 62.86 -58.01
N ALA E 260 53.35 63.69 -57.29
CA ALA E 260 54.76 63.44 -57.08
C ALA E 260 54.96 62.24 -56.15
N ALA E 261 55.98 61.45 -56.45
CA ALA E 261 56.29 60.29 -55.61
C ALA E 261 56.67 60.74 -54.22
N GLY E 262 56.09 60.09 -53.21
CA GLY E 262 56.35 60.42 -51.83
C GLY E 262 55.54 61.57 -51.28
N SER E 263 54.71 62.21 -52.10
CA SER E 263 53.92 63.33 -51.63
C SER E 263 52.84 62.86 -50.67
N LEU E 264 52.52 63.71 -49.69
CA LEU E 264 51.50 63.44 -48.70
C LEU E 264 50.29 64.31 -49.01
N GLY E 265 49.23 63.68 -49.50
CA GLY E 265 48.01 64.40 -49.84
C GLY E 265 47.72 64.39 -51.32
N ILE E 266 46.50 64.03 -51.69
CA ILE E 266 46.06 63.98 -53.08
C ILE E 266 44.94 65.02 -53.25
N PRO E 267 45.23 66.18 -53.84
CA PRO E 267 44.18 67.18 -54.04
C PRO E 267 43.23 66.78 -55.15
N CYS E 268 42.00 66.40 -54.79
CA CYS E 268 41.02 65.95 -55.75
C CYS E 268 39.62 66.26 -55.23
N ASP E 269 38.65 66.28 -56.14
CA ASP E 269 37.28 66.58 -55.79
C ASP E 269 36.72 65.50 -54.87
N THR E 270 36.04 65.92 -53.81
CA THR E 270 35.41 65.01 -52.86
C THR E 270 33.97 65.43 -52.57
N ALA E 271 33.32 66.05 -53.56
CA ALA E 271 31.95 66.51 -53.40
C ALA E 271 31.00 65.36 -53.74
N GLY E 272 30.25 64.90 -52.75
CA GLY E 272 29.31 63.81 -52.97
C GLY E 272 29.99 62.51 -53.38
N LEU E 273 31.09 62.17 -52.74
CA LEU E 273 31.83 60.95 -53.02
C LEU E 273 31.86 60.07 -51.78
N ASP E 274 32.06 58.77 -52.00
CA ASP E 274 32.10 57.79 -50.92
C ASP E 274 33.48 57.76 -50.27
N PHE E 275 33.87 58.92 -49.74
CA PHE E 275 35.13 59.09 -49.03
C PHE E 275 34.83 59.37 -47.56
N ARG E 276 35.47 58.62 -46.67
CA ARG E 276 35.27 58.75 -45.24
C ARG E 276 36.62 58.81 -44.55
N ASP E 277 36.64 59.51 -43.40
CA ASP E 277 37.87 59.64 -42.63
C ASP E 277 38.33 58.28 -42.14
N GLY E 278 39.63 58.00 -42.30
CA GLY E 278 40.15 56.71 -41.94
C GLY E 278 39.80 55.59 -42.90
N GLY E 279 39.43 55.93 -44.12
CA GLY E 279 39.05 54.94 -45.12
C GLY E 279 40.24 54.49 -45.95
N LEU E 280 39.95 54.07 -47.17
CA LEU E 280 40.98 53.59 -48.09
C LEU E 280 40.77 54.19 -49.47
N ALA E 281 41.87 54.37 -50.19
CA ALA E 281 41.86 54.85 -51.57
C ALA E 281 42.79 53.98 -52.39
N MET E 282 42.50 53.88 -53.69
CA MET E 282 43.21 52.96 -54.57
C MET E 282 43.38 53.62 -55.93
N LEU E 283 44.60 54.07 -56.22
CA LEU E 283 44.92 54.57 -57.54
C LEU E 283 45.06 53.41 -58.52
N ARG E 284 44.81 53.69 -59.80
CA ARG E 284 44.88 52.66 -60.83
C ARG E 284 45.45 53.26 -62.11
N GLY E 285 45.97 52.36 -62.95
CA GLY E 285 46.49 52.74 -64.25
C GLY E 285 45.78 52.02 -65.38
N GLU E 286 46.42 51.96 -66.55
CA GLU E 286 45.80 51.28 -67.69
C GLU E 286 45.63 49.79 -67.43
N ASP E 287 46.62 49.16 -66.82
CA ASP E 287 46.59 47.73 -66.55
C ASP E 287 46.21 47.46 -65.10
N ALA E 288 45.94 46.19 -64.81
CA ALA E 288 45.54 45.81 -63.46
C ALA E 288 46.65 46.09 -62.45
N PHE E 289 47.91 45.83 -62.84
CA PHE E 289 49.02 45.93 -61.90
C PHE E 289 49.32 47.36 -61.48
N THR E 290 49.10 48.33 -62.36
CA THR E 290 49.44 49.72 -62.07
C THR E 290 48.43 50.26 -61.07
N TYR E 291 48.68 49.96 -59.79
CA TYR E 291 47.77 50.35 -58.73
C TYR E 291 48.54 50.42 -57.42
N GLU E 292 47.94 51.08 -56.44
CA GLU E 292 48.51 51.18 -55.11
C GLU E 292 47.43 51.71 -54.16
N VAL E 293 47.37 51.12 -52.96
CA VAL E 293 46.34 51.43 -51.98
C VAL E 293 46.97 52.24 -50.85
N VAL E 294 46.28 53.30 -50.44
CA VAL E 294 46.73 54.17 -49.36
C VAL E 294 45.59 54.38 -48.39
N GLU E 295 45.94 54.81 -47.17
CA GLU E 295 44.97 55.06 -46.11
C GLU E 295 44.71 56.55 -46.01
N VAL E 296 43.44 56.94 -46.09
CA VAL E 296 43.04 58.33 -46.01
C VAL E 296 42.69 58.66 -44.57
N LYS E 297 43.24 59.76 -44.06
CA LYS E 297 42.99 60.17 -42.68
C LYS E 297 41.71 61.00 -42.57
N THR E 298 41.64 62.11 -43.31
CA THR E 298 40.49 63.00 -43.22
C THR E 298 40.25 63.62 -44.60
N VAL E 299 39.07 64.23 -44.74
CA VAL E 299 38.66 64.89 -45.97
C VAL E 299 38.65 66.39 -45.73
N THR E 300 39.37 67.14 -46.56
CA THR E 300 39.47 68.58 -46.44
C THR E 300 38.59 69.31 -47.45
N ALA E 301 37.71 68.59 -48.16
CA ALA E 301 36.83 69.17 -49.16
C ALA E 301 37.58 69.53 -50.44
N SER E 302 38.90 69.38 -50.43
CA SER E 302 39.71 69.59 -51.63
C SER E 302 40.80 68.53 -51.82
N GLY E 303 41.09 67.71 -50.81
CA GLY E 303 42.12 66.70 -50.94
C GLY E 303 41.87 65.57 -49.97
N LEU E 304 42.81 64.63 -49.96
CA LEU E 304 42.73 63.43 -49.11
C LEU E 304 43.99 63.37 -48.26
N ASP E 305 43.89 63.74 -46.99
CA ASP E 305 45.03 63.66 -46.09
C ASP E 305 45.49 62.22 -45.97
N LEU E 306 46.80 62.02 -46.09
CA LEU E 306 47.39 60.69 -46.10
C LEU E 306 48.42 60.57 -44.98
N VAL E 307 48.57 59.35 -44.47
CA VAL E 307 49.47 59.10 -43.35
C VAL E 307 50.77 58.50 -43.87
N ARG E 308 50.69 57.75 -44.97
CA ARG E 308 51.85 57.11 -45.56
C ARG E 308 52.12 57.71 -46.94
N PRO E 309 53.34 58.14 -47.23
CA PRO E 309 53.62 58.72 -48.55
C PRO E 309 53.46 57.70 -49.67
N VAL E 310 53.06 58.19 -50.83
CA VAL E 310 52.92 57.35 -52.02
C VAL E 310 54.31 57.05 -52.57
N GLN E 311 54.56 55.78 -52.86
CA GLN E 311 55.89 55.33 -53.26
C GLN E 311 56.09 55.29 -54.77
N ALA E 312 55.11 55.73 -55.55
CA ALA E 312 55.26 55.76 -57.00
C ALA E 312 54.33 56.82 -57.56
N ALA E 313 54.83 57.56 -58.56
CA ALA E 313 54.12 58.71 -59.12
C ALA E 313 53.35 58.30 -60.37
N TRP E 314 52.08 58.65 -60.41
CA TRP E 314 51.23 58.47 -61.58
C TRP E 314 50.79 59.83 -62.07
N GLY E 315 50.93 60.07 -63.37
CA GLY E 315 50.56 61.35 -63.95
C GLY E 315 49.07 61.45 -64.21
N THR E 316 48.69 62.51 -64.92
CA THR E 316 47.29 62.71 -65.26
C THR E 316 46.77 61.53 -66.07
N GLY E 317 45.54 61.12 -65.77
CA GLY E 317 44.90 60.00 -66.43
C GLY E 317 44.73 58.78 -65.56
N SER E 318 45.53 58.65 -64.50
CA SER E 318 45.36 57.52 -63.59
C SER E 318 44.04 57.64 -62.83
N ARG E 319 43.37 56.51 -62.66
CA ARG E 319 42.06 56.50 -62.02
C ARG E 319 42.19 56.45 -60.51
N LEU E 320 41.25 57.10 -59.84
CA LEU E 320 41.15 57.11 -58.39
C LEU E 320 39.82 56.48 -57.98
N TYR E 321 39.88 55.50 -57.08
CA TYR E 321 38.70 54.75 -56.67
C TYR E 321 38.59 54.76 -55.15
N PRO E 322 37.44 55.11 -54.59
CA PRO E 322 37.19 54.81 -53.18
C PRO E 322 37.16 53.30 -52.97
N VAL E 323 37.62 52.87 -51.80
CA VAL E 323 37.78 51.45 -51.49
C VAL E 323 36.93 51.13 -50.26
N ARG E 324 36.15 50.05 -50.35
CA ARG E 324 35.37 49.53 -49.24
C ARG E 324 35.53 48.02 -49.18
N THR E 325 35.58 47.49 -47.97
CA THR E 325 35.71 46.04 -47.81
C THR E 325 34.49 45.35 -48.40
N ALA E 326 34.73 44.25 -49.12
CA ALA E 326 33.66 43.51 -49.77
C ALA E 326 34.00 42.03 -49.79
N GLN E 327 32.97 41.20 -49.95
CA GLN E 327 33.13 39.77 -50.02
C GLN E 327 32.28 39.21 -51.15
N LEU E 328 32.77 38.15 -51.78
CA LEU E 328 32.06 37.51 -52.88
C LEU E 328 30.86 36.75 -52.34
N THR E 329 29.66 37.26 -52.59
CA THR E 329 28.46 36.57 -52.13
C THR E 329 28.33 35.20 -52.78
N GLU E 330 28.63 35.10 -54.07
CA GLU E 330 28.61 33.83 -54.78
C GLU E 330 29.75 33.82 -55.78
N GLN E 331 30.41 32.69 -55.92
CA GLN E 331 31.54 32.59 -56.84
C GLN E 331 31.04 32.72 -58.27
N PRO E 332 31.61 33.63 -59.07
CA PRO E 332 31.09 33.83 -60.42
C PRO E 332 31.28 32.60 -61.29
N THR E 333 30.34 32.42 -62.23
CA THR E 333 30.42 31.37 -63.23
C THR E 333 31.03 31.96 -64.49
N LEU E 334 32.27 31.59 -64.78
CA LEU E 334 33.02 32.19 -65.86
C LEU E 334 32.62 31.55 -67.19
N THR E 335 32.26 32.38 -68.17
CA THR E 335 31.84 31.92 -69.49
C THR E 335 33.00 32.06 -70.45
N ARG E 336 33.53 30.92 -70.92
CA ARG E 336 34.65 30.94 -71.83
C ARG E 336 34.21 31.44 -73.20
N LEU E 337 34.82 32.52 -73.66
CA LEU E 337 34.53 33.08 -74.99
C LEU E 337 35.48 32.58 -76.06
N THR E 338 36.74 32.33 -75.72
CA THR E 338 37.70 31.78 -76.66
C THR E 338 38.82 31.13 -75.84
N ASP E 339 39.95 30.84 -76.50
CA ASP E 339 41.05 30.17 -75.82
C ASP E 339 41.44 30.91 -74.54
N THR E 340 41.58 32.23 -74.63
CA THR E 340 41.89 33.07 -73.47
C THR E 340 40.88 34.21 -73.44
N ALA E 341 39.71 33.94 -72.85
CA ALA E 341 38.68 34.96 -72.67
C ALA E 341 37.58 34.42 -71.79
N GLN E 342 37.18 35.17 -70.76
CA GLN E 342 36.15 34.71 -69.85
C GLN E 342 35.39 35.90 -69.31
N SER E 343 34.07 35.90 -69.50
CA SER E 343 33.19 36.92 -68.97
C SER E 343 32.57 36.42 -67.68
N ALA E 344 32.57 37.26 -66.66
CA ALA E 344 32.10 36.88 -65.33
C ALA E 344 31.06 37.88 -64.85
N ARG E 345 30.09 37.37 -64.08
CA ARG E 345 29.07 38.18 -63.43
C ARG E 345 29.39 38.17 -61.93
N VAL E 346 30.21 39.13 -61.51
CA VAL E 346 30.68 39.19 -60.13
C VAL E 346 29.70 40.03 -59.31
N SER E 347 29.35 39.54 -58.12
CA SER E 347 28.49 40.25 -57.19
C SER E 347 29.21 40.37 -55.86
N PHE E 348 29.21 41.58 -55.29
CA PHE E 348 29.94 41.86 -54.07
C PHE E 348 29.03 42.49 -53.03
N LEU E 349 29.32 42.18 -51.77
CA LEU E 349 28.60 42.71 -50.62
C LEU E 349 29.60 43.39 -49.69
N VAL E 350 29.33 44.63 -49.32
CA VAL E 350 30.24 45.41 -48.48
C VAL E 350 29.98 45.07 -47.02
N MET E 351 31.04 44.70 -46.30
CA MET E 351 30.96 44.31 -44.90
C MET E 351 31.38 45.43 -43.97
N GLU E 352 31.10 46.68 -44.34
CA GLU E 352 31.36 47.83 -43.48
C GLU E 352 30.17 48.78 -43.57
N PRO E 353 29.79 49.42 -42.47
CA PRO E 353 28.71 50.42 -42.55
C PRO E 353 29.06 51.53 -43.51
N SER E 354 28.06 52.00 -44.24
CA SER E 354 28.22 53.06 -45.25
C SER E 354 27.56 54.32 -44.71
N ALA E 355 28.32 55.11 -43.97
CA ALA E 355 27.81 56.36 -43.43
C ALA E 355 27.52 57.34 -44.56
N TRP E 356 26.39 58.06 -44.43
CA TRP E 356 25.99 59.03 -45.43
C TRP E 356 24.97 59.96 -44.81
N PRO E 357 25.04 61.27 -45.06
CA PRO E 357 24.05 62.18 -44.46
C PRO E 357 22.63 61.82 -44.90
N GLU E 358 21.70 61.98 -43.97
CA GLU E 358 20.28 61.72 -44.22
C GLU E 358 19.56 63.06 -44.26
N LEU E 359 19.05 63.41 -45.44
CA LEU E 359 18.35 64.67 -45.65
C LEU E 359 17.02 64.41 -46.33
N MET E 360 16.00 65.13 -45.88
CA MET E 360 14.64 65.02 -46.39
C MET E 360 14.31 66.19 -47.30
N PRO E 361 13.22 66.11 -48.05
CA PRO E 361 12.84 67.23 -48.92
C PRO E 361 12.63 68.51 -48.12
N ALA E 362 12.96 69.64 -48.74
CA ALA E 362 12.88 70.92 -48.05
C ALA E 362 11.45 71.23 -47.62
N THR E 363 10.47 70.98 -48.50
CA THR E 363 9.09 71.28 -48.17
C THR E 363 8.63 70.45 -46.99
N THR E 364 7.78 71.05 -46.16
CA THR E 364 7.22 70.38 -44.99
C THR E 364 5.73 70.65 -44.93
N TYR E 365 4.97 69.63 -44.53
CA TYR E 365 3.51 69.73 -44.43
C TYR E 365 3.06 69.00 -43.17
N ARG E 366 2.40 69.72 -42.27
CA ARG E 366 1.94 69.16 -41.01
C ARG E 366 3.09 68.50 -40.25
N GLY E 367 4.26 69.14 -40.29
CA GLY E 367 5.41 68.61 -39.61
C GLY E 367 5.97 67.35 -40.21
N ARG E 368 5.71 67.09 -41.48
CA ARG E 368 6.20 65.90 -42.16
C ARG E 368 6.77 66.29 -43.52
N PRO E 369 7.69 65.49 -44.05
CA PRO E 369 8.26 65.79 -45.37
C PRO E 369 7.23 65.59 -46.48
N VAL E 370 7.45 66.29 -47.58
CA VAL E 370 6.61 66.21 -48.77
C VAL E 370 7.49 65.90 -49.96
N LEU E 371 7.08 64.91 -50.75
CA LEU E 371 7.84 64.48 -51.94
C LEU E 371 7.41 65.34 -53.12
N GLU E 372 8.22 66.34 -53.45
CA GLU E 372 7.90 67.24 -54.55
C GLU E 372 8.46 66.78 -55.89
N GLN E 373 9.27 65.72 -55.91
CA GLN E 373 9.84 65.23 -57.16
C GLN E 373 8.73 64.66 -58.04
N ARG E 374 8.82 64.95 -59.35
CA ARG E 374 7.82 64.48 -60.29
C ARG E 374 8.29 63.16 -60.90
N PRO E 375 7.53 62.07 -60.77
CA PRO E 375 8.03 60.78 -61.24
C PRO E 375 8.20 60.73 -62.75
N ASP E 376 9.17 59.95 -63.20
CA ASP E 376 9.36 59.73 -64.62
C ASP E 376 8.23 58.90 -65.20
N GLU E 377 7.77 59.27 -66.39
CA GLU E 377 6.67 58.59 -67.07
C GLU E 377 7.15 57.71 -68.21
N SER E 378 8.44 57.38 -68.27
CA SER E 378 8.93 56.55 -69.35
C SER E 378 8.27 55.18 -69.34
N GLU E 379 8.13 54.58 -68.16
CA GLU E 379 7.43 53.31 -68.00
C GLU E 379 6.11 53.56 -67.29
N ASP E 380 5.01 53.12 -67.90
CA ASP E 380 3.69 53.32 -67.31
C ASP E 380 3.64 52.70 -65.92
N LEU E 381 3.12 53.46 -64.96
CA LEU E 381 3.09 53.06 -63.57
C LEU E 381 1.66 52.73 -63.15
N THR E 382 1.52 52.14 -61.96
CA THR E 382 0.25 51.62 -61.49
C THR E 382 -0.04 52.11 -60.08
N SER E 383 -1.33 52.16 -59.75
CA SER E 383 -1.79 52.48 -58.42
C SER E 383 -2.85 51.46 -58.00
N SER E 384 -2.77 51.00 -56.76
CA SER E 384 -3.69 50.00 -56.24
C SER E 384 -4.09 50.37 -54.82
N TYR E 385 -5.28 49.89 -54.42
CA TYR E 385 -5.85 50.15 -53.10
C TYR E 385 -5.81 48.84 -52.32
N GLN E 386 -4.70 48.59 -51.64
CA GLN E 386 -4.59 47.40 -50.80
C GLN E 386 -5.39 47.57 -49.52
N ARG E 387 -6.14 46.53 -49.16
CA ARG E 387 -6.99 46.55 -47.98
C ARG E 387 -6.75 45.28 -47.17
N LEU E 388 -6.98 45.37 -45.86
CA LEU E 388 -6.93 44.21 -44.98
C LEU E 388 -8.26 43.46 -45.09
N LEU E 389 -8.47 42.90 -46.28
CA LEU E 389 -9.72 42.26 -46.65
C LEU E 389 -9.67 40.74 -46.52
N SER E 390 -8.94 40.24 -45.53
CA SER E 390 -8.84 38.79 -45.33
C SER E 390 -10.13 38.26 -44.74
N THR E 391 -10.13 36.97 -44.41
CA THR E 391 -11.28 36.30 -43.81
C THR E 391 -12.48 36.32 -44.77
N LEU E 392 -12.24 35.83 -45.99
CA LEU E 392 -13.30 35.71 -46.96
C LEU E 392 -14.31 34.63 -46.59
N ASP E 393 -13.91 33.64 -45.81
CA ASP E 393 -14.80 32.60 -45.31
C ASP E 393 -15.63 32.00 -46.44
N ASN E 394 -14.94 31.38 -47.39
CA ASN E 394 -15.57 30.69 -48.51
C ASN E 394 -15.88 29.25 -48.07
N GLY E 395 -17.16 28.97 -47.84
CA GLY E 395 -17.56 27.66 -47.39
C GLY E 395 -18.02 26.77 -48.53
N SER E 396 -19.32 26.53 -48.62
CA SER E 396 -19.89 25.70 -49.68
C SER E 396 -20.98 26.40 -50.47
N ALA E 397 -21.81 27.22 -49.82
CA ALA E 397 -22.92 27.86 -50.52
C ALA E 397 -22.46 29.12 -51.26
N ILE E 398 -21.99 30.13 -50.52
CA ILE E 398 -21.53 31.38 -51.10
C ILE E 398 -20.51 32.01 -50.17
N PRO E 399 -19.63 32.89 -50.67
CA PRO E 399 -18.68 33.56 -49.78
C PRO E 399 -19.25 34.85 -49.20
N ARG E 400 -18.59 35.39 -48.18
CA ARG E 400 -18.95 36.68 -47.61
C ARG E 400 -17.70 37.35 -47.07
N VAL E 401 -17.54 38.62 -47.37
CA VAL E 401 -16.36 39.40 -46.98
C VAL E 401 -16.79 40.47 -45.99
N THR E 402 -16.02 40.60 -44.90
CA THR E 402 -16.27 41.59 -43.86
C THR E 402 -15.10 42.55 -43.80
N ASP E 403 -15.40 43.84 -43.93
CA ASP E 403 -14.38 44.88 -43.86
C ASP E 403 -13.91 44.99 -42.41
N VAL E 404 -12.71 44.48 -42.13
CA VAL E 404 -12.19 44.52 -40.76
C VAL E 404 -11.99 45.97 -40.32
N ALA E 405 -11.47 46.81 -41.20
CA ALA E 405 -11.25 48.22 -40.91
C ALA E 405 -12.02 49.17 -41.79
N GLY E 406 -12.44 48.74 -42.98
CA GLY E 406 -13.17 49.63 -43.88
C GLY E 406 -12.36 50.83 -44.33
N MET E 407 -11.05 50.66 -44.53
CA MET E 407 -10.19 51.73 -44.99
C MET E 407 -9.30 51.20 -46.11
N ALA E 408 -8.97 52.09 -47.05
CA ALA E 408 -8.12 51.76 -48.19
C ALA E 408 -6.83 52.56 -48.10
N LEU E 409 -5.71 51.86 -48.24
CA LEU E 409 -4.40 52.50 -48.24
C LEU E 409 -3.82 52.46 -49.65
N PRO E 410 -3.78 53.58 -50.37
CA PRO E 410 -3.31 53.53 -51.76
C PRO E 410 -1.84 53.18 -51.87
N VAL E 411 -1.47 52.63 -53.02
CA VAL E 411 -0.09 52.27 -53.33
C VAL E 411 0.31 52.99 -54.61
N ILE E 412 1.50 53.60 -54.60
CA ILE E 412 1.96 54.43 -55.70
C ILE E 412 3.39 54.03 -56.04
N GLY E 413 3.68 53.91 -57.34
CA GLY E 413 5.02 53.66 -57.82
C GLY E 413 5.70 54.94 -58.24
N HIS E 414 7.03 54.95 -58.16
CA HIS E 414 7.81 56.15 -58.45
C HIS E 414 9.07 55.79 -59.21
N ARG E 415 9.43 56.62 -60.18
CA ARG E 415 10.66 56.48 -60.94
C ARG E 415 11.27 57.86 -61.14
N TRP E 416 12.59 57.89 -61.31
CA TRP E 416 13.31 59.15 -61.42
C TRP E 416 14.59 58.95 -62.21
N ILE E 417 15.16 60.05 -62.67
CA ILE E 417 16.42 60.06 -63.42
C ILE E 417 17.36 61.04 -62.76
N GLY E 418 18.62 60.64 -62.57
CA GLY E 418 19.58 61.45 -61.86
C GLY E 418 20.13 62.61 -62.66
N MET E 419 20.82 62.32 -63.76
CA MET E 419 21.37 63.32 -64.67
C MET E 419 22.43 64.18 -63.99
N GLY E 420 22.98 63.75 -62.86
CA GLY E 420 23.96 64.54 -62.15
C GLY E 420 24.39 63.96 -60.82
N ARG E 421 25.48 64.49 -60.26
CA ARG E 421 25.98 63.98 -58.98
C ARG E 421 25.11 64.46 -57.82
N ALA E 422 24.69 65.73 -57.85
CA ALA E 422 23.94 66.28 -56.73
C ALA E 422 22.62 65.55 -56.53
N GLU E 423 21.90 65.29 -57.63
CA GLU E 423 20.62 64.59 -57.53
C GLU E 423 20.81 63.19 -56.98
N ARG E 424 21.85 62.49 -57.42
CA ARG E 424 22.11 61.14 -56.93
C ARG E 424 22.45 61.15 -55.44
N SER E 425 23.25 62.13 -55.01
CA SER E 425 23.57 62.24 -53.59
C SER E 425 22.31 62.53 -52.77
N ALA E 426 21.45 63.41 -53.28
CA ALA E 426 20.20 63.72 -52.58
C ALA E 426 19.33 62.48 -52.49
N PHE E 427 19.25 61.69 -53.55
CA PHE E 427 18.44 60.47 -53.52
C PHE E 427 19.02 59.47 -52.52
N ARG E 428 20.34 59.34 -52.48
CA ARG E 428 20.94 58.44 -51.49
C ARG E 428 20.66 58.90 -50.08
N SER E 429 20.73 60.22 -49.84
CA SER E 429 20.41 60.74 -48.51
C SER E 429 18.96 60.46 -48.16
N LEU E 430 18.05 60.63 -49.12
CA LEU E 430 16.64 60.32 -48.87
C LEU E 430 16.45 58.84 -48.54
N VAL E 431 17.13 57.95 -49.28
CA VAL E 431 17.01 56.52 -49.02
C VAL E 431 17.51 56.20 -47.62
N TYR E 432 18.65 56.77 -47.23
CA TYR E 432 19.17 56.53 -45.89
C TYR E 432 18.20 57.06 -44.83
N ALA E 433 17.60 58.23 -45.08
CA ALA E 433 16.65 58.79 -44.13
C ALA E 433 15.41 57.92 -44.00
N LEU E 434 14.99 57.27 -45.10
CA LEU E 434 13.80 56.44 -45.04
C LEU E 434 13.99 55.26 -44.08
N ARG E 435 15.18 54.66 -44.08
CA ARG E 435 15.46 53.50 -43.24
C ARG E 435 14.46 52.37 -43.53
N GLY E 436 14.17 52.17 -44.81
CA GLY E 436 13.18 51.17 -45.21
C GLY E 436 11.79 51.74 -45.15
N GLN E 437 10.89 51.02 -44.47
CA GLN E 437 9.52 51.47 -44.30
C GLN E 437 9.32 52.29 -43.03
N GLN E 438 10.36 52.43 -42.20
CA GLN E 438 10.19 53.06 -40.90
C GLN E 438 9.71 54.50 -41.03
N LYS E 439 10.52 55.36 -41.62
CA LYS E 439 10.21 56.78 -41.67
C LYS E 439 9.19 57.04 -42.79
N PRO E 440 8.03 57.62 -42.49
CA PRO E 440 7.06 57.93 -43.54
C PRO E 440 7.27 59.34 -44.09
N LEU E 441 6.54 59.63 -45.17
CA LEU E 441 6.56 60.95 -45.78
C LEU E 441 5.44 61.03 -46.81
N TRP E 442 4.83 62.21 -46.92
CA TRP E 442 3.73 62.39 -47.86
C TRP E 442 4.22 62.13 -49.28
N VAL E 443 3.35 61.49 -50.07
CA VAL E 443 3.64 61.24 -51.49
C VAL E 443 2.50 61.80 -52.33
N PRO E 444 2.56 63.07 -52.74
CA PRO E 444 1.49 63.61 -53.57
C PRO E 444 1.34 62.82 -54.87
N THR E 445 0.10 62.62 -55.29
CA THR E 445 -0.18 62.03 -56.60
C THR E 445 0.08 63.09 -57.67
N HIS E 446 -0.20 62.77 -58.93
CA HIS E 446 -0.04 63.71 -60.02
C HIS E 446 -1.20 63.59 -61.00
N ALA E 447 -2.40 63.36 -60.48
CA ALA E 447 -3.58 63.23 -61.31
C ALA E 447 -4.30 64.58 -61.38
N ASP E 448 -5.50 64.59 -61.97
CA ASP E 448 -6.35 65.77 -62.09
C ASP E 448 -7.74 65.46 -61.55
N ASP E 449 -7.78 64.88 -60.34
CA ASP E 449 -9.04 64.39 -59.81
C ASP E 449 -10.08 65.49 -59.71
N LEU E 450 -9.70 66.67 -59.26
CA LEU E 450 -10.62 67.78 -59.04
C LEU E 450 -10.26 68.93 -59.97
N THR E 451 -11.30 69.54 -60.55
CA THR E 451 -11.14 70.70 -61.42
C THR E 451 -12.16 71.75 -61.02
N LEU E 452 -11.72 73.01 -60.95
CA LEU E 452 -12.60 74.10 -60.54
C LEU E 452 -13.61 74.42 -61.62
N VAL E 453 -14.80 74.84 -61.19
CA VAL E 453 -15.85 75.30 -62.09
C VAL E 453 -16.33 76.71 -61.74
N ALA E 454 -15.82 77.31 -60.67
CA ALA E 454 -16.20 78.66 -60.28
C ALA E 454 -15.08 79.26 -59.45
N THR E 455 -14.76 80.53 -59.71
CA THR E 455 -13.70 81.20 -58.98
C THR E 455 -14.05 81.30 -57.49
N VAL E 456 -13.02 81.34 -56.67
CA VAL E 456 -13.17 81.36 -55.22
C VAL E 456 -12.38 82.54 -54.66
N SER E 457 -13.01 83.30 -53.77
CA SER E 457 -12.34 84.43 -53.14
C SER E 457 -11.26 83.94 -52.19
N GLN E 458 -10.33 84.85 -51.86
CA GLN E 458 -9.23 84.48 -50.97
C GLN E 458 -9.73 84.05 -49.61
N LEU E 459 -10.72 84.77 -49.05
CA LEU E 459 -11.24 84.43 -47.74
C LEU E 459 -12.25 83.29 -47.78
N SER E 460 -12.76 82.94 -48.96
CA SER E 460 -13.76 81.89 -49.06
C SER E 460 -13.13 80.52 -48.83
N THR E 461 -13.90 79.63 -48.22
CA THR E 461 -13.51 78.25 -47.95
C THR E 461 -14.55 77.29 -48.48
N ALA E 462 -15.08 77.57 -49.67
CA ALA E 462 -16.17 76.83 -50.28
C ALA E 462 -15.81 76.42 -51.71
N LEU E 463 -14.63 75.82 -51.88
CA LEU E 463 -14.18 75.42 -53.20
C LEU E 463 -15.27 74.65 -53.94
N ASP E 464 -15.52 75.06 -55.18
CA ASP E 464 -16.54 74.45 -56.03
C ASP E 464 -15.86 73.59 -57.08
N VAL E 465 -16.25 72.32 -57.14
CA VAL E 465 -15.72 71.38 -58.11
C VAL E 465 -16.88 70.57 -58.69
N ARG E 466 -16.70 70.09 -59.92
CA ARG E 466 -17.75 69.35 -60.59
C ARG E 466 -18.02 68.04 -59.85
N ASN E 467 -19.30 67.67 -59.80
CA ASN E 467 -19.71 66.50 -59.02
C ASN E 467 -19.05 65.24 -59.56
N ILE E 468 -18.33 64.54 -58.69
CA ILE E 468 -17.70 63.27 -59.03
C ILE E 468 -18.08 62.23 -57.98
N GLY E 469 -19.24 62.43 -57.34
CA GLY E 469 -19.64 61.56 -56.26
C GLY E 469 -18.77 61.68 -55.03
N TYR E 470 -18.06 62.79 -54.87
CA TYR E 470 -17.16 62.93 -53.72
C TYR E 470 -17.92 62.89 -52.41
N ALA E 471 -19.07 63.58 -52.33
CA ALA E 471 -19.81 63.63 -51.09
C ALA E 471 -20.30 62.24 -50.68
N ARG E 472 -20.77 61.45 -51.64
CA ARG E 472 -21.29 60.12 -51.31
C ARG E 472 -20.18 59.20 -50.80
N PHE E 473 -18.96 59.35 -51.33
CA PHE E 473 -17.84 58.47 -50.99
C PHE E 473 -16.85 59.11 -50.05
N ALA E 474 -16.47 60.37 -50.29
CA ALA E 474 -15.46 61.07 -49.50
C ALA E 474 -16.13 62.18 -48.71
N ASN E 475 -16.10 62.05 -47.38
CA ASN E 475 -16.71 63.04 -46.49
C ASN E 475 -15.83 63.28 -45.26
N GLY E 476 -14.54 62.98 -45.38
CA GLY E 476 -13.58 63.21 -44.32
C GLY E 476 -13.26 61.93 -43.57
N ARG E 477 -12.19 61.27 -43.99
CA ARG E 477 -11.78 59.99 -43.41
C ARG E 477 -10.45 59.62 -44.07
N PRO E 478 -9.51 59.04 -43.34
CA PRO E 478 -8.12 59.04 -43.81
C PRO E 478 -7.94 58.31 -45.13
N GLY E 479 -7.16 58.90 -46.02
CA GLY E 479 -6.89 58.36 -47.34
C GLY E 479 -7.30 59.34 -48.43
N ARG E 480 -8.46 59.94 -48.25
CA ARG E 480 -8.97 61.05 -49.02
C ARG E 480 -8.35 62.34 -48.49
N ARG E 481 -8.97 63.49 -48.77
CA ARG E 481 -8.60 64.79 -48.21
C ARG E 481 -7.18 65.17 -48.58
N ASP E 482 -6.77 66.38 -48.22
CA ASP E 482 -5.46 66.92 -48.59
C ASP E 482 -5.49 67.39 -50.04
N ILE E 483 -5.02 68.61 -50.29
CA ILE E 483 -5.15 69.25 -51.60
C ILE E 483 -3.87 70.02 -51.90
N ARG E 484 -3.46 69.99 -53.18
CA ARG E 484 -2.35 70.80 -53.69
C ARG E 484 -2.84 71.57 -54.90
N ILE E 485 -2.95 72.89 -54.78
CA ILE E 485 -3.51 73.70 -55.85
C ILE E 485 -2.59 73.68 -57.07
N GLU E 486 -1.30 73.94 -56.86
CA GLU E 486 -0.31 73.94 -57.93
C GLU E 486 -0.70 74.92 -59.04
N LEU E 487 -0.69 76.21 -58.67
CA LEU E 487 -1.04 77.26 -59.60
C LEU E 487 -0.12 77.25 -60.82
N TYR E 488 -0.51 78.04 -61.83
CA TYR E 488 0.27 78.10 -63.06
C TYR E 488 1.68 78.65 -62.81
N ASP E 489 1.79 79.70 -62.00
CA ASP E 489 3.09 80.33 -61.79
C ASP E 489 4.07 79.37 -61.15
N GLY E 490 3.62 78.57 -60.19
CA GLY E 490 4.48 77.61 -59.52
C GLY E 490 4.20 77.48 -58.05
N THR E 491 3.57 78.50 -57.46
CA THR E 491 3.23 78.44 -56.05
C THR E 491 2.17 77.39 -55.80
N VAL E 492 2.38 76.56 -54.78
CA VAL E 492 1.49 75.46 -54.45
C VAL E 492 0.99 75.66 -53.03
N TYR E 493 -0.33 75.51 -52.84
CA TYR E 493 -0.96 75.66 -51.54
C TYR E 493 -1.42 74.30 -51.04
N HIS E 494 -1.03 73.97 -49.81
CA HIS E 494 -1.44 72.72 -49.17
C HIS E 494 -2.62 73.02 -48.25
N ARG E 495 -3.73 72.33 -48.48
CA ARG E 495 -4.96 72.51 -47.71
C ARG E 495 -5.38 71.17 -47.11
N ARG E 496 -6.46 71.22 -46.33
CA ARG E 496 -6.97 70.05 -45.63
C ARG E 496 -8.49 70.06 -45.72
N ILE E 497 -9.05 69.07 -46.41
CA ILE E 497 -10.50 68.98 -46.54
C ILE E 497 -11.12 68.76 -45.17
N LEU E 498 -12.28 69.38 -44.95
CA LEU E 498 -13.03 69.24 -43.70
C LEU E 498 -14.33 68.48 -43.86
N THR E 499 -15.11 68.78 -44.89
CA THR E 499 -16.36 68.06 -45.16
C THR E 499 -16.88 68.50 -46.52
N SER E 500 -17.45 67.55 -47.25
CA SER E 500 -17.98 67.79 -48.58
C SER E 500 -19.49 67.66 -48.57
N THR E 501 -20.18 68.63 -49.18
CA THR E 501 -21.63 68.66 -49.24
C THR E 501 -22.06 68.71 -50.69
N GLU E 502 -23.04 67.87 -51.04
CA GLU E 502 -23.55 67.86 -52.41
C GLU E 502 -24.42 69.10 -52.65
N LEU E 503 -24.19 69.76 -53.78
CA LEU E 503 -24.92 70.95 -54.17
C LEU E 503 -25.77 70.76 -55.41
N ASP E 504 -25.27 70.04 -56.41
CA ASP E 504 -25.99 69.82 -57.64
C ASP E 504 -25.47 68.53 -58.27
N ALA E 505 -26.24 68.02 -59.24
CA ALA E 505 -25.83 66.82 -59.95
C ALA E 505 -24.52 67.03 -60.71
N ASP E 506 -24.13 68.28 -60.95
CA ASP E 506 -22.92 68.58 -61.70
C ASP E 506 -21.91 69.43 -60.93
N THR E 507 -22.26 69.98 -59.78
CA THR E 507 -21.35 70.83 -59.01
C THR E 507 -21.48 70.52 -57.52
N GLU E 508 -20.41 70.79 -56.79
CA GLU E 508 -20.34 70.57 -55.35
C GLU E 508 -19.75 71.81 -54.68
N ARG E 509 -19.69 71.78 -53.35
CA ARG E 509 -19.15 72.88 -52.57
C ARG E 509 -18.22 72.35 -51.48
N VAL E 510 -17.27 71.49 -51.88
CA VAL E 510 -16.34 70.91 -50.92
C VAL E 510 -15.63 72.02 -50.15
N ALA E 511 -15.47 71.81 -48.85
CA ALA E 511 -14.89 72.81 -47.96
C ALA E 511 -13.40 72.54 -47.74
N ILE E 512 -12.75 73.52 -47.11
CA ILE E 512 -11.32 73.45 -46.80
C ILE E 512 -11.13 73.83 -45.35
N ASP E 513 -9.86 73.90 -44.93
CA ASP E 513 -9.53 74.16 -43.53
C ASP E 513 -9.44 75.66 -43.23
N ALA E 514 -8.65 76.41 -43.99
CA ALA E 514 -8.47 77.83 -43.70
C ALA E 514 -7.89 78.53 -44.92
N ALA E 515 -8.65 79.47 -45.49
CA ALA E 515 -8.15 80.39 -46.51
C ALA E 515 -7.61 79.68 -47.74
N LEU E 516 -7.27 80.44 -48.78
CA LEU E 516 -6.69 79.89 -49.99
C LEU E 516 -5.40 80.61 -50.34
N GLY E 517 -5.31 81.89 -50.01
CA GLY E 517 -4.13 82.70 -50.27
C GLY E 517 -4.40 83.88 -51.20
N ARG E 518 -5.30 83.72 -52.15
CA ARG E 518 -5.66 84.77 -53.09
C ARG E 518 -6.87 84.29 -53.90
N LEU E 519 -7.38 85.18 -54.74
CA LEU E 519 -8.47 84.84 -55.63
C LEU E 519 -7.92 84.16 -56.87
N VAL E 520 -8.32 82.90 -57.10
CA VAL E 520 -7.85 82.10 -58.22
C VAL E 520 -9.06 81.70 -59.06
N GLU E 521 -9.03 82.05 -60.35
CA GLU E 521 -10.08 81.66 -61.26
C GLU E 521 -9.88 80.22 -61.73
N PRO E 522 -10.93 79.57 -62.23
CA PRO E 522 -10.78 78.20 -62.72
C PRO E 522 -9.72 78.07 -63.81
N THR E 523 -9.50 79.13 -64.59
CA THR E 523 -8.51 79.08 -65.66
C THR E 523 -7.08 79.05 -65.13
N ASP E 524 -6.87 79.37 -63.85
CA ASP E 524 -5.53 79.48 -63.28
C ASP E 524 -5.23 78.36 -62.30
N VAL E 525 -5.71 77.15 -62.60
CA VAL E 525 -5.43 75.96 -61.80
C VAL E 525 -4.97 74.85 -62.72
N ALA E 526 -3.86 74.21 -62.36
CA ALA E 526 -3.31 73.12 -63.17
C ALA E 526 -3.88 71.77 -62.75
N ARG E 527 -3.86 71.46 -61.45
CA ARG E 527 -4.33 70.17 -60.96
C ARG E 527 -4.56 70.28 -59.46
N ILE E 528 -4.97 69.16 -58.86
CA ILE E 528 -5.25 69.08 -57.44
C ILE E 528 -4.40 67.97 -56.83
N CYS E 529 -4.36 66.82 -57.50
CA CYS E 529 -3.40 65.75 -57.20
C CYS E 529 -3.44 65.37 -55.71
N PHE E 530 -4.56 64.77 -55.33
CA PHE E 530 -4.80 64.34 -53.96
C PHE E 530 -3.53 63.81 -53.30
N MET E 531 -3.24 64.33 -52.11
CA MET E 531 -2.10 63.88 -51.33
C MET E 531 -2.47 62.71 -50.44
N ALA E 532 -1.45 62.03 -49.94
CA ALA E 532 -1.66 60.92 -49.02
C ALA E 532 -0.36 60.51 -48.34
N LEU E 533 -0.37 60.37 -47.02
CA LEU E 533 0.81 59.91 -46.31
C LEU E 533 1.10 58.46 -46.67
N CYS E 534 2.37 58.16 -46.93
CA CYS E 534 2.76 56.82 -47.35
C CYS E 534 4.20 56.57 -46.94
N SER E 535 4.59 55.29 -46.98
CA SER E 535 5.96 54.87 -46.76
C SER E 535 6.31 53.80 -47.79
N ALA E 536 7.58 53.44 -47.84
CA ALA E 536 8.03 52.47 -48.81
C ALA E 536 7.29 51.14 -48.64
N ALA E 537 7.06 50.46 -49.74
CA ALA E 537 6.42 49.14 -49.73
C ALA E 537 7.42 48.00 -49.73
N SER E 538 8.59 48.19 -50.34
CA SER E 538 9.66 47.20 -50.34
C SER E 538 10.93 47.85 -49.85
N ASP E 539 11.59 47.22 -48.87
CA ASP E 539 12.78 47.80 -48.29
C ASP E 539 13.92 47.89 -49.31
N VAL E 540 14.10 46.84 -50.11
CA VAL E 540 15.22 46.80 -51.05
C VAL E 540 15.05 47.89 -52.10
N VAL E 541 16.12 48.63 -52.36
CA VAL E 541 16.14 49.68 -53.36
C VAL E 541 17.29 49.40 -54.32
N GLU E 542 17.01 49.41 -55.61
CA GLU E 542 17.99 49.14 -56.65
C GLU E 542 18.36 50.45 -57.33
N ILE E 543 19.61 50.86 -57.17
CA ILE E 543 20.13 52.07 -57.80
C ILE E 543 20.98 51.62 -58.98
N GLU E 544 20.41 51.71 -60.18
CA GLU E 544 21.05 51.22 -61.40
C GLU E 544 21.98 52.29 -61.94
N HIS E 545 23.26 52.18 -61.62
CA HIS E 545 24.25 53.09 -62.18
C HIS E 545 24.49 52.75 -63.65
N VAL E 546 24.40 53.76 -64.51
CA VAL E 546 24.54 53.58 -65.96
C VAL E 546 25.88 54.09 -66.46
N THR E 547 26.14 55.38 -66.31
CA THR E 547 27.33 56.01 -66.89
C THR E 547 28.45 56.20 -65.87
N ASP E 548 28.18 56.95 -64.81
CA ASP E 548 29.21 57.32 -63.84
C ASP E 548 28.53 58.15 -62.75
N SER E 549 29.28 58.43 -61.69
CA SER E 549 28.77 59.30 -60.63
C SER E 549 28.27 60.62 -61.21
N GLU E 550 29.04 61.20 -62.13
CA GLU E 550 28.62 62.42 -62.84
C GLU E 550 27.86 62.08 -64.12
N GLY E 551 26.86 61.21 -63.99
CA GLY E 551 26.12 60.71 -65.14
C GLY E 551 24.66 60.53 -64.83
N VAL E 552 24.10 59.40 -65.28
CA VAL E 552 22.67 59.12 -65.18
C VAL E 552 22.49 57.79 -64.47
N ALA E 553 21.52 57.74 -63.55
CA ALA E 553 21.16 56.51 -62.86
C ALA E 553 19.63 56.37 -62.87
N THR E 554 19.18 55.13 -62.81
CA THR E 554 17.76 54.80 -62.83
C THR E 554 17.40 53.97 -61.61
N ALA E 555 16.22 54.20 -61.08
CA ALA E 555 15.74 53.45 -59.92
C ALA E 555 14.22 53.50 -59.90
N ALA E 556 13.64 52.59 -59.12
CA ALA E 556 12.19 52.49 -58.97
C ALA E 556 11.85 52.40 -57.50
N LEU E 557 10.85 53.18 -57.07
CA LEU E 557 10.40 53.19 -55.68
C LEU E 557 8.89 53.05 -55.64
N THR E 558 8.40 52.37 -54.61
CA THR E 558 6.97 52.15 -54.41
C THR E 558 6.59 52.62 -53.01
N PHE E 559 5.51 53.38 -52.93
CA PHE E 559 5.02 53.92 -51.66
C PHE E 559 3.61 53.43 -51.39
N LYS E 560 3.33 53.08 -50.14
CA LYS E 560 2.04 52.56 -49.73
C LYS E 560 1.50 53.39 -48.57
N GLY E 561 0.20 53.64 -48.58
CA GLY E 561 -0.41 54.41 -47.52
C GLY E 561 -0.27 53.73 -46.18
N VAL E 562 -0.10 54.54 -45.14
CA VAL E 562 0.04 54.05 -43.77
C VAL E 562 -0.59 55.06 -42.83
N ARG E 563 -1.28 54.55 -41.81
CA ARG E 563 -1.90 55.40 -40.80
C ARG E 563 -0.84 55.79 -39.79
N ASP E 564 -0.43 57.06 -39.80
CA ASP E 564 0.63 57.54 -38.93
C ASP E 564 0.34 59.02 -38.63
N ASP E 565 1.36 59.73 -38.15
CA ASP E 565 1.21 61.13 -37.78
C ASP E 565 0.26 61.28 -36.60
N GLU E 566 0.57 60.61 -35.50
CA GLU E 566 -0.13 60.69 -34.22
C GLU E 566 -1.52 60.04 -34.26
N PHE E 567 -1.92 59.44 -35.36
CA PHE E 567 -3.24 58.81 -35.44
C PHE E 567 -3.23 57.66 -36.44
N GLY F 10 -71.08 -30.38 97.26
CA GLY F 10 -70.16 -29.42 96.69
C GLY F 10 -69.65 -29.83 95.32
N LEU F 11 -70.14 -29.15 94.29
CA LEU F 11 -69.71 -29.41 92.92
C LEU F 11 -69.49 -28.06 92.24
N LEU F 12 -68.77 -28.09 91.12
CA LEU F 12 -68.26 -26.86 90.53
C LEU F 12 -68.08 -27.03 89.03
N ILE F 13 -68.20 -25.91 88.32
CA ILE F 13 -68.11 -25.86 86.85
C ILE F 13 -67.19 -24.73 86.41
N ASN F 14 -66.29 -24.28 87.28
CA ASN F 14 -65.49 -23.11 86.98
C ASN F 14 -64.28 -23.48 86.12
N GLY F 15 -63.62 -22.45 85.59
CA GLY F 15 -62.37 -22.62 84.87
C GLY F 15 -62.50 -23.36 83.56
N LEU F 16 -63.55 -23.06 82.80
CA LEU F 16 -63.73 -23.69 81.50
C LEU F 16 -62.63 -23.22 80.56
N PRO F 17 -61.93 -24.12 79.86
CA PRO F 17 -61.06 -23.68 78.77
C PRO F 17 -61.87 -22.92 77.73
N GLY F 18 -61.48 -21.66 77.48
CA GLY F 18 -62.25 -20.80 76.63
C GLY F 18 -62.45 -21.28 75.21
N GLU F 19 -61.78 -22.36 74.80
CA GLU F 19 -62.03 -22.90 73.48
C GLU F 19 -63.45 -23.44 73.35
N GLY F 20 -63.93 -24.14 74.37
CA GLY F 20 -65.30 -24.62 74.40
C GLY F 20 -66.21 -23.66 75.13
N HIS F 21 -65.95 -22.36 74.96
CA HIS F 21 -66.67 -21.35 75.73
C HIS F 21 -68.11 -21.19 75.24
N TYR F 22 -68.35 -21.44 73.96
CA TYR F 22 -69.69 -21.22 73.42
C TYR F 22 -70.69 -22.21 74.00
N SER F 23 -70.28 -23.46 74.22
CA SER F 23 -71.17 -24.43 74.84
C SER F 23 -71.57 -23.98 76.24
N ASP F 24 -70.61 -23.48 77.02
CA ASP F 24 -70.92 -22.98 78.34
C ASP F 24 -71.79 -21.74 78.27
N LEU F 25 -71.62 -20.92 77.23
CA LEU F 25 -72.49 -19.77 77.03
C LEU F 25 -73.93 -20.22 76.80
N ILE F 26 -74.11 -21.25 75.98
CA ILE F 26 -75.45 -21.80 75.77
C ILE F 26 -76.00 -22.38 77.07
N ARG F 27 -75.13 -22.99 77.89
CA ARG F 27 -75.55 -23.48 79.19
C ARG F 27 -76.08 -22.36 80.06
N MET F 28 -75.32 -21.27 80.17
CA MET F 28 -75.76 -20.12 80.96
C MET F 28 -77.05 -19.54 80.41
N TRP F 29 -77.22 -19.56 79.09
CA TRP F 29 -78.49 -19.11 78.52
C TRP F 29 -79.65 -19.99 78.95
N ARG F 30 -79.53 -21.31 78.73
CA ARG F 30 -80.65 -22.21 78.92
C ARG F 30 -81.03 -22.40 80.39
N TRP F 31 -80.06 -22.64 81.27
CA TRP F 31 -80.38 -22.81 82.68
C TRP F 31 -80.97 -21.53 83.26
N ASP F 32 -80.38 -20.38 82.93
CA ASP F 32 -80.93 -19.11 83.39
C ASP F 32 -82.35 -18.91 82.89
N ASP F 33 -82.62 -19.27 81.63
CA ASP F 33 -83.98 -19.18 81.12
C ASP F 33 -84.92 -20.08 81.90
N PHE F 34 -84.46 -21.29 82.24
CA PHE F 34 -85.32 -22.21 82.99
C PHE F 34 -85.58 -21.72 84.41
N LEU F 35 -84.66 -20.94 84.98
CA LEU F 35 -84.80 -20.54 86.39
C LEU F 35 -85.94 -19.54 86.65
N ARG F 36 -86.84 -19.19 85.73
CA ARG F 36 -87.89 -18.24 86.08
C ARG F 36 -88.79 -18.79 87.17
N GLN F 37 -89.18 -20.07 87.04
CA GLN F 37 -90.02 -20.72 88.03
C GLN F 37 -89.75 -22.23 88.03
N PRO F 38 -89.15 -22.78 89.09
CA PRO F 38 -88.87 -24.22 89.10
C PRO F 38 -90.12 -25.06 89.33
N VAL F 39 -90.85 -25.34 88.25
CA VAL F 39 -92.11 -26.06 88.32
C VAL F 39 -91.98 -27.36 87.53
N VAL F 40 -92.58 -28.43 88.06
CA VAL F 40 -92.59 -29.73 87.42
C VAL F 40 -94.03 -30.12 87.13
N LYS F 41 -94.29 -30.51 85.88
CA LYS F 41 -95.65 -30.91 85.51
C LYS F 41 -96.05 -32.22 86.17
N GLY F 42 -95.11 -33.00 86.67
CA GLY F 42 -95.40 -34.25 87.32
C GLY F 42 -94.20 -35.17 87.35
N ARG F 43 -94.20 -36.06 88.32
CA ARG F 43 -93.12 -37.03 88.47
C ARG F 43 -93.31 -38.18 87.50
N VAL F 44 -92.21 -38.59 86.86
CA VAL F 44 -92.23 -39.66 85.87
C VAL F 44 -91.08 -40.62 86.18
N ALA F 45 -91.37 -41.91 86.13
CA ALA F 45 -90.35 -42.94 86.26
C ALA F 45 -89.66 -43.25 84.95
N THR F 46 -90.07 -42.61 83.85
CA THR F 46 -89.43 -42.79 82.55
C THR F 46 -89.52 -41.48 81.79
N LEU F 47 -88.54 -41.26 80.92
CA LEU F 47 -88.53 -40.05 80.12
C LEU F 47 -89.69 -40.09 79.13
N PRO F 48 -90.56 -39.06 79.09
CA PRO F 48 -91.64 -39.06 78.10
C PRO F 48 -91.11 -39.12 76.67
N THR F 49 -91.40 -40.22 75.98
CA THR F 49 -90.89 -40.41 74.63
C THR F 49 -91.66 -39.60 73.59
N THR F 50 -92.86 -39.13 73.92
CA THR F 50 -93.67 -38.38 72.99
C THR F 50 -94.49 -37.33 73.74
N GLY F 51 -94.97 -36.34 73.00
CA GLY F 51 -95.80 -35.30 73.57
C GLY F 51 -95.09 -34.40 74.57
N GLN F 52 -93.86 -33.98 74.26
CA GLN F 52 -93.12 -33.06 75.10
C GLN F 52 -92.51 -31.96 74.24
N ALA F 53 -92.39 -30.78 74.82
CA ALA F 53 -91.84 -29.62 74.12
C ALA F 53 -91.18 -28.70 75.15
N GLU F 54 -90.83 -27.49 74.72
CA GLU F 54 -90.24 -26.53 75.63
C GLU F 54 -91.25 -26.15 76.71
N GLY F 55 -90.77 -25.99 77.94
CA GLY F 55 -91.61 -25.70 79.07
C GLY F 55 -92.12 -26.92 79.81
N ASP F 56 -91.90 -28.12 79.27
CA ASP F 56 -92.34 -29.35 79.93
C ASP F 56 -91.21 -29.86 80.81
N THR F 57 -91.49 -29.98 82.11
CA THR F 57 -90.51 -30.45 83.08
C THR F 57 -91.14 -31.58 83.89
N TYR F 58 -90.56 -32.78 83.78
CA TYR F 58 -91.01 -33.94 84.53
C TYR F 58 -89.85 -34.48 85.35
N ILE F 59 -90.13 -34.87 86.59
CA ILE F 59 -89.10 -35.40 87.49
C ILE F 59 -88.83 -36.84 87.07
N PHE F 60 -87.68 -37.07 86.46
CA PHE F 60 -87.28 -38.41 86.03
C PHE F 60 -86.74 -39.17 87.24
N THR F 61 -87.60 -39.99 87.85
CA THR F 61 -87.24 -40.80 89.01
C THR F 61 -87.19 -42.29 88.66
N GLY F 62 -86.89 -42.61 87.40
CA GLY F 62 -86.76 -44.00 87.01
C GLY F 62 -85.58 -44.67 87.67
N SER F 63 -85.74 -45.96 87.96
CA SER F 63 -84.75 -46.70 88.73
C SER F 63 -83.36 -46.53 88.13
N GLY F 64 -82.40 -46.22 88.97
CA GLY F 64 -81.03 -45.99 88.57
C GLY F 64 -80.42 -44.87 89.40
N SER F 65 -79.29 -44.36 88.93
CA SER F 65 -78.61 -43.27 89.63
C SER F 65 -79.14 -41.90 89.24
N ASN F 66 -80.06 -41.82 88.28
CA ASN F 66 -80.63 -40.55 87.84
C ASN F 66 -81.91 -40.19 88.59
N GLN F 67 -82.08 -40.68 89.81
CA GLN F 67 -83.26 -40.34 90.59
C GLN F 67 -83.36 -38.84 90.80
N ASN F 68 -84.57 -38.31 90.63
CA ASN F 68 -84.92 -36.92 90.85
C ASN F 68 -84.32 -35.98 89.80
N ARG F 69 -83.51 -36.48 88.87
CA ARG F 69 -82.99 -35.64 87.81
C ARG F 69 -84.14 -35.15 86.94
N LEU F 70 -84.19 -33.85 86.69
CA LEU F 70 -85.26 -33.28 85.88
C LEU F 70 -85.00 -33.57 84.40
N ALA F 71 -86.08 -33.51 83.61
CA ALA F 71 -86.07 -33.99 82.24
C ALA F 71 -86.71 -32.97 81.30
N ARG F 72 -86.27 -31.72 81.41
CA ARG F 72 -86.77 -30.68 80.52
C ARG F 72 -86.39 -30.96 79.08
N TRP F 73 -87.37 -30.90 78.19
CA TRP F 73 -87.14 -31.07 76.75
C TRP F 73 -86.99 -29.70 76.10
N TRP F 74 -85.93 -29.54 75.33
CA TRP F 74 -85.56 -28.26 74.72
C TRP F 74 -85.51 -28.44 73.21
N ALA F 75 -86.64 -28.18 72.54
CA ALA F 75 -86.74 -28.31 71.09
C ALA F 75 -87.08 -27.01 70.39
N THR F 76 -88.07 -26.27 70.88
CA THR F 76 -88.47 -25.03 70.23
C THR F 76 -87.27 -24.09 70.16
N GLY F 77 -87.04 -23.53 68.97
CA GLY F 77 -85.92 -22.63 68.78
C GLY F 77 -84.59 -23.23 69.17
N ALA F 78 -84.37 -24.50 68.81
CA ALA F 78 -83.18 -25.23 69.22
C ALA F 78 -82.59 -25.96 68.02
N THR F 79 -81.29 -26.22 68.10
CA THR F 79 -80.61 -26.98 67.05
C THR F 79 -80.89 -28.47 67.21
N THR F 80 -80.52 -29.04 68.35
CA THR F 80 -80.79 -30.44 68.65
C THR F 80 -81.31 -30.53 70.07
N ALA F 81 -82.44 -31.23 70.25
CA ALA F 81 -83.08 -31.34 71.55
C ALA F 81 -82.49 -32.50 72.33
N ILE F 82 -82.12 -32.24 73.58
CA ILE F 82 -81.55 -33.24 74.47
C ILE F 82 -82.23 -33.13 75.83
N TRP F 83 -82.25 -34.25 76.56
CA TRP F 83 -82.83 -34.29 77.90
C TRP F 83 -81.79 -33.74 78.89
N GLU F 84 -81.82 -32.42 79.08
CA GLU F 84 -80.92 -31.80 80.04
C GLU F 84 -81.21 -32.33 81.44
N TYR F 85 -80.16 -32.71 82.16
CA TYR F 85 -80.27 -33.33 83.46
C TYR F 85 -79.77 -32.38 84.54
N MET F 86 -80.55 -32.27 85.62
CA MET F 86 -80.27 -31.36 86.73
C MET F 86 -80.26 -32.16 88.02
N PRO F 87 -79.14 -32.83 88.32
CA PRO F 87 -79.06 -33.64 89.55
C PRO F 87 -79.27 -32.78 90.79
N PRO F 88 -80.31 -33.06 91.58
CA PRO F 88 -80.50 -32.29 92.82
C PRO F 88 -79.68 -32.87 93.96
N ARG F 89 -78.95 -31.98 94.63
CA ARG F 89 -78.19 -32.32 95.83
C ARG F 89 -78.89 -31.67 97.02
N LEU F 90 -79.52 -32.49 97.86
CA LEU F 90 -80.23 -31.99 99.03
C LEU F 90 -81.36 -31.04 98.60
N GLY F 91 -82.29 -31.58 97.83
CA GLY F 91 -83.37 -30.79 97.25
C GLY F 91 -84.18 -30.04 98.28
N TRP F 92 -85.12 -29.22 97.81
CA TRP F 92 -85.90 -28.37 98.71
C TRP F 92 -87.25 -28.08 98.05
N ARG F 93 -87.96 -27.09 98.60
CA ARG F 93 -89.33 -26.78 98.19
C ARG F 93 -89.40 -26.60 96.68
N VAL F 94 -90.29 -27.36 96.04
CA VAL F 94 -90.56 -27.24 94.62
C VAL F 94 -92.08 -27.18 94.44
N GLN F 95 -92.55 -26.13 93.78
CA GLN F 95 -93.97 -25.92 93.61
C GLN F 95 -94.55 -26.82 92.52
N VAL F 96 -95.84 -27.09 92.62
CA VAL F 96 -96.57 -27.89 91.66
C VAL F 96 -97.87 -27.18 91.33
N ALA F 97 -98.28 -27.22 90.06
CA ALA F 97 -99.36 -26.38 89.55
C ALA F 97 -100.62 -27.17 89.23
N ASN F 98 -100.51 -28.24 88.44
CA ASN F 98 -101.69 -28.87 87.86
C ASN F 98 -102.67 -29.32 88.95
N GLU F 99 -102.16 -29.87 90.05
CA GLU F 99 -102.99 -30.35 91.13
C GLU F 99 -102.80 -29.48 92.37
N THR F 100 -103.88 -29.25 93.10
CA THR F 100 -103.86 -28.40 94.28
C THR F 100 -104.88 -28.93 95.29
N THR F 101 -104.68 -28.56 96.54
CA THR F 101 -105.56 -29.02 97.60
C THR F 101 -106.89 -28.28 97.54
N PRO F 102 -107.94 -28.83 98.19
CA PRO F 102 -109.24 -28.14 98.16
C PRO F 102 -109.19 -26.73 98.70
N SER F 103 -108.34 -26.44 99.68
CA SER F 103 -108.25 -25.12 100.28
C SER F 103 -107.43 -24.14 99.45
N GLY F 104 -107.09 -24.50 98.20
CA GLY F 104 -106.33 -23.61 97.35
C GLY F 104 -104.83 -23.71 97.51
N GLN F 105 -104.33 -24.51 98.43
CA GLN F 105 -102.90 -24.67 98.60
C GLN F 105 -102.31 -25.34 97.37
N VAL F 106 -101.20 -24.80 96.86
CA VAL F 106 -100.52 -25.40 95.72
C VAL F 106 -99.60 -26.49 96.23
N LYS F 107 -99.72 -27.68 95.66
CA LYS F 107 -98.91 -28.82 96.09
C LYS F 107 -97.44 -28.48 95.96
N THR F 108 -96.68 -28.82 96.99
CA THR F 108 -95.24 -28.55 97.03
C THR F 108 -94.55 -29.68 97.76
N TYR F 109 -93.73 -30.44 97.03
CA TYR F 109 -92.96 -31.54 97.60
C TYR F 109 -91.57 -31.01 97.96
N GLU F 110 -91.36 -30.70 99.23
CA GLU F 110 -90.05 -30.26 99.69
C GLU F 110 -89.19 -31.49 99.94
N TYR F 111 -88.20 -31.71 99.07
CA TYR F 111 -87.34 -32.88 99.15
C TYR F 111 -86.41 -32.73 100.35
N SER F 112 -86.52 -33.65 101.31
CA SER F 112 -85.71 -33.60 102.52
C SER F 112 -84.35 -34.25 102.35
N GLY F 113 -83.90 -34.46 101.11
CA GLY F 113 -82.66 -35.13 100.84
C GLY F 113 -82.76 -36.62 100.69
N THR F 114 -83.86 -37.22 101.13
CA THR F 114 -84.09 -38.65 100.99
C THR F 114 -85.49 -39.00 100.48
N ALA F 115 -86.48 -38.12 100.64
CA ALA F 115 -87.83 -38.40 100.19
C ALA F 115 -88.52 -37.08 99.89
N TRP F 116 -89.62 -37.17 99.14
CA TRP F 116 -90.42 -36.01 98.78
C TRP F 116 -91.41 -35.72 99.90
N VAL F 117 -91.15 -34.67 100.67
CA VAL F 117 -91.97 -34.33 101.83
C VAL F 117 -92.86 -33.15 101.47
N GLU F 118 -94.02 -33.09 102.14
CA GLU F 118 -94.97 -32.02 101.91
C GLU F 118 -94.52 -30.73 102.60
N LEU F 119 -94.92 -29.60 102.03
CA LEU F 119 -94.62 -28.31 102.64
C LEU F 119 -95.35 -28.18 103.97
N VAL F 120 -94.69 -27.50 104.92
CA VAL F 120 -95.22 -27.36 106.27
C VAL F 120 -95.10 -25.90 106.69
N GLY F 121 -95.97 -25.51 107.63
CA GLY F 121 -95.94 -24.17 108.19
C GLY F 121 -96.14 -24.20 109.69
N GLY F 122 -97.00 -23.31 110.20
CA GLY F 122 -97.35 -23.31 111.61
C GLY F 122 -96.84 -22.09 112.35
N MET F 123 -97.70 -21.49 113.17
CA MET F 123 -97.35 -20.35 114.01
C MET F 123 -97.53 -20.62 115.49
N SER F 124 -98.62 -21.29 115.88
CA SER F 124 -98.97 -21.49 117.27
C SER F 124 -98.84 -22.95 117.67
N ASP F 125 -98.27 -23.18 118.84
CA ASP F 125 -98.22 -24.50 119.45
C ASP F 125 -98.63 -24.36 120.91
N ALA F 126 -99.54 -25.21 121.36
CA ALA F 126 -100.06 -25.10 122.72
C ALA F 126 -98.92 -25.32 123.71
N PRO F 127 -98.78 -24.46 124.73
CA PRO F 127 -97.76 -24.71 125.75
C PRO F 127 -97.95 -26.07 126.41
N SER F 128 -96.81 -26.72 126.71
CA SER F 128 -96.83 -28.05 127.33
C SER F 128 -96.97 -27.89 128.84
N ASP F 129 -98.17 -27.48 129.25
CA ASP F 129 -98.49 -27.29 130.66
C ASP F 129 -99.74 -28.08 131.07
N GLY F 130 -100.16 -29.05 130.25
CA GLY F 130 -101.26 -29.91 130.60
C GLY F 130 -102.63 -29.33 130.40
N LYS F 131 -102.76 -28.18 129.74
CA LYS F 131 -104.03 -27.51 129.55
C LYS F 131 -104.35 -27.46 128.07
N ALA F 132 -105.58 -27.84 127.71
CA ALA F 132 -105.98 -27.85 126.31
C ALA F 132 -106.37 -26.44 125.85
N TYR F 133 -105.95 -26.09 124.64
CA TYR F 133 -106.13 -24.77 124.07
C TYR F 133 -107.02 -24.83 122.83
N ALA F 134 -107.90 -23.83 122.70
CA ALA F 134 -108.75 -23.69 121.53
C ALA F 134 -108.65 -22.26 121.01
N ARG F 135 -108.75 -22.12 119.68
CA ARG F 135 -108.65 -20.81 119.07
C ARG F 135 -109.82 -19.93 119.49
N GLU F 136 -109.53 -18.65 119.74
CA GLU F 136 -110.56 -17.70 120.17
C GLU F 136 -110.12 -16.30 119.74
N SER F 137 -110.83 -15.73 118.77
CA SER F 137 -110.57 -14.37 118.30
C SER F 137 -109.10 -14.19 117.92
N GLY F 138 -108.56 -15.18 117.21
CA GLY F 138 -107.18 -15.12 116.76
C GLY F 138 -106.16 -15.48 117.81
N ALA F 139 -106.58 -15.96 118.98
CA ALA F 139 -105.67 -16.35 120.04
C ALA F 139 -106.12 -17.69 120.61
N TRP F 140 -105.16 -18.45 121.14
CA TRP F 140 -105.44 -19.75 121.73
C TRP F 140 -105.76 -19.59 123.20
N THR F 141 -106.94 -20.06 123.61
CA THR F 141 -107.43 -19.95 124.97
C THR F 141 -107.59 -21.34 125.58
N GLU F 142 -107.26 -21.44 126.85
CA GLU F 142 -107.32 -22.72 127.54
C GLU F 142 -108.76 -23.19 127.67
N LEU F 143 -108.94 -24.50 127.77
CA LEU F 143 -110.24 -25.11 127.98
C LEU F 143 -110.29 -25.78 129.35
N GLY F 144 -111.50 -25.92 129.87
CA GLY F 144 -111.71 -26.55 131.16
C GLY F 144 -111.71 -28.06 131.08
N SER F 145 -111.83 -28.68 132.26
CA SER F 145 -111.84 -30.14 132.32
C SER F 145 -113.14 -30.71 131.76
N ALA F 146 -114.25 -30.00 131.90
CA ALA F 146 -115.54 -30.51 131.46
C ALA F 146 -115.56 -30.79 129.96
N ALA F 147 -114.70 -30.13 129.18
CA ALA F 147 -114.69 -30.36 127.74
C ALA F 147 -114.35 -31.80 127.41
N LYS F 148 -113.38 -32.38 128.12
CA LYS F 148 -112.96 -33.75 127.84
C LYS F 148 -114.07 -34.74 128.16
N SER F 149 -114.80 -34.52 129.25
CA SER F 149 -115.81 -35.47 129.69
C SER F 149 -116.99 -35.51 128.72
N ALA F 150 -117.57 -36.69 128.58
CA ALA F 150 -118.74 -36.89 127.73
C ALA F 150 -120.00 -36.56 128.54
N LEU F 151 -121.17 -36.91 127.98
CA LEU F 151 -122.44 -36.66 128.64
C LEU F 151 -123.19 -37.93 129.04
N ASN F 152 -122.82 -39.09 128.50
CA ASN F 152 -123.51 -40.33 128.85
C ASN F 152 -123.21 -40.79 130.26
N VAL F 153 -122.24 -40.17 130.95
CA VAL F 153 -121.83 -40.59 132.28
C VAL F 153 -122.22 -39.60 133.36
N LEU F 154 -122.60 -38.38 133.01
CA LEU F 154 -122.93 -37.38 134.02
C LEU F 154 -124.14 -37.85 134.83
N PRO F 155 -124.07 -37.84 136.16
CA PRO F 155 -125.19 -38.38 136.97
C PRO F 155 -126.27 -37.34 137.28
N PHE F 156 -127.08 -37.04 136.29
CA PHE F 156 -128.27 -36.22 136.51
C PHE F 156 -129.39 -37.08 137.10
N MET F 157 -130.45 -36.41 137.55
CA MET F 157 -131.48 -37.03 138.36
C MET F 157 -132.80 -37.09 137.60
N ASN F 158 -133.54 -38.17 137.81
CA ASN F 158 -134.86 -38.32 137.20
C ASN F 158 -135.89 -37.48 137.94
N LEU F 159 -136.88 -37.00 137.20
CA LEU F 159 -137.97 -36.23 137.78
C LEU F 159 -139.15 -37.11 138.20
N MET F 160 -139.12 -38.41 137.91
CA MET F 160 -140.19 -39.29 138.33
C MET F 160 -139.97 -39.75 139.77
N PRO F 161 -141.01 -39.81 140.60
CA PRO F 161 -140.83 -40.24 141.99
C PRO F 161 -140.85 -41.75 142.15
N ASP F 162 -141.50 -42.47 141.23
CA ASP F 162 -141.62 -43.91 141.31
C ASP F 162 -140.65 -44.65 140.39
N MET F 163 -139.81 -43.93 139.64
CA MET F 163 -138.79 -44.49 138.76
C MET F 163 -139.39 -45.17 137.53
N GLY F 164 -140.71 -45.10 137.34
CA GLY F 164 -141.35 -45.88 136.30
C GLY F 164 -141.57 -47.33 136.65
N ARG F 165 -141.20 -47.75 137.85
CA ARG F 165 -141.46 -49.11 138.31
C ARG F 165 -142.93 -49.37 138.58
N PHE F 166 -143.76 -48.33 138.56
CA PHE F 166 -145.19 -48.48 138.81
C PHE F 166 -145.45 -49.17 140.15
N ALA F 167 -144.68 -48.77 141.16
CA ALA F 167 -144.80 -49.31 142.50
C ALA F 167 -145.16 -48.25 143.54
N GLY F 168 -145.31 -47.00 143.14
CA GLY F 168 -145.66 -45.93 144.06
C GLY F 168 -144.43 -45.22 144.61
N THR F 169 -144.66 -43.98 145.06
CA THR F 169 -143.58 -43.18 145.62
C THR F 169 -143.08 -43.72 146.95
N ALA F 170 -143.92 -44.49 147.66
CA ALA F 170 -143.48 -45.04 148.94
C ALA F 170 -142.33 -46.01 148.78
N ALA F 171 -142.24 -46.67 147.62
CA ALA F 171 -141.15 -47.60 147.38
C ALA F 171 -139.82 -46.87 147.34
N ASN F 172 -138.79 -47.49 147.91
CA ASN F 172 -137.47 -46.87 147.95
C ASN F 172 -136.77 -47.06 146.60
N PRO F 173 -136.46 -45.98 145.87
CA PRO F 173 -135.69 -46.15 144.63
C PRO F 173 -134.27 -46.63 144.85
N LEU F 174 -133.74 -46.50 146.07
CA LEU F 174 -132.37 -46.89 146.37
C LEU F 174 -132.22 -48.39 146.59
N ALA F 175 -133.32 -49.13 146.68
CA ALA F 175 -133.28 -50.56 146.95
C ALA F 175 -133.43 -51.35 145.65
N THR F 176 -132.56 -52.34 145.47
CA THR F 176 -132.66 -53.19 144.29
C THR F 176 -133.97 -53.98 144.29
N MET F 177 -134.38 -54.48 145.45
CA MET F 177 -135.58 -55.30 145.59
C MET F 177 -136.66 -54.50 146.30
N PHE F 178 -137.87 -54.57 145.78
CA PHE F 178 -139.04 -53.96 146.40
C PHE F 178 -140.17 -54.97 146.47
N THR F 179 -140.96 -54.87 147.55
CA THR F 179 -142.07 -55.79 147.77
C THR F 179 -143.42 -55.18 147.46
N THR F 180 -143.49 -53.87 147.21
CA THR F 180 -144.77 -53.24 146.93
C THR F 180 -145.34 -53.74 145.61
N SER F 181 -146.66 -53.82 145.56
CA SER F 181 -147.36 -54.32 144.37
C SER F 181 -147.40 -53.24 143.29
N TRP F 182 -148.01 -53.59 142.16
CA TRP F 182 -148.12 -52.65 141.05
C TRP F 182 -148.96 -51.44 141.47
N THR F 183 -148.58 -50.26 140.97
CA THR F 183 -149.26 -49.03 141.29
C THR F 183 -149.18 -48.11 140.08
N PRO F 184 -150.29 -47.48 139.67
CA PRO F 184 -150.22 -46.58 138.52
C PRO F 184 -149.35 -45.37 138.82
N SER F 185 -148.73 -44.84 137.76
CA SER F 185 -147.84 -43.70 137.86
C SER F 185 -148.56 -42.46 137.34
N SER F 186 -148.52 -41.38 138.12
CA SER F 186 -149.18 -40.14 137.72
C SER F 186 -148.53 -39.52 136.48
N PHE F 187 -147.30 -39.90 136.15
CA PHE F 187 -146.62 -39.35 134.99
C PHE F 187 -147.21 -39.83 133.68
N LEU F 188 -147.97 -40.93 133.68
CA LEU F 188 -148.62 -41.45 132.49
C LEU F 188 -150.12 -41.47 132.73
N ASN F 189 -150.82 -40.50 132.13
CA ASN F 189 -152.27 -40.38 132.25
C ASN F 189 -152.92 -40.75 130.92
N GLY F 190 -153.89 -41.65 130.98
CA GLY F 190 -154.56 -42.08 129.76
C GLY F 190 -155.30 -40.95 129.10
N TRP F 191 -155.32 -40.97 127.77
CA TRP F 191 -156.01 -39.97 126.97
C TRP F 191 -156.85 -40.66 125.91
N ASN F 192 -157.91 -39.98 125.49
CA ASN F 192 -158.85 -40.52 124.51
C ASN F 192 -159.41 -41.87 124.97
N GLY F 193 -159.64 -41.99 126.27
CA GLY F 193 -160.16 -43.22 126.84
C GLY F 193 -159.16 -44.34 126.95
N ALA F 194 -157.87 -44.06 126.79
CA ALA F 194 -156.87 -45.12 126.86
C ALA F 194 -156.84 -45.75 128.25
N THR F 195 -156.61 -47.05 128.27
CA THR F 195 -156.53 -47.82 129.50
C THR F 195 -155.11 -48.35 129.68
N VAL F 196 -154.57 -48.23 130.90
CA VAL F 196 -153.23 -48.68 131.23
C VAL F 196 -153.35 -49.84 132.21
N ALA F 197 -152.71 -50.96 131.88
CA ALA F 197 -152.79 -52.15 132.70
C ALA F 197 -151.39 -52.76 132.83
N ASP F 198 -151.20 -53.53 133.90
CA ASP F 198 -149.93 -54.20 134.12
C ASP F 198 -149.61 -55.16 132.99
N GLY F 199 -148.35 -55.19 132.58
CA GLY F 199 -147.91 -56.04 131.49
C GLY F 199 -146.97 -57.14 131.94
N GLY F 200 -146.18 -56.87 132.97
CA GLY F 200 -145.25 -57.85 133.47
C GLY F 200 -144.33 -57.24 134.51
N LYS F 201 -143.44 -58.09 135.03
CA LYS F 201 -142.50 -57.68 136.06
C LYS F 201 -141.26 -58.56 136.00
N PHE F 202 -140.11 -57.96 136.24
CA PHE F 202 -138.85 -58.68 136.34
C PHE F 202 -138.45 -58.76 137.81
N ALA F 203 -138.19 -59.98 138.28
CA ALA F 203 -137.92 -60.24 139.68
C ALA F 203 -136.46 -60.58 139.90
N PHE F 204 -135.89 -60.03 140.97
CA PHE F 204 -134.53 -60.41 141.35
C PHE F 204 -134.48 -61.88 141.72
N ASP F 205 -133.38 -62.53 141.37
CA ASP F 205 -133.22 -63.97 141.62
C ASP F 205 -134.37 -64.75 140.99
N ASN F 206 -134.72 -64.39 139.76
CA ASN F 206 -135.82 -65.05 139.07
C ASN F 206 -135.51 -66.51 138.80
N SER F 207 -136.57 -67.33 138.73
CA SER F 207 -136.41 -68.76 138.51
C SER F 207 -136.22 -69.13 137.04
N THR F 208 -136.44 -68.18 136.12
CA THR F 208 -136.26 -68.50 134.70
C THR F 208 -134.83 -68.88 134.39
N ASN F 209 -133.86 -68.36 135.15
CA ASN F 209 -132.45 -68.60 134.92
C ASN F 209 -131.83 -69.44 136.04
N GLY F 210 -132.57 -70.42 136.53
CA GLY F 210 -132.06 -71.34 137.53
C GLY F 210 -132.27 -70.93 138.96
N GLY F 211 -133.13 -69.95 139.23
CA GLY F 211 -133.39 -69.48 140.58
C GLY F 211 -134.62 -70.11 141.19
N ALA F 212 -135.24 -69.37 142.11
CA ALA F 212 -136.48 -69.80 142.75
C ALA F 212 -137.54 -68.72 142.78
N GLY F 213 -137.31 -67.57 142.15
CA GLY F 213 -138.26 -66.49 142.18
C GLY F 213 -139.27 -66.57 141.05
N PRO F 214 -140.07 -65.51 140.88
CA PRO F 214 -141.07 -65.51 139.80
C PRO F 214 -140.42 -65.62 138.44
N ALA F 215 -141.13 -66.28 137.52
CA ALA F 215 -140.64 -66.44 136.17
C ALA F 215 -140.84 -65.17 135.36
N LEU F 216 -140.24 -65.13 134.17
CA LEU F 216 -140.29 -63.99 133.28
C LEU F 216 -141.13 -64.34 132.06
N ASN F 217 -142.03 -63.43 131.68
CA ASN F 217 -142.90 -63.64 130.54
C ASN F 217 -142.21 -63.18 129.25
N ALA F 218 -142.81 -63.55 128.12
CA ALA F 218 -142.16 -63.36 126.82
C ALA F 218 -141.70 -61.92 126.62
N ARG F 219 -142.52 -60.95 127.07
CA ARG F 219 -142.15 -59.55 126.90
C ARG F 219 -140.83 -59.24 127.59
N VAL F 220 -140.59 -59.84 128.76
CA VAL F 220 -139.36 -59.58 129.50
C VAL F 220 -138.16 -60.13 128.75
N GLN F 221 -138.25 -61.35 128.21
CA GLN F 221 -137.14 -61.87 127.42
C GLN F 221 -136.90 -61.01 126.18
N ALA F 222 -137.97 -60.56 125.51
CA ALA F 222 -137.79 -59.71 124.35
C ALA F 222 -137.07 -58.43 124.72
N LEU F 223 -137.47 -57.79 125.82
CA LEU F 223 -136.80 -56.58 126.27
C LEU F 223 -135.33 -56.84 126.58
N LEU F 224 -135.05 -57.91 127.34
CA LEU F 224 -133.68 -58.19 127.74
C LEU F 224 -132.80 -58.47 126.53
N ALA F 225 -133.33 -59.20 125.55
CA ALA F 225 -132.59 -59.41 124.30
C ALA F 225 -132.34 -58.07 123.60
N ALA F 226 -133.34 -57.19 123.60
CA ALA F 226 -133.12 -55.85 123.07
C ALA F 226 -132.07 -55.10 123.88
N MET F 227 -132.08 -55.27 125.21
CA MET F 227 -131.07 -54.64 126.05
C MET F 227 -129.67 -55.17 125.77
N GLY F 228 -129.57 -56.38 125.21
CA GLY F 228 -128.30 -57.08 125.17
C GLY F 228 -127.95 -57.79 126.46
N ARG F 229 -128.85 -57.78 127.44
CA ARG F 229 -128.62 -58.44 128.73
C ARG F 229 -128.90 -59.92 128.56
N THR F 230 -127.94 -60.61 127.92
CA THR F 230 -128.03 -62.05 127.70
C THR F 230 -127.15 -62.85 128.64
N TRP F 231 -126.08 -62.26 129.18
CA TRP F 231 -125.20 -62.97 130.09
C TRP F 231 -125.87 -63.18 131.43
N THR F 232 -125.43 -64.24 132.13
CA THR F 232 -126.03 -64.57 133.42
C THR F 232 -125.86 -63.43 134.42
N SER F 233 -124.66 -62.84 134.46
CA SER F 233 -124.40 -61.78 135.44
C SER F 233 -125.35 -60.60 135.26
N VAL F 234 -125.88 -60.41 134.05
CA VAL F 234 -126.75 -59.28 133.77
C VAL F 234 -128.17 -59.69 133.42
N SER F 235 -128.38 -60.91 132.91
CA SER F 235 -129.71 -61.40 132.58
C SER F 235 -130.36 -62.17 133.72
N ARG F 236 -129.60 -62.97 134.45
CA ARG F 236 -130.11 -63.73 135.59
C ARG F 236 -130.37 -62.85 136.80
N TYR F 237 -129.79 -61.65 136.86
CA TYR F 237 -130.00 -60.72 137.95
C TYR F 237 -130.44 -59.38 137.38
N GLY F 238 -130.77 -58.46 138.27
CA GLY F 238 -131.10 -57.10 137.87
C GLY F 238 -132.02 -56.45 138.89
N VAL F 239 -132.39 -55.21 138.57
CA VAL F 239 -133.28 -54.42 139.42
C VAL F 239 -134.72 -54.70 139.01
N GLU F 240 -135.61 -54.67 140.00
CA GLU F 240 -137.02 -54.97 139.78
C GLU F 240 -137.78 -53.75 139.28
N PHE F 241 -138.84 -54.02 138.53
CA PHE F 241 -139.71 -52.98 138.00
C PHE F 241 -140.88 -53.66 137.30
N PHE F 242 -141.99 -52.93 137.19
CA PHE F 242 -143.18 -53.42 136.52
C PHE F 242 -143.26 -52.87 135.10
N THR F 243 -143.95 -53.60 134.23
CA THR F 243 -144.23 -53.18 132.88
C THR F 243 -145.73 -53.03 132.69
N ALA F 244 -146.13 -52.09 131.83
CA ALA F 244 -147.54 -51.81 131.59
C ALA F 244 -147.79 -51.73 130.09
N VAL F 245 -149.01 -52.08 129.70
CA VAL F 245 -149.46 -52.02 128.31
C VAL F 245 -150.65 -51.09 128.23
N LEU F 246 -150.58 -50.11 127.34
CA LEU F 246 -151.63 -49.11 127.17
C LEU F 246 -152.45 -49.43 125.93
N THR F 247 -153.76 -49.52 126.09
CA THR F 247 -154.68 -49.79 125.00
C THR F 247 -155.36 -48.49 124.60
N ALA F 248 -155.16 -48.08 123.34
CA ALA F 248 -155.78 -46.85 122.86
C ALA F 248 -157.30 -46.95 122.93
N GLY F 249 -157.93 -45.89 123.41
CA GLY F 249 -159.37 -45.86 123.55
C GLY F 249 -160.08 -45.59 122.23
N SER F 250 -161.40 -45.61 122.30
CA SER F 250 -162.23 -45.40 121.11
C SER F 250 -162.43 -43.92 120.78
N GLN F 251 -162.01 -43.00 121.65
CA GLN F 251 -162.18 -41.59 121.39
C GLN F 251 -161.29 -41.15 120.23
N THR F 252 -161.73 -40.09 119.54
CA THR F 252 -161.10 -39.61 118.32
C THR F 252 -160.82 -38.11 118.41
N THR F 253 -160.19 -37.70 119.51
CA THR F 253 -159.85 -36.30 119.73
C THR F 253 -158.34 -36.08 119.53
N THR F 254 -157.99 -34.87 119.10
CA THR F 254 -156.61 -34.49 118.84
C THR F 254 -155.99 -35.37 117.75
N GLY F 255 -156.56 -35.24 116.55
CA GLY F 255 -156.06 -35.99 115.41
C GLY F 255 -154.69 -35.52 114.96
N SER F 256 -153.96 -36.44 114.35
CA SER F 256 -152.63 -36.15 113.83
C SER F 256 -152.24 -37.24 112.84
N ALA F 257 -151.45 -36.86 111.85
CA ALA F 257 -150.99 -37.77 110.81
C ALA F 257 -149.48 -37.90 110.87
N GLY F 258 -148.98 -39.10 110.63
CA GLY F 258 -147.55 -39.38 110.65
C GLY F 258 -146.90 -39.15 109.30
N ALA F 259 -145.65 -39.59 109.20
CA ALA F 259 -144.89 -39.43 107.97
C ALA F 259 -145.50 -40.24 106.83
N ASP F 260 -146.18 -41.34 107.16
CA ASP F 260 -146.83 -42.18 106.15
C ASP F 260 -148.22 -41.70 105.77
N GLY F 261 -148.70 -40.62 106.39
CA GLY F 261 -150.01 -40.08 106.07
C GLY F 261 -151.17 -40.78 106.75
N VAL F 262 -150.90 -41.64 107.73
CA VAL F 262 -151.96 -42.36 108.44
C VAL F 262 -152.35 -41.56 109.68
N THR F 263 -153.64 -41.24 109.79
CA THR F 263 -154.12 -40.45 110.91
C THR F 263 -154.14 -41.28 112.19
N ARG F 264 -153.81 -40.64 113.30
CA ARG F 264 -153.82 -41.29 114.61
C ARG F 264 -154.15 -40.27 115.67
N TYR F 265 -154.57 -40.77 116.84
CA TYR F 265 -155.04 -39.94 117.92
C TYR F 265 -154.19 -40.17 119.17
N LEU F 266 -154.03 -39.09 119.95
CA LEU F 266 -153.24 -39.17 121.17
C LEU F 266 -153.87 -40.17 122.15
N CYS F 267 -153.01 -40.92 122.83
CA CYS F 267 -153.47 -41.96 123.75
C CYS F 267 -153.08 -41.72 125.20
N CYS F 268 -152.01 -40.97 125.46
CA CYS F 268 -151.54 -40.74 126.82
C CYS F 268 -151.13 -39.29 126.99
N SER F 269 -151.17 -38.81 128.23
CA SER F 269 -150.78 -37.46 128.57
C SER F 269 -150.05 -37.47 129.91
N ASN F 270 -149.24 -36.43 130.13
CA ASN F 270 -148.45 -36.31 131.35
C ASN F 270 -149.19 -35.60 132.48
N GLY F 271 -150.42 -35.16 132.25
CA GLY F 271 -151.13 -34.40 133.27
C GLY F 271 -150.53 -33.03 133.54
N SER F 272 -150.00 -32.38 132.50
CA SER F 272 -149.50 -31.00 132.61
C SER F 272 -148.41 -30.89 133.68
N LYS F 273 -147.31 -31.59 133.45
CA LYS F 273 -146.16 -31.51 134.35
C LYS F 273 -145.35 -30.26 134.09
N THR F 274 -144.75 -29.72 135.15
CA THR F 274 -143.95 -28.50 135.07
C THR F 274 -142.49 -28.85 134.77
N VAL F 275 -142.27 -29.32 133.54
CA VAL F 275 -140.95 -29.73 133.12
C VAL F 275 -140.31 -28.75 132.12
N PHE F 276 -141.09 -27.82 131.57
CA PHE F 276 -140.57 -26.86 130.58
C PHE F 276 -140.10 -25.59 131.29
N ASN F 277 -138.98 -25.72 131.99
CA ASN F 277 -138.42 -24.61 132.75
C ASN F 277 -137.02 -24.23 132.30
N ALA F 278 -136.11 -25.20 132.19
CA ALA F 278 -134.72 -24.89 131.88
C ALA F 278 -134.60 -24.44 130.43
N GLY F 279 -134.66 -23.13 130.20
CA GLY F 279 -134.63 -22.62 128.84
C GLY F 279 -135.74 -23.17 127.98
N GLY F 280 -136.85 -23.60 128.59
CA GLY F 280 -137.91 -24.25 127.86
C GLY F 280 -137.57 -25.62 127.34
N TRP F 281 -136.40 -26.15 127.69
CA TRP F 281 -135.93 -27.41 127.15
C TRP F 281 -136.46 -28.59 127.97
N ALA F 282 -136.71 -29.69 127.29
CA ALA F 282 -137.21 -30.91 127.92
C ALA F 282 -136.58 -32.12 127.24
N THR F 283 -136.58 -33.24 127.96
CA THR F 283 -136.04 -34.48 127.44
C THR F 283 -136.86 -35.64 128.01
N VAL F 284 -137.28 -36.56 127.14
CA VAL F 284 -138.04 -37.73 127.54
C VAL F 284 -137.38 -38.95 126.90
N VAL F 285 -137.06 -39.95 127.73
CA VAL F 285 -136.43 -41.19 127.28
C VAL F 285 -137.23 -42.35 127.84
N MET F 286 -137.61 -43.29 126.97
CA MET F 286 -138.36 -44.45 127.39
C MET F 286 -138.13 -45.58 126.40
N TRP F 287 -138.49 -46.79 126.83
CA TRP F 287 -138.40 -47.99 126.01
C TRP F 287 -139.81 -48.51 125.76
N LEU F 288 -140.11 -48.80 124.49
CA LEU F 288 -141.45 -49.24 124.13
C LEU F 288 -141.38 -50.26 123.00
N ARG F 289 -142.44 -51.04 122.89
CA ARG F 289 -142.58 -52.04 121.84
C ARG F 289 -144.04 -52.12 121.43
N VAL F 290 -144.28 -52.26 120.13
CA VAL F 290 -145.64 -52.31 119.59
C VAL F 290 -146.10 -53.76 119.56
N GLU F 291 -147.16 -54.06 120.29
CA GLU F 291 -147.74 -55.39 120.27
C GLU F 291 -148.86 -55.53 119.24
N SER F 292 -149.55 -54.43 118.94
CA SER F 292 -150.60 -54.44 117.92
C SER F 292 -150.77 -53.03 117.40
N GLY F 293 -151.39 -52.91 116.22
CA GLY F 293 -151.64 -51.61 115.64
C GLY F 293 -150.37 -50.95 115.17
N SER F 294 -150.47 -49.63 114.96
CA SER F 294 -149.36 -48.83 114.49
C SER F 294 -149.36 -47.49 115.22
N ALA F 295 -148.19 -46.87 115.29
CA ALA F 295 -148.03 -45.58 115.94
C ALA F 295 -146.87 -44.85 115.30
N HIS F 296 -146.85 -43.53 115.51
CA HIS F 296 -145.80 -42.66 115.00
C HIS F 296 -145.47 -41.63 116.06
N ILE F 297 -144.56 -40.70 115.72
CA ILE F 297 -144.05 -39.72 116.65
C ILE F 297 -144.42 -38.32 116.15
N SER F 298 -144.98 -37.51 117.05
CA SER F 298 -145.35 -36.14 116.72
C SER F 298 -146.39 -36.12 115.60
N SER F 299 -146.54 -34.99 114.94
CA SER F 299 -147.36 -34.86 113.74
C SER F 299 -146.54 -34.56 112.50
N ALA F 300 -145.53 -33.72 112.62
CA ALA F 300 -144.63 -33.39 111.52
C ALA F 300 -143.54 -32.46 112.06
N PRO F 301 -142.49 -32.20 111.29
CA PRO F 301 -141.47 -31.23 111.74
C PRO F 301 -142.09 -29.90 112.12
N TYR F 302 -142.04 -29.56 113.41
CA TYR F 302 -142.59 -28.31 113.91
C TYR F 302 -141.69 -27.79 115.02
N THR F 303 -141.47 -26.47 115.03
CA THR F 303 -140.59 -25.83 116.01
C THR F 303 -139.25 -26.55 115.96
N THR F 304 -138.52 -26.56 117.07
CA THR F 304 -137.24 -27.25 117.15
C THR F 304 -137.45 -28.66 117.69
N HIS F 305 -136.88 -29.64 116.99
CA HIS F 305 -137.07 -31.04 117.35
C HIS F 305 -135.85 -31.85 116.92
N ARG F 306 -135.65 -32.97 117.58
CA ARG F 306 -134.56 -33.88 117.24
C ARG F 306 -134.86 -35.23 117.89
N LEU F 307 -135.03 -36.27 117.06
CA LEU F 307 -135.37 -37.60 117.54
C LEU F 307 -134.20 -38.55 117.30
N TRP F 308 -133.83 -39.29 118.33
CA TRP F 308 -132.80 -40.32 118.23
C TRP F 308 -133.44 -41.68 118.43
N ILE F 309 -133.17 -42.61 117.52
CA ILE F 309 -133.73 -43.95 117.55
C ILE F 309 -132.55 -44.91 117.74
N ASN F 310 -132.38 -45.39 118.97
CA ASN F 310 -131.26 -46.27 119.31
C ASN F 310 -129.93 -45.63 118.90
N GLY F 311 -129.81 -44.33 119.16
CA GLY F 311 -128.62 -43.59 118.80
C GLY F 311 -128.59 -43.08 117.37
N ALA F 312 -129.64 -43.29 116.60
CA ALA F 312 -129.72 -42.84 115.22
C ALA F 312 -130.75 -41.74 115.10
N VAL F 313 -130.36 -40.62 114.47
CA VAL F 313 -131.28 -39.50 114.33
C VAL F 313 -132.47 -39.90 113.48
N ALA F 314 -133.65 -39.43 113.86
CA ALA F 314 -134.88 -39.76 113.17
C ALA F 314 -135.72 -38.50 113.02
N ALA F 315 -136.65 -38.54 112.06
CA ALA F 315 -137.53 -37.42 111.76
C ALA F 315 -138.92 -37.66 112.31
N PRO F 316 -139.69 -36.60 112.57
CA PRO F 316 -141.05 -36.78 113.10
C PRO F 316 -141.93 -37.54 112.12
N GLY F 317 -142.89 -38.28 112.66
CA GLY F 317 -143.82 -39.05 111.87
C GLY F 317 -143.34 -40.42 111.46
N VAL F 318 -142.10 -40.79 111.79
CA VAL F 318 -141.60 -42.11 111.44
C VAL F 318 -142.41 -43.17 112.16
N VAL F 319 -142.91 -44.14 111.41
CA VAL F 319 -143.68 -45.23 112.00
C VAL F 319 -142.70 -46.25 112.57
N LEU F 320 -142.75 -46.46 113.88
CA LEU F 320 -141.86 -47.40 114.52
C LEU F 320 -142.19 -48.82 114.07
N PRO F 321 -141.18 -49.66 113.82
CA PRO F 321 -141.47 -51.04 113.39
C PRO F 321 -142.24 -51.79 114.47
N ALA F 322 -143.15 -52.65 114.02
CA ALA F 322 -144.03 -53.37 114.93
C ALA F 322 -143.29 -54.51 115.61
N ASN F 323 -143.49 -54.64 116.92
CA ASN F 323 -142.94 -55.76 117.71
C ASN F 323 -141.42 -55.68 117.78
N GLN F 324 -140.90 -54.49 118.11
CA GLN F 324 -139.48 -54.32 118.37
C GLN F 324 -139.31 -53.24 119.43
N TRP F 325 -138.34 -53.44 120.32
CA TRP F 325 -138.04 -52.47 121.36
C TRP F 325 -137.17 -51.37 120.78
N VAL F 326 -137.56 -50.11 121.03
CA VAL F 326 -136.91 -48.95 120.42
C VAL F 326 -136.60 -47.93 121.51
N HIS F 327 -135.43 -47.31 121.40
CA HIS F 327 -135.00 -46.24 122.29
C HIS F 327 -135.27 -44.90 121.59
N LEU F 328 -136.07 -44.06 122.22
CA LEU F 328 -136.42 -42.76 121.66
C LEU F 328 -136.01 -41.66 122.62
N ARG F 329 -135.44 -40.59 122.06
CA ARG F 329 -134.99 -39.43 122.84
C ARG F 329 -135.54 -38.18 122.17
N PHE F 330 -136.66 -37.68 122.68
CA PHE F 330 -137.30 -36.49 122.14
C PHE F 330 -136.92 -35.30 123.01
N SER F 331 -136.14 -34.38 122.45
CA SER F 331 -135.73 -33.16 123.12
C SER F 331 -136.15 -31.96 122.29
N MET F 332 -136.87 -31.03 122.91
CA MET F 332 -137.35 -29.84 122.23
C MET F 332 -137.36 -28.68 123.22
N GLN F 333 -137.76 -27.51 122.74
CA GLN F 333 -137.79 -26.30 123.53
C GLN F 333 -139.19 -25.69 123.52
N SER F 334 -139.61 -25.18 124.67
CA SER F 334 -140.92 -24.53 124.79
C SER F 334 -140.89 -23.59 125.98
N TYR F 335 -141.08 -22.29 125.73
CA TYR F 335 -141.11 -21.30 126.79
C TYR F 335 -142.47 -21.17 127.46
N ASN F 336 -143.46 -21.95 127.01
CA ASN F 336 -144.80 -21.87 127.58
C ASN F 336 -144.81 -22.20 129.07
N GLY F 337 -143.82 -22.97 129.55
CA GLY F 337 -143.72 -23.31 130.95
C GLY F 337 -144.39 -24.59 131.36
N TYR F 338 -145.17 -25.22 130.47
CA TYR F 338 -145.85 -26.46 130.80
C TYR F 338 -146.45 -27.02 129.52
N ASP F 339 -146.88 -28.29 129.60
CA ASP F 339 -147.56 -28.94 128.49
C ASP F 339 -148.11 -30.27 129.00
N ASN F 340 -149.32 -30.61 128.55
CA ASN F 340 -149.95 -31.87 128.95
C ASN F 340 -149.71 -32.99 127.95
N ALA F 341 -149.56 -32.64 126.66
CA ALA F 341 -149.31 -33.62 125.60
C ALA F 341 -147.87 -33.57 125.12
N CYS F 342 -146.92 -33.38 126.04
CA CYS F 342 -145.52 -33.29 125.65
C CYS F 342 -145.05 -34.41 124.74
N PRO F 343 -145.37 -35.68 124.99
CA PRO F 343 -144.85 -36.74 124.12
C PRO F 343 -145.23 -36.56 122.66
N TYR F 344 -146.41 -36.02 122.38
CA TYR F 344 -146.88 -35.86 121.00
C TYR F 344 -146.89 -37.19 120.26
N ILE F 345 -147.22 -38.26 120.98
CA ILE F 345 -147.23 -39.62 120.43
C ILE F 345 -148.69 -40.00 120.14
N TYR F 346 -148.97 -40.34 118.90
CA TYR F 346 -150.30 -40.72 118.45
C TYR F 346 -150.29 -42.17 117.99
N ALA F 347 -151.26 -42.95 118.46
CA ALA F 347 -151.36 -44.36 118.12
C ALA F 347 -152.77 -44.67 117.63
N SER F 348 -152.86 -45.63 116.73
CA SER F 348 -154.15 -46.03 116.18
C SER F 348 -155.01 -46.66 117.27
N ALA F 349 -156.33 -46.49 117.12
CA ALA F 349 -157.25 -47.05 118.09
C ALA F 349 -157.09 -48.56 118.16
N GLY F 350 -157.10 -49.08 119.39
CA GLY F 350 -156.95 -50.51 119.62
C GLY F 350 -155.54 -51.02 119.57
N ALA F 351 -154.55 -50.15 119.37
CA ALA F 351 -153.16 -50.59 119.34
C ALA F 351 -152.67 -50.91 120.75
N GLN F 352 -152.03 -52.07 120.89
CA GLN F 352 -151.44 -52.50 122.16
C GLN F 352 -149.97 -52.11 122.16
N ILE F 353 -149.62 -51.12 122.98
CA ILE F 353 -148.25 -50.60 123.06
C ILE F 353 -147.67 -51.02 124.41
N ALA F 354 -146.49 -51.63 124.36
CA ALA F 354 -145.77 -52.06 125.55
C ALA F 354 -144.63 -51.09 125.82
N PHE F 355 -144.51 -50.64 127.07
CA PHE F 355 -143.48 -49.71 127.46
C PHE F 355 -142.94 -50.08 128.84
N ALA F 356 -141.71 -49.67 129.13
CA ALA F 356 -141.08 -49.98 130.40
C ALA F 356 -139.99 -48.96 130.69
N CYS F 357 -139.81 -48.66 131.97
CA CYS F 357 -138.75 -47.77 132.44
C CYS F 357 -138.73 -46.43 131.72
N PRO F 358 -139.80 -45.65 131.80
CA PRO F 358 -139.74 -44.28 131.27
C PRO F 358 -138.76 -43.41 132.03
N ALA F 359 -138.18 -42.44 131.34
CA ALA F 359 -137.19 -41.55 131.93
C ALA F 359 -137.37 -40.16 131.34
N TRP F 360 -137.63 -39.17 132.21
CA TRP F 360 -137.81 -37.78 131.80
C TRP F 360 -136.80 -36.90 132.51
N PHE F 361 -136.44 -35.79 131.87
CA PHE F 361 -135.49 -34.83 132.42
C PHE F 361 -136.01 -33.43 132.19
N GLY F 362 -135.44 -32.48 132.95
CA GLY F 362 -135.86 -31.10 132.86
C GLY F 362 -135.04 -30.29 131.87
N GLY F 363 -134.34 -30.98 130.98
CA GLY F 363 -133.52 -30.28 130.00
C GLY F 363 -132.87 -31.27 129.06
N LEU F 364 -132.03 -30.75 128.17
CA LEU F 364 -131.32 -31.56 127.20
C LEU F 364 -130.20 -32.33 127.89
N VAL F 365 -130.29 -33.66 127.86
CA VAL F 365 -129.27 -34.54 128.42
C VAL F 365 -129.02 -35.64 127.40
N ASP F 366 -127.81 -36.22 127.46
CA ASP F 366 -127.39 -37.29 126.57
C ASP F 366 -126.91 -38.45 127.41
N PRO F 367 -127.83 -39.22 128.00
CA PRO F 367 -127.43 -40.35 128.85
C PRO F 367 -127.17 -41.64 128.10
N GLY F 368 -127.16 -41.64 126.78
CA GLY F 368 -126.98 -42.87 126.03
C GLY F 368 -128.22 -43.74 126.05
N ILE F 369 -128.01 -45.00 125.67
CA ILE F 369 -129.07 -46.00 125.71
C ILE F 369 -129.11 -46.55 127.13
N HIS F 370 -130.00 -45.99 127.95
CA HIS F 370 -130.06 -46.37 129.35
C HIS F 370 -130.61 -47.79 129.51
N VAL F 371 -130.24 -48.42 130.64
CA VAL F 371 -130.72 -49.74 130.97
C VAL F 371 -131.73 -49.74 132.11
N ALA F 372 -131.65 -48.78 133.03
CA ALA F 372 -132.55 -48.68 134.15
C ALA F 372 -132.95 -47.22 134.34
N PRO F 373 -134.09 -46.97 134.97
CA PRO F 373 -134.49 -45.58 135.22
C PRO F 373 -133.49 -44.87 136.13
N ILE F 374 -133.33 -43.56 135.91
CA ILE F 374 -132.42 -42.78 136.72
C ILE F 374 -133.03 -42.57 138.10
N LEU F 375 -132.19 -42.51 139.12
CA LEU F 375 -132.66 -42.45 140.49
C LEU F 375 -132.93 -41.01 140.92
N THR F 376 -133.46 -40.87 142.13
CA THR F 376 -133.69 -39.58 142.77
C THR F 376 -133.67 -39.80 144.27
N ILE F 377 -134.09 -38.78 145.03
CA ILE F 377 -134.16 -38.86 146.48
C ILE F 377 -135.52 -38.38 146.95
N ASN F 378 -136.10 -39.10 147.90
CA ASN F 378 -137.39 -38.74 148.47
C ASN F 378 -137.41 -39.15 149.94
N GLY F 379 -138.56 -38.98 150.58
CA GLY F 379 -138.68 -39.37 151.98
C GLY F 379 -138.46 -40.85 152.19
N ALA F 380 -138.89 -41.68 151.25
CA ALA F 380 -138.76 -43.13 151.34
C ALA F 380 -137.45 -43.65 150.74
N SER F 381 -136.57 -42.75 150.30
CA SER F 381 -135.31 -43.17 149.69
C SER F 381 -134.36 -43.81 150.69
N ALA F 382 -134.58 -43.64 151.98
CA ALA F 382 -133.70 -44.22 152.99
C ALA F 382 -134.02 -45.70 153.19
N GLY G 10 -81.13 -1.20 96.52
CA GLY G 10 -80.87 -1.10 95.10
C GLY G 10 -79.39 -1.08 94.77
N LEU G 11 -78.96 -2.03 93.93
CA LEU G 11 -77.56 -2.10 93.53
C LEU G 11 -77.50 -2.80 92.16
N LEU G 12 -76.36 -2.63 91.50
CA LEU G 12 -76.19 -3.19 90.16
C LEU G 12 -74.72 -3.50 89.93
N ILE G 13 -74.47 -4.35 88.94
CA ILE G 13 -73.11 -4.71 88.53
C ILE G 13 -72.98 -4.51 87.03
N ASN G 14 -73.73 -3.56 86.48
CA ASN G 14 -73.72 -3.33 85.03
C ASN G 14 -72.45 -2.60 84.61
N GLY G 15 -72.24 -1.39 85.13
CA GLY G 15 -71.17 -0.54 84.67
C GLY G 15 -69.79 -1.12 84.88
N LEU G 16 -69.14 -1.53 83.79
CA LEU G 16 -67.77 -1.99 83.83
C LEU G 16 -67.25 -2.19 82.41
N PRO G 17 -65.96 -2.01 82.17
CA PRO G 17 -65.43 -2.13 80.81
C PRO G 17 -65.39 -3.57 80.36
N GLY G 18 -65.20 -3.74 79.05
CA GLY G 18 -65.02 -5.06 78.47
C GLY G 18 -63.65 -5.65 78.67
N GLU G 19 -62.81 -5.01 79.48
CA GLU G 19 -61.46 -5.50 79.72
C GLU G 19 -61.43 -6.47 80.91
N GLY G 20 -61.93 -6.03 82.06
CA GLY G 20 -61.81 -6.79 83.28
C GLY G 20 -63.08 -7.52 83.71
N HIS G 21 -63.78 -8.11 82.75
CA HIS G 21 -65.03 -8.82 83.00
C HIS G 21 -64.87 -10.33 83.06
N TYR G 22 -63.65 -10.85 82.87
CA TYR G 22 -63.46 -12.29 83.07
C TYR G 22 -63.75 -12.66 84.51
N SER G 23 -63.36 -11.81 85.46
CA SER G 23 -63.74 -12.02 86.85
C SER G 23 -65.25 -11.99 87.00
N ASP G 24 -65.92 -11.09 86.28
CA ASP G 24 -67.38 -11.01 86.35
C ASP G 24 -68.02 -12.32 85.91
N LEU G 25 -67.52 -12.91 84.83
CA LEU G 25 -68.09 -14.18 84.39
C LEU G 25 -67.67 -15.34 85.27
N ILE G 26 -66.48 -15.27 85.86
CA ILE G 26 -66.12 -16.25 86.88
C ILE G 26 -67.18 -16.21 87.98
N ARG G 27 -67.54 -15.01 88.41
CA ARG G 27 -68.56 -14.86 89.44
C ARG G 27 -69.93 -15.30 88.94
N MET G 28 -70.21 -15.13 87.65
CA MET G 28 -71.47 -15.63 87.10
C MET G 28 -71.52 -17.15 87.11
N TRP G 29 -70.38 -17.81 86.87
CA TRP G 29 -70.33 -19.26 86.97
C TRP G 29 -70.42 -19.72 88.42
N ARG G 30 -69.92 -18.91 89.35
CA ARG G 30 -69.92 -19.29 90.76
C ARG G 30 -71.29 -19.08 91.41
N TRP G 31 -71.81 -17.86 91.35
CA TRP G 31 -73.08 -17.52 91.98
C TRP G 31 -74.23 -18.37 91.45
N ASP G 32 -74.34 -18.48 90.12
CA ASP G 32 -75.46 -19.20 89.53
C ASP G 32 -75.46 -20.66 89.98
N ASP G 33 -74.29 -21.31 89.87
CA ASP G 33 -74.19 -22.71 90.27
C ASP G 33 -74.42 -22.87 91.78
N PHE G 34 -73.91 -21.92 92.57
CA PHE G 34 -74.10 -21.95 94.01
C PHE G 34 -75.57 -21.80 94.39
N LEU G 35 -76.34 -21.08 93.56
CA LEU G 35 -77.73 -20.80 93.87
C LEU G 35 -78.65 -21.95 93.49
N ARG G 36 -78.12 -23.14 93.21
CA ARG G 36 -78.94 -24.31 92.97
C ARG G 36 -79.92 -24.47 94.12
N GLN G 37 -79.41 -24.26 95.35
CA GLN G 37 -80.21 -24.36 96.57
C GLN G 37 -79.55 -23.48 97.63
N PRO G 38 -80.15 -22.34 97.99
CA PRO G 38 -79.49 -21.46 98.97
C PRO G 38 -79.54 -22.02 100.37
N VAL G 39 -78.58 -22.89 100.70
CA VAL G 39 -78.53 -23.61 101.96
C VAL G 39 -77.27 -23.21 102.70
N VAL G 40 -77.40 -23.06 104.02
CA VAL G 40 -76.27 -22.73 104.89
C VAL G 40 -76.11 -23.87 105.90
N LYS G 41 -74.88 -24.39 106.00
CA LYS G 41 -74.62 -25.47 106.95
C LYS G 41 -74.76 -25.02 108.39
N GLY G 42 -74.71 -23.72 108.65
CA GLY G 42 -74.86 -23.21 109.99
C GLY G 42 -74.34 -21.80 110.09
N ARG G 43 -74.81 -21.10 111.13
CA ARG G 43 -74.40 -19.73 111.38
C ARG G 43 -73.09 -19.71 112.15
N VAL G 44 -72.16 -18.86 111.71
CA VAL G 44 -70.84 -18.74 112.33
C VAL G 44 -70.53 -17.27 112.55
N ALA G 45 -70.03 -16.95 113.73
CA ALA G 45 -69.59 -15.59 114.03
C ALA G 45 -68.16 -15.33 113.58
N THR G 46 -67.45 -16.36 113.11
CA THR G 46 -66.09 -16.23 112.62
C THR G 46 -65.91 -17.14 111.41
N LEU G 47 -65.11 -16.70 110.46
CA LEU G 47 -64.87 -17.50 109.27
C LEU G 47 -64.17 -18.81 109.66
N PRO G 48 -64.70 -19.98 109.25
CA PRO G 48 -63.99 -21.23 109.55
C PRO G 48 -62.59 -21.25 108.96
N THR G 49 -61.57 -21.28 109.82
CA THR G 49 -60.19 -21.24 109.36
C THR G 49 -59.69 -22.59 108.88
N THR G 50 -60.40 -23.68 109.19
CA THR G 50 -59.97 -25.00 108.78
C THR G 50 -61.20 -25.88 108.55
N GLY G 51 -60.99 -26.96 107.80
CA GLY G 51 -62.06 -27.91 107.53
C GLY G 51 -63.20 -27.37 106.70
N GLN G 52 -62.89 -26.61 105.65
CA GLN G 52 -63.90 -26.10 104.73
C GLN G 52 -63.45 -26.35 103.30
N ALA G 53 -64.42 -26.59 102.43
CA ALA G 53 -64.16 -26.86 101.01
C ALA G 53 -65.36 -26.39 100.21
N GLU G 54 -65.36 -26.71 98.92
CA GLU G 54 -66.50 -26.37 98.08
C GLU G 54 -67.76 -27.06 98.59
N GLY G 55 -68.88 -26.35 98.54
CA GLY G 55 -70.13 -26.84 99.06
C GLY G 55 -70.41 -26.45 100.49
N ASP G 56 -69.45 -25.85 101.18
CA ASP G 56 -69.62 -25.43 102.57
C ASP G 56 -70.04 -23.97 102.59
N THR G 57 -71.19 -23.68 103.19
CA THR G 57 -71.71 -22.33 103.32
C THR G 57 -72.10 -22.09 104.78
N TYR G 58 -71.46 -21.10 105.39
CA TYR G 58 -71.78 -20.68 106.76
C TYR G 58 -72.09 -19.19 106.77
N ILE G 59 -73.11 -18.81 107.53
CA ILE G 59 -73.52 -17.42 107.63
C ILE G 59 -72.52 -16.72 108.54
N PHE G 60 -71.62 -15.92 107.95
CA PHE G 60 -70.66 -15.17 108.74
C PHE G 60 -71.34 -14.01 109.44
N THR G 61 -71.76 -14.22 110.69
CA THR G 61 -72.49 -13.23 111.46
C THR G 61 -71.63 -12.61 112.56
N GLY G 62 -70.34 -12.46 112.32
CA GLY G 62 -69.48 -11.83 113.29
C GLY G 62 -69.77 -10.35 113.44
N SER G 63 -69.40 -9.81 114.60
CA SER G 63 -69.64 -8.41 114.89
C SER G 63 -68.94 -7.52 113.86
N GLY G 64 -69.66 -6.52 113.38
CA GLY G 64 -69.15 -5.58 112.41
C GLY G 64 -70.14 -5.39 111.28
N SER G 65 -69.69 -4.70 110.24
CA SER G 65 -70.51 -4.48 109.05
C SER G 65 -70.61 -5.72 108.17
N ASN G 66 -69.87 -6.78 108.49
CA ASN G 66 -69.88 -8.02 107.72
C ASN G 66 -70.93 -9.00 108.22
N GLN G 67 -72.00 -8.51 108.82
CA GLN G 67 -73.04 -9.37 109.40
C GLN G 67 -73.91 -9.96 108.29
N ASN G 68 -74.24 -11.24 108.43
CA ASN G 68 -75.13 -12.01 107.55
C ASN G 68 -74.50 -12.34 106.21
N ARG G 69 -73.29 -11.85 105.91
CA ARG G 69 -72.66 -12.17 104.64
C ARG G 69 -72.27 -13.65 104.60
N LEU G 70 -72.47 -14.27 103.44
CA LEU G 70 -72.11 -15.66 103.27
C LEU G 70 -70.59 -15.82 103.18
N ALA G 71 -70.13 -17.02 103.49
CA ALA G 71 -68.70 -17.34 103.57
C ALA G 71 -68.39 -18.63 102.84
N ARG G 72 -68.87 -18.76 101.61
CA ARG G 72 -68.61 -19.97 100.84
C ARG G 72 -67.14 -20.03 100.46
N TRP G 73 -66.51 -21.17 100.71
CA TRP G 73 -65.12 -21.42 100.37
C TRP G 73 -65.05 -22.10 99.01
N TRP G 74 -64.24 -21.56 98.12
CA TRP G 74 -64.14 -22.01 96.72
C TRP G 74 -62.70 -22.43 96.47
N ALA G 75 -62.39 -23.70 96.73
CA ALA G 75 -61.05 -24.24 96.58
C ALA G 75 -60.96 -25.35 95.55
N THR G 76 -61.90 -26.28 95.55
CA THR G 76 -61.87 -27.38 94.60
C THR G 76 -61.83 -26.83 93.18
N GLY G 77 -61.09 -27.52 92.30
CA GLY G 77 -60.98 -27.09 90.92
C GLY G 77 -60.84 -25.58 90.76
N ALA G 78 -60.12 -24.95 91.68
CA ALA G 78 -59.98 -23.51 91.69
C ALA G 78 -58.49 -23.14 91.77
N THR G 79 -58.18 -21.94 91.30
CA THR G 79 -56.80 -21.47 91.36
C THR G 79 -56.43 -21.01 92.77
N THR G 80 -57.14 -20.01 93.27
CA THR G 80 -56.94 -19.50 94.62
C THR G 80 -58.31 -19.32 95.27
N ALA G 81 -58.46 -19.83 96.49
CA ALA G 81 -59.74 -19.79 97.19
C ALA G 81 -59.86 -18.51 97.99
N ILE G 82 -61.02 -17.86 97.87
CA ILE G 82 -61.32 -16.63 98.60
C ILE G 82 -62.69 -16.75 99.23
N TRP G 83 -62.91 -16.02 100.32
CA TRP G 83 -64.20 -16.01 101.00
C TRP G 83 -65.12 -15.05 100.26
N GLU G 84 -65.82 -15.56 99.25
CA GLU G 84 -66.79 -14.76 98.54
C GLU G 84 -67.88 -14.29 99.49
N TYR G 85 -68.20 -13.00 99.43
CA TYR G 85 -69.14 -12.37 100.34
C TYR G 85 -70.41 -11.99 99.59
N MET G 86 -71.55 -12.23 100.23
CA MET G 86 -72.86 -12.00 99.62
C MET G 86 -73.70 -11.15 100.59
N PRO G 87 -73.51 -9.83 100.58
CA PRO G 87 -74.29 -8.98 101.48
C PRO G 87 -75.78 -9.12 101.22
N PRO G 88 -76.55 -9.60 102.19
CA PRO G 88 -78.00 -9.68 101.99
C PRO G 88 -78.68 -8.36 102.31
N ARG G 89 -79.50 -7.90 101.38
CA ARG G 89 -80.31 -6.69 101.55
C ARG G 89 -81.76 -7.14 101.70
N LEU G 90 -82.29 -7.04 102.92
CA LEU G 90 -83.66 -7.44 103.20
C LEU G 90 -83.86 -8.92 102.87
N GLY G 91 -83.11 -9.76 103.58
CA GLY G 91 -83.11 -11.20 103.33
C GLY G 91 -84.47 -11.83 103.44
N TRP G 92 -84.55 -13.13 103.19
CA TRP G 92 -85.84 -13.84 103.17
C TRP G 92 -85.60 -15.31 103.49
N ARG G 93 -86.61 -16.13 103.22
CA ARG G 93 -86.59 -17.54 103.59
C ARG G 93 -85.32 -18.21 103.08
N VAL G 94 -84.59 -18.85 104.00
CA VAL G 94 -83.40 -19.62 103.68
C VAL G 94 -83.53 -20.98 104.38
N GLN G 95 -83.46 -22.05 103.61
CA GLN G 95 -83.65 -23.39 104.15
C GLN G 95 -82.39 -23.86 104.88
N VAL G 96 -82.59 -24.78 105.82
CA VAL G 96 -81.51 -25.40 106.58
C VAL G 96 -81.73 -26.89 106.60
N ALA G 97 -80.64 -27.66 106.53
CA ALA G 97 -80.71 -29.10 106.30
C ALA G 97 -80.33 -29.93 107.52
N ASN G 98 -79.20 -29.63 108.15
CA ASN G 98 -78.64 -30.56 109.14
C ASN G 98 -79.61 -30.81 110.28
N GLU G 99 -80.27 -29.76 110.77
CA GLU G 99 -81.21 -29.88 111.87
C GLU G 99 -82.63 -29.61 111.38
N THR G 100 -83.58 -30.37 111.90
CA THR G 100 -84.97 -30.26 111.47
C THR G 100 -85.87 -30.49 112.68
N THR G 101 -87.11 -30.04 112.56
CA THR G 101 -88.06 -30.17 113.64
C THR G 101 -88.54 -31.61 113.76
N PRO G 102 -89.10 -31.99 114.91
CA PRO G 102 -89.56 -33.38 115.08
C PRO G 102 -90.60 -33.80 114.06
N SER G 103 -91.46 -32.88 113.62
CA SER G 103 -92.53 -33.20 112.68
C SER G 103 -92.06 -33.23 111.23
N GLY G 104 -90.76 -33.30 110.99
CA GLY G 104 -90.22 -33.33 109.65
C GLY G 104 -90.06 -31.98 108.99
N GLN G 105 -90.48 -30.89 109.65
CA GLN G 105 -90.28 -29.56 109.10
C GLN G 105 -88.80 -29.25 109.04
N VAL G 106 -88.35 -28.72 107.91
CA VAL G 106 -86.95 -28.35 107.73
C VAL G 106 -86.77 -26.92 108.23
N LYS G 107 -85.77 -26.72 109.10
CA LYS G 107 -85.54 -25.41 109.69
C LYS G 107 -85.29 -24.38 108.60
N THR G 108 -85.94 -23.22 108.75
CA THR G 108 -85.83 -22.13 107.78
C THR G 108 -85.87 -20.82 108.54
N TYR G 109 -84.77 -20.06 108.50
CA TYR G 109 -84.69 -18.75 109.13
C TYR G 109 -84.98 -17.69 108.08
N GLU G 110 -86.24 -17.24 108.04
CA GLU G 110 -86.62 -16.14 107.15
C GLU G 110 -86.16 -14.84 107.78
N TYR G 111 -85.22 -14.16 107.12
CA TYR G 111 -84.67 -12.91 107.63
C TYR G 111 -85.65 -11.78 107.32
N SER G 112 -86.22 -11.18 108.36
CA SER G 112 -87.20 -10.11 108.19
C SER G 112 -86.55 -8.74 107.97
N GLY G 113 -85.26 -8.71 107.62
CA GLY G 113 -84.55 -7.48 107.42
C GLY G 113 -83.83 -6.96 108.65
N THR G 114 -84.18 -7.46 109.83
CA THR G 114 -83.53 -7.08 111.08
C THR G 114 -83.17 -8.26 111.97
N ALA G 115 -83.84 -9.41 111.82
CA ALA G 115 -83.56 -10.57 112.64
C ALA G 115 -83.93 -11.83 111.86
N TRP G 116 -83.38 -12.95 112.32
CA TRP G 116 -83.65 -14.25 111.70
C TRP G 116 -84.95 -14.80 112.27
N VAL G 117 -86.03 -14.73 111.47
CA VAL G 117 -87.35 -15.14 111.91
C VAL G 117 -87.62 -16.54 111.39
N GLU G 118 -88.50 -17.26 112.09
CA GLU G 118 -88.88 -18.61 111.69
C GLU G 118 -89.95 -18.57 110.62
N LEU G 119 -89.96 -19.60 109.77
CA LEU G 119 -90.98 -19.71 108.74
C LEU G 119 -92.34 -19.89 109.38
N VAL G 120 -93.37 -19.31 108.75
CA VAL G 120 -94.72 -19.27 109.29
C VAL G 120 -95.70 -19.74 108.22
N GLY G 121 -96.84 -20.23 108.69
CA GLY G 121 -97.90 -20.69 107.81
C GLY G 121 -99.25 -20.44 108.44
N GLY G 122 -100.19 -21.34 108.16
CA GLY G 122 -101.53 -21.24 108.73
C GLY G 122 -102.58 -20.90 107.68
N MET G 123 -103.65 -21.71 107.62
CA MET G 123 -104.72 -21.51 106.65
C MET G 123 -106.06 -21.24 107.30
N SER G 124 -106.16 -21.24 108.63
CA SER G 124 -107.44 -21.06 109.30
C SER G 124 -107.25 -20.19 110.53
N ASP G 125 -108.16 -19.23 110.71
CA ASP G 125 -108.19 -18.38 111.89
C ASP G 125 -109.62 -18.31 112.38
N ALA G 126 -109.81 -18.52 113.68
CA ALA G 126 -111.15 -18.53 114.23
C ALA G 126 -111.81 -17.17 114.03
N PRO G 127 -113.05 -17.12 113.55
CA PRO G 127 -113.72 -15.82 113.43
C PRO G 127 -113.81 -15.12 114.78
N SER G 128 -113.63 -13.80 114.75
CA SER G 128 -113.64 -12.99 115.96
C SER G 128 -115.09 -12.62 116.31
N ASP G 129 -115.80 -13.61 116.85
CA ASP G 129 -117.19 -13.44 117.25
C ASP G 129 -117.47 -14.03 118.63
N GLY G 130 -116.43 -14.28 119.42
CA GLY G 130 -116.61 -14.75 120.78
C GLY G 130 -116.86 -16.23 120.95
N LYS G 131 -116.77 -17.01 119.89
CA LYS G 131 -116.99 -18.45 119.94
C LYS G 131 -115.67 -19.19 119.80
N ALA G 132 -115.50 -20.25 120.58
CA ALA G 132 -114.32 -21.09 120.50
C ALA G 132 -114.56 -22.21 119.49
N TYR G 133 -113.57 -22.44 118.64
CA TYR G 133 -113.66 -23.42 117.57
C TYR G 133 -112.58 -24.47 117.71
N ALA G 134 -112.92 -25.71 117.37
CA ALA G 134 -111.98 -26.82 117.34
C ALA G 134 -112.10 -27.53 116.00
N ARG G 135 -111.00 -28.14 115.57
CA ARG G 135 -110.98 -28.83 114.29
C ARG G 135 -111.93 -30.01 114.31
N GLU G 136 -112.64 -30.21 113.20
CA GLU G 136 -113.62 -31.29 113.09
C GLU G 136 -113.69 -31.70 111.63
N SER G 137 -113.16 -32.88 111.31
CA SER G 137 -113.20 -33.42 109.95
C SER G 137 -112.66 -32.41 108.95
N GLY G 138 -111.56 -31.76 109.31
CA GLY G 138 -110.94 -30.78 108.44
C GLY G 138 -111.59 -29.41 108.48
N ALA G 139 -112.51 -29.16 109.39
CA ALA G 139 -113.18 -27.87 109.50
C ALA G 139 -113.26 -27.48 110.97
N TRP G 140 -113.29 -26.17 111.21
CA TRP G 140 -113.35 -25.63 112.57
C TRP G 140 -114.82 -25.49 112.98
N THR G 141 -115.19 -26.12 114.08
CA THR G 141 -116.55 -26.12 114.59
C THR G 141 -116.59 -25.42 115.93
N GLU G 142 -117.62 -24.58 116.12
CA GLU G 142 -117.76 -23.82 117.36
C GLU G 142 -118.03 -24.75 118.54
N LEU G 143 -117.64 -24.31 119.72
CA LEU G 143 -117.82 -25.06 120.96
C LEU G 143 -118.80 -24.35 121.88
N GLY G 144 -119.34 -25.13 122.81
CA GLY G 144 -120.29 -24.59 123.78
C GLY G 144 -119.59 -23.98 124.98
N SER G 145 -120.41 -23.39 125.85
CA SER G 145 -119.89 -22.76 127.06
C SER G 145 -119.35 -23.79 128.05
N ALA G 146 -119.95 -24.97 128.10
CA ALA G 146 -119.54 -25.98 129.07
C ALA G 146 -118.09 -26.42 128.88
N ALA G 147 -117.54 -26.24 127.68
CA ALA G 147 -116.16 -26.67 127.44
C ALA G 147 -115.18 -25.91 128.32
N LYS G 148 -115.38 -24.60 128.47
CA LYS G 148 -114.45 -23.79 129.26
C LYS G 148 -114.56 -24.11 130.75
N SER G 149 -115.75 -24.44 131.22
CA SER G 149 -115.95 -24.70 132.64
C SER G 149 -115.22 -25.98 133.07
N ALA G 150 -114.76 -25.98 134.31
CA ALA G 150 -114.10 -27.14 134.89
C ALA G 150 -115.16 -28.08 135.47
N LEU G 151 -114.72 -29.09 136.22
CA LEU G 151 -115.63 -30.06 136.83
C LEU G 151 -115.62 -30.05 138.34
N ASN G 152 -114.63 -29.40 138.97
CA ASN G 152 -114.57 -29.36 140.43
C ASN G 152 -115.63 -28.45 141.04
N VAL G 153 -116.36 -27.69 140.22
CA VAL G 153 -117.29 -26.69 140.72
C VAL G 153 -118.75 -27.03 140.45
N LEU G 154 -119.03 -27.95 139.53
CA LEU G 154 -120.41 -28.23 139.16
C LEU G 154 -121.17 -28.77 140.38
N PRO G 155 -122.36 -28.24 140.70
CA PRO G 155 -123.08 -28.69 141.91
C PRO G 155 -123.98 -29.91 141.70
N PHE G 156 -123.34 -31.08 141.64
CA PHE G 156 -124.08 -32.33 141.57
C PHE G 156 -124.60 -32.71 142.95
N MET G 157 -125.62 -33.56 142.96
CA MET G 157 -126.29 -33.93 144.20
C MET G 157 -125.79 -35.27 144.73
N ASN G 158 -125.65 -35.35 146.05
CA ASN G 158 -125.22 -36.58 146.69
C ASN G 158 -126.37 -37.58 146.77
N LEU G 159 -126.02 -38.85 146.87
CA LEU G 159 -126.99 -39.93 147.03
C LEU G 159 -127.15 -40.36 148.48
N MET G 160 -126.37 -39.79 149.40
CA MET G 160 -126.48 -40.14 150.81
C MET G 160 -127.56 -39.31 151.47
N PRO G 161 -128.56 -39.92 152.12
CA PRO G 161 -129.61 -39.11 152.76
C PRO G 161 -129.14 -38.41 154.02
N ASP G 162 -128.18 -38.98 154.74
CA ASP G 162 -127.72 -38.43 156.01
C ASP G 162 -126.43 -37.64 155.89
N MET G 163 -125.94 -37.41 154.66
CA MET G 163 -124.74 -36.65 154.37
C MET G 163 -123.48 -37.33 154.89
N GLY G 164 -123.58 -38.54 155.43
CA GLY G 164 -122.45 -39.15 156.09
C GLY G 164 -122.19 -38.62 157.49
N ARG G 165 -123.03 -37.70 157.98
CA ARG G 165 -122.88 -37.18 159.32
C ARG G 165 -123.26 -38.20 160.39
N PHE G 166 -123.80 -39.35 160.00
CA PHE G 166 -124.22 -40.37 160.96
C PHE G 166 -125.20 -39.79 161.97
N ALA G 167 -126.10 -38.92 161.47
CA ALA G 167 -127.08 -38.25 162.31
C ALA G 167 -128.51 -38.63 161.96
N GLY G 168 -128.72 -39.49 160.98
CA GLY G 168 -130.07 -39.89 160.59
C GLY G 168 -130.64 -39.00 159.51
N THR G 169 -131.56 -39.57 158.73
CA THR G 169 -132.19 -38.82 157.65
C THR G 169 -133.08 -37.69 158.18
N ALA G 170 -133.56 -37.82 159.43
CA ALA G 170 -134.42 -36.77 159.98
C ALA G 170 -133.66 -35.46 160.13
N ALA G 171 -132.35 -35.51 160.31
CA ALA G 171 -131.56 -34.30 160.43
C ALA G 171 -131.59 -33.50 159.13
N ASN G 172 -131.69 -32.19 159.25
CA ASN G 172 -131.73 -31.33 158.08
C ASN G 172 -130.31 -31.13 157.55
N PRO G 173 -130.01 -31.56 156.31
CA PRO G 173 -128.68 -31.28 155.76
C PRO G 173 -128.45 -29.82 155.42
N LEU G 174 -129.52 -29.02 155.34
CA LEU G 174 -129.41 -27.61 154.98
C LEU G 174 -128.99 -26.73 156.15
N ALA G 175 -128.94 -27.27 157.37
CA ALA G 175 -128.59 -26.52 158.56
C ALA G 175 -127.13 -26.76 158.92
N THR G 176 -126.43 -25.67 159.26
CA THR G 176 -125.03 -25.79 159.66
C THR G 176 -124.90 -26.64 160.92
N MET G 177 -125.80 -26.45 161.88
CA MET G 177 -125.75 -27.13 163.17
C MET G 177 -126.91 -28.08 163.30
N PHE G 178 -126.67 -29.21 163.98
CA PHE G 178 -127.70 -30.18 164.28
C PHE G 178 -127.59 -30.58 165.76
N THR G 179 -128.72 -30.96 166.35
CA THR G 179 -128.77 -31.35 167.74
C THR G 179 -128.97 -32.85 167.94
N THR G 180 -129.33 -33.59 166.89
CA THR G 180 -129.56 -35.02 167.02
C THR G 180 -128.27 -35.75 167.35
N SER G 181 -128.40 -36.87 168.05
CA SER G 181 -127.26 -37.66 168.48
C SER G 181 -126.74 -38.51 167.33
N TRP G 182 -125.69 -39.28 167.61
CA TRP G 182 -125.09 -40.15 166.59
C TRP G 182 -126.09 -41.21 166.14
N THR G 183 -126.02 -41.56 164.86
CA THR G 183 -126.93 -42.53 164.27
C THR G 183 -126.18 -43.31 163.20
N PRO G 184 -126.27 -44.64 163.19
CA PRO G 184 -125.58 -45.41 162.15
C PRO G 184 -126.16 -45.12 160.77
N SER G 185 -125.31 -45.25 159.76
CA SER G 185 -125.68 -44.99 158.36
C SER G 185 -125.82 -46.31 157.63
N SER G 186 -126.94 -46.48 156.93
CA SER G 186 -127.18 -47.70 156.18
C SER G 186 -126.20 -47.87 155.03
N PHE G 187 -125.63 -46.78 154.52
CA PHE G 187 -124.71 -46.88 153.39
C PHE G 187 -123.44 -47.63 153.74
N LEU G 188 -123.10 -47.74 155.02
CA LEU G 188 -121.91 -48.45 155.48
C LEU G 188 -122.38 -49.61 156.35
N ASN G 189 -122.40 -50.81 155.79
CA ASN G 189 -122.81 -52.01 156.50
C ASN G 189 -121.59 -52.85 156.83
N GLY G 190 -121.46 -53.23 158.10
CA GLY G 190 -120.32 -54.03 158.50
C GLY G 190 -120.29 -55.37 157.80
N TRP G 191 -119.08 -55.84 157.51
CA TRP G 191 -118.87 -57.12 156.84
C TRP G 191 -117.81 -57.91 157.59
N ASN G 192 -117.91 -59.24 157.49
CA ASN G 192 -116.98 -60.14 158.17
C ASN G 192 -116.95 -59.85 159.67
N GLY G 193 -118.10 -59.52 160.23
CA GLY G 193 -118.21 -59.22 161.64
C GLY G 193 -117.65 -57.89 162.06
N ALA G 194 -117.37 -56.99 161.11
CA ALA G 194 -116.82 -55.69 161.46
C ALA G 194 -117.80 -54.90 162.31
N THR G 195 -117.27 -54.16 163.27
CA THR G 195 -118.05 -53.33 164.17
C THR G 195 -117.76 -51.86 163.90
N VAL G 196 -118.81 -51.04 163.83
CA VAL G 196 -118.70 -49.61 163.58
C VAL G 196 -119.14 -48.88 164.83
N ALA G 197 -118.30 -47.95 165.30
CA ALA G 197 -118.57 -47.20 166.51
C ALA G 197 -118.26 -45.73 166.27
N ASP G 198 -118.92 -44.88 167.06
CA ASP G 198 -118.68 -43.44 166.96
C ASP G 198 -117.24 -43.13 167.32
N GLY G 199 -116.63 -42.21 166.57
CA GLY G 199 -115.24 -41.86 166.76
C GLY G 199 -115.06 -40.44 167.28
N GLY G 200 -115.94 -39.53 166.89
CA GLY G 200 -115.83 -38.16 167.32
C GLY G 200 -116.85 -37.28 166.62
N LYS G 201 -116.77 -36.00 166.94
CA LYS G 201 -117.69 -35.02 166.38
C LYS G 201 -117.04 -33.65 166.41
N PHE G 202 -117.33 -32.85 165.38
CA PHE G 202 -116.90 -31.45 165.31
C PHE G 202 -118.10 -30.57 165.56
N ALA G 203 -117.97 -29.62 166.49
CA ALA G 203 -119.07 -28.81 166.95
C ALA G 203 -118.90 -27.35 166.51
N PHE G 204 -120.00 -26.75 166.09
CA PHE G 204 -120.00 -25.33 165.76
C PHE G 204 -119.65 -24.51 166.99
N ASP G 205 -118.80 -23.50 166.81
CA ASP G 205 -118.35 -22.64 167.90
C ASP G 205 -117.70 -23.47 169.00
N ASN G 206 -116.80 -24.37 168.59
CA ASN G 206 -116.14 -25.25 169.55
C ASN G 206 -115.24 -24.46 170.49
N SER G 207 -115.07 -25.00 171.70
CA SER G 207 -114.27 -24.34 172.73
C SER G 207 -112.77 -24.55 172.55
N THR G 208 -112.35 -25.48 171.68
CA THR G 208 -110.93 -25.69 171.48
C THR G 208 -110.25 -24.46 170.91
N ASN G 209 -110.99 -23.62 170.18
CA ASN G 209 -110.46 -22.41 169.56
C ASN G 209 -110.98 -21.15 170.25
N GLY G 210 -111.20 -21.20 171.56
CA GLY G 210 -111.59 -20.05 172.32
C GLY G 210 -113.09 -19.85 172.48
N GLY G 211 -113.89 -20.86 172.19
CA GLY G 211 -115.33 -20.78 172.31
C GLY G 211 -115.86 -21.36 173.60
N ALA G 212 -117.11 -21.80 173.57
CA ALA G 212 -117.76 -22.41 174.73
C ALA G 212 -118.40 -23.76 174.42
N GLY G 213 -118.25 -24.27 173.20
CA GLY G 213 -118.86 -25.53 172.82
C GLY G 213 -117.98 -26.72 173.14
N PRO G 214 -118.39 -27.90 172.67
CA PRO G 214 -117.60 -29.10 172.93
C PRO G 214 -116.20 -29.00 172.34
N ALA G 215 -115.25 -29.62 173.02
CA ALA G 215 -113.87 -29.64 172.57
C ALA G 215 -113.68 -30.65 171.43
N LEU G 216 -112.51 -30.59 170.79
CA LEU G 216 -112.19 -31.44 169.67
C LEU G 216 -111.08 -32.41 170.07
N ASN G 217 -111.23 -33.67 169.66
CA ASN G 217 -110.27 -34.72 169.99
C ASN G 217 -109.19 -34.81 168.92
N ALA G 218 -108.13 -35.56 169.23
CA ALA G 218 -106.93 -35.58 168.39
C ALA G 218 -107.26 -35.89 166.94
N ARG G 219 -108.21 -36.80 166.71
CA ARG G 219 -108.56 -37.17 165.35
C ARG G 219 -109.07 -35.96 164.57
N VAL G 220 -109.85 -35.10 165.22
CA VAL G 220 -110.40 -33.94 164.55
C VAL G 220 -109.29 -32.97 164.15
N GLN G 221 -108.33 -32.71 165.04
CA GLN G 221 -107.21 -31.85 164.66
C GLN G 221 -106.40 -32.47 163.53
N ALA G 222 -106.19 -33.78 163.56
CA ALA G 222 -105.45 -34.44 162.48
C ALA G 222 -106.18 -34.25 161.15
N LEU G 223 -107.50 -34.45 161.14
CA LEU G 223 -108.27 -34.28 159.91
C LEU G 223 -108.20 -32.83 159.43
N LEU G 224 -108.35 -31.87 160.34
CA LEU G 224 -108.33 -30.47 159.94
C LEU G 224 -106.97 -30.07 159.38
N ALA G 225 -105.90 -30.54 160.02
CA ALA G 225 -104.56 -30.26 159.48
C ALA G 225 -104.38 -30.88 158.11
N ALA G 226 -104.87 -32.11 157.93
CA ALA G 226 -104.85 -32.71 156.60
C ALA G 226 -105.71 -31.91 155.64
N MET G 227 -106.88 -31.45 156.09
CA MET G 227 -107.77 -30.65 155.25
C MET G 227 -107.16 -29.29 154.91
N GLY G 228 -106.19 -28.81 155.68
CA GLY G 228 -105.63 -27.50 155.48
C GLY G 228 -106.42 -26.38 156.14
N ARG G 229 -107.52 -26.69 156.83
CA ARG G 229 -108.33 -25.68 157.51
C ARG G 229 -107.70 -25.38 158.86
N THR G 230 -106.61 -24.62 158.80
CA THR G 230 -105.89 -24.21 160.00
C THR G 230 -106.24 -22.80 160.47
N TRP G 231 -106.77 -21.96 159.58
CA TRP G 231 -107.13 -20.60 159.95
C TRP G 231 -108.38 -20.59 160.83
N THR G 232 -108.52 -19.52 161.61
CA THR G 232 -109.66 -19.42 162.52
C THR G 232 -110.97 -19.41 161.75
N SER G 233 -111.03 -18.69 160.64
CA SER G 233 -112.27 -18.60 159.88
C SER G 233 -112.74 -19.96 159.38
N VAL G 234 -111.81 -20.90 159.18
CA VAL G 234 -112.15 -22.22 158.68
C VAL G 234 -111.88 -23.33 159.69
N SER G 235 -111.11 -23.09 160.74
CA SER G 235 -110.84 -24.09 161.77
C SER G 235 -111.71 -23.92 163.00
N ARG G 236 -111.95 -22.68 163.42
CA ARG G 236 -112.80 -22.40 164.57
C ARG G 236 -114.29 -22.42 164.21
N TYR G 237 -114.63 -22.41 162.92
CA TYR G 237 -116.01 -22.46 162.47
C TYR G 237 -116.15 -23.56 161.43
N GLY G 238 -117.37 -24.07 161.30
CA GLY G 238 -117.65 -25.10 160.32
C GLY G 238 -118.97 -25.78 160.59
N VAL G 239 -119.27 -26.75 159.74
CA VAL G 239 -120.51 -27.53 159.84
C VAL G 239 -120.27 -28.74 160.73
N GLU G 240 -121.31 -29.12 161.46
CA GLU G 240 -121.21 -30.24 162.39
C GLU G 240 -121.35 -31.57 161.66
N PHE G 241 -120.70 -32.60 162.21
CA PHE G 241 -120.79 -33.95 161.68
C PHE G 241 -120.06 -34.88 162.63
N PHE G 242 -120.46 -36.15 162.59
CA PHE G 242 -119.84 -37.18 163.43
C PHE G 242 -118.78 -37.94 162.64
N THR G 243 -117.95 -38.67 163.38
CA THR G 243 -116.96 -39.56 162.81
C THR G 243 -117.10 -40.92 163.47
N ALA G 244 -116.78 -41.97 162.70
CA ALA G 244 -116.91 -43.34 163.18
C ALA G 244 -115.65 -44.12 162.85
N VAL G 245 -115.38 -45.14 163.67
CA VAL G 245 -114.23 -46.01 163.51
C VAL G 245 -114.74 -47.44 163.35
N LEU G 246 -114.29 -48.11 162.30
CA LEU G 246 -114.70 -49.49 162.01
C LEU G 246 -113.57 -50.43 162.40
N THR G 247 -113.91 -51.45 163.19
CA THR G 247 -112.95 -52.47 163.61
C THR G 247 -113.21 -53.74 162.80
N ALA G 248 -112.19 -54.20 162.09
CA ALA G 248 -112.34 -55.41 161.30
C ALA G 248 -112.67 -56.61 162.19
N GLY G 249 -113.63 -57.41 161.75
CA GLY G 249 -114.04 -58.57 162.51
C GLY G 249 -113.09 -59.74 162.36
N SER G 250 -113.42 -60.83 163.06
CA SER G 250 -112.58 -62.02 163.05
C SER G 250 -112.88 -62.95 161.87
N GLN G 251 -113.95 -62.69 161.12
CA GLN G 251 -114.27 -63.54 159.99
C GLN G 251 -113.25 -63.37 158.88
N THR G 252 -113.08 -64.41 158.07
CA THR G 252 -112.07 -64.47 157.02
C THR G 252 -112.71 -64.88 155.69
N THR G 253 -113.80 -64.21 155.33
CA THR G 253 -114.50 -64.46 154.08
C THR G 253 -114.13 -63.39 153.05
N THR G 254 -114.19 -63.77 151.78
CA THR G 254 -113.86 -62.88 150.67
C THR G 254 -112.41 -62.39 150.77
N GLY G 255 -111.49 -63.36 150.69
CA GLY G 255 -110.08 -63.02 150.77
C GLY G 255 -109.60 -62.25 149.55
N SER G 256 -108.54 -61.48 149.76
CA SER G 256 -107.96 -60.67 148.70
C SER G 256 -106.56 -60.27 149.11
N ALA G 257 -105.72 -60.02 148.10
CA ALA G 257 -104.33 -59.62 148.31
C ALA G 257 -104.09 -58.27 147.64
N GLY G 258 -103.28 -57.43 148.28
CA GLY G 258 -102.96 -56.12 147.77
C GLY G 258 -101.73 -56.14 146.89
N ALA G 259 -101.27 -54.93 146.55
CA ALA G 259 -100.09 -54.80 145.69
C ALA G 259 -98.85 -55.37 146.36
N ASP G 260 -98.79 -55.35 147.69
CA ASP G 260 -97.66 -55.88 148.43
C ASP G 260 -97.76 -57.38 148.67
N GLY G 261 -98.84 -58.01 148.23
CA GLY G 261 -99.01 -59.44 148.41
C GLY G 261 -99.52 -59.86 149.77
N VAL G 262 -99.99 -58.92 150.59
CA VAL G 262 -100.50 -59.23 151.91
C VAL G 262 -102.01 -59.49 151.80
N THR G 263 -102.43 -60.67 152.22
CA THR G 263 -103.83 -61.04 152.12
C THR G 263 -104.67 -60.27 153.14
N ARG G 264 -105.88 -59.90 152.72
CA ARG G 264 -106.80 -59.18 153.58
C ARG G 264 -108.23 -59.56 153.19
N TYR G 265 -109.18 -59.16 154.03
CA TYR G 265 -110.57 -59.53 153.86
C TYR G 265 -111.45 -58.28 153.93
N LEU G 266 -112.59 -58.35 153.23
CA LEU G 266 -113.52 -57.23 153.22
C LEU G 266 -114.07 -56.97 154.61
N CYS G 267 -114.20 -55.68 154.97
CA CYS G 267 -114.66 -55.28 156.28
C CYS G 267 -115.97 -54.51 156.27
N CYS G 268 -116.44 -54.04 155.12
CA CYS G 268 -117.67 -53.27 155.06
C CYS G 268 -118.33 -53.51 153.70
N SER G 269 -119.63 -53.23 153.66
CA SER G 269 -120.41 -53.36 152.44
C SER G 269 -121.47 -52.27 152.41
N ASN G 270 -121.94 -51.96 151.21
CA ASN G 270 -122.92 -50.90 151.02
C ASN G 270 -124.36 -51.39 151.12
N GLY G 271 -124.57 -52.70 151.30
CA GLY G 271 -125.92 -53.23 151.33
C GLY G 271 -126.57 -53.33 149.95
N SER G 272 -125.76 -53.42 148.90
CA SER G 272 -126.25 -53.57 147.53
C SER G 272 -127.10 -52.36 147.13
N LYS G 273 -126.47 -51.19 147.17
CA LYS G 273 -127.12 -49.95 146.76
C LYS G 273 -127.27 -49.91 145.25
N THR G 274 -128.38 -49.32 144.78
CA THR G 274 -128.67 -49.21 143.36
C THR G 274 -128.05 -47.92 142.83
N VAL G 275 -126.75 -47.96 142.60
CA VAL G 275 -126.01 -46.79 142.13
C VAL G 275 -125.44 -46.98 140.73
N PHE G 276 -125.27 -48.21 140.25
CA PHE G 276 -124.70 -48.47 138.94
C PHE G 276 -125.80 -48.36 137.88
N ASN G 277 -126.22 -47.13 137.63
CA ASN G 277 -127.30 -46.84 136.70
C ASN G 277 -126.86 -46.00 135.51
N ALA G 278 -126.06 -44.96 135.73
CA ALA G 278 -125.61 -44.09 134.64
C ALA G 278 -124.50 -44.80 133.89
N GLY G 279 -124.89 -45.55 132.86
CA GLY G 279 -123.92 -46.29 132.08
C GLY G 279 -123.08 -47.25 132.88
N GLY G 280 -123.58 -47.72 134.02
CA GLY G 280 -122.80 -48.56 134.90
C GLY G 280 -121.70 -47.84 135.63
N TRP G 281 -121.60 -46.52 135.48
CA TRP G 281 -120.53 -45.76 136.11
C TRP G 281 -120.89 -45.41 137.55
N ALA G 282 -119.86 -45.35 138.38
CA ALA G 282 -120.02 -45.02 139.80
C ALA G 282 -118.82 -44.22 140.26
N THR G 283 -119.01 -43.52 141.38
CA THR G 283 -117.96 -42.70 141.97
C THR G 283 -118.12 -42.68 143.47
N VAL G 284 -117.04 -42.98 144.19
CA VAL G 284 -117.05 -42.97 145.65
C VAL G 284 -115.89 -42.09 146.12
N VAL G 285 -116.19 -41.13 146.99
CA VAL G 285 -115.19 -40.24 147.56
C VAL G 285 -115.38 -40.23 149.08
N MET G 286 -114.29 -40.44 149.81
CA MET G 286 -114.38 -40.51 151.26
C MET G 286 -112.99 -40.29 151.85
N TRP G 287 -112.98 -39.69 153.04
CA TRP G 287 -111.75 -39.42 153.78
C TRP G 287 -111.55 -40.49 154.84
N LEU G 288 -110.33 -41.01 154.95
CA LEU G 288 -110.05 -42.06 155.92
C LEU G 288 -108.62 -41.91 156.45
N ARG G 289 -108.39 -42.52 157.61
CA ARG G 289 -107.08 -42.55 158.23
C ARG G 289 -106.94 -43.87 158.97
N VAL G 290 -105.77 -44.49 158.86
CA VAL G 290 -105.51 -45.78 159.48
C VAL G 290 -104.95 -45.56 160.88
N GLU G 291 -105.66 -46.07 161.88
CA GLU G 291 -105.20 -45.98 163.26
C GLU G 291 -104.44 -47.22 163.69
N SER G 292 -104.70 -48.37 163.07
CA SER G 292 -103.99 -49.60 163.37
C SER G 292 -104.12 -50.55 162.18
N GLY G 293 -103.22 -51.52 162.14
CA GLY G 293 -103.26 -52.49 161.06
C GLY G 293 -102.86 -51.90 159.73
N SER G 294 -103.22 -52.62 158.66
CA SER G 294 -102.92 -52.20 157.30
C SER G 294 -104.11 -52.52 156.41
N ALA G 295 -104.20 -51.80 155.30
CA ALA G 295 -105.28 -51.99 154.35
C ALA G 295 -104.80 -51.59 152.96
N HIS G 296 -105.52 -52.06 151.95
CA HIS G 296 -105.22 -51.75 150.55
C HIS G 296 -106.53 -51.59 149.80
N ILE G 297 -106.43 -51.28 148.51
CA ILE G 297 -107.57 -50.95 147.67
C ILE G 297 -107.74 -52.04 146.62
N SER G 298 -108.98 -52.51 146.45
CA SER G 298 -109.29 -53.53 145.44
C SER G 298 -108.54 -54.82 145.74
N SER G 299 -108.52 -55.73 144.77
CA SER G 299 -107.74 -56.95 144.85
C SER G 299 -106.65 -57.01 143.80
N ALA G 300 -107.01 -56.79 142.54
CA ALA G 300 -106.05 -56.72 141.44
C ALA G 300 -106.71 -55.96 140.30
N PRO G 301 -105.91 -55.40 139.37
CA PRO G 301 -106.52 -54.68 138.25
C PRO G 301 -107.55 -55.52 137.51
N TYR G 302 -108.81 -55.12 137.59
CA TYR G 302 -109.91 -55.83 136.95
C TYR G 302 -110.79 -54.83 136.22
N THR G 303 -111.18 -55.18 135.00
CA THR G 303 -112.04 -54.33 134.18
C THR G 303 -111.37 -52.95 134.08
N THR G 304 -112.16 -51.89 134.05
CA THR G 304 -111.66 -50.52 134.03
C THR G 304 -111.59 -49.98 135.45
N HIS G 305 -110.55 -49.21 135.74
CA HIS G 305 -110.41 -48.63 137.08
C HIS G 305 -109.47 -47.44 137.01
N ARG G 306 -109.59 -46.57 138.02
CA ARG G 306 -108.74 -45.39 138.12
C ARG G 306 -108.89 -44.84 139.54
N LEU G 307 -107.79 -44.75 140.28
CA LEU G 307 -107.79 -44.30 141.66
C LEU G 307 -106.96 -43.03 141.78
N TRP G 308 -107.51 -42.02 142.43
CA TRP G 308 -106.81 -40.77 142.71
C TRP G 308 -106.62 -40.63 144.22
N ILE G 309 -105.38 -40.42 144.64
CA ILE G 309 -105.04 -40.23 146.03
C ILE G 309 -104.63 -38.78 146.20
N ASN G 310 -105.51 -37.97 146.80
CA ASN G 310 -105.27 -36.54 146.97
C ASN G 310 -104.95 -35.89 145.63
N GLY G 311 -105.69 -36.28 144.59
CA GLY G 311 -105.49 -35.77 143.26
C GLY G 311 -104.38 -36.44 142.47
N ALA G 312 -103.75 -37.47 143.02
CA ALA G 312 -102.67 -38.19 142.34
C ALA G 312 -103.15 -39.58 141.98
N VAL G 313 -102.96 -39.96 140.71
CA VAL G 313 -103.43 -41.26 140.24
C VAL G 313 -102.74 -42.36 141.03
N ALA G 314 -103.48 -43.44 141.28
CA ALA G 314 -102.97 -44.58 142.03
C ALA G 314 -103.44 -45.87 141.39
N ALA G 315 -102.70 -46.95 141.64
CA ALA G 315 -102.99 -48.26 141.09
C ALA G 315 -103.62 -49.16 142.15
N PRO G 316 -104.33 -50.21 141.73
CA PRO G 316 -104.96 -51.10 142.70
C PRO G 316 -103.93 -51.76 143.61
N GLY G 317 -104.34 -52.00 144.85
CA GLY G 317 -103.50 -52.70 145.81
C GLY G 317 -102.53 -51.82 146.56
N VAL G 318 -102.49 -50.52 146.29
CA VAL G 318 -101.55 -49.63 146.98
C VAL G 318 -101.87 -49.62 148.46
N VAL G 319 -100.87 -49.89 149.29
CA VAL G 319 -101.04 -49.89 150.74
C VAL G 319 -100.96 -48.45 151.22
N LEU G 320 -102.08 -47.91 151.68
CA LEU G 320 -102.10 -46.54 152.14
C LEU G 320 -101.20 -46.38 153.36
N PRO G 321 -100.48 -45.27 153.48
CA PRO G 321 -99.63 -45.08 154.66
C PRO G 321 -100.47 -45.04 155.93
N ALA G 322 -99.90 -45.57 157.02
CA ALA G 322 -100.64 -45.67 158.27
C ALA G 322 -100.66 -44.34 159.01
N ASN G 323 -101.83 -43.98 159.53
CA ASN G 323 -102.01 -42.77 160.34
C ASN G 323 -101.86 -41.51 159.50
N GLN G 324 -102.44 -41.50 158.30
CA GLN G 324 -102.49 -40.32 157.46
C GLN G 324 -103.85 -40.24 156.78
N TRP G 325 -104.29 -39.01 156.52
CA TRP G 325 -105.56 -38.77 155.85
C TRP G 325 -105.34 -38.73 154.34
N VAL G 326 -106.11 -39.54 153.62
CA VAL G 326 -105.97 -39.69 152.17
C VAL G 326 -107.33 -39.48 151.52
N HIS G 327 -107.35 -38.71 150.44
CA HIS G 327 -108.55 -38.47 149.65
C HIS G 327 -108.58 -39.47 148.49
N LEU G 328 -109.56 -40.35 148.51
CA LEU G 328 -109.69 -41.40 147.49
C LEU G 328 -110.88 -41.10 146.59
N ARG G 329 -110.75 -41.45 145.32
CA ARG G 329 -111.82 -41.29 144.33
C ARG G 329 -111.76 -42.50 143.39
N PHE G 330 -112.53 -43.53 143.70
CA PHE G 330 -112.56 -44.76 142.92
C PHE G 330 -113.78 -44.71 141.99
N SER G 331 -113.52 -44.65 140.69
CA SER G 331 -114.56 -44.63 139.68
C SER G 331 -114.42 -45.84 138.78
N MET G 332 -115.53 -46.56 138.56
CA MET G 332 -115.51 -47.75 137.72
C MET G 332 -116.86 -47.91 137.06
N GLN G 333 -116.86 -48.65 135.95
CA GLN G 333 -118.07 -48.97 135.21
C GLN G 333 -118.45 -50.43 135.44
N SER G 334 -119.73 -50.65 135.72
CA SER G 334 -120.26 -52.01 135.85
C SER G 334 -121.71 -51.99 135.41
N TYR G 335 -122.02 -52.76 134.37
CA TYR G 335 -123.35 -52.79 133.79
C TYR G 335 -124.31 -53.73 134.52
N ASN G 336 -123.83 -54.41 135.56
CA ASN G 336 -124.70 -55.32 136.30
C ASN G 336 -125.90 -54.60 136.90
N GLY G 337 -125.74 -53.33 137.26
CA GLY G 337 -126.80 -52.54 137.83
C GLY G 337 -126.77 -52.40 139.33
N TYR G 338 -125.91 -53.14 140.02
CA TYR G 338 -125.85 -53.06 141.48
C TYR G 338 -124.58 -53.78 141.93
N ASP G 339 -124.24 -53.57 143.20
CA ASP G 339 -123.12 -54.27 143.83
C ASP G 339 -123.14 -53.96 145.32
N ASN G 340 -122.84 -54.98 146.14
CA ASN G 340 -122.80 -54.80 147.59
C ASN G 340 -121.40 -54.47 148.09
N ALA G 341 -120.36 -54.99 147.44
CA ALA G 341 -118.98 -54.75 147.83
C ALA G 341 -118.30 -53.74 146.90
N CYS G 342 -119.04 -52.72 146.47
CA CYS G 342 -118.49 -51.74 145.53
C CYS G 342 -117.14 -51.16 145.97
N PRO G 343 -116.92 -50.80 147.24
CA PRO G 343 -115.62 -50.23 147.60
C PRO G 343 -114.45 -51.14 147.30
N TYR G 344 -114.62 -52.46 147.41
CA TYR G 344 -113.54 -53.40 147.16
C TYR G 344 -112.33 -53.11 148.05
N ILE G 345 -112.61 -52.71 149.29
CA ILE G 345 -111.57 -52.35 150.25
C ILE G 345 -111.42 -53.50 151.24
N TYR G 346 -110.20 -54.01 151.36
CA TYR G 346 -109.88 -55.11 152.26
C TYR G 346 -108.88 -54.63 153.29
N ALA G 347 -109.17 -54.89 154.57
CA ALA G 347 -108.31 -54.46 155.67
C ALA G 347 -107.97 -55.66 156.55
N SER G 348 -106.79 -55.61 157.16
CA SER G 348 -106.33 -56.68 158.01
C SER G 348 -107.21 -56.79 159.26
N ALA G 349 -107.33 -58.01 159.78
CA ALA G 349 -108.13 -58.24 160.98
C ALA G 349 -107.59 -57.42 162.14
N GLY G 350 -108.49 -56.79 162.88
CA GLY G 350 -108.12 -55.95 163.99
C GLY G 350 -107.67 -54.55 163.64
N ALA G 351 -107.64 -54.21 162.35
CA ALA G 351 -107.22 -52.87 161.94
C ALA G 351 -108.28 -51.86 162.32
N GLN G 352 -107.86 -50.75 162.92
CA GLN G 352 -108.74 -49.65 163.28
C GLN G 352 -108.65 -48.60 162.18
N ILE G 353 -109.72 -48.43 161.43
CA ILE G 353 -109.78 -47.50 160.30
C ILE G 353 -110.71 -46.36 160.68
N ALA G 354 -110.21 -45.13 160.55
CA ALA G 354 -111.00 -43.94 160.80
C ALA G 354 -111.47 -43.37 159.47
N PHE G 355 -112.72 -42.88 159.44
CA PHE G 355 -113.30 -42.36 158.22
C PHE G 355 -114.32 -41.28 158.59
N ALA G 356 -114.46 -40.31 157.69
CA ALA G 356 -115.39 -39.22 157.90
C ALA G 356 -115.81 -38.64 156.56
N CYS G 357 -117.03 -38.10 156.52
CA CYS G 357 -117.58 -37.44 155.34
C CYS G 357 -117.46 -38.31 154.07
N PRO G 358 -118.07 -39.49 154.05
CA PRO G 358 -118.14 -40.25 152.80
C PRO G 358 -119.04 -39.53 151.80
N ALA G 359 -118.77 -39.76 150.52
CA ALA G 359 -119.55 -39.14 149.45
C ALA G 359 -119.59 -40.08 148.25
N TRP G 360 -120.79 -40.41 147.79
CA TRP G 360 -120.99 -41.27 146.64
C TRP G 360 -121.79 -40.54 145.58
N PHE G 361 -121.56 -40.90 144.31
CA PHE G 361 -122.25 -40.31 143.19
C PHE G 361 -122.65 -41.41 142.21
N GLY G 362 -123.66 -41.11 141.40
CA GLY G 362 -124.19 -42.06 140.45
C GLY G 362 -123.42 -42.15 139.14
N GLY G 363 -122.30 -41.46 139.02
CA GLY G 363 -121.53 -41.51 137.80
C GLY G 363 -120.22 -40.76 137.97
N LEU G 364 -119.40 -40.83 136.92
CA LEU G 364 -118.11 -40.16 136.92
C LEU G 364 -118.26 -38.68 137.18
N VAL G 365 -117.70 -38.21 138.30
CA VAL G 365 -117.65 -36.79 138.62
C VAL G 365 -116.29 -36.47 139.20
N ASP G 366 -115.88 -35.21 139.06
CA ASP G 366 -114.57 -34.73 139.48
C ASP G 366 -114.76 -33.50 140.36
N PRO G 367 -115.21 -33.67 141.60
CA PRO G 367 -115.36 -32.53 142.50
C PRO G 367 -114.08 -32.09 143.17
N GLY G 368 -112.94 -32.69 142.83
CA GLY G 368 -111.71 -32.34 143.48
C GLY G 368 -111.65 -32.89 144.90
N ILE G 369 -110.79 -32.27 145.71
CA ILE G 369 -110.63 -32.66 147.12
C ILE G 369 -111.72 -31.92 147.90
N HIS G 370 -112.82 -32.61 148.18
CA HIS G 370 -113.94 -31.99 148.87
C HIS G 370 -113.59 -31.74 150.34
N VAL G 371 -114.32 -30.80 150.94
CA VAL G 371 -114.16 -30.49 152.35
C VAL G 371 -115.39 -30.85 153.18
N ALA G 372 -116.54 -31.06 152.56
CA ALA G 372 -117.75 -31.42 153.28
C ALA G 372 -118.61 -32.29 152.37
N PRO G 373 -119.50 -33.11 152.95
CA PRO G 373 -120.36 -33.96 152.11
C PRO G 373 -121.26 -33.12 151.22
N ILE G 374 -121.52 -33.64 150.02
CA ILE G 374 -122.37 -32.93 149.06
C ILE G 374 -123.82 -33.03 149.50
N LEU G 375 -124.57 -31.95 149.31
CA LEU G 375 -125.91 -31.83 149.85
C LEU G 375 -126.94 -32.52 148.96
N THR G 376 -128.14 -32.67 149.51
CA THR G 376 -129.29 -33.22 148.81
C THR G 376 -130.55 -32.55 149.36
N ILE G 377 -131.71 -33.05 148.96
CA ILE G 377 -132.99 -32.54 149.43
C ILE G 377 -133.84 -33.70 149.89
N ASN G 378 -134.51 -33.53 151.04
CA ASN G 378 -135.39 -34.54 151.59
C ASN G 378 -136.53 -33.84 152.32
N GLY G 379 -137.39 -34.65 152.95
CA GLY G 379 -138.51 -34.07 153.68
C GLY G 379 -138.07 -33.20 154.84
N ALA G 380 -136.95 -33.54 155.48
CA ALA G 380 -136.43 -32.78 156.60
C ALA G 380 -135.45 -31.69 156.18
N SER G 381 -135.26 -31.49 154.87
CA SER G 381 -134.33 -30.47 154.40
C SER G 381 -134.83 -29.06 154.66
N ALA G 382 -136.12 -28.88 154.92
CA ALA G 382 -136.68 -27.55 155.17
C ALA G 382 -136.34 -27.09 156.57
N GLY H 10 -93.84 -22.41 78.08
CA GLY H 10 -92.56 -22.73 77.48
C GLY H 10 -92.03 -21.62 76.60
N LEU H 11 -90.82 -21.15 76.91
CA LEU H 11 -90.19 -20.09 76.14
C LEU H 11 -88.69 -20.20 76.31
N LEU H 12 -87.95 -19.54 75.42
CA LEU H 12 -86.50 -19.62 75.44
C LEU H 12 -85.91 -18.32 74.88
N ILE H 13 -84.64 -18.11 75.18
CA ILE H 13 -83.88 -16.95 74.70
C ILE H 13 -82.59 -17.45 74.07
N ASN H 14 -82.60 -18.70 73.60
CA ASN H 14 -81.38 -19.36 73.16
C ASN H 14 -81.05 -19.02 71.71
N GLY H 15 -79.82 -19.33 71.33
CA GLY H 15 -79.39 -19.29 69.94
C GLY H 15 -79.56 -17.96 69.25
N LEU H 16 -79.04 -16.89 69.86
CA LEU H 16 -79.05 -15.61 69.18
C LEU H 16 -77.83 -15.47 68.27
N PRO H 17 -77.90 -14.65 67.23
CA PRO H 17 -76.70 -14.39 66.43
C PRO H 17 -75.61 -13.75 67.30
N GLY H 18 -74.43 -14.37 67.29
CA GLY H 18 -73.35 -13.92 68.14
C GLY H 18 -73.01 -12.45 68.00
N GLU H 19 -73.41 -11.83 66.89
CA GLU H 19 -73.09 -10.41 66.70
C GLU H 19 -73.74 -9.56 67.78
N GLY H 20 -74.99 -9.86 68.14
CA GLY H 20 -75.71 -9.06 69.11
C GLY H 20 -75.70 -9.64 70.51
N HIS H 21 -74.76 -10.53 70.80
CA HIS H 21 -74.76 -11.18 72.11
C HIS H 21 -74.55 -10.19 73.25
N TYR H 22 -73.98 -9.01 72.96
CA TYR H 22 -73.73 -8.06 74.03
C TYR H 22 -75.02 -7.60 74.70
N SER H 23 -76.05 -7.31 73.90
CA SER H 23 -77.31 -6.84 74.45
C SER H 23 -77.89 -7.88 75.40
N ASP H 24 -77.98 -9.13 74.98
CA ASP H 24 -78.58 -10.15 75.81
C ASP H 24 -77.66 -10.57 76.96
N LEU H 25 -76.35 -10.34 76.83
CA LEU H 25 -75.48 -10.59 77.98
C LEU H 25 -75.68 -9.54 79.06
N ILE H 26 -75.78 -8.27 78.67
CA ILE H 26 -76.13 -7.23 79.64
C ILE H 26 -77.50 -7.51 80.23
N ARG H 27 -78.42 -8.01 79.41
CA ARG H 27 -79.74 -8.44 79.84
C ARG H 27 -79.63 -9.46 80.97
N MET H 28 -79.04 -10.61 80.67
CA MET H 28 -78.90 -11.66 81.68
C MET H 28 -78.13 -11.16 82.89
N TRP H 29 -77.18 -10.25 82.70
CA TRP H 29 -76.47 -9.68 83.84
C TRP H 29 -77.44 -8.93 84.76
N ARG H 30 -78.30 -8.09 84.18
CA ARG H 30 -79.25 -7.34 84.99
C ARG H 30 -80.21 -8.27 85.70
N TRP H 31 -80.71 -9.28 84.98
CA TRP H 31 -81.64 -10.22 85.60
C TRP H 31 -80.99 -11.01 86.73
N ASP H 32 -79.76 -11.47 86.52
CA ASP H 32 -79.04 -12.18 87.58
C ASP H 32 -78.83 -11.27 88.78
N ASP H 33 -78.47 -10.00 88.54
CA ASP H 33 -78.31 -9.06 89.64
C ASP H 33 -79.61 -8.91 90.41
N PHE H 34 -80.74 -8.85 89.70
CA PHE H 34 -82.03 -8.70 90.38
C PHE H 34 -82.42 -9.97 91.13
N LEU H 35 -81.97 -11.13 90.69
CA LEU H 35 -82.41 -12.38 91.31
C LEU H 35 -81.90 -12.57 92.74
N ARG H 36 -81.24 -11.62 93.40
CA ARG H 36 -80.82 -11.85 94.78
C ARG H 36 -82.03 -12.11 95.68
N GLN H 37 -83.08 -11.32 95.52
CA GLN H 37 -84.32 -11.50 96.27
C GLN H 37 -85.49 -10.95 95.47
N PRO H 38 -86.40 -11.81 94.99
CA PRO H 38 -87.54 -11.30 94.19
C PRO H 38 -88.59 -10.62 95.04
N VAL H 39 -88.37 -9.34 95.35
CA VAL H 39 -89.23 -8.57 96.23
C VAL H 39 -89.86 -7.44 95.44
N VAL H 40 -91.14 -7.20 95.69
CA VAL H 40 -91.89 -6.10 95.08
C VAL H 40 -92.31 -5.15 96.19
N LYS H 41 -92.00 -3.86 96.03
CA LYS H 41 -92.39 -2.87 97.01
C LYS H 41 -93.91 -2.71 97.08
N GLY H 42 -94.63 -3.15 96.06
CA GLY H 42 -96.07 -3.07 96.07
C GLY H 42 -96.62 -3.33 94.68
N ARG H 43 -97.95 -3.33 94.61
CA ARG H 43 -98.67 -3.53 93.35
C ARG H 43 -99.16 -2.19 92.84
N VAL H 44 -98.92 -1.92 91.55
CA VAL H 44 -99.28 -0.65 90.92
C VAL H 44 -100.03 -0.95 89.64
N ALA H 45 -101.14 -0.25 89.42
CA ALA H 45 -101.88 -0.34 88.17
C ALA H 45 -101.31 0.58 87.10
N THR H 46 -100.31 1.38 87.43
CA THR H 46 -99.67 2.28 86.47
C THR H 46 -98.20 2.40 86.82
N LEU H 47 -97.37 2.57 85.80
CA LEU H 47 -95.94 2.70 86.01
C LEU H 47 -95.65 3.98 86.79
N PRO H 48 -94.93 3.91 87.92
CA PRO H 48 -94.58 5.16 88.63
C PRO H 48 -93.79 6.12 87.75
N THR H 49 -94.37 7.27 87.44
CA THR H 49 -93.72 8.24 86.57
C THR H 49 -92.66 9.07 87.29
N THR H 50 -92.61 9.03 88.62
CA THR H 50 -91.64 9.81 89.37
C THR H 50 -91.32 9.09 90.67
N GLY H 51 -90.18 9.47 91.26
CA GLY H 51 -89.77 8.90 92.52
C GLY H 51 -89.43 7.42 92.48
N GLN H 52 -88.72 6.98 91.45
CA GLN H 52 -88.27 5.60 91.33
C GLN H 52 -86.79 5.58 90.93
N ALA H 53 -86.10 4.55 91.40
CA ALA H 53 -84.67 4.39 91.12
C ALA H 53 -84.35 2.91 91.13
N GLU H 54 -83.05 2.59 91.10
CA GLU H 54 -82.64 1.19 91.16
C GLU H 54 -83.07 0.56 92.48
N GLY H 55 -83.51 -0.69 92.41
CA GLY H 55 -84.01 -1.40 93.58
C GLY H 55 -85.49 -1.26 93.80
N ASP H 56 -86.18 -0.41 93.04
CA ASP H 56 -87.62 -0.23 93.17
C ASP H 56 -88.33 -1.16 92.19
N THR H 57 -89.14 -2.06 92.72
CA THR H 57 -89.90 -3.01 91.91
C THR H 57 -91.36 -2.93 92.30
N TYR H 58 -92.22 -2.63 91.32
CA TYR H 58 -93.66 -2.58 91.52
C TYR H 58 -94.33 -3.46 90.48
N ILE H 59 -95.36 -4.19 90.92
CA ILE H 59 -96.08 -5.10 90.03
C ILE H 59 -97.03 -4.26 89.17
N PHE H 60 -96.70 -4.12 87.90
CA PHE H 60 -97.54 -3.37 86.96
C PHE H 60 -98.72 -4.24 86.57
N THR H 61 -99.83 -4.06 87.26
CA THR H 61 -101.05 -4.82 87.03
C THR H 61 -102.14 -3.95 86.40
N GLY H 62 -101.74 -2.96 85.61
CA GLY H 62 -102.71 -2.13 84.92
C GLY H 62 -103.46 -2.90 83.86
N SER H 63 -104.64 -2.37 83.51
CA SER H 63 -105.47 -3.02 82.50
C SER H 63 -104.70 -3.15 81.20
N GLY H 64 -104.74 -4.34 80.61
CA GLY H 64 -104.06 -4.64 79.38
C GLY H 64 -103.41 -6.01 79.46
N SER H 65 -102.58 -6.30 78.46
CA SER H 65 -101.89 -7.59 78.39
C SER H 65 -100.63 -7.62 79.24
N ASN H 66 -100.21 -6.49 79.81
CA ASN H 66 -99.00 -6.43 80.65
C ASN H 66 -99.31 -6.65 82.13
N GLN H 67 -100.40 -7.34 82.45
CA GLN H 67 -100.74 -7.59 83.84
C GLN H 67 -99.67 -8.43 84.51
N ASN H 68 -99.34 -8.05 85.76
CA ASN H 68 -98.37 -8.73 86.61
C ASN H 68 -96.93 -8.55 86.14
N ARG H 69 -96.71 -7.85 85.03
CA ARG H 69 -95.34 -7.61 84.57
C ARG H 69 -94.63 -6.68 85.55
N LEU H 70 -93.38 -7.00 85.85
CA LEU H 70 -92.61 -6.17 86.77
C LEU H 70 -92.20 -4.87 86.10
N ALA H 71 -91.91 -3.87 86.93
CA ALA H 71 -91.62 -2.52 86.47
C ALA H 71 -90.37 -1.98 87.15
N ARG H 72 -89.30 -2.78 87.18
CA ARG H 72 -88.06 -2.34 87.79
C ARG H 72 -87.45 -1.22 86.97
N TRP H 73 -87.10 -0.12 87.65
CA TRP H 73 -86.45 1.03 87.03
C TRP H 73 -84.94 0.90 87.21
N TRP H 74 -84.20 1.03 86.11
CA TRP H 74 -82.75 0.80 86.08
C TRP H 74 -82.08 2.09 85.61
N ALA H 75 -81.74 2.96 86.56
CA ALA H 75 -81.13 4.24 86.26
C ALA H 75 -79.72 4.36 86.83
N THR H 76 -79.53 4.04 88.10
CA THR H 76 -78.22 4.18 88.72
C THR H 76 -77.20 3.35 87.94
N GLY H 77 -76.07 3.99 87.62
CA GLY H 77 -75.04 3.30 86.86
C GLY H 77 -75.53 2.73 85.56
N ALA H 78 -76.35 3.49 84.83
CA ALA H 78 -76.98 3.01 83.59
C ALA H 78 -76.84 4.06 82.51
N THR H 79 -76.81 3.58 81.26
CA THR H 79 -76.75 4.49 80.12
C THR H 79 -78.13 5.11 79.85
N THR H 80 -79.17 4.27 79.81
CA THR H 80 -80.53 4.73 79.60
C THR H 80 -81.47 3.82 80.37
N ALA H 81 -82.34 4.42 81.19
CA ALA H 81 -83.24 3.65 82.03
C ALA H 81 -84.51 3.29 81.27
N ILE H 82 -84.90 2.02 81.35
CA ILE H 82 -86.11 1.52 80.71
C ILE H 82 -86.86 0.65 81.70
N TRP H 83 -88.18 0.54 81.50
CA TRP H 83 -89.03 -0.30 82.34
C TRP H 83 -88.93 -1.74 81.86
N GLU H 84 -87.89 -2.42 82.32
CA GLU H 84 -87.72 -3.83 81.97
C GLU H 84 -88.93 -4.62 82.44
N TYR H 85 -89.45 -5.47 81.55
CA TYR H 85 -90.69 -6.20 81.78
C TYR H 85 -90.41 -7.67 82.02
N MET H 86 -91.13 -8.26 82.97
CA MET H 86 -90.97 -9.66 83.36
C MET H 86 -92.33 -10.34 83.34
N PRO H 87 -92.79 -10.75 82.16
CA PRO H 87 -94.08 -11.46 82.08
C PRO H 87 -94.06 -12.74 82.89
N PRO H 88 -94.86 -12.83 83.96
CA PRO H 88 -94.90 -14.08 84.72
C PRO H 88 -95.82 -15.10 84.08
N ARG H 89 -95.31 -16.32 83.92
CA ARG H 89 -96.09 -17.46 83.43
C ARG H 89 -96.30 -18.40 84.60
N LEU H 90 -97.53 -18.49 85.10
CA LEU H 90 -97.86 -19.37 86.20
C LEU H 90 -97.04 -19.01 87.43
N GLY H 91 -97.25 -17.79 87.91
CA GLY H 91 -96.47 -17.23 89.01
C GLY H 91 -96.50 -18.07 90.27
N TRP H 92 -95.73 -17.68 91.28
CA TRP H 92 -95.61 -18.47 92.51
C TRP H 92 -95.25 -17.54 93.65
N ARG H 93 -94.83 -18.13 94.78
CA ARG H 93 -94.59 -17.38 96.00
C ARG H 93 -93.67 -16.20 95.76
N VAL H 94 -94.18 -14.99 96.03
CA VAL H 94 -93.39 -13.77 95.94
C VAL H 94 -93.54 -13.01 97.25
N GLN H 95 -92.42 -12.69 97.88
CA GLN H 95 -92.42 -12.10 99.20
C GLN H 95 -92.69 -10.59 99.13
N VAL H 96 -93.17 -10.05 100.26
CA VAL H 96 -93.41 -8.62 100.41
C VAL H 96 -92.86 -8.19 101.76
N ALA H 97 -92.24 -7.01 101.79
CA ALA H 97 -91.48 -6.56 102.94
C ALA H 97 -92.16 -5.44 103.74
N ASN H 98 -92.59 -4.38 103.07
CA ASN H 98 -93.00 -3.17 103.79
C ASN H 98 -94.09 -3.47 104.81
N GLU H 99 -95.07 -4.28 104.44
CA GLU H 99 -96.19 -4.61 105.32
C GLU H 99 -96.10 -6.08 105.73
N THR H 100 -96.46 -6.36 106.99
CA THR H 100 -96.40 -7.71 107.53
C THR H 100 -97.54 -7.89 108.52
N THR H 101 -97.86 -9.15 108.78
CA THR H 101 -98.95 -9.49 109.69
C THR H 101 -98.54 -9.23 111.14
N PRO H 102 -99.51 -9.15 112.05
CA PRO H 102 -99.17 -8.88 113.46
C PRO H 102 -98.24 -9.93 114.06
N SER H 103 -98.36 -11.19 113.63
CA SER H 103 -97.57 -12.28 114.19
C SER H 103 -96.17 -12.38 113.57
N GLY H 104 -95.72 -11.35 112.87
CA GLY H 104 -94.41 -11.36 112.25
C GLY H 104 -94.34 -12.07 110.92
N GLN H 105 -95.44 -12.62 110.43
CA GLN H 105 -95.44 -13.29 109.15
C GLN H 105 -95.36 -12.27 108.02
N VAL H 106 -94.43 -12.47 107.11
CA VAL H 106 -94.23 -11.55 105.99
C VAL H 106 -95.26 -11.86 104.91
N LYS H 107 -95.93 -10.82 104.43
CA LYS H 107 -96.93 -10.99 103.39
C LYS H 107 -96.30 -11.58 102.13
N THR H 108 -96.98 -12.55 101.54
CA THR H 108 -96.48 -13.23 100.34
C THR H 108 -97.68 -13.62 99.49
N TYR H 109 -97.80 -12.98 98.33
CA TYR H 109 -98.91 -13.26 97.39
C TYR H 109 -98.46 -14.36 96.44
N GLU H 110 -98.85 -15.60 96.78
CA GLU H 110 -98.61 -16.72 95.89
C GLU H 110 -99.58 -16.65 94.71
N TYR H 111 -99.07 -16.33 93.53
CA TYR H 111 -99.89 -16.24 92.34
C TYR H 111 -100.20 -17.65 91.85
N SER H 112 -101.48 -18.02 91.88
CA SER H 112 -101.91 -19.36 91.49
C SER H 112 -102.13 -19.48 89.99
N GLY H 113 -101.58 -18.57 89.19
CA GLY H 113 -101.77 -18.58 87.76
C GLY H 113 -102.98 -17.80 87.28
N THR H 114 -103.91 -17.48 88.18
CA THR H 114 -105.08 -16.67 87.86
C THR H 114 -105.36 -15.57 88.87
N ALA H 115 -104.87 -15.70 90.11
CA ALA H 115 -105.11 -14.69 91.13
C ALA H 115 -103.97 -14.73 92.14
N TRP H 116 -103.84 -13.65 92.90
CA TRP H 116 -102.80 -13.55 93.93
C TRP H 116 -103.31 -14.21 95.20
N VAL H 117 -102.76 -15.38 95.52
CA VAL H 117 -103.20 -16.18 96.65
C VAL H 117 -102.20 -16.01 97.79
N GLU H 118 -102.71 -15.98 99.02
CA GLU H 118 -101.86 -15.84 100.19
C GLU H 118 -101.07 -17.11 100.45
N LEU H 119 -99.88 -16.94 101.04
CA LEU H 119 -99.07 -18.09 101.42
C LEU H 119 -99.77 -18.89 102.51
N VAL H 120 -99.56 -20.20 102.49
CA VAL H 120 -100.27 -21.13 103.36
C VAL H 120 -99.29 -22.13 103.97
N GLY H 121 -99.70 -22.73 105.07
CA GLY H 121 -98.94 -23.77 105.73
C GLY H 121 -99.86 -24.76 106.40
N GLY H 122 -99.43 -25.28 107.54
CA GLY H 122 -100.23 -26.24 108.30
C GLY H 122 -99.65 -27.64 108.29
N MET H 123 -99.56 -28.26 109.46
CA MET H 123 -99.00 -29.59 109.59
C MET H 123 -99.99 -30.63 110.13
N SER H 124 -101.08 -30.20 110.75
CA SER H 124 -102.00 -31.11 111.41
C SER H 124 -103.42 -30.87 110.93
N ASP H 125 -104.14 -31.96 110.68
CA ASP H 125 -105.55 -31.91 110.32
C ASP H 125 -106.29 -32.96 111.13
N ALA H 126 -107.46 -32.59 111.64
CA ALA H 126 -108.25 -33.51 112.44
C ALA H 126 -108.64 -34.72 111.60
N PRO H 127 -108.44 -35.94 112.07
CA PRO H 127 -108.97 -37.10 111.34
C PRO H 127 -110.47 -36.98 111.13
N SER H 128 -110.93 -37.39 109.95
CA SER H 128 -112.34 -37.30 109.60
C SER H 128 -113.07 -38.55 110.07
N ASP H 129 -113.35 -38.56 111.38
CA ASP H 129 -114.04 -39.67 112.02
C ASP H 129 -115.10 -39.18 113.00
N GLY H 130 -115.59 -37.96 112.79
CA GLY H 130 -116.65 -37.42 113.62
C GLY H 130 -116.24 -37.06 115.03
N LYS H 131 -114.95 -36.80 115.27
CA LYS H 131 -114.44 -36.49 116.58
C LYS H 131 -113.74 -35.14 116.56
N ALA H 132 -113.90 -34.38 117.64
CA ALA H 132 -113.35 -33.02 117.75
C ALA H 132 -112.10 -33.03 118.62
N TYR H 133 -111.02 -32.47 118.10
CA TYR H 133 -109.70 -32.54 118.74
C TYR H 133 -109.23 -31.14 119.10
N ALA H 134 -108.42 -31.07 120.16
CA ALA H 134 -107.84 -29.83 120.64
C ALA H 134 -106.36 -30.04 120.90
N ARG H 135 -105.59 -28.97 120.71
CA ARG H 135 -104.15 -29.05 120.90
C ARG H 135 -103.82 -29.31 122.37
N GLU H 136 -102.83 -30.18 122.60
CA GLU H 136 -102.43 -30.54 123.96
C GLU H 136 -100.97 -30.96 123.92
N SER H 137 -100.10 -30.15 124.54
CA SER H 137 -98.68 -30.47 124.64
C SER H 137 -98.08 -30.79 123.28
N GLY H 138 -98.44 -29.98 122.29
CA GLY H 138 -97.93 -30.17 120.94
C GLY H 138 -98.61 -31.26 120.15
N ALA H 139 -99.69 -31.85 120.68
CA ALA H 139 -100.44 -32.88 119.99
C ALA H 139 -101.92 -32.60 120.12
N TRP H 140 -102.68 -33.03 119.11
CA TRP H 140 -104.12 -32.83 119.10
C TRP H 140 -104.79 -33.96 119.87
N THR H 141 -105.58 -33.59 120.88
CA THR H 141 -106.25 -34.55 121.76
C THR H 141 -107.75 -34.45 121.58
N GLU H 142 -108.41 -35.60 121.62
CA GLU H 142 -109.86 -35.65 121.39
C GLU H 142 -110.62 -35.00 122.54
N LEU H 143 -111.69 -34.29 122.20
CA LEU H 143 -112.57 -33.65 123.17
C LEU H 143 -113.83 -34.47 123.38
N GLY H 144 -114.47 -34.27 124.52
CA GLY H 144 -115.70 -34.97 124.83
C GLY H 144 -116.93 -34.29 124.26
N SER H 145 -118.06 -34.96 124.41
CA SER H 145 -119.32 -34.41 123.92
C SER H 145 -119.76 -33.20 124.73
N ALA H 146 -119.46 -33.19 126.03
CA ALA H 146 -119.89 -32.08 126.87
C ALA H 146 -119.31 -30.74 126.42
N ALA H 147 -118.20 -30.76 125.69
CA ALA H 147 -117.58 -29.52 125.24
C ALA H 147 -118.53 -28.74 124.32
N LYS H 148 -119.16 -29.44 123.39
CA LYS H 148 -120.04 -28.77 122.43
C LYS H 148 -121.27 -28.19 123.14
N SER H 149 -121.82 -28.91 124.10
CA SER H 149 -123.04 -28.47 124.77
C SER H 149 -122.79 -27.19 125.57
N ALA H 150 -123.83 -26.36 125.67
CA ALA H 150 -123.76 -25.11 126.40
C ALA H 150 -124.09 -25.37 127.88
N LEU H 151 -124.28 -24.29 128.63
CA LEU H 151 -124.59 -24.39 130.06
C LEU H 151 -125.96 -23.87 130.43
N ASN H 152 -126.68 -23.23 129.52
CA ASN H 152 -128.01 -22.69 129.81
C ASN H 152 -129.09 -23.77 129.77
N VAL H 153 -128.80 -24.95 129.25
CA VAL H 153 -129.81 -25.99 129.05
C VAL H 153 -129.63 -27.11 130.06
N LEU H 154 -128.47 -27.14 130.72
CA LEU H 154 -128.18 -28.23 131.66
C LEU H 154 -129.21 -28.22 132.79
N PRO H 155 -129.91 -29.33 133.04
CA PRO H 155 -130.98 -29.34 134.06
C PRO H 155 -130.49 -29.59 135.50
N PHE H 156 -129.96 -28.54 136.11
CA PHE H 156 -129.52 -28.61 137.50
C PHE H 156 -130.70 -28.37 138.44
N MET H 157 -130.43 -28.46 139.73
CA MET H 157 -131.47 -28.52 140.75
C MET H 157 -131.43 -27.29 141.65
N ASN H 158 -132.61 -26.75 141.94
CA ASN H 158 -132.72 -25.68 142.92
C ASN H 158 -132.60 -26.24 144.33
N LEU H 159 -131.97 -25.47 145.21
CA LEU H 159 -131.88 -25.83 146.62
C LEU H 159 -133.07 -25.31 147.43
N MET H 160 -134.00 -24.59 146.80
CA MET H 160 -135.19 -24.07 147.46
C MET H 160 -136.25 -25.15 147.52
N PRO H 161 -136.81 -25.48 148.69
CA PRO H 161 -137.88 -26.49 148.73
C PRO H 161 -139.20 -25.98 148.17
N ASP H 162 -139.53 -24.71 148.36
CA ASP H 162 -140.80 -24.16 147.91
C ASP H 162 -140.67 -23.36 146.62
N MET H 163 -139.52 -23.43 145.95
CA MET H 163 -139.24 -22.79 144.67
C MET H 163 -139.33 -21.27 144.72
N GLY H 164 -139.45 -20.67 145.90
CA GLY H 164 -139.68 -19.24 145.98
C GLY H 164 -141.11 -18.82 145.75
N ARG H 165 -142.01 -19.78 145.55
CA ARG H 165 -143.43 -19.46 145.39
C ARG H 165 -144.07 -18.97 146.69
N PHE H 166 -143.37 -19.05 147.81
CA PHE H 166 -143.90 -18.60 149.09
C PHE H 166 -145.23 -19.28 149.41
N ALA H 167 -145.29 -20.58 149.10
CA ALA H 167 -146.49 -21.38 149.36
C ALA H 167 -146.23 -22.55 150.28
N GLY H 168 -145.00 -22.71 150.78
CA GLY H 168 -144.67 -23.79 151.69
C GLY H 168 -144.14 -25.02 150.96
N THR H 169 -143.38 -25.82 151.71
CA THR H 169 -142.82 -27.05 151.15
C THR H 169 -143.90 -28.08 150.86
N ALA H 170 -145.06 -28.00 151.53
CA ALA H 170 -146.12 -28.96 151.28
C ALA H 170 -146.65 -28.86 149.86
N ALA H 171 -146.58 -27.67 149.26
CA ALA H 171 -147.04 -27.50 147.89
C ALA H 171 -146.21 -28.34 146.93
N ASN H 172 -146.87 -28.97 145.97
CA ASN H 172 -146.18 -29.84 145.03
C ASN H 172 -145.40 -29.03 144.02
N PRO H 173 -144.06 -29.17 143.94
CA PRO H 173 -143.32 -28.47 142.90
C PRO H 173 -143.65 -28.91 141.49
N LEU H 174 -144.22 -30.10 141.33
CA LEU H 174 -144.44 -30.68 140.00
C LEU H 174 -145.76 -30.27 139.37
N ALA H 175 -146.58 -29.49 140.06
CA ALA H 175 -147.89 -29.07 139.57
C ALA H 175 -147.84 -27.64 139.08
N THR H 176 -148.47 -27.40 137.92
CA THR H 176 -148.54 -26.04 137.38
C THR H 176 -149.30 -25.11 138.33
N MET H 177 -150.41 -25.59 138.88
CA MET H 177 -151.28 -24.80 139.73
C MET H 177 -151.22 -25.30 141.17
N PHE H 178 -151.31 -24.38 142.12
CA PHE H 178 -151.36 -24.69 143.54
C PHE H 178 -152.50 -23.90 144.18
N THR H 179 -153.14 -24.54 145.17
CA THR H 179 -154.22 -23.91 145.91
C THR H 179 -153.79 -23.39 147.28
N THR H 180 -152.58 -23.71 147.72
CA THR H 180 -152.10 -23.26 149.02
C THR H 180 -151.91 -21.74 149.02
N SER H 181 -152.16 -21.14 150.19
CA SER H 181 -152.07 -19.70 150.34
C SER H 181 -150.61 -19.28 150.49
N TRP H 182 -150.39 -17.98 150.66
CA TRP H 182 -149.04 -17.45 150.82
C TRP H 182 -148.42 -17.99 152.10
N THR H 183 -147.10 -18.22 152.04
CA THR H 183 -146.37 -18.77 153.17
C THR H 183 -144.95 -18.21 153.13
N PRO H 184 -144.41 -17.71 154.24
CA PRO H 184 -143.05 -17.20 154.22
C PRO H 184 -142.03 -18.30 153.93
N SER H 185 -140.93 -17.90 153.29
CA SER H 185 -139.87 -18.82 152.92
C SER H 185 -138.69 -18.64 153.86
N SER H 186 -138.18 -19.76 154.39
CA SER H 186 -137.07 -19.69 155.34
C SER H 186 -135.80 -19.18 154.67
N PHE H 187 -135.65 -19.40 153.36
CA PHE H 187 -134.43 -18.98 152.68
C PHE H 187 -134.24 -17.47 152.71
N LEU H 188 -135.30 -16.70 152.93
CA LEU H 188 -135.21 -15.27 153.13
C LEU H 188 -135.57 -14.95 154.58
N ASN H 189 -134.70 -14.22 155.26
CA ASN H 189 -134.89 -13.85 156.64
C ASN H 189 -134.65 -12.36 156.79
N GLY H 190 -135.61 -11.66 157.38
CA GLY H 190 -135.47 -10.22 157.52
C GLY H 190 -134.28 -9.86 158.39
N TRP H 191 -133.56 -8.81 157.99
CA TRP H 191 -132.41 -8.32 158.73
C TRP H 191 -132.58 -6.83 158.99
N ASN H 192 -132.00 -6.36 160.10
CA ASN H 192 -132.11 -4.97 160.51
C ASN H 192 -133.57 -4.56 160.66
N GLY H 193 -134.40 -5.49 161.13
CA GLY H 193 -135.81 -5.22 161.32
C GLY H 193 -136.63 -5.23 160.05
N ALA H 194 -136.09 -5.76 158.95
CA ALA H 194 -136.82 -5.76 157.68
C ALA H 194 -138.08 -6.61 157.79
N THR H 195 -139.14 -6.14 157.13
CA THR H 195 -140.42 -6.83 157.11
C THR H 195 -140.71 -7.30 155.69
N VAL H 196 -141.14 -8.56 155.57
CA VAL H 196 -141.46 -9.18 154.28
C VAL H 196 -142.95 -9.44 154.25
N ALA H 197 -143.61 -8.95 153.20
CA ALA H 197 -145.06 -9.08 153.05
C ALA H 197 -145.38 -9.49 151.62
N ASP H 198 -146.54 -10.13 151.47
CA ASP H 198 -146.99 -10.56 150.15
C ASP H 198 -147.22 -9.34 149.26
N GLY H 199 -146.79 -9.46 148.00
CA GLY H 199 -146.91 -8.37 147.05
C GLY H 199 -147.90 -8.64 145.94
N GLY H 200 -148.03 -9.90 145.54
CA GLY H 200 -148.95 -10.26 144.48
C GLY H 200 -148.83 -11.72 144.14
N LYS H 201 -149.65 -12.13 143.17
CA LYS H 201 -149.69 -13.52 142.73
C LYS H 201 -150.14 -13.57 141.28
N PHE H 202 -149.56 -14.49 140.52
CA PHE H 202 -149.96 -14.78 139.16
C PHE H 202 -150.72 -16.08 139.13
N ALA H 203 -151.94 -16.06 138.58
CA ALA H 203 -152.84 -17.20 138.60
C ALA H 203 -153.00 -17.76 137.20
N PHE H 204 -153.02 -19.09 137.11
CA PHE H 204 -153.34 -19.75 135.84
C PHE H 204 -154.76 -19.44 135.43
N ASP H 205 -154.99 -19.31 134.12
CA ASP H 205 -156.30 -18.95 133.58
C ASP H 205 -156.77 -17.63 134.16
N ASN H 206 -155.87 -16.66 134.25
CA ASN H 206 -156.20 -15.36 134.83
C ASN H 206 -157.20 -14.62 133.96
N SER H 207 -158.00 -13.78 134.60
CA SER H 207 -159.05 -13.03 133.91
C SER H 207 -158.53 -11.77 133.23
N THR H 208 -157.30 -11.34 133.52
CA THR H 208 -156.79 -10.14 132.88
C THR H 208 -156.66 -10.32 131.38
N ASN H 209 -156.49 -11.56 130.91
CA ASN H 209 -156.32 -11.85 129.49
C ASN H 209 -157.53 -12.59 128.92
N GLY H 210 -158.72 -12.27 129.40
CA GLY H 210 -159.94 -12.86 128.87
C GLY H 210 -160.39 -14.14 129.56
N GLY H 211 -159.85 -14.46 130.72
CA GLY H 211 -160.21 -15.66 131.46
C GLY H 211 -161.26 -15.38 132.52
N ALA H 212 -161.27 -16.24 133.54
CA ALA H 212 -162.17 -16.10 134.66
C ALA H 212 -161.48 -16.17 136.02
N GLY H 213 -160.14 -16.24 136.04
CA GLY H 213 -159.40 -16.34 137.28
C GLY H 213 -159.07 -14.99 137.88
N PRO H 214 -158.24 -14.99 138.93
CA PRO H 214 -157.85 -13.72 139.56
C PRO H 214 -157.12 -12.80 138.57
N ALA H 215 -157.32 -11.51 138.77
CA ALA H 215 -156.66 -10.52 137.93
C ALA H 215 -155.21 -10.33 138.36
N LEU H 216 -154.44 -9.66 137.50
CA LEU H 216 -153.03 -9.41 137.72
C LEU H 216 -152.82 -7.93 138.03
N ASN H 217 -152.07 -7.65 139.09
CA ASN H 217 -151.79 -6.29 139.49
C ASN H 217 -150.61 -5.73 138.68
N ALA H 218 -150.42 -4.41 138.78
CA ALA H 218 -149.46 -3.71 137.93
C ALA H 218 -148.09 -4.37 137.97
N ARG H 219 -147.67 -4.83 139.16
CA ARG H 219 -146.35 -5.43 139.29
C ARG H 219 -146.21 -6.65 138.38
N VAL H 220 -147.28 -7.44 138.24
CA VAL H 220 -147.21 -8.64 137.41
C VAL H 220 -147.06 -8.26 135.94
N GLN H 221 -147.82 -7.27 135.46
CA GLN H 221 -147.64 -6.83 134.08
C GLN H 221 -146.24 -6.29 133.85
N ALA H 222 -145.71 -5.52 134.81
CA ALA H 222 -144.35 -5.00 134.64
C ALA H 222 -143.35 -6.13 134.54
N LEU H 223 -143.46 -7.14 135.42
CA LEU H 223 -142.57 -8.28 135.36
C LEU H 223 -142.67 -9.00 134.03
N LEU H 224 -143.91 -9.28 133.59
CA LEU H 224 -144.10 -10.02 132.35
C LEU H 224 -143.53 -9.26 131.16
N ALA H 225 -143.73 -7.95 131.12
CA ALA H 225 -143.13 -7.14 130.08
C ALA H 225 -141.60 -7.23 130.14
N ALA H 226 -141.04 -7.19 131.35
CA ALA H 226 -139.60 -7.37 131.49
C ALA H 226 -139.16 -8.75 131.01
N MET H 227 -139.94 -9.79 131.36
CA MET H 227 -139.60 -11.14 130.91
C MET H 227 -139.72 -11.31 129.40
N GLY H 228 -140.47 -10.43 128.74
CA GLY H 228 -140.75 -10.59 127.33
C GLY H 228 -141.91 -11.52 127.03
N ARG H 229 -142.57 -12.06 128.06
CA ARG H 229 -143.72 -12.94 127.88
C ARG H 229 -144.96 -12.10 127.63
N THR H 230 -145.03 -11.54 126.42
CA THR H 230 -146.15 -10.70 126.02
C THR H 230 -147.18 -11.43 125.18
N TRP H 231 -146.79 -12.54 124.53
CA TRP H 231 -147.72 -13.29 123.72
C TRP H 231 -148.74 -14.02 124.60
N THR H 232 -149.90 -14.31 124.02
CA THR H 232 -150.96 -14.96 124.77
C THR H 232 -150.52 -16.33 125.30
N SER H 233 -149.80 -17.09 124.46
CA SER H 233 -149.38 -18.42 124.88
C SER H 233 -148.48 -18.38 126.10
N VAL H 234 -147.74 -17.29 126.29
CA VAL H 234 -146.81 -17.17 127.41
C VAL H 234 -147.23 -16.10 128.41
N SER H 235 -148.13 -15.20 128.05
CA SER H 235 -148.64 -14.18 128.96
C SER H 235 -149.98 -14.56 129.57
N ARG H 236 -150.87 -15.16 128.79
CA ARG H 236 -152.18 -15.58 129.27
C ARG H 236 -152.12 -16.89 130.06
N TYR H 237 -151.04 -17.65 129.93
CA TYR H 237 -150.85 -18.89 130.68
C TYR H 237 -149.49 -18.86 131.37
N GLY H 238 -149.37 -19.65 132.43
CA GLY H 238 -148.11 -19.76 133.13
C GLY H 238 -148.28 -20.45 134.46
N VAL H 239 -147.15 -20.66 135.13
CA VAL H 239 -147.12 -21.34 136.42
C VAL H 239 -147.39 -20.32 137.51
N GLU H 240 -148.12 -20.75 138.54
CA GLU H 240 -148.50 -19.86 139.63
C GLU H 240 -147.34 -19.69 140.61
N PHE H 241 -147.33 -18.55 141.29
CA PHE H 241 -146.33 -18.23 142.30
C PHE H 241 -146.71 -16.90 142.93
N PHE H 242 -146.18 -16.66 144.14
CA PHE H 242 -146.43 -15.43 144.87
C PHE H 242 -145.24 -14.50 144.76
N THR H 243 -145.51 -13.21 144.96
CA THR H 243 -144.49 -12.18 145.01
C THR H 243 -144.56 -11.47 146.35
N ALA H 244 -143.40 -11.07 146.87
CA ALA H 244 -143.31 -10.42 148.17
C ALA H 244 -142.46 -9.17 148.07
N VAL H 245 -142.76 -8.20 148.93
CA VAL H 245 -142.04 -6.93 148.98
C VAL H 245 -141.44 -6.78 150.38
N LEU H 246 -140.14 -6.51 150.44
CA LEU H 246 -139.42 -6.37 151.69
C LEU H 246 -139.18 -4.89 151.97
N THR H 247 -139.55 -4.45 153.17
CA THR H 247 -139.35 -3.08 153.60
C THR H 247 -138.18 -3.03 154.56
N ALA H 248 -137.17 -2.23 154.24
CA ALA H 248 -136.00 -2.12 155.09
C ALA H 248 -136.38 -1.56 156.45
N GLY H 249 -135.83 -2.17 157.51
CA GLY H 249 -136.11 -1.75 158.86
C GLY H 249 -135.31 -0.53 159.27
N SER H 250 -135.62 -0.03 160.46
CA SER H 250 -134.98 1.17 160.98
C SER H 250 -133.60 0.90 161.59
N GLN H 251 -133.23 -0.36 161.77
CA GLN H 251 -131.93 -0.68 162.35
C GLN H 251 -130.81 -0.28 161.39
N THR H 252 -129.65 0.02 161.96
CA THR H 252 -128.49 0.52 161.21
C THR H 252 -127.25 -0.31 161.53
N THR H 253 -127.39 -1.63 161.47
CA THR H 253 -126.30 -2.55 161.72
C THR H 253 -125.73 -3.06 160.40
N THR H 254 -124.44 -3.39 160.42
CA THR H 254 -123.72 -3.88 159.24
C THR H 254 -123.77 -2.86 158.11
N GLY H 255 -123.19 -1.69 158.37
CA GLY H 255 -123.14 -0.65 157.36
C GLY H 255 -122.22 -0.98 156.21
N SER H 256 -122.52 -0.39 155.06
CA SER H 256 -121.74 -0.61 153.85
C SER H 256 -122.03 0.51 152.88
N ALA H 257 -121.09 0.72 151.95
CA ALA H 257 -121.21 1.75 150.93
C ALA H 257 -121.07 1.13 149.55
N GLY H 258 -121.83 1.67 148.59
CA GLY H 258 -121.81 1.19 147.23
C GLY H 258 -120.80 1.92 146.36
N ALA H 259 -120.94 1.70 145.05
CA ALA H 259 -120.02 2.33 144.10
C ALA H 259 -120.20 3.85 144.07
N ASP H 260 -121.40 4.33 144.38
CA ASP H 260 -121.68 5.76 144.39
C ASP H 260 -121.34 6.43 145.70
N GLY H 261 -120.83 5.67 146.68
CA GLY H 261 -120.44 6.24 147.96
C GLY H 261 -121.58 6.48 148.93
N VAL H 262 -122.75 5.91 148.68
CA VAL H 262 -123.90 6.07 149.55
C VAL H 262 -123.94 4.90 150.51
N THR H 263 -123.95 5.20 151.81
CA THR H 263 -123.96 4.14 152.82
C THR H 263 -125.35 3.50 152.90
N ARG H 264 -125.35 2.19 153.12
CA ARG H 264 -126.60 1.44 153.26
C ARG H 264 -126.37 0.29 154.23
N TYR H 265 -127.45 -0.38 154.60
CA TYR H 265 -127.42 -1.44 155.59
C TYR H 265 -128.12 -2.69 155.05
N LEU H 266 -127.67 -3.85 155.52
CA LEU H 266 -128.25 -5.12 155.08
C LEU H 266 -129.70 -5.21 155.53
N CYS H 267 -130.54 -5.78 154.66
CA CYS H 267 -131.97 -5.90 154.92
C CYS H 267 -132.47 -7.34 155.00
N CYS H 268 -131.79 -8.30 154.38
CA CYS H 268 -132.23 -9.68 154.36
C CYS H 268 -131.05 -10.61 154.55
N SER H 269 -131.32 -11.81 155.08
CA SER H 269 -130.30 -12.82 155.30
C SER H 269 -130.91 -14.18 155.01
N ASN H 270 -130.03 -15.15 154.72
CA ASN H 270 -130.44 -16.50 154.37
C ASN H 270 -130.57 -17.42 155.57
N GLY H 271 -130.31 -16.94 156.78
CA GLY H 271 -130.33 -17.79 157.95
C GLY H 271 -129.23 -18.84 157.97
N SER H 272 -128.05 -18.50 157.45
CA SER H 272 -126.88 -19.38 157.52
C SER H 272 -127.15 -20.73 156.85
N LYS H 273 -127.41 -20.67 155.55
CA LYS H 273 -127.61 -21.88 154.77
C LYS H 273 -126.26 -22.53 154.44
N THR H 274 -126.27 -23.86 154.34
CA THR H 274 -125.06 -24.63 154.06
C THR H 274 -124.91 -24.82 152.55
N VAL H 275 -124.62 -23.71 151.88
CA VAL H 275 -124.50 -23.71 150.42
C VAL H 275 -123.06 -23.59 149.94
N PHE H 276 -122.13 -23.22 150.79
CA PHE H 276 -120.72 -23.06 150.39
C PHE H 276 -119.97 -24.37 150.61
N ASN H 277 -120.28 -25.35 149.78
CA ASN H 277 -119.68 -26.67 149.87
C ASN H 277 -118.86 -27.05 148.65
N ALA H 278 -119.42 -26.94 147.45
CA ALA H 278 -118.73 -27.38 146.25
C ALA H 278 -117.58 -26.42 145.94
N GLY H 279 -116.38 -26.74 146.42
CA GLY H 279 -115.26 -25.85 146.24
C GLY H 279 -115.47 -24.47 146.82
N GLY H 280 -116.39 -24.34 147.77
CA GLY H 280 -116.73 -23.04 148.31
C GLY H 280 -117.52 -22.15 147.37
N TRP H 281 -117.91 -22.68 146.20
CA TRP H 281 -118.58 -21.87 145.20
C TRP H 281 -120.08 -21.78 145.49
N ALA H 282 -120.66 -20.64 145.14
CA ALA H 282 -122.08 -20.41 145.33
C ALA H 282 -122.61 -19.58 144.17
N THR H 283 -123.91 -19.69 143.93
CA THR H 283 -124.57 -18.95 142.87
C THR H 283 -125.97 -18.56 143.33
N VAL H 284 -126.34 -17.29 143.10
CA VAL H 284 -127.64 -16.78 143.47
C VAL H 284 -128.24 -16.08 142.26
N VAL H 285 -129.46 -16.48 141.88
CA VAL H 285 -130.18 -15.88 140.76
C VAL H 285 -131.57 -15.50 141.25
N MET H 286 -131.96 -14.25 141.05
CA MET H 286 -133.25 -13.77 141.53
C MET H 286 -133.63 -12.50 140.78
N TRP H 287 -134.93 -12.33 140.57
CA TRP H 287 -135.48 -11.17 139.89
C TRP H 287 -135.98 -10.18 140.92
N LEU H 288 -135.66 -8.90 140.73
CA LEU H 288 -136.07 -7.87 141.67
C LEU H 288 -136.36 -6.57 140.93
N ARG H 289 -137.12 -5.70 141.59
CA ARG H 289 -137.43 -4.38 141.09
C ARG H 289 -137.54 -3.43 142.28
N VAL H 290 -137.04 -2.22 142.12
CA VAL H 290 -137.03 -1.23 143.20
C VAL H 290 -138.28 -0.38 143.07
N GLU H 291 -139.12 -0.41 144.11
CA GLU H 291 -140.30 0.44 144.15
C GLU H 291 -140.03 1.77 144.85
N SER H 292 -139.06 1.81 145.76
CA SER H 292 -138.71 3.05 146.45
C SER H 292 -137.29 2.93 146.99
N GLY H 293 -136.70 4.08 147.30
CA GLY H 293 -135.37 4.10 147.86
C GLY H 293 -134.31 3.73 146.83
N SER H 294 -133.15 3.36 147.35
CA SER H 294 -132.02 2.96 146.53
C SER H 294 -131.28 1.81 147.19
N ALA H 295 -130.58 1.03 146.37
CA ALA H 295 -129.83 -0.11 146.86
C ALA H 295 -128.67 -0.38 145.92
N HIS H 296 -127.70 -1.15 146.41
CA HIS H 296 -126.53 -1.54 145.62
C HIS H 296 -126.15 -2.96 145.99
N ILE H 297 -125.10 -3.47 145.35
CA ILE H 297 -124.67 -4.86 145.49
C ILE H 297 -123.30 -4.88 146.18
N SER H 298 -123.19 -5.73 147.19
CA SER H 298 -121.93 -5.91 147.92
C SER H 298 -121.52 -4.62 148.62
N SER H 299 -120.28 -4.58 149.10
CA SER H 299 -119.70 -3.38 149.70
C SER H 299 -118.54 -2.82 148.89
N ALA H 300 -117.57 -3.66 148.59
CA ALA H 300 -116.43 -3.28 147.76
C ALA H 300 -115.80 -4.54 147.20
N PRO H 301 -115.04 -4.44 146.11
CA PRO H 301 -114.42 -5.64 145.55
C PRO H 301 -113.62 -6.42 146.59
N TYR H 302 -114.09 -7.63 146.91
CA TYR H 302 -113.45 -8.49 147.90
C TYR H 302 -113.38 -9.91 147.36
N THR H 303 -112.23 -10.55 147.58
CA THR H 303 -112.03 -11.94 147.15
C THR H 303 -112.36 -12.02 145.66
N THR H 304 -112.92 -13.16 145.22
CA THR H 304 -113.32 -13.35 143.83
C THR H 304 -114.82 -13.10 143.72
N HIS H 305 -115.21 -12.34 142.70
CA HIS H 305 -116.61 -12.01 142.48
C HIS H 305 -116.84 -11.75 141.00
N ARG H 306 -118.10 -11.87 140.58
CA ARG H 306 -118.49 -11.55 139.22
C ARG H 306 -119.99 -11.41 139.17
N LEU H 307 -120.48 -10.26 138.74
CA LEU H 307 -121.89 -9.95 138.69
C LEU H 307 -122.35 -9.82 137.25
N TRP H 308 -123.43 -10.50 136.90
CA TRP H 308 -124.06 -10.39 135.59
C TRP H 308 -125.44 -9.75 135.76
N ILE H 309 -125.69 -8.69 135.01
CA ILE H 309 -126.96 -7.98 135.04
C ILE H 309 -127.63 -8.19 133.68
N ASN H 310 -128.65 -9.03 133.65
CA ASN H 310 -129.34 -9.37 132.40
C ASN H 310 -128.34 -9.87 131.35
N GLY H 311 -127.38 -10.67 131.79
CA GLY H 311 -126.36 -11.19 130.91
C GLY H 311 -125.19 -10.25 130.67
N ALA H 312 -125.17 -9.08 131.31
CA ALA H 312 -124.09 -8.11 131.15
C ALA H 312 -123.27 -8.06 132.43
N VAL H 313 -121.95 -8.17 132.27
CA VAL H 313 -121.06 -8.17 133.44
C VAL H 313 -121.21 -6.85 134.19
N ALA H 314 -121.19 -6.93 135.52
CA ALA H 314 -121.32 -5.76 136.38
C ALA H 314 -120.31 -5.85 137.50
N ALA H 315 -119.98 -4.68 138.06
CA ALA H 315 -119.02 -4.56 139.14
C ALA H 315 -119.72 -4.30 140.46
N PRO H 316 -119.05 -4.58 141.58
CA PRO H 316 -119.69 -4.35 142.89
C PRO H 316 -120.05 -2.89 143.10
N GLY H 317 -121.14 -2.66 143.83
CA GLY H 317 -121.56 -1.33 144.19
C GLY H 317 -122.44 -0.63 143.17
N VAL H 318 -122.70 -1.26 142.01
CA VAL H 318 -123.53 -0.62 141.00
C VAL H 318 -124.92 -0.38 141.57
N VAL H 319 -125.39 0.86 141.46
CA VAL H 319 -126.71 1.22 141.95
C VAL H 319 -127.73 0.81 140.88
N LEU H 320 -128.52 -0.22 141.18
CA LEU H 320 -129.50 -0.70 140.21
C LEU H 320 -130.51 0.41 139.92
N PRO H 321 -130.95 0.55 138.66
CA PRO H 321 -131.94 1.57 138.34
C PRO H 321 -133.25 1.32 139.06
N ALA H 322 -133.94 2.40 139.40
CA ALA H 322 -135.15 2.32 140.19
C ALA H 322 -136.35 1.98 139.32
N ASN H 323 -137.19 1.05 139.79
CA ASN H 323 -138.43 0.68 139.13
C ASN H 323 -138.17 -0.05 137.80
N GLN H 324 -137.17 -0.93 137.79
CA GLN H 324 -136.90 -1.79 136.65
C GLN H 324 -136.55 -3.18 137.13
N TRP H 325 -136.88 -4.17 136.31
CA TRP H 325 -136.57 -5.56 136.62
C TRP H 325 -135.18 -5.90 136.09
N VAL H 326 -134.33 -6.44 136.98
CA VAL H 326 -132.94 -6.74 136.65
C VAL H 326 -132.65 -8.18 137.04
N HIS H 327 -131.99 -8.90 136.14
CA HIS H 327 -131.57 -10.28 136.39
C HIS H 327 -130.15 -10.27 136.95
N LEU H 328 -130.01 -10.64 138.22
CA LEU H 328 -128.71 -10.68 138.88
C LEU H 328 -128.25 -12.12 139.02
N ARG H 329 -126.95 -12.33 138.87
CA ARG H 329 -126.32 -13.64 139.06
C ARG H 329 -124.98 -13.39 139.75
N PHE H 330 -124.98 -13.44 141.07
CA PHE H 330 -123.80 -13.21 141.87
C PHE H 330 -123.18 -14.55 142.23
N SER H 331 -121.92 -14.75 141.83
CA SER H 331 -121.21 -16.00 142.07
C SER H 331 -119.85 -15.68 142.69
N MET H 332 -119.48 -16.43 143.72
CA MET H 332 -118.22 -16.22 144.41
C MET H 332 -117.78 -17.54 145.04
N GLN H 333 -116.64 -17.52 145.70
CA GLN H 333 -116.07 -18.68 146.36
C GLN H 333 -115.82 -18.37 147.83
N SER H 334 -116.03 -19.37 148.69
CA SER H 334 -115.79 -19.21 150.12
C SER H 334 -115.64 -20.58 150.74
N TYR H 335 -114.48 -20.85 151.32
CA TYR H 335 -114.21 -22.15 151.96
C TYR H 335 -114.69 -22.21 153.40
N ASN H 336 -115.28 -21.13 153.92
CA ASN H 336 -115.75 -21.14 155.30
C ASN H 336 -116.80 -22.21 155.53
N GLY H 337 -117.54 -22.59 154.48
CA GLY H 337 -118.54 -23.62 154.57
C GLY H 337 -119.96 -23.13 154.81
N TYR H 338 -120.13 -21.86 155.17
CA TYR H 338 -121.46 -21.31 155.43
C TYR H 338 -121.35 -19.80 155.46
N ASP H 339 -122.50 -19.14 155.38
CA ASP H 339 -122.59 -17.69 155.52
C ASP H 339 -124.06 -17.30 155.63
N ASN H 340 -124.34 -16.32 156.49
CA ASN H 340 -125.70 -15.87 156.69
C ASN H 340 -126.07 -14.69 155.80
N ALA H 341 -125.11 -13.85 155.46
CA ALA H 341 -125.32 -12.67 154.61
C ALA H 341 -124.78 -12.88 153.21
N CYS H 342 -124.94 -14.08 152.66
CA CYS H 342 -124.38 -14.39 151.35
C CYS H 342 -124.76 -13.37 150.27
N PRO H 343 -126.00 -12.91 150.16
CA PRO H 343 -126.31 -11.95 149.08
C PRO H 343 -125.48 -10.68 149.13
N TYR H 344 -125.10 -10.22 150.32
CA TYR H 344 -124.32 -8.98 150.46
C TYR H 344 -125.05 -7.80 149.80
N ILE H 345 -126.36 -7.77 149.94
CA ILE H 345 -127.20 -6.74 149.34
C ILE H 345 -127.63 -5.77 150.44
N TYR H 346 -127.29 -4.50 150.26
CA TYR H 346 -127.63 -3.45 151.22
C TYR H 346 -128.60 -2.48 150.57
N ALA H 347 -129.67 -2.15 151.27
CA ALA H 347 -130.68 -1.23 150.77
C ALA H 347 -130.91 -0.11 151.77
N SER H 348 -131.24 1.07 151.26
CA SER H 348 -131.49 2.22 152.11
C SER H 348 -132.73 2.00 152.97
N ALA H 349 -132.72 2.61 154.16
CA ALA H 349 -133.85 2.47 155.06
C ALA H 349 -135.13 3.00 154.40
N GLY H 350 -136.20 2.23 154.54
CA GLY H 350 -137.48 2.60 153.95
C GLY H 350 -137.65 2.24 152.50
N ALA H 351 -136.65 1.62 151.87
CA ALA H 351 -136.74 1.26 150.47
C ALA H 351 -137.66 0.07 150.28
N GLN H 352 -138.59 0.18 149.33
CA GLN H 352 -139.51 -0.90 149.00
C GLN H 352 -138.94 -1.65 147.80
N ILE H 353 -138.54 -2.90 148.03
CA ILE H 353 -137.91 -3.74 147.01
C ILE H 353 -138.88 -4.87 146.67
N ALA H 354 -139.16 -5.04 145.39
CA ALA H 354 -140.03 -6.11 144.91
C ALA H 354 -139.18 -7.21 144.28
N PHE H 355 -139.43 -8.45 144.69
CA PHE H 355 -138.67 -9.60 144.22
C PHE H 355 -139.62 -10.76 143.95
N ALA H 356 -139.22 -11.64 143.03
CA ALA H 356 -140.03 -12.79 142.67
C ALA H 356 -139.14 -13.86 142.06
N CYS H 357 -139.56 -15.11 142.23
CA CYS H 357 -138.88 -16.28 141.67
C CYS H 357 -137.37 -16.29 141.95
N PRO H 358 -136.97 -16.30 143.22
CA PRO H 358 -135.55 -16.51 143.53
C PRO H 358 -135.11 -17.93 143.21
N ALA H 359 -133.81 -18.08 142.97
CA ALA H 359 -133.22 -19.39 142.72
C ALA H 359 -131.79 -19.40 143.25
N TRP H 360 -131.43 -20.49 143.93
CA TRP H 360 -130.10 -20.65 144.50
C TRP H 360 -129.49 -21.98 144.05
N PHE H 361 -128.16 -21.97 143.91
CA PHE H 361 -127.41 -23.15 143.51
C PHE H 361 -126.18 -23.28 144.40
N GLY H 362 -125.68 -24.51 144.52
CA GLY H 362 -124.53 -24.77 145.38
C GLY H 362 -123.21 -24.65 144.66
N GLY H 363 -123.20 -24.03 143.49
CA GLY H 363 -121.98 -23.88 142.72
C GLY H 363 -122.20 -22.98 141.54
N LEU H 364 -121.16 -22.87 140.71
CA LEU H 364 -121.20 -22.02 139.54
C LEU H 364 -122.05 -22.68 138.46
N VAL H 365 -123.11 -22.00 138.03
CA VAL H 365 -123.97 -22.45 136.94
C VAL H 365 -124.38 -21.25 136.11
N ASP H 366 -124.70 -21.51 134.84
CA ASP H 366 -125.10 -20.48 133.89
C ASP H 366 -126.39 -20.91 133.22
N PRO H 367 -127.52 -20.81 133.93
CA PRO H 367 -128.82 -21.13 133.33
C PRO H 367 -129.39 -20.02 132.46
N GLY H 368 -128.67 -18.92 132.28
CA GLY H 368 -129.19 -17.82 131.50
C GLY H 368 -130.23 -17.03 132.27
N ILE H 369 -131.05 -16.30 131.51
CA ILE H 369 -132.13 -15.49 132.08
C ILE H 369 -133.33 -16.41 132.25
N HIS H 370 -133.53 -16.92 133.47
CA HIS H 370 -134.60 -17.87 133.74
C HIS H 370 -135.96 -17.18 133.71
N VAL H 371 -136.99 -17.98 133.47
CA VAL H 371 -138.38 -17.50 133.50
C VAL H 371 -139.20 -18.12 134.61
N ALA H 372 -138.67 -19.12 135.32
CA ALA H 372 -139.38 -19.74 136.43
C ALA H 372 -138.34 -20.38 137.35
N PRO H 373 -138.66 -20.55 138.63
CA PRO H 373 -137.70 -21.19 139.54
C PRO H 373 -137.43 -22.64 139.15
N ILE H 374 -136.20 -23.08 139.38
CA ILE H 374 -135.81 -24.43 139.01
C ILE H 374 -136.42 -25.43 140.00
N LEU H 375 -136.79 -26.60 139.48
CA LEU H 375 -137.54 -27.59 140.22
C LEU H 375 -136.63 -28.40 141.14
N THR H 376 -137.27 -29.16 142.03
CA THR H 376 -136.59 -30.12 142.90
C THR H 376 -137.57 -31.24 143.21
N ILE H 377 -137.20 -32.13 144.12
CA ILE H 377 -138.04 -33.25 144.52
C ILE H 377 -138.14 -33.29 146.04
N ASN H 378 -139.34 -33.53 146.54
CA ASN H 378 -139.59 -33.61 147.98
C ASN H 378 -140.67 -34.66 148.22
N GLY H 379 -141.09 -34.78 149.48
CA GLY H 379 -142.14 -35.72 149.81
C GLY H 379 -143.46 -35.38 149.14
N ALA H 380 -143.75 -34.10 148.93
CA ALA H 380 -144.98 -33.65 148.33
C ALA H 380 -144.88 -33.50 146.81
N SER H 381 -143.76 -33.89 146.22
CA SER H 381 -143.57 -33.74 144.78
C SER H 381 -144.48 -34.65 143.96
N ALA H 382 -145.09 -35.65 144.58
CA ALA H 382 -145.97 -36.57 143.84
C ALA H 382 -147.35 -35.95 143.65
N GLY I 2 -2.48 -26.66 51.85
CA GLY I 2 -1.96 -25.72 52.82
C GLY I 2 -2.86 -24.51 53.00
N ALA I 3 -2.34 -23.33 52.68
CA ALA I 3 -3.08 -22.08 52.79
C ALA I 3 -2.67 -21.18 51.64
N LYS I 4 -3.22 -19.97 51.64
CA LYS I 4 -2.90 -19.03 50.57
C LYS I 4 -1.41 -18.67 50.63
N PRO I 5 -0.75 -18.53 49.48
CA PRO I 5 0.65 -18.09 49.50
C PRO I 5 0.78 -16.71 50.14
N LYS I 6 1.93 -16.49 50.79
CA LYS I 6 2.16 -15.22 51.45
C LYS I 6 1.99 -14.06 50.49
N ALA I 7 2.41 -14.23 49.24
CA ALA I 7 2.21 -13.23 48.21
C ALA I 7 2.05 -13.92 46.87
N GLN I 8 1.37 -13.25 45.95
CA GLN I 8 1.09 -13.78 44.63
C GLN I 8 1.63 -12.84 43.56
N THR I 9 2.27 -13.41 42.54
CA THR I 9 2.80 -12.64 41.42
C THR I 9 1.75 -12.68 40.30
N VAL I 10 0.83 -11.73 40.34
CA VAL I 10 -0.24 -11.70 39.33
C VAL I 10 0.27 -11.10 38.02
N GLY I 11 1.17 -10.13 38.08
CA GLY I 11 1.68 -9.50 36.89
C GLY I 11 2.99 -8.81 37.15
N TRP I 12 3.57 -8.28 36.07
CA TRP I 12 4.85 -7.59 36.12
C TRP I 12 4.72 -6.20 35.52
N ARG I 13 5.55 -5.27 36.00
CA ARG I 13 5.61 -3.92 35.50
C ARG I 13 6.89 -3.76 34.69
N TYR I 14 6.76 -3.32 33.44
CA TYR I 14 7.88 -3.23 32.51
C TYR I 14 8.33 -1.78 32.38
N TYR I 15 9.63 -1.55 32.51
CA TYR I 15 10.22 -0.23 32.41
C TYR I 15 11.20 -0.21 31.23
N PHE I 16 11.09 0.81 30.38
CA PHE I 16 11.96 0.95 29.23
C PHE I 16 12.37 2.40 29.08
N ASP I 17 13.63 2.62 28.70
CA ASP I 17 14.16 3.95 28.43
C ASP I 17 14.42 4.04 26.93
N ILE I 18 13.67 4.91 26.26
CA ILE I 18 13.72 5.04 24.80
C ILE I 18 14.06 6.47 24.44
N HIS I 19 14.95 6.62 23.47
CA HIS I 19 15.32 7.92 22.92
C HIS I 19 14.85 7.98 21.47
N PHE I 20 14.09 9.02 21.14
CA PHE I 20 13.50 9.16 19.82
C PHE I 20 13.51 10.62 19.42
N ALA I 21 13.42 10.85 18.10
CA ALA I 21 13.41 12.18 17.52
C ALA I 21 12.12 12.39 16.75
N LEU I 22 11.55 13.58 16.88
CA LEU I 22 10.31 13.94 16.19
C LEU I 22 10.55 14.60 14.84
N GLY I 23 11.80 14.73 14.40
CA GLY I 23 12.13 15.34 13.13
C GLY I 23 13.10 16.51 13.32
N LYS I 24 12.90 17.56 12.54
CA LYS I 24 13.74 18.74 12.62
C LYS I 24 13.28 19.61 13.79
N LYS I 25 13.80 20.82 13.88
CA LYS I 25 13.52 21.68 15.02
C LYS I 25 12.02 21.88 15.20
N VAL I 26 11.56 21.80 16.45
CA VAL I 26 10.16 22.00 16.80
C VAL I 26 10.09 23.12 17.83
N ASP I 27 8.95 23.81 17.86
CA ASP I 27 8.79 24.95 18.75
C ASP I 27 8.15 24.55 20.08
N GLU I 28 7.07 23.76 20.04
CA GLU I 28 6.30 23.47 21.24
C GLU I 28 5.63 22.11 21.08
N VAL I 29 5.59 21.35 22.17
CA VAL I 29 4.91 20.07 22.24
C VAL I 29 3.71 20.23 23.15
N CYS I 30 2.53 19.89 22.65
CA CYS I 30 1.29 20.19 23.35
C CYS I 30 0.80 19.03 24.22
N ALA I 31 0.65 17.83 23.65
CA ALA I 31 0.05 16.72 24.37
C ALA I 31 0.54 15.41 23.79
N ILE I 32 0.31 14.34 24.56
CA ILE I 32 0.64 12.98 24.16
C ILE I 32 -0.61 12.13 24.33
N ARG I 33 -1.00 11.42 23.27
CA ARG I 33 -2.17 10.57 23.27
C ARG I 33 -1.78 9.15 22.90
N ALA I 34 -2.25 8.18 23.69
CA ALA I 34 -1.96 6.78 23.45
C ALA I 34 -3.22 5.96 23.67
N SER I 35 -3.56 5.12 22.70
CA SER I 35 -4.71 4.23 22.79
C SER I 35 -6.01 4.99 23.02
N GLY I 36 -6.11 6.20 22.47
CA GLY I 36 -7.32 6.98 22.59
C GLY I 36 -7.51 7.67 23.92
N LYS I 37 -6.50 7.64 24.79
CA LYS I 37 -6.57 8.28 26.10
C LYS I 37 -5.52 9.38 26.19
N THR I 38 -5.93 10.53 26.72
CA THR I 38 -5.03 11.68 26.87
C THR I 38 -4.12 11.41 28.06
N ALA I 39 -2.89 10.99 27.78
CA ALA I 39 -1.94 10.70 28.84
C ALA I 39 -1.42 11.97 29.50
N TRP I 40 -1.10 12.99 28.70
CA TRP I 40 -0.56 14.23 29.22
C TRP I 40 -0.91 15.37 28.28
N LYS I 41 -1.34 16.50 28.86
CA LYS I 41 -1.66 17.70 28.10
C LYS I 41 -0.99 18.89 28.76
N GLY I 42 -0.44 19.78 27.94
CA GLY I 42 0.25 20.95 28.48
C GLY I 42 0.99 21.69 27.39
N SER I 43 2.14 22.25 27.77
CA SER I 43 2.95 23.01 26.83
C SER I 43 4.35 23.27 27.40
N ILE I 44 5.38 22.98 26.60
CA ILE I 44 6.76 23.25 26.97
C ILE I 44 7.44 23.93 25.78
N THR I 45 8.19 25.00 26.06
CA THR I 45 8.88 25.76 25.03
C THR I 45 10.39 25.79 25.22
N SER I 46 10.92 25.12 26.23
CA SER I 46 12.36 25.11 26.49
C SER I 46 12.76 23.72 26.97
N ASN I 47 14.04 23.40 26.78
CA ASN I 47 14.52 22.08 27.16
C ASN I 47 14.35 21.89 28.67
N GLY I 48 13.80 20.75 29.05
CA GLY I 48 13.53 20.51 30.46
C GLY I 48 12.81 19.19 30.67
N GLN I 49 12.44 18.95 31.92
CA GLN I 49 11.75 17.73 32.31
C GLN I 49 10.25 17.98 32.44
N VAL I 50 9.48 16.93 32.23
CA VAL I 50 8.03 16.97 32.36
C VAL I 50 7.59 15.77 33.18
N ARG I 51 6.73 16.00 34.16
CA ARG I 51 6.23 14.94 35.04
C ARG I 51 4.91 14.42 34.47
N ILE I 52 4.99 13.30 33.76
CA ILE I 52 3.79 12.64 33.24
C ILE I 52 3.32 11.64 34.30
N ASN I 53 2.08 11.80 34.75
CA ASN I 53 1.52 10.99 35.83
C ASN I 53 0.27 10.31 35.31
N ALA I 54 0.41 9.05 34.89
CA ALA I 54 -0.74 8.24 34.48
C ALA I 54 -0.43 6.77 34.71
N PRO I 55 -0.08 6.38 35.93
CA PRO I 55 0.25 4.96 36.18
C PRO I 55 -0.93 4.01 35.98
N GLU I 56 -2.16 4.51 36.04
CA GLU I 56 -3.36 3.67 35.94
C GLU I 56 -4.15 3.99 34.67
N LEU I 57 -3.47 4.44 33.62
CA LEU I 57 -4.18 4.82 32.39
C LEU I 57 -4.91 3.63 31.79
N PHE I 58 -4.26 2.47 31.74
CA PHE I 58 -4.84 1.26 31.17
C PHE I 58 -5.43 0.34 32.24
N GLY I 59 -5.96 0.91 33.32
CA GLY I 59 -6.50 0.13 34.41
C GLY I 59 -5.50 -0.28 35.46
N GLY I 60 -4.24 0.12 35.32
CA GLY I 60 -3.26 -0.24 36.33
C GLY I 60 -2.99 -1.74 36.35
N ASP I 61 -2.71 -2.25 37.55
CA ASP I 61 -2.43 -3.67 37.70
C ASP I 61 -3.63 -4.52 37.29
N LYS I 62 -4.84 -4.09 37.67
CA LYS I 62 -6.04 -4.81 37.30
C LYS I 62 -6.34 -4.73 35.81
N GLY I 63 -5.69 -3.83 35.08
CA GLY I 63 -5.91 -3.68 33.66
C GLY I 63 -4.70 -4.08 32.83
N GLU I 64 -4.15 -3.13 32.08
CA GLU I 64 -2.97 -3.37 31.25
C GLU I 64 -1.81 -2.45 31.61
N GLY I 65 -1.94 -1.64 32.65
CA GLY I 65 -0.86 -0.77 33.08
C GLY I 65 -1.18 0.70 32.88
N GLY I 66 -0.17 1.50 32.58
CA GLY I 66 -0.37 2.91 32.40
C GLY I 66 0.89 3.57 31.87
N LEU I 67 0.91 4.90 31.94
CA LEU I 67 2.05 5.70 31.50
C LEU I 67 2.52 6.54 32.69
N ASP I 68 3.62 6.11 33.31
CA ASP I 68 4.22 6.84 34.42
C ASP I 68 5.72 6.92 34.19
N GLY I 69 6.28 8.12 34.33
CA GLY I 69 7.71 8.28 34.13
C GLY I 69 8.08 9.75 34.04
N THR I 70 9.28 10.00 33.55
CA THR I 70 9.81 11.35 33.38
C THR I 70 10.23 11.54 31.93
N LEU I 71 9.79 12.64 31.32
CA LEU I 71 10.07 12.95 29.93
C LEU I 71 10.93 14.19 29.83
N ASP I 72 12.03 14.08 29.08
CA ASP I 72 12.93 15.19 28.83
C ASP I 72 12.98 15.46 27.33
N VAL I 73 12.87 16.72 26.96
CA VAL I 73 12.77 17.13 25.56
C VAL I 73 13.97 18.01 25.23
N LEU I 74 14.70 17.63 24.17
CA LEU I 74 15.79 18.42 23.64
C LEU I 74 15.42 18.89 22.24
N PHE I 75 15.09 20.18 22.11
CA PHE I 75 14.62 20.71 20.84
C PHE I 75 15.74 20.90 19.83
N GLY I 76 16.99 20.98 20.28
CA GLY I 76 18.11 21.13 19.36
C GLY I 76 18.38 22.57 18.98
N GLU I 77 18.53 23.44 19.99
CA GLU I 77 18.84 24.83 19.72
C GLU I 77 20.24 24.97 19.12
N GLU I 78 20.59 26.20 18.75
CA GLU I 78 21.93 26.46 18.24
C GLU I 78 22.98 26.21 19.31
N ASP I 79 22.68 26.58 20.56
CA ASP I 79 23.61 26.45 21.67
C ASP I 79 23.25 25.29 22.60
N GLN I 80 22.38 24.37 22.16
CA GLN I 80 21.97 23.27 23.01
C GLN I 80 23.18 22.47 23.46
N GLY I 81 23.23 22.16 24.75
CA GLY I 81 24.30 21.38 25.33
C GLY I 81 23.95 19.90 25.43
N VAL I 82 24.94 19.12 25.84
CA VAL I 82 24.76 17.67 25.98
C VAL I 82 24.10 17.39 27.32
N LEU I 83 23.05 16.58 27.30
CA LEU I 83 22.35 16.21 28.53
C LEU I 83 23.17 15.17 29.28
N PRO I 84 23.61 15.45 30.51
CA PRO I 84 24.43 14.45 31.22
C PRO I 84 23.73 13.12 31.42
N ARG I 85 22.42 13.12 31.68
CA ARG I 85 21.73 11.86 31.97
C ARG I 85 21.75 10.94 30.75
N LEU I 86 21.43 11.48 29.57
CA LEU I 86 21.38 10.65 28.37
C LEU I 86 22.75 10.05 28.07
N ALA I 87 23.80 10.87 28.12
CA ALA I 87 25.14 10.39 27.82
C ALA I 87 25.57 9.34 28.85
N ALA I 88 25.28 9.59 30.14
CA ALA I 88 25.66 8.64 31.17
C ALA I 88 24.95 7.31 30.98
N MET I 89 23.66 7.34 30.66
CA MET I 89 22.91 6.10 30.48
C MET I 89 23.40 5.34 29.26
N LEU I 90 23.48 6.02 28.10
CA LEU I 90 23.89 5.35 26.87
C LEU I 90 25.39 5.10 26.85
N GLY I 91 26.18 6.08 27.26
CA GLY I 91 27.63 5.95 27.24
C GLY I 91 28.21 6.09 25.84
N GLY I 92 29.52 5.90 25.77
CA GLY I 92 30.20 6.01 24.49
C GLY I 92 30.32 7.46 24.04
N LEU I 93 30.59 7.62 22.74
CA LEU I 93 30.72 8.94 22.13
C LEU I 93 29.32 9.48 21.87
N VAL I 94 28.82 10.31 22.77
CA VAL I 94 27.46 10.83 22.72
C VAL I 94 27.54 12.30 22.30
N PRO I 95 27.08 12.66 21.11
CA PRO I 95 27.10 14.06 20.69
C PRO I 95 25.99 14.85 21.36
N ALA I 96 25.88 16.12 20.98
CA ALA I 96 24.86 17.01 21.53
C ALA I 96 23.51 16.86 20.85
N PHE I 97 23.42 16.10 19.76
CA PHE I 97 22.16 15.94 19.02
C PHE I 97 21.60 17.31 18.61
N ARG I 98 22.50 18.19 18.17
CA ARG I 98 22.12 19.54 17.81
C ARG I 98 21.38 19.57 16.47
N GLY I 99 20.43 20.50 16.37
CA GLY I 99 19.73 20.74 15.13
C GLY I 99 18.48 19.92 14.91
N VAL I 100 18.18 18.97 15.79
CA VAL I 100 17.01 18.12 15.66
C VAL I 100 16.35 17.97 17.01
N THR I 101 15.01 18.01 17.02
CA THR I 101 14.27 17.84 18.27
C THR I 101 14.30 16.38 18.69
N THR I 102 14.68 16.14 19.94
CA THR I 102 14.77 14.79 20.48
C THR I 102 14.17 14.77 21.88
N CYS I 103 13.67 13.60 22.27
CA CYS I 103 13.05 13.40 23.58
C CYS I 103 13.61 12.15 24.24
N PHE I 104 13.63 12.17 25.57
CA PHE I 104 14.18 11.07 26.36
C PHE I 104 13.15 10.69 27.42
N TYR I 105 12.53 9.53 27.26
CA TYR I 105 11.51 9.04 28.18
C TYR I 105 12.09 7.92 29.04
N SER I 106 11.73 7.91 30.32
CA SER I 106 12.21 6.90 31.24
C SER I 106 11.14 6.66 32.29
N GLY I 107 10.58 5.46 32.31
CA GLY I 107 9.56 5.13 33.28
C GLY I 107 8.71 3.97 32.79
N LEU I 108 7.60 3.75 33.50
CA LEU I 108 6.69 2.67 33.17
C LEU I 108 6.06 2.91 31.80
N VAL I 109 5.94 1.83 31.02
CA VAL I 109 5.32 1.89 29.70
C VAL I 109 4.07 1.04 29.63
N THR I 110 4.07 -0.14 30.27
CA THR I 110 2.93 -1.02 30.25
C THR I 110 3.10 -2.04 31.37
N SER I 111 2.10 -2.92 31.52
CA SER I 111 2.11 -3.94 32.56
C SER I 111 1.26 -5.11 32.10
N VAL I 112 1.39 -6.22 32.84
CA VAL I 112 0.64 -7.44 32.56
C VAL I 112 1.14 -8.06 31.26
N ASN I 113 0.92 -7.38 30.13
CA ASN I 113 1.37 -7.90 28.85
C ASN I 113 2.61 -7.16 28.38
N PRO I 114 3.53 -7.84 27.67
CA PRO I 114 4.77 -7.18 27.26
C PRO I 114 4.67 -6.46 25.93
N TYR I 115 3.45 -6.20 25.46
CA TYR I 115 3.24 -5.58 24.16
C TYR I 115 2.90 -4.10 24.31
N PRO I 116 3.88 -3.20 24.26
CA PRO I 116 3.58 -1.77 24.37
C PRO I 116 2.75 -1.28 23.20
N LYS I 117 1.96 -0.23 23.45
CA LYS I 117 1.05 0.32 22.46
C LYS I 117 1.68 1.49 21.73
N LYS I 118 1.26 1.69 20.49
CA LYS I 118 1.72 2.81 19.69
C LYS I 118 1.23 4.13 20.28
N TRP I 119 2.06 5.16 20.15
CA TRP I 119 1.77 6.48 20.69
C TRP I 119 1.47 7.47 19.58
N GLU I 120 0.80 8.56 19.95
CA GLU I 120 0.54 9.67 19.05
C GLU I 120 0.82 10.96 19.81
N ILE I 121 1.67 11.81 19.25
CA ILE I 121 2.12 13.03 19.91
C ILE I 121 1.78 14.22 19.01
N LEU I 122 1.16 15.23 19.60
CA LEU I 122 0.86 16.47 18.90
C LEU I 122 1.95 17.49 19.17
N ARG I 123 2.39 18.18 18.13
CA ARG I 123 3.48 19.14 18.25
C ARG I 123 3.23 20.33 17.33
N ARG I 124 3.45 21.53 17.87
CA ARG I 124 3.34 22.76 17.11
C ARG I 124 4.73 23.31 16.82
N GLY I 125 4.90 23.88 15.63
CA GLY I 125 6.19 24.39 15.21
C GLY I 125 6.04 25.59 14.31
N GLY I 126 7.17 26.23 14.03
CA GLY I 126 7.21 27.38 13.16
C GLY I 126 8.13 28.47 13.62
N ASN I 127 8.29 28.61 14.95
CA ASN I 127 9.16 29.65 15.49
C ASN I 127 10.61 29.17 15.60
N ARG I 128 10.83 27.92 16.01
CA ARG I 128 12.17 27.39 16.09
C ARG I 128 12.83 27.23 14.73
N LEU I 129 12.06 27.35 13.66
CA LEU I 129 12.61 27.34 12.31
C LEU I 129 13.23 28.71 12.04
N TRP I 130 13.55 29.01 10.78
CA TRP I 130 14.18 30.26 10.38
C TRP I 130 15.59 30.40 10.94
N ASP I 131 16.20 29.29 11.35
CA ASP I 131 17.55 29.33 11.90
C ASP I 131 17.61 30.24 13.10
N GLY I 132 18.02 31.50 12.90
CA GLY I 132 18.14 32.43 14.01
C GLY I 132 17.57 33.81 13.72
N ASN I 133 17.11 34.04 12.50
CA ASN I 133 16.59 35.34 12.07
C ASN I 133 15.18 35.16 11.53
N PRO I 134 14.15 35.19 12.39
CA PRO I 134 12.78 35.16 11.89
C PRO I 134 12.47 36.37 11.03
N TRP I 135 11.59 36.17 10.05
CA TRP I 135 11.22 37.20 9.09
C TRP I 135 9.78 37.62 9.37
N TYR I 136 9.59 38.91 9.60
CA TYR I 136 8.27 39.49 9.85
C TYR I 136 7.52 38.67 10.90
N PRO I 137 8.12 38.47 12.09
CA PRO I 137 7.47 37.61 13.09
C PRO I 137 6.13 38.12 13.57
N GLU I 138 5.83 39.41 13.40
CA GLU I 138 4.58 39.95 13.90
C GLU I 138 3.36 39.26 13.30
N LYS I 139 3.50 38.65 12.13
CA LYS I 139 2.39 37.99 11.44
C LYS I 139 2.76 36.56 11.06
N GLN I 140 3.69 35.94 11.80
CA GLN I 140 4.12 34.59 11.47
C GLN I 140 3.00 33.58 11.68
N PHE I 141 2.25 33.71 12.77
CA PHE I 141 1.25 32.72 13.17
C PHE I 141 -0.14 33.33 13.12
N VAL I 142 -1.12 32.47 12.84
CA VAL I 142 -2.53 32.84 12.82
C VAL I 142 -3.25 32.01 13.86
N TRP I 143 -4.01 32.67 14.73
CA TRP I 143 -4.72 32.00 15.82
C TRP I 143 -6.14 31.68 15.39
N LEU I 144 -6.57 30.45 15.65
CA LEU I 144 -7.90 29.99 15.29
C LEU I 144 -8.53 29.22 16.45
N ALA I 145 -9.86 29.25 16.52
CA ALA I 145 -10.63 28.50 17.50
C ALA I 145 -10.16 28.84 18.92
N ASP I 146 -10.32 30.12 19.28
CA ASP I 146 -10.01 30.59 20.63
C ASP I 146 -8.57 30.23 21.01
N GLY I 147 -7.66 30.33 20.05
CA GLY I 147 -6.26 30.04 20.29
C GLY I 147 -5.90 28.57 20.33
N GLN I 148 -6.86 27.68 20.12
CA GLN I 148 -6.56 26.25 20.17
C GLN I 148 -5.59 25.84 19.07
N ILE I 149 -5.78 26.37 17.87
CA ILE I 149 -4.99 26.00 16.70
C ILE I 149 -4.07 27.17 16.36
N LYS I 150 -2.76 26.92 16.40
CA LYS I 150 -1.76 27.94 16.10
C LYS I 150 -1.29 27.73 14.66
N ALA I 151 -2.12 28.18 13.73
CA ALA I 151 -1.80 28.04 12.31
C ALA I 151 -0.68 29.01 11.92
N MET I 152 0.00 28.66 10.83
CA MET I 152 1.10 29.46 10.30
C MET I 152 0.69 30.08 8.97
N ASN I 153 1.17 31.29 8.72
CA ASN I 153 0.84 31.97 7.48
C ASN I 153 1.49 31.25 6.31
N PRO I 154 0.75 30.89 5.26
CA PRO I 154 1.38 30.19 4.13
C PRO I 154 2.49 30.99 3.48
N ALA I 155 2.38 32.32 3.45
CA ALA I 155 3.44 33.14 2.89
C ALA I 155 4.75 32.90 3.62
N HIS I 156 4.69 32.75 4.95
CA HIS I 156 5.89 32.44 5.72
C HIS I 156 6.44 31.07 5.33
N ILE I 157 5.56 30.10 5.08
CA ILE I 157 6.02 28.78 4.66
C ILE I 157 6.79 28.89 3.34
N LEU I 158 6.23 29.60 2.38
CA LEU I 158 6.89 29.75 1.09
C LEU I 158 8.21 30.50 1.23
N TYR I 159 8.23 31.55 2.04
CA TYR I 159 9.47 32.32 2.23
C TYR I 159 10.54 31.45 2.87
N LEU I 160 10.17 30.64 3.87
CA LEU I 160 11.14 29.75 4.49
C LEU I 160 11.66 28.72 3.49
N VAL I 161 10.77 28.15 2.68
CA VAL I 161 11.20 27.14 1.72
C VAL I 161 12.16 27.77 0.71
N TYR I 162 11.85 28.98 0.25
CA TYR I 162 12.69 29.64 -0.75
C TYR I 162 14.03 30.09 -0.17
N THR I 163 14.05 30.55 1.08
CA THR I 163 15.26 31.09 1.69
C THR I 163 15.82 30.25 2.82
N GLY I 164 15.09 29.24 3.29
CA GLY I 164 15.57 28.43 4.39
C GLY I 164 16.89 27.75 4.09
N ARG I 165 17.89 27.97 4.95
CA ARG I 165 19.19 27.34 4.74
C ARG I 165 19.08 25.82 4.81
N ASP I 166 18.29 25.32 5.75
CA ASP I 166 18.18 23.87 5.93
C ASP I 166 17.48 23.20 4.75
N PHE I 167 16.46 23.82 4.17
CA PHE I 167 15.72 23.16 3.09
C PHE I 167 16.47 23.26 1.76
N ARG I 168 16.55 24.47 1.21
CA ARG I 168 17.37 24.70 0.03
C ARG I 168 18.41 25.79 0.30
N GLY I 169 17.95 26.97 0.68
CA GLY I 169 18.83 28.06 1.02
C GLY I 169 19.12 28.96 -0.16
N LEU I 170 18.47 30.12 -0.23
CA LEU I 170 18.76 31.14 -1.22
C LEU I 170 18.93 32.48 -0.53
N ALA I 171 19.73 33.35 -1.14
CA ALA I 171 20.00 34.66 -0.57
C ALA I 171 18.70 35.43 -0.36
N ARG I 172 18.57 36.03 0.82
CA ARG I 172 17.40 36.84 1.14
C ARG I 172 17.29 38.09 0.28
N THR I 173 18.36 38.45 -0.44
CA THR I 173 18.35 39.64 -1.28
C THR I 173 17.62 39.42 -2.60
N ARG I 174 17.29 38.18 -2.95
CA ARG I 174 16.66 37.86 -4.23
C ARG I 174 15.14 37.90 -4.15
N MET I 175 14.56 38.24 -3.00
CA MET I 175 13.12 38.24 -2.80
C MET I 175 12.61 39.68 -2.70
N ASP I 176 11.57 39.99 -3.45
CA ASP I 176 10.94 41.31 -3.40
C ASP I 176 10.21 41.43 -2.07
N GLU I 177 10.78 42.19 -1.15
CA GLU I 177 10.23 42.26 0.21
C GLU I 177 8.81 42.84 0.20
N ALA I 178 8.56 43.85 -0.63
CA ALA I 178 7.27 44.53 -0.60
C ALA I 178 6.13 43.58 -0.91
N SER I 179 6.26 42.81 -2.00
CA SER I 179 5.18 41.93 -2.42
C SER I 179 4.90 40.86 -1.38
N TRP I 180 5.96 40.24 -0.85
CA TRP I 180 5.78 39.19 0.16
C TRP I 180 5.17 39.74 1.44
N ARG I 181 5.62 40.92 1.87
CA ARG I 181 5.03 41.53 3.06
C ARG I 181 3.56 41.84 2.85
N ALA I 182 3.21 42.37 1.67
CA ALA I 182 1.81 42.65 1.38
C ALA I 182 0.98 41.38 1.39
N ALA I 183 1.51 40.30 0.80
CA ALA I 183 0.78 39.03 0.79
C ALA I 183 0.58 38.50 2.21
N ALA I 184 1.62 38.58 3.03
CA ALA I 184 1.51 38.12 4.41
C ALA I 184 0.49 38.95 5.18
N ASP I 185 0.50 40.27 5.00
CA ASP I 185 -0.46 41.12 5.66
C ASP I 185 -1.89 40.76 5.25
N THR I 186 -2.10 40.57 3.95
CA THR I 186 -3.43 40.23 3.47
C THR I 186 -3.89 38.90 4.03
N LEU I 187 -3.01 37.89 4.03
CA LEU I 187 -3.38 36.58 4.55
C LEU I 187 -3.70 36.65 6.03
N TYR I 188 -2.90 37.38 6.81
CA TYR I 188 -3.17 37.53 8.23
C TYR I 188 -4.50 38.22 8.47
N ALA I 189 -4.79 39.26 7.69
CA ALA I 189 -6.07 39.96 7.82
C ALA I 189 -7.23 39.02 7.50
N GLU I 190 -7.07 38.19 6.46
CA GLU I 190 -8.10 37.23 6.11
C GLU I 190 -8.15 36.03 7.06
N GLY I 191 -7.16 35.90 7.96
CA GLY I 191 -7.14 34.78 8.88
C GLY I 191 -7.07 33.46 8.16
N PHE I 192 -6.18 33.36 7.18
CA PHE I 192 -6.06 32.20 6.31
C PHE I 192 -4.76 31.47 6.65
N GLY I 193 -4.83 30.54 7.60
CA GLY I 193 -3.68 29.76 8.00
C GLY I 193 -3.79 28.31 7.59
N LEU I 194 -2.66 27.60 7.55
CA LEU I 194 -2.66 26.21 7.14
C LEU I 194 -1.59 25.46 7.94
N CYS I 195 -1.75 24.14 8.01
CA CYS I 195 -0.81 23.26 8.68
C CYS I 195 -0.43 22.12 7.74
N PHE I 196 0.84 21.73 7.78
CA PHE I 196 1.35 20.70 6.88
C PHE I 196 2.40 19.87 7.59
N GLU I 197 2.66 18.68 7.05
CA GLU I 197 3.73 17.82 7.52
C GLU I 197 4.51 17.29 6.33
N TRP I 198 5.82 17.19 6.49
CA TRP I 198 6.72 16.82 5.39
C TRP I 198 7.17 15.38 5.60
N THR I 199 6.57 14.47 4.83
CA THR I 199 7.02 13.08 4.78
C THR I 199 7.05 12.52 3.38
N ARG I 200 6.62 13.28 2.36
CA ARG I 200 6.59 12.76 0.99
C ARG I 200 7.97 12.69 0.37
N SER I 201 8.92 13.52 0.83
CA SER I 201 10.26 13.55 0.27
C SER I 201 10.23 13.81 -1.24
N ASP I 202 9.38 14.75 -1.65
CA ASP I 202 9.20 15.08 -3.05
C ASP I 202 9.91 16.38 -3.38
N SER I 203 9.88 16.76 -4.65
CA SER I 203 10.53 17.98 -5.10
C SER I 203 9.85 19.20 -4.52
N PHE I 204 10.63 20.28 -4.38
CA PHE I 204 10.06 21.53 -3.88
C PHE I 204 8.90 21.99 -4.74
N LYS I 205 8.93 21.68 -6.04
CA LYS I 205 7.89 22.17 -6.94
C LYS I 205 6.52 21.64 -6.53
N ASN I 206 6.44 20.36 -6.17
CA ASN I 206 5.14 19.79 -5.80
C ASN I 206 4.56 20.49 -4.57
N PHE I 207 5.38 20.63 -3.52
CA PHE I 207 4.90 21.28 -2.30
C PHE I 207 4.51 22.73 -2.56
N CYS I 208 5.32 23.45 -3.35
CA CYS I 208 4.99 24.83 -3.65
C CYS I 208 3.70 24.93 -4.44
N GLU I 209 3.48 24.01 -5.39
CA GLU I 209 2.23 24.02 -6.14
C GLU I 209 1.03 23.73 -5.24
N THR I 210 1.17 22.79 -4.31
CA THR I 210 0.09 22.54 -3.37
C THR I 210 -0.22 23.77 -2.55
N VAL I 211 0.81 24.45 -2.04
CA VAL I 211 0.59 25.65 -1.25
C VAL I 211 -0.10 26.71 -2.10
N LYS I 212 0.37 26.92 -3.32
CA LYS I 212 -0.23 27.94 -4.19
C LYS I 212 -1.69 27.64 -4.45
N SER I 213 -2.01 26.37 -4.76
CA SER I 213 -3.41 26.01 -4.99
C SER I 213 -4.24 26.25 -3.75
N HIS I 214 -3.68 25.95 -2.57
CA HIS I 214 -4.42 26.20 -1.33
C HIS I 214 -4.71 27.68 -1.15
N ILE I 215 -3.73 28.54 -1.39
CA ILE I 215 -3.92 29.97 -1.18
C ILE I 215 -4.37 30.71 -2.43
N GLY I 216 -4.14 30.14 -3.61
CA GLY I 216 -4.48 30.82 -4.85
C GLY I 216 -3.56 31.99 -5.14
N ALA I 217 -2.28 31.69 -5.33
CA ALA I 217 -1.28 32.72 -5.61
C ALA I 217 -0.29 32.19 -6.63
N GLU I 218 0.38 33.13 -7.31
CA GLU I 218 1.37 32.81 -8.33
C GLU I 218 2.73 33.32 -7.89
N VAL I 219 3.74 32.47 -8.01
CA VAL I 219 5.13 32.83 -7.70
C VAL I 219 5.92 32.74 -8.99
N TYR I 220 6.51 33.86 -9.40
CA TYR I 220 7.26 33.94 -10.64
C TYR I 220 8.50 34.78 -10.43
N PRO I 221 9.57 34.53 -11.19
CA PRO I 221 10.76 35.39 -11.12
C PRO I 221 10.56 36.63 -11.98
N ASN I 222 10.54 37.80 -11.34
CA ASN I 222 10.29 39.04 -12.07
C ASN I 222 11.31 39.21 -13.17
N ARG I 223 10.81 39.48 -14.39
CA ARG I 223 11.71 39.62 -15.54
C ARG I 223 12.57 40.87 -15.42
N GLN I 224 12.01 41.96 -14.89
CA GLN I 224 12.72 43.23 -14.86
C GLN I 224 13.76 43.26 -13.75
N THR I 225 13.31 43.15 -12.50
CA THR I 225 14.22 43.24 -11.37
C THR I 225 14.90 41.92 -11.02
N GLY I 226 14.35 40.80 -11.48
CA GLY I 226 14.98 39.51 -11.28
C GLY I 226 14.65 38.82 -9.97
N GLN I 227 13.92 39.47 -9.08
CA GLN I 227 13.58 38.89 -7.78
C GLN I 227 12.32 38.06 -7.88
N ILE I 228 12.10 37.22 -6.87
CA ILE I 228 10.91 36.39 -6.79
C ILE I 228 9.75 37.23 -6.28
N SER I 229 8.65 37.24 -7.03
CA SER I 229 7.48 38.03 -6.69
C SER I 229 6.27 37.11 -6.54
N ILE I 230 5.38 37.49 -5.61
CA ILE I 230 4.17 36.74 -5.33
C ILE I 230 2.98 37.65 -5.54
N ARG I 231 1.99 37.18 -6.29
CA ARG I 231 0.78 37.93 -6.58
C ARG I 231 -0.43 37.11 -6.16
N LEU I 232 -1.33 37.73 -5.42
CA LEU I 232 -2.55 37.07 -4.96
C LEU I 232 -3.69 37.35 -5.93
N LEU I 233 -4.50 36.34 -6.18
CA LEU I 233 -5.66 36.45 -7.08
C LEU I 233 -6.85 36.91 -6.24
N ARG I 234 -6.97 38.22 -6.09
CA ARG I 234 -8.05 38.82 -5.31
C ARG I 234 -8.61 40.03 -6.06
N ASP I 235 -9.87 40.35 -5.78
CA ASP I 235 -10.53 41.51 -6.37
C ASP I 235 -10.18 42.77 -5.57
N ASP I 236 -8.88 43.07 -5.54
CA ASP I 236 -8.33 44.21 -4.82
C ASP I 236 -7.67 45.19 -5.77
N TYR I 237 -8.33 45.48 -6.90
CA TYR I 237 -7.79 46.35 -7.92
C TYR I 237 -8.77 47.45 -8.25
N ASN I 238 -8.24 48.58 -8.72
CA ASN I 238 -9.04 49.68 -9.22
C ASN I 238 -9.14 49.59 -10.73
N VAL I 239 -10.36 49.82 -11.25
CA VAL I 239 -10.58 49.67 -12.69
C VAL I 239 -9.75 50.70 -13.46
N ALA I 240 -9.71 51.94 -12.96
CA ALA I 240 -9.08 53.01 -13.72
C ALA I 240 -7.59 52.78 -13.89
N ASP I 241 -6.88 52.45 -12.80
CA ASP I 241 -5.43 52.41 -12.85
C ASP I 241 -4.90 51.28 -13.72
N LEU I 242 -5.67 50.21 -13.88
CA LEU I 242 -5.20 49.08 -14.67
C LEU I 242 -5.01 49.49 -16.13
N PRO I 243 -3.98 48.98 -16.79
CA PRO I 243 -3.77 49.35 -18.20
C PRO I 243 -4.87 48.82 -19.11
N LEU I 244 -5.11 49.57 -20.18
CA LEU I 244 -6.10 49.21 -21.19
C LEU I 244 -5.40 48.95 -22.52
N PHE I 245 -5.84 47.90 -23.21
CA PHE I 245 -5.28 47.51 -24.50
C PHE I 245 -6.39 47.45 -25.52
N ASP I 246 -6.15 48.04 -26.69
CA ASP I 246 -7.15 48.14 -27.75
C ASP I 246 -6.46 47.93 -29.09
N GLU I 247 -7.28 47.73 -30.13
CA GLU I 247 -6.72 47.53 -31.47
C GLU I 247 -5.82 48.69 -31.86
N ASP I 248 -6.21 49.91 -31.50
CA ASP I 248 -5.40 51.10 -31.75
C ASP I 248 -4.50 51.46 -30.59
N SER I 249 -4.56 50.73 -29.47
CA SER I 249 -3.80 51.05 -28.28
C SER I 249 -2.75 49.99 -27.94
N GLY I 250 -2.55 49.00 -28.81
CA GLY I 250 -1.50 48.03 -28.60
C GLY I 250 -1.92 46.58 -28.78
N LEU I 251 -3.13 46.35 -29.27
CA LEU I 251 -3.62 45.01 -29.54
C LEU I 251 -3.53 44.73 -31.03
N LEU I 252 -2.90 43.62 -31.39
CA LEU I 252 -2.72 43.26 -32.79
C LEU I 252 -3.88 42.41 -33.31
N GLU I 253 -4.09 41.24 -32.70
CA GLU I 253 -5.15 40.34 -33.14
C GLU I 253 -5.51 39.40 -32.00
N ILE I 254 -6.80 39.15 -31.84
CA ILE I 254 -7.31 38.22 -30.84
C ILE I 254 -7.97 37.06 -31.59
N THR I 255 -7.46 35.85 -31.37
CA THR I 255 -7.91 34.68 -32.11
C THR I 255 -8.86 33.81 -31.29
N GLN I 256 -8.42 33.34 -30.12
CA GLN I 256 -9.19 32.40 -29.33
C GLN I 256 -10.13 33.13 -28.37
N GLU I 257 -11.28 32.53 -28.14
CA GLU I 257 -12.28 33.08 -27.22
C GLU I 257 -12.71 32.09 -26.15
N LYS I 258 -12.85 30.81 -26.50
CA LYS I 258 -13.22 29.76 -25.54
C LYS I 258 -14.38 30.20 -24.66
N THR I 259 -15.52 30.45 -25.30
CA THR I 259 -16.69 30.90 -24.54
C THR I 259 -17.11 29.88 -23.49
N GLY I 260 -16.82 28.60 -23.72
CA GLY I 260 -17.14 27.58 -22.76
C GLY I 260 -18.60 27.18 -22.79
N SER I 261 -18.98 26.36 -21.81
CA SER I 261 -20.34 25.88 -21.67
C SER I 261 -20.69 25.80 -20.20
N THR I 262 -22.00 25.81 -19.92
CA THR I 262 -22.50 25.76 -18.55
C THR I 262 -23.36 24.55 -18.24
N SER I 263 -23.99 23.93 -19.25
CA SER I 263 -24.79 22.73 -18.99
C SER I 263 -23.94 21.63 -18.35
N LEU I 264 -22.66 21.54 -18.69
CA LEU I 264 -21.74 20.65 -18.04
C LEU I 264 -21.28 21.32 -16.74
N ALA I 265 -20.25 20.76 -16.08
CA ALA I 265 -19.68 21.29 -14.85
C ALA I 265 -20.51 20.75 -13.67
N PRO I 266 -19.91 20.53 -12.50
CA PRO I 266 -20.63 19.90 -11.37
C PRO I 266 -21.86 20.66 -10.94
N SER I 267 -22.68 19.94 -10.16
CA SER I 267 -23.74 20.56 -9.36
C SER I 267 -23.53 20.37 -7.87
N GLN I 268 -22.59 19.51 -7.45
CA GLN I 268 -22.29 19.32 -6.04
C GLN I 268 -20.80 19.12 -5.89
N LEU I 269 -20.22 19.74 -4.87
CA LEU I 269 -18.78 19.67 -4.63
C LEU I 269 -18.55 19.21 -3.20
N ILE I 270 -17.69 18.22 -3.03
CA ILE I 270 -17.34 17.67 -1.73
C ILE I 270 -15.91 18.05 -1.41
N VAL I 271 -15.71 18.70 -0.26
CA VAL I 271 -14.40 19.12 0.20
C VAL I 271 -14.04 18.30 1.43
N LYS I 272 -12.86 17.67 1.39
CA LYS I 272 -12.37 16.87 2.51
C LYS I 272 -11.18 17.56 3.13
N TYR I 273 -11.22 17.74 4.45
CA TYR I 273 -10.17 18.40 5.20
C TYR I 273 -9.89 17.61 6.47
N ILE I 274 -8.76 17.92 7.10
CA ILE I 274 -8.35 17.29 8.34
C ILE I 274 -8.40 18.33 9.45
N ASP I 275 -8.99 17.95 10.58
CA ASP I 275 -9.06 18.83 11.74
C ASP I 275 -7.83 18.61 12.60
N GLN I 276 -7.08 19.69 12.85
CA GLN I 276 -5.83 19.57 13.58
C GLN I 276 -6.03 19.34 15.07
N ILE I 277 -7.23 19.62 15.60
CA ILE I 277 -7.47 19.39 17.01
C ILE I 277 -7.33 17.91 17.34
N ASP I 278 -7.91 17.05 16.51
CA ASP I 278 -7.86 15.60 16.70
C ASP I 278 -7.19 14.85 15.55
N GLY I 279 -6.95 15.50 14.42
CA GLY I 279 -6.35 14.82 13.30
C GLY I 279 -7.26 13.85 12.58
N ALA I 280 -8.57 14.01 12.72
CA ALA I 280 -9.54 13.10 12.12
C ALA I 280 -10.05 13.69 10.81
N GLN I 281 -10.25 12.81 9.83
CA GLN I 281 -10.75 13.25 8.53
C GLN I 281 -12.15 13.84 8.68
N ARG I 282 -12.36 15.00 8.08
CA ARG I 282 -13.66 15.66 8.07
C ARG I 282 -13.90 16.22 6.68
N GLN I 283 -15.18 16.43 6.35
CA GLN I 283 -15.55 16.93 5.04
C GLN I 283 -16.73 17.88 5.17
N ILE I 284 -16.85 18.76 4.17
CA ILE I 284 -17.96 19.69 4.04
C ILE I 284 -18.49 19.59 2.62
N ILE I 285 -19.72 20.05 2.43
CA ILE I 285 -20.41 19.96 1.16
C ILE I 285 -20.75 21.37 0.69
N VAL I 286 -20.31 21.70 -0.52
CA VAL I 286 -20.67 22.94 -1.18
C VAL I 286 -21.64 22.59 -2.31
N ASN I 287 -22.84 23.15 -2.25
CA ASN I 287 -23.93 22.76 -3.14
C ASN I 287 -24.15 23.82 -4.20
N ASN I 288 -24.68 23.38 -5.36
CA ASN I 288 -25.01 24.24 -6.49
C ASN I 288 -26.44 23.90 -6.91
N ASN I 289 -27.40 24.63 -6.35
CA ASN I 289 -28.80 24.29 -6.54
C ASN I 289 -29.26 24.60 -7.96
N ALA I 290 -28.88 25.75 -8.49
CA ALA I 290 -29.37 26.15 -9.81
C ALA I 290 -28.87 25.20 -10.89
N VAL I 291 -27.55 24.98 -10.95
CA VAL I 291 -27.02 24.07 -11.95
C VAL I 291 -27.51 22.66 -11.69
N ALA I 292 -27.76 22.30 -10.44
CA ALA I 292 -28.37 21.00 -10.14
C ALA I 292 -29.73 20.89 -10.80
N ALA I 293 -30.55 21.94 -10.71
CA ALA I 293 -31.82 21.94 -11.41
C ALA I 293 -31.62 21.82 -12.91
N SER I 294 -30.60 22.49 -13.45
CA SER I 294 -30.29 22.34 -14.87
C SER I 294 -29.89 20.91 -15.19
N GLN I 295 -29.10 20.28 -14.32
CA GLN I 295 -28.62 18.92 -14.57
C GLN I 295 -29.75 17.91 -14.37
N GLY I 296 -30.06 17.16 -15.44
CA GLY I 296 -31.00 16.05 -15.32
C GLY I 296 -30.42 14.84 -14.60
N ARG I 297 -29.09 14.72 -14.57
CA ARG I 297 -28.41 13.66 -13.85
C ARG I 297 -27.46 14.28 -12.84
N ARG I 298 -27.51 13.81 -11.60
CA ARG I 298 -26.68 14.37 -10.55
C ARG I 298 -25.20 14.11 -10.84
N SER I 299 -24.36 15.03 -10.40
CA SER I 299 -22.91 14.93 -10.58
C SER I 299 -22.23 15.43 -9.32
N SER I 300 -21.05 14.89 -9.04
CA SER I 300 -20.30 15.28 -7.85
C SER I 300 -18.83 14.97 -8.06
N GLU I 301 -17.98 15.78 -7.42
CA GLU I 301 -16.54 15.59 -7.45
C GLU I 301 -15.99 15.74 -6.04
N GLU I 302 -14.85 15.11 -5.79
CA GLU I 302 -14.19 15.14 -4.49
C GLU I 302 -12.86 15.84 -4.62
N ILE I 303 -12.62 16.84 -3.77
CA ILE I 303 -11.38 17.58 -3.74
C ILE I 303 -10.84 17.54 -2.32
N GLU I 304 -9.55 17.24 -2.18
CA GLU I 304 -8.92 17.09 -0.88
C GLU I 304 -8.06 18.32 -0.57
N PHE I 305 -8.34 18.95 0.58
CA PHE I 305 -7.64 20.15 1.01
C PHE I 305 -7.04 19.92 2.39
N LEU I 306 -6.32 18.80 2.54
CA LEU I 306 -5.80 18.41 3.85
C LEU I 306 -5.02 19.52 4.54
N GLY I 307 -4.59 20.55 3.82
CA GLY I 307 -3.92 21.66 4.47
C GLY I 307 -4.83 22.52 5.32
N VAL I 308 -6.14 22.45 5.09
CA VAL I 308 -7.10 23.30 5.79
C VAL I 308 -7.34 22.76 7.19
N PRO I 309 -7.13 23.55 8.25
CA PRO I 309 -7.35 23.05 9.60
C PRO I 309 -8.74 23.30 10.18
N THR I 310 -9.57 24.13 9.55
CA THR I 310 -10.88 24.49 10.08
C THR I 310 -11.93 24.36 8.99
N GLY I 311 -13.16 24.01 9.41
CA GLY I 311 -14.22 23.80 8.46
C GLY I 311 -14.63 25.07 7.72
N GLU I 312 -14.63 26.21 8.42
CA GLU I 312 -15.04 27.46 7.79
C GLU I 312 -14.09 27.86 6.68
N LEU I 313 -12.78 27.73 6.91
CA LEU I 313 -11.81 28.04 5.87
C LEU I 313 -11.98 27.13 4.66
N ALA I 314 -12.19 25.84 4.92
CA ALA I 314 -12.45 24.90 3.83
C ALA I 314 -13.69 25.31 3.06
N GLY I 315 -14.74 25.74 3.76
CA GLY I 315 -15.94 26.20 3.09
C GLY I 315 -15.68 27.41 2.21
N ARG I 316 -14.90 28.37 2.71
CA ARG I 316 -14.58 29.54 1.91
C ARG I 316 -13.86 29.16 0.64
N VAL I 317 -12.82 28.32 0.75
CA VAL I 317 -12.06 27.94 -0.44
C VAL I 317 -12.93 27.11 -1.38
N GLY I 318 -13.82 26.28 -0.85
CA GLY I 318 -14.72 25.52 -1.70
C GLY I 318 -15.70 26.41 -2.44
N GLU I 319 -16.20 27.45 -1.78
CA GLU I 319 -17.04 28.42 -2.47
C GLU I 319 -16.26 29.09 -3.59
N ARG I 320 -15.00 29.43 -3.34
CA ARG I 320 -14.19 30.03 -4.40
C ARG I 320 -14.03 29.06 -5.58
N GLU I 321 -13.77 27.79 -5.29
CA GLU I 321 -13.58 26.82 -6.36
C GLU I 321 -14.86 26.62 -7.16
N MET I 322 -16.00 26.53 -6.48
CA MET I 322 -17.28 26.40 -7.19
C MET I 322 -17.55 27.64 -8.03
N ARG I 323 -17.29 28.82 -7.47
CA ARG I 323 -17.39 30.08 -8.20
C ARG I 323 -16.61 30.01 -9.50
N LEU I 324 -15.34 29.59 -9.41
CA LEU I 324 -14.51 29.50 -10.61
C LEU I 324 -15.07 28.48 -11.59
N LYS I 325 -15.46 27.31 -11.10
CA LYS I 325 -15.75 26.17 -11.98
C LYS I 325 -17.12 26.24 -12.62
N THR I 326 -18.05 27.04 -12.08
CA THR I 326 -19.41 27.08 -12.60
C THR I 326 -19.85 28.48 -13.03
N THR I 327 -18.93 29.43 -13.17
CA THR I 327 -19.27 30.76 -13.65
C THR I 327 -19.06 30.94 -15.14
N GLY I 328 -18.48 29.95 -15.82
CA GLY I 328 -18.32 30.02 -17.26
C GLY I 328 -17.27 31.02 -17.71
N LEU I 329 -16.00 30.75 -17.38
CA LEU I 329 -14.94 31.67 -17.74
C LEU I 329 -14.75 31.73 -19.24
N LYS I 330 -14.31 32.89 -19.73
CA LYS I 330 -13.96 33.10 -21.12
C LYS I 330 -12.45 33.27 -21.21
N ARG I 331 -11.80 32.40 -21.98
CA ARG I 331 -10.35 32.39 -22.10
C ARG I 331 -9.98 32.96 -23.47
N TYR I 332 -9.18 34.03 -23.46
CA TYR I 332 -8.77 34.71 -24.68
C TYR I 332 -7.29 34.50 -24.94
N LYS I 333 -6.93 34.45 -26.22
CA LYS I 333 -5.54 34.33 -26.67
C LYS I 333 -5.27 35.51 -27.59
N GLY I 334 -4.84 36.62 -27.01
CA GLY I 334 -4.60 37.83 -27.78
C GLY I 334 -3.17 37.98 -28.24
N VAL I 335 -3.00 38.83 -29.24
CA VAL I 335 -1.68 39.17 -29.79
C VAL I 335 -1.48 40.66 -29.60
N PHE I 336 -0.35 41.02 -28.98
CA PHE I 336 -0.08 42.41 -28.61
C PHE I 336 1.27 42.85 -29.17
N ASP I 337 1.41 44.16 -29.30
CA ASP I 337 2.66 44.78 -29.72
C ASP I 337 3.49 45.12 -28.47
N ARG I 338 4.51 45.96 -28.62
CA ARG I 338 5.42 46.24 -27.52
C ARG I 338 4.71 46.86 -26.32
N ARG I 339 3.51 47.41 -26.51
CA ARG I 339 2.81 48.08 -25.41
C ARG I 339 2.56 47.14 -24.24
N ALA I 340 2.54 45.82 -24.46
CA ALA I 340 2.34 44.84 -23.41
C ALA I 340 3.65 44.26 -22.92
N ARG I 341 4.73 45.05 -22.94
CA ARG I 341 6.04 44.54 -22.59
C ARG I 341 6.22 44.38 -21.09
N SER I 342 5.61 45.25 -20.28
CA SER I 342 5.85 45.28 -18.84
C SER I 342 4.92 44.35 -18.05
N LEU I 343 4.02 43.64 -18.71
CA LEU I 343 3.10 42.76 -18.00
C LEU I 343 3.83 41.54 -17.44
N ASN I 344 3.30 41.01 -16.35
CA ASN I 344 3.85 39.86 -15.65
C ASN I 344 2.74 38.88 -15.34
N PRO I 345 3.08 37.62 -15.06
CA PRO I 345 2.03 36.63 -14.79
C PRO I 345 1.14 37.06 -13.63
N GLY I 346 -0.16 36.82 -13.80
CA GLY I 346 -1.13 37.16 -12.78
C GLY I 346 -1.54 38.62 -12.75
N GLN I 347 -0.98 39.45 -13.63
CA GLN I 347 -1.32 40.87 -13.64
C GLN I 347 -2.61 41.09 -14.42
N PRO I 348 -3.65 41.66 -13.81
CA PRO I 348 -4.88 41.91 -14.57
C PRO I 348 -4.80 43.19 -15.39
N PHE I 349 -5.50 43.17 -16.51
CA PHE I 349 -5.55 44.34 -17.38
C PHE I 349 -6.79 44.24 -18.26
N LEU I 350 -7.15 45.37 -18.87
CA LEU I 350 -8.36 45.49 -19.66
C LEU I 350 -8.06 45.35 -21.15
N ILE I 351 -9.02 44.81 -21.88
CA ILE I 351 -8.93 44.66 -23.33
C ILE I 351 -10.25 45.09 -23.95
N ARG I 352 -10.17 45.83 -25.05
CA ARG I 352 -11.35 46.28 -25.77
C ARG I 352 -11.13 46.07 -27.26
N SER I 353 -12.15 45.53 -27.94
CA SER I 353 -12.11 45.33 -29.38
C SER I 353 -13.54 45.47 -29.90
N THR I 354 -13.88 46.68 -30.34
CA THR I 354 -15.24 46.94 -30.81
C THR I 354 -15.64 46.03 -31.98
N PRO I 355 -14.80 45.79 -32.99
CA PRO I 355 -15.26 44.95 -34.12
C PRO I 355 -15.72 43.57 -33.68
N ARG I 356 -15.06 43.00 -32.67
CA ARG I 356 -15.43 41.67 -32.18
C ARG I 356 -16.64 41.70 -31.24
N GLY I 357 -17.13 42.88 -30.88
CA GLY I 357 -18.26 42.97 -29.97
C GLY I 357 -17.92 42.64 -28.54
N ILE I 358 -16.66 42.74 -28.16
CA ILE I 358 -16.21 42.44 -26.79
C ILE I 358 -16.09 43.78 -26.06
N PRO I 359 -16.93 44.06 -25.07
CA PRO I 359 -16.77 45.32 -24.32
C PRO I 359 -15.56 45.28 -23.41
N GLU I 360 -15.29 46.38 -22.70
CA GLU I 360 -14.16 46.40 -21.78
C GLU I 360 -14.29 45.26 -20.78
N THR I 361 -13.30 44.37 -20.77
CA THR I 361 -13.32 43.17 -19.95
C THR I 361 -12.03 43.09 -19.15
N VAL I 362 -12.14 42.58 -17.93
CA VAL I 362 -11.00 42.43 -17.04
C VAL I 362 -10.51 40.99 -17.15
N VAL I 363 -9.24 40.82 -17.52
CA VAL I 363 -8.65 39.51 -17.70
C VAL I 363 -7.32 39.46 -16.94
N ARG I 364 -6.90 38.24 -16.60
CA ARG I 364 -5.66 38.01 -15.89
C ARG I 364 -4.68 37.27 -16.79
N VAL I 365 -3.43 37.73 -16.78
CA VAL I 365 -2.42 37.18 -17.69
C VAL I 365 -2.13 35.73 -17.33
N GLY I 366 -1.87 34.91 -18.35
CA GLY I 366 -1.50 33.53 -18.16
C GLY I 366 -0.14 33.23 -18.73
N ARG I 367 -0.08 32.33 -19.72
CA ARG I 367 1.18 32.02 -20.38
C ARG I 367 1.64 33.22 -21.20
N ILE I 368 2.95 33.48 -21.18
CA ILE I 368 3.55 34.62 -21.86
C ILE I 368 4.61 34.12 -22.83
N GLU I 369 4.53 34.56 -24.08
CA GLU I 369 5.57 34.32 -25.07
C GLU I 369 5.77 35.61 -25.86
N ASP I 370 6.99 36.14 -25.83
CA ASP I 370 7.31 37.39 -26.51
C ASP I 370 8.60 37.23 -27.30
N ASN I 371 8.71 38.00 -28.38
CA ASN I 371 9.85 37.95 -29.28
C ASN I 371 10.30 39.39 -29.53
N PHE I 372 11.30 39.85 -28.78
CA PHE I 372 11.76 41.23 -28.90
C PHE I 372 12.57 41.44 -30.17
N LEU I 373 13.40 40.46 -30.54
CA LEU I 373 14.27 40.57 -31.70
C LEU I 373 13.91 39.49 -32.70
N GLY I 374 13.71 39.90 -33.96
CA GLY I 374 13.30 38.98 -35.00
C GLY I 374 11.88 39.22 -35.46
N ASP I 375 10.96 38.33 -35.11
CA ASP I 375 9.58 38.46 -35.56
C ASP I 375 8.90 39.67 -34.94
N GLY I 376 9.28 40.04 -33.72
CA GLY I 376 8.62 41.15 -33.05
C GLY I 376 7.23 40.83 -32.56
N LYS I 377 6.93 39.55 -32.36
CA LYS I 377 5.58 39.10 -32.00
C LYS I 377 5.51 38.89 -30.50
N ILE I 378 4.59 39.59 -29.84
CA ILE I 378 4.31 39.40 -28.43
C ILE I 378 2.91 38.83 -28.32
N THR I 379 2.81 37.57 -27.89
CA THR I 379 1.54 36.87 -27.79
C THR I 379 1.31 36.47 -26.34
N LEU I 380 0.11 36.77 -25.83
CA LEU I 380 -0.25 36.50 -24.45
C LEU I 380 -1.51 35.65 -24.39
N THR I 381 -1.58 34.79 -23.39
CA THR I 381 -2.78 34.00 -23.10
C THR I 381 -3.37 34.51 -21.79
N VAL I 382 -4.65 34.88 -21.83
CA VAL I 382 -5.30 35.51 -20.69
C VAL I 382 -6.60 34.79 -20.39
N VAL I 383 -7.08 34.95 -19.17
CA VAL I 383 -8.34 34.38 -18.71
C VAL I 383 -9.17 35.47 -18.05
N GLN I 384 -10.48 35.30 -18.07
CA GLN I 384 -11.36 36.25 -17.43
C GLN I 384 -11.14 36.25 -15.92
N ASP I 385 -11.25 37.43 -15.32
CA ASP I 385 -10.99 37.58 -13.89
C ASP I 385 -12.20 37.11 -13.10
N GLN I 386 -12.07 35.93 -12.47
CA GLN I 386 -13.14 35.39 -11.64
C GLN I 386 -12.58 34.77 -10.36
N PHE I 387 -11.42 35.22 -9.92
CA PHE I 387 -10.75 34.69 -8.74
C PHE I 387 -10.99 35.62 -7.56
N ASN I 388 -11.53 35.07 -6.47
CA ASN I 388 -11.78 35.86 -5.27
C ASN I 388 -12.06 34.90 -4.12
N LEU I 389 -11.46 35.18 -2.97
CA LEU I 389 -11.61 34.34 -1.79
C LEU I 389 -12.54 35.02 -0.80
N PRO I 390 -13.81 34.60 -0.69
CA PRO I 390 -14.71 35.28 0.25
C PRO I 390 -14.27 35.07 1.69
N ALA I 391 -14.54 36.08 2.52
CA ALA I 391 -14.19 36.04 3.93
C ALA I 391 -15.29 35.42 4.79
N THR I 392 -16.44 35.09 4.22
CA THR I 392 -17.55 34.50 4.95
C THR I 392 -18.17 33.38 4.14
N THR I 393 -18.55 32.30 4.82
CA THR I 393 -19.18 31.15 4.19
C THR I 393 -20.55 30.91 4.83
N GLY I 394 -21.32 30.04 4.19
CA GLY I 394 -22.65 29.71 4.67
C GLY I 394 -22.68 28.43 5.49
N VAL I 395 -22.04 27.38 4.97
CA VAL I 395 -22.02 26.10 5.67
C VAL I 395 -21.21 26.24 6.96
N ALA I 396 -21.56 25.43 7.96
CA ALA I 396 -20.86 25.41 9.24
C ALA I 396 -20.47 23.98 9.58
N PRO I 397 -19.40 23.80 10.35
CA PRO I 397 -18.99 22.44 10.72
C PRO I 397 -19.68 21.99 12.00
N PRO I 398 -20.34 20.83 11.98
CA PRO I 398 -21.02 20.35 13.19
C PRO I 398 -20.03 19.83 14.21
N PRO I 399 -20.46 19.60 15.44
CA PRO I 399 -19.52 19.30 16.53
C PRO I 399 -18.94 17.89 16.44
N PRO I 400 -19.75 16.87 16.13
CA PRO I 400 -19.35 15.50 16.52
C PRO I 400 -18.00 15.11 15.96
N GLY I 401 -17.10 14.68 16.85
CA GLY I 401 -15.79 14.21 16.46
C GLY I 401 -15.59 12.75 16.82
N TRP I 402 -14.79 12.47 17.84
CA TRP I 402 -14.58 11.11 18.31
C TRP I 402 -15.53 10.70 19.42
N THR I 403 -16.13 11.66 20.13
CA THR I 403 -17.06 11.38 21.20
C THR I 403 -16.41 10.43 22.21
N PRO I 404 -15.38 10.86 22.92
CA PRO I 404 -14.67 9.95 23.84
C PRO I 404 -15.60 9.45 24.93
N PRO I 405 -15.47 8.19 25.34
CA PRO I 405 -16.25 7.72 26.49
C PRO I 405 -15.88 8.47 27.75
N ASP I 406 -16.87 8.68 28.62
CA ASP I 406 -16.69 9.39 29.87
C ASP I 406 -16.59 8.35 31.00
N ARG I 407 -15.36 7.93 31.28
CA ARG I 407 -15.15 6.97 32.37
C ARG I 407 -15.11 7.67 33.72
N THR I 408 -14.08 8.52 33.94
CA THR I 408 -14.03 9.44 35.07
C THR I 408 -14.70 8.86 36.31
N PRO I 409 -14.13 7.81 36.90
CA PRO I 409 -14.85 7.04 37.93
C PRO I 409 -15.56 7.91 38.97
N ARG I 410 -16.79 7.54 39.28
CA ARG I 410 -17.59 8.20 40.30
C ARG I 410 -17.57 7.40 41.59
N ALA I 411 -17.93 8.06 42.69
CA ALA I 411 -18.07 7.41 43.97
C ALA I 411 -19.37 6.61 44.03
N ILE I 412 -19.32 5.46 44.69
CA ILE I 412 -20.49 4.60 44.79
C ILE I 412 -21.56 5.30 45.62
N THR I 413 -22.79 5.30 45.11
CA THR I 413 -23.90 5.95 45.80
C THR I 413 -24.70 4.97 46.65
N VAL I 414 -24.87 3.74 46.19
CA VAL I 414 -25.64 2.71 46.88
C VAL I 414 -24.66 1.64 47.37
N ARG I 415 -24.78 1.28 48.65
CA ARG I 415 -23.86 0.34 49.28
C ARG I 415 -24.48 -0.09 50.61
N ARG I 416 -23.76 -0.96 51.32
CA ARG I 416 -24.20 -1.43 52.63
C ARG I 416 -23.09 -2.28 53.24
N LEU I 417 -23.08 -2.33 54.57
CA LEU I 417 -22.20 -3.21 55.32
C LEU I 417 -23.04 -4.17 56.15
N ILE I 418 -22.55 -5.41 56.29
CA ILE I 418 -23.26 -6.46 57.01
C ILE I 418 -22.25 -7.31 57.77
N GLU I 419 -22.78 -8.17 58.64
CA GLU I 419 -22.00 -9.16 59.37
C GLU I 419 -22.32 -10.54 58.82
N ALA I 420 -21.29 -11.32 58.53
CA ALA I 420 -21.51 -12.64 57.93
C ALA I 420 -22.12 -13.58 58.94
N PRO I 421 -23.27 -14.18 58.68
CA PRO I 421 -23.85 -15.16 59.59
C PRO I 421 -23.12 -16.50 59.48
N TYR I 422 -23.53 -17.45 60.33
CA TYR I 422 -22.85 -18.74 60.39
C TYR I 422 -23.00 -19.53 59.10
N ARG I 423 -23.99 -19.21 58.26
CA ARG I 423 -24.22 -19.99 57.05
C ARG I 423 -23.01 -19.93 56.12
N GLU I 424 -22.55 -18.71 55.81
CA GLU I 424 -21.44 -18.57 54.85
C GLU I 424 -20.14 -19.10 55.45
N LEU I 425 -19.92 -18.88 56.75
CA LEU I 425 -18.73 -19.42 57.38
C LEU I 425 -18.72 -20.95 57.31
N ALA I 426 -19.87 -21.57 57.57
CA ALA I 426 -19.97 -23.02 57.46
C ALA I 426 -19.71 -23.47 56.02
N GLY I 427 -20.23 -22.74 55.05
CA GLY I 427 -20.07 -23.11 53.66
C GLY I 427 -18.76 -22.71 53.02
N VAL I 428 -17.89 -21.97 53.71
CA VAL I 428 -16.68 -21.46 53.09
C VAL I 428 -15.44 -21.78 53.93
N ILE I 429 -15.64 -22.18 55.19
CA ILE I 429 -14.53 -22.47 56.10
C ILE I 429 -14.54 -23.97 56.40
N ASP I 430 -13.37 -24.59 56.33
CA ASP I 430 -13.26 -26.01 56.55
C ASP I 430 -13.62 -26.35 58.00
N PRO I 431 -14.12 -27.57 58.27
CA PRO I 431 -14.53 -27.90 59.63
C PRO I 431 -13.40 -27.78 60.65
N ALA I 432 -12.18 -28.14 60.28
CA ALA I 432 -11.08 -28.15 61.25
C ALA I 432 -10.83 -26.75 61.81
N ASN I 433 -10.82 -25.74 60.94
CA ASN I 433 -10.64 -24.38 61.40
C ASN I 433 -11.92 -23.81 62.01
N LEU I 434 -13.08 -24.23 61.49
CA LEU I 434 -14.35 -23.69 61.99
C LEU I 434 -14.59 -24.10 63.44
N GLN I 435 -14.31 -25.35 63.78
CA GLN I 435 -14.62 -25.83 65.13
C GLN I 435 -13.82 -25.07 66.18
N LEU I 436 -12.60 -24.66 65.85
CA LEU I 436 -11.78 -23.90 66.79
C LEU I 436 -12.21 -22.44 66.92
N LEU I 437 -13.11 -21.98 66.07
CA LEU I 437 -13.56 -20.59 66.14
C LEU I 437 -14.38 -20.37 67.41
N ASP I 438 -14.06 -19.31 68.14
CA ASP I 438 -14.78 -19.00 69.37
C ASP I 438 -16.13 -18.39 69.04
N VAL I 439 -17.02 -18.41 70.05
CA VAL I 439 -18.38 -17.90 69.86
C VAL I 439 -18.38 -16.40 69.55
N SER I 440 -17.35 -15.67 69.98
CA SER I 440 -17.30 -14.24 69.81
C SER I 440 -16.76 -13.81 68.44
N ALA I 441 -16.38 -14.75 67.58
CA ALA I 441 -15.82 -14.40 66.29
C ALA I 441 -16.85 -13.69 65.43
N SER I 442 -16.38 -12.74 64.62
CA SER I 442 -17.23 -11.99 63.71
C SER I 442 -16.47 -11.69 62.43
N TYR I 443 -17.20 -11.57 61.34
CA TYR I 443 -16.63 -11.27 60.03
C TYR I 443 -17.41 -10.14 59.39
N LEU I 444 -16.72 -9.37 58.54
CA LEU I 444 -17.29 -8.20 57.90
C LEU I 444 -17.42 -8.42 56.40
N ALA I 445 -18.53 -7.93 55.84
CA ALA I 445 -18.78 -8.01 54.40
C ALA I 445 -19.45 -6.72 53.94
N ALA I 446 -19.28 -6.41 52.66
CA ALA I 446 -19.82 -5.19 52.09
C ALA I 446 -20.48 -5.50 50.75
N LEU I 447 -21.49 -4.70 50.41
CA LEU I 447 -22.22 -4.82 49.16
C LEU I 447 -22.34 -3.44 48.52
N ALA I 448 -22.35 -3.42 47.19
CA ALA I 448 -22.37 -2.16 46.46
C ALA I 448 -23.08 -2.36 45.11
N GLU I 449 -23.50 -1.23 44.54
CA GLU I 449 -24.15 -1.20 43.24
C GLU I 449 -23.31 -0.36 42.29
N ALA I 450 -23.18 -0.84 41.05
CA ALA I 450 -22.36 -0.14 40.07
C ALA I 450 -22.97 1.24 39.79
N PRO I 451 -22.18 2.33 39.89
CA PRO I 451 -22.72 3.63 39.52
C PRO I 451 -22.86 3.83 38.03
N THR I 452 -21.96 3.25 37.23
CA THR I 452 -22.01 3.37 35.78
C THR I 452 -21.68 2.02 35.16
N SER I 453 -22.16 1.82 33.93
CA SER I 453 -21.89 0.57 33.23
C SER I 453 -20.41 0.40 32.89
N LEU I 454 -19.63 1.47 32.97
CA LEU I 454 -18.21 1.42 32.65
C LEU I 454 -17.34 1.07 33.86
N SER I 455 -17.95 0.79 35.01
CA SER I 455 -17.21 0.37 36.20
C SER I 455 -17.20 -1.14 36.27
N GLN I 456 -16.00 -1.73 36.41
CA GLN I 456 -15.85 -3.17 36.46
C GLN I 456 -16.05 -3.71 37.87
N SER I 457 -15.27 -3.22 38.82
CA SER I 457 -15.36 -3.69 40.20
C SER I 457 -14.95 -2.55 41.12
N TYR I 458 -14.95 -2.83 42.42
CA TYR I 458 -14.59 -1.84 43.43
C TYR I 458 -13.64 -2.45 44.44
N THR I 459 -12.81 -1.61 45.04
CA THR I 459 -11.83 -2.03 46.03
C THR I 459 -12.36 -1.75 47.43
N LEU I 460 -11.98 -2.63 48.37
CA LEU I 460 -12.41 -2.52 49.76
C LEU I 460 -11.27 -1.99 50.60
N THR I 461 -11.53 -0.91 51.35
CA THR I 461 -10.56 -0.31 52.24
C THR I 461 -11.22 -0.11 53.60
N ASP I 462 -10.52 -0.52 54.67
CA ASP I 462 -11.08 -0.45 56.01
C ASP I 462 -9.96 -0.26 57.02
N ARG I 463 -10.35 0.17 58.22
CA ARG I 463 -9.41 0.35 59.31
C ARG I 463 -10.15 0.15 60.62
N VAL I 464 -9.40 -0.14 61.67
CA VAL I 464 -9.98 -0.36 62.99
C VAL I 464 -10.15 0.98 63.69
N GLY I 465 -11.35 1.24 64.20
CA GLY I 465 -11.60 2.49 64.89
C GLY I 465 -11.63 3.67 63.94
N SER I 466 -11.50 4.85 64.53
CA SER I 466 -11.53 6.11 63.78
C SER I 466 -10.15 6.62 63.44
N SER I 467 -9.10 5.88 63.77
CA SER I 467 -7.72 6.29 63.50
C SER I 467 -6.94 5.14 62.90
N GLY I 468 -5.92 5.48 62.15
CA GLY I 468 -5.08 4.51 61.46
C GLY I 468 -5.13 4.69 59.96
N ALA I 469 -4.33 3.87 59.28
CA ALA I 469 -4.23 3.90 57.83
C ALA I 469 -5.01 2.73 57.23
N PHE I 470 -5.78 3.01 56.19
CA PHE I 470 -6.56 1.97 55.54
C PHE I 470 -5.64 0.92 54.93
N VAL I 471 -6.03 -0.34 55.07
CA VAL I 471 -5.29 -1.48 54.52
C VAL I 471 -6.18 -2.15 53.49
N ASP I 472 -5.67 -2.29 52.27
CA ASP I 472 -6.45 -2.90 51.20
C ASP I 472 -6.78 -4.35 51.57
N ARG I 473 -8.05 -4.71 51.38
CA ARG I 473 -8.53 -6.04 51.73
C ARG I 473 -8.94 -6.88 50.53
N GLY I 474 -9.13 -6.27 49.37
CA GLY I 474 -9.49 -6.98 48.16
C GLY I 474 -10.52 -6.23 47.36
N THR I 475 -11.10 -6.92 46.39
CA THR I 475 -12.10 -6.34 45.51
C THR I 475 -13.28 -7.30 45.37
N GLY I 476 -14.45 -6.73 45.08
CA GLY I 476 -15.65 -7.53 44.92
C GLY I 476 -16.48 -7.00 43.77
N ASP I 477 -17.37 -7.86 43.28
CA ASP I 477 -18.25 -7.53 42.18
C ASP I 477 -19.51 -6.84 42.68
N TRP I 478 -20.33 -6.37 41.73
CA TRP I 478 -21.54 -5.64 42.07
C TRP I 478 -22.65 -6.60 42.48
N CYS I 479 -23.40 -6.21 43.51
CA CYS I 479 -24.45 -7.05 44.05
C CYS I 479 -25.79 -6.68 43.42
N PRO I 480 -26.47 -7.61 42.74
CA PRO I 480 -27.79 -7.28 42.19
C PRO I 480 -28.75 -6.84 43.30
N THR I 481 -29.58 -5.85 42.99
CA THR I 481 -30.48 -5.30 43.98
C THR I 481 -31.69 -4.69 43.29
N GLY I 482 -32.73 -4.44 44.08
CA GLY I 482 -33.96 -3.85 43.58
C GLY I 482 -34.72 -3.17 44.70
N LEU I 483 -35.80 -2.50 44.30
CA LEU I 483 -36.64 -1.76 45.23
C LEU I 483 -38.03 -2.38 45.26
N LEU I 484 -38.59 -2.50 46.46
CA LEU I 484 -39.91 -3.09 46.64
C LEU I 484 -40.97 -2.06 46.25
N ALA I 485 -41.83 -2.43 45.30
CA ALA I 485 -42.90 -1.53 44.87
C ALA I 485 -44.03 -1.46 45.90
N ALA I 486 -44.27 -2.54 46.64
CA ALA I 486 -45.35 -2.59 47.62
C ALA I 486 -44.82 -3.16 48.93
N GLU I 487 -45.50 -2.84 50.02
CA GLU I 487 -45.07 -3.28 51.33
C GLU I 487 -45.11 -4.80 51.42
N LEU I 488 -44.21 -5.35 52.23
CA LEU I 488 -44.13 -6.79 52.45
C LEU I 488 -44.75 -7.11 53.79
N PRO I 489 -45.94 -7.72 53.84
CA PRO I 489 -46.59 -7.97 55.14
C PRO I 489 -45.88 -9.07 55.92
N LEU I 490 -46.13 -9.08 57.22
CA LEU I 490 -45.57 -10.08 58.12
C LEU I 490 -46.33 -11.38 57.92
N ALA I 491 -45.75 -12.29 57.13
CA ALA I 491 -46.38 -13.58 56.87
C ALA I 491 -45.31 -14.58 56.47
N ALA I 492 -45.35 -15.76 57.09
CA ALA I 492 -44.40 -16.81 56.76
C ALA I 492 -44.74 -17.45 55.42
N GLY I 493 -43.78 -18.20 54.88
CA GLY I 493 -43.97 -18.88 53.63
C GLY I 493 -43.70 -17.98 52.44
N PRO I 494 -43.84 -18.53 51.23
CA PRO I 494 -43.55 -17.75 50.03
C PRO I 494 -44.47 -16.55 49.90
N ASN I 495 -43.93 -15.47 49.34
CA ASN I 495 -44.68 -14.24 49.11
C ASN I 495 -44.25 -13.64 47.78
N VAL I 496 -45.23 -13.19 47.00
CA VAL I 496 -44.97 -12.60 45.70
C VAL I 496 -44.78 -11.10 45.86
N VAL I 497 -43.66 -10.58 45.38
CA VAL I 497 -43.34 -9.16 45.47
C VAL I 497 -42.77 -8.70 44.14
N THR I 498 -43.21 -7.52 43.70
CA THR I 498 -42.71 -6.91 42.47
C THR I 498 -41.59 -5.94 42.80
N LEU I 499 -40.54 -5.96 41.97
CA LEU I 499 -39.36 -5.12 42.19
C LEU I 499 -39.29 -4.04 41.12
N THR I 500 -38.87 -2.85 41.53
CA THR I 500 -38.70 -1.72 40.63
C THR I 500 -37.25 -1.26 40.65
N ASN I 501 -36.79 -0.76 39.51
CA ASN I 501 -35.40 -0.31 39.35
C ASN I 501 -34.42 -1.45 39.59
N ALA I 502 -34.81 -2.67 39.24
CA ALA I 502 -33.94 -3.83 39.45
C ALA I 502 -32.70 -3.72 38.58
N THR I 503 -31.57 -4.17 39.13
CA THR I 503 -30.29 -4.17 38.43
C THR I 503 -29.72 -5.57 38.44
N ARG I 504 -29.22 -6.01 37.29
CA ARG I 504 -28.62 -7.34 37.15
C ARG I 504 -29.61 -8.43 37.56
N LEU I 505 -30.90 -8.21 37.27
CA LEU I 505 -31.90 -9.21 37.59
C LEU I 505 -31.67 -10.50 36.84
N GLU I 506 -31.08 -10.42 35.63
CA GLU I 506 -30.87 -11.62 34.83
C GLU I 506 -29.95 -12.61 35.54
N ASP I 507 -28.89 -12.12 36.17
CA ASP I 507 -27.89 -12.99 36.78
C ASP I 507 -28.40 -13.66 38.06
N VAL I 508 -29.55 -13.23 38.60
CA VAL I 508 -30.06 -13.85 39.81
C VAL I 508 -30.43 -15.30 39.53
N THR I 509 -30.23 -16.15 40.54
CA THR I 509 -30.50 -17.57 40.43
C THR I 509 -31.34 -18.03 41.62
N VAL I 510 -32.17 -19.05 41.38
CA VAL I 510 -33.02 -19.57 42.43
C VAL I 510 -32.16 -20.26 43.49
N GLY I 511 -32.64 -20.23 44.74
CA GLY I 511 -31.93 -20.82 45.84
C GLY I 511 -30.92 -19.92 46.51
N GLN I 512 -30.70 -18.71 45.98
CA GLN I 512 -29.75 -17.79 46.59
C GLN I 512 -30.31 -17.22 47.88
N ALA I 513 -29.42 -16.62 48.67
CA ALA I 513 -29.78 -15.97 49.92
C ALA I 513 -29.82 -14.46 49.70
N ALA I 514 -30.96 -13.86 50.02
CA ALA I 514 -31.17 -12.42 49.87
C ALA I 514 -31.47 -11.81 51.22
N VAL I 515 -30.90 -10.63 51.48
CA VAL I 515 -31.05 -9.94 52.75
C VAL I 515 -31.63 -8.57 52.50
N VAL I 516 -32.68 -8.22 53.24
CA VAL I 516 -33.31 -6.90 53.18
C VAL I 516 -33.47 -6.40 54.61
N ASP I 517 -33.11 -5.14 54.84
CA ASP I 517 -33.18 -4.57 56.18
C ASP I 517 -32.37 -5.42 57.16
N ASP I 518 -33.05 -6.31 57.89
CA ASP I 518 -32.37 -7.24 58.78
C ASP I 518 -32.96 -8.64 58.67
N GLU I 519 -33.56 -8.99 57.54
CA GLU I 519 -34.16 -10.29 57.32
C GLU I 519 -33.49 -10.98 56.14
N ILE I 520 -33.20 -12.26 56.29
CA ILE I 520 -32.60 -13.07 55.24
C ILE I 520 -33.68 -13.96 54.65
N VAL I 521 -33.84 -13.91 53.33
CA VAL I 521 -34.91 -14.62 52.63
C VAL I 521 -34.30 -15.42 51.49
N ARG I 522 -35.06 -16.40 51.03
CA ARG I 522 -34.66 -17.28 49.94
C ARG I 522 -35.59 -17.07 48.75
N VAL I 523 -35.01 -17.02 47.56
CA VAL I 523 -35.76 -16.81 46.33
C VAL I 523 -36.25 -18.15 45.81
N ASP I 524 -37.55 -18.23 45.50
CA ASP I 524 -38.16 -19.46 44.98
C ASP I 524 -38.40 -19.41 43.48
N ALA I 525 -38.84 -18.26 42.95
CA ALA I 525 -39.10 -18.12 41.53
C ALA I 525 -38.68 -16.71 41.10
N VAL I 526 -38.40 -16.57 39.80
CA VAL I 526 -37.96 -15.31 39.23
C VAL I 526 -38.68 -15.07 37.92
N ASN I 527 -39.04 -13.82 37.67
CA ASN I 527 -39.66 -13.38 36.42
C ASN I 527 -38.80 -12.25 35.85
N TYR I 528 -38.00 -12.57 34.83
CA TYR I 528 -37.08 -11.59 34.28
C TYR I 528 -37.83 -10.39 33.72
N ALA I 529 -38.85 -10.64 32.90
CA ALA I 529 -39.52 -9.55 32.20
C ALA I 529 -40.21 -8.60 33.18
N SER I 530 -41.02 -9.15 34.09
CA SER I 530 -41.80 -8.33 35.00
C SER I 530 -41.07 -8.05 36.32
N GLY I 531 -39.92 -8.66 36.56
CA GLY I 531 -39.20 -8.42 37.80
C GLY I 531 -39.97 -8.80 39.04
N THR I 532 -40.75 -9.88 38.97
CA THR I 532 -41.49 -10.39 40.11
C THR I 532 -40.84 -11.67 40.59
N VAL I 533 -40.58 -11.73 41.91
CA VAL I 533 -39.88 -12.86 42.51
C VAL I 533 -40.65 -13.31 43.75
N THR I 534 -40.44 -14.57 44.11
CA THR I 534 -41.05 -15.16 45.30
C THR I 534 -39.98 -15.34 46.36
N LEU I 535 -40.25 -14.82 47.57
CA LEU I 535 -39.31 -14.83 48.67
C LEU I 535 -39.84 -15.67 49.82
N ALA I 536 -38.96 -16.47 50.41
CA ALA I 536 -39.29 -17.23 51.61
C ALA I 536 -38.95 -16.38 52.83
N ARG I 537 -39.95 -16.13 53.68
CA ARG I 537 -39.78 -15.25 54.83
C ARG I 537 -39.29 -16.03 56.04
N GLY I 538 -38.45 -15.38 56.84
CA GLY I 538 -37.96 -15.99 58.05
C GLY I 538 -37.04 -17.17 57.81
N CYS I 539 -35.86 -16.91 57.25
CA CYS I 539 -34.89 -17.94 56.95
C CYS I 539 -33.57 -17.62 57.63
N ALA I 540 -32.78 -18.67 57.85
CA ALA I 540 -31.46 -18.57 58.48
C ALA I 540 -31.68 -18.10 59.92
N ASP I 541 -31.09 -17.00 60.36
CA ASP I 541 -31.19 -16.51 61.73
C ASP I 541 -32.01 -15.23 61.80
N THR I 542 -33.08 -15.15 61.03
CA THR I 542 -33.90 -13.95 60.95
C THR I 542 -35.37 -14.30 61.13
N VAL I 543 -36.17 -13.28 61.40
CA VAL I 543 -37.62 -13.43 61.58
C VAL I 543 -38.32 -12.38 60.72
N PRO I 544 -39.54 -12.64 60.27
CA PRO I 544 -40.23 -11.66 59.41
C PRO I 544 -40.46 -10.34 60.13
N ALA I 545 -40.42 -9.26 59.36
CA ALA I 545 -40.65 -7.93 59.88
C ALA I 545 -41.25 -7.06 58.79
N LYS I 546 -41.94 -6.00 59.20
CA LYS I 546 -42.56 -5.10 58.24
C LYS I 546 -41.49 -4.37 57.45
N HIS I 547 -41.67 -4.31 56.13
CA HIS I 547 -40.77 -3.59 55.23
C HIS I 547 -41.59 -2.65 54.38
N LEU I 548 -41.47 -1.35 54.63
CA LEU I 548 -42.22 -0.37 53.87
C LEU I 548 -41.75 -0.31 52.43
N ALA I 549 -42.59 0.24 51.57
CA ALA I 549 -42.22 0.39 50.17
C ALA I 549 -40.95 1.22 50.05
N GLY I 550 -40.07 0.78 49.14
CA GLY I 550 -38.79 1.44 48.94
C GLY I 550 -37.63 0.77 49.62
N ALA I 551 -37.85 -0.31 50.38
CA ALA I 551 -36.76 -1.04 51.00
C ALA I 551 -35.88 -1.66 49.93
N ARG I 552 -34.58 -1.74 50.23
CA ARG I 552 -33.60 -2.25 49.28
C ARG I 552 -33.33 -3.72 49.56
N VAL I 553 -33.39 -4.54 48.52
CA VAL I 553 -33.18 -5.97 48.60
C VAL I 553 -31.83 -6.28 47.96
N TRP I 554 -30.97 -6.98 48.70
CA TRP I 554 -29.64 -7.35 48.24
C TRP I 554 -29.54 -8.86 48.10
N PHE I 555 -29.13 -9.31 46.92
CA PHE I 555 -28.87 -10.73 46.69
C PHE I 555 -27.38 -10.99 46.89
N TYR I 556 -26.96 -10.89 48.15
CA TYR I 556 -25.54 -10.92 48.48
C TYR I 556 -24.88 -12.26 48.16
N ASP I 557 -25.66 -13.32 47.99
CA ASP I 557 -25.09 -14.64 47.72
C ASP I 557 -24.24 -14.62 46.47
N THR I 558 -22.94 -14.82 46.62
CA THR I 558 -21.94 -14.88 45.54
C THR I 558 -21.62 -13.50 44.98
N PHE I 559 -22.00 -12.42 45.67
CA PHE I 559 -21.76 -11.07 45.17
C PHE I 559 -21.31 -10.13 46.28
N GLU I 560 -20.55 -10.63 47.25
CA GLU I 560 -20.14 -9.86 48.41
C GLU I 560 -18.63 -9.83 48.53
N ALA I 561 -18.12 -8.71 49.04
CA ALA I 561 -16.70 -8.55 49.32
C ALA I 561 -16.46 -8.81 50.81
N VAL I 562 -15.55 -9.74 51.10
CA VAL I 562 -15.32 -10.23 52.45
C VAL I 562 -13.88 -9.93 52.85
N ASP I 563 -13.72 -9.42 54.07
CA ASP I 563 -12.40 -9.20 54.66
C ASP I 563 -12.04 -10.42 55.50
N GLU I 564 -10.95 -11.10 55.11
CA GLU I 564 -10.62 -12.37 55.75
C GLU I 564 -10.18 -12.19 57.21
N THR I 565 -9.78 -11.00 57.61
CA THR I 565 -9.31 -10.79 58.98
C THR I 565 -10.45 -10.99 59.96
N VAL I 566 -10.14 -11.57 61.11
CA VAL I 566 -11.12 -11.85 62.16
C VAL I 566 -11.10 -10.70 63.15
N TYR I 567 -12.28 -10.20 63.49
CA TYR I 567 -12.44 -9.08 64.42
C TYR I 567 -13.37 -9.49 65.55
N SER I 568 -13.02 -9.09 66.77
CA SER I 568 -13.83 -9.39 67.93
C SER I 568 -15.06 -8.48 67.99
N GLN I 569 -16.06 -8.94 68.73
CA GLN I 569 -17.30 -8.19 68.86
C GLN I 569 -17.07 -6.88 69.61
N GLY I 570 -17.87 -5.88 69.27
CA GLY I 570 -17.82 -4.59 69.94
C GLY I 570 -16.89 -3.58 69.31
N VAL I 571 -16.14 -3.95 68.28
CA VAL I 571 -15.19 -3.05 67.64
C VAL I 571 -15.91 -2.30 66.52
N THR I 572 -15.68 -1.00 66.45
CA THR I 572 -16.26 -0.14 65.43
C THR I 572 -15.25 0.06 64.31
N LEU I 573 -15.70 -0.11 63.07
CA LEU I 573 -14.84 -0.02 61.90
C LEU I 573 -15.26 1.16 61.03
N GLN I 574 -14.31 1.65 60.24
CA GLN I 574 -14.56 2.65 59.22
C GLN I 574 -13.99 2.14 57.91
N ALA I 575 -14.86 1.96 56.92
CA ALA I 575 -14.47 1.39 55.63
C ALA I 575 -15.03 2.23 54.49
N ARG I 576 -14.34 2.18 53.36
CA ARG I 576 -14.74 2.90 52.17
C ARG I 576 -14.63 1.97 50.96
N LEU I 577 -15.47 2.23 49.96
CA LEU I 577 -15.47 1.46 48.72
C LEU I 577 -14.99 2.35 47.59
N LEU I 578 -13.97 1.90 46.87
CA LEU I 578 -13.37 2.65 45.78
C LEU I 578 -13.68 1.95 44.46
N THR I 579 -14.28 2.69 43.53
CA THR I 579 -14.61 2.13 42.23
C THR I 579 -13.36 1.93 41.39
N ASN I 580 -13.40 0.91 40.53
CA ASN I 580 -12.28 0.58 39.65
C ASN I 580 -12.79 0.56 38.21
N THR I 581 -12.05 1.21 37.32
CA THR I 581 -12.37 1.23 35.90
C THR I 581 -11.09 1.09 35.10
N SER I 582 -11.25 0.86 33.79
CA SER I 582 -10.09 0.74 32.92
C SER I 582 -9.24 2.01 32.92
N GLU I 583 -9.83 3.15 33.27
CA GLU I 583 -9.08 4.40 33.34
C GLU I 583 -8.28 4.54 34.63
N GLY I 584 -8.55 3.72 35.63
CA GLY I 584 -7.82 3.76 36.88
C GLY I 584 -8.73 3.49 38.05
N GLN I 585 -8.29 3.94 39.22
CA GLN I 585 -9.03 3.76 40.46
C GLN I 585 -9.48 5.10 41.02
N LEU I 586 -10.61 5.08 41.72
CA LEU I 586 -11.15 6.30 42.31
C LEU I 586 -10.25 6.82 43.42
N ALA I 587 -10.12 8.14 43.49
CA ALA I 587 -9.27 8.76 44.49
C ALA I 587 -9.94 8.69 45.86
N PRO I 588 -9.26 8.19 46.89
CA PRO I 588 -9.95 7.95 48.18
C PRO I 588 -10.65 9.19 48.72
N ALA I 589 -10.18 10.39 48.38
CA ALA I 589 -10.78 11.60 48.93
C ALA I 589 -12.26 11.71 48.58
N LEU I 590 -12.68 11.15 47.45
CA LEU I 590 -14.06 11.25 47.01
C LEU I 590 -14.93 10.08 47.46
N ALA I 591 -14.38 9.14 48.22
CA ALA I 591 -15.11 7.95 48.62
C ALA I 591 -15.90 8.20 49.90
N ALA I 592 -17.13 7.72 49.92
CA ALA I 592 -17.99 7.87 51.09
C ALA I 592 -17.51 6.97 52.23
N THR I 593 -17.77 7.41 53.46
CA THR I 593 -17.36 6.70 54.66
C THR I 593 -18.59 6.18 55.40
N ASP I 594 -18.38 5.08 56.14
CA ASP I 594 -19.45 4.49 56.93
C ASP I 594 -18.84 3.76 58.11
N SER I 595 -19.68 3.50 59.12
CA SER I 595 -19.26 2.82 60.33
C SER I 595 -20.25 1.72 60.68
N LEU I 596 -19.73 0.65 61.27
CA LEU I 596 -20.55 -0.47 61.70
C LEU I 596 -20.05 -0.98 63.04
N THR I 597 -20.96 -1.50 63.85
CA THR I 597 -20.65 -2.05 65.17
C THR I 597 -20.89 -3.55 65.13
N LEU I 598 -19.84 -4.34 65.35
CA LEU I 598 -19.96 -5.78 65.35
C LEU I 598 -20.76 -6.25 66.56
N THR I 599 -21.48 -7.36 66.37
CA THR I 599 -22.33 -7.88 67.44
C THR I 599 -22.25 -9.39 67.58
N GLY I 600 -21.25 -10.05 66.99
CA GLY I 600 -21.14 -11.49 67.10
C GLY I 600 -22.34 -12.22 66.55
N ARG I 601 -22.76 -11.84 65.33
CA ARG I 601 -23.97 -12.41 64.75
C ARG I 601 -23.88 -13.92 64.64
N GLN I 602 -22.72 -14.44 64.21
CA GLN I 602 -22.57 -15.88 64.09
C GLN I 602 -22.63 -16.56 65.46
N GLY I 603 -22.14 -15.90 66.51
CA GLY I 603 -22.12 -16.52 67.82
C GLY I 603 -23.51 -16.78 68.37
N LYS I 604 -24.42 -15.84 68.21
CA LYS I 604 -25.72 -15.95 68.84
C LYS I 604 -26.51 -17.12 68.24
N PRO I 605 -27.28 -17.84 69.05
CA PRO I 605 -28.06 -18.96 68.52
C PRO I 605 -29.24 -18.47 67.68
N TYR I 606 -29.68 -19.34 66.77
CA TYR I 606 -30.81 -19.01 65.92
C TYR I 606 -32.09 -18.93 66.76
N PRO I 607 -33.03 -18.07 66.36
CA PRO I 607 -34.30 -17.99 67.08
C PRO I 607 -35.21 -19.14 66.69
N PRO I 608 -36.34 -19.32 67.39
CA PRO I 608 -37.28 -20.38 67.01
C PRO I 608 -37.87 -20.13 65.64
N GLY I 609 -38.30 -21.21 65.00
CA GLY I 609 -38.78 -21.15 63.64
C GLY I 609 -40.29 -21.03 63.54
N GLN I 610 -40.96 -22.13 63.21
CA GLN I 610 -42.42 -22.10 63.03
C GLN I 610 -43.10 -21.57 64.28
N PHE I 611 -43.70 -20.39 64.17
CA PHE I 611 -44.34 -19.71 65.30
C PHE I 611 -45.84 -19.67 65.01
N ARG I 612 -46.55 -20.71 65.44
CA ARG I 612 -47.98 -20.86 65.20
C ARG I 612 -48.71 -20.79 66.53
N ILE I 613 -49.76 -19.97 66.58
CA ILE I 613 -50.57 -19.78 67.79
C ILE I 613 -51.95 -20.35 67.53
N ASN I 614 -52.31 -21.39 68.28
CA ASN I 614 -53.62 -22.04 68.13
C ASN I 614 -53.87 -22.45 66.69
N GLY I 615 -52.81 -22.92 66.03
CA GLY I 615 -52.92 -23.34 64.65
C GLY I 615 -52.91 -22.23 63.63
N SER I 616 -52.70 -20.98 64.05
CA SER I 616 -52.68 -19.83 63.15
C SER I 616 -51.35 -19.09 63.30
N ALA I 617 -50.89 -18.53 62.20
CA ALA I 617 -49.64 -17.76 62.16
C ALA I 617 -49.96 -16.28 62.34
N TYR I 618 -49.41 -15.67 63.37
CA TYR I 618 -49.64 -14.27 63.69
C TYR I 618 -51.13 -13.94 63.71
N PRO I 619 -51.92 -14.63 64.52
CA PRO I 619 -53.35 -14.33 64.59
C PRO I 619 -53.68 -13.22 65.56
N THR I 620 -54.65 -12.40 65.18
CA THR I 620 -55.20 -11.37 66.06
C THR I 620 -56.47 -11.84 66.78
N LYS I 621 -56.87 -13.08 66.57
CA LYS I 621 -58.09 -13.62 67.17
C LYS I 621 -57.77 -15.00 67.73
N VAL I 622 -57.94 -15.16 69.04
CA VAL I 622 -57.79 -16.46 69.70
C VAL I 622 -59.00 -16.67 70.60
N TYR I 623 -59.61 -17.85 70.52
CA TYR I 623 -60.82 -18.16 71.25
C TYR I 623 -60.44 -18.89 72.54
N GLY I 624 -60.11 -18.11 73.57
CA GLY I 624 -59.90 -18.66 74.90
C GLY I 624 -58.52 -19.21 75.15
N ALA I 625 -58.40 -20.54 75.21
CA ALA I 625 -57.14 -21.17 75.58
C ALA I 625 -56.03 -20.73 74.64
N LEU I 626 -54.87 -20.43 75.22
CA LEU I 626 -53.72 -19.94 74.47
C LEU I 626 -52.75 -21.10 74.25
N SER I 627 -52.46 -21.40 72.99
CA SER I 627 -51.48 -22.42 72.62
C SER I 627 -50.48 -21.79 71.66
N VAL I 628 -49.20 -21.87 72.01
CA VAL I 628 -48.12 -21.32 71.21
C VAL I 628 -47.15 -22.45 70.89
N SER I 629 -46.82 -22.60 69.61
CA SER I 629 -45.90 -23.64 69.15
C SER I 629 -44.69 -22.99 68.51
N TRP I 630 -43.51 -23.51 68.83
CA TRP I 630 -42.25 -23.00 68.29
C TRP I 630 -41.40 -24.17 67.84
N ALA I 631 -40.47 -23.89 66.93
CA ALA I 631 -39.57 -24.88 66.38
C ALA I 631 -38.16 -24.67 66.95
N LYS I 632 -37.43 -25.77 67.04
CA LYS I 632 -36.06 -25.76 67.57
C LYS I 632 -35.08 -25.79 66.41
N ARG I 633 -34.18 -24.81 66.38
CA ARG I 633 -33.19 -24.67 65.31
C ARG I 633 -31.79 -24.82 65.89
N ASP I 634 -30.99 -25.66 65.25
CA ASP I 634 -29.58 -25.83 65.59
C ASP I 634 -28.74 -25.32 64.42
N ARG I 635 -27.89 -24.33 64.69
CA ARG I 635 -27.09 -23.75 63.62
C ARG I 635 -26.10 -24.76 63.05
N ILE I 636 -25.51 -25.59 63.91
CA ILE I 636 -24.48 -26.52 63.44
C ILE I 636 -25.08 -27.53 62.46
N GLY I 637 -26.25 -28.08 62.80
CA GLY I 637 -26.86 -29.07 61.93
C GLY I 637 -27.25 -28.52 60.58
N GLN I 638 -27.84 -27.32 60.56
CA GLN I 638 -28.28 -26.74 59.29
C GLN I 638 -27.10 -26.48 58.37
N ALA I 639 -25.99 -25.97 58.92
CA ALA I 639 -24.78 -25.69 58.14
C ALA I 639 -25.14 -24.63 57.10
N ASP I 640 -24.98 -24.90 55.81
CA ASP I 640 -25.23 -23.90 54.77
C ASP I 640 -26.64 -23.98 54.19
N GLN I 641 -27.49 -24.86 54.70
CA GLN I 641 -28.83 -25.01 54.16
C GLN I 641 -29.75 -23.92 54.70
N LEU I 642 -30.56 -23.34 53.81
CA LEU I 642 -31.53 -22.34 54.19
C LEU I 642 -32.86 -23.03 54.50
N ILE I 643 -33.31 -22.90 55.74
CA ILE I 643 -34.56 -23.48 56.20
C ILE I 643 -35.46 -22.36 56.71
N ASP I 644 -36.67 -22.30 56.17
CA ASP I 644 -37.62 -21.26 56.54
C ASP I 644 -38.41 -21.66 57.78
N THR I 645 -39.37 -20.82 58.16
CA THR I 645 -40.15 -21.09 59.37
C THR I 645 -41.16 -22.20 59.16
N THR I 646 -41.66 -22.38 57.92
CA THR I 646 -42.69 -23.38 57.67
C THR I 646 -42.19 -24.79 57.93
N VAL I 647 -40.88 -25.02 57.88
CA VAL I 647 -40.35 -26.36 58.10
C VAL I 647 -40.48 -26.73 59.58
N GLY I 648 -40.53 -28.03 59.85
CA GLY I 648 -40.73 -28.52 61.20
C GLY I 648 -39.44 -28.54 62.01
N ASN I 649 -39.50 -29.23 63.13
CA ASN I 649 -38.35 -29.30 64.03
C ASN I 649 -37.16 -29.94 63.34
N ILE I 650 -35.97 -29.40 63.63
CA ILE I 650 -34.72 -29.92 63.11
C ILE I 650 -33.78 -30.33 64.24
N GLY I 651 -34.33 -30.55 65.43
CA GLY I 651 -33.53 -30.92 66.58
C GLY I 651 -32.94 -29.71 67.28
N PRO I 652 -32.62 -29.84 68.57
CA PRO I 652 -32.05 -28.70 69.29
C PRO I 652 -30.54 -28.62 69.16
N GLU I 653 -29.94 -27.61 69.80
CA GLU I 653 -28.50 -27.43 69.81
C GLU I 653 -27.97 -27.71 71.21
N ASP I 654 -26.75 -28.25 71.27
CA ASP I 654 -26.14 -28.62 72.54
C ASP I 654 -26.08 -27.43 73.48
N GLY I 655 -26.82 -27.50 74.59
CA GLY I 655 -26.84 -26.42 75.56
C GLY I 655 -27.72 -25.25 75.21
N ALA I 656 -28.59 -25.38 74.20
CA ALA I 656 -29.48 -24.31 73.78
C ALA I 656 -30.89 -24.61 74.24
N THR I 657 -31.54 -23.62 74.83
CA THR I 657 -32.91 -23.73 75.31
C THR I 657 -33.73 -22.56 74.78
N VAL I 658 -34.99 -22.50 75.19
CA VAL I 658 -35.94 -21.48 74.74
C VAL I 658 -36.43 -20.71 75.95
N THR I 659 -36.51 -19.39 75.81
CA THR I 659 -36.99 -18.50 76.86
C THR I 659 -38.13 -17.66 76.32
N LEU I 660 -39.15 -17.47 77.15
CA LEU I 660 -40.34 -16.71 76.78
C LEU I 660 -40.60 -15.63 77.83
N GLN I 661 -40.95 -14.43 77.36
CA GLN I 661 -41.28 -13.32 78.23
C GLN I 661 -42.74 -12.94 78.01
N VAL I 662 -43.48 -12.77 79.10
CA VAL I 662 -44.89 -12.39 79.05
C VAL I 662 -45.01 -10.98 79.60
N TYR I 663 -45.63 -10.09 78.80
CA TYR I 663 -45.80 -8.70 79.16
C TYR I 663 -47.28 -8.35 79.20
N SER I 664 -47.58 -7.24 79.87
CA SER I 664 -48.94 -6.70 79.97
C SER I 664 -49.11 -5.51 79.04
N GLY I 665 -48.51 -5.55 77.87
CA GLY I 665 -48.52 -4.43 76.93
C GLY I 665 -47.31 -3.53 77.06
N THR I 666 -47.02 -3.10 78.29
CA THR I 666 -45.84 -2.28 78.56
C THR I 666 -45.00 -2.88 79.67
N THR I 667 -45.66 -3.49 80.66
CA THR I 667 -44.99 -4.01 81.85
C THR I 667 -44.75 -5.51 81.73
N LEU I 668 -43.67 -5.95 82.36
CA LEU I 668 -43.33 -7.37 82.41
C LEU I 668 -43.99 -8.01 83.63
N LYS I 669 -44.75 -9.07 83.41
CA LYS I 669 -45.47 -9.76 84.47
C LYS I 669 -44.93 -11.14 84.75
N ARG I 670 -44.76 -11.98 83.72
CA ARG I 670 -44.26 -13.34 83.88
C ARG I 670 -43.16 -13.60 82.87
N THR I 671 -42.21 -14.45 83.28
CA THR I 671 -41.07 -14.82 82.44
C THR I 671 -40.76 -16.29 82.66
N TYR I 672 -40.84 -17.07 81.60
CA TYR I 672 -40.57 -18.50 81.64
C TYR I 672 -39.29 -18.77 80.86
N ALA I 673 -38.32 -19.40 81.52
CA ALA I 673 -37.02 -19.69 80.93
C ALA I 673 -36.75 -21.19 81.02
N GLY I 674 -35.79 -21.64 80.20
CA GLY I 674 -35.43 -23.04 80.20
C GLY I 674 -36.41 -23.94 79.49
N LEU I 675 -37.29 -23.40 78.65
CA LEU I 675 -38.26 -24.22 77.96
C LEU I 675 -37.57 -25.13 76.94
N THR I 676 -37.92 -26.41 76.97
CA THR I 676 -37.34 -27.39 76.06
C THR I 676 -38.38 -28.07 75.17
N SER I 677 -39.67 -27.88 75.44
CA SER I 677 -40.71 -28.51 74.64
C SER I 677 -40.94 -27.71 73.35
N SER I 678 -41.94 -28.14 72.58
CA SER I 678 -42.32 -27.46 71.35
C SER I 678 -43.62 -26.68 71.50
N SER I 679 -44.17 -26.60 72.70
CA SER I 679 -45.41 -25.86 72.93
C SER I 679 -45.45 -25.43 74.38
N TRP I 680 -46.21 -24.35 74.63
CA TRP I 680 -46.36 -23.81 75.98
C TRP I 680 -47.78 -23.27 76.13
N SER I 681 -48.35 -23.45 77.31
CA SER I 681 -49.68 -22.96 77.63
C SER I 681 -49.62 -22.15 78.91
N TYR I 682 -50.42 -21.10 78.97
CA TYR I 682 -50.45 -20.25 80.16
C TYR I 682 -51.06 -21.00 81.33
N PRO I 683 -50.34 -21.21 82.43
CA PRO I 683 -50.93 -21.95 83.55
C PRO I 683 -52.14 -21.22 84.11
N LEU I 684 -53.12 -22.00 84.56
CA LEU I 684 -54.34 -21.44 85.12
C LEU I 684 -54.09 -20.69 86.42
N ALA I 685 -52.97 -20.97 87.11
CA ALA I 685 -52.72 -20.34 88.40
C ALA I 685 -52.56 -18.83 88.25
N GLU I 686 -51.80 -18.38 87.26
CA GLU I 686 -51.52 -16.96 87.09
C GLU I 686 -52.61 -16.22 86.34
N ASP I 687 -53.57 -16.93 85.75
CA ASP I 687 -54.64 -16.26 85.02
C ASP I 687 -55.48 -15.38 85.94
N MET I 688 -55.85 -15.89 87.10
CA MET I 688 -56.58 -15.07 88.07
C MET I 688 -55.70 -13.92 88.59
N ALA I 689 -54.44 -14.21 88.94
CA ALA I 689 -53.59 -13.17 89.50
C ALA I 689 -53.43 -12.01 88.54
N ASP I 690 -53.13 -12.30 87.27
CA ASP I 690 -53.05 -11.28 86.24
C ASP I 690 -54.41 -10.93 85.65
N GLY I 691 -55.44 -11.72 85.93
CA GLY I 691 -56.76 -11.45 85.42
C GLY I 691 -56.82 -11.58 83.91
N PRO I 692 -57.88 -11.07 83.30
CA PRO I 692 -57.95 -11.08 81.83
C PRO I 692 -56.93 -10.11 81.24
N LEU I 693 -56.24 -10.58 80.20
CA LEU I 693 -55.27 -9.77 79.47
C LEU I 693 -55.75 -9.68 78.02
N GLN I 694 -56.56 -8.66 77.73
CA GLN I 694 -57.03 -8.48 76.37
C GLN I 694 -55.88 -8.22 75.42
N ASP I 695 -54.94 -7.35 75.83
CA ASP I 695 -53.77 -7.01 75.02
C ASP I 695 -52.57 -7.76 75.59
N VAL I 696 -52.15 -8.83 74.91
CA VAL I 696 -51.06 -9.67 75.35
C VAL I 696 -49.93 -9.55 74.35
N ARG I 697 -48.73 -9.23 74.84
CA ARG I 697 -47.53 -9.15 74.01
C ARG I 697 -46.72 -10.43 74.21
N LEU I 698 -46.43 -11.13 73.11
CA LEU I 698 -45.68 -12.38 73.13
C LEU I 698 -44.28 -12.12 72.61
N VAL I 699 -43.28 -12.45 73.41
CA VAL I 699 -41.87 -12.30 73.04
C VAL I 699 -41.22 -13.67 73.13
N LEU I 700 -40.59 -14.08 72.02
CA LEU I 700 -39.96 -15.40 71.92
C LEU I 700 -38.52 -15.23 71.47
N ARG I 701 -37.62 -15.96 72.13
CA ARG I 701 -36.21 -15.93 71.77
C ARG I 701 -35.54 -17.18 72.31
N SER I 702 -34.36 -17.46 71.78
CA SER I 702 -33.55 -18.60 72.20
C SER I 702 -32.30 -18.10 72.90
N VAL I 703 -31.94 -18.74 74.01
CA VAL I 703 -30.80 -18.34 74.82
C VAL I 703 -29.98 -19.57 75.18
N ARG I 704 -28.66 -19.46 75.07
CA ARG I 704 -27.74 -20.49 75.50
C ARG I 704 -26.56 -19.83 76.20
N ASP I 705 -26.27 -20.28 77.43
CA ASP I 705 -25.18 -19.72 78.21
C ASP I 705 -25.31 -18.19 78.29
N GLY I 706 -26.53 -17.72 78.45
CA GLY I 706 -26.78 -16.31 78.57
C GLY I 706 -26.57 -15.52 77.29
N ILE I 707 -26.62 -16.18 76.13
CA ILE I 707 -26.43 -15.53 74.84
C ILE I 707 -27.79 -15.46 74.17
N ASP I 708 -28.34 -14.25 74.06
CA ASP I 708 -29.65 -14.05 73.44
C ASP I 708 -29.50 -13.88 71.94
N SER I 709 -30.51 -14.37 71.21
CA SER I 709 -30.50 -14.26 69.76
C SER I 709 -30.60 -12.80 69.34
N TRP I 710 -29.98 -12.48 68.20
CA TRP I 710 -29.95 -11.09 67.75
C TRP I 710 -31.36 -10.57 67.49
N GLN I 711 -32.20 -11.39 66.85
CA GLN I 711 -33.57 -11.03 66.55
C GLN I 711 -34.53 -11.85 67.41
N GLN I 712 -35.79 -11.43 67.42
CA GLN I 712 -36.80 -12.08 68.24
C GLN I 712 -38.17 -11.78 67.67
N HIS I 713 -39.16 -12.55 68.12
CA HIS I 713 -40.55 -12.33 67.75
C HIS I 713 -41.22 -11.41 68.76
N ASP I 714 -42.13 -10.57 68.26
CA ASP I 714 -42.86 -9.65 69.13
C ASP I 714 -44.13 -9.22 68.44
N ILE I 715 -45.28 -9.58 69.02
CA ILE I 715 -46.58 -9.19 68.50
C ILE I 715 -47.55 -9.06 69.66
N THR I 716 -48.46 -8.10 69.56
CA THR I 716 -49.52 -7.89 70.55
C THR I 716 -50.81 -8.49 70.00
N ILE I 717 -51.30 -9.53 70.66
CA ILE I 717 -52.46 -10.27 70.17
C ILE I 717 -53.68 -9.89 71.00
N GLU I 718 -54.85 -10.14 70.42
CA GLU I 718 -56.13 -9.85 71.05
C GLU I 718 -56.86 -11.16 71.32
N ARG I 719 -57.39 -11.29 72.55
CA ARG I 719 -58.03 -12.53 72.98
C ARG I 719 -59.55 -12.37 72.95
N HIS I 720 -60.23 -13.44 72.56
CA HIS I 720 -61.68 -13.49 72.52
C HIS I 720 -62.16 -14.79 73.16
N GLY I 721 -63.42 -14.79 73.58
CA GLY I 721 -64.03 -15.92 74.22
C GLY I 721 -64.79 -15.48 75.45
N LEU I 722 -65.24 -16.45 76.24
CA LEU I 722 -65.97 -16.12 77.46
C LEU I 722 -65.06 -15.35 78.42
N GLY I 723 -65.53 -14.18 78.84
CA GLY I 723 -64.79 -13.34 79.76
C GLY I 723 -63.77 -12.44 79.09
N PHE I 724 -63.74 -12.39 77.77
CA PHE I 724 -62.83 -11.53 77.03
C PHE I 724 -63.63 -10.75 75.99
N ARG I 725 -63.66 -9.43 76.13
CA ARG I 725 -64.31 -8.53 75.17
C ARG I 725 -65.80 -8.84 75.02
N LEU I 726 -66.52 -8.64 76.13
CA LEU I 726 -67.98 -8.68 76.11
C LEU I 726 -68.58 -7.30 76.28
N GLY I 727 -67.78 -6.24 76.19
CA GLY I 727 -68.36 -4.92 75.96
C GLY I 727 -69.13 -4.87 74.66
N GLU I 728 -68.83 -5.77 73.74
CA GLU I 728 -69.59 -5.92 72.51
C GLU I 728 -69.73 -7.41 72.15
N ALA J 2 103.45 86.07 22.01
CA ALA J 2 102.61 87.16 21.51
C ALA J 2 101.90 86.76 20.23
N THR J 3 102.42 85.73 19.55
CA THR J 3 101.84 85.22 18.32
C THR J 3 101.68 83.71 18.43
N GLU J 4 100.57 83.20 17.91
CA GLU J 4 100.30 81.77 17.94
C GLU J 4 99.49 81.38 16.72
N PHE J 5 99.99 80.38 15.99
CA PHE J 5 99.30 79.83 14.82
C PHE J 5 98.96 78.37 15.11
N GLY J 6 97.70 78.01 14.92
CA GLY J 6 97.29 76.65 15.18
C GLY J 6 95.86 76.41 14.76
N THR J 7 95.34 75.26 15.14
CA THR J 7 93.98 74.85 14.81
C THR J 7 93.26 74.45 16.08
N ALA J 8 92.12 75.11 16.35
CA ALA J 8 91.31 74.81 17.51
C ALA J 8 90.18 73.87 17.11
N VAL J 9 90.03 72.78 17.87
CA VAL J 9 89.06 71.74 17.49
C VAL J 9 87.65 72.29 17.46
N ASN J 10 87.37 73.34 18.24
CA ASN J 10 86.03 73.92 18.26
C ASN J 10 86.11 75.31 18.89
N HIS J 11 84.96 75.99 18.88
CA HIS J 11 84.91 77.36 19.41
C HIS J 11 85.28 77.39 20.88
N ALA J 12 84.76 76.44 21.67
CA ALA J 12 85.12 76.36 23.07
C ALA J 12 86.61 76.15 23.25
N ASP J 13 87.18 75.21 22.48
CA ASP J 13 88.61 75.01 22.52
C ASP J 13 89.36 76.21 21.98
N LEU J 14 88.78 76.95 21.04
CA LEU J 14 89.43 78.17 20.55
C LEU J 14 89.56 79.21 21.66
N VAL J 15 88.48 79.44 22.40
CA VAL J 15 88.54 80.38 23.51
C VAL J 15 89.48 79.86 24.59
N GLU J 16 89.47 78.55 24.81
CA GLU J 16 90.40 77.94 25.77
C GLU J 16 91.85 78.25 25.39
N ARG J 17 92.20 77.99 24.13
CA ARG J 17 93.56 78.26 23.67
C ARG J 17 93.88 79.74 23.74
N LEU J 18 92.89 80.60 23.46
CA LEU J 18 93.12 82.04 23.57
C LEU J 18 93.49 82.42 25.00
N VAL J 19 92.75 81.90 25.98
CA VAL J 19 93.02 82.27 27.36
C VAL J 19 94.36 81.71 27.82
N GLN J 20 94.69 80.48 27.40
CA GLN J 20 95.99 79.93 27.76
C GLN J 20 97.13 80.69 27.11
N PHE J 21 96.92 81.18 25.88
CA PHE J 21 97.93 82.02 25.24
C PHE J 21 98.10 83.33 25.99
N LEU J 22 97.00 83.94 26.43
CA LEU J 22 97.09 85.18 27.18
C LEU J 22 97.76 84.97 28.53
N THR J 23 97.57 83.81 29.15
CA THR J 23 98.16 83.54 30.46
C THR J 23 99.63 83.13 30.37
N ALA J 24 99.92 82.01 29.69
CA ALA J 24 101.20 81.34 29.79
C ALA J 24 102.10 81.57 28.58
N SER J 25 101.80 82.54 27.72
CA SER J 25 102.70 82.85 26.62
C SER J 25 104.06 83.24 27.18
N PRO J 26 105.16 82.66 26.69
CA PRO J 26 106.46 82.95 27.32
C PRO J 26 106.79 84.43 27.36
N ASP J 27 106.47 85.16 26.28
CA ASP J 27 106.74 86.58 26.26
C ASP J 27 105.91 87.32 27.31
N LEU J 28 104.63 86.96 27.43
CA LEU J 28 103.76 87.63 28.38
C LEU J 28 104.21 87.38 29.82
N VAL J 29 104.49 86.12 30.15
CA VAL J 29 104.86 85.79 31.53
C VAL J 29 106.24 86.35 31.87
N ALA J 30 107.19 86.24 30.94
CA ALA J 30 108.54 86.74 31.21
C ALA J 30 108.53 88.24 31.45
N ALA J 31 107.77 88.99 30.66
CA ALA J 31 107.66 90.43 30.79
C ALA J 31 106.60 90.85 31.80
N GLY J 32 105.89 89.89 32.40
CA GLY J 32 104.85 90.23 33.38
C GLY J 32 103.72 91.05 32.80
N GLN J 33 103.31 90.74 31.56
CA GLN J 33 102.22 91.44 30.89
C GLN J 33 100.95 90.62 30.84
N ALA J 34 100.89 89.50 31.56
CA ALA J 34 99.71 88.64 31.50
C ALA J 34 98.49 89.35 32.08
N TYR J 35 97.34 89.02 31.52
CA TYR J 35 96.09 89.60 31.97
C TYR J 35 95.55 88.82 33.17
N GLU J 36 94.61 89.43 33.89
CA GLU J 36 94.00 88.86 35.07
C GLU J 36 92.52 88.62 34.81
N LYS J 37 92.01 87.46 35.24
CA LYS J 37 90.62 87.08 35.01
C LYS J 37 89.81 87.46 36.26
N VAL J 38 89.01 88.52 36.13
CA VAL J 38 88.22 89.01 37.25
C VAL J 38 86.83 88.36 37.31
N PHE J 39 86.42 87.64 36.28
CA PHE J 39 85.10 87.01 36.28
C PHE J 39 85.09 85.88 35.26
N ASP J 40 84.37 84.81 35.60
CA ASP J 40 84.17 83.69 34.68
C ASP J 40 82.95 82.93 35.17
N ASN J 41 81.88 82.93 34.38
CA ASN J 41 80.62 82.34 34.81
C ASN J 41 79.84 81.87 33.60
N THR J 42 78.88 80.97 33.86
CA THR J 42 77.95 80.45 32.86
C THR J 42 76.56 80.54 33.50
N ILE J 43 75.90 81.68 33.32
CA ILE J 43 74.63 81.96 33.99
C ILE J 43 73.46 81.25 33.32
N PRO J 44 73.38 81.19 31.99
CA PRO J 44 72.14 80.70 31.37
C PRO J 44 72.02 79.19 31.42
N ALA J 45 70.77 78.74 31.34
CA ALA J 45 70.44 77.32 31.26
C ALA J 45 70.20 77.00 29.78
N SER J 46 71.20 76.40 29.15
CA SER J 46 71.10 76.12 27.72
C SER J 46 69.96 75.17 27.42
N GLY J 47 69.15 75.52 26.42
CA GLY J 47 68.10 74.65 25.94
C GLY J 47 68.51 73.99 24.64
N THR J 48 67.95 74.46 23.53
CA THR J 48 68.39 74.02 22.20
C THR J 48 69.54 74.89 21.70
N ALA J 49 70.57 75.03 22.54
CA ALA J 49 71.68 75.92 22.25
C ALA J 49 72.91 75.42 23.00
N ILE J 50 74.07 75.90 22.56
CA ILE J 50 75.33 75.51 23.17
C ILE J 50 75.53 76.28 24.47
N ALA J 51 76.37 75.73 25.35
CA ALA J 51 76.68 76.40 26.60
C ALA J 51 77.31 77.76 26.34
N VAL J 52 76.97 78.73 27.18
CA VAL J 52 77.42 80.10 27.03
C VAL J 52 78.50 80.36 28.07
N ARG J 53 79.69 80.76 27.62
CA ARG J 53 80.81 81.07 28.50
C ARG J 53 81.01 82.59 28.55
N GLN J 54 81.09 83.12 29.77
CA GLN J 54 81.31 84.54 29.99
C GLN J 54 82.64 84.71 30.70
N VAL J 55 83.47 85.63 30.18
CA VAL J 55 84.81 85.87 30.72
C VAL J 55 85.05 87.37 30.76
N THR J 56 85.61 87.84 31.88
CA THR J 56 86.06 89.22 32.03
C THR J 56 87.51 89.20 32.47
N LEU J 57 88.34 89.99 31.81
CA LEU J 57 89.78 90.00 32.07
C LEU J 57 90.29 91.43 32.17
N ARG J 58 91.38 91.59 32.91
CA ARG J 58 91.99 92.89 33.15
C ARG J 58 93.41 92.89 32.60
N ALA J 59 93.77 93.96 31.89
CA ALA J 59 95.10 94.11 31.32
C ALA J 59 95.81 95.28 31.97
N PRO J 60 97.06 95.10 32.45
CA PRO J 60 97.74 96.20 33.14
C PRO J 60 98.45 97.15 32.19
N GLY J 61 98.72 96.70 30.97
CA GLY J 61 99.46 97.48 30.00
C GLY J 61 100.96 97.27 30.10
N LEU J 62 101.67 97.88 29.14
CA LEU J 62 103.12 97.71 29.09
C LEU J 62 103.79 98.29 30.33
N GLY J 63 103.36 99.48 30.77
CA GLY J 63 103.97 100.14 31.90
C GLY J 63 103.53 99.65 33.25
N GLY J 64 102.43 98.89 33.31
CA GLY J 64 101.91 98.39 34.56
C GLY J 64 101.13 99.39 35.39
N THR J 65 100.94 100.61 34.88
CA THR J 65 100.19 101.65 35.58
C THR J 65 98.82 101.91 34.98
N ASP J 66 98.46 101.21 33.91
CA ASP J 66 97.18 101.40 33.25
C ASP J 66 96.14 100.42 33.79
N ALA J 67 94.88 100.77 33.59
CA ALA J 67 93.75 99.94 34.00
C ALA J 67 92.87 99.68 32.79
N ILE J 68 92.91 98.45 32.27
CA ILE J 68 92.16 98.05 31.08
C ILE J 68 91.28 96.87 31.47
N TYR J 69 90.01 96.94 31.09
CA TYR J 69 89.03 95.90 31.38
C TYR J 69 88.37 95.46 30.09
N MET J 70 88.20 94.14 29.93
CA MET J 70 87.64 93.56 28.72
C MET J 70 86.75 92.38 29.09
N GLY J 71 85.86 92.02 28.17
CA GLY J 71 84.98 90.89 28.37
C GLY J 71 84.77 90.14 27.07
N ILE J 72 84.61 88.82 27.20
CA ILE J 72 84.40 87.93 26.06
C ILE J 72 83.24 87.00 26.38
N GLN J 73 82.35 86.83 25.42
CA GLN J 73 81.20 85.93 25.56
C GLN J 73 81.14 84.98 24.37
N SER J 74 80.81 83.73 24.65
CA SER J 74 80.65 82.70 23.63
C SER J 74 79.17 82.32 23.58
N TYR J 75 78.44 82.95 22.66
CA TYR J 75 77.01 82.72 22.50
C TYR J 75 76.78 81.91 21.23
N GLY J 76 75.99 80.85 21.34
CA GLY J 76 75.74 79.98 20.20
C GLY J 76 74.37 79.35 20.26
N ASP J 77 73.94 78.84 19.11
CA ASP J 77 72.65 78.17 18.97
C ASP J 77 72.82 77.01 18.00
N THR J 78 72.74 75.78 18.53
CA THR J 78 72.99 74.61 17.69
C THR J 78 71.95 74.50 16.58
N ALA J 79 70.67 74.71 16.91
CA ALA J 79 69.61 74.58 15.92
C ALA J 79 69.78 75.55 14.75
N LEU J 80 70.42 76.70 14.99
CA LEU J 80 70.83 77.60 13.92
C LEU J 80 72.31 77.47 13.57
N ASP J 81 73.10 76.82 14.43
CA ASP J 81 74.49 76.50 14.15
C ASP J 81 75.33 77.75 13.94
N TYR J 82 75.20 78.70 14.86
CA TYR J 82 76.18 79.76 15.03
C TYR J 82 76.71 79.69 16.45
N TYR J 83 78.02 79.85 16.59
CA TYR J 83 78.67 79.81 17.90
C TYR J 83 79.38 81.13 18.13
N ASN J 84 78.65 82.22 17.87
CA ASN J 84 79.20 83.57 17.92
C ASN J 84 80.01 83.79 19.19
N LEU J 85 81.03 84.63 19.07
CA LEU J 85 81.90 85.02 20.19
C LEU J 85 81.85 86.53 20.31
N ARG J 86 81.14 87.02 21.32
CA ARG J 86 80.91 88.45 21.48
C ARG J 86 82.00 89.10 22.32
N LEU J 87 82.35 90.33 21.97
CA LEU J 87 83.40 91.08 22.64
C LEU J 87 82.90 92.46 23.00
N MET J 88 83.44 93.00 24.09
CA MET J 88 83.13 94.37 24.52
C MET J 88 84.20 94.81 25.51
N GLY J 89 84.23 96.12 25.77
CA GLY J 89 85.23 96.69 26.65
C GLY J 89 84.62 97.66 27.63
N GLY J 90 85.42 98.02 28.62
CA GLY J 90 84.97 98.95 29.64
C GLY J 90 86.12 99.39 30.52
N THR J 91 85.77 100.13 31.58
CA THR J 91 86.76 100.69 32.48
C THR J 91 86.72 100.08 33.89
N ALA J 92 85.60 99.50 34.31
CA ALA J 92 85.51 98.89 35.62
C ALA J 92 84.52 97.75 35.58
N PHE J 93 84.66 96.83 36.53
CA PHE J 93 83.78 95.68 36.66
C PHE J 93 83.25 95.61 38.09
N ASN J 94 82.08 95.00 38.24
CA ASN J 94 81.43 94.90 39.54
C ASN J 94 80.46 93.72 39.52
N PRO J 95 80.88 92.54 39.99
CA PRO J 95 80.01 91.35 39.84
C PRO J 95 78.66 91.51 40.50
N GLY J 96 78.58 92.21 41.63
CA GLY J 96 77.30 92.41 42.29
C GLY J 96 76.33 93.27 41.52
N ALA J 97 76.80 93.99 40.50
CA ALA J 97 75.96 94.86 39.69
C ALA J 97 75.20 94.11 38.61
N ILE J 98 75.16 92.78 38.67
CA ILE J 98 74.37 91.99 37.73
C ILE J 98 72.96 91.86 38.28
N PRO J 99 71.92 92.23 37.53
CA PRO J 99 70.57 92.11 38.07
C PRO J 99 70.14 90.65 38.10
N PRO J 100 69.16 90.30 38.94
CA PRO J 100 68.58 88.96 38.85
C PRO J 100 68.06 88.70 37.45
N GLY J 101 68.65 87.72 36.77
CA GLY J 101 68.41 87.57 35.35
C GLY J 101 69.24 88.56 34.54
N GLY J 102 68.68 89.01 33.42
CA GLY J 102 69.39 89.96 32.60
C GLY J 102 70.75 89.45 32.17
N ASP J 103 71.75 90.32 32.29
CA ASP J 103 73.11 89.97 31.89
C ASP J 103 74.09 90.77 32.74
N TYR J 104 75.38 90.44 32.59
CA TYR J 104 76.44 91.08 33.36
C TYR J 104 77.17 92.18 32.59
N TRP J 105 77.15 92.15 31.26
CA TRP J 105 77.87 93.16 30.50
C TRP J 105 77.39 94.56 30.80
N THR J 106 76.15 94.71 31.30
CA THR J 106 75.67 96.03 31.69
C THR J 106 76.39 96.54 32.93
N ALA J 107 76.90 95.64 33.77
CA ALA J 107 77.60 96.06 34.98
C ALA J 107 78.88 96.83 34.68
N PHE J 108 79.41 96.70 33.47
CA PHE J 108 80.63 97.42 33.11
C PHE J 108 80.42 98.92 33.26
N ALA J 109 81.38 99.58 33.92
CA ALA J 109 81.37 101.03 33.98
C ALA J 109 81.68 101.59 32.60
N ASN J 110 80.86 102.55 32.15
CA ASN J 110 80.96 103.08 30.79
C ASN J 110 80.86 101.94 29.78
N TYR J 111 79.77 101.19 29.88
CA TYR J 111 79.56 100.05 29.01
C TYR J 111 79.42 100.50 27.56
N SER J 112 79.81 99.62 26.64
CA SER J 112 79.77 99.90 25.21
C SER J 112 79.05 98.77 24.48
N PRO J 113 78.47 99.05 23.32
CA PRO J 113 77.84 97.98 22.54
C PRO J 113 78.86 96.92 22.14
N ARG J 114 78.38 95.68 22.06
CA ARG J 114 79.26 94.55 21.84
C ARG J 114 79.56 94.36 20.36
N VAL J 115 80.80 93.93 20.09
CA VAL J 115 81.17 93.40 18.78
C VAL J 115 81.37 91.91 18.95
N GLN J 116 81.59 91.17 17.86
CA GLN J 116 81.58 89.72 17.96
C GLN J 116 82.47 89.10 16.90
N LEU J 117 82.64 87.78 17.03
CA LEU J 117 83.39 86.95 16.11
C LEU J 117 82.55 85.73 15.74
N LEU J 118 82.57 85.35 14.47
CA LEU J 118 81.70 84.29 13.95
C LEU J 118 82.51 83.05 13.61
N ALA J 119 82.04 81.90 14.09
CA ALA J 119 82.65 80.60 13.82
C ALA J 119 81.64 79.54 14.24
N TRP J 120 82.04 78.27 14.24
CA TRP J 120 81.16 77.21 14.69
C TRP J 120 81.99 76.02 15.15
N ASN J 121 81.30 75.09 15.81
CA ASN J 121 81.94 73.98 16.52
C ASN J 121 82.45 72.95 15.51
N GLN J 122 83.70 73.15 15.10
CA GLN J 122 84.41 72.21 14.23
C GLN J 122 85.86 72.70 14.16
N PRO J 123 86.84 71.80 14.01
CA PRO J 123 88.23 72.26 14.02
C PRO J 123 88.46 73.44 13.08
N MET J 124 89.19 74.43 13.58
CA MET J 124 89.29 75.73 12.92
C MET J 124 90.71 76.27 13.05
N PRO J 125 91.42 76.54 11.95
CA PRO J 125 92.69 77.26 12.07
C PRO J 125 92.48 78.66 12.61
N TYR J 126 93.49 79.14 13.34
CA TYR J 126 93.37 80.41 14.04
C TYR J 126 94.70 81.15 14.00
N TRP J 127 94.62 82.47 14.17
CA TRP J 127 95.79 83.34 14.26
C TRP J 127 95.55 84.32 15.40
N PHE J 128 96.33 84.19 16.48
CA PHE J 128 96.19 85.05 17.65
C PHE J 128 97.40 85.98 17.76
N PHE J 129 97.12 87.28 17.84
CA PHE J 129 98.12 88.30 18.12
C PHE J 129 97.72 89.04 19.38
N ALA J 130 98.67 89.28 20.27
CA ALA J 130 98.36 89.95 21.53
C ALA J 130 99.55 90.77 21.99
N ASN J 131 99.25 91.83 22.75
CA ASN J 131 100.25 92.66 23.39
C ASN J 131 99.60 93.32 24.60
N GLY J 132 100.44 93.84 25.48
CA GLY J 132 99.97 94.43 26.72
C GLY J 132 98.87 95.45 26.56
N ARG J 133 98.77 96.06 25.38
CA ARG J 133 97.81 97.14 25.15
C ARG J 133 96.70 96.80 24.16
N ARG J 134 96.87 95.77 23.34
CA ARG J 134 95.85 95.41 22.37
C ARG J 134 96.00 93.94 21.98
N PHE J 135 94.92 93.38 21.46
CA PHE J 135 94.91 92.00 20.98
C PHE J 135 94.18 91.95 19.66
N TRP J 136 94.56 90.98 18.82
CA TRP J 136 93.95 90.78 17.52
C TRP J 136 93.66 89.30 17.33
N ILE J 137 92.46 88.98 16.85
CA ILE J 137 92.04 87.61 16.60
C ILE J 137 91.62 87.50 15.13
N VAL J 138 92.13 86.48 14.45
CA VAL J 138 91.79 86.23 13.06
C VAL J 138 91.59 84.73 12.89
N VAL J 139 90.49 84.35 12.24
CA VAL J 139 90.15 82.95 12.00
C VAL J 139 89.83 82.78 10.52
N LYS J 140 90.36 81.73 9.92
CA LYS J 140 90.11 81.43 8.50
C LYS J 140 88.90 80.49 8.44
N VAL J 141 87.74 81.05 8.15
CA VAL J 141 86.50 80.29 8.05
C VAL J 141 86.33 79.94 6.59
N SER J 142 86.93 78.81 6.19
CA SER J 142 86.80 78.31 4.83
C SER J 142 87.03 79.42 3.81
N THR J 143 86.03 79.68 2.95
CA THR J 143 86.16 80.73 1.95
C THR J 143 86.28 82.10 2.62
N ILE J 144 85.87 82.22 3.87
CA ILE J 144 85.76 83.51 4.54
C ILE J 144 86.87 83.67 5.56
N TYR J 145 87.56 84.80 5.50
CA TYR J 145 88.47 85.23 6.55
C TYR J 145 87.71 86.22 7.43
N GLU J 146 87.74 85.99 8.75
CA GLU J 146 87.09 86.87 9.70
C GLU J 146 88.13 87.35 10.70
N SER J 147 87.90 88.53 11.27
CA SER J 147 88.86 89.11 12.18
C SER J 147 88.17 90.10 13.10
N ALA J 148 88.83 90.43 14.21
CA ALA J 148 88.32 91.37 15.20
C ALA J 148 89.44 91.63 16.20
N GLY J 149 89.16 92.55 17.13
CA GLY J 149 90.13 92.88 18.17
C GLY J 149 89.74 94.16 18.86
N ALA J 150 90.59 94.54 19.82
CA ALA J 150 90.37 95.74 20.61
C ALA J 150 91.67 96.09 21.33
N GLY J 151 91.75 97.32 21.81
CA GLY J 151 92.92 97.76 22.56
C GLY J 151 93.03 99.27 22.54
N PHE J 152 94.24 99.74 22.84
CA PHE J 152 94.54 101.17 22.90
C PHE J 152 95.15 101.63 21.58
N ILE J 153 94.64 102.73 21.06
CA ILE J 153 95.25 103.42 19.91
C ILE J 153 96.39 104.28 20.42
N LEU J 154 97.18 104.83 19.49
CA LEU J 154 98.33 105.66 19.82
C LEU J 154 98.06 107.11 19.44
N PRO J 155 97.47 107.92 20.32
CA PRO J 155 97.28 109.34 20.02
C PRO J 155 98.61 110.08 20.00
N PRO J 156 98.67 111.24 19.34
CA PRO J 156 99.91 112.03 19.32
C PRO J 156 100.12 112.91 20.54
N CYS J 157 99.27 112.82 21.56
CA CYS J 157 99.34 113.68 22.73
C CYS J 157 99.83 112.89 23.94
N PRO J 158 100.35 113.58 24.95
CA PRO J 158 100.85 112.87 26.14
C PRO J 158 99.74 112.07 26.79
N PRO J 159 100.04 110.88 27.33
CA PRO J 159 99.00 110.08 28.00
C PRO J 159 98.51 110.70 29.30
N SER J 160 99.11 111.79 29.76
CA SER J 160 98.73 112.35 31.06
C SER J 160 97.26 112.79 31.07
N GLN J 161 96.79 113.36 29.96
CA GLN J 161 95.44 113.91 29.90
C GLN J 161 94.43 113.00 29.21
N TYR J 162 94.88 112.04 28.40
CA TYR J 162 94.01 111.11 27.69
C TYR J 162 94.52 109.69 27.92
N PRO J 163 94.34 109.15 29.12
CA PRO J 163 94.90 107.84 29.45
C PRO J 163 94.06 106.63 29.07
N TYR J 164 92.90 106.82 28.44
CA TYR J 164 92.00 105.73 28.11
C TYR J 164 91.57 105.83 26.64
N PRO J 165 92.52 105.60 25.72
CA PRO J 165 92.16 105.55 24.29
C PRO J 165 91.72 104.15 23.85
N LEU J 166 90.72 103.62 24.54
CA LEU J 166 90.28 102.24 24.29
C LEU J 166 89.46 102.16 23.01
N ALA J 167 89.78 101.17 22.18
CA ALA J 167 89.10 100.95 20.90
C ALA J 167 88.65 99.50 20.82
N VAL J 168 87.45 99.29 20.31
CA VAL J 168 86.91 97.96 20.07
C VAL J 168 86.42 97.89 18.63
N VAL J 169 86.83 96.85 17.91
CA VAL J 169 86.48 96.68 16.52
C VAL J 169 86.11 95.22 16.27
N GLY J 170 85.08 95.01 15.45
CA GLY J 170 84.67 93.67 15.07
C GLY J 170 84.14 93.66 13.65
N SER J 171 83.92 92.45 13.14
CA SER J 171 83.47 92.31 11.76
C SER J 171 82.01 92.72 11.59
N TYR J 172 81.22 92.65 12.67
CA TYR J 172 79.80 92.98 12.58
C TYR J 172 79.32 93.44 13.96
N ARG J 173 78.21 94.16 13.96
CA ARG J 173 77.62 94.62 15.20
C ARG J 173 77.13 93.45 16.04
N GLY J 174 77.31 93.55 17.35
CA GLY J 174 76.94 92.51 18.27
C GLY J 174 75.52 92.58 18.80
N ASP J 175 74.71 93.51 18.29
CA ASP J 175 73.33 93.66 18.78
C ASP J 175 72.39 92.63 18.19
N VAL J 176 72.80 91.88 17.17
CA VAL J 176 71.96 90.89 16.53
C VAL J 176 72.77 89.62 16.32
N ALA J 177 72.05 88.49 16.20
CA ALA J 177 72.66 87.20 15.95
C ALA J 177 72.74 86.95 14.45
N THR J 178 73.88 86.41 14.01
CA THR J 178 74.14 86.22 12.59
C THR J 178 74.78 84.86 12.36
N ARG J 179 74.51 84.31 11.18
CA ARG J 179 75.13 83.07 10.71
C ARG J 179 76.33 83.43 9.84
N TRP J 180 77.47 82.76 10.09
CA TRP J 180 78.72 83.16 9.44
C TRP J 180 78.65 83.06 7.92
N SER J 181 77.56 82.53 7.35
CA SER J 181 77.35 82.56 5.91
C SER J 181 76.47 83.74 5.49
N ASP J 182 76.54 84.86 6.21
CA ASP J 182 75.74 86.02 5.87
C ASP J 182 76.15 86.57 4.52
N VAL J 183 75.21 87.25 3.85
CA VAL J 183 75.42 87.76 2.51
C VAL J 183 75.13 89.26 2.49
N SER J 184 75.34 89.93 3.62
CA SER J 184 75.10 91.36 3.74
C SER J 184 76.42 92.11 3.68
N ASP J 185 76.37 93.33 3.11
CA ASP J 185 77.56 94.15 3.01
C ASP J 185 78.07 94.61 4.37
N ARG J 186 77.24 94.53 5.41
CA ARG J 186 77.65 94.96 6.74
C ARG J 186 78.67 94.04 7.38
N HIS J 187 78.85 92.82 6.85
CA HIS J 187 79.82 91.87 7.38
C HIS J 187 81.14 92.08 6.65
N ARG J 188 82.09 92.74 7.31
CA ARG J 188 83.36 93.09 6.70
C ARG J 188 84.43 93.12 7.79
N GLY J 189 85.59 93.71 7.48
CA GLY J 189 86.77 93.61 8.31
C GLY J 189 87.03 94.85 9.14
N ILE J 190 88.22 94.86 9.76
CA ILE J 190 88.59 95.94 10.67
C ILE J 190 88.90 97.21 9.90
N SER J 191 89.70 97.10 8.83
CA SER J 191 90.17 98.28 8.11
C SER J 191 89.01 99.16 7.68
N SER J 192 87.91 98.54 7.26
CA SER J 192 86.69 99.25 6.87
C SER J 192 85.55 98.79 7.78
N PRO J 193 85.25 99.55 8.83
CA PRO J 193 84.02 99.27 9.59
C PRO J 193 82.79 99.78 8.86
N TYR J 194 81.64 99.22 9.23
CA TYR J 194 80.37 99.63 8.63
C TYR J 194 79.24 99.14 9.52
N GLU J 195 78.29 100.04 9.82
CA GLU J 195 77.12 99.72 10.62
C GLU J 195 77.51 99.18 12.00
N ARG J 196 78.17 100.04 12.77
CA ARG J 196 78.55 99.73 14.15
C ARG J 196 79.51 98.55 14.21
N SER J 197 80.63 98.67 13.50
CA SER J 197 81.65 97.64 13.48
C SER J 197 82.94 98.04 14.18
N CYS J 198 83.10 99.31 14.54
CA CYS J 198 84.31 99.78 15.21
C CYS J 198 83.95 100.96 16.09
N TYR J 199 84.14 100.81 17.41
CA TYR J 199 83.84 101.84 18.37
C TYR J 199 85.12 102.31 19.04
N LEU J 200 85.22 103.62 19.28
CA LEU J 200 86.37 104.22 19.94
C LEU J 200 85.89 105.13 21.05
N ARG J 201 86.57 105.06 22.21
CA ARG J 201 86.20 105.87 23.36
C ARG J 201 86.80 107.27 23.22
N ASP J 202 85.94 108.27 23.10
CA ASP J 202 86.41 109.64 23.00
C ASP J 202 87.00 110.10 24.32
N PRO J 203 87.94 111.06 24.31
CA PRO J 203 88.48 111.58 25.57
C PRO J 203 87.40 112.06 26.52
N ALA J 204 86.22 112.38 25.99
CA ALA J 204 85.06 112.71 26.81
C ALA J 204 84.25 111.47 27.17
N GLY J 205 84.87 110.30 27.17
CA GLY J 205 84.18 109.09 27.60
C GLY J 205 82.99 108.72 26.73
N ARG J 206 82.91 109.25 25.51
CA ARG J 206 81.82 108.94 24.60
C ARG J 206 82.33 107.98 23.53
N TRP J 207 81.73 106.80 23.45
CA TRP J 207 82.13 105.79 22.49
C TRP J 207 81.65 106.21 21.10
N LEU J 208 82.58 106.66 20.26
CA LEU J 208 82.28 107.13 18.92
C LEU J 208 82.63 106.03 17.92
N GLY J 209 81.62 105.54 17.20
CA GLY J 209 81.87 104.58 16.15
C GLY J 209 82.32 105.25 14.87
N PHE J 210 83.11 104.51 14.09
CA PHE J 210 83.65 104.98 12.82
C PHE J 210 83.20 104.07 11.70
N THR J 211 82.76 104.66 10.59
CA THR J 211 82.34 103.91 9.42
C THR J 211 82.94 104.56 8.18
N VAL J 212 83.57 103.75 7.33
CA VAL J 212 84.16 104.29 6.10
C VAL J 212 83.07 104.79 5.17
N ASP J 213 81.93 104.12 5.13
CA ASP J 213 80.83 104.47 4.24
C ASP J 213 79.59 104.78 5.07
N GLY J 214 78.80 105.71 4.57
CA GLY J 214 77.59 106.12 5.28
C GLY J 214 76.50 105.09 5.20
N GLY J 215 75.48 105.30 6.04
CA GLY J 215 74.34 104.40 6.08
C GLY J 215 73.11 105.06 6.68
N ALA J 216 71.96 104.89 6.02
CA ALA J 216 70.73 105.47 6.52
C ALA J 216 70.37 104.88 7.88
N ALA J 217 70.54 103.58 8.05
CA ALA J 217 70.19 102.93 9.31
C ALA J 217 71.04 103.48 10.45
N ASN J 218 72.33 103.69 10.20
CA ASN J 218 73.22 104.20 11.23
C ASN J 218 72.84 105.63 11.60
N GLU J 219 73.24 106.03 12.80
CA GLU J 219 72.91 107.36 13.29
C GLU J 219 73.61 108.43 12.47
N SER J 220 72.96 109.60 12.38
CA SER J 220 73.49 110.69 11.56
C SER J 220 74.82 111.21 12.09
N ASP J 221 75.03 111.13 13.41
CA ASP J 221 76.25 111.69 13.99
C ASP J 221 77.50 111.01 13.46
N TYR J 222 77.46 109.68 13.31
CA TYR J 222 78.65 108.94 12.93
C TYR J 222 78.99 109.07 11.45
N ASN J 223 78.12 109.68 10.64
CA ASN J 223 78.41 109.81 9.22
C ASN J 223 79.63 110.68 8.98
N ASN J 224 79.77 111.77 9.74
CA ASN J 224 80.82 112.74 9.49
C ASN J 224 82.20 112.29 9.99
N ARG J 225 82.25 111.28 10.85
CA ARG J 225 83.51 110.74 11.35
C ARG J 225 83.76 109.40 10.69
N THR J 226 84.91 109.27 10.03
CA THR J 226 85.21 108.09 9.22
C THR J 226 86.70 107.79 9.30
N LEU J 227 87.11 106.70 8.64
CA LEU J 227 88.51 106.31 8.50
C LEU J 227 89.00 106.79 7.14
N LEU J 228 89.91 107.77 7.15
CA LEU J 228 90.27 108.47 5.93
C LEU J 228 90.90 107.57 4.88
N PRO J 229 91.88 106.71 5.19
CA PRO J 229 92.55 105.94 4.13
C PRO J 229 91.59 105.24 3.18
N LEU J 230 90.58 104.56 3.70
CA LEU J 230 89.57 103.93 2.88
C LEU J 230 88.36 104.81 2.64
N GLY J 231 88.34 106.01 3.24
CA GLY J 231 87.25 106.94 3.05
C GLY J 231 87.66 108.13 2.19
N CYS J 232 88.51 107.89 1.19
CA CYS J 232 88.96 108.94 0.30
C CYS J 232 87.85 109.50 -0.57
N GLY J 233 86.71 108.81 -0.65
CA GLY J 233 85.61 109.29 -1.47
C GLY J 233 84.97 110.57 -0.99
N ARG J 234 85.26 110.98 0.24
CA ARG J 234 84.67 112.22 0.76
C ARG J 234 85.10 113.42 -0.08
N TYR J 235 86.37 113.47 -0.46
CA TYR J 235 86.92 114.60 -1.21
C TYR J 235 87.09 114.30 -2.69
N ALA J 236 87.38 113.05 -3.05
CA ALA J 236 87.54 112.70 -4.46
C ALA J 236 86.21 112.86 -5.20
N GLY J 237 86.29 113.33 -6.44
CA GLY J 237 85.11 113.56 -7.25
C GLY J 237 84.81 112.44 -8.22
N SER J 238 85.43 111.27 -8.02
CA SER J 238 85.24 110.12 -8.88
C SER J 238 85.18 108.85 -8.04
N SER J 239 84.44 107.87 -8.54
CA SER J 239 84.34 106.58 -7.84
C SER J 239 85.69 105.89 -7.76
N ASP J 240 86.45 105.90 -8.86
CA ASP J 240 87.76 105.28 -8.90
C ASP J 240 88.83 106.28 -8.46
N THR J 241 89.62 105.88 -7.48
CA THR J 241 90.66 106.74 -6.91
C THR J 241 91.97 105.96 -6.85
N VAL J 242 93.02 106.64 -6.37
CA VAL J 242 94.34 106.05 -6.32
C VAL J 242 94.37 104.87 -5.36
N VAL J 243 93.72 105.01 -4.20
CA VAL J 243 93.79 103.96 -3.18
C VAL J 243 93.23 102.66 -3.71
N LYS J 244 92.11 102.72 -4.44
CA LYS J 244 91.54 101.49 -5.01
C LYS J 244 92.53 100.83 -5.97
N GLN J 245 93.33 101.62 -6.67
CA GLN J 245 94.28 101.11 -7.66
C GLN J 245 95.69 100.97 -7.10
N LEU J 246 95.85 100.99 -5.78
CA LEU J 246 97.17 100.86 -5.19
C LEU J 246 97.79 99.51 -5.57
N ARG J 247 99.10 99.53 -5.79
CA ARG J 247 99.82 98.32 -6.18
C ARG J 247 101.24 98.39 -5.62
N ASP J 248 101.87 97.22 -5.50
CA ASP J 248 103.23 97.16 -5.00
C ASP J 248 104.19 97.83 -5.98
N SER J 249 105.39 98.12 -5.48
CA SER J 249 106.41 98.82 -6.26
C SER J 249 107.65 97.93 -6.36
N PHE J 250 107.84 97.32 -7.53
CA PHE J 250 109.02 96.50 -7.80
C PHE J 250 109.20 95.42 -6.74
N GLY J 251 108.10 94.77 -6.37
CA GLY J 251 108.14 93.69 -5.40
C GLY J 251 108.07 94.14 -3.95
N LYS J 252 108.08 95.44 -3.69
CA LYS J 252 107.99 95.98 -2.33
C LYS J 252 106.55 96.42 -2.09
N PHE J 253 105.89 95.80 -1.10
CA PHE J 253 104.52 96.12 -0.78
C PHE J 253 104.50 97.26 0.22
N PRO J 254 103.99 98.44 -0.12
CA PRO J 254 103.96 99.55 0.84
C PRO J 254 102.87 99.34 1.89
N LEU J 255 103.21 99.65 3.14
CA LEU J 255 102.29 99.53 4.26
C LEU J 255 101.80 100.92 4.65
N LYS J 256 100.49 101.09 4.68
CA LYS J 256 99.86 102.37 5.01
C LYS J 256 99.13 102.24 6.34
N ALA J 257 99.42 103.15 7.26
CA ALA J 257 98.77 103.13 8.56
C ALA J 257 97.30 103.52 8.45
N LEU J 258 96.47 102.89 9.27
CA LEU J 258 95.05 103.19 9.32
C LEU J 258 94.80 104.37 10.25
N GLN J 259 93.71 105.10 9.99
CA GLN J 259 93.54 106.45 10.50
C GLN J 259 92.23 106.58 11.28
N PHE J 260 92.29 107.39 12.33
CA PHE J 260 91.11 107.86 13.04
C PHE J 260 91.05 109.38 12.92
N VAL J 261 89.90 109.90 12.47
CA VAL J 261 89.71 111.33 12.35
C VAL J 261 88.22 111.62 12.49
N THR J 262 87.91 112.74 13.15
CA THR J 262 86.54 113.20 13.29
C THR J 262 86.46 114.64 12.81
N ARG J 263 85.56 114.89 11.86
CA ARG J 263 85.36 116.22 11.27
C ARG J 263 83.89 116.58 11.43
N GLU J 264 83.54 117.16 12.57
CA GLU J 264 82.17 117.56 12.87
C GLU J 264 82.05 119.07 12.77
N THR J 265 80.82 119.56 12.95
CA THR J 265 80.59 121.01 12.94
C THR J 265 81.31 121.69 14.09
N GLU J 266 81.32 121.05 15.26
CA GLU J 266 81.92 121.68 16.44
C GLU J 266 83.41 121.90 16.25
N GLY J 267 84.12 120.91 15.72
CA GLY J 267 85.55 121.04 15.56
C GLY J 267 86.15 119.78 14.97
N ARG J 268 87.47 119.79 14.86
CA ARG J 268 88.24 118.70 14.28
C ARG J 268 89.29 118.23 15.28
N ARG J 269 89.74 116.98 15.14
CA ARG J 269 90.76 116.46 16.02
C ARG J 269 91.32 115.17 15.46
N TYR J 270 92.59 114.91 15.76
CA TYR J 270 93.29 113.71 15.35
C TYR J 270 93.35 112.78 16.55
N LEU J 271 92.81 111.57 16.42
CA LEU J 271 92.71 110.70 17.58
C LEU J 271 93.88 109.73 17.71
N GLY J 272 94.17 108.94 16.68
CA GLY J 272 95.27 108.01 16.75
C GLY J 272 95.30 107.10 15.53
N ASP J 273 96.16 106.09 15.62
CA ASP J 273 96.36 105.14 14.54
C ASP J 273 96.27 103.71 15.08
N PHE J 274 95.95 102.79 14.19
CA PHE J 274 95.95 101.38 14.54
C PHE J 274 97.38 100.91 14.80
N ASP J 275 97.57 100.17 15.88
CA ASP J 275 98.88 99.66 16.26
C ASP J 275 99.03 98.24 15.71
N GLY J 276 99.78 98.10 14.64
CA GLY J 276 100.04 96.81 14.04
C GLY J 276 99.14 96.43 12.89
N ALA J 277 98.30 97.33 12.40
CA ALA J 277 97.42 97.08 11.26
C ALA J 277 97.66 98.12 10.19
N PHE J 278 97.74 97.67 8.94
CA PHE J 278 98.02 98.54 7.81
C PHE J 278 97.20 98.09 6.60
N TYR J 279 97.13 98.97 5.61
CA TYR J 279 96.43 98.70 4.37
C TYR J 279 97.43 98.37 3.26
N VAL J 280 97.15 97.31 2.53
CA VAL J 280 98.03 96.85 1.45
C VAL J 280 97.18 96.38 0.27
N PRO J 281 97.77 96.29 -0.91
CA PRO J 281 97.02 95.86 -2.09
C PRO J 281 96.77 94.35 -2.11
N THR J 282 95.99 93.93 -3.11
CA THR J 282 95.65 92.52 -3.29
C THR J 282 96.40 91.86 -4.43
N LEU J 283 96.99 92.64 -5.33
CA LEU J 283 97.51 92.10 -6.57
C LEU J 283 98.71 91.21 -6.33
N ASN J 284 98.77 90.10 -7.06
CA ASN J 284 99.88 89.15 -6.97
C ASN J 284 100.12 88.72 -5.53
N SER J 285 99.06 88.73 -4.72
CA SER J 285 99.17 88.40 -3.30
C SER J 285 97.78 88.07 -2.78
N GLY J 286 97.69 87.88 -1.47
CA GLY J 286 96.41 87.53 -0.86
C GLY J 286 96.64 87.15 0.59
N ALA J 287 95.67 86.40 1.13
CA ALA J 287 95.76 85.97 2.51
C ALA J 287 96.96 85.05 2.71
N GLU J 288 97.22 84.70 3.98
CA GLU J 288 98.31 83.82 4.39
C GLU J 288 99.63 84.15 3.68
N ASP J 289 99.83 85.43 3.34
CA ASP J 289 101.08 85.90 2.75
C ASP J 289 101.88 86.66 3.80
N VAL J 290 103.18 86.46 3.80
CA VAL J 290 104.08 87.08 4.77
C VAL J 290 105.08 87.94 4.02
N ILE J 291 105.21 89.20 4.46
CA ILE J 291 106.15 90.15 3.89
C ILE J 291 106.99 90.73 5.01
N VAL J 292 108.30 90.85 4.77
CA VAL J 292 109.26 91.30 5.77
C VAL J 292 109.69 92.72 5.43
N GLU J 293 109.57 93.62 6.39
CA GLU J 293 110.01 95.01 6.24
C GLU J 293 110.88 95.37 7.43
N ASP J 294 112.15 95.70 7.14
CA ASP J 294 113.11 96.10 8.18
C ASP J 294 113.20 95.03 9.27
N GLY J 295 113.18 93.76 8.86
CA GLY J 295 113.27 92.67 9.80
C GLY J 295 111.99 92.38 10.56
N VAL J 296 110.88 93.02 10.22
CA VAL J 296 109.60 92.81 10.86
C VAL J 296 108.63 92.23 9.83
N ASP J 297 108.00 91.11 10.18
CA ASP J 297 107.10 90.43 9.27
C ASP J 297 105.68 90.93 9.44
N HIS J 298 104.89 90.81 8.38
CA HIS J 298 103.49 91.21 8.38
C HIS J 298 102.66 90.17 7.64
N VAL J 299 101.53 89.79 8.23
CA VAL J 299 100.63 88.84 7.62
C VAL J 299 99.57 89.61 6.82
N VAL J 300 98.97 88.95 5.85
CA VAL J 300 97.99 89.54 4.96
C VAL J 300 96.66 88.84 5.17
N PHE J 301 95.59 89.61 5.34
CA PHE J 301 94.24 89.09 5.52
C PHE J 301 93.27 89.90 4.70
N GLN J 302 92.14 89.28 4.37
CA GLN J 302 91.11 89.91 3.55
C GLN J 302 89.77 89.84 4.26
N THR J 303 88.90 90.80 3.95
CA THR J 303 87.61 90.88 4.61
C THR J 303 86.69 89.75 4.14
N ALA J 304 85.67 89.48 4.95
CA ALA J 304 84.71 88.43 4.61
C ALA J 304 83.93 88.77 3.34
N TRP J 305 83.53 90.03 3.19
CA TRP J 305 82.72 90.43 2.03
C TRP J 305 83.37 89.99 0.73
N ARG J 306 84.56 90.52 0.44
CA ARG J 306 85.31 90.16 -0.75
C ARG J 306 86.79 90.34 -0.46
N SER J 307 87.62 90.04 -1.45
CA SER J 307 89.05 90.23 -1.37
C SER J 307 89.53 91.39 -2.23
N GLY J 308 88.63 92.34 -2.51
CA GLY J 308 88.99 93.48 -3.33
C GLY J 308 90.06 94.33 -2.68
N ASN J 309 90.62 95.23 -3.49
CA ASN J 309 91.72 96.07 -3.03
C ASN J 309 91.33 96.83 -1.77
N PRO J 310 90.19 97.54 -1.76
CA PRO J 310 89.77 98.19 -0.50
C PRO J 310 89.50 97.17 0.60
N TRP J 311 89.15 95.96 0.20
CA TRP J 311 88.79 94.89 1.13
C TRP J 311 89.99 94.01 1.48
N LEU J 312 91.07 94.62 1.97
CA LEU J 312 92.25 93.84 2.35
C LEU J 312 93.12 94.68 3.28
N TYR J 313 93.72 94.02 4.26
CA TYR J 313 94.61 94.68 5.22
C TYR J 313 95.64 93.67 5.71
N ALA J 314 96.70 94.19 6.31
CA ALA J 314 97.78 93.38 6.87
C ALA J 314 97.96 93.72 8.33
N ILE J 315 98.39 92.72 9.10
CA ILE J 315 98.58 92.84 10.55
C ILE J 315 100.02 92.51 10.88
N ARG J 316 100.66 93.37 11.66
CA ARG J 316 102.02 93.11 12.12
C ARG J 316 102.05 91.91 13.06
N LYS J 317 103.08 91.07 12.90
CA LYS J 317 103.21 89.87 13.72
C LYS J 317 104.36 89.91 14.71
N ASP J 318 105.29 90.85 14.56
CA ASP J 318 106.42 90.97 15.48
C ASP J 318 107.33 89.76 15.38
N ALA K 2 122.26 126.07 7.11
CA ALA K 2 121.05 125.30 7.39
C ALA K 2 119.82 126.16 7.18
N TYR K 3 119.70 127.24 7.97
CA TYR K 3 118.58 128.16 7.88
C TYR K 3 119.12 129.56 7.70
N PHE K 4 118.72 130.22 6.61
CA PHE K 4 119.21 131.55 6.28
C PHE K 4 118.03 132.47 5.99
N THR K 5 118.22 133.76 6.27
CA THR K 5 117.22 134.78 6.01
C THR K 5 117.89 136.01 5.42
N GLY K 6 117.13 136.79 4.67
CA GLY K 6 117.67 137.98 4.06
C GLY K 6 116.61 138.70 3.24
N THR K 7 117.08 139.70 2.49
CA THR K 7 116.22 140.52 1.65
C THR K 7 116.83 140.63 0.26
N ALA K 8 115.97 140.90 -0.73
CA ALA K 8 116.40 140.99 -2.11
C ALA K 8 115.46 141.93 -2.86
N ASN K 9 116.02 142.99 -3.45
CA ASN K 9 115.21 143.94 -4.21
C ASN K 9 114.83 143.40 -5.58
N ASN K 10 115.59 142.45 -6.11
CA ASN K 10 115.33 141.87 -7.42
C ASN K 10 115.62 140.38 -7.38
N PRO K 11 115.04 139.61 -8.30
CA PRO K 11 115.30 138.17 -8.31
C PRO K 11 116.78 137.82 -8.49
N ALA K 12 117.53 138.65 -9.21
CA ALA K 12 118.96 138.41 -9.36
C ALA K 12 119.68 138.41 -8.01
N ASP K 13 119.20 139.21 -7.06
CA ASP K 13 119.80 139.21 -5.74
C ASP K 13 119.62 137.86 -5.06
N LEU K 14 118.40 137.31 -5.10
CA LEU K 14 118.17 135.99 -4.57
C LEU K 14 119.03 134.96 -5.28
N LEU K 15 119.15 135.10 -6.60
CA LEU K 15 120.01 134.21 -7.38
C LEU K 15 121.43 134.20 -6.82
N ALA K 16 122.00 135.40 -6.66
CA ALA K 16 123.37 135.50 -6.18
C ALA K 16 123.52 134.91 -4.78
N LYS K 17 122.60 135.26 -3.89
CA LYS K 17 122.73 134.80 -2.50
C LYS K 17 122.59 133.29 -2.41
N VAL K 18 121.65 132.70 -3.14
CA VAL K 18 121.45 131.25 -3.04
C VAL K 18 122.64 130.51 -3.66
N ARG K 19 123.20 131.02 -4.76
CA ARG K 19 124.40 130.37 -5.29
C ARG K 19 125.56 130.49 -4.30
N VAL K 20 125.69 131.64 -3.65
CA VAL K 20 126.77 131.80 -2.67
C VAL K 20 126.60 130.78 -1.56
N HIS K 21 125.38 130.64 -1.05
CA HIS K 21 125.13 129.68 0.03
C HIS K 21 125.43 128.25 -0.43
N ALA K 22 124.96 127.88 -1.62
CA ALA K 22 125.18 126.54 -2.12
C ALA K 22 126.66 126.24 -2.29
N GLU K 23 127.41 127.19 -2.87
CA GLU K 23 128.85 126.99 -3.02
C GLU K 23 129.54 126.89 -1.68
N SER K 24 129.14 127.73 -0.71
CA SER K 24 129.71 127.62 0.63
C SER K 24 129.39 126.29 1.28
N LEU K 25 128.29 125.65 0.88
CA LEU K 25 127.91 124.36 1.44
C LEU K 25 128.43 123.19 0.61
N GLY K 26 129.23 123.45 -0.42
CA GLY K 26 129.86 122.41 -1.20
C GLY K 26 129.14 122.00 -2.46
N TRP K 27 128.01 122.63 -2.78
CA TRP K 27 127.30 122.29 -4.00
C TRP K 27 128.19 122.52 -5.22
N VAL K 28 128.12 121.60 -6.18
CA VAL K 28 128.94 121.66 -7.38
C VAL K 28 128.14 122.35 -8.48
N THR K 29 128.67 123.45 -9.00
CA THR K 29 128.06 124.20 -10.10
C THR K 29 128.91 124.01 -11.34
N ASP K 30 128.41 123.24 -12.31
CA ASP K 30 129.16 123.01 -13.53
C ASP K 30 129.40 124.31 -14.28
N ARG K 31 128.39 125.16 -14.36
CA ARG K 31 128.51 126.46 -15.00
C ARG K 31 127.66 127.47 -14.25
N ALA K 32 128.19 128.69 -14.11
CA ALA K 32 127.52 129.75 -13.38
C ALA K 32 127.56 131.04 -14.20
N SER K 33 126.54 131.88 -13.99
CA SER K 33 126.45 133.17 -14.65
C SER K 33 125.58 134.08 -13.79
N ALA K 34 125.43 135.32 -14.23
CA ALA K 34 124.63 136.28 -13.50
C ALA K 34 123.13 135.98 -13.58
N SER K 35 122.71 135.19 -14.57
CA SER K 35 121.30 134.89 -14.74
C SER K 35 120.98 133.43 -15.03
N GLU K 36 121.96 132.60 -15.36
CA GLU K 36 121.72 131.21 -15.73
C GLU K 36 122.61 130.29 -14.91
N TRP K 37 122.11 129.09 -14.63
CA TRP K 37 122.84 128.09 -13.86
C TRP K 37 122.73 126.73 -14.51
N LEU K 38 123.81 125.96 -14.39
CA LEU K 38 123.83 124.53 -14.73
C LEU K 38 124.61 123.84 -13.62
N CYS K 39 123.89 123.42 -12.57
CA CYS K 39 124.49 122.84 -11.38
C CYS K 39 124.05 121.39 -11.23
N HIS K 40 124.71 120.68 -10.33
CA HIS K 40 124.43 119.28 -10.11
C HIS K 40 124.98 118.87 -8.75
N ASN K 41 124.60 117.68 -8.30
CA ASN K 41 125.09 117.10 -7.06
C ASN K 41 125.21 115.59 -7.27
N ALA K 42 125.42 114.86 -6.17
CA ALA K 42 125.52 113.42 -6.25
C ALA K 42 124.19 112.75 -6.63
N ASP K 43 123.08 113.49 -6.57
CA ASP K 43 121.76 112.93 -6.84
C ASP K 43 121.30 113.19 -8.28
N GLY K 44 121.43 114.42 -8.76
CA GLY K 44 120.96 114.73 -10.09
C GLY K 44 121.49 116.07 -10.57
N TYR K 45 120.99 116.48 -11.73
CA TYR K 45 121.38 117.71 -12.37
C TYR K 45 120.17 118.63 -12.51
N TRP K 46 120.38 119.92 -12.32
CA TRP K 46 119.33 120.91 -12.45
C TRP K 46 119.84 122.12 -13.20
N SER K 47 118.92 122.82 -13.86
CA SER K 47 119.23 124.05 -14.59
C SER K 47 118.20 125.10 -14.23
N PHE K 48 118.66 126.33 -14.00
CA PHE K 48 117.81 127.44 -13.61
C PHE K 48 118.13 128.67 -14.43
N ASN K 49 117.10 129.47 -14.69
CA ASN K 49 117.24 130.74 -15.41
C ASN K 49 116.33 131.76 -14.76
N ALA K 50 116.84 132.98 -14.56
CA ALA K 50 116.11 134.05 -13.90
C ALA K 50 115.59 135.03 -14.95
N GLY K 51 114.27 135.18 -15.01
CA GLY K 51 113.64 136.13 -15.90
C GLY K 51 113.49 137.50 -15.25
N ALA K 52 112.75 138.37 -15.94
CA ALA K 52 112.50 139.70 -15.40
C ALA K 52 111.71 139.63 -14.10
N ASN K 53 110.69 138.77 -14.05
CA ASN K 53 109.86 138.64 -12.87
C ASN K 53 109.50 137.19 -12.57
N GLN K 54 110.31 136.22 -13.02
CA GLN K 54 110.01 134.82 -12.80
C GLN K 54 111.28 134.01 -12.98
N PHE K 55 111.23 132.77 -12.48
CA PHE K 55 112.33 131.83 -12.61
C PHE K 55 111.90 130.68 -13.53
N GLN K 56 112.84 130.24 -14.36
CA GLN K 56 112.64 129.09 -15.23
C GLN K 56 113.57 127.98 -14.78
N MET K 57 113.00 126.82 -14.47
CA MET K 57 113.75 125.68 -13.96
C MET K 57 113.48 124.45 -14.82
N ALA K 58 114.46 123.57 -14.91
CA ALA K 58 114.33 122.35 -15.70
C ALA K 58 115.32 121.32 -15.18
N GLY K 59 114.91 120.06 -15.20
CA GLY K 59 115.80 118.98 -14.83
C GLY K 59 116.80 118.67 -15.92
N ASN K 60 117.74 117.79 -15.60
CA ASN K 60 118.80 117.45 -16.54
C ASN K 60 119.39 116.10 -16.17
N THR K 61 119.99 115.45 -17.17
CA THR K 61 120.69 114.19 -16.98
C THR K 61 122.13 114.22 -17.46
N GLY K 62 122.47 115.04 -18.45
CA GLY K 62 123.84 115.21 -18.89
C GLY K 62 124.17 116.67 -19.04
N PHE K 63 125.44 116.95 -19.35
CA PHE K 63 125.93 118.31 -19.46
C PHE K 63 126.51 118.56 -20.84
N ASP K 64 126.28 119.77 -21.36
CA ASP K 64 126.87 120.20 -22.62
C ASP K 64 126.91 121.72 -22.61
N ASN K 65 128.11 122.30 -22.47
CA ASN K 65 128.24 123.74 -22.35
C ASN K 65 127.79 124.47 -23.61
N SER K 66 127.75 123.79 -24.75
CA SER K 66 127.37 124.41 -26.01
C SER K 66 125.87 124.48 -26.22
N LEU K 67 125.08 123.89 -25.33
CA LEU K 67 123.63 123.87 -25.44
C LEU K 67 123.01 124.94 -24.55
N ALA K 68 121.85 125.44 -24.96
CA ALA K 68 121.16 126.49 -24.22
C ALA K 68 120.70 125.96 -22.86
N TRP K 69 120.15 126.86 -22.05
CA TRP K 69 119.70 126.49 -20.71
C TRP K 69 118.59 125.46 -20.76
N ASN K 70 117.77 125.46 -21.81
CA ASN K 70 116.66 124.55 -21.97
C ASN K 70 116.91 123.53 -23.07
N ALA K 71 118.17 123.14 -23.28
CA ALA K 71 118.51 122.18 -24.32
C ALA K 71 119.55 121.17 -23.85
N GLN K 72 119.67 120.94 -22.55
CA GLN K 72 120.64 119.99 -22.05
C GLN K 72 120.20 118.56 -22.37
N PRO K 73 121.12 117.61 -22.38
CA PRO K 73 120.74 116.22 -22.64
C PRO K 73 119.70 115.74 -21.64
N GLY K 74 118.72 115.00 -22.15
CA GLY K 74 117.66 114.50 -21.29
C GLY K 74 116.89 115.59 -20.58
N ASN K 75 116.64 116.70 -21.26
CA ASN K 75 115.90 117.80 -20.65
C ASN K 75 114.41 117.48 -20.55
N SER K 76 113.77 118.05 -19.54
CA SER K 76 112.34 117.81 -19.33
C SER K 76 111.47 118.42 -20.41
N VAL K 77 111.98 119.39 -21.17
CA VAL K 77 111.16 120.08 -22.16
C VAL K 77 110.68 119.10 -23.23
N GLN K 78 111.59 118.26 -23.74
CA GLN K 78 111.27 117.34 -24.83
C GLN K 78 110.91 115.95 -24.36
N ASN K 79 111.22 115.59 -23.11
CA ASN K 79 111.01 114.24 -22.59
C ASN K 79 109.81 114.16 -21.66
N ASN K 80 108.73 114.89 -21.96
CA ASN K 80 107.54 114.86 -21.15
C ASN K 80 106.32 114.55 -22.00
N PRO K 81 105.27 113.96 -21.43
CA PRO K 81 104.08 113.65 -22.22
C PRO K 81 103.39 114.86 -22.80
N TYR K 82 103.61 116.04 -22.23
CA TYR K 82 102.94 117.25 -22.72
C TYR K 82 103.28 117.49 -24.18
N SER K 83 102.27 117.88 -24.96
CA SER K 83 102.51 118.29 -26.34
C SER K 83 103.12 119.67 -26.43
N SER K 84 102.84 120.54 -25.45
CA SER K 84 103.37 121.89 -25.47
C SER K 84 104.89 121.88 -25.32
N LYS K 85 105.43 120.96 -24.52
CA LYS K 85 106.87 120.85 -24.30
C LYS K 85 107.41 122.12 -23.64
N GLY K 86 106.88 122.40 -22.45
CA GLY K 86 107.30 123.55 -21.69
C GLY K 86 108.02 123.17 -20.40
N PRO K 87 108.98 123.96 -19.97
CA PRO K 87 109.71 123.65 -18.73
C PRO K 87 108.96 124.18 -17.51
N THR K 88 109.51 123.88 -16.34
CA THR K 88 108.94 124.35 -15.09
C THR K 88 109.05 125.87 -15.00
N VAL K 89 108.03 126.50 -14.43
CA VAL K 89 107.95 127.96 -14.34
C VAL K 89 107.49 128.34 -12.94
N ALA K 90 108.13 129.37 -12.37
CA ALA K 90 107.75 129.94 -11.10
C ALA K 90 107.53 131.44 -11.30
N GLN K 91 106.27 131.86 -11.26
CA GLN K 91 105.91 133.25 -11.56
C GLN K 91 105.99 134.07 -10.28
N LEU K 92 106.79 135.14 -10.32
CA LEU K 92 106.96 136.06 -9.21
C LEU K 92 106.59 137.48 -9.66
N SER K 93 106.83 138.44 -8.78
CA SER K 93 106.54 139.84 -9.05
C SER K 93 107.77 140.55 -9.61
N GLY K 94 107.67 141.87 -9.68
CA GLY K 94 108.72 142.70 -10.26
C GLY K 94 110.09 142.46 -9.68
N GLY K 95 110.17 142.05 -8.42
CA GLY K 95 111.43 141.79 -7.78
C GLY K 95 111.52 142.24 -6.34
N PRO K 96 110.83 143.34 -5.98
CA PRO K 96 110.82 143.76 -4.57
C PRO K 96 110.35 142.64 -3.65
N PHE K 97 111.23 142.18 -2.77
CA PHE K 97 110.94 141.07 -1.85
C PHE K 97 111.09 141.56 -0.42
N THR K 98 110.05 141.33 0.39
CA THR K 98 110.10 141.68 1.80
C THR K 98 111.21 140.91 2.50
N ARG K 99 111.28 139.60 2.26
CA ARG K 99 112.27 138.74 2.90
C ARG K 99 112.23 137.39 2.22
N TYR K 100 113.29 136.61 2.43
CA TYR K 100 113.36 135.25 1.93
C TYR K 100 113.93 134.33 3.00
N HIS K 101 113.34 133.15 3.13
CA HIS K 101 113.80 132.13 4.06
C HIS K 101 114.32 130.94 3.25
N LEU K 102 115.57 130.55 3.51
CA LEU K 102 116.25 129.54 2.71
C LEU K 102 116.66 128.37 3.60
N PHE K 103 116.36 127.16 3.14
CA PHE K 103 116.78 125.92 3.79
C PHE K 103 117.69 125.19 2.82
N ALA K 104 118.92 124.92 3.24
CA ALA K 104 119.94 124.34 2.38
C ALA K 104 120.48 123.05 2.99
N THR K 105 120.62 122.04 2.13
CA THR K 105 121.22 120.77 2.54
C THR K 105 122.00 120.23 1.35
N ALA K 106 122.80 119.19 1.61
CA ALA K 106 123.59 118.57 0.56
C ALA K 106 122.75 117.83 -0.45
N ALA K 107 121.49 117.52 -0.11
CA ALA K 107 120.63 116.73 -0.99
C ALA K 107 119.45 117.49 -1.56
N TYR K 108 119.04 118.60 -0.94
CA TYR K 108 117.88 119.35 -1.41
C TYR K 108 118.02 120.80 -1.03
N LEU K 109 117.29 121.66 -1.75
CA LEU K 109 117.26 123.09 -1.49
C LEU K 109 115.81 123.54 -1.48
N HIS K 110 115.42 124.27 -0.43
CA HIS K 110 114.07 124.78 -0.28
C HIS K 110 114.13 126.29 -0.06
N LEU K 111 113.24 127.02 -0.73
CA LEU K 111 113.22 128.48 -0.64
C LEU K 111 111.78 128.95 -0.47
N HIS K 112 111.60 129.99 0.34
CA HIS K 112 110.29 130.61 0.55
C HIS K 112 110.51 132.11 0.63
N VAL K 113 110.04 132.83 -0.39
CA VAL K 113 110.28 134.26 -0.53
C VAL K 113 108.96 134.99 -0.30
N GLU K 114 108.99 136.00 0.57
CA GLU K 114 107.83 136.86 0.80
C GLU K 114 107.98 138.08 -0.11
N ILE K 115 107.37 138.00 -1.29
CA ILE K 115 107.53 139.06 -2.28
C ILE K 115 106.91 140.36 -1.76
N ALA K 116 105.81 140.26 -1.02
CA ALA K 116 105.16 141.43 -0.47
C ALA K 116 104.43 141.02 0.80
N ALA K 117 103.83 142.00 1.48
CA ALA K 117 103.09 141.73 2.70
C ALA K 117 101.98 140.73 2.43
N GLY K 118 102.11 139.53 3.00
CA GLY K 118 101.12 138.48 2.81
C GLY K 118 101.30 137.66 1.55
N GLN K 119 102.25 138.01 0.69
CA GLN K 119 102.51 137.28 -0.55
C GLN K 119 103.76 136.44 -0.38
N PHE K 120 103.65 135.14 -0.65
CA PHE K 120 104.75 134.21 -0.52
C PHE K 120 104.79 133.29 -1.74
N ARG K 121 106.00 132.91 -2.13
CA ARG K 121 106.20 132.08 -3.32
C ARG K 121 107.22 130.99 -3.00
N PRO K 122 106.82 129.72 -2.91
CA PRO K 122 107.78 128.65 -2.63
C PRO K 122 108.48 128.14 -3.87
N VAL K 123 109.72 127.70 -3.65
CA VAL K 123 110.53 127.07 -4.69
C VAL K 123 111.16 125.82 -4.10
N MET K 124 111.05 124.70 -4.80
CA MET K 124 111.45 123.40 -4.27
C MET K 124 112.37 122.69 -5.25
N ILE K 125 113.50 122.20 -4.75
CA ILE K 125 114.42 121.36 -5.52
C ILE K 125 114.98 120.30 -4.58
N GLY K 126 115.11 119.08 -5.09
CA GLY K 126 115.67 118.00 -4.30
C GLY K 126 115.29 116.65 -4.87
N SER K 127 115.43 115.62 -4.02
CA SER K 127 115.09 114.26 -4.37
C SER K 127 114.28 113.62 -3.25
N LEU K 128 113.32 112.78 -3.63
CA LEU K 128 112.50 112.08 -2.65
C LEU K 128 113.32 111.05 -1.89
N ASN K 129 112.96 110.85 -0.62
CA ASN K 129 113.58 109.80 0.19
C ASN K 129 113.13 108.45 -0.33
N LYS K 130 114.09 107.63 -0.77
CA LYS K 130 113.74 106.33 -1.33
C LYS K 130 113.07 105.43 -0.30
N ARG K 131 113.46 105.54 0.97
CA ARG K 131 112.89 104.73 2.04
C ARG K 131 113.01 103.24 1.73
N GLY K 132 114.16 102.86 1.17
CA GLY K 132 114.41 101.48 0.82
C GLY K 132 113.79 101.01 -0.47
N VAL K 133 113.11 101.87 -1.20
CA VAL K 133 112.48 101.51 -2.47
C VAL K 133 113.49 101.67 -3.59
N GLY K 134 113.66 100.62 -4.38
CA GLY K 134 114.64 100.63 -5.45
C GLY K 134 114.12 101.20 -6.75
N TYR K 135 114.47 102.46 -7.04
CA TYR K 135 114.07 103.10 -8.27
C TYR K 135 115.09 104.18 -8.60
N THR K 136 115.27 104.43 -9.90
CA THR K 136 116.22 105.42 -10.40
C THR K 136 115.51 106.73 -10.66
N GLY K 137 116.15 107.83 -10.25
CA GLY K 137 115.56 109.15 -10.41
C GLY K 137 115.14 109.75 -9.08
N GLY K 138 113.89 110.18 -8.99
CA GLY K 138 113.37 110.77 -7.77
C GLY K 138 113.62 112.24 -7.59
N GLN K 139 114.37 112.87 -8.49
CA GLN K 139 114.62 114.30 -8.41
C GLN K 139 113.34 115.07 -8.72
N TYR K 140 113.07 116.12 -7.95
CA TYR K 140 111.87 116.91 -8.11
C TYR K 140 112.23 118.40 -8.12
N VAL K 141 111.59 119.13 -9.04
CA VAL K 141 111.74 120.58 -9.14
C VAL K 141 110.34 121.18 -9.27
N CYS K 142 110.01 122.13 -8.41
CA CYS K 142 108.69 122.73 -8.39
C CYS K 142 108.79 124.24 -8.44
N GLY K 143 107.71 124.87 -8.89
CA GLY K 143 107.59 126.31 -8.90
C GLY K 143 106.20 126.74 -8.49
N SER K 144 106.02 128.06 -8.39
CA SER K 144 104.75 128.65 -8.01
C SER K 144 104.21 129.46 -9.17
N PHE K 145 102.98 129.16 -9.59
CA PHE K 145 102.32 129.85 -10.69
C PHE K 145 101.03 130.49 -10.18
N ILE K 146 100.77 131.70 -10.66
CA ILE K 146 99.56 132.45 -10.32
C ILE K 146 98.76 132.65 -11.59
N TYR K 147 97.45 132.41 -11.50
CA TYR K 147 96.59 132.50 -12.68
C TYR K 147 96.42 133.94 -13.13
N THR K 148 95.80 134.77 -12.27
CA THR K 148 95.54 136.17 -12.62
C THR K 148 95.43 137.01 -11.35
N PRO K 149 96.25 138.04 -11.18
CA PRO K 149 96.09 138.92 -10.02
C PRO K 149 94.74 139.62 -10.04
N GLY K 150 94.18 139.82 -8.87
CA GLY K 150 92.88 140.47 -8.73
C GLY K 150 91.70 139.51 -8.72
N GLN K 151 91.65 138.60 -9.67
CA GLN K 151 90.59 137.61 -9.75
C GLN K 151 90.94 136.44 -8.83
N ALA K 152 90.19 135.34 -8.94
CA ALA K 152 90.45 134.17 -8.11
C ALA K 152 91.90 133.74 -8.26
N LEU K 153 92.68 133.88 -7.19
CA LEU K 153 94.10 133.61 -7.28
C LEU K 153 94.37 132.10 -7.33
N THR K 154 93.60 131.32 -6.58
CA THR K 154 93.75 129.87 -6.55
C THR K 154 92.72 129.18 -7.45
N ASN K 155 92.43 129.79 -8.60
CA ASN K 155 91.44 129.24 -9.52
C ASN K 155 91.83 127.82 -9.94
N ASN K 156 90.89 127.13 -10.58
CA ASN K 156 91.13 125.75 -11.00
C ASN K 156 92.31 125.67 -11.96
N TRP K 157 92.40 126.62 -12.88
CA TRP K 157 93.48 126.59 -13.87
C TRP K 157 94.85 126.77 -13.22
N SER K 158 94.90 127.27 -11.99
CA SER K 158 96.17 127.49 -11.32
C SER K 158 96.87 126.16 -11.04
N SER K 159 98.20 126.22 -10.92
CA SER K 159 99.02 125.07 -10.57
C SER K 159 99.95 125.43 -9.44
N HIS K 160 100.22 124.47 -8.57
CA HIS K 160 101.01 124.66 -7.37
C HIS K 160 101.96 123.49 -7.22
N PRO K 161 103.01 123.64 -6.41
CA PRO K 161 103.96 122.53 -6.21
C PRO K 161 103.24 121.28 -5.72
N PHE K 162 103.60 120.13 -6.30
CA PHE K 162 102.98 118.85 -5.96
C PHE K 162 101.48 118.85 -6.20
N ASP K 163 100.97 119.71 -7.08
CA ASP K 163 99.53 119.83 -7.26
C ASP K 163 98.94 118.53 -7.78
N GLY K 164 97.72 118.24 -7.36
CA GLY K 164 97.00 117.06 -7.79
C GLY K 164 95.80 117.37 -8.65
N TYR K 165 95.60 118.66 -8.97
CA TYR K 165 94.45 119.07 -9.78
C TYR K 165 94.75 120.43 -10.38
N HIS K 166 94.83 120.49 -11.71
CA HIS K 166 95.06 121.75 -12.40
C HIS K 166 94.59 121.61 -13.84
N ILE K 167 94.36 122.75 -14.48
CA ILE K 167 93.91 122.81 -15.87
C ILE K 167 94.84 123.77 -16.60
N GLN K 168 95.75 123.23 -17.42
CA GLN K 168 96.68 124.03 -18.18
C GLN K 168 97.36 123.15 -19.22
N TYR K 169 97.49 123.66 -20.44
CA TYR K 169 98.05 122.91 -21.55
C TYR K 169 99.45 123.37 -21.95
N SER K 170 99.99 124.41 -21.30
CA SER K 170 101.27 125.00 -21.69
C SER K 170 102.37 124.74 -20.68
N ASN K 171 102.16 125.07 -19.41
CA ASN K 171 103.20 125.01 -18.39
C ASN K 171 102.74 124.18 -17.21
N SER K 172 103.72 123.65 -16.48
CA SER K 172 103.47 122.85 -15.28
C SER K 172 104.23 123.45 -14.11
N SER K 173 103.62 123.40 -12.93
CA SER K 173 104.23 123.98 -11.74
C SER K 173 105.38 123.14 -11.21
N CYS K 174 105.28 121.81 -11.29
CA CYS K 174 106.32 120.94 -10.77
C CYS K 174 106.35 119.65 -11.57
N MET K 175 107.45 118.92 -11.42
CA MET K 175 107.68 117.68 -12.15
C MET K 175 108.25 116.63 -11.19
N LEU K 176 108.47 115.43 -11.71
CA LEU K 176 109.04 114.34 -10.92
C LEU K 176 109.67 113.34 -11.87
N ARG K 177 110.90 112.92 -11.57
CA ARG K 177 111.61 112.00 -12.45
C ARG K 177 111.40 110.56 -11.99
N LEU K 178 111.04 109.71 -12.95
CA LEU K 178 110.84 108.28 -12.69
C LEU K 178 111.35 107.53 -13.91
N ASP K 179 112.56 106.99 -13.82
CA ASP K 179 113.22 106.40 -14.97
C ASP K 179 112.72 104.99 -15.23
N GLY K 180 112.66 104.63 -16.51
CA GLY K 180 112.30 103.27 -16.89
C GLY K 180 110.90 102.85 -16.49
N LEU K 181 109.94 103.77 -16.54
CA LEU K 181 108.57 103.42 -16.20
C LEU K 181 107.90 102.72 -17.37
N ASP K 182 107.32 101.55 -17.10
CA ASP K 182 106.58 100.79 -18.10
C ASP K 182 107.45 100.48 -19.32
N GLY K 183 108.72 100.18 -19.09
CA GLY K 183 109.60 99.73 -20.14
C GLY K 183 110.05 100.81 -21.11
N GLY K 184 109.80 102.07 -20.80
CA GLY K 184 110.22 103.15 -21.69
C GLY K 184 111.68 103.51 -21.50
N PRO K 185 112.15 104.44 -22.32
CA PRO K 185 113.53 104.91 -22.18
C PRO K 185 113.77 105.50 -20.80
N SER K 186 115.00 105.35 -20.32
CA SER K 186 115.34 105.81 -18.98
C SER K 186 115.00 107.27 -18.74
N PRO K 187 115.26 108.21 -19.66
CA PRO K 187 114.93 109.61 -19.38
C PRO K 187 113.43 109.86 -19.43
N GLU K 188 112.82 110.05 -18.26
CA GLU K 188 111.39 110.27 -18.15
C GLU K 188 111.13 111.29 -17.06
N TRP K 189 110.48 112.39 -17.40
CA TRP K 189 110.15 113.46 -16.46
C TRP K 189 108.63 113.51 -16.35
N LEU K 190 108.10 112.95 -15.27
CA LEU K 190 106.66 112.84 -15.08
C LEU K 190 106.10 114.10 -14.44
N PRO K 191 105.22 114.83 -15.13
CA PRO K 191 104.63 116.03 -14.53
C PRO K 191 103.45 115.71 -13.63
N PHE K 192 103.08 116.70 -12.82
CA PHE K 192 101.96 116.57 -11.90
C PHE K 192 100.70 117.02 -12.62
N ASP K 193 100.04 116.06 -13.27
CA ASP K 193 98.81 116.33 -14.01
C ASP K 193 97.85 115.17 -13.79
N TYR K 194 96.55 115.47 -13.88
CA TYR K 194 95.52 114.46 -13.63
C TYR K 194 94.49 114.39 -14.76
N THR K 195 94.21 115.52 -15.40
CA THR K 195 93.12 115.60 -16.36
C THR K 195 93.55 115.27 -17.79
N THR K 196 94.85 115.13 -18.05
CA THR K 196 95.29 114.84 -19.41
C THR K 196 95.07 113.38 -19.80
N ASN K 197 94.79 112.50 -18.84
CA ASN K 197 94.57 111.08 -19.11
C ASN K 197 95.77 110.45 -19.82
N VAL K 198 96.95 111.03 -19.68
CA VAL K 198 98.16 110.47 -20.27
C VAL K 198 98.44 109.13 -19.59
N PRO K 199 99.04 108.16 -20.30
CA PRO K 199 99.26 106.84 -19.66
C PRO K 199 100.09 106.92 -18.39
N ARG K 200 101.08 107.80 -18.35
CA ARG K 200 101.98 107.90 -17.22
C ARG K 200 101.96 109.32 -16.67
N ARG K 201 101.76 109.45 -15.36
CA ARG K 201 101.67 110.74 -14.70
C ARG K 201 101.84 110.53 -13.20
N VAL K 202 101.96 111.64 -12.48
CA VAL K 202 102.14 111.63 -11.03
C VAL K 202 101.20 112.65 -10.40
N VAL K 203 100.91 112.43 -9.12
CA VAL K 203 99.98 113.26 -8.36
C VAL K 203 100.52 113.46 -6.95
N GLY K 204 100.13 114.57 -6.32
CA GLY K 204 100.57 114.87 -4.98
C GLY K 204 99.59 115.72 -4.20
N PRO K 205 99.82 115.87 -2.88
CA PRO K 205 98.90 116.67 -2.05
C PRO K 205 99.09 118.17 -2.19
N GLY K 206 99.81 118.61 -3.21
CA GLY K 206 100.21 119.99 -3.34
C GLY K 206 99.20 121.04 -2.91
N ARG K 207 98.01 121.02 -3.50
CA ARG K 207 97.05 122.07 -3.24
C ARG K 207 96.56 122.08 -1.81
N GLY K 208 96.75 120.99 -1.06
CA GLY K 208 96.35 120.95 0.33
C GLY K 208 95.00 120.30 0.54
N ASN K 209 93.99 121.11 0.89
CA ASN K 209 92.64 120.62 1.16
C ASN K 209 91.64 121.30 0.24
N TYR K 210 91.98 121.38 -1.04
CA TYR K 210 91.07 121.90 -2.04
C TYR K 210 89.92 120.92 -2.26
N SER K 211 88.80 121.45 -2.75
CA SER K 211 87.59 120.64 -2.88
C SER K 211 87.82 119.44 -3.80
N SER K 212 88.48 119.65 -4.93
CA SER K 212 88.72 118.62 -5.93
C SER K 212 90.17 118.16 -5.93
N GLN K 213 90.79 118.09 -4.75
CA GLN K 213 92.16 117.60 -4.62
C GLN K 213 92.12 116.08 -4.57
N TYR K 214 93.01 115.44 -5.35
CA TYR K 214 93.03 113.98 -5.47
C TYR K 214 94.19 113.44 -4.64
N HIS K 215 93.89 113.06 -3.40
CA HIS K 215 94.84 112.39 -2.53
C HIS K 215 94.12 111.87 -1.29
N PRO K 216 94.45 110.66 -0.80
CA PRO K 216 93.72 110.11 0.33
C PRO K 216 94.09 110.72 1.68
N ASP K 217 95.18 111.47 1.77
CA ASP K 217 95.58 112.11 3.03
C ASP K 217 94.93 113.48 3.21
N VAL K 218 94.20 113.98 2.22
CA VAL K 218 93.58 115.29 2.34
C VAL K 218 92.85 115.41 3.68
N GLY K 219 92.27 114.30 4.16
CA GLY K 219 91.67 114.32 5.47
C GLY K 219 92.69 114.52 6.58
N LEU K 220 93.86 113.88 6.45
CA LEU K 220 94.91 114.08 7.45
C LEU K 220 95.34 115.53 7.51
N ILE K 221 95.54 116.15 6.35
CA ILE K 221 95.87 117.59 6.33
C ILE K 221 94.72 118.41 6.92
N ASP K 222 93.47 118.05 6.61
CA ASP K 222 92.35 118.82 7.15
C ASP K 222 92.30 118.75 8.67
N ALA K 223 92.60 117.58 9.23
CA ALA K 223 92.51 117.36 10.66
C ALA K 223 93.85 117.49 11.37
N SER K 224 94.88 118.01 10.69
CA SER K 224 96.20 118.13 11.31
C SER K 224 96.14 118.88 12.63
N ALA K 225 95.28 119.88 12.74
CA ALA K 225 95.14 120.66 13.96
C ALA K 225 94.19 119.94 14.92
N ASN K 226 94.63 119.76 16.15
CA ASN K 226 93.84 119.07 17.17
C ASN K 226 93.11 120.10 18.02
N GLU K 227 91.79 119.93 18.15
CA GLU K 227 91.01 120.83 18.98
C GLU K 227 91.10 120.49 20.46
N LEU K 228 91.60 119.31 20.80
CA LEU K 228 91.70 118.91 22.21
C LEU K 228 92.76 119.75 22.93
N ASN K 229 94.01 119.66 22.48
CA ASN K 229 95.13 120.34 23.13
C ASN K 229 95.78 121.38 22.22
N SER K 230 95.13 121.76 21.12
CA SER K 230 95.70 122.71 20.18
C SER K 230 97.03 122.21 19.61
N SER K 231 97.19 120.89 19.55
CA SER K 231 98.42 120.29 19.05
C SER K 231 98.33 120.06 17.55
N THR K 232 99.46 120.20 16.87
CA THR K 232 99.56 120.01 15.44
C THR K 232 100.61 118.94 15.15
N THR K 233 100.34 118.11 14.14
CA THR K 233 101.22 117.01 13.77
C THR K 233 101.68 117.18 12.32
N THR K 234 102.76 116.49 11.99
CA THR K 234 103.32 116.50 10.65
C THR K 234 102.78 115.30 9.86
N VAL K 235 102.28 115.55 8.66
CA VAL K 235 101.75 114.53 7.78
C VAL K 235 102.72 114.35 6.63
N PRO K 236 103.32 113.16 6.44
CA PRO K 236 104.21 112.97 5.29
C PRO K 236 103.48 113.23 3.99
N CYS K 237 104.21 113.84 3.04
CA CYS K 237 103.65 114.20 1.74
C CYS K 237 103.93 113.08 0.76
N ALA K 238 103.14 112.02 0.84
CA ALA K 238 103.30 110.88 -0.04
C ALA K 238 102.96 111.27 -1.48
N ILE K 239 103.67 110.65 -2.42
CA ILE K 239 103.48 110.91 -3.84
C ILE K 239 103.04 109.62 -4.52
N TYR K 240 102.21 109.76 -5.54
CA TYR K 240 101.66 108.63 -6.27
C TYR K 240 102.00 108.76 -7.75
N ALA K 241 102.32 107.63 -8.38
CA ALA K 241 102.62 107.57 -9.80
C ALA K 241 101.70 106.55 -10.46
N PHE K 242 101.11 106.93 -11.58
CA PHE K 242 100.15 106.09 -12.29
C PHE K 242 100.83 105.39 -13.45
N GLY K 243 100.64 104.08 -13.55
CA GLY K 243 101.27 103.28 -14.59
C GLY K 243 100.53 103.38 -15.92
N ALA K 244 101.01 102.59 -16.88
CA ALA K 244 100.48 102.66 -18.23
C ALA K 244 98.97 102.44 -18.26
N GLN K 245 98.44 101.64 -17.34
CA GLN K 245 97.02 101.35 -17.33
C GLN K 245 96.39 101.66 -15.97
N GLN K 246 96.67 102.86 -15.45
CA GLN K 246 95.96 103.39 -14.28
C GLN K 246 96.22 102.55 -13.04
N ARG K 247 97.38 101.93 -12.95
CA ARG K 247 97.79 101.19 -11.76
C ARG K 247 98.81 102.04 -11.00
N SER K 248 98.45 102.46 -9.79
CA SER K 248 99.27 103.39 -9.03
C SER K 248 100.37 102.65 -8.29
N ARG K 249 101.46 103.37 -8.01
CA ARG K 249 102.58 102.84 -7.25
C ARG K 249 103.12 103.95 -6.35
N TYR K 250 103.01 103.75 -5.04
CA TYR K 250 103.56 104.70 -4.09
C TYR K 250 105.08 104.81 -4.29
N VAL K 251 105.58 106.04 -4.34
CA VAL K 251 106.97 106.28 -4.70
C VAL K 251 107.81 106.81 -3.54
N GLY K 252 107.23 107.55 -2.60
CA GLY K 252 107.99 108.02 -1.47
C GLY K 252 107.35 109.26 -0.86
N GLU K 253 108.10 109.88 0.05
CA GLU K 253 107.65 111.05 0.79
C GLU K 253 108.66 112.17 0.65
N VAL K 254 108.17 113.40 0.77
CA VAL K 254 109.01 114.59 0.58
C VAL K 254 109.91 114.75 1.80
N PRO K 255 111.23 114.78 1.63
CA PRO K 255 112.12 114.88 2.81
C PRO K 255 111.87 116.18 3.58
N ASP K 256 111.92 116.06 4.91
CA ASP K 256 111.86 117.22 5.80
C ASP K 256 110.75 118.19 5.39
N PHE K 257 109.58 117.66 5.02
CA PHE K 257 108.48 118.49 4.56
C PHE K 257 107.16 117.89 5.01
N GLY K 258 106.27 118.77 5.48
CA GLY K 258 104.91 118.37 5.82
C GLY K 258 103.97 119.49 5.47
N ILE K 259 102.69 119.14 5.31
CA ILE K 259 101.65 120.09 4.97
C ILE K 259 100.66 120.08 6.12
N CYS K 260 100.34 121.25 6.65
CA CYS K 260 99.68 121.39 7.93
C CYS K 260 98.73 122.59 7.91
N ASN K 261 97.70 122.51 8.73
CA ASN K 261 96.68 123.54 8.78
C ASN K 261 97.11 124.69 9.68
N MET K 262 96.73 125.91 9.31
CA MET K 262 97.02 127.11 10.10
C MET K 262 95.76 127.77 10.65
N ALA K 263 94.71 127.00 10.94
CA ALA K 263 93.53 127.62 11.51
C ALA K 263 93.86 128.39 12.78
N PHE K 264 94.88 127.93 13.52
CA PHE K 264 95.16 128.43 14.87
C PHE K 264 96.64 128.78 15.03
N LEU K 265 97.31 129.14 13.94
CA LEU K 265 98.74 129.45 13.98
C LEU K 265 99.06 130.60 13.03
N ALA K 266 100.09 131.37 13.40
CA ALA K 266 100.56 132.50 12.60
C ALA K 266 101.76 132.10 11.75
N PRO K 267 102.07 132.87 10.72
CA PRO K 267 103.25 132.55 9.89
C PRO K 267 104.52 132.54 10.73
N GLY K 268 105.21 131.40 10.72
CA GLY K 268 106.49 131.28 11.37
C GLY K 268 106.45 130.93 12.84
N ASP K 269 105.28 130.76 13.43
CA ASP K 269 105.21 130.43 14.85
C ASP K 269 105.85 129.07 15.09
N PRO K 270 106.53 128.87 16.22
CA PRO K 270 107.14 127.57 16.50
C PRO K 270 106.23 126.66 17.31
N LEU K 271 106.31 125.36 16.99
CA LEU K 271 105.64 124.32 17.78
C LEU K 271 106.55 123.10 17.74
N VAL K 272 107.39 122.94 18.77
CA VAL K 272 108.36 121.86 18.81
C VAL K 272 107.62 120.56 19.09
N VAL K 273 107.82 119.56 18.22
CA VAL K 273 107.27 118.23 18.40
C VAL K 273 108.46 117.28 18.52
N GLY K 274 108.66 116.74 19.72
CA GLY K 274 109.83 115.91 19.94
C GLY K 274 111.09 116.76 20.00
N SER K 275 112.23 116.09 19.83
CA SER K 275 113.52 116.78 19.84
C SER K 275 113.73 117.65 18.61
N ASP K 276 112.92 117.48 17.57
CA ASP K 276 113.04 118.27 16.35
C ASP K 276 112.14 119.49 16.42
N THR K 277 112.59 120.56 15.77
CA THR K 277 111.86 121.83 15.73
C THR K 277 111.28 122.04 14.34
N TRP K 278 110.10 122.65 14.29
CA TRP K 278 109.35 122.83 13.06
C TRP K 278 109.11 124.30 12.78
N ARG K 279 109.31 124.69 11.53
CA ARG K 279 109.03 126.05 11.05
C ARG K 279 107.88 125.98 10.06
N VAL K 280 106.92 126.89 10.20
CA VAL K 280 105.67 126.84 9.45
C VAL K 280 105.44 128.20 8.80
N TYR K 281 105.28 128.22 7.47
CA TYR K 281 105.04 129.44 6.72
C TYR K 281 104.01 129.19 5.63
N PRO K 282 103.09 130.13 5.40
CA PRO K 282 101.96 129.85 4.51
C PRO K 282 102.39 129.74 3.05
N LEU K 283 101.59 129.01 2.28
CA LEU K 283 101.90 128.80 0.87
C LEU K 283 101.91 130.13 0.12
N LEU K 284 100.73 130.76 0.01
CA LEU K 284 100.60 132.01 -0.73
C LEU K 284 100.13 133.17 0.15
N GLN K 285 99.00 133.00 0.84
CA GLN K 285 98.42 134.08 1.64
C GLN K 285 97.28 133.49 2.47
N ARG K 286 97.22 133.87 3.74
CA ARG K 286 96.19 133.35 4.62
C ARG K 286 94.86 134.05 4.37
N GLY K 287 93.78 133.28 4.47
CA GLY K 287 92.44 133.81 4.35
C GLY K 287 91.51 133.19 5.38
N THR K 288 90.26 132.94 5.00
CA THR K 288 89.32 132.25 5.86
C THR K 288 89.29 130.77 5.49
N ALA K 289 88.40 130.02 6.15
CA ALA K 289 88.32 128.59 5.91
C ALA K 289 87.91 128.29 4.47
N THR K 290 86.95 129.05 3.94
CA THR K 290 86.35 128.76 2.64
C THR K 290 86.89 129.63 1.52
N ASP K 291 87.95 130.41 1.77
CA ASP K 291 88.52 131.28 0.75
C ASP K 291 89.53 130.49 -0.06
N PHE K 292 89.00 129.70 -0.99
CA PHE K 292 89.81 128.90 -1.91
C PHE K 292 89.98 129.56 -3.27
N ASP K 293 89.55 130.82 -3.41
CA ASP K 293 89.63 131.54 -4.68
C ASP K 293 90.58 132.72 -4.62
N SER K 294 90.45 133.60 -3.62
CA SER K 294 91.26 134.80 -3.53
C SER K 294 92.57 134.59 -2.80
N THR K 295 92.73 133.51 -2.06
CA THR K 295 93.95 133.24 -1.30
C THR K 295 94.17 131.74 -1.27
N SER K 296 95.09 131.30 -0.40
CA SER K 296 95.43 129.90 -0.25
C SER K 296 94.78 129.26 0.96
N ALA K 297 93.72 129.88 1.51
CA ALA K 297 93.00 129.35 2.67
C ALA K 297 94.01 129.23 3.82
N TRP K 298 94.13 128.07 4.46
CA TRP K 298 95.01 127.89 5.62
C TRP K 298 96.02 126.78 5.41
N VAL K 299 96.26 126.37 4.15
CA VAL K 299 97.26 125.34 3.91
C VAL K 299 98.62 125.83 4.40
N GLY K 300 99.34 124.97 5.08
CA GLY K 300 100.60 125.35 5.69
C GLY K 300 101.73 124.42 5.30
N TYR K 301 102.94 124.96 5.31
CA TYR K 301 104.15 124.19 5.00
C TYR K 301 104.97 124.04 6.28
N CYS K 302 104.74 122.97 7.01
CA CYS K 302 105.53 122.65 8.20
C CYS K 302 106.85 122.01 7.75
N PHE K 303 107.95 122.69 8.04
CA PHE K 303 109.30 122.20 7.75
C PHE K 303 110.02 121.86 9.05
N ARG K 304 111.12 121.13 8.90
CA ARG K 304 112.01 120.79 10.01
C ARG K 304 113.24 121.66 9.92
N VAL K 305 113.53 122.40 10.99
CA VAL K 305 114.68 123.30 11.05
C VAL K 305 115.80 122.64 11.83
N VAL K 306 117.01 122.70 11.29
CA VAL K 306 118.17 122.12 11.94
C VAL K 306 119.35 123.09 11.87
N ALA L 2 89.96 59.48 -14.70
CA ALA L 2 88.79 60.35 -14.88
C ALA L 2 88.81 61.52 -13.90
N THR L 3 89.76 61.49 -12.96
CA THR L 3 89.92 62.55 -11.98
C THR L 3 91.39 62.94 -11.91
N GLU L 4 91.65 64.26 -11.87
CA GLU L 4 93.01 64.80 -11.82
C GLU L 4 93.06 65.89 -10.76
N PHE L 5 93.39 65.49 -9.54
CA PHE L 5 93.56 66.43 -8.43
C PHE L 5 95.03 66.82 -8.30
N GLY L 6 95.26 68.06 -7.91
CA GLY L 6 96.63 68.53 -7.73
C GLY L 6 96.71 70.03 -7.68
N THR L 7 97.91 70.55 -7.95
CA THR L 7 98.18 71.98 -7.88
C THR L 7 98.98 72.38 -9.11
N ALA L 8 98.50 73.40 -9.83
CA ALA L 8 99.13 73.87 -11.04
C ALA L 8 99.93 75.13 -10.75
N VAL L 9 101.17 75.18 -11.24
CA VAL L 9 102.04 76.31 -10.93
C VAL L 9 101.52 77.60 -11.55
N ASN L 10 100.80 77.51 -12.68
CA ASN L 10 100.25 78.70 -13.31
C ASN L 10 99.15 78.28 -14.26
N HIS L 11 98.47 79.28 -14.82
CA HIS L 11 97.34 79.01 -15.71
C HIS L 11 97.78 78.24 -16.95
N ALA L 12 98.93 78.60 -17.53
CA ALA L 12 99.43 77.87 -18.69
C ALA L 12 99.73 76.43 -18.33
N ASP L 13 100.38 76.21 -17.18
CA ASP L 13 100.61 74.85 -16.72
C ASP L 13 99.30 74.15 -16.39
N LEU L 14 98.30 74.89 -15.91
CA LEU L 14 96.99 74.28 -15.66
C LEU L 14 96.38 73.77 -16.95
N VAL L 15 96.44 74.56 -18.02
CA VAL L 15 95.89 74.12 -19.31
C VAL L 15 96.71 72.95 -19.85
N GLU L 16 98.03 72.98 -19.68
CA GLU L 16 98.85 71.87 -20.11
C GLU L 16 98.47 70.59 -19.40
N ARG L 17 98.27 70.66 -18.08
CA ARG L 17 97.84 69.49 -17.33
C ARG L 17 96.46 69.03 -17.76
N LEU L 18 95.56 69.97 -18.04
CA LEU L 18 94.23 69.61 -18.51
C LEU L 18 94.31 68.80 -19.80
N VAL L 19 95.08 69.29 -20.77
CA VAL L 19 95.17 68.59 -22.05
C VAL L 19 95.89 67.26 -21.89
N GLN L 20 96.93 67.21 -21.04
CA GLN L 20 97.63 65.96 -20.82
C GLN L 20 96.70 64.92 -20.20
N PHE L 21 95.88 65.33 -19.24
CA PHE L 21 94.91 64.42 -18.64
C PHE L 21 93.89 63.95 -19.67
N LEU L 22 93.39 64.87 -20.50
CA LEU L 22 92.41 64.50 -21.50
C LEU L 22 92.98 63.55 -22.55
N THR L 23 94.29 63.62 -22.81
CA THR L 23 94.89 62.83 -23.87
C THR L 23 95.59 61.57 -23.38
N ALA L 24 95.90 61.46 -22.08
CA ALA L 24 96.71 60.35 -21.58
C ALA L 24 96.20 59.76 -20.28
N SER L 25 94.99 60.10 -19.86
CA SER L 25 94.44 59.50 -18.65
C SER L 25 94.32 57.99 -18.82
N PRO L 26 94.73 57.19 -17.84
CA PRO L 26 94.67 55.74 -18.03
C PRO L 26 93.27 55.24 -18.35
N ASP L 27 92.25 55.77 -17.69
CA ASP L 27 90.88 55.35 -17.98
C ASP L 27 90.48 55.75 -19.40
N LEU L 28 90.81 56.97 -19.81
CA LEU L 28 90.43 57.44 -21.14
C LEU L 28 91.13 56.62 -22.23
N VAL L 29 92.43 56.38 -22.06
CA VAL L 29 93.17 55.66 -23.08
C VAL L 29 92.76 54.19 -23.12
N ALA L 30 92.56 53.58 -21.96
CA ALA L 30 92.17 52.17 -21.93
C ALA L 30 90.82 51.96 -22.59
N ALA L 31 89.86 52.86 -22.32
CA ALA L 31 88.53 52.78 -22.91
C ALA L 31 88.44 53.46 -24.27
N GLY L 32 89.53 54.08 -24.73
CA GLY L 32 89.50 54.76 -26.01
C GLY L 32 88.53 55.91 -26.08
N GLN L 33 88.40 56.67 -24.99
CA GLN L 33 87.50 57.81 -24.91
C GLN L 33 88.23 59.14 -24.97
N ALA L 34 89.51 59.13 -25.32
CA ALA L 34 90.29 60.36 -25.34
C ALA L 34 89.77 61.31 -26.43
N TYR L 35 89.95 62.60 -26.18
CA TYR L 35 89.54 63.63 -27.12
C TYR L 35 90.68 63.92 -28.10
N GLU L 36 90.31 64.37 -29.30
CA GLU L 36 91.25 64.65 -30.36
C GLU L 36 91.40 66.15 -30.52
N LYS L 37 92.63 66.64 -30.48
CA LYS L 37 92.92 68.07 -30.66
C LYS L 37 92.93 68.39 -32.15
N VAL L 38 91.90 69.07 -32.61
CA VAL L 38 91.78 69.39 -34.03
C VAL L 38 92.45 70.71 -34.39
N PHE L 39 92.70 71.58 -33.41
CA PHE L 39 93.30 72.88 -33.69
C PHE L 39 94.08 73.35 -32.46
N ASP L 40 95.19 74.04 -32.72
CA ASP L 40 96.00 74.62 -31.66
C ASP L 40 96.86 75.72 -32.26
N ASN L 41 96.65 76.96 -31.83
CA ASN L 41 97.35 78.09 -32.42
C ASN L 41 97.43 79.23 -31.42
N THR L 42 98.34 80.16 -31.70
CA THR L 42 98.51 81.39 -30.92
C THR L 42 98.60 82.53 -31.92
N ILE L 43 97.45 83.10 -32.28
CA ILE L 43 97.38 84.09 -33.35
C ILE L 43 97.84 85.47 -32.87
N PRO L 44 97.46 85.95 -31.69
CA PRO L 44 97.70 87.35 -31.35
C PRO L 44 99.16 87.62 -31.03
N ALA L 45 99.56 88.87 -31.25
CA ALA L 45 100.88 89.35 -30.91
C ALA L 45 100.77 90.07 -29.55
N SER L 46 101.14 89.36 -28.49
CA SER L 46 100.99 89.89 -27.15
C SER L 46 101.80 91.17 -26.97
N GLY L 47 101.15 92.20 -26.44
CA GLY L 47 101.83 93.43 -26.08
C GLY L 47 102.03 93.51 -24.59
N THR L 48 101.18 94.27 -23.91
CA THR L 48 101.15 94.30 -22.45
C THR L 48 100.18 93.26 -21.90
N ALA L 49 100.33 92.03 -22.37
CA ALA L 49 99.41 90.96 -22.00
C ALA L 49 100.11 89.61 -22.14
N ILE L 50 99.52 88.59 -21.53
CA ILE L 50 100.08 87.25 -21.57
C ILE L 50 99.75 86.60 -22.92
N ALA L 51 100.60 85.65 -23.33
CA ALA L 51 100.36 84.91 -24.55
C ALA L 51 99.01 84.20 -24.47
N VAL L 52 98.28 84.23 -25.58
CA VAL L 52 96.93 83.69 -25.66
C VAL L 52 96.99 82.37 -26.40
N ARG L 53 96.50 81.30 -25.77
CA ARG L 53 96.52 79.96 -26.33
C ARG L 53 95.10 79.57 -26.75
N GLN L 54 94.96 79.09 -27.98
CA GLN L 54 93.68 78.66 -28.52
C GLN L 54 93.78 77.18 -28.89
N VAL L 55 92.82 76.38 -28.42
CA VAL L 55 92.79 74.96 -28.69
C VAL L 55 91.35 74.54 -28.97
N THR L 56 91.16 73.69 -29.97
CA THR L 56 89.88 73.09 -30.29
C THR L 56 90.04 71.57 -30.24
N LEU L 57 89.13 70.90 -29.55
CA LEU L 57 89.22 69.46 -29.33
C LEU L 57 87.90 68.80 -29.67
N ARG L 58 88.00 67.54 -30.10
CA ARG L 58 86.84 66.74 -30.51
C ARG L 58 86.69 65.57 -29.55
N ALA L 59 85.46 65.34 -29.09
CA ALA L 59 85.14 64.25 -28.19
C ALA L 59 84.21 63.26 -28.90
N PRO L 60 84.56 61.97 -28.96
CA PRO L 60 83.72 61.03 -29.70
C PRO L 60 82.55 60.47 -28.89
N GLY L 61 82.51 60.69 -27.59
CA GLY L 61 81.48 60.12 -26.75
C GLY L 61 81.81 58.73 -26.28
N LEU L 62 80.97 58.21 -25.39
CA LEU L 62 81.21 56.88 -24.85
C LEU L 62 81.14 55.82 -25.94
N GLY L 63 80.16 55.93 -26.85
CA GLY L 63 79.99 54.94 -27.89
C GLY L 63 80.93 55.08 -29.06
N GLY L 64 81.53 56.25 -29.24
CA GLY L 64 82.35 56.52 -30.39
C GLY L 64 81.60 56.90 -31.64
N THR L 65 80.26 57.00 -31.56
CA THR L 65 79.44 57.38 -32.70
C THR L 65 79.00 58.84 -32.66
N ASP L 66 79.30 59.55 -31.58
CA ASP L 66 78.91 60.95 -31.47
C ASP L 66 80.02 61.86 -31.98
N ALA L 67 79.64 63.11 -32.23
CA ALA L 67 80.57 64.14 -32.72
C ALA L 67 80.41 65.37 -31.83
N ILE L 68 81.37 65.58 -30.92
CA ILE L 68 81.35 66.70 -29.99
C ILE L 68 82.57 67.56 -30.28
N TYR L 69 82.34 68.86 -30.48
CA TYR L 69 83.39 69.82 -30.73
C TYR L 69 83.38 70.87 -29.63
N MET L 70 84.55 71.10 -29.02
CA MET L 70 84.69 72.04 -27.93
C MET L 70 85.93 72.89 -28.16
N GLY L 71 85.93 74.07 -27.54
CA GLY L 71 87.06 74.97 -27.65
C GLY L 71 87.41 75.56 -26.30
N ILE L 72 88.70 75.85 -26.12
CA ILE L 72 89.22 76.44 -24.90
C ILE L 72 90.17 77.56 -25.28
N GLN L 73 90.04 78.70 -24.62
CA GLN L 73 90.89 79.87 -24.87
C GLN L 73 91.48 80.35 -23.57
N SER L 74 92.73 80.82 -23.63
CA SER L 74 93.45 81.34 -22.46
C SER L 74 93.78 82.80 -22.75
N TYR L 75 92.88 83.70 -22.34
CA TYR L 75 93.03 85.13 -22.55
C TYR L 75 93.39 85.79 -21.23
N GLY L 76 94.43 86.62 -21.25
CA GLY L 76 94.88 87.28 -20.04
C GLY L 76 95.48 88.63 -20.33
N ASP L 77 95.60 89.44 -19.27
CA ASP L 77 96.18 90.77 -19.34
C ASP L 77 97.02 90.99 -18.09
N THR L 78 98.34 91.07 -18.24
CA THR L 78 99.21 91.27 -17.09
C THR L 78 98.94 92.61 -16.41
N ALA L 79 98.73 93.67 -17.19
CA ALA L 79 98.49 94.98 -16.62
C ALA L 79 97.19 95.02 -15.81
N LEU L 80 96.29 94.07 -16.02
CA LEU L 80 95.15 93.87 -15.14
C LEU L 80 95.24 92.58 -14.34
N ASP L 81 96.24 91.73 -14.63
CA ASP L 81 96.54 90.55 -13.83
C ASP L 81 95.35 89.59 -13.77
N TYR L 82 94.62 89.48 -14.88
CA TYR L 82 93.65 88.42 -15.06
C TYR L 82 94.10 87.53 -16.21
N TYR L 83 93.92 86.23 -16.05
CA TYR L 83 94.35 85.22 -17.02
C TYR L 83 93.19 84.31 -17.36
N ASN L 84 92.05 84.90 -17.69
CA ASN L 84 90.81 84.16 -17.88
C ASN L 84 91.00 83.00 -18.84
N LEU L 85 90.21 81.94 -18.62
CA LEU L 85 90.14 80.79 -19.51
C LEU L 85 88.74 80.73 -20.08
N ARG L 86 88.61 80.97 -21.38
CA ARG L 86 87.30 81.05 -22.03
C ARG L 86 86.94 79.70 -22.66
N LEU L 87 85.68 79.31 -22.49
CA LEU L 87 85.17 78.05 -23.01
C LEU L 87 83.99 78.31 -23.94
N MET L 88 83.90 77.49 -24.99
CA MET L 88 82.78 77.56 -25.92
C MET L 88 82.62 76.19 -26.57
N GLY L 89 81.45 75.99 -27.18
CA GLY L 89 81.14 74.73 -27.83
C GLY L 89 80.52 74.95 -29.19
N GLY L 90 80.53 73.88 -29.98
CA GLY L 90 79.97 73.92 -31.31
C GLY L 90 79.81 72.54 -31.89
N THR L 91 79.45 72.50 -33.17
CA THR L 91 79.19 71.24 -33.86
C THR L 91 80.11 70.99 -35.05
N ALA L 92 80.74 72.02 -35.60
CA ALA L 92 81.64 71.84 -36.75
C ALA L 92 82.76 72.87 -36.66
N PHE L 93 83.89 72.52 -37.30
CA PHE L 93 85.05 73.39 -37.32
C PHE L 93 85.66 73.38 -38.71
N ASN L 94 86.12 74.55 -39.16
CA ASN L 94 86.74 74.70 -40.47
C ASN L 94 87.71 75.88 -40.47
N PRO L 95 89.03 75.63 -40.44
CA PRO L 95 89.98 76.76 -40.36
C PRO L 95 89.88 77.72 -41.52
N GLY L 96 89.44 77.26 -42.70
CA GLY L 96 89.38 78.12 -43.86
C GLY L 96 88.29 79.16 -43.80
N ALA L 97 87.24 78.92 -43.02
CA ALA L 97 86.13 79.85 -42.93
C ALA L 97 86.43 81.06 -42.06
N ILE L 98 87.53 81.07 -41.33
CA ILE L 98 87.87 82.23 -40.49
C ILE L 98 88.07 83.44 -41.39
N PRO L 99 87.36 84.55 -41.18
CA PRO L 99 87.61 85.75 -41.98
C PRO L 99 88.99 86.33 -41.67
N PRO L 100 89.53 87.17 -42.55
CA PRO L 100 90.85 87.74 -42.29
C PRO L 100 90.86 88.46 -40.94
N GLY L 101 91.94 88.25 -40.19
CA GLY L 101 91.98 88.77 -38.84
C GLY L 101 90.86 88.19 -38.01
N GLY L 102 90.24 89.05 -37.20
CA GLY L 102 89.13 88.61 -36.38
C GLY L 102 89.55 87.49 -35.44
N ASP L 103 88.68 86.48 -35.33
CA ASP L 103 88.93 85.35 -34.45
C ASP L 103 88.36 84.09 -35.09
N TYR L 104 88.78 82.94 -34.58
CA TYR L 104 88.39 81.65 -35.14
C TYR L 104 87.08 81.12 -34.57
N TRP L 105 86.68 81.57 -33.37
CA TRP L 105 85.47 81.02 -32.77
C TRP L 105 84.23 81.29 -33.60
N THR L 106 84.26 82.31 -34.47
CA THR L 106 83.15 82.54 -35.38
C THR L 106 83.00 81.42 -36.41
N ALA L 107 84.09 80.71 -36.71
CA ALA L 107 84.05 79.66 -37.72
C ALA L 107 83.18 78.48 -37.28
N PHE L 108 82.93 78.33 -35.99
CA PHE L 108 82.12 77.22 -35.52
C PHE L 108 80.72 77.31 -36.11
N ALA L 109 80.23 76.18 -36.62
CA ALA L 109 78.85 76.13 -37.10
C ALA L 109 77.90 76.25 -35.92
N ASN L 110 76.90 77.12 -36.04
CA ASN L 110 75.98 77.40 -34.95
C ASN L 110 76.74 77.78 -33.68
N TYR L 111 77.67 78.72 -33.84
CA TYR L 111 78.52 79.13 -32.73
C TYR L 111 77.68 79.63 -31.56
N SER L 112 78.25 79.55 -30.36
CA SER L 112 77.57 79.95 -29.14
C SER L 112 78.41 80.94 -28.36
N PRO L 113 77.79 81.80 -27.55
CA PRO L 113 78.57 82.73 -26.73
C PRO L 113 79.49 81.99 -25.76
N ARG L 114 80.61 82.63 -25.47
CA ARG L 114 81.65 82.02 -24.66
C ARG L 114 81.41 82.22 -23.18
N VAL L 115 81.82 81.23 -22.39
CA VAL L 115 81.88 81.35 -20.93
C VAL L 115 83.35 81.24 -20.55
N GLN L 116 83.67 81.43 -19.27
CA GLN L 116 85.07 81.41 -18.87
C GLN L 116 85.17 81.07 -17.38
N LEU L 117 86.41 80.80 -16.96
CA LEU L 117 86.77 80.63 -15.57
C LEU L 117 87.90 81.59 -15.23
N LEU L 118 87.92 82.07 -13.99
CA LEU L 118 88.83 83.12 -13.58
C LEU L 118 89.98 82.53 -12.77
N ALA L 119 91.21 82.92 -13.15
CA ALA L 119 92.41 82.47 -12.47
C ALA L 119 93.53 83.43 -12.81
N TRP L 120 94.74 83.12 -12.36
CA TRP L 120 95.91 83.95 -12.64
C TRP L 120 97.17 83.10 -12.52
N ASN L 121 98.32 83.74 -12.72
CA ASN L 121 99.62 83.06 -12.75
C ASN L 121 100.12 82.92 -11.33
N GLN L 122 99.97 81.72 -10.75
CA GLN L 122 100.36 81.43 -9.39
C GLN L 122 100.11 79.94 -9.14
N PRO L 123 100.78 79.31 -8.17
CA PRO L 123 100.35 77.98 -7.76
C PRO L 123 98.89 77.98 -7.34
N MET L 124 98.13 76.98 -7.81
CA MET L 124 96.69 76.96 -7.61
C MET L 124 96.19 75.52 -7.50
N PRO L 125 95.62 75.11 -6.37
CA PRO L 125 94.98 73.79 -6.33
C PRO L 125 93.83 73.71 -7.33
N TYR L 126 93.69 72.55 -7.96
CA TYR L 126 92.68 72.34 -8.98
C TYR L 126 91.99 71.00 -8.76
N TRP L 127 90.73 70.92 -9.19
CA TRP L 127 89.93 69.71 -9.12
C TRP L 127 89.34 69.46 -10.50
N PHE L 128 89.73 68.35 -11.12
CA PHE L 128 89.37 68.03 -12.49
C PHE L 128 88.49 66.79 -12.55
N PHE L 129 87.42 66.85 -13.33
CA PHE L 129 86.58 65.70 -13.64
C PHE L 129 86.32 65.69 -15.14
N ALA L 130 86.23 64.49 -15.71
CA ALA L 130 86.02 64.37 -17.15
C ALA L 130 85.40 63.02 -17.47
N ASN L 131 84.66 62.98 -18.58
CA ASN L 131 84.09 61.75 -19.09
C ASN L 131 83.85 61.93 -20.59
N GLY L 132 83.65 60.81 -21.29
CA GLY L 132 83.50 60.81 -22.73
C GLY L 132 82.46 61.77 -23.27
N ARG L 133 81.53 62.19 -22.42
CA ARG L 133 80.45 63.08 -22.85
C ARG L 133 80.52 64.49 -22.25
N ARG L 134 81.13 64.64 -21.07
CA ARG L 134 81.18 65.94 -20.43
C ARG L 134 82.47 66.05 -19.63
N PHE L 135 82.88 67.29 -19.37
CA PHE L 135 84.05 67.57 -18.55
C PHE L 135 83.70 68.70 -17.59
N TRP L 136 84.26 68.64 -16.38
CA TRP L 136 84.04 69.65 -15.36
C TRP L 136 85.39 70.15 -14.87
N ILE L 137 85.48 71.47 -14.70
CA ILE L 137 86.67 72.13 -14.18
C ILE L 137 86.28 72.91 -12.93
N VAL L 138 87.02 72.67 -11.84
CA VAL L 138 86.83 73.42 -10.60
C VAL L 138 88.22 73.88 -10.16
N VAL L 139 88.40 75.20 -10.07
CA VAL L 139 89.66 75.79 -9.66
C VAL L 139 89.43 76.46 -8.31
N LYS L 140 90.21 76.04 -7.31
CA LYS L 140 90.12 76.61 -5.97
C LYS L 140 91.05 77.82 -5.90
N VAL L 141 90.46 79.00 -5.79
CA VAL L 141 91.22 80.23 -5.70
C VAL L 141 91.84 80.39 -4.31
N SER L 142 91.73 79.37 -3.46
CA SER L 142 92.36 79.43 -2.14
C SER L 142 91.71 80.53 -1.31
N THR L 143 90.52 80.24 -0.78
CA THR L 143 89.64 81.19 -0.12
C THR L 143 88.67 81.86 -1.11
N ILE L 144 88.64 81.35 -2.34
CA ILE L 144 87.51 81.51 -3.26
C ILE L 144 87.48 80.25 -4.13
N TYR L 145 86.29 79.86 -4.58
CA TYR L 145 86.13 78.66 -5.40
C TYR L 145 85.46 79.03 -6.72
N GLU L 146 86.06 78.61 -7.82
CA GLU L 146 85.52 78.80 -9.15
C GLU L 146 85.22 77.44 -9.79
N SER L 147 84.34 77.45 -10.79
CA SER L 147 83.92 76.21 -11.40
C SER L 147 83.31 76.50 -12.76
N ALA L 148 83.34 75.50 -13.64
CA ALA L 148 82.76 75.60 -14.98
C ALA L 148 82.82 74.22 -15.62
N GLY L 149 82.26 74.11 -16.81
CA GLY L 149 82.25 72.85 -17.54
C GLY L 149 81.26 72.89 -18.67
N ALA L 150 81.20 71.78 -19.39
CA ALA L 150 80.30 71.63 -20.53
C ALA L 150 80.22 70.16 -20.91
N GLY L 151 79.23 69.83 -21.72
CA GLY L 151 79.06 68.46 -22.18
C GLY L 151 77.62 68.21 -22.56
N PHE L 152 77.26 66.93 -22.55
CA PHE L 152 75.93 66.47 -22.91
C PHE L 152 75.09 66.21 -21.66
N ILE L 153 73.91 66.82 -21.60
CA ILE L 153 72.92 66.50 -20.58
C ILE L 153 72.28 65.17 -20.96
N LEU L 154 71.48 64.61 -20.07
CA LEU L 154 70.81 63.32 -20.29
C LEU L 154 69.31 63.56 -20.46
N PRO L 155 68.81 63.72 -21.68
CA PRO L 155 67.38 63.97 -21.87
C PRO L 155 66.56 62.71 -21.75
N PRO L 156 65.24 62.82 -21.64
CA PRO L 156 64.38 61.63 -21.59
C PRO L 156 63.87 61.16 -22.95
N CYS L 157 64.39 61.69 -24.04
CA CYS L 157 63.91 61.40 -25.39
C CYS L 157 64.97 60.66 -26.18
N PRO L 158 64.59 59.98 -27.27
CA PRO L 158 65.57 59.21 -28.04
C PRO L 158 66.68 60.10 -28.56
N PRO L 159 67.94 59.69 -28.42
CA PRO L 159 69.01 60.41 -29.12
C PRO L 159 68.89 60.38 -30.62
N SER L 160 68.16 59.39 -31.17
CA SER L 160 67.95 59.34 -32.61
C SER L 160 67.31 60.62 -33.12
N GLN L 161 66.45 61.24 -32.31
CA GLN L 161 65.78 62.48 -32.70
C GLN L 161 66.44 63.72 -32.11
N TYR L 162 67.15 63.58 -30.99
CA TYR L 162 67.83 64.70 -30.33
C TYR L 162 69.24 64.26 -29.96
N PRO L 163 70.12 64.08 -30.96
CA PRO L 163 71.45 63.52 -30.70
C PRO L 163 72.49 64.53 -30.21
N TYR L 164 72.12 65.81 -30.06
CA TYR L 164 73.08 66.86 -29.69
C TYR L 164 72.52 67.68 -28.54
N PRO L 165 72.41 67.11 -27.34
CA PRO L 165 71.99 67.88 -26.16
C PRO L 165 73.18 68.55 -25.47
N LEU L 166 73.86 69.43 -26.23
CA LEU L 166 75.08 70.05 -25.74
C LEU L 166 74.76 71.18 -24.78
N ALA L 167 75.48 71.23 -23.65
CA ALA L 167 75.30 72.27 -22.64
C ALA L 167 76.67 72.84 -22.27
N VAL L 168 76.71 74.15 -22.08
CA VAL L 168 77.93 74.84 -21.65
C VAL L 168 77.55 75.77 -20.50
N VAL L 169 78.35 75.73 -19.44
CA VAL L 169 78.10 76.53 -18.24
C VAL L 169 79.41 77.11 -17.75
N GLY L 170 79.37 78.35 -17.27
CA GLY L 170 80.52 78.99 -16.70
C GLY L 170 80.12 79.91 -15.56
N SER L 171 81.12 80.34 -14.81
CA SER L 171 80.86 81.18 -13.64
C SER L 171 80.41 82.58 -14.04
N TYR L 172 80.82 83.05 -15.21
CA TYR L 172 80.49 84.41 -15.64
C TYR L 172 80.52 84.45 -17.15
N ARG L 173 79.75 85.39 -17.72
CA ARG L 173 79.65 85.50 -19.16
C ARG L 173 81.00 85.86 -19.78
N GLY L 174 81.31 85.23 -20.90
CA GLY L 174 82.59 85.43 -21.58
C GLY L 174 82.64 86.59 -22.53
N ASP L 175 81.58 87.39 -22.64
CA ASP L 175 81.56 88.52 -23.55
C ASP L 175 82.39 89.69 -23.06
N VAL L 176 82.73 89.75 -21.76
CA VAL L 176 83.47 90.86 -21.19
C VAL L 176 84.62 90.30 -20.35
N ALA L 177 85.61 91.16 -20.11
CA ALA L 177 86.75 90.80 -19.28
C ALA L 177 86.50 91.21 -17.84
N THR L 178 86.69 90.28 -16.92
CA THR L 178 86.39 90.49 -15.51
C THR L 178 87.57 90.06 -14.65
N ARG L 179 87.78 90.79 -13.56
CA ARG L 179 88.81 90.47 -12.59
C ARG L 179 88.24 89.52 -11.55
N TRP L 180 89.02 88.49 -11.20
CA TRP L 180 88.49 87.42 -10.35
C TRP L 180 88.10 87.92 -8.96
N SER L 181 88.54 89.12 -8.57
CA SER L 181 88.13 89.75 -7.33
C SER L 181 86.85 90.56 -7.50
N ASP L 182 86.03 90.23 -8.50
CA ASP L 182 84.81 90.98 -8.75
C ASP L 182 83.85 90.89 -7.56
N VAL L 183 83.03 91.93 -7.40
CA VAL L 183 82.13 92.04 -6.27
C VAL L 183 80.69 92.14 -6.77
N SER L 184 80.41 91.55 -7.92
CA SER L 184 79.07 91.56 -8.48
C SER L 184 78.38 90.22 -8.25
N ASP L 185 77.06 90.28 -8.08
CA ASP L 185 76.28 89.07 -7.84
C ASP L 185 76.35 88.10 -9.03
N ARG L 186 76.72 88.61 -10.22
CA ARG L 186 76.71 87.78 -11.41
C ARG L 186 77.78 86.70 -11.38
N HIS L 187 78.74 86.76 -10.46
CA HIS L 187 79.78 85.75 -10.33
C HIS L 187 79.29 84.65 -9.40
N ARG L 188 78.97 83.49 -9.98
CA ARG L 188 78.43 82.37 -9.22
C ARG L 188 78.83 81.08 -9.92
N GLY L 189 78.19 79.96 -9.53
CA GLY L 189 78.60 78.64 -9.97
C GLY L 189 77.60 77.99 -10.93
N ILE L 190 77.79 76.69 -11.10
CA ILE L 190 77.01 75.94 -12.09
C ILE L 190 75.60 75.69 -11.61
N SER L 191 75.39 75.62 -10.29
CA SER L 191 74.05 75.32 -9.79
C SER L 191 73.08 76.46 -10.04
N SER L 192 73.57 77.71 -10.03
CA SER L 192 72.73 78.90 -10.13
C SER L 192 73.28 79.83 -11.21
N PRO L 193 73.09 79.50 -12.48
CA PRO L 193 73.47 80.44 -13.54
C PRO L 193 72.70 81.75 -13.41
N TYR L 194 73.37 82.84 -13.77
CA TYR L 194 72.75 84.17 -13.76
C TYR L 194 73.49 85.07 -14.74
N GLU L 195 72.73 85.84 -15.52
CA GLU L 195 73.28 86.79 -16.47
C GLU L 195 74.24 86.11 -17.44
N ARG L 196 73.69 85.21 -18.25
CA ARG L 196 74.44 84.54 -19.30
C ARG L 196 75.57 83.70 -18.71
N SER L 197 75.20 82.76 -17.85
CA SER L 197 76.14 81.84 -17.23
C SER L 197 75.95 80.40 -17.66
N CYS L 198 74.89 80.08 -18.39
CA CYS L 198 74.64 78.71 -18.82
C CYS L 198 73.84 78.74 -20.12
N TYR L 199 74.23 77.89 -21.07
CA TYR L 199 73.54 77.75 -22.34
C TYR L 199 73.29 76.29 -22.64
N LEU L 200 72.13 76.00 -23.22
CA LEU L 200 71.78 74.67 -23.70
C LEU L 200 71.25 74.78 -25.12
N ARG L 201 71.54 73.78 -25.93
CA ARG L 201 71.16 73.79 -27.33
C ARG L 201 69.81 73.11 -27.50
N ASP L 202 68.84 73.85 -28.03
CA ASP L 202 67.52 73.29 -28.27
C ASP L 202 67.59 72.27 -29.40
N PRO L 203 66.70 71.26 -29.40
CA PRO L 203 66.69 70.32 -30.53
C PRO L 203 66.48 71.01 -31.87
N ALA L 204 65.81 72.16 -31.88
CA ALA L 204 65.65 72.92 -33.11
C ALA L 204 66.96 73.53 -33.59
N GLY L 205 68.01 73.51 -32.77
CA GLY L 205 69.29 74.06 -33.14
C GLY L 205 69.56 75.46 -32.63
N ARG L 206 68.66 76.01 -31.82
CA ARG L 206 68.81 77.35 -31.28
C ARG L 206 69.21 77.26 -29.82
N TRP L 207 70.29 77.95 -29.45
CA TRP L 207 70.80 77.91 -28.09
C TRP L 207 69.93 78.77 -27.18
N LEU L 208 69.56 78.22 -26.03
CA LEU L 208 68.71 78.90 -25.07
C LEU L 208 69.47 79.06 -23.75
N GLY L 209 69.43 80.27 -23.21
CA GLY L 209 70.06 80.54 -21.93
C GLY L 209 69.11 80.29 -20.77
N PHE L 210 69.67 79.81 -19.66
CA PHE L 210 68.91 79.49 -18.46
C PHE L 210 69.45 80.29 -17.29
N THR L 211 68.53 80.91 -16.53
CA THR L 211 68.89 81.68 -15.36
C THR L 211 67.95 81.33 -14.22
N VAL L 212 68.52 81.14 -13.03
CA VAL L 212 67.70 80.83 -11.87
C VAL L 212 66.97 82.06 -11.34
N ASP L 213 67.48 83.25 -11.64
CA ASP L 213 66.87 84.50 -11.21
C ASP L 213 66.72 85.42 -12.40
N GLY L 214 65.70 86.28 -12.34
CA GLY L 214 65.46 87.21 -13.42
C GLY L 214 66.44 88.36 -13.43
N GLY L 215 66.52 89.03 -14.57
CA GLY L 215 67.40 90.17 -14.73
C GLY L 215 66.95 91.10 -15.84
N ALA L 216 66.86 92.39 -15.54
CA ALA L 216 66.42 93.35 -16.55
C ALA L 216 67.39 93.39 -17.72
N ALA L 217 68.69 93.35 -17.43
CA ALA L 217 69.69 93.40 -18.50
C ALA L 217 69.55 92.21 -19.44
N ASN L 218 69.27 91.04 -18.90
CA ASN L 218 69.14 89.85 -19.72
C ASN L 218 67.88 89.94 -20.59
N GLU L 219 67.86 89.13 -21.63
CA GLU L 219 66.74 89.13 -22.57
C GLU L 219 65.47 88.61 -21.90
N SER L 220 64.33 89.11 -22.38
CA SER L 220 63.05 88.71 -21.80
C SER L 220 62.74 87.25 -22.08
N ASP L 221 63.26 86.69 -23.17
CA ASP L 221 62.92 85.32 -23.55
C ASP L 221 63.39 84.33 -22.50
N TYR L 222 64.60 84.51 -21.97
CA TYR L 222 65.17 83.55 -21.03
C TYR L 222 64.52 83.59 -19.66
N ASN L 223 63.69 84.59 -19.37
CA ASN L 223 63.04 84.67 -18.06
C ASN L 223 62.14 83.46 -17.83
N ASN L 224 61.38 83.07 -18.85
CA ASN L 224 60.44 81.97 -18.70
C ASN L 224 61.12 80.63 -18.47
N ARG L 225 62.40 80.50 -18.85
CA ARG L 225 63.14 79.26 -18.72
C ARG L 225 64.16 79.41 -17.60
N THR L 226 64.11 78.51 -16.62
CA THR L 226 64.95 78.59 -15.44
C THR L 226 65.32 77.18 -14.99
N LEU L 227 66.06 77.11 -13.89
CA LEU L 227 66.40 75.85 -13.23
C LEU L 227 65.50 75.70 -12.00
N LEU L 228 64.60 74.73 -12.07
CA LEU L 228 63.55 74.62 -11.06
C LEU L 228 64.09 74.36 -9.66
N PRO L 229 65.01 73.41 -9.44
CA PRO L 229 65.47 73.15 -8.06
C PRO L 229 65.82 74.41 -7.28
N LEU L 230 66.62 75.30 -7.85
CA LEU L 230 66.96 76.55 -7.18
C LEU L 230 66.02 77.69 -7.55
N GLY L 231 65.06 77.46 -8.43
CA GLY L 231 64.10 78.48 -8.82
C GLY L 231 62.72 78.25 -8.24
N CYS L 232 62.67 77.74 -7.01
CA CYS L 232 61.39 77.46 -6.37
C CYS L 232 60.58 78.72 -6.11
N GLY L 233 61.20 79.89 -6.18
CA GLY L 233 60.48 81.13 -5.94
C GLY L 233 59.41 81.44 -6.96
N ARG L 234 59.40 80.75 -8.10
CA ARG L 234 58.37 81.01 -9.11
C ARG L 234 56.98 80.69 -8.57
N TYR L 235 56.85 79.60 -7.81
CA TYR L 235 55.56 79.15 -7.31
C TYR L 235 55.37 79.46 -5.83
N ALA L 236 56.43 79.47 -5.04
CA ALA L 236 56.30 79.77 -3.62
C ALA L 236 55.93 81.24 -3.42
N GLY L 237 55.11 81.49 -2.41
CA GLY L 237 54.65 82.84 -2.14
C GLY L 237 55.40 83.53 -1.02
N SER L 238 56.56 82.99 -0.64
CA SER L 238 57.38 83.56 0.41
C SER L 238 58.84 83.50 0.00
N SER L 239 59.62 84.43 0.54
CA SER L 239 61.06 84.45 0.22
C SER L 239 61.75 83.20 0.75
N ASP L 240 61.40 82.77 1.95
CA ASP L 240 62.00 81.59 2.57
C ASP L 240 61.20 80.35 2.17
N THR L 241 61.91 79.31 1.72
CA THR L 241 61.29 78.08 1.27
C THR L 241 62.06 76.89 1.82
N VAL L 242 61.62 75.69 1.45
CA VAL L 242 62.26 74.47 1.93
C VAL L 242 63.70 74.39 1.44
N VAL L 243 63.92 74.76 0.17
CA VAL L 243 65.23 74.56 -0.45
C VAL L 243 66.31 75.33 0.32
N LYS L 244 66.02 76.57 0.71
CA LYS L 244 67.02 77.37 1.41
C LYS L 244 67.31 76.79 2.79
N GLN L 245 66.37 76.07 3.39
CA GLN L 245 66.52 75.53 4.73
C GLN L 245 66.84 74.04 4.73
N LEU L 246 67.27 73.50 3.60
CA LEU L 246 67.58 72.07 3.53
C LEU L 246 68.74 71.74 4.47
N ARG L 247 68.70 70.52 5.01
CA ARG L 247 69.71 70.09 5.97
C ARG L 247 69.85 68.58 5.90
N ASP L 248 71.00 68.08 6.36
CA ASP L 248 71.25 66.65 6.40
C ASP L 248 70.36 65.99 7.45
N SER L 249 70.09 64.70 7.24
CA SER L 249 69.20 63.92 8.09
C SER L 249 70.02 62.88 8.85
N PHE L 250 70.16 63.08 10.15
CA PHE L 250 70.83 62.11 11.03
C PHE L 250 72.21 61.74 10.49
N GLY L 251 72.99 62.77 10.15
CA GLY L 251 74.33 62.56 9.67
C GLY L 251 74.42 62.08 8.24
N LYS L 252 73.35 62.22 7.46
CA LYS L 252 73.33 61.79 6.07
C LYS L 252 72.92 62.97 5.20
N PHE L 253 73.70 63.23 4.14
CA PHE L 253 73.50 64.40 3.32
C PHE L 253 72.71 64.04 2.06
N PRO L 254 71.47 64.50 1.92
CA PRO L 254 70.74 64.21 0.68
C PRO L 254 71.35 64.93 -0.51
N LEU L 255 71.23 64.30 -1.67
CA LEU L 255 71.71 64.86 -2.93
C LEU L 255 70.51 65.09 -3.85
N LYS L 256 70.38 66.32 -4.36
CA LYS L 256 69.30 66.70 -5.23
C LYS L 256 69.86 67.06 -6.60
N ALA L 257 69.29 66.48 -7.65
CA ALA L 257 69.76 66.73 -9.00
C ALA L 257 69.34 68.13 -9.45
N LEU L 258 69.94 68.55 -10.57
CA LEU L 258 69.63 69.83 -11.18
C LEU L 258 68.88 69.59 -12.49
N GLN L 259 67.76 70.28 -12.66
CA GLN L 259 66.84 70.03 -13.75
C GLN L 259 66.89 71.16 -14.78
N PHE L 260 66.69 70.79 -16.04
CA PHE L 260 66.60 71.73 -17.15
C PHE L 260 65.14 71.75 -17.63
N VAL L 261 64.45 72.86 -17.39
CA VAL L 261 63.03 72.97 -17.71
C VAL L 261 62.78 74.33 -18.36
N THR L 262 61.84 74.34 -19.31
CA THR L 262 61.41 75.54 -20.00
C THR L 262 59.89 75.60 -19.96
N ARG L 263 59.35 76.78 -19.66
CA ARG L 263 57.91 77.02 -19.64
C ARG L 263 57.65 78.15 -20.63
N GLU L 264 57.43 77.79 -21.90
CA GLU L 264 57.21 78.76 -22.95
C GLU L 264 55.72 78.84 -23.29
N THR L 265 55.32 79.98 -23.83
CA THR L 265 53.92 80.17 -24.20
C THR L 265 53.49 79.17 -25.26
N GLU L 266 54.35 78.90 -26.25
CA GLU L 266 54.02 77.92 -27.27
C GLU L 266 53.81 76.53 -26.66
N GLY L 267 54.66 76.14 -25.72
CA GLY L 267 54.52 74.86 -25.08
C GLY L 267 55.58 74.65 -24.03
N ARG L 268 55.43 73.56 -23.28
CA ARG L 268 56.35 73.18 -22.22
C ARG L 268 57.18 71.99 -22.69
N ARG L 269 58.34 71.82 -22.05
CA ARG L 269 59.21 70.69 -22.36
C ARG L 269 60.27 70.49 -21.29
N TYR L 270 60.49 69.24 -20.89
CA TYR L 270 61.52 68.89 -19.92
C TYR L 270 62.74 68.37 -20.67
N LEU L 271 63.89 69.01 -20.45
CA LEU L 271 65.06 68.79 -21.27
C LEU L 271 65.99 67.70 -20.73
N GLY L 272 66.34 67.75 -19.46
CA GLY L 272 67.24 66.76 -18.90
C GLY L 272 67.79 67.21 -17.57
N ASP L 273 68.81 66.48 -17.12
CA ASP L 273 69.43 66.71 -15.82
C ASP L 273 70.94 66.87 -15.98
N PHE L 274 71.54 67.51 -14.99
CA PHE L 274 72.99 67.58 -14.93
C PHE L 274 73.57 66.21 -14.61
N ASP L 275 74.61 65.81 -15.33
CA ASP L 275 75.24 64.51 -15.12
C ASP L 275 76.40 64.70 -14.15
N GLY L 276 76.18 64.33 -12.90
CA GLY L 276 77.22 64.37 -11.88
C GLY L 276 77.23 65.59 -11.00
N ALA L 277 76.24 66.47 -11.10
CA ALA L 277 76.15 67.66 -10.27
C ALA L 277 74.85 67.64 -9.49
N PHE L 278 74.93 68.01 -8.20
CA PHE L 278 73.78 67.95 -7.32
C PHE L 278 73.85 69.10 -6.33
N TYR L 279 72.69 69.42 -5.75
CA TYR L 279 72.57 70.46 -4.74
C TYR L 279 72.59 69.82 -3.36
N VAL L 280 73.39 70.38 -2.46
CA VAL L 280 73.51 69.85 -1.10
C VAL L 280 73.52 71.01 -0.11
N PRO L 281 73.16 70.75 1.14
CA PRO L 281 73.12 71.82 2.15
C PRO L 281 74.53 72.23 2.56
N THR L 282 74.60 73.36 3.25
CA THR L 282 75.86 73.92 3.72
C THR L 282 76.15 73.59 5.18
N LEU L 283 75.13 73.30 5.98
CA LEU L 283 75.32 73.16 7.42
C LEU L 283 76.34 72.08 7.74
N ASN L 284 77.18 72.36 8.74
CA ASN L 284 78.12 71.38 9.26
C ASN L 284 79.01 70.78 8.17
N SER L 285 79.13 71.48 7.05
CA SER L 285 79.89 71.00 5.91
C SER L 285 80.27 72.19 5.05
N GLY L 286 80.88 71.90 3.90
CA GLY L 286 81.36 72.96 3.03
C GLY L 286 82.25 72.40 1.94
N ALA L 287 83.15 73.23 1.46
CA ALA L 287 84.02 72.86 0.35
C ALA L 287 84.87 71.65 0.71
N GLU L 288 85.50 71.07 -0.32
CA GLU L 288 86.43 69.95 -0.20
C GLU L 288 85.89 68.83 0.69
N ASP L 289 84.58 68.73 0.84
CA ASP L 289 83.98 67.63 1.59
C ASP L 289 83.65 66.49 0.63
N VAL L 290 84.03 65.29 1.01
CA VAL L 290 83.82 64.10 0.19
C VAL L 290 82.68 63.31 0.80
N ILE L 291 81.57 63.21 0.07
CA ILE L 291 80.38 62.48 0.51
C ILE L 291 80.24 61.24 -0.37
N VAL L 292 80.12 60.09 0.27
CA VAL L 292 80.02 58.82 -0.45
C VAL L 292 78.54 58.50 -0.69
N GLU L 293 78.30 57.67 -1.69
CA GLU L 293 76.94 57.23 -2.00
C GLU L 293 77.02 55.95 -2.82
N ASP L 294 76.52 54.84 -2.28
CA ASP L 294 76.52 53.56 -3.00
C ASP L 294 77.92 53.23 -3.49
N GLY L 295 78.92 53.54 -2.68
CA GLY L 295 80.30 53.36 -3.08
C GLY L 295 80.82 54.44 -4.01
N VAL L 296 80.04 55.47 -4.28
CA VAL L 296 80.42 56.56 -5.19
C VAL L 296 80.66 57.81 -4.34
N ASP L 297 81.80 58.44 -4.55
CA ASP L 297 82.16 59.65 -3.81
C ASP L 297 81.79 60.88 -4.61
N HIS L 298 81.34 61.92 -3.91
CA HIS L 298 81.03 63.21 -4.51
C HIS L 298 81.72 64.31 -3.72
N VAL L 299 82.30 65.27 -4.44
CA VAL L 299 82.99 66.39 -3.81
C VAL L 299 82.02 67.54 -3.67
N VAL L 300 82.25 68.38 -2.65
CA VAL L 300 81.40 69.52 -2.36
C VAL L 300 82.15 70.80 -2.76
N PHE L 301 81.39 71.77 -3.27
CA PHE L 301 81.97 73.04 -3.68
C PHE L 301 80.95 74.14 -3.44
N GLN L 302 81.44 75.38 -3.39
CA GLN L 302 80.59 76.55 -3.14
C GLN L 302 80.89 77.62 -4.17
N THR L 303 79.89 78.44 -4.44
CA THR L 303 80.00 79.48 -5.45
C THR L 303 80.92 80.60 -4.97
N ALA L 304 81.45 81.36 -5.94
CA ALA L 304 82.31 82.49 -5.60
C ALA L 304 81.54 83.57 -4.84
N TRP L 305 80.28 83.81 -5.22
CA TRP L 305 79.48 84.84 -4.56
C TRP L 305 79.51 84.67 -3.04
N ARG L 306 79.00 83.54 -2.56
CA ARG L 306 78.99 83.25 -1.14
C ARG L 306 79.02 81.73 -0.96
N SER L 307 78.87 81.27 0.28
CA SER L 307 78.87 79.85 0.60
C SER L 307 77.65 79.47 1.42
N GLY L 308 76.49 80.04 1.10
CA GLY L 308 75.27 79.75 1.82
C GLY L 308 74.54 78.53 1.28
N ASN L 309 73.37 78.28 1.86
CA ASN L 309 72.62 77.07 1.53
C ASN L 309 72.24 77.00 0.05
N PRO L 310 71.65 78.02 -0.56
CA PRO L 310 71.22 77.89 -1.95
C PRO L 310 72.32 78.11 -2.98
N TRP L 311 73.54 78.40 -2.56
CA TRP L 311 74.67 78.61 -3.46
C TRP L 311 75.77 77.59 -3.19
N LEU L 312 75.41 76.33 -3.01
CA LEU L 312 76.37 75.27 -2.74
C LEU L 312 75.92 74.01 -3.45
N TYR L 313 76.88 73.30 -4.06
CA TYR L 313 76.60 72.13 -4.87
C TYR L 313 77.72 71.12 -4.72
N ALA L 314 77.40 69.87 -5.06
CA ALA L 314 78.35 68.77 -5.04
C ALA L 314 78.51 68.20 -6.44
N ILE L 315 79.71 67.67 -6.72
CA ILE L 315 80.04 67.11 -8.02
C ILE L 315 80.51 65.68 -7.82
N ARG L 316 80.00 64.77 -8.65
CA ARG L 316 80.38 63.37 -8.55
C ARG L 316 81.80 63.17 -9.07
N LYS L 317 82.61 62.44 -8.31
CA LYS L 317 83.97 62.10 -8.71
C LYS L 317 84.12 60.66 -9.17
N ASP L 318 83.09 59.83 -9.03
CA ASP L 318 83.14 58.44 -9.46
C ASP L 318 84.16 57.65 -8.66
N ALA M 2 47.67 42.06 -7.05
CA ALA M 2 48.45 43.19 -7.56
C ALA M 2 47.52 44.31 -8.03
N TYR M 3 46.76 44.04 -9.09
CA TYR M 3 45.85 45.00 -9.67
C TYR M 3 44.45 44.40 -9.66
N PHE M 4 43.50 45.13 -9.10
CA PHE M 4 42.13 44.64 -8.96
C PHE M 4 41.14 45.74 -9.31
N THR M 5 39.98 45.32 -9.82
CA THR M 5 38.92 46.23 -10.21
C THR M 5 37.58 45.64 -9.76
N GLY M 6 36.60 46.52 -9.55
CA GLY M 6 35.29 46.06 -9.13
C GLY M 6 34.35 47.24 -8.97
N THR M 7 33.15 46.91 -8.49
CA THR M 7 32.10 47.90 -8.27
C THR M 7 31.48 47.67 -6.90
N ALA M 8 31.01 48.77 -6.29
CA ALA M 8 30.43 48.71 -4.95
C ALA M 8 29.29 49.70 -4.86
N ASN M 9 28.10 49.20 -4.52
CA ASN M 9 26.94 50.08 -4.37
C ASN M 9 27.06 50.95 -3.13
N ASN M 10 27.66 50.43 -2.08
CA ASN M 10 27.87 51.15 -0.83
C ASN M 10 29.31 50.98 -0.38
N PRO M 11 29.79 51.86 0.49
CA PRO M 11 31.17 51.70 0.97
C PRO M 11 31.43 50.35 1.63
N ALA M 12 30.45 49.81 2.34
CA ALA M 12 30.65 48.54 3.05
C ALA M 12 31.08 47.43 2.10
N ASP M 13 30.55 47.44 0.88
CA ASP M 13 31.00 46.46 -0.11
C ASP M 13 32.49 46.65 -0.42
N LEU M 14 32.93 47.89 -0.55
CA LEU M 14 34.35 48.16 -0.76
C LEU M 14 35.17 47.66 0.42
N LEU M 15 34.68 47.90 1.64
CA LEU M 15 35.36 47.38 2.83
C LEU M 15 35.54 45.86 2.72
N ALA M 16 34.44 45.16 2.43
CA ALA M 16 34.50 43.70 2.36
C ALA M 16 35.48 43.24 1.29
N LYS M 17 35.40 43.83 0.10
CA LYS M 17 36.26 43.38 -1.00
C LYS M 17 37.73 43.64 -0.71
N VAL M 18 38.06 44.84 -0.21
CA VAL M 18 39.47 45.15 0.03
C VAL M 18 40.02 44.32 1.18
N ARG M 19 39.20 44.06 2.21
CA ARG M 19 39.66 43.20 3.29
C ARG M 19 39.86 41.77 2.79
N VAL M 20 38.98 41.28 1.93
CA VAL M 20 39.14 39.94 1.37
C VAL M 20 40.45 39.87 0.58
N HIS M 21 40.72 40.89 -0.24
CA HIS M 21 41.97 40.90 -1.00
C HIS M 21 43.18 40.93 -0.09
N ALA M 22 43.14 41.77 0.95
CA ALA M 22 44.26 41.86 1.88
C ALA M 22 44.50 40.53 2.58
N GLU M 23 43.44 39.88 3.05
CA GLU M 23 43.59 38.59 3.71
C GLU M 23 44.14 37.54 2.75
N SER M 24 43.65 37.54 1.51
CA SER M 24 44.16 36.59 0.52
C SER M 24 45.64 36.85 0.23
N LEU M 25 46.08 38.10 0.31
CA LEU M 25 47.47 38.45 0.09
C LEU M 25 48.35 38.19 1.31
N GLY M 26 47.75 37.82 2.45
CA GLY M 26 48.49 37.51 3.64
C GLY M 26 48.55 38.60 4.69
N TRP M 27 47.82 39.71 4.49
CA TRP M 27 47.82 40.76 5.48
C TRP M 27 47.16 40.28 6.77
N VAL M 28 47.74 40.68 7.90
CA VAL M 28 47.28 40.23 9.21
C VAL M 28 46.30 41.26 9.76
N THR M 29 45.09 40.82 10.06
CA THR M 29 44.05 41.66 10.64
C THR M 29 43.87 41.25 12.11
N ASP M 30 44.29 42.12 13.02
CA ASP M 30 44.16 41.81 14.43
C ASP M 30 42.69 41.62 14.82
N ARG M 31 41.82 42.50 14.31
CA ARG M 31 40.38 42.39 14.53
C ARG M 31 39.66 42.87 13.28
N ALA M 32 38.57 42.18 12.95
CA ALA M 32 37.78 42.48 11.76
C ALA M 32 36.31 42.60 12.13
N SER M 33 35.61 43.48 11.42
CA SER M 33 34.18 43.67 11.64
C SER M 33 33.58 44.22 10.35
N ALA M 34 32.25 44.26 10.31
CA ALA M 34 31.56 44.72 9.11
C ALA M 34 31.90 46.17 8.80
N SER M 35 32.21 46.97 9.82
CA SER M 35 32.48 48.39 9.61
C SER M 35 33.72 48.91 10.32
N GLU M 36 34.31 48.18 11.26
CA GLU M 36 35.48 48.63 11.99
C GLU M 36 36.62 47.64 11.82
N TRP M 37 37.82 48.17 11.55
CA TRP M 37 38.99 47.36 11.29
C TRP M 37 40.15 47.78 12.19
N LEU M 38 40.89 46.79 12.68
CA LEU M 38 42.16 46.99 13.36
C LEU M 38 43.15 46.00 12.77
N CYS M 39 43.87 46.42 11.74
CA CYS M 39 44.81 45.55 11.03
C CYS M 39 46.23 46.10 11.18
N HIS M 40 47.19 45.30 10.73
CA HIS M 40 48.60 45.65 10.87
C HIS M 40 49.42 44.80 9.92
N ASN M 41 50.71 45.13 9.84
CA ASN M 41 51.67 44.37 9.05
C ASN M 41 53.03 44.47 9.75
N ALA M 42 54.08 44.07 9.03
CA ALA M 42 55.42 44.12 9.59
C ALA M 42 55.96 45.54 9.73
N ASP M 43 55.27 46.54 9.18
CA ASP M 43 55.74 47.92 9.19
C ASP M 43 55.07 48.77 10.26
N GLY M 44 53.73 48.76 10.31
CA GLY M 44 53.04 49.60 11.27
C GLY M 44 51.62 49.12 11.51
N TYR M 45 50.95 49.80 12.43
CA TYR M 45 49.59 49.47 12.83
C TYR M 45 48.64 50.54 12.30
N TRP M 46 47.42 50.15 11.96
CA TRP M 46 46.43 51.08 11.44
C TRP M 46 45.03 50.64 11.84
N SER M 47 44.11 51.59 11.80
CA SER M 47 42.71 51.34 12.09
C SER M 47 41.84 52.14 11.14
N PHE M 48 40.72 51.55 10.71
CA PHE M 48 39.80 52.19 9.79
C PHE M 48 38.37 51.98 10.25
N ASN M 49 37.52 52.97 9.99
CA ASN M 49 36.10 52.88 10.26
C ASN M 49 35.33 53.40 9.06
N ALA M 50 34.24 52.73 8.73
CA ALA M 50 33.42 53.09 7.58
C ALA M 50 32.14 53.77 8.08
N GLY M 51 31.95 55.03 7.68
CA GLY M 51 30.76 55.77 8.02
C GLY M 51 29.68 55.62 6.97
N ALA M 52 28.64 56.44 7.11
CA ALA M 52 27.54 56.41 6.14
C ALA M 52 28.03 56.79 4.75
N ASN M 53 28.85 57.84 4.65
CA ASN M 53 29.32 58.31 3.35
C ASN M 53 30.78 58.75 3.41
N GLN M 54 31.56 58.21 4.34
CA GLN M 54 32.96 58.61 4.48
C GLN M 54 33.72 57.56 5.26
N PHE M 55 35.05 57.62 5.16
CA PHE M 55 35.95 56.78 5.92
C PHE M 55 36.59 57.58 7.04
N GLN M 56 36.94 56.90 8.14
CA GLN M 56 37.72 57.46 9.22
C GLN M 56 38.94 56.57 9.43
N MET M 57 40.13 57.13 9.18
CA MET M 57 41.38 56.39 9.32
C MET M 57 42.24 57.03 10.40
N ALA M 58 43.02 56.22 11.08
CA ALA M 58 43.90 56.70 12.13
C ALA M 58 45.06 55.72 12.29
N GLY M 59 46.25 56.26 12.49
CA GLY M 59 47.41 55.44 12.74
C GLY M 59 47.39 54.84 14.12
N ASN M 60 48.29 53.88 14.34
CA ASN M 60 48.34 53.17 15.60
C ASN M 60 49.75 52.67 15.85
N THR M 61 50.04 52.41 17.12
CA THR M 61 51.30 51.81 17.54
C THR M 61 51.14 50.57 18.41
N GLY M 62 50.05 50.44 19.16
CA GLY M 62 49.77 49.26 19.93
C GLY M 62 48.33 48.82 19.73
N PHE M 63 48.01 47.67 20.31
CA PHE M 63 46.68 47.08 20.17
C PHE M 63 46.04 46.90 21.54
N ASP M 64 44.73 47.18 21.60
CA ASP M 64 43.93 46.93 22.80
C ASP M 64 42.49 46.74 22.35
N ASN M 65 42.00 45.50 22.41
CA ASN M 65 40.67 45.20 21.91
C ASN M 65 39.57 45.90 22.69
N SER M 66 39.85 46.33 23.91
CA SER M 66 38.84 46.98 24.75
C SER M 66 38.71 48.47 24.49
N LEU M 67 39.56 49.04 23.62
CA LEU M 67 39.53 50.46 23.33
C LEU M 67 38.81 50.72 22.01
N ALA M 68 38.24 51.92 21.89
CA ALA M 68 37.50 52.28 20.69
C ALA M 68 38.44 52.37 19.49
N TRP M 69 37.84 52.55 18.31
CA TRP M 69 38.62 52.62 17.08
C TRP M 69 39.57 53.81 17.09
N ASN M 70 39.21 54.89 17.81
CA ASN M 70 40.01 56.10 17.88
C ASN M 70 40.63 56.28 19.26
N ALA M 71 40.92 55.18 19.95
CA ALA M 71 41.52 55.23 21.28
C ALA M 71 42.63 54.20 21.46
N GLN M 72 43.21 53.70 20.37
CA GLN M 72 44.26 52.72 20.46
C GLN M 72 45.52 53.35 21.06
N PRO M 73 46.42 52.54 21.61
CA PRO M 73 47.66 53.09 22.17
C PRO M 73 48.44 53.85 21.10
N GLY M 74 49.00 54.98 21.50
CA GLY M 74 49.75 55.81 20.57
C GLY M 74 48.94 56.23 19.36
N ASN M 75 47.68 56.57 19.56
CA ASN M 75 46.82 56.98 18.47
C ASN M 75 47.17 58.39 18.02
N SER M 76 46.87 58.67 16.75
CA SER M 76 47.18 59.98 16.19
C SER M 76 46.34 61.08 16.82
N VAL M 77 45.12 60.76 17.26
CA VAL M 77 44.19 61.80 17.70
C VAL M 77 44.80 62.61 18.84
N GLN M 78 45.42 61.93 19.80
CA GLN M 78 45.98 62.60 20.98
C GLN M 78 47.46 62.93 20.84
N ASN M 79 48.15 62.34 19.86
CA ASN M 79 49.59 62.53 19.69
C ASN M 79 49.89 63.42 18.48
N ASN M 80 49.07 64.43 18.26
CA ASN M 80 49.26 65.35 17.15
C ASN M 80 49.26 66.79 17.66
N PRO M 81 49.97 67.69 16.99
CA PRO M 81 49.98 69.09 17.45
C PRO M 81 48.62 69.76 17.40
N TYR M 82 47.71 69.29 16.56
CA TYR M 82 46.42 69.95 16.40
C TYR M 82 45.69 70.02 17.74
N SER M 83 45.12 71.20 18.03
CA SER M 83 44.29 71.35 19.21
C SER M 83 42.92 70.68 19.04
N SER M 84 42.45 70.53 17.80
CA SER M 84 41.18 69.87 17.58
C SER M 84 41.25 68.39 17.94
N LYS M 85 42.41 67.76 17.71
CA LYS M 85 42.61 66.35 18.01
C LYS M 85 41.64 65.48 17.20
N GLY M 86 41.73 65.62 15.88
CA GLY M 86 40.89 64.88 14.98
C GLY M 86 41.68 63.90 14.11
N PRO M 87 41.09 62.75 13.79
CA PRO M 87 41.80 61.77 12.96
C PRO M 87 41.68 62.05 11.47
N THR M 88 42.32 61.22 10.65
CA THR M 88 42.21 61.38 9.20
C THR M 88 40.80 61.09 8.74
N VAL M 89 40.35 61.82 7.73
CA VAL M 89 39.00 61.69 7.20
C VAL M 89 39.06 61.67 5.68
N ALA M 90 38.31 60.75 5.07
CA ALA M 90 38.15 60.68 3.62
C ALA M 90 36.67 60.79 3.31
N GLN M 91 36.27 61.94 2.75
CA GLN M 91 34.87 62.19 2.45
C GLN M 91 34.49 61.53 1.13
N LEU M 92 33.38 60.80 1.13
CA LEU M 92 32.84 60.22 -0.09
C LEU M 92 31.37 60.60 -0.27
N SER M 93 30.71 59.98 -1.24
CA SER M 93 29.29 60.14 -1.48
C SER M 93 28.55 58.88 -1.05
N GLY M 94 27.23 58.96 -1.06
CA GLY M 94 26.37 57.83 -0.71
C GLY M 94 25.71 57.27 -1.96
N GLY M 95 25.67 55.94 -2.05
CA GLY M 95 25.08 55.29 -3.19
C GLY M 95 26.11 54.72 -4.14
N PRO M 96 25.75 54.56 -5.41
CA PRO M 96 26.63 53.81 -6.33
C PRO M 96 28.03 54.37 -6.46
N PHE M 97 29.02 53.48 -6.48
CA PHE M 97 30.40 53.81 -6.85
C PHE M 97 30.64 53.17 -8.21
N THR M 98 30.87 54.00 -9.23
CA THR M 98 30.98 53.50 -10.60
C THR M 98 31.99 52.36 -10.70
N ARG M 99 33.15 52.53 -10.08
CA ARG M 99 34.19 51.50 -10.13
C ARG M 99 35.31 51.89 -9.18
N TYR M 100 35.99 50.88 -8.65
CA TYR M 100 37.13 51.08 -7.77
C TYR M 100 38.31 50.27 -8.27
N HIS M 101 39.49 50.89 -8.27
CA HIS M 101 40.73 50.26 -8.70
C HIS M 101 41.66 50.14 -7.50
N LEU M 102 42.08 48.91 -7.21
CA LEU M 102 42.86 48.61 -6.00
C LEU M 102 44.22 48.07 -6.40
N PHE M 103 45.27 48.64 -5.82
CA PHE M 103 46.63 48.15 -5.95
C PHE M 103 47.06 47.57 -4.61
N ALA M 104 47.45 46.30 -4.60
CA ALA M 104 47.74 45.58 -3.36
C ALA M 104 49.16 45.05 -3.37
N THR M 105 49.85 45.24 -2.24
CA THR M 105 51.19 44.70 -2.05
C THR M 105 51.33 44.32 -0.58
N ALA M 106 52.52 43.83 -0.22
CA ALA M 106 52.79 43.42 1.15
C ALA M 106 53.14 44.59 2.07
N ALA M 107 53.44 45.77 1.52
CA ALA M 107 53.85 46.91 2.32
C ALA M 107 52.91 48.11 2.23
N TYR M 108 52.03 48.16 1.23
CA TYR M 108 51.18 49.34 1.06
C TYR M 108 49.93 48.94 0.29
N LEU M 109 48.88 49.73 0.47
CA LEU M 109 47.63 49.59 -0.26
C LEU M 109 47.28 50.92 -0.90
N HIS M 110 46.95 50.90 -2.19
CA HIS M 110 46.52 52.10 -2.91
C HIS M 110 45.17 51.81 -3.55
N LEU M 111 44.24 52.74 -3.38
CA LEU M 111 42.87 52.58 -3.87
C LEU M 111 42.44 53.85 -4.59
N HIS M 112 41.67 53.67 -5.66
CA HIS M 112 41.12 54.78 -6.44
C HIS M 112 39.68 54.42 -6.80
N VAL M 113 38.72 55.15 -6.23
CA VAL M 113 37.30 54.83 -6.37
C VAL M 113 36.64 55.90 -7.23
N GLU M 114 35.92 55.46 -8.25
CA GLU M 114 35.12 56.35 -9.09
C GLU M 114 33.70 56.32 -8.54
N ILE M 115 33.39 57.28 -7.66
CA ILE M 115 32.07 57.33 -7.05
C ILE M 115 31.01 57.59 -8.11
N ALA M 116 31.33 58.42 -9.11
CA ALA M 116 30.41 58.74 -10.17
C ALA M 116 31.22 59.11 -11.42
N ALA M 117 30.50 59.37 -12.51
CA ALA M 117 31.14 59.73 -13.77
C ALA M 117 31.99 60.99 -13.59
N GLY M 118 33.31 60.84 -13.73
CA GLY M 118 34.22 61.95 -13.61
C GLY M 118 34.64 62.28 -12.18
N GLN M 119 34.07 61.62 -11.19
CA GLN M 119 34.41 61.85 -9.79
C GLN M 119 35.27 60.70 -9.28
N PHE M 120 36.42 61.04 -8.70
CA PHE M 120 37.36 60.07 -8.20
C PHE M 120 37.81 60.44 -6.79
N ARG M 121 37.94 59.44 -5.93
CA ARG M 121 38.32 59.64 -4.54
C ARG M 121 39.46 58.69 -4.20
N PRO M 122 40.69 59.17 -4.03
CA PRO M 122 41.80 58.27 -3.71
C PRO M 122 41.95 58.00 -2.22
N VAL M 123 42.35 56.77 -1.90
CA VAL M 123 42.68 56.37 -0.54
C VAL M 123 44.06 55.75 -0.57
N MET M 124 44.98 56.30 0.21
CA MET M 124 46.40 55.93 0.16
C MET M 124 46.86 55.51 1.54
N ILE M 125 47.55 54.37 1.62
CA ILE M 125 48.08 53.85 2.87
C ILE M 125 49.32 53.02 2.56
N GLY M 126 50.30 53.08 3.46
CA GLY M 126 51.53 52.34 3.27
C GLY M 126 52.64 52.93 4.13
N SER M 127 53.87 52.64 3.72
CA SER M 127 55.06 53.16 4.37
C SER M 127 56.03 53.68 3.31
N LEU M 128 56.64 54.83 3.58
CA LEU M 128 57.56 55.43 2.63
C LEU M 128 58.82 54.58 2.48
N ASN M 129 59.34 54.52 1.26
CA ASN M 129 60.60 53.85 1.01
C ASN M 129 61.70 54.53 1.82
N LYS M 130 62.36 53.75 2.69
CA LYS M 130 63.36 54.34 3.56
C LYS M 130 64.55 54.88 2.78
N ARG M 131 64.84 54.28 1.62
CA ARG M 131 65.94 54.73 0.76
C ARG M 131 67.24 54.82 1.55
N GLY M 132 67.50 53.81 2.37
CA GLY M 132 68.73 53.80 3.15
C GLY M 132 68.80 54.83 4.25
N VAL M 133 67.71 55.54 4.52
CA VAL M 133 67.68 56.56 5.56
C VAL M 133 67.25 55.90 6.87
N GLY M 134 68.05 56.08 7.91
CA GLY M 134 67.76 55.49 9.19
C GLY M 134 66.83 56.33 10.04
N TYR M 135 65.56 55.93 10.09
CA TYR M 135 64.56 56.65 10.86
C TYR M 135 63.42 55.70 11.19
N THR M 136 62.85 55.85 12.38
CA THR M 136 61.75 55.02 12.83
C THR M 136 60.42 55.65 12.43
N GLY M 137 59.58 54.87 11.77
CA GLY M 137 58.29 55.35 11.31
C GLY M 137 58.10 55.23 9.82
N GLY M 138 57.74 56.33 9.16
CA GLY M 138 57.52 56.33 7.73
C GLY M 138 56.13 55.92 7.30
N GLN M 139 55.25 55.54 8.22
CA GLN M 139 53.90 55.16 7.87
C GLN M 139 53.07 56.39 7.54
N TYR M 140 52.34 56.35 6.42
CA TYR M 140 51.53 57.46 5.97
C TYR M 140 50.13 56.98 5.63
N VAL M 141 49.13 57.73 6.09
CA VAL M 141 47.72 57.48 5.78
C VAL M 141 47.12 58.77 5.25
N CYS M 142 46.49 58.70 4.09
CA CYS M 142 45.93 59.88 3.44
C CYS M 142 44.47 59.66 3.08
N GLY M 143 43.73 60.76 3.01
CA GLY M 143 42.33 60.72 2.62
C GLY M 143 41.98 61.89 1.72
N SER M 144 40.77 61.85 1.20
CA SER M 144 40.26 62.86 0.28
C SER M 144 39.13 63.64 0.94
N PHE M 145 39.24 64.97 0.93
CA PHE M 145 38.24 65.84 1.52
C PHE M 145 37.73 66.84 0.49
N ILE M 146 36.42 67.08 0.51
CA ILE M 146 35.79 68.06 -0.36
C ILE M 146 35.23 69.17 0.52
N TYR M 147 35.44 70.42 0.11
CA TYR M 147 34.98 71.55 0.92
C TYR M 147 33.45 71.69 0.83
N THR M 148 32.93 71.93 -0.37
CA THR M 148 31.50 72.10 -0.56
C THR M 148 31.10 71.76 -1.99
N PRO M 149 30.15 70.84 -2.20
CA PRO M 149 29.65 70.59 -3.55
C PRO M 149 28.94 71.83 -4.10
N GLY M 150 28.99 71.96 -5.42
CA GLY M 150 28.38 73.10 -6.10
C GLY M 150 29.30 74.30 -6.24
N GLN M 151 29.87 74.75 -5.13
CA GLN M 151 30.85 75.83 -5.14
C GLN M 151 32.19 75.27 -5.61
N ALA M 152 33.24 76.08 -5.51
CA ALA M 152 34.57 75.62 -5.89
C ALA M 152 34.95 74.39 -5.07
N LEU M 153 35.22 73.29 -5.77
CA LEU M 153 35.53 72.03 -5.09
C LEU M 153 36.94 72.02 -4.53
N THR M 154 37.86 72.77 -5.13
CA THR M 154 39.26 72.78 -4.72
C THR M 154 39.64 74.10 -4.07
N ASN M 155 38.75 74.63 -3.24
CA ASN M 155 39.02 75.87 -2.53
C ASN M 155 40.30 75.76 -1.70
N ASN M 156 40.76 76.90 -1.19
CA ASN M 156 41.95 76.93 -0.36
C ASN M 156 41.75 76.10 0.90
N TRP M 157 40.56 76.19 1.51
CA TRP M 157 40.29 75.44 2.74
C TRP M 157 40.33 73.93 2.52
N SER M 158 40.18 73.48 1.28
CA SER M 158 40.19 72.05 1.02
C SER M 158 41.54 71.43 1.37
N SER M 159 41.54 70.13 1.62
CA SER M 159 42.75 69.39 1.90
C SER M 159 42.78 68.13 1.04
N HIS M 160 43.97 67.74 0.62
CA HIS M 160 44.16 66.62 -0.29
C HIS M 160 45.33 65.77 0.20
N PRO M 161 45.44 64.54 -0.27
CA PRO M 161 46.57 63.69 0.14
C PRO M 161 47.90 64.38 -0.12
N PHE M 162 48.80 64.32 0.87
CA PHE M 162 50.12 64.93 0.78
C PHE M 162 50.07 66.43 0.54
N ASP M 163 48.95 67.07 0.90
CA ASP M 163 48.78 68.48 0.57
C ASP M 163 49.84 69.33 1.25
N GLY M 164 50.31 70.35 0.53
CA GLY M 164 51.33 71.25 1.04
C GLY M 164 50.79 72.61 1.42
N TYR M 165 49.48 72.78 1.32
CA TYR M 165 48.83 74.06 1.61
C TYR M 165 47.36 73.79 1.88
N HIS M 166 46.86 74.17 3.05
CA HIS M 166 45.45 74.00 3.33
C HIS M 166 45.08 74.89 4.52
N ILE M 167 43.78 75.15 4.64
CA ILE M 167 43.22 75.95 5.73
C ILE M 167 42.10 75.13 6.35
N GLN M 168 42.34 74.61 7.55
CA GLN M 168 41.36 73.83 8.28
C GLN M 168 41.86 73.59 9.69
N TYR M 169 40.97 73.68 10.67
CA TYR M 169 41.33 73.58 12.07
C TYR M 169 40.83 72.30 12.73
N SER M 170 40.08 71.47 12.02
CA SER M 170 39.43 70.30 12.60
C SER M 170 40.03 68.98 12.13
N ASN M 171 40.13 68.77 10.82
CA ASN M 171 40.54 67.49 10.26
C ASN M 171 41.69 67.68 9.29
N SER M 172 42.47 66.61 9.10
CA SER M 172 43.61 66.59 8.19
C SER M 172 43.42 65.48 7.16
N SER M 173 43.75 65.79 5.90
CA SER M 173 43.56 64.81 4.83
C SER M 173 44.58 63.68 4.91
N CYS M 174 45.82 63.99 5.25
CA CYS M 174 46.85 62.96 5.30
C CYS M 174 47.85 63.31 6.39
N MET M 175 48.68 62.34 6.73
CA MET M 175 49.57 62.45 7.89
C MET M 175 50.77 61.53 7.68
N LEU M 176 51.73 61.63 8.60
CA LEU M 176 52.97 60.86 8.50
C LEU M 176 53.54 60.66 9.90
N ARG M 177 54.30 59.59 10.07
CA ARG M 177 54.95 59.26 11.33
C ARG M 177 56.44 59.53 11.24
N LEU M 178 56.97 60.26 12.23
CA LEU M 178 58.41 60.51 12.35
C LEU M 178 58.73 60.47 13.84
N ASP M 179 59.23 59.33 14.31
CA ASP M 179 59.41 59.10 15.72
C ASP M 179 60.69 59.78 16.22
N GLY M 180 60.65 60.26 17.46
CA GLY M 180 61.81 60.87 18.07
C GLY M 180 62.30 62.13 17.39
N LEU M 181 61.37 62.99 16.95
CA LEU M 181 61.77 64.24 16.32
C LEU M 181 62.13 65.27 17.38
N ASP M 182 63.32 65.84 17.27
CA ASP M 182 63.79 66.88 18.19
C ASP M 182 63.71 66.41 19.63
N GLY M 183 64.04 65.13 19.85
CA GLY M 183 64.11 64.60 21.19
C GLY M 183 62.77 64.35 21.86
N GLY M 184 61.67 64.42 21.12
CA GLY M 184 60.36 64.20 21.69
C GLY M 184 60.08 62.73 21.88
N PRO M 185 58.93 62.44 22.49
CA PRO M 185 58.53 61.04 22.69
C PRO M 185 58.40 60.33 21.35
N SER M 186 58.72 59.03 21.36
CA SER M 186 58.70 58.26 20.12
C SER M 186 57.37 58.34 19.38
N PRO M 187 56.19 58.25 20.03
CA PRO M 187 54.94 58.34 19.28
C PRO M 187 54.68 59.74 18.77
N GLU M 188 54.85 59.95 17.47
CA GLU M 188 54.64 61.26 16.85
C GLU M 188 53.98 61.03 15.50
N TRP M 189 52.83 61.66 15.29
CA TRP M 189 52.04 61.53 14.06
C TRP M 189 51.95 62.91 13.44
N LEU M 190 52.90 63.23 12.57
CA LEU M 190 53.00 64.57 12.01
C LEU M 190 51.97 64.78 10.91
N PRO M 191 51.15 65.83 10.97
CA PRO M 191 50.22 66.11 9.87
C PRO M 191 50.83 67.02 8.82
N PHE M 192 50.20 67.01 7.65
CA PHE M 192 50.62 67.82 6.51
C PHE M 192 49.96 69.18 6.62
N ASP M 193 50.61 70.11 7.32
CA ASP M 193 50.11 71.46 7.49
C ASP M 193 51.24 72.45 7.30
N TYR M 194 50.89 73.67 6.90
CA TYR M 194 51.87 74.71 6.62
C TYR M 194 51.56 76.05 7.26
N THR M 195 50.30 76.36 7.56
CA THR M 195 49.91 77.66 8.09
C THR M 195 49.79 77.68 9.61
N THR M 196 49.94 76.54 10.28
CA THR M 196 49.78 76.48 11.72
C THR M 196 51.01 76.95 12.48
N ASN M 197 52.16 77.07 11.82
CA ASN M 197 53.41 77.49 12.45
C ASN M 197 53.80 76.57 13.61
N VAL M 198 53.31 75.35 13.62
CA VAL M 198 53.72 74.40 14.65
C VAL M 198 55.21 74.11 14.49
N PRO M 199 55.97 73.93 15.57
CA PRO M 199 57.41 73.70 15.39
C PRO M 199 57.72 72.51 14.51
N ARG M 200 56.94 71.43 14.59
CA ARG M 200 57.18 70.22 13.83
C ARG M 200 56.00 69.98 12.88
N ARG M 201 56.31 69.82 11.59
CA ARG M 201 55.28 69.60 10.58
C ARG M 201 55.93 69.01 9.35
N VAL M 202 55.10 68.54 8.42
CA VAL M 202 55.54 67.94 7.17
C VAL M 202 54.76 68.58 6.02
N VAL M 203 55.32 68.47 4.82
CA VAL M 203 54.74 69.06 3.62
C VAL M 203 54.97 68.11 2.45
N GLY M 204 54.08 68.19 1.46
CA GLY M 204 54.17 67.33 0.30
C GLY M 204 53.62 67.97 -0.96
N PRO M 205 53.87 67.34 -2.13
CA PRO M 205 53.36 67.89 -3.40
C PRO M 205 51.88 67.61 -3.64
N GLY M 206 51.16 67.20 -2.60
CA GLY M 206 49.80 66.72 -2.74
C GLY M 206 48.93 67.42 -3.77
N ARG M 207 48.76 68.74 -3.64
CA ARG M 207 47.86 69.46 -4.53
C ARG M 207 48.34 69.45 -5.98
N GLY M 208 49.60 69.12 -6.22
CA GLY M 208 50.11 69.07 -7.58
C GLY M 208 50.77 70.36 -8.01
N ASN M 209 50.04 71.19 -8.75
CA ASN M 209 50.57 72.44 -9.29
C ASN M 209 49.66 73.61 -8.94
N TYR M 210 49.24 73.67 -7.68
CA TYR M 210 48.43 74.81 -7.26
C TYR M 210 49.30 76.05 -7.15
N SER M 211 48.63 77.22 -7.22
CA SER M 211 49.37 78.47 -7.27
C SER M 211 50.25 78.65 -6.04
N SER M 212 49.68 78.40 -4.85
CA SER M 212 50.39 78.55 -3.59
C SER M 212 50.85 77.22 -3.02
N GLN M 213 51.21 76.25 -3.88
CA GLN M 213 51.74 74.99 -3.41
C GLN M 213 53.21 75.17 -3.04
N TYR M 214 53.60 74.61 -1.90
CA TYR M 214 54.95 74.78 -1.35
C TYR M 214 55.72 73.48 -1.55
N HIS M 215 56.44 73.39 -2.67
CA HIS M 215 57.32 72.27 -2.94
C HIS M 215 58.20 72.63 -4.14
N PRO M 216 59.50 72.32 -4.10
CA PRO M 216 60.38 72.75 -5.20
C PRO M 216 60.19 71.98 -6.50
N ASP M 217 59.42 70.89 -6.50
CA ASP M 217 59.23 70.08 -7.69
C ASP M 217 57.96 70.45 -8.45
N VAL M 218 57.21 71.46 -7.98
CA VAL M 218 55.98 71.84 -8.66
C VAL M 218 56.25 72.12 -10.13
N GLY M 219 57.40 72.71 -10.44
CA GLY M 219 57.78 72.90 -11.83
C GLY M 219 57.95 71.59 -12.58
N LEU M 220 58.53 70.58 -11.91
CA LEU M 220 58.68 69.28 -12.53
C LEU M 220 57.31 68.67 -12.85
N ILE M 221 56.37 68.76 -11.92
CA ILE M 221 55.03 68.26 -12.18
C ILE M 221 54.40 69.01 -13.35
N ASP M 222 54.58 70.34 -13.38
CA ASP M 222 54.02 71.12 -14.49
C ASP M 222 54.62 70.70 -15.83
N ALA M 223 55.94 70.47 -15.88
CA ALA M 223 56.64 70.17 -17.12
C ALA M 223 56.79 68.67 -17.36
N SER M 224 56.05 67.84 -16.64
CA SER M 224 56.16 66.39 -16.84
C SER M 224 55.91 66.00 -18.29
N ALA M 225 55.06 66.74 -19.00
CA ALA M 225 54.71 66.43 -20.38
C ALA M 225 55.61 67.21 -21.34
N ASN M 226 56.13 66.53 -22.35
CA ASN M 226 57.00 67.12 -23.35
C ASN M 226 56.23 67.36 -24.64
N GLU M 227 56.24 68.60 -25.12
CA GLU M 227 55.50 68.93 -26.34
C GLU M 227 56.18 68.35 -27.58
N LEU M 228 57.52 68.35 -27.61
CA LEU M 228 58.23 68.00 -28.83
C LEU M 228 57.95 66.55 -29.25
N ASN M 229 57.97 65.63 -28.28
CA ASN M 229 57.79 64.21 -28.57
C ASN M 229 56.59 63.62 -27.84
N SER M 230 55.80 64.45 -27.14
CA SER M 230 54.61 63.97 -26.44
C SER M 230 54.95 62.91 -25.40
N SER M 231 56.16 62.96 -24.85
CA SER M 231 56.60 62.01 -23.84
C SER M 231 56.31 62.56 -22.45
N THR M 232 55.91 61.67 -21.54
CA THR M 232 55.61 62.03 -20.17
C THR M 232 56.53 61.27 -19.23
N THR M 233 57.05 61.99 -18.23
CA THR M 233 57.95 61.41 -17.24
C THR M 233 57.34 61.57 -15.85
N THR M 234 57.52 60.54 -15.03
CA THR M 234 57.00 60.55 -13.68
C THR M 234 57.92 61.33 -12.75
N VAL M 235 57.35 61.86 -11.67
CA VAL M 235 58.10 62.62 -10.68
C VAL M 235 57.87 62.00 -9.30
N PRO M 236 58.89 61.42 -8.67
CA PRO M 236 58.71 60.93 -7.31
C PRO M 236 58.27 62.06 -6.37
N CYS M 237 57.37 61.73 -5.44
CA CYS M 237 56.79 62.72 -4.54
C CYS M 237 57.68 62.84 -3.31
N ALA M 238 58.58 63.82 -3.34
CA ALA M 238 59.46 64.07 -2.21
C ALA M 238 58.69 64.71 -1.06
N ILE M 239 58.91 64.19 0.15
CA ILE M 239 58.27 64.70 1.36
C ILE M 239 59.34 65.38 2.21
N TYR M 240 58.98 66.52 2.80
CA TYR M 240 59.88 67.30 3.63
C TYR M 240 59.27 67.48 5.01
N ALA M 241 60.11 67.42 6.03
CA ALA M 241 59.70 67.57 7.42
C ALA M 241 60.48 68.74 8.03
N PHE M 242 59.76 69.62 8.73
CA PHE M 242 60.35 70.81 9.34
C PHE M 242 60.70 70.53 10.79
N GLY M 243 61.90 70.93 11.19
CA GLY M 243 62.35 70.77 12.56
C GLY M 243 61.86 71.88 13.47
N ALA M 244 62.33 71.83 14.71
CA ALA M 244 61.86 72.78 15.72
C ALA M 244 62.12 74.22 15.32
N GLN M 245 63.21 74.47 14.59
CA GLN M 245 63.60 75.82 14.18
C GLN M 245 63.56 75.96 12.67
N GLN M 246 62.49 75.44 12.05
CA GLN M 246 62.25 75.59 10.61
C GLN M 246 63.43 75.11 9.78
N ARG M 247 64.02 73.99 10.17
CA ARG M 247 65.10 73.36 9.41
C ARG M 247 64.56 72.07 8.79
N SER M 248 64.49 72.05 7.46
CA SER M 248 63.88 70.93 6.76
C SER M 248 64.86 69.76 6.65
N ARG M 249 64.30 68.55 6.67
CA ARG M 249 65.07 67.32 6.50
C ARG M 249 64.27 66.40 5.58
N TYR M 250 64.81 66.13 4.39
CA TYR M 250 64.15 65.21 3.47
C TYR M 250 64.01 63.85 4.12
N VAL M 251 62.81 63.26 4.00
CA VAL M 251 62.47 62.02 4.68
C VAL M 251 62.41 60.84 3.73
N GLY M 252 61.77 60.99 2.58
CA GLY M 252 61.63 59.88 1.67
C GLY M 252 60.69 60.22 0.53
N GLU M 253 60.33 59.17 -0.22
CA GLU M 253 59.46 59.28 -1.38
C GLU M 253 58.35 58.24 -1.26
N VAL M 254 57.25 58.50 -1.97
CA VAL M 254 56.09 57.62 -1.95
C VAL M 254 56.39 56.42 -2.86
N PRO M 255 56.39 55.19 -2.35
CA PRO M 255 56.74 54.05 -3.20
C PRO M 255 55.76 53.87 -4.34
N ASP M 256 56.29 53.50 -5.50
CA ASP M 256 55.46 53.11 -6.65
C ASP M 256 54.39 54.15 -6.94
N PHE M 257 54.79 55.42 -6.91
CA PHE M 257 53.85 56.53 -7.09
C PHE M 257 54.55 57.66 -7.82
N GLY M 258 53.78 58.39 -8.63
CA GLY M 258 54.30 59.53 -9.33
C GLY M 258 53.18 60.40 -9.85
N ILE M 259 53.54 61.64 -10.20
CA ILE M 259 52.59 62.64 -10.66
C ILE M 259 53.02 63.11 -12.04
N CYS M 260 52.05 63.58 -12.82
CA CYS M 260 52.31 64.11 -14.15
C CYS M 260 51.13 64.99 -14.55
N ASN M 261 51.24 65.60 -15.73
CA ASN M 261 50.19 66.44 -16.28
C ASN M 261 49.37 65.65 -17.29
N MET M 262 48.05 65.78 -17.20
CA MET M 262 47.11 65.06 -18.06
C MET M 262 46.65 65.90 -19.24
N ALA M 263 47.47 66.85 -19.68
CA ALA M 263 47.07 67.73 -20.77
C ALA M 263 46.81 66.93 -22.05
N PHE M 264 47.68 65.96 -22.35
CA PHE M 264 47.61 65.18 -23.57
C PHE M 264 47.30 63.71 -23.32
N LEU M 265 46.71 63.38 -22.16
CA LEU M 265 46.35 62.02 -21.83
C LEU M 265 44.92 61.99 -21.28
N ALA M 266 44.12 61.06 -21.80
CA ALA M 266 42.77 60.82 -21.30
C ALA M 266 42.82 59.92 -20.08
N PRO M 267 41.76 59.89 -19.27
CA PRO M 267 41.77 59.06 -18.07
C PRO M 267 42.06 57.61 -18.41
N GLY M 268 43.01 57.02 -17.68
CA GLY M 268 43.38 55.64 -17.90
C GLY M 268 44.23 55.38 -19.11
N ASP M 269 44.67 56.42 -19.81
CA ASP M 269 45.46 56.23 -21.02
C ASP M 269 46.80 55.57 -20.66
N PRO M 270 47.18 54.48 -21.33
CA PRO M 270 48.43 53.81 -20.98
C PRO M 270 49.63 54.35 -21.75
N LEU M 271 50.75 54.51 -21.04
CA LEU M 271 52.03 54.87 -21.63
C LEU M 271 53.05 53.92 -21.04
N VAL M 272 53.23 52.76 -21.69
CA VAL M 272 54.18 51.76 -21.22
C VAL M 272 55.58 52.25 -21.53
N VAL M 273 56.31 52.68 -20.51
CA VAL M 273 57.69 53.12 -20.67
C VAL M 273 58.61 52.03 -20.13
N GLY M 274 59.01 51.11 -21.01
CA GLY M 274 59.92 50.05 -20.64
C GLY M 274 59.25 48.78 -20.17
N SER M 275 59.98 47.98 -19.39
CA SER M 275 59.48 46.69 -18.94
C SER M 275 58.37 46.82 -17.91
N ASP M 276 58.25 47.98 -17.25
CA ASP M 276 57.24 48.20 -16.23
C ASP M 276 56.18 49.16 -16.75
N THR M 277 54.92 48.80 -16.55
CA THR M 277 53.79 49.55 -17.04
C THR M 277 53.24 50.46 -15.94
N TRP M 278 52.61 51.56 -16.34
CA TRP M 278 52.10 52.55 -15.42
C TRP M 278 50.65 52.89 -15.76
N ARG M 279 49.86 53.16 -14.74
CA ARG M 279 48.47 53.59 -14.88
C ARG M 279 48.33 55.01 -14.37
N VAL M 280 47.67 55.86 -15.15
CA VAL M 280 47.47 57.27 -14.82
C VAL M 280 45.97 57.54 -14.76
N TYR M 281 45.53 58.14 -13.65
CA TYR M 281 44.14 58.52 -13.48
C TYR M 281 44.05 59.93 -12.91
N PRO M 282 42.98 60.65 -13.20
CA PRO M 282 42.82 61.99 -12.63
C PRO M 282 42.56 61.93 -11.14
N LEU M 283 42.94 63.02 -10.46
CA LEU M 283 42.77 63.09 -9.01
C LEU M 283 41.29 63.15 -8.65
N LEU M 284 40.60 64.20 -9.10
CA LEU M 284 39.19 64.40 -8.79
C LEU M 284 38.33 64.33 -10.04
N GLN M 285 38.62 65.14 -11.06
CA GLN M 285 37.79 65.19 -12.25
C GLN M 285 38.59 65.84 -13.37
N ARG M 286 38.18 65.55 -14.60
CA ARG M 286 38.80 66.15 -15.77
C ARG M 286 38.27 67.56 -15.96
N GLY M 287 39.18 68.50 -16.19
CA GLY M 287 38.81 69.89 -16.41
C GLY M 287 39.77 70.54 -17.39
N THR M 288 40.01 71.83 -17.19
CA THR M 288 40.93 72.61 -18.02
C THR M 288 42.17 72.96 -17.22
N ALA M 289 43.11 73.64 -17.89
CA ALA M 289 44.40 73.94 -17.27
C ALA M 289 44.24 74.83 -16.04
N THR M 290 43.38 75.85 -16.13
CA THR M 290 43.28 76.86 -15.10
C THR M 290 42.09 76.65 -14.17
N ASP M 291 41.38 75.53 -14.30
CA ASP M 291 40.22 75.26 -13.44
C ASP M 291 40.71 74.64 -12.13
N PHE M 292 41.26 75.51 -11.28
CA PHE M 292 41.75 75.11 -9.97
C PHE M 292 40.71 75.28 -8.87
N ASP M 293 39.48 75.65 -9.23
CA ASP M 293 38.41 75.88 -8.25
C ASP M 293 37.31 74.83 -8.32
N SER M 294 36.84 74.52 -9.52
CA SER M 294 35.74 73.57 -9.67
C SER M 294 36.20 72.14 -9.87
N THR M 295 37.44 71.92 -10.26
CA THR M 295 37.97 70.58 -10.49
C THR M 295 39.43 70.56 -10.05
N SER M 296 40.12 69.46 -10.36
CA SER M 296 41.51 69.28 -10.00
C SER M 296 42.47 69.64 -11.13
N ALA M 297 42.03 70.45 -12.08
CA ALA M 297 42.85 70.88 -13.21
C ALA M 297 43.25 69.64 -13.99
N TRP M 298 44.53 69.45 -14.34
CA TRP M 298 44.98 68.30 -15.11
C TRP M 298 45.96 67.43 -14.33
N VAL M 299 45.97 67.55 -13.00
CA VAL M 299 46.89 66.75 -12.20
C VAL M 299 46.48 65.28 -12.27
N GLY M 300 47.45 64.42 -12.50
CA GLY M 300 47.19 62.99 -12.63
C GLY M 300 48.10 62.19 -11.72
N TYR M 301 47.51 61.17 -11.09
CA TYR M 301 48.26 60.26 -10.23
C TYR M 301 48.71 59.05 -11.02
N CYS M 302 50.00 58.71 -10.89
CA CYS M 302 50.60 57.61 -11.64
C CYS M 302 50.92 56.46 -10.68
N PHE M 303 50.43 55.27 -11.01
CA PHE M 303 50.69 54.06 -10.24
C PHE M 303 51.40 53.05 -11.12
N ARG M 304 52.35 52.34 -10.54
CA ARG M 304 53.05 51.27 -11.25
C ARG M 304 52.24 49.98 -11.12
N VAL M 305 51.88 49.39 -12.26
CA VAL M 305 51.07 48.18 -12.30
C VAL M 305 51.98 47.00 -12.54
N VAL M 306 51.79 45.95 -11.76
CA VAL M 306 52.61 44.74 -11.87
C VAL M 306 51.73 43.50 -11.73
N ALA N 2 83.99 143.62 42.66
CA ALA N 2 83.42 142.45 42.00
C ALA N 2 82.03 142.75 41.44
N THR N 3 81.41 143.80 41.97
CA THR N 3 80.09 144.22 41.53
C THR N 3 80.08 145.72 41.32
N GLU N 4 79.28 146.18 40.35
CA GLU N 4 79.20 147.60 40.02
C GLU N 4 77.85 147.88 39.38
N PHE N 5 77.17 148.91 39.88
CA PHE N 5 75.89 149.35 39.34
C PHE N 5 75.99 150.82 38.95
N GLY N 6 75.47 151.15 37.78
CA GLY N 6 75.55 152.52 37.31
C GLY N 6 74.90 152.67 35.96
N THR N 7 75.13 153.84 35.35
CA THR N 7 74.54 154.17 34.05
C THR N 7 75.65 154.62 33.10
N ALA N 8 75.71 154.00 31.93
CA ALA N 8 76.71 154.30 30.92
C ALA N 8 76.08 155.12 29.80
N VAL N 9 76.73 156.23 29.44
CA VAL N 9 76.14 157.17 28.50
C VAL N 9 75.98 156.58 27.11
N ASN N 10 76.70 155.50 26.79
CA ASN N 10 76.59 154.87 25.48
C ASN N 10 77.30 153.52 25.53
N HIS N 11 77.19 152.78 24.42
CA HIS N 11 77.77 151.44 24.37
C HIS N 11 79.28 151.50 24.56
N ALA N 12 79.94 152.47 23.92
CA ALA N 12 81.37 152.64 24.14
C ALA N 12 81.64 152.87 25.62
N ASP N 13 80.97 153.88 26.19
CA ASP N 13 81.10 154.16 27.61
C ASP N 13 80.94 152.88 28.43
N LEU N 14 79.98 152.04 28.04
CA LEU N 14 79.78 150.77 28.73
C LEU N 14 81.03 149.92 28.63
N VAL N 15 81.64 149.82 27.45
CA VAL N 15 82.74 148.86 27.30
C VAL N 15 83.98 149.33 28.07
N GLU N 16 84.32 150.63 28.02
CA GLU N 16 85.48 151.02 28.83
C GLU N 16 85.14 151.02 30.32
N ARG N 17 83.87 151.22 30.69
CA ARG N 17 83.51 151.02 32.09
C ARG N 17 83.77 149.59 32.51
N LEU N 18 83.39 148.63 31.66
CA LEU N 18 83.65 147.22 31.96
C LEU N 18 85.14 146.95 32.08
N VAL N 19 85.94 147.48 31.16
CA VAL N 19 87.37 147.14 31.19
C VAL N 19 88.03 147.76 32.41
N GLN N 20 87.64 148.99 32.77
CA GLN N 20 88.22 149.60 33.97
C GLN N 20 87.77 148.86 35.22
N PHE N 21 86.52 148.39 35.25
CA PHE N 21 86.07 147.59 36.38
C PHE N 21 86.87 146.29 36.50
N LEU N 22 87.13 145.64 35.36
CA LEU N 22 87.88 144.39 35.39
C LEU N 22 89.32 144.61 35.82
N THR N 23 89.95 145.70 35.37
CA THR N 23 91.37 145.91 35.58
C THR N 23 91.70 146.75 36.81
N ALA N 24 90.71 147.34 37.48
CA ALA N 24 91.00 148.24 38.58
C ALA N 24 90.02 148.09 39.75
N SER N 25 89.15 147.09 39.74
CA SER N 25 88.24 146.91 40.87
C SER N 25 89.06 146.64 42.14
N PRO N 26 88.73 147.27 43.27
CA PRO N 26 89.58 147.09 44.46
C PRO N 26 89.75 145.63 44.85
N ASP N 27 88.69 144.83 44.79
CA ASP N 27 88.82 143.42 45.13
C ASP N 27 89.73 142.71 44.13
N LEU N 28 89.56 142.99 42.84
CA LEU N 28 90.36 142.33 41.82
C LEU N 28 91.84 142.64 41.99
N VAL N 29 92.17 143.91 42.18
CA VAL N 29 93.58 144.30 42.30
C VAL N 29 94.16 143.80 43.62
N ALA N 30 93.40 143.92 44.72
CA ALA N 30 93.91 143.50 46.02
C ALA N 30 94.19 142.00 46.03
N ALA N 31 93.30 141.21 45.43
CA ALA N 31 93.44 139.76 45.39
C ALA N 31 94.28 139.28 44.21
N GLY N 32 94.79 140.20 43.39
CA GLY N 32 95.57 139.80 42.23
C GLY N 32 94.79 138.98 41.23
N GLN N 33 93.50 139.32 41.04
CA GLN N 33 92.63 138.62 40.12
C GLN N 33 92.31 139.45 38.87
N ALA N 34 92.98 140.59 38.70
CA ALA N 34 92.70 141.44 37.56
C ALA N 34 93.08 140.73 36.26
N TYR N 35 92.34 141.05 35.19
CA TYR N 35 92.57 140.42 33.90
C TYR N 35 93.56 141.25 33.09
N GLU N 36 94.24 140.57 32.17
CA GLU N 36 95.27 141.19 31.35
C GLU N 36 94.76 141.31 29.92
N LYS N 37 94.97 142.49 29.32
CA LYS N 37 94.55 142.75 27.95
C LYS N 37 95.69 142.34 27.01
N VAL N 38 95.44 141.35 26.15
CA VAL N 38 96.46 140.86 25.24
C VAL N 38 96.26 141.36 23.81
N PHE N 39 95.12 141.98 23.50
CA PHE N 39 94.88 142.48 22.15
C PHE N 39 93.82 143.56 22.21
N ASP N 40 94.03 144.64 21.46
CA ASP N 40 93.05 145.72 21.38
C ASP N 40 93.30 146.47 20.07
N ASN N 41 92.41 146.30 19.10
CA ASN N 41 92.59 146.89 17.79
C ASN N 41 91.23 147.32 17.24
N THR N 42 91.28 148.12 16.18
CA THR N 42 90.09 148.53 15.42
C THR N 42 90.47 148.42 13.94
N ILE N 43 90.22 147.24 13.37
CA ILE N 43 90.67 146.92 12.02
C ILE N 43 89.78 147.55 10.96
N PRO N 44 88.45 147.55 11.10
CA PRO N 44 87.60 147.95 9.98
C PRO N 44 87.58 149.46 9.77
N ALA N 45 87.30 149.84 8.53
CA ALA N 45 87.14 151.24 8.14
C ALA N 45 85.63 151.52 8.11
N SER N 46 85.12 152.08 9.21
CA SER N 46 83.69 152.29 9.33
C SER N 46 83.17 153.20 8.22
N GLY N 47 82.09 152.78 7.58
CA GLY N 47 81.42 153.60 6.59
C GLY N 47 80.17 154.23 7.18
N THR N 48 79.01 153.65 6.87
CA THR N 48 77.76 154.05 7.52
C THR N 48 77.51 153.21 8.78
N ALA N 49 78.52 153.15 9.65
CA ALA N 49 78.47 152.31 10.83
C ALA N 49 79.36 152.91 11.91
N ILE N 50 79.12 152.49 13.15
CA ILE N 50 79.90 152.95 14.28
C ILE N 50 81.26 152.24 14.29
N ALA N 51 82.25 152.89 14.88
CA ALA N 51 83.56 152.28 15.00
C ALA N 51 83.48 150.97 15.76
N VAL N 52 84.23 149.98 15.28
CA VAL N 52 84.21 148.64 15.87
C VAL N 52 85.44 148.50 16.74
N ARG N 53 85.23 148.16 18.01
CA ARG N 53 86.30 147.94 18.98
C ARG N 53 86.44 146.45 19.25
N GLN N 54 87.66 145.95 19.13
CA GLN N 54 87.97 144.55 19.36
C GLN N 54 88.92 144.44 20.54
N VAL N 55 88.55 143.63 21.52
CA VAL N 55 89.34 143.44 22.74
C VAL N 55 89.38 141.96 23.08
N THR N 56 90.57 141.46 23.40
CA THR N 56 90.76 140.11 23.92
C THR N 56 91.54 140.23 25.23
N LEU N 57 91.06 139.55 26.26
CA LEU N 57 91.63 139.65 27.59
C LEU N 57 91.99 138.26 28.12
N ARG N 58 93.01 138.23 28.96
CA ARG N 58 93.55 137.02 29.55
C ARG N 58 93.04 136.85 30.98
N ALA N 59 93.06 135.60 31.45
CA ALA N 59 92.44 135.29 32.73
C ALA N 59 93.19 134.19 33.48
N PRO N 60 93.64 134.45 34.73
CA PRO N 60 94.37 133.42 35.47
C PRO N 60 93.48 132.49 36.29
N GLY N 61 92.28 132.95 36.64
CA GLY N 61 91.45 132.23 37.57
C GLY N 61 91.81 132.54 39.01
N LEU N 62 91.04 131.96 39.93
CA LEU N 62 91.25 132.22 41.35
C LEU N 62 92.62 131.74 41.81
N GLY N 63 93.01 130.53 41.39
CA GLY N 63 94.27 129.97 41.85
C GLY N 63 95.50 130.50 41.17
N GLY N 64 95.35 131.21 40.06
CA GLY N 64 96.49 131.74 39.32
C GLY N 64 97.19 130.75 38.43
N THR N 65 96.71 129.51 38.34
CA THR N 65 97.33 128.47 37.54
C THR N 65 96.55 128.14 36.28
N ASP N 66 95.41 128.78 36.05
CA ASP N 66 94.58 128.51 34.90
C ASP N 66 94.88 129.49 33.77
N ALA N 67 94.60 129.05 32.54
CA ALA N 67 94.80 129.87 31.34
C ALA N 67 93.46 129.98 30.63
N ILE N 68 92.85 131.16 30.72
CA ILE N 68 91.51 131.40 30.17
C ILE N 68 91.58 132.65 29.30
N TYR N 69 91.06 132.55 28.08
CA TYR N 69 91.10 133.63 27.11
C TYR N 69 89.69 133.92 26.60
N MET N 70 89.33 135.20 26.56
CA MET N 70 88.05 135.65 26.01
C MET N 70 88.29 136.60 24.84
N GLY N 71 87.18 137.04 24.27
CA GLY N 71 87.21 138.12 23.29
C GLY N 71 85.92 138.90 23.34
N ILE N 72 86.01 140.19 23.07
CA ILE N 72 84.86 141.09 23.05
C ILE N 72 84.94 141.97 21.82
N GLN N 73 83.81 142.15 21.15
CA GLN N 73 83.72 142.99 19.96
C GLN N 73 82.50 143.89 20.07
N SER N 74 82.64 145.10 19.53
CA SER N 74 81.54 146.06 19.46
C SER N 74 81.22 146.30 17.99
N TYR N 75 79.98 146.03 17.59
CA TYR N 75 79.56 146.14 16.20
C TYR N 75 78.20 146.84 16.15
N GLY N 76 78.07 147.80 15.24
CA GLY N 76 76.83 148.53 15.11
C GLY N 76 76.63 149.07 13.71
N ASP N 77 75.40 149.49 13.44
CA ASP N 77 75.04 150.07 12.15
C ASP N 77 74.04 151.20 12.39
N THR N 78 74.37 152.40 11.88
CA THR N 78 73.51 153.55 12.11
C THR N 78 72.20 153.43 11.34
N ALA N 79 72.25 152.92 10.11
CA ALA N 79 71.04 152.82 9.30
C ALA N 79 69.99 151.95 9.98
N LEU N 80 70.40 150.80 10.49
CA LEU N 80 69.49 149.92 11.24
C LEU N 80 69.44 150.26 12.72
N ASP N 81 70.31 151.13 13.20
CA ASP N 81 70.26 151.63 14.58
C ASP N 81 70.43 150.49 15.58
N TYR N 82 71.58 149.82 15.50
CA TYR N 82 71.98 148.85 16.52
C TYR N 82 73.47 148.98 16.77
N TYR N 83 73.89 148.62 17.97
CA TYR N 83 75.27 148.71 18.42
C TYR N 83 75.68 147.43 19.14
N ASN N 84 75.43 146.29 18.49
CA ASN N 84 75.59 144.99 19.12
C ASN N 84 76.99 144.83 19.70
N LEU N 85 77.05 144.17 20.86
CA LEU N 85 78.31 143.80 21.49
C LEU N 85 78.43 142.28 21.46
N ARG N 86 79.45 141.78 20.76
CA ARG N 86 79.65 140.36 20.58
C ARG N 86 80.69 139.81 21.56
N LEU N 87 80.55 138.53 21.89
CA LEU N 87 81.43 137.86 22.83
C LEU N 87 81.83 136.50 22.28
N MET N 88 82.99 136.01 22.73
CA MET N 88 83.46 134.68 22.35
C MET N 88 84.56 134.27 23.32
N GLY N 89 84.97 133.00 23.21
CA GLY N 89 85.99 132.46 24.08
C GLY N 89 86.98 131.61 23.30
N GLY N 90 88.04 131.21 24.00
CA GLY N 90 89.05 130.37 23.39
C GLY N 90 90.07 129.96 24.43
N THR N 91 91.04 129.16 23.98
CA THR N 91 92.12 128.68 24.84
C THR N 91 93.49 129.21 24.47
N ALA N 92 93.66 129.79 23.29
CA ALA N 92 94.93 130.39 22.90
C ALA N 92 94.64 131.55 21.95
N PHE N 93 95.56 132.50 21.91
CA PHE N 93 95.48 133.63 20.99
C PHE N 93 96.80 133.78 20.26
N ASN N 94 96.73 134.33 19.05
CA ASN N 94 97.90 134.46 18.20
C ASN N 94 97.67 135.60 17.21
N PRO N 95 98.12 136.83 17.50
CA PRO N 95 97.76 137.96 16.64
C PRO N 95 98.21 137.79 15.20
N GLY N 96 99.37 137.15 14.97
CA GLY N 96 99.84 136.94 13.61
C GLY N 96 98.97 136.00 12.80
N ALA N 97 98.05 135.28 13.44
CA ALA N 97 97.18 134.34 12.77
C ALA N 97 95.93 134.99 12.20
N ILE N 98 95.95 136.29 11.99
CA ILE N 98 94.84 137.02 11.38
C ILE N 98 95.14 137.15 9.88
N PRO N 99 94.28 136.65 9.00
CA PRO N 99 94.56 136.76 7.56
C PRO N 99 94.41 138.20 7.09
N PRO N 100 95.07 138.57 5.99
CA PRO N 100 94.79 139.89 5.40
C PRO N 100 93.30 140.07 5.19
N GLY N 101 92.73 141.08 5.86
CA GLY N 101 91.28 141.20 5.89
C GLY N 101 90.67 140.19 6.85
N GLY N 102 89.48 139.70 6.49
CA GLY N 102 88.82 138.72 7.33
C GLY N 102 88.59 139.28 8.73
N ASP N 103 88.93 138.47 9.73
CA ASP N 103 88.77 138.87 11.12
C ASP N 103 89.79 138.13 11.97
N TYR N 104 89.84 138.49 13.26
CA TYR N 104 90.80 137.91 14.19
C TYR N 104 90.21 136.81 15.06
N TRP N 105 88.89 136.78 15.26
CA TRP N 105 88.30 135.79 16.14
C TRP N 105 88.60 134.37 15.71
N THR N 106 88.90 134.16 14.42
CA THR N 106 89.24 132.82 13.95
C THR N 106 90.59 132.35 14.51
N ALA N 107 91.47 133.26 14.87
CA ALA N 107 92.79 132.88 15.39
C ALA N 107 92.70 132.20 16.75
N PHE N 108 91.63 132.41 17.49
CA PHE N 108 91.49 131.80 18.80
C PHE N 108 91.55 130.28 18.69
N ALA N 109 92.35 129.65 19.55
CA ALA N 109 92.36 128.20 19.61
C ALA N 109 91.01 127.70 20.10
N ASN N 110 90.56 126.59 19.52
CA ASN N 110 89.20 126.10 19.66
C ASN N 110 88.21 127.26 19.62
N TYR N 111 88.26 128.00 18.52
CA TYR N 111 87.33 129.11 18.34
C TYR N 111 85.89 128.61 18.40
N SER N 112 85.02 129.41 19.00
CA SER N 112 83.63 129.02 19.19
C SER N 112 82.71 130.10 18.60
N PRO N 113 81.51 129.71 18.16
CA PRO N 113 80.58 130.72 17.63
C PRO N 113 80.26 131.78 18.67
N ARG N 114 80.08 133.00 18.19
CA ARG N 114 79.97 134.17 19.04
C ARG N 114 78.56 134.34 19.58
N VAL N 115 78.48 134.82 20.81
CA VAL N 115 77.24 135.32 21.37
C VAL N 115 77.36 136.84 21.49
N GLN N 116 76.25 137.49 21.81
CA GLN N 116 76.23 138.95 21.75
C GLN N 116 75.21 139.50 22.75
N LEU N 117 75.36 140.79 23.04
CA LEU N 117 74.44 141.56 23.87
C LEU N 117 73.94 142.74 23.05
N LEU N 118 72.65 143.06 23.20
CA LEU N 118 72.02 144.10 22.40
C LEU N 118 71.94 145.40 23.20
N ALA N 119 72.33 146.50 22.58
CA ALA N 119 72.30 147.81 23.20
C ALA N 119 72.45 148.86 22.10
N TRP N 120 72.43 150.13 22.51
CA TRP N 120 72.60 151.21 21.55
C TRP N 120 73.15 152.44 22.27
N ASN N 121 73.47 153.47 21.49
CA ASN N 121 74.13 154.67 21.99
C ASN N 121 73.11 155.53 22.73
N GLN N 122 73.10 155.43 24.06
CA GLN N 122 72.18 156.16 24.90
C GLN N 122 72.54 155.87 26.36
N PRO N 123 72.18 156.73 27.31
CA PRO N 123 72.37 156.36 28.73
C PRO N 123 71.59 155.11 29.09
N MET N 124 72.33 154.06 29.47
CA MET N 124 71.76 152.77 29.85
C MET N 124 72.18 152.43 31.28
N PRO N 125 71.24 152.21 32.21
CA PRO N 125 71.64 151.60 33.49
C PRO N 125 72.21 150.21 33.26
N TYR N 126 73.23 149.86 34.05
CA TYR N 126 73.94 148.61 33.85
C TYR N 126 74.20 147.95 35.20
N TRP N 127 74.58 146.67 35.13
CA TRP N 127 74.98 145.89 36.30
C TRP N 127 76.14 145.00 35.89
N PHE N 128 77.27 145.13 36.58
CA PHE N 128 78.45 144.31 36.33
C PHE N 128 78.68 143.34 37.48
N PHE N 129 78.92 142.07 37.14
CA PHE N 129 79.36 141.07 38.08
C PHE N 129 80.55 140.32 37.50
N ALA N 130 81.61 140.19 38.28
CA ALA N 130 82.84 139.57 37.77
C ALA N 130 83.55 138.84 38.90
N ASN N 131 84.34 137.85 38.50
CA ASN N 131 85.19 137.10 39.42
C ASN N 131 86.31 136.47 38.60
N GLY N 132 87.32 135.97 39.30
CA GLY N 132 88.49 135.42 38.64
C GLY N 132 88.18 134.35 37.62
N ARG N 133 87.05 133.66 37.77
CA ARG N 133 86.71 132.54 36.90
C ARG N 133 85.56 132.83 35.94
N ARG N 134 84.69 133.79 36.24
CA ARG N 134 83.55 134.07 35.37
C ARG N 134 83.13 135.52 35.52
N PHE N 135 82.42 136.01 34.51
CA PHE N 135 81.87 137.36 34.53
C PHE N 135 80.47 137.32 33.95
N TRP N 136 79.62 138.22 34.44
CA TRP N 136 78.23 138.32 34.01
C TRP N 136 77.91 139.77 33.68
N ILE N 137 77.13 139.98 32.62
CA ILE N 137 76.72 141.30 32.18
C ILE N 137 75.19 141.35 32.15
N VAL N 138 74.63 142.41 32.71
CA VAL N 138 73.19 142.65 32.69
C VAL N 138 72.97 144.12 32.37
N VAL N 139 72.06 144.39 31.42
CA VAL N 139 71.72 145.75 31.02
C VAL N 139 70.20 145.89 31.07
N LYS N 140 69.73 146.96 31.69
CA LYS N 140 68.30 147.24 31.81
C LYS N 140 67.89 148.15 30.66
N VAL N 141 67.10 147.60 29.73
CA VAL N 141 66.62 148.34 28.57
C VAL N 141 65.15 148.66 28.74
N SER N 142 64.84 149.85 29.25
CA SER N 142 63.46 150.26 29.49
C SER N 142 62.75 149.22 30.35
N THR N 143 61.82 148.47 29.77
CA THR N 143 61.17 147.35 30.45
C THR N 143 61.79 146.02 30.10
N ILE N 144 62.84 146.01 29.28
CA ILE N 144 63.51 144.79 28.84
C ILE N 144 64.86 144.71 29.55
N TYR N 145 65.23 143.49 29.95
CA TYR N 145 66.51 143.23 30.60
C TYR N 145 67.34 142.35 29.68
N GLU N 146 68.55 142.80 29.36
CA GLU N 146 69.46 142.07 28.50
C GLU N 146 70.63 141.56 29.35
N SER N 147 71.06 140.33 29.07
CA SER N 147 72.08 139.70 29.90
C SER N 147 72.89 138.71 29.08
N ALA N 148 74.07 138.38 29.59
CA ALA N 148 74.97 137.42 28.96
C ALA N 148 76.12 137.16 29.93
N GLY N 149 77.06 136.32 29.53
CA GLY N 149 78.21 136.05 30.36
C GLY N 149 78.96 134.82 29.87
N ALA N 150 80.03 134.51 30.58
CA ALA N 150 80.87 133.36 30.30
C ALA N 150 81.79 133.13 31.48
N GLY N 151 82.40 131.95 31.52
CA GLY N 151 83.33 131.60 32.58
C GLY N 151 83.41 130.10 32.77
N PHE N 152 83.84 129.71 33.97
CA PHE N 152 84.01 128.31 34.32
C PHE N 152 82.85 127.81 35.16
N ILE N 153 82.35 126.63 34.79
CA ILE N 153 81.33 125.91 35.56
C ILE N 153 82.06 125.13 36.65
N LEU N 154 81.32 124.58 37.62
CA LEU N 154 81.87 123.79 38.71
C LEU N 154 81.50 122.32 38.53
N PRO N 155 82.30 121.52 37.83
CA PRO N 155 82.02 120.10 37.73
C PRO N 155 82.26 119.40 39.05
N PRO N 156 81.61 118.25 39.29
CA PRO N 156 81.88 117.47 40.51
C PRO N 156 83.12 116.60 40.43
N CYS N 157 83.94 116.76 39.40
CA CYS N 157 85.15 115.98 39.20
C CYS N 157 86.38 116.85 39.44
N PRO N 158 87.51 116.24 39.79
CA PRO N 158 88.71 117.04 40.09
C PRO N 158 89.15 117.82 38.87
N PRO N 159 89.64 119.06 39.05
CA PRO N 159 90.11 119.84 37.88
C PRO N 159 91.32 119.24 37.20
N SER N 160 91.97 118.24 37.79
CA SER N 160 93.20 117.70 37.20
C SER N 160 92.94 117.15 35.81
N GLN N 161 91.84 116.41 35.62
CA GLN N 161 91.55 115.79 34.34
C GLN N 161 90.63 116.64 33.45
N TYR N 162 89.92 117.60 34.02
CA TYR N 162 89.04 118.50 33.27
C TYR N 162 89.33 119.93 33.68
N PRO N 163 90.47 120.48 33.25
CA PRO N 163 90.89 121.81 33.72
C PRO N 163 90.28 122.97 32.95
N TYR N 164 89.50 122.72 31.90
CA TYR N 164 88.94 123.79 31.06
C TYR N 164 87.44 123.59 30.90
N PRO N 165 86.66 123.85 31.96
CA PRO N 165 85.20 123.83 31.84
C PRO N 165 84.63 125.19 31.43
N LEU N 166 85.12 125.70 30.29
CA LEU N 166 84.73 127.02 29.83
C LEU N 166 83.32 127.00 29.26
N ALA N 167 82.52 128.00 29.64
CA ALA N 167 81.15 128.13 29.16
C ALA N 167 80.91 129.56 28.70
N VAL N 168 80.20 129.70 27.58
CA VAL N 168 79.82 131.00 27.03
C VAL N 168 78.32 130.98 26.75
N VAL N 169 77.62 132.01 27.21
CA VAL N 169 76.17 132.10 27.06
C VAL N 169 75.80 133.52 26.68
N GLY N 170 74.79 133.65 25.82
CA GLY N 170 74.27 134.95 25.45
C GLY N 170 72.78 134.85 25.12
N SER N 171 72.15 136.01 25.04
CA SER N 171 70.72 136.06 24.78
C SER N 171 70.38 135.50 23.40
N TYR N 172 71.19 135.84 22.39
CA TYR N 172 70.91 135.46 21.02
C TYR N 172 72.21 135.06 20.33
N ARG N 173 72.06 134.26 19.28
CA ARG N 173 73.22 133.82 18.51
C ARG N 173 73.92 135.01 17.87
N GLY N 174 75.25 134.99 17.90
CA GLY N 174 76.06 136.06 17.35
C GLY N 174 76.39 135.91 15.89
N ASP N 175 75.85 134.89 15.21
CA ASP N 175 76.13 134.68 13.80
C ASP N 175 75.42 135.68 12.90
N VAL N 176 74.38 136.34 13.40
CA VAL N 176 73.59 137.28 12.60
C VAL N 176 73.43 138.57 13.38
N ALA N 177 73.22 139.66 12.63
CA ALA N 177 72.99 140.97 13.22
C ALA N 177 71.50 141.15 13.48
N THR N 178 71.15 141.60 14.68
CA THR N 178 69.77 141.73 15.09
C THR N 178 69.55 143.07 15.79
N ARG N 179 68.31 143.54 15.73
CA ARG N 179 67.90 144.79 16.36
C ARG N 179 67.28 144.49 17.71
N TRP N 180 67.64 145.29 18.71
CA TRP N 180 67.19 145.02 20.08
C TRP N 180 65.67 145.09 20.23
N SER N 181 64.99 145.76 19.32
CA SER N 181 63.54 145.88 19.38
C SER N 181 62.82 144.60 18.95
N ASP N 182 63.55 143.56 18.58
CA ASP N 182 62.92 142.31 18.15
C ASP N 182 62.08 141.71 19.28
N VAL N 183 60.97 141.10 18.90
CA VAL N 183 60.03 140.50 19.85
C VAL N 183 59.96 138.98 19.68
N SER N 184 60.84 138.40 18.86
CA SER N 184 60.79 136.97 18.61
C SER N 184 61.15 136.19 19.87
N ASP N 185 60.60 134.97 19.96
CA ASP N 185 60.81 134.13 21.13
C ASP N 185 62.27 133.69 21.27
N ARG N 186 63.03 133.66 20.17
CA ARG N 186 64.41 133.21 20.24
C ARG N 186 65.25 134.10 21.14
N HIS N 187 64.79 135.32 21.42
CA HIS N 187 65.53 136.27 22.25
C HIS N 187 65.11 136.07 23.71
N ARG N 188 66.01 135.50 24.51
CA ARG N 188 65.71 135.17 25.90
C ARG N 188 66.97 135.36 26.72
N GLY N 189 66.93 134.90 27.97
CA GLY N 189 68.03 135.08 28.90
C GLY N 189 68.92 133.85 29.03
N ILE N 190 69.74 133.86 30.08
CA ILE N 190 70.70 132.79 30.29
C ILE N 190 70.00 131.50 30.68
N SER N 191 69.00 131.59 31.56
CA SER N 191 68.38 130.39 32.11
C SER N 191 67.75 129.52 31.03
N SER N 192 67.34 130.12 29.91
CA SER N 192 66.60 129.42 28.85
C SER N 192 67.27 129.67 27.51
N PRO N 193 68.39 128.98 27.25
CA PRO N 193 69.02 129.11 25.93
C PRO N 193 68.16 128.49 24.84
N TYR N 194 68.26 129.07 23.65
CA TYR N 194 67.51 128.58 22.50
C TYR N 194 68.18 129.05 21.22
N GLU N 195 68.37 128.14 20.28
CA GLU N 195 68.96 128.46 18.97
C GLU N 195 70.35 129.08 19.13
N ARG N 196 71.25 128.27 19.68
CA ARG N 196 72.67 128.64 19.82
C ARG N 196 72.82 129.85 20.72
N SER N 197 72.33 129.70 21.95
CA SER N 197 72.42 130.75 22.97
C SER N 197 73.33 130.39 24.13
N CYS N 198 73.78 129.15 24.22
CA CYS N 198 74.65 128.72 25.32
C CYS N 198 75.57 127.63 24.81
N TYR N 199 76.87 127.89 24.82
CA TYR N 199 77.89 126.93 24.38
C TYR N 199 78.80 126.59 25.55
N LEU N 200 79.21 125.32 25.61
CA LEU N 200 80.04 124.81 26.69
C LEU N 200 81.11 123.91 26.10
N ARG N 201 82.33 124.01 26.65
CA ARG N 201 83.45 123.22 26.14
C ARG N 201 83.39 121.83 26.76
N ASP N 202 83.08 120.84 25.93
CA ASP N 202 83.12 119.46 26.38
C ASP N 202 84.56 119.08 26.74
N PRO N 203 84.76 118.28 27.79
CA PRO N 203 86.12 117.82 28.12
C PRO N 203 86.91 117.35 26.91
N ALA N 204 86.20 116.91 25.85
CA ALA N 204 86.83 116.57 24.58
C ALA N 204 86.99 117.77 23.67
N GLY N 205 87.03 118.98 24.23
CA GLY N 205 87.22 120.17 23.41
C GLY N 205 86.13 120.38 22.39
N ARG N 206 84.90 120.02 22.71
CA ARG N 206 83.76 120.19 21.82
C ARG N 206 82.80 121.20 22.41
N TRP N 207 82.46 122.23 21.63
CA TRP N 207 81.52 123.25 22.09
C TRP N 207 80.11 122.77 21.82
N LEU N 208 79.54 122.07 22.80
CA LEU N 208 78.20 121.53 22.69
C LEU N 208 77.18 122.57 23.13
N GLY N 209 76.21 122.85 22.26
CA GLY N 209 75.17 123.80 22.59
C GLY N 209 74.05 123.16 23.40
N PHE N 210 73.53 123.93 24.35
CA PHE N 210 72.41 123.49 25.19
C PHE N 210 71.19 124.35 24.90
N THR N 211 70.07 123.70 24.62
CA THR N 211 68.81 124.39 24.36
C THR N 211 67.73 123.77 25.25
N VAL N 212 67.02 124.63 25.98
CA VAL N 212 65.96 124.14 26.86
C VAL N 212 64.82 123.56 26.04
N ASP N 213 64.59 124.09 24.85
CA ASP N 213 63.51 123.64 23.98
C ASP N 213 64.07 123.29 22.61
N GLY N 214 63.43 122.31 21.96
CA GLY N 214 63.90 121.86 20.67
C GLY N 214 63.61 122.86 19.56
N GLY N 215 64.28 122.65 18.43
CA GLY N 215 64.11 123.50 17.27
C GLY N 215 64.54 122.83 15.99
N ALA N 216 63.69 122.92 14.96
CA ALA N 216 64.02 122.30 13.68
C ALA N 216 65.28 122.92 13.07
N ALA N 217 65.40 124.25 13.17
CA ALA N 217 66.55 124.93 12.58
C ALA N 217 67.85 124.45 13.23
N ASN N 218 67.84 124.26 14.54
CA ASN N 218 69.04 123.84 15.24
C ASN N 218 69.39 122.40 14.87
N GLU N 219 70.67 122.06 15.05
CA GLU N 219 71.14 120.73 14.70
C GLU N 219 70.53 119.68 15.63
N SER N 220 70.32 118.48 15.07
CA SER N 220 69.70 117.40 15.83
C SER N 220 70.54 116.97 17.03
N ASP N 221 71.85 117.20 16.99
CA ASP N 221 72.71 116.72 18.07
C ASP N 221 72.35 117.37 19.40
N TYR N 222 72.08 118.67 19.40
CA TYR N 222 71.86 119.40 20.64
C TYR N 222 70.49 119.16 21.24
N ASN N 223 69.56 118.55 20.50
CA ASN N 223 68.22 118.31 21.05
C ASN N 223 68.27 117.35 22.22
N ASN N 224 69.24 116.43 22.24
CA ASN N 224 69.35 115.45 23.31
C ASN N 224 70.04 115.98 24.55
N ARG N 225 70.71 117.14 24.46
CA ARG N 225 71.37 117.77 25.60
C ARG N 225 70.65 119.08 25.89
N THR N 226 70.15 119.23 27.12
CA THR N 226 69.36 120.39 27.49
C THR N 226 69.62 120.74 28.94
N LEU N 227 69.04 121.86 29.37
CA LEU N 227 69.10 122.30 30.76
C LEU N 227 67.87 121.73 31.47
N LEU N 228 68.11 120.73 32.32
CA LEU N 228 66.99 120.00 32.94
C LEU N 228 66.06 120.90 33.74
N PRO N 229 66.55 121.76 34.64
CA PRO N 229 65.62 122.45 35.55
C PRO N 229 64.50 123.19 34.83
N LEU N 230 64.78 123.81 33.69
CA LEU N 230 63.74 124.40 32.86
C LEU N 230 63.27 123.47 31.76
N GLY N 231 63.93 122.34 31.57
CA GLY N 231 63.55 121.38 30.54
C GLY N 231 62.82 120.18 31.09
N CYS N 232 61.97 120.41 32.10
CA CYS N 232 61.24 119.32 32.72
C CYS N 232 60.22 118.69 31.77
N GLY N 233 59.90 119.36 30.66
CA GLY N 233 58.90 118.85 29.74
C GLY N 233 59.28 117.53 29.09
N ARG N 234 60.56 117.16 29.13
CA ARG N 234 60.99 115.91 28.49
C ARG N 234 60.31 114.71 29.13
N TYR N 235 60.18 114.71 30.46
CA TYR N 235 59.57 113.61 31.18
C TYR N 235 58.10 113.85 31.53
N ALA N 236 57.74 115.07 31.86
CA ALA N 236 56.35 115.36 32.23
C ALA N 236 55.44 115.15 31.03
N GLY N 237 54.27 114.58 31.30
CA GLY N 237 53.30 114.29 30.26
C GLY N 237 52.26 115.37 30.09
N SER N 238 52.49 116.54 30.69
CA SER N 238 51.56 117.66 30.60
C SER N 238 52.34 118.94 30.38
N SER N 239 51.70 119.90 29.71
CA SER N 239 52.34 121.18 29.46
C SER N 239 52.60 121.92 30.76
N ASP N 240 51.65 121.91 31.69
CA ASP N 240 51.79 122.58 32.97
C ASP N 240 52.47 121.65 33.95
N THR N 241 53.55 122.14 34.58
CA THR N 241 54.32 121.38 35.55
C THR N 241 54.57 122.23 36.78
N VAL N 242 55.25 121.63 37.77
CA VAL N 242 55.50 122.33 39.03
C VAL N 242 56.40 123.54 38.80
N VAL N 243 57.37 123.42 37.89
CA VAL N 243 58.34 124.49 37.70
C VAL N 243 57.66 125.78 37.28
N LYS N 244 56.73 125.67 36.33
CA LYS N 244 56.03 126.87 35.85
C LYS N 244 55.17 127.50 36.93
N GLN N 245 54.68 126.70 37.88
CA GLN N 245 53.81 127.19 38.94
C GLN N 245 54.55 127.36 40.26
N LEU N 246 55.88 127.40 40.24
CA LEU N 246 56.63 127.60 41.48
C LEU N 246 56.31 128.96 42.08
N ARG N 247 56.29 129.01 43.41
CA ARG N 247 55.99 130.25 44.12
C ARG N 247 56.75 130.23 45.44
N ASP N 248 56.92 131.42 46.01
CA ASP N 248 57.63 131.56 47.27
C ASP N 248 56.95 130.76 48.38
N SER N 249 57.65 130.62 49.50
CA SER N 249 57.15 129.89 50.66
C SER N 249 57.19 130.82 51.87
N PHE N 250 56.03 131.38 52.22
CA PHE N 250 55.91 132.25 53.39
C PHE N 250 56.90 133.41 53.33
N GLY N 251 57.03 134.00 52.14
CA GLY N 251 57.90 135.14 51.95
C GLY N 251 59.34 134.79 51.62
N LYS N 252 59.71 133.51 51.62
CA LYS N 252 61.07 133.09 51.33
C LYS N 252 61.14 132.61 49.88
N PHE N 253 62.10 133.16 49.12
CA PHE N 253 62.24 132.83 47.71
C PHE N 253 63.23 131.67 47.58
N PRO N 254 62.80 130.48 47.19
CA PRO N 254 63.76 129.38 47.02
C PRO N 254 64.62 129.58 45.78
N LEU N 255 65.92 129.40 45.94
CA LEU N 255 66.87 129.52 44.85
C LEU N 255 67.24 128.12 44.36
N LYS N 256 66.95 127.84 43.10
CA LYS N 256 67.14 126.52 42.50
C LYS N 256 68.30 126.58 41.52
N ALA N 257 69.24 125.66 41.68
CA ALA N 257 70.44 125.62 40.85
C ALA N 257 70.11 125.20 39.42
N LEU N 258 70.87 125.75 38.48
CA LEU N 258 70.74 125.42 37.06
C LEU N 258 71.81 124.41 36.69
N GLN N 259 71.41 123.31 36.07
CA GLN N 259 72.27 122.16 35.86
C GLN N 259 72.64 122.03 34.38
N PHE N 260 73.77 121.37 34.14
CA PHE N 260 74.19 120.97 32.80
C PHE N 260 74.19 119.46 32.72
N VAL N 261 73.45 118.92 31.74
CA VAL N 261 73.29 117.49 31.57
C VAL N 261 73.12 117.17 30.10
N THR N 262 73.66 116.03 29.69
CA THR N 262 73.55 115.53 28.31
C THR N 262 73.17 114.06 28.36
N ARG N 263 72.24 113.65 27.50
CA ARG N 263 71.75 112.27 27.45
C ARG N 263 71.61 111.86 25.99
N GLU N 264 72.67 111.27 25.45
CA GLU N 264 72.70 110.78 24.08
C GLU N 264 72.71 109.26 24.10
N THR N 265 72.78 108.68 22.90
CA THR N 265 72.81 107.22 22.79
C THR N 265 74.08 106.65 23.40
N GLU N 266 75.21 107.32 23.21
CA GLU N 266 76.49 106.76 23.64
C GLU N 266 76.58 106.66 25.15
N GLY N 267 76.20 107.72 25.86
CA GLY N 267 76.32 107.70 27.31
C GLY N 267 75.74 108.94 27.95
N ARG N 268 75.81 108.97 29.28
CA ARG N 268 75.25 110.04 30.08
C ARG N 268 76.33 110.61 30.99
N ARG N 269 76.27 111.91 31.23
CA ARG N 269 77.22 112.54 32.14
C ARG N 269 76.64 113.85 32.65
N TYR N 270 76.99 114.19 33.89
CA TYR N 270 76.61 115.44 34.52
C TYR N 270 77.83 116.36 34.57
N LEU N 271 77.67 117.58 34.06
CA LEU N 271 78.82 118.45 33.78
C LEU N 271 79.08 119.48 34.88
N GLY N 272 78.06 120.21 35.32
CA GLY N 272 78.29 121.19 36.37
C GLY N 272 77.10 122.12 36.51
N ASP N 273 77.30 123.17 37.31
CA ASP N 273 76.25 124.11 37.67
C ASP N 273 76.73 125.55 37.50
N PHE N 274 75.79 126.42 37.16
CA PHE N 274 76.09 127.85 37.12
C PHE N 274 76.63 128.33 38.46
N ASP N 275 77.64 129.19 38.39
CA ASP N 275 78.22 129.79 39.60
C ASP N 275 77.60 131.17 39.78
N GLY N 276 76.55 131.22 40.60
CA GLY N 276 75.89 132.47 40.93
C GLY N 276 74.60 132.76 40.19
N ALA N 277 74.08 131.81 39.41
CA ALA N 277 72.82 131.98 38.71
C ALA N 277 71.81 130.98 39.23
N PHE N 278 70.61 131.45 39.55
CA PHE N 278 69.57 130.60 40.11
C PHE N 278 68.21 131.04 39.54
N TYR N 279 67.27 130.11 39.56
CA TYR N 279 65.91 130.34 39.08
C TYR N 279 65.01 130.68 40.25
N VAL N 280 64.09 131.61 40.03
CA VAL N 280 63.17 132.06 41.08
C VAL N 280 61.81 132.36 40.47
N PRO N 281 60.73 132.39 41.26
CA PRO N 281 59.41 132.65 40.69
C PRO N 281 59.20 134.10 40.30
N THR N 282 57.99 134.44 39.87
CA THR N 282 57.65 135.78 39.40
C THR N 282 56.58 136.45 40.23
N LEU N 283 55.56 135.72 40.67
CA LEU N 283 54.44 136.33 41.37
C LEU N 283 54.93 137.09 42.60
N ASN N 284 54.38 138.29 42.79
CA ASN N 284 54.70 139.16 43.93
C ASN N 284 56.17 139.57 43.93
N SER N 285 56.83 139.50 42.78
CA SER N 285 58.24 139.87 42.67
C SER N 285 58.52 140.28 41.24
N GLY N 286 59.78 140.60 40.97
CA GLY N 286 60.18 141.03 39.64
C GLY N 286 61.64 141.43 39.63
N ALA N 287 62.03 142.05 38.51
CA ALA N 287 63.42 142.47 38.34
C ALA N 287 63.79 143.55 39.33
N GLU N 288 65.10 143.72 39.53
CA GLU N 288 65.66 144.73 40.43
C GLU N 288 65.48 144.33 41.88
N ASP N 289 64.75 143.26 42.15
CA ASP N 289 64.52 142.82 43.51
C ASP N 289 65.78 142.18 44.09
N VAL N 290 66.04 142.45 45.36
CA VAL N 290 67.19 141.90 46.07
C VAL N 290 66.67 141.08 47.24
N ILE N 291 67.12 139.83 47.33
CA ILE N 291 66.74 138.92 48.40
C ILE N 291 68.01 138.43 49.09
N VAL N 292 67.97 138.38 50.42
CA VAL N 292 69.11 138.00 51.24
C VAL N 292 68.86 136.60 51.77
N GLU N 293 69.81 135.70 51.53
CA GLU N 293 69.75 134.33 52.02
C GLU N 293 71.10 133.99 52.64
N ASP N 294 71.12 133.76 53.95
CA ASP N 294 72.34 133.42 54.67
C ASP N 294 73.42 134.48 54.50
N GLY N 295 73.01 135.75 54.42
CA GLY N 295 73.94 136.85 54.39
C GLY N 295 74.49 137.21 53.02
N VAL N 296 74.09 136.51 51.96
CA VAL N 296 74.51 136.83 50.60
C VAL N 296 73.29 137.27 49.81
N ASP N 297 73.42 138.39 49.12
CA ASP N 297 72.31 138.98 48.38
C ASP N 297 72.27 138.44 46.95
N HIS N 298 71.06 138.44 46.38
CA HIS N 298 70.86 137.98 45.02
C HIS N 298 69.91 138.94 44.31
N VAL N 299 70.26 139.29 43.08
CA VAL N 299 69.45 140.20 42.28
C VAL N 299 68.52 139.38 41.40
N VAL N 300 67.44 140.02 40.93
CA VAL N 300 66.41 139.37 40.14
C VAL N 300 66.39 140.00 38.75
N PHE N 301 66.25 139.17 37.73
CA PHE N 301 66.18 139.63 36.35
C PHE N 301 65.25 138.73 35.56
N GLN N 302 64.76 139.23 34.44
CA GLN N 302 63.81 138.52 33.60
C GLN N 302 64.23 138.61 32.15
N THR N 303 63.83 137.62 31.36
CA THR N 303 64.16 137.57 29.95
C THR N 303 63.38 138.62 29.18
N ALA N 304 63.98 139.05 28.05
CA ALA N 304 63.36 140.10 27.25
C ALA N 304 62.03 139.66 26.66
N TRP N 305 61.96 138.43 26.16
CA TRP N 305 60.75 137.97 25.47
C TRP N 305 59.52 138.14 26.35
N ARG N 306 59.50 137.47 27.50
CA ARG N 306 58.38 137.55 28.43
C ARG N 306 58.91 137.49 29.86
N SER N 307 58.11 137.98 30.78
CA SER N 307 58.44 137.97 32.21
C SER N 307 57.69 136.88 32.95
N GLY N 308 57.51 135.72 32.32
CA GLY N 308 56.76 134.64 32.92
C GLY N 308 57.55 133.89 33.98
N ASN N 309 56.85 132.98 34.66
CA ASN N 309 57.49 132.20 35.71
C ASN N 309 58.70 131.42 35.21
N PRO N 310 58.64 130.69 34.09
CA PRO N 310 59.80 129.91 33.64
C PRO N 310 60.87 130.74 32.95
N TRP N 311 60.69 132.06 32.86
CA TRP N 311 61.65 132.95 32.20
C TRP N 311 62.10 134.04 33.16
N LEU N 312 62.41 133.66 34.39
CA LEU N 312 62.87 134.60 35.41
C LEU N 312 63.96 133.93 36.23
N TYR N 313 65.09 134.63 36.39
CA TYR N 313 66.24 134.08 37.07
C TYR N 313 66.85 135.14 37.99
N ALA N 314 67.58 134.66 38.99
CA ALA N 314 68.31 135.51 39.92
C ALA N 314 69.80 135.24 39.82
N ILE N 315 70.60 136.29 40.02
CA ILE N 315 72.05 136.22 39.91
C ILE N 315 72.66 136.67 41.22
N ARG N 316 73.60 135.88 41.73
CA ARG N 316 74.29 136.24 42.96
C ARG N 316 75.16 137.47 42.74
N LYS N 317 75.13 138.39 43.71
CA LYS N 317 75.92 139.61 43.64
C LYS N 317 77.08 139.63 44.62
N ASP N 318 77.13 138.72 45.58
CA ASP N 318 78.21 138.66 46.56
C ASP N 318 78.26 139.93 47.39
N ALA O 2 74.26 103.87 65.00
CA ALA O 2 74.23 104.58 63.73
C ALA O 2 73.86 103.63 62.59
N TYR O 3 74.67 102.60 62.40
CA TYR O 3 74.47 101.61 61.35
C TYR O 3 74.42 100.23 61.98
N PHE O 4 73.33 99.50 61.73
CA PHE O 4 73.11 98.19 62.33
C PHE O 4 72.66 97.20 61.26
N THR O 5 72.97 95.93 61.49
CA THR O 5 72.61 94.86 60.57
C THR O 5 72.29 93.60 61.37
N GLY O 6 71.56 92.70 60.73
CA GLY O 6 71.19 91.46 61.38
C GLY O 6 70.25 90.65 60.53
N THR O 7 69.55 89.71 61.17
CA THR O 7 68.60 88.84 60.49
C THR O 7 67.32 88.75 61.32
N ALA O 8 66.22 88.43 60.64
CA ALA O 8 64.92 88.32 61.28
C ALA O 8 64.06 87.33 60.51
N ASN O 9 63.52 86.34 61.23
CA ASN O 9 62.65 85.35 60.60
C ASN O 9 61.26 85.92 60.34
N ASN O 10 60.76 86.74 61.24
CA ASN O 10 59.42 87.30 61.15
C ASN O 10 59.48 88.80 61.37
N PRO O 11 58.45 89.54 60.94
CA PRO O 11 58.45 90.98 61.18
C PRO O 11 58.52 91.35 62.64
N ALA O 12 58.02 90.49 63.53
CA ALA O 12 58.06 90.79 64.96
C ALA O 12 59.50 90.89 65.47
N ASP O 13 60.41 90.09 64.93
CA ASP O 13 61.81 90.18 65.33
C ASP O 13 62.40 91.54 64.95
N LEU O 14 62.11 92.00 63.73
CA LEU O 14 62.54 93.34 63.33
C LEU O 14 61.95 94.39 64.25
N LEU O 15 60.66 94.25 64.56
CA LEU O 15 59.99 95.19 65.46
C LEU O 15 60.71 95.25 66.81
N ALA O 16 61.01 94.08 67.38
CA ALA O 16 61.66 94.02 68.68
C ALA O 16 63.06 94.64 68.63
N LYS O 17 63.85 94.28 67.62
CA LYS O 17 65.22 94.78 67.59
C LYS O 17 65.26 96.28 67.33
N VAL O 18 64.36 96.79 66.49
CA VAL O 18 64.37 98.23 66.22
C VAL O 18 63.86 99.01 67.43
N ARG O 19 62.89 98.47 68.18
CA ARG O 19 62.52 99.16 69.42
C ARG O 19 63.68 99.14 70.41
N VAL O 20 64.41 98.02 70.49
CA VAL O 20 65.56 97.97 71.38
C VAL O 20 66.57 99.03 70.99
N HIS O 21 66.86 99.15 69.69
CA HIS O 21 67.81 100.15 69.22
C HIS O 21 67.33 101.56 69.53
N ALA O 22 66.04 101.83 69.28
CA ALA O 22 65.51 103.17 69.52
C ALA O 22 65.58 103.53 71.00
N GLU O 23 65.24 102.59 71.88
CA GLU O 23 65.33 102.85 73.31
C GLU O 23 66.78 103.06 73.73
N SER O 24 67.70 102.28 73.17
CA SER O 24 69.12 102.47 73.48
C SER O 24 69.59 103.85 73.03
N LEU O 25 69.08 104.35 71.90
CA LEU O 25 69.44 105.66 71.41
C LEU O 25 68.80 106.80 72.22
N GLY O 26 67.75 106.52 72.96
CA GLY O 26 67.05 107.52 73.73
C GLY O 26 65.67 107.88 73.21
N TRP O 27 65.17 107.18 72.20
CA TRP O 27 63.82 107.46 71.70
C TRP O 27 62.79 107.23 72.80
N VAL O 28 61.80 108.11 72.86
CA VAL O 28 60.75 108.04 73.88
C VAL O 28 59.58 107.27 73.28
N THR O 29 59.22 106.15 73.91
CA THR O 29 58.10 105.32 73.50
C THR O 29 57.00 105.46 74.55
N ASP O 30 55.94 106.18 74.21
CA ASP O 30 54.84 106.38 75.17
C ASP O 30 54.19 105.04 75.53
N ARG O 31 53.97 104.19 74.54
CA ARG O 31 53.45 102.85 74.77
C ARG O 31 54.23 101.86 73.92
N ALA O 32 54.54 100.71 74.49
CA ALA O 32 55.26 99.64 73.81
C ALA O 32 54.53 98.33 73.99
N SER O 33 54.48 97.53 72.92
CA SER O 33 53.83 96.23 72.95
C SER O 33 54.49 95.35 71.89
N ALA O 34 54.12 94.07 71.91
CA ALA O 34 54.70 93.11 70.98
C ALA O 34 54.35 93.42 69.53
N SER O 35 53.24 94.12 69.28
CA SER O 35 52.82 94.40 67.91
C SER O 35 52.35 95.82 67.67
N GLU O 36 52.08 96.62 68.71
CA GLU O 36 51.55 97.97 68.54
C GLU O 36 52.39 98.95 69.32
N TRP O 37 52.72 100.09 68.68
CA TRP O 37 53.53 101.12 69.29
C TRP O 37 52.81 102.46 69.24
N LEU O 38 53.11 103.31 70.22
CA LEU O 38 52.74 104.72 70.20
C LEU O 38 53.96 105.48 70.74
N CYS O 39 54.86 105.87 69.85
CA CYS O 39 56.11 106.52 70.21
C CYS O 39 56.15 107.95 69.69
N HIS O 40 57.09 108.72 70.21
CA HIS O 40 57.22 110.11 69.83
C HIS O 40 58.63 110.59 70.15
N ASN O 41 58.99 111.73 69.59
CA ASN O 41 60.26 112.38 69.87
C ASN O 41 60.01 113.89 69.95
N ALA O 42 61.09 114.66 69.94
CA ALA O 42 60.98 116.12 70.01
C ALA O 42 60.36 116.71 68.75
N ASP O 43 60.26 115.94 67.66
CA ASP O 43 59.75 116.43 66.40
C ASP O 43 58.27 116.13 66.19
N GLY O 44 57.86 114.88 66.40
CA GLY O 44 56.47 114.51 66.16
C GLY O 44 56.13 113.20 66.82
N TYR O 45 54.91 112.74 66.55
CA TYR O 45 54.38 111.50 67.11
C TYR O 45 54.05 110.53 65.99
N TRP O 46 54.37 109.26 66.22
CA TRP O 46 54.10 108.21 65.24
C TRP O 46 53.50 107.00 65.94
N SER O 47 52.72 106.23 65.18
CA SER O 47 52.14 104.98 65.65
C SER O 47 52.31 103.92 64.58
N PHE O 48 52.73 102.72 65.01
CA PHE O 48 52.96 101.60 64.09
C PHE O 48 52.29 100.34 64.61
N ASN O 49 51.83 99.51 63.69
CA ASN O 49 51.27 98.21 64.00
C ASN O 49 51.84 97.18 63.04
N ALA O 50 52.13 96.00 63.57
CA ALA O 50 52.72 94.92 62.79
C ALA O 50 51.65 93.88 62.47
N GLY O 51 51.44 93.63 61.19
CA GLY O 51 50.51 92.60 60.74
C GLY O 51 51.20 91.28 60.50
N ALA O 52 50.44 90.35 59.93
CA ALA O 52 50.99 89.03 59.63
C ALA O 52 52.11 89.12 58.61
N ASN O 53 51.91 89.91 57.55
CA ASN O 53 52.91 90.04 56.50
C ASN O 53 53.04 91.48 56.01
N GLN O 54 52.81 92.45 56.89
CA GLN O 54 52.92 93.85 56.51
C GLN O 54 52.92 94.69 57.78
N PHE O 55 53.31 95.96 57.61
CA PHE O 55 53.31 96.94 58.69
C PHE O 55 52.29 98.03 58.38
N GLN O 56 51.58 98.48 59.42
CA GLN O 56 50.63 99.57 59.31
C GLN O 56 51.16 100.77 60.10
N MET O 57 51.31 101.90 59.43
CA MET O 57 51.87 103.11 60.01
C MET O 57 50.89 104.26 59.89
N ALA O 58 50.91 105.16 60.87
CA ALA O 58 50.04 106.32 60.86
C ALA O 58 50.68 107.42 61.70
N GLY O 59 50.52 108.67 61.25
CA GLY O 59 51.01 109.80 62.00
C GLY O 59 50.12 110.13 63.18
N ASN O 60 50.62 111.03 64.03
CA ASN O 60 49.89 111.39 65.23
C ASN O 60 50.30 112.79 65.67
N THR O 61 49.41 113.42 66.44
CA THR O 61 49.67 114.72 67.04
C THR O 61 49.47 114.75 68.55
N GLY O 62 48.74 113.79 69.12
CA GLY O 62 48.54 113.72 70.54
C GLY O 62 48.45 112.27 70.97
N PHE O 63 48.35 112.05 72.28
CA PHE O 63 48.34 110.71 72.85
C PHE O 63 47.07 110.49 73.65
N ASP O 64 46.54 109.26 73.55
CA ASP O 64 45.43 108.84 74.39
C ASP O 64 45.47 107.31 74.45
N ASN O 65 45.87 106.78 75.60
CA ASN O 65 46.07 105.34 75.72
C ASN O 65 44.77 104.56 75.53
N SER O 66 43.62 105.20 75.74
CA SER O 66 42.33 104.51 75.63
C SER O 66 41.87 104.35 74.19
N LEU O 67 42.57 104.93 73.22
CA LEU O 67 42.19 104.84 71.82
C LEU O 67 43.03 103.81 71.09
N ALA O 68 42.48 103.29 70.00
CA ALA O 68 43.15 102.25 69.23
C ALA O 68 44.39 102.81 68.55
N TRP O 69 45.14 101.93 67.90
CA TRP O 69 46.37 102.34 67.23
C TRP O 69 46.09 103.33 66.10
N ASN O 70 44.91 103.27 65.49
CA ASN O 70 44.54 104.13 64.38
C ASN O 70 43.46 105.15 64.77
N ALA O 71 43.39 105.51 66.05
CA ALA O 71 42.40 106.47 66.51
C ALA O 71 43.01 107.53 67.43
N GLN O 72 44.31 107.78 67.31
CA GLN O 72 44.94 108.79 68.14
C GLN O 72 44.51 110.19 67.70
N PRO O 73 44.61 111.18 68.58
CA PRO O 73 44.21 112.54 68.21
C PRO O 73 45.01 113.04 67.00
N GLY O 74 44.32 113.75 66.12
CA GLY O 74 44.96 114.25 64.91
C GLY O 74 45.52 113.14 64.03
N ASN O 75 44.82 112.02 63.96
CA ASN O 75 45.29 110.89 63.15
C ASN O 75 45.17 111.22 61.67
N SER O 76 46.04 110.59 60.87
CA SER O 76 46.04 110.81 59.43
C SER O 76 44.89 110.11 58.72
N VAL O 77 44.27 109.10 59.36
CA VAL O 77 43.20 108.37 58.69
C VAL O 77 42.01 109.28 58.43
N GLN O 78 41.64 110.12 59.40
CA GLN O 78 40.48 110.99 59.27
C GLN O 78 40.83 112.40 58.81
N ASN O 79 42.10 112.80 58.90
CA ASN O 79 42.54 114.15 58.56
C ASN O 79 43.25 114.21 57.21
N ASN O 80 42.77 113.45 56.24
CA ASN O 80 43.36 113.44 54.90
C ASN O 80 42.30 113.68 53.85
N PRO O 81 42.68 114.22 52.69
CA PRO O 81 41.69 114.46 51.63
C PRO O 81 41.03 113.19 51.11
N TYR O 82 41.67 112.04 51.29
CA TYR O 82 41.12 110.80 50.74
C TYR O 82 39.74 110.52 51.33
N SER O 83 38.84 110.03 50.48
CA SER O 83 37.54 109.57 50.95
C SER O 83 37.64 108.20 51.61
N SER O 84 38.62 107.39 51.20
CA SER O 84 38.78 106.06 51.79
C SER O 84 39.15 106.15 53.27
N LYS O 85 39.98 107.13 53.64
CA LYS O 85 40.43 107.30 55.03
C LYS O 85 41.22 106.08 55.50
N GLY O 86 42.31 105.81 54.78
CA GLY O 86 43.17 104.69 55.10
C GLY O 86 44.56 105.15 55.54
N PRO O 87 45.20 104.39 56.43
CA PRO O 87 46.55 104.79 56.89
C PRO O 87 47.66 104.27 55.97
N THR O 88 48.90 104.64 56.29
CA THR O 88 50.03 104.17 55.51
C THR O 88 50.20 102.67 55.69
N VAL O 89 50.64 102.00 54.62
CA VAL O 89 50.82 100.55 54.61
C VAL O 89 52.13 100.21 53.91
N ALA O 90 52.84 99.24 54.47
CA ALA O 90 54.06 98.70 53.87
C ALA O 90 53.91 97.20 53.76
N GLN O 91 53.77 96.70 52.54
CA GLN O 91 53.47 95.29 52.31
C GLN O 91 54.76 94.50 52.26
N LEU O 92 55.02 93.73 53.31
CA LEU O 92 56.18 92.86 53.41
C LEU O 92 55.75 91.41 53.15
N SER O 93 56.69 90.48 53.35
CA SER O 93 56.40 89.05 53.27
C SER O 93 56.20 88.48 54.67
N GLY O 94 55.68 87.26 54.71
CA GLY O 94 55.47 86.55 55.96
C GLY O 94 56.45 85.42 56.16
N GLY O 95 57.69 85.61 55.70
CA GLY O 95 58.70 84.58 55.79
C GLY O 95 60.02 85.13 56.30
N PRO O 96 61.05 84.29 56.31
CA PRO O 96 62.35 84.73 56.81
C PRO O 96 62.96 85.82 55.91
N PHE O 97 63.27 86.95 56.52
CA PHE O 97 63.90 88.05 55.81
C PHE O 97 65.41 87.84 55.80
N THR O 98 66.01 87.87 54.62
CA THR O 98 67.43 87.56 54.47
C THR O 98 68.28 88.46 55.35
N ARG O 99 68.07 89.77 55.27
CA ARG O 99 68.85 90.72 56.05
C ARG O 99 68.16 92.07 56.00
N TYR O 100 68.59 92.97 56.89
CA TYR O 100 68.09 94.32 56.97
C TYR O 100 69.23 95.26 57.32
N HIS O 101 69.04 96.54 57.05
CA HIS O 101 70.00 97.58 57.40
C HIS O 101 69.26 98.74 58.01
N LEU O 102 69.66 99.13 59.23
CA LEU O 102 68.96 100.15 60.00
C LEU O 102 69.87 101.36 60.20
N PHE O 103 69.34 102.54 59.88
CA PHE O 103 69.99 103.80 60.17
C PHE O 103 69.16 104.53 61.21
N ALA O 104 69.73 104.71 62.40
CA ALA O 104 69.01 105.27 63.55
C ALA O 104 69.64 106.59 63.95
N THR O 105 68.80 107.60 64.16
CA THR O 105 69.24 108.91 64.63
C THR O 105 68.16 109.47 65.55
N ALA O 106 68.51 110.57 66.22
CA ALA O 106 67.57 111.21 67.15
C ALA O 106 66.42 111.90 66.44
N ALA O 107 66.52 112.13 65.13
CA ALA O 107 65.49 112.83 64.38
C ALA O 107 64.79 112.00 63.32
N TYR O 108 65.38 110.88 62.88
CA TYR O 108 64.77 110.07 61.84
C TYR O 108 65.24 108.64 61.97
N LEU O 109 64.50 107.73 61.35
CA LEU O 109 64.83 106.31 61.34
C LEU O 109 64.61 105.77 59.94
N HIS O 110 65.63 105.14 59.38
CA HIS O 110 65.56 104.55 58.05
C HIS O 110 65.84 103.06 58.15
N LEU O 111 65.01 102.24 57.52
CA LEU O 111 65.15 100.80 57.51
C LEU O 111 65.10 100.28 56.08
N HIS O 112 65.97 99.32 55.78
CA HIS O 112 66.04 98.68 54.47
C HIS O 112 66.14 97.18 54.69
N VAL O 113 65.07 96.45 54.41
CA VAL O 113 64.97 95.02 54.72
C VAL O 113 65.05 94.23 53.42
N GLU O 114 65.97 93.27 53.39
CA GLU O 114 66.08 92.32 52.28
C GLU O 114 65.27 91.09 52.63
N ILE O 115 64.00 91.07 52.22
CA ILE O 115 63.13 89.96 52.56
C ILE O 115 63.60 88.67 51.91
N ALA O 116 64.15 88.77 50.70
CA ALA O 116 64.66 87.60 49.99
C ALA O 116 65.78 88.02 49.06
N ALA O 117 66.41 87.05 48.43
CA ALA O 117 67.48 87.32 47.48
C ALA O 117 66.99 88.22 46.36
N GLY O 118 67.48 89.45 46.31
CA GLY O 118 67.05 90.41 45.32
C GLY O 118 65.77 91.14 45.64
N GLN O 119 65.12 90.82 46.76
CA GLN O 119 63.90 91.48 47.18
C GLN O 119 64.20 92.37 48.38
N PHE O 120 63.78 93.63 48.29
CA PHE O 120 64.03 94.60 49.35
C PHE O 120 62.77 95.42 49.60
N ARG O 121 62.59 95.82 50.86
CA ARG O 121 61.44 96.62 51.28
C ARG O 121 61.89 97.73 52.22
N PRO O 122 62.13 98.94 51.73
CA PRO O 122 62.57 100.02 52.61
C PRO O 122 61.44 100.70 53.36
N VAL O 123 61.78 101.19 54.55
CA VAL O 123 60.83 101.90 55.41
C VAL O 123 61.53 103.16 55.92
N MET O 124 60.85 104.30 55.80
CA MET O 124 61.41 105.59 56.20
C MET O 124 60.47 106.30 57.16
N ILE O 125 61.04 106.81 58.26
CA ILE O 125 60.34 107.68 59.20
C ILE O 125 61.28 108.79 59.61
N GLY O 126 60.77 110.01 59.68
CA GLY O 126 61.58 111.13 60.09
C GLY O 126 60.91 112.45 59.75
N SER O 127 61.70 113.52 59.83
CA SER O 127 61.25 114.87 59.54
C SER O 127 62.20 115.53 58.56
N LEU O 128 61.63 116.26 57.60
CA LEU O 128 62.44 116.93 56.60
C LEU O 128 63.26 118.05 57.21
N ASN O 129 64.45 118.28 56.65
CA ASN O 129 65.29 119.38 57.08
C ASN O 129 64.62 120.70 56.70
N LYS O 130 64.37 121.55 57.70
CA LYS O 130 63.68 122.82 57.43
C LYS O 130 64.52 123.74 56.57
N ARG O 131 65.85 123.69 56.71
CA ARG O 131 66.75 124.54 55.94
C ARG O 131 66.42 126.02 56.16
N GLY O 132 66.01 126.35 57.39
CA GLY O 132 65.66 127.70 57.74
C GLY O 132 64.26 128.14 57.34
N VAL O 133 63.50 127.27 56.69
CA VAL O 133 62.14 127.60 56.27
C VAL O 133 61.21 127.43 57.47
N GLY O 134 60.43 128.47 57.75
CA GLY O 134 59.55 128.45 58.89
C GLY O 134 58.20 127.82 58.61
N TYR O 135 58.03 126.55 58.99
CA TYR O 135 56.76 125.87 58.85
C TYR O 135 56.64 124.82 59.94
N THR O 136 55.40 124.51 60.30
CA THR O 136 55.11 123.56 61.37
C THR O 136 54.79 122.20 60.75
N GLY O 137 55.40 121.15 61.29
CA GLY O 137 55.20 119.81 60.78
C GLY O 137 56.44 119.25 60.11
N GLY O 138 56.30 118.79 58.87
CA GLY O 138 57.40 118.22 58.13
C GLY O 138 57.69 116.76 58.42
N GLN O 139 56.93 116.14 59.31
CA GLN O 139 57.13 114.72 59.60
C GLN O 139 56.61 113.88 58.44
N TYR O 140 57.43 112.93 57.97
CA TYR O 140 57.09 112.07 56.86
C TYR O 140 57.21 110.61 57.28
N VAL O 141 56.24 109.81 56.88
CA VAL O 141 56.25 108.37 57.10
C VAL O 141 55.94 107.69 55.77
N CYS O 142 56.82 106.78 55.35
CA CYS O 142 56.71 106.14 54.05
C CYS O 142 56.66 104.62 54.21
N GLY O 143 56.00 103.97 53.24
CA GLY O 143 55.94 102.53 53.20
C GLY O 143 56.12 102.03 51.78
N SER O 144 56.27 100.72 51.67
CA SER O 144 56.50 100.05 50.38
C SER O 144 55.29 99.18 50.05
N PHE O 145 54.72 99.39 48.87
CA PHE O 145 53.54 98.66 48.42
C PHE O 145 53.85 97.96 47.10
N ILE O 146 53.35 96.72 46.98
CA ILE O 146 53.51 95.92 45.78
C ILE O 146 52.13 95.63 45.22
N TYR O 147 51.98 95.81 43.91
CA TYR O 147 50.66 95.67 43.29
C TYR O 147 50.24 94.20 43.25
N THR O 148 50.99 93.37 42.53
CA THR O 148 50.65 91.96 42.39
C THR O 148 51.91 91.14 42.08
N PRO O 149 52.23 90.12 42.89
CA PRO O 149 53.37 89.27 42.55
C PRO O 149 53.15 88.55 41.23
N GLY O 150 54.25 88.29 40.53
CA GLY O 150 54.20 87.62 39.24
C GLY O 150 54.02 88.54 38.06
N GLN O 151 53.01 89.41 38.12
CA GLN O 151 52.76 90.38 37.06
C GLN O 151 53.72 91.55 37.23
N ALA O 152 53.49 92.63 36.47
CA ALA O 152 54.31 93.82 36.59
C ALA O 152 54.32 94.32 38.02
N LEU O 153 55.48 94.26 38.67
CA LEU O 153 55.58 94.64 40.07
C LEU O 153 55.53 96.15 40.26
N THR O 154 56.09 96.92 39.32
CA THR O 154 56.10 98.37 39.36
C THR O 154 55.02 98.97 38.47
N ASN O 155 53.86 98.30 38.39
CA ASN O 155 52.77 98.76 37.54
C ASN O 155 52.34 100.18 37.95
N ASN O 156 51.50 100.78 37.10
CA ASN O 156 51.07 102.15 37.34
C ASN O 156 50.32 102.28 38.66
N TRP O 157 49.47 101.30 38.97
CA TRP O 157 48.70 101.34 40.20
C TRP O 157 49.57 101.25 41.45
N SER O 158 50.83 100.83 41.31
CA SER O 158 51.71 100.69 42.45
C SER O 158 52.05 102.06 43.04
N SER O 159 52.38 102.04 44.33
CA SER O 159 52.78 103.24 45.06
C SER O 159 54.08 102.96 45.80
N HIS O 160 54.93 103.96 45.89
CA HIS O 160 56.26 103.85 46.48
C HIS O 160 56.52 105.03 47.39
N PRO O 161 57.55 104.95 48.24
CA PRO O 161 57.90 106.10 49.07
C PRO O 161 58.17 107.34 48.22
N PHE O 162 57.62 108.47 48.66
CA PHE O 162 57.81 109.75 47.97
C PHE O 162 57.36 109.72 46.53
N ASP O 163 56.43 108.82 46.19
CA ASP O 163 56.00 108.66 44.82
C ASP O 163 55.30 109.92 44.33
N GLY O 164 55.41 110.18 43.02
CA GLY O 164 54.79 111.33 42.41
C GLY O 164 53.71 111.00 41.42
N TYR O 165 53.49 109.70 41.17
CA TYR O 165 52.45 109.28 40.23
C TYR O 165 52.01 107.87 40.61
N HIS O 166 50.79 107.73 41.13
CA HIS O 166 50.24 106.43 41.46
C HIS O 166 48.74 106.47 41.26
N ILE O 167 48.16 105.29 41.04
CA ILE O 167 46.72 105.12 40.86
C ILE O 167 46.23 104.18 41.95
N GLN O 168 45.47 104.72 42.90
CA GLN O 168 44.91 103.93 43.99
C GLN O 168 43.94 104.79 44.76
N TYR O 169 42.83 104.19 45.23
CA TYR O 169 41.79 104.91 45.93
C TYR O 169 41.66 104.50 47.40
N SER O 170 42.42 103.51 47.85
CA SER O 170 42.30 102.98 49.20
C SER O 170 43.49 103.32 50.10
N ASN O 171 44.71 103.02 49.66
CA ASN O 171 45.89 103.15 50.51
C ASN O 171 46.92 104.05 49.83
N SER O 172 47.80 104.61 50.66
CA SER O 172 48.90 105.46 50.20
C SER O 172 50.20 104.91 50.76
N SER O 173 51.24 104.89 49.93
CA SER O 173 52.52 104.34 50.35
C SER O 173 53.26 105.26 51.33
N CYS O 174 53.16 106.57 51.16
CA CYS O 174 53.83 107.51 52.05
C CYS O 174 52.95 108.73 52.23
N MET O 175 53.32 109.57 53.19
CA MET O 175 52.52 110.72 53.56
C MET O 175 53.42 111.78 54.18
N LEU O 176 52.92 113.01 54.22
CA LEU O 176 53.67 114.14 54.74
C LEU O 176 52.72 115.05 55.53
N ARG O 177 53.27 115.76 56.51
CA ARG O 177 52.52 116.68 57.34
C ARG O 177 52.86 118.12 56.98
N LEU O 178 51.84 118.93 56.76
CA LEU O 178 52.00 120.36 56.47
C LEU O 178 50.84 121.08 57.15
N ASP O 179 51.13 121.74 58.26
CA ASP O 179 50.08 122.32 59.09
C ASP O 179 49.69 123.72 58.59
N GLY O 180 48.42 124.05 58.77
CA GLY O 180 47.94 125.38 58.47
C GLY O 180 48.08 125.77 57.01
N LEU O 181 47.74 124.87 56.09
CA LEU O 181 47.81 125.17 54.68
C LEU O 181 46.50 125.81 54.21
N ASP O 182 46.62 126.95 53.52
CA ASP O 182 45.46 127.65 52.96
C ASP O 182 44.43 127.97 54.05
N GLY O 183 44.92 128.26 55.25
CA GLY O 183 44.05 128.67 56.34
C GLY O 183 43.25 127.55 56.97
N GLY O 184 43.55 126.29 56.66
CA GLY O 184 42.82 125.19 57.23
C GLY O 184 43.27 124.88 58.64
N PRO O 185 42.60 123.91 59.26
CA PRO O 185 42.99 123.50 60.61
C PRO O 185 44.43 123.01 60.65
N SER O 186 45.09 123.25 61.78
CA SER O 186 46.49 122.87 61.90
C SER O 186 46.75 121.40 61.62
N PRO O 187 45.92 120.45 62.08
CA PRO O 187 46.21 119.04 61.79
C PRO O 187 45.91 118.71 60.32
N GLU O 188 46.96 118.55 59.52
CA GLU O 188 46.82 118.22 58.11
C GLU O 188 47.91 117.23 57.73
N TRP O 189 47.51 116.11 57.16
CA TRP O 189 48.43 115.03 56.77
C TRP O 189 48.30 114.85 55.25
N LEU O 190 49.09 115.60 54.50
CA LEU O 190 49.00 115.58 53.05
C LEU O 190 49.61 114.30 52.49
N PRO O 191 48.89 113.54 51.66
CA PRO O 191 49.48 112.36 51.04
C PRO O 191 50.15 112.68 49.72
N PHE O 192 50.89 111.68 49.21
CA PHE O 192 51.58 111.80 47.92
C PHE O 192 50.64 111.30 46.83
N ASP O 193 49.88 112.22 46.23
CA ASP O 193 48.99 111.90 45.13
C ASP O 193 49.02 113.04 44.12
N TYR O 194 48.75 112.68 42.86
CA TYR O 194 48.81 113.66 41.77
C TYR O 194 47.54 113.64 40.92
N THR O 195 46.91 112.47 40.79
CA THR O 195 45.77 112.31 39.89
C THR O 195 44.43 112.59 40.55
N THR O 196 44.39 112.76 41.87
CA THR O 196 43.14 113.01 42.56
C THR O 196 42.63 114.43 42.37
N ASN O 197 43.46 115.35 41.90
CA ASN O 197 43.08 116.73 41.65
C ASN O 197 42.59 117.43 42.92
N VAL O 198 42.99 116.95 44.09
CA VAL O 198 42.59 117.55 45.36
C VAL O 198 43.23 118.93 45.46
N PRO O 199 42.59 119.88 46.15
CA PRO O 199 43.18 121.22 46.24
C PRO O 199 44.55 121.23 46.90
N ARG O 200 44.79 120.33 47.86
CA ARG O 200 46.07 120.27 48.56
C ARG O 200 46.65 118.86 48.43
N ARG O 201 47.92 118.79 48.05
CA ARG O 201 48.61 117.52 47.89
C ARG O 201 50.11 117.79 47.80
N VAL O 202 50.89 116.72 47.86
CA VAL O 202 52.34 116.78 47.78
C VAL O 202 52.83 115.74 46.79
N VAL O 203 54.03 115.98 46.26
CA VAL O 203 54.65 115.10 45.28
C VAL O 203 56.14 114.99 45.58
N GLY O 204 56.75 113.91 45.08
CA GLY O 204 58.15 113.67 45.30
C GLY O 204 58.80 112.83 44.21
N PRO O 205 60.14 112.74 44.23
CA PRO O 205 60.83 111.96 43.19
C PRO O 205 60.84 110.46 43.46
N GLY O 206 59.98 110.00 44.36
CA GLY O 206 60.00 108.62 44.81
C GLY O 206 60.31 107.56 43.77
N ARG O 207 59.52 107.52 42.70
CA ARG O 207 59.66 106.44 41.72
C ARG O 207 61.01 106.46 41.01
N GLY O 208 61.70 107.60 41.02
CA GLY O 208 63.01 107.68 40.40
C GLY O 208 62.97 108.25 39.00
N ASN O 209 63.05 107.38 37.99
CA ASN O 209 63.11 107.78 36.59
C ASN O 209 62.01 107.09 35.79
N TYR O 210 60.80 107.06 36.34
CA TYR O 210 59.69 106.47 35.62
C TYR O 210 59.28 107.38 34.45
N SER O 211 58.60 106.78 33.47
CA SER O 211 58.24 107.52 32.27
C SER O 211 57.34 108.70 32.59
N SER O 212 56.37 108.50 33.49
CA SER O 212 55.37 109.52 33.82
C SER O 212 55.57 110.07 35.24
N GLN O 213 56.83 110.24 35.64
CA GLN O 213 57.14 110.80 36.95
C GLN O 213 57.15 112.32 36.87
N TYR O 214 56.54 112.97 37.85
CA TYR O 214 56.32 114.41 37.85
C TYR O 214 57.29 115.06 38.85
N HIS O 215 58.47 115.43 38.35
CA HIS O 215 59.46 116.16 39.15
C HIS O 215 60.55 116.67 38.22
N PRO O 216 61.06 117.89 38.42
CA PRO O 216 62.07 118.43 37.50
C PRO O 216 63.45 117.81 37.66
N ASP O 217 63.71 117.10 38.75
CA ASP O 217 65.01 116.50 39.01
C ASP O 217 65.11 115.06 38.51
N VAL O 218 64.08 114.56 37.84
CA VAL O 218 64.15 113.20 37.30
C VAL O 218 65.33 113.08 36.35
N GLY O 219 65.61 114.13 35.58
CA GLY O 219 66.79 114.13 34.74
C GLY O 219 68.08 114.08 35.54
N LEU O 220 68.11 114.77 36.68
CA LEU O 220 69.30 114.73 37.53
C LEU O 220 69.56 113.31 38.01
N ILE O 221 68.50 112.62 38.46
CA ILE O 221 68.66 111.22 38.83
C ILE O 221 69.07 110.38 37.63
N ASP O 222 68.54 110.71 36.45
CA ASP O 222 68.92 109.97 35.24
C ASP O 222 70.40 110.09 34.95
N ALA O 223 70.96 111.30 35.13
CA ALA O 223 72.35 111.58 34.83
C ALA O 223 73.26 111.50 36.05
N SER O 224 72.76 110.95 37.17
CA SER O 224 73.59 110.85 38.36
C SER O 224 74.90 110.12 38.09
N ALA O 225 74.89 109.16 37.15
CA ALA O 225 76.09 108.41 36.80
C ALA O 225 76.83 109.13 35.67
N ASN O 226 78.14 109.27 35.84
CA ASN O 226 78.98 109.98 34.87
C ASN O 226 79.71 108.96 33.99
N GLU O 227 79.56 109.11 32.68
CA GLU O 227 80.29 108.26 31.74
C GLU O 227 81.78 108.60 31.70
N LEU O 228 82.18 109.75 32.25
CA LEU O 228 83.58 110.18 32.14
C LEU O 228 84.47 109.39 33.09
N ASN O 229 84.23 109.53 34.39
CA ASN O 229 85.12 109.01 35.42
C ASN O 229 84.43 107.99 36.33
N SER O 230 83.27 107.47 35.92
CA SER O 230 82.51 106.54 36.73
C SER O 230 82.17 107.14 38.09
N SER O 231 81.97 108.45 38.13
CA SER O 231 81.68 109.16 39.36
C SER O 231 80.17 109.36 39.51
N THR O 232 79.68 109.21 40.74
CA THR O 232 78.27 109.38 41.06
C THR O 232 78.12 110.52 42.06
N THR O 233 77.04 111.29 41.90
CA THR O 233 76.77 112.44 42.76
C THR O 233 75.41 112.28 43.42
N THR O 234 75.32 112.77 44.65
CA THR O 234 74.07 112.73 45.40
C THR O 234 73.18 113.90 44.98
N VAL O 235 71.92 113.59 44.70
CA VAL O 235 70.94 114.57 44.27
C VAL O 235 69.98 114.81 45.43
N PRO O 236 69.87 116.02 45.97
CA PRO O 236 68.88 116.26 47.03
C PRO O 236 67.48 115.92 46.54
N CYS O 237 66.69 115.30 47.41
CA CYS O 237 65.34 114.86 47.09
C CYS O 237 64.37 115.93 47.55
N ALA O 238 64.10 116.89 46.67
CA ALA O 238 63.18 117.98 46.99
C ALA O 238 61.74 117.51 46.98
N ILE O 239 60.94 118.04 47.90
CA ILE O 239 59.51 117.76 47.97
C ILE O 239 58.76 119.04 47.63
N TYR O 240 57.73 118.91 46.81
CA TYR O 240 56.91 120.03 46.38
C TYR O 240 55.49 119.84 46.90
N ALA O 241 54.83 120.96 47.21
CA ALA O 241 53.47 120.96 47.73
C ALA O 241 52.60 121.85 46.87
N PHE O 242 51.34 121.46 46.70
CA PHE O 242 50.39 122.19 45.88
C PHE O 242 49.32 122.82 46.75
N GLY O 243 49.01 124.09 46.49
CA GLY O 243 48.00 124.81 47.22
C GLY O 243 46.65 124.80 46.51
N ALA O 244 45.69 125.49 47.12
CA ALA O 244 44.35 125.56 46.55
C ALA O 244 44.37 126.25 45.19
N GLN O 245 45.16 127.31 45.05
CA GLN O 245 45.25 128.07 43.82
C GLN O 245 46.23 127.46 42.81
N GLN O 246 46.59 126.19 42.99
CA GLN O 246 47.50 125.49 42.06
C GLN O 246 48.84 126.20 41.96
N ARG O 247 49.29 126.81 43.05
CA ARG O 247 50.61 127.43 43.13
C ARG O 247 51.48 126.59 44.04
N SER O 248 52.58 126.07 43.49
CA SER O 248 53.43 125.17 44.25
C SER O 248 54.37 125.94 45.17
N ARG O 249 54.86 125.24 46.19
CA ARG O 249 55.76 125.83 47.18
C ARG O 249 56.77 124.78 47.60
N TYR O 250 58.05 125.05 47.34
CA TYR O 250 59.11 124.16 47.82
C TYR O 250 59.07 124.08 49.34
N VAL O 251 59.20 122.87 49.87
CA VAL O 251 59.06 122.65 51.30
C VAL O 251 60.36 122.17 51.96
N GLY O 252 61.21 121.46 51.24
CA GLY O 252 62.46 121.01 51.83
C GLY O 252 62.99 119.79 51.12
N GLU O 253 63.99 119.15 51.75
CA GLU O 253 64.64 117.97 51.24
C GLU O 253 64.79 116.95 52.35
N VAL O 254 64.92 115.68 51.97
CA VAL O 254 65.01 114.59 52.94
C VAL O 254 66.41 114.57 53.53
N PRO O 255 66.56 114.58 54.85
CA PRO O 255 67.92 114.55 55.42
C PRO O 255 68.67 113.28 55.08
N ASP O 256 69.95 113.42 54.79
CA ASP O 256 70.87 112.30 54.60
C ASP O 256 70.26 111.23 53.68
N PHE O 257 69.79 111.66 52.51
CA PHE O 257 69.15 110.75 51.59
C PHE O 257 69.28 111.31 50.18
N GLY O 258 69.68 110.45 49.24
CA GLY O 258 69.78 110.82 47.84
C GLY O 258 69.43 109.65 46.96
N ILE O 259 69.28 109.95 45.67
CA ILE O 259 68.98 108.95 44.66
C ILE O 259 70.07 108.99 43.60
N CYS O 260 70.44 107.83 43.09
CA CYS O 260 71.44 107.73 42.04
C CYS O 260 71.18 106.48 41.22
N ASN O 261 71.72 106.47 40.00
CA ASN O 261 71.60 105.31 39.13
C ASN O 261 72.58 104.23 39.54
N MET O 262 72.10 102.99 39.58
CA MET O 262 72.93 101.83 39.91
C MET O 262 73.43 101.12 38.66
N ALA O 263 73.57 101.85 37.56
CA ALA O 263 73.96 101.23 36.30
C ALA O 263 75.35 100.61 36.38
N PHE O 264 76.21 101.14 37.25
CA PHE O 264 77.61 100.71 37.31
C PHE O 264 78.06 100.48 38.74
N LEU O 265 77.16 99.99 39.60
CA LEU O 265 77.50 99.67 40.98
C LEU O 265 76.63 98.53 41.47
N ALA O 266 77.14 97.80 42.46
CA ALA O 266 76.43 96.69 43.08
C ALA O 266 75.70 97.14 44.33
N PRO O 267 74.71 96.38 44.79
CA PRO O 267 74.05 96.72 46.06
C PRO O 267 75.06 96.83 47.20
N GLY O 268 75.13 98.02 47.79
CA GLY O 268 76.00 98.25 48.91
C GLY O 268 77.43 98.65 48.58
N ASP O 269 77.74 98.84 47.30
CA ASP O 269 79.09 99.23 46.93
C ASP O 269 79.42 100.60 47.50
N PRO O 270 80.65 100.81 47.98
CA PRO O 270 81.02 102.12 48.55
C PRO O 270 81.62 103.07 47.52
N LEU O 271 81.21 104.34 47.63
CA LEU O 271 81.81 105.41 46.82
C LEU O 271 81.86 106.65 47.71
N VAL O 272 83.00 106.88 48.34
CA VAL O 272 83.16 107.98 49.29
C VAL O 272 83.34 109.27 48.50
N VAL O 273 82.35 110.15 48.57
CA VAL O 273 82.41 111.47 47.96
C VAL O 273 82.68 112.47 49.07
N GLY O 274 83.88 113.04 49.08
CA GLY O 274 84.25 113.94 50.15
C GLY O 274 84.52 113.19 51.45
N SER O 275 84.52 113.94 52.55
CA SER O 275 84.77 113.36 53.85
C SER O 275 83.64 112.44 54.31
N ASP O 276 82.47 112.52 53.67
CA ASP O 276 81.33 111.72 54.07
C ASP O 276 81.27 110.43 53.27
N THR O 277 80.74 109.38 53.90
CA THR O 277 80.63 108.06 53.30
C THR O 277 79.17 107.76 52.97
N TRP O 278 78.97 107.04 51.87
CA TRP O 278 77.64 106.78 51.34
C TRP O 278 77.41 105.28 51.20
N ARG O 279 76.20 104.84 51.55
CA ARG O 279 75.77 103.46 51.34
C ARG O 279 74.61 103.47 50.35
N VAL O 280 74.74 102.67 49.30
CA VAL O 280 73.78 102.63 48.21
C VAL O 280 73.20 101.23 48.11
N TYR O 281 71.88 101.13 48.07
CA TYR O 281 71.18 99.86 47.92
C TYR O 281 70.00 100.05 46.97
N PRO O 282 69.60 98.99 46.28
CA PRO O 282 68.46 99.11 45.36
C PRO O 282 67.15 99.26 46.11
N LEU O 283 66.17 99.87 45.44
CA LEU O 283 64.86 100.07 46.07
C LEU O 283 64.15 98.75 46.29
N LEU O 284 63.83 98.06 45.20
CA LEU O 284 63.11 96.78 45.25
C LEU O 284 63.91 95.64 44.66
N GLN O 285 64.38 95.78 43.43
CA GLN O 285 65.06 94.71 42.72
C GLN O 285 65.67 95.30 41.46
N ARG O 286 66.92 94.93 41.18
CA ARG O 286 67.61 95.44 40.01
C ARG O 286 67.13 94.70 38.76
N GLY O 287 67.15 95.40 37.63
CA GLY O 287 66.80 94.81 36.34
C GLY O 287 67.67 95.41 35.25
N THR O 288 67.05 95.65 34.11
CA THR O 288 67.69 96.36 33.01
C THR O 288 67.21 97.81 33.00
N ALA O 289 67.70 98.57 32.01
CA ALA O 289 67.36 99.99 31.95
C ALA O 289 65.87 100.20 31.79
N THR O 290 65.23 99.41 30.94
CA THR O 290 63.83 99.60 30.58
C THR O 290 62.88 98.68 31.34
N ASP O 291 63.38 97.96 32.35
CA ASP O 291 62.53 97.05 33.12
C ASP O 291 61.83 97.85 34.22
N PHE O 292 60.79 98.58 33.81
CA PHE O 292 59.99 99.38 34.70
C PHE O 292 58.69 98.68 35.11
N ASP O 293 58.55 97.40 34.77
CA ASP O 293 57.34 96.64 35.08
C ASP O 293 57.59 95.52 36.07
N SER O 294 58.60 94.69 35.84
CA SER O 294 58.86 93.54 36.70
C SER O 294 59.79 93.85 37.86
N THR O 295 60.53 94.96 37.81
CA THR O 295 61.46 95.32 38.87
C THR O 295 61.46 96.83 39.02
N SER O 296 62.45 97.35 39.75
CA SER O 296 62.58 98.77 40.02
C SER O 296 63.65 99.44 39.16
N ALA O 297 64.03 98.81 38.05
CA ALA O 297 65.04 99.36 37.13
C ALA O 297 66.34 99.51 37.91
N TRP O 298 67.03 100.65 37.82
CA TRP O 298 68.32 100.83 38.49
C TRP O 298 68.28 101.95 39.53
N VAL O 299 67.09 102.33 40.00
CA VAL O 299 67.00 103.37 41.00
C VAL O 299 67.66 102.88 42.28
N GLY O 300 68.54 103.71 42.83
CA GLY O 300 69.30 103.36 44.02
C GLY O 300 69.09 104.36 45.13
N TYR O 301 68.92 103.86 46.35
CA TYR O 301 68.74 104.70 47.54
C TYR O 301 70.09 104.85 48.23
N CYS O 302 70.54 106.09 48.41
CA CYS O 302 71.81 106.40 49.02
C CYS O 302 71.58 106.96 50.42
N PHE O 303 72.27 106.40 51.41
CA PHE O 303 72.21 106.87 52.78
C PHE O 303 73.62 107.25 53.24
N ARG O 304 73.71 108.36 53.95
CA ARG O 304 75.00 108.81 54.50
C ARG O 304 75.27 108.05 55.79
N VAL O 305 76.30 107.22 55.79
CA VAL O 305 76.64 106.39 56.95
C VAL O 305 77.58 107.17 57.85
N VAL O 306 77.28 107.17 59.15
CA VAL O 306 78.11 107.86 60.14
C VAL O 306 78.31 106.98 61.36
N THR P 5 -2.19 80.45 -101.18
CA THR P 5 -2.59 79.27 -100.41
C THR P 5 -1.79 78.05 -100.85
N TYR P 6 -0.60 78.28 -101.41
CA TYR P 6 0.32 77.23 -101.80
C TYR P 6 1.71 77.57 -101.28
N PHE P 7 2.50 76.53 -101.02
CA PHE P 7 3.79 76.69 -100.36
C PHE P 7 4.91 76.11 -101.21
N TYR P 8 5.94 76.94 -101.44
CA TYR P 8 7.23 76.49 -102.01
C TYR P 8 8.28 77.41 -101.39
N GLY P 9 8.87 76.96 -100.29
CA GLY P 9 9.63 77.84 -99.42
C GLY P 9 11.13 77.77 -99.64
N GLN P 10 11.77 78.94 -99.57
CA GLN P 10 13.22 79.07 -99.56
C GLN P 10 13.58 80.17 -98.57
N GLY P 11 14.77 80.07 -97.98
CA GLY P 11 15.20 81.14 -97.10
C GLY P 11 16.31 80.73 -96.16
N GLU P 12 16.27 81.31 -94.96
CA GLU P 12 17.38 81.30 -94.01
C GLU P 12 16.96 80.61 -92.72
N ILE P 13 17.94 80.11 -91.98
CA ILE P 13 17.73 79.50 -90.68
C ILE P 13 18.71 80.12 -89.69
N ASP P 14 18.21 80.47 -88.51
CA ASP P 14 19.02 81.02 -87.43
C ASP P 14 18.86 80.17 -86.19
N ALA P 15 19.96 79.98 -85.46
CA ALA P 15 19.97 79.17 -84.25
C ALA P 15 20.59 79.97 -83.10
N ALA P 16 20.08 79.73 -81.89
CA ALA P 16 20.61 80.35 -80.69
C ALA P 16 20.86 79.25 -79.67
N PRO P 17 22.11 78.99 -79.27
CA PRO P 17 22.34 77.95 -78.27
C PRO P 17 21.67 78.30 -76.94
N ILE P 18 21.18 77.28 -76.25
CA ILE P 18 20.54 77.43 -74.95
C ILE P 18 21.46 76.81 -73.91
N VAL P 19 21.96 77.66 -73.01
CA VAL P 19 22.85 77.23 -71.93
C VAL P 19 22.16 77.56 -70.62
N ASN P 20 21.94 76.53 -69.79
CA ASN P 20 21.32 76.72 -68.47
C ASN P 20 20.03 77.52 -68.55
N GLY P 21 19.37 77.50 -69.71
CA GLY P 21 18.09 78.15 -69.88
C GLY P 21 18.14 79.61 -70.29
N VAL P 22 19.33 80.19 -70.44
CA VAL P 22 19.46 81.59 -70.84
C VAL P 22 19.70 81.65 -72.34
N LEU P 23 18.96 82.53 -73.02
CA LEU P 23 19.08 82.65 -74.46
C LEU P 23 20.48 83.11 -74.86
N GLY P 24 21.03 82.48 -75.90
CA GLY P 24 22.32 82.85 -76.42
C GLY P 24 22.22 83.88 -77.54
N LYS P 25 23.33 84.04 -78.25
CA LYS P 25 23.40 84.96 -79.38
C LYS P 25 23.11 84.20 -80.67
N TRP P 26 22.15 84.69 -81.44
CA TRP P 26 21.75 84.00 -82.66
C TRP P 26 22.81 84.14 -83.73
N ARG P 27 22.90 83.11 -84.59
CA ARG P 27 23.84 83.10 -85.70
C ARG P 27 23.21 82.39 -86.89
N TRP P 28 23.74 82.68 -88.07
CA TRP P 28 23.28 82.02 -89.28
C TRP P 28 23.98 80.67 -89.43
N ILE P 29 23.23 79.67 -89.87
CA ILE P 29 23.75 78.31 -90.02
C ILE P 29 24.22 78.11 -91.46
N GLN P 30 24.46 79.22 -92.16
CA GLN P 30 24.92 79.16 -93.55
C GLN P 30 23.90 78.45 -94.42
N ASP P 31 24.27 78.14 -95.66
CA ASP P 31 23.34 77.57 -96.62
C ASP P 31 22.73 76.27 -96.09
N VAL P 32 21.43 76.12 -96.32
CA VAL P 32 20.68 74.92 -95.92
C VAL P 32 19.87 74.48 -97.13
N SER P 33 19.88 73.17 -97.40
CA SER P 33 19.24 72.63 -98.58
C SER P 33 17.87 72.01 -98.32
N ALA P 34 17.65 71.46 -97.13
CA ALA P 34 16.38 70.80 -96.86
C ALA P 34 16.07 70.85 -95.37
N MET P 35 14.80 71.15 -95.06
CA MET P 35 14.29 71.14 -93.70
C MET P 35 12.92 70.47 -93.73
N SER P 36 12.70 69.54 -92.82
CA SER P 36 11.39 68.89 -92.69
C SER P 36 11.07 68.69 -91.22
N ILE P 37 9.77 68.81 -90.90
CA ILE P 37 9.26 68.64 -89.54
C ILE P 37 8.23 67.54 -89.57
N GLN P 38 8.36 66.57 -88.65
CA GLN P 38 7.48 65.43 -88.58
C GLN P 38 6.83 65.36 -87.20
N LEU P 39 5.54 65.06 -87.18
CA LEU P 39 4.76 64.97 -85.95
C LEU P 39 4.29 63.55 -85.74
N ALA P 40 4.47 63.04 -84.52
CA ALA P 40 4.05 61.70 -84.15
C ALA P 40 3.20 61.76 -82.90
N VAL P 41 2.10 61.00 -82.89
CA VAL P 41 1.17 60.97 -81.77
C VAL P 41 0.75 59.53 -81.54
N GLU P 42 0.75 59.12 -80.27
CA GLU P 42 0.29 57.80 -79.87
C GLU P 42 -1.12 57.90 -79.31
N LYS P 43 -1.97 56.94 -79.68
CA LYS P 43 -3.39 56.98 -79.35
C LYS P 43 -3.83 55.65 -78.75
N VAL P 44 -4.69 55.73 -77.75
CA VAL P 44 -5.34 54.56 -77.15
C VAL P 44 -6.80 54.58 -77.56
N GLU P 45 -7.28 53.43 -78.06
CA GLU P 45 -8.58 53.36 -78.72
C GLU P 45 -9.59 52.64 -77.82
N HIS P 46 -10.79 53.19 -77.76
CA HIS P 46 -11.91 52.61 -77.03
C HIS P 46 -12.99 52.19 -78.02
N LYS P 47 -13.55 51.00 -77.81
CA LYS P 47 -14.54 50.43 -78.71
C LYS P 47 -15.80 50.06 -77.94
N GLU P 48 -16.93 50.04 -78.66
CA GLU P 48 -18.21 49.64 -78.12
C GLU P 48 -18.76 48.48 -78.93
N SER P 49 -19.45 47.56 -78.27
CA SER P 49 -19.79 46.28 -78.86
C SER P 49 -21.29 46.08 -79.11
N TYR P 50 -22.12 47.10 -78.87
CA TYR P 50 -23.57 46.89 -78.96
C TYR P 50 -24.00 46.54 -80.38
N SER P 51 -23.26 47.00 -81.39
CA SER P 51 -23.68 46.80 -82.77
C SER P 51 -23.30 45.43 -83.32
N GLY P 52 -22.38 44.71 -82.68
CA GLY P 52 -21.91 43.46 -83.22
C GLY P 52 -20.93 43.61 -84.36
N GLN P 53 -20.53 44.83 -84.70
CA GLN P 53 -19.61 45.09 -85.80
C GLN P 53 -18.17 45.22 -85.34
N LYS P 54 -17.91 45.12 -84.03
CA LYS P 54 -16.57 45.16 -83.48
C LYS P 54 -15.70 46.21 -84.14
N ALA P 55 -16.12 47.47 -84.06
CA ALA P 55 -15.42 48.56 -84.75
C ALA P 55 -15.05 49.64 -83.75
N LEU P 56 -14.11 50.49 -84.16
CA LEU P 56 -13.64 51.58 -83.32
C LEU P 56 -14.76 52.57 -83.06
N VAL P 57 -14.81 53.10 -81.83
CA VAL P 57 -15.83 54.07 -81.45
C VAL P 57 -15.24 55.33 -80.83
N ARG P 58 -14.03 55.30 -80.26
CA ARG P 58 -13.43 56.50 -79.70
C ARG P 58 -11.93 56.30 -79.61
N SER P 59 -11.20 57.41 -79.61
CA SER P 59 -9.75 57.38 -79.53
C SER P 59 -9.27 58.69 -78.93
N PHE P 60 -8.38 58.60 -77.94
CA PHE P 60 -7.82 59.78 -77.28
C PHE P 60 -6.30 59.73 -77.36
N PRO P 61 -5.64 60.78 -77.81
CA PRO P 61 -4.17 60.73 -77.93
C PRO P 61 -3.51 60.64 -76.57
N ILE P 62 -2.35 59.99 -76.54
CA ILE P 62 -1.53 59.84 -75.34
C ILE P 62 -0.13 60.41 -75.55
N GLY P 63 0.53 60.02 -76.65
CA GLY P 63 1.86 60.49 -76.94
C GLY P 63 1.86 61.72 -77.82
N LYS P 64 2.89 62.55 -77.65
CA LYS P 64 3.04 63.77 -78.44
C LYS P 64 4.51 64.07 -78.58
N THR P 65 5.02 64.01 -79.81
CA THR P 65 6.43 64.26 -80.07
C THR P 65 6.57 64.90 -81.44
N ALA P 66 7.73 65.53 -81.66
CA ALA P 66 8.06 66.16 -82.92
C ALA P 66 9.54 66.04 -83.17
N THR P 67 9.92 65.85 -84.43
CA THR P 67 11.33 65.76 -84.82
C THR P 67 11.57 66.67 -86.02
N VAL P 68 12.78 67.20 -86.10
CA VAL P 68 13.18 68.10 -87.17
C VAL P 68 14.46 67.57 -87.79
N ASN P 69 14.50 67.49 -89.12
CA ASN P 69 15.67 67.08 -89.87
C ASN P 69 16.16 68.26 -90.70
N ILE P 70 17.47 68.50 -90.69
CA ILE P 70 18.06 69.62 -91.41
C ILE P 70 19.28 69.13 -92.17
N THR P 71 19.38 69.55 -93.43
CA THR P 71 20.51 69.20 -94.30
C THR P 71 21.27 70.48 -94.62
N LEU P 72 22.45 70.64 -94.04
CA LEU P 72 23.30 71.80 -94.25
C LEU P 72 24.55 71.40 -95.01
N HIS P 73 24.99 72.27 -95.91
CA HIS P 73 26.16 72.03 -96.73
C HIS P 73 27.37 72.85 -96.29
N SER P 74 27.32 73.44 -95.10
CA SER P 74 28.39 74.30 -94.60
C SER P 74 29.27 73.53 -93.63
N ILE P 75 30.58 73.57 -93.85
CA ILE P 75 31.55 72.91 -93.00
C ILE P 75 32.29 73.94 -92.15
N GLY P 76 31.69 75.09 -91.91
CA GLY P 76 32.29 76.12 -91.09
C GLY P 76 32.54 75.63 -89.68
N PRO P 77 33.59 76.15 -89.03
CA PRO P 77 33.92 75.65 -87.69
C PRO P 77 32.79 75.80 -86.68
N ASP P 78 32.00 76.88 -86.76
CA ASP P 78 30.88 77.03 -85.85
C ASP P 78 29.85 75.93 -86.05
N ASN P 79 29.49 75.67 -87.32
CA ASN P 79 28.56 74.58 -87.59
C ASN P 79 29.16 73.23 -87.23
N LEU P 80 30.47 73.05 -87.41
CA LEU P 80 31.12 71.82 -86.99
C LEU P 80 30.99 71.63 -85.49
N ALA P 81 31.21 72.69 -84.72
CA ALA P 81 31.03 72.61 -83.27
C ALA P 81 29.59 72.28 -82.91
N LEU P 82 28.64 72.88 -83.62
CA LEU P 82 27.23 72.61 -83.34
C LEU P 82 26.88 71.15 -83.61
N THR P 83 27.41 70.58 -84.70
CA THR P 83 27.01 69.24 -85.14
C THR P 83 27.89 68.13 -84.59
N LEU P 84 29.17 68.39 -84.36
CA LEU P 84 30.10 67.37 -83.88
C LEU P 84 30.22 67.34 -82.37
N TYR P 85 29.39 68.10 -81.65
CA TYR P 85 29.50 68.20 -80.19
C TYR P 85 30.88 68.69 -79.79
N GLY P 86 31.46 69.59 -80.59
CA GLY P 86 32.78 70.10 -80.38
C GLY P 86 32.79 71.56 -79.97
N LYS P 87 33.97 72.03 -79.60
CA LYS P 87 34.20 73.42 -79.23
C LYS P 87 35.35 73.97 -80.06
N VAL P 88 35.12 75.11 -80.70
CA VAL P 88 36.13 75.68 -81.60
C VAL P 88 37.38 76.05 -80.82
N VAL P 89 38.54 75.80 -81.41
CA VAL P 89 39.82 76.16 -80.83
C VAL P 89 40.57 77.01 -81.85
N ALA P 90 41.02 78.18 -81.42
CA ALA P 90 41.75 79.12 -82.27
C ALA P 90 43.22 79.08 -81.89
N LYS P 91 44.08 78.80 -82.86
CA LYS P 91 45.53 78.81 -82.67
C LYS P 91 46.11 79.96 -83.47
N ALA P 92 46.86 80.83 -82.79
CA ALA P 92 47.44 81.99 -83.44
C ALA P 92 48.71 81.61 -84.20
N ALA P 93 49.01 82.37 -85.24
CA ALA P 93 50.22 82.12 -86.02
C ALA P 93 51.44 82.36 -85.16
N GLY P 94 52.47 81.55 -85.39
CA GLY P 94 53.68 81.64 -84.60
C GLY P 94 54.85 81.05 -85.33
N SER P 95 55.93 80.85 -84.58
CA SER P 95 57.20 80.38 -85.12
C SER P 95 57.75 79.25 -84.26
N VAL P 96 58.61 78.44 -84.86
CA VAL P 96 59.31 77.37 -84.18
C VAL P 96 60.80 77.55 -84.43
N THR P 97 61.61 77.29 -83.41
CA THR P 97 63.05 77.54 -83.48
C THR P 97 63.89 76.30 -83.28
N GLY P 98 63.50 75.39 -82.40
CA GLY P 98 64.35 74.25 -82.07
C GLY P 98 63.67 72.91 -82.14
N GLU P 99 62.73 72.75 -83.06
CA GLU P 99 62.10 71.45 -83.25
C GLU P 99 63.13 70.43 -83.72
N VAL P 100 63.12 69.26 -83.09
CA VAL P 100 64.06 68.19 -83.41
C VAL P 100 63.37 67.20 -84.34
N LEU P 101 64.02 66.90 -85.45
CA LEU P 101 63.48 65.97 -86.44
C LEU P 101 63.91 64.55 -86.12
N PRO P 102 63.23 63.56 -86.69
CA PRO P 102 63.60 62.16 -86.43
C PRO P 102 65.02 61.87 -86.88
N ALA P 103 65.67 60.94 -86.19
CA ALA P 103 67.03 60.54 -86.52
C ALA P 103 67.01 59.52 -87.65
N ASP P 104 68.17 58.90 -87.92
CA ASP P 104 68.34 57.89 -88.96
C ASP P 104 67.59 58.23 -90.24
N LEU P 105 67.63 59.49 -90.65
CA LEU P 105 66.98 59.90 -91.89
C LEU P 105 67.84 59.52 -93.09
N VAL P 106 67.17 59.22 -94.20
CA VAL P 106 67.83 58.92 -95.47
C VAL P 106 66.96 59.45 -96.60
N ALA P 107 67.55 59.56 -97.78
CA ALA P 107 66.83 60.07 -98.94
C ALA P 107 65.59 59.23 -99.20
N GLY P 108 64.47 59.90 -99.46
CA GLY P 108 63.20 59.27 -99.69
C GLY P 108 62.26 59.29 -98.49
N ASP P 109 62.79 59.56 -97.30
CA ASP P 109 61.96 59.65 -96.11
C ASP P 109 61.13 60.93 -96.14
N VAL P 110 59.93 60.85 -95.57
CA VAL P 110 59.02 61.99 -95.48
C VAL P 110 58.85 62.34 -94.01
N ILE P 111 59.16 63.58 -93.65
CA ILE P 111 59.07 64.07 -92.28
C ILE P 111 57.86 64.98 -92.17
N ARG P 112 57.24 64.98 -91.00
CA ARG P 112 56.02 65.74 -90.76
C ARG P 112 56.22 66.67 -89.57
N LEU P 113 55.73 67.90 -89.72
CA LEU P 113 55.86 68.93 -88.71
C LEU P 113 54.56 69.08 -87.93
N ALA P 114 54.69 69.46 -86.67
CA ALA P 114 53.54 69.55 -85.77
C ALA P 114 52.56 70.64 -86.15
N ASN P 115 52.93 71.54 -87.06
CA ASN P 115 52.07 72.65 -87.46
C ASN P 115 51.95 72.69 -88.97
N PHE P 116 50.87 73.29 -89.44
CA PHE P 116 50.56 73.37 -90.86
C PHE P 116 50.89 74.75 -91.41
N GLY P 117 50.83 74.88 -92.73
CA GLY P 117 51.13 76.13 -93.39
C GLY P 117 52.55 76.59 -93.14
N VAL P 118 53.51 75.66 -93.27
CA VAL P 118 54.90 75.99 -92.98
C VAL P 118 55.47 76.88 -94.07
N SER P 119 56.31 77.83 -93.67
CA SER P 119 56.96 78.74 -94.60
C SER P 119 58.31 79.13 -94.03
N GLU P 120 59.20 79.57 -94.92
CA GLU P 120 60.55 79.99 -94.53
C GLU P 120 61.26 78.90 -93.76
N LEU P 121 61.09 77.66 -94.21
CA LEU P 121 61.66 76.52 -93.50
C LEU P 121 63.19 76.61 -93.51
N VAL P 122 63.79 76.40 -92.34
CA VAL P 122 65.24 76.39 -92.18
C VAL P 122 65.62 75.20 -91.33
N ILE P 123 66.56 74.39 -91.82
CA ILE P 123 67.06 73.22 -91.11
C ILE P 123 68.54 73.45 -90.87
N THR P 124 68.92 73.56 -89.59
CA THR P 124 70.31 73.79 -89.22
C THR P 124 70.98 72.47 -88.86
N ASP P 125 72.18 72.28 -89.39
CA ASP P 125 72.96 71.08 -89.07
C ASP P 125 73.41 71.13 -87.62
N SER P 126 73.43 69.96 -86.99
CA SER P 126 73.87 69.82 -85.60
C SER P 126 75.39 69.67 -85.58
N ALA P 127 76.07 70.70 -85.09
CA ALA P 127 77.52 70.70 -85.02
C ALA P 127 77.95 71.93 -84.23
N SER P 128 79.24 71.95 -83.86
CA SER P 128 79.78 73.10 -83.16
C SER P 128 79.63 74.37 -83.99
N SER P 129 79.79 74.27 -85.30
CA SER P 129 79.58 75.39 -86.21
C SER P 129 78.28 75.18 -86.98
N PRO P 130 77.23 75.93 -86.69
CA PRO P 130 75.97 75.74 -87.42
C PRO P 130 76.17 75.93 -88.93
N ALA P 131 75.49 75.11 -89.71
CA ALA P 131 75.60 75.14 -91.17
C ALA P 131 74.24 74.76 -91.77
N PRO P 132 73.40 75.75 -92.05
CA PRO P 132 72.09 75.44 -92.67
C PRO P 132 72.27 74.64 -93.95
N LEU P 133 71.40 73.65 -94.13
CA LEU P 133 71.46 72.79 -95.30
C LEU P 133 70.99 73.53 -96.54
N ASP P 134 71.47 73.08 -97.69
CA ASP P 134 71.06 73.69 -98.95
C ASP P 134 69.57 73.45 -99.18
N PRO P 135 68.83 74.48 -99.61
CA PRO P 135 67.40 74.27 -99.92
C PRO P 135 67.18 73.22 -100.99
N GLN P 136 68.12 73.08 -101.94
CA GLN P 136 67.94 72.12 -103.02
C GLN P 136 67.89 70.69 -102.53
N TYR P 137 68.35 70.42 -101.30
CA TYR P 137 68.41 69.06 -100.78
C TYR P 137 67.11 68.63 -100.12
N TYR P 138 66.08 69.47 -100.10
CA TYR P 138 64.78 69.07 -99.58
C TYR P 138 63.69 69.78 -100.35
N ALA P 139 62.49 69.21 -100.30
CA ALA P 139 61.33 69.76 -100.99
C ALA P 139 60.13 69.75 -100.06
N LEU P 140 59.18 70.64 -100.34
CA LEU P 140 57.95 70.75 -99.58
C LEU P 140 56.81 70.22 -100.43
N ARG P 141 56.12 69.20 -99.92
CA ARG P 141 54.99 68.62 -100.62
C ARG P 141 53.72 69.40 -100.33
N ALA P 142 52.86 69.53 -101.33
CA ALA P 142 51.60 70.27 -101.21
C ALA P 142 51.85 71.72 -100.77
N ASP P 143 52.96 72.29 -101.21
CA ASP P 143 53.33 73.66 -100.86
C ASP P 143 53.38 73.86 -99.35
N GLY P 144 53.87 72.85 -98.64
CA GLY P 144 54.00 72.95 -97.21
C GLY P 144 52.70 73.15 -96.46
N ALA P 145 51.58 72.85 -97.08
CA ALA P 145 50.29 72.94 -96.39
C ALA P 145 50.06 71.80 -95.41
N TYR P 146 50.59 70.61 -95.70
CA TYR P 146 50.44 69.45 -94.85
C TYR P 146 51.61 69.27 -93.89
N GLY P 147 52.54 70.22 -93.86
CA GLY P 147 53.71 70.09 -93.01
C GLY P 147 54.57 68.90 -93.37
N GLU P 148 54.64 68.56 -94.65
CA GLU P 148 55.43 67.43 -95.12
C GLU P 148 56.62 67.94 -95.91
N VAL P 149 57.80 67.40 -95.59
CA VAL P 149 59.04 67.75 -96.28
C VAL P 149 59.69 66.45 -96.74
N GLN P 150 60.16 66.43 -97.99
CA GLN P 150 60.77 65.25 -98.59
C GLN P 150 62.24 65.51 -98.84
N LEU P 151 63.06 64.49 -98.57
CA LEU P 151 64.50 64.60 -98.77
C LEU P 151 64.85 64.27 -100.21
N LEU P 152 65.52 65.20 -100.89
CA LEU P 152 65.94 64.99 -102.27
C LEU P 152 67.35 64.40 -102.37
N GLY P 153 68.19 64.64 -101.38
CA GLY P 153 69.54 64.09 -101.39
C GLY P 153 70.33 64.62 -100.22
N LEU P 154 71.48 64.00 -99.99
CA LEU P 154 72.38 64.39 -98.92
C LEU P 154 73.79 64.55 -99.48
N PRO P 155 74.59 65.45 -98.90
CA PRO P 155 75.97 65.60 -99.36
C PRO P 155 76.78 64.33 -99.10
N THR P 156 77.79 64.11 -99.95
CA THR P 156 78.68 62.96 -99.76
C THR P 156 79.28 62.91 -98.36
N PRO P 157 79.82 64.01 -97.81
CA PRO P 157 80.22 64.00 -96.39
C PRO P 157 79.00 64.15 -95.48
N ALA P 158 78.34 63.01 -95.23
CA ALA P 158 77.09 62.96 -94.48
C ALA P 158 77.14 63.83 -93.24
N PRO P 159 76.29 64.85 -93.14
CA PRO P 159 76.30 65.70 -91.94
C PRO P 159 75.64 64.99 -90.77
N THR P 160 75.68 65.66 -89.62
CA THR P 160 75.10 65.09 -88.41
C THR P 160 73.64 64.75 -88.64
N GLN P 161 73.26 63.53 -88.27
CA GLN P 161 71.91 63.05 -88.57
C GLN P 161 70.82 63.84 -87.87
N PRO P 162 70.86 64.06 -86.56
CA PRO P 162 69.81 64.88 -85.93
C PRO P 162 69.80 66.29 -86.51
N PHE P 163 68.60 66.84 -86.64
CA PHE P 163 68.41 68.15 -87.28
C PHE P 163 67.55 69.04 -86.39
N LYS P 164 67.71 70.35 -86.58
CA LYS P 164 66.92 71.36 -85.89
C LYS P 164 66.20 72.18 -86.94
N ALA P 165 64.87 72.13 -86.94
CA ALA P 165 64.05 72.81 -87.94
C ALA P 165 63.35 74.02 -87.32
N ALA P 166 63.43 75.14 -88.02
CA ALA P 166 62.75 76.37 -87.63
C ALA P 166 61.97 76.92 -88.81
N TYR P 167 60.76 77.39 -88.56
CA TYR P 167 59.86 77.83 -89.62
C TYR P 167 58.76 78.69 -88.99
N GLU P 168 57.78 79.05 -89.82
CA GLU P 168 56.62 79.82 -89.38
C GLU P 168 55.36 79.06 -89.72
N TYR P 169 54.40 79.04 -88.79
CA TYR P 169 53.12 78.36 -88.97
C TYR P 169 51.99 79.36 -88.84
N ALA P 170 51.00 79.23 -89.71
CA ALA P 170 49.88 80.16 -89.75
C ALA P 170 48.81 79.77 -88.73
N ALA P 171 47.89 80.70 -88.48
CA ALA P 171 46.80 80.45 -87.57
C ALA P 171 45.81 79.45 -88.15
N THR P 172 45.13 78.72 -87.27
CA THR P 172 44.19 77.70 -87.69
C THR P 172 43.09 77.57 -86.65
N LYS P 173 41.97 76.99 -87.07
CA LYS P 173 40.81 76.77 -86.21
C LYS P 173 40.55 75.28 -86.11
N GLN P 174 40.40 74.79 -84.88
CA GLN P 174 40.20 73.37 -84.62
C GLN P 174 38.85 73.13 -83.98
N VAL P 175 38.28 71.95 -84.22
CA VAL P 175 37.02 71.52 -83.65
C VAL P 175 37.21 70.14 -83.05
N GLY P 176 36.80 69.97 -81.80
CA GLY P 176 36.84 68.67 -81.16
C GLY P 176 35.65 67.81 -81.55
N MET P 177 35.70 66.55 -81.13
CA MET P 177 34.64 65.59 -81.39
C MET P 177 34.13 65.05 -80.06
N PHE P 178 32.83 65.21 -79.82
CA PHE P 178 32.21 64.78 -78.57
C PHE P 178 32.88 65.44 -77.37
N THR P 179 33.42 66.64 -77.56
CA THR P 179 34.05 67.40 -76.50
C THR P 179 33.12 68.40 -75.84
N ALA P 180 31.87 68.48 -76.29
CA ALA P 180 30.90 69.42 -75.74
C ALA P 180 29.61 68.69 -75.42
N PRO P 181 28.83 69.19 -74.46
CA PRO P 181 27.57 68.53 -74.11
C PRO P 181 26.52 68.74 -75.19
N GLN P 182 25.43 67.98 -75.07
CA GLN P 182 24.36 68.03 -76.05
C GLN P 182 23.85 69.46 -76.21
N PRO P 183 24.14 70.11 -77.34
CA PRO P 183 23.65 71.49 -77.53
C PRO P 183 22.12 71.53 -77.59
N THR P 184 21.57 72.62 -77.08
CA THR P 184 20.14 72.89 -77.15
C THR P 184 19.95 74.24 -77.83
N VAL P 185 19.38 74.24 -79.02
CA VAL P 185 19.34 75.41 -79.88
C VAL P 185 17.89 75.75 -80.21
N ALA P 186 17.57 77.03 -80.20
CA ALA P 186 16.27 77.53 -80.66
C ALA P 186 16.41 77.96 -82.11
N LEU P 187 15.53 77.47 -82.97
CA LEU P 187 15.63 77.68 -84.40
C LEU P 187 14.58 78.68 -84.87
N ARG P 188 15.00 79.57 -85.76
CA ARG P 188 14.11 80.57 -86.37
C ARG P 188 14.25 80.46 -87.89
N TYR P 189 13.26 79.86 -88.54
CA TYR P 189 13.25 79.74 -89.99
C TYR P 189 12.53 80.93 -90.59
N LYS P 190 13.20 81.63 -91.48
CA LYS P 190 12.66 82.81 -92.18
C LYS P 190 12.71 82.50 -93.67
N GLY P 191 11.59 82.05 -94.22
CA GLY P 191 11.53 81.65 -95.61
C GLY P 191 10.54 82.50 -96.38
N ILE P 192 10.67 82.44 -97.71
CA ILE P 192 9.82 83.19 -98.63
C ILE P 192 9.01 82.20 -99.45
N ASN P 193 7.70 82.39 -99.49
CA ASN P 193 6.79 81.53 -100.24
C ASN P 193 6.64 82.11 -101.65
N LEU P 194 7.31 81.49 -102.62
CA LEU P 194 7.25 81.98 -103.98
C LEU P 194 5.88 81.79 -104.61
N ALA P 195 5.10 80.82 -104.15
CA ALA P 195 3.79 80.55 -104.75
C ALA P 195 2.82 81.71 -104.58
N GLU P 196 3.08 82.62 -103.66
CA GLU P 196 2.23 83.78 -103.41
C GLU P 196 3.00 85.07 -103.66
N GLY P 197 3.75 85.11 -104.75
CA GLY P 197 4.53 86.29 -105.05
C GLY P 197 5.66 86.55 -104.08
N GLY P 198 6.04 85.56 -103.28
CA GLY P 198 7.09 85.73 -102.30
C GLY P 198 6.57 86.24 -100.97
N ALA P 199 5.48 85.65 -100.48
CA ALA P 199 4.89 86.09 -99.23
C ALA P 199 5.81 85.69 -98.06
N PRO P 200 5.78 86.47 -96.97
CA PRO P 200 6.65 86.14 -95.83
C PRO P 200 6.04 85.07 -94.93
N VAL P 201 6.89 84.14 -94.52
CA VAL P 201 6.51 83.06 -93.61
C VAL P 201 7.62 82.90 -92.58
N ILE P 202 7.23 82.72 -91.31
CA ILE P 202 8.17 82.55 -90.22
C ILE P 202 7.76 81.33 -89.40
N VAL P 203 8.74 80.52 -89.02
CA VAL P 203 8.53 79.35 -88.17
C VAL P 203 9.45 79.47 -86.97
N GLU P 204 8.89 79.31 -85.77
CA GLU P 204 9.62 79.46 -84.53
C GLU P 204 9.68 78.11 -83.82
N LEU P 205 10.87 77.75 -83.32
CA LEU P 205 11.07 76.53 -82.55
C LEU P 205 11.83 76.89 -81.28
N TYR P 206 11.16 76.79 -80.12
CA TYR P 206 11.73 77.31 -78.88
C TYR P 206 12.90 76.48 -78.42
N LYS P 207 12.75 75.15 -78.37
CA LYS P 207 13.76 74.27 -77.81
C LYS P 207 13.91 73.06 -78.71
N VAL P 208 15.13 72.82 -79.17
CA VAL P 208 15.43 71.69 -80.05
C VAL P 208 16.71 71.03 -79.57
N ALA P 209 16.67 69.71 -79.39
CA ALA P 209 17.84 68.91 -79.04
C ALA P 209 18.30 68.18 -80.29
N THR P 210 19.55 68.40 -80.68
CA THR P 210 20.06 67.88 -81.94
C THR P 210 20.71 66.51 -81.74
N ASP P 211 20.88 65.81 -82.86
CA ASP P 211 21.57 64.54 -82.91
C ASP P 211 22.78 64.66 -83.83
N PRO P 212 23.97 64.19 -83.42
CA PRO P 212 25.16 64.34 -84.27
C PRO P 212 24.92 63.89 -85.70
N LEU P 213 25.79 64.33 -86.62
CA LEU P 213 25.64 63.98 -88.02
C LEU P 213 25.66 62.47 -88.19
N GLN P 214 24.88 61.98 -89.16
CA GLN P 214 24.84 60.55 -89.42
C GLN P 214 26.03 60.12 -90.29
N GLU P 215 26.31 60.86 -91.35
CA GLU P 215 27.39 60.51 -92.27
C GLU P 215 28.11 61.77 -92.72
N LEU P 216 29.37 61.60 -93.10
CA LEU P 216 30.18 62.70 -93.62
C LEU P 216 31.22 62.10 -94.57
N ALA P 217 30.96 62.19 -95.87
CA ALA P 217 31.83 61.63 -96.89
C ALA P 217 32.93 62.64 -97.21
N LEU P 218 34.14 62.38 -96.71
CA LEU P 218 35.24 63.31 -96.94
C LEU P 218 35.68 63.31 -98.40
N ILE P 219 35.68 62.14 -99.04
CA ILE P 219 36.01 62.01 -100.45
C ILE P 219 34.71 61.76 -101.20
N SER P 220 34.31 62.72 -102.02
CA SER P 220 33.03 62.70 -102.71
C SER P 220 33.22 62.35 -104.19
N ASP P 221 32.24 61.64 -104.75
CA ASP P 221 32.23 61.26 -106.15
C ASP P 221 30.95 61.79 -106.80
N GLY P 222 31.11 62.35 -108.00
CA GLY P 222 29.98 62.89 -108.73
C GLY P 222 29.99 64.40 -108.79
N ASN P 223 28.81 65.01 -108.95
CA ASN P 223 28.68 66.46 -109.01
C ASN P 223 27.81 67.01 -107.89
N THR P 224 27.67 66.26 -106.80
CA THR P 224 26.81 66.64 -105.68
C THR P 224 27.68 67.12 -104.53
N VAL P 225 27.37 68.31 -104.01
CA VAL P 225 28.15 68.87 -102.91
C VAL P 225 27.93 68.02 -101.65
N ALA P 226 28.97 67.94 -100.82
CA ALA P 226 28.87 67.18 -99.59
C ALA P 226 27.75 67.73 -98.72
N GLY P 227 26.92 66.84 -98.19
CA GLY P 227 25.78 67.23 -97.37
C GLY P 227 25.93 66.72 -95.96
N MET P 228 25.49 67.53 -95.00
CA MET P 228 25.48 67.19 -93.58
C MET P 228 24.02 67.15 -93.14
N GLN P 229 23.57 65.97 -92.69
CA GLN P 229 22.21 65.78 -92.23
C GLN P 229 22.21 65.67 -90.71
N ILE P 230 21.34 66.45 -90.06
CA ILE P 230 21.24 66.47 -88.60
C ILE P 230 19.78 66.27 -88.24
N SER P 231 19.53 65.37 -87.29
CA SER P 231 18.19 65.11 -86.77
C SER P 231 18.08 65.60 -85.33
N GLY P 232 16.92 66.12 -84.98
CA GLY P 232 16.71 66.64 -83.64
C GLY P 232 15.25 66.54 -83.24
N GLY P 233 15.02 66.43 -81.93
CA GLY P 233 13.68 66.37 -81.37
C GLY P 233 13.34 67.66 -80.66
N ILE P 234 12.15 68.18 -80.96
CA ILE P 234 11.69 69.44 -80.39
C ILE P 234 11.15 69.13 -78.99
N LEU P 235 11.87 69.57 -77.97
CA LEU P 235 11.48 69.32 -76.59
C LEU P 235 10.38 70.29 -76.17
N LEU P 236 9.78 70.02 -75.01
CA LEU P 236 8.71 70.84 -74.47
C LEU P 236 9.30 71.93 -73.59
N ASP P 237 9.12 73.18 -73.99
CA ASP P 237 9.58 74.31 -73.19
C ASP P 237 8.63 74.53 -72.02
N THR P 238 9.19 74.61 -70.81
CA THR P 238 8.40 74.75 -69.60
C THR P 238 8.30 76.18 -69.12
N SER P 239 8.85 77.15 -69.86
CA SER P 239 8.81 78.54 -69.44
C SER P 239 7.66 79.32 -70.05
N LYS P 240 7.17 78.91 -71.22
CA LYS P 240 6.07 79.62 -71.84
C LYS P 240 4.76 79.35 -71.10
N PRO P 241 3.81 80.27 -71.15
CA PRO P 241 2.53 80.03 -70.48
C PRO P 241 1.83 78.80 -71.02
N ASP P 242 1.21 78.04 -70.12
CA ASP P 242 0.49 76.84 -70.54
C ASP P 242 -0.76 77.21 -71.35
N THR P 243 -1.53 78.18 -70.87
CA THR P 243 -2.71 78.63 -71.60
C THR P 243 -2.36 79.60 -72.73
N GLY P 244 -1.10 80.00 -72.83
CA GLY P 244 -0.71 80.89 -73.92
C GLY P 244 -1.01 80.26 -75.27
N ASP P 245 -1.57 81.08 -76.18
CA ASP P 245 -1.95 80.58 -77.49
C ASP P 245 -0.75 80.18 -78.34
N LEU P 246 0.45 80.64 -77.99
CA LEU P 246 1.64 80.38 -78.80
C LEU P 246 2.15 78.94 -78.65
N GLY P 247 1.62 78.17 -77.70
CA GLY P 247 2.08 76.81 -77.55
C GLY P 247 3.42 76.73 -76.83
N ARG P 248 4.02 75.54 -76.88
CA ARG P 248 5.29 75.30 -76.20
C ARG P 248 6.33 74.57 -77.05
N PHE P 249 5.98 74.07 -78.24
CA PHE P 249 6.93 73.38 -79.11
C PHE P 249 7.48 74.28 -80.19
N GLY P 250 6.60 74.88 -80.99
CA GLY P 250 7.01 75.80 -82.05
C GLY P 250 5.88 76.73 -82.40
N ARG P 251 5.96 77.34 -83.58
CA ARG P 251 4.92 78.25 -84.03
C ARG P 251 5.16 78.56 -85.50
N ILE P 252 4.09 79.04 -86.16
CA ILE P 252 4.16 79.51 -87.53
C ILE P 252 3.48 80.86 -87.60
N ILE P 253 4.13 81.82 -88.25
CA ILE P 253 3.60 83.17 -88.41
C ILE P 253 3.45 83.45 -89.90
N GLN P 254 2.27 83.89 -90.31
CA GLN P 254 1.98 84.25 -91.68
C GLN P 254 1.32 85.63 -91.69
N LEU P 255 1.84 86.53 -92.52
CA LEU P 255 1.30 87.87 -92.60
C LEU P 255 0.13 87.90 -93.59
N GLY P 256 -1.02 88.38 -93.11
CA GLY P 256 -2.22 88.44 -93.94
C GLY P 256 -3.41 88.98 -93.18
N THR Q 5 32.99 77.84 -97.76
CA THR Q 5 32.10 77.20 -96.80
C THR Q 5 31.36 76.02 -97.44
N TYR Q 6 31.90 75.52 -98.54
CA TYR Q 6 31.37 74.33 -99.20
C TYR Q 6 32.50 73.32 -99.34
N PHE Q 7 32.14 72.05 -99.35
CA PHE Q 7 33.11 70.96 -99.27
C PHE Q 7 32.93 69.99 -100.44
N TYR Q 8 34.03 69.72 -101.14
CA TYR Q 8 34.10 68.64 -102.11
C TYR Q 8 35.55 68.14 -102.07
N GLY Q 9 35.79 67.11 -101.27
CA GLY Q 9 37.13 66.75 -100.85
C GLY Q 9 37.78 65.69 -101.73
N GLN Q 10 39.05 65.91 -102.06
CA GLN Q 10 39.92 64.91 -102.65
C GLN Q 10 41.27 65.01 -101.94
N GLY Q 11 42.01 63.91 -101.92
CA GLY Q 11 43.31 63.93 -101.29
C GLY Q 11 43.82 62.52 -101.01
N GLU Q 12 44.73 62.43 -100.04
CA GLU Q 12 45.40 61.20 -99.69
C GLU Q 12 45.15 60.87 -98.23
N ILE Q 13 45.56 59.66 -97.84
CA ILE Q 13 45.37 59.17 -96.48
C ILE Q 13 46.66 58.50 -96.02
N ASP Q 14 47.04 58.76 -94.76
CA ASP Q 14 48.22 58.17 -94.16
C ASP Q 14 47.82 57.38 -92.92
N ALA Q 15 48.44 56.21 -92.75
CA ALA Q 15 48.14 55.32 -91.63
C ALA Q 15 49.43 54.93 -90.94
N ALA Q 16 49.39 54.88 -89.61
CA ALA Q 16 50.54 54.48 -88.80
C ALA Q 16 50.08 53.41 -87.82
N PRO Q 17 50.64 52.20 -87.87
CA PRO Q 17 50.22 51.16 -86.93
C PRO Q 17 50.58 51.53 -85.50
N ILE Q 18 49.75 51.04 -84.56
CA ILE Q 18 49.98 51.23 -83.14
C ILE Q 18 50.28 49.86 -82.55
N VAL Q 19 51.48 49.69 -82.01
CA VAL Q 19 51.95 48.41 -81.49
C VAL Q 19 52.30 48.66 -80.02
N ASN Q 20 51.37 48.34 -79.12
CA ASN Q 20 51.52 48.53 -77.68
C ASN Q 20 51.50 50.00 -77.29
N GLY Q 21 50.94 50.86 -78.15
CA GLY Q 21 50.78 52.26 -77.84
C GLY Q 21 51.85 53.17 -78.38
N VAL Q 22 52.98 52.63 -78.83
CA VAL Q 22 54.05 53.46 -79.39
C VAL Q 22 53.75 53.74 -80.85
N LEU Q 23 53.80 55.02 -81.23
CA LEU Q 23 53.48 55.41 -82.60
C LEU Q 23 54.43 54.72 -83.58
N GLY Q 24 53.87 54.20 -84.67
CA GLY Q 24 54.65 53.57 -85.71
C GLY Q 24 55.09 54.56 -86.77
N LYS Q 25 55.59 54.01 -87.88
CA LYS Q 25 56.05 54.82 -89.00
C LYS Q 25 54.91 55.00 -89.98
N TRP Q 26 54.54 56.27 -90.23
CA TRP Q 26 53.45 56.56 -91.14
C TRP Q 26 53.76 56.07 -92.55
N ARG Q 27 52.73 55.59 -93.24
CA ARG Q 27 52.84 55.18 -94.63
C ARG Q 27 51.60 55.61 -95.39
N TRP Q 28 51.78 55.88 -96.67
CA TRP Q 28 50.65 56.21 -97.54
C TRP Q 28 49.82 54.95 -97.81
N ILE Q 29 48.50 55.13 -97.84
CA ILE Q 29 47.60 54.01 -98.06
C ILE Q 29 47.25 53.93 -99.55
N GLN Q 30 48.06 54.57 -100.39
CA GLN Q 30 47.87 54.53 -101.83
C GLN Q 30 46.50 55.08 -102.21
N ASP Q 31 46.04 54.79 -103.41
CA ASP Q 31 44.81 55.39 -103.91
C ASP Q 31 43.61 54.97 -103.06
N VAL Q 32 42.70 55.91 -102.84
CA VAL Q 32 41.46 55.68 -102.11
C VAL Q 32 40.32 56.35 -102.85
N SER Q 33 39.17 55.69 -102.90
CA SER Q 33 38.02 56.18 -103.65
C SER Q 33 36.91 56.75 -102.78
N ALA Q 34 36.76 56.27 -101.54
CA ALA Q 34 35.66 56.73 -100.70
C ALA Q 34 36.06 56.62 -99.24
N MET Q 35 35.81 57.69 -98.49
CA MET Q 35 36.00 57.72 -97.03
C MET Q 35 34.76 58.33 -96.40
N SER Q 36 34.20 57.64 -95.42
CA SER Q 36 33.00 58.10 -94.72
C SER Q 36 33.20 57.93 -93.23
N ILE Q 37 32.66 58.87 -92.45
CA ILE Q 37 32.68 58.82 -91.00
C ILE Q 37 31.24 58.91 -90.51
N GLN Q 38 30.85 57.96 -89.67
CA GLN Q 38 29.50 57.89 -89.14
C GLN Q 38 29.54 58.00 -87.62
N LEU Q 39 28.65 58.82 -87.07
CA LEU Q 39 28.55 59.01 -85.62
C LEU Q 39 27.21 58.47 -85.14
N ALA Q 40 27.23 57.68 -84.07
CA ALA Q 40 26.03 57.12 -83.47
C ALA Q 40 26.01 57.45 -81.99
N VAL Q 41 24.89 57.96 -81.51
CA VAL Q 41 24.71 58.36 -80.11
C VAL Q 41 23.41 57.77 -79.60
N GLU Q 42 23.47 57.13 -78.44
CA GLU Q 42 22.30 56.57 -77.77
C GLU Q 42 21.88 57.51 -76.66
N LYS Q 43 20.57 57.69 -76.50
CA LYS Q 43 20.02 58.64 -75.55
C LYS Q 43 18.94 57.99 -74.70
N VAL Q 44 18.84 58.44 -73.45
CA VAL Q 44 17.79 58.06 -72.52
C VAL Q 44 16.92 59.27 -72.27
N GLU Q 45 15.61 59.12 -72.41
CA GLU Q 45 14.68 60.22 -72.38
C GLU Q 45 13.88 60.26 -71.09
N HIS Q 46 13.59 61.47 -70.64
CA HIS Q 46 12.72 61.73 -69.49
C HIS Q 46 11.48 62.45 -69.97
N LYS Q 47 10.31 61.97 -69.56
CA LYS Q 47 9.03 62.50 -70.03
C LYS Q 47 8.24 63.04 -68.84
N GLU Q 48 7.85 64.32 -68.92
CA GLU Q 48 6.93 64.85 -67.93
C GLU Q 48 5.51 64.46 -68.30
N SER Q 49 4.58 64.70 -67.37
CA SER Q 49 3.17 64.38 -67.60
C SER Q 49 2.25 65.45 -67.03
N TYR Q 50 2.77 66.63 -66.70
CA TYR Q 50 1.95 67.66 -66.07
C TYR Q 50 1.08 68.42 -67.06
N SER Q 51 1.39 68.35 -68.35
CA SER Q 51 0.63 69.07 -69.36
C SER Q 51 -0.46 68.23 -70.00
N GLY Q 52 -0.59 66.95 -69.62
CA GLY Q 52 -1.55 66.07 -70.23
C GLY Q 52 -1.13 65.49 -71.56
N GLN Q 53 0.08 65.82 -72.03
CA GLN Q 53 0.57 65.32 -73.31
C GLN Q 53 1.57 64.19 -73.16
N LYS Q 54 2.27 64.11 -72.04
CA LYS Q 54 3.30 63.08 -71.82
C LYS Q 54 4.39 63.20 -72.89
N ALA Q 55 4.57 64.43 -73.39
CA ALA Q 55 5.56 64.67 -74.43
C ALA Q 55 6.98 64.66 -73.87
N LEU Q 56 7.94 64.42 -74.76
CA LEU Q 56 9.34 64.44 -74.37
C LEU Q 56 9.73 65.81 -73.85
N VAL Q 57 10.43 65.83 -72.71
CA VAL Q 57 10.79 67.09 -72.06
C VAL Q 57 12.30 67.24 -71.98
N ARG Q 58 13.01 66.12 -71.83
CA ARG Q 58 14.46 66.15 -71.62
C ARG Q 58 15.05 64.88 -72.18
N SER Q 59 16.35 64.96 -72.49
CA SER Q 59 17.07 63.81 -73.05
C SER Q 59 18.56 64.11 -72.94
N PHE Q 60 19.32 63.12 -72.45
CA PHE Q 60 20.75 63.27 -72.27
C PHE Q 60 21.46 62.11 -72.97
N PRO Q 61 22.51 62.37 -73.75
CA PRO Q 61 23.17 61.29 -74.47
C PRO Q 61 23.96 60.39 -73.54
N ILE Q 62 23.84 59.08 -73.75
CA ILE Q 62 24.56 58.09 -72.96
C ILE Q 62 25.57 57.34 -73.81
N GLY Q 63 25.20 57.00 -75.04
CA GLY Q 63 26.13 56.32 -75.93
C GLY Q 63 26.90 57.31 -76.80
N LYS Q 64 28.03 56.85 -77.30
CA LYS Q 64 28.84 57.65 -78.22
C LYS Q 64 29.83 56.73 -78.93
N THR Q 65 29.72 56.64 -80.24
CA THR Q 65 30.64 55.81 -81.02
C THR Q 65 30.73 56.38 -82.43
N ALA Q 66 31.88 56.17 -83.05
CA ALA Q 66 32.15 56.63 -84.41
C ALA Q 66 32.71 55.49 -85.23
N THR Q 67 32.19 55.35 -86.45
CA THR Q 67 32.64 54.33 -87.39
C THR Q 67 33.14 55.00 -88.66
N VAL Q 68 34.22 54.47 -89.22
CA VAL Q 68 34.85 55.02 -90.41
C VAL Q 68 34.93 53.92 -91.46
N ASN Q 69 34.52 54.25 -92.69
CA ASN Q 69 34.55 53.32 -93.81
C ASN Q 69 35.49 53.87 -94.88
N ILE Q 70 36.37 53.03 -95.39
CA ILE Q 70 37.35 53.41 -96.40
C ILE Q 70 37.28 52.42 -97.55
N THR Q 71 37.31 52.94 -98.78
CA THR Q 71 37.35 52.13 -99.98
C THR Q 71 38.68 52.39 -100.69
N LEU Q 72 39.54 51.38 -100.72
CA LEU Q 72 40.85 51.48 -101.36
C LEU Q 72 40.93 50.50 -102.51
N HIS Q 73 41.65 50.89 -103.57
CA HIS Q 73 41.77 50.09 -104.78
C HIS Q 73 43.18 49.54 -104.98
N SER Q 74 44.00 49.53 -103.93
CA SER Q 74 45.39 49.11 -104.03
C SER Q 74 45.56 47.71 -103.47
N ILE Q 75 46.23 46.85 -104.23
CA ILE Q 75 46.47 45.45 -103.84
C ILE Q 75 47.92 45.30 -103.44
N GLY Q 76 48.53 46.40 -102.98
CA GLY Q 76 49.89 46.36 -102.50
C GLY Q 76 50.01 45.44 -101.30
N PRO Q 77 51.15 44.75 -101.17
CA PRO Q 77 51.28 43.80 -100.05
C PRO Q 77 51.13 44.44 -98.69
N ASP Q 78 51.56 45.69 -98.53
CA ASP Q 78 51.35 46.37 -97.25
C ASP Q 78 49.87 46.53 -96.94
N ASN Q 79 49.09 46.94 -97.94
CA ASN Q 79 47.65 47.09 -97.74
C ASN Q 79 46.99 45.73 -97.51
N LEU Q 80 47.48 44.69 -98.18
CA LEU Q 80 46.96 43.35 -97.92
C LEU Q 80 47.21 42.94 -96.47
N ALA Q 81 48.41 43.22 -95.96
CA ALA Q 81 48.71 42.92 -94.57
C ALA Q 81 47.81 43.72 -93.63
N LEU Q 82 47.59 45.00 -93.95
CA LEU Q 82 46.75 45.83 -93.09
C LEU Q 82 45.30 45.39 -93.13
N THR Q 83 44.84 44.82 -94.23
CA THR Q 83 43.43 44.50 -94.44
C THR Q 83 43.10 43.03 -94.21
N LEU Q 84 44.03 42.12 -94.46
CA LEU Q 84 43.80 40.69 -94.32
C LEU Q 84 44.31 40.13 -93.00
N TYR Q 85 44.70 41.00 -92.07
CA TYR Q 85 45.29 40.55 -90.80
C TYR Q 85 46.51 39.67 -91.06
N GLY Q 86 47.31 40.04 -92.06
CA GLY Q 86 48.47 39.28 -92.45
C GLY Q 86 49.76 40.06 -92.22
N LYS Q 87 50.88 39.36 -92.42
CA LYS Q 87 52.21 39.95 -92.34
C LYS Q 87 52.99 39.56 -93.58
N VAL Q 88 53.70 40.52 -94.15
CA VAL Q 88 54.36 40.30 -95.43
C VAL Q 88 55.55 39.36 -95.26
N VAL Q 89 55.75 38.51 -96.26
CA VAL Q 89 56.88 37.58 -96.31
C VAL Q 89 57.62 37.81 -97.61
N ALA Q 90 58.93 38.02 -97.53
CA ALA Q 90 59.78 38.28 -98.68
C ALA Q 90 60.68 37.08 -98.93
N LYS Q 91 60.62 36.54 -100.14
CA LYS Q 91 61.44 35.41 -100.55
C LYS Q 91 62.42 35.89 -101.60
N ALA Q 92 63.71 35.68 -101.35
CA ALA Q 92 64.75 36.11 -102.28
C ALA Q 92 64.87 35.12 -103.44
N ALA Q 93 65.28 35.63 -104.59
CA ALA Q 93 65.46 34.79 -105.76
C ALA Q 93 66.59 33.79 -105.52
N GLY Q 94 66.45 32.63 -106.13
CA GLY Q 94 67.41 31.56 -105.93
C GLY Q 94 67.33 30.53 -107.03
N SER Q 95 67.92 29.37 -106.75
CA SER Q 95 67.95 28.27 -107.72
C SER Q 95 67.65 26.96 -107.02
N VAL Q 96 67.21 25.99 -107.81
CA VAL Q 96 66.94 24.64 -107.33
C VAL Q 96 67.70 23.67 -108.22
N THR Q 97 68.09 22.53 -107.64
CA THR Q 97 68.92 21.55 -108.33
C THR Q 97 68.38 20.13 -108.28
N GLY Q 98 67.65 19.75 -107.24
CA GLY Q 98 67.27 18.36 -107.06
C GLY Q 98 65.80 18.11 -106.78
N GLU Q 99 64.92 18.91 -107.37
CA GLU Q 99 63.49 18.65 -107.24
C GLU Q 99 63.12 17.39 -108.02
N VAL Q 100 62.24 16.58 -107.43
CA VAL Q 100 61.80 15.32 -108.01
C VAL Q 100 60.36 15.50 -108.47
N LEU Q 101 60.10 15.19 -109.73
CA LEU Q 101 58.76 15.33 -110.31
C LEU Q 101 57.92 14.09 -110.02
N PRO Q 102 56.60 14.20 -110.13
CA PRO Q 102 55.74 13.03 -109.91
C PRO Q 102 56.06 11.92 -110.89
N ALA Q 103 55.91 10.68 -110.41
CA ALA Q 103 56.19 9.51 -111.23
C ALA Q 103 54.99 9.16 -112.10
N ASP Q 104 55.13 8.09 -112.88
CA ASP Q 104 54.08 7.63 -113.78
C ASP Q 104 53.60 8.75 -114.70
N LEU Q 105 54.56 9.52 -115.22
CA LEU Q 105 54.24 10.66 -116.07
C LEU Q 105 54.06 10.21 -117.52
N VAL Q 106 53.06 10.77 -118.17
CA VAL Q 106 52.77 10.50 -119.58
C VAL Q 106 52.40 11.82 -120.27
N ALA Q 107 52.31 11.76 -121.59
CA ALA Q 107 51.94 12.94 -122.36
C ALA Q 107 50.54 13.40 -121.99
N GLY Q 108 50.38 14.72 -121.88
CA GLY Q 108 49.12 15.32 -121.51
C GLY Q 108 49.04 15.75 -120.05
N ASP Q 109 49.91 15.23 -119.20
CA ASP Q 109 49.93 15.62 -117.80
C ASP Q 109 50.56 17.00 -117.64
N VAL Q 110 50.21 17.67 -116.55
CA VAL Q 110 50.73 18.97 -116.20
C VAL Q 110 51.45 18.86 -114.87
N ILE Q 111 52.66 19.40 -114.81
CA ILE Q 111 53.48 19.38 -113.59
C ILE Q 111 53.56 20.78 -113.03
N ARG Q 112 53.56 20.87 -111.71
CA ARG Q 112 53.58 22.14 -110.99
C ARG Q 112 54.80 22.19 -110.09
N LEU Q 113 55.53 23.30 -110.16
CA LEU Q 113 56.74 23.50 -109.37
C LEU Q 113 56.44 24.32 -108.13
N ALA Q 114 57.21 24.09 -107.07
CA ALA Q 114 56.96 24.75 -105.80
C ALA Q 114 57.22 26.25 -105.86
N ASN Q 115 57.89 26.73 -106.89
CA ASN Q 115 58.24 28.14 -107.01
C ASN Q 115 57.74 28.69 -108.34
N PHE Q 116 57.60 30.01 -108.38
CA PHE Q 116 57.09 30.72 -109.54
C PHE Q 116 58.22 31.43 -110.27
N GLY Q 117 57.90 32.00 -111.42
CA GLY Q 117 58.90 32.69 -112.22
C GLY Q 117 60.03 31.80 -112.67
N VAL Q 118 59.72 30.57 -113.08
CA VAL Q 118 60.75 29.61 -113.47
C VAL Q 118 61.36 30.03 -114.79
N SER Q 119 62.67 29.86 -114.90
CA SER Q 119 63.38 30.13 -116.13
C SER Q 119 64.62 29.24 -116.18
N GLU Q 120 65.14 29.04 -117.39
CA GLU Q 120 66.28 28.15 -117.61
C GLU Q 120 65.97 26.75 -117.08
N LEU Q 121 64.75 26.28 -117.33
CA LEU Q 121 64.33 24.98 -116.83
C LEU Q 121 65.12 23.87 -117.50
N VAL Q 122 65.66 22.96 -116.70
CA VAL Q 122 66.38 21.79 -117.19
C VAL Q 122 65.88 20.57 -116.44
N ILE Q 123 65.61 19.49 -117.18
CA ILE Q 123 65.15 18.23 -116.60
C ILE Q 123 66.18 17.19 -116.97
N THR Q 124 66.93 16.71 -115.98
CA THR Q 124 67.94 15.68 -116.20
C THR Q 124 67.33 14.31 -115.96
N ASP Q 125 67.56 13.40 -116.89
CA ASP Q 125 67.03 12.05 -116.77
C ASP Q 125 67.80 11.25 -115.73
N SER Q 126 67.08 10.38 -115.02
CA SER Q 126 67.67 9.56 -113.97
C SER Q 126 68.31 8.33 -114.61
N ALA Q 127 69.63 8.25 -114.53
CA ALA Q 127 70.38 7.12 -115.08
C ALA Q 127 71.83 7.26 -114.67
N SER Q 128 72.60 6.18 -114.85
CA SER Q 128 74.02 6.23 -114.57
C SER Q 128 74.71 7.30 -115.40
N SER Q 129 74.22 7.54 -116.61
CA SER Q 129 74.72 8.62 -117.47
C SER Q 129 73.64 9.69 -117.60
N PRO Q 130 73.78 10.84 -116.93
CA PRO Q 130 72.76 11.88 -117.07
C PRO Q 130 72.57 12.28 -118.52
N ALA Q 131 71.32 12.52 -118.89
CA ALA Q 131 70.96 12.88 -120.27
C ALA Q 131 69.80 13.87 -120.22
N PRO Q 132 70.09 15.18 -120.19
CA PRO Q 132 69.01 16.16 -120.16
C PRO Q 132 68.04 15.95 -121.31
N LEU Q 133 66.76 16.02 -121.00
CA LEU Q 133 65.74 15.82 -122.02
C LEU Q 133 65.73 16.98 -123.01
N ASP Q 134 65.28 16.68 -124.22
CA ASP Q 134 65.22 17.70 -125.26
C ASP Q 134 64.17 18.75 -124.89
N PRO Q 135 64.45 20.04 -125.07
CA PRO Q 135 63.45 21.06 -124.73
C PRO Q 135 62.15 20.93 -125.51
N GLN Q 136 62.19 20.44 -126.76
CA GLN Q 136 60.97 20.38 -127.56
C GLN Q 136 59.95 19.37 -127.03
N TYR Q 137 60.33 18.52 -126.07
CA TYR Q 137 59.41 17.54 -125.52
C TYR Q 137 58.59 18.08 -124.35
N TYR Q 138 58.78 19.35 -123.98
CA TYR Q 138 57.96 19.97 -122.93
C TYR Q 138 57.75 21.43 -123.28
N ALA Q 139 56.70 22.01 -122.68
CA ALA Q 139 56.36 23.40 -122.90
C ALA Q 139 56.04 24.06 -121.55
N LEU Q 140 56.22 25.37 -121.50
CA LEU Q 140 55.97 26.16 -120.30
C LEU Q 140 54.72 27.00 -120.51
N ARG Q 141 53.63 26.61 -119.85
CA ARG Q 141 52.40 27.39 -119.92
C ARG Q 141 52.55 28.66 -119.12
N ALA Q 142 51.98 29.75 -119.62
CA ALA Q 142 52.05 31.05 -118.98
C ALA Q 142 53.51 31.47 -118.75
N ASP Q 143 54.32 31.26 -119.78
CA ASP Q 143 55.74 31.64 -119.79
C ASP Q 143 56.43 31.36 -118.46
N GLY Q 144 56.12 30.22 -117.85
CA GLY Q 144 56.74 29.87 -116.59
C GLY Q 144 56.34 30.74 -115.42
N ALA Q 145 55.19 31.40 -115.49
CA ALA Q 145 54.75 32.25 -114.40
C ALA Q 145 54.27 31.45 -113.19
N TYR Q 146 54.01 30.15 -113.35
CA TYR Q 146 53.53 29.32 -112.26
C TYR Q 146 54.25 27.98 -112.19
N GLY Q 147 55.32 27.79 -112.95
CA GLY Q 147 56.02 26.53 -112.95
C GLY Q 147 55.21 25.41 -113.59
N GLU Q 148 54.17 25.78 -114.33
CA GLU Q 148 53.35 24.79 -115.01
C GLU Q 148 54.06 24.31 -116.26
N VAL Q 149 54.37 23.01 -116.29
CA VAL Q 149 55.10 22.40 -117.39
C VAL Q 149 54.22 21.33 -118.02
N GLN Q 150 54.05 21.39 -119.33
CA GLN Q 150 53.23 20.46 -120.09
C GLN Q 150 54.11 19.58 -120.95
N LEU Q 151 53.83 18.27 -120.94
CA LEU Q 151 54.61 17.32 -121.70
C LEU Q 151 54.06 17.20 -123.12
N LEU Q 152 54.91 17.53 -124.10
CA LEU Q 152 54.52 17.41 -125.51
C LEU Q 152 54.66 16.00 -126.04
N GLY Q 153 55.65 15.25 -125.56
CA GLY Q 153 55.84 13.89 -126.01
C GLY Q 153 57.05 13.28 -125.33
N LEU Q 154 57.20 11.97 -125.52
CA LEU Q 154 58.31 11.23 -124.95
C LEU Q 154 58.97 10.40 -126.03
N PRO Q 155 60.28 10.20 -125.96
CA PRO Q 155 60.96 9.37 -126.97
C PRO Q 155 60.43 7.95 -126.96
N THR Q 156 60.44 7.33 -128.13
CA THR Q 156 59.99 5.94 -128.24
C THR Q 156 60.69 5.02 -127.25
N PRO Q 157 62.02 5.08 -127.07
CA PRO Q 157 62.65 4.34 -125.95
C PRO Q 157 62.42 5.08 -124.64
N ALA Q 158 61.25 4.83 -124.04
CA ALA Q 158 60.80 5.52 -122.83
C ALA Q 158 61.93 5.61 -121.81
N PRO Q 159 62.40 6.82 -121.49
CA PRO Q 159 63.50 6.93 -120.53
C PRO Q 159 63.06 6.65 -119.10
N THR Q 160 63.99 6.72 -118.15
CA THR Q 160 63.65 6.48 -116.76
C THR Q 160 62.59 7.47 -116.30
N GLN Q 161 61.52 6.95 -115.69
CA GLN Q 161 60.36 7.78 -115.39
C GLN Q 161 60.67 8.90 -114.41
N PRO Q 162 61.26 8.66 -113.24
CA PRO Q 162 61.54 9.78 -112.32
C PRO Q 162 62.48 10.79 -112.95
N PHE Q 163 62.23 12.06 -112.66
CA PHE Q 163 62.97 13.17 -113.25
C PHE Q 163 63.54 14.06 -112.14
N LYS Q 164 64.63 14.75 -112.47
CA LYS Q 164 65.28 15.69 -111.57
C LYS Q 164 65.31 17.05 -112.26
N ALA Q 165 64.54 18.00 -111.73
CA ALA Q 165 64.34 19.30 -112.37
C ALA Q 165 65.12 20.37 -111.61
N ALA Q 166 65.84 21.21 -112.36
CA ALA Q 166 66.57 22.34 -111.81
C ALA Q 166 66.19 23.59 -112.59
N TYR Q 167 66.17 24.72 -111.90
CA TYR Q 167 65.74 25.99 -112.49
C TYR Q 167 66.03 27.10 -111.50
N GLU Q 168 65.63 28.31 -111.87
CA GLU Q 168 65.77 29.49 -111.03
C GLU Q 168 64.39 30.11 -110.80
N TYR Q 169 64.17 30.62 -109.60
CA TYR Q 169 62.92 31.26 -109.23
C TYR Q 169 63.18 32.70 -108.82
N ALA Q 170 62.26 33.59 -109.14
CA ALA Q 170 62.39 35.00 -108.83
C ALA Q 170 61.84 35.29 -107.44
N ALA Q 171 62.23 36.45 -106.90
CA ALA Q 171 61.76 36.86 -105.59
C ALA Q 171 60.30 37.28 -105.65
N THR Q 172 59.62 37.14 -104.51
CA THR Q 172 58.19 37.40 -104.45
C THR Q 172 57.81 37.83 -103.04
N LYS Q 173 56.62 38.40 -102.92
CA LYS Q 173 56.07 38.85 -101.65
C LYS Q 173 54.77 38.12 -101.39
N GLN Q 174 54.60 37.61 -100.18
CA GLN Q 174 53.45 36.79 -99.81
C GLN Q 174 52.76 37.38 -98.58
N VAL Q 175 51.44 37.19 -98.53
CA VAL Q 175 50.63 37.65 -97.41
C VAL Q 175 49.74 36.50 -96.96
N GLY Q 176 49.79 36.18 -95.67
CA GLY Q 176 48.96 35.13 -95.11
C GLY Q 176 47.57 35.62 -94.76
N MET Q 177 46.73 34.69 -94.32
CA MET Q 177 45.36 34.97 -93.92
C MET Q 177 45.23 34.86 -92.41
N PHE Q 178 44.74 35.93 -91.78
CA PHE Q 178 44.49 35.94 -90.34
C PHE Q 178 45.75 35.54 -89.56
N THR Q 179 46.91 35.97 -90.05
CA THR Q 179 48.18 35.63 -89.44
C THR Q 179 48.72 36.75 -88.54
N ALA Q 180 47.98 37.84 -88.37
CA ALA Q 180 48.42 38.95 -87.54
C ALA Q 180 47.27 39.40 -86.65
N PRO Q 181 47.58 40.02 -85.51
CA PRO Q 181 46.51 40.48 -84.62
C PRO Q 181 45.81 41.71 -85.18
N GLN Q 182 44.69 42.05 -84.54
CA GLN Q 182 43.87 43.18 -84.95
C GLN Q 182 44.71 44.45 -85.00
N PRO Q 183 45.00 44.99 -86.18
CA PRO Q 183 45.78 46.23 -86.26
C PRO Q 183 45.04 47.41 -85.65
N THR Q 184 45.80 48.31 -85.04
CA THR Q 184 45.30 49.58 -84.53
C THR Q 184 46.12 50.68 -85.18
N VAL Q 185 45.48 51.48 -86.04
CA VAL Q 185 46.17 52.43 -86.89
C VAL Q 185 45.55 53.81 -86.70
N ALA Q 186 46.40 54.83 -86.53
CA ALA Q 186 45.96 56.20 -86.56
C ALA Q 186 45.92 56.70 -88.00
N LEU Q 187 44.88 57.46 -88.33
CA LEU Q 187 44.64 57.90 -89.69
C LEU Q 187 44.79 59.41 -89.79
N ARG Q 188 45.43 59.86 -90.88
CA ARG Q 188 45.56 61.28 -91.20
C ARG Q 188 45.11 61.46 -92.63
N TYR Q 189 44.06 62.26 -92.83
CA TYR Q 189 43.52 62.52 -94.16
C TYR Q 189 43.96 63.90 -94.63
N LYS Q 190 44.18 64.02 -95.94
CA LYS Q 190 44.80 65.21 -96.54
C LYS Q 190 43.89 65.77 -97.63
N GLY Q 191 42.61 65.91 -97.31
CA GLY Q 191 41.64 66.42 -98.26
C GLY Q 191 41.87 67.86 -98.67
N ILE Q 192 41.92 68.12 -99.97
CA ILE Q 192 41.93 69.46 -100.51
C ILE Q 192 40.53 69.81 -100.96
N ASN Q 193 40.00 70.93 -100.48
CA ASN Q 193 38.62 71.32 -100.76
C ASN Q 193 38.59 72.16 -102.04
N LEU Q 194 38.02 71.59 -103.09
CA LEU Q 194 37.98 72.30 -104.38
C LEU Q 194 36.96 73.43 -104.37
N ALA Q 195 35.91 73.33 -103.54
CA ALA Q 195 34.86 74.33 -103.55
C ALA Q 195 35.36 75.70 -103.09
N GLU Q 196 36.52 75.76 -102.44
CA GLU Q 196 37.10 77.02 -101.98
C GLU Q 196 38.46 77.25 -102.61
N GLY Q 197 38.60 76.88 -103.88
CA GLY Q 197 39.85 77.08 -104.59
C GLY Q 197 40.96 76.14 -104.18
N GLY Q 198 40.63 74.99 -103.58
CA GLY Q 198 41.63 74.04 -103.14
C GLY Q 198 42.15 74.36 -101.76
N ALA Q 199 41.25 74.68 -100.83
CA ALA Q 199 41.64 75.04 -99.47
C ALA Q 199 42.07 73.79 -98.71
N PRO Q 200 43.26 73.77 -98.12
CA PRO Q 200 43.67 72.60 -97.33
C PRO Q 200 42.72 72.33 -96.18
N VAL Q 201 42.49 71.05 -95.91
CA VAL Q 201 41.69 70.59 -94.78
C VAL Q 201 42.32 69.34 -94.21
N ILE Q 202 42.42 69.25 -92.89
CA ILE Q 202 43.10 68.16 -92.22
C ILE Q 202 42.08 67.42 -91.35
N VAL Q 203 42.16 66.08 -91.37
CA VAL Q 203 41.40 65.24 -90.46
C VAL Q 203 42.36 64.20 -89.91
N GLU Q 204 42.42 64.09 -88.58
CA GLU Q 204 43.24 63.09 -87.91
C GLU Q 204 42.37 62.24 -86.99
N LEU Q 205 42.60 60.93 -87.03
CA LEU Q 205 41.91 59.98 -86.17
C LEU Q 205 42.97 59.30 -85.32
N TYR Q 206 42.91 59.53 -84.00
CA TYR Q 206 43.99 59.08 -83.13
C TYR Q 206 44.07 57.55 -83.09
N LYS Q 207 42.94 56.88 -82.84
CA LYS Q 207 42.92 55.43 -82.70
C LYS Q 207 41.74 54.88 -83.49
N VAL Q 208 42.02 53.94 -84.38
CA VAL Q 208 41.00 53.30 -85.19
C VAL Q 208 41.29 51.81 -85.23
N ALA Q 209 40.27 50.99 -85.02
CA ALA Q 209 40.36 49.55 -85.12
C ALA Q 209 39.61 49.11 -86.37
N THR Q 210 40.32 48.46 -87.29
CA THR Q 210 39.76 48.10 -88.58
C THR Q 210 39.05 46.75 -88.51
N ASP Q 211 38.24 46.49 -89.53
CA ASP Q 211 37.55 45.22 -89.69
C ASP Q 211 38.00 44.57 -91.00
N PRO Q 212 38.28 43.26 -91.01
CA PRO Q 212 38.75 42.62 -92.25
C PRO Q 212 37.85 42.91 -93.45
N LEU Q 213 38.40 42.68 -94.64
CA LEU Q 213 37.68 42.97 -95.87
C LEU Q 213 36.40 42.16 -95.97
N GLN Q 214 35.35 42.78 -96.52
CA GLN Q 214 34.07 42.11 -96.67
C GLN Q 214 33.99 41.26 -97.93
N GLU Q 215 34.52 41.75 -99.04
CA GLU Q 215 34.45 41.02 -100.30
C GLU Q 215 35.68 41.36 -101.16
N LEU Q 216 36.07 40.40 -102.00
CA LEU Q 216 37.19 40.58 -102.91
C LEU Q 216 36.88 39.80 -104.18
N ALA Q 217 36.51 40.51 -105.24
CA ALA Q 217 36.18 39.88 -106.52
C ALA Q 217 37.48 39.68 -107.31
N LEU Q 218 38.04 38.48 -107.23
CA LEU Q 218 39.28 38.20 -107.95
C LEU Q 218 39.07 38.33 -109.46
N ILE Q 219 37.96 37.81 -109.97
CA ILE Q 219 37.60 37.94 -111.38
C ILE Q 219 36.47 38.94 -111.48
N SER Q 220 36.72 40.07 -112.12
CA SER Q 220 35.77 41.17 -112.20
C SER Q 220 35.13 41.23 -113.58
N ASP Q 221 33.89 41.70 -113.61
CA ASP Q 221 33.12 41.87 -114.84
C ASP Q 221 32.69 43.33 -114.95
N GLY Q 222 32.96 43.93 -116.10
CA GLY Q 222 32.65 45.33 -116.34
C GLY Q 222 33.90 46.16 -116.56
N ASN Q 223 33.75 47.47 -116.36
CA ASN Q 223 34.84 48.43 -116.52
C ASN Q 223 35.18 49.10 -115.19
N THR Q 224 34.95 48.41 -114.08
CA THR Q 224 35.17 48.95 -112.75
C THR Q 224 36.42 48.31 -112.15
N VAL Q 225 37.31 49.15 -111.62
CA VAL Q 225 38.49 48.65 -110.92
C VAL Q 225 38.06 47.98 -109.62
N ALA Q 226 38.70 46.87 -109.28
CA ALA Q 226 38.34 46.14 -108.07
C ALA Q 226 38.44 47.05 -106.85
N GLY Q 227 37.41 47.01 -106.01
CA GLY Q 227 37.32 47.85 -104.83
C GLY Q 227 37.44 47.04 -103.55
N MET Q 228 38.08 47.63 -102.55
CA MET Q 228 38.26 47.01 -101.25
C MET Q 228 37.68 47.93 -100.18
N GLN Q 229 36.65 47.47 -99.50
CA GLN Q 229 35.95 48.24 -98.49
C GLN Q 229 36.35 47.76 -97.11
N ILE Q 230 36.74 48.68 -96.24
CA ILE Q 230 37.17 48.36 -94.88
C ILE Q 230 36.38 49.22 -93.91
N SER Q 231 35.87 48.59 -92.86
CA SER Q 231 35.13 49.27 -91.81
C SER Q 231 35.94 49.26 -90.52
N GLY Q 232 35.88 50.34 -89.78
CA GLY Q 232 36.61 50.45 -88.52
C GLY Q 232 35.91 51.38 -87.57
N GLY Q 233 36.10 51.11 -86.27
CA GLY Q 233 35.52 51.92 -85.22
C GLY Q 233 36.60 52.75 -84.55
N ILE Q 234 36.29 54.03 -84.31
CA ILE Q 234 37.24 54.94 -83.70
C ILE Q 234 37.17 54.74 -82.18
N LEU Q 235 38.23 54.20 -81.60
CA LEU Q 235 38.29 53.97 -80.18
C LEU Q 235 38.62 55.26 -79.43
N LEU Q 236 38.42 55.22 -78.11
CA LEU Q 236 38.71 56.36 -77.25
C LEU Q 236 40.13 56.27 -76.75
N ASP Q 237 40.96 57.24 -77.13
CA ASP Q 237 42.35 57.27 -76.69
C ASP Q 237 42.44 57.85 -75.29
N THR Q 238 43.09 57.11 -74.39
CA THR Q 238 43.20 57.49 -72.99
C THR Q 238 44.45 58.31 -72.68
N SER Q 239 45.30 58.55 -73.68
CA SER Q 239 46.55 59.27 -73.44
C SER Q 239 46.39 60.79 -73.56
N LYS Q 240 45.50 61.26 -74.41
CA LYS Q 240 45.35 62.69 -74.60
C LYS Q 240 44.71 63.34 -73.38
N PRO Q 241 44.98 64.62 -73.13
CA PRO Q 241 44.36 65.29 -71.99
C PRO Q 241 42.84 65.28 -72.10
N ASP Q 242 42.19 65.08 -70.96
CA ASP Q 242 40.73 65.04 -70.93
C ASP Q 242 40.13 66.42 -71.14
N THR Q 243 40.67 67.43 -70.44
CA THR Q 243 40.17 68.79 -70.59
C THR Q 243 40.66 69.46 -71.87
N GLY Q 244 41.66 68.88 -72.54
CA GLY Q 244 42.09 69.46 -73.80
C GLY Q 244 40.96 69.52 -74.81
N ASP Q 245 40.84 70.67 -75.47
CA ASP Q 245 39.78 70.87 -76.44
C ASP Q 245 39.95 70.02 -77.70
N LEU Q 246 41.11 69.40 -77.89
CA LEU Q 246 41.35 68.57 -79.07
C LEU Q 246 40.57 67.26 -79.06
N GLY Q 247 40.00 66.88 -77.92
CA GLY Q 247 39.22 65.66 -77.86
C GLY Q 247 40.09 64.41 -77.79
N ARG Q 248 39.42 63.26 -77.89
CA ARG Q 248 40.08 61.97 -77.79
C ARG Q 248 39.77 61.03 -78.94
N PHE Q 249 38.80 61.35 -79.80
CA PHE Q 249 38.50 60.55 -80.98
C PHE Q 249 39.26 61.06 -82.20
N GLY Q 250 39.06 62.33 -82.54
CA GLY Q 250 39.75 62.94 -83.66
C GLY Q 250 39.63 64.43 -83.57
N ARG Q 251 39.87 65.10 -84.70
CA ARG Q 251 39.70 66.55 -84.81
C ARG Q 251 39.85 66.92 -86.27
N ILE Q 252 39.42 68.14 -86.60
CA ILE Q 252 39.49 68.67 -87.95
C ILE Q 252 40.14 70.05 -87.89
N ILE Q 253 41.04 70.31 -88.83
CA ILE Q 253 41.76 71.58 -88.90
C ILE Q 253 41.43 72.24 -90.22
N GLN Q 254 41.02 73.50 -90.17
CA GLN Q 254 40.71 74.28 -91.36
C GLN Q 254 41.43 75.63 -91.24
N LEU Q 255 42.48 75.82 -92.05
CA LEU Q 255 43.21 77.08 -92.02
C LEU Q 255 42.30 78.23 -92.41
N GLY Q 256 42.43 79.33 -91.68
CA GLY Q 256 41.61 80.51 -91.95
C GLY Q 256 41.54 81.45 -90.75
N SER R 2 38.52 -8.73 -49.31
CA SER R 2 38.43 -7.50 -50.10
C SER R 2 37.19 -6.70 -49.74
N PHE R 3 36.26 -7.33 -49.03
CA PHE R 3 35.03 -6.66 -48.65
C PHE R 3 35.32 -5.41 -47.84
N ASN R 4 36.14 -5.53 -46.79
CA ASN R 4 36.53 -4.36 -46.01
C ASN R 4 37.30 -3.36 -46.86
N SER R 5 38.22 -3.85 -47.69
CA SER R 5 38.99 -2.96 -48.55
C SER R 5 38.08 -2.22 -49.52
N ARG R 6 37.10 -2.91 -50.08
CA ARG R 6 36.15 -2.24 -50.96
C ARG R 6 35.32 -1.21 -50.21
N GLU R 7 34.92 -1.53 -48.97
CA GLU R 7 34.18 -0.57 -48.17
C GLU R 7 35.00 0.69 -47.93
N SER R 8 36.29 0.54 -47.63
CA SER R 8 37.16 1.70 -47.46
C SER R 8 37.49 2.36 -48.78
N SER R 9 37.33 1.65 -49.91
CA SER R 9 37.66 2.21 -51.20
C SER R 9 36.74 3.38 -51.54
N LEU R 10 37.32 4.41 -52.15
CA LEU R 10 36.57 5.61 -52.53
C LEU R 10 36.00 5.54 -53.94
N ALA R 11 36.31 4.49 -54.70
CA ALA R 11 35.86 4.42 -56.09
C ALA R 11 35.30 3.05 -56.50
N ASP R 12 35.40 2.02 -55.66
CA ASP R 12 34.91 0.69 -56.00
C ASP R 12 33.63 0.32 -55.29
N GLY R 13 32.95 1.30 -54.67
CA GLY R 13 31.74 1.01 -53.95
C GLY R 13 30.63 0.47 -54.83
N GLN R 14 30.29 -0.81 -54.64
CA GLN R 14 29.21 -1.46 -55.37
C GLN R 14 28.34 -2.23 -54.37
N PRO R 15 27.64 -1.52 -53.51
CA PRO R 15 26.87 -2.20 -52.46
C PRO R 15 25.79 -3.09 -53.04
N VAL R 16 25.59 -4.24 -52.39
CA VAL R 16 24.51 -5.17 -52.74
C VAL R 16 24.13 -5.92 -51.47
N ARG R 17 22.85 -5.90 -51.13
CA ARG R 17 22.34 -6.51 -49.91
C ARG R 17 21.59 -7.79 -50.25
N LEU R 18 21.92 -8.86 -49.54
CA LEU R 18 21.30 -10.17 -49.74
C LEU R 18 20.47 -10.54 -48.52
N TYR R 19 19.32 -11.17 -48.76
CA TYR R 19 18.44 -11.66 -47.72
C TYR R 19 18.28 -13.15 -47.85
N GLN R 20 18.31 -13.85 -46.71
CA GLN R 20 18.15 -15.30 -46.67
C GLN R 20 17.10 -15.66 -45.62
N PHE R 21 15.94 -16.12 -46.09
CA PHE R 21 14.87 -16.57 -45.20
C PHE R 21 14.94 -18.08 -45.10
N SER R 22 15.10 -18.59 -43.88
CA SER R 22 15.29 -20.01 -43.63
C SER R 22 14.23 -20.51 -42.64
N ARG R 23 13.66 -21.68 -42.95
CA ARG R 23 12.70 -22.35 -42.07
C ARG R 23 13.05 -23.84 -42.11
N GLY R 24 13.90 -24.28 -41.19
CA GLY R 24 14.30 -25.66 -41.14
C GLY R 24 15.09 -26.09 -42.37
N ALA R 25 14.49 -26.95 -43.19
CA ALA R 25 15.15 -27.49 -44.37
C ALA R 25 14.83 -26.72 -45.64
N ILE R 26 14.07 -25.63 -45.55
CA ILE R 26 13.66 -24.83 -46.71
C ILE R 26 14.25 -23.44 -46.57
N ARG R 27 14.92 -22.97 -47.61
CA ARG R 27 15.56 -21.66 -47.62
C ARG R 27 15.10 -20.86 -48.83
N TRP R 28 14.85 -19.57 -48.61
CA TRP R 28 14.49 -18.64 -49.67
C TRP R 28 15.56 -17.57 -49.78
N SER R 29 16.06 -17.35 -51.00
CA SER R 29 17.15 -16.42 -51.24
C SER R 29 16.69 -15.31 -52.17
N TYR R 30 16.92 -14.06 -51.77
CA TYR R 30 16.57 -12.90 -52.58
C TYR R 30 17.72 -11.90 -52.55
N ASN R 31 17.81 -11.10 -53.61
CA ASN R 31 18.84 -10.08 -53.73
C ASN R 31 18.21 -8.79 -54.24
N SER R 32 18.85 -7.68 -53.92
CA SER R 32 18.36 -6.35 -54.27
C SER R 32 18.88 -5.84 -55.61
N SER R 33 19.75 -6.59 -56.28
CA SER R 33 20.31 -6.17 -57.55
C SER R 33 19.37 -6.56 -58.70
N ASP R 34 19.79 -6.28 -59.92
CA ASP R 34 19.02 -6.59 -61.11
C ASP R 34 19.39 -7.92 -61.74
N ARG R 35 20.37 -8.63 -61.18
CA ARG R 35 20.77 -9.94 -61.69
C ARG R 35 21.07 -10.86 -60.52
N ASP R 36 20.93 -12.16 -60.76
CA ASP R 36 21.15 -13.13 -59.69
C ASP R 36 22.61 -13.12 -59.25
N ILE R 37 22.80 -13.40 -57.96
CA ILE R 37 24.14 -13.46 -57.37
C ILE R 37 24.33 -14.85 -56.78
N THR R 38 25.46 -15.48 -57.10
CA THR R 38 25.83 -16.76 -56.55
C THR R 38 26.82 -16.54 -55.41
N TYR R 39 26.47 -17.03 -54.22
CA TYR R 39 27.30 -16.87 -53.04
C TYR R 39 27.21 -18.12 -52.19
N GLN R 40 28.36 -18.70 -51.85
CA GLN R 40 28.41 -19.93 -51.07
C GLN R 40 27.55 -21.02 -51.70
N ASN R 41 27.65 -21.14 -53.02
CA ASN R 41 26.89 -22.12 -53.80
C ASN R 41 25.39 -21.90 -53.72
N GLN R 42 24.96 -20.72 -53.31
CA GLN R 42 23.56 -20.35 -53.25
C GLN R 42 23.31 -19.21 -54.23
N ILE R 43 22.29 -19.37 -55.07
CA ILE R 43 21.91 -18.36 -56.05
C ILE R 43 20.70 -17.60 -55.52
N PHE R 44 20.80 -16.27 -55.52
CA PHE R 44 19.74 -15.40 -55.01
C PHE R 44 18.93 -14.88 -56.19
N ARG R 45 17.62 -15.11 -56.16
CA ARG R 45 16.76 -14.67 -57.24
C ARG R 45 16.64 -13.16 -57.25
N THR R 46 16.40 -12.61 -58.44
CA THR R 46 16.15 -11.19 -58.63
C THR R 46 14.65 -10.97 -58.73
N VAL R 47 14.10 -10.18 -57.81
CA VAL R 47 12.67 -9.88 -57.82
C VAL R 47 12.43 -8.78 -58.86
N PRO R 48 11.48 -8.96 -59.78
CA PRO R 48 11.24 -7.91 -60.78
C PRO R 48 10.52 -6.70 -60.20
N GLY R 49 11.30 -5.78 -59.63
CA GLY R 49 10.75 -4.63 -58.95
C GLY R 49 11.61 -4.21 -57.78
N GLY R 50 12.52 -5.08 -57.35
CA GLY R 50 13.49 -4.73 -56.34
C GLY R 50 13.01 -4.99 -54.92
N ILE R 51 13.94 -5.33 -54.03
CA ILE R 51 13.69 -5.50 -52.62
C ILE R 51 14.62 -4.57 -51.85
N THR R 52 14.06 -3.75 -50.97
CA THR R 52 14.83 -2.75 -50.25
C THR R 52 14.30 -2.63 -48.83
N ASP R 53 15.17 -2.18 -47.93
CA ASP R 53 14.85 -2.00 -46.51
C ASP R 53 14.94 -0.52 -46.16
N ASN R 54 14.78 -0.22 -44.87
CA ASN R 54 14.81 1.15 -44.37
C ASN R 54 16.04 1.48 -43.54
N GLY R 55 16.77 0.47 -43.07
CA GLY R 55 17.97 0.69 -42.27
C GLY R 55 17.96 -0.16 -41.01
N ILE R 56 19.14 -0.22 -40.39
CA ILE R 56 19.36 -1.01 -39.18
C ILE R 56 19.58 -0.06 -38.02
N ILE R 57 18.81 -0.25 -36.94
CA ILE R 57 18.91 0.56 -35.73
C ILE R 57 19.22 -0.38 -34.57
N CYS R 58 20.24 -0.02 -33.79
CA CYS R 58 20.63 -0.78 -32.59
C CYS R 58 20.75 0.22 -31.44
N SER R 59 19.64 0.49 -30.77
CA SER R 59 19.58 1.43 -29.67
C SER R 59 19.29 0.77 -28.32
N GLY R 60 19.19 -0.56 -28.28
CA GLY R 60 18.89 -1.26 -27.04
C GLY R 60 17.43 -1.42 -26.72
N ASP R 61 16.51 -0.94 -27.57
CA ASP R 61 15.08 -1.04 -27.31
C ASP R 61 14.42 -1.91 -28.38
N PRO R 62 13.92 -3.09 -28.04
CA PRO R 62 13.29 -3.94 -29.01
C PRO R 62 12.11 -3.30 -29.73
N GLN R 63 11.33 -2.48 -29.03
CA GLN R 63 10.16 -1.85 -29.64
C GLN R 63 10.57 -0.91 -30.78
N SER R 64 11.74 -0.29 -30.66
CA SER R 64 12.17 0.73 -31.63
C SER R 64 13.17 0.20 -32.66
N ASP R 65 13.90 -0.87 -32.36
CA ASP R 65 14.95 -1.36 -33.26
C ASP R 65 14.41 -2.41 -34.23
N GLN R 66 13.32 -2.09 -34.93
CA GLN R 66 12.77 -3.01 -35.91
C GLN R 66 13.53 -2.89 -37.23
N PHE R 67 13.31 -3.87 -38.09
CA PHE R 67 13.85 -3.88 -39.44
C PHE R 67 12.71 -4.06 -40.42
N VAL R 68 12.67 -3.22 -41.45
CA VAL R 68 11.55 -3.17 -42.39
C VAL R 68 12.07 -3.56 -43.78
N ILE R 69 11.37 -4.47 -44.44
CA ILE R 69 11.69 -4.92 -45.78
C ILE R 69 10.54 -4.57 -46.71
N THR R 70 10.87 -4.11 -47.90
CA THR R 70 9.88 -3.76 -48.92
C THR R 70 10.08 -4.65 -50.13
N ALA R 71 8.99 -5.24 -50.62
CA ALA R 71 9.05 -6.14 -51.76
C ALA R 71 7.71 -6.11 -52.47
N PRO R 72 7.64 -6.58 -53.71
CA PRO R 72 6.36 -6.54 -54.45
C PRO R 72 5.32 -7.48 -53.85
N ALA R 73 4.13 -7.52 -54.46
CA ALA R 73 3.02 -8.28 -53.90
C ALA R 73 3.18 -9.78 -54.07
N ASP R 74 3.96 -10.23 -55.05
CA ASP R 74 4.04 -11.64 -55.41
C ASP R 74 5.23 -12.34 -54.77
N LEU R 75 5.81 -11.77 -53.72
CA LEU R 75 6.95 -12.41 -53.06
C LEU R 75 6.51 -13.76 -52.50
N ASP R 76 7.33 -14.79 -52.75
CA ASP R 76 6.94 -16.15 -52.38
C ASP R 76 6.97 -16.34 -50.87
N VAL R 77 8.05 -15.89 -50.22
CA VAL R 77 8.19 -16.14 -48.78
C VAL R 77 7.08 -15.45 -48.01
N ALA R 78 6.75 -14.21 -48.37
CA ALA R 78 5.69 -13.48 -47.68
C ALA R 78 4.30 -14.00 -48.04
N LEU R 79 4.17 -14.68 -49.17
CA LEU R 79 2.86 -15.17 -49.59
C LEU R 79 2.27 -16.18 -48.61
N LEU R 80 3.11 -16.86 -47.83
CA LEU R 80 2.60 -17.84 -46.87
C LEU R 80 1.73 -17.16 -45.82
N TYR R 81 2.10 -15.96 -45.40
CA TYR R 81 1.35 -15.25 -44.37
C TYR R 81 0.00 -14.74 -44.87
N LYS R 82 -0.27 -14.82 -46.17
CA LYS R 82 -1.49 -14.21 -46.71
C LYS R 82 -2.74 -14.81 -46.09
N THR R 83 -2.79 -16.13 -45.95
CA THR R 83 -3.96 -16.81 -45.39
C THR R 83 -3.80 -17.06 -43.89
N ARG R 84 -2.70 -17.70 -43.48
CA ARG R 84 -2.45 -17.97 -42.07
C ARG R 84 -0.94 -17.97 -41.85
N SER R 85 -0.51 -17.41 -40.73
CA SER R 85 0.90 -17.33 -40.42
C SER R 85 1.46 -18.73 -40.21
N PRO R 86 2.59 -19.09 -40.83
CA PRO R 86 3.16 -20.42 -40.57
C PRO R 86 3.50 -20.61 -39.10
N SER R 87 3.32 -21.84 -38.62
CA SER R 87 3.51 -22.12 -37.21
C SER R 87 4.93 -21.79 -36.76
N ASP R 88 5.93 -22.23 -37.52
CA ASP R 88 7.31 -21.97 -37.17
C ASP R 88 7.72 -20.56 -37.58
N ALA R 89 8.72 -20.03 -36.89
CA ALA R 89 9.25 -18.72 -37.21
C ALA R 89 10.23 -18.80 -38.37
N ILE R 90 10.15 -17.83 -39.27
CA ILE R 90 11.00 -17.77 -40.45
C ILE R 90 12.24 -16.96 -40.07
N ASP R 91 13.33 -17.65 -39.76
CA ASP R 91 14.58 -16.96 -39.47
C ASP R 91 15.05 -16.20 -40.70
N LEU R 92 15.61 -15.01 -40.47
CA LEU R 92 16.11 -14.16 -41.55
C LEU R 92 17.55 -13.78 -41.24
N VAL R 93 18.43 -13.93 -42.23
CA VAL R 93 19.83 -13.53 -42.12
C VAL R 93 20.14 -12.62 -43.29
N VAL R 94 20.80 -11.50 -43.02
CA VAL R 94 21.11 -10.49 -44.03
C VAL R 94 22.62 -10.44 -44.23
N TYR R 95 23.04 -10.55 -45.48
CA TYR R 95 24.44 -10.46 -45.86
C TYR R 95 24.68 -9.19 -46.66
N ASP R 96 25.93 -8.73 -46.65
CA ASP R 96 26.36 -7.58 -47.43
C ASP R 96 27.57 -7.98 -48.26
N MET R 97 27.51 -7.70 -49.57
CA MET R 97 28.61 -8.01 -50.46
C MET R 97 28.63 -7.02 -51.61
N HIS R 98 29.77 -6.94 -52.28
CA HIS R 98 29.96 -6.06 -53.41
C HIS R 98 30.11 -6.90 -54.68
N TYR R 99 29.49 -6.44 -55.76
CA TYR R 99 29.54 -7.18 -57.01
C TYR R 99 30.98 -7.40 -57.45
N GLY R 100 31.27 -8.62 -57.91
CA GLY R 100 32.60 -8.99 -58.31
C GLY R 100 33.45 -9.59 -57.21
N ASP R 101 32.96 -9.60 -55.97
CA ASP R 101 33.68 -10.18 -54.84
C ASP R 101 32.89 -11.36 -54.30
N ALA R 102 33.63 -12.39 -53.86
CA ALA R 102 33.03 -13.61 -53.35
C ALA R 102 32.85 -13.61 -51.84
N GLU R 103 33.19 -12.51 -51.17
CA GLU R 103 33.11 -12.43 -49.72
C GLU R 103 31.95 -11.54 -49.31
N ALA R 104 31.23 -11.96 -48.26
CA ALA R 104 30.10 -11.21 -47.74
C ALA R 104 30.18 -11.15 -46.22
N ALA R 105 29.55 -10.13 -45.66
CA ALA R 105 29.54 -9.91 -44.22
C ALA R 105 28.11 -9.95 -43.70
N VAL R 106 27.92 -10.63 -42.57
CA VAL R 106 26.61 -10.72 -41.96
C VAL R 106 26.29 -9.42 -41.24
N SER R 107 25.11 -8.87 -41.48
CA SER R 107 24.70 -7.60 -40.90
C SER R 107 23.57 -7.75 -39.88
N TRP R 108 22.47 -8.38 -40.24
CA TRP R 108 21.31 -8.51 -39.37
C TRP R 108 20.85 -9.96 -39.31
N VAL R 109 20.43 -10.38 -38.13
CA VAL R 109 19.88 -11.73 -37.91
C VAL R 109 18.62 -11.59 -37.08
N GLY R 110 17.55 -12.26 -37.49
CA GLY R 110 16.30 -12.18 -36.77
C GLY R 110 15.25 -13.05 -37.41
N GLN R 111 14.00 -12.80 -37.02
CA GLN R 111 12.87 -13.58 -37.51
C GLN R 111 11.74 -12.64 -37.90
N ILE R 112 10.81 -13.15 -38.71
CA ILE R 112 9.69 -12.35 -39.17
C ILE R 112 8.81 -11.99 -37.99
N GLY R 113 8.54 -10.69 -37.83
CA GLY R 113 7.69 -10.22 -36.76
C GLY R 113 6.29 -9.90 -37.24
N ASP R 114 6.18 -9.26 -38.40
CA ASP R 114 4.89 -8.92 -38.96
C ASP R 114 5.05 -8.65 -40.45
N VAL R 115 3.98 -8.87 -41.19
CA VAL R 115 3.95 -8.65 -42.63
C VAL R 115 2.59 -8.10 -43.02
N ASP R 116 2.59 -7.20 -44.01
CA ASP R 116 1.34 -6.65 -44.52
C ASP R 116 1.54 -6.26 -45.98
N TRP R 117 0.45 -6.20 -46.71
CA TRP R 117 0.47 -5.84 -48.13
C TRP R 117 -0.20 -4.48 -48.31
N PRO R 118 0.50 -3.38 -48.03
CA PRO R 118 -0.15 -2.06 -48.12
C PRO R 118 -0.71 -1.76 -49.50
N THR R 119 -0.04 -2.21 -50.55
CA THR R 119 -0.48 -1.96 -51.92
C THR R 119 -0.39 -3.25 -52.72
N VAL R 120 -1.17 -3.30 -53.81
CA VAL R 120 -1.25 -4.49 -54.65
C VAL R 120 0.06 -4.69 -55.41
N ASP R 121 0.97 -3.72 -55.31
CA ASP R 121 2.26 -3.79 -55.97
C ASP R 121 3.43 -3.72 -55.01
N SER R 122 3.20 -3.76 -53.70
CA SER R 122 4.27 -3.62 -52.73
C SER R 122 3.93 -4.37 -51.46
N CYS R 123 4.95 -4.62 -50.66
CA CYS R 123 4.81 -5.28 -49.36
C CYS R 123 5.71 -4.57 -48.36
N ARG R 124 5.38 -4.75 -47.08
CA ARG R 124 6.21 -4.24 -45.99
C ARG R 124 6.29 -5.31 -44.91
N ILE R 125 7.50 -5.81 -44.66
CA ILE R 125 7.74 -6.87 -43.70
C ILE R 125 8.50 -6.28 -42.52
N THR R 126 7.94 -6.41 -41.33
CA THR R 126 8.56 -5.93 -40.10
C THR R 126 9.27 -7.10 -39.43
N CYS R 127 10.60 -7.04 -39.39
CA CYS R 127 11.41 -8.10 -38.80
C CYS R 127 11.85 -7.67 -37.41
N VAL R 128 11.75 -8.60 -36.46
CA VAL R 128 12.06 -8.35 -35.06
C VAL R 128 13.27 -9.17 -34.66
N SER R 129 14.06 -8.63 -33.73
CA SER R 129 15.23 -9.32 -33.22
C SER R 129 14.87 -10.13 -31.98
N GLU R 130 15.81 -10.98 -31.56
CA GLU R 130 15.56 -11.85 -30.40
C GLU R 130 15.39 -11.06 -29.11
N ASP R 131 15.78 -9.78 -29.11
CA ASP R 131 15.73 -9.00 -27.87
C ASP R 131 14.29 -8.68 -27.45
N GLU R 132 13.37 -8.56 -28.40
CA GLU R 132 11.98 -8.25 -28.08
C GLU R 132 11.32 -9.36 -27.26
N LEU R 133 11.84 -10.58 -27.32
CA LEU R 133 11.23 -11.69 -26.60
C LEU R 133 11.45 -11.60 -25.09
N MET R 134 12.01 -10.50 -24.58
CA MET R 134 12.25 -10.34 -23.14
C MET R 134 11.24 -9.42 -22.48
N ASP R 135 10.24 -8.95 -23.22
CA ASP R 135 9.24 -8.04 -22.64
C ASP R 135 8.16 -8.78 -21.87
N GLN R 136 7.93 -10.06 -22.16
CA GLN R 136 6.91 -10.80 -21.46
C GLN R 136 7.33 -11.09 -20.02
N PRO R 137 6.38 -11.35 -19.13
CA PRO R 137 6.72 -11.64 -17.74
C PRO R 137 7.62 -12.86 -17.63
N GLY R 138 8.12 -13.08 -16.41
CA GLY R 138 8.98 -14.21 -16.14
C GLY R 138 8.65 -14.95 -14.86
N LEU R 139 7.47 -14.65 -14.29
CA LEU R 139 7.05 -15.30 -13.06
C LEU R 139 6.95 -16.80 -13.27
N THR R 140 6.02 -17.23 -14.13
CA THR R 140 5.88 -18.64 -14.51
C THR R 140 5.88 -19.54 -13.29
N ASP R 141 5.15 -19.15 -12.25
CA ASP R 141 5.08 -19.93 -11.02
C ASP R 141 3.82 -19.57 -10.28
N THR R 142 3.00 -20.57 -9.96
CA THR R 142 1.77 -20.36 -9.22
C THR R 142 1.52 -21.56 -8.31
N TYR R 143 1.00 -21.28 -7.12
CA TYR R 143 0.70 -22.33 -6.14
C TYR R 143 -0.78 -22.69 -6.21
N CYS R 144 -1.15 -23.39 -7.27
CA CYS R 144 -2.52 -23.82 -7.48
C CYS R 144 -2.58 -25.34 -7.50
N ARG R 145 -3.79 -25.86 -7.74
CA ARG R 145 -4.04 -27.30 -7.65
C ARG R 145 -3.77 -28.04 -8.94
N THR R 146 -3.88 -27.37 -10.09
CA THR R 146 -3.65 -28.02 -11.37
C THR R 146 -2.15 -28.25 -11.60
N CYS R 147 -1.84 -28.94 -12.69
CA CYS R 147 -0.46 -29.31 -12.96
C CYS R 147 0.42 -28.08 -13.16
N THR R 148 -0.06 -27.09 -13.91
CA THR R 148 0.71 -25.89 -14.24
C THR R 148 1.87 -26.23 -15.18
N ALA R 149 1.65 -27.20 -16.06
CA ALA R 149 2.68 -27.62 -17.00
C ALA R 149 2.01 -28.12 -18.28
N ILE R 150 2.62 -27.80 -19.42
CA ILE R 150 2.13 -28.30 -20.69
C ILE R 150 2.47 -29.77 -20.83
N VAL R 151 1.49 -30.58 -21.22
CA VAL R 151 1.74 -32.00 -21.42
C VAL R 151 2.87 -32.15 -22.42
N GLY R 152 3.93 -32.84 -22.01
CA GLY R 152 5.07 -33.08 -22.86
C GLY R 152 6.20 -32.08 -22.74
N ASP R 153 6.02 -31.00 -21.98
CA ASP R 153 7.09 -30.01 -21.84
C ASP R 153 8.26 -30.62 -21.09
N HIS R 154 9.34 -29.84 -20.97
CA HIS R 154 10.54 -30.33 -20.29
C HIS R 154 10.30 -30.57 -18.81
N ARG R 155 9.21 -30.04 -18.24
CA ARG R 155 8.91 -30.26 -16.83
C ARG R 155 8.06 -31.51 -16.62
N CYS R 156 7.10 -31.79 -17.51
CA CYS R 156 6.30 -32.99 -17.38
C CYS R 156 7.11 -34.24 -17.61
N LYS R 157 8.09 -34.19 -18.54
CA LYS R 157 8.94 -35.32 -18.84
C LYS R 157 8.12 -36.54 -19.26
N VAL R 158 7.09 -36.30 -20.06
CA VAL R 158 6.21 -37.36 -20.56
C VAL R 158 6.43 -37.48 -22.07
N ASN R 159 6.69 -38.70 -22.51
CA ASN R 159 6.94 -38.98 -23.92
C ASN R 159 5.62 -39.21 -24.63
N LEU R 160 5.30 -38.35 -25.60
CA LEU R 160 4.04 -38.45 -26.34
C LEU R 160 4.14 -39.33 -27.58
N VAL R 161 5.35 -39.77 -27.96
CA VAL R 161 5.49 -40.60 -29.15
C VAL R 161 4.67 -41.88 -29.06
N PRO R 162 4.62 -42.60 -27.93
CA PRO R 162 3.73 -43.78 -27.90
C PRO R 162 2.28 -43.44 -28.13
N TYR R 163 1.84 -42.25 -27.70
CA TYR R 163 0.45 -41.83 -27.86
C TYR R 163 0.16 -41.23 -29.23
N ARG R 164 1.18 -41.09 -30.08
CA ARG R 164 0.94 -40.57 -31.43
C ARG R 164 -0.04 -41.46 -32.18
N VAL R 165 -1.00 -40.82 -32.85
CA VAL R 165 -1.98 -41.52 -33.67
C VAL R 165 -1.93 -40.94 -35.07
N THR R 166 -1.72 -41.80 -36.06
CA THR R 166 -1.68 -41.40 -37.47
C THR R 166 -2.95 -41.88 -38.14
N LEU R 167 -3.64 -40.97 -38.82
CA LEU R 167 -4.94 -41.29 -39.40
C LEU R 167 -5.20 -40.38 -40.60
N THR R 168 -6.13 -40.82 -41.44
CA THR R 168 -6.60 -40.02 -42.56
C THR R 168 -8.03 -39.58 -42.26
N PRO R 169 -8.32 -38.28 -42.17
CA PRO R 169 -9.65 -37.85 -41.76
C PRO R 169 -10.73 -38.35 -42.71
N GLN R 170 -11.89 -38.68 -42.12
CA GLN R 170 -13.01 -39.17 -42.92
C GLN R 170 -13.70 -38.02 -43.65
N SER R 171 -14.07 -36.97 -42.90
CA SER R 171 -14.74 -35.82 -43.48
C SER R 171 -14.23 -34.56 -42.78
N VAL R 172 -14.09 -33.48 -43.55
CA VAL R 172 -13.64 -32.19 -43.05
C VAL R 172 -14.73 -31.17 -43.32
N SER R 173 -15.10 -30.41 -42.29
CA SER R 173 -16.10 -29.37 -42.39
C SER R 173 -15.47 -28.03 -42.06
N ALA R 174 -16.31 -27.00 -41.97
CA ALA R 174 -15.81 -25.65 -41.71
C ALA R 174 -15.10 -25.57 -40.36
N TRP R 175 -15.68 -26.19 -39.32
CA TRP R 175 -15.14 -26.11 -37.98
C TRP R 175 -14.84 -27.45 -37.34
N VAL R 176 -15.32 -28.55 -37.91
CA VAL R 176 -15.21 -29.87 -37.28
C VAL R 176 -14.55 -30.83 -38.27
N ILE R 177 -13.57 -31.58 -37.79
CA ILE R 177 -12.94 -32.65 -38.54
C ILE R 177 -13.34 -33.96 -37.87
N SER R 178 -13.92 -34.87 -38.65
CA SER R 178 -14.49 -36.11 -38.14
C SER R 178 -13.70 -37.30 -38.65
N SER R 179 -13.44 -38.25 -37.75
CA SER R 179 -12.78 -39.50 -38.11
C SER R 179 -13.31 -40.60 -37.21
N GLY R 180 -13.50 -41.79 -37.81
CA GLY R 180 -14.03 -42.91 -37.06
C GLY R 180 -13.05 -43.60 -36.14
N VAL R 181 -11.75 -43.47 -36.41
CA VAL R 181 -10.75 -44.15 -35.59
C VAL R 181 -10.78 -43.60 -34.17
N VAL R 182 -10.85 -42.28 -34.03
CA VAL R 182 -10.91 -41.66 -32.70
C VAL R 182 -12.22 -41.95 -32.00
N ALA R 183 -13.24 -42.43 -32.71
CA ALA R 183 -14.50 -42.76 -32.08
C ALA R 183 -14.36 -43.87 -31.05
N GLY R 184 -13.29 -44.66 -31.13
CA GLY R 184 -13.07 -45.75 -30.20
C GLY R 184 -12.50 -45.35 -28.87
N TYR R 185 -12.21 -44.08 -28.66
CA TYR R 185 -11.68 -43.57 -27.40
C TYR R 185 -12.79 -42.90 -26.59
N ALA R 186 -12.58 -42.85 -25.28
CA ALA R 186 -13.57 -42.23 -24.40
C ALA R 186 -13.65 -40.73 -24.69
N ASP R 187 -14.84 -40.17 -24.45
CA ASP R 187 -15.06 -38.75 -24.70
C ASP R 187 -14.05 -37.90 -23.93
N GLY R 188 -13.51 -36.90 -24.59
CA GLY R 188 -12.53 -36.02 -23.98
C GLY R 188 -11.12 -36.56 -23.93
N TRP R 189 -10.86 -37.71 -24.56
CA TRP R 189 -9.51 -38.25 -24.53
C TRP R 189 -8.52 -37.33 -25.22
N PHE R 190 -8.90 -36.76 -26.36
CA PHE R 190 -8.04 -35.88 -27.13
C PHE R 190 -8.17 -34.41 -26.75
N THR R 191 -9.04 -34.08 -25.81
CA THR R 191 -9.20 -32.69 -25.40
C THR R 191 -7.89 -32.13 -24.91
N GLY R 192 -7.52 -30.96 -25.41
CA GLY R 192 -6.26 -30.32 -25.07
C GLY R 192 -5.09 -30.70 -25.93
N GLY R 193 -5.26 -31.68 -26.82
CA GLY R 193 -4.19 -32.08 -27.72
C GLY R 193 -4.11 -31.20 -28.95
N TYR R 194 -3.13 -31.49 -29.80
CA TYR R 194 -2.91 -30.73 -31.02
C TYR R 194 -2.66 -31.70 -32.17
N VAL R 195 -2.97 -31.23 -33.38
CA VAL R 195 -2.84 -32.00 -34.60
C VAL R 195 -1.67 -31.43 -35.39
N GLU R 196 -0.72 -32.28 -35.74
CA GLU R 196 0.45 -31.89 -36.51
C GLU R 196 0.49 -32.67 -37.82
N TRP R 197 0.72 -31.98 -38.93
CA TRP R 197 0.81 -32.60 -40.24
C TRP R 197 1.90 -31.90 -41.04
N GLN R 198 2.45 -32.63 -42.01
CA GLN R 198 3.56 -32.11 -42.81
C GLN R 198 3.04 -31.18 -43.88
N VAL R 199 3.63 -29.99 -43.96
CA VAL R 199 3.28 -29.00 -44.98
C VAL R 199 4.24 -29.12 -46.15
N ASP R 200 5.54 -28.99 -45.86
CA ASP R 200 6.56 -29.07 -46.90
C ASP R 200 7.88 -29.43 -46.24
N GLY R 201 8.60 -30.37 -46.85
CA GLY R 201 9.88 -30.78 -46.30
C GLY R 201 9.72 -31.31 -44.89
N ASP R 202 10.55 -30.81 -43.98
CA ASP R 202 10.57 -31.23 -42.59
C ASP R 202 9.89 -30.23 -41.66
N ASN R 203 8.91 -29.50 -42.16
CA ASN R 203 8.18 -28.50 -41.39
C ASN R 203 6.72 -28.88 -41.31
N TYR R 204 6.15 -28.82 -40.11
CA TYR R 204 4.76 -29.19 -39.86
C TYR R 204 4.00 -28.00 -39.32
N ASP R 205 2.76 -27.84 -39.77
CA ASP R 205 1.83 -26.85 -39.24
C ASP R 205 0.86 -27.53 -38.29
N ARG R 206 0.61 -26.89 -37.14
CA ARG R 206 -0.14 -27.52 -36.06
C ARG R 206 -1.36 -26.68 -35.71
N ARG R 207 -2.41 -27.38 -35.29
CA ARG R 207 -3.65 -26.76 -34.83
C ARG R 207 -4.04 -27.41 -33.52
N PHE R 208 -5.12 -26.92 -32.92
CA PHE R 208 -5.56 -27.34 -31.59
C PHE R 208 -6.90 -28.07 -31.68
N ILE R 209 -7.32 -28.62 -30.55
CA ILE R 209 -8.60 -29.32 -30.42
C ILE R 209 -9.34 -28.68 -29.26
N GLU R 210 -10.38 -27.89 -29.56
CA GLU R 210 -11.25 -27.39 -28.50
C GLU R 210 -11.78 -28.52 -27.63
N GLN R 211 -12.38 -29.53 -28.25
CA GLN R 211 -13.04 -30.60 -27.51
C GLN R 211 -13.11 -31.83 -28.41
N HIS R 212 -13.02 -33.00 -27.77
CA HIS R 212 -13.14 -34.27 -28.47
C HIS R 212 -14.38 -34.98 -27.96
N ALA R 213 -15.30 -35.30 -28.87
CA ALA R 213 -16.56 -35.93 -28.52
C ALA R 213 -16.87 -36.97 -29.59
N GLY R 214 -16.82 -38.25 -29.21
CA GLY R 214 -17.11 -39.30 -30.18
C GLY R 214 -16.16 -39.24 -31.36
N ALA R 215 -16.72 -39.24 -32.56
CA ALA R 215 -15.95 -39.23 -33.79
C ALA R 215 -15.66 -37.84 -34.32
N ASP R 216 -16.11 -36.79 -33.64
CA ASP R 216 -15.99 -35.42 -34.11
C ASP R 216 -14.96 -34.67 -33.27
N LEU R 217 -14.08 -33.95 -33.95
CA LEU R 217 -13.05 -33.15 -33.29
C LEU R 217 -13.29 -31.68 -33.62
N HIS R 218 -13.31 -30.83 -32.60
CA HIS R 218 -13.49 -29.40 -32.76
C HIS R 218 -12.11 -28.74 -32.81
N ILE R 219 -11.79 -28.13 -33.96
CA ILE R 219 -10.48 -27.53 -34.17
C ILE R 219 -10.56 -26.04 -33.85
N LEU R 220 -9.57 -25.55 -33.10
CA LEU R 220 -9.49 -24.13 -32.75
C LEU R 220 -9.15 -23.31 -33.99
N GLY R 221 -9.96 -22.30 -34.27
CA GLY R 221 -9.71 -21.40 -35.37
C GLY R 221 -10.20 -21.86 -36.73
N GLY R 222 -10.96 -22.95 -36.79
CA GLY R 222 -11.44 -23.46 -38.05
C GLY R 222 -10.45 -24.43 -38.69
N THR R 223 -10.98 -25.25 -39.61
CA THR R 223 -10.20 -26.27 -40.28
C THR R 223 -9.57 -25.77 -41.57
N GLU R 224 -9.56 -24.45 -41.80
CA GLU R 224 -8.96 -23.92 -43.01
C GLU R 224 -7.47 -24.24 -43.05
N GLY R 225 -7.00 -24.66 -44.23
CA GLY R 225 -5.62 -25.04 -44.41
C GLY R 225 -5.33 -26.50 -44.12
N ILE R 226 -6.30 -27.24 -43.61
CA ILE R 226 -6.12 -28.67 -43.32
C ILE R 226 -6.39 -29.45 -44.60
N PRO R 227 -5.44 -30.23 -45.11
CA PRO R 227 -5.71 -31.01 -46.32
C PRO R 227 -6.81 -32.03 -46.07
N ALA R 228 -7.62 -32.27 -47.10
CA ALA R 228 -8.75 -33.18 -46.97
C ALA R 228 -8.33 -34.65 -46.98
N GLY R 229 -7.15 -34.96 -47.51
CA GLY R 229 -6.68 -36.33 -47.56
C GLY R 229 -5.27 -36.51 -47.03
N GLY R 230 -4.65 -35.41 -46.61
CA GLY R 230 -3.29 -35.50 -46.10
C GLY R 230 -3.21 -36.24 -44.78
N GLN R 231 -2.06 -36.86 -44.54
CA GLN R 231 -1.86 -37.61 -43.31
C GLN R 231 -1.75 -36.64 -42.13
N LEU R 232 -2.46 -36.94 -41.05
CA LEU R 232 -2.50 -36.10 -39.86
C LEU R 232 -2.05 -36.90 -38.64
N ARG R 233 -1.26 -36.27 -37.79
CA ARG R 233 -0.81 -36.86 -36.53
C ARG R 233 -1.47 -36.12 -35.38
N VAL R 234 -2.12 -36.87 -34.49
CA VAL R 234 -2.89 -36.30 -33.39
C VAL R 234 -2.34 -36.84 -32.08
N TYR R 235 -2.10 -35.93 -31.13
CA TYR R 235 -1.65 -36.29 -29.80
C TYR R 235 -2.74 -36.01 -28.77
N PRO R 236 -2.75 -36.71 -27.64
CA PRO R 236 -3.75 -36.48 -26.61
C PRO R 236 -3.46 -35.20 -25.83
N GLY R 237 -4.27 -34.95 -24.82
CA GLY R 237 -4.09 -33.79 -23.97
C GLY R 237 -4.32 -34.15 -22.52
N CYS R 238 -3.60 -33.44 -21.65
CA CYS R 238 -3.66 -33.67 -20.21
C CYS R 238 -4.50 -32.60 -19.55
N ASP R 239 -5.50 -33.03 -18.78
CA ASP R 239 -6.35 -32.06 -18.08
C ASP R 239 -5.57 -31.32 -17.00
N GLY R 240 -4.56 -31.96 -16.42
CA GLY R 240 -3.72 -31.35 -15.40
C GLY R 240 -4.01 -31.82 -13.99
N LEU R 241 -5.15 -32.45 -13.75
CA LEU R 241 -5.46 -32.95 -12.42
C LEU R 241 -4.54 -34.12 -12.07
N ALA R 242 -4.24 -34.25 -10.77
CA ALA R 242 -3.36 -35.32 -10.33
C ALA R 242 -3.96 -36.68 -10.65
N GLN R 243 -5.26 -36.86 -10.43
CA GLN R 243 -5.93 -38.09 -10.80
C GLN R 243 -5.77 -38.36 -12.30
N THR R 244 -6.03 -37.34 -13.12
CA THR R 244 -5.86 -37.47 -14.56
C THR R 244 -4.40 -37.76 -14.91
N CYS R 245 -3.46 -37.08 -14.25
CA CYS R 245 -2.06 -37.25 -14.57
C CYS R 245 -1.60 -38.67 -14.28
N ASP R 246 -2.04 -39.25 -13.18
CA ASP R 246 -1.56 -40.57 -12.77
C ASP R 246 -2.29 -41.70 -13.47
N ASP R 247 -3.63 -41.66 -13.52
CA ASP R 247 -4.36 -42.78 -14.10
C ASP R 247 -4.02 -42.97 -15.58
N LYS R 248 -3.92 -41.87 -16.32
CA LYS R 248 -3.67 -41.94 -17.76
C LYS R 248 -2.19 -42.10 -18.08
N PHE R 249 -1.36 -41.20 -17.57
CA PHE R 249 0.05 -41.17 -17.93
C PHE R 249 0.98 -41.70 -16.84
N SER R 250 0.47 -41.92 -15.63
CA SER R 250 1.29 -42.43 -14.53
C SER R 250 2.54 -41.57 -14.34
N ASN R 251 2.36 -40.26 -14.40
CA ASN R 251 3.43 -39.29 -14.22
C ASN R 251 3.29 -38.53 -12.90
N LEU R 252 2.65 -39.15 -11.91
CA LEU R 252 2.46 -38.49 -10.63
C LEU R 252 3.76 -38.03 -9.99
N PRO R 253 4.85 -38.80 -10.02
CA PRO R 253 6.09 -38.32 -9.40
C PRO R 253 6.56 -36.97 -9.96
N ASN R 254 6.32 -36.71 -11.24
CA ASN R 254 6.67 -35.43 -11.84
C ASN R 254 5.53 -34.42 -11.76
N PHE R 255 4.42 -34.76 -11.11
CA PHE R 255 3.30 -33.83 -10.98
C PHE R 255 3.77 -32.54 -10.31
N ARG R 256 3.63 -31.43 -11.03
CA ARG R 256 4.05 -30.13 -10.52
C ARG R 256 2.98 -29.40 -9.73
N GLY R 257 1.76 -29.94 -9.67
CA GLY R 257 0.70 -29.28 -8.96
C GLY R 257 0.72 -29.56 -7.47
N PHE R 258 -0.01 -28.72 -6.72
CA PHE R 258 -0.13 -28.83 -5.27
C PHE R 258 -1.61 -29.04 -4.96
N ASN R 259 -2.01 -30.31 -4.78
CA ASN R 259 -3.43 -30.62 -4.64
C ASN R 259 -3.95 -30.28 -3.25
N ALA R 260 -3.33 -30.82 -2.20
CA ALA R 260 -3.86 -30.69 -0.84
C ALA R 260 -2.74 -30.44 0.16
N MET R 261 -1.79 -29.57 -0.18
CA MET R 261 -0.72 -29.24 0.77
C MET R 261 -1.13 -28.11 1.71
N GLN R 262 -1.58 -26.98 1.17
CA GLN R 262 -2.32 -26.00 1.95
C GLN R 262 -2.93 -24.98 0.99
N GLY R 263 -4.18 -24.61 1.25
CA GLY R 263 -4.88 -23.66 0.42
C GLY R 263 -4.93 -22.27 1.02
N LYS R 264 -5.09 -22.21 2.35
CA LYS R 264 -5.20 -20.93 3.04
C LYS R 264 -4.25 -20.84 4.23
N SER R 265 -3.98 -21.98 4.87
CA SER R 265 -3.41 -22.04 6.21
C SER R 265 -2.21 -21.12 6.40
N PRO R 266 -2.36 -20.02 7.15
CA PRO R 266 -1.17 -19.28 7.60
C PRO R 266 -0.76 -19.69 9.01
N PHE R 267 0.45 -19.34 9.40
CA PHE R 267 0.90 -19.52 10.79
C PHE R 267 0.91 -18.21 11.55
N ASP R 268 0.28 -17.16 11.02
CA ASP R 268 0.13 -15.88 11.70
C ASP R 268 -1.28 -15.34 11.50
N GLY R 269 -2.28 -16.22 11.61
CA GLY R 269 -3.66 -15.81 11.42
C GLY R 269 -4.26 -15.18 12.65
N ASP R 270 -5.53 -15.47 12.92
CA ASP R 270 -6.23 -14.95 14.09
C ASP R 270 -6.64 -16.05 15.06
N GLN R 271 -7.29 -17.10 14.57
CA GLN R 271 -7.72 -18.21 15.42
C GLN R 271 -7.50 -19.50 14.64
N VAL R 272 -6.61 -20.35 15.13
CA VAL R 272 -6.35 -21.62 14.45
C VAL R 272 -7.61 -22.47 14.41
N TRP R 273 -8.52 -22.28 15.37
CA TRP R 273 -9.77 -23.01 15.41
C TRP R 273 -10.95 -22.07 15.15
N GLU S 14 9.35 -76.08 -61.81
CA GLU S 14 10.20 -75.86 -62.97
C GLU S 14 10.66 -74.40 -63.02
N GLY S 15 9.73 -73.50 -63.37
CA GLY S 15 10.03 -72.09 -63.44
C GLY S 15 8.77 -71.25 -63.52
N ILE S 16 8.66 -70.21 -62.70
CA ILE S 16 7.43 -69.46 -62.59
C ILE S 16 7.63 -67.98 -62.88
N VAL S 17 8.54 -67.34 -62.16
CA VAL S 17 8.70 -65.88 -62.26
C VAL S 17 10.10 -65.51 -61.81
N ALA S 18 10.66 -64.49 -62.46
CA ALA S 18 11.95 -63.93 -62.11
C ALA S 18 11.84 -62.65 -61.28
N GLY S 19 10.82 -61.83 -61.55
CA GLY S 19 10.61 -60.60 -60.81
C GLY S 19 10.89 -59.36 -61.63
N ILE S 20 11.94 -58.62 -61.26
CA ILE S 20 12.41 -57.44 -61.98
C ILE S 20 11.24 -56.52 -62.33
N THR S 21 10.18 -56.55 -61.54
CA THR S 21 9.03 -55.70 -61.81
C THR S 21 9.28 -54.25 -61.38
N PRO S 22 9.90 -54.00 -60.21
CA PRO S 22 10.11 -52.60 -59.81
C PRO S 22 11.15 -51.90 -60.67
N ASN S 23 12.28 -52.56 -60.88
CA ASN S 23 13.44 -51.93 -61.52
C ASN S 23 13.11 -51.42 -62.92
N ILE S 24 12.79 -52.32 -63.84
CA ILE S 24 12.57 -51.94 -65.23
C ILE S 24 11.43 -50.94 -65.34
N ASP S 25 10.32 -51.21 -64.63
CA ASP S 25 9.18 -50.31 -64.70
C ASP S 25 9.56 -48.91 -64.23
N ALA S 26 10.39 -48.81 -63.21
CA ALA S 26 10.82 -47.53 -62.65
C ALA S 26 12.15 -47.06 -63.20
N LEU S 27 12.76 -47.80 -64.12
CA LEU S 27 14.09 -47.46 -64.59
C LEU S 27 14.05 -46.20 -65.46
N GLU S 28 15.24 -45.71 -65.81
CA GLU S 28 15.35 -44.50 -66.60
C GLU S 28 14.87 -44.74 -68.02
N LEU S 29 13.56 -44.91 -68.19
CA LEU S 29 12.94 -45.28 -69.45
C LEU S 29 11.89 -44.25 -69.83
N ASN S 30 11.99 -43.74 -71.07
CA ASN S 30 10.88 -42.96 -71.60
C ASN S 30 9.68 -43.84 -71.92
N GLN S 31 9.83 -45.15 -71.81
CA GLN S 31 8.73 -46.09 -71.84
C GLN S 31 8.67 -46.82 -70.50
N ASP S 32 7.80 -47.81 -70.40
CA ASP S 32 7.48 -48.43 -69.12
C ASP S 32 6.51 -49.58 -69.38
N ILE S 33 6.25 -50.36 -68.33
CA ILE S 33 5.36 -51.52 -68.45
C ILE S 33 5.95 -52.47 -69.48
N SER S 34 7.27 -52.58 -69.50
CA SER S 34 7.95 -53.43 -70.45
C SER S 34 7.83 -54.89 -70.04
N LEU S 35 7.42 -55.75 -70.98
CA LEU S 35 7.30 -57.18 -70.74
C LEU S 35 6.35 -57.46 -69.57
N ALA S 36 5.28 -56.67 -69.47
CA ALA S 36 4.32 -56.81 -68.39
C ALA S 36 3.16 -57.72 -68.76
N ALA S 37 2.70 -57.67 -70.01
CA ALA S 37 1.58 -58.52 -70.42
C ALA S 37 1.92 -60.00 -70.29
N VAL S 38 3.20 -60.36 -70.43
CA VAL S 38 3.59 -61.76 -70.35
C VAL S 38 3.42 -62.29 -68.93
N ALA S 39 3.55 -61.42 -67.92
CA ALA S 39 3.47 -61.88 -66.54
C ALA S 39 2.15 -62.60 -66.28
N ALA S 40 1.03 -61.97 -66.66
CA ALA S 40 -0.27 -62.63 -66.52
C ALA S 40 -0.41 -63.80 -67.48
N SER S 41 0.17 -63.68 -68.68
CA SER S 41 0.12 -64.75 -69.69
C SER S 41 1.23 -65.75 -69.36
N THR S 42 0.93 -66.65 -68.43
CA THR S 42 1.94 -67.58 -67.93
C THR S 42 2.13 -68.76 -68.87
N TRP S 43 1.10 -69.59 -69.03
CA TRP S 43 1.20 -70.80 -69.84
C TRP S 43 2.44 -71.59 -69.43
N GLY S 44 2.93 -72.47 -70.30
CA GLY S 44 4.17 -73.18 -70.04
C GLY S 44 4.10 -74.67 -70.34
N GLY S 45 5.00 -75.14 -71.20
CA GLY S 45 5.10 -76.55 -71.53
C GLY S 45 6.54 -77.00 -71.66
N ALA S 46 7.44 -76.36 -70.90
CA ALA S 46 8.86 -76.62 -71.07
C ALA S 46 9.21 -78.07 -70.74
N TYR S 47 8.58 -78.64 -69.72
CA TYR S 47 8.87 -80.01 -69.34
C TYR S 47 8.64 -80.95 -70.51
N GLY S 48 9.56 -81.90 -70.69
CA GLY S 48 9.46 -82.87 -71.78
C GLY S 48 10.69 -82.79 -72.66
N ALA S 49 11.30 -83.96 -72.89
CA ALA S 49 12.52 -84.07 -73.67
C ALA S 49 12.37 -85.14 -74.72
N HIS S 50 12.90 -84.87 -75.92
CA HIS S 50 12.90 -85.81 -77.03
C HIS S 50 14.31 -86.33 -77.24
N GLN S 51 14.44 -87.28 -78.18
CA GLN S 51 15.73 -87.93 -78.47
C GLN S 51 16.01 -87.88 -79.96
N PRO S 52 16.38 -86.71 -80.51
CA PRO S 52 17.01 -86.64 -81.84
C PRO S 52 18.49 -87.01 -81.78
N VAL S 53 18.79 -88.14 -81.15
CA VAL S 53 20.16 -88.62 -80.93
C VAL S 53 21.10 -87.46 -80.59
N GLU S 54 20.71 -86.62 -79.63
CA GLU S 54 21.56 -85.48 -79.25
C GLU S 54 22.40 -85.83 -78.01
N VAL S 55 21.76 -85.86 -76.85
CA VAL S 55 22.28 -86.44 -75.62
C VAL S 55 21.15 -86.30 -74.61
N ILE S 56 21.08 -87.17 -73.62
CA ILE S 56 20.03 -87.04 -72.60
C ILE S 56 20.55 -86.12 -71.51
N HIS S 57 20.41 -84.82 -71.69
CA HIS S 57 20.83 -83.83 -70.70
C HIS S 57 19.77 -82.75 -70.56
N SER S 58 19.29 -82.57 -69.33
CA SER S 58 18.44 -81.44 -68.97
C SER S 58 18.40 -81.33 -67.46
N THR S 59 18.95 -80.23 -66.91
CA THR S 59 19.11 -80.09 -65.48
C THR S 59 18.49 -78.80 -64.99
N TYR S 60 17.79 -78.88 -63.85
CA TYR S 60 17.24 -77.72 -63.17
C TYR S 60 16.13 -77.08 -63.98
N GLN S 61 16.49 -76.33 -65.03
CA GLN S 61 15.51 -75.66 -65.89
C GLN S 61 14.62 -74.72 -65.08
N ALA S 62 15.25 -73.70 -64.52
CA ALA S 62 14.57 -72.74 -63.66
C ALA S 62 14.69 -71.32 -64.23
N VAL S 63 14.14 -70.37 -63.50
CA VAL S 63 14.10 -68.96 -63.92
C VAL S 63 15.23 -68.22 -63.21
N HIS S 64 15.80 -67.23 -63.90
CA HIS S 64 16.86 -66.43 -63.30
C HIS S 64 17.13 -65.22 -64.18
N GLN S 65 17.24 -64.04 -63.55
CA GLN S 65 17.71 -62.86 -64.25
C GLN S 65 16.83 -62.58 -65.45
N SER S 66 17.12 -61.52 -66.19
CA SER S 66 16.46 -61.26 -67.46
C SER S 66 17.48 -60.59 -68.37
N ALA S 67 16.99 -59.98 -69.46
CA ALA S 67 17.87 -59.25 -70.35
C ALA S 67 18.72 -58.26 -69.56
N LEU S 68 18.12 -57.60 -68.57
CA LEU S 68 18.68 -56.51 -67.77
C LEU S 68 18.72 -55.21 -68.57
N GLU S 69 18.41 -55.24 -69.86
CA GLU S 69 18.33 -54.07 -70.72
C GLU S 69 17.02 -54.09 -71.50
N GLU S 70 15.91 -54.26 -70.78
CA GLU S 70 14.57 -54.19 -71.36
C GLU S 70 14.12 -52.74 -71.54
N ASN S 71 15.09 -51.82 -71.61
CA ASN S 71 14.81 -50.41 -71.58
C ASN S 71 14.01 -49.96 -72.81
N TYR S 72 13.15 -48.97 -72.60
CA TYR S 72 12.52 -48.23 -73.70
C TYR S 72 11.52 -49.09 -74.46
N TYR S 73 10.70 -49.86 -73.75
CA TYR S 73 9.79 -50.82 -74.38
C TYR S 73 8.35 -50.61 -73.92
N ASN S 74 7.45 -50.53 -74.90
CA ASN S 74 6.02 -50.80 -74.73
C ASN S 74 5.29 -49.75 -73.88
N ARG S 75 5.42 -48.48 -74.25
CA ARG S 75 4.42 -47.46 -73.93
C ARG S 75 4.84 -46.16 -74.62
N LEU S 76 4.14 -45.08 -74.30
CA LEU S 76 4.31 -43.80 -74.98
C LEU S 76 5.70 -43.22 -74.74
N TRP S 77 5.98 -42.10 -75.39
CA TRP S 77 7.17 -41.30 -75.17
C TRP S 77 6.76 -39.87 -74.85
N LEU S 78 7.62 -39.16 -74.14
CA LEU S 78 7.46 -37.72 -73.93
C LEU S 78 8.83 -37.08 -74.15
N ILE S 79 9.13 -36.73 -75.40
CA ILE S 79 10.40 -36.09 -75.72
C ILE S 79 10.52 -34.73 -75.04
N PRO S 80 9.52 -33.83 -75.12
CA PRO S 80 9.67 -32.52 -74.49
C PRO S 80 9.36 -32.58 -72.99
N THR S 81 10.23 -31.98 -72.19
CA THR S 81 10.04 -31.89 -70.75
C THR S 81 10.01 -30.46 -70.22
N ALA S 82 10.69 -29.53 -70.88
CA ALA S 82 10.67 -28.13 -70.47
C ALA S 82 10.97 -27.28 -71.69
N MET S 83 10.04 -26.39 -72.04
CA MET S 83 10.17 -25.55 -73.23
C MET S 83 10.57 -24.14 -72.81
N GLU S 84 11.65 -23.64 -73.41
CA GLU S 84 12.14 -22.29 -73.13
C GLU S 84 11.62 -21.36 -74.21
N LEU S 85 10.34 -21.00 -74.06
CA LEU S 85 9.72 -20.08 -75.03
C LEU S 85 10.34 -18.69 -74.96
N GLY S 86 10.83 -18.29 -73.79
CA GLY S 86 11.42 -16.97 -73.66
C GLY S 86 10.42 -15.90 -74.03
N ASN S 87 10.84 -14.97 -74.89
CA ASN S 87 9.99 -13.86 -75.31
C ASN S 87 9.27 -14.24 -76.60
N VAL S 88 7.94 -14.23 -76.56
CA VAL S 88 7.10 -14.60 -77.68
C VAL S 88 6.51 -13.32 -78.26
N VAL S 89 6.78 -13.07 -79.54
CA VAL S 89 6.24 -11.89 -80.22
C VAL S 89 5.55 -12.22 -81.52
N SER S 90 5.76 -13.40 -82.11
CA SER S 90 5.14 -13.78 -83.37
C SER S 90 4.59 -15.19 -83.22
N THR S 91 3.86 -15.64 -84.25
CA THR S 91 3.26 -16.96 -84.25
C THR S 91 4.36 -18.02 -84.35
N GLN S 92 4.59 -18.74 -83.26
CA GLN S 92 5.58 -19.81 -83.22
C GLN S 92 4.89 -21.16 -83.36
N ILE S 93 5.60 -22.10 -83.97
CA ILE S 93 5.13 -23.47 -84.15
C ILE S 93 6.21 -24.42 -83.66
N ARG S 94 5.82 -25.39 -82.83
CA ARG S 94 6.75 -26.36 -82.30
C ARG S 94 6.20 -27.77 -82.49
N PRO S 95 7.07 -28.77 -82.58
CA PRO S 95 6.59 -30.14 -82.75
C PRO S 95 6.43 -30.89 -81.43
N ALA S 96 5.36 -31.66 -81.34
CA ALA S 96 5.10 -32.54 -80.21
C ALA S 96 4.80 -33.92 -80.74
N SER S 97 5.57 -34.92 -80.30
CA SER S 97 5.44 -36.28 -80.78
C SER S 97 5.40 -37.26 -79.62
N VAL S 98 4.64 -38.33 -79.81
CA VAL S 98 4.53 -39.41 -78.83
C VAL S 98 4.60 -40.73 -79.58
N TRP S 99 5.48 -41.62 -79.13
CA TRP S 99 5.70 -42.92 -79.77
C TRP S 99 5.19 -44.01 -78.84
N ASN S 100 4.22 -44.80 -79.32
CA ASN S 100 3.66 -45.90 -78.56
C ASN S 100 4.21 -47.21 -79.10
N ALA S 101 4.84 -48.00 -78.23
CA ALA S 101 5.38 -49.31 -78.59
C ALA S 101 4.48 -50.46 -78.16
N TYR S 102 3.34 -50.18 -77.55
CA TYR S 102 2.42 -51.24 -77.18
C TYR S 102 1.92 -51.98 -78.42
N PHE S 103 1.69 -53.28 -78.26
CA PHE S 103 1.06 -54.05 -79.33
C PHE S 103 -0.39 -53.65 -79.53
N SER S 104 -0.98 -52.88 -78.62
CA SER S 104 -2.31 -52.34 -78.76
C SER S 104 -2.28 -50.84 -78.50
N PRO S 105 -3.15 -50.07 -79.13
CA PRO S 105 -3.11 -48.61 -78.94
C PRO S 105 -3.38 -48.20 -77.51
N ARG S 106 -2.75 -47.10 -77.10
CA ARG S 106 -3.01 -46.45 -75.82
C ARG S 106 -3.76 -45.16 -76.12
N THR S 107 -5.07 -45.17 -75.90
CA THR S 107 -5.92 -44.04 -76.24
C THR S 107 -5.82 -42.96 -75.17
N LEU S 108 -5.59 -41.72 -75.59
CA LEU S 108 -5.53 -40.61 -74.66
C LEU S 108 -6.93 -40.29 -74.15
N THR S 109 -7.06 -40.19 -72.82
CA THR S 109 -8.37 -39.91 -72.24
C THR S 109 -8.89 -38.55 -72.71
N ALA S 110 -8.07 -37.51 -72.60
CA ALA S 110 -8.45 -36.17 -73.02
C ALA S 110 -7.26 -35.25 -72.80
N ILE S 111 -7.38 -34.03 -73.30
CA ILE S 111 -6.39 -32.98 -73.10
C ILE S 111 -7.12 -31.84 -72.37
N ASP S 112 -7.07 -31.87 -71.05
CA ASP S 112 -7.71 -30.83 -70.23
C ASP S 112 -6.88 -29.57 -70.34
N ARG S 113 -7.34 -28.63 -71.18
CA ARG S 113 -6.60 -27.41 -71.47
C ARG S 113 -6.86 -26.39 -70.36
N GLU S 114 -5.83 -26.11 -69.57
CA GLU S 114 -5.89 -25.10 -68.51
C GLU S 114 -4.95 -23.96 -68.88
N ALA S 115 -5.47 -22.74 -68.94
CA ALA S 115 -4.69 -21.55 -69.28
C ALA S 115 -3.97 -21.71 -70.62
N ALA S 116 -4.44 -22.62 -71.46
CA ALA S 116 -3.82 -22.90 -72.75
C ALA S 116 -4.57 -22.25 -73.91
N ASP S 117 -5.48 -21.32 -73.62
CA ASP S 117 -6.23 -20.66 -74.68
C ASP S 117 -5.28 -19.97 -75.64
N GLY S 118 -5.60 -20.04 -76.94
CA GLY S 118 -4.71 -19.57 -77.97
C GLY S 118 -3.71 -20.59 -78.45
N ILE S 119 -3.79 -21.83 -77.97
CA ILE S 119 -2.94 -22.93 -78.41
C ILE S 119 -3.84 -23.96 -79.08
N THR S 120 -3.54 -24.26 -80.34
CA THR S 120 -4.36 -25.16 -81.14
C THR S 120 -3.47 -26.12 -81.91
N LEU S 121 -4.01 -27.30 -82.18
CA LEU S 121 -3.35 -28.31 -83.01
C LEU S 121 -4.14 -28.45 -84.32
N SER S 122 -3.43 -28.34 -85.44
CA SER S 122 -4.04 -28.41 -86.76
C SER S 122 -3.67 -29.73 -87.43
N GLY S 123 -4.63 -30.29 -88.18
CA GLY S 123 -4.44 -31.55 -88.86
C GLY S 123 -4.64 -32.77 -87.99
N GLN S 124 -5.05 -32.59 -86.73
CA GLN S 124 -5.22 -33.70 -85.80
C GLN S 124 -6.65 -33.73 -85.29
N ALA S 125 -7.11 -34.92 -84.94
CA ALA S 125 -8.47 -35.12 -84.47
C ALA S 125 -8.55 -34.73 -82.99
N SER S 126 -9.65 -35.11 -82.34
CA SER S 126 -9.85 -34.80 -80.94
C SER S 126 -8.83 -35.55 -80.08
N PRO S 127 -8.58 -35.08 -78.87
CA PRO S 127 -7.56 -35.70 -78.00
C PRO S 127 -7.62 -37.21 -78.05
N PRO S 128 -8.81 -37.84 -77.89
CA PRO S 128 -8.87 -39.29 -78.04
C PRO S 128 -8.25 -39.75 -79.36
N LEU S 129 -7.17 -40.51 -79.27
CA LEU S 129 -6.38 -40.87 -80.44
C LEU S 129 -5.72 -42.22 -80.19
N GLY S 130 -6.03 -43.20 -81.03
CA GLY S 130 -5.40 -44.51 -80.92
C GLY S 130 -4.07 -44.52 -81.64
N PHE S 131 -3.02 -44.94 -80.93
CA PHE S 131 -1.67 -44.98 -81.47
C PHE S 131 -1.37 -46.39 -81.96
N ALA S 132 -1.03 -46.52 -83.23
CA ALA S 132 -0.61 -47.80 -83.77
C ALA S 132 0.75 -48.20 -83.19
N ALA S 133 0.97 -49.51 -83.09
CA ALA S 133 2.24 -50.00 -82.58
C ALA S 133 3.38 -49.53 -83.48
N LEU S 134 4.51 -49.19 -82.86
CA LEU S 134 5.68 -48.70 -83.59
C LEU S 134 5.33 -47.49 -84.46
N GLU S 135 4.39 -46.67 -83.98
CA GLU S 135 3.97 -45.47 -84.69
C GLU S 135 4.24 -44.25 -83.83
N GLU S 136 4.86 -43.24 -84.43
CA GLU S 136 5.09 -41.95 -83.79
C GLU S 136 4.19 -40.92 -84.45
N ARG S 137 3.39 -40.21 -83.65
CA ARG S 137 2.47 -39.20 -84.15
C ARG S 137 2.96 -37.85 -83.66
N THR S 138 3.56 -37.07 -84.55
CA THR S 138 4.12 -35.77 -84.22
C THR S 138 3.06 -34.71 -84.52
N TRP S 139 2.46 -34.16 -83.46
CA TRP S 139 1.49 -33.09 -83.63
C TRP S 139 2.22 -31.79 -83.94
N THR S 140 1.44 -30.82 -84.43
CA THR S 140 1.96 -29.49 -84.77
C THR S 140 1.46 -28.51 -83.70
N VAL S 141 2.33 -28.21 -82.74
CA VAL S 141 1.99 -27.31 -81.65
C VAL S 141 2.10 -25.88 -82.19
N SER S 142 0.96 -25.30 -82.58
CA SER S 142 0.92 -23.94 -83.09
C SER S 142 0.71 -22.98 -81.94
N ILE S 143 1.65 -22.05 -81.77
CA ILE S 143 1.58 -21.03 -80.72
C ILE S 143 1.13 -19.73 -81.37
N GLY S 144 -0.03 -19.24 -80.95
CA GLY S 144 -0.58 -18.03 -81.52
C GLY S 144 0.06 -16.78 -80.96
N THR S 145 -0.44 -15.64 -81.42
CA THR S 145 0.04 -14.33 -81.01
C THR S 145 -0.91 -13.62 -80.06
N ASP S 146 -2.04 -14.24 -79.71
CA ASP S 146 -3.02 -13.64 -78.82
C ASP S 146 -3.10 -14.47 -77.54
N GLY S 147 -3.00 -13.80 -76.39
CA GLY S 147 -3.09 -14.46 -75.12
C GLY S 147 -2.62 -13.58 -73.98
N PRO S 148 -2.70 -14.09 -72.75
CA PRO S 148 -2.22 -13.31 -71.61
C PRO S 148 -0.73 -13.06 -71.72
N PRO S 149 -0.23 -11.96 -71.14
CA PRO S 149 1.21 -11.68 -71.20
C PRO S 149 2.06 -12.71 -70.49
N VAL S 150 1.49 -13.53 -69.61
CA VAL S 150 2.22 -14.57 -68.90
C VAL S 150 1.63 -15.91 -69.32
N VAL S 151 2.49 -16.78 -69.83
CA VAL S 151 2.08 -18.10 -70.30
C VAL S 151 2.32 -19.07 -69.15
N ASN S 152 1.24 -19.48 -68.49
CA ASN S 152 1.29 -20.44 -67.40
C ASN S 152 0.34 -21.58 -67.77
N ALA S 153 0.86 -22.56 -68.52
CA ALA S 153 0.05 -23.64 -69.06
C ALA S 153 0.52 -24.97 -68.48
N ARG S 154 -0.43 -25.87 -68.22
CA ARG S 154 -0.15 -27.22 -67.73
C ARG S 154 -1.07 -28.17 -68.48
N ILE S 155 -0.59 -28.70 -69.60
CA ILE S 155 -1.35 -29.65 -70.40
C ILE S 155 -1.05 -31.06 -69.89
N VAL S 156 -2.11 -31.81 -69.61
CA VAL S 156 -2.01 -33.13 -68.98
C VAL S 156 -2.29 -34.20 -70.02
N TRP S 157 -1.36 -35.14 -70.17
CA TRP S 157 -1.52 -36.30 -71.04
C TRP S 157 -1.82 -37.49 -70.15
N ARG S 158 -3.10 -37.66 -69.80
CA ARG S 158 -3.52 -38.68 -68.85
C ARG S 158 -3.98 -39.93 -69.61
N LEU S 159 -3.41 -41.07 -69.24
CA LEU S 159 -3.78 -42.34 -69.86
C LEU S 159 -3.97 -43.40 -68.77
N GLN S 160 -4.73 -44.43 -69.12
CA GLN S 160 -4.99 -45.52 -68.18
C GLN S 160 -3.69 -46.27 -67.87
N GLY S 161 -3.58 -46.72 -66.63
CA GLY S 161 -2.45 -47.54 -66.22
C GLY S 161 -1.11 -46.86 -66.35
N GLU S 162 -1.09 -45.52 -66.40
CA GLU S 162 0.14 -44.77 -66.51
C GLU S 162 0.01 -43.49 -65.69
N PRO S 163 1.02 -43.13 -64.91
CA PRO S 163 0.94 -41.88 -64.16
C PRO S 163 0.83 -40.68 -65.10
N ASN S 164 0.16 -39.64 -64.61
CA ASN S 164 -0.05 -38.44 -65.41
C ASN S 164 1.29 -37.89 -65.90
N LEU S 165 1.36 -37.60 -67.19
CA LEU S 165 2.55 -37.02 -67.83
C LEU S 165 2.16 -35.64 -68.34
N VAL S 166 2.30 -34.64 -67.49
CA VAL S 166 1.86 -33.28 -67.81
C VAL S 166 2.94 -32.57 -68.60
N LEU S 167 2.56 -32.01 -69.75
CA LEU S 167 3.48 -31.20 -70.56
C LEU S 167 3.26 -29.74 -70.18
N VAL S 168 4.24 -29.15 -69.50
CA VAL S 168 4.13 -27.79 -68.99
C VAL S 168 4.78 -26.85 -70.01
N ILE S 169 4.02 -25.87 -70.47
CA ILE S 169 4.50 -24.84 -71.39
C ILE S 169 4.53 -23.52 -70.64
N THR S 170 5.69 -22.87 -70.63
CA THR S 170 5.88 -21.62 -69.91
C THR S 170 6.56 -20.60 -70.80
N GLY S 171 6.27 -19.33 -70.54
CA GLY S 171 6.84 -18.25 -71.34
C GLY S 171 6.08 -16.96 -71.10
N ASN S 172 6.27 -16.01 -72.02
CA ASN S 172 5.59 -14.73 -71.95
C ASN S 172 5.23 -14.27 -73.34
N ARG S 173 4.15 -13.48 -73.43
CA ARG S 173 3.68 -12.93 -74.69
C ARG S 173 3.98 -11.44 -74.73
N ILE S 174 4.60 -10.99 -75.81
CA ILE S 174 5.01 -9.60 -75.98
C ILE S 174 4.58 -9.12 -77.36
N ILE S 175 4.39 -7.82 -77.49
CA ILE S 175 4.04 -7.18 -78.75
C ILE S 175 5.15 -6.20 -79.10
N ALA S 176 5.64 -6.27 -80.33
CA ALA S 176 6.75 -5.44 -80.77
C ALA S 176 6.26 -4.10 -81.30
N TRP S 177 7.07 -3.07 -81.07
CA TRP S 177 6.78 -1.73 -81.56
C TRP S 177 7.26 -1.63 -83.00
N THR S 178 6.31 -1.51 -83.93
CA THR S 178 6.58 -1.55 -85.36
C THR S 178 6.24 -0.23 -86.03
N PHE S 179 6.52 0.89 -85.36
CA PHE S 179 6.28 2.22 -85.89
C PHE S 179 7.61 2.92 -86.11
N ALA S 180 7.81 3.45 -87.33
CA ALA S 180 9.01 4.18 -87.64
C ALA S 180 8.82 5.64 -87.26
N PRO S 181 9.56 6.17 -86.29
CA PRO S 181 9.34 7.56 -85.87
C PRO S 181 10.08 8.55 -86.74
N ASP S 182 9.43 9.67 -87.02
CA ASP S 182 10.09 10.76 -87.74
C ASP S 182 11.26 11.27 -86.92
N TRP S 183 12.32 11.68 -87.63
CA TRP S 183 13.56 12.04 -86.97
C TRP S 183 14.05 13.44 -87.34
N GLY S 184 13.19 14.30 -87.88
CA GLY S 184 13.61 15.67 -88.13
C GLY S 184 14.16 16.34 -86.88
N ASP S 185 13.61 16.01 -85.72
CA ASP S 185 14.18 16.39 -84.43
C ASP S 185 15.03 15.24 -83.93
N SER S 186 16.23 15.57 -83.45
CA SER S 186 17.18 14.54 -83.05
C SER S 186 16.57 13.65 -81.96
N ILE S 187 16.83 12.35 -82.06
CA ILE S 187 16.39 11.40 -81.05
C ILE S 187 17.33 11.46 -79.87
N VAL S 188 16.78 11.61 -78.67
CA VAL S 188 17.56 11.77 -77.46
C VAL S 188 17.58 10.44 -76.71
N GLU S 189 18.78 9.94 -76.44
CA GLU S 189 18.98 8.75 -75.63
C GLU S 189 19.60 9.15 -74.31
N ARG S 190 19.00 8.68 -73.22
CA ARG S 190 19.39 9.08 -71.87
C ARG S 190 19.91 7.88 -71.11
N LEU S 191 21.12 8.01 -70.55
CA LEU S 191 21.72 7.00 -69.70
C LEU S 191 21.77 7.55 -68.27
N SER S 192 21.09 6.89 -67.36
CA SER S 192 20.96 7.35 -65.98
C SER S 192 21.42 6.26 -65.01
N ALA S 193 22.13 6.66 -63.97
CA ALA S 193 22.57 5.76 -62.92
C ALA S 193 22.46 6.48 -61.59
N SER S 194 22.55 5.70 -60.50
CA SER S 194 22.41 6.21 -59.16
C SER S 194 23.76 6.09 -58.43
N THR S 195 24.21 7.19 -57.85
CA THR S 195 25.47 7.21 -57.10
C THR S 195 25.34 8.26 -56.01
N ASN S 196 25.00 7.82 -54.80
CA ASN S 196 24.87 8.72 -53.65
C ASN S 196 26.23 8.87 -52.98
N ILE S 197 26.73 10.10 -52.95
CA ILE S 197 28.05 10.41 -52.43
C ILE S 197 27.92 11.37 -51.26
N LEU S 198 28.64 11.09 -50.19
CA LEU S 198 28.67 11.95 -49.02
C LEU S 198 30.11 12.38 -48.75
N GLN S 199 30.32 13.67 -48.50
CA GLN S 199 31.63 14.24 -48.26
C GLN S 199 31.69 14.81 -46.85
N SER S 200 32.88 14.78 -46.27
CA SER S 200 33.08 15.24 -44.91
C SER S 200 33.32 16.75 -44.90
N GLU S 201 33.71 17.29 -43.74
CA GLU S 201 34.01 18.72 -43.66
C GLU S 201 35.13 19.09 -44.62
N SER S 202 36.18 18.28 -44.66
CA SER S 202 37.22 18.47 -45.65
C SER S 202 36.71 18.02 -47.02
N ALA S 203 37.36 18.53 -48.08
CA ALA S 203 36.96 18.22 -49.44
C ALA S 203 37.45 16.81 -49.80
N VAL S 204 36.80 15.83 -49.19
CA VAL S 204 37.06 14.42 -49.46
C VAL S 204 35.71 13.73 -49.69
N THR S 205 35.64 12.90 -50.72
CA THR S 205 34.40 12.27 -51.14
C THR S 205 34.55 10.76 -51.17
N GLN S 206 33.52 10.07 -50.67
CA GLN S 206 33.38 8.62 -50.81
C GLN S 206 32.16 8.34 -51.67
N ARG S 207 32.34 7.49 -52.69
CA ARG S 207 31.32 7.25 -53.70
C ARG S 207 30.80 5.82 -53.59
N ARG S 208 29.49 5.66 -53.78
CA ARG S 208 28.78 4.42 -53.51
C ARG S 208 27.86 4.07 -54.68
N ALA S 209 28.41 4.07 -55.89
CA ALA S 209 27.66 3.75 -57.10
C ALA S 209 26.72 2.58 -56.86
N MET S 210 25.43 2.80 -57.11
CA MET S 210 24.39 1.83 -56.79
C MET S 210 24.04 0.95 -57.98
N ARG S 211 23.69 1.55 -59.11
CA ARG S 211 23.25 0.80 -60.29
C ARG S 211 24.46 0.40 -61.12
N LEU S 212 24.64 -0.91 -61.31
CA LEU S 212 25.71 -1.39 -62.18
C LEU S 212 25.34 -1.24 -63.65
N ALA S 213 24.07 -1.39 -63.99
CA ALA S 213 23.60 -1.24 -65.36
C ALA S 213 22.72 -0.01 -65.47
N PRO S 214 23.17 1.09 -66.07
CA PRO S 214 22.33 2.29 -66.11
C PRO S 214 21.04 2.06 -66.87
N ARG S 215 19.96 2.67 -66.38
CA ARG S 215 18.68 2.58 -67.04
C ARG S 215 18.66 3.47 -68.27
N ARG S 216 18.23 2.93 -69.39
CA ARG S 216 18.25 3.62 -70.68
C ARG S 216 16.84 4.12 -71.01
N GLU S 217 16.75 5.40 -71.38
CA GLU S 217 15.49 6.01 -71.77
C GLU S 217 15.64 6.63 -73.16
N PHE S 218 14.61 6.46 -73.98
CA PHE S 218 14.57 6.99 -75.33
C PHE S 218 13.42 7.97 -75.48
N ASP S 219 13.67 9.08 -76.15
CA ASP S 219 12.66 10.09 -76.43
C ASP S 219 12.65 10.37 -77.93
N ALA S 220 11.48 10.33 -78.53
CA ALA S 220 11.35 10.53 -79.97
C ALA S 220 9.94 10.98 -80.30
N ASN S 221 9.79 11.54 -81.51
CA ASN S 221 8.51 11.94 -82.04
C ASN S 221 8.20 11.13 -83.30
N MET S 222 6.91 10.94 -83.57
CA MET S 222 6.49 10.07 -84.67
C MET S 222 5.23 10.62 -85.30
N TYR S 223 4.84 10.01 -86.41
CA TYR S 223 3.63 10.38 -87.14
C TYR S 223 2.93 9.11 -87.62
N ALA S 224 1.65 9.25 -87.95
CA ALA S 224 0.86 8.12 -88.42
C ALA S 224 -0.31 8.66 -89.23
N VAL S 225 -0.39 8.29 -90.51
CA VAL S 225 -1.41 8.84 -91.40
C VAL S 225 -2.24 7.75 -92.05
N ASP S 226 -1.61 6.87 -92.84
CA ASP S 226 -2.33 5.94 -93.69
C ASP S 226 -2.23 4.53 -93.10
N ARG S 227 -3.26 4.16 -92.33
CA ARG S 227 -3.39 2.82 -91.76
C ARG S 227 -2.47 2.59 -90.58
N GLU S 228 -1.58 3.55 -90.28
CA GLU S 228 -0.77 3.45 -89.07
C GLU S 228 -1.41 4.17 -87.89
N ARG S 229 -2.26 5.16 -88.14
CA ARG S 229 -2.88 5.89 -87.04
C ARG S 229 -3.89 5.02 -86.30
N GLN S 230 -4.75 4.33 -87.04
CA GLN S 230 -5.72 3.43 -86.41
C GLN S 230 -5.01 2.27 -85.72
N LEU S 231 -3.99 1.71 -86.36
CA LEU S 231 -3.23 0.63 -85.74
C LEU S 231 -2.55 1.10 -84.46
N LEU S 232 -1.99 2.31 -84.49
CA LEU S 232 -1.37 2.86 -83.28
C LEU S 232 -2.40 3.06 -82.18
N ASP S 233 -3.58 3.58 -82.53
CA ASP S 233 -4.61 3.78 -81.53
C ASP S 233 -4.99 2.45 -80.88
N MET S 234 -5.27 1.43 -81.69
CA MET S 234 -5.59 0.12 -81.13
C MET S 234 -4.44 -0.48 -80.34
N THR S 235 -3.20 -0.28 -80.80
CA THR S 235 -2.05 -0.87 -80.14
C THR S 235 -1.86 -0.28 -78.75
N LEU S 236 -1.96 1.05 -78.63
CA LEU S 236 -1.87 1.70 -77.33
C LEU S 236 -3.16 1.58 -76.52
N PHE S 237 -4.25 1.15 -77.14
CA PHE S 237 -5.50 0.92 -76.42
C PHE S 237 -5.49 -0.44 -75.73
N GLY S 238 -5.26 -1.50 -76.51
CA GLY S 238 -5.32 -2.84 -75.95
C GLY S 238 -4.11 -3.17 -75.10
N TRP S 239 -2.91 -3.01 -75.67
CA TRP S 239 -1.70 -3.40 -74.95
C TRP S 239 -1.39 -2.41 -73.83
N GLY S 240 -1.50 -1.12 -74.10
CA GLY S 240 -1.33 -0.13 -73.05
C GLY S 240 0.04 -0.22 -72.42
N ALA S 241 0.07 -0.23 -71.08
CA ALA S 241 1.31 -0.21 -70.32
C ALA S 241 1.76 -1.65 -70.06
N ARG S 242 2.54 -2.17 -71.00
CA ARG S 242 3.11 -3.51 -70.86
C ARG S 242 4.38 -3.58 -71.69
N ILE S 243 5.17 -4.63 -71.45
CA ILE S 243 6.49 -4.73 -72.07
C ILE S 243 6.35 -4.75 -73.58
N TRP S 244 7.15 -3.93 -74.26
CA TRP S 244 7.25 -3.91 -75.71
C TRP S 244 8.54 -4.57 -76.14
N ALA S 245 8.71 -4.69 -77.46
CA ALA S 245 9.98 -5.10 -78.07
C ALA S 245 10.40 -3.95 -78.96
N LEU S 246 11.11 -2.98 -78.36
CA LEU S 246 11.43 -1.75 -79.05
C LEU S 246 12.63 -1.94 -79.96
N PRO S 247 12.50 -1.74 -81.27
CA PRO S 247 13.70 -1.74 -82.12
C PRO S 247 14.56 -0.51 -81.86
N ILE S 248 15.86 -0.67 -82.06
CA ILE S 248 16.82 0.40 -81.84
C ILE S 248 16.90 1.21 -83.13
N TRP S 249 16.15 2.31 -83.19
CA TRP S 249 16.15 3.13 -84.39
C TRP S 249 17.53 3.67 -84.75
N PRO S 250 18.33 4.18 -83.82
CA PRO S 250 19.66 4.69 -84.20
C PRO S 250 20.56 3.63 -84.81
N ASP S 251 20.30 2.35 -84.53
CA ASP S 251 21.09 1.25 -85.07
C ASP S 251 20.49 0.67 -86.35
N ILE S 252 19.80 1.50 -87.14
CA ILE S 252 19.21 1.01 -88.38
C ILE S 252 20.30 0.41 -89.26
N GLN S 253 19.89 -0.58 -90.07
CA GLN S 253 20.82 -1.27 -90.96
C GLN S 253 20.05 -1.76 -92.18
N LEU S 254 20.75 -1.82 -93.30
CA LEU S 254 20.17 -2.26 -94.56
C LEU S 254 20.92 -3.50 -95.07
N LEU S 255 20.17 -4.49 -95.54
CA LEU S 255 20.78 -5.71 -96.03
C LEU S 255 21.52 -5.46 -97.34
N HIS S 256 22.65 -6.14 -97.50
CA HIS S 256 23.45 -6.02 -98.72
C HIS S 256 23.09 -7.07 -99.76
N GLN S 257 22.57 -8.22 -99.33
CA GLN S 257 22.18 -9.30 -100.22
C GLN S 257 20.83 -9.83 -99.78
N PRO S 258 20.07 -10.43 -100.71
CA PRO S 258 18.75 -10.96 -100.33
C PRO S 258 18.86 -12.10 -99.35
N LEU S 259 17.86 -12.23 -98.49
CA LEU S 259 17.79 -13.28 -97.49
C LEU S 259 16.80 -14.34 -97.96
N ALA S 260 17.31 -15.55 -98.20
CA ALA S 260 16.45 -16.64 -98.67
C ALA S 260 15.52 -17.10 -97.55
N ALA S 261 14.29 -17.43 -97.92
CA ALA S 261 13.31 -17.92 -96.94
C ALA S 261 13.80 -19.22 -96.34
N GLY S 262 13.71 -19.32 -95.01
CA GLY S 262 14.15 -20.49 -94.29
C GLY S 262 15.64 -20.57 -94.01
N SER S 263 16.42 -19.59 -94.48
CA SER S 263 17.85 -19.60 -94.24
C SER S 263 18.16 -19.36 -92.77
N LEU S 264 19.23 -19.99 -92.29
CA LEU S 264 19.69 -19.86 -90.92
C LEU S 264 20.96 -19.00 -90.92
N GLY S 265 20.83 -17.76 -90.44
CA GLY S 265 21.95 -16.86 -90.39
C GLY S 265 21.80 -15.67 -91.31
N ILE S 266 21.99 -14.46 -90.78
CA ILE S 266 21.89 -13.22 -91.53
C ILE S 266 23.26 -12.58 -91.56
N PRO S 267 24.00 -12.68 -92.67
CA PRO S 267 25.33 -12.04 -92.73
C PRO S 267 25.23 -10.53 -92.86
N CYS S 268 25.56 -9.81 -91.79
CA CYS S 268 25.44 -8.35 -91.77
C CYS S 268 26.49 -7.79 -90.82
N ASP S 269 26.79 -6.51 -91.00
CA ASP S 269 27.77 -5.84 -90.16
C ASP S 269 27.29 -5.78 -88.71
N THR S 270 28.20 -6.11 -87.79
CA THR S 270 27.91 -6.07 -86.36
C THR S 270 29.02 -5.34 -85.61
N ALA S 271 29.68 -4.38 -86.27
CA ALA S 271 30.75 -3.61 -85.66
C ALA S 271 30.15 -2.43 -84.89
N GLY S 272 30.32 -2.44 -83.57
CA GLY S 272 29.79 -1.37 -82.75
C GLY S 272 28.28 -1.26 -82.79
N LEU S 273 27.59 -2.38 -82.75
CA LEU S 273 26.14 -2.42 -82.76
C LEU S 273 25.62 -3.05 -81.48
N ASP S 274 24.36 -2.73 -81.15
CA ASP S 274 23.73 -3.23 -79.93
C ASP S 274 23.18 -4.64 -80.16
N PHE S 275 24.09 -5.55 -80.51
CA PHE S 275 23.77 -6.95 -80.72
C PHE S 275 24.44 -7.77 -79.64
N ARG S 276 23.67 -8.64 -78.98
CA ARG S 276 24.17 -9.47 -77.90
C ARG S 276 23.72 -10.90 -78.12
N ASP S 277 24.53 -11.84 -77.62
CA ASP S 277 24.21 -13.25 -77.76
C ASP S 277 22.91 -13.57 -77.02
N GLY S 278 22.04 -14.32 -77.67
CA GLY S 278 20.75 -14.62 -77.09
C GLY S 278 19.77 -13.46 -77.09
N GLY S 279 19.99 -12.47 -77.93
CA GLY S 279 19.12 -11.31 -78.01
C GLY S 279 18.01 -11.49 -79.01
N LEU S 280 17.54 -10.38 -79.56
CA LEU S 280 16.44 -10.38 -80.53
C LEU S 280 16.79 -9.48 -81.70
N ALA S 281 16.26 -9.82 -82.87
CA ALA S 281 16.41 -9.02 -84.08
C ALA S 281 15.05 -8.93 -84.75
N MET S 282 14.85 -7.84 -85.50
CA MET S 282 13.54 -7.53 -86.08
C MET S 282 13.75 -6.92 -87.46
N LEU S 283 13.49 -7.71 -88.50
CA LEU S 283 13.50 -7.18 -89.85
C LEU S 283 12.24 -6.35 -90.10
N ARG S 284 12.34 -5.40 -91.02
CA ARG S 284 11.23 -4.52 -91.33
C ARG S 284 11.20 -4.22 -92.82
N GLY S 285 10.02 -3.81 -93.29
CA GLY S 285 9.83 -3.41 -94.67
C GLY S 285 9.32 -1.99 -94.79
N GLU S 286 8.74 -1.66 -95.94
CA GLU S 286 8.23 -0.30 -96.14
C GLU S 286 7.10 0.01 -95.17
N ASP S 287 6.20 -0.93 -94.95
CA ASP S 287 5.04 -0.75 -94.09
C ASP S 287 5.30 -1.37 -92.71
N ALA S 288 4.39 -1.06 -91.78
CA ALA S 288 4.52 -1.58 -90.43
C ALA S 288 4.43 -3.10 -90.39
N PHE S 289 3.54 -3.67 -91.21
CA PHE S 289 3.27 -5.10 -91.15
C PHE S 289 4.43 -5.94 -91.65
N THR S 290 5.19 -5.45 -92.62
CA THR S 290 6.27 -6.22 -93.23
C THR S 290 7.43 -6.30 -92.23
N TYR S 291 7.30 -7.24 -91.30
CA TYR S 291 8.29 -7.39 -90.24
C TYR S 291 8.24 -8.82 -89.72
N GLU S 292 9.29 -9.20 -89.00
CA GLU S 292 9.36 -10.51 -88.38
C GLU S 292 10.52 -10.50 -87.38
N VAL S 293 10.29 -11.11 -86.22
CA VAL S 293 11.25 -11.09 -85.11
C VAL S 293 11.87 -12.48 -84.99
N VAL S 294 13.19 -12.53 -84.84
CA VAL S 294 13.93 -13.77 -84.68
C VAL S 294 14.86 -13.65 -83.48
N GLU S 295 15.30 -14.81 -82.98
CA GLU S 295 16.18 -14.88 -81.83
C GLU S 295 17.60 -15.13 -82.31
N VAL S 296 18.53 -14.27 -81.89
CA VAL S 296 19.93 -14.37 -82.27
C VAL S 296 20.67 -15.16 -81.19
N LYS S 297 21.44 -16.16 -81.62
CA LYS S 297 22.19 -16.99 -80.68
C LYS S 297 23.54 -16.35 -80.32
N THR S 298 24.37 -16.08 -81.33
CA THR S 298 25.70 -15.53 -81.08
C THR S 298 26.08 -14.61 -82.24
N VAL S 299 27.12 -13.84 -82.02
CA VAL S 299 27.64 -12.88 -83.00
C VAL S 299 28.98 -13.40 -83.50
N THR S 300 29.10 -13.55 -84.82
CA THR S 300 30.31 -14.05 -85.45
C THR S 300 31.16 -12.94 -86.06
N ALA S 301 30.82 -11.67 -85.80
CA ALA S 301 31.54 -10.53 -86.33
C ALA S 301 31.22 -10.30 -87.81
N SER S 302 30.46 -11.22 -88.42
CA SER S 302 30.01 -11.05 -89.79
C SER S 302 28.56 -11.43 -90.00
N GLY S 303 27.91 -12.10 -89.05
CA GLY S 303 26.52 -12.50 -89.21
C GLY S 303 25.88 -12.70 -87.85
N LEU S 304 24.63 -13.14 -87.90
CA LEU S 304 23.81 -13.35 -86.69
C LEU S 304 23.33 -14.79 -86.71
N ASP S 305 23.95 -15.64 -85.90
CA ASP S 305 23.51 -17.03 -85.80
C ASP S 305 22.08 -17.09 -85.29
N LEU S 306 21.26 -17.89 -85.95
CA LEU S 306 19.84 -17.99 -85.66
C LEU S 306 19.47 -19.43 -85.33
N VAL S 307 18.46 -19.57 -84.47
CA VAL S 307 18.03 -20.89 -84.01
C VAL S 307 16.79 -21.32 -84.78
N ARG S 308 15.98 -20.36 -85.19
CA ARG S 308 14.76 -20.64 -85.92
C ARG S 308 14.85 -20.05 -87.34
N PRO S 309 14.58 -20.84 -88.37
CA PRO S 309 14.68 -20.31 -89.73
C PRO S 309 13.66 -19.20 -89.99
N VAL S 310 14.03 -18.28 -90.86
CA VAL S 310 13.15 -17.19 -91.26
C VAL S 310 12.11 -17.74 -92.23
N GLN S 311 10.84 -17.42 -91.99
CA GLN S 311 9.74 -17.99 -92.76
C GLN S 311 9.31 -17.11 -93.93
N ALA S 312 10.00 -16.02 -94.19
CA ALA S 312 9.66 -15.16 -95.33
C ALA S 312 10.90 -14.39 -95.75
N ALA S 313 11.09 -14.27 -97.06
CA ALA S 313 12.29 -13.68 -97.64
C ALA S 313 12.07 -12.21 -97.96
N TRP S 314 12.97 -11.35 -97.48
CA TRP S 314 12.98 -9.94 -97.82
C TRP S 314 14.27 -9.64 -98.57
N GLY S 315 14.15 -8.94 -99.69
CA GLY S 315 15.29 -8.60 -100.51
C GLY S 315 16.05 -7.40 -99.97
N THR S 316 16.98 -6.92 -100.78
CA THR S 316 17.76 -5.74 -100.40
C THR S 316 16.83 -4.55 -100.17
N GLY S 317 17.14 -3.78 -99.13
CA GLY S 317 16.36 -2.61 -98.77
C GLY S 317 15.58 -2.77 -97.49
N SER S 318 15.29 -4.00 -97.07
CA SER S 318 14.60 -4.21 -95.81
C SER S 318 15.47 -3.81 -94.64
N ARG S 319 14.87 -3.17 -93.64
CA ARG S 319 15.61 -2.66 -92.51
C ARG S 319 15.82 -3.73 -91.45
N LEU S 320 16.97 -3.67 -90.78
CA LEU S 320 17.30 -4.56 -89.68
C LEU S 320 17.48 -3.73 -88.42
N TYR S 321 16.80 -4.13 -87.35
CA TYR S 321 16.80 -3.39 -86.10
C TYR S 321 17.18 -4.31 -84.94
N PRO S 322 18.15 -3.94 -84.11
CA PRO S 322 18.29 -4.63 -82.82
C PRO S 322 17.05 -4.38 -81.96
N VAL S 323 16.71 -5.37 -81.15
CA VAL S 323 15.48 -5.35 -80.36
C VAL S 323 15.85 -5.48 -78.88
N ARG S 324 15.29 -4.60 -78.06
CA ARG S 324 15.44 -4.65 -76.61
C ARG S 324 14.08 -4.44 -75.96
N THR S 325 13.85 -5.14 -74.86
CA THR S 325 12.59 -4.98 -74.14
C THR S 325 12.47 -3.56 -73.63
N ALA S 326 11.27 -2.99 -73.76
CA ALA S 326 11.02 -1.62 -73.34
C ALA S 326 9.58 -1.49 -72.86
N GLN S 327 9.34 -0.45 -72.06
CA GLN S 327 8.02 -0.17 -71.54
C GLN S 327 7.73 1.32 -71.66
N LEU S 328 6.45 1.64 -71.87
CA LEU S 328 6.03 3.03 -72.01
C LEU S 328 6.07 3.71 -70.66
N THR S 329 7.03 4.61 -70.45
CA THR S 329 7.11 5.33 -69.18
C THR S 329 5.87 6.17 -68.95
N GLU S 330 5.38 6.85 -69.99
CA GLU S 330 4.16 7.64 -69.91
C GLU S 330 3.42 7.48 -71.23
N GLN S 331 2.09 7.38 -71.14
CA GLN S 331 1.29 7.22 -72.34
C GLN S 331 1.35 8.48 -73.18
N PRO S 332 1.70 8.39 -74.47
CA PRO S 332 1.84 9.60 -75.28
C PRO S 332 0.53 10.34 -75.44
N THR S 333 0.64 11.66 -75.55
CA THR S 333 -0.50 12.53 -75.83
C THR S 333 -0.54 12.77 -77.33
N LEU S 334 -1.51 12.17 -78.01
CA LEU S 334 -1.58 12.22 -79.46
C LEU S 334 -2.20 13.54 -79.91
N THR S 335 -1.51 14.24 -80.81
CA THR S 335 -1.97 15.52 -81.34
C THR S 335 -2.61 15.29 -82.70
N ARG S 336 -3.92 15.51 -82.79
CA ARG S 336 -4.64 15.31 -84.04
C ARG S 336 -4.26 16.41 -85.02
N LEU S 337 -3.72 16.02 -86.18
CA LEU S 337 -3.37 16.96 -87.24
C LEU S 337 -4.47 17.11 -88.27
N THR S 338 -5.22 16.06 -88.56
CA THR S 338 -6.34 16.13 -89.49
C THR S 338 -7.27 14.95 -89.17
N ASP S 339 -8.19 14.66 -90.10
CA ASP S 339 -9.16 13.59 -89.87
C ASP S 339 -8.45 12.29 -89.47
N THR S 340 -7.41 11.92 -90.22
CA THR S 340 -6.61 10.73 -89.93
C THR S 340 -5.14 11.15 -89.91
N ALA S 341 -4.70 11.66 -88.76
CA ALA S 341 -3.30 12.02 -88.57
C ALA S 341 -3.05 12.36 -87.11
N GLN S 342 -2.01 11.78 -86.51
CA GLN S 342 -1.73 12.01 -85.11
C GLN S 342 -0.23 11.91 -84.87
N SER S 343 0.35 12.97 -84.33
CA SER S 343 1.76 13.00 -83.96
C SER S 343 1.88 12.71 -82.47
N ALA S 344 2.81 11.83 -82.13
CA ALA S 344 2.99 11.37 -80.75
C ALA S 344 4.43 11.56 -80.32
N ARG S 345 4.61 11.86 -79.04
CA ARG S 345 5.93 11.96 -78.41
C ARG S 345 6.06 10.75 -77.49
N VAL S 346 6.58 9.65 -78.04
CA VAL S 346 6.68 8.39 -77.31
C VAL S 346 8.03 8.34 -76.61
N SER S 347 8.01 7.92 -75.34
CA SER S 347 9.21 7.75 -74.55
C SER S 347 9.25 6.33 -74.01
N PHE S 348 10.40 5.66 -74.15
CA PHE S 348 10.53 4.25 -73.79
C PHE S 348 11.71 4.06 -72.84
N LEU S 349 11.56 3.10 -71.95
CA LEU S 349 12.59 2.72 -70.99
C LEU S 349 12.87 1.24 -71.13
N VAL S 350 14.14 0.88 -71.30
CA VAL S 350 14.54 -0.51 -71.52
C VAL S 350 14.67 -1.20 -70.17
N MET S 351 13.97 -2.34 -70.03
CA MET S 351 13.97 -3.12 -68.80
C MET S 351 14.92 -4.30 -68.85
N GLU S 352 16.05 -4.16 -69.55
CA GLU S 352 17.07 -5.19 -69.60
C GLU S 352 18.44 -4.52 -69.48
N PRO S 353 19.39 -5.14 -68.79
CA PRO S 353 20.75 -4.56 -68.74
C PRO S 353 21.33 -4.45 -70.14
N SER S 354 22.07 -3.37 -70.36
CA SER S 354 22.69 -3.07 -71.65
C SER S 354 24.19 -3.26 -71.51
N ALA S 355 24.65 -4.49 -71.73
CA ALA S 355 26.08 -4.79 -71.65
C ALA S 355 26.82 -4.08 -72.77
N TRP S 356 27.99 -3.53 -72.43
CA TRP S 356 28.82 -2.82 -73.39
C TRP S 356 30.23 -2.74 -72.84
N PRO S 357 31.26 -2.93 -73.66
CA PRO S 357 32.63 -2.85 -73.13
C PRO S 357 32.91 -1.47 -72.55
N GLU S 358 33.69 -1.46 -71.47
CA GLU S 358 34.10 -0.23 -70.80
C GLU S 358 35.59 -0.01 -71.08
N LEU S 359 35.89 1.05 -71.83
CA LEU S 359 37.26 1.37 -72.20
C LEU S 359 37.55 2.83 -71.88
N MET S 360 38.74 3.08 -71.36
CA MET S 360 39.19 4.41 -70.98
C MET S 360 40.16 4.96 -72.01
N PRO S 361 40.47 6.25 -71.95
CA PRO S 361 41.43 6.82 -72.90
C PRO S 361 42.79 6.13 -72.80
N ALA S 362 43.47 6.03 -73.94
CA ALA S 362 44.74 5.33 -73.99
C ALA S 362 45.78 5.98 -73.08
N THR S 363 45.85 7.31 -73.10
CA THR S 363 46.84 8.01 -72.29
C THR S 363 46.60 7.75 -70.81
N THR S 364 47.68 7.66 -70.05
CA THR S 364 47.62 7.45 -68.61
C THR S 364 48.57 8.41 -67.92
N TYR S 365 48.14 8.94 -66.77
CA TYR S 365 48.94 9.88 -66.00
C TYR S 365 48.79 9.53 -64.52
N ARG S 366 49.90 9.23 -63.86
CA ARG S 366 49.90 8.87 -62.45
C ARG S 366 48.94 7.71 -62.19
N GLY S 367 48.92 6.75 -63.11
CA GLY S 367 48.05 5.61 -62.97
C GLY S 367 46.57 5.91 -63.12
N ARG S 368 46.22 7.01 -63.78
CA ARG S 368 44.84 7.40 -63.98
C ARG S 368 44.62 7.79 -65.44
N PRO S 369 43.39 7.68 -65.93
CA PRO S 369 43.11 8.09 -67.31
C PRO S 369 43.22 9.60 -67.49
N VAL S 370 43.48 10.00 -68.73
CA VAL S 370 43.59 11.40 -69.11
C VAL S 370 42.65 11.64 -70.28
N LEU S 371 41.84 12.69 -70.19
CA LEU S 371 40.88 13.03 -71.25
C LEU S 371 41.58 13.91 -72.27
N GLU S 372 41.98 13.32 -73.39
CA GLU S 372 42.68 14.05 -74.44
C GLU S 372 41.74 14.64 -75.48
N GLN S 373 40.45 14.35 -75.43
CA GLN S 373 39.52 14.89 -76.39
C GLN S 373 39.37 16.40 -76.20
N ARG S 374 39.32 17.13 -77.32
CA ARG S 374 39.20 18.57 -77.27
C ARG S 374 37.73 18.96 -77.35
N PRO S 375 37.19 19.67 -76.37
CA PRO S 375 35.75 19.95 -76.37
C PRO S 375 35.34 20.84 -77.53
N ASP S 376 34.11 20.64 -77.99
CA ASP S 376 33.54 21.49 -79.02
C ASP S 376 33.26 22.88 -78.47
N GLU S 377 33.55 23.91 -79.27
CA GLU S 377 33.37 25.30 -78.88
C GLU S 377 32.16 25.93 -79.54
N SER S 378 31.25 25.13 -80.10
CA SER S 378 30.08 25.68 -80.76
C SER S 378 29.24 26.49 -79.78
N GLU S 379 29.04 25.97 -78.57
CA GLU S 379 28.32 26.66 -77.52
C GLU S 379 29.30 27.07 -76.44
N ASP S 380 29.32 28.36 -76.11
CA ASP S 380 30.24 28.85 -75.10
C ASP S 380 30.02 28.12 -73.78
N LEU S 381 31.11 27.68 -73.17
CA LEU S 381 31.08 26.88 -71.96
C LEU S 381 31.56 27.70 -70.77
N THR S 382 31.35 27.15 -69.57
CA THR S 382 31.61 27.87 -68.34
C THR S 382 32.45 27.02 -67.39
N SER S 383 33.18 27.71 -66.51
CA SER S 383 33.94 27.08 -65.45
C SER S 383 33.66 27.80 -64.14
N SER S 384 33.49 27.04 -63.07
CA SER S 384 33.18 27.60 -61.76
C SER S 384 33.97 26.85 -60.69
N TYR S 385 34.21 27.54 -59.58
CA TYR S 385 34.97 27.02 -58.45
C TYR S 385 33.98 26.79 -57.30
N GLN S 386 33.39 25.61 -57.26
CA GLN S 386 32.49 25.27 -56.17
C GLN S 386 33.27 24.96 -54.90
N ARG S 387 32.82 25.50 -53.78
CA ARG S 387 33.47 25.33 -52.50
C ARG S 387 32.44 24.92 -51.45
N LEU S 388 32.90 24.20 -50.43
CA LEU S 388 32.06 23.86 -49.29
C LEU S 388 32.02 25.07 -48.34
N LEU S 389 31.41 26.15 -48.83
CA LEU S 389 31.39 27.43 -48.16
C LEU S 389 30.10 27.68 -47.39
N SER S 390 29.51 26.62 -46.82
CA SER S 390 28.27 26.77 -46.07
C SER S 390 28.56 27.43 -44.72
N THR S 391 27.52 27.52 -43.89
CA THR S 391 27.62 28.11 -42.56
C THR S 391 28.01 29.59 -42.64
N LEU S 392 27.23 30.34 -43.43
CA LEU S 392 27.45 31.78 -43.53
C LEU S 392 27.09 32.50 -42.25
N ASP S 393 26.20 31.95 -41.43
CA ASP S 393 25.84 32.51 -40.13
C ASP S 393 25.50 33.99 -40.24
N ASN S 394 24.44 34.27 -41.00
CA ASN S 394 23.94 35.62 -41.17
C ASN S 394 22.95 35.91 -40.03
N GLY S 395 23.37 36.74 -39.08
CA GLY S 395 22.53 37.05 -37.94
C GLY S 395 21.76 38.33 -38.12
N SER S 396 22.16 39.37 -37.41
CA SER S 396 21.52 40.68 -37.50
C SER S 396 22.48 41.81 -37.84
N ALA S 397 23.71 41.78 -37.31
CA ALA S 397 24.65 42.86 -37.54
C ALA S 397 25.35 42.72 -38.89
N ILE S 398 26.14 41.65 -39.05
CA ILE S 398 26.86 41.41 -40.29
C ILE S 398 27.10 39.91 -40.44
N PRO S 399 27.34 39.40 -41.65
CA PRO S 399 27.64 37.98 -41.81
C PRO S 399 29.11 37.68 -41.69
N ARG S 400 29.46 36.40 -41.54
CA ARG S 400 30.86 35.98 -41.53
C ARG S 400 30.94 34.57 -42.09
N VAL S 401 31.89 34.34 -42.98
CA VAL S 401 32.06 33.06 -43.66
C VAL S 401 33.38 32.44 -43.22
N THR S 402 33.34 31.15 -42.88
CA THR S 402 34.51 30.41 -42.45
C THR S 402 34.79 29.30 -43.45
N ASP S 403 36.01 29.27 -43.99
CA ASP S 403 36.42 28.24 -44.94
C ASP S 403 36.59 26.93 -44.18
N VAL S 404 35.63 26.02 -44.37
CA VAL S 404 35.69 24.74 -43.67
C VAL S 404 36.91 23.95 -44.11
N ALA S 405 37.21 23.97 -45.41
CA ALA S 405 38.37 23.26 -45.96
C ALA S 405 39.37 24.17 -46.63
N GLY S 406 38.96 25.36 -47.08
CA GLY S 406 39.89 26.24 -47.76
C GLY S 406 40.44 25.69 -49.05
N MET S 407 39.63 24.93 -49.79
CA MET S 407 40.03 24.35 -51.07
C MET S 407 38.93 24.60 -52.10
N ALA S 408 39.34 24.76 -53.35
CA ALA S 408 38.42 25.00 -54.46
C ALA S 408 38.51 23.83 -55.43
N LEU S 409 37.35 23.28 -55.79
CA LEU S 409 37.27 22.20 -56.76
C LEU S 409 36.68 22.73 -58.05
N PRO S 410 37.45 22.90 -59.12
CA PRO S 410 36.91 23.51 -60.34
C PRO S 410 35.89 22.61 -61.01
N VAL S 411 35.00 23.25 -61.79
CA VAL S 411 33.98 22.57 -62.55
C VAL S 411 34.14 22.95 -64.02
N ILE S 412 34.10 21.95 -64.90
CA ILE S 412 34.36 22.14 -66.32
C ILE S 412 33.26 21.45 -67.12
N GLY S 413 32.76 22.13 -68.15
CA GLY S 413 31.80 21.56 -69.07
C GLY S 413 32.50 21.04 -70.32
N HIS S 414 31.88 20.05 -70.95
CA HIS S 414 32.47 19.39 -72.11
C HIS S 414 31.40 19.09 -73.14
N ARG S 415 31.75 19.28 -74.41
CA ARG S 415 30.89 18.93 -75.53
C ARG S 415 31.73 18.29 -76.63
N TRP S 416 31.09 17.45 -77.45
CA TRP S 416 31.80 16.72 -78.48
C TRP S 416 30.84 16.37 -79.61
N ILE S 417 31.43 16.00 -80.74
CA ILE S 417 30.68 15.61 -81.94
C ILE S 417 31.21 14.26 -82.40
N GLY S 418 30.29 13.35 -82.73
CA GLY S 418 30.66 11.99 -83.08
C GLY S 418 31.24 11.85 -84.48
N MET S 419 30.43 12.16 -85.49
CA MET S 419 30.84 12.12 -86.89
C MET S 419 31.20 10.70 -87.35
N GLY S 420 30.80 9.68 -86.61
CA GLY S 420 31.14 8.32 -86.97
C GLY S 420 30.71 7.29 -85.96
N ARG S 421 30.74 6.01 -86.36
CA ARG S 421 30.33 4.94 -85.45
C ARG S 421 31.39 4.66 -84.39
N ALA S 422 32.67 4.67 -84.78
CA ALA S 422 33.73 4.33 -83.83
C ALA S 422 33.78 5.32 -82.68
N GLU S 423 33.67 6.62 -82.98
CA GLU S 423 33.71 7.62 -81.93
C GLU S 423 32.54 7.47 -80.98
N ARG S 424 31.35 7.19 -81.51
CA ARG S 424 30.18 7.01 -80.67
C ARG S 424 30.33 5.78 -79.77
N SER S 425 30.86 4.69 -80.33
CA SER S 425 31.09 3.50 -79.51
C SER S 425 32.10 3.78 -78.41
N ALA S 426 33.17 4.52 -78.74
CA ALA S 426 34.16 4.87 -77.73
C ALA S 426 33.55 5.73 -76.64
N PHE S 427 32.69 6.68 -77.01
CA PHE S 427 32.05 7.52 -76.01
C PHE S 427 31.12 6.71 -75.12
N ARG S 428 30.38 5.77 -75.71
CA ARG S 428 29.51 4.91 -74.90
C ARG S 428 30.34 4.06 -73.94
N SER S 429 31.47 3.54 -74.41
CA SER S 429 32.34 2.76 -73.52
C SER S 429 32.87 3.62 -72.40
N LEU S 430 33.25 4.87 -72.70
CA LEU S 430 33.71 5.77 -71.65
C LEU S 430 32.61 6.05 -70.63
N VAL S 431 31.38 6.28 -71.11
CA VAL S 431 30.27 6.54 -70.20
C VAL S 431 30.03 5.34 -69.30
N TYR S 432 30.06 4.13 -69.87
CA TYR S 432 29.87 2.94 -69.05
C TYR S 432 30.99 2.80 -68.04
N ALA S 433 32.24 3.10 -68.44
CA ALA S 433 33.36 3.01 -67.52
C ALA S 433 33.24 4.02 -66.39
N LEU S 434 32.67 5.19 -66.67
CA LEU S 434 32.53 6.22 -65.63
C LEU S 434 31.64 5.73 -64.49
N ARG S 435 30.55 5.03 -64.82
CA ARG S 435 29.59 4.56 -63.83
C ARG S 435 29.04 5.73 -63.01
N GLY S 436 28.76 6.83 -63.69
CA GLY S 436 28.30 8.03 -63.02
C GLY S 436 29.47 8.86 -62.51
N GLN S 437 29.42 9.22 -61.23
CA GLN S 437 30.50 9.97 -60.61
C GLN S 437 31.54 9.07 -59.96
N GLN S 438 31.34 7.76 -59.96
CA GLN S 438 32.21 6.86 -59.22
C GLN S 438 33.65 6.94 -59.73
N LYS S 439 33.88 6.54 -60.97
CA LYS S 439 35.23 6.45 -61.50
C LYS S 439 35.72 7.85 -61.90
N PRO S 440 36.82 8.33 -61.35
CA PRO S 440 37.34 9.64 -61.76
C PRO S 440 38.34 9.51 -62.91
N LEU S 441 38.72 10.67 -63.45
CA LEU S 441 39.71 10.74 -64.51
C LEU S 441 40.11 12.19 -64.71
N TRP S 442 41.38 12.41 -65.02
CA TRP S 442 41.88 13.77 -65.22
C TRP S 442 41.14 14.43 -66.37
N VAL S 443 40.85 15.72 -66.21
CA VAL S 443 40.21 16.51 -67.27
C VAL S 443 41.07 17.75 -67.54
N PRO S 444 42.04 17.66 -68.46
CA PRO S 444 42.85 18.84 -68.75
C PRO S 444 41.99 20.00 -69.25
N THR S 445 42.33 21.20 -68.83
CA THR S 445 41.70 22.41 -69.36
C THR S 445 42.27 22.66 -70.76
N HIS S 446 41.87 23.78 -71.37
CA HIS S 446 42.39 24.16 -72.68
C HIS S 446 42.63 25.67 -72.73
N ALA S 447 43.11 26.22 -71.63
CA ALA S 447 43.41 27.64 -71.56
C ALA S 447 44.89 27.88 -71.86
N ASP S 448 45.35 29.12 -71.68
CA ASP S 448 46.74 29.50 -71.87
C ASP S 448 47.26 30.21 -70.62
N ASP S 449 47.03 29.58 -69.46
CA ASP S 449 47.32 30.24 -68.20
C ASP S 449 48.77 30.66 -68.10
N LEU S 450 49.69 29.79 -68.51
CA LEU S 450 51.13 30.03 -68.39
C LEU S 450 51.75 30.12 -69.77
N THR S 451 52.65 31.09 -69.94
CA THR S 451 53.40 31.27 -71.17
C THR S 451 54.87 31.47 -70.85
N LEU S 452 55.74 30.81 -71.61
CA LEU S 452 57.17 30.89 -71.35
C LEU S 452 57.71 32.25 -71.77
N VAL S 453 58.73 32.70 -71.03
CA VAL S 453 59.45 33.93 -71.35
C VAL S 453 60.95 33.69 -71.50
N ALA S 454 61.43 32.47 -71.26
CA ALA S 454 62.85 32.17 -71.41
C ALA S 454 62.99 30.67 -71.66
N THR S 455 63.87 30.32 -72.59
CA THR S 455 64.07 28.92 -72.92
C THR S 455 64.63 28.16 -71.71
N VAL S 456 64.34 26.86 -71.67
CA VAL S 456 64.72 26.01 -70.54
C VAL S 456 65.45 24.80 -71.09
N SER S 457 66.59 24.48 -70.48
CA SER S 457 67.36 23.30 -70.88
C SER S 457 66.61 22.02 -70.53
N GLN S 458 67.00 20.93 -71.18
CA GLN S 458 66.35 19.64 -70.95
C GLN S 458 66.49 19.22 -69.50
N LEU S 459 67.69 19.37 -68.92
CA LEU S 459 67.91 18.95 -67.54
C LEU S 459 67.42 19.98 -66.53
N SER S 460 67.13 21.20 -66.96
CA SER S 460 66.69 22.23 -66.03
C SER S 460 65.26 21.97 -65.56
N THR S 461 65.00 22.34 -64.31
CA THR S 461 63.69 22.21 -63.69
C THR S 461 63.25 23.53 -63.10
N ALA S 462 63.50 24.62 -63.82
CA ALA S 462 63.27 25.98 -63.35
C ALA S 462 62.48 26.77 -64.38
N LEU S 463 61.36 26.20 -64.83
CA LEU S 463 60.53 26.85 -65.84
C LEU S 463 60.26 28.30 -65.45
N ASP S 464 60.47 29.19 -66.41
CA ASP S 464 60.27 30.63 -66.22
C ASP S 464 59.00 31.05 -66.94
N VAL S 465 58.08 31.67 -66.19
CA VAL S 465 56.83 32.17 -66.73
C VAL S 465 56.59 33.57 -66.19
N ARG S 466 55.84 34.36 -66.95
CA ARG S 466 55.57 35.74 -66.56
C ARG S 466 54.74 35.76 -65.28
N ASN S 467 55.04 36.73 -64.41
CA ASN S 467 54.40 36.79 -63.10
C ASN S 467 52.90 36.99 -63.25
N ILE S 468 52.13 36.06 -62.68
CA ILE S 468 50.68 36.15 -62.66
C ILE S 468 50.19 35.98 -61.22
N GLY S 469 51.04 36.33 -60.26
CA GLY S 469 50.70 36.11 -58.87
C GLY S 469 50.63 34.66 -58.47
N TYR S 470 51.28 33.78 -59.24
CA TYR S 470 51.19 32.35 -58.94
C TYR S 470 51.78 32.03 -57.58
N ALA S 471 52.93 32.62 -57.25
CA ALA S 471 53.58 32.32 -55.99
C ALA S 471 52.72 32.73 -54.80
N ARG S 472 52.08 33.90 -54.89
CA ARG S 472 51.25 34.36 -53.78
C ARG S 472 50.04 33.46 -53.56
N PHE S 473 49.48 32.92 -54.64
CA PHE S 473 48.26 32.12 -54.56
C PHE S 473 48.51 30.62 -54.69
N ALA S 474 49.36 30.21 -55.64
CA ALA S 474 49.63 28.80 -55.91
C ALA S 474 51.07 28.48 -55.50
N ASN S 475 51.21 27.62 -54.49
CA ASN S 475 52.52 27.22 -53.98
C ASN S 475 52.55 25.72 -53.67
N GLY S 476 51.65 24.96 -54.28
CA GLY S 476 51.60 23.52 -54.12
C GLY S 476 50.51 23.11 -53.15
N ARG S 477 49.34 22.79 -53.70
CA ARG S 477 48.17 22.43 -52.91
C ARG S 477 47.08 22.01 -53.89
N PRO S 478 46.29 20.99 -53.59
CA PRO S 478 45.53 20.32 -54.64
C PRO S 478 44.55 21.26 -55.35
N GLY S 479 44.49 21.14 -56.67
CA GLY S 479 43.64 21.95 -57.52
C GLY S 479 44.45 22.73 -58.54
N ARG S 480 45.56 23.28 -58.09
CA ARG S 480 46.60 23.89 -58.90
C ARG S 480 47.51 22.77 -59.42
N ARG S 481 48.73 23.13 -59.83
CA ARG S 481 49.78 22.18 -60.21
C ARG S 481 49.34 21.33 -61.39
N ASP S 482 50.25 20.49 -61.90
CA ASP S 482 50.02 19.68 -63.09
C ASP S 482 50.14 20.54 -64.34
N ILE S 483 50.91 20.08 -65.32
CA ILE S 483 51.25 20.87 -66.50
C ILE S 483 51.23 19.98 -67.73
N ARG S 484 50.76 20.54 -68.85
CA ARG S 484 50.82 19.90 -70.16
C ARG S 484 51.46 20.86 -71.14
N ILE S 485 52.67 20.53 -71.60
CA ILE S 485 53.41 21.44 -72.46
C ILE S 485 52.71 21.59 -73.81
N GLU S 486 52.36 20.47 -74.45
CA GLU S 486 51.66 20.47 -75.73
C GLU S 486 52.46 21.25 -76.78
N LEU S 487 53.62 20.68 -77.11
CA LEU S 487 54.52 21.29 -78.08
C LEU S 487 53.82 21.45 -79.44
N TYR S 488 54.47 22.19 -80.33
CA TYR S 488 53.90 22.44 -81.65
C TYR S 488 53.75 21.14 -82.44
N ASP S 489 54.76 20.27 -82.40
CA ASP S 489 54.72 19.06 -83.21
C ASP S 489 53.55 18.17 -82.81
N GLY S 490 53.28 18.05 -81.52
CA GLY S 490 52.18 17.24 -81.03
C GLY S 490 52.50 16.49 -79.76
N THR S 491 53.78 16.30 -79.48
CA THR S 491 54.19 15.62 -78.26
C THR S 491 53.84 16.48 -77.05
N VAL S 492 53.25 15.85 -76.04
CA VAL S 492 52.79 16.53 -74.84
C VAL S 492 53.50 15.90 -73.64
N TYR S 493 54.03 16.74 -72.76
CA TYR S 493 54.73 16.30 -71.56
C TYR S 493 53.88 16.63 -70.34
N HIS S 494 53.67 15.62 -69.49
CA HIS S 494 52.93 15.79 -68.25
C HIS S 494 53.93 15.95 -67.10
N ARG S 495 53.83 17.06 -66.39
CA ARG S 495 54.72 17.37 -65.29
C ARG S 495 53.91 17.60 -64.01
N ARG S 496 54.62 17.85 -62.91
CA ARG S 496 54.00 18.04 -61.61
C ARG S 496 54.73 19.17 -60.90
N ILE S 497 54.01 20.26 -60.64
CA ILE S 497 54.61 21.39 -59.96
C ILE S 497 54.99 20.99 -58.55
N LEU S 498 56.12 21.52 -58.07
CA LEU S 498 56.61 21.25 -56.73
C LEU S 498 56.54 22.47 -55.82
N THR S 499 56.98 23.63 -56.30
CA THR S 499 56.91 24.87 -55.52
C THR S 499 57.26 26.03 -56.43
N SER S 500 56.58 27.15 -56.23
CA SER S 500 56.76 28.35 -57.03
C SER S 500 57.38 29.45 -56.18
N THR S 501 58.42 30.09 -56.72
CA THR S 501 59.13 31.17 -56.03
C THR S 501 59.08 32.42 -56.87
N GLU S 502 58.78 33.55 -56.24
CA GLU S 502 58.74 34.82 -56.96
C GLU S 502 60.16 35.29 -57.26
N LEU S 503 60.38 35.71 -58.50
CA LEU S 503 61.68 36.20 -58.95
C LEU S 503 61.67 37.66 -59.32
N ASP S 504 60.61 38.14 -59.97
CA ASP S 504 60.52 39.53 -60.39
C ASP S 504 59.05 39.89 -60.52
N ALA S 505 58.79 41.20 -60.59
CA ALA S 505 57.43 41.67 -60.77
C ALA S 505 56.83 41.19 -62.09
N ASP S 506 57.66 40.76 -63.04
CA ASP S 506 57.19 40.32 -64.34
C ASP S 506 57.56 38.89 -64.69
N THR S 507 58.44 38.25 -63.93
CA THR S 507 58.88 36.89 -64.23
C THR S 507 58.98 36.08 -62.95
N GLU S 508 58.84 34.76 -63.10
CA GLU S 508 58.92 33.82 -61.99
C GLU S 508 59.82 32.66 -62.38
N ARG S 509 60.03 31.74 -61.44
CA ARG S 509 60.88 30.57 -61.65
C ARG S 509 60.20 29.32 -61.11
N VAL S 510 58.93 29.13 -61.48
CA VAL S 510 58.18 27.97 -61.00
C VAL S 510 58.94 26.69 -61.32
N ALA S 511 58.95 25.77 -60.37
CA ALA S 511 59.69 24.53 -60.48
C ALA S 511 58.80 23.39 -60.97
N ILE S 512 59.44 22.27 -61.30
CA ILE S 512 58.76 21.07 -61.78
C ILE S 512 59.29 19.87 -61.00
N ASP S 513 58.82 18.68 -61.38
CA ASP S 513 59.17 17.46 -60.67
C ASP S 513 60.46 16.83 -61.17
N ALA S 514 60.57 16.59 -62.48
CA ALA S 514 61.76 15.93 -63.02
C ALA S 514 61.84 16.15 -64.52
N ALA S 515 62.89 16.84 -64.97
CA ALA S 515 63.23 16.92 -66.39
C ALA S 515 62.11 17.53 -67.23
N LEU S 516 62.40 17.79 -68.51
CA LEU S 516 61.40 18.32 -69.43
C LEU S 516 61.32 17.46 -70.68
N GLY S 517 62.45 16.86 -71.08
CA GLY S 517 62.52 16.00 -72.25
C GLY S 517 63.47 16.51 -73.32
N ARG S 518 63.57 17.83 -73.47
CA ARG S 518 64.45 18.44 -74.44
C ARG S 518 64.46 19.94 -74.19
N LEU S 519 65.29 20.65 -74.94
CA LEU S 519 65.35 22.11 -74.86
C LEU S 519 64.25 22.70 -75.73
N VAL S 520 63.33 23.44 -75.11
CA VAL S 520 62.19 24.03 -75.80
C VAL S 520 62.27 25.55 -75.60
N GLU S 521 62.29 26.29 -76.71
CA GLU S 521 62.27 27.74 -76.65
C GLU S 521 60.86 28.26 -76.42
N PRO S 522 60.71 29.49 -75.96
CA PRO S 522 59.36 30.04 -75.76
C PRO S 522 58.53 30.03 -77.03
N THR S 523 59.17 30.15 -78.19
CA THR S 523 58.43 30.16 -79.45
C THR S 523 57.83 28.80 -79.80
N ASP S 524 58.25 27.73 -79.13
CA ASP S 524 57.83 26.37 -79.45
C ASP S 524 56.92 25.78 -78.38
N VAL S 525 56.05 26.62 -77.79
CA VAL S 525 55.07 26.17 -76.82
C VAL S 525 53.72 26.73 -77.21
N ALA S 526 52.71 25.86 -77.23
CA ALA S 526 51.35 26.27 -77.59
C ALA S 526 50.56 26.73 -76.37
N ARG S 527 50.54 25.93 -75.31
CA ARG S 527 49.78 26.26 -74.11
C ARG S 527 50.27 25.40 -72.96
N ILE S 528 49.63 25.56 -71.80
CA ILE S 528 49.98 24.84 -70.59
C ILE S 528 48.74 24.11 -70.08
N CYS S 529 47.61 24.80 -70.06
CA CYS S 529 46.30 24.18 -69.84
C CYS S 529 46.29 23.32 -68.57
N PHE S 530 46.40 24.01 -67.44
CA PHE S 530 46.42 23.39 -66.12
C PHE S 530 45.49 22.17 -66.06
N MET S 531 46.02 21.06 -65.59
CA MET S 531 45.26 19.83 -65.41
C MET S 531 44.61 19.80 -64.04
N ALA S 532 43.64 18.90 -63.89
CA ALA S 532 42.97 18.73 -62.60
C ALA S 532 42.14 17.44 -62.60
N LEU S 533 42.29 16.62 -61.57
CA LEU S 533 41.47 15.43 -61.45
C LEU S 533 40.02 15.81 -61.19
N CYS S 534 39.11 15.16 -61.90
CA CYS S 534 37.69 15.48 -61.79
C CYS S 534 36.87 14.24 -62.12
N SER S 535 35.58 14.31 -61.76
CA SER S 535 34.61 13.29 -62.11
C SER S 535 33.33 13.98 -62.55
N ALA S 536 32.40 13.20 -63.07
CA ALA S 536 31.14 13.76 -63.56
C ALA S 536 30.41 14.49 -62.44
N ALA S 537 29.72 15.56 -62.81
CA ALA S 537 28.90 16.32 -61.87
C ALA S 537 27.44 15.89 -61.86
N SER S 538 26.93 15.42 -62.99
CA SER S 538 25.56 14.90 -63.08
C SER S 538 25.61 13.52 -63.68
N ASP S 539 24.95 12.56 -63.02
CA ASP S 539 24.99 11.18 -63.49
C ASP S 539 24.31 11.03 -64.85
N VAL S 540 23.17 11.68 -65.04
CA VAL S 540 22.42 11.51 -66.28
C VAL S 540 23.22 12.07 -67.45
N VAL S 541 23.28 11.29 -68.53
CA VAL S 541 23.97 11.69 -69.75
C VAL S 541 22.98 11.57 -70.90
N GLU S 542 22.87 12.63 -71.70
CA GLU S 542 21.96 12.68 -72.83
C GLU S 542 22.77 12.55 -74.12
N ILE S 543 22.55 11.45 -74.84
CA ILE S 543 23.21 11.20 -76.12
C ILE S 543 22.18 11.50 -77.20
N GLU S 544 22.29 12.67 -77.81
CA GLU S 544 21.32 13.13 -78.80
C GLU S 544 21.68 12.57 -80.16
N HIS S 545 21.02 11.48 -80.54
CA HIS S 545 21.22 10.92 -81.88
C HIS S 545 20.52 11.80 -82.91
N VAL S 546 21.25 12.18 -83.95
CA VAL S 546 20.74 13.10 -84.98
C VAL S 546 20.43 12.36 -86.26
N THR S 547 21.44 11.75 -86.89
CA THR S 547 21.29 11.14 -88.20
C THR S 547 21.12 9.63 -88.13
N ASP S 548 22.11 8.93 -87.57
CA ASP S 548 22.12 7.48 -87.57
C ASP S 548 23.37 7.03 -86.82
N SER S 549 23.47 5.72 -86.56
CA SER S 549 24.67 5.18 -85.94
C SER S 549 25.91 5.60 -86.70
N GLU S 550 25.87 5.52 -88.03
CA GLU S 550 26.95 5.99 -88.88
C GLU S 550 26.77 7.46 -89.26
N GLY S 551 26.54 8.29 -88.26
CA GLY S 551 26.24 9.71 -88.48
C GLY S 551 26.85 10.58 -87.42
N VAL S 552 26.06 11.54 -86.93
CA VAL S 552 26.53 12.56 -86.00
C VAL S 552 25.62 12.55 -84.78
N ALA S 553 26.22 12.64 -83.60
CA ALA S 553 25.49 12.74 -82.35
C ALA S 553 26.10 13.86 -81.50
N THR S 554 25.26 14.45 -80.65
CA THR S 554 25.67 15.55 -79.79
C THR S 554 25.36 15.20 -78.34
N ALA S 555 26.24 15.64 -77.45
CA ALA S 555 26.06 15.40 -76.02
C ALA S 555 26.84 16.44 -75.25
N ALA S 556 26.50 16.56 -73.96
CA ALA S 556 27.15 17.51 -73.06
C ALA S 556 27.53 16.80 -71.78
N LEU S 557 28.75 17.04 -71.31
CA LEU S 557 29.26 16.44 -70.08
C LEU S 557 29.87 17.52 -69.21
N THR S 558 29.74 17.36 -67.90
CA THR S 558 30.27 18.29 -66.91
C THR S 558 31.13 17.52 -65.93
N PHE S 559 32.32 18.06 -65.65
CA PHE S 559 33.27 17.43 -64.74
C PHE S 559 33.58 18.38 -63.59
N LYS S 560 33.66 17.83 -62.38
CA LYS S 560 33.93 18.60 -61.18
C LYS S 560 35.12 18.01 -60.45
N GLY S 561 35.96 18.89 -59.89
CA GLY S 561 37.12 18.44 -59.17
C GLY S 561 36.73 17.61 -57.95
N VAL S 562 37.56 16.61 -57.67
CA VAL S 562 37.34 15.72 -56.53
C VAL S 562 38.70 15.31 -55.98
N ARG S 563 38.81 15.25 -54.65
CA ARG S 563 40.03 14.81 -54.00
C ARG S 563 40.06 13.29 -53.99
N ASP S 564 40.94 12.70 -54.79
CA ASP S 564 41.03 11.25 -54.93
C ASP S 564 42.48 10.90 -55.24
N ASP S 565 42.70 9.69 -55.75
CA ASP S 565 44.04 9.21 -56.05
C ASP S 565 44.87 9.07 -54.78
N GLU S 566 44.36 8.29 -53.82
CA GLU S 566 45.03 7.92 -52.58
C GLU S 566 45.13 9.08 -51.59
N PHE S 567 44.58 10.25 -51.90
CA PHE S 567 44.66 11.39 -50.99
C PHE S 567 43.48 12.32 -51.20
N GLY T 10 27.69 -6.37 120.94
CA GLY T 10 27.95 -6.89 119.61
C GLY T 10 27.08 -6.24 118.56
N LEU T 11 27.69 -5.38 117.74
CA LEU T 11 27.00 -4.72 116.65
C LEU T 11 27.90 -4.75 115.42
N LEU T 12 27.30 -4.52 114.26
CA LEU T 12 27.99 -4.79 113.01
C LEU T 12 27.46 -3.88 111.90
N ILE T 13 28.34 -3.61 110.93
CA ILE T 13 28.04 -2.71 109.81
C ILE T 13 28.47 -3.34 108.49
N ASN T 14 28.61 -4.67 108.45
CA ASN T 14 29.16 -5.34 107.28
C ASN T 14 28.08 -5.53 106.21
N GLY T 15 28.54 -5.90 105.02
CA GLY T 15 27.65 -6.27 103.92
C GLY T 15 26.82 -5.12 103.39
N LEU T 16 27.42 -3.95 103.24
CA LEU T 16 26.71 -2.81 102.68
C LEU T 16 26.39 -3.08 101.22
N PRO T 17 25.16 -2.91 100.77
CA PRO T 17 24.90 -2.92 99.32
C PRO T 17 25.73 -1.83 98.64
N GLY T 18 26.55 -2.25 97.68
CA GLY T 18 27.50 -1.35 97.07
C GLY T 18 26.89 -0.16 96.36
N GLU T 19 25.57 -0.09 96.22
CA GLU T 19 24.96 1.09 95.64
C GLU T 19 25.16 2.32 96.53
N GLY T 20 24.98 2.15 97.83
CA GLY T 20 25.25 3.22 98.78
C GLY T 20 26.65 3.14 99.33
N HIS T 21 27.60 2.75 98.48
CA HIS T 21 28.96 2.52 98.95
C HIS T 21 29.68 3.82 99.26
N TYR T 22 29.34 4.91 98.57
CA TYR T 22 30.06 6.16 98.77
C TYR T 22 29.81 6.73 100.16
N SER T 23 28.59 6.59 100.69
CA SER T 23 28.32 7.05 102.04
C SER T 23 29.17 6.30 103.05
N ASP T 24 29.30 4.98 102.89
CA ASP T 24 30.14 4.20 103.78
C ASP T 24 31.61 4.57 103.60
N LEU T 25 32.00 4.93 102.38
CA LEU T 25 33.36 5.40 102.16
C LEU T 25 33.63 6.69 102.94
N ILE T 26 32.67 7.62 102.92
CA ILE T 26 32.80 8.84 103.71
C ILE T 26 32.82 8.51 105.20
N ARG T 27 32.05 7.49 105.62
CA ARG T 27 32.10 7.06 107.01
C ARG T 27 33.49 6.58 107.39
N MET T 28 34.07 5.70 106.58
CA MET T 28 35.42 5.21 106.85
C MET T 28 36.43 6.35 106.86
N TRP T 29 36.23 7.36 105.99
CA TRP T 29 37.11 8.51 106.03
C TRP T 29 36.99 9.28 107.34
N ARG T 30 35.77 9.65 107.73
CA ARG T 30 35.58 10.54 108.85
C ARG T 30 35.89 9.89 110.20
N TRP T 31 35.40 8.68 110.44
CA TRP T 31 35.69 8.03 111.71
C TRP T 31 37.18 7.74 111.85
N ASP T 32 37.81 7.27 110.77
CA ASP T 32 39.25 7.03 110.81
C ASP T 32 40.00 8.33 111.09
N ASP T 33 39.58 9.44 110.48
CA ASP T 33 40.20 10.72 110.77
C ASP T 33 40.04 11.08 112.23
N PHE T 34 38.86 10.84 112.80
CA PHE T 34 38.63 11.16 114.20
C PHE T 34 39.47 10.30 115.14
N LEU T 35 39.81 9.08 114.72
CA LEU T 35 40.50 8.16 115.63
C LEU T 35 41.95 8.54 115.94
N ARG T 36 42.50 9.70 115.58
CA ARG T 36 43.88 9.98 115.93
C ARG T 36 44.06 10.05 117.45
N GLN T 37 43.13 10.71 118.14
CA GLN T 37 43.17 10.81 119.59
C GLN T 37 41.76 10.98 120.13
N PRO T 38 41.21 10.01 120.86
CA PRO T 38 39.86 10.14 121.38
C PRO T 38 39.78 11.09 122.58
N VAL T 39 39.67 12.38 122.30
CA VAL T 39 39.67 13.42 123.33
C VAL T 39 38.34 14.16 123.29
N VAL T 40 37.83 14.49 124.47
CA VAL T 40 36.59 15.24 124.61
C VAL T 40 36.89 16.55 125.32
N LYS T 41 36.43 17.66 124.73
CA LYS T 41 36.67 18.96 125.35
C LYS T 41 35.87 19.14 126.64
N GLY T 42 34.86 18.31 126.87
CA GLY T 42 34.06 18.40 128.07
C GLY T 42 32.71 17.75 127.89
N ARG T 43 32.14 17.33 129.00
CA ARG T 43 30.82 16.69 128.99
C ARG T 43 29.73 17.75 128.92
N VAL T 44 28.73 17.50 128.08
CA VAL T 44 27.62 18.42 127.87
C VAL T 44 26.32 17.63 127.94
N ALA T 45 25.34 18.19 128.65
CA ALA T 45 24.00 17.63 128.69
C ALA T 45 23.13 18.09 127.53
N THR T 46 23.66 18.95 126.65
CA THR T 46 22.94 19.39 125.47
C THR T 46 23.95 19.64 124.36
N LEU T 47 23.49 19.46 123.12
CA LEU T 47 24.37 19.70 121.98
C LEU T 47 24.69 21.18 121.88
N PRO T 48 25.97 21.58 121.83
CA PRO T 48 26.30 23.00 121.67
C PRO T 48 25.70 23.57 120.39
N THR T 49 24.76 24.51 120.54
CA THR T 49 24.08 25.09 119.39
C THR T 49 24.93 26.12 118.67
N THR T 50 25.99 26.63 119.31
CA THR T 50 26.83 27.65 118.71
C THR T 50 28.26 27.48 119.19
N GLY T 51 29.19 28.06 118.44
CA GLY T 51 30.59 28.02 118.80
C GLY T 51 31.22 26.64 118.75
N GLN T 52 30.92 25.87 117.70
CA GLN T 52 31.52 24.56 117.50
C GLN T 52 31.99 24.43 116.06
N ALA T 53 33.07 23.67 115.87
CA ALA T 53 33.65 23.46 114.55
C ALA T 53 34.33 22.10 114.54
N GLU T 54 35.10 21.84 113.49
CA GLU T 54 35.83 20.59 113.41
C GLU T 54 36.85 20.50 114.53
N GLY T 55 37.00 19.30 115.09
CA GLY T 55 37.89 19.08 116.21
C GLY T 55 37.24 19.25 117.57
N ASP T 56 36.01 19.73 117.62
CA ASP T 56 35.29 19.92 118.89
C ASP T 56 34.48 18.66 119.18
N THR T 57 34.78 18.03 120.32
CA THR T 57 34.10 16.81 120.73
C THR T 57 33.60 17.00 122.16
N TYR T 58 32.29 16.95 122.34
CA TYR T 58 31.65 17.05 123.64
C TYR T 58 30.79 15.82 123.88
N ILE T 59 30.86 15.29 125.10
CA ILE T 59 30.09 14.10 125.46
C ILE T 59 28.64 14.53 125.69
N PHE T 60 27.76 14.17 124.76
CA PHE T 60 26.34 14.50 124.86
C PHE T 60 25.68 13.50 125.80
N THR T 61 25.51 13.91 127.06
CA THR T 61 24.89 13.08 128.09
C THR T 61 23.52 13.65 128.50
N GLY T 62 22.85 14.34 127.58
CA GLY T 62 21.52 14.84 127.87
C GLY T 62 20.52 13.73 128.04
N SER T 63 19.55 13.98 128.94
CA SER T 63 18.60 12.94 129.32
C SER T 63 17.96 12.31 128.09
N GLY T 64 17.93 10.99 128.06
CA GLY T 64 17.39 10.23 126.95
C GLY T 64 18.21 8.98 126.73
N SER T 65 18.02 8.36 125.57
CA SER T 65 18.75 7.16 125.23
C SER T 65 20.11 7.45 124.58
N ASN T 66 20.43 8.72 124.33
CA ASN T 66 21.69 9.10 123.73
C ASN T 66 22.77 9.43 124.76
N GLN T 67 22.67 8.86 125.96
CA GLN T 67 23.68 9.11 126.98
C GLN T 67 25.06 8.67 126.49
N ASN T 68 26.06 9.52 126.75
CA ASN T 68 27.46 9.29 126.45
C ASN T 68 27.77 9.31 124.95
N ARG T 69 26.76 9.48 124.09
CA ARG T 69 27.01 9.60 122.66
C ARG T 69 27.81 10.88 122.40
N LEU T 70 28.89 10.76 121.65
CA LEU T 70 29.72 11.92 121.35
C LEU T 70 29.07 12.78 120.28
N ALA T 71 29.47 14.06 120.24
CA ALA T 71 28.78 15.07 119.46
C ALA T 71 29.77 15.89 118.64
N ARG T 72 30.65 15.20 117.91
CA ARG T 72 31.61 15.90 117.06
C ARG T 72 30.89 16.64 115.95
N TRP T 73 31.23 17.92 115.78
CA TRP T 73 30.69 18.75 114.70
C TRP T 73 31.65 18.73 113.53
N TRP T 74 31.13 18.45 112.34
CA TRP T 74 31.93 18.27 111.13
C TRP T 74 31.44 19.29 110.09
N ALA T 75 32.07 20.46 110.06
CA ALA T 75 31.71 21.52 109.13
C ALA T 75 32.84 21.91 108.20
N THR T 76 34.05 22.12 108.73
CA THR T 76 35.17 22.52 107.89
C THR T 76 35.39 21.50 106.79
N GLY T 77 35.51 21.98 105.55
CA GLY T 77 35.72 21.09 104.43
C GLY T 77 34.63 20.04 104.30
N ALA T 78 33.38 20.42 104.51
CA ALA T 78 32.27 19.49 104.53
C ALA T 78 31.12 20.04 103.69
N THR T 79 30.29 19.12 103.20
CA THR T 79 29.10 19.52 102.44
C THR T 79 27.99 19.98 103.38
N THR T 80 27.56 19.10 104.28
CA THR T 80 26.55 19.43 105.28
C THR T 80 27.02 18.88 106.62
N ALA T 81 26.99 19.74 107.65
CA ALA T 81 27.47 19.37 108.97
C ALA T 81 26.35 18.71 109.77
N ILE T 82 26.65 17.56 110.36
CA ILE T 82 25.70 16.82 111.18
C ILE T 82 26.39 16.37 112.46
N TRP T 83 25.59 16.17 113.50
CA TRP T 83 26.11 15.70 114.79
C TRP T 83 26.27 14.19 114.72
N GLU T 84 27.45 13.76 114.26
CA GLU T 84 27.74 12.33 114.21
C GLU T 84 27.71 11.74 115.62
N TYR T 85 27.02 10.61 115.77
CA TYR T 85 26.81 9.99 117.06
C TYR T 85 27.59 8.68 117.14
N MET T 86 28.27 8.50 118.27
CA MET T 86 29.15 7.35 118.51
C MET T 86 28.71 6.68 119.81
N PRO T 87 27.67 5.84 119.76
CA PRO T 87 27.20 5.18 120.98
C PRO T 87 28.27 4.30 121.59
N PRO T 88 28.70 4.57 122.82
CA PRO T 88 29.68 3.71 123.46
C PRO T 88 29.04 2.51 124.13
N ARG T 89 29.58 1.33 123.83
CA ARG T 89 29.16 0.08 124.47
C ARG T 89 30.29 -0.35 125.39
N LEU T 90 30.06 -0.26 126.69
CA LEU T 90 31.06 -0.65 127.68
C LEU T 90 32.32 0.19 127.51
N GLY T 91 32.16 1.50 127.68
CA GLY T 91 33.23 2.45 127.46
C GLY T 91 34.47 2.17 128.28
N TRP T 92 35.53 2.95 128.05
CA TRP T 92 36.81 2.71 128.71
C TRP T 92 37.58 4.02 128.79
N ARG T 93 38.87 3.92 129.10
CA ARG T 93 39.70 5.09 129.36
C ARG T 93 39.59 6.10 128.23
N VAL T 94 39.24 7.33 128.57
CA VAL T 94 39.18 8.44 127.63
C VAL T 94 39.93 9.61 128.25
N GLN T 95 40.92 10.13 127.53
CA GLN T 95 41.75 11.21 128.05
C GLN T 95 41.03 12.55 127.97
N VAL T 96 41.44 13.47 128.84
CA VAL T 96 40.92 14.82 128.88
C VAL T 96 42.09 15.79 128.99
N ALA T 97 41.99 16.92 128.30
CA ALA T 97 43.13 17.82 128.11
C ALA T 97 42.99 19.12 128.88
N ASN T 98 41.87 19.83 128.74
CA ASN T 98 41.79 21.21 129.23
C ASN T 98 42.09 21.28 130.72
N GLU T 99 41.59 20.34 131.51
CA GLU T 99 41.79 20.32 132.94
C GLU T 99 42.70 19.16 133.33
N THR T 100 43.56 19.40 134.32
CA THR T 100 44.51 18.38 134.77
C THR T 100 44.75 18.58 136.26
N THR T 101 45.22 17.51 136.90
CA THR T 101 45.47 17.55 138.33
C THR T 101 46.72 18.37 138.64
N PRO T 102 46.89 18.80 139.90
CA PRO T 102 48.09 19.58 140.23
C PRO T 102 49.39 18.85 139.94
N SER T 103 49.42 17.53 140.08
CA SER T 103 50.62 16.75 139.87
C SER T 103 50.89 16.46 138.39
N GLY T 104 50.19 17.14 137.48
CA GLY T 104 50.40 16.95 136.06
C GLY T 104 49.64 15.80 135.45
N GLN T 105 48.89 15.03 136.23
CA GLN T 105 48.11 13.94 135.68
C GLN T 105 47.00 14.50 134.80
N VAL T 106 46.83 13.92 133.61
CA VAL T 106 45.77 14.32 132.71
C VAL T 106 44.48 13.61 133.10
N LYS T 107 43.42 14.37 133.30
CA LYS T 107 42.15 13.78 133.72
C LYS T 107 41.70 12.73 132.71
N THR T 108 41.25 11.60 133.22
CA THR T 108 40.80 10.48 132.38
C THR T 108 39.64 9.79 133.08
N TYR T 109 38.46 9.88 132.48
CA TYR T 109 37.26 9.22 133.00
C TYR T 109 37.12 7.87 132.30
N GLU T 110 37.54 6.80 132.97
CA GLU T 110 37.38 5.46 132.42
C GLU T 110 35.96 4.99 132.72
N TYR T 111 35.14 4.91 131.68
CA TYR T 111 33.74 4.53 131.84
C TYR T 111 33.65 3.04 132.16
N SER T 112 33.12 2.71 133.33
CA SER T 112 33.02 1.32 133.77
C SER T 112 31.77 0.63 133.24
N GLY T 113 31.13 1.18 132.21
CA GLY T 113 29.91 0.63 131.68
C GLY T 113 28.64 1.18 132.31
N THR T 114 28.76 1.81 133.48
CA THR T 114 27.62 2.41 134.15
C THR T 114 27.88 3.82 134.66
N ALA T 115 29.14 4.20 134.88
CA ALA T 115 29.47 5.53 135.37
C ALA T 115 30.87 5.90 134.91
N TRP T 116 31.16 7.20 134.98
CA TRP T 116 32.47 7.72 134.59
C TRP T 116 33.41 7.62 135.78
N VAL T 117 34.35 6.67 135.72
CA VAL T 117 35.25 6.40 136.82
C VAL T 117 36.62 6.99 136.49
N GLU T 118 37.36 7.34 137.54
CA GLU T 118 38.69 7.92 137.37
C GLU T 118 39.70 6.82 137.05
N LEU T 119 40.75 7.22 136.32
CA LEU T 119 41.83 6.28 136.02
C LEU T 119 42.55 5.88 137.29
N VAL T 120 43.02 4.63 137.33
CA VAL T 120 43.66 4.08 138.51
C VAL T 120 44.93 3.37 138.09
N GLY T 121 45.87 3.26 139.03
CA GLY T 121 47.11 2.55 138.81
C GLY T 121 47.50 1.70 140.01
N GLY T 122 48.77 1.77 140.42
CA GLY T 122 49.21 1.07 141.60
C GLY T 122 50.16 -0.07 141.32
N MET T 123 51.25 -0.15 142.08
CA MET T 123 52.22 -1.23 141.99
C MET T 123 52.39 -2.01 143.28
N SER T 124 52.40 -1.34 144.42
CA SER T 124 52.69 -1.96 145.70
C SER T 124 51.45 -1.96 146.59
N ASP T 125 51.22 -3.08 147.26
CA ASP T 125 50.19 -3.20 148.28
C ASP T 125 50.80 -3.90 149.48
N ALA T 126 50.60 -3.34 150.67
CA ALA T 126 51.21 -3.90 151.86
C ALA T 126 50.68 -5.32 152.09
N PRO T 127 51.55 -6.29 152.37
CA PRO T 127 51.06 -7.63 152.69
C PRO T 127 50.11 -7.61 153.89
N SER T 128 49.08 -8.45 153.83
CA SER T 128 48.08 -8.53 154.89
C SER T 128 48.58 -9.46 155.99
N ASP T 129 49.59 -8.98 156.71
CA ASP T 129 50.18 -9.73 157.81
C ASP T 129 50.19 -8.93 159.11
N GLY T 130 49.41 -7.85 159.18
CA GLY T 130 49.27 -7.08 160.40
C GLY T 130 50.39 -6.11 160.70
N LYS T 131 51.29 -5.88 159.75
CA LYS T 131 52.44 -5.01 159.96
C LYS T 131 52.34 -3.81 159.04
N ALA T 132 52.53 -2.61 159.58
CA ALA T 132 52.43 -1.40 158.78
C ALA T 132 53.73 -1.17 158.00
N TYR T 133 53.58 -0.75 156.75
CA TYR T 133 54.68 -0.57 155.82
C TYR T 133 54.81 0.90 155.41
N ALA T 134 56.05 1.37 155.31
CA ALA T 134 56.35 2.71 154.83
C ALA T 134 57.42 2.64 153.75
N ARG T 135 57.32 3.55 152.78
CA ARG T 135 58.27 3.56 151.68
C ARG T 135 59.66 3.90 152.18
N GLU T 136 60.66 3.22 151.62
CA GLU T 136 62.06 3.43 152.03
C GLU T 136 62.96 3.07 150.85
N SER T 137 63.60 4.07 150.25
CA SER T 137 64.54 3.86 149.16
C SER T 137 63.90 3.03 148.04
N GLY T 138 62.66 3.36 147.70
CA GLY T 138 61.96 2.66 146.64
C GLY T 138 61.38 1.33 147.04
N ALA T 139 61.41 0.97 148.32
CA ALA T 139 60.83 -0.28 148.80
C ALA T 139 60.03 -0.01 150.06
N TRP T 140 59.03 -0.86 150.30
CA TRP T 140 58.17 -0.73 151.46
C TRP T 140 58.76 -1.51 152.62
N THR T 141 59.00 -0.83 153.74
CA THR T 141 59.61 -1.41 154.92
C THR T 141 58.62 -1.37 156.08
N GLU T 142 58.63 -2.41 156.89
CA GLU T 142 57.70 -2.52 158.00
C GLU T 142 58.02 -1.47 159.06
N LEU T 143 57.00 -1.09 159.82
CA LEU T 143 57.15 -0.15 160.92
C LEU T 143 56.88 -0.86 162.24
N GLY T 144 57.44 -0.30 163.31
CA GLY T 144 57.27 -0.85 164.65
C GLY T 144 55.96 -0.43 165.28
N SER T 145 55.71 -0.97 166.47
CA SER T 145 54.50 -0.65 167.20
C SER T 145 54.52 0.78 167.72
N ALA T 146 55.69 1.30 168.08
CA ALA T 146 55.78 2.64 168.65
C ALA T 146 55.24 3.71 167.70
N ALA T 147 55.24 3.45 166.40
CA ALA T 147 54.76 4.45 165.45
C ALA T 147 53.30 4.78 165.71
N LYS T 148 52.48 3.76 165.98
CA LYS T 148 51.05 3.99 166.20
C LYS T 148 50.80 4.79 167.45
N SER T 149 51.56 4.54 168.52
CA SER T 149 51.32 5.20 169.79
C SER T 149 51.65 6.68 169.71
N ALA T 150 50.90 7.48 170.46
CA ALA T 150 51.12 8.92 170.54
C ALA T 150 52.17 9.20 171.62
N LEU T 151 52.31 10.49 171.98
CA LEU T 151 53.28 10.89 173.00
C LEU T 151 52.63 11.47 174.25
N ASN T 152 51.35 11.85 174.21
CA ASN T 152 50.69 12.40 175.38
C ASN T 152 50.43 11.37 176.46
N VAL T 153 50.64 10.08 176.17
CA VAL T 153 50.35 9.02 177.12
C VAL T 153 51.61 8.34 177.65
N LEU T 154 52.75 8.54 177.03
CA LEU T 154 53.97 7.87 177.47
C LEU T 154 54.31 8.31 178.89
N PRO T 155 54.56 7.38 179.81
CA PRO T 155 54.79 7.76 181.23
C PRO T 155 56.26 8.07 181.54
N PHE T 156 56.71 9.24 181.10
CA PHE T 156 58.02 9.73 181.49
C PHE T 156 57.95 10.34 182.89
N MET T 157 59.12 10.63 183.45
CA MET T 157 59.24 10.99 184.86
C MET T 157 59.68 12.44 185.01
N ASN T 158 59.15 13.09 186.04
CA ASN T 158 59.53 14.46 186.35
C ASN T 158 60.89 14.50 187.03
N LEU T 159 61.63 15.57 186.78
CA LEU T 159 62.93 15.78 187.42
C LEU T 159 62.83 16.55 188.73
N MET T 160 61.64 17.03 189.10
CA MET T 160 61.48 17.74 190.36
C MET T 160 61.28 16.73 191.49
N PRO T 161 61.90 16.95 192.67
CA PRO T 161 61.73 16.01 193.78
C PRO T 161 60.47 16.28 194.59
N ASP T 162 59.99 17.52 194.59
CA ASP T 162 58.82 17.91 195.37
C ASP T 162 57.55 18.01 194.55
N MET T 163 57.61 17.74 193.24
CA MET T 163 56.46 17.73 192.34
C MET T 163 55.92 19.13 192.07
N GLY T 164 56.57 20.18 192.58
CA GLY T 164 56.01 21.50 192.51
C GLY T 164 54.95 21.79 193.55
N ARG T 165 54.65 20.83 194.42
CA ARG T 165 53.70 21.03 195.51
C ARG T 165 54.23 21.97 196.58
N PHE T 166 55.52 22.33 196.53
CA PHE T 166 56.13 23.22 197.51
C PHE T 166 55.94 22.68 198.92
N ALA T 167 56.11 21.36 199.07
CA ALA T 167 55.98 20.70 200.36
C ALA T 167 57.26 20.01 200.80
N GLY T 168 58.33 20.07 200.02
CA GLY T 168 59.58 19.45 200.37
C GLY T 168 59.73 18.05 199.81
N THR T 169 60.98 17.61 199.68
CA THR T 169 61.26 16.28 199.17
C THR T 169 60.81 15.18 200.12
N ALA T 170 60.71 15.48 201.42
CA ALA T 170 60.29 14.47 202.38
C ALA T 170 58.87 13.99 202.11
N ALA T 171 58.03 14.85 201.52
CA ALA T 171 56.66 14.46 201.22
C ALA T 171 56.65 13.37 200.16
N ASN T 172 55.74 12.41 200.33
CA ASN T 172 55.64 11.30 199.40
C ASN T 172 54.88 11.74 198.15
N PRO T 173 55.50 11.73 196.96
CA PRO T 173 54.74 12.05 195.75
C PRO T 173 53.70 11.01 195.40
N LEU T 174 53.79 9.80 195.95
CA LEU T 174 52.86 8.72 195.64
C LEU T 174 51.55 8.84 196.41
N ALA T 175 51.46 9.74 197.38
CA ALA T 175 50.27 9.88 198.21
C ALA T 175 49.41 11.04 197.71
N THR T 176 48.12 10.79 197.59
CA THR T 176 47.20 11.84 197.18
C THR T 176 47.15 12.96 198.21
N MET T 177 47.16 12.61 199.50
CA MET T 177 47.07 13.55 200.59
C MET T 177 48.41 13.67 201.29
N PHE T 178 48.82 14.90 201.58
CA PHE T 178 50.04 15.16 202.34
C PHE T 178 49.72 16.16 203.44
N THR T 179 50.40 15.99 204.58
CA THR T 179 50.19 16.85 205.74
C THR T 179 51.30 17.87 205.94
N THR T 180 52.40 17.77 205.19
CA THR T 180 53.50 18.70 205.35
C THR T 180 53.08 20.10 204.92
N SER T 181 53.64 21.10 205.60
CA SER T 181 53.30 22.50 205.33
C SER T 181 54.03 22.98 204.07
N TRP T 182 53.79 24.24 203.72
CA TRP T 182 54.43 24.82 202.55
C TRP T 182 55.95 24.85 202.73
N THR T 183 56.66 24.63 201.63
CA THR T 183 58.12 24.59 201.65
C THR T 183 58.62 25.12 200.32
N PRO T 184 59.60 26.02 200.30
CA PRO T 184 60.12 26.50 199.02
C PRO T 184 60.79 25.40 198.22
N SER T 185 60.73 25.54 196.90
CA SER T 185 61.30 24.56 195.99
C SER T 185 62.60 25.11 195.41
N SER T 186 63.65 24.30 195.46
CA SER T 186 64.95 24.73 194.94
C SER T 186 64.92 24.95 193.43
N PHE T 187 63.94 24.37 192.73
CA PHE T 187 63.86 24.52 191.28
C PHE T 187 63.46 25.93 190.86
N LEU T 188 62.89 26.73 191.76
CA LEU T 188 62.51 28.11 191.47
C LEU T 188 63.27 29.02 192.42
N ASN T 189 64.30 29.68 191.91
CA ASN T 189 65.13 30.59 192.69
C ASN T 189 64.86 32.02 192.23
N GLY T 190 64.57 32.89 193.19
CA GLY T 190 64.28 34.28 192.85
C GLY T 190 65.47 34.96 192.23
N TRP T 191 65.18 35.87 191.29
CA TRP T 191 66.21 36.63 190.60
C TRP T 191 65.82 38.10 190.59
N ASN T 192 66.83 38.97 190.52
CA ASN T 192 66.62 40.42 190.54
C ASN T 192 65.83 40.83 191.78
N GLY T 193 66.09 40.17 192.90
CA GLY T 193 65.41 40.47 194.14
C GLY T 193 63.99 39.96 194.23
N ALA T 194 63.58 39.07 193.31
CA ALA T 194 62.22 38.57 193.33
C ALA T 194 61.93 37.79 194.61
N THR T 195 60.72 37.93 195.11
CA THR T 195 60.27 37.25 196.32
C THR T 195 59.17 36.25 195.95
N VAL T 196 59.27 35.04 196.50
CA VAL T 196 58.30 33.97 196.26
C VAL T 196 57.57 33.69 197.56
N ALA T 197 56.24 33.73 197.51
CA ALA T 197 55.42 33.54 198.69
C ALA T 197 54.25 32.61 198.35
N ASP T 198 53.71 31.96 199.37
CA ASP T 198 52.58 31.06 199.18
C ASP T 198 51.38 31.83 198.65
N GLY T 199 50.67 31.20 197.71
CA GLY T 199 49.51 31.81 197.09
C GLY T 199 48.21 31.12 197.43
N GLY T 200 48.27 29.81 197.65
CA GLY T 200 47.09 29.06 197.98
C GLY T 200 47.38 27.58 197.98
N LYS T 201 46.33 26.81 198.29
CA LYS T 201 46.44 25.36 198.36
C LYS T 201 45.09 24.74 198.08
N PHE T 202 45.09 23.61 197.39
CA PHE T 202 43.89 22.82 197.14
C PHE T 202 43.92 21.59 198.04
N ALA T 203 42.85 21.39 198.80
CA ALA T 203 42.78 20.33 199.80
C ALA T 203 41.83 19.24 199.35
N PHE T 204 42.23 17.98 199.58
CA PHE T 204 41.34 16.87 199.34
C PHE T 204 40.13 16.95 200.26
N ASP T 205 38.97 16.56 199.73
CA ASP T 205 37.73 16.63 200.49
C ASP T 205 37.48 18.05 200.99
N ASN T 206 37.70 19.03 200.11
CA ASN T 206 37.55 20.42 200.48
C ASN T 206 36.08 20.73 200.79
N SER T 207 35.88 21.73 201.67
CA SER T 207 34.54 22.11 202.08
C SER T 207 33.85 23.04 201.10
N THR T 208 34.56 23.57 200.10
CA THR T 208 33.93 24.46 199.13
C THR T 208 32.85 23.74 198.34
N ASN T 209 32.99 22.43 198.16
CA ASN T 209 32.06 21.63 197.36
C ASN T 209 31.26 20.66 198.25
N GLY T 210 30.89 21.10 199.44
CA GLY T 210 30.05 20.31 200.32
C GLY T 210 30.79 19.40 201.27
N GLY T 211 32.09 19.59 201.47
CA GLY T 211 32.89 18.77 202.36
C GLY T 211 33.07 19.41 203.72
N ALA T 212 34.18 19.05 204.36
CA ALA T 212 34.53 19.61 205.66
C ALA T 212 35.98 20.09 205.75
N GLY T 213 36.72 20.06 204.64
CA GLY T 213 38.11 20.45 204.65
C GLY T 213 38.29 21.93 204.38
N PRO T 214 39.54 22.36 204.20
CA PRO T 214 39.81 23.77 203.93
C PRO T 214 39.13 24.24 202.66
N ALA T 215 38.73 25.51 202.66
CA ALA T 215 38.07 26.10 201.50
C ALA T 215 39.10 26.46 200.44
N LEU T 216 38.60 26.82 199.25
CA LEU T 216 39.43 27.15 198.11
C LEU T 216 39.29 28.65 197.82
N ASN T 217 40.42 29.31 197.58
CA ASN T 217 40.42 30.74 197.31
C ASN T 217 40.22 30.98 195.81
N ALA T 218 39.97 32.25 195.47
CA ALA T 218 39.57 32.61 194.11
C ALA T 218 40.54 32.06 193.06
N ARG T 219 41.84 32.10 193.36
CA ARG T 219 42.83 31.61 192.41
C ARG T 219 42.60 30.14 192.09
N VAL T 220 42.21 29.35 193.09
CA VAL T 220 41.99 27.93 192.87
C VAL T 220 40.79 27.70 191.95
N GLN T 221 39.69 28.42 192.18
CA GLN T 221 38.55 28.28 191.27
C GLN T 221 38.92 28.72 189.86
N ALA T 222 39.67 29.80 189.72
CA ALA T 222 40.08 30.24 188.39
C ALA T 222 40.91 29.17 187.69
N LEU T 223 41.87 28.58 188.41
CA LEU T 223 42.68 27.51 187.83
C LEU T 223 41.80 26.33 187.43
N LEU T 224 40.92 25.89 188.32
CA LEU T 224 40.09 24.72 188.03
C LEU T 224 39.19 24.96 186.83
N ALA T 225 38.62 26.16 186.73
CA ALA T 225 37.84 26.51 185.54
C ALA T 225 38.72 26.47 184.29
N ALA T 226 39.96 26.96 184.40
CA ALA T 226 40.90 26.83 183.29
C ALA T 226 41.18 25.37 182.99
N MET T 227 41.31 24.54 184.03
CA MET T 227 41.54 23.12 183.83
C MET T 227 40.36 22.44 183.16
N GLY T 228 39.17 23.02 183.25
CA GLY T 228 37.95 22.32 182.89
C GLY T 228 37.43 21.39 183.96
N ARG T 229 38.07 21.38 185.14
CA ARG T 229 37.66 20.53 186.25
C ARG T 229 36.48 21.21 186.96
N THR T 230 35.31 21.11 186.32
CA THR T 230 34.08 21.66 186.86
C THR T 230 33.16 20.62 187.45
N TRP T 231 33.27 19.36 187.03
CA TRP T 231 32.42 18.30 187.55
C TRP T 231 32.83 17.95 188.97
N THR T 232 31.86 17.43 189.74
CA THR T 232 32.12 17.08 191.13
C THR T 232 33.20 16.02 191.24
N SER T 233 33.15 15.00 190.38
CA SER T 233 34.12 13.92 190.47
C SER T 233 35.55 14.42 190.29
N VAL T 234 35.73 15.55 189.59
CA VAL T 234 37.05 16.08 189.32
C VAL T 234 37.30 17.42 189.99
N SER T 235 36.27 18.19 190.29
CA SER T 235 36.42 19.49 190.96
C SER T 235 36.32 19.38 192.48
N ARG T 236 35.40 18.54 192.97
CA ARG T 236 35.23 18.35 194.41
C ARG T 236 36.35 17.51 195.03
N TYR T 237 37.10 16.77 194.22
CA TYR T 237 38.23 15.97 194.68
C TYR T 237 39.47 16.34 193.88
N GLY T 238 40.59 15.75 194.27
CA GLY T 238 41.83 15.93 193.53
C GLY T 238 43.02 15.75 194.44
N VAL T 239 44.19 15.92 193.83
CA VAL T 239 45.46 15.79 194.53
C VAL T 239 45.84 17.15 195.12
N GLU T 240 46.50 17.12 196.27
CA GLU T 240 46.86 18.35 196.98
C GLU T 240 48.16 18.92 196.44
N PHE T 241 48.30 20.23 196.58
CA PHE T 241 49.50 20.96 196.16
C PHE T 241 49.34 22.41 196.58
N PHE T 242 50.47 23.09 196.74
CA PHE T 242 50.49 24.50 197.08
C PHE T 242 50.72 25.36 195.85
N THR T 243 50.25 26.60 195.91
CA THR T 243 50.47 27.59 194.88
C THR T 243 51.28 28.74 195.45
N ALA T 244 52.10 29.37 194.60
CA ALA T 244 52.96 30.46 195.03
C ALA T 244 52.85 31.60 194.03
N VAL T 245 53.06 32.82 194.54
CA VAL T 245 53.04 34.04 193.74
C VAL T 245 54.40 34.71 193.87
N LEU T 246 55.03 35.01 192.74
CA LEU T 246 56.34 35.62 192.70
C LEU T 246 56.21 37.10 192.36
N THR T 247 56.80 37.95 193.20
CA THR T 247 56.79 39.39 193.01
C THR T 247 58.15 39.82 192.47
N ALA T 248 58.16 40.41 191.27
CA ALA T 248 59.41 40.87 190.68
C ALA T 248 60.06 41.92 191.55
N GLY T 249 61.37 41.80 191.74
CA GLY T 249 62.11 42.72 192.57
C GLY T 249 62.42 44.02 191.85
N SER T 250 63.05 44.93 192.59
CA SER T 250 63.39 46.24 192.07
C SER T 250 64.68 46.25 191.25
N GLN T 251 65.43 45.15 191.24
CA GLN T 251 66.67 45.11 190.49
C GLN T 251 66.39 45.13 189.00
N THR T 252 67.37 45.63 188.23
CA THR T 252 67.22 45.88 186.80
C THR T 252 68.38 45.26 186.03
N THR T 253 68.67 43.98 186.32
CA THR T 253 69.73 43.25 185.65
C THR T 253 69.16 42.27 184.65
N THR T 254 69.94 42.00 183.59
CA THR T 254 69.55 41.10 182.51
C THR T 254 68.28 41.59 181.81
N GLY T 255 68.43 42.76 181.18
CA GLY T 255 67.33 43.35 180.45
C GLY T 255 66.98 42.55 179.20
N SER T 256 65.71 42.66 178.80
CA SER T 256 65.21 41.99 177.61
C SER T 256 63.90 42.64 177.19
N ALA T 257 63.65 42.64 175.89
CA ALA T 257 62.44 43.22 175.32
C ALA T 257 61.62 42.13 174.64
N GLY T 258 60.30 42.24 174.76
CA GLY T 258 59.39 41.28 174.17
C GLY T 258 59.00 41.64 172.75
N ALA T 259 58.00 40.92 172.24
CA ALA T 259 57.52 41.17 170.89
C ALA T 259 56.90 42.55 170.75
N ASP T 260 56.35 43.09 171.85
CA ASP T 260 55.74 44.41 171.83
C ASP T 260 56.74 45.54 172.05
N GLY T 261 58.03 45.21 172.25
CA GLY T 261 59.04 46.22 172.45
C GLY T 261 59.14 46.76 173.86
N VAL T 262 58.47 46.13 174.83
CA VAL T 262 58.51 46.59 176.22
C VAL T 262 59.63 45.86 176.94
N THR T 263 60.54 46.61 177.54
CA THR T 263 61.67 46.03 178.24
C THR T 263 61.22 45.40 179.55
N ARG T 264 61.84 44.27 179.89
CA ARG T 264 61.54 43.57 181.14
C ARG T 264 62.80 42.86 181.62
N TYR T 265 62.80 42.51 182.91
CA TYR T 265 63.96 41.93 183.55
C TYR T 265 63.62 40.55 184.12
N LEU T 266 64.61 39.66 184.10
CA LEU T 266 64.40 38.32 184.61
C LEU T 266 64.05 38.36 186.10
N CYS T 267 63.14 37.48 186.51
CA CYS T 267 62.65 37.44 187.88
C CYS T 267 62.96 36.16 188.62
N CYS T 268 63.15 35.04 187.91
CA CYS T 268 63.39 33.76 188.55
C CYS T 268 64.46 33.00 187.79
N SER T 269 65.14 32.10 188.49
CA SER T 269 66.18 31.26 187.91
C SER T 269 66.08 29.86 188.51
N ASN T 270 66.63 28.89 187.78
CA ASN T 270 66.59 27.49 188.20
C ASN T 270 67.78 27.09 189.07
N GLY T 271 68.70 28.00 189.34
CA GLY T 271 69.90 27.66 190.08
C GLY T 271 70.83 26.73 189.35
N SER T 272 70.93 26.87 188.02
CA SER T 272 71.89 26.10 187.20
C SER T 272 71.68 24.60 187.37
N LYS T 273 70.50 24.14 186.96
CA LYS T 273 70.20 22.72 186.99
C LYS T 273 70.84 22.00 185.80
N THR T 274 71.21 20.75 186.01
CA THR T 274 71.86 19.93 184.98
C THR T 274 70.80 19.19 184.17
N VAL T 275 70.05 19.95 183.39
CA VAL T 275 68.96 19.39 182.58
C VAL T 275 69.30 19.37 181.09
N PHE T 276 70.36 20.05 180.66
CA PHE T 276 70.72 20.10 179.23
C PHE T 276 71.73 18.99 178.92
N ASN T 277 71.22 17.76 178.91
CA ASN T 277 72.06 16.60 178.67
C ASN T 277 71.62 15.80 177.45
N ALA T 278 70.33 15.47 177.34
CA ALA T 278 69.87 14.61 176.26
C ALA T 278 69.90 15.37 174.94
N GLY T 279 71.01 15.25 174.20
CA GLY T 279 71.16 16.00 172.97
C GLY T 279 71.04 17.50 173.18
N GLY T 280 71.33 17.97 174.38
CA GLY T 280 71.14 19.37 174.70
C GLY T 280 69.69 19.81 174.77
N TRP T 281 68.76 18.88 174.67
CA TRP T 281 67.33 19.21 174.62
C TRP T 281 66.76 19.33 176.02
N ALA T 282 65.79 20.23 176.17
CA ALA T 282 65.12 20.46 177.44
C ALA T 282 63.66 20.75 177.18
N THR T 283 62.85 20.55 178.22
CA THR T 283 61.41 20.82 178.14
C THR T 283 60.93 21.30 179.50
N VAL T 284 60.18 22.40 179.51
CA VAL T 284 59.61 22.95 180.73
C VAL T 284 58.14 23.21 180.49
N VAL T 285 57.29 22.68 181.38
CA VAL T 285 55.85 22.83 181.31
C VAL T 285 55.35 23.32 182.66
N MET T 286 54.55 24.38 182.65
CA MET T 286 54.00 24.92 183.88
C MET T 286 52.73 25.69 183.56
N TRP T 287 51.95 25.96 184.61
CA TRP T 287 50.73 26.72 184.52
C TRP T 287 50.90 28.02 185.31
N LEU T 288 50.54 29.14 184.68
CA LEU T 288 50.75 30.44 185.31
C LEU T 288 49.62 31.39 184.92
N ARG T 289 49.44 32.41 185.75
CA ARG T 289 48.43 33.44 185.52
C ARG T 289 48.99 34.76 186.01
N VAL T 290 48.73 35.82 185.27
CA VAL T 290 49.23 37.16 185.60
C VAL T 290 48.19 37.86 186.47
N GLU T 291 48.59 38.21 187.69
CA GLU T 291 47.73 38.96 188.59
C GLU T 291 47.95 40.46 188.49
N SER T 292 49.15 40.89 188.12
CA SER T 292 49.43 42.30 187.91
C SER T 292 50.64 42.42 186.98
N GLY T 293 50.78 43.62 186.40
CA GLY T 293 51.90 43.86 185.51
C GLY T 293 51.77 43.10 184.20
N SER T 294 52.89 43.00 183.51
CA SER T 294 52.96 42.32 182.22
C SER T 294 54.24 41.52 182.14
N ALA T 295 54.22 40.49 181.30
CA ALA T 295 55.37 39.63 181.10
C ALA T 295 55.33 39.04 179.69
N HIS T 296 56.48 38.58 179.23
CA HIS T 296 56.61 37.95 177.92
C HIS T 296 57.55 36.77 178.04
N ILE T 297 57.83 36.13 176.91
CA ILE T 297 58.62 34.90 176.86
C ILE T 297 59.89 35.16 176.06
N SER T 298 61.03 34.76 176.62
CA SER T 298 62.31 34.92 175.95
C SER T 298 62.60 36.39 175.66
N SER T 299 63.51 36.65 174.73
CA SER T 299 63.78 38.00 174.23
C SER T 299 63.38 38.17 172.78
N ALA T 300 63.65 37.16 171.95
CA ALA T 300 63.28 37.16 170.54
C ALA T 300 63.65 35.81 169.95
N PRO T 301 63.21 35.51 168.73
CA PRO T 301 63.65 34.26 168.09
C PRO T 301 65.16 34.11 168.06
N TYR T 302 65.68 33.14 168.81
CA TYR T 302 67.12 32.90 168.88
C TYR T 302 67.35 31.40 168.98
N THR T 303 68.37 30.93 168.28
CA THR T 303 68.70 29.50 168.24
C THR T 303 67.43 28.74 167.84
N THR T 304 67.28 27.49 168.27
CA THR T 304 66.10 26.70 167.98
C THR T 304 65.10 26.83 169.13
N HIS T 305 63.85 27.14 168.78
CA HIS T 305 62.82 27.37 169.79
C HIS T 305 61.46 26.99 169.22
N ARG T 306 60.54 26.67 170.10
CA ARG T 306 59.17 26.36 169.72
C ARG T 306 58.29 26.47 170.96
N LEU T 307 57.32 27.39 170.93
CA LEU T 307 56.44 27.64 172.06
C LEU T 307 55.03 27.20 171.72
N TRP T 308 54.42 26.44 172.61
CA TRP T 308 53.03 26.02 172.48
C TRP T 308 52.22 26.67 173.59
N ILE T 309 51.11 27.31 173.21
CA ILE T 309 50.23 28.01 174.14
C ILE T 309 48.90 27.29 174.12
N ASN T 310 48.64 26.47 175.14
CA ASN T 310 47.42 25.66 175.21
C ASN T 310 47.25 24.83 173.93
N GLY T 311 48.35 24.26 173.46
CA GLY T 311 48.35 23.47 172.24
C GLY T 311 48.48 24.27 170.96
N ALA T 312 48.65 25.58 171.04
CA ALA T 312 48.78 26.43 169.88
C ALA T 312 50.21 26.98 169.81
N VAL T 313 50.84 26.84 168.65
CA VAL T 313 52.21 27.31 168.50
C VAL T 313 52.27 28.82 168.68
N ALA T 314 53.31 29.29 169.36
CA ALA T 314 53.49 30.71 169.64
C ALA T 314 54.94 31.09 169.38
N ALA T 315 55.16 32.40 169.19
CA ALA T 315 56.47 32.94 168.91
C ALA T 315 57.05 33.62 170.14
N PRO T 316 58.37 33.75 170.23
CA PRO T 316 58.97 34.40 171.39
C PRO T 316 58.56 35.87 171.49
N GLY T 317 58.49 36.36 172.72
CA GLY T 317 58.11 37.74 172.98
C GLY T 317 56.63 38.00 173.06
N VAL T 318 55.79 36.98 172.83
CA VAL T 318 54.35 37.18 172.93
C VAL T 318 53.99 37.55 174.35
N VAL T 319 53.24 38.64 174.52
CA VAL T 319 52.79 39.06 175.84
C VAL T 319 51.57 38.23 176.22
N LEU T 320 51.68 37.46 177.29
CA LEU T 320 50.57 36.63 177.72
C LEU T 320 49.43 37.50 178.22
N PRO T 321 48.18 37.16 177.90
CA PRO T 321 47.06 37.97 178.37
C PRO T 321 47.00 38.01 179.90
N ALA T 322 46.62 39.15 180.44
CA ALA T 322 46.61 39.35 181.88
C ALA T 322 45.40 38.66 182.52
N ASN T 323 45.66 37.97 183.63
CA ASN T 323 44.60 37.33 184.43
C ASN T 323 43.94 36.17 183.66
N GLN T 324 44.78 35.31 183.08
CA GLN T 324 44.31 34.09 182.46
C GLN T 324 45.36 33.00 182.64
N TRP T 325 44.90 31.76 182.88
CA TRP T 325 45.79 30.63 183.03
C TRP T 325 46.20 30.12 181.66
N VAL T 326 47.50 29.93 181.46
CA VAL T 326 48.07 29.60 180.16
C VAL T 326 49.01 28.40 180.31
N HIS T 327 48.95 27.49 179.34
CA HIS T 327 49.85 26.35 179.28
C HIS T 327 50.97 26.66 178.29
N LEU T 328 52.20 26.62 178.77
CA LEU T 328 53.38 26.92 177.96
C LEU T 328 54.31 25.72 177.92
N ARG T 329 54.84 25.43 176.74
CA ARG T 329 55.76 24.31 176.54
C ARG T 329 56.96 24.84 175.76
N PHE T 330 58.03 25.18 176.49
CA PHE T 330 59.25 25.70 175.87
C PHE T 330 60.25 24.56 175.76
N SER T 331 60.56 24.16 174.53
CA SER T 331 61.53 23.12 174.24
C SER T 331 62.59 23.68 173.31
N MET T 332 63.86 23.55 173.70
CA MET T 332 64.96 24.07 172.91
C MET T 332 66.15 23.12 173.09
N GLN T 333 67.25 23.45 172.41
CA GLN T 333 68.46 22.64 172.45
C GLN T 333 69.65 23.50 172.88
N SER T 334 70.52 22.91 173.70
CA SER T 334 71.73 23.61 174.16
C SER T 334 72.75 22.57 174.57
N TYR T 335 73.90 22.55 173.89
CA TYR T 335 74.98 21.63 174.21
C TYR T 335 75.87 22.13 175.34
N ASN T 336 75.60 23.32 175.89
CA ASN T 336 76.42 23.87 176.95
C ASN T 336 76.43 22.97 178.18
N GLY T 337 75.40 22.15 178.38
CA GLY T 337 75.35 21.22 179.49
C GLY T 337 74.65 21.75 180.73
N TYR T 338 74.31 23.03 180.77
CA TYR T 338 73.64 23.61 181.93
C TYR T 338 73.19 25.02 181.57
N ASP T 339 72.34 25.57 182.43
CA ASP T 339 71.89 26.96 182.29
C ASP T 339 71.12 27.33 183.55
N ASN T 340 71.32 28.57 184.01
CA ASN T 340 70.62 29.06 185.19
C ASN T 340 69.35 29.82 184.86
N ALA T 341 69.32 30.48 183.70
CA ALA T 341 68.15 31.24 183.24
C ALA T 341 67.41 30.53 182.13
N CYS T 342 67.29 29.20 182.22
CA CYS T 342 66.63 28.43 181.17
C CYS T 342 65.25 28.98 180.79
N PRO T 343 64.37 29.35 181.72
CA PRO T 343 63.04 29.82 181.31
C PRO T 343 63.09 31.01 180.37
N TYR T 344 64.07 31.90 180.53
CA TYR T 344 64.15 33.11 179.70
C TYR T 344 62.86 33.92 179.78
N ILE T 345 62.25 33.95 180.96
CA ILE T 345 60.99 34.65 181.19
C ILE T 345 61.31 35.95 181.91
N TYR T 346 60.90 37.06 181.31
CA TYR T 346 61.13 38.40 181.85
C TYR T 346 59.80 39.05 182.17
N ALA T 347 59.68 39.62 183.37
CA ALA T 347 58.46 40.25 183.83
C ALA T 347 58.77 41.65 184.34
N SER T 348 57.81 42.55 184.18
CA SER T 348 57.98 43.92 184.63
C SER T 348 58.07 43.98 186.15
N ALA T 349 58.82 44.96 186.64
CA ALA T 349 58.98 45.11 188.08
C ALA T 349 57.63 45.33 188.75
N GLY T 350 57.43 44.65 189.87
CA GLY T 350 56.18 44.74 190.62
C GLY T 350 55.06 43.88 190.09
N ALA T 351 55.29 43.10 189.03
CA ALA T 351 54.25 42.25 188.50
C ALA T 351 54.02 41.05 189.41
N GLN T 352 52.75 40.78 189.71
CA GLN T 352 52.36 39.63 190.53
C GLN T 352 51.99 38.49 189.60
N ILE T 353 52.82 37.46 189.55
CA ILE T 353 52.63 36.31 188.67
C ILE T 353 52.25 35.11 189.53
N ALA T 354 51.15 34.45 189.17
CA ALA T 354 50.69 33.25 189.85
C ALA T 354 51.03 32.03 189.02
N PHE T 355 51.60 31.02 189.66
CA PHE T 355 51.98 29.78 188.98
C PHE T 355 51.69 28.59 189.88
N ALA T 356 51.51 27.43 189.26
CA ALA T 356 51.20 26.22 190.00
C ALA T 356 51.59 25.00 189.17
N CYS T 357 52.03 23.96 189.87
CA CYS T 357 52.37 22.67 189.26
C CYS T 357 53.37 22.80 188.11
N PRO T 358 54.56 23.33 188.36
CA PRO T 358 55.59 23.30 187.31
C PRO T 358 56.01 21.88 186.96
N ALA T 359 56.43 21.70 185.72
CA ALA T 359 56.84 20.39 185.22
C ALA T 359 57.99 20.56 184.25
N TRP T 360 59.13 19.94 184.56
CA TRP T 360 60.31 20.00 183.72
C TRP T 360 60.73 18.59 183.30
N PHE T 361 61.38 18.49 182.14
CA PHE T 361 61.84 17.22 181.61
C PHE T 361 63.26 17.39 181.07
N GLY T 362 63.95 16.27 180.90
CA GLY T 362 65.30 16.27 180.40
C GLY T 362 65.41 16.15 178.89
N GLY T 363 64.31 16.41 178.20
CA GLY T 363 64.31 16.32 176.76
C GLY T 363 62.96 16.70 176.19
N LEU T 364 62.83 16.58 174.88
CA LEU T 364 61.59 16.91 174.19
C LEU T 364 60.54 15.84 174.46
N VAL T 365 59.45 16.26 175.10
CA VAL T 365 58.32 15.37 175.38
C VAL T 365 57.05 16.13 175.02
N ASP T 366 55.99 15.38 174.70
CA ASP T 366 54.70 15.93 174.34
C ASP T 366 53.64 15.31 175.23
N PRO T 367 53.54 15.76 176.48
CA PRO T 367 52.55 15.20 177.41
C PRO T 367 51.17 15.82 177.33
N GLY T 368 50.92 16.70 176.37
CA GLY T 368 49.62 17.35 176.29
C GLY T 368 49.48 18.43 177.36
N ILE T 369 48.23 18.84 177.55
CA ILE T 369 47.88 19.82 178.58
C ILE T 369 47.72 19.03 179.89
N HIS T 370 48.78 18.99 180.68
CA HIS T 370 48.77 18.20 181.90
C HIS T 370 47.86 18.83 182.94
N VAL T 371 47.38 17.98 183.87
CA VAL T 371 46.53 18.42 184.96
C VAL T 371 47.26 18.38 186.31
N ALA T 372 48.22 17.49 186.49
CA ALA T 372 48.97 17.37 187.72
C ALA T 372 50.43 17.17 187.39
N PRO T 373 51.33 17.49 188.31
CA PRO T 373 52.76 17.28 188.07
C PRO T 373 53.07 15.80 187.88
N ILE T 374 54.06 15.51 187.04
CA ILE T 374 54.46 14.14 186.79
C ILE T 374 55.22 13.61 188.01
N LEU T 375 55.06 12.32 188.29
CA LEU T 375 55.61 11.73 189.49
C LEU T 375 57.06 11.29 189.28
N THR T 376 57.68 10.84 190.37
CA THR T 376 59.01 10.27 190.36
C THR T 376 59.12 9.31 191.54
N ILE T 377 60.34 8.85 191.83
CA ILE T 377 60.60 7.96 192.95
C ILE T 377 61.76 8.51 193.77
N ASN T 378 61.61 8.46 195.09
CA ASN T 378 62.65 8.93 196.00
C ASN T 378 62.60 8.05 197.25
N GLY T 379 63.42 8.42 198.24
CA GLY T 379 63.43 7.67 199.49
C GLY T 379 62.10 7.73 200.21
N ALA T 380 61.41 8.86 200.13
CA ALA T 380 60.13 9.06 200.80
C ALA T 380 58.95 8.65 199.93
N SER T 381 59.20 8.10 198.74
CA SER T 381 58.11 7.72 197.85
C SER T 381 57.30 6.53 198.37
N ALA T 382 57.82 5.79 199.34
CA ALA T 382 57.11 4.64 199.88
C ALA T 382 56.04 5.09 200.87
N GLY U 10 57.29 -5.86 112.17
CA GLY U 10 56.96 -5.13 110.97
C GLY U 10 56.20 -5.97 109.96
N LEU U 11 55.02 -5.49 109.56
CA LEU U 11 54.20 -6.19 108.59
C LEU U 11 53.31 -5.17 107.89
N LEU U 12 52.76 -5.58 106.75
CA LEU U 12 51.94 -4.69 105.94
C LEU U 12 50.93 -5.50 105.16
N ILE U 13 49.87 -4.81 104.71
CA ILE U 13 48.84 -5.42 103.88
C ILE U 13 48.65 -4.57 102.64
N ASN U 14 49.71 -3.90 102.19
CA ASN U 14 49.61 -3.01 101.03
C ASN U 14 49.53 -3.82 99.73
N GLY U 15 50.57 -4.60 99.44
CA GLY U 15 50.69 -5.27 98.16
C GLY U 15 49.57 -6.24 97.87
N LEU U 16 48.70 -5.88 96.94
CA LEU U 16 47.64 -6.77 96.47
C LEU U 16 46.95 -6.16 95.27
N PRO U 17 46.44 -6.97 94.35
CA PRO U 17 45.80 -6.41 93.15
C PRO U 17 44.46 -5.78 93.46
N GLY U 18 43.96 -5.02 92.50
CA GLY U 18 42.63 -4.43 92.59
C GLY U 18 41.51 -5.40 92.31
N GLU U 19 41.82 -6.69 92.17
CA GLU U 19 40.80 -7.68 91.87
C GLU U 19 40.20 -8.26 93.15
N GLY U 20 41.05 -8.76 94.04
CA GLY U 20 40.57 -9.47 95.22
C GLY U 20 40.66 -8.67 96.51
N HIS U 21 40.29 -7.40 96.45
CA HIS U 21 40.34 -6.51 97.60
C HIS U 21 38.98 -6.29 98.26
N TYR U 22 37.91 -6.90 97.73
CA TYR U 22 36.64 -6.82 98.44
C TYR U 22 36.74 -7.48 99.80
N SER U 23 37.48 -8.58 99.90
CA SER U 23 37.75 -9.18 101.20
C SER U 23 38.54 -8.22 102.07
N ASP U 24 39.49 -7.48 101.48
CA ASP U 24 40.27 -6.52 102.24
C ASP U 24 39.37 -5.45 102.86
N LEU U 25 38.41 -4.94 102.09
CA LEU U 25 37.50 -3.94 102.65
C LEU U 25 36.49 -4.54 103.60
N ILE U 26 36.09 -5.79 103.38
CA ILE U 26 35.30 -6.48 104.39
C ILE U 26 36.06 -6.47 105.71
N ARG U 27 37.34 -6.79 105.65
CA ARG U 27 38.17 -6.78 106.86
C ARG U 27 38.35 -5.37 107.40
N MET U 28 38.36 -4.36 106.54
CA MET U 28 38.43 -2.98 107.01
C MET U 28 37.16 -2.59 107.75
N TRP U 29 36.01 -3.07 107.29
CA TRP U 29 34.76 -2.82 108.00
C TRP U 29 34.70 -3.60 109.31
N ARG U 30 35.35 -4.78 109.35
CA ARG U 30 35.29 -5.60 110.55
C ARG U 30 36.26 -5.12 111.63
N TRP U 31 37.55 -5.00 111.29
CA TRP U 31 38.57 -4.60 112.25
C TRP U 31 38.29 -3.23 112.84
N ASP U 32 37.99 -2.25 111.99
CA ASP U 32 37.79 -0.89 112.48
C ASP U 32 36.63 -0.82 113.46
N ASP U 33 35.49 -1.42 113.09
CA ASP U 33 34.33 -1.42 113.97
C ASP U 33 34.61 -2.22 115.25
N PHE U 34 35.34 -3.32 115.12
CA PHE U 34 35.69 -4.14 116.27
C PHE U 34 36.60 -3.38 117.24
N LEU U 35 37.41 -2.47 116.70
CA LEU U 35 38.38 -1.74 117.52
C LEU U 35 37.77 -0.56 118.25
N ARG U 36 36.43 -0.48 118.31
CA ARG U 36 35.79 0.56 119.10
C ARG U 36 36.36 0.53 120.51
N GLN U 37 36.52 -0.68 121.04
CA GLN U 37 37.08 -0.91 122.38
C GLN U 37 37.72 -2.29 122.41
N PRO U 38 39.06 -2.38 122.45
CA PRO U 38 39.69 -3.71 122.41
C PRO U 38 39.51 -4.47 123.71
N VAL U 39 38.37 -5.14 123.86
CA VAL U 39 37.99 -5.83 125.07
C VAL U 39 37.88 -7.33 124.78
N VAL U 40 38.34 -8.14 125.72
CA VAL U 40 38.25 -9.60 125.62
C VAL U 40 37.40 -10.10 126.79
N LYS U 41 36.39 -10.91 126.47
CA LYS U 41 35.53 -11.46 127.52
C LYS U 41 36.27 -12.42 128.43
N GLY U 42 37.41 -12.94 127.99
CA GLY U 42 38.19 -13.85 128.80
C GLY U 42 39.16 -14.63 127.96
N ARG U 43 40.20 -15.15 128.63
CA ARG U 43 41.22 -15.95 127.97
C ARG U 43 40.75 -17.39 127.84
N VAL U 44 40.95 -17.97 126.65
CA VAL U 44 40.54 -19.33 126.37
C VAL U 44 41.70 -20.05 125.70
N ALA U 45 41.98 -21.28 126.14
CA ALA U 45 42.98 -22.13 125.51
C ALA U 45 42.41 -22.90 124.33
N THR U 46 41.10 -22.84 124.10
CA THR U 46 40.47 -23.52 122.98
C THR U 46 39.36 -22.62 122.43
N LEU U 47 39.16 -22.66 121.13
CA LEU U 47 38.12 -21.85 120.51
C LEU U 47 36.75 -22.29 121.03
N PRO U 48 35.92 -21.37 121.55
CA PRO U 48 34.57 -21.76 121.97
C PRO U 48 33.77 -22.36 120.83
N THR U 49 33.43 -23.64 120.95
CA THR U 49 32.71 -24.33 119.89
C THR U 49 31.21 -24.04 119.90
N THR U 50 30.69 -23.47 120.99
CA THR U 50 29.26 -23.18 121.08
C THR U 50 29.06 -21.95 121.95
N GLY U 51 27.89 -21.33 121.80
CA GLY U 51 27.53 -20.17 122.59
C GLY U 51 28.38 -18.95 122.33
N GLN U 52 28.66 -18.65 121.06
CA GLN U 52 29.40 -17.45 120.68
C GLN U 52 28.69 -16.76 119.53
N ALA U 53 28.77 -15.44 119.51
CA ALA U 53 28.13 -14.63 118.47
C ALA U 53 28.95 -13.36 118.30
N GLU U 54 28.41 -12.42 117.51
CA GLU U 54 29.09 -11.15 117.33
C GLU U 54 29.19 -10.42 118.66
N GLY U 55 30.34 -9.77 118.88
CA GLY U 55 30.62 -9.11 120.13
C GLY U 55 31.37 -9.95 121.13
N ASP U 56 31.57 -11.23 120.86
CA ASP U 56 32.28 -12.13 121.76
C ASP U 56 33.74 -12.20 121.31
N THR U 57 34.66 -11.84 122.21
CA THR U 57 36.09 -11.89 121.95
C THR U 57 36.77 -12.64 123.09
N TYR U 58 37.44 -13.74 122.76
CA TYR U 58 38.21 -14.52 123.72
C TYR U 58 39.64 -14.67 123.20
N ILE U 59 40.60 -14.54 124.10
CA ILE U 59 42.01 -14.65 123.75
C ILE U 59 42.31 -16.14 123.57
N PHE U 60 42.45 -16.57 122.31
CA PHE U 60 42.79 -17.97 122.04
C PHE U 60 44.25 -18.22 122.37
N THR U 61 44.51 -18.71 123.58
CA THR U 61 45.87 -18.93 124.06
C THR U 61 46.20 -20.42 124.13
N GLY U 62 45.66 -21.22 123.22
CA GLY U 62 45.98 -22.62 123.19
C GLY U 62 47.42 -22.87 122.77
N SER U 63 47.93 -24.04 123.16
CA SER U 63 49.30 -24.39 122.86
C SER U 63 49.52 -24.43 121.34
N GLY U 64 50.63 -23.85 120.91
CA GLY U 64 50.99 -23.79 119.51
C GLY U 64 51.39 -22.39 119.11
N SER U 65 51.57 -22.19 117.81
CA SER U 65 51.91 -20.87 117.27
C SER U 65 50.72 -19.92 117.26
N ASN U 66 49.52 -20.40 117.60
CA ASN U 66 48.32 -19.59 117.61
C ASN U 66 48.07 -18.92 118.97
N GLN U 67 49.14 -18.69 119.74
CA GLN U 67 49.01 -18.12 121.07
C GLN U 67 48.71 -16.63 121.00
N ASN U 68 47.80 -16.18 121.85
CA ASN U 68 47.39 -14.79 122.03
C ASN U 68 46.53 -14.26 120.89
N ARG U 69 46.31 -15.04 119.83
CA ARG U 69 45.48 -14.57 118.73
C ARG U 69 44.02 -14.46 119.18
N LEU U 70 43.36 -13.40 118.72
CA LEU U 70 41.96 -13.20 119.06
C LEU U 70 41.08 -14.18 118.28
N ALA U 71 39.88 -14.42 118.82
CA ALA U 71 38.97 -15.42 118.29
C ALA U 71 37.56 -14.84 118.19
N ARG U 72 37.43 -13.64 117.62
CA ARG U 72 36.12 -13.03 117.47
C ARG U 72 35.28 -13.81 116.47
N TRP U 73 34.05 -14.14 116.85
CA TRP U 73 33.11 -14.85 116.00
C TRP U 73 32.22 -13.83 115.30
N TRP U 74 32.11 -13.95 113.98
CA TRP U 74 31.40 -12.99 113.13
C TRP U 74 30.30 -13.75 112.40
N ALA U 75 29.13 -13.83 113.01
CA ALA U 75 27.99 -14.55 112.45
C ALA U 75 26.79 -13.66 112.18
N THR U 76 26.44 -12.76 113.10
CA THR U 76 25.29 -11.90 112.89
C THR U 76 25.46 -11.11 111.59
N GLY U 77 24.35 -10.90 110.89
CA GLY U 77 24.38 -10.16 109.64
C GLY U 77 25.57 -10.52 108.76
N ALA U 78 25.95 -11.80 108.76
CA ALA U 78 27.12 -12.26 108.03
C ALA U 78 26.73 -13.45 107.16
N THR U 79 27.50 -13.66 106.10
CA THR U 79 27.27 -14.79 105.22
C THR U 79 27.76 -16.09 105.84
N THR U 80 29.06 -16.17 106.10
CA THR U 80 29.67 -17.32 106.75
C THR U 80 30.61 -16.82 107.85
N ALA U 81 30.50 -17.40 109.04
CA ALA U 81 31.28 -16.97 110.18
C ALA U 81 32.60 -17.71 110.24
N ILE U 82 33.69 -16.98 110.45
CA ILE U 82 35.02 -17.55 110.56
C ILE U 82 35.70 -16.95 111.78
N TRP U 83 36.65 -17.69 112.35
CA TRP U 83 37.41 -17.23 113.50
C TRP U 83 38.53 -16.33 113.00
N GLU U 84 38.22 -15.04 112.86
CA GLU U 84 39.23 -14.07 112.48
C GLU U 84 40.35 -14.04 113.51
N TYR U 85 41.59 -14.09 113.04
CA TYR U 85 42.76 -14.18 113.89
C TYR U 85 43.55 -12.88 113.83
N MET U 86 44.01 -12.42 114.99
CA MET U 86 44.73 -11.15 115.12
C MET U 86 46.03 -11.40 115.86
N PRO U 87 47.07 -11.85 115.16
CA PRO U 87 48.36 -12.10 115.82
C PRO U 87 48.90 -10.83 116.46
N PRO U 88 49.06 -10.81 117.79
CA PRO U 88 49.64 -9.64 118.42
C PRO U 88 51.16 -9.68 118.39
N ARG U 89 51.76 -8.59 117.93
CA ARG U 89 53.21 -8.43 117.91
C ARG U 89 53.56 -7.39 118.97
N LEU U 90 54.13 -7.84 120.08
CA LEU U 90 54.52 -6.95 121.18
C LEU U 90 53.28 -6.23 121.73
N GLY U 91 52.34 -7.03 122.24
CA GLY U 91 51.07 -6.52 122.72
C GLY U 91 51.20 -5.46 123.79
N TRP U 92 50.08 -4.93 124.25
CA TRP U 92 50.08 -3.83 125.22
C TRP U 92 48.78 -3.85 126.00
N ARG U 93 48.51 -2.76 126.71
CA ARG U 93 47.36 -2.67 127.62
C ARG U 93 46.08 -3.08 126.90
N VAL U 94 45.38 -4.05 127.48
CA VAL U 94 44.08 -4.48 127.00
C VAL U 94 43.13 -4.53 128.19
N GLN U 95 42.02 -3.81 128.09
CA GLN U 95 41.07 -3.71 129.19
C GLN U 95 40.21 -4.97 129.29
N VAL U 96 39.71 -5.22 130.49
CA VAL U 96 38.82 -6.34 130.77
C VAL U 96 37.66 -5.83 131.59
N ALA U 97 36.47 -6.37 131.33
CA ALA U 97 35.22 -5.83 131.85
C ALA U 97 34.57 -6.69 132.92
N ASN U 98 34.41 -7.99 132.66
CA ASN U 98 33.55 -8.82 133.51
C ASN U 98 34.03 -8.82 134.96
N GLU U 99 35.34 -8.93 135.16
CA GLU U 99 35.92 -8.95 136.50
C GLU U 99 36.72 -7.69 136.75
N THR U 100 36.64 -7.18 137.97
CA THR U 100 37.30 -5.93 138.33
C THR U 100 37.79 -6.04 139.77
N THR U 101 38.75 -5.18 140.12
CA THR U 101 39.31 -5.19 141.45
C THR U 101 38.33 -4.57 142.45
N PRO U 102 38.51 -4.85 143.74
CA PRO U 102 37.57 -4.29 144.74
C PRO U 102 37.51 -2.77 144.73
N SER U 103 38.61 -2.10 144.43
CA SER U 103 38.67 -0.64 144.45
C SER U 103 38.13 -0.01 143.17
N GLY U 104 37.40 -0.76 142.36
CA GLY U 104 36.84 -0.24 141.13
C GLY U 104 37.79 -0.26 139.95
N GLN U 105 39.05 -0.66 140.13
CA GLN U 105 39.97 -0.76 139.02
C GLN U 105 39.53 -1.86 138.08
N VAL U 106 39.53 -1.56 136.78
CA VAL U 106 39.15 -2.53 135.76
C VAL U 106 40.38 -3.33 135.37
N LYS U 107 40.24 -4.66 135.40
CA LYS U 107 41.37 -5.53 135.10
C LYS U 107 41.92 -5.24 133.71
N THR U 108 43.24 -5.16 133.62
CA THR U 108 43.93 -4.87 132.36
C THR U 108 45.22 -5.65 132.33
N TYR U 109 45.32 -6.59 131.38
CA TYR U 109 46.53 -7.39 131.19
C TYR U 109 47.38 -6.74 130.10
N GLU U 110 48.35 -5.94 130.51
CA GLU U 110 49.30 -5.34 129.57
C GLU U 110 50.31 -6.41 129.18
N TYR U 111 50.31 -6.80 127.91
CA TYR U 111 51.22 -7.83 127.42
C TYR U 111 52.58 -7.20 127.19
N SER U 112 53.58 -7.64 127.95
CA SER U 112 54.93 -7.09 127.84
C SER U 112 55.75 -7.74 126.72
N GLY U 113 55.08 -8.42 125.79
CA GLY U 113 55.76 -9.11 124.70
C GLY U 113 56.10 -10.55 124.99
N THR U 114 56.08 -10.96 126.26
CA THR U 114 56.34 -12.34 126.65
C THR U 114 55.33 -12.89 127.65
N ALA U 115 54.64 -12.05 128.41
CA ALA U 115 53.69 -12.51 129.40
C ALA U 115 52.63 -11.42 129.60
N TRP U 116 51.50 -11.83 130.16
CA TRP U 116 50.40 -10.91 130.45
C TRP U 116 50.67 -10.24 131.79
N VAL U 117 51.08 -8.97 131.73
CA VAL U 117 51.46 -8.21 132.92
C VAL U 117 50.28 -7.33 133.33
N GLU U 118 50.24 -7.00 134.62
CA GLU U 118 49.18 -6.13 135.14
C GLU U 118 49.51 -4.67 134.90
N LEU U 119 48.47 -3.86 134.76
CA LEU U 119 48.65 -2.43 134.59
C LEU U 119 49.28 -1.84 135.85
N VAL U 120 50.15 -0.84 135.65
CA VAL U 120 50.94 -0.25 136.72
C VAL U 120 50.80 1.26 136.67
N GLY U 121 51.01 1.89 137.81
CA GLY U 121 50.95 3.34 137.94
C GLY U 121 51.94 3.82 138.98
N GLY U 122 51.57 4.90 139.68
CA GLY U 122 52.40 5.45 140.73
C GLY U 122 52.99 6.80 140.36
N MET U 123 52.80 7.79 141.23
CA MET U 123 53.30 9.14 140.99
C MET U 123 54.30 9.61 142.04
N SER U 124 54.61 8.80 143.05
CA SER U 124 55.51 9.22 144.11
C SER U 124 56.41 8.06 144.50
N ASP U 125 57.70 8.35 144.65
CA ASP U 125 58.68 7.39 145.14
C ASP U 125 59.53 8.07 146.20
N ALA U 126 59.70 7.40 147.33
CA ALA U 126 60.45 7.98 148.43
C ALA U 126 61.88 8.25 147.99
N PRO U 127 62.42 9.44 148.26
CA PRO U 127 63.84 9.68 147.92
C PRO U 127 64.75 8.67 148.62
N SER U 128 65.79 8.25 147.90
CA SER U 128 66.73 7.26 148.41
C SER U 128 67.80 7.96 149.24
N ASP U 129 67.41 8.35 150.45
CA ASP U 129 68.30 9.04 151.38
C ASP U 129 68.21 8.47 152.79
N GLY U 130 67.64 7.27 152.94
CA GLY U 130 67.62 6.61 154.23
C GLY U 130 66.50 7.03 155.17
N LYS U 131 65.58 7.87 154.71
CA LYS U 131 64.46 8.34 155.53
C LYS U 131 63.17 7.68 155.08
N ALA U 132 62.35 7.29 156.05
CA ALA U 132 61.04 6.71 155.77
C ALA U 132 59.99 7.82 155.68
N TYR U 133 59.15 7.73 154.65
CA TYR U 133 58.15 8.75 154.38
C TYR U 133 56.75 8.15 154.40
N ALA U 134 55.79 8.91 154.91
CA ALA U 134 54.38 8.53 154.91
C ALA U 134 53.57 9.68 154.33
N ARG U 135 52.43 9.32 153.72
CA ARG U 135 51.58 10.33 153.11
C ARG U 135 51.03 11.28 154.16
N GLU U 136 50.98 12.57 153.82
CA GLU U 136 50.50 13.60 154.73
C GLU U 136 49.90 14.72 153.91
N SER U 137 48.57 14.83 153.94
CA SER U 137 47.85 15.89 153.23
C SER U 137 48.26 15.93 151.76
N GLY U 138 48.36 14.75 151.15
CA GLY U 138 48.73 14.64 149.76
C GLY U 138 50.21 14.73 149.48
N ALA U 139 51.05 14.74 150.51
CA ALA U 139 52.50 14.82 150.33
C ALA U 139 53.16 13.81 151.26
N TRP U 140 54.34 13.35 150.85
CA TRP U 140 55.10 12.37 151.62
C TRP U 140 56.02 13.10 152.60
N THR U 141 55.87 12.79 153.88
CA THR U 141 56.62 13.43 154.96
C THR U 141 57.52 12.40 155.62
N GLU U 142 58.76 12.79 155.90
CA GLU U 142 59.72 11.89 156.52
C GLU U 142 59.30 11.54 157.94
N LEU U 143 59.72 10.37 158.39
CA LEU U 143 59.41 9.86 159.73
C LEU U 143 60.68 9.78 160.57
N GLY U 144 60.47 9.74 161.89
CA GLY U 144 61.56 9.63 162.82
C GLY U 144 62.00 8.20 163.05
N SER U 145 63.07 8.06 163.84
CA SER U 145 63.60 6.74 164.15
C SER U 145 62.66 5.95 165.05
N ALA U 146 61.95 6.64 165.95
CA ALA U 146 61.09 5.95 166.90
C ALA U 146 59.98 5.16 166.22
N ALA U 147 59.62 5.51 164.98
CA ALA U 147 58.55 4.79 164.29
C ALA U 147 58.90 3.33 164.08
N LYS U 148 60.14 3.05 163.69
CA LYS U 148 60.55 1.68 163.41
C LYS U 148 60.63 0.85 164.69
N SER U 149 61.02 1.47 165.80
CA SER U 149 61.17 0.73 167.04
C SER U 149 59.83 0.25 167.57
N ALA U 150 59.85 -0.91 168.23
CA ALA U 150 58.66 -1.48 168.84
C ALA U 150 58.48 -0.87 170.24
N LEU U 151 57.55 -1.44 171.02
CA LEU U 151 57.29 -0.96 172.37
C LEU U 151 57.60 -1.97 173.46
N ASN U 152 57.80 -3.25 173.11
CA ASN U 152 58.10 -4.26 174.11
C ASN U 152 59.51 -4.14 174.68
N VAL U 153 60.34 -3.26 174.11
CA VAL U 153 61.74 -3.17 174.50
C VAL U 153 62.10 -1.87 175.21
N LEU U 154 61.27 -0.84 175.11
CA LEU U 154 61.62 0.45 175.69
C LEU U 154 61.76 0.32 177.21
N PRO U 155 62.85 0.82 177.81
CA PRO U 155 63.06 0.64 179.26
C PRO U 155 62.39 1.71 180.13
N PHE U 156 61.08 1.59 180.29
CA PHE U 156 60.35 2.46 181.20
C PHE U 156 60.55 2.01 182.64
N MET U 157 60.32 2.93 183.57
CA MET U 157 60.58 2.69 184.98
C MET U 157 59.30 2.31 185.72
N ASN U 158 59.43 1.35 186.64
CA ASN U 158 58.30 0.92 187.45
C ASN U 158 58.02 1.93 188.56
N LEU U 159 56.78 1.92 189.03
CA LEU U 159 56.35 2.77 190.14
C LEU U 159 56.36 2.03 191.47
N MET U 160 56.65 0.73 191.48
CA MET U 160 56.69 -0.04 192.71
C MET U 160 58.06 0.10 193.36
N PRO U 161 58.14 0.52 194.63
CA PRO U 161 59.46 0.65 195.26
C PRO U 161 60.09 -0.68 195.61
N ASP U 162 59.29 -1.71 195.89
CA ASP U 162 59.79 -3.01 196.33
C ASP U 162 59.82 -4.04 195.21
N MET U 163 59.54 -3.62 193.96
CA MET U 163 59.55 -4.48 192.79
C MET U 163 58.47 -5.55 192.82
N GLY U 164 57.59 -5.54 193.82
CA GLY U 164 56.66 -6.63 194.00
C GLY U 164 57.27 -7.87 194.63
N ARG U 165 58.55 -7.82 195.00
CA ARG U 165 59.21 -8.93 195.66
C ARG U 165 58.73 -9.13 197.09
N PHE U 166 57.93 -8.21 197.62
CA PHE U 166 57.45 -8.30 199.00
C PHE U 166 58.63 -8.40 199.96
N ALA U 167 59.68 -7.65 199.67
CA ALA U 167 60.90 -7.66 200.47
C ALA U 167 61.19 -6.32 201.14
N GLY U 168 60.36 -5.32 200.92
CA GLY U 168 60.59 -4.01 201.52
C GLY U 168 61.41 -3.11 200.63
N THR U 169 61.20 -1.80 200.79
CA THR U 169 61.94 -0.82 200.00
C THR U 169 63.43 -0.82 200.32
N ALA U 170 63.80 -1.26 201.53
CA ALA U 170 65.22 -1.28 201.89
C ALA U 170 66.01 -2.23 201.00
N ALA U 171 65.37 -3.27 200.48
CA ALA U 171 66.06 -4.21 199.61
C ALA U 171 66.48 -3.52 198.32
N ASN U 172 67.68 -3.85 197.85
CA ASN U 172 68.20 -3.26 196.63
C ASN U 172 67.58 -3.96 195.42
N PRO U 173 66.82 -3.25 194.57
CA PRO U 173 66.31 -3.91 193.35
C PRO U 173 67.38 -4.19 192.32
N LEU U 174 68.56 -3.58 192.44
CA LEU U 174 69.64 -3.77 191.47
C LEU U 174 70.41 -5.06 191.70
N ALA U 175 70.18 -5.75 192.82
CA ALA U 175 70.89 -6.97 193.15
C ALA U 175 70.07 -8.19 192.76
N THR U 176 70.72 -9.18 192.15
CA THR U 176 70.03 -10.40 191.78
C THR U 176 69.50 -11.13 193.00
N MET U 177 70.28 -11.17 194.07
CA MET U 177 69.94 -11.89 195.29
C MET U 177 69.71 -10.91 196.43
N PHE U 178 68.77 -11.26 197.31
CA PHE U 178 68.49 -10.50 198.51
C PHE U 178 68.38 -11.45 199.70
N THR U 179 68.73 -10.94 200.89
CA THR U 179 68.70 -11.73 202.11
C THR U 179 67.55 -11.36 203.04
N THR U 180 66.88 -10.23 202.80
CA THR U 180 65.80 -9.81 203.68
C THR U 180 64.62 -10.76 203.58
N SER U 181 63.87 -10.85 204.68
CA SER U 181 62.74 -11.76 204.76
C SER U 181 61.52 -11.16 204.04
N TRP U 182 60.42 -11.90 204.06
CA TRP U 182 59.20 -11.44 203.42
C TRP U 182 58.67 -10.18 204.09
N THR U 183 58.08 -9.30 203.29
CA THR U 183 57.57 -8.02 203.78
C THR U 183 56.32 -7.66 202.97
N PRO U 184 55.23 -7.26 203.63
CA PRO U 184 54.04 -6.88 202.87
C PRO U 184 54.29 -5.62 202.04
N SER U 185 53.56 -5.53 200.93
CA SER U 185 53.68 -4.43 199.99
C SER U 185 52.47 -3.51 200.14
N SER U 186 52.74 -2.20 200.30
CA SER U 186 51.66 -1.24 200.43
C SER U 186 50.80 -1.13 199.18
N PHE U 187 51.36 -1.47 198.01
CA PHE U 187 50.61 -1.35 196.77
C PHE U 187 49.42 -2.31 196.71
N LEU U 188 49.43 -3.36 197.51
CA LEU U 188 48.33 -4.34 197.56
C LEU U 188 47.75 -4.31 198.96
N ASN U 189 46.62 -3.63 199.11
CA ASN U 189 45.94 -3.52 200.39
C ASN U 189 44.69 -4.39 200.39
N GLY U 190 44.56 -5.23 201.41
CA GLY U 190 43.42 -6.11 201.48
C GLY U 190 42.11 -5.34 201.58
N TRP U 191 41.08 -5.89 200.96
CA TRP U 191 39.75 -5.29 200.96
C TRP U 191 38.71 -6.35 201.31
N ASN U 192 37.60 -5.89 201.90
CA ASN U 192 36.52 -6.77 202.33
C ASN U 192 37.05 -7.86 203.27
N GLY U 193 38.01 -7.48 204.11
CA GLY U 193 38.60 -8.42 205.05
C GLY U 193 39.56 -9.42 204.46
N ALA U 194 39.99 -9.20 203.22
CA ALA U 194 40.91 -10.14 202.58
C ALA U 194 42.23 -10.20 203.35
N THR U 195 42.80 -11.39 203.43
CA THR U 195 44.07 -11.63 204.10
C THR U 195 45.12 -12.01 203.08
N VAL U 196 46.31 -11.43 203.19
CA VAL U 196 47.43 -11.69 202.29
C VAL U 196 48.52 -12.38 203.09
N ALA U 197 49.01 -13.51 202.57
CA ALA U 197 50.03 -14.30 203.25
C ALA U 197 51.08 -14.72 202.23
N ASP U 198 52.28 -14.98 202.75
CA ASP U 198 53.37 -15.44 201.89
C ASP U 198 53.03 -16.78 201.26
N GLY U 199 53.36 -16.93 199.99
CA GLY U 199 53.04 -18.14 199.25
C GLY U 199 54.26 -18.96 198.88
N GLY U 200 55.38 -18.29 198.63
CA GLY U 200 56.59 -18.99 198.26
C GLY U 200 57.68 -18.02 197.87
N LYS U 201 58.81 -18.59 197.47
CA LYS U 201 59.98 -17.81 197.09
C LYS U 201 60.84 -18.62 196.14
N PHE U 202 61.46 -17.93 195.19
CA PHE U 202 62.42 -18.53 194.27
C PHE U 202 63.82 -18.06 194.67
N ALA U 203 64.74 -19.00 194.83
CA ALA U 203 66.06 -18.73 195.36
C ALA U 203 67.13 -18.90 194.29
N PHE U 204 68.09 -17.99 194.28
CA PHE U 204 69.23 -18.12 193.38
C PHE U 204 70.02 -19.37 193.71
N ASP U 205 70.43 -20.10 192.68
CA ASP U 205 71.17 -21.35 192.84
C ASP U 205 70.36 -22.35 193.68
N ASN U 206 69.10 -22.50 193.34
CA ASN U 206 68.21 -23.38 194.10
C ASN U 206 68.64 -24.83 193.95
N SER U 207 68.35 -25.63 194.99
CA SER U 207 68.73 -27.03 195.01
C SER U 207 67.80 -27.93 194.21
N THR U 208 66.63 -27.42 193.79
CA THR U 208 65.72 -28.24 193.01
C THR U 208 66.35 -28.66 191.68
N ASN U 209 67.26 -27.85 191.15
CA ASN U 209 67.91 -28.11 189.87
C ASN U 209 69.38 -28.51 190.06
N GLY U 210 69.69 -29.21 191.14
CA GLY U 210 71.03 -29.71 191.37
C GLY U 210 71.94 -28.80 192.16
N GLY U 211 71.42 -27.80 192.83
CA GLY U 211 72.20 -26.87 193.62
C GLY U 211 72.20 -27.21 195.09
N ALA U 212 72.43 -26.18 195.92
CA ALA U 212 72.45 -26.35 197.36
C ALA U 212 71.55 -25.36 198.10
N GLY U 213 70.79 -24.54 197.37
CA GLY U 213 69.94 -23.55 198.00
C GLY U 213 68.56 -24.09 198.32
N PRO U 214 67.66 -23.21 198.73
CA PRO U 214 66.30 -23.65 199.06
C PRO U 214 65.59 -24.28 197.87
N ALA U 215 64.74 -25.25 198.15
CA ALA U 215 63.97 -25.93 197.12
C ALA U 215 62.80 -25.06 196.67
N LEU U 216 62.16 -25.47 195.58
CA LEU U 216 61.04 -24.77 194.99
C LEU U 216 59.77 -25.57 195.16
N ASN U 217 58.68 -24.89 195.52
CA ASN U 217 57.40 -25.54 195.74
C ASN U 217 56.59 -25.58 194.45
N ALA U 218 55.50 -26.35 194.48
CA ALA U 218 54.74 -26.64 193.26
C ALA U 218 54.34 -25.37 192.53
N ARG U 219 53.97 -24.32 193.27
CA ARG U 219 53.55 -23.08 192.64
C ARG U 219 54.67 -22.50 191.78
N VAL U 220 55.91 -22.60 192.25
CA VAL U 220 57.04 -22.04 191.51
C VAL U 220 57.25 -22.80 190.20
N GLN U 221 57.18 -24.14 190.24
CA GLN U 221 57.31 -24.89 188.99
C GLN U 221 56.16 -24.57 188.04
N ALA U 222 54.95 -24.42 188.56
CA ALA U 222 53.82 -24.06 187.70
C ALA U 222 54.06 -22.71 187.02
N LEU U 223 54.51 -21.73 187.79
CA LEU U 223 54.80 -20.41 187.22
C LEU U 223 55.89 -20.49 186.17
N LEU U 224 56.97 -21.22 186.46
CA LEU U 224 58.08 -21.31 185.52
C LEU U 224 57.66 -22.01 184.23
N ALA U 225 56.87 -23.08 184.35
CA ALA U 225 56.36 -23.74 183.15
C ALA U 225 55.47 -22.81 182.36
N ALA U 226 54.61 -22.04 183.04
CA ALA U 226 53.83 -21.03 182.34
C ALA U 226 54.73 -19.98 181.72
N MET U 227 55.78 -19.56 182.44
CA MET U 227 56.72 -18.58 181.92
C MET U 227 57.50 -19.10 180.74
N GLY U 228 57.61 -20.42 180.58
CA GLY U 228 58.43 -21.01 179.54
C GLY U 228 59.89 -21.15 179.91
N ARG U 229 60.29 -20.75 181.11
CA ARG U 229 61.68 -20.86 181.56
C ARG U 229 61.90 -22.28 182.07
N THR U 230 62.03 -23.21 181.12
CA THR U 230 62.26 -24.61 181.43
C THR U 230 63.73 -25.01 181.30
N TRP U 231 64.53 -24.25 180.54
CA TRP U 231 65.93 -24.58 180.38
C TRP U 231 66.71 -24.27 181.65
N THR U 232 67.86 -24.95 181.79
CA THR U 232 68.67 -24.77 182.99
C THR U 232 69.15 -23.32 183.11
N SER U 233 69.56 -22.72 182.00
CA SER U 233 70.09 -21.36 182.05
C SER U 233 69.05 -20.37 182.56
N VAL U 234 67.77 -20.67 182.37
CA VAL U 234 66.70 -19.77 182.79
C VAL U 234 65.83 -20.36 183.89
N SER U 235 65.87 -21.67 184.14
CA SER U 235 65.10 -22.29 185.20
C SER U 235 65.91 -22.53 186.46
N ARG U 236 67.17 -22.94 186.32
CA ARG U 236 68.05 -23.16 187.47
C ARG U 236 68.66 -21.86 187.98
N TYR U 237 68.58 -20.77 187.22
CA TYR U 237 69.11 -19.47 187.63
C TYR U 237 68.03 -18.42 187.45
N GLY U 238 68.15 -17.34 188.22
CA GLY U 238 67.20 -16.26 188.13
C GLY U 238 67.32 -15.33 189.32
N VAL U 239 66.47 -14.32 189.31
CA VAL U 239 66.42 -13.31 190.37
C VAL U 239 65.45 -13.78 191.45
N GLU U 240 65.76 -13.42 192.69
CA GLU U 240 64.95 -13.84 193.83
C GLU U 240 63.73 -12.93 193.97
N PHE U 241 62.65 -13.51 194.51
CA PHE U 241 61.43 -12.76 194.79
C PHE U 241 60.48 -13.68 195.54
N PHE U 242 59.58 -13.07 196.30
CA PHE U 242 58.57 -13.80 197.06
C PHE U 242 57.26 -13.86 196.29
N THR U 243 56.38 -14.76 196.73
CA THR U 243 55.02 -14.87 196.22
C THR U 243 54.06 -14.87 197.39
N ALA U 244 52.87 -14.33 197.16
CA ALA U 244 51.85 -14.22 198.20
C ALA U 244 50.51 -14.70 197.68
N VAL U 245 49.68 -15.20 198.59
CA VAL U 245 48.34 -15.69 198.28
C VAL U 245 47.34 -14.88 199.09
N LEU U 246 46.34 -14.33 198.40
CA LEU U 246 45.31 -13.53 199.04
C LEU U 246 44.04 -14.35 199.18
N THR U 247 43.49 -14.39 200.38
CA THR U 247 42.24 -15.09 200.66
C THR U 247 41.12 -14.07 200.80
N ALA U 248 40.08 -14.21 199.97
CA ALA U 248 38.97 -13.28 200.03
C ALA U 248 38.29 -13.35 201.40
N GLY U 249 37.97 -12.19 201.94
CA GLY U 249 37.33 -12.10 203.24
C GLY U 249 35.84 -12.40 203.18
N SER U 250 35.22 -12.37 204.35
CA SER U 250 33.79 -12.66 204.46
C SER U 250 32.91 -11.45 204.19
N GLN U 251 33.49 -10.25 204.08
CA GLN U 251 32.70 -9.06 203.82
C GLN U 251 32.13 -9.11 202.40
N THR U 252 30.99 -8.43 202.21
CA THR U 252 30.24 -8.44 200.96
C THR U 252 29.94 -7.02 200.51
N THR U 253 30.96 -6.17 200.51
CA THR U 253 30.82 -4.79 200.08
C THR U 253 31.36 -4.63 198.65
N THR U 254 30.80 -3.65 197.94
CA THR U 254 31.18 -3.37 196.56
C THR U 254 30.93 -4.58 195.66
N GLY U 255 29.65 -4.95 195.57
CA GLY U 255 29.27 -6.08 194.75
C GLY U 255 29.45 -5.80 193.27
N SER U 256 29.65 -6.88 192.52
CA SER U 256 29.84 -6.79 191.08
C SER U 256 29.60 -8.16 190.47
N ALA U 257 29.20 -8.15 189.19
CA ALA U 257 28.92 -9.37 188.44
C ALA U 257 29.82 -9.43 187.21
N GLY U 258 30.28 -10.63 186.88
CA GLY U 258 31.14 -10.84 185.74
C GLY U 258 30.37 -11.13 184.48
N ALA U 259 31.10 -11.53 183.44
CA ALA U 259 30.48 -11.82 182.15
C ALA U 259 29.53 -13.01 182.26
N ASP U 260 29.79 -13.93 183.17
CA ASP U 260 28.95 -15.10 183.37
C ASP U 260 27.76 -14.82 184.29
N GLY U 261 27.65 -13.60 184.82
CA GLY U 261 26.55 -13.25 185.69
C GLY U 261 26.71 -13.69 187.13
N VAL U 262 27.89 -14.13 187.53
CA VAL U 262 28.14 -14.56 188.90
C VAL U 262 28.61 -13.36 189.71
N THR U 263 27.90 -13.04 190.78
CA THR U 263 28.24 -11.89 191.59
C THR U 263 29.51 -12.16 192.41
N ARG U 264 30.32 -11.11 192.56
CA ARG U 264 31.55 -11.20 193.33
C ARG U 264 31.83 -9.85 193.95
N TYR U 265 32.79 -9.82 194.87
CA TYR U 265 33.12 -8.62 195.63
C TYR U 265 34.61 -8.34 195.56
N LEU U 266 34.96 -7.07 195.67
CA LEU U 266 36.37 -6.67 195.62
C LEU U 266 37.12 -7.26 196.80
N CYS U 267 38.36 -7.71 196.53
CA CYS U 267 39.18 -8.36 197.54
C CYS U 267 40.47 -7.61 197.85
N CYS U 268 40.87 -6.63 197.04
CA CYS U 268 42.10 -5.90 197.28
C CYS U 268 41.95 -4.48 196.75
N SER U 269 42.79 -3.59 197.26
CA SER U 269 42.81 -2.20 196.84
C SER U 269 44.25 -1.70 196.87
N ASN U 270 44.50 -0.64 196.10
CA ASN U 270 45.83 -0.08 195.97
C ASN U 270 46.12 1.00 197.01
N GLY U 271 45.15 1.35 197.86
CA GLY U 271 45.34 2.41 198.81
C GLY U 271 45.29 3.80 198.20
N SER U 272 44.62 3.95 197.06
CA SER U 272 44.46 5.24 196.39
C SER U 272 45.82 5.81 195.99
N LYS U 273 46.52 5.06 195.16
CA LYS U 273 47.81 5.49 194.63
C LYS U 273 47.60 6.58 193.59
N THR U 274 48.55 7.53 193.55
CA THR U 274 48.49 8.65 192.62
C THR U 274 49.20 8.24 191.33
N VAL U 275 48.49 7.49 190.50
CA VAL U 275 49.03 6.98 189.24
C VAL U 275 48.32 7.55 188.03
N PHE U 276 47.09 8.04 188.16
CA PHE U 276 46.34 8.57 187.03
C PHE U 276 46.74 10.02 186.79
N ASN U 277 47.94 10.18 186.25
CA ASN U 277 48.52 11.51 186.01
C ASN U 277 48.79 11.77 184.54
N ALA U 278 49.34 10.80 183.80
CA ALA U 278 49.66 10.98 182.38
C ALA U 278 48.37 10.87 181.59
N GLY U 279 47.71 12.01 181.40
CA GLY U 279 46.44 12.02 180.67
C GLY U 279 45.39 11.13 181.26
N GLY U 280 45.46 10.85 182.56
CA GLY U 280 44.54 9.91 183.18
C GLY U 280 44.77 8.47 182.81
N TRP U 281 45.82 8.18 182.04
CA TRP U 281 46.09 6.82 181.59
C TRP U 281 46.84 6.03 182.66
N ALA U 282 46.57 4.73 182.70
CA ALA U 282 47.21 3.84 183.66
C ALA U 282 47.42 2.49 183.01
N THR U 283 48.33 1.71 183.59
CA THR U 283 48.64 0.38 183.10
C THR U 283 49.04 -0.50 184.27
N VAL U 284 48.41 -1.67 184.37
CA VAL U 284 48.72 -2.64 185.42
C VAL U 284 49.00 -3.98 184.76
N VAL U 285 50.14 -4.58 185.10
CA VAL U 285 50.54 -5.87 184.59
C VAL U 285 50.94 -6.74 185.78
N MET U 286 50.39 -7.95 185.85
CA MET U 286 50.65 -8.84 186.97
C MET U 286 50.30 -10.26 186.58
N TRP U 287 51.03 -11.21 187.16
CA TRP U 287 50.84 -12.63 186.94
C TRP U 287 50.04 -13.22 188.10
N LEU U 288 49.03 -14.02 187.79
CA LEU U 288 48.19 -14.61 188.83
C LEU U 288 47.74 -16.00 188.41
N ARG U 289 47.35 -16.79 189.40
CA ARG U 289 46.81 -18.13 189.19
C ARG U 289 45.76 -18.39 190.26
N VAL U 290 44.66 -19.01 189.86
CA VAL U 290 43.54 -19.28 190.76
C VAL U 290 43.74 -20.66 191.39
N GLU U 291 43.87 -20.69 192.72
CA GLU U 291 43.99 -21.95 193.43
C GLU U 291 42.65 -22.47 193.93
N SER U 292 41.67 -21.58 194.14
CA SER U 292 40.34 -22.00 194.56
C SER U 292 39.36 -20.89 194.20
N GLY U 293 38.08 -21.26 194.15
CA GLY U 293 37.06 -20.29 193.84
C GLY U 293 37.11 -19.83 192.40
N SER U 294 36.45 -18.70 192.14
CA SER U 294 36.39 -18.12 190.81
C SER U 294 36.51 -16.61 190.93
N ALA U 295 36.94 -15.98 189.83
CA ALA U 295 37.10 -14.54 189.79
C ALA U 295 36.93 -14.06 188.36
N HIS U 296 36.68 -12.76 188.22
CA HIS U 296 36.52 -12.13 186.91
C HIS U 296 37.14 -10.75 186.96
N ILE U 297 37.09 -10.05 185.84
CA ILE U 297 37.76 -8.75 185.67
C ILE U 297 36.69 -7.67 185.50
N SER U 298 36.85 -6.57 186.22
CA SER U 298 35.93 -5.44 186.12
C SER U 298 34.52 -5.84 186.54
N SER U 299 33.55 -5.00 186.25
CA SER U 299 32.13 -5.31 186.47
C SER U 299 31.35 -5.38 185.17
N ALA U 300 31.47 -4.34 184.35
CA ALA U 300 30.85 -4.31 183.03
C ALA U 300 31.57 -3.28 182.19
N PRO U 301 31.49 -3.37 180.85
CA PRO U 301 32.17 -2.38 180.02
C PRO U 301 31.79 -0.95 180.40
N TYR U 302 32.76 -0.20 180.93
CA TYR U 302 32.56 1.18 181.36
C TYR U 302 33.69 2.05 180.83
N THR U 303 33.32 3.21 180.30
CA THR U 303 34.31 4.15 179.77
C THR U 303 35.13 3.41 178.71
N THR U 304 36.42 3.74 178.62
CA THR U 304 37.34 3.06 177.72
C THR U 304 38.06 1.94 178.46
N HIS U 305 38.28 0.82 177.77
CA HIS U 305 38.98 -0.31 178.40
C HIS U 305 39.53 -1.22 177.32
N ARG U 306 40.53 -2.01 177.71
CA ARG U 306 41.15 -2.98 176.80
C ARG U 306 41.97 -3.93 177.66
N LEU U 307 41.66 -5.22 177.58
CA LEU U 307 42.34 -6.25 178.37
C LEU U 307 43.04 -7.23 177.45
N TRP U 308 44.31 -7.50 177.74
CA TRP U 308 45.09 -8.50 177.01
C TRP U 308 45.41 -9.66 177.94
N ILE U 309 45.08 -10.87 177.51
CA ILE U 309 45.37 -12.09 178.25
C ILE U 309 46.45 -12.85 177.49
N ASN U 310 47.68 -12.80 178.00
CA ASN U 310 48.81 -13.44 177.35
C ASN U 310 48.95 -12.93 175.92
N GLY U 311 48.76 -11.63 175.72
CA GLY U 311 48.83 -11.03 174.42
C GLY U 311 47.57 -11.12 173.59
N ALA U 312 46.49 -11.69 174.13
CA ALA U 312 45.23 -11.83 173.42
C ALA U 312 44.20 -10.90 174.04
N VAL U 313 43.53 -10.11 173.20
CA VAL U 313 42.56 -9.15 173.71
C VAL U 313 41.43 -9.89 174.43
N ALA U 314 40.92 -9.28 175.49
CA ALA U 314 39.85 -9.86 176.29
C ALA U 314 38.85 -8.77 176.66
N ALA U 315 37.63 -9.20 176.96
CA ALA U 315 36.54 -8.32 177.31
C ALA U 315 36.29 -8.35 178.81
N PRO U 316 35.64 -7.31 179.36
CA PRO U 316 35.37 -7.29 180.80
C PRO U 316 34.50 -8.46 181.23
N GLY U 317 34.74 -8.93 182.44
CA GLY U 317 33.94 -10.00 183.03
C GLY U 317 34.37 -11.39 182.67
N VAL U 318 35.41 -11.56 181.85
CA VAL U 318 35.85 -12.89 181.46
C VAL U 318 36.32 -13.64 182.69
N VAL U 319 35.77 -14.84 182.89
CA VAL U 319 36.14 -15.68 184.03
C VAL U 319 37.43 -16.41 183.68
N LEU U 320 38.52 -16.04 184.34
CA LEU U 320 39.80 -16.67 184.05
C LEU U 320 39.74 -18.15 184.40
N PRO U 321 40.37 -19.01 183.60
CA PRO U 321 40.36 -20.45 183.93
C PRO U 321 41.06 -20.70 185.27
N ALA U 322 40.56 -21.69 186.00
CA ALA U 322 41.07 -21.97 187.33
C ALA U 322 42.36 -22.77 187.26
N ASN U 323 43.33 -22.36 188.09
CA ASN U 323 44.61 -23.05 188.21
C ASN U 323 45.46 -22.93 186.94
N GLN U 324 45.50 -21.72 186.37
CA GLN U 324 46.37 -21.42 185.24
C GLN U 324 46.94 -20.03 185.41
N TRP U 325 48.16 -19.84 184.89
CA TRP U 325 48.84 -18.56 184.94
C TRP U 325 48.46 -17.73 183.73
N VAL U 326 48.00 -16.50 183.97
CA VAL U 326 47.51 -15.61 182.92
C VAL U 326 48.21 -14.26 183.05
N HIS U 327 48.65 -13.73 181.93
CA HIS U 327 49.28 -12.41 181.87
C HIS U 327 48.22 -11.39 181.50
N LEU U 328 47.93 -10.48 182.42
CA LEU U 328 46.90 -9.46 182.24
C LEU U 328 47.54 -8.10 182.06
N ARG U 329 46.92 -7.26 181.23
CA ARG U 329 47.37 -5.88 181.01
C ARG U 329 46.12 -5.02 180.84
N PHE U 330 45.68 -4.42 181.94
CA PHE U 330 44.48 -3.58 181.96
C PHE U 330 44.92 -2.12 181.89
N SER U 331 44.59 -1.45 180.79
CA SER U 331 44.91 -0.05 180.59
C SER U 331 43.62 0.74 180.42
N MET U 332 43.50 1.84 181.16
CA MET U 332 42.30 2.67 181.09
C MET U 332 42.68 4.12 181.39
N GLN U 333 41.83 5.02 180.92
CA GLN U 333 41.98 6.45 181.15
C GLN U 333 40.97 6.91 182.18
N SER U 334 41.45 7.70 183.15
CA SER U 334 40.57 8.32 184.14
C SER U 334 41.20 9.64 184.56
N TYR U 335 40.47 10.73 184.32
CA TYR U 335 40.97 12.07 184.60
C TYR U 335 40.78 12.49 186.05
N ASN U 336 40.17 11.63 186.88
CA ASN U 336 39.95 11.98 188.27
C ASN U 336 41.26 12.26 189.00
N GLY U 337 42.34 11.59 188.59
CA GLY U 337 43.64 11.79 189.19
C GLY U 337 44.06 10.75 190.19
N TYR U 338 43.15 9.85 190.59
CA TYR U 338 43.48 8.83 191.58
C TYR U 338 42.35 7.80 191.58
N ASP U 339 42.62 6.67 192.23
CA ASP U 339 41.61 5.63 192.43
C ASP U 339 42.18 4.59 193.38
N ASN U 340 41.33 4.07 194.27
CA ASN U 340 41.75 3.05 195.22
C ASN U 340 41.46 1.65 194.72
N ALA U 341 40.40 1.47 193.95
CA ALA U 341 40.02 0.16 193.40
C ALA U 341 40.36 0.06 191.92
N CYS U 342 41.50 0.61 191.51
CA CYS U 342 41.89 0.60 190.11
C CYS U 342 41.82 -0.79 189.46
N PRO U 343 42.29 -1.86 190.11
CA PRO U 343 42.22 -3.17 189.43
C PRO U 343 40.82 -3.59 189.03
N TYR U 344 39.80 -3.21 189.80
CA TYR U 344 38.42 -3.58 189.50
C TYR U 344 38.27 -5.09 189.39
N ILE U 345 38.99 -5.82 190.24
CA ILE U 345 38.99 -7.28 190.24
C ILE U 345 38.15 -7.76 191.40
N TYR U 346 37.15 -8.58 191.10
CA TYR U 346 36.23 -9.13 192.09
C TYR U 346 36.36 -10.65 192.10
N ALA U 347 36.53 -11.22 193.29
CA ALA U 347 36.72 -12.65 193.45
C ALA U 347 35.70 -13.19 194.46
N SER U 348 35.31 -14.45 194.27
CA SER U 348 34.34 -15.07 195.14
C SER U 348 34.92 -15.24 196.54
N ALA U 349 34.04 -15.21 197.54
CA ALA U 349 34.48 -15.37 198.93
C ALA U 349 35.15 -16.72 199.12
N GLY U 350 36.27 -16.73 199.82
CA GLY U 350 37.03 -17.94 200.05
C GLY U 350 37.93 -18.35 198.93
N ALA U 351 37.96 -17.61 197.82
CA ALA U 351 38.81 -17.97 196.69
C ALA U 351 40.26 -17.71 197.04
N GLN U 352 41.12 -18.68 196.75
CA GLN U 352 42.56 -18.55 196.96
C GLN U 352 43.19 -18.15 195.63
N ILE U 353 43.69 -16.93 195.57
CA ILE U 353 44.29 -16.37 194.35
C ILE U 353 45.79 -16.24 194.58
N ALA U 354 46.58 -16.81 193.67
CA ALA U 354 48.02 -16.71 193.70
C ALA U 354 48.47 -15.62 192.73
N PHE U 355 49.47 -14.85 193.12
CA PHE U 355 49.97 -13.75 192.31
C PHE U 355 51.44 -13.53 192.59
N ALA U 356 52.17 -13.07 191.57
CA ALA U 356 53.59 -12.82 191.70
C ALA U 356 54.00 -11.77 190.69
N CYS U 357 55.05 -11.02 191.03
CA CYS U 357 55.63 -10.00 190.16
C CYS U 357 54.59 -9.05 189.58
N PRO U 358 53.86 -8.31 190.42
CA PRO U 358 53.00 -7.24 189.91
C PRO U 358 53.84 -6.12 189.32
N ALA U 359 53.26 -5.40 188.36
CA ALA U 359 53.95 -4.29 187.70
C ALA U 359 52.92 -3.25 187.28
N TRP U 360 53.13 -2.01 187.72
CA TRP U 360 52.26 -0.91 187.39
C TRP U 360 53.05 0.19 186.69
N PHE U 361 52.38 0.94 185.82
CA PHE U 361 52.99 2.04 185.10
C PHE U 361 52.05 3.23 185.10
N GLY U 362 52.62 4.41 184.89
CA GLY U 362 51.88 5.65 184.92
C GLY U 362 51.17 5.99 183.63
N GLY U 363 51.20 5.11 182.64
CA GLY U 363 50.53 5.37 181.38
C GLY U 363 50.58 4.16 180.49
N LEU U 364 49.91 4.28 179.34
CA LEU U 364 49.86 3.20 178.36
C LEU U 364 51.26 2.77 177.95
N VAL U 365 51.61 1.52 178.25
CA VAL U 365 52.87 0.94 177.81
C VAL U 365 52.60 -0.50 177.37
N ASP U 366 53.46 -1.00 176.49
CA ASP U 366 53.31 -2.33 175.90
C ASP U 366 54.64 -3.07 176.06
N PRO U 367 54.96 -3.53 177.28
CA PRO U 367 56.19 -4.29 177.48
C PRO U 367 56.08 -5.76 177.10
N GLY U 368 54.96 -6.19 176.54
CA GLY U 368 54.80 -7.59 176.21
C GLY U 368 54.58 -8.43 177.46
N ILE U 369 54.86 -9.72 177.33
CA ILE U 369 54.73 -10.67 178.44
C ILE U 369 56.04 -10.60 179.23
N HIS U 370 56.04 -9.83 180.31
CA HIS U 370 57.24 -9.64 181.10
C HIS U 370 57.59 -10.92 181.87
N VAL U 371 58.86 -11.03 182.25
CA VAL U 371 59.34 -12.16 183.05
C VAL U 371 59.78 -11.74 184.44
N ALA U 372 60.02 -10.46 184.68
CA ALA U 372 60.44 -9.98 186.00
C ALA U 372 59.93 -8.57 186.18
N PRO U 373 59.78 -8.11 187.43
CA PRO U 373 59.30 -6.75 187.65
C PRO U 373 60.26 -5.72 187.09
N ILE U 374 59.70 -4.62 186.60
CA ILE U 374 60.52 -3.56 186.01
C ILE U 374 61.22 -2.79 187.13
N LEU U 375 62.47 -2.40 186.87
CA LEU U 375 63.32 -1.84 187.91
C LEU U 375 63.05 -0.34 188.11
N THR U 376 63.61 0.18 189.20
CA THR U 376 63.55 1.60 189.53
C THR U 376 64.84 1.96 190.27
N ILE U 377 64.88 3.18 190.81
CA ILE U 377 66.03 3.65 191.57
C ILE U 377 65.53 4.24 192.89
N ASN U 378 66.24 3.90 193.97
CA ASN U 378 65.90 4.41 195.29
C ASN U 378 67.20 4.57 196.09
N GLY U 379 67.05 4.96 197.35
CA GLY U 379 68.22 5.13 198.20
C GLY U 379 68.99 3.84 198.41
N ALA U 380 68.29 2.71 198.46
CA ALA U 380 68.91 1.41 198.65
C ALA U 380 69.30 0.74 197.34
N SER U 381 69.10 1.40 196.20
CA SER U 381 69.43 0.81 194.91
C SER U 381 70.94 0.65 194.71
N ALA U 382 71.77 1.36 195.48
CA ALA U 382 73.21 1.26 195.33
C ALA U 382 73.73 -0.02 195.96
N GLY V 10 41.56 20.51 115.14
CA GLY V 10 40.56 20.08 114.19
C GLY V 10 41.07 20.02 112.77
N LEU V 11 40.97 18.84 112.16
CA LEU V 11 41.41 18.64 110.78
C LEU V 11 40.62 17.48 110.19
N LEU V 12 40.66 17.39 108.86
CA LEU V 12 39.90 16.37 108.16
C LEU V 12 40.61 16.01 106.86
N ILE V 13 40.24 14.85 106.32
CA ILE V 13 40.77 14.35 105.05
C ILE V 13 39.60 13.96 104.16
N ASN V 14 38.45 14.59 104.40
CA ASN V 14 37.21 14.18 103.76
C ASN V 14 37.05 14.81 102.38
N GLY V 15 36.11 14.27 101.61
CA GLY V 15 35.66 14.87 100.37
C GLY V 15 36.74 15.13 99.34
N LEU V 16 37.53 14.10 99.03
CA LEU V 16 38.50 14.23 97.95
C LEU V 16 37.84 13.94 96.60
N PRO V 17 38.38 14.47 95.51
CA PRO V 17 37.86 14.08 94.19
C PRO V 17 38.05 12.59 93.96
N GLY V 18 36.95 11.90 93.63
CA GLY V 18 36.99 10.47 93.49
C GLY V 18 38.05 9.96 92.54
N GLU V 19 38.55 10.82 91.64
CA GLU V 19 39.57 10.38 90.70
C GLU V 19 40.82 9.92 91.42
N GLY V 20 41.24 10.63 92.46
CA GLY V 20 42.47 10.31 93.17
C GLY V 20 42.26 9.52 94.44
N HIS V 21 41.09 8.88 94.58
CA HIS V 21 40.80 8.17 95.82
C HIS V 21 41.77 7.02 96.08
N TYR V 22 42.45 6.53 95.04
CA TYR V 22 43.38 5.41 95.25
C TYR V 22 44.51 5.78 96.18
N SER V 23 45.09 6.97 96.00
CA SER V 23 46.20 7.39 96.84
C SER V 23 45.79 7.42 98.30
N ASP V 24 44.67 8.07 98.61
CA ASP V 24 44.25 8.19 100.00
C ASP V 24 43.69 6.88 100.54
N LEU V 25 43.24 5.98 99.67
CA LEU V 25 42.83 4.66 100.17
C LEU V 25 44.05 3.84 100.57
N ILE V 26 45.10 3.86 99.76
CA ILE V 26 46.34 3.21 100.16
C ILE V 26 46.89 3.86 101.42
N ARG V 27 46.73 5.18 101.53
CA ARG V 27 47.08 5.93 102.72
C ARG V 27 46.39 5.36 103.95
N MET V 28 45.05 5.41 103.96
CA MET V 28 44.31 4.91 105.10
C MET V 28 44.60 3.44 105.35
N TRP V 29 44.89 2.66 104.30
CA TRP V 29 45.27 1.28 104.50
C TRP V 29 46.54 1.17 105.32
N ARG V 30 47.57 1.95 104.96
CA ARG V 30 48.82 1.91 105.68
C ARG V 30 48.64 2.37 107.13
N TRP V 31 47.86 3.43 107.33
CA TRP V 31 47.63 3.92 108.69
C TRP V 31 46.88 2.89 109.53
N ASP V 32 45.84 2.28 108.95
CA ASP V 32 45.12 1.23 109.68
C ASP V 32 46.03 0.07 110.02
N ASP V 33 46.88 -0.33 109.08
CA ASP V 33 47.83 -1.40 109.35
C ASP V 33 48.75 -1.03 110.52
N PHE V 34 49.20 0.23 110.56
CA PHE V 34 50.07 0.66 111.64
C PHE V 34 49.34 0.76 112.97
N LEU V 35 48.03 1.00 112.95
CA LEU V 35 47.31 1.22 114.21
C LEU V 35 47.18 -0.04 115.06
N ARG V 36 47.82 -1.18 114.77
CA ARG V 36 47.69 -2.33 115.65
C ARG V 36 48.23 -2.00 117.05
N GLN V 37 49.38 -1.35 117.11
CA GLN V 37 49.97 -0.92 118.38
C GLN V 37 50.84 0.31 118.14
N PRO V 38 50.45 1.49 118.66
CA PRO V 38 51.26 2.69 118.43
C PRO V 38 52.52 2.70 119.28
N VAL V 39 53.57 2.03 118.80
CA VAL V 39 54.82 1.87 119.52
C VAL V 39 55.94 2.57 118.76
N VAL V 40 56.80 3.26 119.49
CA VAL V 40 57.97 3.92 118.93
C VAL V 40 59.22 3.26 119.52
N LYS V 41 60.12 2.83 118.64
CA LYS V 41 61.36 2.23 119.10
C LYS V 41 62.24 3.21 119.86
N GLY V 42 62.01 4.51 119.70
CA GLY V 42 62.78 5.51 120.41
C GLY V 42 62.53 6.88 119.81
N ARG V 43 63.16 7.87 120.44
CA ARG V 43 63.07 9.25 119.99
C ARG V 43 64.36 9.61 119.25
N VAL V 44 64.21 10.23 118.08
CA VAL V 44 65.33 10.60 117.23
C VAL V 44 65.18 12.05 116.83
N ALA V 45 66.27 12.81 116.91
CA ALA V 45 66.30 14.18 116.43
C ALA V 45 66.60 14.26 114.94
N THR V 46 66.87 13.14 114.29
CA THR V 46 67.13 13.10 112.86
C THR V 46 66.60 11.79 112.31
N LEU V 47 66.14 11.84 111.06
CA LEU V 47 65.61 10.65 110.41
C LEU V 47 66.73 9.62 110.24
N PRO V 48 66.54 8.37 110.71
CA PRO V 48 67.58 7.36 110.48
C PRO V 48 67.84 7.14 109.00
N THR V 49 69.05 7.48 108.54
CA THR V 49 69.39 7.35 107.13
C THR V 49 69.73 5.93 106.72
N THR V 50 69.95 5.02 107.67
CA THR V 50 70.30 3.65 107.36
C THR V 50 69.79 2.74 108.47
N GLY V 51 69.68 1.46 108.13
CA GLY V 51 69.25 0.46 109.09
C GLY V 51 67.82 0.61 109.57
N GLN V 52 66.89 0.89 108.66
CA GLN V 52 65.48 0.98 108.97
C GLN V 52 64.68 0.21 107.94
N ALA V 53 63.55 -0.35 108.39
CA ALA V 53 62.68 -1.13 107.52
C ALA V 53 61.25 -1.01 108.05
N GLU V 54 60.36 -1.84 107.51
CA GLU V 54 58.97 -1.83 107.98
C GLU V 54 58.91 -2.24 109.44
N GLY V 55 58.03 -1.59 110.19
CA GLY V 55 57.91 -1.82 111.62
C GLY V 55 58.79 -0.95 112.49
N ASP V 56 59.68 -0.16 111.90
CA ASP V 56 60.55 0.73 112.65
C ASP V 56 59.91 2.10 112.73
N THR V 57 59.63 2.55 113.96
CA THR V 57 59.01 3.85 114.19
C THR V 57 59.86 4.62 115.20
N TYR V 58 60.34 5.79 114.79
CA TYR V 58 61.12 6.68 115.65
C TYR V 58 60.48 8.05 115.65
N ILE V 59 60.43 8.68 116.83
CA ILE V 59 59.82 10.00 116.98
C ILE V 59 60.82 11.03 116.46
N PHE V 60 60.53 11.60 115.30
CA PHE V 60 61.39 12.64 114.71
C PHE V 60 61.13 13.95 115.43
N THR V 61 61.96 14.23 116.43
CA THR V 61 61.85 15.44 117.24
C THR V 61 62.98 16.42 116.95
N GLY V 62 63.48 16.41 115.71
CA GLY V 62 64.52 17.35 115.34
C GLY V 62 64.01 18.77 115.30
N SER V 63 64.95 19.72 115.42
CA SER V 63 64.60 21.13 115.41
C SER V 63 63.85 21.48 114.14
N GLY V 64 62.74 22.18 114.28
CA GLY V 64 61.91 22.58 113.17
C GLY V 64 60.45 22.40 113.52
N SER V 65 59.59 22.55 112.51
CA SER V 65 58.15 22.41 112.69
C SER V 65 57.69 20.96 112.68
N ASN V 66 58.56 20.01 112.36
CA ASN V 66 58.21 18.59 112.31
C ASN V 66 58.47 17.89 113.64
N GLN V 67 58.46 18.62 114.75
CA GLN V 67 58.70 18.00 116.05
C GLN V 67 57.60 16.99 116.36
N ASN V 68 58.01 15.85 116.92
CA ASN V 68 57.14 14.76 117.35
C ASN V 68 56.52 14.01 116.19
N ARG V 69 56.76 14.41 114.94
CA ARG V 69 56.23 13.68 113.80
C ARG V 69 56.87 12.31 113.72
N LEU V 70 56.07 11.30 113.44
CA LEU V 70 56.58 9.94 113.33
C LEU V 70 57.37 9.77 112.03
N ALA V 71 58.25 8.77 112.02
CA ALA V 71 59.17 8.55 110.92
C ALA V 71 59.17 7.07 110.52
N ARG V 72 57.98 6.50 110.36
CA ARG V 72 57.88 5.11 109.95
C ARG V 72 58.39 4.93 108.53
N TRP V 73 59.29 3.98 108.34
CA TRP V 73 59.83 3.64 107.03
C TRP V 73 59.03 2.49 106.44
N TRP V 74 58.56 2.66 105.21
CA TRP V 74 57.67 1.71 104.55
C TRP V 74 58.36 1.22 103.26
N ALA V 75 59.13 0.15 103.38
CA ALA V 75 59.87 -0.41 102.25
C ALA V 75 59.42 -1.81 101.89
N THR V 76 59.30 -2.71 102.86
CA THR V 76 58.91 -4.08 102.56
C THR V 76 57.56 -4.10 101.85
N GLY V 77 57.50 -4.83 100.74
CA GLY V 77 56.26 -4.90 99.98
C GLY V 77 55.75 -3.54 99.56
N ALA V 78 56.65 -2.66 99.10
CA ALA V 78 56.29 -1.30 98.75
C ALA V 78 56.90 -0.93 97.42
N THR V 79 56.24 -0.02 96.71
CA THR V 79 56.76 0.49 95.45
C THR V 79 57.88 1.49 95.67
N THR V 80 57.66 2.46 96.56
CA THR V 80 58.67 3.44 96.90
C THR V 80 58.50 3.83 98.36
N ALA V 81 59.58 3.75 99.13
CA ALA V 81 59.52 4.03 100.55
C ALA V 81 59.67 5.52 100.82
N ILE V 82 58.80 6.06 101.67
CA ILE V 82 58.82 7.45 102.05
C ILE V 82 58.64 7.55 103.56
N TRP V 83 59.14 8.64 104.14
CA TRP V 83 59.00 8.90 105.57
C TRP V 83 57.63 9.50 105.84
N GLU V 84 56.63 8.62 105.95
CA GLU V 84 55.28 9.07 106.26
C GLU V 84 55.27 9.82 107.59
N TYR V 85 54.62 10.98 107.60
CA TYR V 85 54.65 11.89 108.74
C TYR V 85 53.30 11.89 109.44
N MET V 86 53.33 11.91 110.78
CA MET V 86 52.14 11.88 111.61
C MET V 86 52.20 13.03 112.61
N PRO V 87 51.84 14.24 112.19
CA PRO V 87 51.84 15.38 113.12
C PRO V 87 50.89 15.13 114.29
N PRO V 88 51.42 15.03 115.51
CA PRO V 88 50.52 14.85 116.65
C PRO V 88 49.96 16.18 117.14
N ARG V 89 48.64 16.22 117.31
CA ARG V 89 47.95 17.37 117.89
C ARG V 89 47.48 16.97 119.27
N LEU V 90 48.09 17.54 120.31
CA LEU V 90 47.72 17.26 121.68
C LEU V 90 47.88 15.78 121.99
N GLY V 91 49.13 15.31 121.88
CA GLY V 91 49.44 13.89 122.01
C GLY V 91 48.99 13.30 123.33
N TRP V 92 49.16 11.99 123.48
CA TRP V 92 48.67 11.27 124.67
C TRP V 92 49.54 10.04 124.89
N ARG V 93 49.05 9.15 125.76
CA ARG V 93 49.83 7.99 126.18
C ARG V 93 50.34 7.21 124.98
N VAL V 94 51.66 7.08 124.88
CA VAL V 94 52.32 6.29 123.85
C VAL V 94 53.29 5.35 124.53
N GLN V 95 53.17 4.05 124.25
CA GLN V 95 53.94 3.04 124.94
C GLN V 95 55.34 2.91 124.34
N VAL V 96 56.25 2.37 125.15
CA VAL V 96 57.63 2.10 124.73
C VAL V 96 58.01 0.72 125.23
N ALA V 97 58.71 -0.04 124.39
CA ALA V 97 58.97 -1.46 124.61
C ALA V 97 60.40 -1.76 125.03
N ASN V 98 61.38 -1.27 124.28
CA ASN V 98 62.76 -1.75 124.46
C ASN V 98 63.24 -1.58 125.89
N GLU V 99 62.93 -0.45 126.50
CA GLU V 99 63.36 -0.15 127.87
C GLU V 99 62.15 -0.13 128.80
N THR V 100 62.34 -0.63 130.02
CA THR V 100 61.27 -0.71 131.00
C THR V 100 61.85 -0.50 132.39
N THR V 101 60.98 -0.15 133.32
CA THR V 101 61.40 0.11 134.69
C THR V 101 61.72 -1.20 135.42
N PRO V 102 62.44 -1.14 136.53
CA PRO V 102 62.78 -2.37 137.25
C PRO V 102 61.56 -3.16 137.70
N SER V 103 60.46 -2.50 138.03
CA SER V 103 59.26 -3.16 138.52
C SER V 103 58.38 -3.71 137.40
N GLY V 104 58.90 -3.82 136.19
CA GLY V 104 58.15 -4.34 135.07
C GLY V 104 57.22 -3.34 134.40
N GLN V 105 57.19 -2.10 134.87
CA GLN V 105 56.36 -1.09 134.24
C GLN V 105 56.98 -0.65 132.92
N VAL V 106 56.17 -0.67 131.87
CA VAL V 106 56.63 -0.29 130.54
C VAL V 106 56.64 1.22 130.43
N LYS V 107 57.76 1.76 129.94
CA LYS V 107 57.89 3.21 129.79
C LYS V 107 56.82 3.73 128.82
N THR V 108 56.20 4.85 129.19
CA THR V 108 55.14 5.45 128.38
C THR V 108 55.23 6.95 128.56
N TYR V 109 55.59 7.66 127.49
CA TYR V 109 55.68 9.12 127.51
C TYR V 109 54.34 9.71 127.10
N GLU V 110 53.54 10.05 128.11
CA GLU V 110 52.28 10.76 127.86
C GLU V 110 52.59 12.20 127.48
N TYR V 111 52.36 12.53 126.21
CA TYR V 111 52.60 13.89 125.73
C TYR V 111 51.45 14.77 126.18
N SER V 112 51.75 15.76 127.04
CA SER V 112 50.74 16.64 127.59
C SER V 112 50.43 17.82 126.67
N GLY V 113 50.78 17.74 125.40
CA GLY V 113 50.59 18.82 124.46
C GLY V 113 51.74 19.80 124.38
N THR V 114 52.63 19.79 125.37
CA THR V 114 53.82 20.64 125.36
C THR V 114 55.10 19.90 125.73
N ALA V 115 55.01 18.77 126.44
CA ALA V 115 56.19 18.01 126.84
C ALA V 115 55.81 16.55 126.99
N TRP V 116 56.82 15.69 126.98
CA TRP V 116 56.62 14.25 127.14
C TRP V 116 56.55 13.92 128.63
N VAL V 117 55.35 13.62 129.11
CA VAL V 117 55.11 13.37 130.53
C VAL V 117 55.00 11.87 130.76
N GLU V 118 55.52 11.41 131.90
CA GLU V 118 55.47 10.00 132.24
C GLU V 118 54.05 9.58 132.60
N LEU V 119 53.75 8.31 132.34
CA LEU V 119 52.45 7.76 132.72
C LEU V 119 52.32 7.74 134.25
N VAL V 120 51.09 7.91 134.72
CA VAL V 120 50.82 8.07 136.14
C VAL V 120 49.62 7.21 136.54
N GLY V 121 49.53 6.92 137.82
CA GLY V 121 48.41 6.19 138.38
C GLY V 121 48.14 6.65 139.80
N GLY V 122 47.71 5.72 140.65
CA GLY V 122 47.44 6.02 142.05
C GLY V 122 45.96 5.95 142.38
N MET V 123 45.62 5.27 143.47
CA MET V 123 44.23 5.11 143.89
C MET V 123 43.93 5.71 145.26
N SER V 124 44.95 5.97 146.08
CA SER V 124 44.74 6.41 147.45
C SER V 124 45.53 7.68 147.72
N ASP V 125 44.90 8.61 148.41
CA ASP V 125 45.55 9.84 148.86
C ASP V 125 45.17 10.09 150.31
N ALA V 126 46.15 10.50 151.11
CA ALA V 126 45.89 10.76 152.52
C ALA V 126 44.88 11.89 152.66
N PRO V 127 43.83 11.73 153.46
CA PRO V 127 42.95 12.87 153.74
C PRO V 127 43.74 14.03 154.31
N SER V 128 43.36 15.24 153.88
CA SER V 128 44.05 16.46 154.31
C SER V 128 43.43 16.97 155.60
N ASP V 129 43.82 16.31 156.70
CA ASP V 129 43.32 16.64 158.03
C ASP V 129 44.45 16.63 159.05
N GLY V 130 45.69 16.82 158.60
CA GLY V 130 46.82 16.89 159.50
C GLY V 130 47.22 15.58 160.14
N LYS V 131 46.88 14.45 159.53
CA LYS V 131 47.16 13.13 160.07
C LYS V 131 47.98 12.33 159.08
N ALA V 132 48.92 11.53 159.58
CA ALA V 132 49.82 10.75 158.76
C ALA V 132 49.40 9.29 158.75
N TYR V 133 49.25 8.72 157.56
CA TYR V 133 48.70 7.39 157.38
C TYR V 133 49.73 6.47 156.75
N ALA V 134 49.61 5.18 157.07
CA ALA V 134 50.50 4.15 156.54
C ALA V 134 49.66 2.97 156.06
N ARG V 135 50.16 2.29 155.04
CA ARG V 135 49.44 1.16 154.47
C ARG V 135 49.35 0.03 155.49
N GLU V 136 48.19 -0.62 155.55
CA GLU V 136 47.96 -1.72 156.49
C GLU V 136 46.89 -2.62 155.90
N SER V 137 47.28 -3.85 155.52
CA SER V 137 46.35 -4.85 155.01
C SER V 137 45.52 -4.30 153.86
N GLY V 138 46.18 -3.59 152.95
CA GLY V 138 45.51 -3.01 151.81
C GLY V 138 44.75 -1.73 152.09
N ALA V 139 44.88 -1.18 153.30
CA ALA V 139 44.20 0.06 153.66
C ALA V 139 45.19 0.97 154.39
N TRP V 140 44.98 2.27 154.25
CA TRP V 140 45.84 3.26 154.89
C TRP V 140 45.35 3.50 156.32
N THR V 141 46.24 3.31 157.28
CA THR V 141 45.92 3.43 158.70
C THR V 141 46.70 4.59 159.30
N GLU V 142 46.04 5.32 160.20
CA GLU V 142 46.64 6.50 160.80
C GLU V 142 47.80 6.12 161.73
N LEU V 143 48.85 6.93 161.70
CA LEU V 143 50.01 6.75 162.57
C LEU V 143 49.95 7.72 163.74
N GLY V 144 50.66 7.37 164.80
CA GLY V 144 50.71 8.21 165.99
C GLY V 144 51.77 9.29 165.89
N SER V 145 51.77 10.17 166.90
CA SER V 145 52.74 11.25 166.94
C SER V 145 54.16 10.73 167.19
N ALA V 146 54.28 9.66 167.98
CA ALA V 146 55.61 9.14 168.30
C ALA V 146 56.37 8.70 167.05
N ALA V 147 55.68 8.39 165.96
CA ALA V 147 56.36 7.95 164.75
C ALA V 147 57.28 9.04 164.21
N LYS V 148 56.81 10.29 164.19
CA LYS V 148 57.62 11.38 163.64
C LYS V 148 58.84 11.64 164.52
N SER V 149 58.68 11.57 165.83
CA SER V 149 59.78 11.89 166.74
C SER V 149 60.91 10.86 166.60
N ALA V 150 62.13 11.33 166.83
CA ALA V 150 63.32 10.50 166.74
C ALA V 150 63.56 9.82 168.10
N LEU V 151 64.73 9.19 168.25
CA LEU V 151 65.07 8.49 169.48
C LEU V 151 66.24 9.10 170.23
N ASN V 152 66.96 10.05 169.64
CA ASN V 152 68.10 10.67 170.29
C ASN V 152 67.70 11.73 171.31
N VAL V 153 66.44 12.16 171.33
CA VAL V 153 66.00 13.25 172.18
C VAL V 153 65.16 12.73 173.34
N LEU V 154 64.71 11.48 173.23
CA LEU V 154 63.84 10.93 174.26
C LEU V 154 64.57 10.90 175.61
N PRO V 155 64.00 11.50 176.66
CA PRO V 155 64.71 11.59 177.95
C PRO V 155 64.54 10.36 178.85
N PHE V 156 65.32 9.32 178.54
CA PHE V 156 65.32 8.12 179.35
C PHE V 156 66.28 8.27 180.53
N MET V 157 66.33 7.24 181.36
CA MET V 157 66.98 7.33 182.67
C MET V 157 68.20 6.40 182.73
N ASN V 158 69.28 6.92 183.30
CA ASN V 158 70.45 6.09 183.58
C ASN V 158 70.19 5.20 184.79
N LEU V 159 70.74 3.99 184.75
CA LEU V 159 70.66 3.08 185.88
C LEU V 159 71.83 3.26 186.85
N MET V 160 72.77 4.16 186.54
CA MET V 160 73.91 4.44 187.39
C MET V 160 73.51 5.44 188.48
N PRO V 161 73.74 5.12 189.76
CA PRO V 161 73.40 6.10 190.81
C PRO V 161 74.36 7.29 190.86
N ASP V 162 75.64 7.10 190.58
CA ASP V 162 76.63 8.17 190.65
C ASP V 162 76.99 8.73 189.28
N MET V 163 76.24 8.36 188.23
CA MET V 163 76.40 8.85 186.87
C MET V 163 77.75 8.51 186.26
N GLY V 164 78.56 7.68 186.90
CA GLY V 164 79.90 7.43 186.41
C GLY V 164 80.91 8.50 186.79
N ARG V 165 80.48 9.51 187.56
CA ARG V 165 81.40 10.54 188.02
C ARG V 165 82.39 10.02 189.06
N PHE V 166 82.20 8.80 189.55
CA PHE V 166 83.10 8.22 190.54
C PHE V 166 83.22 9.12 191.77
N ALA V 167 82.09 9.70 192.19
CA ALA V 167 82.03 10.56 193.35
C ALA V 167 81.08 10.05 194.42
N GLY V 168 80.46 8.89 194.22
CA GLY V 168 79.56 8.32 195.21
C GLY V 168 78.11 8.73 194.97
N THR V 169 77.21 7.88 195.49
CA THR V 169 75.78 8.15 195.36
C THR V 169 75.35 9.36 196.18
N ALA V 170 76.12 9.73 197.22
CA ALA V 170 75.75 10.88 198.04
C ALA V 170 75.82 12.17 197.23
N ALA V 171 76.67 12.23 196.21
CA ALA V 171 76.76 13.42 195.39
C ALA V 171 75.46 13.66 194.64
N ASN V 172 75.05 14.92 194.58
CA ASN V 172 73.77 15.27 193.96
C ASN V 172 73.89 15.17 192.44
N PRO V 173 73.11 14.32 191.77
CA PRO V 173 73.15 14.30 190.30
C PRO V 173 72.65 15.58 189.66
N LEU V 174 71.86 16.39 190.38
CA LEU V 174 71.21 17.55 189.80
C LEU V 174 72.07 18.81 189.84
N ALA V 175 73.27 18.74 190.40
CA ALA V 175 74.15 19.89 190.52
C ALA V 175 75.26 19.84 189.49
N THR V 176 75.53 20.99 188.86
CA THR V 176 76.62 21.07 187.89
C THR V 176 77.96 20.76 188.54
N MET V 177 78.19 21.28 189.73
CA MET V 177 79.47 21.15 190.43
C MET V 177 79.29 20.29 191.67
N PHE V 178 80.32 19.50 191.98
CA PHE V 178 80.36 18.68 193.18
C PHE V 178 81.70 18.86 193.86
N THR V 179 81.68 18.81 195.20
CA THR V 179 82.89 18.95 196.00
C THR V 179 83.39 17.61 196.53
N THR V 180 82.63 16.53 196.37
CA THR V 180 83.04 15.23 196.86
C THR V 180 84.25 14.73 196.07
N SER V 181 85.12 13.99 196.77
CA SER V 181 86.33 13.47 196.16
C SER V 181 86.02 12.23 195.32
N TRP V 182 87.06 11.65 194.74
CA TRP V 182 86.90 10.45 193.92
C TRP V 182 86.39 9.29 194.77
N THR V 183 85.55 8.45 194.16
CA THR V 183 84.97 7.32 194.85
C THR V 183 84.75 6.21 193.83
N PRO V 184 85.14 4.98 194.13
CA PRO V 184 84.91 3.88 193.17
C PRO V 184 83.44 3.62 192.95
N SER V 185 83.12 3.18 191.74
CA SER V 185 81.74 2.89 191.34
C SER V 185 81.53 1.39 191.33
N SER V 186 80.43 0.95 191.97
CA SER V 186 80.15 -0.48 192.05
C SER V 186 79.84 -1.08 190.67
N PHE V 187 79.31 -0.26 189.75
CA PHE V 187 78.95 -0.77 188.44
C PHE V 187 80.15 -1.30 187.67
N LEU V 188 81.37 -0.87 188.03
CA LEU V 188 82.59 -1.42 187.46
C LEU V 188 83.32 -2.20 188.55
N ASN V 189 83.66 -3.45 188.25
CA ASN V 189 84.36 -4.32 189.18
C ASN V 189 85.54 -4.95 188.48
N GLY V 190 86.72 -4.83 189.08
CA GLY V 190 87.91 -5.38 188.45
C GLY V 190 87.81 -6.89 188.30
N TRP V 191 88.29 -7.38 187.16
CA TRP V 191 88.31 -8.81 186.87
C TRP V 191 89.72 -9.22 186.47
N ASN V 192 90.05 -10.47 186.75
CA ASN V 192 91.38 -11.01 186.47
C ASN V 192 92.46 -10.17 187.14
N GLY V 193 92.16 -9.67 188.33
CA GLY V 193 93.10 -8.85 189.08
C GLY V 193 93.23 -7.44 188.58
N ALA V 194 92.29 -6.96 187.75
CA ALA V 194 92.39 -5.61 187.21
C ALA V 194 92.29 -4.58 188.33
N THR V 195 93.07 -3.50 188.17
CA THR V 195 93.10 -2.41 189.14
C THR V 195 92.54 -1.15 188.49
N VAL V 196 91.65 -0.46 189.19
CA VAL V 196 91.02 0.77 188.72
C VAL V 196 91.51 1.91 189.58
N ALA V 197 92.03 2.95 188.94
CA ALA V 197 92.58 4.11 189.63
C ALA V 197 92.10 5.39 188.96
N ASP V 198 92.08 6.46 189.73
CA ASP V 198 91.66 7.76 189.21
C ASP V 198 92.63 8.21 188.12
N GLY V 199 92.08 8.77 187.05
CA GLY V 199 92.87 9.22 185.92
C GLY V 199 92.90 10.73 185.75
N GLY V 200 91.80 11.38 186.11
CA GLY V 200 91.72 12.82 185.97
C GLY V 200 90.34 13.32 186.34
N LYS V 201 90.19 14.64 186.26
CA LYS V 201 88.94 15.29 186.59
C LYS V 201 88.82 16.59 185.80
N PHE V 202 87.60 16.90 185.37
CA PHE V 202 87.28 18.16 184.73
C PHE V 202 86.52 19.04 185.71
N ALA V 203 87.02 20.25 185.92
CA ALA V 203 86.48 21.16 186.92
C ALA V 203 85.80 22.35 186.25
N PHE V 204 84.66 22.75 186.81
CA PHE V 204 83.98 23.95 186.34
C PHE V 204 84.85 25.17 186.65
N ASP V 205 84.80 26.16 185.76
CA ASP V 205 85.63 27.36 185.88
C ASP V 205 87.11 26.99 185.93
N ASN V 206 87.52 26.05 185.08
CA ASN V 206 88.90 25.58 185.08
C ASN V 206 89.84 26.69 184.62
N SER V 207 91.08 26.64 185.12
CA SER V 207 92.08 27.65 184.82
C SER V 207 92.76 27.43 183.47
N THR V 208 92.61 26.26 182.85
CA THR V 208 93.25 26.02 181.57
C THR V 208 92.74 26.98 180.51
N ASN V 209 91.50 27.46 180.65
CA ASN V 209 90.89 28.35 179.67
C ASN V 209 90.72 29.76 180.21
N GLY V 210 91.67 30.22 181.03
CA GLY V 210 91.64 31.58 181.55
C GLY V 210 90.90 31.75 182.86
N GLY V 211 90.59 30.67 183.57
CA GLY V 211 89.90 30.73 184.84
C GLY V 211 90.85 30.71 186.02
N ALA V 212 90.32 30.25 187.16
CA ALA V 212 91.10 30.12 188.38
C ALA V 212 90.98 28.75 189.03
N GLY V 213 90.30 27.80 188.39
CA GLY V 213 90.10 26.48 188.96
C GLY V 213 91.21 25.52 188.59
N PRO V 214 91.03 24.25 188.92
CA PRO V 214 92.04 23.24 188.59
C PRO V 214 92.28 23.15 187.09
N ALA V 215 93.52 22.85 186.73
CA ALA V 215 93.90 22.69 185.34
C ALA V 215 93.43 21.33 184.81
N LEU V 216 93.47 21.19 183.49
CA LEU V 216 93.04 19.98 182.80
C LEU V 216 94.27 19.27 182.24
N ASN V 217 94.37 17.97 182.49
CA ASN V 217 95.47 17.17 182.00
C ASN V 217 95.22 16.73 180.56
N ALA V 218 96.28 16.21 179.93
CA ALA V 218 96.24 15.92 178.49
C ALA V 218 95.03 15.07 178.12
N ARG V 219 94.67 14.11 178.97
CA ARG V 219 93.55 13.23 178.67
C ARG V 219 92.26 14.03 178.49
N VAL V 220 92.07 15.07 179.31
CA VAL V 220 90.85 15.86 179.23
C VAL V 220 90.80 16.64 177.92
N GLN V 221 91.93 17.25 177.50
CA GLN V 221 91.94 17.93 176.20
C GLN V 221 91.68 16.95 175.07
N ALA V 222 92.27 15.76 175.13
CA ALA V 222 92.03 14.77 174.08
C ALA V 222 90.55 14.41 174.01
N LEU V 223 89.93 14.16 175.16
CA LEU V 223 88.51 13.83 175.18
C LEU V 223 87.69 14.96 174.61
N LEU V 224 87.95 16.20 175.05
CA LEU V 224 87.16 17.34 174.60
C LEU V 224 87.30 17.54 173.09
N ALA V 225 88.52 17.38 172.57
CA ALA V 225 88.70 17.44 171.13
C ALA V 225 87.91 16.34 170.43
N ALA V 226 87.90 15.13 171.00
CA ALA V 226 87.09 14.06 170.43
C ALA V 226 85.61 14.41 170.50
N MET V 227 85.16 14.98 171.62
CA MET V 227 83.76 15.36 171.75
C MET V 227 83.38 16.49 170.80
N GLY V 228 84.35 17.24 170.30
CA GLY V 228 84.06 18.41 169.50
C GLY V 228 83.76 19.65 170.31
N ARG V 229 83.83 19.58 171.64
CA ARG V 229 83.58 20.73 172.51
C ARG V 229 84.86 21.58 172.58
N THR V 230 85.12 22.28 171.48
CA THR V 230 86.30 23.14 171.39
C THR V 230 85.99 24.60 171.64
N TRP V 231 84.74 25.02 171.49
CA TRP V 231 84.37 26.41 171.73
C TRP V 231 84.42 26.72 173.22
N THR V 232 84.61 28.01 173.53
CA THR V 232 84.71 28.42 174.92
C THR V 232 83.44 28.09 175.70
N SER V 233 82.27 28.32 175.08
CA SER V 233 81.01 28.07 175.78
C SER V 233 80.87 26.61 176.18
N VAL V 234 81.48 25.69 175.43
CA VAL V 234 81.36 24.27 175.70
C VAL V 234 82.68 23.64 176.16
N SER V 235 83.81 24.31 175.94
CA SER V 235 85.11 23.81 176.39
C SER V 235 85.55 24.46 177.71
N ARG V 236 85.30 25.75 177.87
CA ARG V 236 85.67 26.46 179.08
C ARG V 236 84.69 26.21 180.23
N TYR V 237 83.48 25.72 179.93
CA TYR V 237 82.49 25.39 180.94
C TYR V 237 82.00 23.97 180.73
N GLY V 238 81.49 23.37 181.79
CA GLY V 238 80.92 22.04 181.70
C GLY V 238 80.68 21.46 183.07
N VAL V 239 80.10 20.25 183.07
CA VAL V 239 79.76 19.55 184.29
C VAL V 239 80.98 18.76 184.76
N GLU V 240 81.17 18.72 186.08
CA GLU V 240 82.33 18.05 186.65
C GLU V 240 82.11 16.53 186.68
N PHE V 241 83.22 15.80 186.65
CA PHE V 241 83.22 14.35 186.71
C PHE V 241 84.66 13.88 186.76
N PHE V 242 84.85 12.65 187.25
CA PHE V 242 86.17 12.04 187.34
C PHE V 242 86.37 11.03 186.22
N THR V 243 87.65 10.78 185.91
CA THR V 243 88.05 9.77 184.95
C THR V 243 88.95 8.77 185.63
N ALA V 244 88.85 7.51 185.22
CA ALA V 244 89.61 6.42 185.82
C ALA V 244 90.26 5.58 184.73
N VAL V 245 91.40 4.98 185.06
CA VAL V 245 92.16 4.14 184.15
C VAL V 245 92.27 2.75 184.78
N LEU V 246 91.88 1.72 184.03
CA LEU V 246 91.92 0.34 184.49
C LEU V 246 93.12 -0.37 183.89
N THR V 247 93.92 -1.00 184.75
CA THR V 247 95.08 -1.77 184.33
C THR V 247 94.75 -3.25 184.40
N ALA V 248 94.89 -3.94 183.28
CA ALA V 248 94.59 -5.36 183.24
C ALA V 248 95.52 -6.13 184.16
N GLY V 249 94.95 -7.07 184.92
CA GLY V 249 95.72 -7.86 185.86
C GLY V 249 96.46 -9.00 185.17
N SER V 250 97.27 -9.69 185.97
CA SER V 250 98.09 -10.78 185.47
C SER V 250 97.33 -12.09 185.32
N GLN V 251 96.10 -12.17 185.84
CA GLN V 251 95.32 -13.40 185.73
C GLN V 251 94.94 -13.65 184.28
N THR V 252 94.74 -14.94 183.95
CA THR V 252 94.47 -15.38 182.58
C THR V 252 93.23 -16.27 182.56
N THR V 253 92.16 -15.81 183.20
CA THR V 253 90.90 -16.53 183.24
C THR V 253 89.93 -15.94 182.22
N THR V 254 89.03 -16.79 181.72
CA THR V 254 88.03 -16.39 180.73
C THR V 254 88.70 -15.86 179.47
N GLY V 255 89.46 -16.74 178.81
CA GLY V 255 90.14 -16.36 177.58
C GLY V 255 89.17 -16.16 176.43
N SER V 256 89.59 -15.33 175.48
CA SER V 256 88.78 -15.04 174.30
C SER V 256 89.69 -14.46 173.23
N ALA V 257 89.23 -14.56 171.99
CA ALA V 257 89.97 -14.06 170.83
C ALA V 257 89.09 -13.09 170.05
N GLY V 258 89.73 -12.05 169.49
CA GLY V 258 89.03 -11.05 168.72
C GLY V 258 88.99 -11.37 167.24
N ALA V 259 88.62 -10.36 166.46
CA ALA V 259 88.52 -10.54 165.01
C ALA V 259 89.89 -10.75 164.38
N ASP V 260 90.94 -10.22 165.00
CA ASP V 260 92.30 -10.38 164.50
C ASP V 260 92.97 -11.66 164.96
N GLY V 261 92.28 -12.48 165.76
CA GLY V 261 92.83 -13.74 166.22
C GLY V 261 93.77 -13.63 167.40
N VAL V 262 93.80 -12.49 168.09
CA VAL V 262 94.67 -12.29 169.23
C VAL V 262 93.88 -12.61 170.49
N THR V 263 94.40 -13.53 171.30
CA THR V 263 93.70 -13.94 172.52
C THR V 263 93.83 -12.85 173.58
N ARG V 264 92.76 -12.67 174.35
CA ARG V 264 92.75 -11.70 175.43
C ARG V 264 91.85 -12.22 176.55
N TYR V 265 91.87 -11.53 177.68
CA TYR V 265 91.14 -11.95 178.87
C TYR V 265 90.31 -10.79 179.41
N LEU V 266 89.20 -11.14 180.05
CA LEU V 266 88.32 -10.13 180.62
C LEU V 266 89.01 -9.37 181.73
N CYS V 267 88.75 -8.06 181.80
CA CYS V 267 89.39 -7.20 182.78
C CYS V 267 88.42 -6.54 183.75
N CYS V 268 87.15 -6.38 183.39
CA CYS V 268 86.18 -5.72 184.25
C CYS V 268 84.85 -6.46 184.20
N SER V 269 84.08 -6.32 185.28
CA SER V 269 82.77 -6.93 185.38
C SER V 269 81.82 -5.98 186.10
N ASN V 270 80.53 -6.19 185.89
CA ASN V 270 79.49 -5.34 186.47
C ASN V 270 79.01 -5.81 187.83
N GLY V 271 79.55 -6.92 188.34
CA GLY V 271 79.05 -7.47 189.59
C GLY V 271 77.64 -7.99 189.52
N SER V 272 77.26 -8.58 188.38
CA SER V 272 75.96 -9.24 188.23
C SER V 272 74.81 -8.28 188.50
N LYS V 273 74.72 -7.24 187.67
CA LYS V 273 73.62 -6.30 187.76
C LYS V 273 72.36 -6.88 187.13
N THR V 274 71.21 -6.48 187.68
CA THR V 274 69.90 -6.97 187.20
C THR V 274 69.38 -6.03 186.12
N VAL V 275 70.04 -6.06 184.97
CA VAL V 275 69.70 -5.18 183.86
C VAL V 275 69.01 -5.91 182.72
N PHE V 276 69.05 -7.24 182.68
CA PHE V 276 68.43 -8.01 181.59
C PHE V 276 67.00 -8.37 181.96
N ASN V 277 66.14 -7.35 181.98
CA ASN V 277 64.74 -7.53 182.34
C ASN V 277 63.78 -7.21 181.21
N ALA V 278 63.90 -6.05 180.58
CA ALA V 278 62.96 -5.64 179.55
C ALA V 278 63.16 -6.48 178.30
N GLY V 279 62.41 -7.57 178.18
CA GLY V 279 62.59 -8.47 177.05
C GLY V 279 63.99 -9.03 176.96
N GLY V 280 64.74 -9.04 178.05
CA GLY V 280 66.12 -9.47 178.03
C GLY V 280 67.05 -8.50 177.34
N TRP V 281 66.56 -7.34 176.93
CA TRP V 281 67.38 -6.39 176.19
C TRP V 281 68.23 -5.54 177.13
N ALA V 282 69.42 -5.17 176.65
CA ALA V 282 70.33 -4.34 177.42
C ALA V 282 71.06 -3.41 176.47
N THR V 283 71.55 -2.30 177.01
CA THR V 283 72.29 -1.30 176.25
C THR V 283 73.38 -0.72 177.12
N VAL V 284 74.59 -0.61 176.56
CA VAL V 284 75.73 -0.05 177.26
C VAL V 284 76.37 1.01 176.38
N VAL V 285 76.54 2.22 176.91
CA VAL V 285 77.17 3.32 176.20
C VAL V 285 78.25 3.89 177.10
N MET V 286 79.47 4.00 176.57
CA MET V 286 80.60 4.48 177.37
C MET V 286 81.70 4.94 176.44
N TRP V 287 82.43 5.96 176.88
CA TRP V 287 83.56 6.52 176.14
C TRP V 287 84.86 5.94 176.68
N LEU V 288 85.75 5.54 175.79
CA LEU V 288 87.02 4.95 176.21
C LEU V 288 88.12 5.33 175.23
N ARG V 289 89.36 5.22 175.70
CA ARG V 289 90.54 5.44 174.88
C ARG V 289 91.64 4.52 175.37
N VAL V 290 92.40 3.96 174.44
CA VAL V 290 93.46 3.00 174.76
C VAL V 290 94.75 3.76 174.92
N GLU V 291 95.34 3.69 176.12
CA GLU V 291 96.65 4.29 176.37
C GLU V 291 97.79 3.32 176.13
N SER V 292 97.55 2.02 176.26
CA SER V 292 98.57 1.02 176.01
C SER V 292 97.90 -0.32 175.73
N GLY V 293 98.66 -1.23 175.12
CA GLY V 293 98.15 -2.54 174.83
C GLY V 293 97.12 -2.54 173.70
N SER V 294 96.35 -3.61 173.65
CA SER V 294 95.30 -3.77 172.66
C SER V 294 94.10 -4.45 173.29
N ALA V 295 92.93 -4.22 172.69
CA ALA V 295 91.69 -4.80 173.19
C ALA V 295 90.72 -4.94 172.02
N HIS V 296 89.69 -5.75 172.24
CA HIS V 296 88.64 -5.97 171.24
C HIS V 296 87.32 -6.14 171.97
N ILE V 297 86.25 -6.34 171.19
CA ILE V 297 84.89 -6.40 171.71
C ILE V 297 84.35 -7.81 171.53
N SER V 298 83.77 -8.37 172.58
CA SER V 298 83.16 -9.69 172.55
C SER V 298 84.20 -10.77 172.25
N SER V 299 83.74 -11.97 171.94
CA SER V 299 84.61 -13.07 171.52
C SER V 299 84.38 -13.49 170.08
N ALA V 300 83.12 -13.78 169.74
CA ALA V 300 82.74 -14.13 168.38
C ALA V 300 81.24 -13.90 168.24
N PRO V 301 80.74 -13.75 167.01
CA PRO V 301 79.30 -13.53 166.83
C PRO V 301 78.46 -14.59 167.54
N TYR V 302 77.73 -14.17 168.56
CA TYR V 302 76.88 -15.07 169.35
C TYR V 302 75.53 -14.42 169.57
N THR V 303 74.48 -15.23 169.43
CA THR V 303 73.11 -14.75 169.65
C THR V 303 72.90 -13.50 168.79
N THR V 304 72.10 -12.55 169.28
CA THR V 304 71.85 -11.29 168.57
C THR V 304 72.77 -10.21 169.15
N HIS V 305 73.39 -9.45 168.26
CA HIS V 305 74.31 -8.39 168.68
C HIS V 305 74.34 -7.31 167.60
N ARG V 306 74.75 -6.12 168.00
CA ARG V 306 74.93 -5.02 167.07
C ARG V 306 75.77 -3.95 167.74
N LEU V 307 76.90 -3.60 167.15
CA LEU V 307 77.85 -2.64 167.71
C LEU V 307 77.89 -1.40 166.84
N TRP V 308 77.74 -0.23 167.46
CA TRP V 308 77.89 1.06 166.79
C TRP V 308 79.12 1.77 167.32
N ILE V 309 80.00 2.18 166.42
CA ILE V 309 81.22 2.90 166.77
C ILE V 309 81.10 4.31 166.23
N ASN V 310 80.85 5.27 167.12
CA ASN V 310 80.64 6.66 166.73
C ASN V 310 79.54 6.77 165.68
N GLY V 311 78.48 6.00 165.88
CA GLY V 311 77.37 5.97 164.95
C GLY V 311 77.56 5.07 163.74
N ALA V 312 78.68 4.36 163.66
CA ALA V 312 78.95 3.47 162.54
C ALA V 312 78.86 2.01 163.02
N VAL V 313 78.10 1.20 162.27
CA VAL V 313 77.91 -0.19 162.66
C VAL V 313 79.26 -0.91 162.67
N ALA V 314 79.44 -1.78 163.66
CA ALA V 314 80.68 -2.53 163.82
C ALA V 314 80.35 -3.98 164.14
N ALA V 315 81.30 -4.87 163.85
CA ALA V 315 81.15 -6.29 164.07
C ALA V 315 81.97 -6.72 165.28
N PRO V 316 81.65 -7.88 165.87
CA PRO V 316 82.41 -8.35 167.04
C PRO V 316 83.87 -8.59 166.69
N GLY V 317 84.73 -8.35 167.69
CA GLY V 317 86.15 -8.61 167.55
C GLY V 317 86.96 -7.48 166.94
N VAL V 318 86.32 -6.38 166.53
CA VAL V 318 87.05 -5.28 165.94
C VAL V 318 88.04 -4.72 166.95
N VAL V 319 89.30 -4.62 166.55
CA VAL V 319 90.35 -4.08 167.42
C VAL V 319 90.27 -2.56 167.35
N LEU V 320 89.83 -1.96 168.45
CA LEU V 320 89.70 -0.50 168.48
C LEU V 320 91.07 0.14 168.27
N PRO V 321 91.14 1.26 167.53
CA PRO V 321 92.43 1.92 167.33
C PRO V 321 92.99 2.44 168.65
N ALA V 322 94.31 2.43 168.75
CA ALA V 322 94.99 2.79 169.99
C ALA V 322 95.09 4.31 170.13
N ASN V 323 94.80 4.81 171.33
CA ASN V 323 94.94 6.22 171.66
C ASN V 323 93.93 7.09 170.90
N GLN V 324 92.70 6.61 170.79
CA GLN V 324 91.61 7.38 170.21
C GLN V 324 90.34 7.14 171.02
N TRP V 325 89.49 8.16 171.05
CA TRP V 325 88.21 8.08 171.76
C TRP V 325 87.15 7.53 170.82
N VAL V 326 86.47 6.47 171.26
CA VAL V 326 85.48 5.78 170.45
C VAL V 326 84.18 5.66 171.24
N HIS V 327 83.06 5.96 170.58
CA HIS V 327 81.75 5.83 171.18
C HIS V 327 81.18 4.45 170.86
N LEU V 328 81.05 3.60 171.87
CA LEU V 328 80.53 2.26 171.69
C LEU V 328 79.10 2.18 172.22
N ARG V 329 78.26 1.41 171.54
CA ARG V 329 76.89 1.16 171.95
C ARG V 329 76.60 -0.31 171.64
N PHE V 330 76.83 -1.17 172.63
CA PHE V 330 76.60 -2.60 172.49
C PHE V 330 75.23 -2.95 173.05
N SER V 331 74.39 -3.52 172.20
CA SER V 331 73.03 -3.89 172.58
C SER V 331 72.78 -5.33 172.18
N MET V 332 72.16 -6.10 173.08
CA MET V 332 71.87 -7.50 172.83
C MET V 332 70.66 -7.90 173.67
N GLN V 333 70.27 -9.17 173.55
CA GLN V 333 69.13 -9.71 174.27
C GLN V 333 69.57 -10.94 175.06
N SER V 334 68.98 -11.11 176.25
CA SER V 334 69.31 -12.26 177.09
C SER V 334 68.18 -12.45 178.09
N TYR V 335 67.51 -13.59 178.03
CA TYR V 335 66.40 -13.89 178.95
C TYR V 335 66.87 -14.48 180.27
N ASN V 336 68.18 -14.67 180.45
CA ASN V 336 68.67 -15.25 181.70
C ASN V 336 68.31 -14.39 182.90
N GLY V 337 68.13 -13.08 182.70
CA GLY V 337 67.75 -12.18 183.75
C GLY V 337 68.89 -11.45 184.43
N TYR V 338 70.13 -11.87 184.20
CA TYR V 338 71.29 -11.23 184.81
C TYR V 338 72.54 -11.71 184.08
N ASP V 339 73.64 -10.99 184.32
CA ASP V 339 74.94 -11.37 183.80
C ASP V 339 76.00 -10.51 184.46
N ASN V 340 77.14 -11.11 184.77
CA ASN V 340 78.23 -10.38 185.41
C ASN V 340 79.23 -9.82 184.41
N ALA V 341 79.42 -10.49 183.28
CA ALA V 341 80.36 -10.06 182.24
C ALA V 341 79.64 -9.47 181.05
N CYS V 342 78.58 -8.70 181.28
CA CYS V 342 77.79 -8.15 180.19
C CYS V 342 78.62 -7.43 179.13
N PRO V 343 79.59 -6.58 179.48
CA PRO V 343 80.34 -5.88 178.42
C PRO V 343 81.03 -6.81 177.44
N TYR V 344 81.49 -7.98 177.89
CA TYR V 344 82.19 -8.92 177.03
C TYR V 344 83.42 -8.26 176.38
N ILE V 345 84.11 -7.42 177.15
CA ILE V 345 85.27 -6.69 176.67
C ILE V 345 86.51 -7.35 177.24
N TYR V 346 87.41 -7.77 176.36
CA TYR V 346 88.66 -8.42 176.74
C TYR V 346 89.83 -7.55 176.32
N ALA V 347 90.77 -7.33 177.22
CA ALA V 347 91.93 -6.50 176.97
C ALA V 347 93.20 -7.28 177.30
N SER V 348 94.26 -6.99 176.56
CA SER V 348 95.53 -7.66 176.77
C SER V 348 96.11 -7.29 178.13
N ALA V 349 96.86 -8.22 178.71
CA ALA V 349 97.47 -7.99 180.00
C ALA V 349 98.40 -6.78 179.94
N GLY V 350 98.30 -5.91 180.95
CA GLY V 350 99.10 -4.71 181.01
C GLY V 350 98.59 -3.55 180.21
N ALA V 351 97.45 -3.69 179.53
CA ALA V 351 96.91 -2.61 178.73
C ALA V 351 96.28 -1.54 179.61
N GLN V 352 96.64 -0.28 179.36
CA GLN V 352 96.09 0.86 180.09
C GLN V 352 94.94 1.43 179.27
N ILE V 353 93.72 1.29 179.80
CA ILE V 353 92.51 1.73 179.13
C ILE V 353 91.93 2.91 179.90
N ALA V 354 91.66 4.00 179.19
CA ALA V 354 91.07 5.19 179.79
C ALA V 354 89.60 5.28 179.40
N PHE V 355 88.74 5.48 180.40
CA PHE V 355 87.30 5.55 180.19
C PHE V 355 86.71 6.67 181.02
N ALA V 356 85.58 7.21 180.55
CA ALA V 356 84.92 8.30 181.24
C ALA V 356 83.45 8.33 180.83
N CYS V 357 82.62 8.82 181.74
CA CYS V 357 81.19 9.00 181.52
C CYS V 357 80.51 7.74 180.96
N PRO V 358 80.56 6.62 181.67
CA PRO V 358 79.76 5.45 181.26
C PRO V 358 78.28 5.71 181.45
N ALA V 359 77.47 4.97 180.68
CA ALA V 359 76.02 5.04 180.79
C ALA V 359 75.43 3.69 180.45
N TRP V 360 74.46 3.24 181.25
CA TRP V 360 73.80 1.96 181.06
C TRP V 360 72.29 2.15 181.03
N PHE V 361 71.63 1.29 180.24
CA PHE V 361 70.18 1.31 180.11
C PHE V 361 69.67 -0.12 180.17
N GLY V 362 68.40 -0.26 180.57
CA GLY V 362 67.79 -1.57 180.72
C GLY V 362 67.11 -2.07 179.46
N GLY V 363 67.41 -1.45 178.32
CA GLY V 363 66.80 -1.86 177.07
C GLY V 363 67.44 -1.13 175.91
N LEU V 364 66.87 -1.35 174.73
CA LEU V 364 67.37 -0.75 173.51
C LEU V 364 67.00 0.73 173.47
N VAL V 365 68.01 1.59 173.39
CA VAL V 365 67.80 3.03 173.26
C VAL V 365 68.87 3.58 172.32
N ASP V 366 68.54 4.71 171.69
CA ASP V 366 69.42 5.37 170.73
C ASP V 366 69.55 6.84 171.11
N PRO V 367 70.32 7.15 172.16
CA PRO V 367 70.53 8.55 172.54
C PRO V 367 71.59 9.26 171.69
N GLY V 368 72.14 8.59 170.68
CA GLY V 368 73.17 9.21 169.88
C GLY V 368 74.51 9.25 170.61
N ILE V 369 75.37 10.15 170.15
CA ILE V 369 76.69 10.35 170.75
C ILE V 369 76.51 11.32 171.92
N HIS V 370 76.42 10.77 173.13
CA HIS V 370 76.17 11.58 174.31
C HIS V 370 77.42 12.40 174.68
N VAL V 371 77.18 13.48 175.41
CA VAL V 371 78.25 14.34 175.91
C VAL V 371 78.34 14.33 177.43
N ALA V 372 77.38 13.74 178.13
CA ALA V 372 77.42 13.65 179.58
C ALA V 372 76.55 12.47 180.01
N PRO V 373 76.81 11.90 181.18
CA PRO V 373 76.00 10.76 181.64
C PRO V 373 74.55 11.18 181.88
N ILE V 374 73.63 10.25 181.61
CA ILE V 374 72.22 10.55 181.76
C ILE V 374 71.85 10.58 183.25
N LEU V 375 70.92 11.47 183.60
CA LEU V 375 70.60 11.75 184.98
C LEU V 375 69.64 10.70 185.55
N THR V 376 69.48 10.76 186.88
CA THR V 376 68.51 9.93 187.59
C THR V 376 68.08 10.70 188.84
N ILE V 377 67.33 10.04 189.72
CA ILE V 377 66.86 10.65 190.95
C ILE V 377 67.18 9.72 192.12
N ASN V 378 67.64 10.31 193.21
CA ASN V 378 67.98 9.56 194.42
C ASN V 378 67.66 10.41 195.63
N GLY V 379 68.02 9.91 196.81
CA GLY V 379 67.78 10.67 198.03
C GLY V 379 68.56 11.98 198.07
N ALA V 380 69.76 11.99 197.48
CA ALA V 380 70.62 13.16 197.47
C ALA V 380 70.39 14.06 196.26
N SER V 381 69.40 13.75 195.42
CA SER V 381 69.15 14.52 194.22
C SER V 381 68.64 15.93 194.51
N ALA V 382 68.21 16.21 195.73
CA ALA V 382 67.70 17.54 196.08
C ALA V 382 68.84 18.50 196.36
N GLY W 2 -11.17 -26.00 51.04
CA GLY W 2 -10.41 -27.24 51.04
C GLY W 2 -8.91 -27.01 51.08
N ALA W 3 -8.23 -27.46 50.04
CA ALA W 3 -6.78 -27.32 49.92
C ALA W 3 -6.44 -27.07 48.46
N LYS W 4 -5.14 -26.97 48.19
CA LYS W 4 -4.70 -26.72 46.82
C LYS W 4 -5.10 -27.89 45.93
N PRO W 5 -5.52 -27.64 44.70
CA PRO W 5 -5.82 -28.75 43.78
C PRO W 5 -4.58 -29.60 43.55
N LYS W 6 -4.81 -30.90 43.33
CA LYS W 6 -3.71 -31.82 43.10
C LYS W 6 -2.82 -31.35 41.95
N ALA W 7 -3.42 -30.78 40.92
CA ALA W 7 -2.67 -30.20 39.82
C ALA W 7 -3.46 -29.03 39.25
N GLN W 8 -2.74 -28.10 38.62
CA GLN W 8 -3.34 -26.90 38.05
C GLN W 8 -3.00 -26.81 36.57
N THR W 9 -4.00 -26.45 35.76
CA THR W 9 -3.82 -26.27 34.33
C THR W 9 -3.58 -24.78 34.08
N VAL W 10 -2.32 -24.37 34.15
CA VAL W 10 -1.98 -22.97 33.95
C VAL W 10 -1.97 -22.60 32.47
N GLY W 11 -1.57 -23.53 31.60
CA GLY W 11 -1.51 -23.25 30.18
C GLY W 11 -1.50 -24.52 29.38
N TRP W 12 -1.53 -24.35 28.06
CA TRP W 12 -1.56 -25.46 27.12
C TRP W 12 -0.42 -25.31 26.11
N ARG W 13 0.06 -26.44 25.60
CA ARG W 13 1.09 -26.47 24.59
C ARG W 13 0.44 -26.90 23.27
N TYR W 14 0.64 -26.08 22.23
CA TYR W 14 -0.01 -26.29 20.94
C TYR W 14 0.99 -26.87 19.94
N TYR W 15 0.59 -27.94 19.27
CA TYR W 15 1.41 -28.62 18.28
C TYR W 15 0.71 -28.54 16.92
N PHE W 16 1.47 -28.13 15.89
CA PHE W 16 0.94 -28.03 14.54
C PHE W 16 1.96 -28.59 13.56
N ASP W 17 1.47 -29.27 12.54
CA ASP W 17 2.29 -29.80 11.45
C ASP W 17 1.95 -29.02 10.19
N ILE W 18 2.91 -28.26 9.69
CA ILE W 18 2.71 -27.36 8.56
C ILE W 18 3.69 -27.71 7.46
N HIS W 19 3.19 -27.75 6.23
CA HIS W 19 4.00 -27.95 5.04
C HIS W 19 4.00 -26.67 4.21
N PHE W 20 5.19 -26.17 3.88
CA PHE W 20 5.33 -24.90 3.17
C PHE W 20 6.49 -25.00 2.21
N ALA W 21 6.46 -24.12 1.20
CA ALA W 21 7.48 -24.06 0.17
C ALA W 21 8.13 -22.69 0.17
N LEU W 22 9.45 -22.67 0.01
CA LEU W 22 10.21 -21.42 -0.01
C LEU W 22 10.40 -20.85 -1.40
N GLY W 23 9.81 -21.48 -2.43
CA GLY W 23 9.93 -21.02 -3.80
C GLY W 23 10.49 -22.12 -4.70
N LYS W 24 11.32 -21.72 -5.65
CA LYS W 24 11.94 -22.66 -6.56
C LYS W 24 13.14 -23.31 -5.88
N LYS W 25 13.94 -24.04 -6.64
CA LYS W 25 15.04 -24.81 -6.06
C LYS W 25 15.97 -23.90 -5.25
N VAL W 26 16.37 -24.39 -4.08
CA VAL W 26 17.28 -23.67 -3.20
C VAL W 26 18.48 -24.58 -2.93
N ASP W 27 19.62 -23.96 -2.64
CA ASP W 27 20.86 -24.69 -2.43
C ASP W 27 21.09 -25.03 -0.96
N GLU W 28 20.92 -24.05 -0.07
CA GLU W 28 21.28 -24.22 1.33
C GLU W 28 20.42 -23.31 2.19
N VAL W 29 20.01 -23.83 3.34
CA VAL W 29 19.25 -23.07 4.33
C VAL W 29 20.15 -22.86 5.54
N CYS W 30 20.32 -21.59 5.94
CA CYS W 30 21.31 -21.26 6.95
C CYS W 30 20.72 -21.21 8.36
N ALA W 31 19.67 -20.43 8.57
CA ALA W 31 19.16 -20.21 9.91
C ALA W 31 17.68 -19.85 9.86
N ILE W 32 17.03 -19.94 11.01
CA ILE W 32 15.63 -19.57 11.18
C ILE W 32 15.53 -18.59 12.34
N ARG W 33 14.90 -17.45 12.09
CA ARG W 33 14.75 -16.40 13.09
C ARG W 33 13.26 -16.09 13.28
N ALA W 34 12.82 -16.05 14.54
CA ALA W 34 11.43 -15.75 14.86
C ALA W 34 11.39 -14.80 16.04
N SER W 35 10.64 -13.71 15.90
CA SER W 35 10.44 -12.74 16.97
C SER W 35 11.78 -12.15 17.46
N GLY W 36 12.74 -12.00 16.56
CA GLY W 36 14.02 -11.43 16.91
C GLY W 36 14.96 -12.34 17.65
N LYS W 37 14.63 -13.62 17.77
CA LYS W 37 15.46 -14.59 18.47
C LYS W 37 15.93 -15.66 17.48
N THR W 38 17.21 -16.00 17.55
CA THR W 38 17.79 -17.02 16.67
C THR W 38 17.36 -18.39 17.18
N ALA W 39 16.36 -18.98 16.53
CA ALA W 39 15.86 -20.28 16.94
C ALA W 39 16.83 -21.39 16.57
N TRP W 40 17.38 -21.34 15.36
CA TRP W 40 18.29 -22.37 14.88
C TRP W 40 19.24 -21.77 13.86
N LYS W 41 20.52 -22.13 13.98
CA LYS W 41 21.55 -21.69 13.05
C LYS W 41 22.39 -22.89 12.63
N GLY W 42 22.71 -22.96 11.35
CA GLY W 42 23.49 -24.09 10.84
C GLY W 42 23.55 -24.08 9.34
N SER W 43 23.55 -25.28 8.76
CA SER W 43 23.62 -25.43 7.31
C SER W 43 23.29 -26.85 6.88
N ILE W 44 22.38 -26.99 5.91
CA ILE W 44 22.04 -28.28 5.34
C ILE W 44 22.05 -28.15 3.81
N THR W 45 22.65 -29.12 3.14
CA THR W 45 22.76 -29.11 1.69
C THR W 45 22.10 -30.31 1.04
N SER W 46 21.48 -31.20 1.80
CA SER W 46 20.83 -32.38 1.26
C SER W 46 19.56 -32.65 2.03
N ASN W 47 18.63 -33.36 1.39
CA ASN W 47 17.34 -33.64 2.01
C ASN W 47 17.57 -34.46 3.28
N GLY W 48 16.94 -34.04 4.37
CA GLY W 48 17.13 -34.73 5.63
C GLY W 48 16.40 -34.04 6.76
N GLN W 49 16.64 -34.54 7.97
CA GLN W 49 16.00 -34.01 9.17
C GLN W 49 16.96 -33.10 9.92
N VAL W 50 16.39 -32.14 10.65
CA VAL W 50 17.14 -31.21 11.47
C VAL W 50 16.49 -31.15 12.84
N ARG W 51 17.31 -31.24 13.89
CA ARG W 51 16.81 -31.21 15.27
C ARG W 51 16.89 -29.78 15.77
N ILE W 52 15.75 -29.08 15.74
CA ILE W 52 15.65 -27.73 16.28
C ILE W 52 15.22 -27.85 17.75
N ASN W 53 16.05 -27.31 18.64
CA ASN W 53 15.85 -27.43 20.08
C ASN W 53 15.77 -26.03 20.67
N ALA W 54 14.54 -25.54 20.87
CA ALA W 54 14.32 -24.26 21.53
C ALA W 54 12.95 -24.28 22.21
N PRO W 55 12.70 -25.24 23.10
CA PRO W 55 11.39 -25.29 23.76
C PRO W 55 11.11 -24.09 24.66
N GLU W 56 12.13 -23.38 25.11
CA GLU W 56 11.97 -22.26 26.03
C GLU W 56 12.36 -20.93 25.39
N LEU W 57 12.21 -20.82 24.06
CA LEU W 57 12.63 -19.61 23.37
C LEU W 57 11.83 -18.40 23.85
N PHE W 58 10.52 -18.55 24.02
CA PHE W 58 9.66 -17.47 24.46
C PHE W 58 9.37 -17.54 25.96
N GLY W 59 10.33 -18.00 26.75
CA GLY W 59 10.14 -18.14 28.18
C GLY W 59 9.52 -19.44 28.61
N GLY W 60 9.23 -20.36 27.68
CA GLY W 60 8.65 -21.63 28.07
C GLY W 60 7.25 -21.46 28.64
N ASP W 61 6.93 -22.34 29.59
CA ASP W 61 5.61 -22.29 30.21
C ASP W 61 5.37 -20.96 30.92
N LYS W 62 6.39 -20.46 31.62
CA LYS W 62 6.28 -19.18 32.31
C LYS W 62 6.20 -18.00 31.35
N GLY W 63 6.51 -18.21 30.07
CA GLY W 63 6.45 -17.15 29.08
C GLY W 63 5.36 -17.36 28.05
N GLU W 64 5.77 -17.48 26.78
CA GLU W 64 4.82 -17.72 25.69
C GLU W 64 5.12 -19.00 24.93
N GLY W 65 6.09 -19.80 25.38
CA GLY W 65 6.40 -21.06 24.73
C GLY W 65 7.77 -21.05 24.08
N GLY W 66 7.90 -21.77 22.97
CA GLY W 66 9.17 -21.85 22.28
C GLY W 66 9.02 -22.56 20.96
N LEU W 67 10.17 -22.95 20.38
CA LEU W 67 10.22 -23.66 19.11
C LEU W 67 10.94 -24.98 19.34
N ASP W 68 10.18 -26.07 19.42
CA ASP W 68 10.73 -27.40 19.58
C ASP W 68 10.02 -28.34 18.60
N GLY W 69 10.81 -29.11 17.86
CA GLY W 69 10.23 -30.04 16.91
C GLY W 69 11.29 -30.60 15.98
N THR W 70 10.83 -31.19 14.89
CA THR W 70 11.68 -31.79 13.87
C THR W 70 11.36 -31.17 12.52
N LEU W 71 12.39 -30.73 11.80
CA LEU W 71 12.24 -30.07 10.51
C LEU W 71 12.86 -30.93 9.42
N ASP W 72 12.09 -31.18 8.37
CA ASP W 72 12.56 -31.93 7.21
C ASP W 72 12.47 -31.04 5.98
N VAL W 73 13.53 -31.01 5.18
CA VAL W 73 13.64 -30.13 4.03
C VAL W 73 13.74 -30.97 2.77
N LEU W 74 12.86 -30.70 1.81
CA LEU W 74 12.90 -31.32 0.49
C LEU W 74 13.20 -30.24 -0.54
N PHE W 75 14.44 -30.23 -1.05
CA PHE W 75 14.86 -29.19 -1.98
C PHE W 75 14.29 -29.37 -3.38
N GLY W 76 13.84 -30.57 -3.73
CA GLY W 76 13.25 -30.80 -5.04
C GLY W 76 14.27 -31.09 -6.12
N GLU W 77 15.14 -32.07 -5.87
CA GLU W 77 16.14 -32.45 -6.85
C GLU W 77 15.45 -33.08 -8.07
N GLU W 78 16.27 -33.39 -9.08
CA GLU W 78 15.74 -34.06 -10.27
C GLU W 78 15.24 -35.46 -9.92
N ASP W 79 15.95 -36.16 -9.03
CA ASP W 79 15.60 -37.52 -8.65
C ASP W 79 14.99 -37.60 -7.26
N GLN W 80 14.53 -36.47 -6.71
CA GLN W 80 13.96 -36.47 -5.38
C GLN W 80 12.78 -37.44 -5.31
N GLY W 81 12.75 -38.25 -4.25
CA GLY W 81 11.69 -39.20 -4.03
C GLY W 81 10.61 -38.65 -3.09
N VAL W 82 9.55 -39.43 -2.94
CA VAL W 82 8.43 -39.05 -2.09
C VAL W 82 8.77 -39.40 -0.65
N LEU W 83 8.58 -38.44 0.25
CA LEU W 83 8.85 -38.67 1.67
C LEU W 83 7.72 -39.50 2.27
N PRO W 84 7.99 -40.68 2.80
CA PRO W 84 6.90 -41.49 3.35
C PRO W 84 6.12 -40.80 4.47
N ARG W 85 6.81 -40.05 5.33
CA ARG W 85 6.12 -39.44 6.47
C ARG W 85 5.08 -38.42 6.01
N LEU W 86 5.46 -37.55 5.08
CA LEU W 86 4.53 -36.52 4.61
C LEU W 86 3.31 -37.15 3.96
N ALA W 87 3.52 -38.12 3.08
CA ALA W 87 2.40 -38.75 2.40
C ALA W 87 1.51 -39.50 3.40
N ALA W 88 2.11 -40.20 4.36
CA ALA W 88 1.33 -40.92 5.35
C ALA W 88 0.49 -39.96 6.19
N MET W 89 1.08 -38.84 6.61
CA MET W 89 0.34 -37.89 7.44
C MET W 89 -0.80 -37.24 6.65
N LEU W 90 -0.48 -36.70 5.47
CA LEU W 90 -1.50 -36.02 4.67
C LEU W 90 -2.44 -37.02 3.99
N GLY W 91 -1.89 -38.09 3.43
CA GLY W 91 -2.71 -39.06 2.74
C GLY W 91 -3.14 -38.58 1.36
N GLY W 92 -3.95 -39.42 0.72
CA GLY W 92 -4.43 -39.09 -0.61
C GLY W 92 -3.34 -39.23 -1.66
N LEU W 93 -3.61 -38.61 -2.82
CA LEU W 93 -2.66 -38.62 -3.93
C LEU W 93 -1.58 -37.57 -3.65
N VAL W 94 -0.46 -38.01 -3.12
CA VAL W 94 0.63 -37.15 -2.69
C VAL W 94 1.76 -37.28 -3.71
N PRO W 95 2.05 -36.25 -4.50
CA PRO W 95 3.16 -36.34 -5.46
C PRO W 95 4.51 -36.19 -4.77
N ALA W 96 5.56 -36.16 -5.57
CA ALA W 96 6.92 -36.02 -5.05
C ALA W 96 7.31 -34.58 -4.79
N PHE W 97 6.48 -33.61 -5.18
CA PHE W 97 6.81 -32.19 -4.99
C PHE W 97 8.15 -31.86 -5.63
N ARG W 98 8.38 -32.41 -6.81
CA ARG W 98 9.65 -32.23 -7.50
C ARG W 98 9.77 -30.83 -8.09
N GLY W 99 10.99 -30.32 -8.11
CA GLY W 99 11.29 -29.06 -8.76
C GLY W 99 11.14 -27.82 -7.89
N VAL W 100 10.66 -27.96 -6.66
CA VAL W 100 10.45 -26.83 -5.77
C VAL W 100 10.92 -27.22 -4.38
N THR W 101 11.60 -26.30 -3.70
CA THR W 101 12.06 -26.55 -2.34
C THR W 101 10.88 -26.49 -1.38
N THR W 102 10.75 -27.53 -0.55
CA THR W 102 9.66 -27.62 0.41
C THR W 102 10.21 -28.11 1.74
N CYS W 103 9.53 -27.73 2.82
CA CYS W 103 9.93 -28.11 4.17
C CYS W 103 8.72 -28.64 4.93
N PHE W 104 8.98 -29.53 5.88
CA PHE W 104 7.95 -30.18 6.68
C PHE W 104 8.33 -30.06 8.14
N TYR W 105 7.60 -29.24 8.88
CA TYR W 105 7.86 -29.00 10.29
C TYR W 105 6.79 -29.70 11.13
N SER W 106 7.22 -30.28 12.25
CA SER W 106 6.30 -30.99 13.14
C SER W 106 6.84 -30.86 14.56
N GLY W 107 6.08 -30.18 15.42
CA GLY W 107 6.47 -30.02 16.79
C GLY W 107 5.79 -28.81 17.41
N LEU W 108 6.28 -28.45 18.59
CA LEU W 108 5.73 -27.32 19.32
C LEU W 108 5.96 -26.02 18.55
N VAL W 109 4.95 -25.16 18.53
CA VAL W 109 5.03 -23.86 17.88
C VAL W 109 4.89 -22.71 18.86
N THR W 110 4.01 -22.86 19.85
CA THR W 110 3.79 -21.81 20.85
C THR W 110 3.08 -22.42 22.04
N SER W 111 2.83 -21.61 23.05
CA SER W 111 2.16 -22.05 24.27
C SER W 111 1.47 -20.86 24.92
N VAL W 112 0.62 -21.16 25.90
CA VAL W 112 -0.12 -20.15 26.64
C VAL W 112 -1.16 -19.50 25.73
N ASN W 113 -0.70 -18.76 24.71
CA ASN W 113 -1.61 -18.11 23.80
C ASN W 113 -1.67 -18.86 22.47
N PRO W 114 -2.83 -18.88 21.79
CA PRO W 114 -2.95 -19.65 20.56
C PRO W 114 -2.54 -18.87 19.32
N TYR W 115 -1.83 -17.76 19.49
CA TYR W 115 -1.48 -16.91 18.36
C TYR W 115 -0.01 -17.12 17.98
N PRO W 116 0.27 -18.01 17.02
CA PRO W 116 1.66 -18.20 16.60
C PRO W 116 2.24 -16.96 15.96
N LYS W 117 3.56 -16.83 16.06
CA LYS W 117 4.28 -15.66 15.57
C LYS W 117 4.84 -15.91 14.17
N LYS W 118 4.96 -14.84 13.39
CA LYS W 118 5.53 -14.92 12.06
C LYS W 118 7.00 -15.28 12.13
N TRP W 119 7.47 -16.03 11.14
CA TRP W 119 8.84 -16.51 11.08
C TRP W 119 9.60 -15.79 9.98
N GLU W 120 10.93 -15.83 10.08
CA GLU W 120 11.82 -15.33 9.06
C GLU W 120 12.95 -16.34 8.87
N ILE W 121 13.15 -16.78 7.63
CA ILE W 121 14.11 -17.83 7.32
C ILE W 121 15.10 -17.28 6.30
N LEU W 122 16.39 -17.48 6.58
CA LEU W 122 17.45 -17.10 5.66
C LEU W 122 17.85 -18.31 4.82
N ARG W 123 18.02 -18.10 3.52
CA ARG W 123 18.34 -19.19 2.61
C ARG W 123 19.29 -18.69 1.53
N ARG W 124 20.32 -19.49 1.26
CA ARG W 124 21.27 -19.22 0.20
C ARG W 124 21.02 -20.15 -0.98
N GLY W 125 21.18 -19.62 -2.19
CA GLY W 125 20.91 -20.38 -3.39
C GLY W 125 21.84 -19.97 -4.52
N GLY W 126 21.78 -20.76 -5.60
CA GLY W 126 22.57 -20.48 -6.78
C GLY W 126 23.16 -21.71 -7.42
N ASN W 127 23.46 -22.73 -6.61
CA ASN W 127 24.04 -23.96 -7.14
C ASN W 127 22.96 -24.94 -7.59
N ARG W 128 21.86 -25.06 -6.83
CA ARG W 128 20.78 -25.95 -7.22
C ARG W 128 20.06 -25.48 -8.47
N LEU W 129 20.31 -24.24 -8.90
CA LEU W 129 19.77 -23.75 -10.16
C LEU W 129 20.60 -24.34 -11.30
N TRP W 130 20.44 -23.81 -12.52
CA TRP W 130 21.12 -24.29 -13.71
C TRP W 130 20.69 -25.70 -14.09
N ASP W 131 19.53 -26.14 -13.60
CA ASP W 131 19.01 -27.47 -13.91
C ASP W 131 20.01 -28.53 -13.50
N GLY W 132 20.86 -28.99 -14.43
CA GLY W 132 21.81 -30.04 -14.12
C GLY W 132 23.20 -29.79 -14.67
N ASN W 133 23.37 -28.70 -15.42
CA ASN W 133 24.65 -28.36 -16.06
C ASN W 133 25.06 -26.96 -15.64
N PRO W 134 25.75 -26.81 -14.51
CA PRO W 134 26.28 -25.50 -14.15
C PRO W 134 27.29 -25.00 -15.16
N TRP W 135 27.34 -23.68 -15.33
CA TRP W 135 28.21 -23.03 -16.30
C TRP W 135 29.32 -22.29 -15.56
N TYR W 136 30.57 -22.63 -15.88
CA TYR W 136 31.74 -22.00 -15.29
C TYR W 136 31.61 -21.97 -13.76
N PRO W 137 31.39 -23.12 -13.12
CA PRO W 137 31.16 -23.11 -11.66
C PRO W 137 32.34 -22.61 -10.86
N GLU W 138 33.55 -22.60 -11.42
CA GLU W 138 34.72 -22.17 -10.67
C GLU W 138 34.59 -20.74 -10.16
N LYS W 139 33.76 -19.92 -10.80
CA LYS W 139 33.60 -18.51 -10.42
C LYS W 139 32.12 -18.16 -10.22
N GLN W 140 31.30 -19.17 -9.89
CA GLN W 140 29.87 -18.92 -9.73
C GLN W 140 29.59 -18.03 -8.53
N PHE W 141 30.27 -18.25 -7.41
CA PHE W 141 29.99 -17.56 -6.16
C PHE W 141 31.17 -16.69 -5.75
N VAL W 142 30.85 -15.60 -5.05
CA VAL W 142 31.84 -14.67 -4.51
C VAL W 142 31.68 -14.64 -3.00
N TRP W 143 32.78 -14.84 -2.29
CA TRP W 143 32.76 -14.90 -0.83
C TRP W 143 33.09 -13.52 -0.26
N LEU W 144 32.30 -13.08 0.71
CA LEU W 144 32.47 -11.79 1.35
C LEU W 144 32.35 -11.93 2.86
N ALA W 145 33.03 -11.04 3.58
CA ALA W 145 32.96 -10.96 5.04
C ALA W 145 33.31 -12.30 5.67
N ASP W 146 34.54 -12.75 5.42
CA ASP W 146 35.06 -13.97 6.02
C ASP W 146 34.15 -15.16 5.72
N GLY W 147 33.60 -15.19 4.51
CA GLY W 147 32.73 -16.28 4.09
C GLY W 147 31.32 -16.21 4.62
N GLN W 148 30.96 -15.16 5.37
CA GLN W 148 29.62 -15.06 5.91
C GLN W 148 28.59 -14.92 4.80
N ILE W 149 28.88 -14.12 3.79
CA ILE W 149 27.96 -13.82 2.70
C ILE W 149 28.44 -14.54 1.45
N LYS W 150 27.62 -15.43 0.92
CA LYS W 150 27.93 -16.20 -0.29
C LYS W 150 27.25 -15.52 -1.47
N ALA W 151 27.84 -14.43 -1.93
CA ALA W 151 27.28 -13.69 -3.05
C ALA W 151 27.49 -14.45 -4.35
N MET W 152 26.65 -14.14 -5.34
CA MET W 152 26.69 -14.76 -6.66
C MET W 152 27.16 -13.74 -7.69
N ASN W 153 27.92 -14.21 -8.67
CA ASN W 153 28.40 -13.32 -9.72
C ASN W 153 27.23 -12.84 -10.57
N PRO W 154 27.08 -11.53 -10.77
CA PRO W 154 25.95 -11.06 -11.60
C PRO W 154 25.98 -11.62 -13.02
N ALA W 155 27.16 -11.84 -13.58
CA ALA W 155 27.23 -12.42 -14.92
C ALA W 155 26.55 -13.78 -14.95
N HIS W 156 26.71 -14.58 -13.89
CA HIS W 156 26.02 -15.86 -13.81
C HIS W 156 24.52 -15.67 -13.74
N ILE W 157 24.06 -14.64 -13.03
CA ILE W 157 22.63 -14.36 -12.96
C ILE W 157 22.09 -14.07 -14.36
N LEU W 158 22.78 -13.20 -15.09
CA LEU W 158 22.32 -12.86 -16.43
C LEU W 158 22.35 -14.07 -17.36
N TYR W 159 23.41 -14.88 -17.26
CA TYR W 159 23.50 -16.06 -18.11
C TYR W 159 22.38 -17.04 -17.81
N LEU W 160 22.07 -17.24 -16.52
CA LEU W 160 20.96 -18.12 -16.16
C LEU W 160 19.64 -17.59 -16.68
N VAL W 161 19.41 -16.28 -16.55
CA VAL W 161 18.16 -15.70 -17.01
C VAL W 161 18.03 -15.87 -18.52
N TYR W 162 19.11 -15.64 -19.25
CA TYR W 162 19.08 -15.74 -20.70
C TYR W 162 18.93 -17.17 -21.18
N THR W 163 19.57 -18.13 -20.50
CA THR W 163 19.57 -19.52 -20.93
C THR W 163 18.81 -20.46 -20.01
N GLY W 164 18.40 -20.02 -18.83
CA GLY W 164 17.69 -20.89 -17.91
C GLY W 164 16.42 -21.46 -18.50
N ARG W 165 16.30 -22.78 -18.49
CA ARG W 165 15.10 -23.42 -19.03
C ARG W 165 13.87 -23.02 -18.22
N ASP W 166 14.01 -22.95 -16.90
CA ASP W 166 12.86 -22.64 -16.05
C ASP W 166 12.38 -21.20 -16.24
N PHE W 167 13.29 -20.24 -16.41
CA PHE W 167 12.86 -18.85 -16.50
C PHE W 167 12.32 -18.52 -17.90
N ARG W 168 13.20 -18.51 -18.90
CA ARG W 168 12.76 -18.38 -20.29
C ARG W 168 13.25 -19.56 -21.12
N GLY W 169 14.56 -19.76 -21.16
CA GLY W 169 15.14 -20.88 -21.86
C GLY W 169 15.53 -20.54 -23.28
N LEU W 170 16.81 -20.30 -23.53
CA LEU W 170 17.35 -20.10 -24.86
C LEU W 170 18.55 -21.00 -25.06
N ALA W 171 18.78 -21.39 -26.33
CA ALA W 171 19.89 -22.27 -26.65
C ALA W 171 21.21 -21.68 -26.18
N ARG W 172 22.03 -22.51 -25.54
CA ARG W 172 23.34 -22.07 -25.07
C ARG W 172 24.29 -21.74 -26.22
N THR W 173 23.95 -22.12 -27.45
CA THR W 173 24.79 -21.84 -28.60
C THR W 173 24.69 -20.40 -29.08
N ARG W 174 23.71 -19.64 -28.59
CA ARG W 174 23.50 -18.26 -29.04
C ARG W 174 24.28 -17.24 -28.22
N MET W 175 25.07 -17.67 -27.25
CA MET W 175 25.80 -16.78 -26.36
C MET W 175 27.29 -16.84 -26.69
N ASP W 176 27.91 -15.67 -26.84
CA ASP W 176 29.34 -15.59 -27.08
C ASP W 176 30.07 -15.97 -25.80
N GLU W 177 30.64 -17.17 -25.78
CA GLU W 177 31.23 -17.69 -24.54
C GLU W 177 32.40 -16.82 -24.08
N ALA W 178 33.22 -16.35 -25.02
CA ALA W 178 34.43 -15.62 -24.64
C ALA W 178 34.10 -14.36 -23.85
N SER W 179 33.16 -13.55 -24.35
CA SER W 179 32.84 -12.29 -23.69
C SER W 179 32.27 -12.53 -22.30
N TRP W 180 31.33 -13.48 -22.18
CA TRP W 180 30.73 -13.75 -20.88
C TRP W 180 31.75 -14.30 -19.89
N ARG W 181 32.63 -15.19 -20.35
CA ARG W 181 33.67 -15.71 -19.47
C ARG W 181 34.60 -14.61 -19.01
N ALA W 182 34.99 -13.70 -19.92
CA ALA W 182 35.84 -12.59 -19.53
C ALA W 182 35.15 -11.69 -18.51
N ALA W 183 33.86 -11.41 -18.72
CA ALA W 183 33.11 -10.59 -17.77
C ALA W 183 33.04 -11.26 -16.40
N ALA W 184 32.78 -12.56 -16.38
CA ALA W 184 32.72 -13.27 -15.11
C ALA W 184 34.07 -13.25 -14.41
N ASP W 185 35.16 -13.46 -15.15
CA ASP W 185 36.48 -13.43 -14.56
C ASP W 185 36.77 -12.06 -13.97
N THR W 186 36.44 -11.00 -14.71
CA THR W 186 36.70 -9.65 -14.21
C THR W 186 35.89 -9.37 -12.96
N LEU W 187 34.61 -9.76 -12.95
CA LEU W 187 33.78 -9.51 -11.78
C LEU W 187 34.29 -10.29 -10.57
N TYR W 188 34.69 -11.55 -10.77
CA TYR W 188 35.22 -12.33 -9.66
C TYR W 188 36.50 -11.70 -9.12
N ALA W 189 37.38 -11.24 -10.02
CA ALA W 189 38.61 -10.59 -9.58
C ALA W 189 38.30 -9.32 -8.79
N GLU W 190 37.31 -8.55 -9.24
CA GLU W 190 36.90 -7.36 -8.52
C GLU W 190 36.10 -7.66 -7.26
N GLY W 191 35.70 -8.91 -7.05
CA GLY W 191 34.92 -9.27 -5.88
C GLY W 191 33.60 -8.52 -5.83
N PHE W 192 32.90 -8.48 -6.96
CA PHE W 192 31.66 -7.71 -7.11
C PHE W 192 30.50 -8.69 -7.20
N GLY W 193 29.93 -9.03 -6.05
CA GLY W 193 28.79 -9.92 -6.00
C GLY W 193 27.52 -9.22 -5.56
N LEU W 194 26.37 -9.81 -5.85
CA LEU W 194 25.09 -9.21 -5.51
C LEU W 194 24.10 -10.31 -5.14
N CYS W 195 23.06 -9.93 -4.40
CA CYS W 195 22.00 -10.82 -3.99
C CYS W 195 20.65 -10.20 -4.35
N PHE W 196 19.71 -11.03 -4.79
CA PHE W 196 18.41 -10.54 -5.23
C PHE W 196 17.35 -11.57 -4.88
N GLU W 197 16.10 -11.10 -4.86
CA GLU W 197 14.94 -11.96 -4.67
C GLU W 197 13.87 -11.60 -5.69
N TRP W 198 13.20 -12.61 -6.21
CA TRP W 198 12.23 -12.43 -7.29
C TRP W 198 10.82 -12.53 -6.71
N THR W 199 10.17 -11.38 -6.54
CA THR W 199 8.76 -11.33 -6.17
C THR W 199 7.99 -10.28 -6.94
N ARG W 200 8.64 -9.49 -7.80
CA ARG W 200 7.94 -8.45 -8.54
C ARG W 200 7.09 -9.00 -9.67
N SER W 201 7.44 -10.17 -10.21
CA SER W 201 6.71 -10.77 -11.32
C SER W 201 6.64 -9.81 -12.51
N ASP W 202 7.77 -9.16 -12.80
CA ASP W 202 7.85 -8.19 -13.87
C ASP W 202 8.56 -8.80 -15.08
N SER W 203 8.64 -8.02 -16.15
CA SER W 203 9.26 -8.48 -17.38
C SER W 203 10.77 -8.69 -17.17
N PHE W 204 11.34 -9.60 -17.97
CA PHE W 204 12.78 -9.82 -17.89
C PHE W 204 13.56 -8.54 -18.12
N LYS W 205 13.02 -7.64 -18.94
CA LYS W 205 13.75 -6.42 -19.27
C LYS W 205 14.04 -5.59 -18.03
N ASN W 206 13.07 -5.45 -17.13
CA ASN W 206 13.27 -4.64 -15.94
C ASN W 206 14.38 -5.21 -15.07
N PHE W 207 14.33 -6.52 -14.80
CA PHE W 207 15.36 -7.14 -13.97
C PHE W 207 16.73 -7.04 -14.62
N CYS W 208 16.80 -7.27 -15.94
CA CYS W 208 18.08 -7.19 -16.63
C CYS W 208 18.63 -5.76 -16.57
N GLU W 209 17.76 -4.76 -16.72
CA GLU W 209 18.21 -3.38 -16.63
C GLU W 209 18.73 -3.05 -15.23
N THR W 210 18.03 -3.54 -14.20
CA THR W 210 18.53 -3.32 -12.84
C THR W 210 19.89 -3.95 -12.65
N VAL W 211 20.08 -5.18 -13.13
CA VAL W 211 21.37 -5.84 -13.00
C VAL W 211 22.45 -5.04 -13.74
N LYS W 212 22.15 -4.62 -14.96
CA LYS W 212 23.14 -3.88 -15.75
C LYS W 212 23.52 -2.59 -15.05
N SER W 213 22.54 -1.85 -14.52
CA SER W 213 22.85 -0.62 -13.81
C SER W 213 23.70 -0.90 -12.59
N HIS W 214 23.41 -2.01 -11.89
CA HIS W 214 24.22 -2.36 -10.73
C HIS W 214 25.67 -2.64 -11.12
N ILE W 215 25.89 -3.39 -12.20
CA ILE W 215 27.24 -3.74 -12.61
C ILE W 215 27.84 -2.77 -13.62
N GLY W 216 27.01 -2.02 -14.33
CA GLY W 216 27.50 -1.12 -15.37
C GLY W 216 27.99 -1.86 -16.58
N ALA W 217 27.09 -2.58 -17.25
CA ALA W 217 27.44 -3.35 -18.43
C ALA W 217 26.30 -3.25 -19.44
N GLU W 218 26.64 -3.51 -20.71
CA GLU W 218 25.69 -3.46 -21.81
C GLU W 218 25.56 -4.85 -22.42
N VAL W 219 24.33 -5.28 -22.65
CA VAL W 219 24.04 -6.55 -23.30
C VAL W 219 23.32 -6.25 -24.60
N TYR W 220 23.90 -6.66 -25.71
CA TYR W 220 23.37 -6.39 -27.03
C TYR W 220 23.53 -7.63 -27.91
N PRO W 221 22.65 -7.82 -28.90
CA PRO W 221 22.83 -8.91 -29.85
C PRO W 221 23.82 -8.50 -30.94
N ASN W 222 24.95 -9.20 -31.01
CA ASN W 222 25.98 -8.85 -31.98
C ASN W 222 25.41 -8.88 -33.38
N ARG W 223 25.64 -7.79 -34.13
CA ARG W 223 25.10 -7.70 -35.48
C ARG W 223 25.78 -8.70 -36.42
N GLN W 224 27.09 -8.91 -36.25
CA GLN W 224 27.83 -9.74 -37.18
C GLN W 224 27.58 -11.23 -36.92
N THR W 225 27.95 -11.71 -35.74
CA THR W 225 27.82 -13.12 -35.42
C THR W 225 26.45 -13.51 -34.91
N GLY W 226 25.65 -12.54 -34.45
CA GLY W 226 24.30 -12.80 -34.04
C GLY W 226 24.12 -13.28 -32.61
N GLN W 227 25.21 -13.50 -31.88
CA GLN W 227 25.13 -13.97 -30.50
C GLN W 227 25.01 -12.80 -29.54
N ILE W 228 24.60 -13.13 -28.31
CA ILE W 228 24.47 -12.12 -27.26
C ILE W 228 25.85 -11.85 -26.68
N SER W 229 26.24 -10.57 -26.67
CA SER W 229 27.55 -10.15 -26.17
C SER W 229 27.38 -9.18 -25.02
N ILE W 230 28.31 -9.24 -24.06
CA ILE W 230 28.30 -8.39 -22.89
C ILE W 230 29.62 -7.63 -22.85
N ARG W 231 29.53 -6.31 -22.66
CA ARG W 231 30.70 -5.45 -22.59
C ARG W 231 30.66 -4.67 -21.29
N LEU W 232 31.78 -4.67 -20.57
CA LEU W 232 31.89 -3.94 -19.31
C LEU W 232 32.48 -2.56 -19.56
N LEU W 233 31.95 -1.57 -18.85
CA LEU W 233 32.43 -0.19 -18.96
C LEU W 233 33.56 0.00 -17.95
N ARG W 234 34.77 -0.33 -18.38
CA ARG W 234 35.95 -0.23 -17.53
C ARG W 234 37.10 0.37 -18.34
N ASP W 235 38.03 1.00 -17.64
CA ASP W 235 39.23 1.58 -18.26
C ASP W 235 40.29 0.49 -18.44
N ASP W 236 39.93 -0.52 -19.23
CA ASP W 236 40.78 -1.67 -19.51
C ASP W 236 41.12 -1.75 -20.99
N TYR W 237 41.45 -0.61 -21.60
CA TYR W 237 41.72 -0.52 -23.02
C TYR W 237 43.08 0.13 -23.26
N ASN W 238 43.68 -0.22 -24.39
CA ASN W 238 44.92 0.40 -24.84
C ASN W 238 44.59 1.50 -25.84
N VAL W 239 45.26 2.65 -25.69
CA VAL W 239 44.95 3.79 -26.55
C VAL W 239 45.28 3.47 -28.01
N ALA W 240 46.41 2.81 -28.24
CA ALA W 240 46.88 2.59 -29.61
C ALA W 240 45.92 1.70 -30.40
N ASP W 241 45.52 0.57 -29.82
CA ASP W 241 44.79 -0.43 -30.59
C ASP W 241 43.39 0.06 -30.97
N LEU W 242 42.82 0.97 -30.19
CA LEU W 242 41.46 1.43 -30.49
C LEU W 242 41.43 2.16 -31.83
N PRO W 243 40.36 2.00 -32.60
CA PRO W 243 40.30 2.67 -33.91
C PRO W 243 40.20 4.19 -33.75
N LEU W 244 40.73 4.89 -34.74
CA LEU W 244 40.70 6.34 -34.80
C LEU W 244 39.87 6.79 -36.00
N PHE W 245 39.05 7.81 -35.79
CA PHE W 245 38.20 8.36 -36.83
C PHE W 245 38.46 9.84 -36.97
N ASP W 246 38.62 10.30 -38.22
CA ASP W 246 38.97 11.68 -38.51
C ASP W 246 38.19 12.13 -39.74
N GLU W 247 38.21 13.44 -39.99
CA GLU W 247 37.50 13.98 -41.15
C GLU W 247 37.99 13.32 -42.43
N ASP W 248 39.29 13.06 -42.52
CA ASP W 248 39.86 12.36 -43.67
C ASP W 248 39.97 10.86 -43.47
N SER W 249 39.60 10.35 -42.29
CA SER W 249 39.74 8.94 -41.96
C SER W 249 38.40 8.24 -41.77
N GLY W 250 37.28 8.90 -42.05
CA GLY W 250 35.99 8.26 -41.99
C GLY W 250 34.92 9.03 -41.24
N LEU W 251 35.21 10.27 -40.86
CA LEU W 251 34.24 11.12 -40.19
C LEU W 251 33.67 12.12 -41.18
N LEU W 252 32.34 12.17 -41.26
CA LEU W 252 31.67 13.06 -42.20
C LEU W 252 31.39 14.43 -41.58
N GLU W 253 30.62 14.46 -40.50
CA GLU W 253 30.27 15.72 -39.86
C GLU W 253 29.87 15.45 -38.42
N ILE W 254 30.30 16.32 -37.52
CA ILE W 254 29.95 16.26 -36.10
C ILE W 254 29.13 17.50 -35.78
N THR W 255 27.89 17.28 -35.32
CA THR W 255 26.96 18.38 -35.09
C THR W 255 26.84 18.73 -33.60
N GLN W 256 26.48 17.76 -32.77
CA GLN W 256 26.19 18.01 -31.37
C GLN W 256 27.45 17.86 -30.53
N GLU W 257 27.55 18.68 -29.49
CA GLU W 257 28.67 18.64 -28.57
C GLU W 257 28.25 18.48 -27.11
N LYS W 258 27.16 19.12 -26.71
CA LYS W 258 26.62 19.01 -25.34
C LYS W 258 27.74 19.14 -24.31
N THR W 259 28.37 20.31 -24.30
CA THR W 259 29.46 20.55 -23.35
C THR W 259 29.01 20.39 -21.91
N GLY W 260 27.73 20.65 -21.63
CA GLY W 260 27.21 20.48 -20.31
C GLY W 260 27.56 21.64 -19.39
N SER W 261 27.24 21.46 -18.12
CA SER W 261 27.50 22.46 -17.09
C SER W 261 27.91 21.75 -15.81
N THR W 262 28.59 22.49 -14.93
CA THR W 262 29.07 21.96 -13.67
C THR W 262 28.51 22.67 -12.44
N SER W 263 28.08 23.91 -12.57
CA SER W 263 27.49 24.61 -11.41
C SER W 263 26.28 23.86 -10.87
N LEU W 264 25.52 23.19 -11.74
CA LEU W 264 24.44 22.32 -11.34
C LEU W 264 25.05 20.99 -10.94
N ALA W 265 24.23 19.95 -10.74
CA ALA W 265 24.64 18.60 -10.38
C ALA W 265 24.81 18.54 -8.86
N PRO W 266 24.58 17.39 -8.22
CA PRO W 266 24.62 17.31 -6.74
C PRO W 266 25.93 17.72 -6.14
N SER W 267 25.88 17.96 -4.83
CA SER W 267 27.06 18.03 -3.99
C SER W 267 27.10 16.94 -2.93
N GLN W 268 26.00 16.21 -2.72
CA GLN W 268 25.99 15.11 -1.76
C GLN W 268 25.12 14.00 -2.34
N LEU W 269 25.58 12.77 -2.18
CA LEU W 269 24.88 11.60 -2.71
C LEU W 269 24.67 10.60 -1.58
N ILE W 270 23.44 10.12 -1.45
CA ILE W 270 23.06 9.16 -0.43
C ILE W 270 22.77 7.83 -1.11
N VAL W 271 23.46 6.78 -0.69
CA VAL W 271 23.28 5.44 -1.22
C VAL W 271 22.65 4.56 -0.14
N LYS W 272 21.55 3.91 -0.48
CA LYS W 272 20.85 3.02 0.44
C LYS W 272 20.98 1.59 -0.05
N TYR W 273 21.43 0.71 0.85
CA TYR W 273 21.64 -0.70 0.54
C TYR W 273 21.09 -1.54 1.68
N ILE W 274 20.94 -2.83 1.41
CA ILE W 274 20.44 -3.79 2.39
C ILE W 274 21.58 -4.75 2.74
N ASP W 275 21.77 -4.98 4.03
CA ASP W 275 22.79 -5.91 4.52
C ASP W 275 22.19 -7.30 4.60
N GLN W 276 22.80 -8.26 3.89
CA GLN W 276 22.23 -9.59 3.83
C GLN W 276 22.43 -10.38 5.12
N ILE W 277 23.35 -9.95 5.99
CA ILE W 277 23.56 -10.66 7.25
C ILE W 277 22.30 -10.61 8.09
N ASP W 278 21.66 -9.44 8.18
CA ASP W 278 20.45 -9.26 8.96
C ASP W 278 19.26 -8.78 8.13
N GLY W 279 19.47 -8.36 6.89
CA GLY W 279 18.37 -7.88 6.08
C GLY W 279 17.84 -6.53 6.48
N ALA W 280 18.63 -5.73 7.18
CA ALA W 280 18.20 -4.42 7.66
C ALA W 280 18.69 -3.33 6.71
N GLN W 281 17.83 -2.33 6.50
CA GLN W 281 18.19 -1.22 5.63
C GLN W 281 19.40 -0.47 6.18
N ARG W 282 20.37 -0.21 5.32
CA ARG W 282 21.55 0.55 5.67
C ARG W 282 21.87 1.51 4.54
N GLN W 283 22.58 2.59 4.87
CA GLN W 283 22.93 3.59 3.88
C GLN W 283 24.34 4.10 4.14
N ILE W 284 24.94 4.64 3.08
CA ILE W 284 26.24 5.29 3.13
C ILE W 284 26.13 6.63 2.42
N ILE W 285 27.08 7.51 2.71
CA ILE W 285 27.08 8.87 2.19
C ILE W 285 28.34 9.08 1.37
N VAL W 286 28.17 9.49 0.12
CA VAL W 286 29.28 9.87 -0.75
C VAL W 286 29.22 11.38 -0.91
N ASN W 287 30.28 12.07 -0.50
CA ASN W 287 30.29 13.52 -0.40
C ASN W 287 31.09 14.13 -1.54
N ASN W 288 30.73 15.37 -1.91
CA ASN W 288 31.39 16.14 -2.95
C ASN W 288 31.71 17.52 -2.36
N ASN W 289 32.91 17.64 -1.79
CA ASN W 289 33.25 18.85 -1.05
C ASN W 289 33.45 20.05 -1.98
N ALA W 290 34.15 19.85 -3.10
CA ALA W 290 34.46 20.96 -3.99
C ALA W 290 33.19 21.56 -4.58
N VAL W 291 32.35 20.71 -5.20
CA VAL W 291 31.12 21.21 -5.78
C VAL W 291 30.20 21.74 -4.69
N ALA W 292 30.28 21.17 -3.50
CA ALA W 292 29.52 21.72 -2.37
C ALA W 292 29.93 23.16 -2.09
N ALA W 293 31.25 23.43 -2.08
CA ALA W 293 31.71 24.80 -1.94
C ALA W 293 31.21 25.67 -3.08
N SER W 294 31.20 25.14 -4.30
CA SER W 294 30.62 25.89 -5.41
C SER W 294 29.14 26.17 -5.20
N GLN W 295 28.40 25.19 -4.67
CA GLN W 295 26.96 25.34 -4.48
C GLN W 295 26.69 26.26 -3.30
N GLY W 296 25.97 27.36 -3.56
CA GLY W 296 25.51 28.22 -2.49
C GLY W 296 24.34 27.64 -1.71
N ARG W 297 23.61 26.70 -2.31
CA ARG W 297 22.51 25.99 -1.66
C ARG W 297 22.79 24.51 -1.70
N ARG W 298 22.67 23.84 -0.56
CA ARG W 298 22.95 22.42 -0.49
C ARG W 298 21.96 21.62 -1.34
N SER W 299 22.44 20.50 -1.88
CA SER W 299 21.63 19.63 -2.70
C SER W 299 21.98 18.17 -2.38
N SER W 300 21.00 17.29 -2.54
CA SER W 300 21.22 15.88 -2.25
C SER W 300 20.20 15.05 -3.01
N GLU W 301 20.61 13.83 -3.36
CA GLU W 301 19.74 12.87 -4.03
C GLU W 301 19.91 11.51 -3.36
N GLU W 302 18.87 10.69 -3.48
CA GLU W 302 18.84 9.36 -2.89
C GLU W 302 18.77 8.31 -4.00
N ILE W 303 19.68 7.36 -3.96
CA ILE W 303 19.73 6.26 -4.92
C ILE W 303 19.72 4.96 -4.15
N GLU W 304 18.87 4.02 -4.58
CA GLU W 304 18.70 2.74 -3.90
C GLU W 304 19.41 1.64 -4.68
N PHE W 305 20.30 0.93 -3.99
CA PHE W 305 21.07 -0.15 -4.60
C PHE W 305 20.87 -1.43 -3.80
N LEU W 306 19.60 -1.77 -3.55
CA LEU W 306 19.28 -2.91 -2.69
C LEU W 306 19.99 -4.18 -3.09
N GLY W 307 20.52 -4.26 -4.31
CA GLY W 307 21.28 -5.44 -4.70
C GLY W 307 22.62 -5.57 -4.01
N VAL W 308 23.15 -4.47 -3.47
CA VAL W 308 24.47 -4.46 -2.87
C VAL W 308 24.40 -5.09 -1.48
N PRO W 309 25.20 -6.11 -1.18
CA PRO W 309 25.15 -6.73 0.14
C PRO W 309 26.15 -6.20 1.16
N THR W 310 27.12 -5.39 0.75
CA THR W 310 28.15 -4.89 1.64
C THR W 310 28.34 -3.40 1.46
N GLY W 311 28.71 -2.72 2.55
CA GLY W 311 28.85 -1.29 2.50
C GLY W 311 29.98 -0.82 1.60
N GLU W 312 31.09 -1.57 1.58
CA GLU W 312 32.24 -1.16 0.76
C GLU W 312 31.90 -1.20 -0.72
N LEU W 313 31.20 -2.25 -1.17
CA LEU W 313 30.79 -2.33 -2.56
C LEU W 313 29.85 -1.18 -2.92
N ALA W 314 28.90 -0.89 -2.03
CA ALA W 314 28.01 0.24 -2.26
C ALA W 314 28.79 1.54 -2.37
N GLY W 315 29.81 1.71 -1.52
CA GLY W 315 30.64 2.89 -1.60
C GLY W 315 31.38 3.00 -2.91
N ARG W 316 31.92 1.88 -3.40
CA ARG W 316 32.61 1.89 -4.68
C ARG W 316 31.68 2.31 -5.80
N VAL W 317 30.49 1.71 -5.87
CA VAL W 317 29.56 2.05 -6.94
C VAL W 317 29.08 3.49 -6.79
N GLY W 318 28.90 3.98 -5.57
CA GLY W 318 28.52 5.36 -5.37
C GLY W 318 29.60 6.34 -5.81
N GLU W 319 30.86 6.00 -5.55
CA GLU W 319 31.95 6.81 -6.07
C GLU W 319 31.92 6.83 -7.59
N ARG W 320 31.66 5.69 -8.21
CA ARG W 320 31.56 5.67 -9.68
C ARG W 320 30.44 6.57 -10.16
N GLU W 321 29.28 6.50 -9.50
CA GLU W 321 28.14 7.31 -9.93
C GLU W 321 28.42 8.80 -9.75
N MET W 322 29.04 9.18 -8.63
CA MET W 322 29.40 10.59 -8.43
C MET W 322 30.41 11.03 -9.47
N ARG W 323 31.41 10.19 -9.74
CA ARG W 323 32.39 10.44 -10.79
C ARG W 323 31.70 10.75 -12.11
N LEU W 324 30.75 9.91 -12.50
CA LEU W 324 30.03 10.13 -13.75
C LEU W 324 29.22 11.43 -13.71
N LYS W 325 28.50 11.66 -12.62
CA LYS W 325 27.50 12.72 -12.58
C LYS W 325 28.10 14.11 -12.37
N THR W 326 29.33 14.21 -11.87
CA THR W 326 29.92 15.51 -11.56
C THR W 326 31.23 15.77 -12.28
N THR W 327 31.57 14.97 -13.30
CA THR W 327 32.78 15.21 -14.08
C THR W 327 32.53 16.01 -15.35
N GLY W 328 31.27 16.28 -15.68
CA GLY W 328 30.95 17.10 -16.84
C GLY W 328 31.22 16.41 -18.17
N LEU W 329 30.45 15.36 -18.46
CA LEU W 329 30.66 14.61 -19.69
C LEU W 329 30.31 15.46 -20.90
N LYS W 330 31.01 15.18 -22.01
CA LYS W 330 30.73 15.80 -23.30
C LYS W 330 30.13 14.75 -24.22
N ARG W 331 28.92 15.00 -24.71
CA ARG W 331 28.19 14.06 -25.54
C ARG W 331 28.23 14.56 -26.98
N TYR W 332 28.76 13.73 -27.88
CA TYR W 332 28.90 14.08 -29.29
C TYR W 332 27.95 13.25 -30.14
N LYS W 333 27.48 13.85 -31.22
CA LYS W 333 26.62 13.19 -32.21
C LYS W 333 27.31 13.31 -33.56
N GLY W 334 28.18 12.36 -33.88
CA GLY W 334 28.94 12.41 -35.11
C GLY W 334 28.28 11.66 -36.25
N VAL W 335 28.72 11.99 -37.45
CA VAL W 335 28.28 11.34 -38.68
C VAL W 335 29.50 10.70 -39.34
N PHE W 336 29.39 9.40 -39.64
CA PHE W 336 30.51 8.63 -40.14
C PHE W 336 30.13 7.94 -41.44
N ASP W 337 31.16 7.59 -42.22
CA ASP W 337 31.00 6.83 -43.45
C ASP W 337 31.14 5.34 -43.13
N ARG W 338 31.33 4.51 -44.15
CA ARG W 338 31.37 3.07 -43.95
C ARG W 338 32.47 2.63 -43.00
N ARG W 339 33.49 3.47 -42.78
CA ARG W 339 34.61 3.08 -41.93
C ARG W 339 34.16 2.71 -40.52
N ALA W 340 33.01 3.20 -40.06
CA ALA W 340 32.47 2.89 -38.75
C ALA W 340 31.44 1.77 -38.80
N ARG W 341 31.60 0.83 -39.73
CA ARG W 341 30.61 -0.22 -39.92
C ARG W 341 30.69 -1.30 -38.86
N SER W 342 31.88 -1.61 -38.35
CA SER W 342 32.08 -2.73 -37.45
C SER W 342 31.89 -2.37 -35.98
N LEU W 343 31.58 -1.12 -35.66
CA LEU W 343 31.41 -0.73 -34.27
C LEU W 343 30.14 -1.32 -33.69
N ASN W 344 30.16 -1.53 -32.37
CA ASN W 344 29.06 -2.11 -31.63
C ASN W 344 28.81 -1.28 -30.37
N PRO W 345 27.63 -1.40 -29.77
CA PRO W 345 27.33 -0.60 -28.58
C PRO W 345 28.36 -0.83 -27.48
N GLY W 346 28.75 0.25 -26.82
CA GLY W 346 29.71 0.19 -25.74
C GLY W 346 31.16 0.12 -26.18
N GLN W 347 31.44 0.10 -27.48
CA GLN W 347 32.80 -0.01 -27.97
C GLN W 347 33.46 1.37 -27.98
N PRO W 348 34.55 1.57 -27.26
CA PRO W 348 35.21 2.88 -27.28
C PRO W 348 36.10 3.05 -28.51
N PHE W 349 36.20 4.29 -28.95
CA PHE W 349 37.04 4.62 -30.09
C PHE W 349 37.38 6.11 -30.04
N LEU W 350 38.39 6.49 -30.82
CA LEU W 350 38.91 7.85 -30.82
C LEU W 350 38.35 8.64 -31.99
N ILE W 351 38.21 9.95 -31.77
CA ILE W 351 37.74 10.87 -32.80
C ILE W 351 38.62 12.12 -32.77
N ARG W 352 38.99 12.61 -33.95
CA ARG W 352 39.80 13.82 -34.06
C ARG W 352 39.21 14.69 -35.16
N SER W 353 39.11 16.00 -34.87
CA SER W 353 38.62 16.97 -35.85
C SER W 353 39.33 18.29 -35.55
N THR W 354 40.43 18.53 -36.26
CA THR W 354 41.21 19.74 -36.01
C THR W 354 40.40 21.01 -36.23
N PRO W 355 39.58 21.15 -37.29
CA PRO W 355 38.87 22.43 -37.47
C PRO W 355 37.99 22.79 -36.29
N ARG W 356 37.39 21.80 -35.63
CA ARG W 356 36.53 22.06 -34.47
C ARG W 356 37.33 22.29 -33.19
N GLY W 357 38.64 22.12 -33.22
CA GLY W 357 39.44 22.30 -32.02
C GLY W 357 39.29 21.20 -31.01
N ILE W 358 38.84 20.01 -31.43
CA ILE W 358 38.65 18.87 -30.53
C ILE W 358 39.88 17.97 -30.68
N PRO W 359 40.73 17.85 -29.66
CA PRO W 359 41.87 16.94 -29.78
C PRO W 359 41.43 15.49 -29.72
N GLU W 360 42.39 14.56 -29.86
CA GLU W 360 42.06 13.15 -29.78
C GLU W 360 41.34 12.86 -28.47
N THR W 361 40.11 12.36 -28.57
CA THR W 361 39.26 12.12 -27.41
C THR W 361 38.72 10.70 -27.46
N VAL W 362 38.59 10.09 -26.29
CA VAL W 362 38.09 8.73 -26.16
C VAL W 362 36.61 8.81 -25.82
N VAL W 363 35.79 8.19 -26.67
CA VAL W 363 34.33 8.21 -26.51
C VAL W 363 33.81 6.78 -26.62
N ARG W 364 32.64 6.56 -26.03
CA ARG W 364 31.98 5.26 -26.04
C ARG W 364 30.71 5.34 -26.87
N VAL W 365 30.49 4.33 -27.71
CA VAL W 365 29.36 4.35 -28.63
C VAL W 365 28.06 4.26 -27.86
N GLY W 366 27.03 4.94 -28.35
CA GLY W 366 25.71 4.90 -27.77
C GLY W 366 24.68 4.37 -28.75
N ARG W 367 23.69 5.21 -29.08
CA ARG W 367 22.69 4.82 -30.07
C ARG W 367 23.33 4.75 -31.45
N ILE W 368 22.92 3.75 -32.23
CA ILE W 368 23.47 3.49 -33.55
C ILE W 368 22.34 3.50 -34.56
N GLU W 369 22.51 4.28 -35.64
CA GLU W 369 21.60 4.24 -36.78
C GLU W 369 22.45 4.31 -38.04
N ASP W 370 22.32 3.31 -38.90
CA ASP W 370 23.10 3.22 -40.12
C ASP W 370 22.18 2.86 -41.29
N ASN W 371 22.58 3.31 -42.48
CA ASN W 371 21.81 3.10 -43.70
C ASN W 371 22.77 2.60 -44.78
N PHE W 372 22.83 1.28 -44.95
CA PHE W 372 23.77 0.71 -45.91
C PHE W 372 23.30 0.92 -47.34
N LEU W 373 22.00 0.80 -47.59
CA LEU W 373 21.43 0.92 -48.93
C LEU W 373 20.49 2.11 -48.97
N GLY W 374 20.68 2.97 -49.97
CA GLY W 374 19.89 4.19 -50.09
C GLY W 374 20.68 5.44 -49.80
N ASP W 375 20.42 6.08 -48.66
CA ASP W 375 21.11 7.32 -48.33
C ASP W 375 22.60 7.09 -48.09
N GLY W 376 22.98 5.93 -47.58
CA GLY W 376 24.37 5.69 -47.27
C GLY W 376 24.86 6.42 -46.05
N LYS W 377 23.96 6.82 -45.16
CA LYS W 377 24.28 7.64 -44.00
C LYS W 377 24.45 6.76 -42.78
N ILE W 378 25.61 6.81 -42.15
CA ILE W 378 25.87 6.12 -40.90
C ILE W 378 26.08 7.19 -39.83
N THR W 379 25.15 7.27 -38.89
CA THR W 379 25.16 8.28 -37.84
C THR W 379 25.23 7.58 -36.49
N LEU W 380 26.16 8.03 -35.64
CA LEU W 380 26.37 7.44 -34.33
C LEU W 380 26.27 8.50 -33.25
N THR W 381 25.77 8.11 -32.09
CA THR W 381 25.74 8.94 -30.91
C THR W 381 26.71 8.38 -29.88
N VAL W 382 27.64 9.21 -29.43
CA VAL W 382 28.72 8.78 -28.56
C VAL W 382 28.78 9.69 -27.34
N VAL W 383 29.41 9.18 -26.28
CA VAL W 383 29.60 9.91 -25.04
C VAL W 383 31.07 9.80 -24.64
N GLN W 384 31.55 10.79 -23.89
CA GLN W 384 32.91 10.75 -23.42
C GLN W 384 33.11 9.60 -22.44
N ASP W 385 34.29 8.99 -22.49
CA ASP W 385 34.58 7.82 -21.66
C ASP W 385 34.91 8.28 -20.24
N GLN W 386 33.98 8.06 -19.31
CA GLN W 386 34.19 8.40 -17.91
C GLN W 386 33.65 7.31 -16.99
N PHE W 387 33.56 6.07 -17.48
CA PHE W 387 33.03 4.96 -16.72
C PHE W 387 34.17 4.12 -16.17
N ASN W 388 34.19 3.91 -14.86
CA ASN W 388 35.21 3.11 -14.22
C ASN W 388 34.76 2.78 -12.81
N LEU W 389 34.95 1.53 -12.41
CA LEU W 389 34.54 1.06 -11.09
C LEU W 389 35.77 0.91 -10.21
N PRO W 390 36.04 1.83 -9.29
CA PRO W 390 37.23 1.69 -8.45
C PRO W 390 37.14 0.47 -7.54
N ALA W 391 38.30 -0.13 -7.27
CA ALA W 391 38.37 -1.29 -6.40
C ALA W 391 38.54 -0.94 -4.94
N THR W 392 38.71 0.34 -4.61
CA THR W 392 38.89 0.78 -3.23
C THR W 392 38.06 2.04 -2.98
N THR W 393 37.46 2.12 -1.80
CA THR W 393 36.65 3.26 -1.40
C THR W 393 37.23 3.87 -0.13
N GLY W 394 36.73 5.06 0.21
CA GLY W 394 37.18 5.76 1.40
C GLY W 394 36.26 5.56 2.60
N VAL W 395 34.96 5.69 2.36
CA VAL W 395 34.00 5.53 3.45
C VAL W 395 33.98 4.07 3.90
N ALA W 396 33.67 3.86 5.18
CA ALA W 396 33.56 2.53 5.76
C ALA W 396 32.23 2.36 6.46
N PRO W 397 31.71 1.15 6.54
CA PRO W 397 30.43 0.93 7.22
C PRO W 397 30.63 0.70 8.72
N PRO W 398 29.95 1.45 9.57
CA PRO W 398 30.12 1.26 11.02
C PRO W 398 29.39 0.01 11.48
N PRO W 399 29.67 -0.45 12.70
CA PRO W 399 29.16 -1.76 13.15
C PRO W 399 27.67 -1.77 13.43
N PRO W 400 27.12 -0.75 14.09
CA PRO W 400 25.84 -0.95 14.80
C PRO W 400 24.74 -1.45 13.87
N GLY W 401 24.13 -2.56 14.26
CA GLY W 401 23.02 -3.13 13.51
C GLY W 401 21.75 -3.14 14.34
N TRP W 402 21.33 -4.32 14.80
CA TRP W 402 20.16 -4.45 15.65
C TRP W 402 20.49 -4.41 17.13
N THR W 403 21.74 -4.68 17.51
CA THR W 403 22.16 -4.67 18.90
C THR W 403 21.24 -5.56 19.73
N PRO W 404 21.25 -6.86 19.51
CA PRO W 404 20.33 -7.75 20.23
C PRO W 404 20.56 -7.70 21.73
N PRO W 405 19.50 -7.76 22.53
CA PRO W 405 19.70 -7.84 23.98
C PRO W 405 20.43 -9.13 24.36
N ASP W 406 21.25 -9.03 25.41
CA ASP W 406 22.03 -10.17 25.89
C ASP W 406 21.32 -10.73 27.13
N ARG W 407 20.43 -11.69 26.90
CA ARG W 407 19.73 -12.33 28.01
C ARG W 407 20.58 -13.42 28.65
N THR W 408 20.85 -14.50 27.90
CA THR W 408 21.84 -15.51 28.26
C THR W 408 21.92 -15.71 29.77
N PRO W 409 20.86 -16.24 30.39
CA PRO W 409 20.76 -16.23 31.85
C PRO W 409 22.04 -16.62 32.57
N ARG W 410 22.38 -15.86 33.60
CA ARG W 410 23.54 -16.13 34.45
C ARG W 410 23.10 -16.79 35.75
N ALA W 411 24.07 -17.44 36.41
CA ALA W 411 23.83 -18.02 37.71
C ALA W 411 23.79 -16.94 38.79
N ILE W 412 22.90 -17.14 39.77
CA ILE W 412 22.76 -16.17 40.84
C ILE W 412 24.03 -16.12 41.67
N THR W 413 24.52 -14.91 41.94
CA THR W 413 25.74 -14.73 42.71
C THR W 413 25.46 -14.49 44.19
N VAL W 414 24.40 -13.77 44.51
CA VAL W 414 24.02 -13.43 45.88
C VAL W 414 22.75 -14.18 46.22
N ARG W 415 22.75 -14.85 47.37
CA ARG W 415 21.63 -15.69 47.79
C ARG W 415 21.83 -16.03 49.27
N ARG W 416 20.88 -16.80 49.81
CA ARG W 416 20.96 -17.24 51.19
C ARG W 416 19.82 -18.22 51.46
N LEU W 417 20.04 -19.09 52.44
CA LEU W 417 19.02 -20.01 52.93
C LEU W 417 18.76 -19.71 54.41
N ILE W 418 17.50 -19.86 54.82
CA ILE W 418 17.09 -19.57 56.19
C ILE W 418 16.03 -20.58 56.61
N GLU W 419 15.73 -20.57 57.91
CA GLU W 419 14.65 -21.37 58.49
C GLU W 419 13.52 -20.44 58.89
N ALA W 420 12.30 -20.79 58.51
CA ALA W 420 11.16 -19.92 58.79
C ALA W 420 10.86 -19.93 60.28
N PRO W 421 10.84 -18.78 60.96
CA PRO W 421 10.46 -18.75 62.36
C PRO W 421 8.95 -18.85 62.52
N TYR W 422 8.51 -18.90 63.78
CA TYR W 422 7.09 -19.10 64.07
C TYR W 422 6.23 -17.95 63.58
N ARG W 423 6.81 -16.78 63.34
CA ARG W 423 6.00 -15.62 62.93
C ARG W 423 5.29 -15.89 61.61
N GLU W 424 6.04 -16.29 60.59
CA GLU W 424 5.45 -16.49 59.26
C GLU W 424 4.49 -17.68 59.26
N LEU W 425 4.83 -18.74 59.99
CA LEU W 425 3.92 -19.88 60.08
C LEU W 425 2.61 -19.46 60.74
N ALA W 426 2.68 -18.67 61.80
CA ALA W 426 1.45 -18.18 62.43
C ALA W 426 0.66 -17.31 61.46
N GLY W 427 1.34 -16.46 60.70
CA GLY W 427 0.67 -15.57 59.78
C GLY W 427 0.25 -16.17 58.45
N VAL W 428 0.60 -17.43 58.17
CA VAL W 428 0.33 -18.01 56.86
C VAL W 428 -0.37 -19.36 56.98
N ILE W 429 -0.35 -19.95 58.17
CA ILE W 429 -0.95 -21.27 58.40
C ILE W 429 -2.17 -21.09 59.31
N ASP W 430 -3.28 -21.73 58.93
CA ASP W 430 -4.50 -21.61 59.69
C ASP W 430 -4.32 -22.23 61.08
N PRO W 431 -5.06 -21.75 62.09
CA PRO W 431 -4.88 -22.28 63.44
C PRO W 431 -5.12 -23.79 63.54
N ALA W 432 -6.09 -24.32 62.81
CA ALA W 432 -6.42 -25.74 62.95
C ALA W 432 -5.24 -26.62 62.59
N ASN W 433 -4.56 -26.31 61.49
CA ASN W 433 -3.38 -27.07 61.10
C ASN W 433 -2.17 -26.69 61.94
N LEU W 434 -2.06 -25.43 62.36
CA LEU W 434 -0.90 -25.00 63.12
C LEU W 434 -0.84 -25.68 64.48
N GLN W 435 -1.98 -25.79 65.17
CA GLN W 435 -1.97 -26.35 66.52
C GLN W 435 -1.48 -27.80 66.52
N LEU W 436 -1.78 -28.56 65.45
CA LEU W 436 -1.35 -29.94 65.36
C LEU W 436 0.13 -30.07 65.02
N LEU W 437 0.79 -28.98 64.65
CA LEU W 437 2.20 -29.05 64.29
C LEU W 437 3.04 -29.35 65.53
N ASP W 438 3.93 -30.33 65.41
CA ASP W 438 4.79 -30.70 66.53
C ASP W 438 5.91 -29.67 66.71
N VAL W 439 6.52 -29.70 67.90
CA VAL W 439 7.57 -28.74 68.23
C VAL W 439 8.77 -28.90 67.32
N SER W 440 8.99 -30.08 66.77
CA SER W 440 10.16 -30.36 65.95
C SER W 440 9.99 -29.95 64.49
N ALA W 441 8.84 -29.42 64.11
CA ALA W 441 8.60 -29.05 62.72
C ALA W 441 9.54 -27.92 62.31
N SER W 442 9.96 -27.96 61.04
CA SER W 442 10.82 -26.94 60.47
C SER W 442 10.45 -26.70 59.02
N TYR W 443 10.69 -25.49 58.55
CA TYR W 443 10.41 -25.10 57.18
C TYR W 443 11.63 -24.40 56.59
N LEU W 444 11.78 -24.51 55.27
CA LEU W 444 12.93 -23.97 54.56
C LEU W 444 12.50 -22.84 53.64
N ALA W 445 13.33 -21.80 53.58
CA ALA W 445 13.09 -20.65 52.70
C ALA W 445 14.42 -20.18 52.14
N ALA W 446 14.36 -19.54 50.97
CA ALA W 446 15.54 -19.06 50.28
C ALA W 446 15.32 -17.64 49.80
N LEU W 447 16.43 -16.90 49.70
CA LEU W 447 16.41 -15.52 49.22
C LEU W 447 17.52 -15.34 48.20
N ALA W 448 17.28 -14.47 47.23
CA ALA W 448 18.22 -14.28 46.13
C ALA W 448 18.12 -12.85 45.61
N GLU W 449 19.16 -12.44 44.90
CA GLU W 449 19.25 -11.12 44.27
C GLU W 449 19.36 -11.30 42.77
N ALA W 450 18.65 -10.45 42.02
CA ALA W 450 18.66 -10.55 40.57
C ALA W 450 20.07 -10.28 40.05
N PRO W 451 20.63 -11.17 39.21
CA PRO W 451 21.95 -10.86 38.63
C PRO W 451 21.87 -9.82 37.53
N THR W 452 20.79 -9.79 36.75
CA THR W 452 20.62 -8.83 35.68
C THR W 452 19.19 -8.33 35.68
N SER W 453 19.00 -7.12 35.13
CA SER W 453 17.66 -6.55 35.06
C SER W 453 16.74 -7.33 34.13
N LEU W 454 17.30 -8.20 33.29
CA LEU W 454 16.51 -8.99 32.35
C LEU W 454 16.03 -10.31 32.93
N SER W 455 16.31 -10.58 34.21
CA SER W 455 15.85 -11.78 34.88
C SER W 455 14.56 -11.47 35.62
N GLN W 456 13.52 -12.27 35.38
CA GLN W 456 12.22 -12.06 36.00
C GLN W 456 12.13 -12.71 37.37
N SER W 457 12.37 -14.02 37.43
CA SER W 457 12.30 -14.75 38.69
C SER W 457 13.26 -15.93 38.62
N TYR W 458 13.28 -16.72 39.69
CA TYR W 458 14.15 -17.88 39.78
C TYR W 458 13.37 -19.08 40.30
N THR W 459 13.82 -20.27 39.92
CA THR W 459 13.19 -21.52 40.33
C THR W 459 13.96 -22.13 41.48
N LEU W 460 13.22 -22.80 42.37
CA LEU W 460 13.80 -23.45 43.54
C LEU W 460 13.88 -24.94 43.32
N THR W 461 15.07 -25.51 43.50
CA THR W 461 15.29 -26.94 43.37
C THR W 461 16.05 -27.42 44.60
N ASP W 462 15.58 -28.51 45.20
CA ASP W 462 16.18 -29.02 46.43
C ASP W 462 16.01 -30.53 46.50
N ARG W 463 16.80 -31.15 47.37
CA ARG W 463 16.72 -32.59 47.60
C ARG W 463 17.18 -32.87 49.02
N VAL W 464 16.78 -34.03 49.52
CA VAL W 464 17.13 -34.44 50.87
C VAL W 464 18.50 -35.11 50.84
N GLY W 465 19.40 -34.65 51.72
CA GLY W 465 20.71 -35.24 51.78
C GLY W 465 21.56 -34.87 50.56
N SER W 466 22.63 -35.64 50.38
CA SER W 466 23.56 -35.43 49.28
C SER W 466 23.27 -36.32 48.08
N SER W 467 22.19 -37.10 48.12
CA SER W 467 21.83 -38.00 47.02
C SER W 467 20.36 -37.87 46.72
N GLY W 468 20.00 -38.19 45.49
CA GLY W 468 18.64 -38.09 45.00
C GLY W 468 18.51 -37.09 43.87
N ALA W 469 17.29 -37.02 43.34
CA ALA W 469 16.97 -36.16 42.22
C ALA W 469 16.23 -34.93 42.72
N PHE W 470 16.64 -33.75 42.24
CA PHE W 470 15.98 -32.51 42.65
C PHE W 470 14.52 -32.51 42.22
N VAL W 471 13.66 -32.01 43.10
CA VAL W 471 12.23 -31.90 42.85
C VAL W 471 11.87 -30.42 42.87
N ASP W 472 11.26 -29.95 41.78
CA ASP W 472 10.90 -28.54 41.69
C ASP W 472 9.90 -28.19 42.80
N ARG W 473 10.15 -27.08 43.48
CA ARG W 473 9.33 -26.65 44.59
C ARG W 473 8.56 -25.36 44.32
N GLY W 474 8.94 -24.60 43.30
CA GLY W 474 8.26 -23.38 42.94
C GLY W 474 9.24 -22.30 42.54
N THR W 475 8.73 -21.08 42.46
CA THR W 475 9.53 -19.92 42.07
C THR W 475 9.25 -18.77 43.02
N GLY W 476 10.24 -17.89 43.15
CA GLY W 476 10.10 -16.73 44.01
C GLY W 476 10.72 -15.51 43.37
N ASP W 477 10.31 -14.34 43.88
CA ASP W 477 10.79 -13.08 43.37
C ASP W 477 12.10 -12.67 44.07
N TRP W 478 12.69 -11.59 43.59
CA TRP W 478 13.97 -11.12 44.12
C TRP W 478 13.76 -10.37 45.44
N CYS W 479 14.66 -10.61 46.38
CA CYS W 479 14.56 -10.01 47.71
C CYS W 479 15.39 -8.74 47.77
N PRO W 480 14.79 -7.59 48.05
CA PRO W 480 15.60 -6.36 48.18
C PRO W 480 16.64 -6.52 49.28
N THR W 481 17.83 -5.97 49.03
CA THR W 481 18.93 -6.12 49.95
C THR W 481 19.90 -4.95 49.81
N GLY W 482 20.77 -4.79 50.80
CA GLY W 482 21.76 -3.74 50.79
C GLY W 482 22.93 -4.11 51.68
N LEU W 483 23.95 -3.25 51.64
CA LEU W 483 25.17 -3.43 52.41
C LEU W 483 25.30 -2.31 53.43
N LEU W 484 25.71 -2.68 54.64
CA LEU W 484 25.88 -1.72 55.72
C LEU W 484 27.18 -0.96 55.52
N ALA W 485 27.09 0.37 55.45
CA ALA W 485 28.29 1.20 55.27
C ALA W 485 29.10 1.29 56.56
N ALA W 486 28.44 1.24 57.71
CA ALA W 486 29.11 1.36 59.00
C ALA W 486 28.63 0.27 59.94
N GLU W 487 29.46 -0.04 60.93
CA GLU W 487 29.13 -1.11 61.86
C GLU W 487 27.87 -0.77 62.64
N LEU W 488 27.13 -1.82 63.02
CA LEU W 488 25.91 -1.65 63.80
C LEU W 488 26.20 -2.02 65.24
N PRO W 489 26.27 -1.06 66.17
CA PRO W 489 26.62 -1.40 67.55
C PRO W 489 25.50 -2.15 68.26
N LEU W 490 25.88 -2.83 69.34
CA LEU W 490 24.93 -3.58 70.16
C LEU W 490 24.14 -2.59 71.00
N ALA W 491 22.92 -2.26 70.55
CA ALA W 491 22.07 -1.33 71.28
C ALA W 491 20.63 -1.59 70.89
N ALA W 492 19.76 -1.67 71.91
CA ALA W 492 18.35 -1.88 71.66
C ALA W 492 17.69 -0.59 71.16
N GLY W 493 16.48 -0.74 70.62
CA GLY W 493 15.73 0.39 70.13
C GLY W 493 16.14 0.77 68.71
N PRO W 494 15.49 1.81 68.17
CA PRO W 494 15.78 2.19 66.79
C PRO W 494 17.22 2.65 66.62
N ASN W 495 17.77 2.37 65.44
CA ASN W 495 19.13 2.76 65.09
C ASN W 495 19.18 3.18 63.63
N VAL W 496 19.88 4.28 63.36
CA VAL W 496 19.99 4.81 62.01
C VAL W 496 21.22 4.21 61.36
N VAL W 497 21.02 3.60 60.19
CA VAL W 497 22.10 2.96 59.43
C VAL W 497 21.96 3.33 57.97
N THR W 498 23.08 3.64 57.33
CA THR W 498 23.12 3.95 55.90
C THR W 498 23.48 2.70 55.12
N LEU W 499 22.80 2.51 53.99
CA LEU W 499 22.98 1.33 53.15
C LEU W 499 23.65 1.72 51.85
N THR W 500 24.56 0.86 51.38
CA THR W 500 25.27 1.05 50.12
C THR W 500 24.95 -0.10 49.18
N ASN W 501 24.94 0.21 47.89
CA ASN W 501 24.62 -0.78 46.85
C ASN W 501 23.23 -1.36 47.04
N ALA W 502 22.30 -0.56 47.55
CA ALA W 502 20.94 -1.02 47.79
C ALA W 502 20.26 -1.36 46.47
N THR W 503 19.44 -2.41 46.49
CA THR W 503 18.69 -2.87 45.32
C THR W 503 17.22 -2.93 45.68
N ARG W 504 16.37 -2.42 44.80
CA ARG W 504 14.92 -2.43 44.99
C ARG W 504 14.54 -1.73 46.30
N LEU W 505 15.29 -0.68 46.65
CA LEU W 505 14.99 0.06 47.86
C LEU W 505 13.62 0.71 47.79
N GLU W 506 13.17 1.07 46.58
CA GLU W 506 11.88 1.74 46.45
C GLU W 506 10.73 0.86 46.94
N ASP W 507 10.78 -0.43 46.61
CA ASP W 507 9.68 -1.33 46.95
C ASP W 507 9.61 -1.64 48.45
N VAL W 508 10.62 -1.29 49.22
CA VAL W 508 10.59 -1.58 50.65
C VAL W 508 9.47 -0.78 51.31
N THR W 509 8.85 -1.37 52.33
CA THR W 509 7.75 -0.77 53.04
C THR W 509 8.00 -0.85 54.54
N VAL W 510 7.48 0.15 55.26
CA VAL W 510 7.64 0.18 56.70
C VAL W 510 6.86 -0.95 57.34
N GLY W 511 7.37 -1.45 58.48
CA GLY W 511 6.75 -2.54 59.18
C GLY W 511 7.17 -3.92 58.73
N GLN W 512 7.98 -4.02 57.68
CA GLN W 512 8.43 -5.32 57.21
C GLN W 512 9.46 -5.91 58.17
N ALA W 513 9.70 -7.22 58.00
CA ALA W 513 10.68 -7.95 58.79
C ALA W 513 11.94 -8.13 57.97
N ALA W 514 13.07 -7.68 58.51
CA ALA W 514 14.36 -7.79 57.84
C ALA W 514 15.30 -8.62 58.70
N VAL W 515 16.09 -9.47 58.05
CA VAL W 515 17.00 -10.38 58.73
C VAL W 515 18.40 -10.14 58.21
N VAL W 516 19.35 -9.96 59.13
CA VAL W 516 20.77 -9.80 58.80
C VAL W 516 21.56 -10.74 59.69
N ASP W 517 22.50 -11.46 59.10
CA ASP W 517 23.30 -12.44 59.83
C ASP W 517 22.39 -13.45 60.52
N ASP W 518 22.10 -13.23 61.81
CA ASP W 518 21.16 -14.08 62.53
C ASP W 518 20.22 -13.25 63.40
N GLU W 519 19.97 -12.00 63.04
CA GLU W 519 19.10 -11.10 63.80
C GLU W 519 17.97 -10.63 62.91
N ILE W 520 16.76 -10.63 63.46
CA ILE W 520 15.57 -10.16 62.76
C ILE W 520 15.21 -8.79 63.30
N VAL W 521 15.08 -7.81 62.40
CA VAL W 521 14.83 -6.43 62.77
C VAL W 521 13.63 -5.90 62.01
N ARG W 522 13.06 -4.81 62.52
CA ARG W 522 11.90 -4.16 61.93
C ARG W 522 12.29 -2.77 61.45
N VAL W 523 11.81 -2.41 60.26
CA VAL W 523 12.11 -1.12 59.66
C VAL W 523 11.09 -0.10 60.16
N ASP W 524 11.58 1.05 60.64
CA ASP W 524 10.73 2.12 61.14
C ASP W 524 10.58 3.27 60.15
N ALA W 525 11.66 3.65 59.47
CA ALA W 525 11.63 4.74 58.51
C ALA W 525 12.53 4.39 57.34
N VAL W 526 12.26 5.02 56.20
CA VAL W 526 13.02 4.77 54.97
C VAL W 526 13.29 6.08 54.28
N ASN W 527 14.50 6.20 53.72
CA ASN W 527 14.91 7.36 52.93
C ASN W 527 15.35 6.85 51.56
N TYR W 528 14.49 7.03 50.55
CA TYR W 528 14.77 6.50 49.23
C TYR W 528 16.05 7.12 48.66
N ALA W 529 16.16 8.45 48.70
CA ALA W 529 17.27 9.12 48.04
C ALA W 529 18.61 8.73 48.67
N SER W 530 18.71 8.83 49.99
CA SER W 530 19.97 8.58 50.68
C SER W 530 20.13 7.14 51.14
N GLY W 531 19.10 6.31 51.00
CA GLY W 531 19.21 4.92 51.41
C GLY W 531 19.50 4.74 52.88
N THR W 532 18.94 5.60 53.72
CA THR W 532 19.09 5.50 55.17
C THR W 532 17.78 5.02 55.77
N VAL W 533 17.86 3.99 56.61
CA VAL W 533 16.69 3.36 57.21
C VAL W 533 16.92 3.20 58.70
N THR W 534 15.82 3.13 59.44
CA THR W 534 15.84 2.92 60.89
C THR W 534 15.40 1.50 61.19
N LEU W 535 16.21 0.77 61.96
CA LEU W 535 15.97 -0.63 62.27
C LEU W 535 15.74 -0.81 63.77
N ALA W 536 14.75 -1.62 64.11
CA ALA W 536 14.51 -2.00 65.50
C ALA W 536 15.31 -3.25 65.81
N ARG W 537 16.17 -3.17 66.83
CA ARG W 537 17.08 -4.25 67.17
C ARG W 537 16.41 -5.21 68.15
N GLY W 538 16.73 -6.50 68.00
CA GLY W 538 16.22 -7.50 68.90
C GLY W 538 14.72 -7.70 68.80
N CYS W 539 14.26 -8.23 67.67
CA CYS W 539 12.85 -8.47 67.42
C CYS W 539 12.63 -9.94 67.08
N ALA W 540 11.39 -10.39 67.32
CA ALA W 540 10.99 -11.77 67.05
C ALA W 540 11.77 -12.68 67.99
N ASP W 541 12.52 -13.67 67.49
CA ASP W 541 13.26 -14.60 68.32
C ASP W 541 14.77 -14.39 68.20
N THR W 542 15.19 -13.13 68.15
CA THR W 542 16.59 -12.79 67.97
C THR W 542 17.03 -11.78 69.02
N VAL W 543 18.35 -11.64 69.15
CA VAL W 543 18.94 -10.70 70.09
C VAL W 543 20.01 -9.89 69.36
N PRO W 544 20.29 -8.65 69.79
CA PRO W 544 21.27 -7.84 69.07
C PRO W 544 22.65 -8.47 69.10
N ALA W 545 23.41 -8.26 68.02
CA ALA W 545 24.76 -8.77 67.91
C ALA W 545 25.56 -7.82 67.02
N LYS W 546 26.89 -7.87 67.20
CA LYS W 546 27.77 -7.01 66.40
C LYS W 546 27.72 -7.43 64.95
N HIS W 547 27.59 -6.44 64.05
CA HIS W 547 27.59 -6.67 62.61
C HIS W 547 28.62 -5.74 61.99
N LEU W 548 29.71 -6.31 61.51
CA LEU W 548 30.77 -5.51 60.90
C LEU W 548 30.29 -4.92 59.58
N ALA W 549 31.00 -3.88 59.14
CA ALA W 549 30.66 -3.25 57.87
C ALA W 549 30.73 -4.28 56.74
N GLY W 550 29.76 -4.20 55.83
CA GLY W 550 29.67 -5.14 54.73
C GLY W 550 28.67 -6.26 54.93
N ALA W 551 28.02 -6.32 56.09
CA ALA W 551 27.00 -7.33 56.31
C ALA W 551 25.83 -7.10 55.37
N ARG W 552 25.19 -8.20 54.95
CA ARG W 552 24.10 -8.16 53.99
C ARG W 552 22.76 -8.17 54.74
N VAL W 553 21.89 -7.23 54.39
CA VAL W 553 20.58 -7.09 55.00
C VAL W 553 19.53 -7.55 53.98
N TRP W 554 18.67 -8.48 54.40
CA TRP W 554 17.63 -9.03 53.55
C TRP W 554 16.28 -8.64 54.09
N PHE W 555 15.45 -8.04 53.23
CA PHE W 555 14.06 -7.74 53.58
C PHE W 555 13.17 -8.86 53.07
N TYR W 556 13.30 -10.01 53.73
CA TYR W 556 12.66 -11.23 53.25
C TYR W 556 11.14 -11.16 53.29
N ASP W 557 10.57 -10.23 54.06
CA ASP W 557 9.12 -10.14 54.18
C ASP W 557 8.47 -9.92 52.83
N THR W 558 7.70 -10.90 52.35
CA THR W 558 6.97 -10.88 51.09
C THR W 558 7.89 -11.08 49.88
N PHE W 559 9.13 -11.53 50.08
CA PHE W 559 10.06 -11.69 48.97
C PHE W 559 10.87 -12.97 49.11
N GLU W 560 10.27 -14.03 49.66
CA GLU W 560 10.97 -15.27 49.93
C GLU W 560 10.29 -16.44 49.22
N ALA W 561 11.10 -17.42 48.81
CA ALA W 561 10.61 -18.64 48.21
C ALA W 561 10.57 -19.74 49.28
N VAL W 562 9.41 -20.35 49.45
CA VAL W 562 9.14 -21.28 50.54
C VAL W 562 8.81 -22.64 49.95
N ASP W 563 9.40 -23.68 50.51
CA ASP W 563 9.07 -25.06 50.16
C ASP W 563 8.03 -25.58 51.14
N GLU W 564 6.85 -25.93 50.61
CA GLU W 564 5.73 -26.29 51.48
C GLU W 564 5.96 -27.59 52.23
N THR W 565 6.87 -28.44 51.76
CA THR W 565 7.10 -29.72 52.42
C THR W 565 7.68 -29.51 53.81
N VAL W 566 7.26 -30.36 54.74
CA VAL W 566 7.70 -30.28 56.14
C VAL W 566 8.86 -31.23 56.32
N TYR W 567 9.94 -30.74 56.94
CA TYR W 567 11.15 -31.51 57.18
C TYR W 567 11.47 -31.50 58.67
N SER W 568 11.90 -32.65 59.18
CA SER W 568 12.26 -32.77 60.58
C SER W 568 13.63 -32.16 60.84
N GLN W 569 13.88 -31.82 62.10
CA GLN W 569 15.14 -31.20 62.49
C GLN W 569 16.29 -32.19 62.32
N GLY W 570 17.47 -31.63 62.02
CA GLY W 570 18.68 -32.42 61.88
C GLY W 570 18.96 -32.93 60.48
N VAL W 571 18.08 -32.69 59.53
CA VAL W 571 18.27 -33.15 58.16
C VAL W 571 19.03 -32.08 57.38
N THR W 572 20.02 -32.52 56.61
CA THR W 572 20.82 -31.64 55.77
C THR W 572 20.27 -31.67 54.35
N LEU W 573 20.10 -30.49 53.76
CA LEU W 573 19.54 -30.35 52.44
C LEU W 573 20.56 -29.76 51.48
N GLN W 574 20.37 -30.04 50.19
CA GLN W 574 21.15 -29.43 49.12
C GLN W 574 20.17 -28.84 48.12
N ALA W 575 20.24 -27.53 47.93
CA ALA W 575 19.30 -26.82 47.06
C ALA W 575 20.06 -25.88 46.14
N ARG W 576 19.46 -25.60 44.99
CA ARG W 576 20.02 -24.70 44.00
C ARG W 576 18.93 -23.75 43.50
N LEU W 577 19.35 -22.56 43.09
CA LEU W 577 18.45 -21.56 42.55
C LEU W 577 18.76 -21.36 41.07
N LEU W 578 17.74 -21.51 40.23
CA LEU W 578 17.87 -21.40 38.78
C LEU W 578 17.16 -20.13 38.32
N THR W 579 17.89 -19.27 37.61
CA THR W 579 17.31 -18.04 37.10
C THR W 579 16.37 -18.32 35.94
N ASN W 580 15.34 -17.49 35.80
CA ASN W 580 14.36 -17.62 34.75
C ASN W 580 14.29 -16.30 33.98
N THR W 581 14.31 -16.39 32.65
CA THR W 581 14.20 -15.23 31.78
C THR W 581 13.30 -15.57 30.61
N SER W 582 12.93 -14.54 29.84
CA SER W 582 12.09 -14.76 28.67
C SER W 582 12.76 -15.68 27.66
N GLU W 583 14.09 -15.77 27.68
CA GLU W 583 14.81 -16.65 26.77
C GLU W 583 14.80 -18.11 27.23
N GLY W 584 14.45 -18.38 28.47
CA GLY W 584 14.36 -19.72 28.98
C GLY W 584 14.81 -19.79 30.42
N GLN W 585 15.23 -20.98 30.84
CA GLN W 585 15.67 -21.24 32.19
C GLN W 585 17.14 -21.61 32.21
N LEU W 586 17.80 -21.26 33.31
CA LEU W 586 19.23 -21.56 33.45
C LEU W 586 19.46 -23.07 33.56
N ALA W 587 20.54 -23.52 32.94
CA ALA W 587 20.86 -24.94 32.93
C ALA W 587 21.40 -25.35 34.30
N PRO W 588 20.85 -26.39 34.93
CA PRO W 588 21.25 -26.69 36.33
C PRO W 588 22.74 -26.86 36.51
N ALA W 589 23.47 -27.26 35.47
CA ALA W 589 24.91 -27.50 35.62
C ALA W 589 25.65 -26.24 36.08
N LEU W 590 25.14 -25.06 35.73
CA LEU W 590 25.80 -23.80 36.08
C LEU W 590 25.31 -23.21 37.39
N ALA W 591 24.38 -23.87 38.09
CA ALA W 591 23.80 -23.32 39.30
C ALA W 591 24.65 -23.67 40.52
N ALA W 592 24.84 -22.69 41.39
CA ALA W 592 25.61 -22.90 42.61
C ALA W 592 24.85 -23.77 43.59
N THR W 593 25.60 -24.50 44.42
CA THR W 593 25.04 -25.42 45.40
C THR W 593 25.32 -24.91 46.81
N ASP W 594 24.45 -25.27 47.75
CA ASP W 594 24.60 -24.89 49.14
C ASP W 594 23.92 -25.93 50.02
N SER W 595 24.30 -25.94 51.29
CA SER W 595 23.76 -26.87 52.27
C SER W 595 23.37 -26.12 53.54
N LEU W 596 22.33 -26.62 54.19
CA LEU W 596 21.85 -26.05 55.44
C LEU W 596 21.45 -27.18 56.38
N THR W 597 21.60 -26.92 57.68
CA THR W 597 21.24 -27.89 58.72
C THR W 597 20.08 -27.32 59.52
N LEU W 598 18.95 -28.04 59.49
CA LEU W 598 17.77 -27.59 60.21
C LEU W 598 17.99 -27.71 61.72
N THR W 599 17.36 -26.80 62.46
CA THR W 599 17.53 -26.78 63.91
C THR W 599 16.23 -26.56 64.66
N GLY W 600 15.07 -26.71 64.02
CA GLY W 600 13.81 -26.52 64.71
C GLY W 600 13.65 -25.12 65.27
N ARG W 601 13.93 -24.12 64.42
CA ARG W 601 13.91 -22.74 64.89
C ARG W 601 12.55 -22.36 65.46
N GLN W 602 11.47 -22.77 64.79
CA GLN W 602 10.14 -22.44 65.29
C GLN W 602 9.86 -23.13 66.62
N GLY W 603 10.41 -24.33 66.83
CA GLY W 603 10.12 -25.07 68.05
C GLY W 603 10.67 -24.39 69.28
N LYS W 604 11.89 -23.86 69.20
CA LYS W 604 12.55 -23.32 70.38
C LYS W 604 11.81 -22.09 70.89
N PRO W 605 11.72 -21.90 72.21
CA PRO W 605 11.03 -20.72 72.74
C PRO W 605 11.85 -19.45 72.52
N TYR W 606 11.13 -18.32 72.49
CA TYR W 606 11.79 -17.04 72.29
C TYR W 606 12.65 -16.70 73.52
N PRO W 607 13.74 -15.99 73.33
CA PRO W 607 14.57 -15.57 74.46
C PRO W 607 13.95 -14.39 75.18
N PRO W 608 14.47 -14.01 76.35
CA PRO W 608 13.93 -12.84 77.04
C PRO W 608 14.17 -11.56 76.25
N GLY W 609 13.31 -10.57 76.50
CA GLY W 609 13.33 -9.34 75.74
C GLY W 609 14.14 -8.25 76.39
N GLN W 610 13.45 -7.28 77.00
CA GLN W 610 14.12 -6.14 77.61
C GLN W 610 15.17 -6.61 78.62
N PHE W 611 16.44 -6.39 78.31
CA PHE W 611 17.55 -6.84 79.14
C PHE W 611 18.26 -5.61 79.69
N ARG W 612 17.78 -5.14 80.84
CA ARG W 612 18.30 -3.93 81.47
C ARG W 612 18.97 -4.29 82.79
N ILE W 613 20.20 -3.79 82.99
CA ILE W 613 20.98 -4.06 84.18
C ILE W 613 21.10 -2.76 84.97
N ASN W 614 20.54 -2.75 86.18
CA ASN W 614 20.59 -1.57 87.04
C ASN W 614 20.06 -0.33 86.32
N GLY W 615 19.03 -0.53 85.51
CA GLY W 615 18.44 0.56 84.76
C GLY W 615 19.18 0.96 83.51
N SER W 616 20.23 0.22 83.13
CA SER W 616 21.01 0.52 81.94
C SER W 616 21.04 -0.70 81.03
N ALA W 617 21.09 -0.44 79.73
CA ALA W 617 21.13 -1.49 78.71
C ALA W 617 22.58 -1.74 78.32
N TYR W 618 23.04 -2.96 78.50
CA TYR W 618 24.42 -3.36 78.20
C TYR W 618 25.43 -2.39 78.84
N PRO W 619 25.38 -2.19 80.15
CA PRO W 619 26.32 -1.29 80.80
C PRO W 619 27.64 -1.98 81.16
N THR W 620 28.73 -1.23 81.01
CA THR W 620 30.04 -1.67 81.46
C THR W 620 30.39 -1.14 82.84
N LYS W 621 29.48 -0.40 83.47
CA LYS W 621 29.72 0.19 84.78
C LYS W 621 28.50 -0.06 85.66
N VAL W 622 28.71 -0.77 86.77
CA VAL W 622 27.67 -0.99 87.76
C VAL W 622 28.25 -0.68 89.13
N TYR W 623 27.51 0.09 89.93
CA TYR W 623 27.98 0.54 91.23
C TYR W 623 27.43 -0.40 92.30
N GLY W 624 28.14 -1.51 92.51
CA GLY W 624 27.84 -2.39 93.62
C GLY W 624 26.77 -3.41 93.35
N ALA W 625 25.59 -3.21 93.94
CA ALA W 625 24.52 -4.20 93.85
C ALA W 625 24.17 -4.47 92.40
N LEU W 626 23.99 -5.75 92.07
CA LEU W 626 23.69 -6.19 90.72
C LEU W 626 22.20 -6.46 90.59
N SER W 627 21.55 -5.75 89.67
CA SER W 627 20.15 -5.95 89.36
C SER W 627 20.00 -6.19 87.86
N VAL W 628 19.40 -7.31 87.49
CA VAL W 628 19.19 -7.68 86.10
C VAL W 628 17.69 -7.88 85.89
N SER W 629 17.14 -7.24 84.87
CA SER W 629 15.72 -7.33 84.54
C SER W 629 15.56 -7.92 83.16
N TRP W 630 14.63 -8.85 83.01
CA TRP W 630 14.35 -9.50 81.74
C TRP W 630 12.84 -9.53 81.51
N ALA W 631 12.46 -9.66 80.25
CA ALA W 631 11.07 -9.70 79.84
C ALA W 631 10.68 -11.11 79.44
N LYS W 632 9.41 -11.44 79.62
CA LYS W 632 8.88 -12.75 79.30
C LYS W 632 8.14 -12.68 77.96
N ARG W 633 8.54 -13.55 77.03
CA ARG W 633 7.98 -13.57 75.68
C ARG W 633 7.29 -14.91 75.45
N ASP W 634 6.06 -14.85 74.96
CA ASP W 634 5.30 -16.03 74.56
C ASP W 634 5.09 -15.98 73.05
N ARG W 635 5.59 -17.00 72.35
CA ARG W 635 5.49 -17.01 70.89
C ARG W 635 4.04 -17.09 70.44
N ILE W 636 3.22 -17.87 71.13
CA ILE W 636 1.83 -18.06 70.69
C ILE W 636 1.06 -16.75 70.76
N GLY W 637 1.22 -16.00 71.86
CA GLY W 637 0.49 -14.76 72.00
C GLY W 637 0.88 -13.71 70.98
N GLN W 638 2.19 -13.58 70.71
CA GLN W 638 2.64 -12.58 69.75
C GLN W 638 2.11 -12.87 68.35
N ALA W 639 2.12 -14.14 67.95
CA ALA W 639 1.63 -14.56 66.63
C ALA W 639 2.49 -13.87 65.57
N ASP W 640 1.92 -13.06 64.69
CA ASP W 640 2.69 -12.44 63.61
C ASP W 640 3.18 -11.05 63.94
N GLN W 641 2.94 -10.56 65.15
CA GLN W 641 3.35 -9.21 65.53
C GLN W 641 4.83 -9.19 65.89
N LEU W 642 5.53 -8.16 65.40
CA LEU W 642 6.93 -7.96 65.72
C LEU W 642 7.05 -7.07 66.94
N ILE W 643 7.62 -7.59 68.01
CA ILE W 643 7.81 -6.86 69.26
C ILE W 643 9.30 -6.83 69.57
N ASP W 644 9.83 -5.64 69.78
CA ASP W 644 11.25 -5.45 70.06
C ASP W 644 11.53 -5.61 71.55
N THR W 645 12.79 -5.39 71.93
CA THR W 645 13.17 -5.58 73.33
C THR W 645 12.67 -4.44 74.21
N THR W 646 12.51 -3.23 73.65
CA THR W 646 12.10 -2.09 74.46
C THR W 646 10.70 -2.27 75.04
N VAL W 647 9.87 -3.12 74.44
CA VAL W 647 8.52 -3.31 74.94
C VAL W 647 8.56 -4.10 76.24
N GLY W 648 7.53 -3.93 77.06
CA GLY W 648 7.47 -4.57 78.36
C GLY W 648 7.00 -6.01 78.29
N ASN W 649 6.66 -6.54 79.45
CA ASN W 649 6.24 -7.93 79.55
C ASN W 649 4.98 -8.16 78.73
N ILE W 650 4.92 -9.33 78.08
CA ILE W 650 3.78 -9.75 77.29
C ILE W 650 3.20 -11.06 77.81
N GLY W 651 3.52 -11.42 79.05
CA GLY W 651 3.05 -12.64 79.65
C GLY W 651 3.94 -13.81 79.30
N PRO W 652 3.93 -14.86 80.12
CA PRO W 652 4.78 -16.03 79.83
C PRO W 652 4.10 -17.03 78.92
N GLU W 653 4.80 -18.12 78.61
CA GLU W 653 4.26 -19.20 77.79
C GLU W 653 4.05 -20.43 78.66
N ASP W 654 3.02 -21.20 78.32
CA ASP W 654 2.67 -22.39 79.09
C ASP W 654 3.85 -23.34 79.20
N GLY W 655 4.37 -23.53 80.41
CA GLY W 655 5.48 -24.42 80.63
C GLY W 655 6.84 -23.84 80.29
N ALA W 656 6.94 -22.54 80.07
CA ALA W 656 8.20 -21.89 79.73
C ALA W 656 8.71 -21.11 80.93
N THR W 657 10.00 -21.28 81.24
CA THR W 657 10.65 -20.60 82.34
C THR W 657 11.93 -19.95 81.84
N VAL W 658 12.67 -19.33 82.76
CA VAL W 658 13.90 -18.63 82.46
C VAL W 658 15.04 -19.26 83.23
N THR W 659 16.18 -19.43 82.56
CA THR W 659 17.38 -20.00 83.16
C THR W 659 18.54 -19.04 82.98
N LEU W 660 19.37 -18.90 84.02
CA LEU W 660 20.51 -18.01 84.01
C LEU W 660 21.76 -18.78 84.41
N GLN W 661 22.85 -18.52 83.69
CA GLN W 661 24.15 -19.12 83.98
C GLN W 661 25.13 -18.04 84.39
N VAL W 662 25.85 -18.27 85.48
CA VAL W 662 26.83 -17.33 86.01
C VAL W 662 28.21 -17.95 85.82
N TYR W 663 29.09 -17.20 85.15
CA TYR W 663 30.45 -17.66 84.86
C TYR W 663 31.46 -16.72 85.49
N SER W 664 32.69 -17.22 85.62
CA SER W 664 33.82 -16.45 86.14
C SER W 664 34.74 -16.00 85.01
N GLY W 665 34.17 -15.64 83.87
CA GLY W 665 34.95 -15.28 82.69
C GLY W 665 35.16 -16.45 81.75
N THR W 666 35.63 -17.58 82.29
CA THR W 666 35.83 -18.79 81.49
C THR W 666 35.14 -19.97 82.15
N THR W 667 35.12 -20.01 83.48
CA THR W 667 34.60 -21.15 84.23
C THR W 667 33.18 -20.88 84.70
N LEU W 668 32.41 -21.95 84.81
CA LEU W 668 31.05 -21.88 85.33
C LEU W 668 31.06 -22.06 86.84
N LYS W 669 30.47 -21.11 87.56
CA LYS W 669 30.45 -21.13 89.02
C LYS W 669 29.05 -21.37 89.57
N ARG W 670 28.06 -20.61 89.13
CA ARG W 670 26.70 -20.74 89.61
C ARG W 670 25.73 -20.79 88.43
N THR W 671 24.64 -21.52 88.64
CA THR W 671 23.61 -21.69 87.61
C THR W 671 22.25 -21.69 88.28
N TYR W 672 21.40 -20.74 87.91
CA TYR W 672 20.06 -20.62 88.46
C TYR W 672 19.05 -20.94 87.36
N ALA W 673 18.20 -21.92 87.63
CA ALA W 673 17.19 -22.37 86.67
C ALA W 673 15.80 -22.27 87.28
N GLY W 674 14.80 -22.29 86.41
CA GLY W 674 13.43 -22.21 86.86
C GLY W 674 12.98 -20.82 87.27
N LEU W 675 13.70 -19.79 86.86
CA LEU W 675 13.33 -18.43 87.24
C LEU W 675 12.02 -18.03 86.56
N THR W 676 11.10 -17.49 87.36
CA THR W 676 9.81 -17.06 86.84
C THR W 676 9.54 -15.58 87.05
N SER W 677 10.36 -14.88 87.83
CA SER W 677 10.17 -13.45 88.07
C SER W 677 10.71 -12.64 86.89
N SER W 678 10.67 -11.32 87.04
CA SER W 678 11.19 -10.40 86.04
C SER W 678 12.50 -9.76 86.46
N SER W 679 13.07 -10.18 87.58
CA SER W 679 14.34 -9.63 88.04
C SER W 679 15.03 -10.67 88.92
N TRP W 680 16.36 -10.57 88.99
CA TRP W 680 17.16 -11.47 89.80
C TRP W 680 18.33 -10.69 90.38
N SER W 681 18.69 -11.02 91.62
CA SER W 681 19.81 -10.41 92.31
C SER W 681 20.73 -11.51 92.83
N TYR W 682 22.03 -11.23 92.80
CA TYR W 682 23.00 -12.20 93.28
C TYR W 682 22.89 -12.35 94.79
N PRO W 683 22.60 -13.54 95.32
CA PRO W 683 22.48 -13.68 96.77
C PRO W 683 23.79 -13.37 97.46
N LEU W 684 23.68 -12.78 98.65
CA LEU W 684 24.85 -12.43 99.43
C LEU W 684 25.63 -13.64 99.89
N ALA W 685 25.00 -14.82 99.94
CA ALA W 685 25.67 -16.01 100.45
C ALA W 685 26.86 -16.39 99.58
N GLU W 686 26.68 -16.39 98.26
CA GLU W 686 27.73 -16.82 97.34
C GLU W 686 28.74 -15.72 97.02
N ASP W 687 28.46 -14.48 97.41
CA ASP W 687 29.40 -13.40 97.13
C ASP W 687 30.75 -13.63 97.82
N MET W 688 30.72 -14.01 99.09
CA MET W 688 31.96 -14.34 99.79
C MET W 688 32.62 -15.57 99.18
N ALA W 689 31.85 -16.63 98.92
CA ALA W 689 32.43 -17.87 98.41
C ALA W 689 33.16 -17.62 97.10
N ASP W 690 32.51 -16.93 96.16
CA ASP W 690 33.14 -16.56 94.90
C ASP W 690 33.97 -15.29 95.02
N GLY W 691 33.85 -14.54 96.12
CA GLY W 691 34.61 -13.34 96.30
C GLY W 691 34.22 -12.26 95.30
N PRO W 692 35.04 -11.23 95.17
CA PRO W 692 34.78 -10.21 94.14
C PRO W 692 34.99 -10.77 92.75
N LEU W 693 34.06 -10.46 91.85
CA LEU W 693 34.13 -10.87 90.46
C LEU W 693 34.15 -9.60 89.61
N GLN W 694 35.35 -9.08 89.35
CA GLN W 694 35.46 -7.88 88.53
C GLN W 694 34.94 -8.15 87.12
N ASP W 695 35.30 -9.29 86.54
CA ASP W 695 34.87 -9.66 85.20
C ASP W 695 33.78 -10.72 85.33
N VAL W 696 32.53 -10.30 85.12
CA VAL W 696 31.36 -11.17 85.26
C VAL W 696 30.73 -11.34 83.89
N ARG W 697 30.52 -12.59 83.48
CA ARG W 697 29.85 -12.90 82.23
C ARG W 697 28.41 -13.30 82.55
N LEU W 698 27.46 -12.62 81.92
CA LEU W 698 26.04 -12.86 82.13
C LEU W 698 25.47 -13.57 80.91
N VAL W 699 24.87 -14.73 81.12
CA VAL W 699 24.26 -15.52 80.06
C VAL W 699 22.79 -15.71 80.42
N LEU W 700 21.91 -15.33 79.48
CA LEU W 700 20.47 -15.38 79.69
C LEU W 700 19.82 -16.15 78.55
N ARG W 701 18.91 -17.05 78.90
CA ARG W 701 18.19 -17.83 77.89
C ARG W 701 16.90 -18.34 78.52
N SER W 702 15.98 -18.77 77.65
CA SER W 702 14.71 -19.34 78.06
C SER W 702 14.68 -20.82 77.69
N VAL W 703 14.18 -21.65 78.61
CA VAL W 703 14.14 -23.09 78.42
C VAL W 703 12.76 -23.61 78.83
N ARG W 704 12.21 -24.50 78.01
CA ARG W 704 10.97 -25.19 78.32
C ARG W 704 11.11 -26.65 77.92
N ASP W 705 10.84 -27.56 78.86
CA ASP W 705 10.95 -28.99 78.61
C ASP W 705 12.33 -29.32 78.04
N GLY W 706 13.35 -28.67 78.57
CA GLY W 706 14.70 -28.91 78.13
C GLY W 706 15.01 -28.42 76.73
N ILE W 707 14.24 -27.46 76.22
CA ILE W 707 14.45 -26.89 74.89
C ILE W 707 15.02 -25.50 75.07
N ASP W 708 16.30 -25.33 74.72
CA ASP W 708 16.97 -24.05 74.86
C ASP W 708 16.75 -23.19 73.63
N SER W 709 16.66 -21.88 73.84
CA SER W 709 16.47 -20.95 72.73
C SER W 709 17.69 -20.97 71.81
N TRP W 710 17.43 -20.74 70.52
CA TRP W 710 18.50 -20.79 69.54
C TRP W 710 19.57 -19.74 69.84
N GLN W 711 19.15 -18.53 70.18
CA GLN W 711 20.06 -17.43 70.51
C GLN W 711 19.99 -17.13 72.00
N GLN W 712 20.95 -16.34 72.46
CA GLN W 712 21.05 -16.00 73.88
C GLN W 712 21.84 -14.72 74.04
N HIS W 713 21.75 -14.14 75.22
CA HIS W 713 22.53 -12.96 75.57
C HIS W 713 23.84 -13.38 76.22
N ASP W 714 24.89 -12.60 75.94
CA ASP W 714 26.21 -12.89 76.52
C ASP W 714 27.05 -11.62 76.49
N ILE W 715 27.41 -11.10 77.66
CA ILE W 715 28.26 -9.94 77.77
C ILE W 715 29.07 -10.05 79.06
N THR W 716 30.31 -9.57 79.01
CA THR W 716 31.19 -9.52 80.18
C THR W 716 31.18 -8.10 80.72
N ILE W 717 30.67 -7.92 81.93
CA ILE W 717 30.49 -6.60 82.51
C ILE W 717 31.56 -6.37 83.56
N GLU W 718 31.80 -5.10 83.87
CA GLU W 718 32.79 -4.68 84.85
C GLU W 718 32.08 -4.03 86.02
N ARG W 719 32.46 -4.42 87.24
CA ARG W 719 31.80 -3.95 88.45
C ARG W 719 32.65 -2.89 89.14
N HIS W 720 31.99 -1.89 89.70
CA HIS W 720 32.64 -0.83 90.45
C HIS W 720 31.88 -0.59 91.74
N GLY W 721 32.58 0.02 92.70
CA GLY W 721 32.03 0.31 94.00
C GLY W 721 33.02 -0.06 95.08
N LEU W 722 32.57 -0.04 96.33
CA LEU W 722 33.45 -0.40 97.43
C LEU W 722 33.86 -1.86 97.30
N GLY W 723 35.16 -2.10 97.31
CA GLY W 723 35.70 -3.43 97.21
C GLY W 723 35.86 -3.93 95.79
N PHE W 724 35.62 -3.09 94.80
CA PHE W 724 35.77 -3.47 93.39
C PHE W 724 36.61 -2.39 92.70
N ARG W 725 37.78 -2.79 92.20
CA ARG W 725 38.66 -1.92 91.43
C ARG W 725 39.09 -0.69 92.24
N LEU W 726 39.83 -0.95 93.32
CA LEU W 726 40.49 0.10 94.07
C LEU W 726 42.00 0.09 93.87
N GLY W 727 42.50 -0.68 92.91
CA GLY W 727 43.85 -0.44 92.43
C GLY W 727 44.01 0.96 91.87
N GLU W 728 42.91 1.57 91.46
CA GLU W 728 42.89 2.97 91.03
C GLU W 728 41.62 3.65 91.52
N ALA X 2 28.30 -108.96 -76.94
CA ALA X 2 29.52 -108.31 -77.38
C ALA X 2 29.27 -106.85 -77.75
N THR X 3 28.01 -106.53 -78.03
CA THR X 3 27.61 -105.18 -78.40
C THR X 3 26.42 -104.78 -77.54
N GLU X 4 26.40 -103.52 -77.10
CA GLU X 4 25.32 -103.00 -76.28
C GLU X 4 25.12 -101.52 -76.58
N PHE X 5 23.88 -101.14 -76.91
CA PHE X 5 23.52 -99.76 -77.14
C PHE X 5 22.49 -99.35 -76.09
N GLY X 6 22.75 -98.24 -75.40
CA GLY X 6 21.84 -97.79 -74.38
C GLY X 6 22.24 -96.43 -73.84
N THR X 7 21.58 -96.04 -72.76
CA THR X 7 21.81 -94.75 -72.12
C THR X 7 22.08 -94.98 -70.64
N ALA X 8 23.23 -94.51 -70.16
CA ALA X 8 23.61 -94.63 -68.76
C ALA X 8 23.27 -93.33 -68.04
N VAL X 9 22.55 -93.46 -66.91
CA VAL X 9 22.05 -92.28 -66.22
C VAL X 9 23.20 -91.38 -65.76
N ASN X 10 24.39 -91.95 -65.53
CA ASN X 10 25.52 -91.16 -65.09
C ASN X 10 26.80 -91.96 -65.32
N HIS X 11 27.94 -91.32 -65.05
CA HIS X 11 29.22 -91.96 -65.27
C HIS X 11 29.37 -93.21 -64.40
N ALA X 12 28.96 -93.12 -63.13
CA ALA X 12 29.02 -94.28 -62.26
C ALA X 12 28.15 -95.41 -62.81
N ASP X 13 26.93 -95.08 -63.23
CA ASP X 13 26.07 -96.07 -63.85
C ASP X 13 26.63 -96.55 -65.18
N LEU X 14 27.36 -95.69 -65.90
CA LEU X 14 27.97 -96.12 -67.15
C LEU X 14 29.03 -97.19 -66.88
N VAL X 15 29.89 -96.97 -65.90
CA VAL X 15 30.89 -97.98 -65.55
C VAL X 15 30.20 -99.24 -65.02
N GLU X 16 29.13 -99.06 -64.26
CA GLU X 16 28.37 -100.21 -63.76
C GLU X 16 27.86 -101.05 -64.92
N ARG X 17 27.23 -100.41 -65.90
CA ARG X 17 26.70 -101.13 -67.06
C ARG X 17 27.83 -101.77 -67.85
N LEU X 18 28.98 -101.10 -67.93
CA LEU X 18 30.12 -101.68 -68.64
C LEU X 18 30.56 -102.98 -67.98
N VAL X 19 30.67 -102.97 -66.64
CA VAL X 19 31.13 -104.17 -65.95
C VAL X 19 30.10 -105.29 -66.06
N GLN X 20 28.80 -104.94 -65.97
CA GLN X 20 27.79 -105.97 -66.11
C GLN X 20 27.76 -106.53 -67.53
N PHE X 21 28.03 -105.69 -68.53
CA PHE X 21 28.13 -106.18 -69.90
C PHE X 21 29.32 -107.13 -70.05
N LEU X 22 30.45 -106.79 -69.44
CA LEU X 22 31.62 -107.65 -69.52
C LEU X 22 31.40 -108.97 -68.79
N THR X 23 30.62 -108.95 -67.71
CA THR X 23 30.37 -110.18 -66.94
C THR X 23 29.29 -111.05 -67.57
N ALA X 24 28.07 -110.54 -67.70
CA ALA X 24 26.89 -111.35 -67.98
C ALA X 24 26.42 -111.25 -69.43
N SER X 25 27.23 -110.71 -70.34
CA SER X 25 26.84 -110.69 -71.74
C SER X 25 26.63 -112.13 -72.21
N PRO X 26 25.51 -112.44 -72.86
CA PRO X 26 25.26 -113.86 -73.21
C PRO X 26 26.37 -114.47 -74.04
N ASP X 27 26.92 -113.71 -74.99
CA ASP X 27 28.02 -114.23 -75.80
C ASP X 27 29.25 -114.52 -74.95
N LEU X 28 29.57 -113.61 -74.04
CA LEU X 28 30.77 -113.78 -73.22
C LEU X 28 30.62 -114.98 -72.29
N VAL X 29 29.48 -115.11 -71.62
CA VAL X 29 29.29 -116.19 -70.65
C VAL X 29 29.18 -117.53 -71.38
N ALA X 30 28.45 -117.57 -72.49
CA ALA X 30 28.28 -118.82 -73.22
C ALA X 30 29.61 -119.34 -73.73
N ALA X 31 30.45 -118.45 -74.25
CA ALA X 31 31.76 -118.82 -74.76
C ALA X 31 32.83 -118.83 -73.68
N GLY X 32 32.48 -118.48 -72.43
CA GLY X 32 33.45 -118.48 -71.36
C GLY X 32 34.59 -117.50 -71.57
N GLN X 33 34.27 -116.32 -72.11
CA GLN X 33 35.26 -115.27 -72.36
C GLN X 33 35.15 -114.12 -71.36
N ALA X 34 34.37 -114.29 -70.29
CA ALA X 34 34.18 -113.21 -69.33
C ALA X 34 35.49 -112.90 -68.61
N TYR X 35 35.67 -111.63 -68.28
CA TYR X 35 36.85 -111.18 -67.56
C TYR X 35 36.68 -111.40 -66.06
N GLU X 36 37.80 -111.35 -65.34
CA GLU X 36 37.83 -111.56 -63.90
C GLU X 36 38.28 -110.27 -63.22
N LYS X 37 37.63 -109.93 -62.12
CA LYS X 37 37.93 -108.69 -61.39
C LYS X 37 38.88 -109.03 -60.25
N VAL X 38 40.15 -108.64 -60.42
CA VAL X 38 41.18 -108.92 -59.42
C VAL X 38 41.30 -107.83 -58.36
N PHE X 39 40.68 -106.68 -58.57
CA PHE X 39 40.77 -105.60 -57.61
C PHE X 39 39.61 -104.64 -57.81
N ASP X 40 39.11 -104.10 -56.70
CA ASP X 40 38.07 -103.06 -56.75
C ASP X 40 38.09 -102.33 -55.42
N ASN X 41 38.45 -101.05 -55.44
CA ASN X 41 38.63 -100.31 -54.21
C ASN X 41 38.37 -98.83 -54.46
N THR X 42 38.11 -98.11 -53.37
CA THR X 42 37.92 -96.66 -53.37
C THR X 42 38.78 -96.11 -52.24
N ILE X 43 40.04 -95.81 -52.55
CA ILE X 43 41.02 -95.42 -51.54
C ILE X 43 40.84 -93.96 -51.10
N PRO X 44 40.56 -93.02 -51.98
CA PRO X 44 40.62 -91.60 -51.57
C PRO X 44 39.39 -91.19 -50.78
N ALA X 45 39.59 -90.13 -49.98
CA ALA X 45 38.52 -89.50 -49.22
C ALA X 45 38.06 -88.28 -50.01
N SER X 46 36.94 -88.42 -50.71
CA SER X 46 36.46 -87.35 -51.58
C SER X 46 36.15 -86.10 -50.76
N GLY X 47 36.63 -84.95 -51.23
CA GLY X 47 36.30 -83.68 -50.64
C GLY X 47 35.27 -82.94 -51.49
N THR X 48 35.72 -81.92 -52.21
CA THR X 48 34.86 -81.26 -53.20
C THR X 48 34.95 -81.97 -54.55
N ALA X 49 34.76 -83.28 -54.54
CA ALA X 49 34.92 -84.09 -55.73
C ALA X 49 34.06 -85.35 -55.60
N ILE X 50 33.81 -85.99 -56.73
CA ILE X 50 33.00 -87.20 -56.76
C ILE X 50 33.83 -88.38 -56.27
N ALA X 51 33.14 -89.42 -55.82
CA ALA X 51 33.81 -90.63 -55.38
C ALA X 51 34.61 -91.24 -56.52
N VAL X 52 35.77 -91.78 -56.19
CA VAL X 52 36.70 -92.35 -57.16
C VAL X 52 36.61 -93.86 -57.08
N ARG X 53 36.30 -94.51 -58.20
CA ARG X 53 36.20 -95.96 -58.29
C ARG X 53 37.40 -96.50 -59.05
N GLN X 54 38.06 -97.49 -58.45
CA GLN X 54 39.21 -98.15 -59.06
C GLN X 54 38.86 -99.61 -59.32
N VAL X 55 39.14 -100.07 -60.53
CA VAL X 55 38.82 -101.43 -60.94
C VAL X 55 40.00 -102.00 -61.73
N THR X 56 40.35 -103.25 -61.43
CA THR X 56 41.34 -103.99 -62.18
C THR X 56 40.72 -105.32 -62.60
N LEU X 57 40.86 -105.67 -63.87
CA LEU X 57 40.23 -106.87 -64.42
C LEU X 57 41.23 -107.64 -65.27
N ARG X 58 40.99 -108.94 -65.38
CA ARG X 58 41.86 -109.86 -66.12
C ARG X 58 41.06 -110.50 -67.24
N ALA X 59 41.67 -110.54 -68.44
CA ALA X 59 41.04 -111.14 -69.60
C ALA X 59 41.83 -112.37 -70.04
N PRO X 60 41.17 -113.52 -70.25
CA PRO X 60 41.92 -114.73 -70.61
C PRO X 60 42.20 -114.84 -72.10
N GLY X 61 41.44 -114.12 -72.91
CA GLY X 61 41.56 -114.19 -74.35
C GLY X 61 40.68 -115.27 -74.96
N LEU X 62 40.66 -115.29 -76.30
CA LEU X 62 39.82 -116.25 -77.00
C LEU X 62 40.25 -117.68 -76.71
N GLY X 63 41.55 -117.95 -76.72
CA GLY X 63 42.05 -119.30 -76.53
C GLY X 63 42.12 -119.75 -75.08
N GLY X 64 42.01 -118.83 -74.14
CA GLY X 64 42.08 -119.17 -72.73
C GLY X 64 43.48 -119.40 -72.19
N THR X 65 44.50 -119.22 -73.02
CA THR X 65 45.89 -119.41 -72.61
C THR X 65 46.65 -118.11 -72.46
N ASP X 66 46.02 -116.97 -72.72
CA ASP X 66 46.67 -115.67 -72.62
C ASP X 66 46.43 -115.06 -71.25
N ALA X 67 47.29 -114.10 -70.90
CA ALA X 67 47.20 -113.37 -69.64
C ALA X 67 47.16 -111.89 -69.95
N ILE X 68 45.98 -111.28 -69.78
CA ILE X 68 45.77 -109.86 -70.07
C ILE X 68 45.26 -109.20 -68.79
N TYR X 69 45.86 -108.06 -68.44
CA TYR X 69 45.49 -107.31 -67.25
C TYR X 69 45.17 -105.88 -67.64
N MET X 70 44.10 -105.34 -67.07
CA MET X 70 43.63 -103.99 -67.38
C MET X 70 43.12 -103.32 -66.12
N GLY X 71 43.07 -101.99 -66.16
CA GLY X 71 42.55 -101.22 -65.04
C GLY X 71 41.75 -100.03 -65.53
N ILE X 72 40.73 -99.68 -64.75
CA ILE X 72 39.84 -98.57 -65.05
C ILE X 72 39.66 -97.73 -63.79
N GLN X 73 39.75 -96.41 -63.95
CA GLN X 73 39.57 -95.47 -62.85
C GLN X 73 38.55 -94.42 -63.24
N SER X 74 37.68 -94.07 -62.29
CA SER X 74 36.68 -93.03 -62.48
C SER X 74 37.06 -91.85 -61.58
N TYR X 75 37.77 -90.87 -62.15
CA TYR X 75 38.22 -89.70 -61.43
C TYR X 75 37.38 -88.50 -61.85
N GLY X 76 36.87 -87.75 -60.88
CA GLY X 76 36.04 -86.61 -61.17
C GLY X 76 36.16 -85.52 -60.14
N ASP X 77 35.70 -84.33 -60.51
CA ASP X 77 35.72 -83.17 -59.63
C ASP X 77 34.45 -82.37 -59.90
N THR X 78 33.54 -82.35 -58.91
CA THR X 78 32.26 -81.68 -59.10
C THR X 78 32.44 -80.18 -59.31
N ALA X 79 33.30 -79.55 -58.52
CA ALA X 79 33.49 -78.11 -58.63
C ALA X 79 34.01 -77.71 -60.01
N LEU X 80 34.73 -78.60 -60.69
CA LEU X 80 35.09 -78.40 -62.09
C LEU X 80 34.20 -79.18 -63.04
N ASP X 81 33.44 -80.15 -62.53
CA ASP X 81 32.44 -80.88 -63.31
C ASP X 81 33.07 -81.64 -64.47
N TYR X 82 34.12 -82.39 -64.17
CA TYR X 82 34.60 -83.45 -65.04
C TYR X 82 34.56 -84.75 -64.25
N TYR X 83 34.10 -85.81 -64.90
CA TYR X 83 34.02 -87.13 -64.27
C TYR X 83 34.86 -88.11 -65.07
N ASN X 84 36.07 -87.68 -65.39
CA ASN X 84 36.98 -88.43 -66.26
C ASN X 84 37.02 -89.90 -65.86
N LEU X 85 37.23 -90.76 -66.86
CA LEU X 85 37.36 -92.21 -66.67
C LEU X 85 38.72 -92.62 -67.25
N ARG X 86 39.67 -92.89 -66.38
CA ARG X 86 41.04 -93.19 -66.81
C ARG X 86 41.23 -94.68 -67.05
N LEU X 87 42.05 -94.99 -68.06
CA LEU X 87 42.32 -96.37 -68.46
C LEU X 87 43.82 -96.59 -68.58
N MET X 88 44.24 -97.82 -68.31
CA MET X 88 45.63 -98.21 -68.47
C MET X 88 45.70 -99.73 -68.51
N GLY X 89 46.85 -100.25 -68.94
CA GLY X 89 47.04 -101.68 -69.08
C GLY X 89 48.36 -102.13 -68.50
N GLY X 90 48.49 -103.44 -68.36
CA GLY X 90 49.70 -104.02 -67.82
C GLY X 90 49.69 -105.52 -67.97
N THR X 91 50.71 -106.16 -67.37
CA THR X 91 50.89 -107.60 -67.49
C THR X 91 50.68 -108.35 -66.17
N ALA X 92 50.80 -107.69 -65.03
CA ALA X 92 50.59 -108.34 -63.75
C ALA X 92 50.08 -107.33 -62.74
N PHE X 93 49.42 -107.84 -61.71
CA PHE X 93 48.89 -107.02 -60.62
C PHE X 93 49.37 -107.57 -59.29
N ASN X 94 49.44 -106.68 -58.30
CA ASN X 94 49.92 -107.05 -56.97
C ASN X 94 49.37 -106.07 -55.94
N PRO X 95 48.26 -106.39 -55.28
CA PRO X 95 47.63 -105.40 -54.40
C PRO X 95 48.55 -104.90 -53.30
N GLY X 96 49.40 -105.76 -52.76
CA GLY X 96 50.33 -105.34 -51.71
C GLY X 96 51.38 -104.36 -52.17
N ALA X 97 51.56 -104.19 -53.48
CA ALA X 97 52.54 -103.27 -54.03
C ALA X 97 52.04 -101.83 -54.08
N ILE X 98 50.95 -101.52 -53.40
CA ILE X 98 50.46 -100.14 -53.31
C ILE X 98 51.13 -99.47 -52.12
N PRO X 99 51.80 -98.34 -52.30
CA PRO X 99 52.45 -97.69 -51.16
C PRO X 99 51.43 -97.06 -50.24
N PRO X 100 51.76 -96.84 -48.97
CA PRO X 100 50.88 -96.03 -48.12
C PRO X 100 50.63 -94.67 -48.75
N GLY X 101 49.37 -94.41 -49.10
CA GLY X 101 49.07 -93.26 -49.93
C GLY X 101 49.36 -93.57 -51.39
N GLY X 102 49.78 -92.53 -52.13
CA GLY X 102 50.10 -92.72 -53.53
C GLY X 102 48.91 -93.28 -54.30
N ASP X 103 49.19 -94.29 -55.13
CA ASP X 103 48.16 -94.91 -55.96
C ASP X 103 48.55 -96.36 -56.22
N TYR X 104 47.62 -97.08 -56.84
CA TYR X 104 47.82 -98.50 -57.12
C TYR X 104 48.24 -98.79 -58.55
N TRP X 105 47.96 -97.88 -59.49
CA TRP X 105 48.32 -98.13 -60.88
C TRP X 105 49.82 -98.33 -61.06
N THR X 106 50.63 -97.82 -60.13
CA THR X 106 52.07 -98.06 -60.20
C THR X 106 52.42 -99.51 -59.91
N ALA X 107 51.57 -100.21 -59.16
CA ALA X 107 51.83 -101.61 -58.83
C ALA X 107 51.83 -102.51 -60.06
N PHE X 108 51.21 -102.06 -61.16
CA PHE X 108 51.17 -102.86 -62.37
C PHE X 108 52.58 -103.18 -62.84
N ALA X 109 52.81 -104.46 -63.17
CA ALA X 109 54.08 -104.83 -63.78
C ALA X 109 54.13 -104.28 -65.20
N ASN X 110 55.24 -103.63 -65.54
CA ASN X 110 55.38 -102.94 -66.82
C ASN X 110 54.25 -101.92 -66.98
N TYR X 111 54.15 -101.03 -66.00
CA TYR X 111 53.10 -100.03 -66.00
C TYR X 111 53.27 -99.08 -67.18
N SER X 112 52.14 -98.54 -67.64
CA SER X 112 52.12 -97.63 -68.78
C SER X 112 51.35 -96.37 -68.42
N PRO X 113 51.64 -95.26 -69.09
CA PRO X 113 50.86 -94.03 -68.84
C PRO X 113 49.39 -94.22 -69.16
N ARG X 114 48.55 -93.55 -68.41
CA ARG X 114 47.11 -93.74 -68.50
C ARG X 114 46.51 -92.94 -69.64
N VAL X 115 45.49 -93.52 -70.27
CA VAL X 115 44.59 -92.80 -71.17
C VAL X 115 43.25 -92.69 -70.47
N GLN X 116 42.30 -91.94 -71.02
CA GLN X 116 41.09 -91.65 -70.28
C GLN X 116 39.92 -91.43 -71.22
N LEU X 117 38.74 -91.32 -70.61
CA LEU X 117 37.48 -91.03 -71.28
C LEU X 117 36.78 -89.89 -70.55
N LEU X 118 36.19 -88.98 -71.30
CA LEU X 118 35.60 -87.77 -70.75
C LEU X 118 34.08 -87.82 -70.85
N ALA X 119 33.42 -87.52 -69.73
CA ALA X 119 31.96 -87.45 -69.63
C ALA X 119 31.63 -86.75 -68.32
N TRP X 120 30.35 -86.74 -67.95
CA TRP X 120 29.96 -86.15 -66.68
C TRP X 120 28.63 -86.75 -66.23
N ASN X 121 28.30 -86.47 -64.97
CA ASN X 121 27.19 -87.12 -64.27
C ASN X 121 25.87 -86.58 -64.80
N GLN X 122 25.35 -87.23 -65.83
CA GLN X 122 24.04 -86.93 -66.39
C GLN X 122 23.74 -88.03 -67.41
N PRO X 123 22.48 -88.41 -67.61
CA PRO X 123 22.19 -89.52 -68.53
C PRO X 123 22.91 -89.35 -69.87
N MET X 124 23.50 -90.44 -70.35
CA MET X 124 24.43 -90.39 -71.47
C MET X 124 24.24 -91.62 -72.35
N PRO X 125 23.92 -91.46 -73.64
CA PRO X 125 23.93 -92.61 -74.54
C PRO X 125 25.34 -93.17 -74.68
N TYR X 126 25.41 -94.47 -74.90
CA TYR X 126 26.70 -95.17 -74.91
C TYR X 126 26.69 -96.26 -75.97
N TRP X 127 27.89 -96.64 -76.41
CA TRP X 127 28.08 -97.74 -77.34
C TRP X 127 29.26 -98.57 -76.85
N PHE X 128 29.00 -99.79 -76.41
CA PHE X 128 30.03 -100.68 -75.89
C PHE X 128 30.27 -101.84 -76.86
N PHE X 129 31.52 -102.02 -77.25
CA PHE X 129 31.97 -103.16 -78.04
C PHE X 129 33.05 -103.88 -77.26
N ALA X 130 32.98 -105.21 -77.22
CA ALA X 130 33.95 -105.97 -76.45
C ALA X 130 34.18 -107.33 -77.11
N ASN X 131 35.38 -107.87 -76.89
CA ASN X 131 35.73 -109.20 -77.32
C ASN X 131 36.86 -109.71 -76.42
N GLY X 132 37.07 -111.02 -76.45
CA GLY X 132 38.05 -111.64 -75.58
C GLY X 132 39.42 -111.00 -75.60
N ARG X 133 39.76 -110.30 -76.69
CA ARG X 133 41.09 -109.73 -76.85
C ARG X 133 41.13 -108.21 -76.84
N ARG X 134 40.00 -107.53 -77.05
CA ARG X 134 39.99 -106.07 -77.06
C ARG X 134 38.59 -105.58 -76.75
N PHE X 135 38.52 -104.33 -76.30
CA PHE X 135 37.25 -103.67 -76.01
C PHE X 135 37.29 -102.26 -76.57
N TRP X 136 36.12 -101.75 -76.93
CA TRP X 136 35.98 -100.39 -77.45
C TRP X 136 34.81 -99.71 -76.77
N ILE X 137 35.02 -98.46 -76.35
CA ILE X 137 34.00 -97.66 -75.68
C ILE X 137 33.81 -96.38 -76.48
N VAL X 138 32.57 -96.04 -76.77
CA VAL X 138 32.22 -94.81 -77.48
C VAL X 138 31.01 -94.18 -76.81
N VAL X 139 31.08 -92.89 -76.54
CA VAL X 139 30.00 -92.14 -75.90
C VAL X 139 29.73 -90.90 -76.72
N LYS X 140 28.44 -90.63 -76.95
CA LYS X 140 28.02 -89.44 -77.70
C LYS X 140 27.79 -88.32 -76.70
N VAL X 141 28.77 -87.43 -76.57
CA VAL X 141 28.69 -86.30 -75.65
C VAL X 141 28.17 -85.12 -76.46
N SER X 142 26.84 -85.01 -76.54
CA SER X 142 26.20 -83.90 -77.23
C SER X 142 26.84 -83.66 -78.59
N THR X 143 27.36 -82.44 -78.81
CA THR X 143 28.01 -82.14 -80.09
C THR X 143 29.25 -83.00 -80.30
N ILE X 144 29.80 -83.55 -79.23
CA ILE X 144 31.09 -84.23 -79.29
C ILE X 144 30.89 -85.74 -79.19
N TYR X 145 31.51 -86.47 -80.11
CA TYR X 145 31.67 -87.91 -80.02
C TYR X 145 33.04 -88.20 -79.45
N GLU X 146 33.09 -89.04 -78.41
CA GLU X 146 34.36 -89.41 -77.79
C GLU X 146 34.47 -90.92 -77.82
N SER X 147 35.70 -91.42 -77.83
CA SER X 147 35.92 -92.86 -77.93
C SER X 147 37.29 -93.22 -77.37
N ALA X 148 37.46 -94.49 -77.05
CA ALA X 148 38.71 -95.02 -76.51
C ALA X 148 38.61 -96.54 -76.48
N GLY X 149 39.70 -97.17 -76.09
CA GLY X 149 39.73 -98.62 -75.98
C GLY X 149 41.15 -99.13 -75.88
N ALA X 150 41.26 -100.45 -75.79
CA ALA X 150 42.55 -101.11 -75.66
C ALA X 150 42.37 -102.59 -75.97
N GLY X 151 43.48 -103.26 -76.23
CA GLY X 151 43.44 -104.69 -76.49
C GLY X 151 44.68 -105.13 -77.25
N PHE X 152 44.56 -106.30 -77.88
CA PHE X 152 45.64 -106.91 -78.65
C PHE X 152 45.48 -106.58 -80.13
N ILE X 153 46.56 -106.15 -80.76
CA ILE X 153 46.63 -105.98 -82.21
C ILE X 153 46.92 -107.34 -82.83
N LEU X 154 46.82 -107.42 -84.16
CA LEU X 154 47.04 -108.66 -84.90
C LEU X 154 48.34 -108.56 -85.70
N PRO X 155 49.49 -108.93 -85.13
CA PRO X 155 50.73 -108.94 -85.90
C PRO X 155 50.72 -110.05 -86.93
N PRO X 156 51.56 -109.94 -87.97
CA PRO X 156 51.62 -111.00 -88.99
C PRO X 156 52.53 -112.17 -88.62
N CYS X 157 53.07 -112.21 -87.41
CA CYS X 157 53.99 -113.25 -86.99
C CYS X 157 53.33 -114.20 -86.01
N PRO X 158 53.87 -115.40 -85.86
CA PRO X 158 53.27 -116.37 -84.93
C PRO X 158 53.24 -115.83 -83.52
N PRO X 159 52.19 -116.11 -82.74
CA PRO X 159 52.15 -115.61 -81.35
C PRO X 159 53.17 -116.26 -80.44
N SER X 160 53.91 -117.27 -80.92
CA SER X 160 54.82 -117.99 -80.04
C SER X 160 55.90 -117.06 -79.48
N GLN X 161 56.40 -116.13 -80.30
CA GLN X 161 57.51 -115.27 -79.90
C GLN X 161 57.07 -113.87 -79.46
N TYR X 162 55.88 -113.43 -79.85
CA TYR X 162 55.35 -112.11 -79.48
C TYR X 162 53.94 -112.27 -78.92
N PRO X 163 53.81 -112.81 -77.71
CA PRO X 163 52.49 -113.12 -77.16
C PRO X 163 51.79 -111.97 -76.45
N TYR X 164 52.38 -110.78 -76.39
CA TYR X 164 51.81 -109.65 -75.66
C TYR X 164 51.79 -108.40 -76.55
N PRO X 165 50.97 -108.40 -77.60
CA PRO X 165 50.81 -107.20 -78.43
C PRO X 165 49.74 -106.26 -77.88
N LEU X 166 49.89 -105.87 -76.62
CA LEU X 166 48.90 -105.06 -75.94
C LEU X 166 48.96 -103.62 -76.41
N ALA X 167 47.79 -103.05 -76.72
CA ALA X 167 47.67 -101.67 -77.19
C ALA X 167 46.63 -100.95 -76.35
N VAL X 168 46.92 -99.70 -76.01
CA VAL X 168 46.00 -98.83 -75.28
C VAL X 168 45.89 -97.52 -76.05
N VAL X 169 44.66 -97.09 -76.30
CA VAL X 169 44.40 -95.87 -77.05
C VAL X 169 43.28 -95.09 -76.37
N GLY X 170 43.42 -93.77 -76.33
CA GLY X 170 42.40 -92.89 -75.77
C GLY X 170 42.36 -91.58 -76.53
N SER X 171 41.33 -90.80 -76.23
CA SER X 171 41.15 -89.53 -76.93
C SER X 171 42.18 -88.48 -76.49
N TYR X 172 42.70 -88.61 -75.27
CA TYR X 172 43.65 -87.63 -74.75
C TYR X 172 44.55 -88.30 -73.72
N ARG X 173 45.70 -87.68 -73.48
CA ARG X 173 46.63 -88.21 -72.49
C ARG X 173 46.03 -88.13 -71.09
N GLY X 174 46.29 -89.15 -70.28
CA GLY X 174 45.77 -89.24 -68.94
C GLY X 174 46.61 -88.60 -67.86
N ASP X 175 47.70 -87.92 -68.24
CA ASP X 175 48.58 -87.30 -67.25
C ASP X 175 48.03 -85.98 -66.71
N VAL X 176 46.99 -85.43 -67.33
CA VAL X 176 46.42 -84.16 -66.90
C VAL X 176 44.90 -84.28 -66.88
N ALA X 177 44.27 -83.42 -66.08
CA ALA X 177 42.81 -83.37 -65.98
C ALA X 177 42.26 -82.38 -66.99
N THR X 178 41.16 -82.76 -67.65
CA THR X 178 40.60 -81.97 -68.72
C THR X 178 39.08 -81.93 -68.59
N ARG X 179 38.50 -80.83 -69.06
CA ARG X 179 37.05 -80.66 -69.15
C ARG X 179 36.60 -81.02 -70.55
N TRP X 180 35.55 -81.84 -70.65
CA TRP X 180 35.16 -82.39 -71.95
C TRP X 180 34.79 -81.32 -72.97
N SER X 181 34.75 -80.04 -72.58
CA SER X 181 34.59 -78.94 -73.52
C SER X 181 35.93 -78.33 -73.92
N ASP X 182 37.00 -79.13 -73.95
CA ASP X 182 38.31 -78.62 -74.32
C ASP X 182 38.32 -78.15 -75.76
N VAL X 183 39.20 -77.20 -76.06
CA VAL X 183 39.28 -76.59 -77.38
C VAL X 183 40.70 -76.74 -77.93
N SER X 184 41.39 -77.79 -77.53
CA SER X 184 42.74 -78.05 -77.98
C SER X 184 42.75 -79.13 -79.05
N ASP X 185 43.69 -79.02 -80.00
CA ASP X 185 43.81 -79.99 -81.06
C ASP X 185 44.22 -81.37 -80.55
N ARG X 186 44.76 -81.45 -79.33
CA ARG X 186 45.21 -82.72 -78.77
C ARG X 186 44.05 -83.65 -78.42
N HIS X 187 42.83 -83.13 -78.33
CA HIS X 187 41.65 -83.94 -78.02
C HIS X 187 41.06 -84.44 -79.32
N ARG X 188 41.29 -85.71 -79.64
CA ARG X 188 40.85 -86.30 -80.89
C ARG X 188 40.58 -87.78 -80.67
N GLY X 189 40.46 -88.54 -81.76
CA GLY X 189 39.98 -89.90 -81.72
C GLY X 189 41.09 -90.95 -81.83
N ILE X 190 40.65 -92.20 -81.99
CA ILE X 190 41.57 -93.33 -82.03
C ILE X 190 42.36 -93.35 -83.33
N SER X 191 41.66 -93.18 -84.46
CA SER X 191 42.30 -93.32 -85.76
C SER X 191 43.52 -92.43 -85.88
N SER X 192 43.44 -91.22 -85.33
CA SER X 192 44.55 -90.27 -85.31
C SER X 192 44.89 -89.95 -83.86
N PRO X 193 45.90 -90.61 -83.30
CA PRO X 193 46.40 -90.17 -81.98
C PRO X 193 47.28 -88.95 -82.11
N TYR X 194 47.42 -88.23 -80.99
CA TYR X 194 48.27 -87.04 -80.96
C TYR X 194 48.57 -86.71 -79.50
N GLU X 195 49.85 -86.45 -79.22
CA GLU X 195 50.30 -86.07 -77.88
C GLU X 195 49.92 -87.13 -76.84
N ARG X 196 50.51 -88.31 -77.02
CA ARG X 196 50.34 -89.41 -76.07
C ARG X 196 48.87 -89.85 -75.99
N SER X 197 48.30 -90.21 -77.13
CA SER X 197 46.92 -90.67 -77.20
C SER X 197 46.79 -92.15 -77.54
N CYS X 198 47.87 -92.80 -77.94
CA CYS X 198 47.82 -94.22 -78.30
C CYS X 198 49.18 -94.84 -78.02
N TYR X 199 49.22 -95.80 -77.09
CA TYR X 199 50.44 -96.48 -76.71
C TYR X 199 50.36 -97.95 -77.11
N LEU X 200 51.48 -98.49 -77.59
CA LEU X 200 51.58 -99.89 -77.97
C LEU X 200 52.81 -100.51 -77.35
N ARG X 201 52.66 -101.73 -76.83
CA ARG X 201 53.76 -102.43 -76.18
C ARG X 201 54.63 -103.10 -77.23
N ASP X 202 55.87 -102.66 -77.33
CA ASP X 202 56.80 -103.25 -78.28
C ASP X 202 57.18 -104.67 -77.84
N PRO X 203 57.55 -105.56 -78.77
CA PRO X 203 57.97 -106.90 -78.38
C PRO X 203 59.10 -106.88 -77.35
N ALA X 204 59.83 -105.77 -77.28
CA ALA X 204 60.83 -105.56 -76.24
C ALA X 204 60.24 -104.92 -74.99
N GLY X 205 58.94 -105.08 -74.77
CA GLY X 205 58.32 -104.57 -73.55
C GLY X 205 58.41 -103.07 -73.39
N ARG X 206 58.65 -102.34 -74.48
CA ARG X 206 58.73 -100.88 -74.43
C ARG X 206 57.45 -100.31 -75.03
N TRP X 207 56.71 -99.54 -74.23
CA TRP X 207 55.46 -98.94 -74.67
C TRP X 207 55.77 -97.80 -75.63
N LEU X 208 55.54 -98.02 -76.92
CA LEU X 208 55.82 -97.02 -77.95
C LEU X 208 54.51 -96.34 -78.34
N GLY X 209 54.43 -95.04 -78.12
CA GLY X 209 53.28 -94.28 -78.57
C GLY X 209 53.38 -93.92 -80.04
N PHE X 210 52.21 -93.78 -80.67
CA PHE X 210 52.10 -93.45 -82.08
C PHE X 210 51.31 -92.16 -82.23
N THR X 211 51.81 -91.26 -83.09
CA THR X 211 51.13 -90.00 -83.37
C THR X 211 51.15 -89.77 -84.88
N VAL X 212 49.98 -89.46 -85.44
CA VAL X 212 49.92 -89.19 -86.88
C VAL X 212 50.68 -87.93 -87.23
N ASP X 213 50.64 -86.92 -86.36
CA ASP X 213 51.30 -85.65 -86.60
C ASP X 213 52.32 -85.38 -85.50
N GLY X 214 53.41 -84.72 -85.88
CA GLY X 214 54.47 -84.44 -84.94
C GLY X 214 54.09 -83.35 -83.96
N GLY X 215 54.93 -83.24 -82.92
CA GLY X 215 54.72 -82.24 -81.89
C GLY X 215 55.99 -81.92 -81.13
N ALA X 216 56.26 -80.63 -80.94
CA ALA X 216 57.46 -80.23 -80.20
C ALA X 216 57.40 -80.73 -78.76
N ALA X 217 56.23 -80.63 -78.13
CA ALA X 217 56.11 -81.07 -76.74
C ALA X 217 56.39 -82.56 -76.61
N ASN X 218 55.90 -83.36 -77.55
CA ASN X 218 56.12 -84.80 -77.50
C ASN X 218 57.60 -85.12 -77.69
N GLU X 219 57.99 -86.29 -77.21
CA GLU X 219 59.39 -86.70 -77.29
C GLU X 219 59.80 -86.92 -78.74
N SER X 220 61.10 -86.69 -79.01
CA SER X 220 61.60 -86.78 -80.38
C SER X 220 61.51 -88.21 -80.92
N ASP X 221 61.60 -89.21 -80.04
CA ASP X 221 61.62 -90.59 -80.50
C ASP X 221 60.33 -90.97 -81.21
N TYR X 222 59.19 -90.52 -80.69
CA TYR X 222 57.90 -90.92 -81.24
C TYR X 222 57.56 -90.22 -82.55
N ASN X 223 58.33 -89.22 -82.96
CA ASN X 223 58.02 -88.51 -84.20
C ASN X 223 58.13 -89.44 -85.41
N ASN X 224 59.15 -90.30 -85.43
CA ASN X 224 59.42 -91.13 -86.60
C ASN X 224 58.48 -92.32 -86.73
N ARG X 225 57.76 -92.69 -85.68
CA ARG X 225 56.79 -93.78 -85.71
C ARG X 225 55.39 -93.18 -85.71
N THR X 226 54.59 -93.54 -86.72
CA THR X 226 53.29 -92.93 -86.92
C THR X 226 52.33 -93.97 -87.49
N LEU X 227 51.08 -93.55 -87.67
CA LEU X 227 50.04 -94.36 -88.32
C LEU X 227 49.94 -93.93 -89.77
N LEU X 228 50.35 -94.82 -90.68
CA LEU X 228 50.52 -94.44 -92.08
C LEU X 228 49.24 -93.97 -92.75
N PRO X 229 48.10 -94.66 -92.63
CA PRO X 229 46.90 -94.25 -93.39
C PRO X 229 46.58 -92.77 -93.27
N LEU X 230 46.59 -92.23 -92.05
CA LEU X 230 46.37 -90.82 -91.83
C LEU X 230 47.66 -90.02 -91.79
N GLY X 231 48.81 -90.69 -91.89
CA GLY X 231 50.09 -90.02 -91.91
C GLY X 231 50.73 -90.03 -93.28
N CYS X 232 49.92 -89.92 -94.33
CA CYS X 232 50.42 -89.91 -95.69
C CYS X 232 51.26 -88.67 -96.00
N GLY X 233 51.21 -87.65 -95.16
CA GLY X 233 51.97 -86.44 -95.41
C GLY X 233 53.46 -86.61 -95.32
N ARG X 234 53.94 -87.73 -94.76
CA ARG X 234 55.38 -87.96 -94.66
C ARG X 234 56.03 -88.01 -96.04
N TYR X 235 55.39 -88.67 -96.99
CA TYR X 235 55.93 -88.84 -98.33
C TYR X 235 55.30 -87.90 -99.35
N ALA X 236 54.01 -87.57 -99.19
CA ALA X 236 53.36 -86.66 -100.13
C ALA X 236 53.99 -85.28 -100.05
N GLY X 237 54.09 -84.62 -101.21
CA GLY X 237 54.70 -83.31 -101.29
C GLY X 237 53.68 -82.18 -101.32
N SER X 238 52.44 -82.47 -100.96
CA SER X 238 51.37 -81.48 -100.96
C SER X 238 50.49 -81.69 -99.73
N SER X 239 49.90 -80.59 -99.27
CA SER X 239 48.99 -80.68 -98.11
C SER X 239 47.76 -81.51 -98.43
N ASP X 240 47.20 -81.33 -99.63
CA ASP X 240 46.02 -82.08 -100.05
C ASP X 240 46.45 -83.37 -100.74
N THR X 241 45.93 -84.50 -100.26
CA THR X 241 46.28 -85.80 -100.77
C THR X 241 45.00 -86.59 -101.05
N VAL X 242 45.18 -87.82 -101.55
CA VAL X 242 44.03 -88.64 -101.92
C VAL X 242 43.21 -89.02 -100.70
N VAL X 243 43.88 -89.35 -99.58
CA VAL X 243 43.16 -89.82 -98.41
C VAL X 243 42.20 -88.75 -97.90
N LYS X 244 42.64 -87.49 -97.89
CA LYS X 244 41.76 -86.42 -97.44
C LYS X 244 40.52 -86.32 -98.34
N GLN X 245 40.67 -86.62 -99.62
CA GLN X 245 39.58 -86.52 -100.59
C GLN X 245 38.90 -87.85 -100.85
N LEU X 246 39.10 -88.85 -99.99
CA LEU X 246 38.48 -90.14 -100.18
C LEU X 246 36.96 -90.01 -100.16
N ARG X 247 36.29 -90.79 -101.00
CA ARG X 247 34.83 -90.76 -101.09
C ARG X 247 34.33 -92.14 -101.45
N ASP X 248 33.05 -92.39 -101.15
CA ASP X 248 32.45 -93.67 -101.46
C ASP X 248 32.36 -93.86 -102.98
N SER X 249 32.13 -95.11 -103.37
CA SER X 249 32.09 -95.50 -104.78
C SER X 249 30.71 -96.09 -105.07
N PHE X 250 29.86 -95.30 -105.74
CA PHE X 250 28.54 -95.77 -106.17
C PHE X 250 27.75 -96.33 -105.00
N GLY X 251 27.79 -95.64 -103.87
CA GLY X 251 27.05 -96.04 -102.69
C GLY X 251 27.76 -97.06 -101.81
N LYS X 252 28.92 -97.56 -102.22
CA LYS X 252 29.69 -98.51 -101.44
C LYS X 252 30.81 -97.76 -100.73
N PHE X 253 30.79 -97.80 -99.39
CA PHE X 253 31.79 -97.12 -98.60
C PHE X 253 32.98 -98.05 -98.39
N PRO X 254 34.16 -97.74 -98.92
CA PRO X 254 35.31 -98.63 -98.71
C PRO X 254 35.87 -98.49 -97.29
N LEU X 255 36.21 -99.64 -96.71
CA LEU X 255 36.78 -99.70 -95.37
C LEU X 255 38.29 -99.94 -95.48
N LYS X 256 39.07 -99.07 -94.86
CA LYS X 256 40.52 -99.15 -94.88
C LYS X 256 41.03 -99.48 -93.49
N ALA X 257 41.85 -100.52 -93.39
CA ALA X 257 42.41 -100.92 -92.11
C ALA X 257 43.42 -99.90 -91.61
N LEU X 258 43.45 -99.70 -90.30
CA LEU X 258 44.40 -98.79 -89.67
C LEU X 258 45.72 -99.51 -89.41
N GLN X 259 46.81 -98.74 -89.37
CA GLN X 259 48.14 -99.29 -89.53
C GLN X 259 49.04 -98.92 -88.35
N PHE X 260 49.92 -99.83 -88.00
CA PHE X 260 51.03 -99.59 -87.09
C PHE X 260 52.33 -99.82 -87.84
N VAL X 261 53.22 -98.85 -87.82
CA VAL X 261 54.52 -98.98 -88.46
C VAL X 261 55.52 -98.08 -87.73
N THR X 262 56.75 -98.57 -87.60
CA THR X 262 57.83 -97.81 -87.01
C THR X 262 59.00 -97.77 -87.97
N ARG X 263 59.46 -96.57 -88.31
CA ARG X 263 60.58 -96.37 -89.25
C ARG X 263 61.61 -95.51 -88.54
N GLU X 264 62.50 -96.16 -87.80
CA GLU X 264 63.57 -95.49 -87.07
C GLU X 264 64.90 -95.71 -87.77
N THR X 265 65.94 -95.08 -87.24
CA THR X 265 67.27 -95.25 -87.79
C THR X 265 67.74 -96.69 -87.63
N GLU X 266 67.44 -97.31 -86.50
CA GLU X 266 67.92 -98.67 -86.24
C GLU X 266 67.35 -99.66 -87.25
N GLY X 267 66.06 -99.57 -87.54
CA GLY X 267 65.45 -100.51 -88.46
C GLY X 267 63.97 -100.23 -88.61
N ARG X 268 63.32 -101.11 -89.38
CA ARG X 268 61.91 -101.01 -89.70
C ARG X 268 61.21 -102.30 -89.29
N ARG X 269 59.91 -102.22 -89.05
CA ARG X 269 59.14 -103.40 -88.70
C ARG X 269 57.66 -103.11 -88.80
N TYR X 270 56.89 -104.15 -89.12
CA TYR X 270 55.44 -104.08 -89.23
C TYR X 270 54.86 -104.69 -87.97
N LEU X 271 54.06 -103.94 -87.23
CA LEU X 271 53.59 -104.40 -85.93
C LEU X 271 52.22 -105.09 -86.00
N GLY X 272 51.21 -104.42 -86.53
CA GLY X 272 49.90 -105.03 -86.61
C GLY X 272 48.87 -104.02 -87.09
N ASP X 273 47.61 -104.45 -87.01
CA ASP X 273 46.48 -103.65 -87.46
C ASP X 273 45.42 -103.59 -86.36
N PHE X 274 44.60 -102.55 -86.42
CA PHE X 274 43.47 -102.44 -85.52
C PHE X 274 42.44 -103.50 -85.84
N ASP X 275 41.93 -104.17 -84.82
CA ASP X 275 40.94 -105.23 -84.99
C ASP X 275 39.55 -104.63 -84.81
N GLY X 276 38.85 -104.42 -85.92
CA GLY X 276 37.50 -103.90 -85.89
C GLY X 276 37.37 -102.40 -86.08
N ALA X 277 38.46 -101.71 -86.42
CA ALA X 277 38.43 -100.26 -86.67
C ALA X 277 39.00 -99.98 -88.05
N PHE X 278 38.32 -99.11 -88.79
CA PHE X 278 38.70 -98.77 -90.15
C PHE X 278 38.46 -97.28 -90.39
N TYR X 279 39.05 -96.79 -91.48
CA TYR X 279 38.91 -95.40 -91.89
C TYR X 279 37.93 -95.30 -93.06
N VAL X 280 37.00 -94.36 -92.95
CA VAL X 280 35.98 -94.15 -93.98
C VAL X 280 35.74 -92.66 -94.17
N PRO X 281 35.14 -92.28 -95.30
CA PRO X 281 34.91 -90.86 -95.56
C PRO X 281 33.74 -90.31 -94.75
N THR X 282 33.54 -88.99 -94.88
CA THR X 282 32.47 -88.29 -94.19
C THR X 282 31.31 -87.89 -95.10
N LEU X 283 31.52 -87.92 -96.41
CA LEU X 283 30.56 -87.34 -97.33
C LEU X 283 29.27 -88.14 -97.37
N ASN X 284 28.14 -87.42 -97.42
CA ASN X 284 26.82 -88.04 -97.48
C ASN X 284 26.62 -89.05 -96.36
N SER X 285 27.32 -88.84 -95.24
CA SER X 285 27.26 -89.78 -94.12
C SER X 285 27.75 -89.05 -92.88
N GLY X 286 27.89 -89.80 -91.79
CA GLY X 286 28.32 -89.23 -90.53
C GLY X 286 28.18 -90.23 -89.42
N ALA X 287 28.12 -89.73 -88.19
CA ALA X 287 27.99 -90.60 -87.04
C ALA X 287 26.66 -91.36 -87.10
N GLU X 288 26.50 -92.30 -86.15
CA GLU X 288 25.30 -93.12 -86.01
C GLU X 288 24.82 -93.68 -87.35
N ASP X 289 25.73 -93.90 -88.29
CA ASP X 289 25.42 -94.51 -89.57
C ASP X 289 25.91 -95.96 -89.58
N VAL X 290 25.09 -96.85 -90.16
CA VAL X 290 25.39 -98.27 -90.20
C VAL X 290 25.50 -98.70 -91.66
N ILE X 291 26.61 -99.39 -91.98
CA ILE X 291 26.85 -99.90 -93.32
C ILE X 291 27.17 -101.39 -93.20
N VAL X 292 26.59 -102.18 -94.11
CA VAL X 292 26.71 -103.64 -94.08
C VAL X 292 27.65 -104.06 -95.21
N GLU X 293 28.68 -104.83 -94.86
CA GLU X 293 29.61 -105.38 -95.84
C GLU X 293 29.74 -106.87 -95.60
N ASP X 294 29.37 -107.67 -96.60
CA ASP X 294 29.45 -109.13 -96.53
C ASP X 294 28.71 -109.66 -95.30
N GLY X 295 27.56 -109.06 -95.00
CA GLY X 295 26.76 -109.47 -93.87
C GLY X 295 27.29 -109.01 -92.53
N VAL X 296 28.29 -108.14 -92.50
CA VAL X 296 28.86 -107.61 -91.27
C VAL X 296 28.63 -106.10 -91.26
N ASP X 297 28.05 -105.62 -90.17
CA ASP X 297 27.71 -104.20 -90.04
C ASP X 297 28.86 -103.42 -89.41
N HIS X 298 28.92 -102.13 -89.72
CA HIS X 298 29.94 -101.25 -89.19
C HIS X 298 29.29 -99.92 -88.81
N VAL X 299 29.63 -99.41 -87.63
CA VAL X 299 29.12 -98.13 -87.17
C VAL X 299 30.13 -97.04 -87.56
N VAL X 300 29.66 -95.80 -87.65
CA VAL X 300 30.46 -94.67 -88.06
C VAL X 300 30.54 -93.69 -86.90
N PHE X 301 31.75 -93.23 -86.58
CA PHE X 301 31.97 -92.27 -85.51
C PHE X 301 32.97 -91.23 -85.98
N GLN X 302 32.92 -90.06 -85.35
CA GLN X 302 33.79 -88.94 -85.70
C GLN X 302 34.52 -88.44 -84.46
N THR X 303 35.69 -87.85 -84.68
CA THR X 303 36.51 -87.39 -83.58
C THR X 303 35.89 -86.16 -82.93
N ALA X 304 36.31 -85.89 -81.69
CA ALA X 304 35.81 -84.74 -80.96
C ALA X 304 36.21 -83.43 -81.63
N TRP X 305 37.46 -83.35 -82.11
CA TRP X 305 37.96 -82.12 -82.72
C TRP X 305 37.00 -81.61 -83.79
N ARG X 306 36.83 -82.39 -84.86
CA ARG X 306 35.92 -82.04 -85.93
C ARG X 306 35.44 -83.33 -86.58
N SER X 307 34.57 -83.19 -87.58
CA SER X 307 34.05 -84.31 -88.34
C SER X 307 34.65 -84.36 -89.75
N GLY X 308 35.83 -83.77 -89.93
CA GLY X 308 36.47 -83.76 -91.23
C GLY X 308 36.81 -85.16 -91.70
N ASN X 309 37.16 -85.24 -92.99
CA ASN X 309 37.44 -86.53 -93.61
C ASN X 309 38.53 -87.27 -92.84
N PRO X 310 39.69 -86.64 -92.57
CA PRO X 310 40.70 -87.33 -91.75
C PRO X 310 40.18 -87.61 -90.34
N TRP X 311 39.22 -86.81 -89.90
CA TRP X 311 38.66 -86.91 -88.54
C TRP X 311 37.42 -87.79 -88.51
N LEU X 312 37.51 -89.01 -88.99
CA LEU X 312 36.36 -89.92 -88.96
C LEU X 312 36.85 -91.36 -89.13
N TYR X 313 36.19 -92.27 -88.42
CA TYR X 313 36.52 -93.68 -88.49
C TYR X 313 35.26 -94.50 -88.20
N ALA X 314 35.31 -95.78 -88.56
CA ALA X 314 34.22 -96.71 -88.33
C ALA X 314 34.71 -97.90 -87.53
N ILE X 315 33.80 -98.47 -86.73
CA ILE X 315 34.11 -99.58 -85.84
C ILE X 315 33.21 -100.75 -86.19
N ARG X 316 33.79 -101.93 -86.35
CA ARG X 316 33.01 -103.13 -86.60
C ARG X 316 32.16 -103.48 -85.38
N LYS X 317 30.92 -103.91 -85.64
CA LYS X 317 30.00 -104.25 -84.56
C LYS X 317 29.67 -105.73 -84.46
N ASP X 318 30.00 -106.52 -85.48
CA ASP X 318 29.75 -107.95 -85.45
C ASP X 318 28.25 -108.24 -85.44
N ALA Y 2 50.44 -122.22 -115.80
CA ALA Y 2 50.43 -121.37 -114.62
C ALA Y 2 51.71 -120.56 -114.53
N TYR Y 3 52.84 -121.26 -114.39
CA TYR Y 3 54.15 -120.63 -114.30
C TYR Y 3 55.05 -121.24 -115.36
N PHE Y 4 55.59 -120.39 -116.24
CA PHE Y 4 56.42 -120.84 -117.34
C PHE Y 4 57.72 -120.03 -117.37
N THR Y 5 58.78 -120.68 -117.86
CA THR Y 5 60.08 -120.04 -118.00
C THR Y 5 60.69 -120.43 -119.34
N GLY Y 6 61.57 -119.57 -119.84
CA GLY Y 6 62.20 -119.85 -121.12
C GLY Y 6 63.16 -118.74 -121.49
N THR Y 7 63.64 -118.81 -122.73
CA THR Y 7 64.58 -117.85 -123.27
C THR Y 7 64.11 -117.39 -124.65
N ALA Y 8 64.56 -116.19 -125.04
CA ALA Y 8 64.15 -115.60 -126.31
C ALA Y 8 65.25 -114.68 -126.79
N ASN Y 9 65.76 -114.94 -128.00
CA ASN Y 9 66.81 -114.10 -128.57
C ASN Y 9 66.25 -112.79 -129.11
N ASN Y 10 64.98 -112.74 -129.45
CA ASN Y 10 64.34 -111.56 -130.00
C ASN Y 10 62.94 -111.42 -129.43
N PRO Y 11 62.37 -110.21 -129.45
CA PRO Y 11 61.01 -110.04 -128.93
C PRO Y 11 59.97 -110.89 -129.66
N ALA Y 12 60.19 -111.15 -130.95
CA ALA Y 12 59.25 -112.00 -131.68
C ALA Y 12 59.18 -113.40 -131.07
N ASP Y 13 60.28 -113.89 -130.52
CA ASP Y 13 60.26 -115.19 -129.86
C ASP Y 13 59.33 -115.18 -128.66
N LEU Y 14 59.44 -114.16 -127.81
CA LEU Y 14 58.53 -114.02 -126.69
C LEU Y 14 57.09 -113.91 -127.18
N LEU Y 15 56.89 -113.15 -128.26
CA LEU Y 15 55.56 -113.03 -128.86
C LEU Y 15 54.99 -114.40 -129.18
N ALA Y 16 55.76 -115.21 -129.91
CA ALA Y 16 55.29 -116.53 -130.32
C ALA Y 16 55.00 -117.41 -129.11
N LYS Y 17 55.93 -117.44 -128.15
CA LYS Y 17 55.74 -118.33 -127.00
C LYS Y 17 54.53 -117.93 -126.17
N VAL Y 18 54.34 -116.63 -125.94
CA VAL Y 18 53.21 -116.20 -125.11
C VAL Y 18 51.89 -116.46 -125.83
N ARG Y 19 51.85 -116.25 -127.14
CA ARG Y 19 50.60 -116.60 -127.84
C ARG Y 19 50.35 -118.10 -127.78
N VAL Y 20 51.39 -118.91 -127.91
CA VAL Y 20 51.20 -120.36 -127.83
C VAL Y 20 50.64 -120.73 -126.47
N HIS Y 21 51.21 -120.16 -125.41
CA HIS Y 21 50.72 -120.46 -124.06
C HIS Y 21 49.27 -120.03 -123.89
N ALA Y 22 48.95 -118.81 -124.34
CA ALA Y 22 47.59 -118.31 -124.19
C ALA Y 22 46.59 -119.18 -124.94
N GLU Y 23 46.92 -119.56 -126.18
CA GLU Y 23 46.04 -120.43 -126.95
C GLU Y 23 45.88 -121.78 -126.28
N SER Y 24 46.98 -122.34 -125.76
CA SER Y 24 46.88 -123.61 -125.04
C SER Y 24 46.04 -123.49 -123.79
N LEU Y 25 45.94 -122.29 -123.22
CA LEU Y 25 45.13 -122.07 -122.02
C LEU Y 25 43.71 -121.61 -122.36
N GLY Y 26 43.35 -121.56 -123.64
CA GLY Y 26 42.00 -121.24 -124.04
C GLY Y 26 41.74 -119.79 -124.39
N TRP Y 27 42.76 -118.93 -124.34
CA TRP Y 27 42.56 -117.54 -124.70
C TRP Y 27 42.08 -117.42 -126.15
N VAL Y 28 41.15 -116.51 -126.37
CA VAL Y 28 40.57 -116.31 -127.69
C VAL Y 28 41.32 -115.19 -128.39
N THR Y 29 41.89 -115.49 -129.55
CA THR Y 29 42.61 -114.51 -130.37
C THR Y 29 41.78 -114.26 -131.62
N ASP Y 30 41.18 -113.07 -131.71
CA ASP Y 30 40.37 -112.74 -132.88
C ASP Y 30 41.21 -112.73 -134.14
N ARG Y 31 42.41 -112.16 -134.07
CA ARG Y 31 43.34 -112.15 -135.20
C ARG Y 31 44.76 -112.29 -134.68
N ALA Y 32 45.57 -113.05 -135.40
CA ALA Y 32 46.96 -113.31 -135.02
C ALA Y 32 47.86 -113.12 -136.22
N SER Y 33 49.11 -112.74 -135.93
CA SER Y 33 50.12 -112.56 -136.96
C SER Y 33 51.49 -112.73 -136.31
N ALA Y 34 52.54 -112.63 -137.12
CA ALA Y 34 53.90 -112.77 -136.62
C ALA Y 34 54.33 -111.59 -135.77
N SER Y 35 53.66 -110.44 -135.90
CA SER Y 35 54.06 -109.25 -135.16
C SER Y 35 52.90 -108.48 -134.54
N GLU Y 36 51.65 -108.75 -134.90
CA GLU Y 36 50.50 -108.00 -134.40
C GLU Y 36 49.45 -108.96 -133.85
N TRP Y 37 48.72 -108.49 -132.84
CA TRP Y 37 47.68 -109.27 -132.19
C TRP Y 37 46.44 -108.44 -131.98
N LEU Y 38 45.28 -109.09 -132.10
CA LEU Y 38 43.99 -108.53 -131.69
C LEU Y 38 43.25 -109.66 -130.98
N CYS Y 39 43.45 -109.74 -129.66
CA CYS Y 39 42.90 -110.80 -128.83
C CYS Y 39 41.91 -110.23 -127.83
N HIS Y 40 41.17 -111.13 -127.20
CA HIS Y 40 40.15 -110.73 -126.24
C HIS Y 40 39.81 -111.93 -125.36
N ASN Y 41 39.06 -111.66 -124.29
CA ASN Y 41 38.58 -112.69 -123.39
C ASN Y 41 37.19 -112.27 -122.91
N ALA Y 42 36.68 -112.97 -121.89
CA ALA Y 42 35.39 -112.63 -121.32
C ALA Y 42 35.38 -111.27 -120.62
N ASP Y 43 36.56 -110.70 -120.34
CA ASP Y 43 36.66 -109.46 -119.60
C ASP Y 43 36.81 -108.24 -120.52
N GLY Y 44 37.70 -108.31 -121.50
CA GLY Y 44 37.92 -107.17 -122.35
C GLY Y 44 38.72 -107.56 -123.59
N TYR Y 45 39.07 -106.53 -124.36
CA TYR Y 45 39.81 -106.69 -125.60
C TYR Y 45 41.14 -105.97 -125.49
N TRP Y 46 42.19 -106.56 -126.06
CA TRP Y 46 43.51 -105.96 -126.06
C TRP Y 46 44.16 -106.12 -127.43
N SER Y 47 45.05 -105.21 -127.76
CA SER Y 47 45.81 -105.24 -129.00
C SER Y 47 47.28 -105.00 -128.69
N PHE Y 48 48.15 -105.79 -129.34
CA PHE Y 48 49.58 -105.71 -129.12
C PHE Y 48 50.31 -105.69 -130.45
N ASN Y 49 51.44 -104.98 -130.48
CA ASN Y 49 52.31 -104.93 -131.64
C ASN Y 49 53.76 -104.95 -131.17
N ALA Y 50 54.58 -105.74 -131.86
CA ALA Y 50 55.99 -105.91 -131.49
C ALA Y 50 56.86 -105.10 -132.43
N GLY Y 51 57.61 -104.15 -131.87
CA GLY Y 51 58.55 -103.36 -132.63
C GLY Y 51 59.92 -104.01 -132.70
N ALA Y 52 60.88 -103.24 -133.23
CA ALA Y 52 62.24 -103.75 -133.31
C ALA Y 52 62.83 -104.03 -131.94
N ASN Y 53 62.60 -103.12 -130.98
CA ASN Y 53 63.12 -103.28 -129.63
C ASN Y 53 62.11 -102.87 -128.57
N GLN Y 54 60.81 -102.91 -128.86
CA GLN Y 54 59.79 -102.50 -127.91
C GLN Y 54 58.46 -103.09 -128.32
N PHE Y 55 57.53 -103.09 -127.36
CA PHE Y 55 56.16 -103.54 -127.59
C PHE Y 55 55.20 -102.36 -127.51
N GLN Y 56 54.21 -102.36 -128.39
CA GLN Y 56 53.15 -101.36 -128.39
C GLN Y 56 51.84 -102.06 -128.03
N MET Y 57 51.19 -101.57 -126.98
CA MET Y 57 49.95 -102.16 -126.47
C MET Y 57 48.87 -101.10 -126.39
N ALA Y 58 47.62 -101.53 -126.56
CA ALA Y 58 46.49 -100.62 -126.50
C ALA Y 58 45.24 -101.42 -126.16
N GLY Y 59 44.36 -100.80 -125.39
CA GLY Y 59 43.08 -101.42 -125.08
C GLY Y 59 42.12 -101.33 -126.25
N ASN Y 60 40.98 -102.00 -126.09
CA ASN Y 60 39.99 -102.04 -127.16
C ASN Y 60 38.63 -102.38 -126.58
N THR Y 61 37.59 -101.99 -127.31
CA THR Y 61 36.21 -102.31 -126.96
C THR Y 61 35.44 -103.02 -128.05
N GLY Y 62 35.80 -102.80 -129.33
CA GLY Y 62 35.18 -103.52 -130.42
C GLY Y 62 36.25 -104.02 -131.38
N PHE Y 63 35.82 -104.78 -132.38
CA PHE Y 63 36.72 -105.39 -133.34
C PHE Y 63 36.37 -104.95 -134.75
N ASP Y 64 37.41 -104.73 -135.56
CA ASP Y 64 37.25 -104.43 -136.99
C ASP Y 64 38.53 -104.84 -137.69
N ASN Y 65 38.47 -105.91 -138.47
CA ASN Y 65 39.67 -106.43 -139.12
C ASN Y 65 40.25 -105.47 -140.13
N SER Y 66 39.45 -104.51 -140.63
CA SER Y 66 39.92 -103.57 -141.63
C SER Y 66 40.65 -102.37 -141.03
N LEU Y 67 40.71 -102.27 -139.71
CA LEU Y 67 41.37 -101.15 -139.04
C LEU Y 67 42.75 -101.57 -138.57
N ALA Y 68 43.66 -100.60 -138.49
CA ALA Y 68 45.02 -100.85 -138.09
C ALA Y 68 45.08 -101.29 -136.62
N TRP Y 69 46.28 -101.65 -136.17
CA TRP Y 69 46.44 -102.13 -134.80
C TRP Y 69 46.08 -101.05 -133.78
N ASN Y 70 46.27 -99.78 -134.13
CA ASN Y 70 45.99 -98.67 -133.25
C ASN Y 70 44.78 -97.86 -133.71
N ALA Y 71 43.80 -98.53 -134.33
CA ALA Y 71 42.60 -97.85 -134.81
C ALA Y 71 41.33 -98.65 -134.54
N GLN Y 72 41.35 -99.54 -133.56
CA GLN Y 72 40.17 -100.33 -133.26
C GLN Y 72 39.10 -99.45 -132.61
N PRO Y 73 37.84 -99.87 -132.65
CA PRO Y 73 36.78 -99.09 -132.01
C PRO Y 73 37.07 -98.89 -130.53
N GLY Y 74 36.81 -97.68 -130.05
CA GLY Y 74 37.06 -97.37 -128.65
C GLY Y 74 38.51 -97.57 -128.24
N ASN Y 75 39.45 -97.20 -129.12
CA ASN Y 75 40.85 -97.36 -128.80
C ASN Y 75 41.30 -96.28 -127.81
N SER Y 76 42.32 -96.62 -127.01
CA SER Y 76 42.83 -95.70 -126.01
C SER Y 76 43.56 -94.51 -126.63
N VAL Y 77 43.99 -94.62 -127.89
CA VAL Y 77 44.77 -93.54 -128.50
C VAL Y 77 43.95 -92.26 -128.58
N GLN Y 78 42.69 -92.37 -129.02
CA GLN Y 78 41.85 -91.19 -129.23
C GLN Y 78 40.93 -90.90 -128.06
N ASN Y 79 40.72 -91.86 -127.15
CA ASN Y 79 39.77 -91.73 -126.05
C ASN Y 79 40.47 -91.48 -124.72
N ASN Y 80 41.54 -90.69 -124.72
CA ASN Y 80 42.26 -90.37 -123.50
C ASN Y 80 42.40 -88.86 -123.35
N PRO Y 81 42.52 -88.36 -122.12
CA PRO Y 81 42.67 -86.91 -121.93
C PRO Y 81 43.92 -86.34 -122.56
N TYR Y 82 44.94 -87.15 -122.80
CA TYR Y 82 46.18 -86.64 -123.36
C TYR Y 82 45.93 -85.99 -124.71
N SER Y 83 46.60 -84.85 -124.94
CA SER Y 83 46.55 -84.20 -126.24
C SER Y 83 47.43 -84.91 -127.25
N SER Y 84 48.49 -85.57 -126.80
CA SER Y 84 49.39 -86.27 -127.71
C SER Y 84 48.69 -87.45 -128.38
N LYS Y 85 47.80 -88.12 -127.65
CA LYS Y 85 47.06 -89.27 -128.18
C LYS Y 85 48.02 -90.41 -128.57
N GLY Y 86 48.75 -90.89 -127.57
CA GLY Y 86 49.69 -91.96 -127.76
C GLY Y 86 49.27 -93.22 -127.02
N PRO Y 87 49.57 -94.39 -127.57
CA PRO Y 87 49.22 -95.65 -126.91
C PRO Y 87 50.26 -96.06 -125.89
N THR Y 88 49.98 -97.15 -125.19
CA THR Y 88 50.91 -97.68 -124.20
C THR Y 88 52.16 -98.19 -124.89
N VAL Y 89 53.32 -98.00 -124.24
CA VAL Y 89 54.61 -98.36 -124.81
C VAL Y 89 55.44 -99.05 -123.73
N ALA Y 90 56.12 -100.13 -124.13
CA ALA Y 90 57.06 -100.84 -123.27
C ALA Y 90 58.40 -100.90 -123.99
N GLN Y 91 59.38 -100.15 -123.51
CA GLN Y 91 60.66 -100.03 -124.18
C GLN Y 91 61.59 -101.13 -123.67
N LEU Y 92 62.11 -101.93 -124.60
CA LEU Y 92 63.05 -103.01 -124.30
C LEU Y 92 64.34 -102.79 -125.09
N SER Y 93 65.22 -103.79 -125.03
CA SER Y 93 66.50 -103.73 -125.71
C SER Y 93 66.40 -104.42 -127.08
N GLY Y 94 67.57 -104.62 -127.68
CA GLY Y 94 67.65 -105.18 -129.03
C GLY Y 94 66.90 -106.48 -129.21
N GLY Y 95 66.78 -107.27 -128.14
CA GLY Y 95 66.06 -108.53 -128.21
C GLY Y 95 66.71 -109.66 -127.43
N PRO Y 96 68.05 -109.67 -127.32
CA PRO Y 96 68.69 -110.70 -126.48
C PRO Y 96 68.15 -110.69 -125.06
N PHE Y 97 67.50 -111.79 -124.66
CA PHE Y 97 66.88 -111.92 -123.34
C PHE Y 97 67.52 -113.08 -122.61
N THR Y 98 67.99 -112.83 -121.38
CA THR Y 98 68.55 -113.88 -120.55
C THR Y 98 67.49 -114.95 -120.26
N ARG Y 99 66.30 -114.52 -119.87
CA ARG Y 99 65.22 -115.44 -119.52
C ARG Y 99 63.94 -114.63 -119.37
N TYR Y 100 62.81 -115.33 -119.40
CA TYR Y 100 61.51 -114.71 -119.17
C TYR Y 100 60.67 -115.60 -118.27
N HIS Y 101 59.97 -114.98 -117.33
CA HIS Y 101 59.06 -115.68 -116.43
C HIS Y 101 57.64 -115.23 -116.74
N LEU Y 102 56.76 -116.19 -117.02
CA LEU Y 102 55.41 -115.90 -117.48
C LEU Y 102 54.40 -116.48 -116.50
N PHE Y 103 53.41 -115.67 -116.13
CA PHE Y 103 52.28 -116.10 -115.30
C PHE Y 103 51.02 -115.92 -116.14
N ALA Y 104 50.29 -117.02 -116.34
CA ALA Y 104 49.13 -117.03 -117.23
C ALA Y 104 47.90 -117.50 -116.48
N THR Y 105 46.78 -116.79 -116.70
CA THR Y 105 45.50 -117.17 -116.13
C THR Y 105 44.41 -116.81 -117.15
N ALA Y 106 43.21 -117.31 -116.89
CA ALA Y 106 42.09 -117.02 -117.78
C ALA Y 106 41.66 -115.56 -117.73
N ALA Y 107 42.06 -114.82 -116.70
CA ALA Y 107 41.62 -113.44 -116.52
C ALA Y 107 42.72 -112.41 -116.68
N TYR Y 108 44.00 -112.80 -116.53
CA TYR Y 108 45.09 -111.84 -116.62
C TYR Y 108 46.34 -112.56 -117.08
N LEU Y 109 47.28 -111.77 -117.62
CA LEU Y 109 48.57 -112.27 -118.07
C LEU Y 109 49.66 -111.35 -117.52
N HIS Y 110 50.68 -111.95 -116.90
CA HIS Y 110 51.79 -111.22 -116.33
C HIS Y 110 53.09 -111.77 -116.89
N LEU Y 111 54.00 -110.87 -117.26
CA LEU Y 111 55.28 -111.27 -117.85
C LEU Y 111 56.40 -110.47 -117.20
N HIS Y 112 57.55 -111.14 -117.01
CA HIS Y 112 58.75 -110.50 -116.46
C HIS Y 112 59.94 -111.06 -117.21
N VAL Y 113 60.57 -110.24 -118.03
CA VAL Y 113 61.66 -110.66 -118.92
C VAL Y 113 62.95 -110.05 -118.41
N GLU Y 114 63.98 -110.90 -118.25
CA GLU Y 114 65.32 -110.43 -117.89
C GLU Y 114 66.10 -110.23 -119.18
N ILE Y 115 66.08 -109.01 -119.68
CA ILE Y 115 66.72 -108.72 -120.97
C ILE Y 115 68.23 -108.95 -120.88
N ALA Y 116 68.82 -108.64 -119.73
CA ALA Y 116 70.25 -108.82 -119.53
C ALA Y 116 70.50 -109.03 -118.04
N ALA Y 117 71.76 -109.30 -117.69
CA ALA Y 117 72.13 -109.51 -116.30
C ALA Y 117 71.76 -108.30 -115.46
N GLY Y 118 70.78 -108.47 -114.57
CA GLY Y 118 70.32 -107.40 -113.72
C GLY Y 118 69.28 -106.49 -114.34
N GLN Y 119 68.94 -106.69 -115.62
CA GLN Y 119 67.96 -105.86 -116.31
C GLN Y 119 66.67 -106.66 -116.45
N PHE Y 120 65.57 -106.08 -115.99
CA PHE Y 120 64.27 -106.73 -116.03
C PHE Y 120 63.22 -105.73 -116.52
N ARG Y 121 62.23 -106.23 -117.24
CA ARG Y 121 61.18 -105.39 -117.83
C ARG Y 121 59.83 -106.06 -117.62
N PRO Y 122 58.96 -105.53 -116.77
CA PRO Y 122 57.65 -106.14 -116.56
C PRO Y 122 56.61 -105.69 -117.59
N VAL Y 123 55.68 -106.60 -117.87
CA VAL Y 123 54.55 -106.34 -118.75
C VAL Y 123 53.30 -106.87 -118.07
N MET Y 124 52.26 -106.05 -118.01
CA MET Y 124 51.06 -106.39 -117.24
C MET Y 124 49.81 -106.21 -118.09
N ILE Y 125 48.96 -107.22 -118.09
CA ILE Y 125 47.65 -107.17 -118.73
C ILE Y 125 46.66 -107.92 -117.85
N GLY Y 126 45.45 -107.38 -117.73
CA GLY Y 126 44.42 -108.05 -116.95
C GLY Y 126 43.34 -107.06 -116.54
N SER Y 127 42.56 -107.48 -115.53
CA SER Y 127 41.49 -106.67 -114.98
C SER Y 127 41.56 -106.68 -113.46
N LEU Y 128 41.23 -105.55 -112.86
CA LEU Y 128 41.22 -105.44 -111.40
C LEU Y 128 40.10 -106.27 -110.80
N ASN Y 129 40.35 -106.81 -109.61
CA ASN Y 129 39.33 -107.53 -108.86
C ASN Y 129 38.28 -106.53 -108.37
N LYS Y 130 37.03 -106.72 -108.81
CA LYS Y 130 35.97 -105.79 -108.44
C LYS Y 130 35.74 -105.78 -106.93
N ARG Y 131 35.90 -106.91 -106.27
CA ARG Y 131 35.70 -107.01 -104.83
C ARG Y 131 34.30 -106.54 -104.44
N GLY Y 132 33.31 -106.89 -105.26
CA GLY Y 132 31.94 -106.51 -105.00
C GLY Y 132 31.57 -105.10 -105.40
N VAL Y 133 32.50 -104.35 -105.98
CA VAL Y 133 32.23 -102.96 -106.40
C VAL Y 133 31.66 -102.98 -107.81
N GLY Y 134 30.53 -102.32 -107.98
CA GLY Y 134 29.84 -102.32 -109.27
C GLY Y 134 30.33 -101.23 -110.20
N TYR Y 135 31.17 -101.60 -111.17
CA TYR Y 135 31.67 -100.66 -112.14
C TYR Y 135 32.03 -101.42 -113.41
N THR Y 136 31.89 -100.74 -114.55
CA THR Y 136 32.18 -101.34 -115.86
C THR Y 136 33.60 -100.98 -116.29
N GLY Y 137 34.31 -101.96 -116.82
CA GLY Y 137 35.69 -101.77 -117.24
C GLY Y 137 36.66 -102.49 -116.34
N GLY Y 138 37.66 -101.77 -115.83
CA GLY Y 138 38.65 -102.35 -114.95
C GLY Y 138 39.82 -103.01 -115.63
N GLN Y 139 39.82 -103.10 -116.96
CA GLN Y 139 40.95 -103.68 -117.68
C GLN Y 139 42.15 -102.76 -117.60
N TYR Y 140 43.33 -103.33 -117.38
CA TYR Y 140 44.55 -102.56 -117.24
C TYR Y 140 45.64 -103.16 -118.12
N VAL Y 141 46.38 -102.29 -118.80
CA VAL Y 141 47.54 -102.68 -119.60
C VAL Y 141 48.68 -101.75 -119.26
N CYS Y 142 49.84 -102.31 -118.91
CA CYS Y 142 50.98 -101.53 -118.48
C CYS Y 142 52.22 -101.95 -119.26
N GLY Y 143 53.19 -101.03 -119.32
CA GLY Y 143 54.47 -101.29 -119.94
C GLY Y 143 55.59 -100.68 -119.11
N SER Y 144 56.81 -100.93 -119.56
CA SER Y 144 58.01 -100.43 -118.90
C SER Y 144 58.73 -99.47 -119.83
N PHE Y 145 58.98 -98.25 -119.36
CA PHE Y 145 59.66 -97.23 -120.13
C PHE Y 145 60.92 -96.80 -119.40
N ILE Y 146 61.99 -96.60 -120.16
CA ILE Y 146 63.28 -96.15 -119.64
C ILE Y 146 63.58 -94.78 -120.24
N TYR Y 147 64.03 -93.85 -119.39
CA TYR Y 147 64.28 -92.49 -119.84
C TYR Y 147 65.50 -92.42 -120.74
N THR Y 148 66.68 -92.75 -120.18
CA THR Y 148 67.92 -92.67 -120.94
C THR Y 148 68.95 -93.64 -120.35
N PRO Y 149 69.47 -94.59 -121.13
CA PRO Y 149 70.54 -95.46 -120.61
C PRO Y 149 71.77 -94.64 -120.25
N GLY Y 150 72.44 -95.07 -119.21
CA GLY Y 150 73.65 -94.40 -118.73
C GLY Y 150 73.41 -93.34 -117.68
N GLN Y 151 72.45 -92.46 -117.92
CA GLN Y 151 72.11 -91.41 -116.98
C GLN Y 151 71.13 -91.97 -115.95
N ALA Y 152 70.53 -91.10 -115.13
CA ALA Y 152 69.57 -91.55 -114.13
C ALA Y 152 68.48 -92.38 -114.80
N LEU Y 153 68.43 -93.68 -114.49
CA LEU Y 153 67.49 -94.57 -115.16
C LEU Y 153 66.08 -94.35 -114.65
N THR Y 154 65.92 -94.10 -113.35
CA THR Y 154 64.61 -93.87 -112.73
C THR Y 154 64.35 -92.39 -112.54
N ASN Y 155 64.77 -91.56 -113.49
CA ASN Y 155 64.59 -90.12 -113.40
C ASN Y 155 63.11 -89.79 -113.26
N ASN Y 156 62.85 -88.52 -112.91
CA ASN Y 156 61.47 -88.08 -112.71
C ASN Y 156 60.65 -88.26 -113.97
N TRP Y 157 61.22 -87.94 -115.13
CA TRP Y 157 60.48 -88.06 -116.38
C TRP Y 157 60.11 -89.50 -116.71
N SER Y 158 60.75 -90.48 -116.07
CA SER Y 158 60.47 -91.87 -116.34
C SER Y 158 59.05 -92.22 -115.88
N SER Y 159 58.50 -93.27 -116.51
CA SER Y 159 57.19 -93.78 -116.15
C SER Y 159 57.29 -95.29 -115.98
N HIS Y 160 56.50 -95.82 -115.04
CA HIS Y 160 56.53 -97.22 -114.67
C HIS Y 160 55.10 -97.71 -114.52
N PRO Y 161 54.89 -99.04 -114.54
CA PRO Y 161 53.53 -99.57 -114.37
C PRO Y 161 52.90 -99.07 -113.07
N PHE Y 162 51.63 -98.67 -113.16
CA PHE Y 162 50.91 -98.14 -112.00
C PHE Y 162 51.58 -96.91 -111.39
N ASP Y 163 52.38 -96.19 -112.18
CA ASP Y 163 53.13 -95.07 -111.61
C ASP Y 163 52.20 -94.00 -111.09
N GLY Y 164 52.64 -93.34 -110.02
CA GLY Y 164 51.87 -92.26 -109.42
C GLY Y 164 52.54 -90.91 -109.57
N TYR Y 165 53.67 -90.86 -110.28
CA TYR Y 165 54.41 -89.61 -110.46
C TYR Y 165 55.31 -89.76 -111.68
N HIS Y 166 55.05 -88.95 -112.71
CA HIS Y 166 55.89 -88.96 -113.91
C HIS Y 166 55.70 -87.65 -114.64
N ILE Y 167 56.65 -87.34 -115.52
CA ILE Y 167 56.64 -86.13 -116.31
C ILE Y 167 56.87 -86.53 -117.76
N GLN Y 168 55.81 -86.50 -118.57
CA GLN Y 168 55.89 -86.85 -119.97
C GLN Y 168 54.60 -86.43 -120.67
N TYR Y 169 54.74 -85.84 -121.85
CA TYR Y 169 53.60 -85.33 -122.60
C TYR Y 169 53.25 -86.18 -123.83
N SER Y 170 54.01 -87.24 -124.11
CA SER Y 170 53.82 -88.03 -125.32
C SER Y 170 53.27 -89.42 -125.04
N ASN Y 171 53.91 -90.18 -124.16
CA ASN Y 171 53.56 -91.58 -123.93
C ASN Y 171 53.31 -91.83 -122.46
N SER Y 172 52.54 -92.88 -122.19
CA SER Y 172 52.22 -93.31 -120.83
C SER Y 172 52.60 -94.77 -120.65
N SER Y 173 53.08 -95.10 -119.46
CA SER Y 173 53.53 -96.46 -119.19
C SER Y 173 52.36 -97.42 -119.00
N CYS Y 174 51.26 -96.97 -118.40
CA CYS Y 174 50.13 -97.84 -118.16
C CYS Y 174 48.85 -97.02 -118.16
N MET Y 175 47.71 -97.72 -118.29
CA MET Y 175 46.40 -97.11 -118.36
C MET Y 175 45.43 -97.89 -117.48
N LEU Y 176 44.18 -97.40 -117.42
CA LEU Y 176 43.15 -98.06 -116.64
C LEU Y 176 41.80 -97.64 -117.19
N ARG Y 177 40.91 -98.61 -117.42
CA ARG Y 177 39.61 -98.32 -118.00
C ARG Y 177 38.57 -98.11 -116.89
N LEU Y 178 37.82 -97.01 -117.00
CA LEU Y 178 36.75 -96.70 -116.06
C LEU Y 178 35.62 -96.07 -116.86
N ASP Y 179 34.60 -96.86 -117.17
CA ASP Y 179 33.54 -96.43 -118.08
C ASP Y 179 32.53 -95.55 -117.35
N GLY Y 180 31.99 -94.57 -118.08
CA GLY Y 180 30.93 -93.74 -117.54
C GLY Y 180 31.33 -92.91 -116.35
N LEU Y 181 32.56 -92.42 -116.31
CA LEU Y 181 32.99 -91.58 -115.20
C LEU Y 181 32.48 -90.16 -115.37
N ASP Y 182 31.81 -89.66 -114.34
CA ASP Y 182 31.31 -88.28 -114.34
C ASP Y 182 30.39 -88.01 -115.52
N GLY Y 183 29.56 -88.99 -115.87
CA GLY Y 183 28.55 -88.81 -116.88
C GLY Y 183 29.06 -88.76 -118.30
N GLY Y 184 30.31 -89.10 -118.54
CA GLY Y 184 30.85 -89.06 -119.89
C GLY Y 184 30.51 -90.31 -120.67
N PRO Y 185 30.91 -90.33 -121.93
CA PRO Y 185 30.68 -91.52 -122.76
C PRO Y 185 31.34 -92.75 -122.16
N SER Y 186 30.71 -93.90 -122.37
CA SER Y 186 31.22 -95.13 -121.79
C SER Y 186 32.68 -95.41 -122.11
N PRO Y 187 33.16 -95.22 -123.35
CA PRO Y 187 34.58 -95.51 -123.62
C PRO Y 187 35.50 -94.48 -123.00
N GLU Y 188 36.19 -94.86 -121.92
CA GLU Y 188 37.09 -93.96 -121.21
C GLU Y 188 38.31 -94.76 -120.75
N TRP Y 189 39.48 -94.33 -121.17
CA TRP Y 189 40.75 -94.97 -120.81
C TRP Y 189 41.54 -93.98 -119.97
N LEU Y 190 41.54 -94.18 -118.65
CA LEU Y 190 42.16 -93.25 -117.73
C LEU Y 190 43.64 -93.59 -117.56
N PRO Y 191 44.55 -92.69 -117.94
CA PRO Y 191 45.97 -92.96 -117.76
C PRO Y 191 46.45 -92.64 -116.34
N PHE Y 192 47.64 -93.15 -116.03
CA PHE Y 192 48.25 -92.94 -114.72
C PHE Y 192 49.09 -91.67 -114.80
N ASP Y 193 48.46 -90.54 -114.49
CA ASP Y 193 49.13 -89.25 -114.51
C ASP Y 193 48.64 -88.42 -113.33
N TYR Y 194 49.50 -87.51 -112.86
CA TYR Y 194 49.18 -86.71 -111.69
C TYR Y 194 49.40 -85.22 -111.94
N THR Y 195 50.37 -84.87 -112.78
CA THR Y 195 50.77 -83.48 -112.95
C THR Y 195 50.00 -82.75 -114.05
N THR Y 196 49.20 -83.46 -114.84
CA THR Y 196 48.46 -82.82 -115.93
C THR Y 196 47.24 -82.05 -115.42
N ASN Y 197 46.81 -82.27 -114.18
CA ASN Y 197 45.66 -81.59 -113.61
C ASN Y 197 44.40 -81.81 -114.45
N VAL Y 198 44.35 -82.89 -115.23
CA VAL Y 198 43.17 -83.23 -116.02
C VAL Y 198 42.03 -83.54 -115.06
N PRO Y 199 40.78 -83.27 -115.43
CA PRO Y 199 39.69 -83.51 -114.47
C PRO Y 199 39.60 -84.96 -114.01
N ARG Y 200 39.88 -85.91 -114.90
CA ARG Y 200 39.76 -87.33 -114.59
C ARG Y 200 41.10 -88.02 -114.84
N ARG Y 201 41.57 -88.77 -113.85
CA ARG Y 201 42.85 -89.46 -113.92
C ARG Y 201 42.89 -90.52 -112.83
N VAL Y 202 43.93 -91.35 -112.88
CA VAL Y 202 44.12 -92.43 -111.92
C VAL Y 202 45.56 -92.43 -111.44
N VAL Y 203 45.78 -93.02 -110.27
CA VAL Y 203 47.08 -93.06 -109.62
C VAL Y 203 47.27 -94.43 -108.97
N GLY Y 204 48.53 -94.84 -108.83
CA GLY Y 204 48.86 -96.11 -108.22
C GLY Y 204 50.21 -96.13 -107.53
N PRO Y 205 50.48 -97.20 -106.77
CA PRO Y 205 51.78 -97.30 -106.06
C PRO Y 205 52.95 -97.70 -106.95
N GLY Y 206 52.77 -97.65 -108.27
CA GLY Y 206 53.73 -98.19 -109.21
C GLY Y 206 55.20 -98.00 -108.85
N ARG Y 207 55.63 -96.76 -108.66
CA ARG Y 207 57.05 -96.50 -108.45
C ARG Y 207 57.58 -97.11 -107.17
N GLY Y 208 56.70 -97.46 -106.23
CA GLY Y 208 57.13 -98.09 -105.00
C GLY Y 208 57.28 -97.11 -103.84
N ASN Y 209 58.51 -96.83 -103.45
CA ASN Y 209 58.80 -95.93 -102.33
C ASN Y 209 59.68 -94.78 -102.80
N TYR Y 210 59.32 -94.20 -103.94
CA TYR Y 210 60.02 -93.01 -104.43
C TYR Y 210 59.67 -91.82 -103.55
N SER Y 211 60.57 -90.82 -103.56
CA SER Y 211 60.43 -89.68 -102.66
C SER Y 211 59.11 -88.95 -102.89
N SER Y 212 58.76 -88.72 -104.15
CA SER Y 212 57.56 -87.98 -104.52
C SER Y 212 56.46 -88.90 -105.06
N GLN Y 213 56.35 -90.09 -104.49
CA GLN Y 213 55.29 -91.03 -104.88
C GLN Y 213 54.01 -90.67 -104.13
N TYR Y 214 52.90 -90.63 -104.85
CA TYR Y 214 51.61 -90.21 -104.28
C TYR Y 214 50.76 -91.45 -104.02
N HIS Y 215 50.84 -91.96 -102.80
CA HIS Y 215 49.98 -93.06 -102.36
C HIS Y 215 50.12 -93.23 -100.85
N PRO Y 216 49.04 -93.51 -100.12
CA PRO Y 216 49.15 -93.59 -98.66
C PRO Y 216 49.77 -94.89 -98.15
N ASP Y 217 49.90 -95.92 -99.00
CA ASP Y 217 50.50 -97.18 -98.59
C ASP Y 217 52.02 -97.17 -98.74
N VAL Y 218 52.59 -96.12 -99.32
CA VAL Y 218 54.04 -96.08 -99.51
C VAL Y 218 54.75 -96.47 -98.23
N GLY Y 219 54.19 -96.11 -97.07
CA GLY Y 219 54.76 -96.56 -95.82
C GLY Y 219 54.65 -98.06 -95.63
N LEU Y 220 53.53 -98.66 -96.04
CA LEU Y 220 53.39 -100.10 -95.95
C LEU Y 220 54.44 -100.80 -96.79
N ILE Y 221 54.64 -100.34 -98.03
CA ILE Y 221 55.71 -100.90 -98.86
C ILE Y 221 57.07 -100.67 -98.22
N ASP Y 222 57.31 -99.49 -97.64
CA ASP Y 222 58.60 -99.23 -97.02
C ASP Y 222 58.88 -100.19 -95.87
N ALA Y 223 57.85 -100.49 -95.07
CA ALA Y 223 57.99 -101.32 -93.90
C ALA Y 223 57.60 -102.78 -94.14
N SER Y 224 57.42 -103.18 -95.40
CA SER Y 224 57.01 -104.55 -95.68
C SER Y 224 57.95 -105.57 -95.04
N ALA Y 225 59.23 -105.27 -94.98
CA ALA Y 225 60.21 -106.17 -94.38
C ALA Y 225 60.25 -105.95 -92.87
N ASN Y 226 60.13 -107.04 -92.12
CA ASN Y 226 60.12 -106.99 -90.66
C ASN Y 226 61.52 -107.28 -90.14
N GLU Y 227 62.03 -106.39 -89.29
CA GLU Y 227 63.35 -106.60 -88.70
C GLU Y 227 63.31 -107.55 -87.52
N LEU Y 228 62.12 -107.86 -86.99
CA LEU Y 228 62.03 -108.76 -85.84
C LEU Y 228 62.38 -110.18 -86.25
N ASN Y 229 61.61 -110.76 -87.18
CA ASN Y 229 61.79 -112.14 -87.60
C ASN Y 229 62.19 -112.27 -89.07
N SER Y 230 62.59 -111.17 -89.71
CA SER Y 230 62.94 -111.18 -91.12
C SER Y 230 61.76 -111.62 -91.98
N SER Y 231 60.55 -111.37 -91.50
CA SER Y 231 59.35 -111.77 -92.22
C SER Y 231 58.88 -110.66 -93.15
N THR Y 232 58.33 -111.06 -94.29
CA THR Y 232 57.82 -110.13 -95.29
C THR Y 232 56.35 -110.42 -95.55
N THR Y 233 55.57 -109.36 -95.76
CA THR Y 233 54.13 -109.47 -95.97
C THR Y 233 53.77 -108.88 -97.33
N THR Y 234 52.59 -109.26 -97.82
CA THR Y 234 52.06 -108.77 -99.08
C THR Y 234 51.15 -107.58 -98.82
N VAL Y 235 51.36 -106.51 -99.55
CA VAL Y 235 50.56 -105.29 -99.44
C VAL Y 235 49.71 -105.17 -100.69
N PRO Y 236 48.37 -105.19 -100.59
CA PRO Y 236 47.55 -105.01 -101.79
C PRO Y 236 47.86 -103.70 -102.48
N CYS Y 237 47.83 -103.74 -103.82
CA CYS Y 237 48.16 -102.56 -104.63
C CYS Y 237 46.86 -101.85 -104.98
N ALA Y 238 46.36 -101.08 -104.02
CA ALA Y 238 45.13 -100.33 -104.22
C ALA Y 238 45.34 -99.24 -105.27
N ILE Y 239 44.28 -98.97 -106.02
CA ILE Y 239 44.30 -97.96 -107.07
C ILE Y 239 43.27 -96.89 -106.75
N TYR Y 240 43.58 -95.65 -107.12
CA TYR Y 240 42.74 -94.51 -106.84
C TYR Y 240 42.39 -93.80 -108.15
N ALA Y 241 41.15 -93.34 -108.25
CA ALA Y 241 40.67 -92.61 -109.41
C ALA Y 241 40.10 -91.27 -108.94
N PHE Y 242 40.49 -90.19 -109.62
CA PHE Y 242 40.09 -88.84 -109.25
C PHE Y 242 38.92 -88.39 -110.13
N GLY Y 243 37.88 -87.86 -109.50
CA GLY Y 243 36.70 -87.43 -110.20
C GLY Y 243 36.86 -86.05 -110.83
N ALA Y 244 35.77 -85.57 -111.41
CA ALA Y 244 35.81 -84.31 -112.15
C ALA Y 244 36.34 -83.17 -111.29
N GLN Y 245 36.09 -83.20 -109.99
CA GLN Y 245 36.53 -82.13 -109.11
C GLN Y 245 37.37 -82.66 -107.95
N GLN Y 246 38.37 -83.48 -108.26
CA GLN Y 246 39.39 -83.90 -107.30
C GLN Y 246 38.80 -84.69 -106.14
N ARG Y 247 37.73 -85.42 -106.39
CA ARG Y 247 37.15 -86.32 -105.41
C ARG Y 247 37.54 -87.76 -105.77
N SER Y 248 38.31 -88.40 -104.90
CA SER Y 248 38.86 -89.70 -105.20
C SER Y 248 37.85 -90.80 -104.89
N ARG Y 249 38.01 -91.93 -105.59
CA ARG Y 249 37.16 -93.11 -105.37
C ARG Y 249 38.03 -94.35 -105.51
N TYR Y 250 38.17 -95.09 -104.41
CA TYR Y 250 38.91 -96.34 -104.44
C TYR Y 250 38.24 -97.31 -105.42
N VAL Y 251 39.04 -97.94 -106.28
CA VAL Y 251 38.51 -98.74 -107.37
C VAL Y 251 38.78 -100.24 -107.21
N GLY Y 252 39.88 -100.62 -106.57
CA GLY Y 252 40.16 -102.03 -106.36
C GLY Y 252 41.64 -102.28 -106.16
N GLU Y 253 42.00 -103.56 -106.17
CA GLU Y 253 43.36 -104.01 -105.93
C GLU Y 253 43.80 -104.91 -107.08
N VAL Y 254 45.10 -104.95 -107.30
CA VAL Y 254 45.68 -105.70 -108.41
C VAL Y 254 45.63 -107.19 -108.07
N PRO Y 255 44.99 -108.03 -108.89
CA PRO Y 255 44.90 -109.46 -108.54
C PRO Y 255 46.27 -110.11 -108.45
N ASP Y 256 46.42 -110.99 -107.46
CA ASP Y 256 47.61 -111.81 -107.32
C ASP Y 256 48.88 -111.00 -107.49
N PHE Y 257 48.92 -109.79 -106.91
CA PHE Y 257 50.06 -108.91 -107.06
C PHE Y 257 50.28 -108.13 -105.78
N GLY Y 258 51.55 -108.00 -105.38
CA GLY Y 258 51.93 -107.17 -104.25
C GLY Y 258 53.27 -106.54 -104.53
N ILE Y 259 53.55 -105.45 -103.83
CA ILE Y 259 54.80 -104.71 -103.97
C ILE Y 259 55.49 -104.76 -102.63
N CYS Y 260 56.75 -105.19 -102.62
CA CYS Y 260 57.44 -105.59 -101.41
C CYS Y 260 58.92 -105.19 -101.50
N ASN Y 261 59.52 -104.98 -100.33
CA ASN Y 261 60.90 -104.54 -100.24
C ASN Y 261 61.85 -105.73 -100.35
N MET Y 262 63.01 -105.51 -100.97
CA MET Y 262 64.05 -106.53 -101.11
C MET Y 262 65.32 -106.16 -100.36
N ALA Y 263 65.23 -105.42 -99.26
CA ALA Y 263 66.44 -105.10 -98.52
C ALA Y 263 67.19 -106.37 -98.13
N PHE Y 264 66.46 -107.47 -97.90
CA PHE Y 264 67.02 -108.69 -97.30
C PHE Y 264 66.64 -109.92 -98.12
N LEU Y 265 66.42 -109.77 -99.42
CA LEU Y 265 66.00 -110.88 -100.26
C LEU Y 265 66.63 -110.76 -101.64
N ALA Y 266 66.87 -111.92 -102.26
CA ALA Y 266 67.45 -112.01 -103.60
C ALA Y 266 66.36 -112.20 -104.64
N PRO Y 267 66.66 -111.92 -105.91
CA PRO Y 267 65.66 -112.13 -106.96
C PRO Y 267 65.21 -113.59 -107.01
N GLY Y 268 63.91 -113.80 -106.85
CA GLY Y 268 63.31 -115.11 -106.99
C GLY Y 268 63.32 -115.97 -105.74
N ASP Y 269 63.87 -115.48 -104.63
CA ASP Y 269 63.91 -116.29 -103.42
C ASP Y 269 62.48 -116.57 -102.95
N PRO Y 270 62.22 -117.75 -102.39
CA PRO Y 270 60.86 -118.05 -101.91
C PRO Y 270 60.69 -117.73 -100.43
N LEU Y 271 59.48 -117.25 -100.10
CA LEU Y 271 59.06 -117.05 -98.71
C LEU Y 271 57.57 -117.37 -98.65
N VAL Y 272 57.24 -118.59 -98.26
CA VAL Y 272 55.86 -119.05 -98.23
C VAL Y 272 55.16 -118.40 -97.05
N VAL Y 273 54.04 -117.72 -97.33
CA VAL Y 273 53.21 -117.12 -96.30
C VAL Y 273 51.85 -117.81 -96.39
N GLY Y 274 51.52 -118.62 -95.39
CA GLY Y 274 50.31 -119.40 -95.44
C GLY Y 274 50.44 -120.54 -96.45
N SER Y 275 49.29 -121.08 -96.84
CA SER Y 275 49.25 -122.16 -97.82
C SER Y 275 49.66 -121.71 -99.21
N ASP Y 276 49.69 -120.40 -99.47
CA ASP Y 276 50.05 -119.88 -100.78
C ASP Y 276 51.55 -119.59 -100.83
N THR Y 277 52.12 -119.73 -102.02
CA THR Y 277 53.54 -119.50 -102.26
C THR Y 277 53.72 -118.22 -103.06
N TRP Y 278 54.81 -117.50 -102.77
CA TRP Y 278 55.06 -116.20 -103.35
C TRP Y 278 56.38 -116.21 -104.11
N ARG Y 279 56.37 -115.60 -105.29
CA ARG Y 279 57.57 -115.43 -106.12
C ARG Y 279 57.86 -113.94 -106.21
N VAL Y 280 59.12 -113.57 -106.04
CA VAL Y 280 59.54 -112.17 -105.91
C VAL Y 280 60.67 -111.92 -106.88
N TYR Y 281 60.49 -110.92 -107.77
CA TYR Y 281 61.50 -110.56 -108.76
C TYR Y 281 61.57 -109.04 -108.90
N PRO Y 282 62.76 -108.47 -109.02
CA PRO Y 282 62.89 -107.02 -108.96
C PRO Y 282 62.30 -106.33 -110.19
N LEU Y 283 61.90 -105.07 -109.99
CA LEU Y 283 61.29 -104.31 -111.07
C LEU Y 283 62.26 -104.13 -112.23
N LEU Y 284 63.35 -103.40 -112.00
CA LEU Y 284 64.34 -103.11 -113.03
C LEU Y 284 65.72 -103.64 -112.69
N GLN Y 285 66.27 -103.25 -111.53
CA GLN Y 285 67.62 -103.63 -111.15
C GLN Y 285 67.83 -103.22 -109.69
N ARG Y 286 68.45 -104.11 -108.91
CA ARG Y 286 68.67 -103.84 -107.51
C ARG Y 286 69.85 -102.90 -107.32
N GLY Y 287 69.73 -102.01 -106.34
CA GLY Y 287 70.81 -101.11 -105.98
C GLY Y 287 70.94 -100.98 -104.48
N THR Y 288 71.24 -99.78 -103.99
CA THR Y 288 71.28 -99.51 -102.57
C THR Y 288 69.95 -98.88 -102.14
N ALA Y 289 69.87 -98.51 -100.86
CA ALA Y 289 68.63 -97.94 -100.34
C ALA Y 289 68.29 -96.62 -101.03
N THR Y 290 69.29 -95.77 -101.26
CA THR Y 290 69.07 -94.42 -101.76
C THR Y 290 69.33 -94.28 -103.26
N ASP Y 291 69.54 -95.38 -103.97
CA ASP Y 291 69.81 -95.34 -105.41
C ASP Y 291 68.48 -95.32 -106.15
N PHE Y 292 67.87 -94.13 -106.19
CA PHE Y 292 66.62 -93.91 -106.90
C PHE Y 292 66.83 -93.30 -108.28
N ASP Y 293 68.08 -93.20 -108.73
CA ASP Y 293 68.40 -92.60 -110.03
C ASP Y 293 68.97 -93.60 -111.02
N SER Y 294 69.98 -94.38 -110.62
CA SER Y 294 70.63 -95.30 -111.53
C SER Y 294 69.98 -96.67 -111.59
N THR Y 295 69.12 -97.00 -110.63
CA THR Y 295 68.46 -98.31 -110.59
C THR Y 295 67.08 -98.12 -109.99
N SER Y 296 66.44 -99.24 -109.63
CA SER Y 296 65.11 -99.24 -109.06
C SER Y 296 65.12 -99.42 -107.54
N ALA Y 297 66.26 -99.19 -106.89
CA ALA Y 297 66.39 -99.32 -105.44
C ALA Y 297 66.03 -100.75 -105.07
N TRP Y 298 65.11 -100.98 -104.13
CA TRP Y 298 64.77 -102.33 -103.68
C TRP Y 298 63.29 -102.64 -103.84
N VAL Y 299 62.58 -101.89 -104.68
CA VAL Y 299 61.17 -102.17 -104.90
C VAL Y 299 61.04 -103.57 -105.47
N GLY Y 300 60.09 -104.34 -104.95
CA GLY Y 300 59.93 -105.74 -105.33
C GLY Y 300 58.52 -106.04 -105.77
N TYR Y 301 58.40 -107.05 -106.63
CA TYR Y 301 57.11 -107.51 -107.13
C TYR Y 301 56.84 -108.90 -106.56
N CYS Y 302 56.17 -108.96 -105.41
CA CYS Y 302 55.77 -110.23 -104.82
C CYS Y 302 54.50 -110.71 -105.53
N PHE Y 303 54.61 -111.85 -106.19
CA PHE Y 303 53.49 -112.50 -106.88
C PHE Y 303 53.11 -113.79 -106.16
N ARG Y 304 51.93 -114.30 -106.50
CA ARG Y 304 51.44 -115.56 -105.99
C ARG Y 304 51.57 -116.61 -107.09
N VAL Y 305 52.27 -117.70 -106.80
CA VAL Y 305 52.51 -118.76 -107.77
C VAL Y 305 51.56 -119.92 -107.48
N VAL Y 306 50.93 -120.43 -108.52
CA VAL Y 306 50.00 -121.55 -108.38
C VAL Y 306 50.25 -122.57 -109.48
N ALA Z 2 4.69 -68.66 -84.33
CA ALA Z 2 5.95 -67.92 -84.25
C ALA Z 2 7.14 -68.86 -84.09
N THR Z 3 6.85 -70.15 -83.88
CA THR Z 3 7.87 -71.18 -83.75
C THR Z 3 7.52 -72.36 -84.63
N GLU Z 4 8.52 -72.89 -85.34
CA GLU Z 4 8.33 -74.02 -86.26
C GLU Z 4 9.47 -75.02 -86.02
N PHE Z 5 9.21 -75.97 -85.13
CA PHE Z 5 10.15 -77.04 -84.84
C PHE Z 5 9.81 -78.27 -85.68
N GLY Z 6 10.83 -79.00 -86.10
CA GLY Z 6 10.61 -80.20 -86.89
C GLY Z 6 11.87 -80.67 -87.58
N THR Z 7 11.68 -81.46 -88.63
CA THR Z 7 12.79 -82.05 -89.38
C THR Z 7 12.50 -81.90 -90.86
N ALA Z 8 13.46 -81.33 -91.60
CA ALA Z 8 13.31 -81.09 -93.02
C ALA Z 8 14.07 -82.16 -93.80
N VAL Z 9 13.41 -82.73 -94.81
CA VAL Z 9 14.02 -83.83 -95.56
C VAL Z 9 15.24 -83.36 -96.33
N ASN Z 10 15.29 -82.09 -96.74
CA ASN Z 10 16.43 -81.57 -97.46
C ASN Z 10 16.42 -80.05 -97.38
N HIS Z 11 17.48 -79.44 -97.90
CA HIS Z 11 17.62 -77.99 -97.84
C HIS Z 11 16.50 -77.30 -98.61
N ALA Z 12 16.15 -77.81 -99.78
CA ALA Z 12 15.05 -77.22 -100.54
C ALA Z 12 13.74 -77.33 -99.77
N ASP Z 13 13.48 -78.49 -99.17
CA ASP Z 13 12.30 -78.63 -98.34
C ASP Z 13 12.38 -77.75 -97.10
N LEU Z 14 13.60 -77.53 -96.58
CA LEU Z 14 13.76 -76.62 -95.45
C LEU Z 14 13.36 -75.20 -95.83
N VAL Z 15 13.79 -74.74 -97.00
CA VAL Z 15 13.41 -73.39 -97.45
C VAL Z 15 11.92 -73.32 -97.72
N GLU Z 16 11.35 -74.39 -98.29
CA GLU Z 16 9.91 -74.42 -98.52
C GLU Z 16 9.14 -74.30 -97.22
N ARG Z 17 9.57 -75.05 -96.20
CA ARG Z 17 8.93 -74.96 -94.89
C ARG Z 17 9.11 -73.58 -94.28
N LEU Z 18 10.29 -72.98 -94.45
CA LEU Z 18 10.52 -71.64 -93.94
C LEU Z 18 9.54 -70.65 -94.54
N VAL Z 19 9.39 -70.67 -95.87
CA VAL Z 19 8.49 -69.72 -96.52
C VAL Z 19 7.04 -70.01 -96.15
N GLN Z 20 6.68 -71.30 -96.06
CA GLN Z 20 5.31 -71.64 -95.68
C GLN Z 20 4.99 -71.14 -94.28
N PHE Z 21 5.94 -71.29 -93.35
CA PHE Z 21 5.74 -70.77 -92.00
C PHE Z 21 5.62 -69.26 -92.00
N LEU Z 22 6.49 -68.58 -92.77
CA LEU Z 22 6.44 -67.13 -92.82
C LEU Z 22 5.14 -66.62 -93.44
N THR Z 23 4.52 -67.39 -94.32
CA THR Z 23 3.33 -66.91 -95.03
C THR Z 23 2.02 -67.43 -94.46
N ALA Z 24 2.04 -68.48 -93.63
CA ALA Z 24 0.81 -69.13 -93.18
C ALA Z 24 0.81 -69.47 -91.70
N SER Z 25 1.77 -68.96 -90.93
CA SER Z 25 1.76 -69.24 -89.50
C SER Z 25 0.50 -68.66 -88.87
N PRO Z 26 -0.19 -69.42 -88.01
CA PRO Z 26 -1.45 -68.89 -87.44
C PRO Z 26 -1.27 -67.57 -86.72
N ASP Z 27 -0.18 -67.41 -85.97
CA ASP Z 27 0.06 -66.14 -85.28
C ASP Z 27 0.31 -65.02 -86.28
N LEU Z 28 1.11 -65.28 -87.31
CA LEU Z 28 1.42 -64.24 -88.29
C LEU Z 28 0.18 -63.82 -89.06
N VAL Z 29 -0.62 -64.78 -89.50
CA VAL Z 29 -1.80 -64.47 -90.29
C VAL Z 29 -2.86 -63.80 -89.43
N ALA Z 30 -3.06 -64.27 -88.20
CA ALA Z 30 -4.07 -63.67 -87.34
C ALA Z 30 -3.73 -62.22 -87.02
N ALA Z 31 -2.46 -61.94 -86.75
CA ALA Z 31 -2.00 -60.59 -86.45
C ALA Z 31 -1.65 -59.80 -87.70
N GLY Z 32 -1.73 -60.42 -88.88
CA GLY Z 32 -1.40 -59.71 -90.11
C GLY Z 32 0.05 -59.25 -90.18
N GLN Z 33 0.96 -60.07 -89.67
CA GLN Z 33 2.39 -59.75 -89.67
C GLN Z 33 3.16 -60.56 -90.71
N ALA Z 34 2.47 -61.24 -91.62
CA ALA Z 34 3.14 -62.08 -92.60
C ALA Z 34 3.98 -61.23 -93.55
N TYR Z 35 5.05 -61.82 -94.06
CA TYR Z 35 5.94 -61.17 -95.00
C TYR Z 35 5.44 -61.39 -96.43
N GLU Z 36 5.75 -60.45 -97.31
CA GLU Z 36 5.33 -60.49 -98.70
C GLU Z 36 6.52 -60.85 -99.58
N LYS Z 37 6.34 -61.88 -100.41
CA LYS Z 37 7.39 -62.31 -101.34
C LYS Z 37 7.36 -61.42 -102.57
N VAL Z 38 8.35 -60.53 -102.68
CA VAL Z 38 8.39 -59.60 -103.80
C VAL Z 38 9.13 -60.15 -105.01
N PHE Z 39 9.94 -61.20 -104.83
CA PHE Z 39 10.72 -61.75 -105.94
C PHE Z 39 10.98 -63.23 -105.67
N ASP Z 40 11.01 -64.02 -106.75
CA ASP Z 40 11.32 -65.44 -106.66
C ASP Z 40 11.71 -65.92 -108.05
N ASN Z 41 12.97 -66.35 -108.20
CA ASN Z 41 13.47 -66.73 -109.50
C ASN Z 41 14.61 -67.72 -109.35
N THR Z 42 14.92 -68.42 -110.44
CA THR Z 42 16.04 -69.36 -110.53
C THR Z 42 16.78 -69.03 -111.83
N ILE Z 43 17.73 -68.11 -111.76
CA ILE Z 43 18.40 -67.60 -112.95
C ILE Z 43 19.45 -68.57 -113.48
N PRO Z 44 20.27 -69.20 -112.64
CA PRO Z 44 21.42 -69.94 -113.16
C PRO Z 44 21.02 -71.27 -113.81
N ALA Z 45 21.86 -71.70 -114.75
CA ALA Z 45 21.71 -72.99 -115.41
C ALA Z 45 22.63 -73.98 -114.70
N SER Z 46 22.07 -74.77 -113.79
CA SER Z 46 22.87 -75.67 -112.99
C SER Z 46 23.60 -76.68 -113.86
N GLY Z 47 24.90 -76.82 -113.62
CA GLY Z 47 25.70 -77.83 -114.28
C GLY Z 47 25.97 -78.99 -113.34
N THR Z 48 27.17 -79.02 -112.76
CA THR Z 48 27.49 -79.97 -111.70
C THR Z 48 27.18 -79.39 -110.33
N ALA Z 49 25.96 -78.88 -110.17
CA ALA Z 49 25.56 -78.20 -108.94
C ALA Z 49 24.06 -78.29 -108.79
N ILE Z 50 23.60 -78.02 -107.57
CA ILE Z 50 22.17 -78.07 -107.28
C ILE Z 50 21.50 -76.79 -107.79
N ALA Z 51 20.20 -76.89 -108.08
CA ALA Z 51 19.43 -75.73 -108.50
C ALA Z 51 19.49 -74.65 -107.42
N VAL Z 52 19.65 -73.40 -107.85
CA VAL Z 52 19.82 -72.26 -106.97
C VAL Z 52 18.50 -71.49 -106.93
N ARG Z 53 17.96 -71.31 -105.73
CA ARG Z 53 16.70 -70.61 -105.53
C ARG Z 53 16.97 -69.24 -104.92
N GLN Z 54 16.37 -68.21 -105.52
CA GLN Z 54 16.49 -66.84 -105.06
C GLN Z 54 15.12 -66.31 -104.69
N VAL Z 55 15.00 -65.74 -103.50
CA VAL Z 55 13.74 -65.19 -103.02
C VAL Z 55 14.03 -63.89 -102.28
N THR Z 56 13.18 -62.89 -102.52
CA THR Z 56 13.22 -61.62 -101.82
C THR Z 56 11.86 -61.39 -101.17
N LEU Z 57 11.86 -61.04 -99.89
CA LEU Z 57 10.62 -60.90 -99.12
C LEU Z 57 10.62 -59.58 -98.38
N ARG Z 58 9.42 -59.04 -98.16
CA ARG Z 58 9.21 -57.77 -97.49
C ARG Z 58 8.48 -58.00 -96.17
N ALA Z 59 8.96 -57.38 -95.11
CA ALA Z 59 8.36 -57.48 -93.79
C ALA Z 59 7.82 -56.12 -93.37
N PRO Z 60 6.53 -56.01 -93.01
CA PRO Z 60 5.98 -54.69 -92.67
C PRO Z 60 6.23 -54.26 -91.23
N GLY Z 61 6.71 -55.15 -90.37
CA GLY Z 61 6.89 -54.83 -88.97
C GLY Z 61 5.63 -55.04 -88.16
N LEU Z 62 5.77 -54.90 -86.84
CA LEU Z 62 4.62 -55.10 -85.96
C LEU Z 62 3.54 -54.08 -86.23
N GLY Z 63 3.92 -52.81 -86.43
CA GLY Z 63 2.94 -51.76 -86.64
C GLY Z 63 2.38 -51.69 -88.04
N GLY Z 64 3.05 -52.28 -89.01
CA GLY Z 64 2.65 -52.17 -90.40
C GLY Z 64 3.10 -50.90 -91.09
N THR Z 65 3.83 -50.02 -90.38
CA THR Z 65 4.32 -48.78 -90.96
C THR Z 65 5.78 -48.85 -91.38
N ASP Z 66 6.47 -49.95 -91.07
CA ASP Z 66 7.87 -50.10 -91.44
C ASP Z 66 8.01 -50.76 -92.80
N ALA Z 67 9.22 -50.65 -93.36
CA ALA Z 67 9.55 -51.23 -94.66
C ALA Z 67 10.86 -52.00 -94.50
N ILE Z 68 10.76 -53.32 -94.43
CA ILE Z 68 11.91 -54.20 -94.27
C ILE Z 68 12.01 -55.08 -95.50
N TYR Z 69 13.18 -55.10 -96.12
CA TYR Z 69 13.45 -55.92 -97.30
C TYR Z 69 14.57 -56.90 -96.97
N MET Z 70 14.32 -58.19 -97.23
CA MET Z 70 15.29 -59.23 -96.96
C MET Z 70 15.38 -60.17 -98.15
N GLY Z 71 16.50 -60.87 -98.25
CA GLY Z 71 16.71 -61.82 -99.32
C GLY Z 71 17.32 -63.11 -98.79
N ILE Z 72 16.97 -64.21 -99.46
CA ILE Z 72 17.47 -65.53 -99.12
C ILE Z 72 17.90 -66.22 -100.40
N GLN Z 73 19.07 -66.85 -100.38
CA GLN Z 73 19.61 -67.56 -101.53
C GLN Z 73 20.01 -68.97 -101.12
N SER Z 74 19.78 -69.93 -102.02
CA SER Z 74 20.12 -71.34 -101.79
C SER Z 74 21.16 -71.73 -102.83
N TYR Z 75 22.43 -71.57 -102.49
CA TYR Z 75 23.54 -71.90 -103.38
C TYR Z 75 24.19 -73.18 -102.91
N GLY Z 76 24.40 -74.12 -103.84
CA GLY Z 76 24.99 -75.40 -103.50
C GLY Z 76 25.81 -75.97 -104.64
N ASP Z 77 26.65 -76.94 -104.30
CA ASP Z 77 27.49 -77.63 -105.27
C ASP Z 77 27.53 -79.11 -104.89
N THR Z 78 26.94 -79.97 -105.73
CA THR Z 78 26.92 -81.39 -105.43
C THR Z 78 28.33 -81.97 -105.42
N ALA Z 79 29.17 -81.57 -106.36
CA ALA Z 79 30.54 -82.09 -106.43
C ALA Z 79 31.35 -81.72 -105.19
N LEU Z 80 30.93 -80.71 -104.44
CA LEU Z 80 31.48 -80.44 -103.12
C LEU Z 80 30.49 -80.71 -102.00
N ASP Z 81 29.24 -81.02 -102.34
CA ASP Z 81 28.24 -81.47 -101.36
C ASP Z 81 28.01 -80.44 -100.27
N TYR Z 82 28.04 -79.16 -100.64
CA TYR Z 82 27.56 -78.09 -99.78
C TYR Z 82 26.36 -77.44 -100.45
N TYR Z 83 25.36 -77.10 -99.64
CA TYR Z 83 24.10 -76.52 -100.10
C TYR Z 83 23.81 -75.24 -99.33
N ASN Z 84 24.80 -74.36 -99.25
CA ASN Z 84 24.72 -73.17 -98.41
C ASN Z 84 23.44 -72.39 -98.67
N LEU Z 85 22.96 -71.72 -97.62
CA LEU Z 85 21.82 -70.80 -97.69
C LEU Z 85 22.34 -69.41 -97.35
N ARG Z 86 22.35 -68.52 -98.34
CA ARG Z 86 22.90 -67.18 -98.18
C ARG Z 86 21.81 -66.19 -97.82
N LEU Z 87 22.11 -65.30 -96.87
CA LEU Z 87 21.17 -64.29 -96.40
C LEU Z 87 21.77 -62.91 -96.59
N MET Z 88 20.91 -61.95 -96.92
CA MET Z 88 21.32 -60.55 -97.05
C MET Z 88 20.10 -59.67 -96.80
N GLY Z 89 20.36 -58.39 -96.56
CA GLY Z 89 19.31 -57.44 -96.28
C GLY Z 89 19.52 -56.15 -97.05
N GLY Z 90 18.44 -55.38 -97.14
CA GLY Z 90 18.49 -54.11 -97.83
C GLY Z 90 17.26 -53.28 -97.53
N THR Z 91 17.14 -52.16 -98.25
CA THR Z 91 16.05 -51.22 -98.04
C THR Z 91 15.15 -51.03 -99.27
N ALA Z 92 15.62 -51.36 -100.46
CA ALA Z 92 14.81 -51.19 -101.66
C ALA Z 92 15.16 -52.29 -102.65
N PHE Z 93 14.21 -52.60 -103.54
CA PHE Z 93 14.38 -53.61 -104.56
C PHE Z 93 13.80 -53.13 -105.87
N ASN Z 94 14.49 -53.44 -106.97
CA ASN Z 94 14.06 -53.06 -108.31
C ASN Z 94 14.59 -54.04 -109.35
N PRO Z 95 13.76 -54.92 -109.89
CA PRO Z 95 14.29 -55.93 -110.83
C PRO Z 95 14.91 -55.33 -112.07
N GLY Z 96 14.49 -54.13 -112.48
CA GLY Z 96 15.02 -53.53 -113.69
C GLY Z 96 16.45 -53.04 -113.56
N ALA Z 97 16.91 -52.76 -112.34
CA ALA Z 97 18.26 -52.25 -112.14
C ALA Z 97 19.32 -53.33 -112.22
N ILE Z 98 18.94 -54.60 -112.26
CA ILE Z 98 19.94 -55.67 -112.36
C ILE Z 98 20.70 -55.52 -113.67
N PRO Z 99 22.03 -55.43 -113.66
CA PRO Z 99 22.76 -55.37 -114.92
C PRO Z 99 22.67 -56.69 -115.67
N PRO Z 100 22.94 -56.70 -116.97
CA PRO Z 100 22.86 -57.95 -117.73
C PRO Z 100 23.73 -59.02 -117.09
N GLY Z 101 23.18 -60.23 -117.01
CA GLY Z 101 23.88 -61.29 -116.29
C GLY Z 101 24.10 -60.89 -114.84
N GLY Z 102 25.29 -61.20 -114.33
CA GLY Z 102 25.60 -60.85 -112.97
C GLY Z 102 24.64 -61.48 -111.99
N ASP Z 103 24.22 -60.71 -111.00
CA ASP Z 103 23.31 -61.17 -109.97
C ASP Z 103 22.38 -60.04 -109.56
N TYR Z 104 21.29 -60.41 -108.88
CA TYR Z 104 20.27 -59.44 -108.49
C TYR Z 104 20.55 -58.76 -107.16
N TRP Z 105 21.37 -59.36 -106.29
CA TRP Z 105 21.62 -58.78 -104.98
C TRP Z 105 22.27 -57.41 -105.07
N THR Z 106 22.94 -57.11 -106.19
CA THR Z 106 23.50 -55.77 -106.38
C THR Z 106 22.40 -54.72 -106.53
N ALA Z 107 21.22 -55.13 -106.98
CA ALA Z 107 20.13 -54.17 -107.21
C ALA Z 107 19.63 -53.55 -105.90
N PHE Z 108 19.87 -54.19 -104.77
CA PHE Z 108 19.42 -53.66 -103.50
C PHE Z 108 20.05 -52.29 -103.24
N ALA Z 109 19.22 -51.33 -102.84
CA ALA Z 109 19.74 -50.03 -102.46
C ALA Z 109 20.53 -50.15 -101.16
N ASN Z 110 21.73 -49.59 -101.14
CA ASN Z 110 22.64 -49.71 -100.00
C ASN Z 110 22.84 -51.19 -99.66
N TYR Z 111 23.18 -51.97 -100.68
CA TYR Z 111 23.33 -53.42 -100.50
C TYR Z 111 24.40 -53.70 -99.45
N SER Z 112 24.30 -54.89 -98.85
CA SER Z 112 25.21 -55.30 -97.79
C SER Z 112 25.81 -56.66 -98.11
N PRO Z 113 27.01 -56.96 -97.60
CA PRO Z 113 27.60 -58.28 -97.84
C PRO Z 113 26.72 -59.40 -97.28
N ARG Z 114 26.79 -60.54 -97.94
CA ARG Z 114 25.92 -61.67 -97.61
C ARG Z 114 26.51 -62.53 -96.50
N VAL Z 115 25.62 -63.09 -95.69
CA VAL Z 115 25.99 -64.13 -94.72
C VAL Z 115 25.26 -65.40 -95.16
N GLN Z 116 25.53 -66.51 -94.48
CA GLN Z 116 24.92 -67.77 -94.90
C GLN Z 116 24.88 -68.75 -93.72
N LEU Z 117 24.14 -69.83 -93.93
CA LEU Z 117 24.11 -70.97 -93.03
C LEU Z 117 24.45 -72.23 -93.81
N LEU Z 118 25.10 -73.17 -93.14
CA LEU Z 118 25.65 -74.36 -93.80
C LEU Z 118 24.76 -75.56 -93.54
N ALA Z 119 24.42 -76.27 -94.62
CA ALA Z 119 23.59 -77.48 -94.54
C ALA Z 119 23.81 -78.28 -95.81
N TRP Z 120 23.05 -79.36 -95.96
CA TRP Z 120 23.15 -80.21 -97.15
C TRP Z 120 21.85 -80.97 -97.32
N ASN Z 121 21.80 -81.81 -98.35
CA ASN Z 121 20.58 -82.54 -98.72
C ASN Z 121 20.50 -83.82 -97.90
N GLN Z 122 19.67 -83.79 -96.85
CA GLN Z 122 19.51 -84.90 -95.93
C GLN Z 122 18.41 -84.53 -94.94
N PRO Z 123 17.75 -85.49 -94.29
CA PRO Z 123 16.89 -85.12 -93.16
C PRO Z 123 17.68 -84.37 -92.10
N MET Z 124 17.10 -83.28 -91.60
CA MET Z 124 17.81 -82.38 -90.70
C MET Z 124 16.84 -81.74 -89.70
N PRO Z 125 17.00 -81.99 -88.40
CA PRO Z 125 16.18 -81.25 -87.43
C PRO Z 125 16.47 -79.74 -87.53
N TYR Z 126 15.41 -78.94 -87.39
CA TYR Z 126 15.52 -77.50 -87.50
C TYR Z 126 14.74 -76.83 -86.37
N TRP Z 127 15.19 -75.64 -86.00
CA TRP Z 127 14.56 -74.81 -84.97
C TRP Z 127 14.34 -73.43 -85.56
N PHE Z 128 13.09 -73.02 -85.69
CA PHE Z 128 12.72 -71.78 -86.36
C PHE Z 128 12.06 -70.82 -85.37
N PHE Z 129 12.48 -69.56 -85.41
CA PHE Z 129 11.84 -68.48 -84.68
C PHE Z 129 11.64 -67.30 -85.63
N ALA Z 130 10.55 -66.56 -85.44
CA ALA Z 130 10.26 -65.43 -86.31
C ALA Z 130 9.34 -64.46 -85.61
N ASN Z 131 9.43 -63.19 -86.01
CA ASN Z 131 8.55 -62.14 -85.52
C ASN Z 131 8.52 -61.03 -86.57
N GLY Z 132 7.53 -60.15 -86.45
CA GLY Z 132 7.31 -59.09 -87.42
C GLY Z 132 8.51 -58.23 -87.71
N ARG Z 133 9.51 -58.23 -86.81
CA ARG Z 133 10.70 -57.40 -86.97
C ARG Z 133 11.97 -58.19 -87.23
N ARG Z 134 12.05 -59.43 -86.76
CA ARG Z 134 13.26 -60.22 -86.92
C ARG Z 134 12.90 -61.69 -87.05
N PHE Z 135 13.81 -62.45 -87.64
CA PHE Z 135 13.67 -63.89 -87.78
C PHE Z 135 14.99 -64.55 -87.43
N TRP Z 136 14.90 -65.73 -86.82
CA TRP Z 136 16.07 -66.49 -86.43
C TRP Z 136 15.97 -67.90 -87.00
N ILE Z 137 17.08 -68.40 -87.53
CA ILE Z 137 17.17 -69.75 -88.06
C ILE Z 137 18.28 -70.48 -87.32
N VAL Z 138 17.94 -71.67 -86.81
CA VAL Z 138 18.91 -72.54 -86.15
C VAL Z 138 18.74 -73.92 -86.76
N VAL Z 139 19.80 -74.44 -87.39
CA VAL Z 139 19.78 -75.75 -88.02
C VAL Z 139 20.73 -76.64 -87.23
N LYS Z 140 20.20 -77.75 -86.72
CA LYS Z 140 20.99 -78.71 -85.97
C LYS Z 140 21.59 -79.71 -86.95
N VAL Z 141 22.91 -79.65 -87.11
CA VAL Z 141 23.61 -80.56 -88.00
C VAL Z 141 23.73 -81.95 -87.39
N SER Z 142 23.08 -82.19 -86.25
CA SER Z 142 23.10 -83.52 -85.64
C SER Z 142 24.51 -83.87 -85.22
N THR Z 143 24.94 -83.30 -84.08
CA THR Z 143 26.32 -83.35 -83.59
C THR Z 143 27.15 -82.17 -84.12
N ILE Z 144 26.49 -81.21 -84.75
CA ILE Z 144 26.97 -79.84 -84.91
C ILE Z 144 25.74 -78.94 -84.95
N TYR Z 145 25.88 -77.71 -84.49
CA TYR Z 145 24.77 -76.76 -84.44
C TYR Z 145 25.14 -75.50 -85.22
N GLU Z 146 24.27 -75.10 -86.14
CA GLU Z 146 24.43 -73.87 -86.90
C GLU Z 146 23.29 -72.92 -86.59
N SER Z 147 23.51 -71.63 -86.86
CA SER Z 147 22.53 -70.61 -86.51
C SER Z 147 22.80 -69.36 -87.32
N ALA Z 148 21.75 -68.57 -87.51
CA ALA Z 148 21.85 -67.29 -88.23
C ALA Z 148 20.52 -66.57 -88.08
N GLY Z 149 20.46 -65.35 -88.61
CA GLY Z 149 19.24 -64.57 -88.55
C GLY Z 149 19.52 -63.12 -88.88
N ALA Z 150 18.44 -62.33 -88.86
CA ALA Z 150 18.53 -60.91 -89.15
C ALA Z 150 17.23 -60.25 -88.71
N GLY Z 151 17.27 -58.92 -88.63
CA GLY Z 151 16.09 -58.16 -88.25
C GLY Z 151 16.48 -56.82 -87.66
N PHE Z 152 15.56 -56.27 -86.88
CA PHE Z 152 15.74 -54.96 -86.24
C PHE Z 152 16.17 -55.15 -84.80
N ILE Z 153 17.27 -54.49 -84.42
CA ILE Z 153 17.68 -54.38 -83.02
C ILE Z 153 16.77 -53.35 -82.36
N LEU Z 154 16.85 -53.24 -81.04
CA LEU Z 154 16.03 -52.30 -80.27
C LEU Z 154 16.93 -51.18 -79.73
N PRO Z 155 17.05 -50.06 -80.43
CA PRO Z 155 17.92 -48.98 -79.94
C PRO Z 155 17.25 -48.18 -78.86
N PRO Z 156 18.01 -47.34 -78.14
CA PRO Z 156 17.42 -46.46 -77.12
C PRO Z 156 16.99 -45.10 -77.62
N CYS Z 157 16.96 -44.87 -78.93
CA CYS Z 157 16.67 -43.57 -79.52
C CYS Z 157 15.37 -43.62 -80.30
N PRO Z 158 14.76 -42.46 -80.58
CA PRO Z 158 13.48 -42.46 -81.28
C PRO Z 158 13.60 -43.12 -82.64
N PRO Z 159 12.67 -44.01 -83.00
CA PRO Z 159 12.64 -44.49 -84.39
C PRO Z 159 12.36 -43.39 -85.40
N SER Z 160 11.76 -42.28 -84.97
CA SER Z 160 11.53 -41.17 -85.88
C SER Z 160 12.83 -40.69 -86.50
N GLN Z 161 13.93 -40.75 -85.76
CA GLN Z 161 15.23 -40.33 -86.26
C GLN Z 161 16.10 -41.49 -86.75
N TYR Z 162 15.87 -42.70 -86.24
CA TYR Z 162 16.62 -43.89 -86.63
C TYR Z 162 15.64 -45.03 -86.89
N PRO Z 163 14.87 -44.95 -87.98
CA PRO Z 163 13.80 -45.93 -88.22
C PRO Z 163 14.27 -47.23 -88.86
N TYR Z 164 15.56 -47.39 -89.15
CA TYR Z 164 16.08 -48.57 -89.86
C TYR Z 164 17.28 -49.13 -89.12
N PRO Z 165 17.07 -49.69 -87.93
CA PRO Z 165 18.18 -50.38 -87.22
C PRO Z 165 18.32 -51.83 -87.64
N LEU Z 166 18.59 -52.04 -88.94
CA LEU Z 166 18.63 -53.38 -89.51
C LEU Z 166 19.95 -54.06 -89.16
N ALA Z 167 19.88 -55.32 -88.74
CA ALA Z 167 21.04 -56.11 -88.39
C ALA Z 167 20.95 -57.46 -89.09
N VAL Z 168 22.08 -57.95 -89.58
CA VAL Z 168 22.19 -59.26 -90.21
C VAL Z 168 23.39 -59.98 -89.61
N VAL Z 169 23.18 -61.24 -89.24
CA VAL Z 169 24.23 -62.05 -88.61
C VAL Z 169 24.19 -63.45 -89.20
N GLY Z 170 25.37 -64.03 -89.40
CA GLY Z 170 25.47 -65.40 -89.88
C GLY Z 170 26.68 -66.08 -89.26
N SER Z 171 26.72 -67.40 -89.44
CA SER Z 171 27.80 -68.19 -88.84
C SER Z 171 29.13 -67.94 -89.54
N TYR Z 172 29.11 -67.57 -90.81
CA TYR Z 172 30.33 -67.39 -91.58
C TYR Z 172 30.05 -66.42 -92.71
N ARG Z 173 31.11 -65.73 -93.16
CA ARG Z 173 30.96 -64.72 -94.20
C ARG Z 173 30.50 -65.37 -95.51
N GLY Z 174 29.58 -64.70 -96.19
CA GLY Z 174 29.01 -65.20 -97.43
C GLY Z 174 29.79 -64.89 -98.68
N ASP Z 175 30.95 -64.27 -98.58
CA ASP Z 175 31.74 -63.92 -99.75
C ASP Z 175 32.44 -65.12 -100.36
N VAL Z 176 32.59 -66.22 -99.62
CA VAL Z 176 33.29 -67.41 -100.10
C VAL Z 176 32.43 -68.64 -99.82
N ALA Z 177 32.74 -69.71 -100.55
CA ALA Z 177 32.05 -70.98 -100.38
C ALA Z 177 32.82 -71.85 -99.40
N THR Z 178 32.11 -72.37 -98.39
CA THR Z 178 32.72 -73.14 -97.33
C THR Z 178 31.96 -74.44 -97.12
N ARG Z 179 32.71 -75.49 -96.77
CA ARG Z 179 32.13 -76.78 -96.45
C ARG Z 179 31.80 -76.84 -94.97
N TRP Z 180 30.62 -77.37 -94.64
CA TRP Z 180 30.13 -77.30 -93.27
C TRP Z 180 31.02 -78.06 -92.29
N SER Z 181 31.91 -78.93 -92.79
CA SER Z 181 32.90 -79.60 -91.96
C SER Z 181 34.17 -78.77 -91.79
N ASP Z 182 34.08 -77.46 -91.95
CA ASP Z 182 35.26 -76.61 -91.85
C ASP Z 182 35.88 -76.69 -90.46
N VAL Z 183 37.18 -76.47 -90.40
CA VAL Z 183 37.95 -76.59 -89.16
C VAL Z 183 38.63 -75.28 -88.82
N SER Z 184 38.02 -74.16 -89.23
CA SER Z 184 38.56 -72.84 -88.96
C SER Z 184 37.79 -72.18 -87.82
N ASP Z 185 38.51 -71.38 -87.04
CA ASP Z 185 37.89 -70.68 -85.92
C ASP Z 185 36.81 -69.71 -86.36
N ARG Z 186 36.81 -69.31 -87.64
CA ARG Z 186 35.87 -68.32 -88.13
C ARG Z 186 34.44 -68.83 -88.16
N HIS Z 187 34.22 -70.14 -88.01
CA HIS Z 187 32.88 -70.72 -88.00
C HIS Z 187 32.36 -70.71 -86.56
N ARG Z 188 31.41 -69.83 -86.28
CA ARG Z 188 30.86 -69.67 -84.94
C ARG Z 188 29.43 -69.17 -85.06
N GLY Z 189 28.86 -68.71 -83.94
CA GLY Z 189 27.46 -68.37 -83.85
C GLY Z 189 27.19 -66.89 -83.74
N ILE Z 190 25.94 -66.58 -83.36
CA ILE Z 190 25.47 -65.20 -83.33
C ILE Z 190 26.04 -64.44 -82.14
N SER Z 191 26.35 -65.15 -81.05
CA SER Z 191 26.83 -64.46 -79.85
C SER Z 191 28.24 -63.90 -80.07
N SER Z 192 29.06 -64.54 -80.88
CA SER Z 192 30.46 -64.17 -81.07
C SER Z 192 30.77 -64.07 -82.56
N PRO Z 193 30.32 -63.02 -83.23
CA PRO Z 193 30.74 -62.81 -84.62
C PRO Z 193 32.24 -62.68 -84.73
N TYR Z 194 32.79 -63.18 -85.84
CA TYR Z 194 34.21 -63.06 -86.13
C TYR Z 194 34.43 -63.17 -87.63
N GLU Z 195 35.29 -62.30 -88.15
CA GLU Z 195 35.67 -62.30 -89.56
C GLU Z 195 34.42 -62.18 -90.45
N ARG Z 196 33.76 -61.03 -90.34
CA ARG Z 196 32.61 -60.70 -91.17
C ARG Z 196 31.46 -61.69 -90.94
N SER Z 197 31.02 -61.77 -89.70
CA SER Z 197 29.91 -62.62 -89.31
C SER Z 197 28.67 -61.85 -88.86
N CYS Z 198 28.77 -60.53 -88.70
CA CYS Z 198 27.64 -59.74 -88.25
C CYS Z 198 27.78 -58.32 -88.79
N TYR Z 199 26.67 -57.77 -89.29
CA TYR Z 199 26.64 -56.40 -89.78
C TYR Z 199 25.44 -55.66 -89.20
N LEU Z 200 25.64 -54.39 -88.89
CA LEU Z 200 24.57 -53.50 -88.45
C LEU Z 200 24.65 -52.21 -89.25
N ARG Z 201 23.47 -51.65 -89.53
CA ARG Z 201 23.39 -50.45 -90.35
C ARG Z 201 23.42 -49.21 -89.47
N ASP Z 202 24.42 -48.35 -89.69
CA ASP Z 202 24.53 -47.13 -88.93
C ASP Z 202 23.39 -46.17 -89.31
N PRO Z 203 22.96 -45.31 -88.39
CA PRO Z 203 21.93 -44.32 -88.76
C PRO Z 203 22.35 -43.45 -89.94
N ALA Z 204 23.66 -43.25 -90.13
CA ALA Z 204 24.14 -42.51 -91.30
C ALA Z 204 23.93 -43.27 -92.60
N GLY Z 205 23.57 -44.55 -92.54
CA GLY Z 205 23.35 -45.35 -93.72
C GLY Z 205 24.52 -46.22 -94.13
N ARG Z 206 25.59 -46.25 -93.33
CA ARG Z 206 26.78 -47.04 -93.63
C ARG Z 206 26.80 -48.27 -92.74
N TRP Z 207 26.93 -49.44 -93.35
CA TRP Z 207 26.92 -50.70 -92.61
C TRP Z 207 28.26 -50.89 -91.90
N LEU Z 208 28.19 -51.25 -90.62
CA LEU Z 208 29.38 -51.46 -89.80
C LEU Z 208 29.42 -52.90 -89.32
N GLY Z 209 30.58 -53.54 -89.46
CA GLY Z 209 30.77 -54.89 -88.98
C GLY Z 209 31.25 -54.91 -87.53
N PHE Z 210 30.79 -55.93 -86.81
CA PHE Z 210 31.12 -56.10 -85.39
C PHE Z 210 31.79 -57.45 -85.20
N THR Z 211 32.90 -57.45 -84.45
CA THR Z 211 33.62 -58.67 -84.16
C THR Z 211 34.01 -58.67 -82.68
N VAL Z 212 33.81 -59.81 -82.02
CA VAL Z 212 34.17 -59.92 -80.62
C VAL Z 212 35.67 -60.04 -80.43
N ASP Z 213 36.39 -60.51 -81.45
CA ASP Z 213 37.83 -60.66 -81.40
C ASP Z 213 38.46 -59.98 -82.61
N GLY Z 214 39.69 -59.52 -82.43
CA GLY Z 214 40.38 -58.86 -83.52
C GLY Z 214 40.89 -59.84 -84.56
N GLY Z 215 41.19 -59.29 -85.74
CA GLY Z 215 41.71 -60.09 -86.82
C GLY Z 215 42.49 -59.26 -87.83
N ALA Z 216 43.71 -59.71 -88.15
CA ALA Z 216 44.54 -58.96 -89.10
C ALA Z 216 43.87 -58.89 -90.47
N ALA Z 217 43.28 -60.01 -90.91
CA ALA Z 217 42.62 -60.02 -92.22
C ALA Z 217 41.48 -59.01 -92.28
N ASN Z 218 40.72 -58.89 -91.20
CA ASN Z 218 39.61 -57.96 -91.19
C ASN Z 218 40.11 -56.51 -91.20
N GLU Z 219 39.22 -55.61 -91.58
CA GLU Z 219 39.57 -54.19 -91.68
C GLU Z 219 39.87 -53.61 -90.30
N SER Z 220 40.75 -52.60 -90.29
CA SER Z 220 41.13 -51.98 -89.03
C SER Z 220 39.97 -51.22 -88.40
N ASP Z 221 39.03 -50.72 -89.20
CA ASP Z 221 37.95 -49.90 -88.67
C ASP Z 221 37.09 -50.69 -87.70
N TYR Z 222 36.77 -51.95 -88.02
CA TYR Z 222 35.87 -52.73 -87.20
C TYR Z 222 36.49 -53.19 -85.89
N ASN Z 223 37.80 -53.04 -85.71
CA ASN Z 223 38.44 -53.46 -84.46
C ASN Z 223 37.90 -52.68 -83.28
N ASN Z 224 37.71 -51.36 -83.44
CA ASN Z 224 37.26 -50.52 -82.34
C ASN Z 224 35.83 -50.84 -81.92
N ARG Z 225 35.03 -51.47 -82.78
CA ARG Z 225 33.63 -51.78 -82.51
C ARG Z 225 33.50 -53.28 -82.29
N THR Z 226 32.96 -53.66 -81.14
CA THR Z 226 32.86 -55.07 -80.76
C THR Z 226 31.57 -55.28 -79.98
N LEU Z 227 31.37 -56.52 -79.53
CA LEU Z 227 30.27 -56.89 -78.65
C LEU Z 227 30.81 -57.03 -77.23
N LEU Z 228 30.41 -56.10 -76.36
CA LEU Z 228 31.03 -56.00 -75.04
C LEU Z 228 30.82 -57.25 -74.19
N PRO Z 229 29.61 -57.81 -74.07
CA PRO Z 229 29.45 -58.99 -73.19
C PRO Z 229 30.51 -60.06 -73.38
N LEU Z 230 30.78 -60.47 -74.62
CA LEU Z 230 31.82 -61.46 -74.88
C LEU Z 230 33.17 -60.82 -75.19
N GLY Z 231 33.24 -59.49 -75.22
CA GLY Z 231 34.50 -58.81 -75.48
C GLY Z 231 35.08 -58.16 -74.24
N CYS Z 232 34.92 -58.82 -73.09
CA CYS Z 232 35.42 -58.25 -71.84
C CYS Z 232 36.94 -58.16 -71.81
N GLY Z 233 37.62 -58.83 -72.72
CA GLY Z 233 39.08 -58.78 -72.75
C GLY Z 233 39.66 -57.42 -73.08
N ARG Z 234 38.85 -56.50 -73.58
CA ARG Z 234 39.35 -55.16 -73.90
C ARG Z 234 39.86 -54.46 -72.64
N TYR Z 235 39.14 -54.60 -71.53
CA TYR Z 235 39.48 -53.91 -70.29
C TYR Z 235 40.13 -54.82 -69.27
N ALA Z 236 39.78 -56.10 -69.24
CA ALA Z 236 40.39 -57.02 -68.29
C ALA Z 236 41.86 -57.25 -68.63
N GLY Z 237 42.67 -57.40 -67.59
CA GLY Z 237 44.11 -57.57 -67.78
C GLY Z 237 44.56 -59.02 -67.67
N SER Z 238 43.61 -59.95 -67.75
CA SER Z 238 43.92 -61.37 -67.67
C SER Z 238 43.08 -62.12 -68.69
N SER Z 239 43.61 -63.27 -69.14
CA SER Z 239 42.88 -64.07 -70.12
C SER Z 239 41.58 -64.61 -69.52
N ASP Z 240 41.62 -65.05 -68.27
CA ASP Z 240 40.46 -65.59 -67.59
C ASP Z 240 39.70 -64.46 -66.89
N THR Z 241 38.39 -64.42 -67.11
CA THR Z 241 37.53 -63.37 -66.55
C THR Z 241 36.26 -64.00 -66.00
N VAL Z 242 35.38 -63.15 -65.49
CA VAL Z 242 34.13 -63.63 -64.91
C VAL Z 242 33.26 -64.30 -65.97
N VAL Z 243 33.22 -63.71 -67.17
CA VAL Z 243 32.30 -64.19 -68.20
C VAL Z 243 32.59 -65.64 -68.56
N LYS Z 244 33.87 -66.00 -68.70
CA LYS Z 244 34.20 -67.37 -69.07
C LYS Z 244 33.85 -68.36 -67.97
N GLN Z 245 33.81 -67.90 -66.71
CA GLN Z 245 33.54 -68.76 -65.56
C GLN Z 245 32.12 -68.63 -65.05
N LEU Z 246 31.22 -68.05 -65.84
CA LEU Z 246 29.84 -67.88 -65.40
C LEU Z 246 29.19 -69.24 -65.16
N ARG Z 247 28.28 -69.27 -64.18
CA ARG Z 247 27.61 -70.52 -63.81
C ARG Z 247 26.23 -70.20 -63.24
N ASP Z 248 25.36 -71.21 -63.27
CA ASP Z 248 24.03 -71.06 -62.71
C ASP Z 248 24.10 -70.95 -61.19
N SER Z 249 23.08 -70.31 -60.61
CA SER Z 249 23.01 -70.05 -59.18
C SER Z 249 21.88 -70.87 -58.58
N PHE Z 250 22.25 -71.89 -57.80
CA PHE Z 250 21.28 -72.71 -57.07
C PHE Z 250 20.20 -73.25 -58.00
N GLY Z 251 20.63 -73.83 -59.12
CA GLY Z 251 19.71 -74.41 -60.06
C GLY Z 251 18.97 -73.42 -60.92
N LYS Z 252 19.44 -72.17 -61.00
CA LYS Z 252 18.81 -71.13 -61.79
C LYS Z 252 19.84 -70.55 -62.75
N PHE Z 253 19.47 -70.47 -64.04
CA PHE Z 253 20.40 -70.07 -65.08
C PHE Z 253 20.23 -68.60 -65.41
N PRO Z 254 21.18 -67.73 -65.08
CA PRO Z 254 21.05 -66.32 -65.47
C PRO Z 254 21.12 -66.14 -66.97
N LEU Z 255 20.41 -65.14 -67.47
CA LEU Z 255 20.41 -64.78 -68.88
C LEU Z 255 20.99 -63.39 -69.04
N LYS Z 256 22.00 -63.26 -69.90
CA LYS Z 256 22.67 -61.99 -70.14
C LYS Z 256 22.43 -61.59 -71.59
N ALA Z 257 21.99 -60.35 -71.79
CA ALA Z 257 21.71 -59.85 -73.13
C ALA Z 257 23.01 -59.59 -73.88
N LEU Z 258 22.87 -59.38 -75.19
CA LEU Z 258 23.98 -59.07 -76.07
C LEU Z 258 23.88 -57.61 -76.51
N GLN Z 259 24.98 -56.87 -76.37
CA GLN Z 259 24.99 -55.44 -76.58
C GLN Z 259 25.71 -55.07 -77.86
N PHE Z 260 25.24 -54.00 -78.50
CA PHE Z 260 25.87 -53.43 -79.69
C PHE Z 260 26.48 -52.09 -79.29
N VAL Z 261 27.81 -52.03 -79.28
CA VAL Z 261 28.53 -50.84 -78.83
C VAL Z 261 29.67 -50.55 -79.80
N THR Z 262 29.94 -49.26 -80.00
CA THR Z 262 31.05 -48.80 -80.83
C THR Z 262 31.83 -47.76 -80.05
N ARG Z 263 33.15 -47.87 -80.09
CA ARG Z 263 34.05 -46.91 -79.45
C ARG Z 263 34.95 -46.34 -80.55
N GLU Z 264 34.49 -45.27 -81.19
CA GLU Z 264 35.21 -44.64 -82.28
C GLU Z 264 35.92 -43.38 -81.79
N THR Z 265 36.99 -43.02 -82.50
CA THR Z 265 37.74 -41.83 -82.14
C THR Z 265 36.87 -40.58 -82.22
N GLU Z 266 36.04 -40.48 -83.26
CA GLU Z 266 35.15 -39.32 -83.37
C GLU Z 266 34.20 -39.24 -82.18
N GLY Z 267 33.64 -40.37 -81.77
CA GLY Z 267 32.74 -40.38 -80.64
C GLY Z 267 32.27 -41.78 -80.33
N ARG Z 268 31.56 -41.90 -79.21
CA ARG Z 268 31.00 -43.16 -78.74
C ARG Z 268 29.49 -43.15 -78.97
N ARG Z 269 28.91 -44.36 -79.02
CA ARG Z 269 27.47 -44.49 -79.17
C ARG Z 269 27.01 -45.90 -78.85
N TYR Z 270 25.92 -46.02 -78.10
CA TYR Z 270 25.32 -47.30 -77.77
C TYR Z 270 24.14 -47.55 -78.70
N LEU Z 271 24.18 -48.67 -79.43
CA LEU Z 271 23.25 -48.91 -80.53
C LEU Z 271 22.00 -49.65 -80.12
N GLY Z 272 22.12 -50.76 -79.40
CA GLY Z 272 20.96 -51.52 -79.00
C GLY Z 272 21.35 -52.91 -78.53
N ASP Z 273 20.33 -53.75 -78.39
CA ASP Z 273 20.48 -55.11 -77.88
C ASP Z 273 19.86 -56.10 -78.84
N PHE Z 274 20.31 -57.34 -78.74
CA PHE Z 274 19.70 -58.44 -79.47
C PHE Z 274 18.32 -58.71 -78.90
N ASP Z 275 17.33 -58.88 -79.78
CA ASP Z 275 15.96 -59.16 -79.36
C ASP Z 275 15.76 -60.67 -79.34
N GLY Z 276 15.80 -61.25 -78.15
CA GLY Z 276 15.54 -62.66 -77.97
C GLY Z 276 16.76 -63.55 -77.90
N ALA Z 277 17.97 -63.00 -77.86
CA ALA Z 277 19.19 -63.77 -77.77
C ALA Z 277 19.95 -63.36 -76.52
N PHE Z 278 20.48 -64.36 -75.80
CA PHE Z 278 21.16 -64.12 -74.54
C PHE Z 278 22.32 -65.09 -74.40
N TYR Z 279 23.26 -64.73 -73.53
CA TYR Z 279 24.41 -65.56 -73.20
C TYR Z 279 24.13 -66.33 -71.92
N VAL Z 280 24.40 -67.64 -71.94
CA VAL Z 280 24.17 -68.49 -70.78
C VAL Z 280 25.36 -69.43 -70.60
N PRO Z 281 25.56 -69.94 -69.39
CA PRO Z 281 26.69 -70.84 -69.14
C PRO Z 281 26.44 -72.21 -69.75
N THR Z 282 27.52 -72.99 -69.81
CA THR Z 282 27.48 -74.34 -70.37
C THR Z 282 27.36 -75.42 -69.31
N LEU Z 283 27.75 -75.15 -68.07
CA LEU Z 283 27.84 -76.20 -67.07
C LEU Z 283 26.49 -76.87 -66.86
N ASN Z 284 26.52 -78.20 -66.70
CA ASN Z 284 25.34 -78.98 -66.36
C ASN Z 284 24.19 -78.74 -67.33
N SER Z 285 24.50 -78.26 -68.53
CA SER Z 285 23.49 -77.92 -69.52
C SER Z 285 24.16 -77.93 -70.89
N GLY Z 286 23.39 -77.53 -71.90
CA GLY Z 286 23.89 -77.54 -73.26
C GLY Z 286 22.76 -77.32 -74.25
N ALA Z 287 22.94 -77.85 -75.45
CA ALA Z 287 21.99 -77.64 -76.53
C ALA Z 287 20.61 -78.19 -76.15
N GLU Z 288 19.62 -77.82 -76.95
CA GLU Z 288 18.23 -78.28 -76.83
C GLU Z 288 17.71 -78.22 -75.40
N ASP Z 289 18.29 -77.36 -74.56
CA ASP Z 289 17.79 -77.15 -73.20
C ASP Z 289 16.78 -76.01 -73.21
N VAL Z 290 15.64 -76.24 -72.58
CA VAL Z 290 14.57 -75.26 -72.52
C VAL Z 290 14.56 -74.66 -71.12
N ILE Z 291 14.86 -73.36 -71.03
CA ILE Z 291 14.91 -72.64 -69.77
C ILE Z 291 13.74 -71.65 -69.76
N VAL Z 292 12.93 -71.71 -68.71
CA VAL Z 292 11.75 -70.86 -68.60
C VAL Z 292 12.14 -69.58 -67.86
N GLU Z 293 11.36 -68.52 -68.07
CA GLU Z 293 11.56 -67.25 -67.39
C GLU Z 293 10.27 -66.46 -67.45
N ASP Z 294 9.67 -66.19 -66.28
CA ASP Z 294 8.43 -65.40 -66.21
C ASP Z 294 7.37 -65.99 -67.14
N GLY Z 295 7.33 -67.31 -67.21
CA GLY Z 295 6.43 -67.99 -68.13
C GLY Z 295 6.91 -68.00 -69.57
N VAL Z 296 8.12 -67.52 -69.84
CA VAL Z 296 8.68 -67.46 -71.19
C VAL Z 296 9.79 -68.49 -71.27
N ASP Z 297 9.75 -69.32 -72.30
CA ASP Z 297 10.76 -70.35 -72.51
C ASP Z 297 11.83 -69.86 -73.47
N HIS Z 298 13.07 -70.26 -73.20
CA HIS Z 298 14.20 -69.95 -74.07
C HIS Z 298 14.97 -71.23 -74.35
N VAL Z 299 15.36 -71.41 -75.61
CA VAL Z 299 16.11 -72.59 -76.04
C VAL Z 299 17.60 -72.28 -75.97
N VAL Z 300 18.40 -73.31 -75.73
CA VAL Z 300 19.85 -73.18 -75.61
C VAL Z 300 20.50 -73.75 -76.86
N PHE Z 301 21.58 -73.12 -77.29
CA PHE Z 301 22.31 -73.57 -78.47
C PHE Z 301 23.79 -73.27 -78.27
N GLN Z 302 24.63 -73.95 -79.05
CA GLN Z 302 26.07 -73.81 -78.98
C GLN Z 302 26.64 -73.60 -80.37
N THR Z 303 27.78 -72.90 -80.43
CA THR Z 303 28.40 -72.57 -81.70
C THR Z 303 29.01 -73.82 -82.34
N ALA Z 304 29.22 -73.74 -83.66
CA ALA Z 304 29.83 -74.84 -84.37
C ALA Z 304 31.28 -75.07 -83.92
N TRP Z 305 32.02 -73.98 -83.67
CA TRP Z 305 33.41 -74.09 -83.25
C TRP Z 305 33.55 -75.08 -82.09
N ARG Z 306 32.94 -74.76 -80.96
CA ARG Z 306 32.98 -75.61 -79.78
C ARG Z 306 31.70 -75.38 -78.98
N SER Z 307 31.63 -76.00 -77.79
CA SER Z 307 30.48 -75.86 -76.91
C SER Z 307 30.90 -75.44 -75.51
N GLY Z 308 31.88 -74.54 -75.40
CA GLY Z 308 32.36 -74.08 -74.12
C GLY Z 308 31.56 -72.90 -73.57
N ASN Z 309 32.03 -72.39 -72.44
CA ASN Z 309 31.29 -71.35 -71.74
C ASN Z 309 31.11 -70.09 -72.58
N PRO Z 310 32.15 -69.51 -73.18
CA PRO Z 310 31.97 -68.25 -73.90
C PRO Z 310 31.42 -68.40 -75.32
N TRP Z 311 31.17 -69.63 -75.78
CA TRP Z 311 30.62 -69.89 -77.11
C TRP Z 311 29.28 -70.61 -77.01
N LEU Z 312 28.41 -70.16 -76.11
CA LEU Z 312 27.09 -70.75 -75.92
C LEU Z 312 26.09 -69.66 -75.63
N TYR Z 313 24.91 -69.77 -76.24
CA TYR Z 313 23.88 -68.74 -76.14
C TYR Z 313 22.50 -69.39 -76.14
N ALA Z 314 21.52 -68.63 -75.66
CA ALA Z 314 20.13 -69.07 -75.62
C ALA Z 314 19.28 -68.11 -76.46
N ILE Z 315 18.21 -68.65 -77.03
CA ILE Z 315 17.30 -67.89 -77.89
C ILE Z 315 15.90 -68.01 -77.33
N ARG Z 316 15.20 -66.88 -77.25
CA ARG Z 316 13.84 -66.86 -76.73
C ARG Z 316 12.88 -67.48 -77.75
N LYS Z 317 12.02 -68.39 -77.28
CA LYS Z 317 11.00 -69.00 -78.12
C LYS Z 317 9.60 -68.46 -77.86
N ASP Z 318 9.42 -67.62 -76.85
CA ASP Z 318 8.13 -67.02 -76.54
C ASP Z 318 7.11 -68.08 -76.13
N ALA AA 2 11.64 -39.44 -49.00
CA ALA AA 2 12.13 -39.93 -50.28
C ALA AA 2 13.43 -39.24 -50.66
N TYR AA 3 13.35 -37.93 -50.91
CA TYR AA 3 14.50 -37.13 -51.31
C TYR AA 3 14.65 -36.00 -50.30
N PHE AA 4 15.85 -35.86 -49.73
CA PHE AA 4 16.11 -34.87 -48.71
C PHE AA 4 17.46 -34.20 -48.96
N THR AA 5 17.55 -32.94 -48.53
CA THR AA 5 18.76 -32.14 -48.68
C THR AA 5 18.99 -31.36 -47.40
N GLY AA 6 20.25 -31.02 -47.15
CA GLY AA 6 20.58 -30.26 -45.96
C GLY AA 6 22.07 -29.98 -45.90
N THR AA 7 22.46 -29.35 -44.78
CA THR AA 7 23.85 -29.00 -44.54
C THR AA 7 24.23 -29.42 -43.12
N ALA AA 8 25.50 -29.74 -42.94
CA ALA AA 8 26.00 -30.21 -41.65
C ALA AA 8 27.42 -29.69 -41.45
N ASN AA 9 27.63 -28.95 -40.36
CA ASN AA 9 28.96 -28.44 -40.06
C ASN AA 9 29.90 -29.56 -39.62
N ASN AA 10 29.37 -30.55 -38.93
CA ASN AA 10 30.14 -31.69 -38.47
C ASN AA 10 29.40 -32.98 -38.81
N PRO AA 11 30.10 -34.11 -38.83
CA PRO AA 11 29.39 -35.38 -39.12
C PRO AA 11 28.26 -35.66 -38.16
N ALA AA 12 28.41 -35.29 -36.88
CA ALA AA 12 27.37 -35.60 -35.90
C ALA AA 12 26.02 -35.01 -36.30
N ASP AA 13 26.03 -33.83 -36.91
CA ASP AA 13 24.78 -33.26 -37.41
C ASP AA 13 24.17 -34.15 -38.48
N LEU AA 14 25.00 -34.69 -39.38
CA LEU AA 14 24.51 -35.62 -40.38
C LEU AA 14 23.92 -36.86 -39.72
N LEU AA 15 24.59 -37.38 -38.70
CA LEU AA 15 24.07 -38.51 -37.94
C LEU AA 15 22.66 -38.20 -37.42
N ALA AA 16 22.53 -37.06 -36.74
CA ALA AA 16 21.25 -36.70 -36.16
C ALA AA 16 20.16 -36.58 -37.23
N LYS AA 17 20.47 -35.89 -38.32
CA LYS AA 17 19.46 -35.66 -39.34
C LYS AA 17 19.03 -36.96 -40.01
N VAL AA 18 19.99 -37.81 -40.37
CA VAL AA 18 19.63 -39.04 -41.07
C VAL AA 18 18.89 -39.99 -40.14
N ARG AA 19 19.27 -40.03 -38.85
CA ARG AA 19 18.53 -40.85 -37.91
C ARG AA 19 17.12 -40.33 -37.72
N VAL AA 20 16.94 -39.00 -37.66
CA VAL AA 20 15.61 -38.43 -37.54
C VAL AA 20 14.76 -38.82 -38.75
N HIS AA 21 15.34 -38.73 -39.95
CA HIS AA 21 14.59 -39.10 -41.14
C HIS AA 21 14.23 -40.58 -41.13
N ALA AA 22 15.17 -41.44 -40.73
CA ALA AA 22 14.89 -42.87 -40.69
C ALA AA 22 13.78 -43.18 -39.70
N GLU AA 23 13.83 -42.57 -38.50
CA GLU AA 23 12.79 -42.80 -37.51
C GLU AA 23 11.44 -42.30 -38.01
N SER AA 24 11.42 -41.13 -38.65
CA SER AA 24 10.16 -40.61 -39.20
C SER AA 24 9.62 -41.53 -40.28
N LEU AA 25 10.49 -42.20 -41.03
CA LEU AA 25 10.08 -43.13 -42.07
C LEU AA 25 9.68 -44.50 -41.51
N GLY AA 26 9.88 -44.74 -40.21
CA GLY AA 26 9.50 -45.99 -39.59
C GLY AA 26 10.61 -46.97 -39.36
N TRP AA 27 11.87 -46.60 -39.65
CA TRP AA 27 12.98 -47.50 -39.41
C TRP AA 27 13.14 -47.78 -37.92
N VAL AA 28 13.43 -49.03 -37.58
CA VAL AA 28 13.53 -49.46 -36.19
C VAL AA 28 14.98 -49.38 -35.76
N THR AA 29 15.24 -48.60 -34.71
CA THR AA 29 16.58 -48.46 -34.14
C THR AA 29 16.61 -49.20 -32.81
N ASP AA 30 17.33 -50.32 -32.76
CA ASP AA 30 17.42 -51.08 -31.53
C ASP AA 30 18.05 -50.25 -30.41
N ARG AA 31 19.12 -49.50 -30.73
CA ARG AA 31 19.75 -48.60 -29.78
C ARG AA 31 20.25 -47.38 -30.53
N ALA AA 32 20.12 -46.22 -29.90
CA ALA AA 32 20.52 -44.95 -30.49
C ALA AA 32 21.40 -44.18 -29.52
N SER AA 33 22.34 -43.42 -30.07
CA SER AA 33 23.22 -42.59 -29.27
C SER AA 33 23.74 -41.46 -30.14
N ALA AA 34 24.40 -40.50 -29.51
CA ALA AA 34 24.88 -39.33 -30.23
C ALA AA 34 25.90 -39.70 -31.29
N SER AA 35 26.63 -40.80 -31.09
CA SER AA 35 27.68 -41.20 -32.02
C SER AA 35 27.67 -42.67 -32.39
N GLU AA 36 26.95 -43.54 -31.68
CA GLU AA 36 26.91 -44.96 -31.96
C GLU AA 36 25.49 -45.42 -32.22
N TRP AA 37 25.31 -46.22 -33.27
CA TRP AA 37 24.00 -46.68 -33.70
C TRP AA 37 24.00 -48.20 -33.83
N LEU AA 38 22.89 -48.81 -33.41
CA LEU AA 38 22.60 -50.22 -33.66
C LEU AA 38 21.15 -50.28 -34.14
N CYS AA 39 20.95 -50.22 -35.45
CA CYS AA 39 19.62 -50.21 -36.05
C CYS AA 39 19.44 -51.45 -36.92
N HIS AA 40 18.20 -51.64 -37.38
CA HIS AA 40 17.87 -52.82 -38.17
C HIS AA 40 16.54 -52.56 -38.89
N ASN AA 41 16.19 -53.51 -39.75
CA ASN AA 41 14.92 -53.48 -40.47
C ASN AA 41 14.49 -54.93 -40.71
N ALA AA 42 13.50 -55.11 -41.59
CA ALA AA 42 13.02 -56.44 -41.90
C ALA AA 42 14.00 -57.26 -42.73
N ASP AA 43 15.08 -56.64 -43.22
CA ASP AA 43 16.03 -57.33 -44.10
C ASP AA 43 17.30 -57.76 -43.37
N GLY AA 44 17.93 -56.85 -42.64
CA GLY AA 44 19.18 -57.19 -41.97
C GLY AA 44 19.49 -56.23 -40.85
N TYR AA 45 20.58 -56.52 -40.15
CA TYR AA 45 21.04 -55.74 -39.01
C TYR AA 45 22.31 -54.99 -39.40
N TRP AA 46 22.49 -53.80 -38.83
CA TRP AA 46 23.65 -52.98 -39.13
C TRP AA 46 24.02 -52.13 -37.92
N SER AA 47 25.27 -51.67 -37.90
CA SER AA 47 25.79 -50.81 -36.85
C SER AA 47 26.69 -49.77 -37.47
N PHE AA 48 26.64 -48.55 -36.93
CA PHE AA 48 27.45 -47.45 -37.41
C PHE AA 48 28.04 -46.68 -36.24
N ASN AA 49 29.25 -46.14 -36.45
CA ASN AA 49 29.90 -45.30 -35.48
C ASN AA 49 30.48 -44.08 -36.19
N ALA AA 50 30.35 -42.92 -35.56
CA ALA AA 50 30.83 -41.67 -36.14
C ALA AA 50 32.12 -41.26 -35.43
N GLY AA 51 33.20 -41.17 -36.20
CA GLY AA 51 34.49 -40.72 -35.68
C GLY AA 51 34.66 -39.23 -35.81
N ALA AA 52 35.89 -38.79 -35.56
CA ALA AA 52 36.19 -37.36 -35.68
C ALA AA 52 36.02 -36.87 -37.11
N ASN AA 53 36.49 -37.64 -38.08
CA ASN AA 53 36.40 -37.24 -39.48
C ASN AA 53 36.09 -38.42 -40.40
N GLN AA 54 35.44 -39.46 -39.88
CA GLN AA 54 35.15 -40.64 -40.68
C GLN AA 54 34.03 -41.43 -40.03
N PHE AA 55 33.43 -42.33 -40.81
CA PHE AA 55 32.43 -43.27 -40.34
C PHE AA 55 33.04 -44.66 -40.22
N GLN AA 56 32.51 -45.46 -39.30
CA GLN AA 56 32.83 -46.88 -39.19
C GLN AA 56 31.53 -47.66 -39.24
N MET AA 57 31.38 -48.48 -40.29
CA MET AA 57 30.18 -49.27 -40.50
C MET AA 57 30.54 -50.75 -40.45
N ALA AA 58 29.59 -51.56 -39.99
CA ALA AA 58 29.79 -52.99 -39.90
C ALA AA 58 28.44 -53.69 -39.93
N GLY AA 59 28.37 -54.80 -40.66
CA GLY AA 59 27.16 -55.58 -40.70
C GLY AA 59 26.93 -56.34 -39.41
N ASN AA 60 25.73 -56.89 -39.28
CA ASN AA 60 25.36 -57.59 -38.06
C ASN AA 60 24.30 -58.64 -38.38
N THR AA 61 24.19 -59.62 -37.49
CA THR AA 61 23.15 -60.64 -37.56
C THR AA 61 22.35 -60.79 -36.28
N GLY AA 62 22.93 -60.48 -35.11
CA GLY AA 62 22.19 -60.51 -33.87
C GLY AA 62 22.48 -59.25 -33.07
N PHE AA 63 21.76 -59.12 -31.95
CA PHE AA 63 21.87 -57.95 -31.10
C PHE AA 63 22.29 -58.34 -29.70
N ASP AA 64 23.17 -57.52 -29.11
CA ASP AA 64 23.58 -57.68 -27.71
C ASP AA 64 24.02 -56.32 -27.21
N ASN AA 65 23.21 -55.72 -26.34
CA ASN AA 65 23.48 -54.36 -25.89
C ASN AA 65 24.77 -54.27 -25.08
N SER AA 66 25.26 -55.38 -24.53
CA SER AA 66 26.46 -55.37 -23.70
C SER AA 66 27.74 -55.48 -24.51
N LEU AA 67 27.65 -55.64 -25.83
CA LEU AA 67 28.82 -55.77 -26.68
C LEU AA 67 29.12 -54.45 -27.38
N ALA AA 68 30.39 -54.27 -27.73
CA ALA AA 68 30.82 -53.04 -28.39
C ALA AA 68 30.19 -52.93 -29.78
N TRP AA 69 30.40 -51.76 -30.41
CA TRP AA 69 29.84 -51.54 -31.73
C TRP AA 69 30.41 -52.50 -32.76
N ASN AA 70 31.63 -52.98 -32.55
CA ASN AA 70 32.30 -53.89 -33.47
C ASN AA 70 32.44 -55.29 -32.87
N ALA AA 71 31.50 -55.69 -32.02
CA ALA AA 71 31.53 -57.00 -31.39
C ALA AA 71 30.14 -57.65 -31.35
N GLN AA 72 29.23 -57.22 -32.21
CA GLN AA 72 27.90 -57.79 -32.24
C GLN AA 72 27.95 -59.23 -32.74
N PRO AA 73 26.94 -60.04 -32.43
CA PRO AA 73 26.93 -61.42 -32.92
C PRO AA 73 27.00 -61.45 -34.45
N GLY AA 74 27.77 -62.39 -34.97
CA GLY AA 74 27.92 -62.51 -36.41
C GLY AA 74 28.43 -61.24 -37.06
N ASN AA 75 29.37 -60.56 -36.41
CA ASN AA 75 29.92 -59.32 -36.95
C ASN AA 75 30.85 -59.62 -38.11
N SER AA 76 30.98 -58.64 -39.00
CA SER AA 76 31.85 -58.81 -40.17
C SER AA 76 33.32 -58.90 -39.78
N VAL AA 77 33.70 -58.25 -38.70
CA VAL AA 77 35.13 -58.13 -38.37
C VAL AA 77 35.77 -59.50 -38.23
N GLN AA 78 35.08 -60.42 -37.54
CA GLN AA 78 35.61 -61.75 -37.29
C GLN AA 78 35.16 -62.80 -38.30
N ASN AA 79 34.13 -62.51 -39.10
CA ASN AA 79 33.57 -63.46 -40.05
C ASN AA 79 33.94 -63.08 -41.49
N ASN AA 80 35.15 -62.60 -41.69
CA ASN AA 80 35.63 -62.22 -43.02
C ASN AA 80 36.96 -62.91 -43.30
N PRO AA 81 37.25 -63.20 -44.57
CA PRO AA 81 38.54 -63.86 -44.89
C PRO AA 81 39.75 -63.01 -44.53
N TYR AA 82 39.61 -61.69 -44.45
CA TYR AA 82 40.76 -60.84 -44.20
C TYR AA 82 41.45 -61.22 -42.90
N SER AA 83 42.78 -61.30 -42.93
CA SER AA 83 43.55 -61.51 -41.72
C SER AA 83 43.60 -60.28 -40.84
N SER AA 84 43.45 -59.09 -41.42
CA SER AA 84 43.45 -57.87 -40.61
C SER AA 84 42.22 -57.80 -39.71
N LYS AA 85 41.09 -58.32 -40.18
CA LYS AA 85 39.84 -58.32 -39.42
C LYS AA 85 39.40 -56.88 -39.11
N GLY AA 86 39.21 -56.11 -40.18
CA GLY AA 86 38.80 -54.73 -40.05
C GLY AA 86 37.42 -54.49 -40.64
N PRO AA 87 36.65 -53.57 -40.04
CA PRO AA 87 35.30 -53.29 -40.55
C PRO AA 87 35.31 -52.28 -41.69
N THR AA 88 34.13 -52.00 -42.24
CA THR AA 88 34.02 -51.01 -43.30
C THR AA 88 34.35 -49.63 -42.77
N VAL AA 89 34.99 -48.82 -43.61
CA VAL AA 89 35.42 -47.48 -43.24
C VAL AA 89 35.07 -46.51 -44.36
N ALA AA 90 34.52 -45.35 -43.99
CA ALA AA 90 34.24 -44.26 -44.92
C ALA AA 90 34.99 -43.03 -44.44
N GLN AA 91 36.05 -42.66 -45.17
CA GLN AA 91 36.87 -41.53 -44.78
C GLN AA 91 36.24 -40.23 -45.23
N LEU AA 92 36.14 -39.26 -44.33
CA LEU AA 92 35.65 -37.92 -44.66
C LEU AA 92 36.65 -36.85 -44.21
N SER AA 93 36.24 -35.60 -44.29
CA SER AA 93 37.01 -34.46 -43.80
C SER AA 93 36.37 -33.92 -42.53
N GLY AA 94 37.08 -33.00 -41.89
CA GLY AA 94 36.59 -32.34 -40.68
C GLY AA 94 36.19 -30.91 -40.99
N GLY AA 95 35.06 -30.50 -40.42
CA GLY AA 95 34.55 -29.16 -40.64
C GLY AA 95 33.38 -29.14 -41.60
N PRO AA 96 33.15 -28.00 -42.26
CA PRO AA 96 31.91 -27.83 -43.03
C PRO AA 96 31.69 -28.89 -44.11
N PHE AA 97 30.45 -29.35 -44.22
CA PHE AA 97 30.00 -30.17 -45.35
C PHE AA 97 29.07 -29.28 -46.16
N THR AA 98 29.46 -28.98 -47.40
CA THR AA 98 28.70 -28.03 -48.21
C THR AA 98 27.23 -28.40 -48.28
N ARG AA 99 26.93 -29.68 -48.51
CA ARG AA 99 25.55 -30.13 -48.62
C ARG AA 99 25.54 -31.64 -48.68
N TYR AA 100 24.45 -32.23 -48.18
CA TYR AA 100 24.25 -33.67 -48.23
C TYR AA 100 22.89 -33.99 -48.83
N HIS AA 101 22.86 -34.97 -49.72
CA HIS AA 101 21.63 -35.42 -50.38
C HIS AA 101 21.33 -36.84 -49.93
N LEU AA 102 20.14 -37.03 -49.38
CA LEU AA 102 19.75 -38.31 -48.77
C LEU AA 102 18.55 -38.88 -49.51
N PHE AA 103 18.65 -40.15 -49.90
CA PHE AA 103 17.54 -40.91 -50.46
C PHE AA 103 17.13 -41.95 -49.44
N ALA AA 104 15.85 -41.93 -49.05
CA ALA AA 104 15.35 -42.78 -47.98
C ALA AA 104 14.21 -43.66 -48.47
N THR AA 105 14.27 -44.93 -48.10
CA THR AA 105 13.21 -45.89 -48.41
C THR AA 105 13.10 -46.86 -47.24
N ALA AA 106 12.20 -47.83 -47.36
CA ALA AA 106 11.99 -48.83 -46.33
C ALA AA 106 13.00 -49.96 -46.38
N ALA AA 107 13.75 -50.10 -47.47
CA ALA AA 107 14.69 -51.20 -47.64
C ALA AA 107 16.15 -50.76 -47.76
N TYR AA 108 16.42 -49.49 -48.06
CA TYR AA 108 17.79 -49.06 -48.28
C TYR AA 108 17.90 -47.56 -48.01
N LEU AA 109 19.12 -47.14 -47.70
CA LEU AA 109 19.45 -45.73 -47.52
C LEU AA 109 20.63 -45.39 -48.42
N HIS AA 110 20.50 -44.29 -49.17
CA HIS AA 110 21.59 -43.80 -50.02
C HIS AA 110 21.86 -42.36 -49.66
N LEU AA 111 23.14 -42.02 -49.48
CA LEU AA 111 23.56 -40.69 -49.06
C LEU AA 111 24.71 -40.22 -49.94
N HIS AA 112 24.71 -38.92 -50.23
CA HIS AA 112 25.77 -38.29 -51.02
C HIS AA 112 26.08 -36.95 -50.38
N VAL AA 113 27.27 -36.81 -49.81
CA VAL AA 113 27.66 -35.64 -49.03
C VAL AA 113 28.70 -34.86 -49.80
N GLU AA 114 28.48 -33.57 -49.96
CA GLU AA 114 29.45 -32.66 -50.57
C GLU AA 114 30.22 -32.00 -49.43
N ILE AA 115 31.36 -32.60 -49.07
CA ILE AA 115 32.15 -32.07 -47.97
C ILE AA 115 32.69 -30.69 -48.31
N ALA AA 116 33.03 -30.46 -49.58
CA ALA AA 116 33.53 -29.18 -50.03
C ALA AA 116 33.22 -29.03 -51.51
N ALA AA 117 33.57 -27.86 -52.05
CA ALA AA 117 33.32 -27.56 -53.46
C ALA AA 117 34.01 -28.60 -54.35
N GLY AA 118 33.22 -29.40 -55.06
CA GLY AA 118 33.75 -30.40 -55.95
C GLY AA 118 34.12 -31.72 -55.29
N GLN AA 119 34.03 -31.81 -53.97
CA GLN AA 119 34.35 -33.03 -53.24
C GLN AA 119 33.05 -33.70 -52.79
N PHE AA 120 32.92 -34.98 -53.11
CA PHE AA 120 31.72 -35.75 -52.79
C PHE AA 120 32.12 -37.08 -52.17
N ARG AA 121 31.37 -37.50 -51.15
CA ARG AA 121 31.64 -38.74 -50.44
C ARG AA 121 30.35 -39.54 -50.34
N PRO AA 122 30.21 -40.65 -51.07
CA PRO AA 122 28.96 -41.43 -51.01
C PRO AA 122 28.97 -42.45 -49.88
N VAL AA 123 27.79 -42.64 -49.29
CA VAL AA 123 27.56 -43.68 -48.28
C VAL AA 123 26.35 -44.49 -48.75
N MET AA 124 26.55 -45.80 -48.90
CA MET AA 124 25.54 -46.67 -49.49
C MET AA 124 25.23 -47.81 -48.54
N ILE AA 125 23.95 -48.08 -48.32
CA ILE AA 125 23.50 -49.16 -47.45
C ILE AA 125 22.13 -49.63 -47.93
N GLY AA 126 21.90 -50.93 -47.82
CA GLY AA 126 20.64 -51.50 -48.24
C GLY AA 126 20.77 -53.00 -48.46
N SER AA 127 19.85 -53.54 -49.26
CA SER AA 127 19.87 -54.93 -49.64
C SER AA 127 19.63 -55.05 -51.15
N LEU AA 128 20.37 -55.94 -51.80
CA LEU AA 128 20.25 -56.11 -53.23
C LEU AA 128 18.90 -56.69 -53.60
N ASN AA 129 18.35 -56.25 -54.72
CA ASN AA 129 17.12 -56.82 -55.24
C ASN AA 129 17.34 -58.29 -55.54
N LYS AA 130 16.53 -59.15 -54.89
CA LYS AA 130 16.74 -60.59 -55.05
C LYS AA 130 16.45 -61.04 -56.48
N ARG AA 131 15.57 -60.33 -57.19
CA ARG AA 131 15.26 -60.66 -58.58
C ARG AA 131 14.88 -62.13 -58.73
N GLY AA 132 14.05 -62.61 -57.80
CA GLY AA 132 13.60 -63.99 -57.86
C GLY AA 132 14.67 -65.01 -57.57
N VAL AA 133 15.85 -64.59 -57.15
CA VAL AA 133 16.95 -65.51 -56.84
C VAL AA 133 16.86 -65.91 -55.38
N GLY AA 134 16.83 -67.20 -55.12
CA GLY AA 134 16.73 -67.71 -53.77
C GLY AA 134 18.06 -67.80 -53.05
N TYR AA 135 18.35 -66.84 -52.19
CA TYR AA 135 19.59 -66.83 -51.45
C TYR AA 135 19.40 -65.99 -50.18
N THR AA 136 20.03 -66.42 -49.10
CA THR AA 136 19.93 -65.72 -47.82
C THR AA 136 21.04 -64.68 -47.72
N GLY AA 137 20.64 -63.45 -47.41
CA GLY AA 137 21.58 -62.35 -47.29
C GLY AA 137 21.26 -61.20 -48.22
N GLY AA 138 22.25 -60.77 -49.01
CA GLY AA 138 22.07 -59.67 -49.93
C GLY AA 138 22.28 -58.30 -49.34
N GLN AA 139 22.58 -58.20 -48.05
CA GLN AA 139 22.83 -56.90 -47.43
C GLN AA 139 24.22 -56.40 -47.81
N TYR AA 140 24.30 -55.14 -48.22
CA TYR AA 140 25.55 -54.54 -48.64
C TYR AA 140 25.74 -53.19 -47.95
N VAL AA 141 26.96 -52.97 -47.45
CA VAL AA 141 27.35 -51.71 -46.83
C VAL AA 141 28.64 -51.26 -47.50
N CYS AA 142 28.66 -50.01 -47.98
CA CYS AA 142 29.80 -49.48 -48.70
C CYS AA 142 30.24 -48.15 -48.11
N GLY AA 143 31.53 -47.84 -48.28
CA GLY AA 143 32.07 -46.58 -47.83
C GLY AA 143 33.07 -46.03 -48.83
N SER AA 144 33.51 -44.81 -48.57
CA SER AA 144 34.43 -44.09 -49.44
C SER AA 144 35.77 -43.91 -48.73
N PHE AA 145 36.84 -44.30 -49.40
CA PHE AA 145 38.20 -44.20 -48.86
C PHE AA 145 39.08 -43.40 -49.81
N ILE AA 146 39.92 -42.55 -49.24
CA ILE AA 146 40.89 -41.75 -49.99
C ILE AA 146 42.28 -42.22 -49.57
N TYR AA 147 43.17 -42.40 -50.55
CA TYR AA 147 44.51 -42.86 -50.24
C TYR AA 147 45.34 -41.76 -49.58
N THR AA 148 45.56 -40.66 -50.29
CA THR AA 148 46.35 -39.56 -49.77
C THR AA 148 45.96 -38.24 -50.44
N PRO AA 149 45.60 -37.21 -49.68
CA PRO AA 149 45.36 -35.90 -50.29
C PRO AA 149 46.63 -35.34 -50.90
N GLY AA 150 46.46 -34.53 -51.93
CA GLY AA 150 47.59 -33.93 -52.63
C GLY AA 150 48.14 -34.79 -53.76
N GLN AA 151 48.48 -36.04 -53.46
CA GLN AA 151 48.94 -36.98 -54.46
C GLN AA 151 47.72 -37.49 -55.24
N ALA AA 152 47.93 -38.49 -56.08
CA ALA AA 152 46.83 -39.08 -56.83
C ALA AA 152 45.75 -39.59 -55.87
N LEU AA 153 44.54 -39.05 -56.01
CA LEU AA 153 43.46 -39.41 -55.10
C LEU AA 153 42.88 -40.78 -55.41
N THR AA 154 42.95 -41.22 -56.66
CA THR AA 154 42.37 -42.49 -57.10
C THR AA 154 43.45 -43.51 -57.42
N ASN AA 155 44.50 -43.56 -56.61
CA ASN AA 155 45.57 -44.52 -56.81
C ASN AA 155 45.03 -45.95 -56.81
N ASN AA 156 45.89 -46.88 -57.21
CA ASN AA 156 45.50 -48.29 -57.24
C ASN AA 156 45.14 -48.77 -55.83
N TRP AA 157 45.91 -48.36 -54.82
CA TRP AA 157 45.65 -48.79 -53.45
C TRP AA 157 44.29 -48.31 -52.94
N SER AA 158 43.72 -47.28 -53.55
CA SER AA 158 42.45 -46.76 -53.09
C SER AA 158 41.35 -47.81 -53.24
N SER AA 159 40.29 -47.65 -52.46
CA SER AA 159 39.13 -48.52 -52.55
C SER AA 159 37.87 -47.66 -52.60
N HIS AA 160 36.88 -48.14 -53.35
CA HIS AA 160 35.65 -47.40 -53.59
C HIS AA 160 34.47 -48.34 -53.44
N PRO AA 161 33.26 -47.81 -53.27
CA PRO AA 161 32.08 -48.68 -53.17
C PRO AA 161 31.97 -49.62 -54.36
N PHE AA 162 31.70 -50.89 -54.08
CA PHE AA 162 31.56 -51.93 -55.10
C PHE AA 162 32.83 -52.09 -55.93
N ASP AA 163 33.98 -51.69 -55.40
CA ASP AA 163 35.20 -51.69 -56.20
C ASP AA 163 35.55 -53.11 -56.65
N GLY AA 164 36.06 -53.21 -57.87
CA GLY AA 164 36.43 -54.49 -58.44
C GLY AA 164 37.94 -54.69 -58.52
N TYR AA 165 38.69 -53.74 -57.99
CA TYR AA 165 40.15 -53.79 -58.04
C TYR AA 165 40.68 -52.84 -56.96
N HIS AA 166 41.47 -53.35 -56.03
CA HIS AA 166 42.07 -52.50 -55.02
C HIS AA 166 43.24 -53.23 -54.38
N ILE AA 167 44.11 -52.46 -53.74
CA ILE AA 167 45.28 -52.98 -53.03
C ILE AA 167 45.25 -52.39 -51.63
N GLN AA 168 44.92 -53.23 -50.65
CA GLN AA 168 44.88 -52.81 -49.25
C GLN AA 168 44.71 -54.06 -48.39
N TYR AA 169 45.41 -54.09 -47.26
CA TYR AA 169 45.43 -55.25 -46.38
C TYR AA 169 44.72 -55.02 -45.06
N SER AA 170 44.23 -53.81 -44.80
CA SER AA 170 43.65 -53.45 -43.52
C SER AA 170 42.14 -53.25 -43.56
N ASN AA 171 41.65 -52.40 -44.47
CA ASN AA 171 40.25 -52.01 -44.49
C ASN AA 171 39.67 -52.23 -45.87
N SER AA 172 38.35 -52.39 -45.92
CA SER AA 172 37.60 -52.59 -47.14
C SER AA 172 36.53 -51.51 -47.29
N SER AA 173 36.38 -50.99 -48.50
CA SER AA 173 35.43 -49.91 -48.73
C SER AA 173 33.99 -50.40 -48.69
N CYS AA 174 33.72 -51.59 -49.22
CA CYS AA 174 32.36 -52.11 -49.25
C CYS AA 174 32.40 -53.63 -49.14
N MET AA 175 31.23 -54.21 -48.87
CA MET AA 175 31.13 -55.62 -48.53
C MET AA 175 29.74 -56.11 -48.88
N LEU AA 176 29.54 -57.42 -48.76
CA LEU AA 176 28.28 -58.05 -49.11
C LEU AA 176 28.11 -59.33 -48.30
N ARG AA 177 26.86 -59.73 -48.09
CA ARG AA 177 26.52 -60.94 -47.35
C ARG AA 177 26.01 -62.01 -48.32
N LEU AA 178 26.59 -63.21 -48.21
CA LEU AA 178 26.13 -64.37 -48.97
C LEU AA 178 26.25 -65.57 -48.05
N ASP AA 179 25.13 -65.96 -47.44
CA ASP AA 179 25.13 -66.98 -46.41
C ASP AA 179 25.19 -68.38 -47.02
N GLY AA 180 25.87 -69.28 -46.32
CA GLY AA 180 25.96 -70.66 -46.76
C GLY AA 180 26.66 -70.86 -48.08
N LEU AA 181 27.75 -70.12 -48.31
CA LEU AA 181 28.51 -70.29 -49.55
C LEU AA 181 29.43 -71.49 -49.44
N ASP AA 182 29.32 -72.41 -50.39
CA ASP AA 182 30.17 -73.59 -50.45
C ASP AA 182 30.09 -74.39 -49.15
N GLY AA 183 28.89 -74.46 -48.57
CA GLY AA 183 28.68 -75.25 -47.39
C GLY AA 183 29.23 -74.69 -46.11
N GLY AA 184 29.68 -73.44 -46.11
CA GLY AA 184 30.23 -72.84 -44.93
C GLY AA 184 29.14 -72.39 -43.96
N PRO AA 185 29.57 -71.91 -42.79
CA PRO AA 185 28.60 -71.42 -41.81
C PRO AA 185 27.79 -70.27 -42.38
N SER AA 186 26.54 -70.18 -41.94
CA SER AA 186 25.63 -69.15 -42.47
C SER AA 186 26.20 -67.75 -42.35
N PRO AA 187 26.81 -67.34 -41.24
CA PRO AA 187 27.33 -65.96 -41.17
C PRO AA 187 28.56 -65.78 -42.05
N GLU AA 188 28.40 -65.10 -43.18
CA GLU AA 188 29.49 -64.85 -44.12
C GLU AA 188 29.35 -63.44 -44.66
N TRP AA 189 30.39 -62.64 -44.50
CA TRP AA 189 30.40 -61.23 -44.93
C TRP AA 189 31.50 -61.10 -45.96
N LEU AA 190 31.14 -61.26 -47.23
CA LEU AA 190 32.13 -61.30 -48.30
C LEU AA 190 32.58 -59.89 -48.66
N PRO AA 191 33.88 -59.60 -48.67
CA PRO AA 191 34.35 -58.29 -49.12
C PRO AA 191 34.62 -58.25 -50.62
N PHE AA 192 34.67 -57.02 -51.13
CA PHE AA 192 34.95 -56.77 -52.54
C PHE AA 192 36.45 -56.69 -52.75
N ASP AA 193 37.07 -57.85 -53.01
CA ASP AA 193 38.50 -57.93 -53.24
C ASP AA 193 38.75 -58.85 -54.43
N TYR AA 194 39.89 -58.64 -55.09
CA TYR AA 194 40.25 -59.41 -56.28
C TYR AA 194 41.67 -59.94 -56.27
N THR AA 195 42.60 -59.31 -55.55
CA THR AA 195 44.01 -59.71 -55.56
C THR AA 195 44.39 -60.62 -54.40
N THR AA 196 43.47 -60.90 -53.47
CA THR AA 196 43.80 -61.72 -52.32
C THR AA 196 43.75 -63.21 -52.62
N ASN AA 197 43.17 -63.62 -53.75
CA ASN AA 197 43.06 -65.03 -54.13
C ASN AA 197 42.32 -65.85 -53.07
N VAL AA 198 41.51 -65.20 -52.25
CA VAL AA 198 40.71 -65.95 -51.28
C VAL AA 198 39.71 -66.83 -52.03
N PRO AA 199 39.42 -68.04 -51.56
CA PRO AA 199 38.49 -68.89 -52.32
C PRO AA 199 37.14 -68.24 -52.57
N ARG AA 200 36.62 -67.48 -51.62
CA ARG AA 200 35.31 -66.84 -51.73
C ARG AA 200 35.50 -65.33 -51.71
N ARG AA 201 34.95 -64.65 -52.72
CA ARG AA 201 35.05 -63.20 -52.82
C ARG AA 201 33.98 -62.71 -53.78
N VAL AA 202 33.80 -61.38 -53.79
CA VAL AA 202 32.83 -60.73 -54.66
C VAL AA 202 33.51 -59.57 -55.38
N VAL AA 203 32.90 -59.15 -56.49
CA VAL AA 203 33.45 -58.08 -57.32
C VAL AA 203 32.29 -57.24 -57.85
N GLY AA 204 32.59 -55.97 -58.15
CA GLY AA 204 31.58 -55.07 -58.64
C GLY AA 204 32.14 -54.00 -59.56
N PRO AA 205 31.24 -53.25 -60.24
CA PRO AA 205 31.70 -52.19 -61.16
C PRO AA 205 32.12 -50.91 -60.44
N GLY AA 206 32.34 -50.98 -59.13
CA GLY AA 206 32.55 -49.80 -58.31
C GLY AA 206 33.35 -48.68 -58.93
N ARG AA 207 34.58 -48.96 -59.35
CA ARG AA 207 35.45 -47.92 -59.86
C ARG AA 207 34.92 -47.29 -61.15
N GLY AA 208 33.98 -47.94 -61.83
CA GLY AA 208 33.43 -47.41 -63.05
C GLY AA 208 34.13 -47.90 -64.29
N ASN AA 209 35.03 -47.10 -64.84
CA ASN AA 209 35.73 -47.42 -66.08
C ASN AA 209 37.24 -47.29 -65.89
N TYR AA 210 37.76 -47.83 -64.79
CA TYR AA 210 39.20 -47.82 -64.58
C TYR AA 210 39.87 -48.81 -65.53
N SER AA 211 41.16 -48.57 -65.77
CA SER AA 211 41.88 -49.37 -66.77
C SER AA 211 41.86 -50.85 -66.40
N SER AA 212 42.14 -51.17 -65.14
CA SER AA 212 42.20 -52.54 -64.66
C SER AA 212 40.95 -52.92 -63.87
N GLN AA 213 39.78 -52.38 -64.24
CA GLN AA 213 38.54 -52.76 -63.60
C GLN AA 213 38.05 -54.08 -64.17
N TYR AA 214 37.62 -54.98 -63.28
CA TYR AA 214 37.23 -56.34 -63.66
C TYR AA 214 35.71 -56.44 -63.60
N HIS AA 215 35.07 -56.19 -64.74
CA HIS AA 215 33.63 -56.36 -64.88
C HIS AA 215 33.28 -56.29 -66.37
N PRO AA 216 32.39 -57.15 -66.87
CA PRO AA 216 32.12 -57.17 -68.31
C PRO AA 216 31.30 -55.98 -68.80
N ASP AA 217 30.73 -55.17 -67.90
CA ASP AA 217 29.89 -54.04 -68.29
C ASP AA 217 30.66 -52.73 -68.35
N VAL AA 218 31.97 -52.76 -68.10
CA VAL AA 218 32.76 -51.53 -68.13
C VAL AA 218 32.57 -50.82 -69.46
N GLY AA 219 32.46 -51.58 -70.55
CA GLY AA 219 32.17 -50.97 -71.84
C GLY AA 219 30.81 -50.28 -71.86
N LEU AA 220 29.81 -50.89 -71.22
CA LEU AA 220 28.50 -50.25 -71.14
C LEU AA 220 28.57 -48.93 -70.39
N ILE AA 221 29.29 -48.91 -69.27
CA ILE AA 221 29.44 -47.66 -68.53
C ILE AA 221 30.16 -46.62 -69.41
N ASP AA 222 31.20 -47.05 -70.13
CA ASP AA 222 31.90 -46.11 -71.01
C ASP AA 222 30.99 -45.55 -72.09
N ALA AA 223 30.16 -46.40 -72.69
CA ALA AA 223 29.32 -46.01 -73.82
C ALA AA 223 27.92 -45.59 -73.38
N SER AA 224 27.71 -45.33 -72.10
CA SER AA 224 26.38 -44.93 -71.63
C SER AA 224 25.87 -43.69 -72.37
N ALA AA 225 26.77 -42.81 -72.79
CA ALA AA 225 26.39 -41.56 -73.47
C ALA AA 225 26.44 -41.77 -74.98
N ASN AA 226 25.40 -41.29 -75.66
CA ASN AA 226 25.29 -41.40 -77.11
C ASN AA 226 25.60 -40.06 -77.75
N GLU AA 227 26.55 -40.06 -78.68
CA GLU AA 227 26.95 -38.81 -79.33
C GLU AA 227 25.87 -38.33 -80.31
N LEU AA 228 25.24 -39.26 -81.03
CA LEU AA 228 24.35 -38.86 -82.12
C LEU AA 228 23.16 -38.05 -81.61
N ASN AA 229 22.56 -38.48 -80.50
CA ASN AA 229 21.38 -37.80 -79.95
C ASN AA 229 21.60 -37.29 -78.54
N SER AA 230 22.82 -37.39 -78.01
CA SER AA 230 23.13 -36.90 -76.67
C SER AA 230 22.26 -37.57 -75.60
N SER AA 231 21.84 -38.81 -75.86
CA SER AA 231 21.02 -39.55 -74.91
C SER AA 231 21.90 -40.40 -74.01
N THR AA 232 21.51 -40.50 -72.74
CA THR AA 232 22.25 -41.26 -71.75
C THR AA 232 21.35 -42.37 -71.20
N THR AA 233 21.91 -43.56 -71.07
CA THR AA 233 21.19 -44.72 -70.55
C THR AA 233 21.89 -45.25 -69.31
N THR AA 234 21.09 -45.66 -68.34
CA THR AA 234 21.63 -46.19 -67.09
C THR AA 234 22.03 -47.65 -67.26
N VAL AA 235 22.98 -48.08 -66.42
CA VAL AA 235 23.46 -49.45 -66.45
C VAL AA 235 23.32 -50.05 -65.05
N PRO AA 236 22.47 -51.05 -64.85
CA PRO AA 236 22.41 -51.71 -63.54
C PRO AA 236 23.76 -52.29 -63.16
N CYS AA 237 24.10 -52.18 -61.87
CA CYS AA 237 25.40 -52.61 -61.38
C CYS AA 237 25.34 -54.09 -61.00
N ALA AA 238 25.74 -54.94 -61.94
CA ALA AA 238 25.75 -56.37 -61.68
C ALA AA 238 26.90 -56.74 -60.75
N ILE AA 239 26.59 -57.57 -59.75
CA ILE AA 239 27.56 -58.04 -58.78
C ILE AA 239 27.81 -59.52 -59.03
N TYR AA 240 29.07 -59.93 -58.94
CA TYR AA 240 29.48 -61.31 -59.16
C TYR AA 240 30.21 -61.83 -57.93
N ALA AA 241 29.95 -63.09 -57.60
CA ALA AA 241 30.56 -63.76 -56.45
C ALA AA 241 31.30 -64.99 -56.94
N PHE AA 242 32.54 -65.16 -56.47
CA PHE AA 242 33.39 -66.27 -56.88
C PHE AA 242 33.28 -67.41 -55.89
N GLY AA 243 33.13 -68.63 -56.40
CA GLY AA 243 33.05 -69.81 -55.57
C GLY AA 243 34.42 -70.33 -55.16
N ALA AA 244 34.40 -71.48 -54.48
CA ALA AA 244 35.64 -72.04 -53.95
C ALA AA 244 36.66 -72.31 -55.04
N GLN AA 245 36.21 -72.67 -56.25
CA GLN AA 245 37.09 -73.00 -57.36
C GLN AA 245 36.93 -72.00 -58.50
N GLN AA 246 36.87 -70.71 -58.16
CA GLN AA 246 36.83 -69.63 -59.14
C GLN AA 246 35.68 -69.81 -60.13
N ARG AA 247 34.51 -70.20 -59.64
CA ARG AA 247 33.31 -70.31 -60.45
C ARG AA 247 32.35 -69.20 -60.03
N SER AA 248 32.08 -68.27 -60.94
CA SER AA 248 31.28 -67.11 -60.63
C SER AA 248 29.80 -67.44 -60.67
N ARG AA 249 29.03 -66.76 -59.81
CA ARG AA 249 27.58 -66.89 -59.76
C ARG AA 249 26.99 -65.50 -59.60
N TYR AA 250 26.27 -65.02 -60.62
CA TYR AA 250 25.62 -63.73 -60.52
C TYR AA 250 24.65 -63.72 -59.34
N VAL AA 251 24.69 -62.65 -58.55
CA VAL AA 251 23.94 -62.57 -57.31
C VAL AA 251 22.77 -61.60 -57.41
N GLY AA 252 22.97 -60.42 -57.99
CA GLY AA 252 21.90 -59.45 -58.07
C GLY AA 252 22.41 -58.12 -58.57
N GLU AA 253 21.54 -57.11 -58.44
CA GLU AA 253 21.82 -55.75 -58.88
C GLU AA 253 21.50 -54.78 -57.74
N VAL AA 254 22.10 -53.60 -57.81
CA VAL AA 254 21.90 -52.57 -56.79
C VAL AA 254 20.56 -51.89 -57.05
N PRO AA 255 19.61 -51.94 -56.12
CA PRO AA 255 18.29 -51.34 -56.40
C PRO AA 255 18.38 -49.85 -56.63
N ASP AA 256 17.58 -49.36 -57.57
CA ASP AA 256 17.41 -47.93 -57.80
C ASP AA 256 18.76 -47.23 -57.94
N PHE AA 257 19.67 -47.85 -58.70
CA PHE AA 257 21.02 -47.33 -58.86
C PHE AA 257 21.50 -47.61 -60.26
N GLY AA 258 22.33 -46.71 -60.79
CA GLY AA 258 22.92 -46.90 -62.09
C GLY AA 258 24.09 -45.97 -62.29
N ILE AA 259 24.91 -46.30 -63.30
CA ILE AA 259 26.12 -45.56 -63.61
C ILE AA 259 26.05 -45.07 -65.04
N CYS AA 260 26.76 -43.98 -65.31
CA CYS AA 260 26.82 -43.41 -66.65
C CYS AA 260 28.05 -42.53 -66.74
N ASN AA 261 28.28 -41.98 -67.93
CA ASN AA 261 29.39 -41.07 -68.18
C ASN AA 261 28.90 -39.63 -68.12
N MET AA 262 29.67 -38.78 -67.43
CA MET AA 262 29.33 -37.37 -67.24
C MET AA 262 30.04 -36.47 -68.24
N ALA AA 263 30.37 -36.99 -69.42
CA ALA AA 263 31.09 -36.20 -70.41
C ALA AA 263 30.27 -34.98 -70.83
N PHE AA 264 28.96 -35.16 -71.05
CA PHE AA 264 28.10 -34.11 -71.54
C PHE AA 264 27.04 -33.70 -70.52
N LEU AA 265 27.26 -33.97 -69.23
CA LEU AA 265 26.35 -33.59 -68.17
C LEU AA 265 27.11 -32.94 -67.03
N ALA AA 266 26.60 -31.80 -66.57
CA ALA AA 266 27.14 -31.12 -65.40
C ALA AA 266 26.60 -31.74 -64.13
N PRO AA 267 27.25 -31.51 -62.98
CA PRO AA 267 26.77 -32.12 -61.74
C PRO AA 267 25.32 -31.74 -61.47
N GLY AA 268 24.52 -32.75 -61.16
CA GLY AA 268 23.11 -32.53 -60.87
C GLY AA 268 22.24 -32.27 -62.07
N ASP AA 269 22.78 -32.38 -63.28
CA ASP AA 269 21.99 -32.10 -64.47
C ASP AA 269 20.86 -33.12 -64.60
N PRO AA 270 19.61 -32.69 -64.78
CA PRO AA 270 18.50 -33.64 -64.86
C PRO AA 270 18.24 -34.11 -66.28
N LEU AA 271 17.99 -35.41 -66.42
CA LEU AA 271 17.55 -36.02 -67.67
C LEU AA 271 16.36 -36.91 -67.34
N VAL AA 272 15.17 -36.32 -67.37
CA VAL AA 272 13.95 -37.06 -67.06
C VAL AA 272 13.63 -37.98 -68.24
N VAL AA 273 13.86 -39.28 -68.06
CA VAL AA 273 13.54 -40.26 -69.09
C VAL AA 273 12.27 -40.99 -68.68
N GLY AA 274 11.12 -40.48 -69.10
CA GLY AA 274 9.85 -41.10 -68.80
C GLY AA 274 9.18 -40.63 -67.54
N SER AA 275 8.30 -41.47 -66.99
CA SER AA 275 7.53 -41.10 -65.81
C SER AA 275 8.39 -41.03 -64.55
N ASP AA 276 9.55 -41.65 -64.54
CA ASP AA 276 10.44 -41.67 -63.39
C ASP AA 276 11.67 -40.81 -63.66
N THR AA 277 12.01 -39.96 -62.70
CA THR AA 277 13.10 -39.01 -62.82
C THR AA 277 14.35 -39.56 -62.15
N TRP AA 278 15.51 -39.13 -62.63
CA TRP AA 278 16.80 -39.61 -62.16
C TRP AA 278 17.70 -38.44 -61.81
N ARG AA 279 18.52 -38.62 -60.78
CA ARG AA 279 19.52 -37.64 -60.37
C ARG AA 279 20.91 -38.23 -60.59
N VAL AA 280 21.80 -37.44 -61.20
CA VAL AA 280 23.16 -37.86 -61.50
C VAL AA 280 24.12 -36.92 -60.81
N TYR AA 281 25.07 -37.48 -60.06
CA TYR AA 281 26.10 -36.69 -59.39
C TYR AA 281 27.45 -37.35 -59.59
N PRO AA 282 28.53 -36.57 -59.57
CA PRO AA 282 29.86 -37.16 -59.69
C PRO AA 282 30.24 -37.96 -58.45
N LEU AA 283 31.12 -38.93 -58.65
CA LEU AA 283 31.54 -39.78 -57.55
C LEU AA 283 32.39 -39.00 -56.56
N LEU AA 284 33.53 -38.47 -57.01
CA LEU AA 284 34.44 -37.72 -56.15
C LEU AA 284 34.54 -36.25 -56.58
N GLN AA 285 34.88 -35.99 -57.84
CA GLN AA 285 35.08 -34.62 -58.30
C GLN AA 285 35.03 -34.61 -59.82
N ARG AA 286 34.73 -33.44 -60.36
CA ARG AA 286 34.72 -33.24 -61.80
C ARG AA 286 36.14 -33.09 -62.32
N GLY AA 287 36.46 -33.81 -63.38
CA GLY AA 287 37.77 -33.74 -63.99
C GLY AA 287 37.68 -33.94 -65.49
N THR AA 288 38.70 -34.56 -66.06
CA THR AA 288 38.75 -34.84 -67.49
C THR AA 288 38.62 -36.35 -67.72
N ALA AA 289 38.62 -36.73 -69.00
CA ALA AA 289 38.38 -38.13 -69.36
C ALA AA 289 39.47 -39.04 -68.79
N THR AA 290 40.72 -38.63 -68.89
CA THR AA 290 41.85 -39.48 -68.54
C THR AA 290 42.43 -39.19 -67.16
N ASP AA 291 41.78 -38.33 -66.38
CA ASP AA 291 42.28 -38.01 -65.03
C ASP AA 291 41.78 -39.08 -64.06
N PHE AA 292 42.43 -40.24 -64.12
CA PHE AA 292 42.11 -41.35 -63.24
C PHE AA 292 42.99 -41.38 -61.99
N ASP AA 293 43.83 -40.37 -61.79
CA ASP AA 293 44.72 -40.32 -60.64
C ASP AA 293 44.34 -39.23 -59.64
N SER AA 294 44.06 -38.02 -60.12
CA SER AA 294 43.75 -36.90 -59.22
C SER AA 294 42.26 -36.75 -58.95
N THR AA 295 41.40 -37.33 -59.77
CA THR AA 295 39.96 -37.23 -59.59
C THR AA 295 39.32 -38.55 -60.01
N SER AA 296 38.00 -38.56 -60.09
CA SER AA 296 37.24 -39.74 -60.46
C SER AA 296 36.86 -39.77 -61.94
N ALA AA 297 37.58 -39.02 -62.77
CA ALA AA 297 37.33 -38.97 -64.22
C ALA AA 297 35.90 -38.43 -64.41
N TRP AA 298 35.07 -39.06 -65.24
CA TRP AA 298 33.72 -38.59 -65.49
C TRP AA 298 32.66 -39.60 -65.04
N VAL AA 299 33.02 -40.51 -64.14
CA VAL AA 299 32.07 -41.49 -63.66
C VAL AA 299 30.99 -40.80 -62.83
N GLY AA 300 29.74 -41.13 -63.10
CA GLY AA 300 28.62 -40.52 -62.40
C GLY AA 300 27.69 -41.57 -61.84
N TYR AA 301 27.21 -41.31 -60.62
CA TYR AA 301 26.26 -42.19 -59.96
C TYR AA 301 24.84 -41.69 -60.21
N CYS AA 302 23.97 -42.60 -60.62
CA CYS AA 302 22.59 -42.27 -60.97
C CYS AA 302 21.65 -42.86 -59.92
N PHE AA 303 20.80 -42.00 -59.35
CA PHE AA 303 19.81 -42.40 -58.37
C PHE AA 303 18.42 -42.07 -58.91
N ARG AA 304 17.47 -42.97 -58.66
CA ARG AA 304 16.08 -42.73 -59.04
C ARG AA 304 15.40 -41.92 -57.94
N VAL AA 305 14.84 -40.77 -58.30
CA VAL AA 305 14.19 -39.88 -57.35
C VAL AA 305 12.68 -40.07 -57.46
N VAL AA 306 12.02 -40.20 -56.31
CA VAL AA 306 10.59 -40.42 -56.26
C VAL AA 306 9.98 -39.59 -55.14
N ALA BA 2 90.93 -122.81 -78.43
CA ALA BA 2 90.07 -121.68 -78.08
C ALA BA 2 90.89 -120.40 -77.91
N THR BA 3 92.19 -120.56 -77.68
CA THR BA 3 93.09 -119.43 -77.51
C THR BA 3 94.34 -119.66 -78.35
N GLU BA 4 94.91 -118.56 -78.85
CA GLU BA 4 96.10 -118.63 -79.69
C GLU BA 4 96.86 -117.32 -79.59
N PHE BA 5 98.16 -117.41 -79.36
CA PHE BA 5 99.05 -116.25 -79.29
C PHE BA 5 100.18 -116.42 -80.30
N GLY BA 6 100.48 -115.36 -81.02
CA GLY BA 6 101.51 -115.45 -82.04
C GLY BA 6 101.68 -114.12 -82.75
N THR BA 7 102.44 -114.17 -83.85
CA THR BA 7 102.75 -112.98 -84.63
C THR BA 7 102.42 -113.25 -86.10
N ALA BA 8 101.62 -112.37 -86.69
CA ALA BA 8 101.19 -112.48 -88.07
C ALA BA 8 101.98 -111.50 -88.94
N VAL BA 9 102.53 -111.99 -90.05
CA VAL BA 9 103.43 -111.18 -90.85
C VAL BA 9 102.72 -110.01 -91.50
N ASN BA 10 101.40 -110.04 -91.61
CA ASN BA 10 100.65 -108.94 -92.21
C ASN BA 10 99.16 -109.15 -91.92
N HIS BA 11 98.36 -108.16 -92.33
CA HIS BA 11 96.93 -108.21 -92.04
C HIS BA 11 96.29 -109.42 -92.71
N ALA BA 12 96.67 -109.70 -93.96
CA ALA BA 12 96.17 -110.91 -94.62
C ALA BA 12 96.54 -112.13 -93.79
N ASP BA 13 97.83 -112.28 -93.49
CA ASP BA 13 98.30 -113.38 -92.67
C ASP BA 13 97.45 -113.49 -91.41
N LEU BA 14 97.11 -112.36 -90.81
CA LEU BA 14 96.27 -112.36 -89.62
C LEU BA 14 94.91 -112.97 -89.94
N VAL BA 15 94.30 -112.60 -91.07
CA VAL BA 15 92.92 -113.05 -91.30
C VAL BA 15 92.89 -114.56 -91.61
N GLU BA 16 93.83 -115.07 -92.41
CA GLU BA 16 93.76 -116.53 -92.60
C GLU BA 16 94.23 -117.27 -91.35
N ARG BA 17 95.09 -116.67 -90.52
CA ARG BA 17 95.36 -117.29 -89.23
C ARG BA 17 94.10 -117.40 -88.40
N LEU BA 18 93.29 -116.33 -88.37
CA LEU BA 18 92.03 -116.37 -87.64
C LEU BA 18 91.11 -117.45 -88.20
N VAL BA 19 90.98 -117.53 -89.52
CA VAL BA 19 90.02 -118.48 -90.08
C VAL BA 19 90.48 -119.91 -89.83
N GLN BA 20 91.79 -120.18 -89.94
CA GLN BA 20 92.27 -121.52 -89.64
C GLN BA 20 92.09 -121.85 -88.16
N PHE BA 21 92.29 -120.87 -87.29
CA PHE BA 21 92.06 -121.11 -85.87
C PHE BA 21 90.59 -121.43 -85.59
N LEU BA 22 89.68 -120.71 -86.25
CA LEU BA 22 88.26 -120.95 -86.05
C LEU BA 22 87.84 -122.32 -86.58
N THR BA 23 88.39 -122.72 -87.73
CA THR BA 23 87.92 -123.93 -88.41
C THR BA 23 88.72 -125.18 -88.07
N ALA BA 24 89.85 -125.06 -87.35
CA ALA BA 24 90.71 -126.21 -87.11
C ALA BA 24 91.28 -126.25 -85.70
N SER BA 25 90.84 -125.39 -84.79
CA SER BA 25 91.34 -125.44 -83.42
C SER BA 25 90.97 -126.80 -82.81
N PRO BA 26 91.90 -127.46 -82.11
CA PRO BA 26 91.58 -128.80 -81.60
C PRO BA 26 90.33 -128.84 -80.74
N ASP BA 27 90.15 -127.85 -79.86
CA ASP BA 27 88.94 -127.82 -79.04
C ASP BA 27 87.70 -127.62 -79.90
N LEU BA 28 87.77 -126.73 -80.89
CA LEU BA 28 86.60 -126.45 -81.72
C LEU BA 28 86.20 -127.70 -82.50
N VAL BA 29 87.16 -128.37 -83.12
CA VAL BA 29 86.84 -129.54 -83.94
C VAL BA 29 86.40 -130.70 -83.06
N ALA BA 30 87.09 -130.92 -81.93
CA ALA BA 30 86.74 -132.04 -81.06
C ALA BA 30 85.34 -131.88 -80.50
N ALA BA 31 84.97 -130.66 -80.11
CA ALA BA 31 83.66 -130.39 -79.56
C ALA BA 31 82.61 -130.09 -80.62
N GLY BA 32 82.98 -130.12 -81.89
CA GLY BA 32 82.02 -129.82 -82.95
C GLY BA 32 81.51 -128.39 -82.89
N GLN BA 33 82.38 -127.44 -82.52
CA GLN BA 33 82.00 -126.05 -82.42
C GLN BA 33 82.61 -125.20 -83.54
N ALA BA 34 83.23 -125.83 -84.53
CA ALA BA 34 83.87 -125.09 -85.61
C ALA BA 34 82.83 -124.32 -86.41
N TYR BA 35 83.24 -123.18 -86.95
CA TYR BA 35 82.33 -122.33 -87.71
C TYR BA 35 82.40 -122.71 -89.19
N GLU BA 36 81.31 -122.42 -89.89
CA GLU BA 36 81.17 -122.76 -91.31
C GLU BA 36 81.23 -121.48 -92.13
N LYS BA 37 82.01 -121.51 -93.21
CA LYS BA 37 82.17 -120.38 -94.11
C LYS BA 37 81.09 -120.47 -95.19
N VAL BA 38 80.20 -119.48 -95.23
CA VAL BA 38 79.09 -119.47 -96.18
C VAL BA 38 79.33 -118.52 -97.34
N PHE BA 39 80.34 -117.65 -97.27
CA PHE BA 39 80.61 -116.72 -98.36
C PHE BA 39 82.06 -116.26 -98.25
N ASP BA 40 82.73 -116.18 -99.40
CA ASP BA 40 84.10 -115.69 -99.46
C ASP BA 40 84.36 -115.19 -100.88
N ASN BA 41 84.45 -113.88 -101.04
CA ASN BA 41 84.61 -113.28 -102.35
C ASN BA 41 85.51 -112.06 -102.25
N THR BA 42 85.97 -111.59 -103.41
CA THR BA 42 86.74 -110.34 -103.53
C THR BA 42 86.16 -109.61 -104.74
N ILE BA 43 85.15 -108.77 -104.49
CA ILE BA 43 84.39 -108.12 -105.55
C ILE BA 43 85.14 -106.93 -106.15
N PRO BA 44 85.82 -106.09 -105.36
CA PRO BA 44 86.33 -104.83 -105.91
C PRO BA 44 87.59 -105.05 -106.75
N ALA BA 45 87.81 -104.12 -107.68
CA ALA BA 45 89.00 -104.09 -108.52
C ALA BA 45 89.95 -103.08 -107.90
N SER BA 46 90.90 -103.57 -107.10
CA SER BA 46 91.79 -102.68 -106.36
C SER BA 46 92.59 -101.81 -107.32
N GLY BA 47 92.62 -100.51 -107.03
CA GLY BA 47 93.45 -99.58 -107.78
C GLY BA 47 94.70 -99.24 -106.99
N THR BA 48 94.71 -98.07 -106.36
CA THR BA 48 95.77 -97.70 -105.42
C THR BA 48 95.43 -98.16 -104.01
N ALA BA 49 95.06 -99.43 -103.87
CA ALA BA 49 94.61 -99.98 -102.60
C ALA BA 49 94.91 -101.47 -102.55
N ILE BA 50 94.91 -102.01 -101.34
CA ILE BA 50 95.16 -103.43 -101.14
C ILE BA 50 93.91 -104.22 -101.50
N ALA BA 51 94.11 -105.48 -101.89
CA ALA BA 51 92.98 -106.35 -102.20
C ALA BA 51 92.06 -106.46 -100.99
N VAL BA 52 90.75 -106.43 -101.27
CA VAL BA 52 89.73 -106.49 -100.23
C VAL BA 52 89.19 -107.90 -100.16
N ARG BA 53 89.27 -108.51 -98.98
CA ARG BA 53 88.77 -109.86 -98.73
C ARG BA 53 87.47 -109.77 -97.93
N GLN BA 54 86.44 -110.44 -98.41
CA GLN BA 54 85.13 -110.47 -97.76
C GLN BA 54 84.82 -111.89 -97.35
N VAL BA 55 84.50 -112.08 -96.07
CA VAL BA 55 84.21 -113.40 -95.51
C VAL BA 55 83.00 -113.29 -94.60
N THR BA 56 82.07 -114.23 -94.76
CA THR BA 56 80.93 -114.39 -93.86
C THR BA 56 80.91 -115.82 -93.37
N LEU BA 57 80.77 -116.00 -92.06
CA LEU BA 57 80.84 -117.31 -91.44
C LEU BA 57 79.61 -117.57 -90.60
N ARG BA 58 79.25 -118.86 -90.51
CA ARG BA 58 78.08 -119.33 -89.80
C ARG BA 58 78.46 -119.87 -88.43
N ALA BA 59 77.49 -119.89 -87.52
CA ALA BA 59 77.77 -120.21 -86.13
C ALA BA 59 76.62 -120.97 -85.47
N PRO BA 60 76.88 -122.19 -84.92
CA PRO BA 60 75.80 -122.95 -84.29
C PRO BA 60 75.59 -122.63 -82.81
N GLY BA 61 76.63 -122.12 -82.16
CA GLY BA 61 76.60 -121.97 -80.72
C GLY BA 61 76.99 -123.25 -80.00
N LEU BA 62 77.04 -123.16 -78.67
CA LEU BA 62 77.45 -124.32 -77.87
C LEU BA 62 76.48 -125.48 -78.03
N GLY BA 63 75.17 -125.20 -77.98
CA GLY BA 63 74.17 -126.24 -78.03
C GLY BA 63 73.90 -126.81 -79.41
N GLY BA 64 74.35 -126.13 -80.46
CA GLY BA 64 74.12 -126.59 -81.82
C GLY BA 64 72.76 -126.25 -82.37
N THR BA 65 71.91 -125.55 -81.62
CA THR BA 65 70.56 -125.21 -82.05
C THR BA 65 70.40 -123.74 -82.40
N ASP BA 66 71.45 -122.93 -82.27
CA ASP BA 66 71.39 -121.51 -82.55
C ASP BA 66 71.86 -121.23 -83.98
N ALA BA 67 71.37 -120.12 -84.53
CA ALA BA 67 71.73 -119.66 -85.87
C ALA BA 67 72.32 -118.27 -85.74
N ILE BA 68 73.64 -118.17 -85.90
CA ILE BA 68 74.38 -116.93 -85.73
C ILE BA 68 75.24 -116.69 -86.96
N TYR BA 69 75.16 -115.50 -87.53
CA TYR BA 69 75.86 -115.15 -88.75
C TYR BA 69 76.68 -113.88 -88.53
N MET BA 70 77.95 -113.91 -88.96
CA MET BA 70 78.83 -112.76 -88.90
C MET BA 70 79.30 -112.37 -90.30
N GLY BA 71 80.10 -111.32 -90.35
CA GLY BA 71 80.80 -110.96 -91.57
C GLY BA 71 82.09 -110.26 -91.23
N ILE BA 72 83.10 -110.46 -92.07
CA ILE BA 72 84.41 -109.86 -91.89
C ILE BA 72 84.88 -109.31 -93.23
N GLN BA 73 85.44 -108.11 -93.22
CA GLN BA 73 85.96 -107.46 -94.42
C GLN BA 73 87.35 -106.89 -94.12
N SER BA 74 88.20 -106.93 -95.14
CA SER BA 74 89.53 -106.33 -95.07
C SER BA 74 89.59 -105.20 -96.08
N TYR BA 75 89.87 -103.98 -95.60
CA TYR BA 75 89.90 -102.79 -96.44
C TYR BA 75 91.14 -101.98 -96.11
N GLY BA 76 91.83 -101.51 -97.13
CA GLY BA 76 93.04 -100.71 -96.92
C GLY BA 76 93.30 -99.79 -98.08
N ASP BA 77 94.19 -98.84 -97.84
CA ASP BA 77 94.61 -97.87 -98.85
C ASP BA 77 96.10 -97.59 -98.69
N THR BA 78 96.86 -97.78 -99.77
CA THR BA 78 98.31 -97.59 -99.69
C THR BA 78 98.68 -96.13 -99.51
N ALA BA 79 97.97 -95.23 -100.20
CA ALA BA 79 98.31 -93.81 -100.12
C ALA BA 79 98.20 -93.30 -98.68
N LEU BA 80 97.13 -93.65 -97.99
CA LEU BA 80 96.96 -93.30 -96.59
C LEU BA 80 97.58 -94.31 -95.64
N ASP BA 81 98.01 -95.46 -96.14
CA ASP BA 81 98.72 -96.46 -95.35
C ASP BA 81 97.86 -96.96 -94.18
N TYR BA 82 96.73 -97.57 -94.53
CA TYR BA 82 95.91 -98.28 -93.55
C TYR BA 82 95.36 -99.54 -94.20
N TYR BA 83 95.09 -100.55 -93.38
CA TYR BA 83 94.59 -101.84 -93.81
C TYR BA 83 93.45 -102.29 -92.91
N ASN BA 84 92.47 -101.41 -92.73
CA ASN BA 84 91.40 -101.63 -91.76
C ASN BA 84 90.72 -102.96 -91.98
N LEU BA 85 90.36 -103.62 -90.88
CA LEU BA 85 89.55 -104.83 -90.89
C LEU BA 85 88.20 -104.52 -90.28
N ARG BA 86 87.14 -104.67 -91.08
CA ARG BA 86 85.80 -104.34 -90.66
C ARG BA 86 85.03 -105.59 -90.24
N LEU BA 87 84.07 -105.40 -89.33
CA LEU BA 87 83.26 -106.48 -88.80
C LEU BA 87 81.79 -106.07 -88.78
N MET BA 88 80.91 -107.07 -88.83
CA MET BA 88 79.47 -106.84 -88.73
C MET BA 88 78.79 -108.15 -88.40
N GLY BA 89 77.49 -108.07 -88.12
CA GLY BA 89 76.71 -109.24 -87.77
C GLY BA 89 75.36 -109.21 -88.45
N GLY BA 90 74.65 -110.33 -88.30
CA GLY BA 90 73.33 -110.45 -88.88
C GLY BA 90 72.68 -111.75 -88.47
N THR BA 91 71.45 -111.95 -88.93
CA THR BA 91 70.70 -113.15 -88.63
C THR BA 91 70.42 -114.02 -89.85
N ALA BA 92 70.59 -113.50 -91.07
CA ALA BA 92 70.42 -114.30 -92.27
C ALA BA 92 71.35 -113.74 -93.35
N PHE BA 93 71.72 -114.61 -94.28
CA PHE BA 93 72.53 -114.21 -95.43
C PHE BA 93 71.88 -114.71 -96.71
N ASN BA 94 72.15 -113.99 -97.80
CA ASN BA 94 71.53 -114.29 -99.08
C ASN BA 94 72.41 -113.75 -100.20
N PRO BA 95 73.30 -114.56 -100.78
CA PRO BA 95 74.26 -114.02 -101.75
C PRO BA 95 73.61 -113.35 -102.94
N GLY BA 96 72.47 -113.86 -103.41
CA GLY BA 96 71.79 -113.24 -104.54
C GLY BA 96 71.25 -111.86 -104.25
N ALA BA 97 71.19 -111.46 -102.98
CA ALA BA 97 70.66 -110.16 -102.58
C ALA BA 97 71.71 -109.06 -102.64
N ILE BA 98 72.78 -109.25 -103.41
CA ILE BA 98 73.80 -108.23 -103.61
C ILE BA 98 73.47 -107.49 -104.91
N PRO BA 99 73.28 -106.18 -104.87
CA PRO BA 99 72.95 -105.45 -106.11
C PRO BA 99 74.16 -105.39 -107.04
N PRO BA 100 73.94 -105.22 -108.34
CA PRO BA 100 75.08 -104.95 -109.23
C PRO BA 100 75.92 -103.80 -108.69
N GLY BA 101 77.18 -104.08 -108.38
CA GLY BA 101 77.99 -103.10 -107.67
C GLY BA 101 77.61 -103.05 -106.20
N GLY BA 102 77.68 -101.86 -105.62
CA GLY BA 102 77.34 -101.71 -104.22
C GLY BA 102 78.20 -102.60 -103.34
N ASP BA 103 77.55 -103.31 -102.42
CA ASP BA 103 78.24 -104.22 -101.52
C ASP BA 103 77.29 -105.31 -101.09
N TYR BA 104 77.83 -106.28 -100.35
CA TYR BA 104 77.07 -107.44 -99.90
C TYR BA 104 76.59 -107.34 -98.47
N TRP BA 105 77.23 -106.52 -97.63
CA TRP BA 105 76.86 -106.44 -96.23
C TRP BA 105 75.41 -106.03 -96.05
N THR BA 106 74.83 -105.33 -97.04
CA THR BA 106 73.42 -104.94 -96.94
C THR BA 106 72.49 -106.15 -97.01
N ALA BA 107 72.92 -107.24 -97.62
CA ALA BA 107 72.07 -108.42 -97.75
C ALA BA 107 71.79 -109.09 -96.41
N PHE BA 108 72.64 -108.87 -95.42
CA PHE BA 108 72.45 -109.49 -94.12
C PHE BA 108 71.09 -109.09 -93.53
N ALA BA 109 70.35 -110.07 -93.04
CA ALA BA 109 69.11 -109.77 -92.33
C ALA BA 109 69.44 -109.01 -91.05
N ASN BA 110 68.58 -108.04 -90.73
CA ASN BA 110 68.85 -107.04 -89.70
C ASN BA 110 70.31 -106.60 -89.75
N TYR BA 111 70.70 -106.08 -90.91
CA TYR BA 111 72.05 -105.58 -91.07
C TYR BA 111 72.32 -104.48 -90.06
N SER BA 112 73.55 -104.45 -89.54
CA SER BA 112 73.92 -103.49 -88.51
C SER BA 112 75.15 -102.70 -88.96
N PRO BA 113 75.32 -101.48 -88.48
CA PRO BA 113 76.52 -100.70 -88.84
C PRO BA 113 77.79 -101.43 -88.42
N ARG BA 114 78.83 -101.27 -89.24
CA ARG BA 114 80.05 -102.05 -89.10
C ARG BA 114 80.97 -101.44 -88.06
N VAL BA 115 81.68 -102.31 -87.35
CA VAL BA 115 82.81 -101.92 -86.53
C VAL BA 115 84.07 -102.46 -87.21
N GLN BA 116 85.23 -102.04 -86.70
CA GLN BA 116 86.48 -102.34 -87.40
C GLN BA 116 87.62 -102.41 -86.41
N LEU BA 117 88.72 -103.02 -86.87
CA LEU BA 117 89.98 -103.10 -86.15
C LEU BA 117 91.06 -102.49 -87.03
N LEU BA 118 91.98 -101.76 -86.41
CA LEU BA 118 93.02 -101.04 -87.14
C LEU BA 118 94.32 -101.82 -87.11
N ALA BA 119 94.96 -101.96 -88.27
CA ALA BA 119 96.21 -102.68 -88.41
C ALA BA 119 96.81 -102.31 -89.76
N TRP BA 120 97.99 -102.87 -90.04
CA TRP BA 120 98.65 -102.62 -91.32
C TRP BA 120 99.57 -103.79 -91.64
N ASN BA 121 100.14 -103.75 -92.85
CA ASN BA 121 100.96 -104.84 -93.37
C ASN BA 121 102.32 -104.81 -92.71
N GLN BA 122 102.50 -105.66 -91.70
CA GLN BA 122 103.75 -105.74 -90.95
C GLN BA 122 103.62 -106.89 -89.95
N PRO BA 123 104.72 -107.47 -89.46
CA PRO BA 123 104.60 -108.46 -88.37
C PRO BA 123 103.96 -107.84 -87.14
N MET BA 124 102.79 -108.35 -86.76
CA MET BA 124 102.05 -107.89 -85.60
C MET BA 124 101.84 -109.04 -84.62
N PRO BA 125 102.29 -108.95 -83.37
CA PRO BA 125 101.84 -109.92 -82.37
C PRO BA 125 100.32 -109.84 -82.19
N TYR BA 126 99.70 -110.99 -81.98
CA TYR BA 126 98.25 -111.08 -81.92
C TYR BA 126 97.83 -111.98 -80.77
N TRP BA 127 96.53 -111.89 -80.43
CA TRP BA 127 95.92 -112.76 -79.43
C TRP BA 127 94.52 -113.10 -79.91
N PHE BA 128 94.22 -114.39 -80.05
CA PHE BA 128 92.91 -114.86 -80.47
C PHE BA 128 92.20 -115.53 -79.31
N PHE BA 129 90.93 -115.19 -79.10
CA PHE BA 129 90.06 -115.87 -78.18
C PHE BA 129 88.73 -116.15 -78.87
N ALA BA 130 88.26 -117.39 -78.79
CA ALA BA 130 87.05 -117.77 -79.51
C ALA BA 130 86.30 -118.84 -78.72
N ASN BA 131 85.00 -118.90 -78.96
CA ASN BA 131 84.13 -119.92 -78.39
C ASN BA 131 82.90 -120.03 -79.27
N GLY BA 132 82.12 -121.09 -79.06
CA GLY BA 132 80.97 -121.35 -79.88
C GLY BA 132 80.00 -120.19 -79.97
N ARG BA 133 79.97 -119.32 -78.96
CA ARG BA 133 79.02 -118.23 -78.90
C ARG BA 133 79.61 -116.85 -79.14
N ARG BA 134 80.91 -116.66 -78.91
CA ARG BA 134 81.52 -115.35 -79.08
C ARG BA 134 82.99 -115.52 -79.43
N PHE BA 135 83.55 -114.45 -80.01
CA PHE BA 135 84.97 -114.40 -80.34
C PHE BA 135 85.50 -113.02 -80.01
N TRP BA 136 86.77 -112.96 -79.64
CA TRP BA 136 87.44 -111.72 -79.28
C TRP BA 136 88.77 -111.62 -80.02
N ILE BA 137 89.10 -110.41 -80.48
CA ILE BA 137 90.33 -110.15 -81.19
C ILE BA 137 91.11 -109.07 -80.45
N VAL BA 138 92.40 -109.29 -80.25
CA VAL BA 138 93.28 -108.32 -79.63
C VAL BA 138 94.59 -108.30 -80.42
N VAL BA 139 95.05 -107.10 -80.76
CA VAL BA 139 96.30 -106.92 -81.50
C VAL BA 139 97.15 -105.91 -80.76
N LYS BA 140 98.43 -106.25 -80.55
CA LYS BA 140 99.37 -105.38 -79.85
C LYS BA 140 100.11 -104.54 -80.89
N VAL BA 141 99.85 -103.24 -80.90
CA VAL BA 141 100.47 -102.32 -81.84
C VAL BA 141 101.48 -101.45 -81.10
N SER BA 142 102.75 -101.87 -81.12
CA SER BA 142 103.81 -101.15 -80.43
C SER BA 142 103.43 -100.95 -78.96
N THR BA 143 103.12 -99.72 -78.55
CA THR BA 143 102.62 -99.45 -77.22
C THR BA 143 101.11 -99.33 -77.18
N ILE BA 144 100.44 -99.53 -78.31
CA ILE BA 144 98.99 -99.42 -78.41
C ILE BA 144 98.40 -100.83 -78.55
N TYR BA 145 97.27 -101.06 -77.90
CA TYR BA 145 96.57 -102.32 -77.96
C TYR BA 145 95.23 -102.09 -78.65
N GLU BA 146 94.97 -102.85 -79.71
CA GLU BA 146 93.74 -102.76 -80.47
C GLU BA 146 92.91 -104.02 -80.22
N SER BA 147 91.59 -103.85 -80.08
CA SER BA 147 90.74 -104.97 -79.72
C SER BA 147 89.34 -104.75 -80.28
N ALA BA 148 88.59 -105.85 -80.37
CA ALA BA 148 87.21 -105.85 -80.84
C ALA BA 148 86.64 -107.24 -80.61
N GLY BA 149 85.39 -107.42 -81.00
CA GLY BA 149 84.76 -108.73 -80.87
C GLY BA 149 83.26 -108.64 -81.04
N ALA BA 150 82.64 -109.81 -80.94
CA ALA BA 150 81.18 -109.93 -81.05
C ALA BA 150 80.78 -111.31 -80.56
N GLY BA 151 79.49 -111.48 -80.30
CA GLY BA 151 78.97 -112.75 -79.86
C GLY BA 151 77.68 -112.57 -79.06
N PHE BA 152 77.38 -113.57 -78.24
CA PHE BA 152 76.17 -113.58 -77.43
C PHE BA 152 76.47 -113.20 -76.00
N ILE BA 153 75.64 -112.30 -75.46
CA ILE BA 153 75.65 -111.92 -74.06
C ILE BA 153 74.86 -112.96 -73.28
N LEU BA 154 74.94 -112.94 -71.95
CA LEU BA 154 74.22 -113.86 -71.08
C LEU BA 154 73.11 -113.12 -70.34
N PRO BA 155 71.90 -113.04 -70.90
CA PRO BA 155 70.79 -112.42 -70.17
C PRO BA 155 70.35 -113.30 -69.01
N PRO BA 156 69.74 -112.71 -67.98
CA PRO BA 156 69.19 -113.51 -66.88
C PRO BA 156 67.83 -114.13 -67.17
N CYS BA 157 67.36 -114.08 -68.41
CA CYS BA 157 66.07 -114.61 -68.82
C CYS BA 157 66.27 -115.85 -69.69
N PRO BA 158 65.28 -116.74 -69.74
CA PRO BA 158 65.45 -117.98 -70.50
C PRO BA 158 65.67 -117.68 -71.97
N PRO BA 159 66.52 -118.45 -72.66
CA PRO BA 159 66.73 -118.21 -74.11
C PRO BA 159 65.50 -118.47 -74.95
N SER BA 160 64.45 -119.08 -74.40
CA SER BA 160 63.28 -119.42 -75.20
C SER BA 160 62.65 -118.19 -75.83
N GLN BA 161 62.51 -117.11 -75.06
CA GLN BA 161 61.86 -115.90 -75.56
C GLN BA 161 62.84 -114.87 -76.11
N TYR BA 162 64.13 -114.98 -75.78
CA TYR BA 162 65.16 -114.07 -76.28
C TYR BA 162 66.34 -114.89 -76.79
N PRO BA 163 66.16 -115.56 -77.94
CA PRO BA 163 67.20 -116.48 -78.43
C PRO BA 163 68.34 -115.82 -79.20
N TYR BA 164 68.29 -114.52 -79.45
CA TYR BA 164 69.29 -113.83 -80.25
C TYR BA 164 69.81 -112.61 -79.51
N PRO BA 165 70.62 -112.82 -78.46
CA PRO BA 165 71.28 -111.69 -77.78
C PRO BA 165 72.63 -111.35 -78.41
N LEU BA 166 72.60 -111.07 -79.72
CA LEU BA 166 73.82 -110.81 -80.46
C LEU BA 166 74.37 -109.43 -80.13
N ALA BA 167 75.69 -109.35 -79.91
CA ALA BA 167 76.36 -108.09 -79.61
C ALA BA 167 77.60 -107.97 -80.48
N VAL BA 168 77.84 -106.76 -80.98
CA VAL BA 168 79.01 -106.44 -81.78
C VAL BA 168 79.66 -105.19 -81.20
N VAL BA 169 80.97 -105.25 -80.98
CA VAL BA 169 81.71 -104.14 -80.39
C VAL BA 169 83.03 -103.97 -81.13
N GLY BA 170 83.46 -102.72 -81.29
CA GLY BA 170 84.74 -102.41 -81.88
C GLY BA 170 85.29 -101.13 -81.31
N SER BA 171 86.59 -100.91 -81.57
CA SER BA 171 87.25 -99.72 -81.04
C SER BA 171 86.66 -98.45 -81.62
N TYR BA 172 86.36 -98.44 -82.92
CA TYR BA 172 85.89 -97.23 -83.59
C TYR BA 172 84.79 -97.60 -84.57
N ARG BA 173 83.96 -96.61 -84.89
CA ARG BA 173 82.88 -96.82 -85.85
C ARG BA 173 83.44 -97.18 -87.21
N GLY BA 174 82.79 -98.15 -87.87
CA GLY BA 174 83.20 -98.61 -89.17
C GLY BA 174 82.62 -97.85 -90.34
N ASP BA 175 81.87 -96.77 -90.08
CA ASP BA 175 81.27 -95.99 -91.15
C ASP BA 175 82.29 -95.13 -91.89
N VAL BA 176 83.45 -94.88 -91.29
CA VAL BA 176 84.47 -94.02 -91.90
C VAL BA 176 85.81 -94.74 -91.85
N ALA BA 177 86.69 -94.36 -92.78
CA ALA BA 177 88.04 -94.90 -92.83
C ALA BA 177 88.95 -94.05 -91.96
N THR BA 178 89.75 -94.72 -91.12
CA THR BA 178 90.61 -94.03 -90.17
C THR BA 178 91.99 -94.66 -90.17
N ARG BA 179 92.98 -93.86 -89.79
CA ARG BA 179 94.37 -94.29 -89.70
C ARG BA 179 94.69 -94.66 -88.26
N TRP BA 180 95.40 -95.77 -88.09
CA TRP BA 180 95.65 -96.30 -86.75
C TRP BA 180 96.47 -95.34 -85.89
N SER BA 181 97.20 -94.41 -86.50
CA SER BA 181 98.00 -93.45 -85.76
C SER BA 181 97.16 -92.34 -85.12
N ASP BA 182 95.85 -92.37 -85.29
CA ASP BA 182 95.00 -91.33 -84.70
C ASP BA 182 95.12 -91.34 -83.17
N VAL BA 183 95.05 -90.15 -82.59
CA VAL BA 183 95.17 -89.96 -81.15
C VAL BA 183 93.88 -89.43 -80.54
N SER BA 184 92.81 -89.38 -81.32
CA SER BA 184 91.55 -88.83 -80.82
C SER BA 184 90.97 -89.72 -79.73
N ASP BA 185 90.21 -89.09 -78.82
CA ASP BA 185 89.62 -89.82 -77.70
C ASP BA 185 88.59 -90.84 -78.14
N ARG BA 186 87.97 -90.64 -79.32
CA ARG BA 186 86.93 -91.56 -79.77
C ARG BA 186 87.47 -92.96 -79.97
N HIS BA 187 88.79 -93.13 -80.09
CA HIS BA 187 89.42 -94.42 -80.30
C HIS BA 187 89.73 -95.04 -78.93
N ARG BA 188 88.98 -96.06 -78.56
CA ARG BA 188 89.12 -96.69 -77.25
C ARG BA 188 88.84 -98.18 -77.39
N GLY BA 189 88.72 -98.87 -76.26
CA GLY BA 189 88.53 -100.30 -76.23
C GLY BA 189 87.09 -100.72 -76.03
N ILE BA 190 86.91 -102.00 -75.70
CA ILE BA 190 85.57 -102.56 -75.55
C ILE BA 190 84.89 -102.01 -74.31
N SER BA 191 85.63 -101.89 -73.20
CA SER BA 191 85.00 -101.53 -71.93
C SER BA 191 84.35 -100.15 -71.99
N SER BA 192 84.83 -99.27 -72.87
CA SER BA 192 84.38 -97.88 -72.93
C SER BA 192 83.99 -97.53 -74.36
N PRO BA 193 82.82 -97.99 -74.81
CA PRO BA 193 82.36 -97.59 -76.15
C PRO BA 193 82.03 -96.11 -76.21
N TYR BA 194 82.23 -95.53 -77.39
CA TYR BA 194 81.94 -94.12 -77.60
C TYR BA 194 81.77 -93.87 -79.09
N GLU BA 195 80.71 -93.16 -79.46
CA GLU BA 195 80.43 -92.79 -80.85
C GLU BA 195 80.33 -94.03 -81.73
N ARG BA 196 79.32 -94.84 -81.43
CA ARG BA 196 78.98 -96.02 -82.23
C ARG BA 196 80.13 -97.03 -82.21
N SER BA 197 80.48 -97.46 -81.00
CA SER BA 197 81.54 -98.45 -80.80
C SER BA 197 81.03 -99.78 -80.26
N CYS BA 198 79.76 -99.85 -79.85
CA CYS BA 198 79.21 -101.09 -79.31
C CYS BA 198 77.72 -101.14 -79.65
N TYR BA 199 77.33 -102.14 -80.44
CA TYR BA 199 75.94 -102.34 -80.84
C TYR BA 199 75.44 -103.66 -80.30
N LEU BA 200 74.17 -103.69 -79.89
CA LEU BA 200 73.56 -104.87 -79.30
C LEU BA 200 72.15 -105.02 -79.86
N ARG BA 201 71.77 -106.27 -80.14
CA ARG BA 201 70.45 -106.55 -80.72
C ARG BA 201 69.42 -106.57 -79.61
N ASP BA 202 68.56 -105.56 -79.58
CA ASP BA 202 67.45 -105.54 -78.65
C ASP BA 202 66.51 -106.71 -78.96
N PRO BA 203 65.94 -107.37 -77.94
CA PRO BA 203 64.96 -108.43 -78.18
C PRO BA 203 63.93 -108.07 -79.25
N ALA BA 204 63.69 -106.77 -79.45
CA ALA BA 204 62.83 -106.29 -80.53
C ALA BA 204 63.60 -106.09 -81.83
N GLY BA 205 64.73 -106.79 -82.00
CA GLY BA 205 65.49 -106.68 -83.24
C GLY BA 205 65.98 -105.28 -83.52
N ARG BA 206 66.33 -104.52 -82.49
CA ARG BA 206 66.85 -103.17 -82.62
C ARG BA 206 68.29 -103.12 -82.16
N TRP BA 207 69.17 -102.62 -83.02
CA TRP BA 207 70.60 -102.51 -82.68
C TRP BA 207 70.80 -101.20 -81.92
N LEU BA 208 70.66 -101.28 -80.60
CA LEU BA 208 70.83 -100.12 -79.74
C LEU BA 208 72.29 -99.95 -79.37
N GLY BA 209 72.83 -98.74 -79.63
CA GLY BA 209 74.21 -98.46 -79.30
C GLY BA 209 74.36 -98.04 -77.84
N PHE BA 210 75.45 -98.48 -77.23
CA PHE BA 210 75.79 -98.14 -75.85
C PHE BA 210 77.05 -97.29 -75.83
N THR BA 211 76.98 -96.15 -75.15
CA THR BA 211 78.11 -95.25 -75.00
C THR BA 211 78.29 -94.93 -73.52
N VAL BA 212 79.51 -95.11 -73.02
CA VAL BA 212 79.77 -94.83 -71.61
C VAL BA 212 79.66 -93.33 -71.35
N ASP BA 213 79.98 -92.50 -72.34
CA ASP BA 213 79.94 -91.05 -72.20
C ASP BA 213 79.09 -90.46 -73.32
N GLY BA 214 78.44 -89.34 -73.01
CA GLY BA 214 77.57 -88.71 -73.98
C GLY BA 214 78.34 -88.02 -75.09
N GLY BA 215 77.61 -87.69 -76.16
CA GLY BA 215 78.19 -87.02 -77.30
C GLY BA 215 77.15 -86.31 -78.14
N ALA BA 216 77.42 -85.05 -78.49
CA ALA BA 216 76.47 -84.29 -79.30
C ALA BA 216 76.29 -84.93 -80.67
N ALA BA 217 77.39 -85.40 -81.28
CA ALA BA 217 77.29 -86.00 -82.61
C ALA BA 217 76.39 -87.23 -82.59
N ASN BA 218 76.50 -88.05 -81.56
CA ASN BA 218 75.70 -89.26 -81.47
C ASN BA 218 74.23 -88.92 -81.26
N GLU BA 219 73.37 -89.86 -81.62
CA GLU BA 219 71.93 -89.65 -81.51
C GLU BA 219 71.52 -89.55 -80.04
N SER BA 220 70.48 -88.76 -79.78
CA SER BA 220 70.01 -88.55 -78.42
C SER BA 220 69.48 -89.83 -77.79
N ASP BA 221 69.03 -90.79 -78.60
CA ASP BA 221 68.43 -92.00 -78.05
C ASP BA 221 69.42 -92.78 -77.19
N TYR BA 222 70.66 -92.91 -77.65
CA TYR BA 222 71.64 -93.74 -76.98
C TYR BA 222 72.22 -93.11 -75.72
N ASN BA 223 72.00 -91.82 -75.50
CA ASN BA 223 72.55 -91.17 -74.30
C ASN BA 223 71.93 -91.74 -73.04
N ASN BA 224 70.69 -92.22 -73.11
CA ASN BA 224 70.01 -92.76 -71.93
C ASN BA 224 70.38 -94.21 -71.64
N ARG BA 225 71.03 -94.90 -72.57
CA ARG BA 225 71.49 -96.27 -72.38
C ARG BA 225 73.01 -96.28 -72.41
N THR BA 226 73.62 -96.77 -71.32
CA THR BA 226 75.07 -96.74 -71.19
C THR BA 226 75.53 -97.97 -70.43
N LEU BA 227 76.85 -98.11 -70.34
CA LEU BA 227 77.48 -99.17 -69.56
C LEU BA 227 77.72 -98.64 -68.15
N LEU BA 228 76.93 -99.11 -67.20
CA LEU BA 228 76.96 -98.56 -65.84
C LEU BA 228 78.33 -98.65 -65.20
N PRO BA 229 79.02 -99.80 -65.19
CA PRO BA 229 80.24 -99.91 -64.38
C PRO BA 229 81.26 -98.82 -64.66
N LEU BA 230 81.44 -98.42 -65.91
CA LEU BA 230 82.27 -97.27 -66.24
C LEU BA 230 81.48 -95.98 -66.38
N GLY BA 231 80.15 -96.04 -66.33
CA GLY BA 231 79.31 -94.87 -66.44
C GLY BA 231 78.75 -94.42 -65.11
N CYS BA 232 79.55 -94.55 -64.05
CA CYS BA 232 79.10 -94.16 -62.73
C CYS BA 232 78.86 -92.66 -62.60
N GLY BA 233 79.36 -91.87 -63.55
CA GLY BA 233 79.22 -90.43 -63.46
C GLY BA 233 77.78 -89.94 -63.52
N ARG BA 234 76.86 -90.79 -63.98
CA ARG BA 234 75.47 -90.37 -64.09
C ARG BA 234 74.89 -90.01 -62.73
N TYR BA 235 75.22 -90.80 -61.69
CA TYR BA 235 74.71 -90.57 -60.35
C TYR BA 235 75.69 -89.82 -59.46
N ALA BA 236 76.99 -90.08 -59.59
CA ALA BA 236 77.97 -89.41 -58.74
C ALA BA 236 77.98 -87.91 -59.04
N GLY BA 237 78.11 -87.12 -57.98
CA GLY BA 237 78.12 -85.68 -58.10
C GLY BA 237 79.51 -85.08 -58.18
N SER BA 238 80.51 -85.93 -58.41
CA SER BA 238 81.89 -85.49 -58.51
C SER BA 238 82.57 -86.21 -59.66
N SER BA 239 83.56 -85.54 -60.25
CA SER BA 239 84.31 -86.15 -61.36
C SER BA 239 85.07 -87.38 -60.89
N ASP BA 240 85.70 -87.30 -59.72
CA ASP BA 240 86.46 -88.41 -59.18
C ASP BA 240 85.54 -89.32 -58.39
N THR BA 241 85.58 -90.62 -58.71
CA THR BA 241 84.74 -91.62 -58.06
C THR BA 241 85.60 -92.82 -57.69
N VAL BA 242 84.96 -93.81 -57.05
CA VAL BA 242 85.69 -94.99 -56.59
C VAL BA 242 86.24 -95.77 -57.77
N VAL BA 243 85.50 -95.83 -58.87
CA VAL BA 243 85.90 -96.66 -60.00
C VAL BA 243 87.24 -96.20 -60.55
N LYS BA 244 87.42 -94.89 -60.71
CA LYS BA 244 88.67 -94.38 -61.25
C LYS BA 244 89.85 -94.63 -60.31
N GLN BA 245 89.58 -94.72 -59.01
CA GLN BA 245 90.62 -94.92 -58.01
C GLN BA 245 90.69 -96.35 -57.52
N LEU BA 246 90.08 -97.30 -58.23
CA LEU BA 246 90.14 -98.69 -57.82
C LEU BA 246 91.58 -99.20 -57.85
N ARG BA 247 91.91 -100.07 -56.90
CA ARG BA 247 93.24 -100.62 -56.79
C ARG BA 247 93.13 -102.04 -56.22
N ASP BA 248 94.18 -102.82 -56.45
CA ASP BA 248 94.20 -104.20 -55.97
C ASP BA 248 94.07 -104.25 -54.45
N SER BA 249 93.85 -105.46 -53.93
CA SER BA 249 93.69 -105.69 -52.50
C SER BA 249 94.71 -106.75 -52.08
N PHE BA 250 95.81 -106.29 -51.48
CA PHE BA 250 96.85 -107.19 -50.97
C PHE BA 250 97.35 -108.13 -52.06
N GLY BA 251 97.55 -107.59 -53.26
CA GLY BA 251 98.06 -108.35 -54.37
C GLY BA 251 97.02 -109.07 -55.19
N LYS BA 252 95.76 -109.02 -54.79
CA LYS BA 252 94.67 -109.69 -55.51
C LYS BA 252 93.94 -108.67 -56.38
N PHE BA 253 93.81 -108.98 -57.67
CA PHE BA 253 93.17 -108.07 -58.60
C PHE BA 253 91.68 -108.40 -58.68
N PRO BA 254 90.78 -107.54 -58.19
CA PRO BA 254 89.35 -107.85 -58.31
C PRO BA 254 88.87 -107.69 -59.74
N LEU BA 255 88.12 -108.68 -60.21
CA LEU BA 255 87.54 -108.66 -61.55
C LEU BA 255 86.08 -108.26 -61.44
N LYS BA 256 85.73 -107.16 -62.08
CA LYS BA 256 84.39 -106.57 -62.00
C LYS BA 256 83.68 -106.76 -63.33
N ALA BA 257 82.47 -107.31 -63.28
CA ALA BA 257 81.70 -107.61 -64.48
C ALA BA 257 81.21 -106.33 -65.16
N LEU BA 258 81.13 -106.37 -66.47
CA LEU BA 258 80.63 -105.27 -67.28
C LEU BA 258 79.17 -105.54 -67.65
N GLN BA 259 78.30 -104.57 -67.38
CA GLN BA 259 76.87 -104.75 -67.44
C GLN BA 259 76.27 -104.02 -68.64
N PHE BA 260 75.12 -104.51 -69.10
CA PHE BA 260 74.31 -103.82 -70.10
C PHE BA 260 73.00 -103.39 -69.46
N VAL BA 261 72.70 -102.09 -69.55
CA VAL BA 261 71.51 -101.51 -68.93
C VAL BA 261 71.04 -100.34 -69.76
N THR BA 262 69.71 -100.17 -69.81
CA THR BA 262 69.07 -99.07 -70.51
C THR BA 262 68.01 -98.48 -69.60
N ARG BA 263 67.93 -97.15 -69.57
CA ARG BA 263 66.98 -96.43 -68.71
C ARG BA 263 66.40 -95.27 -69.51
N GLU BA 264 65.28 -95.52 -70.17
CA GLU BA 264 64.57 -94.52 -70.96
C GLU BA 264 63.27 -94.17 -70.25
N THR BA 265 62.50 -93.27 -70.89
CA THR BA 265 61.22 -92.87 -70.31
C THR BA 265 60.24 -94.04 -70.26
N GLU BA 266 60.24 -94.88 -71.29
CA GLU BA 266 59.24 -95.94 -71.39
C GLU BA 266 59.40 -96.97 -70.29
N GLY BA 267 60.63 -97.43 -70.06
CA GLY BA 267 60.84 -98.47 -69.07
C GLY BA 267 62.31 -98.78 -68.88
N ARG BA 268 62.58 -99.71 -67.97
CA ARG BA 268 63.92 -100.11 -67.59
C ARG BA 268 64.07 -101.62 -67.75
N ARG BA 269 65.26 -102.05 -68.15
CA ARG BA 269 65.53 -103.48 -68.27
C ARG BA 269 67.03 -103.73 -68.20
N TYR BA 270 67.39 -104.87 -67.64
CA TYR BA 270 68.78 -105.33 -67.56
C TYR BA 270 68.97 -106.44 -68.58
N LEU BA 271 69.99 -106.30 -69.43
CA LEU BA 271 70.13 -107.14 -70.62
C LEU BA 271 71.11 -108.29 -70.43
N GLY BA 272 72.31 -108.05 -69.92
CA GLY BA 272 73.25 -109.14 -69.73
C GLY BA 272 74.65 -108.61 -69.45
N ASP BA 273 75.60 -109.55 -69.45
CA ASP BA 273 76.98 -109.26 -69.08
C ASP BA 273 77.94 -109.84 -70.11
N PHE BA 274 79.08 -109.17 -70.27
CA PHE BA 274 80.14 -109.69 -71.12
C PHE BA 274 80.56 -111.07 -70.64
N ASP BA 275 80.81 -111.96 -71.61
CA ASP BA 275 81.28 -113.32 -71.32
C ASP BA 275 82.79 -113.33 -71.49
N GLY BA 276 83.50 -113.14 -70.38
CA GLY BA 276 84.94 -113.20 -70.38
C GLY BA 276 85.66 -111.86 -70.38
N ALA BA 277 84.95 -110.75 -70.24
CA ALA BA 277 85.56 -109.42 -70.18
C ALA BA 277 85.29 -108.81 -68.82
N PHE BA 278 86.33 -108.29 -68.19
CA PHE BA 278 86.23 -107.71 -66.86
C PHE BA 278 87.12 -106.48 -66.77
N TYR BA 279 86.79 -105.59 -65.84
CA TYR BA 279 87.55 -104.37 -65.59
C TYR BA 279 88.51 -104.59 -64.44
N VAL BA 280 89.70 -104.00 -64.55
CA VAL BA 280 90.73 -104.16 -63.53
C VAL BA 280 91.52 -102.87 -63.41
N PRO BA 281 92.22 -102.63 -62.29
CA PRO BA 281 92.96 -101.37 -62.14
C PRO BA 281 94.22 -101.33 -62.99
N THR BA 282 95.00 -100.26 -62.83
CA THR BA 282 96.22 -100.04 -63.61
C THR BA 282 97.48 -99.99 -62.77
N LEU BA 283 97.43 -99.38 -61.59
CA LEU BA 283 98.63 -99.20 -60.78
C LEU BA 283 99.29 -100.54 -60.49
N ASN BA 284 100.61 -100.57 -60.62
CA ASN BA 284 101.43 -101.76 -60.37
C ASN BA 284 101.08 -102.90 -61.31
N SER BA 285 100.47 -102.60 -62.46
CA SER BA 285 100.09 -103.61 -63.42
C SER BA 285 100.02 -102.97 -64.80
N GLY BA 286 99.63 -103.76 -65.79
CA GLY BA 286 99.54 -103.27 -67.15
C GLY BA 286 99.18 -104.40 -68.10
N ALA BA 287 99.30 -104.09 -69.39
CA ALA BA 287 98.95 -105.06 -70.42
C ALA BA 287 99.90 -106.25 -70.39
N GLU BA 288 99.45 -107.35 -71.00
CA GLU BA 288 100.23 -108.58 -71.11
C GLU BA 288 100.27 -109.32 -69.78
N ASP BA 289 99.75 -108.72 -68.72
CA ASP BA 289 99.76 -109.34 -67.41
C ASP BA 289 98.73 -110.47 -67.35
N VAL BA 290 99.09 -111.56 -66.68
CA VAL BA 290 98.22 -112.71 -66.51
C VAL BA 290 98.00 -112.92 -65.02
N ILE BA 291 96.73 -112.99 -64.62
CA ILE BA 291 96.34 -113.20 -63.23
C ILE BA 291 95.46 -114.44 -63.15
N VAL BA 292 95.71 -115.27 -62.15
CA VAL BA 292 95.00 -116.54 -61.97
C VAL BA 292 94.03 -116.38 -60.81
N GLU BA 293 92.75 -116.66 -61.06
CA GLU BA 293 91.71 -116.62 -60.05
C GLU BA 293 90.89 -117.90 -60.14
N ASP BA 294 90.95 -118.72 -59.09
CA ASP BA 294 90.22 -119.98 -59.05
C ASP BA 294 90.58 -120.90 -60.21
N GLY BA 295 91.84 -120.86 -60.64
CA GLY BA 295 92.33 -121.77 -61.65
C GLY BA 295 92.10 -121.34 -63.09
N VAL BA 296 91.49 -120.19 -63.33
CA VAL BA 296 91.27 -119.67 -64.68
C VAL BA 296 92.08 -118.38 -64.82
N ASP BA 297 92.84 -118.29 -65.90
CA ASP BA 297 93.73 -117.16 -66.14
C ASP BA 297 93.00 -116.06 -66.90
N HIS BA 298 93.46 -114.82 -66.70
CA HIS BA 298 92.90 -113.66 -67.36
C HIS BA 298 94.02 -112.76 -67.83
N VAL BA 299 93.92 -112.27 -69.06
CA VAL BA 299 94.92 -111.40 -69.64
C VAL BA 299 94.49 -109.95 -69.42
N VAL BA 300 95.45 -109.04 -69.50
CA VAL BA 300 95.22 -107.62 -69.24
C VAL BA 300 95.51 -106.85 -70.52
N PHE BA 301 94.65 -105.88 -70.81
CA PHE BA 301 94.82 -105.03 -71.98
C PHE BA 301 94.31 -103.62 -71.66
N GLN BA 302 94.75 -102.66 -72.45
CA GLN BA 302 94.45 -101.25 -72.24
C GLN BA 302 94.02 -100.62 -73.55
N THR BA 303 93.22 -99.56 -73.45
CA THR BA 303 92.73 -98.86 -74.62
C THR BA 303 93.84 -98.05 -75.27
N ALA BA 304 93.70 -97.83 -76.58
CA ALA BA 304 94.73 -97.12 -77.33
C ALA BA 304 94.88 -95.67 -76.86
N TRP BA 305 93.76 -94.99 -76.63
CA TRP BA 305 93.80 -93.57 -76.29
C TRP BA 305 94.72 -93.33 -75.10
N ARG BA 306 94.38 -93.89 -73.95
CA ARG BA 306 95.18 -93.74 -72.74
C ARG BA 306 95.16 -95.04 -71.95
N SER BA 307 96.15 -95.20 -71.09
CA SER BA 307 96.27 -96.38 -70.23
C SER BA 307 95.84 -96.07 -68.80
N GLY BA 308 94.81 -95.24 -68.63
CA GLY BA 308 94.37 -94.85 -67.31
C GLY BA 308 93.56 -95.92 -66.61
N ASN BA 309 93.26 -95.66 -65.34
CA ASN BA 309 92.49 -96.61 -64.55
C ASN BA 309 91.15 -96.95 -65.18
N PRO BA 310 90.34 -95.99 -65.62
CA PRO BA 310 89.03 -96.33 -66.19
C PRO BA 310 89.08 -96.84 -67.62
N TRP BA 311 90.27 -96.97 -68.20
CA TRP BA 311 90.44 -97.43 -69.57
C TRP BA 311 91.34 -98.65 -69.62
N LEU BA 312 91.12 -99.59 -68.70
CA LEU BA 312 91.90 -100.82 -68.64
C LEU BA 312 90.98 -101.98 -68.31
N TYR BA 313 91.07 -103.05 -69.09
CA TYR BA 313 90.18 -104.19 -68.94
C TYR BA 313 90.98 -105.48 -69.07
N ALA BA 314 90.42 -106.55 -68.50
CA ALA BA 314 90.99 -107.89 -68.60
C ALA BA 314 90.01 -108.81 -69.31
N ILE BA 315 90.56 -109.76 -70.07
CA ILE BA 315 89.78 -110.70 -70.86
C ILE BA 315 90.14 -112.12 -70.43
N ARG BA 316 89.12 -112.94 -70.19
CA ARG BA 316 89.34 -114.33 -69.82
C ARG BA 316 89.93 -115.10 -71.00
N LYS BA 317 90.93 -115.93 -70.70
CA LYS BA 317 91.58 -116.75 -71.72
C LYS BA 317 91.23 -118.23 -71.62
N ASP BA 318 90.62 -118.67 -70.53
CA ASP BA 318 90.25 -120.07 -70.35
C ASP BA 318 91.48 -120.97 -70.36
N ALA CA 2 66.14 -120.98 -38.99
CA ALA CA 2 66.50 -120.28 -40.22
C ALA CA 2 65.64 -119.04 -40.41
N TYR CA 3 64.33 -119.24 -40.50
CA TYR CA 3 63.37 -118.15 -40.69
C TYR CA 3 62.36 -118.20 -39.57
N PHE CA 4 62.20 -117.09 -38.87
CA PHE CA 4 61.30 -117.01 -37.72
C PHE CA 4 60.46 -115.75 -37.81
N THR CA 5 59.27 -115.80 -37.21
CA THR CA 5 58.34 -114.68 -37.20
C THR CA 5 57.59 -114.67 -35.88
N GLY CA 6 57.03 -113.51 -35.54
CA GLY CA 6 56.28 -113.38 -34.32
C GLY CA 6 55.87 -111.95 -34.08
N THR CA 7 55.53 -111.65 -32.82
CA THR CA 7 55.12 -110.32 -32.42
C THR CA 7 55.82 -109.93 -31.13
N ALA CA 8 55.92 -108.63 -30.90
CA ALA CA 8 56.59 -108.09 -29.72
C ALA CA 8 56.00 -106.73 -29.37
N ASN CA 9 55.56 -106.59 -28.12
CA ASN CA 9 55.01 -105.31 -27.67
C ASN CA 9 56.10 -104.29 -27.41
N ASN CA 10 57.23 -104.73 -26.88
CA ASN CA 10 58.33 -103.86 -26.50
C ASN CA 10 59.64 -104.40 -27.06
N PRO CA 11 60.66 -103.57 -27.19
CA PRO CA 11 61.95 -104.08 -27.68
C PRO CA 11 62.53 -105.19 -26.83
N ALA CA 12 62.21 -105.21 -25.53
CA ALA CA 12 62.73 -106.26 -24.66
C ALA CA 12 62.23 -107.64 -25.08
N ASP CA 13 60.99 -107.73 -25.57
CA ASP CA 13 60.49 -109.02 -26.04
C ASP CA 13 61.29 -109.51 -27.24
N LEU CA 14 61.58 -108.61 -28.19
CA LEU CA 14 62.43 -108.98 -29.32
C LEU CA 14 63.80 -109.42 -28.83
N LEU CA 15 64.37 -108.68 -27.87
CA LEU CA 15 65.66 -109.03 -27.31
C LEU CA 15 65.64 -110.45 -26.73
N ALA CA 16 64.61 -110.76 -25.94
CA ALA CA 16 64.52 -112.06 -25.30
C ALA CA 16 64.36 -113.17 -26.34
N LYS CA 17 63.47 -112.97 -27.32
CA LYS CA 17 63.23 -114.05 -28.27
C LYS CA 17 64.44 -114.27 -29.17
N VAL CA 18 65.14 -113.20 -29.55
CA VAL CA 18 66.31 -113.39 -30.42
C VAL CA 18 67.46 -114.01 -29.64
N ARG CA 19 67.62 -113.68 -28.35
CA ARG CA 19 68.64 -114.41 -27.58
C ARG CA 19 68.26 -115.88 -27.44
N VAL CA 20 66.98 -116.18 -27.25
CA VAL CA 20 66.55 -117.57 -27.18
C VAL CA 20 66.90 -118.29 -28.47
N HIS CA 21 66.60 -117.67 -29.61
CA HIS CA 21 66.90 -118.28 -30.90
C HIS CA 21 68.40 -118.47 -31.07
N ALA CA 22 69.20 -117.47 -30.72
CA ALA CA 22 70.65 -117.57 -30.88
C ALA CA 22 71.21 -118.69 -30.01
N GLU CA 23 70.76 -118.79 -28.77
CA GLU CA 23 71.22 -119.87 -27.91
C GLU CA 23 70.79 -121.23 -28.44
N SER CA 24 69.56 -121.33 -28.96
CA SER CA 24 69.12 -122.58 -29.56
C SER CA 24 69.98 -122.95 -30.76
N LEU CA 25 70.41 -121.97 -31.54
CA LEU CA 25 71.27 -122.23 -32.69
C LEU CA 25 72.70 -122.58 -32.30
N GLY CA 26 73.12 -122.24 -31.08
CA GLY CA 26 74.47 -122.51 -30.63
C GLY CA 26 75.34 -121.27 -30.46
N TRP CA 27 74.78 -120.08 -30.61
CA TRP CA 27 75.56 -118.86 -30.41
C TRP CA 27 76.07 -118.80 -28.97
N VAL CA 28 77.32 -118.35 -28.83
CA VAL CA 28 77.96 -118.26 -27.52
C VAL CA 28 77.75 -116.85 -26.99
N THR CA 29 77.10 -116.73 -25.84
CA THR CA 29 76.84 -115.46 -25.17
C THR CA 29 77.69 -115.41 -23.91
N ASP CA 30 78.76 -114.60 -23.94
CA ASP CA 30 79.63 -114.51 -22.78
C ASP CA 30 78.89 -113.97 -21.57
N ARG CA 31 78.06 -112.94 -21.77
CA ARG CA 31 77.21 -112.40 -20.73
C ARG CA 31 75.83 -112.15 -21.29
N ALA CA 32 74.80 -112.47 -20.50
CA ALA CA 32 73.41 -112.28 -20.88
C ALA CA 32 72.67 -111.55 -19.77
N SER CA 33 71.81 -110.62 -20.15
CA SER CA 33 71.01 -109.86 -19.19
C SER CA 33 69.73 -109.41 -19.89
N ALA CA 34 68.82 -108.84 -19.10
CA ALA CA 34 67.54 -108.42 -19.64
C ALA CA 34 67.68 -107.29 -20.65
N SER CA 35 68.75 -106.51 -20.58
CA SER CA 35 68.92 -105.37 -21.48
C SER CA 35 70.31 -105.21 -22.06
N GLU CA 36 71.34 -105.90 -21.54
CA GLU CA 36 72.70 -105.75 -22.01
C GLU CA 36 73.30 -107.10 -22.34
N TRP CA 37 73.98 -107.19 -23.48
CA TRP CA 37 74.60 -108.42 -23.93
C TRP CA 37 76.08 -108.20 -24.22
N LEU CA 38 76.85 -109.27 -24.06
CA LEU CA 38 78.23 -109.33 -24.53
C LEU CA 38 78.41 -110.73 -25.11
N CYS CA 39 78.13 -110.88 -26.40
CA CYS CA 39 78.16 -112.17 -27.08
C CYS CA 39 79.25 -112.19 -28.13
N HIS CA 40 79.56 -113.40 -28.60
CA HIS CA 40 80.62 -113.58 -29.58
C HIS CA 40 80.41 -114.91 -30.29
N ASN CA 41 81.10 -115.08 -31.41
CA ASN CA 41 81.10 -116.33 -32.17
C ASN CA 41 82.52 -116.56 -32.67
N ALA CA 42 82.67 -117.52 -33.59
CA ALA CA 42 83.98 -117.83 -34.15
C ALA CA 42 84.52 -116.71 -35.01
N ASP CA 43 83.69 -115.72 -35.39
CA ASP CA 43 84.11 -114.65 -36.27
C ASP CA 43 84.52 -113.39 -35.52
N GLY CA 44 83.69 -112.93 -34.59
CA GLY CA 44 84.00 -111.70 -33.87
C GLY CA 44 83.17 -111.57 -32.61
N TYR CA 45 83.30 -110.42 -31.97
CA TYR CA 45 82.62 -110.12 -30.72
C TYR CA 45 81.73 -108.90 -30.91
N TRP CA 46 80.53 -108.96 -30.33
CA TRP CA 46 79.58 -107.87 -30.42
C TRP CA 46 78.96 -107.61 -29.05
N SER CA 47 78.52 -106.37 -28.84
CA SER CA 47 77.83 -105.97 -27.62
C SER CA 47 76.63 -105.12 -28.00
N PHE CA 48 75.49 -105.40 -27.35
CA PHE CA 48 74.24 -104.70 -27.62
C PHE CA 48 73.59 -104.27 -26.32
N ASN CA 49 72.92 -103.12 -26.37
CA ASN CA 49 72.14 -102.60 -25.26
C ASN CA 49 70.79 -102.13 -25.77
N ALA CA 50 69.74 -102.40 -25.00
CA ALA CA 50 68.38 -102.03 -25.37
C ALA CA 50 67.94 -100.82 -24.58
N GLY CA 51 67.58 -99.75 -25.27
CA GLY CA 51 67.06 -98.55 -24.65
C GLY CA 51 65.54 -98.56 -24.57
N ALA CA 52 65.00 -97.41 -24.16
CA ALA CA 52 63.55 -97.28 -24.05
C ALA CA 52 62.88 -97.43 -25.41
N ASN CA 53 63.44 -96.79 -26.44
CA ASN CA 53 62.86 -96.83 -27.78
C ASN CA 53 63.94 -96.95 -28.85
N GLN CA 54 65.04 -97.61 -28.55
CA GLN CA 54 66.13 -97.77 -29.52
C GLN CA 54 67.09 -98.82 -29.00
N PHE CA 55 67.95 -99.29 -29.90
CA PHE CA 55 69.00 -100.24 -29.57
C PHE CA 55 70.36 -99.59 -29.77
N GLN CA 56 71.30 -99.87 -28.86
CA GLN CA 56 72.67 -99.38 -28.95
C GLN CA 56 73.58 -100.58 -29.20
N MET CA 57 74.36 -100.51 -30.28
CA MET CA 57 75.23 -101.59 -30.70
C MET CA 57 76.65 -101.09 -30.81
N ALA CA 58 77.61 -101.98 -30.53
CA ALA CA 58 79.02 -101.64 -30.63
C ALA CA 58 79.82 -102.91 -30.85
N GLY CA 59 80.87 -102.81 -31.66
CA GLY CA 59 81.75 -103.92 -31.90
C GLY CA 59 82.70 -104.16 -30.74
N ASN CA 60 83.40 -105.28 -30.79
CA ASN CA 60 84.30 -105.65 -29.71
C ASN CA 60 85.38 -106.57 -30.25
N THR CA 61 86.51 -106.61 -29.53
CA THR CA 61 87.62 -107.49 -29.82
C THR CA 61 88.04 -108.37 -28.65
N GLY CA 62 87.68 -108.00 -27.42
CA GLY CA 62 88.00 -108.77 -26.25
C GLY CA 62 86.89 -108.63 -25.23
N PHE CA 63 87.02 -109.38 -24.13
CA PHE CA 63 85.99 -109.42 -23.09
C PHE CA 63 86.56 -108.99 -21.76
N ASP CA 64 85.76 -108.26 -21.00
CA ASP CA 64 86.10 -107.91 -19.62
C ASP CA 64 84.80 -107.61 -18.90
N ASN CA 65 84.37 -108.53 -18.02
CA ASN CA 65 83.07 -108.39 -17.37
C ASN CA 65 82.99 -107.15 -16.48
N SER CA 66 84.13 -106.63 -16.03
CA SER CA 66 84.14 -105.48 -15.14
C SER CA 66 83.93 -104.16 -15.87
N LEU CA 67 83.89 -104.15 -17.20
CA LEU CA 67 83.73 -102.94 -17.97
C LEU CA 67 82.29 -102.81 -18.46
N ALA CA 68 81.90 -101.56 -18.73
CA ALA CA 68 80.53 -101.27 -19.15
C ALA CA 68 80.28 -101.86 -20.54
N TRP CA 69 79.03 -101.74 -20.99
CA TRP CA 69 78.66 -102.26 -22.30
C TRP CA 69 79.41 -101.57 -23.43
N ASN CA 70 79.80 -100.31 -23.23
CA ASN CA 70 80.50 -99.52 -24.24
C ASN CA 70 81.95 -99.26 -23.87
N ALA CA 71 82.57 -100.15 -23.07
CA ALA CA 71 83.96 -99.98 -22.67
C ALA CA 71 84.75 -101.27 -22.80
N GLN CA 72 84.32 -102.18 -23.67
CA GLN CA 72 85.04 -103.43 -23.87
C GLN CA 72 86.35 -103.16 -24.60
N PRO CA 73 87.33 -104.06 -24.48
CA PRO CA 73 88.61 -103.87 -25.17
C PRO CA 73 88.40 -103.75 -26.68
N GLY CA 74 89.16 -102.86 -27.29
CA GLY CA 74 89.04 -102.63 -28.72
C GLY CA 74 87.66 -102.19 -29.13
N ASN CA 75 87.00 -101.36 -28.31
CA ASN CA 75 85.67 -100.89 -28.62
C ASN CA 75 85.70 -99.90 -29.78
N SER CA 76 84.58 -99.84 -30.52
CA SER CA 76 84.48 -98.94 -31.66
C SER CA 76 84.29 -97.49 -31.26
N VAL CA 77 83.86 -97.22 -30.02
CA VAL CA 77 83.61 -95.84 -29.61
C VAL CA 77 84.92 -95.05 -29.61
N GLN CA 78 86.00 -95.63 -29.11
CA GLN CA 78 87.28 -94.94 -29.00
C GLN CA 78 88.22 -95.23 -30.16
N ASN CA 79 87.97 -96.28 -30.93
CA ASN CA 79 88.85 -96.70 -32.02
C ASN CA 79 88.29 -96.32 -33.39
N ASN CA 80 87.67 -95.15 -33.50
CA ASN CA 80 87.10 -94.69 -34.77
C ASN CA 80 87.62 -93.30 -35.09
N PRO CA 81 87.65 -92.94 -36.37
CA PRO CA 81 88.13 -91.60 -36.74
C PRO CA 81 87.25 -90.47 -36.19
N TYR CA 82 86.00 -90.76 -35.86
CA TYR CA 82 85.09 -89.71 -35.41
C TYR CA 82 85.62 -89.05 -34.14
N SER CA 83 85.48 -87.73 -34.07
CA SER CA 83 85.81 -87.01 -32.84
C SER CA 83 84.71 -87.18 -31.79
N SER CA 84 83.47 -87.41 -32.22
CA SER CA 84 82.38 -87.59 -31.27
C SER CA 84 82.58 -88.85 -30.42
N LYS CA 85 83.08 -89.92 -31.04
CA LYS CA 85 83.29 -91.19 -30.34
C LYS CA 85 81.97 -91.78 -29.85
N GLY CA 86 81.07 -92.01 -30.80
CA GLY CA 86 79.77 -92.57 -30.51
C GLY CA 86 79.58 -93.94 -31.11
N PRO CA 87 78.81 -94.81 -30.45
CA PRO CA 87 78.59 -96.16 -31.00
C PRO CA 87 77.44 -96.21 -31.99
N THR CA 88 77.22 -97.39 -32.57
CA THR CA 88 76.11 -97.57 -33.50
C THR CA 88 74.78 -97.44 -32.77
N VAL CA 89 73.79 -96.89 -33.46
CA VAL CA 89 72.47 -96.65 -32.89
C VAL CA 89 71.41 -97.03 -33.91
N ALA CA 90 70.34 -97.68 -33.44
CA ALA CA 90 69.18 -98.03 -34.26
C ALA CA 90 67.95 -97.47 -33.56
N GLN CA 91 67.34 -96.45 -34.15
CA GLN CA 91 66.23 -95.73 -33.51
C GLN CA 91 64.92 -96.43 -33.85
N LEU CA 92 64.36 -97.12 -32.87
CA LEU CA 92 63.07 -97.79 -32.99
C LEU CA 92 62.00 -96.97 -32.29
N SER CA 93 60.79 -97.54 -32.20
CA SER CA 93 59.70 -96.93 -31.45
C SER CA 93 59.58 -97.57 -30.08
N GLY CA 94 58.80 -96.93 -29.22
CA GLY CA 94 58.56 -97.44 -27.88
C GLY CA 94 57.15 -97.99 -27.72
N GLY CA 95 56.62 -98.61 -28.77
CA GLY CA 95 55.28 -99.14 -28.77
C GLY CA 95 55.22 -100.54 -29.33
N PRO CA 96 54.01 -101.08 -29.47
CA PRO CA 96 53.86 -102.45 -29.98
C PRO CA 96 54.31 -102.54 -31.43
N PHE CA 97 55.27 -103.44 -31.68
CA PHE CA 97 55.76 -103.69 -33.03
C PHE CA 97 54.85 -104.70 -33.71
N THR CA 98 54.34 -104.36 -34.89
CA THR CA 98 53.37 -105.20 -35.58
C THR CA 98 53.91 -106.60 -35.81
N ARG CA 99 55.11 -106.71 -36.35
CA ARG CA 99 55.71 -108.01 -36.63
C ARG CA 99 57.19 -107.82 -36.93
N TYR CA 100 57.91 -108.94 -36.92
CA TYR CA 100 59.33 -108.95 -37.22
C TYR CA 100 59.65 -110.23 -37.99
N HIS CA 101 60.79 -110.23 -38.67
CA HIS CA 101 61.27 -111.39 -39.40
C HIS CA 101 62.76 -111.56 -39.11
N LEU CA 102 63.13 -112.73 -38.61
CA LEU CA 102 64.49 -113.00 -38.16
C LEU CA 102 65.14 -114.06 -39.04
N PHE CA 103 66.33 -113.77 -39.54
CA PHE CA 103 67.16 -114.74 -40.25
C PHE CA 103 68.40 -115.01 -39.40
N ALA CA 104 68.51 -116.24 -38.92
CA ALA CA 104 69.55 -116.63 -37.97
C ALA CA 104 70.47 -117.67 -38.62
N THR CA 105 71.78 -117.45 -38.50
CA THR CA 105 72.77 -118.39 -38.98
C THR CA 105 73.96 -118.37 -38.02
N ALA CA 106 74.86 -119.33 -38.22
CA ALA CA 106 76.04 -119.43 -37.36
C ALA CA 106 77.04 -118.31 -37.59
N ALA CA 107 76.92 -117.57 -38.70
CA ALA CA 107 77.88 -116.52 -39.04
C ALA CA 107 77.29 -115.12 -39.06
N TYR CA 108 75.97 -114.98 -39.16
CA TYR CA 108 75.36 -113.66 -39.24
C TYR CA 108 73.94 -113.73 -38.72
N LEU CA 109 73.39 -112.57 -38.37
CA LEU CA 109 72.02 -112.45 -37.89
C LEU CA 109 71.38 -111.23 -38.54
N HIS CA 110 70.24 -111.44 -39.19
CA HIS CA 110 69.49 -110.37 -39.84
C HIS CA 110 68.10 -110.27 -39.23
N LEU CA 111 67.69 -109.07 -38.88
CA LEU CA 111 66.38 -108.81 -38.30
C LEU CA 111 65.67 -107.70 -39.07
N HIS CA 112 64.37 -107.89 -39.29
CA HIS CA 112 63.54 -106.91 -39.98
C HIS CA 112 62.24 -106.77 -39.18
N VAL CA 113 62.08 -105.64 -38.50
CA VAL CA 113 60.98 -105.42 -37.57
C VAL CA 113 60.00 -104.44 -38.18
N GLU CA 114 58.72 -104.83 -38.24
CA GLU CA 114 57.64 -103.95 -38.66
C GLU CA 114 57.04 -103.31 -37.43
N ILE CA 115 57.57 -102.13 -37.06
CA ILE CA 115 57.10 -101.46 -35.85
C ILE CA 115 55.64 -101.06 -35.98
N ALA CA 116 55.22 -100.67 -37.18
CA ALA CA 116 53.84 -100.28 -37.41
C ALA CA 116 53.48 -100.56 -38.86
N ALA CA 117 52.20 -100.35 -39.20
CA ALA CA 117 51.73 -100.56 -40.56
C ALA CA 117 52.52 -99.68 -41.53
N GLY CA 118 53.32 -100.29 -42.38
CA GLY CA 118 54.14 -99.57 -43.32
C GLY CA 118 55.45 -99.06 -42.77
N GLN CA 119 55.72 -99.25 -41.47
CA GLN CA 119 56.95 -98.82 -40.84
C GLN CA 119 57.81 -100.05 -40.54
N PHE CA 120 59.07 -100.00 -40.96
CA PHE CA 120 59.98 -101.11 -40.77
C PHE CA 120 61.35 -100.59 -40.32
N ARG CA 121 62.03 -101.39 -39.50
CA ARG CA 121 63.35 -101.03 -38.97
C ARG CA 121 64.26 -102.25 -39.04
N PRO CA 122 65.08 -102.39 -40.07
CA PRO CA 122 65.97 -103.56 -40.16
C PRO CA 122 67.24 -103.40 -39.34
N VAL CA 123 67.74 -104.55 -38.88
CA VAL CA 123 68.97 -104.63 -38.10
C VAL CA 123 69.82 -105.76 -38.67
N MET CA 124 71.09 -105.48 -38.93
CA MET CA 124 72.01 -106.45 -39.52
C MET CA 124 73.25 -106.60 -38.66
N ILE CA 125 73.64 -107.85 -38.40
CA ILE CA 125 74.91 -108.18 -37.76
C ILE CA 125 75.48 -109.40 -38.47
N GLY CA 126 76.79 -109.37 -38.70
CA GLY CA 126 77.44 -110.49 -39.35
C GLY CA 126 78.82 -110.11 -39.85
N SER CA 127 79.36 -110.99 -40.69
CA SER CA 127 80.68 -110.80 -41.29
C SER CA 127 80.58 -110.99 -42.79
N LEU CA 128 81.30 -110.14 -43.52
CA LEU CA 128 81.28 -110.21 -44.98
C LEU CA 128 81.97 -111.48 -45.47
N ASN CA 129 81.48 -112.00 -46.59
CA ASN CA 129 82.10 -113.15 -47.23
C ASN CA 129 83.48 -112.74 -47.76
N LYS CA 130 84.52 -113.44 -47.30
CA LYS CA 130 85.87 -113.08 -47.72
C LYS CA 130 86.09 -113.33 -49.20
N ARG CA 131 85.43 -114.34 -49.76
CA ARG CA 131 85.58 -114.68 -51.17
C ARG CA 131 87.05 -114.96 -51.51
N GLY CA 132 87.77 -115.56 -50.57
CA GLY CA 132 89.16 -115.88 -50.76
C GLY CA 132 90.11 -114.72 -50.53
N VAL CA 133 89.61 -113.54 -50.20
CA VAL CA 133 90.46 -112.38 -49.96
C VAL CA 133 91.01 -112.47 -48.54
N GLY CA 134 92.33 -112.35 -48.40
CA GLY CA 134 92.96 -112.48 -47.12
C GLY CA 134 93.02 -111.18 -46.34
N TYR CA 135 92.09 -111.01 -45.39
CA TYR CA 135 92.08 -109.84 -44.53
C TYR CA 135 91.47 -110.22 -43.19
N THR CA 136 91.87 -109.51 -42.16
CA THR CA 136 91.42 -109.76 -40.79
C THR CA 136 90.29 -108.81 -40.45
N GLY CA 137 89.20 -109.34 -39.90
CA GLY CA 137 88.05 -108.53 -39.54
C GLY CA 137 86.84 -108.84 -40.41
N GLY CA 138 86.27 -107.80 -41.02
CA GLY CA 138 85.10 -107.96 -41.86
C GLY CA 138 83.78 -108.00 -41.13
N GLN CA 139 83.79 -107.89 -39.81
CA GLN CA 139 82.54 -107.88 -39.05
C GLN CA 139 81.84 -106.54 -39.24
N TYR CA 140 80.55 -106.59 -39.56
CA TYR CA 140 79.75 -105.39 -39.79
C TYR CA 140 78.53 -105.41 -38.88
N VAL CA 141 78.23 -104.25 -38.30
CA VAL CA 141 77.04 -104.06 -37.48
C VAL CA 141 76.34 -102.79 -37.98
N CYS CA 142 75.05 -102.92 -38.31
CA CYS CA 142 74.30 -101.83 -38.91
C CYS CA 142 73.06 -101.53 -38.06
N GLY CA 143 72.63 -100.26 -38.13
CA GLY CA 143 71.42 -99.84 -37.47
C GLY CA 143 70.61 -98.92 -38.36
N SER CA 144 69.39 -98.62 -37.91
CA SER CA 144 68.47 -97.77 -38.65
C SER CA 144 68.23 -96.48 -37.87
N PHE CA 145 68.45 -95.35 -38.53
CA PHE CA 145 68.30 -94.04 -37.91
C PHE CA 145 67.29 -93.21 -38.69
N ILE CA 146 66.45 -92.49 -37.96
CA ILE CA 146 65.43 -91.61 -38.54
C ILE CA 146 65.74 -90.18 -38.10
N TYR CA 147 65.72 -89.25 -39.06
CA TYR CA 147 66.09 -87.88 -38.77
C TYR CA 147 65.04 -87.19 -37.90
N THR CA 148 63.82 -87.04 -38.42
CA THR CA 148 62.75 -86.37 -37.70
C THR CA 148 61.40 -86.86 -38.19
N PRO CA 149 60.52 -87.37 -37.31
CA PRO CA 149 59.18 -87.75 -37.75
C PRO CA 149 58.41 -86.54 -38.26
N GLY CA 150 57.53 -86.80 -39.22
CA GLY CA 150 56.71 -85.75 -39.81
C GLY CA 150 57.35 -85.07 -41.00
N GLN CA 151 58.59 -84.61 -40.84
CA GLN CA 151 59.31 -83.96 -41.92
C GLN CA 151 59.90 -85.05 -42.83
N ALA CA 152 60.77 -84.64 -43.76
CA ALA CA 152 61.43 -85.59 -44.64
C ALA CA 152 62.13 -86.67 -43.84
N LEU CA 153 61.65 -87.91 -43.94
CA LEU CA 153 62.21 -89.00 -43.15
C LEU CA 153 63.57 -89.45 -43.69
N THR CA 154 63.75 -89.41 -45.00
CA THR CA 154 65.01 -89.80 -45.64
C THR CA 154 65.86 -88.59 -46.01
N ASN CA 155 65.83 -87.56 -45.16
CA ASN CA 155 66.57 -86.34 -45.43
C ASN CA 155 68.07 -86.65 -45.57
N ASN CA 156 68.82 -85.63 -46.02
CA ASN CA 156 70.24 -85.81 -46.25
C ASN CA 156 70.97 -86.18 -44.97
N TRP CA 157 70.62 -85.54 -43.86
CA TRP CA 157 71.26 -85.82 -42.58
C TRP CA 157 71.02 -87.25 -42.10
N SER CA 158 70.03 -87.94 -42.65
CA SER CA 158 69.72 -89.29 -42.21
C SER CA 158 70.83 -90.25 -42.59
N SER CA 159 70.93 -91.34 -41.82
CA SER CA 159 71.90 -92.40 -42.06
C SER CA 159 71.19 -93.74 -42.05
N HIS CA 160 71.65 -94.65 -42.89
CA HIS CA 160 71.04 -95.95 -43.10
C HIS CA 160 72.11 -97.03 -43.11
N PRO CA 161 71.72 -98.29 -42.99
CA PRO CA 161 72.70 -99.38 -43.10
C PRO CA 161 73.45 -99.31 -44.43
N PHE CA 162 74.78 -99.47 -44.34
CA PHE CA 162 75.63 -99.48 -45.53
C PHE CA 162 75.52 -98.19 -46.33
N ASP CA 163 75.14 -97.10 -45.68
CA ASP CA 163 74.94 -95.84 -46.38
C ASP CA 163 76.25 -95.32 -46.95
N GLY CA 164 76.15 -94.60 -48.07
CA GLY CA 164 77.31 -94.05 -48.73
C GLY CA 164 77.35 -92.53 -48.73
N TYR CA 165 76.31 -91.90 -48.20
CA TYR CA 165 76.25 -90.44 -48.14
C TYR CA 165 75.33 -90.03 -47.00
N HIS CA 166 75.91 -89.48 -45.93
CA HIS CA 166 75.12 -88.99 -44.81
C HIS CA 166 75.84 -87.80 -44.20
N ILE CA 167 75.06 -86.95 -43.51
CA ILE CA 167 75.57 -85.77 -42.83
C ILE CA 167 75.23 -85.92 -41.36
N GLN CA 168 76.24 -86.13 -40.53
CA GLN CA 168 76.04 -86.26 -39.08
C GLN CA 168 77.42 -86.29 -38.42
N TYR CA 169 77.52 -85.68 -37.24
CA TYR CA 169 78.77 -85.57 -36.52
C TYR CA 169 78.78 -86.35 -35.21
N SER CA 170 77.65 -86.95 -34.82
CA SER CA 170 77.53 -87.63 -33.54
C SER CA 170 77.44 -89.14 -33.65
N ASN CA 171 76.51 -89.64 -34.46
CA ASN CA 171 76.23 -91.07 -34.52
C ASN CA 171 76.36 -91.58 -35.95
N SER CA 172 76.59 -92.89 -36.07
CA SER CA 172 76.69 -93.57 -37.35
C SER CA 172 75.71 -94.73 -37.37
N SER CA 173 75.03 -94.93 -38.50
CA SER CA 173 74.03 -95.98 -38.60
C SER CA 173 74.66 -97.37 -38.69
N CYS CA 174 75.78 -97.50 -39.37
CA CYS CA 174 76.45 -98.80 -39.50
C CYS CA 174 77.95 -98.59 -39.48
N MET CA 175 78.68 -99.69 -39.36
CA MET CA 175 80.12 -99.65 -39.21
C MET CA 175 80.72 -100.96 -39.71
N LEU CA 176 82.02 -100.92 -39.99
CA LEU CA 176 82.73 -102.07 -40.51
C LEU CA 176 84.12 -102.14 -39.88
N ARG CA 177 84.66 -103.36 -39.78
CA ARG CA 177 85.97 -103.59 -39.21
C ARG CA 177 86.97 -103.95 -40.31
N LEU CA 178 88.11 -103.27 -40.31
CA LEU CA 178 89.19 -103.55 -41.27
C LEU CA 178 90.50 -103.35 -40.51
N ASP CA 179 91.15 -104.44 -40.15
CA ASP CA 179 92.32 -104.39 -39.28
C ASP CA 179 93.59 -104.13 -40.08
N GLY CA 180 94.52 -103.43 -39.45
CA GLY CA 180 95.83 -103.21 -40.03
C GLY CA 180 95.81 -102.44 -41.34
N LEU CA 181 95.01 -101.37 -41.41
CA LEU CA 181 94.95 -100.56 -42.61
C LEU CA 181 96.03 -99.49 -42.57
N ASP CA 182 96.80 -99.38 -43.65
CA ASP CA 182 97.85 -98.36 -43.78
C ASP CA 182 98.83 -98.42 -42.61
N GLY CA 183 99.10 -99.63 -42.13
CA GLY CA 183 100.08 -99.83 -41.08
C GLY CA 183 99.63 -99.42 -39.69
N GLY CA 184 98.35 -99.11 -39.50
CA GLY CA 184 97.87 -98.71 -38.20
C GLY CA 184 97.68 -99.88 -37.28
N PRO CA 185 97.29 -99.58 -36.04
CA PRO CA 185 97.03 -100.65 -35.07
C PRO CA 185 95.93 -101.58 -35.56
N SER CA 186 96.05 -102.85 -35.19
CA SER CA 186 95.07 -103.84 -35.65
C SER CA 186 93.63 -103.46 -35.31
N PRO CA 187 93.31 -102.96 -34.11
CA PRO CA 187 91.91 -102.62 -33.82
C PRO CA 187 91.48 -101.37 -34.58
N GLU CA 188 90.67 -101.54 -35.63
CA GLU CA 188 90.17 -100.43 -36.42
C GLU CA 188 88.73 -100.72 -36.81
N TRP CA 189 87.85 -99.78 -36.50
CA TRP CA 189 86.42 -99.91 -36.76
C TRP CA 189 86.01 -98.77 -37.70
N LEU CA 190 86.13 -99.02 -39.00
CA LEU CA 190 85.86 -97.99 -39.99
C LEU CA 190 84.37 -97.74 -40.12
N PRO CA 191 83.90 -96.50 -40.00
CA PRO CA 191 82.47 -96.22 -40.21
C PRO CA 191 82.15 -95.90 -41.67
N PHE CA 192 80.86 -95.85 -41.96
CA PHE CA 192 80.37 -95.51 -43.29
C PHE CA 192 80.16 -94.01 -43.37
N ASP CA 193 81.19 -93.31 -43.84
CA ASP CA 193 81.14 -91.86 -44.03
C ASP CA 193 81.88 -91.48 -45.30
N TYR CA 194 81.46 -90.37 -45.91
CA TYR CA 194 82.04 -89.93 -47.17
C TYR CA 194 82.47 -88.47 -47.12
N THR CA 195 81.75 -87.65 -46.36
CA THR CA 195 81.98 -86.21 -46.35
C THR CA 195 82.99 -85.76 -45.30
N THR CA 196 83.42 -86.65 -44.41
CA THR CA 196 84.37 -86.27 -43.38
C THR CA 196 85.80 -86.14 -43.91
N ASN CA 197 86.08 -86.64 -45.11
CA ASN CA 197 87.40 -86.54 -45.72
C ASN CA 197 88.48 -87.20 -44.87
N VAL CA 198 88.11 -88.14 -44.01
CA VAL CA 198 89.07 -88.84 -43.16
C VAL CA 198 89.96 -89.70 -44.05
N PRO CA 199 91.22 -89.92 -43.66
CA PRO CA 199 92.10 -90.74 -44.52
C PRO CA 199 91.58 -92.15 -44.75
N ARG CA 200 90.90 -92.74 -43.77
CA ARG CA 200 90.36 -94.09 -43.88
C ARG CA 200 88.87 -94.08 -43.64
N ARG CA 201 88.11 -94.71 -44.53
CA ARG CA 201 86.67 -94.78 -44.42
C ARG CA 201 86.16 -95.85 -45.37
N VAL CA 202 84.88 -96.18 -45.25
CA VAL CA 202 84.23 -97.18 -46.07
C VAL CA 202 82.90 -96.62 -46.58
N VAL CA 203 82.42 -97.19 -47.68
CA VAL CA 203 81.18 -96.76 -48.31
C VAL CA 203 80.43 -97.98 -48.80
N GLY CA 204 79.12 -97.82 -48.99
CA GLY CA 204 78.28 -98.91 -49.44
C GLY CA 204 77.04 -98.44 -50.18
N PRO CA 205 76.32 -99.39 -50.81
CA PRO CA 205 75.11 -99.01 -51.56
C PRO CA 205 73.88 -98.82 -50.68
N GLY CA 206 74.07 -98.69 -49.38
CA GLY CA 206 72.98 -98.67 -48.42
C GLY CA 206 71.73 -97.94 -48.85
N ARG CA 207 71.84 -96.66 -49.20
CA ARG CA 207 70.66 -95.86 -49.48
C ARG CA 207 69.89 -96.35 -50.70
N GLY CA 208 70.54 -97.12 -51.57
CA GLY CA 208 69.85 -97.66 -52.74
C GLY CA 208 70.07 -96.85 -53.99
N ASN CA 209 69.09 -96.03 -54.36
CA ASN CA 209 69.12 -95.24 -55.59
C ASN CA 209 68.90 -93.76 -55.28
N TYR CA 210 69.56 -93.26 -54.25
CA TYR CA 210 69.45 -91.84 -53.92
C TYR CA 210 70.19 -91.01 -54.98
N SER CA 211 69.81 -89.74 -55.06
CA SER CA 211 70.37 -88.86 -56.08
C SER CA 211 71.88 -88.72 -55.92
N SER CA 212 72.36 -88.57 -54.69
CA SER CA 212 73.77 -88.34 -54.40
C SER CA 212 74.42 -89.55 -53.73
N GLN CA 213 74.05 -90.75 -54.16
CA GLN CA 213 74.64 -91.97 -53.64
C GLN CA 213 75.91 -92.30 -54.40
N TYR CA 214 76.96 -92.66 -53.67
CA TYR CA 214 78.29 -92.87 -54.22
C TYR CA 214 78.58 -94.37 -54.29
N HIS CA 215 78.23 -94.98 -55.44
CA HIS CA 215 78.55 -96.37 -55.70
C HIS CA 215 78.27 -96.67 -57.18
N PRO CA 216 79.12 -97.45 -57.85
CA PRO CA 216 78.89 -97.69 -59.28
C PRO CA 216 77.74 -98.63 -59.60
N ASP CA 217 77.23 -99.36 -58.61
CA ASP CA 217 76.14 -100.31 -58.82
C ASP CA 217 74.76 -99.70 -58.58
N VAL CA 218 74.69 -98.40 -58.30
CA VAL CA 218 73.40 -97.76 -58.10
C VAL CA 218 72.54 -97.95 -59.35
N GLY CA 219 73.15 -97.89 -60.53
CA GLY CA 219 72.41 -98.18 -61.74
C GLY CA 219 71.91 -99.61 -61.80
N LEU CA 220 72.72 -100.55 -61.31
CA LEU CA 220 72.28 -101.94 -61.29
C LEU CA 220 71.04 -102.10 -60.42
N ILE CA 221 71.05 -101.48 -59.24
CA ILE CA 221 69.84 -101.50 -58.41
C ILE CA 221 68.69 -100.79 -59.10
N ASP CA 222 68.98 -99.72 -59.84
CA ASP CA 222 67.93 -99.00 -60.56
C ASP CA 222 67.28 -99.90 -61.59
N ALA CA 223 68.06 -100.70 -62.30
CA ALA CA 223 67.58 -101.56 -63.36
C ALA CA 223 67.32 -102.99 -62.91
N SER CA 224 67.32 -103.25 -61.60
CA SER CA 224 67.07 -104.60 -61.12
C SER CA 224 65.76 -105.17 -61.65
N ALA CA 225 64.77 -104.31 -61.89
CA ALA CA 225 63.48 -104.75 -62.42
C ALA CA 225 63.51 -104.71 -63.94
N ASN CA 226 63.03 -105.78 -64.56
CA ASN CA 226 63.04 -105.91 -66.01
C ASN CA 226 61.65 -105.61 -66.57
N GLU CA 227 61.58 -104.67 -67.51
CA GLU CA 227 60.31 -104.36 -68.17
C GLU CA 227 59.87 -105.46 -69.12
N LEU CA 228 60.77 -106.40 -69.46
CA LEU CA 228 60.46 -107.41 -70.46
C LEU CA 228 59.55 -108.49 -69.87
N ASN CA 229 60.04 -109.21 -68.86
CA ASN CA 229 59.38 -110.40 -68.34
C ASN CA 229 59.02 -110.26 -66.86
N SER CA 230 59.04 -109.04 -66.32
CA SER CA 230 58.77 -108.80 -64.91
C SER CA 230 59.73 -109.62 -64.03
N SER CA 231 60.95 -109.80 -64.49
CA SER CA 231 61.95 -110.59 -63.78
C SER CA 231 62.87 -109.67 -63.00
N THR CA 232 63.22 -110.09 -61.78
CA THR CA 232 64.12 -109.35 -60.91
C THR CA 232 65.36 -110.18 -60.63
N THR CA 233 66.50 -109.49 -60.54
CA THR CA 233 67.79 -110.15 -60.30
C THR CA 233 68.44 -109.58 -59.05
N THR CA 234 69.15 -110.45 -58.34
CA THR CA 234 69.87 -110.06 -57.14
C THR CA 234 71.20 -109.43 -57.52
N VAL CA 235 71.48 -108.28 -56.93
CA VAL CA 235 72.72 -107.53 -57.19
C VAL CA 235 73.60 -107.67 -55.96
N PRO CA 236 74.80 -108.24 -56.07
CA PRO CA 236 75.70 -108.29 -54.90
C PRO CA 236 75.98 -106.90 -54.38
N CYS CA 237 76.00 -106.77 -53.06
CA CYS CA 237 76.20 -105.48 -52.40
C CYS CA 237 77.68 -105.35 -52.05
N ALA CA 238 78.46 -104.81 -52.99
CA ALA CA 238 79.89 -104.65 -52.79
C ALA CA 238 80.17 -103.49 -51.83
N ILE CA 239 81.20 -103.67 -51.01
CA ILE CA 239 81.66 -102.64 -50.09
C ILE CA 239 83.04 -102.19 -50.53
N TYR CA 240 83.26 -100.88 -50.54
CA TYR CA 240 84.52 -100.29 -50.94
C TYR CA 240 85.14 -99.57 -49.74
N ALA CA 241 86.48 -99.58 -49.70
CA ALA CA 241 87.23 -98.96 -48.62
C ALA CA 241 88.25 -98.00 -49.20
N PHE CA 242 88.49 -96.89 -48.49
CA PHE CA 242 89.39 -95.85 -48.93
C PHE CA 242 90.63 -95.82 -48.04
N GLY CA 243 91.80 -95.74 -48.66
CA GLY CA 243 93.06 -95.68 -47.94
C GLY CA 243 93.54 -94.25 -47.75
N ALA CA 244 94.72 -94.14 -47.13
CA ALA CA 244 95.31 -92.83 -46.89
C ALA CA 244 95.61 -92.11 -48.19
N GLN CA 245 96.12 -92.84 -49.19
CA GLN CA 245 96.47 -92.27 -50.48
C GLN CA 245 95.28 -92.15 -51.43
N GLN CA 246 94.05 -92.21 -50.91
CA GLN CA 246 92.84 -92.07 -51.72
C GLN CA 246 92.78 -93.14 -52.82
N ARG CA 247 93.30 -94.33 -52.54
CA ARG CA 247 93.22 -95.46 -53.44
C ARG CA 247 92.27 -96.49 -52.85
N SER CA 248 91.19 -96.78 -53.58
CA SER CA 248 90.15 -97.66 -53.05
C SER CA 248 90.56 -99.12 -53.23
N ARG CA 249 89.93 -99.98 -52.41
CA ARG CA 249 90.19 -101.41 -52.44
C ARG CA 249 88.89 -102.16 -52.17
N TYR CA 250 88.45 -102.96 -53.14
CA TYR CA 250 87.28 -103.81 -52.94
C TYR CA 250 87.55 -104.76 -51.78
N VAL CA 251 86.55 -104.91 -50.90
CA VAL CA 251 86.72 -105.71 -49.69
C VAL CA 251 85.83 -106.95 -49.66
N GLY CA 252 84.66 -106.91 -50.30
CA GLY CA 252 83.79 -108.07 -50.31
C GLY CA 252 82.35 -107.68 -50.54
N GLU CA 253 81.46 -108.65 -50.30
CA GLU CA 253 80.03 -108.48 -50.46
C GLU CA 253 79.30 -109.08 -49.27
N VAL CA 254 78.10 -108.61 -49.03
CA VAL CA 254 77.31 -109.05 -47.87
C VAL CA 254 76.73 -110.43 -48.16
N PRO CA 255 76.94 -111.41 -47.28
CA PRO CA 255 76.38 -112.75 -47.56
C PRO CA 255 74.86 -112.74 -47.60
N ASP CA 256 74.32 -113.50 -48.54
CA ASP CA 256 72.88 -113.74 -48.63
C ASP CA 256 72.07 -112.45 -48.50
N PHE CA 257 72.43 -111.45 -49.30
CA PHE CA 257 71.78 -110.16 -49.21
C PHE CA 257 71.91 -109.45 -50.55
N GLY CA 258 70.79 -108.92 -51.05
CA GLY CA 258 70.78 -108.15 -52.28
C GLY CA 258 69.77 -107.04 -52.20
N ILE CA 259 69.83 -106.14 -53.19
CA ILE CA 259 68.93 -105.02 -53.31
C ILE CA 259 68.23 -105.11 -54.66
N CYS CA 260 66.94 -104.75 -54.69
CA CYS CA 260 66.18 -104.74 -55.92
C CYS CA 260 65.06 -103.70 -55.80
N ASN CA 261 64.56 -103.28 -56.96
CA ASN CA 261 63.45 -102.34 -56.99
C ASN CA 261 62.13 -103.05 -56.70
N MET CA 262 61.31 -102.43 -55.85
CA MET CA 262 60.00 -102.95 -55.51
C MET CA 262 58.90 -102.32 -56.35
N ALA CA 263 59.24 -101.86 -57.55
CA ALA CA 263 58.26 -101.15 -58.37
C ALA CA 263 57.08 -102.04 -58.74
N PHE CA 264 57.30 -103.37 -58.81
CA PHE CA 264 56.27 -104.29 -59.29
C PHE CA 264 56.14 -105.50 -58.38
N LEU CA 265 56.33 -105.31 -57.07
CA LEU CA 265 56.17 -106.39 -56.10
C LEU CA 265 55.72 -105.80 -54.77
N ALA CA 266 55.04 -106.65 -53.98
CA ALA CA 266 54.57 -106.28 -52.66
C ALA CA 266 55.56 -106.71 -51.59
N PRO CA 267 55.47 -106.12 -50.40
CA PRO CA 267 56.33 -106.57 -49.29
C PRO CA 267 56.17 -108.06 -49.04
N GLY CA 268 57.27 -108.80 -49.19
CA GLY CA 268 57.28 -110.22 -48.94
C GLY CA 268 56.86 -111.10 -50.10
N ASP CA 269 56.63 -110.53 -51.27
CA ASP CA 269 56.23 -111.34 -52.42
C ASP CA 269 57.36 -112.29 -52.80
N PRO CA 270 57.04 -113.53 -53.19
CA PRO CA 270 58.10 -114.47 -53.56
C PRO CA 270 58.42 -114.45 -55.05
N LEU CA 271 59.71 -114.55 -55.35
CA LEU CA 271 60.18 -114.70 -56.73
C LEU CA 271 61.40 -115.63 -56.69
N VAL CA 272 61.17 -116.91 -56.92
CA VAL CA 272 62.22 -117.92 -56.83
C VAL CA 272 63.08 -117.84 -58.08
N VAL CA 273 64.32 -117.39 -57.92
CA VAL CA 273 65.29 -117.35 -59.00
C VAL CA 273 66.25 -118.52 -58.80
N GLY CA 274 66.15 -119.53 -59.67
CA GLY CA 274 66.97 -120.71 -59.50
C GLY CA 274 66.45 -121.57 -58.35
N SER CA 275 67.32 -122.49 -57.91
CA SER CA 275 66.96 -123.38 -56.82
C SER CA 275 66.82 -122.65 -55.49
N ASP CA 276 67.32 -121.43 -55.39
CA ASP CA 276 67.26 -120.68 -54.14
C ASP CA 276 66.01 -119.80 -54.10
N THR CA 277 65.50 -119.59 -52.89
CA THR CA 277 64.30 -118.79 -52.66
C THR CA 277 64.68 -117.47 -52.00
N TRP CA 278 63.95 -116.41 -52.37
CA TRP CA 278 64.26 -115.05 -51.94
C TRP CA 278 63.05 -114.43 -51.24
N ARG CA 279 63.33 -113.71 -50.16
CA ARG CA 279 62.33 -112.92 -49.45
C ARG CA 279 62.68 -111.45 -49.58
N VAL CA 280 61.73 -110.65 -50.04
CA VAL CA 280 61.95 -109.23 -50.31
C VAL CA 280 61.00 -108.42 -49.44
N TYR CA 281 61.55 -107.43 -48.74
CA TYR CA 281 60.76 -106.53 -47.91
C TYR CA 281 61.30 -105.11 -48.08
N PRO CA 282 60.45 -104.10 -47.88
CA PRO CA 282 60.92 -102.72 -48.02
C PRO CA 282 61.82 -102.31 -46.86
N LEU CA 283 62.68 -101.33 -47.12
CA LEU CA 283 63.60 -100.87 -46.09
C LEU CA 283 62.86 -100.18 -44.96
N LEU CA 284 62.21 -99.06 -45.26
CA LEU CA 284 61.47 -98.28 -44.27
C LEU CA 284 59.99 -98.18 -44.58
N GLN CA 285 59.64 -97.74 -45.78
CA GLN CA 285 58.26 -97.49 -46.16
C GLN CA 285 58.21 -97.23 -47.65
N ARG CA 286 57.24 -97.85 -48.32
CA ARG CA 286 57.11 -97.68 -49.76
C ARG CA 286 56.45 -96.35 -50.08
N GLY CA 287 56.81 -95.78 -51.23
CA GLY CA 287 56.23 -94.54 -51.71
C GLY CA 287 56.10 -94.58 -53.22
N THR CA 288 56.38 -93.44 -53.83
CA THR CA 288 56.45 -93.35 -55.29
C THR CA 288 57.92 -93.35 -55.72
N ALA CA 289 58.14 -93.23 -57.03
CA ALA CA 289 59.49 -93.30 -57.55
C ALA CA 289 60.36 -92.18 -57.00
N THR CA 290 59.82 -90.96 -56.92
CA THR CA 290 60.58 -89.78 -56.54
C THR CA 290 60.41 -89.39 -55.08
N ASP CA 291 59.75 -90.23 -54.28
CA ASP CA 291 59.54 -89.91 -52.86
C ASP CA 291 60.78 -90.34 -52.08
N PHE CA 292 61.82 -89.51 -52.18
CA PHE CA 292 63.07 -89.73 -51.48
C PHE CA 292 63.18 -88.91 -50.20
N ASP CA 293 62.08 -88.27 -49.78
CA ASP CA 293 62.06 -87.43 -48.59
C ASP CA 293 61.20 -87.99 -47.48
N SER CA 294 59.95 -88.36 -47.79
CA SER CA 294 59.01 -88.83 -46.78
C SER CA 294 59.07 -90.33 -46.56
N THR CA 295 59.66 -91.08 -47.48
CA THR CA 295 59.72 -92.54 -47.36
C THR CA 295 61.05 -93.01 -47.95
N SER CA 296 61.16 -94.32 -48.17
CA SER CA 296 62.38 -94.93 -48.70
C SER CA 296 62.25 -95.29 -50.17
N ALA CA 297 61.32 -94.67 -50.88
CA ALA CA 297 61.11 -94.91 -52.32
C ALA CA 297 60.77 -96.40 -52.49
N TRP CA 298 61.39 -97.11 -53.44
CA TRP CA 298 61.06 -98.51 -53.70
C TRP CA 298 62.24 -99.43 -53.44
N VAL CA 299 63.24 -98.99 -52.67
CA VAL CA 299 64.38 -99.84 -52.37
C VAL CA 299 63.90 -101.05 -51.56
N GLY CA 300 64.29 -102.23 -52.00
CA GLY CA 300 63.86 -103.47 -51.37
C GLY CA 300 65.06 -104.30 -50.92
N TYR CA 301 64.95 -104.87 -49.72
CA TYR CA 301 65.99 -105.72 -49.15
C TYR CA 301 65.61 -107.17 -49.41
N CYS CA 302 66.49 -107.90 -50.08
CA CYS CA 302 66.26 -109.29 -50.44
C CYS CA 302 67.14 -110.19 -49.57
N PHE CA 303 66.52 -111.19 -48.95
CA PHE CA 303 67.23 -112.18 -48.15
C PHE CA 303 66.97 -113.57 -48.71
N ARG CA 304 68.01 -114.39 -48.76
CA ARG CA 304 67.89 -115.76 -49.23
C ARG CA 304 67.38 -116.62 -48.08
N VAL CA 305 66.17 -117.16 -48.24
CA VAL CA 305 65.54 -117.96 -47.19
C VAL CA 305 65.93 -119.41 -47.39
N VAL CA 306 66.33 -120.06 -46.29
CA VAL CA 306 66.72 -121.46 -46.32
C VAL CA 306 66.12 -122.20 -45.13
N THR DA 5 49.43 48.81 -109.03
CA THR DA 5 48.77 48.86 -107.73
C THR DA 5 47.25 48.88 -107.90
N TYR DA 6 46.78 48.34 -109.02
CA TYR DA 6 45.36 48.21 -109.30
C TYR DA 6 45.08 46.80 -109.79
N PHE DA 7 43.87 46.32 -109.54
CA PHE DA 7 43.52 44.93 -109.80
C PHE DA 7 42.33 44.83 -110.73
N TYR DA 8 42.49 44.06 -111.80
CA TYR DA 8 41.37 43.63 -112.66
C TYR DA 8 41.77 42.25 -113.19
N GLY DA 9 41.33 41.21 -112.49
CA GLY DA 9 41.89 39.87 -112.65
C GLY DA 9 41.07 38.98 -113.56
N GLN DA 10 41.77 38.19 -114.37
CA GLN DA 10 41.18 37.12 -115.17
C GLN DA 10 42.15 35.95 -115.14
N GLY DA 11 41.63 34.74 -115.28
CA GLY DA 11 42.51 33.59 -115.36
C GLY DA 11 41.81 32.28 -115.06
N GLU DA 12 42.56 31.38 -114.44
CA GLU DA 12 42.22 29.96 -114.32
C GLU DA 12 42.09 29.57 -112.86
N ILE DA 13 41.34 28.51 -112.60
CA ILE DA 13 41.18 27.95 -111.27
C ILE DA 13 41.43 26.46 -111.34
N ASP DA 14 42.21 25.95 -110.38
CA ASP DA 14 42.51 24.52 -110.28
C ASP DA 14 42.11 24.02 -108.91
N ALA DA 15 41.57 22.80 -108.86
CA ALA DA 15 41.12 22.19 -107.61
C ALA DA 15 41.74 20.80 -107.48
N ALA DA 16 42.01 20.43 -106.23
CA ALA DA 16 42.53 19.09 -105.92
C ALA DA 16 41.68 18.52 -104.80
N PRO DA 17 40.94 17.43 -105.03
CA PRO DA 17 40.14 16.85 -103.95
C PRO DA 17 41.02 16.37 -102.81
N ILE DA 18 40.52 16.51 -101.59
CA ILE DA 18 41.22 16.07 -100.38
C ILE DA 18 40.47 14.87 -99.82
N VAL DA 19 41.12 13.72 -99.82
CA VAL DA 19 40.54 12.49 -99.30
C VAL DA 19 41.43 12.02 -98.15
N ASN DA 20 40.83 11.89 -96.96
CA ASN DA 20 41.53 11.41 -95.78
C ASN DA 20 42.84 12.17 -95.54
N GLY DA 21 42.89 13.42 -96.02
CA GLY DA 21 44.04 14.28 -95.78
C GLY DA 21 45.17 14.16 -96.78
N VAL DA 22 45.07 13.28 -97.77
CA VAL DA 22 46.12 13.10 -98.77
C VAL DA 22 45.75 13.91 -100.00
N LEU DA 23 46.72 14.66 -100.52
CA LEU DA 23 46.48 15.52 -101.68
C LEU DA 23 46.12 14.67 -102.90
N GLY DA 24 45.11 15.12 -103.64
CA GLY DA 24 44.70 14.46 -104.86
C GLY DA 24 45.39 15.02 -106.09
N LYS DA 25 44.87 14.66 -107.25
CA LYS DA 25 45.39 15.13 -108.53
C LYS DA 25 44.62 16.37 -108.96
N TRP DA 26 45.34 17.45 -109.24
CA TRP DA 26 44.71 18.70 -109.60
C TRP DA 26 44.09 18.63 -110.99
N ARG DA 27 43.01 19.38 -111.18
CA ARG DA 27 42.33 19.45 -112.47
C ARG DA 27 41.78 20.85 -112.68
N TRP DA 28 41.54 21.19 -113.94
CA TRP DA 28 40.95 22.48 -114.27
C TRP DA 28 39.44 22.40 -114.12
N ILE DA 29 38.84 23.47 -113.59
CA ILE DA 29 37.41 23.54 -113.34
C ILE DA 29 36.73 24.19 -114.54
N GLN DA 30 37.41 24.22 -115.68
CA GLN DA 30 36.87 24.81 -116.89
C GLN DA 30 36.57 26.30 -116.67
N ASP DA 31 35.88 26.92 -117.62
CA ASP DA 31 35.65 28.36 -117.56
C ASP DA 31 34.94 28.76 -116.28
N VAL DA 32 35.38 29.87 -115.70
CA VAL DA 32 34.80 30.43 -114.48
C VAL DA 32 34.57 31.91 -114.73
N SER DA 33 33.39 32.41 -114.33
CA SER DA 33 33.00 33.78 -114.60
C SER DA 33 33.17 34.72 -113.43
N ALA DA 34 33.06 34.23 -112.20
CA ALA DA 34 33.15 35.11 -111.04
C ALA DA 34 33.65 34.34 -109.83
N MET DA 35 34.56 34.95 -109.09
CA MET DA 35 35.09 34.43 -107.84
C MET DA 35 35.16 35.58 -106.85
N SER DA 36 34.65 35.37 -105.64
CA SER DA 36 34.76 36.37 -104.58
C SER DA 36 35.03 35.67 -103.25
N ILE DA 37 35.81 36.35 -102.41
CA ILE DA 37 36.20 35.85 -101.10
C ILE DA 37 35.75 36.88 -100.06
N GLN DA 38 35.04 36.41 -99.03
CA GLN DA 38 34.50 37.27 -98.00
C GLN DA 38 35.03 36.83 -96.64
N LEU DA 39 35.39 37.82 -95.82
CA LEU DA 39 35.95 37.57 -94.48
C LEU DA 39 34.99 38.12 -93.44
N ALA DA 40 34.72 37.30 -92.42
CA ALA DA 40 33.85 37.68 -91.32
C ALA DA 40 34.56 37.45 -90.00
N VAL DA 41 34.44 38.40 -89.08
CA VAL DA 41 35.10 38.34 -87.78
C VAL DA 41 34.11 38.83 -86.73
N GLU DA 42 34.02 38.10 -85.62
CA GLU DA 42 33.18 38.48 -84.49
C GLU DA 42 34.06 39.09 -83.40
N LYS DA 43 33.57 40.17 -82.79
CA LYS DA 43 34.36 40.94 -81.84
C LYS DA 43 33.55 41.19 -80.57
N VAL DA 44 34.23 41.13 -79.44
CA VAL DA 44 33.66 41.47 -78.13
C VAL DA 44 34.30 42.77 -77.69
N GLU DA 45 33.46 43.73 -77.27
CA GLU DA 45 33.89 45.10 -77.04
C GLU DA 45 33.93 45.40 -75.55
N HIS DA 46 35.00 46.08 -75.13
CA HIS DA 46 35.17 46.53 -73.76
C HIS DA 46 35.13 48.06 -73.73
N LYS DA 47 34.43 48.61 -72.74
CA LYS DA 47 34.24 50.04 -72.62
C LYS DA 47 34.69 50.52 -71.24
N GLU DA 48 35.06 51.79 -71.18
CA GLU DA 48 35.45 52.45 -69.94
C GLU DA 48 34.55 53.65 -69.72
N SER DA 49 34.24 53.93 -68.46
CA SER DA 49 33.18 54.88 -68.11
C SER DA 49 33.69 56.15 -67.44
N TYR DA 50 35.00 56.33 -67.30
CA TYR DA 50 35.49 57.48 -66.53
C TYR DA 50 35.13 58.80 -67.16
N SER DA 51 34.95 58.84 -68.49
CA SER DA 51 34.70 60.09 -69.19
C SER DA 51 33.25 60.52 -69.14
N GLY DA 52 32.33 59.62 -68.82
CA GLY DA 52 30.91 59.94 -68.89
C GLY DA 52 30.34 59.97 -70.28
N GLN DA 53 31.13 59.61 -71.29
CA GLN DA 53 30.70 59.63 -72.68
C GLN DA 53 30.20 58.26 -73.15
N LYS DA 54 30.26 57.25 -72.29
CA LYS DA 54 29.75 55.91 -72.60
C LYS DA 54 30.10 55.47 -74.02
N ALA DA 55 31.40 55.42 -74.32
CA ALA DA 55 31.85 55.11 -75.67
C ALA DA 55 32.80 53.92 -75.64
N LEU DA 56 32.98 53.32 -76.81
CA LEU DA 56 33.86 52.17 -76.94
C LEU DA 56 35.31 52.54 -76.64
N VAL DA 57 36.01 51.64 -75.97
CA VAL DA 57 37.42 51.87 -75.61
C VAL DA 57 38.34 50.74 -76.04
N ARG DA 58 37.84 49.52 -76.23
CA ARG DA 58 38.70 48.43 -76.69
C ARG DA 58 37.82 47.35 -77.31
N SER DA 59 38.42 46.56 -78.20
CA SER DA 59 37.72 45.48 -78.88
C SER DA 59 38.72 44.43 -79.30
N PHE DA 60 38.42 43.16 -79.00
CA PHE DA 60 39.29 42.05 -79.35
C PHE DA 60 38.49 41.03 -80.16
N PRO DA 61 38.99 40.60 -81.31
CA PRO DA 61 38.22 39.66 -82.13
C PRO DA 61 38.09 38.30 -81.45
N ILE DA 62 36.98 37.62 -81.73
CA ILE DA 62 36.71 36.28 -81.21
C ILE DA 62 36.48 35.29 -82.35
N GLY DA 63 35.61 35.64 -83.30
CA GLY DA 63 35.31 34.76 -84.41
C GLY DA 63 36.19 35.05 -85.62
N LYS DA 64 36.44 34.01 -86.41
CA LYS DA 64 37.25 34.13 -87.61
C LYS DA 64 36.78 33.09 -88.61
N THR DA 65 36.23 33.56 -89.74
CA THR DA 65 35.72 32.68 -90.76
C THR DA 65 35.92 33.32 -92.13
N ALA DA 66 35.86 32.49 -93.17
CA ALA DA 66 35.98 32.95 -94.54
C ALA DA 66 35.12 32.07 -95.44
N THR DA 67 34.51 32.69 -96.45
CA THR DA 67 33.70 31.97 -97.41
C THR DA 67 34.11 32.38 -98.83
N VAL DA 68 33.98 31.44 -99.75
CA VAL DA 68 34.32 31.64 -101.15
C VAL DA 68 33.13 31.27 -102.01
N ASN DA 69 32.79 32.13 -102.96
CA ASN DA 69 31.73 31.89 -103.92
C ASN DA 69 32.33 31.82 -105.31
N ILE DA 70 31.91 30.83 -106.09
CA ILE DA 70 32.44 30.60 -107.43
C ILE DA 70 31.29 30.36 -108.38
N THR DA 71 31.34 31.02 -109.54
CA THR DA 71 30.32 30.87 -110.59
C THR DA 71 30.98 30.24 -111.80
N LEU DA 72 30.66 28.97 -112.06
CA LEU DA 72 31.22 28.23 -113.18
C LEU DA 72 30.12 27.94 -114.19
N HIS DA 73 30.48 28.00 -115.47
CA HIS DA 73 29.54 27.77 -116.56
C HIS DA 73 29.75 26.43 -117.24
N SER DA 74 30.51 25.53 -116.62
CA SER DA 74 30.83 24.24 -117.20
C SER DA 74 29.94 23.16 -116.60
N ILE DA 75 29.31 22.37 -117.46
CA ILE DA 75 28.46 21.27 -117.04
C ILE DA 75 29.14 19.93 -117.28
N GLY DA 76 30.47 19.92 -117.32
CA GLY DA 76 31.22 18.70 -117.52
C GLY DA 76 30.96 17.72 -116.40
N PRO DA 77 31.04 16.42 -116.70
CA PRO DA 77 30.72 15.42 -115.67
C PRO DA 77 31.60 15.52 -114.43
N ASP DA 78 32.88 15.86 -114.58
CA ASP DA 78 33.74 16.02 -113.42
C ASP DA 78 33.26 17.16 -112.52
N ASN DA 79 32.94 18.31 -113.14
CA ASN DA 79 32.40 19.42 -112.35
C ASN DA 79 31.04 19.08 -111.78
N LEU DA 80 30.23 18.31 -112.51
CA LEU DA 80 28.94 17.87 -111.97
C LEU DA 80 29.14 17.02 -110.72
N ALA DA 81 30.10 16.10 -110.77
CA ALA DA 81 30.40 15.29 -109.60
C ALA DA 81 30.88 16.16 -108.44
N LEU DA 82 31.71 17.15 -108.74
CA LEU DA 82 32.21 18.04 -107.68
C LEU DA 82 31.07 18.81 -107.03
N THR DA 83 30.11 19.29 -107.83
CA THR DA 83 29.08 20.20 -107.33
C THR DA 83 27.82 19.49 -106.87
N LEU DA 84 27.47 18.35 -107.48
CA LEU DA 84 26.25 17.64 -107.15
C LEU DA 84 26.47 16.55 -106.10
N TYR DA 85 27.66 16.48 -105.50
CA TYR DA 85 27.99 15.42 -104.55
C TYR DA 85 27.82 14.05 -105.20
N GLY DA 86 28.16 13.96 -106.48
CA GLY DA 86 28.00 12.75 -107.25
C GLY DA 86 29.32 12.12 -107.63
N LYS DA 87 29.23 10.91 -108.19
CA LYS DA 87 30.39 10.18 -108.67
C LYS DA 87 30.13 9.77 -110.12
N VAL DA 88 31.10 10.07 -111.00
CA VAL DA 88 30.92 9.82 -112.42
C VAL DA 88 30.79 8.33 -112.67
N VAL DA 89 29.90 7.95 -113.58
CA VAL DA 89 29.70 6.56 -113.99
C VAL DA 89 29.86 6.50 -115.51
N ALA DA 90 30.74 5.61 -115.96
CA ALA DA 90 31.02 5.43 -117.38
C ALA DA 90 30.36 4.14 -117.85
N LYS DA 91 29.51 4.24 -118.86
CA LYS DA 91 28.87 3.08 -119.48
C LYS DA 91 29.40 2.92 -120.89
N ALA DA 92 29.93 1.73 -121.18
CA ALA DA 92 30.51 1.47 -122.49
C ALA DA 92 29.42 1.16 -123.51
N ALA DA 93 29.72 1.45 -124.77
CA ALA DA 93 28.77 1.17 -125.84
C ALA DA 93 28.56 -0.33 -125.96
N GLY DA 94 27.33 -0.71 -126.29
CA GLY DA 94 26.98 -2.11 -126.37
C GLY DA 94 25.76 -2.33 -127.24
N SER DA 95 25.22 -3.54 -127.17
CA SER DA 95 24.11 -3.97 -127.99
C SER DA 95 23.06 -4.65 -127.13
N VAL DA 96 21.82 -4.66 -127.64
CA VAL DA 96 20.71 -5.36 -127.02
C VAL DA 96 20.11 -6.29 -128.04
N THR DA 97 19.70 -7.48 -127.61
CA THR DA 97 19.22 -8.52 -128.51
C THR DA 97 17.78 -8.94 -128.23
N GLY DA 98 17.37 -9.02 -126.97
CA GLY DA 98 16.06 -9.57 -126.65
C GLY DA 98 15.22 -8.70 -125.73
N GLU DA 99 15.35 -7.39 -125.84
CA GLU DA 99 14.51 -6.50 -125.06
C GLU DA 99 13.05 -6.68 -125.46
N VAL DA 100 12.18 -6.80 -124.46
CA VAL DA 100 10.75 -7.00 -124.68
C VAL DA 100 10.05 -5.66 -124.55
N LEU DA 101 9.25 -5.30 -125.55
CA LEU DA 101 8.53 -4.05 -125.56
C LEU DA 101 7.17 -4.21 -124.90
N PRO DA 102 6.53 -3.10 -124.50
CA PRO DA 102 5.22 -3.21 -123.86
C PRO DA 102 4.20 -3.85 -124.79
N ALA DA 103 3.23 -4.53 -124.19
CA ALA DA 103 2.17 -5.19 -124.95
C ALA DA 103 1.08 -4.18 -125.29
N ASP DA 104 -0.05 -4.67 -125.79
CA ASP DA 104 -1.21 -3.86 -126.17
C ASP DA 104 -0.82 -2.56 -126.86
N LEU DA 105 0.15 -2.63 -127.77
CA LEU DA 105 0.56 -1.45 -128.51
C LEU DA 105 -0.41 -1.17 -129.65
N VAL DA 106 -0.57 0.10 -129.97
CA VAL DA 106 -1.40 0.56 -131.09
C VAL DA 106 -0.76 1.78 -131.70
N ALA DA 107 -1.18 2.12 -132.92
CA ALA DA 107 -0.63 3.27 -133.61
C ALA DA 107 -0.81 4.53 -132.77
N GLY DA 108 0.26 5.33 -132.70
CA GLY DA 108 0.27 6.55 -131.91
C GLY DA 108 0.98 6.41 -130.58
N ASP DA 109 1.19 5.18 -130.11
CA ASP DA 109 1.92 4.97 -128.86
C ASP DA 109 3.40 5.26 -129.05
N VAL DA 110 4.02 5.75 -127.98
CA VAL DA 110 5.45 6.06 -127.97
C VAL DA 110 6.13 5.13 -126.98
N ILE DA 111 7.10 4.37 -127.46
CA ILE DA 111 7.83 3.41 -126.64
C ILE DA 111 9.22 3.98 -126.35
N ARG DA 112 9.76 3.65 -125.19
CA ARG DA 112 11.04 4.16 -124.73
C ARG DA 112 11.98 3.01 -124.41
N LEU DA 113 13.23 3.17 -124.81
CA LEU DA 113 14.25 2.14 -124.63
C LEU DA 113 15.16 2.52 -123.47
N ALA DA 114 15.69 1.49 -122.80
CA ALA DA 114 16.48 1.70 -121.59
C ALA DA 114 17.82 2.38 -121.86
N ASN DA 115 18.22 2.50 -123.13
CA ASN DA 115 19.50 3.10 -123.48
C ASN DA 115 19.28 4.18 -124.54
N PHE DA 116 20.23 5.11 -124.60
CA PHE DA 116 20.16 6.25 -125.50
C PHE DA 116 21.06 6.03 -126.70
N GLY DA 117 20.93 6.93 -127.68
CA GLY DA 117 21.73 6.85 -128.89
C GLY DA 117 21.49 5.56 -129.65
N VAL DA 118 20.22 5.19 -129.81
CA VAL DA 118 19.88 3.92 -130.47
C VAL DA 118 20.16 4.02 -131.96
N SER DA 119 20.64 2.94 -132.54
CA SER DA 119 20.91 2.86 -133.97
C SER DA 119 20.72 1.44 -134.43
N GLU DA 120 20.49 1.29 -135.74
CA GLU DA 120 20.29 -0.03 -136.34
C GLU DA 120 19.17 -0.79 -135.65
N LEU DA 121 18.09 -0.06 -135.31
CA LEU DA 121 16.98 -0.66 -134.58
C LEU DA 121 16.33 -1.75 -135.41
N VAL DA 122 16.10 -2.90 -134.78
CA VAL DA 122 15.43 -4.04 -135.41
C VAL DA 122 14.40 -4.59 -134.44
N ILE DA 123 13.15 -4.73 -134.91
CA ILE DA 123 12.07 -5.26 -134.11
C ILE DA 123 11.60 -6.54 -134.81
N THR DA 124 11.77 -7.67 -134.13
CA THR DA 124 11.37 -8.96 -134.68
C THR DA 124 9.99 -9.35 -134.16
N ASP DA 125 9.14 -9.81 -135.08
CA ASP DA 125 7.82 -10.29 -134.69
C ASP DA 125 7.93 -11.57 -133.90
N SER DA 126 7.04 -11.72 -132.91
CA SER DA 126 6.99 -12.91 -132.07
C SER DA 126 6.15 -13.96 -132.77
N ALA DA 127 6.80 -15.03 -133.24
CA ALA DA 127 6.12 -16.10 -133.94
C ALA DA 127 7.11 -17.23 -134.16
N SER DA 128 6.59 -18.39 -134.56
CA SER DA 128 7.46 -19.53 -134.86
C SER DA 128 8.44 -19.18 -135.97
N SER DA 129 8.02 -18.39 -136.95
CA SER DA 129 8.89 -17.92 -138.02
C SER DA 129 9.18 -16.44 -137.81
N PRO DA 130 10.39 -16.07 -137.40
CA PRO DA 130 10.67 -14.64 -137.19
C PRO DA 130 10.44 -13.84 -138.48
N ALA DA 131 9.90 -12.63 -138.31
CA ALA DA 131 9.59 -11.76 -139.44
C ALA DA 131 9.80 -10.31 -139.00
N PRO DA 132 10.99 -9.75 -139.22
CA PRO DA 132 11.22 -8.36 -138.85
C PRO DA 132 10.21 -7.43 -139.50
N LEU DA 133 9.75 -6.46 -138.73
CA LEU DA 133 8.74 -5.52 -139.22
C LEU DA 133 9.35 -4.54 -140.21
N ASP DA 134 8.50 -4.01 -141.08
CA ASP DA 134 8.97 -3.04 -142.06
C ASP DA 134 9.44 -1.78 -141.35
N PRO DA 135 10.59 -1.22 -141.76
CA PRO DA 135 11.02 0.06 -141.14
C PRO DA 135 10.01 1.18 -141.32
N GLN DA 136 9.26 1.17 -142.43
CA GLN DA 136 8.31 2.24 -142.68
C GLN DA 136 7.20 2.30 -141.64
N TYR DA 137 7.00 1.23 -140.86
CA TYR DA 137 5.93 1.17 -139.89
C TYR DA 137 6.30 1.77 -138.55
N TYR DA 138 7.52 2.28 -138.39
CA TYR DA 138 7.92 2.95 -137.16
C TYR DA 138 8.89 4.07 -137.48
N ALA DA 139 8.99 5.02 -136.57
CA ALA DA 139 9.87 6.17 -136.72
C ALA DA 139 10.62 6.41 -135.43
N LEU DA 140 11.78 7.05 -135.55
CA LEU DA 140 12.62 7.40 -134.41
C LEU DA 140 12.55 8.90 -134.19
N ARG DA 141 12.12 9.30 -133.00
CA ARG DA 141 12.01 10.71 -132.66
C ARG DA 141 13.35 11.23 -132.15
N ALA DA 142 13.67 12.47 -132.49
CA ALA DA 142 14.94 13.09 -132.10
C ALA DA 142 16.13 12.28 -132.57
N ASP DA 143 16.00 11.63 -133.73
CA ASP DA 143 17.07 10.82 -134.29
C ASP DA 143 17.52 9.74 -133.31
N GLY DA 144 16.56 9.17 -132.59
CA GLY DA 144 16.87 8.09 -131.67
C GLY DA 144 17.82 8.48 -130.55
N ALA DA 145 17.97 9.77 -130.28
CA ALA DA 145 18.81 10.20 -129.16
C ALA DA 145 18.14 10.00 -127.81
N TYR DA 146 16.82 10.10 -127.75
CA TYR DA 146 16.05 9.92 -126.52
C TYR DA 146 15.54 8.50 -126.35
N GLY DA 147 15.92 7.59 -127.24
CA GLY DA 147 15.41 6.23 -127.16
C GLY DA 147 13.92 6.14 -127.33
N GLU DA 148 13.33 7.03 -128.13
CA GLU DA 148 11.89 7.05 -128.36
C GLU DA 148 11.60 6.60 -129.78
N VAL DA 149 10.64 5.69 -129.91
CA VAL DA 149 10.19 5.17 -131.21
C VAL DA 149 8.68 5.33 -131.27
N GLN DA 150 8.19 5.84 -132.41
CA GLN DA 150 6.78 6.09 -132.61
C GLN DA 150 6.24 5.14 -133.68
N LEU DA 151 5.03 4.63 -133.44
CA LEU DA 151 4.39 3.71 -134.37
C LEU DA 151 3.65 4.50 -135.45
N LEU DA 152 3.98 4.23 -136.71
CA LEU DA 152 3.33 4.90 -137.83
C LEU DA 152 2.13 4.11 -138.36
N GLY DA 153 2.13 2.80 -138.18
CA GLY DA 153 1.01 1.99 -138.63
C GLY DA 153 1.33 0.53 -138.43
N LEU DA 154 0.28 -0.28 -138.57
CA LEU DA 154 0.39 -1.73 -138.44
C LEU DA 154 -0.25 -2.40 -139.65
N PRO DA 155 0.24 -3.57 -140.06
CA PRO DA 155 -0.39 -4.29 -141.17
C PRO DA 155 -1.80 -4.73 -140.81
N THR DA 156 -2.65 -4.82 -141.84
CA THR DA 156 -4.01 -5.30 -141.64
C THR DA 156 -4.06 -6.65 -140.92
N PRO DA 157 -3.27 -7.66 -141.30
CA PRO DA 157 -3.18 -8.87 -140.48
C PRO DA 157 -2.29 -8.65 -139.26
N ALA DA 158 -2.90 -8.08 -138.22
CA ALA DA 158 -2.20 -7.66 -137.00
C ALA DA 158 -1.23 -8.73 -136.54
N PRO DA 159 0.08 -8.45 -136.50
CA PRO DA 159 1.04 -9.44 -136.02
C PRO DA 159 0.98 -9.57 -134.50
N THR DA 160 1.77 -10.53 -134.00
CA THR DA 160 1.80 -10.78 -132.57
C THR DA 160 2.17 -9.51 -131.82
N GLN DA 161 1.38 -9.19 -130.80
CA GLN DA 161 1.55 -7.91 -130.10
C GLN DA 161 2.90 -7.79 -129.40
N PRO DA 162 3.34 -8.74 -128.57
CA PRO DA 162 4.66 -8.60 -127.95
C PRO DA 162 5.76 -8.56 -129.01
N PHE DA 163 6.78 -7.76 -128.74
CA PHE DA 163 7.85 -7.52 -129.70
C PHE DA 163 9.20 -7.71 -129.03
N LYS DA 164 10.20 -8.02 -129.85
CA LYS DA 164 11.59 -8.16 -129.41
C LYS DA 164 12.43 -7.15 -130.17
N ALA DA 165 13.03 -6.20 -129.46
CA ALA DA 165 13.79 -5.12 -130.08
C ALA DA 165 15.28 -5.33 -129.83
N ALA DA 166 16.07 -5.19 -130.89
CA ALA DA 166 17.52 -5.27 -130.82
C ALA DA 166 18.12 -4.07 -131.53
N TYR DA 167 19.16 -3.49 -130.93
CA TYR DA 167 19.75 -2.27 -131.45
C TYR DA 167 21.14 -2.10 -130.82
N GLU DA 168 21.76 -0.95 -131.08
CA GLU DA 168 23.06 -0.60 -130.52
C GLU DA 168 22.94 0.71 -129.75
N TYR DA 169 23.58 0.78 -128.59
CA TYR DA 169 23.57 1.96 -127.75
C TYR DA 169 24.99 2.43 -127.53
N ALA DA 170 25.19 3.75 -127.58
CA ALA DA 170 26.51 4.35 -127.46
C ALA DA 170 26.89 4.53 -125.99
N ALA DA 171 28.17 4.79 -125.77
CA ALA DA 171 28.67 5.02 -124.43
C ALA DA 171 28.17 6.35 -123.89
N THR DA 172 28.05 6.43 -122.56
CA THR DA 172 27.55 7.63 -121.91
C THR DA 172 28.18 7.75 -120.53
N LYS DA 173 28.13 8.96 -119.99
CA LYS DA 173 28.67 9.27 -118.67
C LYS DA 173 27.55 9.76 -117.78
N GLN DA 174 27.44 9.17 -116.59
CA GLN DA 174 26.38 9.48 -115.65
C GLN DA 174 26.96 10.08 -114.37
N VAL DA 175 26.16 10.93 -113.72
CA VAL DA 175 26.53 11.55 -112.46
C VAL DA 175 25.37 11.36 -111.49
N GLY DA 176 25.68 10.86 -110.29
CA GLY DA 176 24.67 10.73 -109.25
C GLY DA 176 24.43 12.04 -108.53
N MET DA 177 23.42 12.03 -107.67
CA MET DA 177 23.05 13.20 -106.87
C MET DA 177 23.11 12.81 -105.40
N PHE DA 178 23.91 13.53 -104.62
CA PHE DA 178 24.09 13.25 -103.20
C PHE DA 178 24.57 11.82 -102.99
N THR DA 179 25.30 11.27 -103.95
CA THR DA 179 25.86 9.94 -103.86
C THR DA 179 27.30 9.92 -103.36
N ALA DA 180 27.88 11.09 -103.08
CA ALA DA 180 29.25 11.19 -102.62
C ALA DA 180 29.31 12.07 -101.38
N PRO DA 181 30.31 11.86 -100.51
CA PRO DA 181 30.43 12.69 -99.31
C PRO DA 181 30.89 14.10 -99.65
N GLN DA 182 30.78 14.98 -98.65
CA GLN DA 182 31.14 16.38 -98.83
C GLN DA 182 32.57 16.49 -99.34
N PRO DA 183 32.76 16.87 -100.61
CA PRO DA 183 34.14 17.02 -101.12
C PRO DA 183 34.89 18.13 -100.40
N THR DA 184 36.19 17.91 -100.25
CA THR DA 184 37.10 18.92 -99.68
C THR DA 184 38.21 19.16 -100.70
N VAL DA 185 38.23 20.36 -101.26
CA VAL DA 185 39.08 20.67 -102.41
C VAL DA 185 40.00 21.84 -102.05
N ALA DA 186 41.26 21.74 -102.47
CA ALA DA 186 42.20 22.84 -102.36
C ALA DA 186 42.23 23.60 -103.68
N LEU DA 187 42.05 24.91 -103.63
CA LEU DA 187 41.90 25.74 -104.81
C LEU DA 187 43.16 26.55 -105.07
N ARG DA 188 43.54 26.63 -106.34
CA ARG DA 188 44.69 27.41 -106.78
C ARG DA 188 44.23 28.34 -107.90
N TYR DA 189 44.07 29.62 -107.58
CA TYR DA 189 43.67 30.61 -108.57
C TYR DA 189 44.92 31.24 -109.17
N LYS DA 190 45.01 31.17 -110.50
CA LYS DA 190 46.13 31.74 -111.26
C LYS DA 190 45.55 32.76 -112.23
N GLY DA 191 45.59 34.03 -111.83
CA GLY DA 191 45.00 35.09 -112.63
C GLY DA 191 46.04 36.09 -113.07
N ILE DA 192 45.67 36.88 -114.07
CA ILE DA 192 46.54 37.91 -114.64
C ILE DA 192 45.90 39.28 -114.36
N ASN DA 193 46.70 40.18 -113.80
CA ASN DA 193 46.24 41.54 -113.48
C ASN DA 193 46.52 42.44 -114.68
N LEU DA 194 45.48 42.76 -115.44
CA LEU DA 194 45.65 43.58 -116.63
C LEU DA 194 46.02 45.01 -116.29
N ALA DA 195 45.67 45.50 -115.11
CA ALA DA 195 45.94 46.89 -114.75
C ALA DA 195 47.43 47.18 -114.65
N GLU DA 196 48.27 46.17 -114.54
CA GLU DA 196 49.71 46.33 -114.45
C GLU DA 196 50.40 45.63 -115.62
N GLY DA 197 49.86 45.81 -116.82
CA GLY DA 197 50.42 45.16 -117.99
C GLY DA 197 50.30 43.66 -117.98
N GLY DA 198 49.43 43.10 -117.14
CA GLY DA 198 49.27 41.67 -117.05
C GLY DA 198 50.22 41.03 -116.06
N ALA DA 199 50.35 41.63 -114.87
CA ALA DA 199 51.25 41.10 -113.87
C ALA DA 199 50.71 39.79 -113.31
N PRO DA 200 51.60 38.89 -112.86
CA PRO DA 200 51.14 37.61 -112.33
C PRO DA 200 50.69 37.70 -110.88
N VAL DA 201 49.57 37.05 -110.59
CA VAL DA 201 49.02 36.98 -109.24
C VAL DA 201 48.55 35.56 -108.99
N ILE DA 202 48.84 35.04 -107.79
CA ILE DA 202 48.46 33.69 -107.41
C ILE DA 202 47.79 33.74 -106.05
N VAL DA 203 46.69 32.99 -105.91
CA VAL DA 203 45.97 32.87 -104.64
C VAL DA 203 45.87 31.38 -104.30
N GLU DA 204 46.24 31.04 -103.07
CA GLU DA 204 46.26 29.66 -102.62
C GLU DA 204 45.23 29.48 -101.52
N LEU DA 205 44.46 28.38 -101.60
CA LEU DA 205 43.47 28.03 -100.59
C LEU DA 205 43.68 26.56 -100.23
N TYR DA 206 44.15 26.31 -99.00
CA TYR DA 206 44.57 24.96 -98.63
C TYR DA 206 43.37 24.01 -98.52
N LYS DA 207 42.33 24.41 -97.80
CA LYS DA 207 41.21 23.54 -97.51
C LYS DA 207 39.92 24.33 -97.68
N VAL DA 208 39.03 23.83 -98.53
CA VAL DA 208 37.74 24.47 -98.80
C VAL DA 208 36.67 23.39 -98.81
N ALA DA 209 35.59 23.63 -98.05
CA ALA DA 209 34.43 22.77 -98.04
C ALA DA 209 33.32 23.44 -98.84
N THR DA 210 32.84 22.76 -99.87
CA THR DA 210 31.89 23.36 -100.81
C THR DA 210 30.45 23.10 -100.37
N ASP DA 211 29.55 23.88 -100.95
CA ASP DA 211 28.12 23.73 -100.75
C ASP DA 211 27.46 23.44 -102.10
N PRO DA 212 26.58 22.45 -102.19
CA PRO DA 212 25.95 22.14 -103.49
C PRO DA 212 25.40 23.35 -104.20
N LEU DA 213 25.17 23.24 -105.51
CA LEU DA 213 24.66 24.36 -106.28
C LEU DA 213 23.32 24.82 -105.73
N GLN DA 214 23.10 26.14 -105.80
CA GLN DA 214 21.83 26.68 -105.31
C GLN DA 214 20.72 26.52 -106.35
N GLU DA 215 21.01 26.84 -107.61
CA GLU DA 215 20.00 26.77 -108.66
C GLU DA 215 20.65 26.25 -109.94
N LEU DA 216 19.82 25.64 -110.79
CA LEU DA 216 20.26 25.14 -112.09
C LEU DA 216 19.07 25.17 -113.04
N ALA DA 217 19.01 26.20 -113.88
CA ALA DA 217 17.91 26.39 -114.81
C ALA DA 217 18.18 25.58 -116.08
N LEU DA 218 17.47 24.45 -116.22
CA LEU DA 218 17.70 23.59 -117.38
C LEU DA 218 17.19 24.25 -118.66
N ILE DA 219 16.06 24.95 -118.59
CA ILE DA 219 15.51 25.68 -119.72
C ILE DA 219 15.78 27.16 -119.47
N SER DA 220 16.62 27.75 -120.31
CA SER DA 220 17.06 29.13 -120.13
C SER DA 220 16.38 30.05 -121.14
N ASP DA 221 16.14 31.29 -120.71
CA ASP DA 221 15.54 32.31 -121.55
C ASP DA 221 16.47 33.52 -121.61
N GLY DA 222 16.64 34.07 -122.81
CA GLY DA 222 17.50 35.22 -123.00
C GLY DA 222 18.77 34.88 -123.75
N ASN DA 223 19.82 35.68 -123.54
CA ASN DA 223 21.11 35.46 -124.17
C ASN DA 223 22.21 35.21 -123.16
N THR DA 224 21.87 34.77 -121.96
CA THR DA 224 22.83 34.54 -120.89
C THR DA 224 23.05 33.05 -120.72
N VAL DA 225 24.32 32.63 -120.74
CA VAL DA 225 24.65 31.22 -120.59
C VAL DA 225 24.28 30.75 -119.18
N ALA DA 226 23.88 29.48 -119.08
CA ALA DA 226 23.52 28.93 -117.79
C ALA DA 226 24.70 29.00 -116.84
N GLY DA 227 24.44 29.46 -115.62
CA GLY DA 227 25.49 29.64 -114.62
C GLY DA 227 25.27 28.73 -113.44
N MET DA 228 26.37 28.20 -112.90
CA MET DA 228 26.37 27.36 -111.70
C MET DA 228 27.12 28.11 -110.61
N GLN DA 229 26.42 28.43 -109.52
CA GLN DA 229 27.01 29.13 -108.39
C GLN DA 229 27.22 28.16 -107.25
N ILE DA 230 28.43 28.15 -106.68
CA ILE DA 230 28.79 27.27 -105.58
C ILE DA 230 29.40 28.11 -104.47
N SER DA 231 28.94 27.88 -103.24
CA SER DA 231 29.46 28.55 -102.06
C SER DA 231 30.22 27.55 -101.19
N GLY DA 232 31.28 28.03 -100.57
CA GLY DA 232 32.10 27.16 -99.73
C GLY DA 232 32.80 27.96 -98.65
N GLY DA 233 33.08 27.28 -97.54
CA GLY DA 233 33.77 27.87 -96.41
C GLY DA 233 35.19 27.33 -96.31
N ILE DA 234 36.14 28.25 -96.16
CA ILE DA 234 37.55 27.89 -96.08
C ILE DA 234 37.83 27.42 -94.66
N LEU DA 235 38.06 26.12 -94.49
CA LEU DA 235 38.31 25.56 -93.18
C LEU DA 235 39.75 25.83 -92.75
N LEU DA 236 40.04 25.55 -91.48
CA LEU DA 236 41.37 25.76 -90.91
C LEU DA 236 42.19 24.49 -91.08
N ASP DA 237 43.26 24.57 -91.85
CA ASP DA 237 44.17 23.45 -92.03
C ASP DA 237 45.05 23.29 -90.80
N THR DA 238 45.09 22.08 -90.25
CA THR DA 238 45.83 21.81 -89.03
C THR DA 238 47.21 21.21 -89.29
N SER DA 239 47.61 21.07 -90.55
CA SER DA 239 48.91 20.48 -90.87
C SER DA 239 50.00 21.52 -91.07
N LYS DA 240 49.65 22.74 -91.48
CA LYS DA 240 50.65 23.76 -91.69
C LYS DA 240 51.20 24.26 -90.35
N PRO DA 241 52.44 24.74 -90.32
CA PRO DA 241 52.99 25.27 -89.07
C PRO DA 241 52.15 26.42 -88.54
N ASP DA 242 51.99 26.46 -87.21
CA ASP DA 242 51.23 27.54 -86.60
C ASP DA 242 51.98 28.87 -86.71
N THR DA 243 53.28 28.86 -86.40
CA THR DA 243 54.09 30.06 -86.53
C THR DA 243 54.50 30.33 -87.97
N GLY DA 244 54.23 29.40 -88.89
CA GLY DA 244 54.58 29.63 -90.28
C GLY DA 244 53.92 30.89 -90.82
N ASP DA 245 54.70 31.68 -91.56
CA ASP DA 245 54.20 32.95 -92.09
C ASP DA 245 53.11 32.75 -93.13
N LEU DA 246 53.00 31.55 -93.71
CA LEU DA 246 52.03 31.31 -94.78
C LEU DA 246 50.60 31.20 -94.28
N GLY DA 247 50.37 31.14 -92.97
CA GLY DA 247 49.02 31.05 -92.47
C GLY DA 247 48.46 29.64 -92.60
N ARG DA 248 47.14 29.53 -92.41
CA ARG DA 248 46.47 28.24 -92.45
C ARG DA 248 45.17 28.25 -93.26
N PHE DA 249 44.68 29.39 -93.72
CA PHE DA 249 43.47 29.46 -94.52
C PHE DA 249 43.75 29.57 -96.00
N GLY DA 250 44.52 30.58 -96.41
CA GLY DA 250 44.89 30.76 -97.80
C GLY DA 250 46.15 31.57 -97.90
N ARG DA 251 46.40 32.14 -99.07
CA ARG DA 251 47.59 32.96 -99.29
C ARG DA 251 47.45 33.69 -100.61
N ILE DA 252 48.23 34.75 -100.76
CA ILE DA 252 48.33 35.51 -102.00
C ILE DA 252 49.80 35.70 -102.32
N ILE DA 253 50.17 35.44 -103.57
CA ILE DA 253 51.55 35.59 -104.04
C ILE DA 253 51.56 36.61 -105.17
N GLN DA 254 52.43 37.61 -105.05
CA GLN DA 254 52.59 38.63 -106.07
C GLN DA 254 54.08 38.77 -106.37
N LEU DA 255 54.43 38.73 -107.64
CA LEU DA 255 55.83 38.85 -108.04
C LEU DA 255 56.21 40.32 -108.16
N GLY DA 256 57.26 40.71 -107.45
CA GLY DA 256 57.74 42.08 -107.46
C GLY DA 256 58.92 42.30 -106.54
N THR EA 5 31.02 22.20 -123.49
CA THR EA 5 31.10 22.35 -122.04
C THR EA 5 30.31 23.58 -121.58
N TYR EA 6 29.40 24.05 -122.42
CA TYR EA 6 28.51 25.15 -122.09
C TYR EA 6 27.08 24.69 -122.31
N PHE EA 7 26.16 25.27 -121.54
CA PHE EA 7 24.78 24.79 -121.48
C PHE EA 7 23.81 25.91 -121.79
N TYR EA 8 22.91 25.66 -122.74
CA TYR EA 8 21.75 26.52 -122.98
C TYR EA 8 20.65 25.58 -123.46
N GLY EA 9 19.81 25.14 -122.54
CA GLY EA 9 18.93 24.00 -122.76
C GLY EA 9 17.54 24.38 -123.24
N GLN EA 10 17.06 23.63 -124.24
CA GLN EA 10 15.67 23.65 -124.66
C GLN EA 10 15.25 22.20 -124.89
N GLY EA 11 13.95 21.94 -124.74
CA GLY EA 11 13.47 20.59 -124.97
C GLY EA 11 12.08 20.39 -124.37
N GLU EA 12 11.77 19.13 -124.11
CA GLU EA 12 10.46 18.71 -123.63
C GLU EA 12 10.60 18.00 -122.29
N ILE EA 13 9.45 17.75 -121.67
CA ILE EA 13 9.38 17.10 -120.36
C ILE EA 13 8.30 16.05 -120.38
N ASP EA 14 8.58 14.89 -119.79
CA ASP EA 14 7.64 13.79 -119.70
C ASP EA 14 7.39 13.45 -118.23
N ALA EA 15 6.14 13.19 -117.88
CA ALA EA 15 5.75 12.88 -116.52
C ALA EA 15 4.93 11.59 -116.50
N ALA EA 16 5.18 10.76 -115.49
CA ALA EA 16 4.45 9.51 -115.31
C ALA EA 16 3.95 9.44 -113.88
N PRO EA 17 2.63 9.38 -113.65
CA PRO EA 17 2.14 9.30 -112.27
C PRO EA 17 2.56 8.01 -111.59
N ILE EA 18 2.74 8.10 -110.26
CA ILE EA 18 3.08 6.96 -109.44
C ILE EA 18 1.87 6.69 -108.54
N VAL EA 19 1.27 5.51 -108.69
CA VAL EA 19 0.06 5.15 -107.96
C VAL EA 19 0.39 3.87 -107.20
N ASN EA 20 0.74 4.02 -105.92
CA ASN EA 20 1.12 2.90 -105.04
C ASN EA 20 2.47 2.31 -105.43
N GLY EA 21 3.30 3.06 -106.15
CA GLY EA 21 4.64 2.63 -106.49
C GLY EA 21 4.80 2.00 -107.85
N VAL EA 22 3.70 1.64 -108.51
CA VAL EA 22 3.79 1.04 -109.85
C VAL EA 22 3.87 2.16 -110.88
N LEU EA 23 4.86 2.07 -111.77
CA LEU EA 23 5.07 3.10 -112.77
C LEU EA 23 3.84 3.23 -113.66
N GLY EA 24 3.44 4.48 -113.91
CA GLY EA 24 2.32 4.77 -114.78
C GLY EA 24 2.74 4.91 -116.23
N LYS EA 25 1.81 5.42 -117.04
CA LYS EA 25 2.04 5.64 -118.46
C LYS EA 25 2.57 7.05 -118.66
N TRP EA 26 3.76 7.17 -119.24
CA TRP EA 26 4.36 8.48 -119.46
C TRP EA 26 3.51 9.30 -120.42
N ARG EA 27 3.46 10.61 -120.16
CA ARG EA 27 2.76 11.55 -121.04
C ARG EA 27 3.58 12.83 -121.15
N TRP EA 28 3.46 13.49 -122.29
CA TRP EA 28 4.11 14.78 -122.49
C TRP EA 28 3.39 15.85 -121.68
N ILE EA 29 4.15 16.77 -121.11
CA ILE EA 29 3.59 17.83 -120.28
C ILE EA 29 3.39 19.07 -121.14
N GLN EA 30 3.39 18.89 -122.47
CA GLN EA 30 3.15 20.00 -123.39
C GLN EA 30 4.21 21.08 -123.21
N ASP EA 31 3.93 22.28 -123.71
CA ASP EA 31 4.94 23.34 -123.71
C ASP EA 31 5.33 23.73 -122.28
N VAL EA 32 6.61 24.00 -122.09
CA VAL EA 32 7.16 24.45 -120.81
C VAL EA 32 8.12 25.59 -121.08
N SER EA 33 8.10 26.61 -120.21
CA SER EA 33 8.93 27.79 -120.38
C SER EA 33 10.11 27.87 -119.44
N ALA EA 34 10.03 27.27 -118.26
CA ALA EA 34 11.11 27.38 -117.29
C ALA EA 34 11.13 26.15 -116.39
N MET EA 35 12.31 25.58 -116.21
CA MET EA 35 12.53 24.48 -115.27
C MET EA 35 13.78 24.80 -114.45
N SER EA 36 13.66 24.71 -113.14
CA SER EA 36 14.76 24.99 -112.23
C SER EA 36 14.82 23.91 -111.16
N ILE EA 37 16.04 23.54 -110.77
CA ILE EA 37 16.28 22.58 -109.70
C ILE EA 37 17.15 23.26 -108.65
N GLN EA 38 16.69 23.22 -107.40
CA GLN EA 38 17.39 23.85 -106.28
C GLN EA 38 17.77 22.77 -105.27
N LEU EA 39 19.00 22.84 -104.78
CA LEU EA 39 19.50 21.92 -103.76
C LEU EA 39 19.78 22.68 -102.48
N ALA EA 40 19.32 22.15 -101.36
CA ALA EA 40 19.53 22.73 -100.04
C ALA EA 40 20.12 21.69 -99.12
N VAL EA 41 21.20 22.06 -98.42
CA VAL EA 41 21.89 21.16 -97.50
C VAL EA 41 22.12 21.89 -96.19
N GLU EA 42 21.78 21.24 -95.09
CA GLU EA 42 22.00 21.76 -93.75
C GLU EA 42 23.23 21.09 -93.15
N LYS EA 43 24.03 21.88 -92.45
CA LYS EA 43 25.31 21.41 -91.91
C LYS EA 43 25.44 21.77 -90.45
N VAL EA 44 26.13 20.90 -89.70
CA VAL EA 44 26.48 21.14 -88.31
C VAL EA 44 27.99 21.29 -88.23
N GLU EA 45 28.46 22.35 -87.59
CA GLU EA 45 29.86 22.73 -87.60
C GLU EA 45 30.53 22.43 -86.27
N HIS EA 46 31.80 22.04 -86.35
CA HIS EA 46 32.66 21.84 -85.19
C HIS EA 46 33.78 22.85 -85.23
N LYS EA 47 34.01 23.53 -84.12
CA LYS EA 47 34.99 24.63 -84.04
C LYS EA 47 36.06 24.27 -83.02
N GLU EA 48 37.32 24.29 -83.46
CA GLU EA 48 38.42 24.16 -82.51
C GLU EA 48 38.69 25.51 -81.87
N SER EA 49 39.53 25.50 -80.83
CA SER EA 49 39.89 26.72 -80.12
C SER EA 49 41.36 26.74 -79.72
N TYR EA 50 42.18 25.87 -80.30
CA TYR EA 50 43.58 25.77 -79.89
C TYR EA 50 44.45 26.86 -80.51
N SER EA 51 43.98 27.52 -81.57
CA SER EA 51 44.76 28.55 -82.25
C SER EA 51 44.43 29.96 -81.75
N GLY EA 52 43.49 30.10 -80.83
CA GLY EA 52 43.07 31.41 -80.37
C GLY EA 52 42.11 32.13 -81.28
N GLN EA 53 41.71 31.50 -82.39
CA GLN EA 53 40.80 32.12 -83.35
C GLN EA 53 39.37 31.58 -83.23
N LYS EA 54 39.19 30.36 -82.74
CA LYS EA 54 37.87 29.74 -82.64
C LYS EA 54 37.24 29.63 -84.03
N ALA EA 55 38.08 29.54 -85.05
CA ALA EA 55 37.61 29.47 -86.43
C ALA EA 55 37.04 28.09 -86.75
N LEU EA 56 36.19 28.06 -87.78
CA LEU EA 56 35.61 26.80 -88.23
C LEU EA 56 36.71 25.85 -88.68
N VAL EA 57 36.62 24.59 -88.23
CA VAL EA 57 37.65 23.60 -88.52
C VAL EA 57 37.07 22.44 -89.31
N ARG EA 58 35.81 22.11 -89.05
CA ARG EA 58 35.18 20.94 -89.65
C ARG EA 58 33.68 21.18 -89.79
N SER EA 59 33.07 20.46 -90.72
CA SER EA 59 31.65 20.59 -90.96
C SER EA 59 31.20 19.40 -91.79
N PHE EA 60 30.09 18.77 -91.38
CA PHE EA 60 29.56 17.60 -92.05
C PHE EA 60 28.10 17.83 -92.39
N PRO EA 61 27.66 17.54 -93.62
CA PRO EA 61 26.27 17.81 -93.98
C PRO EA 61 25.32 16.86 -93.30
N ILE EA 62 24.22 17.40 -92.78
CA ILE EA 62 23.17 16.62 -92.12
C ILE EA 62 21.88 16.64 -92.92
N GLY EA 63 21.52 17.80 -93.47
CA GLY EA 63 20.32 17.88 -94.28
C GLY EA 63 20.61 17.68 -95.75
N LYS EA 64 19.58 17.30 -96.49
CA LYS EA 64 19.68 17.16 -97.94
C LYS EA 64 18.29 17.14 -98.53
N THR EA 65 17.99 18.12 -99.39
CA THR EA 65 16.70 18.18 -100.05
C THR EA 65 16.86 18.89 -101.38
N ALA EA 66 15.99 18.54 -102.32
CA ALA EA 66 15.99 19.14 -103.65
C ALA EA 66 14.58 19.57 -104.01
N THR EA 67 14.46 20.77 -104.56
CA THR EA 67 13.19 21.33 -105.00
C THR EA 67 13.27 21.64 -106.49
N VAL EA 68 12.18 21.37 -107.20
CA VAL EA 68 12.11 21.58 -108.64
C VAL EA 68 10.93 22.48 -108.94
N ASN EA 69 11.16 23.51 -109.77
CA ASN EA 69 10.12 24.45 -110.17
C ASN EA 69 9.94 24.36 -111.67
N ILE EA 70 8.68 24.27 -112.12
CA ILE EA 70 8.34 24.15 -113.52
C ILE EA 70 7.29 25.21 -113.86
N THR EA 71 7.48 25.86 -115.01
CA THR EA 71 6.52 26.84 -115.53
C THR EA 71 5.96 26.29 -116.84
N LEU EA 72 4.68 25.96 -116.84
CA LEU EA 72 4.01 25.42 -118.03
C LEU EA 72 2.90 26.36 -118.45
N HIS EA 73 2.68 26.45 -119.76
CA HIS EA 73 1.70 27.35 -120.34
C HIS EA 73 0.51 26.62 -120.95
N SER EA 74 0.32 25.35 -120.61
CA SER EA 74 -0.73 24.53 -121.21
C SER EA 74 -1.90 24.39 -120.24
N ILE EA 75 -3.11 24.62 -120.75
CA ILE EA 75 -4.32 24.53 -119.95
C ILE EA 75 -5.07 23.26 -120.34
N GLY EA 76 -4.34 22.26 -120.82
CA GLY EA 76 -4.92 21.00 -121.16
C GLY EA 76 -5.53 20.34 -119.93
N PRO EA 77 -6.65 19.62 -120.10
CA PRO EA 77 -7.29 19.01 -118.92
C PRO EA 77 -6.39 18.07 -118.15
N ASP EA 78 -5.50 17.35 -118.84
CA ASP EA 78 -4.57 16.48 -118.12
C ASP EA 78 -3.65 17.29 -117.21
N ASN EA 79 -3.12 18.41 -117.71
CA ASN EA 79 -2.28 19.26 -116.89
C ASN EA 79 -3.07 19.91 -115.77
N LEU EA 80 -4.33 20.26 -116.02
CA LEU EA 80 -5.17 20.79 -114.95
C LEU EA 80 -5.35 19.75 -113.84
N ALA EA 81 -5.58 18.49 -114.23
CA ALA EA 81 -5.71 17.42 -113.24
C ALA EA 81 -4.41 17.25 -112.46
N LEU EA 82 -3.27 17.31 -113.16
CA LEU EA 82 -1.99 17.13 -112.49
C LEU EA 82 -1.67 18.30 -111.56
N THR EA 83 -2.17 19.49 -111.87
CA THR EA 83 -1.81 20.70 -111.15
C THR EA 83 -2.85 21.15 -110.14
N LEU EA 84 -4.12 20.88 -110.38
CA LEU EA 84 -5.20 21.29 -109.50
C LEU EA 84 -5.67 20.19 -108.55
N TYR EA 85 -4.93 19.09 -108.48
CA TYR EA 85 -5.34 17.94 -107.66
C TYR EA 85 -6.72 17.47 -108.06
N GLY EA 86 -7.00 17.47 -109.37
CA GLY EA 86 -8.28 17.08 -109.90
C GLY EA 86 -8.19 15.82 -110.77
N LYS EA 87 -9.36 15.34 -111.16
CA LYS EA 87 -9.48 14.19 -112.06
C LYS EA 87 -10.44 14.55 -113.18
N VAL EA 88 -10.07 14.19 -114.40
CA VAL EA 88 -10.83 14.63 -115.56
C VAL EA 88 -12.17 13.90 -115.62
N VAL EA 89 -13.19 14.62 -116.06
CA VAL EA 89 -14.54 14.08 -116.24
C VAL EA 89 -14.95 14.35 -117.68
N ALA EA 90 -15.39 13.31 -118.39
CA ALA EA 90 -15.81 13.41 -119.78
C ALA EA 90 -17.31 13.24 -119.87
N LYS EA 91 -17.99 14.21 -120.46
CA LYS EA 91 -19.43 14.18 -120.66
C LYS EA 91 -19.71 14.05 -122.15
N ALA EA 92 -20.45 13.02 -122.54
CA ALA EA 92 -20.77 12.80 -123.94
C ALA EA 92 -21.90 13.72 -124.39
N ALA EA 93 -21.89 14.06 -125.67
CA ALA EA 93 -22.93 14.91 -126.23
C ALA EA 93 -24.28 14.19 -126.17
N GLY EA 94 -25.34 14.97 -126.01
CA GLY EA 94 -26.67 14.42 -125.87
C GLY EA 94 -27.73 15.46 -126.15
N SER EA 95 -28.95 15.15 -125.71
CA SER EA 95 -30.09 16.02 -125.93
C SER EA 95 -30.92 16.09 -124.66
N VAL EA 96 -31.70 17.16 -124.56
CA VAL EA 96 -32.64 17.37 -123.45
C VAL EA 96 -34.01 17.65 -124.05
N THR EA 97 -35.04 17.27 -123.30
CA THR EA 97 -36.42 17.38 -123.78
C THR EA 97 -37.37 18.07 -122.81
N GLY EA 98 -37.13 18.00 -121.50
CA GLY EA 98 -38.10 18.48 -120.55
C GLY EA 98 -37.55 19.40 -119.47
N GLU EA 99 -36.56 20.22 -119.81
CA GLU EA 99 -36.08 21.21 -118.86
C GLU EA 99 -37.13 22.30 -118.65
N VAL EA 100 -37.28 22.73 -117.40
CA VAL EA 100 -38.26 23.74 -117.02
C VAL EA 100 -37.50 25.02 -116.69
N LEU EA 101 -37.90 26.12 -117.32
CA LEU EA 101 -37.26 27.41 -117.12
C LEU EA 101 -37.86 28.12 -115.90
N PRO EA 102 -37.15 29.10 -115.35
CA PRO EA 102 -37.69 29.86 -114.21
C PRO EA 102 -39.00 30.54 -114.58
N ALA EA 103 -39.88 30.63 -113.59
CA ALA EA 103 -41.18 31.26 -113.79
C ALA EA 103 -41.08 32.77 -113.64
N ASP EA 104 -42.22 33.45 -113.78
CA ASP EA 104 -42.27 34.90 -113.68
C ASP EA 104 -41.28 35.57 -114.62
N LEU EA 105 -41.19 35.05 -115.84
CA LEU EA 105 -40.24 35.56 -116.81
C LEU EA 105 -40.82 36.75 -117.56
N VAL EA 106 -39.99 37.77 -117.77
CA VAL EA 106 -40.37 38.97 -118.51
C VAL EA 106 -39.21 39.36 -119.44
N ALA EA 107 -39.48 40.32 -120.32
CA ALA EA 107 -38.45 40.80 -121.23
C ALA EA 107 -37.30 41.43 -120.44
N GLY EA 108 -36.08 41.16 -120.89
CA GLY EA 108 -34.88 41.66 -120.25
C GLY EA 108 -34.19 40.65 -119.35
N ASP EA 109 -34.88 39.60 -118.94
CA ASP EA 109 -34.28 38.56 -118.12
C ASP EA 109 -33.37 37.67 -118.96
N VAL EA 110 -32.40 37.04 -118.29
CA VAL EA 110 -31.47 36.12 -118.92
C VAL EA 110 -31.65 34.75 -118.27
N ILE EA 111 -31.76 33.71 -119.10
CA ILE EA 111 -31.92 32.35 -118.63
C ILE EA 111 -30.65 31.58 -118.91
N ARG EA 112 -30.30 30.68 -117.99
CA ARG EA 112 -29.09 29.88 -118.07
C ARG EA 112 -29.45 28.41 -118.07
N LEU EA 113 -28.87 27.67 -119.01
CA LEU EA 113 -29.12 26.24 -119.15
C LEU EA 113 -28.02 25.44 -118.47
N ALA EA 114 -28.38 24.23 -118.00
CA ALA EA 114 -27.44 23.41 -117.26
C ALA EA 114 -26.29 22.91 -118.12
N ASN EA 115 -26.42 22.98 -119.44
CA ASN EA 115 -25.40 22.48 -120.35
C ASN EA 115 -24.95 23.58 -121.31
N PHE EA 116 -23.77 23.39 -121.87
CA PHE EA 116 -23.15 24.35 -122.77
C PHE EA 116 -23.23 23.84 -124.21
N GLY EA 117 -22.84 24.70 -125.14
CA GLY EA 117 -22.88 24.34 -126.55
C GLY EA 117 -24.28 24.06 -127.05
N VAL EA 118 -25.25 24.86 -126.62
CA VAL EA 118 -26.64 24.61 -126.99
C VAL EA 118 -26.85 24.95 -128.45
N SER EA 119 -27.64 24.12 -129.13
CA SER EA 119 -28.01 24.37 -130.52
C SER EA 119 -29.37 23.74 -130.78
N GLU EA 120 -30.03 24.23 -131.83
CA GLU EA 120 -31.38 23.77 -132.17
C GLU EA 120 -32.32 23.98 -130.98
N LEU EA 121 -32.19 25.12 -130.32
CA LEU EA 121 -33.00 25.41 -129.14
C LEU EA 121 -34.46 25.56 -129.53
N VAL EA 122 -35.34 24.87 -128.81
CA VAL EA 122 -36.77 24.96 -128.99
C VAL EA 122 -37.43 25.13 -127.63
N ILE EA 123 -38.36 26.07 -127.53
CA ILE EA 123 -39.10 26.32 -126.30
C ILE EA 123 -40.57 26.10 -126.61
N THR EA 124 -41.14 25.03 -126.06
CA THR EA 124 -42.54 24.70 -126.27
C THR EA 124 -43.37 25.30 -125.15
N ASP EA 125 -44.45 25.99 -125.52
CA ASP EA 125 -45.32 26.61 -124.54
C ASP EA 125 -46.17 25.56 -123.82
N SER EA 126 -46.41 25.82 -122.54
CA SER EA 126 -47.19 24.91 -121.71
C SER EA 126 -48.67 25.17 -121.93
N ALA EA 127 -49.37 24.20 -122.52
CA ALA EA 127 -50.80 24.31 -122.78
C ALA EA 127 -51.29 22.98 -123.30
N SER EA 128 -52.62 22.82 -123.33
CA SER EA 128 -53.19 21.60 -123.88
C SER EA 128 -52.79 21.40 -125.33
N SER EA 129 -52.59 22.49 -126.07
CA SER EA 129 -52.08 22.45 -127.44
C SER EA 129 -50.68 23.03 -127.47
N PRO EA 130 -49.63 22.21 -127.59
CA PRO EA 130 -48.28 22.78 -127.64
C PRO EA 130 -48.14 23.77 -128.77
N ALA EA 131 -47.40 24.85 -128.50
CA ALA EA 131 -47.20 25.93 -129.48
C ALA EA 131 -45.79 26.47 -129.31
N PRO EA 132 -44.82 25.93 -130.04
CA PRO EA 132 -43.44 26.43 -129.91
C PRO EA 132 -43.39 27.93 -130.14
N LEU EA 133 -42.64 28.62 -129.29
CA LEU EA 133 -42.54 30.07 -129.41
C LEU EA 133 -41.74 30.45 -130.65
N ASP EA 134 -42.02 31.64 -131.16
CA ASP EA 134 -41.33 32.12 -132.35
C ASP EA 134 -39.86 32.37 -132.02
N PRO EA 135 -38.93 31.97 -132.89
CA PRO EA 135 -37.51 32.21 -132.60
C PRO EA 135 -37.15 33.69 -132.43
N GLN EA 136 -37.84 34.60 -133.13
CA GLN EA 136 -37.47 36.01 -133.05
C GLN EA 136 -37.73 36.63 -131.68
N TYR EA 137 -38.45 35.93 -130.80
CA TYR EA 137 -38.73 36.46 -129.47
C TYR EA 137 -37.64 36.13 -128.45
N TYR EA 138 -36.57 35.45 -128.86
CA TYR EA 138 -35.45 35.19 -127.97
C TYR EA 138 -34.16 35.21 -128.78
N ALA EA 139 -33.05 35.41 -128.08
CA ALA EA 139 -31.73 35.47 -128.70
C ALA EA 139 -30.76 34.65 -127.86
N LEU EA 140 -29.71 34.17 -128.52
CA LEU EA 140 -28.67 33.35 -127.89
C LEU EA 140 -27.40 34.17 -127.78
N ARG EA 141 -27.08 34.61 -126.56
CA ARG EA 141 -25.84 35.34 -126.34
C ARG EA 141 -24.65 34.38 -126.42
N ALA EA 142 -23.56 34.87 -126.99
CA ALA EA 142 -22.35 34.07 -127.17
C ALA EA 142 -22.65 32.79 -127.94
N ASP EA 143 -23.43 32.94 -129.01
CA ASP EA 143 -23.79 31.85 -129.92
C ASP EA 143 -24.08 30.54 -129.18
N GLY EA 144 -24.78 30.63 -128.06
CA GLY EA 144 -25.14 29.45 -127.30
C GLY EA 144 -23.96 28.75 -126.65
N ALA EA 145 -22.86 29.46 -126.41
CA ALA EA 145 -21.69 28.85 -125.79
C ALA EA 145 -21.91 28.58 -124.30
N TYR EA 146 -22.93 29.19 -123.68
CA TYR EA 146 -23.18 29.00 -122.26
C TYR EA 146 -24.66 28.78 -121.97
N GLY EA 147 -25.49 28.57 -122.98
CA GLY EA 147 -26.91 28.38 -122.76
C GLY EA 147 -27.60 29.64 -122.30
N GLU EA 148 -26.94 30.77 -122.47
CA GLU EA 148 -27.52 32.05 -122.08
C GLU EA 148 -28.53 32.49 -123.12
N VAL EA 149 -29.79 32.61 -122.71
CA VAL EA 149 -30.89 32.97 -123.61
C VAL EA 149 -31.50 34.27 -123.11
N GLN EA 150 -31.64 35.23 -124.01
CA GLN EA 150 -32.18 36.54 -123.70
C GLN EA 150 -33.53 36.70 -124.37
N LEU EA 151 -34.51 37.22 -123.62
CA LEU EA 151 -35.86 37.40 -124.13
C LEU EA 151 -35.97 38.75 -124.83
N LEU EA 152 -36.30 38.73 -126.12
CA LEU EA 152 -36.49 39.95 -126.89
C LEU EA 152 -37.88 40.55 -126.69
N GLY EA 153 -38.89 39.72 -126.51
CA GLY EA 153 -40.24 40.21 -126.31
C GLY EA 153 -41.20 39.05 -126.16
N LEU EA 154 -42.42 39.39 -125.77
CA LEU EA 154 -43.48 38.40 -125.60
C LEU EA 154 -44.72 38.85 -126.33
N PRO EA 155 -45.51 37.91 -126.87
CA PRO EA 155 -46.74 38.30 -127.56
C PRO EA 155 -47.70 39.02 -126.63
N THR EA 156 -48.48 39.94 -127.19
CA THR EA 156 -49.47 40.67 -126.40
C THR EA 156 -50.39 39.74 -125.63
N PRO EA 157 -50.94 38.67 -126.21
CA PRO EA 157 -51.64 37.66 -125.39
C PRO EA 157 -50.64 36.78 -124.66
N ALA EA 158 -50.18 37.27 -123.51
CA ALA EA 158 -49.13 36.63 -122.71
C ALA EA 158 -49.39 35.13 -122.61
N PRO EA 159 -48.51 34.28 -123.17
CA PRO EA 159 -48.75 32.84 -123.09
C PRO EA 159 -48.49 32.28 -121.70
N THR EA 160 -48.70 30.98 -121.53
CA THR EA 160 -48.45 30.35 -120.24
C THR EA 160 -47.01 30.57 -119.81
N GLN EA 161 -46.83 31.05 -118.58
CA GLN EA 161 -45.50 31.47 -118.14
C GLN EA 161 -44.49 30.33 -118.11
N PRO EA 162 -44.75 29.19 -117.46
CA PRO EA 162 -43.74 28.12 -117.46
C PRO EA 162 -43.45 27.61 -118.86
N PHE EA 163 -42.18 27.29 -119.11
CA PHE EA 163 -41.71 26.89 -120.42
C PHE EA 163 -41.01 25.53 -120.32
N LYS EA 164 -41.00 24.81 -121.44
CA LYS EA 164 -40.32 23.52 -121.56
C LYS EA 164 -39.32 23.63 -122.70
N ALA EA 165 -38.03 23.59 -122.35
CA ALA EA 165 -36.96 23.84 -123.31
C ALA EA 165 -36.26 22.53 -123.65
N ALA EA 166 -36.04 22.31 -124.95
CA ALA EA 166 -35.32 21.15 -125.45
C ALA EA 166 -34.22 21.63 -126.39
N TYR EA 167 -33.11 20.91 -126.40
CA TYR EA 167 -31.95 21.30 -127.19
C TYR EA 167 -30.93 20.16 -127.14
N GLU EA 168 -29.78 20.40 -127.76
CA GLU EA 168 -28.66 19.46 -127.76
C GLU EA 168 -27.44 20.13 -127.17
N TYR EA 169 -26.65 19.37 -126.42
CA TYR EA 169 -25.42 19.86 -125.80
C TYR EA 169 -24.24 19.05 -126.30
N ALA EA 170 -23.10 19.72 -126.46
CA ALA EA 170 -21.89 19.07 -126.95
C ALA EA 170 -21.11 18.46 -125.80
N ALA EA 171 -20.20 17.55 -126.15
CA ALA EA 171 -19.36 16.91 -125.15
C ALA EA 171 -18.31 17.89 -124.63
N THR EA 172 -17.88 17.66 -123.38
CA THR EA 172 -16.96 18.57 -122.73
C THR EA 172 -16.13 17.80 -121.71
N LYS EA 173 -15.04 18.43 -121.27
CA LYS EA 173 -14.13 17.87 -120.27
C LYS EA 173 -14.08 18.80 -119.08
N GLN EA 174 -14.19 18.25 -117.88
CA GLN EA 174 -14.28 19.02 -116.65
C GLN EA 174 -13.20 18.55 -115.67
N VAL EA 175 -12.70 19.49 -114.87
CA VAL EA 175 -11.70 19.22 -113.86
C VAL EA 175 -12.16 19.84 -112.54
N GLY EA 176 -12.19 19.03 -111.49
CA GLY EA 176 -12.58 19.51 -110.17
C GLY EA 176 -11.42 20.15 -109.42
N MET EA 177 -11.74 20.68 -108.25
CA MET EA 177 -10.76 21.33 -107.38
C MET EA 177 -10.49 20.43 -106.17
N PHE EA 178 -9.21 20.11 -105.96
CA PHE EA 178 -8.80 19.32 -104.79
C PHE EA 178 -9.58 18.02 -104.69
N THR EA 179 -9.87 17.42 -105.85
CA THR EA 179 -10.65 16.18 -105.90
C THR EA 179 -9.78 14.95 -106.05
N ALA EA 180 -8.45 15.08 -106.05
CA ALA EA 180 -7.55 13.97 -106.18
C ALA EA 180 -6.43 14.08 -105.15
N PRO EA 181 -5.82 12.95 -104.77
CA PRO EA 181 -4.74 13.01 -103.78
C PRO EA 181 -3.47 13.58 -104.39
N GLN EA 182 -2.51 13.86 -103.50
CA GLN EA 182 -1.23 14.45 -103.90
C GLN EA 182 -0.56 13.58 -104.96
N PRO EA 183 -0.47 14.03 -106.20
CA PRO EA 183 0.20 13.21 -107.23
C PRO EA 183 1.68 13.06 -106.94
N THR EA 184 2.20 11.88 -107.32
CA THR EA 184 3.63 11.60 -107.27
C THR EA 184 4.05 11.18 -108.67
N VAL EA 185 4.86 12.00 -109.33
CA VAL EA 185 5.18 11.84 -110.74
C VAL EA 185 6.69 11.82 -110.92
N ALA EA 186 7.18 10.86 -111.70
CA ALA EA 186 8.57 10.85 -112.13
C ALA EA 186 8.72 11.71 -113.38
N LEU EA 187 9.80 12.48 -113.43
CA LEU EA 187 10.02 13.45 -114.50
C LEU EA 187 11.22 13.04 -115.34
N ARG EA 188 11.08 13.19 -116.66
CA ARG EA 188 12.17 12.96 -117.61
C ARG EA 188 12.25 14.20 -118.50
N TYR EA 189 13.39 14.87 -118.47
CA TYR EA 189 13.61 16.06 -119.27
C TYR EA 189 14.48 15.73 -120.47
N LYS EA 190 14.22 16.41 -121.59
CA LYS EA 190 14.81 16.09 -122.88
C LYS EA 190 15.51 17.31 -123.46
N GLY EA 191 16.31 17.98 -122.63
CA GLY EA 191 17.02 19.16 -123.06
C GLY EA 191 18.05 18.92 -124.14
N ILE EA 192 17.99 19.69 -125.22
CA ILE EA 192 19.02 19.70 -126.24
C ILE EA 192 19.90 20.92 -126.00
N ASN EA 193 21.20 20.70 -125.90
CA ASN EA 193 22.15 21.76 -125.56
C ASN EA 193 22.62 22.42 -126.86
N LEU EA 194 22.20 23.67 -127.06
CA LEU EA 194 22.57 24.38 -128.30
C LEU EA 194 24.03 24.81 -128.29
N ALA EA 195 24.60 25.04 -127.10
CA ALA EA 195 25.97 25.54 -127.03
C ALA EA 195 26.98 24.55 -127.59
N GLU EA 196 26.61 23.29 -127.74
CA GLU EA 196 27.50 22.26 -128.28
C GLU EA 196 26.92 21.66 -129.55
N GLY EA 197 26.28 22.49 -130.37
CA GLY EA 197 25.71 22.02 -131.61
C GLY EA 197 24.45 21.19 -131.46
N GLY EA 198 23.75 21.32 -130.32
CA GLY EA 198 22.55 20.54 -130.09
C GLY EA 198 22.85 19.18 -129.50
N ALA EA 199 23.74 19.14 -128.51
CA ALA EA 199 24.13 17.87 -127.90
C ALA EA 199 23.02 17.37 -126.99
N PRO EA 200 22.55 16.13 -127.17
CA PRO EA 200 21.51 15.60 -126.27
C PRO EA 200 21.97 15.58 -124.83
N VAL EA 201 21.03 15.88 -123.93
CA VAL EA 201 21.26 15.82 -122.49
C VAL EA 201 19.98 15.30 -121.83
N ILE EA 202 20.14 14.38 -120.88
CA ILE EA 202 19.02 13.71 -120.24
C ILE EA 202 19.03 14.04 -118.75
N VAL EA 203 17.86 14.33 -118.19
CA VAL EA 203 17.68 14.47 -116.76
C VAL EA 203 16.45 13.67 -116.37
N GLU EA 204 16.59 12.78 -115.39
CA GLU EA 204 15.48 12.00 -114.87
C GLU EA 204 15.36 12.22 -113.37
N LEU EA 205 14.13 12.41 -112.91
CA LEU EA 205 13.81 12.55 -111.50
C LEU EA 205 12.90 11.41 -111.11
N TYR EA 206 13.38 10.52 -110.24
CA TYR EA 206 12.65 9.29 -109.95
C TYR EA 206 11.32 9.58 -109.26
N LYS EA 207 11.35 10.38 -108.19
CA LYS EA 207 10.15 10.65 -107.41
C LYS EA 207 10.08 12.15 -107.12
N VAL EA 208 8.96 12.76 -107.48
CA VAL EA 208 8.73 14.18 -107.25
C VAL EA 208 7.31 14.37 -106.74
N ALA EA 209 7.16 15.15 -105.68
CA ALA EA 209 5.85 15.50 -105.14
C ALA EA 209 5.60 16.97 -105.46
N THR EA 210 4.51 17.23 -106.19
CA THR EA 210 4.21 18.56 -106.67
C THR EA 210 3.42 19.35 -105.64
N ASP EA 211 3.37 20.67 -105.83
CA ASP EA 211 2.58 21.57 -105.02
C ASP EA 211 1.55 22.27 -105.89
N PRO EA 212 0.30 22.40 -105.43
CA PRO EA 212 -0.72 23.04 -106.28
C PRO EA 212 -0.29 24.39 -106.82
N LEU EA 213 -0.99 24.86 -107.86
CA LEU EA 213 -0.62 26.11 -108.52
C LEU EA 213 -0.73 27.28 -107.55
N GLN EA 214 0.19 28.24 -107.69
CA GLN EA 214 0.21 29.41 -106.83
C GLN EA 214 -0.73 30.51 -107.31
N GLU EA 215 -0.80 30.74 -108.62
CA GLU EA 215 -1.64 31.80 -109.16
C GLU EA 215 -2.11 31.42 -110.56
N LEU EA 216 -3.28 31.93 -110.93
CA LEU EA 216 -3.85 31.69 -112.26
C LEU EA 216 -4.63 32.94 -112.65
N ALA EA 217 -4.07 33.73 -113.56
CA ALA EA 217 -4.70 34.96 -114.03
C ALA EA 217 -5.64 34.61 -115.17
N LEU EA 218 -6.93 34.45 -114.86
CA LEU EA 218 -7.91 34.12 -115.88
C LEU EA 218 -8.00 35.23 -116.93
N ILE EA 219 -8.00 36.48 -116.49
CA ILE EA 219 -8.01 37.64 -117.38
C ILE EA 219 -6.62 38.26 -117.32
N SER EA 220 -5.92 38.23 -118.44
CA SER EA 220 -4.54 38.69 -118.52
C SER EA 220 -4.46 40.04 -119.21
N ASP EA 221 -3.46 40.83 -118.81
CA ASP EA 221 -3.20 42.14 -119.38
C ASP EA 221 -1.76 42.17 -119.91
N GLY EA 222 -1.61 42.59 -121.15
CA GLY EA 222 -0.32 42.63 -121.81
C GLY EA 222 -0.25 41.69 -123.00
N ASN EA 223 0.97 41.34 -123.38
CA ASN EA 223 1.24 40.45 -124.49
C ASN EA 223 1.92 39.15 -124.02
N THR EA 224 1.67 38.76 -122.77
CA THR EA 224 2.29 37.59 -122.18
C THR EA 224 1.26 36.46 -122.10
N VAL EA 225 1.66 35.26 -122.56
CA VAL EA 225 0.81 34.09 -122.43
C VAL EA 225 0.71 33.71 -120.96
N ALA EA 226 -0.49 33.29 -120.54
CA ALA EA 226 -0.69 32.93 -119.14
C ALA EA 226 0.28 31.84 -118.72
N GLY EA 227 0.91 32.02 -117.56
CA GLY EA 227 1.90 31.09 -117.05
C GLY EA 227 1.41 30.37 -115.82
N MET EA 228 1.81 29.11 -115.69
CA MET EA 228 1.45 28.26 -114.56
C MET EA 228 2.74 27.75 -113.91
N GLN EA 229 2.97 28.14 -112.67
CA GLN EA 229 4.18 27.78 -111.94
C GLN EA 229 3.84 26.70 -110.93
N ILE EA 230 4.62 25.62 -110.92
CA ILE EA 230 4.41 24.50 -110.01
C ILE EA 230 5.72 24.21 -109.30
N SER EA 231 5.64 24.04 -107.98
CA SER EA 231 6.79 23.70 -107.16
C SER EA 231 6.64 22.27 -106.64
N GLY EA 232 7.75 21.57 -106.56
CA GLY EA 232 7.75 20.19 -106.09
C GLY EA 232 9.06 19.83 -105.47
N GLY EA 233 9.00 18.91 -104.50
CA GLY EA 233 10.18 18.42 -103.82
C GLY EA 233 10.51 17.02 -104.26
N ILE EA 234 11.79 16.77 -104.52
CA ILE EA 234 12.25 15.47 -104.98
C ILE EA 234 12.42 14.56 -103.76
N LEU EA 235 11.56 13.56 -103.64
CA LEU EA 235 11.62 12.63 -102.53
C LEU EA 235 12.71 11.59 -102.76
N LEU EA 236 13.03 10.87 -101.68
CA LEU EA 236 14.05 9.82 -101.73
C LEU EA 236 13.39 8.50 -102.06
N ASP EA 237 13.75 7.92 -103.21
CA ASP EA 237 13.19 6.64 -103.62
C ASP EA 237 13.92 5.51 -102.92
N THR EA 238 13.16 4.63 -102.26
CA THR EA 238 13.72 3.54 -101.49
C THR EA 238 13.87 2.24 -102.28
N SER EA 239 13.47 2.24 -103.55
CA SER EA 239 13.54 1.02 -104.35
C SER EA 239 14.88 0.84 -105.05
N LYS EA 240 15.55 1.93 -105.42
CA LYS EA 240 16.80 1.81 -106.14
C LYS EA 240 17.91 1.29 -105.23
N PRO EA 241 18.92 0.63 -105.78
CA PRO EA 241 20.02 0.15 -104.94
C PRO EA 241 20.72 1.31 -104.23
N ASP EA 242 21.10 1.06 -102.97
CA ASP EA 242 21.76 2.10 -102.18
C ASP EA 242 23.18 2.32 -102.66
N THR EA 243 23.92 1.24 -102.90
CA THR EA 243 25.30 1.35 -103.38
C THR EA 243 25.38 1.69 -104.86
N GLY EA 244 24.27 1.57 -105.59
CA GLY EA 244 24.30 1.94 -107.00
C GLY EA 244 24.70 3.40 -107.17
N ASP EA 245 25.60 3.64 -108.11
CA ASP EA 245 26.09 5.00 -108.36
C ASP EA 245 25.03 5.90 -108.97
N LEU EA 246 23.90 5.36 -109.42
CA LEU EA 246 22.84 6.17 -110.02
C LEU EA 246 22.10 7.03 -109.01
N GLY EA 247 22.28 6.79 -107.71
CA GLY EA 247 21.62 7.59 -106.71
C GLY EA 247 20.15 7.23 -106.53
N ARG EA 248 19.47 8.05 -105.73
CA ARG EA 248 18.08 7.84 -105.40
C ARG EA 248 17.18 9.05 -105.64
N PHE EA 249 17.75 10.22 -105.91
CA PHE EA 249 16.97 11.41 -106.24
C PHE EA 249 16.81 11.55 -107.75
N GLY EA 250 17.91 11.61 -108.48
CA GLY EA 250 17.88 11.70 -109.92
C GLY EA 250 19.23 11.38 -110.49
N ARG EA 251 19.46 11.79 -111.73
CA ARG EA 251 20.75 11.63 -112.39
C ARG EA 251 20.70 12.39 -113.70
N ILE EA 252 21.88 12.62 -114.27
CA ILE EA 252 22.04 13.33 -115.53
C ILE EA 252 22.91 12.51 -116.45
N ILE EA 253 22.51 12.41 -117.72
CA ILE EA 253 23.24 11.63 -118.72
C ILE EA 253 23.69 12.58 -119.81
N GLN EA 254 24.98 12.54 -120.15
CA GLN EA 254 25.56 13.34 -121.21
C GLN EA 254 26.39 12.44 -122.10
N LEU EA 255 25.89 12.18 -123.32
CA LEU EA 255 26.61 11.33 -124.25
C LEU EA 255 27.96 11.96 -124.60
N GLY EA 256 28.99 11.12 -124.64
CA GLY EA 256 30.33 11.58 -124.96
C GLY EA 256 31.40 10.62 -124.48
N SER FA 2 -35.84 7.35 -51.51
CA SER FA 2 -34.91 7.63 -52.60
C SER FA 2 -33.55 8.08 -52.06
N PHE FA 3 -33.50 8.43 -50.78
CA PHE FA 3 -32.26 8.88 -50.18
C PHE FA 3 -31.17 7.84 -50.32
N ASN FA 4 -31.46 6.59 -49.93
CA ASN FA 4 -30.49 5.52 -50.10
C ASN FA 4 -30.18 5.28 -51.57
N SER FA 5 -31.21 5.31 -52.42
CA SER FA 5 -30.98 5.11 -53.85
C SER FA 5 -30.11 6.21 -54.43
N ARG FA 6 -30.34 7.45 -54.01
CA ARG FA 6 -29.50 8.55 -54.46
C ARG FA 6 -28.06 8.38 -53.96
N GLU FA 7 -27.91 7.92 -52.72
CA GLU FA 7 -26.56 7.69 -52.20
C GLU FA 7 -25.82 6.64 -53.03
N SER FA 8 -26.52 5.57 -53.40
CA SER FA 8 -25.91 4.56 -54.26
C SER FA 8 -25.78 5.02 -55.70
N SER FA 9 -26.52 6.06 -56.09
CA SER FA 9 -26.47 6.53 -57.47
C SER FA 9 -25.10 7.13 -57.77
N LEU FA 10 -24.61 6.88 -58.98
CA LEU FA 10 -23.30 7.37 -59.42
C LEU FA 10 -23.38 8.72 -60.12
N ALA FA 11 -24.58 9.26 -60.35
CA ALA FA 11 -24.71 10.52 -61.08
C ALA FA 11 -25.67 11.51 -60.47
N ASP FA 12 -26.44 11.14 -59.44
CA ASP FA 12 -27.42 12.04 -58.82
C ASP FA 12 -26.96 12.56 -57.47
N GLY FA 13 -25.69 12.40 -57.12
CA GLY FA 13 -25.19 12.86 -55.84
C GLY FA 13 -25.31 14.36 -55.66
N GLN FA 14 -26.20 14.79 -54.76
CA GLN FA 14 -26.39 16.19 -54.44
C GLN FA 14 -26.42 16.34 -52.91
N PRO FA 15 -25.30 16.09 -52.25
CA PRO FA 15 -25.30 16.11 -50.78
C PRO FA 15 -25.67 17.48 -50.23
N VAL FA 16 -26.42 17.48 -49.14
CA VAL FA 16 -26.76 18.69 -48.40
C VAL FA 16 -26.97 18.31 -46.94
N ARG FA 17 -26.26 18.99 -46.04
CA ARG FA 17 -26.30 18.69 -44.62
C ARG FA 17 -27.11 19.76 -43.89
N LEU FA 18 -28.04 19.32 -43.05
CA LEU FA 18 -28.89 20.21 -42.28
C LEU FA 18 -28.57 20.08 -40.80
N TYR FA 19 -28.61 21.22 -40.10
CA TYR FA 19 -28.39 21.26 -38.67
C TYR FA 19 -29.62 21.83 -37.99
N GLN FA 20 -30.00 21.24 -36.86
CA GLN FA 20 -31.16 21.67 -36.08
C GLN FA 20 -30.74 21.81 -34.62
N PHE FA 21 -30.68 23.05 -34.14
CA PHE FA 21 -30.37 23.34 -32.74
C PHE FA 21 -31.68 23.59 -32.01
N SER FA 22 -31.94 22.79 -30.98
CA SER FA 22 -33.19 22.85 -30.24
C SER FA 22 -32.91 23.06 -28.76
N ARG FA 23 -33.69 23.95 -28.15
CA ARG FA 23 -33.63 24.21 -26.70
C ARG FA 23 -35.08 24.36 -26.22
N GLY FA 24 -35.67 23.26 -25.80
CA GLY FA 24 -37.05 23.28 -25.33
C GLY FA 24 -38.03 23.63 -26.43
N ALA FA 25 -38.65 24.81 -26.32
CA ALA FA 25 -39.66 25.25 -27.27
C ALA FA 25 -39.10 26.14 -28.38
N ILE FA 26 -37.79 26.34 -28.42
CA ILE FA 26 -37.15 27.21 -29.42
C ILE FA 26 -36.20 26.36 -30.25
N ARG FA 27 -36.33 26.46 -31.57
CA ARG FA 27 -35.53 25.68 -32.51
C ARG FA 27 -34.87 26.61 -33.52
N TRP FA 28 -33.61 26.34 -33.82
CA TRP FA 28 -32.85 27.07 -34.83
C TRP FA 28 -32.47 26.12 -35.95
N SER FA 29 -32.75 26.51 -37.19
CA SER FA 29 -32.54 25.67 -38.35
C SER FA 29 -31.55 26.35 -39.30
N TYR FA 30 -30.53 25.61 -39.71
CA TYR FA 30 -29.53 26.11 -40.64
C TYR FA 30 -29.22 25.03 -41.68
N ASN FA 31 -28.80 25.47 -42.86
CA ASN FA 31 -28.44 24.58 -43.94
C ASN FA 31 -27.14 25.04 -44.58
N SER FA 32 -26.43 24.10 -45.19
CA SER FA 32 -25.13 24.37 -45.80
C SER FA 32 -25.22 24.75 -47.27
N SER FA 33 -26.42 24.76 -47.86
CA SER FA 33 -26.58 25.10 -49.26
C SER FA 33 -26.68 26.62 -49.42
N ASP FA 34 -26.90 27.06 -50.66
CA ASP FA 34 -27.02 28.47 -50.98
C ASP FA 34 -28.47 28.94 -51.02
N ARG FA 35 -29.43 28.06 -50.78
CA ARG FA 35 -30.84 28.43 -50.76
C ARG FA 35 -31.54 27.66 -49.65
N ASP FA 36 -32.63 28.24 -49.15
CA ASP FA 36 -33.36 27.62 -48.04
C ASP FA 36 -33.96 26.29 -48.47
N ILE FA 37 -34.03 25.36 -47.53
CA ILE FA 37 -34.60 24.03 -47.75
C ILE FA 37 -35.76 23.85 -46.79
N THR FA 38 -36.90 23.41 -47.31
CA THR FA 38 -38.06 23.10 -46.51
C THR FA 38 -38.12 21.59 -46.30
N TYR FA 39 -38.14 21.17 -45.03
CA TYR FA 39 -38.16 19.75 -44.69
C TYR FA 39 -39.02 19.56 -43.44
N GLN FA 40 -39.99 18.67 -43.53
CA GLN FA 40 -40.91 18.41 -42.42
C GLN FA 40 -41.55 19.71 -41.93
N ASN FA 41 -41.97 20.54 -42.89
CA ASN FA 41 -42.61 21.83 -42.61
C ASN FA 41 -41.68 22.80 -41.88
N GLN FA 42 -40.38 22.53 -41.91
CA GLN FA 42 -39.38 23.40 -41.30
C GLN FA 42 -38.49 23.95 -42.41
N ILE FA 43 -38.29 25.27 -42.41
CA ILE FA 43 -37.45 25.94 -43.39
C ILE FA 43 -36.11 26.26 -42.74
N PHE FA 44 -35.03 25.87 -43.40
CA PHE FA 44 -33.67 26.07 -42.89
C PHE FA 44 -33.08 27.30 -43.57
N ARG FA 45 -32.64 28.27 -42.76
CA ARG FA 45 -32.07 29.49 -43.30
C ARG FA 45 -30.71 29.21 -43.94
N THR FA 46 -30.38 30.04 -44.93
CA THR FA 46 -29.08 29.99 -45.59
C THR FA 46 -28.19 31.07 -44.99
N VAL FA 47 -27.08 30.66 -44.40
CA VAL FA 47 -26.13 31.60 -43.82
C VAL FA 47 -25.29 32.19 -44.95
N PRO FA 48 -25.16 33.52 -45.04
CA PRO FA 48 -24.36 34.10 -46.12
C PRO FA 48 -22.87 33.93 -45.89
N GLY FA 49 -22.34 32.78 -46.30
CA GLY FA 49 -20.95 32.43 -46.06
C GLY FA 49 -20.77 30.95 -45.84
N GLY FA 50 -21.87 30.24 -45.60
CA GLY FA 50 -21.82 28.79 -45.53
C GLY FA 50 -21.53 28.26 -44.14
N ILE FA 51 -22.09 27.09 -43.83
CA ILE FA 51 -21.83 26.38 -42.59
C ILE FA 51 -21.34 24.99 -42.94
N THR FA 52 -20.19 24.60 -42.39
CA THR FA 52 -19.56 23.34 -42.73
C THR FA 52 -18.91 22.74 -41.48
N ASP FA 53 -18.77 21.42 -41.49
CA ASP FA 53 -18.17 20.66 -40.38
C ASP FA 53 -16.89 20.01 -40.85
N ASN FA 54 -16.30 19.20 -39.97
CA ASN FA 54 -15.04 18.52 -40.26
C ASN FA 54 -15.18 17.01 -40.44
N GLY FA 55 -16.29 16.42 -40.01
CA GLY FA 55 -16.52 15.00 -40.15
C GLY FA 55 -17.00 14.37 -38.85
N ILE FA 56 -17.48 13.14 -38.98
CA ILE FA 56 -18.02 12.38 -37.86
C ILE FA 56 -17.09 11.23 -37.57
N ILE FA 57 -16.66 11.11 -36.30
CA ILE FA 57 -15.77 10.04 -35.85
C ILE FA 57 -16.49 9.27 -34.74
N CYS FA 58 -16.51 7.95 -34.86
CA CYS FA 58 -17.11 7.07 -33.85
C CYS FA 58 -16.08 5.98 -33.54
N SER FA 59 -15.19 6.26 -32.60
CA SER FA 59 -14.13 5.34 -32.21
C SER FA 59 -14.28 4.82 -30.78
N GLY FA 60 -15.36 5.19 -30.09
CA GLY FA 60 -15.57 4.76 -28.72
C GLY FA 60 -14.94 5.62 -27.66
N ASP FA 61 -14.26 6.71 -28.02
CA ASP FA 61 -13.61 7.59 -27.05
C ASP FA 61 -14.26 8.98 -27.08
N PRO FA 62 -14.95 9.39 -26.03
CA PRO FA 62 -15.57 10.69 -26.02
C PRO FA 62 -14.61 11.84 -26.23
N GLN FA 63 -13.38 11.73 -25.70
CA GLN FA 63 -12.41 12.81 -25.83
C GLN FA 63 -12.03 13.04 -27.29
N SER FA 64 -12.04 11.99 -28.10
CA SER FA 64 -11.57 12.07 -29.48
C SER FA 64 -12.70 12.18 -30.50
N ASP FA 65 -13.91 11.72 -30.17
CA ASP FA 65 -15.01 11.69 -31.14
C ASP FA 65 -15.84 12.97 -31.08
N GLN FA 66 -15.19 14.12 -31.17
CA GLN FA 66 -15.90 15.38 -31.17
C GLN FA 66 -16.44 15.69 -32.57
N PHE FA 67 -17.34 16.66 -32.63
CA PHE FA 67 -17.88 17.17 -33.89
C PHE FA 67 -17.68 18.66 -33.92
N VAL FA 68 -17.15 19.18 -35.03
CA VAL FA 68 -16.77 20.58 -35.16
C VAL FA 68 -17.62 21.21 -36.25
N ILE FA 69 -18.19 22.37 -35.95
CA ILE FA 69 -19.01 23.14 -36.88
C ILE FA 69 -18.34 24.48 -37.12
N THR FA 70 -18.34 24.93 -38.36
CA THR FA 70 -17.77 26.22 -38.75
C THR FA 70 -18.88 27.10 -39.32
N ALA FA 71 -18.96 28.33 -38.84
CA ALA FA 71 -19.99 29.26 -39.28
C ALA FA 71 -19.45 30.68 -39.12
N PRO FA 72 -20.07 31.67 -39.76
CA PRO FA 72 -19.58 33.05 -39.65
C PRO FA 72 -19.75 33.62 -38.26
N ALA FA 73 -19.34 34.88 -38.07
CA ALA FA 73 -19.34 35.48 -36.74
C ALA FA 73 -20.74 35.84 -36.26
N ASP FA 74 -21.69 36.04 -37.16
CA ASP FA 74 -23.00 36.57 -36.81
C ASP FA 74 -24.06 35.47 -36.64
N LEU FA 75 -23.63 34.23 -36.45
CA LEU FA 75 -24.59 33.15 -36.26
C LEU FA 75 -25.42 33.40 -35.01
N ASP FA 76 -26.74 33.25 -35.14
CA ASP FA 76 -27.64 33.61 -34.05
C ASP FA 76 -27.52 32.63 -32.88
N VAL FA 77 -27.52 31.33 -33.17
CA VAL FA 77 -27.51 30.34 -32.09
C VAL FA 77 -26.22 30.45 -31.28
N ALA FA 78 -25.08 30.62 -31.94
CA ALA FA 78 -23.82 30.74 -31.23
C ALA FA 78 -23.68 32.09 -30.53
N LEU FA 79 -24.42 33.11 -30.96
CA LEU FA 79 -24.28 34.43 -30.37
C LEU FA 79 -24.68 34.45 -28.90
N LEU FA 80 -25.49 33.49 -28.45
CA LEU FA 80 -25.90 33.45 -27.05
C LEU FA 80 -24.69 33.22 -26.15
N TYR FA 81 -23.75 32.39 -26.59
CA TYR FA 81 -22.58 32.07 -25.78
C TYR FA 81 -21.59 33.23 -25.68
N LYS FA 82 -21.80 34.31 -26.44
CA LYS FA 82 -20.80 35.37 -26.49
C LYS FA 82 -20.59 36.00 -25.12
N THR FA 83 -21.67 36.27 -24.39
CA THR FA 83 -21.57 36.88 -23.07
C THR FA 83 -21.57 35.85 -21.95
N ARG FA 84 -22.55 34.95 -21.92
CA ARG FA 84 -22.63 33.91 -20.92
C ARG FA 84 -23.30 32.69 -21.53
N SER FA 85 -22.80 31.52 -21.19
CA SER FA 85 -23.36 30.29 -21.74
C SER FA 85 -24.78 30.08 -21.23
N PRO FA 86 -25.74 29.78 -22.09
CA PRO FA 86 -27.11 29.52 -21.60
C PRO FA 86 -27.13 28.37 -20.61
N SER FA 87 -28.00 28.47 -19.61
CA SER FA 87 -28.05 27.47 -18.56
C SER FA 87 -28.36 26.09 -19.11
N ASP FA 88 -29.37 25.99 -19.98
CA ASP FA 88 -29.74 24.72 -20.56
C ASP FA 88 -28.81 24.35 -21.71
N ALA FA 89 -28.70 23.06 -21.97
CA ALA FA 89 -27.90 22.57 -23.08
C ALA FA 89 -28.67 22.66 -24.39
N ILE FA 90 -27.98 23.08 -25.44
CA ILE FA 90 -28.58 23.24 -26.76
C ILE FA 90 -28.40 21.91 -27.50
N ASP FA 91 -29.45 21.10 -27.51
CA ASP FA 91 -29.40 19.85 -28.27
C ASP FA 91 -29.24 20.15 -29.75
N LEU FA 92 -28.44 19.31 -30.42
CA LEU FA 92 -28.17 19.46 -31.84
C LEU FA 92 -28.47 18.14 -32.54
N VAL FA 93 -29.21 18.21 -33.64
CA VAL FA 93 -29.53 17.04 -34.47
C VAL FA 93 -29.14 17.37 -35.89
N VAL FA 94 -28.44 16.45 -36.56
CA VAL FA 94 -27.93 16.66 -37.90
C VAL FA 94 -28.66 15.71 -38.85
N TYR FA 95 -29.20 16.25 -39.92
CA TYR FA 95 -29.87 15.49 -40.96
C TYR FA 95 -29.06 15.54 -42.25
N ASP FA 96 -29.27 14.53 -43.09
CA ASP FA 96 -28.65 14.46 -44.41
C ASP FA 96 -29.73 14.25 -45.45
N MET FA 97 -29.72 15.09 -46.49
CA MET FA 97 -30.71 14.97 -47.56
C MET FA 97 -30.10 15.48 -48.85
N HIS FA 98 -30.72 15.08 -49.97
CA HIS FA 98 -30.28 15.48 -51.29
C HIS FA 98 -31.32 16.42 -51.90
N TYR FA 99 -30.85 17.46 -52.57
CA TYR FA 99 -31.76 18.44 -53.16
C TYR FA 99 -32.72 17.76 -54.11
N GLY FA 100 -33.99 18.15 -54.04
CA GLY FA 100 -35.03 17.55 -54.85
C GLY FA 100 -35.73 16.37 -54.22
N ASP FA 101 -35.26 15.90 -53.06
CA ASP FA 101 -35.86 14.79 -52.34
C ASP FA 101 -36.40 15.28 -51.01
N ALA FA 102 -37.54 14.73 -50.60
CA ALA FA 102 -38.19 15.11 -49.35
C ALA FA 102 -37.80 14.24 -48.17
N GLU FA 103 -36.89 13.29 -48.36
CA GLU FA 103 -36.50 12.36 -47.32
C GLU FA 103 -35.09 12.69 -46.83
N ALA FA 104 -34.89 12.62 -45.51
CA ALA FA 104 -33.61 12.90 -44.89
C ALA FA 104 -33.30 11.82 -43.86
N ALA FA 105 -32.00 11.64 -43.60
CA ALA FA 105 -31.52 10.65 -42.65
C ALA FA 105 -30.76 11.33 -41.52
N VAL FA 106 -31.02 10.88 -40.30
CA VAL FA 106 -30.35 11.44 -39.13
C VAL FA 106 -28.94 10.86 -39.06
N SER FA 107 -27.96 11.74 -38.86
CA SER FA 107 -26.56 11.33 -38.82
C SER FA 107 -25.94 11.49 -37.43
N TRP FA 108 -26.03 12.67 -36.84
CA TRP FA 108 -25.40 12.94 -35.55
C TRP FA 108 -26.41 13.59 -34.61
N VAL FA 109 -26.33 13.22 -33.34
CA VAL FA 109 -27.16 13.78 -32.28
C VAL FA 109 -26.27 14.09 -31.09
N GLY FA 110 -26.43 15.29 -30.53
CA GLY FA 110 -25.61 15.68 -29.40
C GLY FA 110 -25.98 17.06 -28.92
N GLN FA 111 -25.09 17.63 -28.11
CA GLN FA 111 -25.31 18.95 -27.52
C GLN FA 111 -24.04 19.78 -27.66
N ILE FA 112 -24.20 21.09 -27.53
CA ILE FA 112 -23.06 22.00 -27.65
C ILE FA 112 -22.10 21.76 -26.51
N GLY FA 113 -20.83 21.53 -26.85
CA GLY FA 113 -19.80 21.31 -25.86
C GLY FA 113 -18.95 22.54 -25.63
N ASP FA 114 -18.59 23.24 -26.70
CA ASP FA 114 -17.79 24.44 -26.60
C ASP FA 114 -17.94 25.24 -27.88
N VAL FA 115 -17.76 26.55 -27.77
CA VAL FA 115 -17.85 27.46 -28.90
C VAL FA 115 -16.80 28.56 -28.73
N ASP FA 116 -16.23 28.99 -29.86
CA ASP FA 116 -15.27 30.08 -29.84
C ASP FA 116 -15.32 30.80 -31.18
N TRP FA 117 -14.89 32.06 -31.17
CA TRP FA 117 -14.87 32.88 -32.37
C TRP FA 117 -13.43 33.15 -32.78
N PRO FA 118 -12.77 32.20 -33.45
CA PRO FA 118 -11.35 32.40 -33.78
C PRO FA 118 -11.11 33.63 -34.64
N THR FA 119 -12.03 33.96 -35.53
CA THR FA 119 -11.88 35.12 -36.41
C THR FA 119 -13.18 35.90 -36.44
N VAL FA 120 -13.07 37.18 -36.81
CA VAL FA 120 -14.21 38.08 -36.83
C VAL FA 120 -15.16 37.70 -37.96
N ASP FA 121 -14.75 36.75 -38.80
CA ASP FA 121 -15.57 36.30 -39.91
C ASP FA 121 -15.87 34.80 -39.85
N SER FA 122 -15.53 34.12 -38.76
CA SER FA 122 -15.73 32.68 -38.69
C SER FA 122 -15.95 32.27 -37.24
N CYS FA 123 -16.50 31.07 -37.07
CA CYS FA 123 -16.73 30.48 -35.76
C CYS FA 123 -16.36 29.01 -35.82
N ARG FA 124 -16.09 28.43 -34.64
CA ARG FA 124 -15.84 27.01 -34.52
C ARG FA 124 -16.58 26.50 -33.29
N ILE FA 125 -17.53 25.59 -33.50
CA ILE FA 125 -18.36 25.04 -32.45
C ILE FA 125 -17.98 23.58 -32.26
N THR FA 126 -17.58 23.23 -31.04
CA THR FA 126 -17.22 21.85 -30.69
C THR FA 126 -18.43 21.20 -30.04
N CYS FA 127 -19.01 20.22 -30.72
CA CYS FA 127 -20.18 19.50 -30.23
C CYS FA 127 -19.75 18.16 -29.64
N VAL FA 128 -20.31 17.84 -28.47
CA VAL FA 128 -19.95 16.63 -27.74
C VAL FA 128 -21.17 15.70 -27.69
N SER FA 129 -20.89 14.40 -27.68
CA SER FA 129 -21.94 13.40 -27.60
C SER FA 129 -22.21 13.03 -26.14
N GLU FA 130 -23.30 12.30 -25.93
CA GLU FA 130 -23.69 11.92 -24.57
C GLU FA 130 -22.68 10.99 -23.91
N ASP FA 131 -21.77 10.40 -24.69
CA ASP FA 131 -20.83 9.43 -24.13
C ASP FA 131 -19.78 10.09 -23.23
N GLU FA 132 -19.43 11.35 -23.50
CA GLU FA 132 -18.44 12.05 -22.69
C GLU FA 132 -18.91 12.25 -21.25
N LEU FA 133 -20.20 12.22 -21.00
CA LEU FA 133 -20.71 12.45 -19.66
C LEU FA 133 -20.44 11.27 -18.72
N MET FA 134 -19.67 10.27 -19.14
CA MET FA 134 -19.36 9.11 -18.30
C MET FA 134 -17.95 9.16 -17.73
N ASP FA 135 -17.21 10.25 -17.96
CA ASP FA 135 -15.85 10.35 -17.45
C ASP FA 135 -15.81 10.78 -15.99
N GLN FA 136 -16.85 11.45 -15.50
CA GLN FA 136 -16.86 11.90 -14.12
C GLN FA 136 -17.02 10.72 -13.17
N PRO FA 137 -16.60 10.87 -11.91
CA PRO FA 137 -16.73 9.78 -10.94
C PRO FA 137 -18.18 9.37 -10.77
N GLY FA 138 -18.37 8.26 -10.04
CA GLY FA 138 -19.69 7.75 -9.77
C GLY FA 138 -19.90 7.32 -8.34
N LEU FA 139 -18.97 7.70 -7.46
CA LEU FA 139 -19.08 7.34 -6.05
C LEU FA 139 -20.36 7.92 -5.46
N THR FA 140 -20.44 9.25 -5.40
CA THR FA 140 -21.64 9.95 -4.96
C THR FA 140 -22.19 9.36 -3.66
N ASP FA 141 -21.28 9.09 -2.72
CA ASP FA 141 -21.68 8.53 -1.43
C ASP FA 141 -20.60 8.85 -0.41
N THR FA 142 -21.01 9.45 0.70
CA THR FA 142 -20.10 9.80 1.78
C THR FA 142 -20.81 9.66 3.11
N TYR FA 143 -20.09 9.17 4.11
CA TYR FA 143 -20.64 9.00 5.46
C TYR FA 143 -20.25 10.18 6.34
N CYS FA 144 -20.88 11.32 6.08
CA CYS FA 144 -20.64 12.54 6.84
C CYS FA 144 -21.91 12.97 7.56
N ARG FA 145 -21.83 14.11 8.24
CA ARG FA 145 -22.90 14.57 9.09
C ARG FA 145 -23.94 15.41 8.36
N THR FA 146 -23.54 16.09 7.28
CA THR FA 146 -24.47 16.93 6.54
C THR FA 146 -25.42 16.07 5.70
N CYS FA 147 -26.39 16.74 5.06
CA CYS FA 147 -27.42 16.02 4.33
C CYS FA 147 -26.83 15.24 3.17
N THR FA 148 -25.90 15.83 2.42
CA THR FA 148 -25.32 15.20 1.23
C THR FA 148 -26.34 15.10 0.11
N ALA FA 149 -27.25 16.06 0.04
CA ALA FA 149 -28.29 16.06 -0.98
C ALA FA 149 -28.66 17.50 -1.34
N ILE FA 150 -28.90 17.74 -2.62
CA ILE FA 150 -29.35 19.05 -3.06
C ILE FA 150 -30.79 19.25 -2.66
N VAL FA 151 -31.09 20.41 -2.07
CA VAL FA 151 -32.46 20.70 -1.69
C VAL FA 151 -33.34 20.60 -2.92
N GLY FA 152 -34.36 19.74 -2.86
CA GLY FA 152 -35.29 19.56 -3.95
C GLY FA 152 -34.94 18.43 -4.91
N ASP FA 153 -33.78 17.80 -4.76
CA ASP FA 153 -33.41 16.70 -5.65
C ASP FA 153 -34.36 15.52 -5.44
N HIS FA 154 -34.19 14.49 -6.27
CA HIS FA 154 -35.04 13.31 -6.17
C HIS FA 154 -34.83 12.55 -4.87
N ARG FA 155 -33.75 12.82 -4.14
CA ARG FA 155 -33.50 12.17 -2.86
C ARG FA 155 -34.12 12.92 -1.70
N CYS FA 156 -34.08 14.26 -1.72
CA CYS FA 156 -34.68 15.04 -0.65
C CYS FA 156 -36.20 14.93 -0.67
N LYS FA 157 -36.80 14.83 -1.86
CA LYS FA 157 -38.25 14.69 -2.00
C LYS FA 157 -38.98 15.86 -1.32
N VAL FA 158 -38.43 17.06 -1.48
CA VAL FA 158 -39.02 18.27 -0.91
C VAL FA 158 -39.53 19.14 -2.05
N ASN FA 159 -40.79 19.55 -1.94
CA ASN FA 159 -41.42 20.36 -2.97
C ASN FA 159 -41.13 21.84 -2.69
N LEU FA 160 -40.45 22.49 -3.62
CA LEU FA 160 -40.08 23.89 -3.46
C LEU FA 160 -41.12 24.86 -4.01
N VAL FA 161 -42.16 24.35 -4.70
CA VAL FA 161 -43.17 25.24 -5.26
C VAL FA 161 -43.85 26.07 -4.18
N PRO FA 162 -44.21 25.54 -3.01
CA PRO FA 162 -44.78 26.44 -1.98
C PRO FA 162 -43.84 27.54 -1.56
N TYR FA 163 -42.53 27.29 -1.57
CA TYR FA 163 -41.54 28.27 -1.16
C TYR FA 163 -41.16 29.23 -2.28
N ARG FA 164 -41.70 29.05 -3.48
CA ARG FA 164 -41.42 29.98 -4.57
C ARG FA 164 -41.86 31.38 -4.21
N VAL FA 165 -40.99 32.35 -4.49
CA VAL FA 165 -41.27 33.76 -4.25
C VAL FA 165 -41.09 34.50 -5.57
N THR FA 166 -42.11 35.22 -5.99
CA THR FA 166 -42.07 36.02 -7.21
C THR FA 166 -42.01 37.49 -6.82
N LEU FA 167 -41.04 38.21 -7.37
CA LEU FA 167 -40.81 39.60 -6.98
C LEU FA 167 -40.16 40.35 -8.13
N THR FA 168 -40.25 41.68 -8.06
CA THR FA 168 -39.56 42.56 -8.99
C THR FA 168 -38.44 43.25 -8.24
N PRO FA 169 -37.17 43.08 -8.63
CA PRO FA 169 -36.08 43.66 -7.84
C PRO FA 169 -36.18 45.17 -7.74
N GLN FA 170 -35.80 45.69 -6.57
CA GLN FA 170 -35.83 47.13 -6.34
C GLN FA 170 -34.66 47.82 -7.04
N SER FA 171 -33.44 47.33 -6.79
CA SER FA 171 -32.25 47.91 -7.39
C SER FA 171 -31.28 46.79 -7.73
N VAL FA 172 -30.58 46.93 -8.86
CA VAL FA 172 -29.60 45.96 -9.32
C VAL FA 172 -28.25 46.66 -9.42
N SER FA 173 -27.23 46.07 -8.83
CA SER FA 173 -25.87 46.59 -8.86
C SER FA 173 -24.96 45.60 -9.58
N ALA FA 174 -23.66 45.88 -9.54
CA ALA FA 174 -22.70 45.02 -10.24
C ALA FA 174 -22.70 43.61 -9.66
N TRP FA 175 -22.75 43.49 -8.33
CA TRP FA 175 -22.66 42.20 -7.67
C TRP FA 175 -23.82 41.89 -6.74
N VAL FA 176 -24.66 42.88 -6.41
CA VAL FA 176 -25.71 42.71 -5.40
C VAL FA 176 -27.03 43.12 -6.02
N ILE FA 177 -28.05 42.28 -5.83
CA ILE FA 177 -29.42 42.60 -6.21
C ILE FA 177 -30.22 42.77 -4.91
N SER FA 178 -30.86 43.91 -4.76
CA SER FA 178 -31.54 44.27 -3.53
C SER FA 178 -33.05 44.36 -3.75
N SER FA 179 -33.80 43.80 -2.80
CA SER FA 179 -35.26 43.87 -2.83
C SER FA 179 -35.77 43.93 -1.40
N GLY FA 180 -36.81 44.74 -1.18
CA GLY FA 180 -37.36 44.90 0.15
C GLY FA 180 -38.23 43.76 0.62
N VAL FA 181 -38.81 42.99 -0.30
CA VAL FA 181 -39.70 41.90 0.09
C VAL FA 181 -38.94 40.84 0.88
N VAL FA 182 -37.74 40.49 0.40
CA VAL FA 182 -36.91 39.50 1.11
C VAL FA 182 -36.39 40.03 2.43
N ALA FA 183 -36.46 41.34 2.65
CA ALA FA 183 -36.00 41.90 3.92
C ALA FA 183 -36.82 41.39 5.10
N GLY FA 184 -38.02 40.88 4.86
CA GLY FA 184 -38.87 40.38 5.92
C GLY FA 184 -38.53 38.99 6.41
N TYR FA 185 -37.54 38.34 5.82
CA TYR FA 185 -37.11 37.01 6.23
C TYR FA 185 -35.84 37.09 7.07
N ALA FA 186 -35.64 36.08 7.89
CA ALA FA 186 -34.45 36.04 8.74
C ALA FA 186 -33.20 35.93 7.89
N ASP FA 187 -32.09 36.47 8.42
CA ASP FA 187 -30.84 36.45 7.70
C ASP FA 187 -30.44 35.02 7.35
N GLY FA 188 -29.97 34.82 6.13
CA GLY FA 188 -29.57 33.51 5.67
C GLY FA 188 -30.69 32.61 5.22
N TRP FA 189 -31.92 33.12 5.16
CA TRP FA 189 -33.05 32.28 4.73
C TRP FA 189 -32.85 31.80 3.30
N PHE FA 190 -32.41 32.69 2.41
CA PHE FA 190 -32.24 32.37 1.00
C PHE FA 190 -30.85 31.85 0.67
N THR FA 191 -29.94 31.77 1.65
CA THR FA 191 -28.61 31.28 1.39
C THR FA 191 -28.66 29.87 0.81
N GLY FA 192 -27.93 29.66 -0.28
CA GLY FA 192 -27.92 28.39 -0.97
C GLY FA 192 -28.99 28.23 -2.02
N GLY FA 193 -29.93 29.16 -2.14
CA GLY FA 193 -30.96 29.10 -3.15
C GLY FA 193 -30.49 29.64 -4.48
N TYR FA 194 -31.39 29.58 -5.47
CA TYR FA 194 -31.08 30.04 -6.81
C TYR FA 194 -32.25 30.86 -7.33
N VAL FA 195 -31.94 31.77 -8.26
CA VAL FA 195 -32.92 32.66 -8.86
C VAL FA 195 -33.15 32.23 -10.29
N GLU FA 196 -34.41 31.98 -10.65
CA GLU FA 196 -34.79 31.56 -11.99
C GLU FA 196 -35.74 32.60 -12.59
N TRP FA 197 -35.48 32.99 -13.83
CA TRP FA 197 -36.32 33.95 -14.54
C TRP FA 197 -36.40 33.54 -16.00
N GLN FA 198 -37.47 33.96 -16.66
CA GLN FA 198 -37.73 33.57 -18.04
C GLN FA 198 -36.90 34.42 -18.99
N VAL FA 199 -36.18 33.76 -19.89
CA VAL FA 199 -35.37 34.45 -20.90
C VAL FA 199 -36.18 34.56 -22.18
N ASP FA 200 -36.63 33.43 -22.71
CA ASP FA 200 -37.39 33.41 -23.94
C ASP FA 200 -38.22 32.12 -23.98
N GLY FA 201 -39.47 32.24 -24.37
CA GLY FA 201 -40.33 31.07 -24.44
C GLY FA 201 -40.42 30.37 -23.10
N ASP FA 202 -40.21 29.06 -23.10
CA ASP FA 202 -40.30 28.23 -21.90
C ASP FA 202 -38.94 27.86 -21.34
N ASN FA 203 -37.93 28.72 -21.53
CA ASN FA 203 -36.58 28.47 -21.06
C ASN FA 203 -36.19 29.56 -20.07
N TYR FA 204 -35.62 29.15 -18.94
CA TYR FA 204 -35.22 30.06 -17.88
C TYR FA 204 -33.72 29.95 -17.63
N ASP FA 205 -33.08 31.10 -17.39
CA ASP FA 205 -31.69 31.15 -16.99
C ASP FA 205 -31.61 31.38 -15.49
N ARG FA 206 -30.72 30.65 -14.82
CA ARG FA 206 -30.68 30.62 -13.37
C ARG FA 206 -29.31 31.06 -12.86
N ARG FA 207 -29.31 31.69 -11.71
CA ARG FA 207 -28.10 32.12 -11.02
C ARG FA 207 -28.20 31.69 -9.56
N PHE FA 208 -27.15 31.93 -8.80
CA PHE FA 208 -27.03 31.47 -7.43
C PHE FA 208 -27.03 32.66 -6.46
N ILE FA 209 -27.06 32.35 -5.17
CA ILE FA 209 -27.03 33.34 -4.10
C ILE FA 209 -25.88 32.95 -3.17
N GLU FA 210 -24.78 33.70 -3.21
CA GLU FA 210 -23.71 33.48 -2.23
C GLU FA 210 -24.25 33.57 -0.81
N GLN FA 211 -24.96 34.64 -0.49
CA GLN FA 211 -25.40 34.89 0.88
C GLN FA 211 -26.60 35.82 0.83
N HIS FA 212 -27.52 35.63 1.79
CA HIS FA 212 -28.69 36.49 1.93
C HIS FA 212 -28.59 37.20 3.26
N ALA FA 213 -28.60 38.53 3.22
CA ALA FA 213 -28.48 39.36 4.42
C ALA FA 213 -29.42 40.54 4.29
N GLY FA 214 -30.46 40.56 5.11
CA GLY FA 214 -31.42 41.66 5.04
C GLY FA 214 -32.06 41.74 3.67
N ALA FA 215 -32.03 42.94 3.09
CA ALA FA 215 -32.64 43.21 1.81
C ALA FA 215 -31.70 43.01 0.63
N ASP FA 216 -30.44 42.63 0.88
CA ASP FA 216 -29.43 42.52 -0.16
C ASP FA 216 -29.12 41.05 -0.42
N LEU FA 217 -29.06 40.69 -1.70
CA LEU FA 217 -28.73 39.33 -2.12
C LEU FA 217 -27.43 39.36 -2.92
N HIS FA 218 -26.50 38.49 -2.55
CA HIS FA 218 -25.21 38.38 -3.23
C HIS FA 218 -25.32 37.28 -4.29
N ILE FA 219 -25.19 37.65 -5.56
CA ILE FA 219 -25.34 36.72 -6.67
C ILE FA 219 -23.97 36.20 -7.08
N LEU FA 220 -23.88 34.89 -7.27
CA LEU FA 220 -22.64 34.25 -7.71
C LEU FA 220 -22.35 34.63 -9.16
N GLY FA 221 -21.16 35.15 -9.41
CA GLY FA 221 -20.72 35.47 -10.75
C GLY FA 221 -21.15 36.83 -11.26
N GLY FA 222 -21.73 37.67 -10.42
CA GLY FA 222 -22.19 38.97 -10.85
C GLY FA 222 -23.62 38.93 -11.37
N THR FA 223 -24.25 40.11 -11.39
CA THR FA 223 -25.63 40.25 -11.81
C THR FA 223 -25.77 40.53 -13.30
N GLU FA 224 -24.70 40.36 -14.07
CA GLU FA 224 -24.76 40.60 -15.50
C GLU FA 224 -25.77 39.65 -16.15
N GLY FA 225 -26.58 40.19 -17.05
CA GLY FA 225 -27.61 39.43 -17.72
C GLY FA 225 -28.93 39.38 -16.99
N ILE FA 226 -29.01 39.92 -15.77
CA ILE FA 226 -30.25 39.95 -15.00
C ILE FA 226 -31.05 41.17 -15.43
N PRO FA 227 -32.27 41.02 -15.93
CA PRO FA 227 -33.05 42.20 -16.31
C PRO FA 227 -33.35 43.07 -15.10
N ALA FA 228 -33.36 44.38 -15.31
CA ALA FA 228 -33.58 45.33 -14.22
C ALA FA 228 -35.03 45.39 -13.77
N GLY FA 229 -35.97 44.97 -14.62
CA GLY FA 229 -37.38 45.01 -14.27
C GLY FA 229 -38.10 43.71 -14.52
N GLY FA 230 -37.38 42.72 -15.05
CA GLY FA 230 -38.00 41.44 -15.34
C GLY FA 230 -38.41 40.70 -14.08
N GLN FA 231 -39.43 39.87 -14.21
CA GLN FA 231 -39.92 39.08 -13.09
C GLN FA 231 -38.91 38.00 -12.74
N LEU FA 232 -38.62 37.86 -11.45
CA LEU FA 232 -37.65 36.90 -10.96
C LEU FA 232 -38.29 35.98 -9.93
N ARG FA 233 -37.97 34.70 -10.02
CA ARG FA 233 -38.43 33.68 -9.07
C ARG FA 233 -37.25 33.21 -8.23
N VAL FA 234 -37.40 33.27 -6.91
CA VAL FA 234 -36.33 32.96 -5.98
C VAL FA 234 -36.78 31.83 -5.06
N TYR FA 235 -35.93 30.81 -4.93
CA TYR FA 235 -36.19 29.69 -4.03
C TYR FA 235 -35.22 29.72 -2.85
N PRO FA 236 -35.60 29.15 -1.71
CA PRO FA 236 -34.70 29.13 -0.55
C PRO FA 236 -33.59 28.09 -0.73
N GLY FA 237 -32.79 27.94 0.31
CA GLY FA 237 -31.71 26.97 0.30
C GLY FA 237 -31.62 26.25 1.63
N CYS FA 238 -31.18 25.01 1.57
CA CYS FA 238 -31.06 24.15 2.74
C CYS FA 238 -29.61 24.05 3.16
N ASP FA 239 -29.33 24.36 4.43
CA ASP FA 239 -27.97 24.26 4.93
C ASP FA 239 -27.49 22.81 4.97
N GLY FA 240 -28.40 21.86 5.16
CA GLY FA 240 -28.08 20.46 5.19
C GLY FA 240 -28.06 19.83 6.57
N LEU FA 241 -28.01 20.65 7.62
CA LEU FA 241 -28.03 20.11 8.97
C LEU FA 241 -29.39 19.51 9.29
N ALA FA 242 -29.38 18.47 10.13
CA ALA FA 242 -30.63 17.82 10.49
C ALA FA 242 -31.57 18.79 11.19
N GLN FA 243 -31.05 19.60 12.11
CA GLN FA 243 -31.86 20.63 12.75
C GLN FA 243 -32.46 21.56 11.71
N THR FA 244 -31.63 22.05 10.77
CA THR FA 244 -32.13 22.90 9.71
C THR FA 244 -33.13 22.17 8.83
N CYS FA 245 -32.86 20.90 8.52
CA CYS FA 245 -33.75 20.16 7.64
C CYS FA 245 -35.13 19.99 8.26
N ASP FA 246 -35.19 19.71 9.56
CA ASP FA 246 -36.46 19.42 10.21
C ASP FA 246 -37.22 20.68 10.61
N ASP FA 247 -36.56 21.65 11.23
CA ASP FA 247 -37.28 22.84 11.70
C ASP FA 247 -37.89 23.60 10.55
N LYS FA 248 -37.15 23.76 9.45
CA LYS FA 248 -37.63 24.56 8.32
C LYS FA 248 -38.54 23.76 7.40
N PHE FA 249 -38.07 22.60 6.92
CA PHE FA 249 -38.79 21.83 5.92
C PHE FA 249 -39.47 20.59 6.47
N SER FA 250 -39.17 20.20 7.72
CA SER FA 250 -39.78 19.01 8.33
C SER FA 250 -39.60 17.80 7.43
N ASN FA 251 -38.40 17.64 6.87
CA ASN FA 251 -38.05 16.53 6.00
C ASN FA 251 -37.08 15.57 6.68
N LEU FA 252 -37.10 15.52 8.01
CA LEU FA 252 -36.18 14.65 8.74
C LEU FA 252 -36.29 13.19 8.31
N PRO FA 253 -37.49 12.63 8.09
CA PRO FA 253 -37.54 11.22 7.67
C PRO FA 253 -36.72 10.93 6.41
N ASN FA 254 -36.64 11.88 5.49
CA ASN FA 254 -35.84 11.72 4.29
C ASN FA 254 -34.42 12.23 4.46
N PHE FA 255 -34.05 12.66 5.66
CA PHE FA 255 -32.69 13.15 5.90
C PHE FA 255 -31.68 12.06 5.55
N ARG FA 256 -30.79 12.37 4.60
CA ARG FA 256 -29.79 11.42 4.15
C ARG FA 256 -28.50 11.47 4.94
N GLY FA 257 -28.36 12.43 5.86
CA GLY FA 257 -27.13 12.55 6.62
C GLY FA 257 -27.09 11.62 7.81
N PHE FA 258 -25.88 11.43 8.34
CA PHE FA 258 -25.63 10.60 9.51
C PHE FA 258 -25.03 11.50 10.59
N ASN FA 259 -25.88 11.97 11.50
CA ASN FA 259 -25.44 12.95 12.48
C ASN FA 259 -24.62 12.32 13.60
N ALA FA 260 -25.17 11.33 14.29
CA ALA FA 260 -24.52 10.76 15.48
C ALA FA 260 -24.66 9.25 15.51
N MET FA 261 -24.43 8.58 14.38
CA MET FA 261 -24.48 7.12 14.36
C MET FA 261 -23.13 6.52 14.74
N GLN FA 262 -22.05 6.92 14.06
CA GLN FA 262 -20.70 6.70 14.55
C GLN FA 262 -19.74 7.51 13.71
N GLY FA 263 -18.77 8.14 14.38
CA GLY FA 263 -17.78 8.95 13.69
C GLY FA 263 -16.45 8.24 13.51
N LYS FA 264 -16.05 7.46 14.53
CA LYS FA 264 -14.76 6.79 14.50
C LYS FA 264 -14.91 5.30 14.83
N SER FA 265 -15.89 4.96 15.67
CA SER FA 265 -15.94 3.68 16.38
C SER FA 265 -15.70 2.49 15.47
N PRO FA 266 -14.53 1.82 15.58
CA PRO FA 266 -14.38 0.51 14.97
C PRO FA 266 -14.64 -0.62 15.96
N PHE FA 267 -14.85 -1.82 15.46
CA PHE FA 267 -14.94 -3.01 16.31
C PHE FA 267 -13.67 -3.84 16.26
N ASP FA 268 -12.58 -3.30 15.71
CA ASP FA 268 -11.28 -3.95 15.70
C ASP FA 268 -10.19 -2.94 16.03
N GLY FA 269 -10.42 -2.10 17.03
CA GLY FA 269 -9.46 -1.09 17.41
C GLY FA 269 -8.37 -1.64 18.32
N ASP FA 270 -7.96 -0.84 19.30
CA ASP FA 270 -6.94 -1.24 20.27
C ASP FA 270 -7.50 -1.33 21.69
N GLN FA 271 -8.17 -0.28 22.16
CA GLN FA 271 -8.76 -0.28 23.50
C GLN FA 271 -10.12 0.41 23.42
N VAL FA 272 -11.17 -0.35 23.70
CA VAL FA 272 -12.51 0.23 23.66
C VAL FA 272 -12.64 1.36 24.67
N TRP FA 273 -11.86 1.31 25.75
CA TRP FA 273 -11.87 2.37 26.76
C TRP FA 273 -10.56 3.15 26.74
N GLU GA 14 -81.88 52.72 -14.56
CA GLU GA 14 -82.32 52.84 -15.94
C GLU GA 14 -81.31 52.19 -16.88
N GLY GA 15 -80.18 52.85 -17.07
CA GLY GA 15 -79.12 52.34 -17.93
C GLY GA 15 -77.83 53.10 -17.72
N ILE GA 16 -76.72 52.37 -17.56
CA ILE GA 16 -75.46 52.99 -17.18
C ILE GA 16 -74.35 52.68 -18.18
N VAL GA 17 -74.09 51.39 -18.42
CA VAL GA 17 -72.95 51.00 -19.24
C VAL GA 17 -73.20 49.62 -19.80
N ALA GA 18 -72.74 49.40 -21.04
CA ALA GA 18 -72.81 48.11 -21.71
C ALA GA 18 -71.49 47.34 -21.63
N GLY GA 19 -70.36 48.04 -21.68
CA GLY GA 19 -69.06 47.39 -21.61
C GLY GA 19 -68.30 47.44 -22.91
N ILE GA 20 -68.11 46.27 -23.53
CA ILE GA 20 -67.46 46.13 -24.83
C ILE GA 20 -66.18 46.95 -24.91
N THR GA 21 -65.54 47.19 -23.77
CA THR GA 21 -64.32 47.98 -23.76
C THR GA 21 -63.12 47.17 -24.25
N PRO GA 22 -62.96 45.90 -23.84
CA PRO GA 22 -61.79 45.14 -24.30
C PRO GA 22 -61.85 44.80 -25.78
N ASN GA 23 -63.01 44.29 -26.22
CA ASN GA 23 -63.15 43.75 -27.56
C ASN GA 23 -62.84 44.78 -28.64
N ILE GA 24 -63.64 45.84 -28.72
CA ILE GA 24 -63.50 46.81 -29.80
C ILE GA 24 -62.12 47.46 -29.75
N ASP GA 25 -61.67 47.84 -28.54
CA ASP GA 25 -60.37 48.48 -28.41
C ASP GA 25 -59.26 47.56 -28.91
N ALA GA 26 -59.38 46.27 -28.64
CA ALA GA 26 -58.37 45.29 -29.05
C ALA GA 26 -58.71 44.58 -30.35
N LEU GA 27 -59.82 44.94 -30.99
CA LEU GA 27 -60.28 44.23 -32.17
C LEU GA 27 -59.35 44.52 -33.36
N GLU GA 28 -59.57 43.79 -34.45
CA GLU GA 28 -58.75 43.94 -35.64
C GLU GA 28 -59.02 45.28 -36.30
N LEU GA 29 -58.55 46.35 -35.67
CA LEU GA 29 -58.83 47.72 -36.09
C LEU GA 29 -57.53 48.46 -36.30
N ASN GA 30 -57.38 49.09 -37.48
CA ASN GA 30 -56.30 50.04 -37.66
C ASN GA 30 -56.53 51.31 -36.86
N GLN GA 31 -57.70 51.46 -36.26
CA GLN GA 31 -57.99 52.49 -35.28
C GLN GA 31 -58.31 51.82 -33.94
N ASP GA 32 -58.72 52.62 -32.97
CA ASP GA 32 -58.83 52.15 -31.59
C ASP GA 32 -59.40 53.29 -30.76
N ILE GA 33 -59.74 52.98 -29.50
CA ILE GA 33 -60.32 53.95 -28.60
C ILE GA 33 -61.62 54.45 -29.21
N SER GA 34 -62.36 53.55 -29.85
CA SER GA 34 -63.60 53.91 -30.50
C SER GA 34 -64.70 54.08 -29.47
N LEU GA 35 -65.43 55.20 -29.55
CA LEU GA 35 -66.55 55.47 -28.65
C LEU GA 35 -66.10 55.44 -27.19
N ALA GA 36 -64.90 55.95 -26.93
CA ALA GA 36 -64.33 55.95 -25.59
C ALA GA 36 -64.62 57.24 -24.84
N ALA GA 37 -64.62 58.38 -25.53
CA ALA GA 37 -64.88 59.65 -24.86
C ALA GA 37 -66.28 59.68 -24.26
N VAL GA 38 -67.23 58.96 -24.86
CA VAL GA 38 -68.59 58.96 -24.36
C VAL GA 38 -68.69 58.28 -23.00
N ALA GA 39 -67.81 57.30 -22.73
CA ALA GA 39 -67.88 56.56 -21.48
C ALA GA 39 -67.80 57.51 -20.28
N ALA GA 40 -66.81 58.40 -20.27
CA ALA GA 40 -66.72 59.39 -19.19
C ALA GA 40 -67.85 60.40 -19.28
N SER GA 41 -68.27 60.77 -20.50
CA SER GA 41 -69.36 61.72 -20.71
C SER GA 41 -70.68 60.96 -20.59
N THR GA 42 -71.11 60.78 -19.34
CA THR GA 42 -72.29 59.95 -19.09
C THR GA 42 -73.58 60.73 -19.32
N TRP GA 43 -73.83 61.77 -18.52
CA TRP GA 43 -75.07 62.52 -18.60
C TRP GA 43 -76.26 61.57 -18.58
N GLY GA 44 -77.43 62.02 -19.06
CA GLY GA 44 -78.57 61.14 -19.18
C GLY GA 44 -79.87 61.74 -18.68
N GLY GA 45 -80.87 61.78 -19.55
CA GLY GA 45 -82.19 62.28 -19.18
C GLY GA 45 -83.30 61.45 -19.81
N ALA GA 46 -83.03 60.16 -20.03
CA ALA GA 46 -83.97 59.31 -20.76
C ALA GA 46 -85.30 59.20 -20.04
N TYR GA 47 -85.28 59.12 -18.71
CA TYR GA 47 -86.52 58.99 -17.96
C TYR GA 47 -87.45 60.16 -18.25
N GLY GA 48 -88.73 59.85 -18.42
CA GLY GA 48 -89.73 60.88 -18.71
C GLY GA 48 -90.44 60.57 -20.02
N ALA GA 49 -91.76 60.58 -19.96
CA ALA GA 49 -92.60 60.25 -21.11
C ALA GA 49 -93.66 61.33 -21.29
N HIS GA 50 -93.93 61.66 -22.56
CA HIS GA 50 -94.95 62.63 -22.93
C HIS GA 50 -96.12 61.89 -23.58
N GLN GA 51 -97.17 62.64 -23.89
CA GLN GA 51 -98.41 62.09 -24.45
C GLN GA 51 -98.81 62.86 -25.70
N PRO GA 52 -98.08 62.67 -26.83
CA PRO GA 52 -98.60 63.09 -28.14
C PRO GA 52 -99.61 62.09 -28.70
N VAL GA 53 -100.60 61.73 -27.88
CA VAL GA 53 -101.61 60.74 -28.20
C VAL GA 53 -101.01 59.57 -28.97
N GLU GA 54 -99.91 59.00 -28.46
CA GLU GA 54 -99.27 57.86 -29.15
C GLU GA 54 -99.72 56.54 -28.53
N VAL GA 55 -99.20 56.22 -27.34
CA VAL GA 55 -99.71 55.18 -26.45
C VAL GA 55 -98.84 55.29 -25.21
N ILE GA 56 -99.36 54.89 -24.05
CA ILE GA 56 -98.54 54.94 -22.84
C ILE GA 56 -97.77 53.62 -22.74
N HIS GA 57 -96.63 53.53 -23.40
CA HIS GA 57 -95.80 52.33 -23.35
C HIS GA 57 -94.33 52.72 -23.20
N SER GA 58 -93.70 52.22 -22.14
CA SER GA 58 -92.26 52.30 -21.96
C SER GA 58 -91.84 51.31 -20.91
N THR GA 59 -91.05 50.30 -21.29
CA THR GA 59 -90.73 49.19 -20.40
C THR GA 59 -89.22 49.00 -20.32
N TYR GA 60 -88.74 48.76 -19.10
CA TYR GA 60 -87.35 48.41 -18.86
C TYR GA 60 -86.42 49.59 -19.17
N GLN GA 61 -86.17 49.85 -20.46
CA GLN GA 61 -85.30 50.93 -20.89
C GLN GA 61 -83.91 50.81 -20.27
N ALA GA 62 -83.22 49.74 -20.66
CA ALA GA 62 -81.90 49.42 -20.13
C ALA GA 62 -80.87 49.37 -21.26
N VAL GA 63 -79.64 49.04 -20.88
CA VAL GA 63 -78.51 49.00 -21.81
C VAL GA 63 -78.28 47.55 -22.22
N HIS GA 64 -77.83 47.37 -23.47
CA HIS GA 64 -77.54 46.02 -23.95
C HIS GA 64 -76.81 46.12 -25.28
N GLN GA 65 -75.73 45.35 -25.42
CA GLN GA 65 -75.09 45.17 -26.71
C GLN GA 65 -74.67 46.53 -27.25
N SER GA 66 -74.05 46.55 -28.43
CA SER GA 66 -73.76 47.79 -29.13
C SER GA 66 -73.86 47.52 -30.62
N ALA GA 67 -73.33 48.43 -31.42
CA ALA GA 67 -73.31 48.21 -32.86
C ALA GA 67 -72.71 46.86 -33.19
N LEU GA 68 -71.66 46.46 -32.47
CA LEU GA 68 -70.84 45.27 -32.68
C LEU GA 68 -69.92 45.45 -33.87
N GLU GA 69 -70.04 46.54 -34.63
CA GLU GA 69 -69.17 46.87 -35.75
C GLU GA 69 -68.73 48.32 -35.63
N GLU GA 70 -68.20 48.68 -34.46
CA GLU GA 70 -67.61 49.99 -34.23
C GLU GA 70 -66.20 50.08 -34.79
N ASN GA 71 -65.89 49.22 -35.76
CA ASN GA 71 -64.53 49.05 -36.25
C ASN GA 71 -64.02 50.32 -36.93
N TYR GA 72 -62.71 50.55 -36.79
CA TYR GA 72 -62.00 51.54 -37.59
C TYR GA 72 -62.42 52.97 -37.24
N TYR GA 73 -62.54 53.27 -35.94
CA TYR GA 73 -63.04 54.56 -35.49
C TYR GA 73 -62.08 55.23 -34.52
N ASN GA 74 -61.78 56.50 -34.80
CA ASN GA 74 -61.29 57.47 -33.81
C ASN GA 74 -59.86 57.17 -33.30
N ARG GA 75 -58.92 57.00 -34.22
CA ARG GA 75 -57.50 57.26 -33.94
C ARG GA 75 -56.74 57.11 -35.25
N LEU GA 76 -55.41 57.13 -35.16
CA LEU GA 76 -54.54 57.14 -36.33
C LEU GA 76 -54.67 55.85 -37.14
N TRP GA 77 -53.97 55.81 -38.27
CA TRP GA 77 -53.81 54.62 -39.09
C TRP GA 77 -52.33 54.36 -39.30
N LEU GA 78 -51.99 53.10 -39.56
CA LEU GA 78 -50.64 52.72 -39.99
C LEU GA 78 -50.80 51.74 -41.15
N ILE GA 79 -50.90 52.28 -42.36
CA ILE GA 79 -51.02 51.42 -43.55
C ILE GA 79 -49.78 50.56 -43.75
N PRO GA 80 -48.56 51.10 -43.70
CA PRO GA 80 -47.37 50.26 -43.92
C PRO GA 80 -46.99 49.51 -42.65
N THR GA 81 -46.72 48.21 -42.79
CA THR GA 81 -46.27 47.37 -41.70
C THR GA 81 -44.93 46.71 -41.95
N ALA GA 82 -44.59 46.43 -43.21
CA ALA GA 82 -43.30 45.83 -43.55
C ALA GA 82 -42.96 46.21 -44.97
N MET GA 83 -41.83 46.89 -45.16
CA MET GA 83 -41.40 47.38 -46.46
C MET GA 83 -40.31 46.48 -47.02
N GLU GA 84 -40.52 45.99 -48.24
CA GLU GA 84 -39.56 45.11 -48.91
C GLU GA 84 -38.71 45.98 -49.85
N LEU GA 85 -37.77 46.70 -49.25
CA LEU GA 85 -36.89 47.55 -50.06
C LEU GA 85 -35.98 46.73 -50.96
N GLY GA 86 -35.64 45.52 -50.55
CA GLY GA 86 -34.77 44.68 -51.37
C GLY GA 86 -33.44 45.38 -51.62
N ASN GA 87 -33.02 45.42 -52.88
CA ASN GA 87 -31.76 46.03 -53.26
C ASN GA 87 -32.00 47.50 -53.64
N VAL GA 88 -31.35 48.40 -52.93
CA VAL GA 88 -31.48 49.84 -53.14
C VAL GA 88 -30.22 50.33 -53.84
N VAL GA 89 -30.39 50.91 -55.03
CA VAL GA 89 -29.26 51.45 -55.78
C VAL GA 89 -29.47 52.89 -56.21
N SER GA 90 -30.70 53.41 -56.21
CA SER GA 90 -30.98 54.78 -56.62
C SER GA 90 -31.89 55.42 -55.58
N THR GA 91 -32.13 56.72 -55.74
CA THR GA 91 -32.97 57.47 -54.83
C THR GA 91 -34.42 57.01 -54.99
N GLN GA 92 -34.93 56.30 -53.98
CA GLN GA 92 -36.31 55.84 -53.97
C GLN GA 92 -37.16 56.76 -53.10
N ILE GA 93 -38.43 56.88 -53.47
CA ILE GA 93 -39.41 57.67 -52.73
C ILE GA 93 -40.63 56.80 -52.49
N ARG GA 94 -41.12 56.77 -51.25
CA ARG GA 94 -42.28 56.00 -50.89
C ARG GA 94 -43.26 56.85 -50.10
N PRO GA 95 -44.55 56.54 -50.16
CA PRO GA 95 -45.54 57.33 -49.40
C PRO GA 95 -45.83 56.75 -48.02
N ALA GA 96 -45.95 57.64 -47.04
CA ALA GA 96 -46.34 57.29 -45.70
C ALA GA 96 -47.49 58.19 -45.29
N SER GA 97 -48.62 57.59 -44.91
CA SER GA 97 -49.82 58.34 -44.57
C SER GA 97 -50.41 57.83 -43.26
N VAL GA 98 -51.00 58.76 -42.51
CA VAL GA 98 -51.67 58.47 -41.24
C VAL GA 98 -52.98 59.22 -41.22
N TRP GA 99 -54.07 58.51 -40.93
CA TRP GA 99 -55.41 59.11 -40.91
C TRP GA 99 -55.91 59.11 -39.48
N ASN GA 100 -56.22 60.30 -38.96
CA ASN GA 100 -56.74 60.48 -37.62
C ASN GA 100 -58.23 60.76 -37.69
N ALA GA 101 -59.03 59.93 -37.02
CA ALA GA 101 -60.48 60.10 -36.97
C ALA GA 101 -60.95 60.74 -35.66
N TYR GA 102 -60.03 61.08 -34.76
CA TYR GA 102 -60.43 61.75 -33.53
C TYR GA 102 -61.07 63.09 -33.83
N PHE GA 103 -62.04 63.47 -33.00
CA PHE GA 103 -62.60 64.81 -33.09
C PHE GA 103 -61.61 65.89 -32.67
N SER GA 104 -60.49 65.51 -32.07
CA SER GA 104 -59.41 66.42 -31.72
C SER GA 104 -58.09 65.85 -32.24
N PRO GA 105 -57.14 66.71 -32.60
CA PRO GA 105 -55.88 66.19 -33.17
C PRO GA 105 -55.12 65.34 -32.17
N ARG GA 106 -54.39 64.35 -32.71
CA ARG GA 106 -53.45 63.53 -31.95
C ARG GA 106 -52.05 63.95 -32.37
N THR GA 107 -51.39 64.75 -31.52
CA THR GA 107 -50.08 65.29 -31.86
C THR GA 107 -49.00 64.25 -31.63
N LEU GA 108 -48.14 64.07 -32.62
CA LEU GA 108 -47.03 63.14 -32.50
C LEU GA 108 -45.98 63.71 -31.56
N THR GA 109 -45.56 62.91 -30.57
CA THR GA 109 -44.58 63.38 -29.60
C THR GA 109 -43.26 63.74 -30.30
N ALA GA 110 -42.74 62.83 -31.11
CA ALA GA 110 -41.51 63.05 -31.84
C ALA GA 110 -41.24 61.83 -32.72
N ILE GA 111 -40.25 61.96 -33.58
CA ILE GA 111 -39.78 60.85 -34.43
C ILE GA 111 -38.32 60.62 -34.05
N ASP GA 112 -38.09 59.72 -33.10
CA ASP GA 112 -36.74 59.38 -32.66
C ASP GA 112 -36.07 58.56 -33.75
N ARG GA 113 -35.23 59.21 -34.55
CA ARG GA 113 -34.60 58.57 -35.70
C ARG GA 113 -33.39 57.78 -35.23
N GLU GA 114 -33.47 56.45 -35.32
CA GLU GA 114 -32.37 55.56 -34.99
C GLU GA 114 -31.93 54.85 -36.26
N ALA GA 115 -30.64 54.98 -36.60
CA ALA GA 115 -30.07 54.35 -37.79
C ALA GA 115 -30.82 54.76 -39.06
N ALA GA 116 -31.55 55.88 -39.00
CA ALA GA 116 -32.33 56.36 -40.12
C ALA GA 116 -31.65 57.48 -40.88
N ASP GA 117 -30.37 57.72 -40.63
CA ASP GA 117 -29.66 58.79 -41.31
C ASP GA 117 -29.72 58.58 -42.82
N GLY GA 118 -29.88 59.68 -43.56
CA GLY GA 118 -30.11 59.62 -44.98
C GLY GA 118 -31.57 59.48 -45.37
N ILE GA 119 -32.48 59.52 -44.41
CA ILE GA 119 -33.92 59.47 -44.66
C ILE GA 119 -34.51 60.80 -44.21
N THR GA 120 -35.15 61.50 -45.14
CA THR GA 120 -35.69 62.83 -44.88
C THR GA 120 -37.09 62.94 -45.46
N LEU GA 121 -37.90 63.79 -44.83
CA LEU GA 121 -39.24 64.12 -45.31
C LEU GA 121 -39.25 65.57 -45.79
N SER GA 122 -39.72 65.78 -47.01
CA SER GA 122 -39.75 67.10 -47.62
C SER GA 122 -41.19 67.61 -47.69
N GLY GA 123 -41.35 68.91 -47.48
CA GLY GA 123 -42.66 69.54 -47.48
C GLY GA 123 -43.44 69.41 -46.20
N GLN GA 124 -42.84 68.82 -45.16
CA GLN GA 124 -43.52 68.59 -43.89
C GLN GA 124 -42.75 69.28 -42.77
N ALA GA 125 -43.48 69.67 -41.73
CA ALA GA 125 -42.90 70.36 -40.59
C ALA GA 125 -42.23 69.37 -39.66
N SER GA 126 -41.89 69.81 -38.45
CA SER GA 126 -41.25 68.94 -37.48
C SER GA 126 -42.22 67.83 -37.04
N PRO GA 127 -41.68 66.73 -36.51
CA PRO GA 127 -42.53 65.60 -36.12
C PRO GA 127 -43.81 66.03 -35.43
N PRO GA 128 -43.74 66.92 -34.42
CA PRO GA 128 -44.98 67.43 -33.82
C PRO GA 128 -45.93 67.97 -34.88
N LEU GA 129 -47.08 67.32 -35.03
CA LEU GA 129 -48.00 67.62 -36.12
C LEU GA 129 -49.42 67.31 -35.66
N GLY GA 130 -50.28 68.33 -35.65
CA GLY GA 130 -51.68 68.13 -35.29
C GLY GA 130 -52.47 67.67 -36.49
N PHE GA 131 -53.19 66.56 -36.33
CA PHE GA 131 -53.97 65.96 -37.40
C PHE GA 131 -55.43 66.41 -37.26
N ALA GA 132 -55.96 67.04 -38.30
CA ALA GA 132 -57.36 67.41 -38.31
C ALA GA 132 -58.23 66.17 -38.41
N ALA GA 133 -59.44 66.26 -37.85
CA ALA GA 133 -60.36 65.14 -37.91
C ALA GA 133 -60.68 64.81 -39.37
N LEU GA 134 -60.82 63.52 -39.65
CA LEU GA 134 -61.11 63.05 -41.01
C LEU GA 134 -60.08 63.57 -42.02
N GLU GA 135 -58.84 63.72 -41.57
CA GLU GA 135 -57.76 64.20 -42.41
C GLU GA 135 -56.67 63.15 -42.49
N GLU GA 136 -56.22 62.86 -43.70
CA GLU GA 136 -55.10 61.96 -43.95
C GLU GA 136 -53.92 62.78 -44.44
N ARG GA 137 -52.78 62.65 -43.78
CA ARG GA 137 -51.57 63.38 -44.13
C ARG GA 137 -50.54 62.38 -44.64
N THR GA 138 -50.35 62.35 -45.96
CA THR GA 138 -49.43 61.42 -46.60
C THR GA 138 -48.09 62.11 -46.77
N TRP GA 139 -47.12 61.71 -45.94
CA TRP GA 139 -45.78 62.25 -46.05
C TRP GA 139 -45.06 61.62 -47.26
N THR GA 140 -43.97 62.26 -47.65
CA THR GA 140 -43.15 61.80 -48.78
C THR GA 140 -41.87 61.20 -48.20
N VAL GA 141 -41.84 59.88 -48.08
CA VAL GA 141 -40.67 59.17 -47.54
C VAL GA 141 -39.62 59.11 -48.63
N SER GA 142 -38.66 60.03 -48.60
CA SER GA 142 -37.59 60.07 -49.57
C SER GA 142 -36.42 59.21 -49.07
N ILE GA 143 -36.05 58.21 -49.86
CA ILE GA 143 -34.94 57.33 -49.54
C ILE GA 143 -33.74 57.75 -50.37
N GLY GA 144 -32.68 58.18 -49.70
CA GLY GA 144 -31.50 58.65 -50.38
C GLY GA 144 -30.63 57.52 -50.89
N THR GA 145 -29.50 57.92 -51.48
CA THR GA 145 -28.54 56.97 -52.03
C THR GA 145 -27.27 56.86 -51.18
N ASP GA 146 -27.19 57.58 -50.07
CA ASP GA 146 -26.03 57.53 -49.18
C ASP GA 146 -26.45 56.96 -47.84
N GLY GA 147 -25.69 55.95 -47.37
CA GLY GA 147 -25.95 55.34 -46.10
C GLY GA 147 -25.20 54.04 -45.93
N PRO GA 148 -25.35 53.41 -44.76
CA PRO GA 148 -24.70 52.12 -44.54
C PRO GA 148 -25.21 51.08 -45.50
N PRO GA 149 -24.39 50.08 -45.84
CA PRO GA 149 -24.85 49.02 -46.76
C PRO GA 149 -26.01 48.19 -46.21
N VAL GA 150 -26.25 48.23 -44.90
CA VAL GA 150 -27.33 47.49 -44.28
C VAL GA 150 -28.29 48.51 -43.68
N VAL GA 151 -29.56 48.45 -44.08
CA VAL GA 151 -30.58 49.37 -43.61
C VAL GA 151 -31.30 48.68 -42.45
N ASN GA 152 -30.99 49.10 -41.24
CA ASN GA 152 -31.61 48.59 -40.02
C ASN GA 152 -32.20 49.79 -39.28
N ALA GA 153 -33.43 50.16 -39.64
CA ALA GA 153 -34.09 51.34 -39.12
C ALA GA 153 -35.33 50.95 -38.33
N ARG GA 154 -35.59 51.67 -37.24
CA ARG GA 154 -36.78 51.48 -36.41
C ARG GA 154 -37.31 52.86 -36.04
N ILE GA 155 -38.21 53.39 -36.86
CA ILE GA 155 -38.82 54.69 -36.61
C ILE GA 155 -40.06 54.48 -35.74
N VAL GA 156 -40.14 55.23 -34.64
CA VAL GA 156 -41.19 55.06 -33.64
C VAL GA 156 -42.17 56.21 -33.75
N TRP GA 157 -43.45 55.88 -33.91
CA TRP GA 157 -44.55 56.86 -33.92
C TRP GA 157 -45.24 56.77 -32.57
N ARG GA 158 -44.71 57.47 -31.59
CA ARG GA 158 -45.17 57.41 -30.21
C ARG GA 158 -46.17 58.54 -29.95
N LEU GA 159 -47.35 58.17 -29.45
CA LEU GA 159 -48.38 59.14 -29.13
C LEU GA 159 -48.98 58.82 -27.76
N GLN GA 160 -49.56 59.84 -27.14
CA GLN GA 160 -50.18 59.67 -25.83
C GLN GA 160 -51.37 58.74 -25.92
N GLY GA 161 -51.56 57.94 -24.87
CA GLY GA 161 -52.73 57.07 -24.79
C GLY GA 161 -52.81 56.03 -25.89
N GLU GA 162 -51.70 55.73 -26.55
CA GLU GA 162 -51.66 54.75 -27.61
C GLU GA 162 -50.34 53.99 -27.53
N PRO GA 163 -50.36 52.66 -27.66
CA PRO GA 163 -49.11 51.92 -27.65
C PRO GA 163 -48.22 52.32 -28.82
N ASN GA 164 -46.91 52.22 -28.60
CA ASN GA 164 -45.95 52.61 -29.63
C ASN GA 164 -46.21 51.85 -30.92
N LEU GA 165 -46.27 52.58 -32.03
CA LEU GA 165 -46.47 52.02 -33.36
C LEU GA 165 -45.21 52.30 -34.17
N VAL GA 166 -44.24 51.39 -34.09
CA VAL GA 166 -42.93 51.59 -34.71
C VAL GA 166 -43.01 51.16 -36.17
N LEU GA 167 -42.58 52.05 -37.07
CA LEU GA 167 -42.48 51.74 -38.49
C LEU GA 167 -41.06 51.29 -38.78
N VAL GA 168 -40.90 50.01 -39.06
CA VAL GA 168 -39.57 49.42 -39.26
C VAL GA 168 -39.28 49.39 -40.76
N ILE GA 169 -38.17 50.01 -41.16
CA ILE GA 169 -37.71 50.02 -42.54
C ILE GA 169 -36.45 49.17 -42.62
N THR GA 170 -36.45 48.19 -43.52
CA THR GA 170 -35.33 47.27 -43.66
C THR GA 170 -34.97 47.12 -45.13
N GLY GA 171 -33.68 46.86 -45.38
CA GLY GA 171 -33.20 46.72 -46.74
C GLY GA 171 -31.68 46.79 -46.77
N ASN GA 172 -31.15 47.03 -47.96
CA ASN GA 172 -29.71 47.14 -48.16
C ASN GA 172 -29.43 48.21 -49.19
N ARG GA 173 -28.26 48.85 -49.06
CA ARG GA 173 -27.81 49.88 -49.98
C ARG GA 173 -26.69 49.32 -50.85
N ILE GA 174 -26.82 49.49 -52.16
CA ILE GA 174 -25.86 48.98 -53.12
C ILE GA 174 -25.54 50.08 -54.13
N ILE GA 175 -24.34 49.97 -54.72
CA ILE GA 175 -23.89 50.90 -55.75
C ILE GA 175 -23.65 50.10 -57.02
N ALA GA 176 -24.20 50.59 -58.13
CA ALA GA 176 -24.12 49.89 -59.40
C ALA GA 176 -22.84 50.26 -60.15
N TRP GA 177 -22.30 49.28 -60.88
CA TRP GA 177 -21.11 49.48 -61.70
C TRP GA 177 -21.55 50.08 -63.03
N THR GA 178 -21.17 51.33 -63.27
CA THR GA 178 -21.63 52.09 -64.43
C THR GA 178 -20.46 52.46 -65.34
N PHE GA 179 -19.52 51.54 -65.52
CA PHE GA 179 -18.37 51.74 -66.39
C PHE GA 179 -18.44 50.77 -67.55
N ALA GA 180 -18.34 51.31 -68.77
CA ALA GA 180 -18.35 50.48 -69.96
C ALA GA 180 -16.94 50.01 -70.25
N PRO GA 181 -16.64 48.71 -70.18
CA PRO GA 181 -15.27 48.25 -70.40
C PRO GA 181 -14.96 48.05 -71.87
N ASP GA 182 -13.74 48.43 -72.26
CA ASP GA 182 -13.28 48.18 -73.61
C ASP GA 182 -13.24 46.68 -73.86
N TRP GA 183 -13.54 46.29 -75.11
CA TRP GA 183 -13.69 44.89 -75.43
C TRP GA 183 -12.81 44.44 -76.60
N GLY GA 184 -11.76 45.20 -76.93
CA GLY GA 184 -10.84 44.74 -77.96
C GLY GA 184 -10.29 43.36 -77.66
N ASP GA 185 -10.07 43.06 -76.38
CA ASP GA 185 -9.76 41.72 -75.91
C ASP GA 185 -11.05 41.05 -75.47
N SER GA 186 -11.25 39.81 -75.89
CA SER GA 186 -12.50 39.13 -75.61
C SER GA 186 -12.75 39.06 -74.10
N ILE GA 187 -14.00 39.24 -73.71
CA ILE GA 187 -14.40 39.13 -72.31
C ILE GA 187 -14.58 37.66 -71.97
N VAL GA 188 -13.93 37.23 -70.89
CA VAL GA 188 -13.92 35.83 -70.49
C VAL GA 188 -14.92 35.65 -69.35
N GLU GA 189 -15.88 34.75 -69.54
CA GLU GA 189 -16.83 34.36 -68.51
C GLU GA 189 -16.51 32.94 -68.05
N ARG GA 190 -16.41 32.75 -66.74
CA ARG GA 190 -15.98 31.50 -66.16
C ARG GA 190 -17.11 30.92 -65.32
N LEU GA 191 -17.46 29.66 -65.59
CA LEU GA 191 -18.44 28.92 -64.82
C LEU GA 191 -17.72 27.80 -64.08
N SER GA 192 -17.76 27.84 -62.76
CA SER GA 192 -17.03 26.91 -61.90
C SER GA 192 -17.99 26.21 -60.94
N ALA GA 193 -17.78 24.91 -60.74
CA ALA GA 193 -18.55 24.12 -59.80
C ALA GA 193 -17.62 23.16 -59.10
N SER GA 194 -18.10 22.57 -58.00
CA SER GA 194 -17.33 21.65 -57.20
C SER GA 194 -17.93 20.25 -57.31
N THR GA 195 -17.09 19.26 -57.63
CA THR GA 195 -17.54 17.88 -57.75
C THR GA 195 -16.35 16.99 -57.37
N ASN GA 196 -16.32 16.54 -56.12
CA ASN GA 196 -15.26 15.67 -55.63
C ASN GA 196 -15.65 14.22 -55.91
N ILE GA 197 -14.83 13.54 -56.71
CA ILE GA 197 -15.11 12.18 -57.16
C ILE GA 197 -13.98 11.27 -56.69
N LEU GA 198 -14.35 10.10 -56.17
CA LEU GA 198 -13.39 9.10 -55.73
C LEU GA 198 -13.67 7.81 -56.47
N GLN GA 199 -12.61 7.19 -56.99
CA GLN GA 199 -12.71 5.95 -57.76
C GLN GA 199 -11.96 4.84 -57.03
N SER GA 200 -12.45 3.62 -57.21
CA SER GA 200 -11.88 2.45 -56.54
C SER GA 200 -10.70 1.93 -57.35
N GLU GA 201 -10.19 0.75 -56.96
CA GLU GA 201 -9.10 0.14 -57.71
C GLU GA 201 -9.51 -0.12 -59.15
N SER GA 202 -10.72 -0.65 -59.35
CA SER GA 202 -11.26 -0.77 -60.69
C SER GA 202 -11.67 0.60 -61.21
N ALA GA 203 -11.76 0.72 -62.54
CA ALA GA 203 -12.11 1.98 -63.19
C ALA GA 203 -13.62 2.21 -63.05
N VAL GA 204 -14.02 2.50 -61.82
CA VAL GA 204 -15.40 2.85 -61.49
C VAL GA 204 -15.39 4.12 -60.66
N THR GA 205 -16.28 5.06 -60.98
CA THR GA 205 -16.29 6.37 -60.36
C THR GA 205 -17.66 6.65 -59.76
N GLN GA 206 -17.66 7.22 -58.55
CA GLN GA 206 -18.86 7.75 -57.92
C GLN GA 206 -18.69 9.27 -57.78
N ARG GA 207 -19.69 10.01 -58.22
CA ARG GA 207 -19.62 11.46 -58.31
C ARG GA 207 -20.56 12.11 -57.31
N ARG GA 208 -20.12 13.21 -56.70
CA ARG GA 208 -20.78 13.83 -55.57
C ARG GA 208 -20.87 15.34 -55.78
N ALA GA 209 -21.38 15.75 -56.94
CA ALA GA 209 -21.54 17.16 -57.28
C ALA GA 209 -22.04 17.97 -56.08
N MET GA 210 -21.28 18.99 -55.70
CA MET GA 210 -21.55 19.75 -54.49
C MET GA 210 -22.38 21.00 -54.77
N ARG GA 211 -21.92 21.84 -55.68
CA ARG GA 211 -22.58 23.12 -55.96
C ARG GA 211 -23.67 22.91 -57.00
N LEU GA 212 -24.91 23.23 -56.63
CA LEU GA 212 -26.01 23.15 -57.59
C LEU GA 212 -26.00 24.35 -58.54
N ALA GA 213 -25.59 25.52 -58.05
CA ALA GA 213 -25.51 26.73 -58.87
C ALA GA 213 -24.05 27.12 -59.06
N PRO GA 214 -23.45 26.93 -60.23
CA PRO GA 214 -22.03 27.26 -60.38
C PRO GA 214 -21.77 28.73 -60.16
N ARG GA 215 -20.64 29.02 -59.53
CA ARG GA 215 -20.22 30.40 -59.30
C ARG GA 215 -19.70 31.00 -60.60
N ARG GA 216 -20.19 32.19 -60.93
CA ARG GA 216 -19.86 32.85 -62.19
C ARG GA 216 -18.82 33.94 -61.94
N GLU GA 217 -17.76 33.95 -62.74
CA GLU GA 217 -16.71 34.94 -62.66
C GLU GA 217 -16.53 35.61 -64.02
N PHE GA 218 -16.35 36.92 -64.01
CA PHE GA 218 -16.15 37.72 -65.22
C PHE GA 218 -14.79 38.39 -65.17
N ASP GA 219 -14.10 38.38 -66.31
CA ASP GA 219 -12.81 39.05 -66.45
C ASP GA 219 -12.86 39.97 -67.66
N ALA GA 220 -12.46 41.22 -67.47
CA ALA GA 220 -12.52 42.20 -68.54
C ALA GA 220 -11.52 43.31 -68.26
N ASN GA 221 -11.22 44.09 -69.30
CA ASN GA 221 -10.36 45.25 -69.21
C ASN GA 221 -11.16 46.49 -69.60
N MET GA 222 -10.77 47.64 -69.04
CA MET GA 222 -11.52 48.86 -69.23
C MET GA 222 -10.56 50.05 -69.28
N TYR GA 223 -11.13 51.21 -69.60
CA TYR GA 223 -10.38 52.46 -69.67
C TYR GA 223 -11.22 53.58 -69.08
N ALA GA 224 -10.55 54.68 -68.72
CA ALA GA 224 -11.24 55.83 -68.13
C ALA GA 224 -10.37 57.06 -68.36
N VAL GA 225 -10.92 58.05 -69.09
CA VAL GA 225 -10.13 59.22 -69.45
C VAL GA 225 -10.79 60.51 -68.99
N ASP GA 226 -12.00 60.79 -69.48
CA ASP GA 226 -12.63 62.10 -69.30
C ASP GA 226 -13.76 61.98 -68.28
N ARG GA 227 -13.43 62.29 -67.02
CA ARG GA 227 -14.39 62.34 -65.92
C ARG GA 227 -14.79 60.95 -65.44
N GLU GA 228 -14.35 59.90 -66.12
CA GLU GA 228 -14.57 58.56 -65.61
C GLU GA 228 -13.41 58.04 -64.77
N ARG GA 229 -12.21 58.58 -64.97
CA ARG GA 229 -11.07 58.11 -64.18
C ARG GA 229 -11.19 58.55 -62.73
N GLN GA 230 -11.51 59.83 -62.50
CA GLN GA 230 -11.69 60.31 -61.13
C GLN GA 230 -12.87 59.63 -60.46
N LEU GA 231 -13.98 59.46 -61.20
CA LEU GA 231 -15.13 58.79 -60.64
C LEU GA 231 -14.80 57.34 -60.29
N LEU GA 232 -14.04 56.66 -61.15
CA LEU GA 232 -13.63 55.29 -60.85
C LEU GA 232 -12.75 55.24 -59.62
N ASP GA 233 -11.81 56.18 -59.50
CA ASP GA 233 -10.94 56.22 -58.33
C ASP GA 233 -11.75 56.37 -57.06
N MET GA 234 -12.65 57.36 -57.04
CA MET GA 234 -13.51 57.54 -55.86
C MET GA 234 -14.41 56.34 -55.61
N THR GA 235 -14.94 55.73 -56.67
CA THR GA 235 -15.85 54.60 -56.51
C THR GA 235 -15.16 53.41 -55.88
N LEU GA 236 -13.95 53.08 -56.35
CA LEU GA 236 -13.18 52.01 -55.76
C LEU GA 236 -12.51 52.41 -54.45
N PHE GA 237 -12.47 53.70 -54.13
CA PHE GA 237 -11.92 54.17 -52.87
C PHE GA 237 -12.95 54.04 -51.75
N GLY GA 238 -14.12 54.64 -51.94
CA GLY GA 238 -15.12 54.64 -50.89
C GLY GA 238 -15.81 53.29 -50.75
N TRP GA 239 -16.37 52.79 -51.85
CA TRP GA 239 -17.14 51.54 -51.78
C TRP GA 239 -16.22 50.35 -51.58
N GLY GA 240 -15.11 50.29 -52.32
CA GLY GA 240 -14.15 49.23 -52.10
C GLY GA 240 -14.76 47.86 -52.31
N ALA GA 241 -14.50 46.97 -51.35
CA ALA GA 241 -14.93 45.58 -51.45
C ALA GA 241 -16.32 45.43 -50.83
N ARG GA 242 -17.34 45.63 -51.67
CA ARG GA 242 -18.72 45.46 -51.25
C ARG GA 242 -19.56 45.12 -52.47
N ILE GA 243 -20.79 44.66 -52.22
CA ILE GA 243 -21.63 44.16 -53.30
C ILE GA 243 -21.88 45.26 -54.31
N TRP GA 244 -21.71 44.93 -55.59
CA TRP GA 244 -22.02 45.82 -56.70
C TRP GA 244 -23.30 45.35 -57.38
N ALA GA 245 -23.74 46.13 -58.37
CA ALA GA 245 -24.83 45.74 -59.27
C ALA GA 245 -24.22 45.73 -60.67
N LEU GA 246 -23.62 44.61 -61.04
CA LEU GA 246 -22.85 44.53 -62.27
C LEU GA 246 -23.77 44.32 -63.46
N PRO GA 247 -23.81 45.23 -64.43
CA PRO GA 247 -24.55 44.95 -65.66
C PRO GA 247 -23.86 43.87 -66.48
N ILE GA 248 -24.66 43.11 -67.23
CA ILE GA 248 -24.16 42.02 -68.05
C ILE GA 248 -23.77 42.62 -69.40
N TRP GA 249 -22.49 42.91 -69.56
CA TRP GA 249 -22.02 43.52 -70.81
C TRP GA 249 -22.31 42.64 -72.02
N PRO GA 250 -22.06 41.34 -72.00
CA PRO GA 250 -22.34 40.52 -73.20
C PRO GA 250 -23.80 40.54 -73.61
N ASP GA 251 -24.72 40.85 -72.69
CA ASP GA 251 -26.15 40.92 -72.98
C ASP GA 251 -26.61 42.33 -73.33
N ILE GA 252 -25.72 43.13 -73.93
CA ILE GA 252 -26.10 44.49 -74.30
C ILE GA 252 -27.33 44.46 -75.21
N GLN GA 253 -28.13 45.52 -75.14
CA GLN GA 253 -29.34 45.62 -75.94
C GLN GA 253 -29.64 47.09 -76.20
N LEU GA 254 -30.25 47.35 -77.34
CA LEU GA 254 -30.61 48.70 -77.76
C LEU GA 254 -32.12 48.79 -77.94
N LEU GA 255 -32.70 49.88 -77.44
CA LEU GA 255 -34.14 50.08 -77.54
C LEU GA 255 -34.54 50.35 -78.99
N HIS GA 256 -35.70 49.82 -79.38
CA HIS GA 256 -36.22 50.03 -80.73
C HIS GA 256 -37.15 51.23 -80.81
N GLN GA 257 -37.80 51.59 -79.71
CA GLN GA 257 -38.71 52.72 -79.65
C GLN GA 257 -38.44 53.52 -78.39
N PRO GA 258 -38.77 54.82 -78.40
CA PRO GA 258 -38.50 55.63 -77.20
C PRO GA 258 -39.34 55.18 -76.02
N LEU GA 259 -38.79 55.36 -74.83
CA LEU GA 259 -39.46 55.01 -73.58
C LEU GA 259 -39.99 56.28 -72.92
N ALA GA 260 -41.30 56.38 -72.80
CA ALA GA 260 -41.91 57.55 -72.20
C ALA GA 260 -41.64 57.59 -70.70
N ALA GA 261 -41.40 58.79 -70.18
CA ALA GA 261 -41.16 58.95 -68.75
C ALA GA 261 -42.39 58.52 -67.96
N GLY GA 262 -42.16 57.72 -66.92
CA GLY GA 262 -43.23 57.24 -66.08
C GLY GA 262 -43.94 56.01 -66.61
N SER GA 263 -43.58 55.53 -67.79
CA SER GA 263 -44.23 54.35 -68.36
C SER GA 263 -43.88 53.11 -67.57
N LEU GA 264 -44.84 52.18 -67.48
CA LEU GA 264 -44.67 50.91 -66.79
C LEU GA 264 -44.54 49.81 -67.83
N GLY GA 265 -43.34 49.28 -67.99
CA GLY GA 265 -43.09 48.23 -68.95
C GLY GA 265 -42.18 48.66 -70.08
N ILE GA 266 -41.14 47.88 -70.35
CA ILE GA 266 -40.19 48.15 -71.41
C ILE GA 266 -40.29 47.02 -72.44
N PRO GA 267 -40.96 47.26 -73.58
CA PRO GA 267 -41.06 46.20 -74.60
C PRO GA 267 -39.74 46.00 -75.33
N CYS GA 268 -39.07 44.88 -75.06
CA CYS GA 268 -37.78 44.59 -75.65
C CYS GA 268 -37.60 43.09 -75.77
N ASP GA 269 -36.68 42.67 -76.63
CA ASP GA 269 -36.43 41.26 -76.85
C ASP GA 269 -35.85 40.63 -75.58
N THR GA 270 -36.38 39.46 -75.23
CA THR GA 270 -35.92 38.71 -74.07
C THR GA 270 -35.67 37.24 -74.43
N ALA GA 271 -35.30 36.99 -75.68
CA ALA GA 271 -35.04 35.63 -76.15
C ALA GA 271 -33.60 35.26 -75.82
N GLY GA 272 -33.42 34.27 -74.96
CA GLY GA 272 -32.08 33.84 -74.58
C GLY GA 272 -31.27 34.91 -73.89
N LEU GA 273 -31.89 35.65 -72.98
CA LEU GA 273 -31.24 36.71 -72.22
C LEU GA 273 -31.26 36.38 -70.74
N ASP GA 274 -30.32 36.97 -70.00
CA ASP GA 274 -30.19 36.74 -68.56
C ASP GA 274 -31.18 37.62 -67.80
N PHE GA 275 -32.46 37.44 -68.10
CA PHE GA 275 -33.55 38.14 -67.45
C PHE GA 275 -34.36 37.15 -66.63
N ARG GA 276 -34.59 37.47 -65.36
CA ARG GA 276 -35.33 36.61 -64.45
C ARG GA 276 -36.38 37.42 -63.72
N ASP GA 277 -37.46 36.75 -63.35
CA ASP GA 277 -38.56 37.41 -62.63
C ASP GA 277 -38.06 37.91 -61.29
N GLY GA 278 -38.41 39.16 -60.96
CA GLY GA 278 -37.92 39.76 -59.73
C GLY GA 278 -36.47 40.16 -59.76
N GLY GA 279 -35.89 40.32 -60.94
CA GLY GA 279 -34.50 40.71 -61.09
C GLY GA 279 -34.33 42.21 -61.15
N LEU GA 280 -33.26 42.64 -61.82
CA LEU GA 280 -32.93 44.05 -61.96
C LEU GA 280 -32.56 44.36 -63.40
N ALA GA 281 -32.84 45.59 -63.81
CA ALA GA 281 -32.46 46.10 -65.12
C ALA GA 281 -31.86 47.48 -64.96
N MET GA 282 -30.99 47.85 -65.89
CA MET GA 282 -30.22 49.08 -65.78
C MET GA 282 -30.07 49.70 -67.17
N LEU GA 283 -30.83 50.76 -67.43
CA LEU GA 283 -30.65 51.52 -68.65
C LEU GA 283 -29.39 52.37 -68.57
N ARG GA 284 -28.81 52.68 -69.72
CA ARG GA 284 -27.59 53.46 -69.77
C ARG GA 284 -27.62 54.40 -70.98
N GLY GA 285 -26.80 55.44 -70.89
CA GLY GA 285 -26.65 56.39 -71.98
C GLY GA 285 -25.21 56.48 -72.46
N GLU GA 286 -24.88 57.58 -73.14
CA GLU GA 286 -23.52 57.74 -73.65
C GLU GA 286 -22.51 57.83 -72.50
N ASP GA 287 -22.85 58.55 -71.45
CA ASP GA 287 -21.96 58.75 -70.32
C ASP GA 287 -22.33 57.82 -69.16
N ALA GA 288 -21.45 57.76 -68.17
CA ALA GA 288 -21.68 56.90 -67.02
C ALA GA 288 -22.93 57.32 -66.24
N PHE GA 289 -23.15 58.63 -66.12
CA PHE GA 289 -24.23 59.13 -65.28
C PHE GA 289 -25.61 58.85 -65.85
N THR GA 290 -25.74 58.82 -67.17
CA THR GA 290 -27.05 58.65 -67.82
C THR GA 290 -27.46 57.19 -67.65
N TYR GA 291 -28.02 56.89 -66.48
CA TYR GA 291 -28.42 55.53 -66.16
C TYR GA 291 -29.50 55.56 -65.09
N GLU GA 292 -30.19 54.44 -64.94
CA GLU GA 292 -31.23 54.29 -63.93
C GLU GA 292 -31.57 52.82 -63.80
N VAL GA 293 -31.74 52.35 -62.57
CA VAL GA 293 -31.97 50.94 -62.27
C VAL GA 293 -33.42 50.76 -61.86
N VAL GA 294 -34.06 49.73 -62.41
CA VAL GA 294 -35.46 49.41 -62.10
C VAL GA 294 -35.55 47.93 -61.77
N GLU GA 295 -36.65 47.56 -61.11
CA GLU GA 295 -36.91 46.19 -60.69
C GLU GA 295 -37.90 45.56 -61.66
N VAL GA 296 -37.52 44.41 -62.23
CA VAL GA 296 -38.37 43.69 -63.17
C VAL GA 296 -39.17 42.66 -62.41
N LYS GA 297 -40.48 42.62 -62.66
CA LYS GA 297 -41.36 41.68 -61.99
C LYS GA 297 -41.40 40.33 -62.71
N THR GA 298 -41.76 40.33 -64.00
CA THR GA 298 -41.88 39.10 -64.76
C THR GA 298 -41.51 39.37 -66.21
N VAL GA 299 -41.31 38.29 -66.95
CA VAL GA 299 -40.93 38.34 -68.36
C VAL GA 299 -42.12 37.85 -69.18
N THR GA 300 -42.58 38.67 -70.12
CA THR GA 300 -43.71 38.34 -70.97
C THR GA 300 -43.28 37.88 -72.36
N ALA GA 301 -41.99 37.64 -72.58
CA ALA GA 301 -41.45 37.20 -73.86
C ALA GA 301 -41.42 38.35 -74.87
N SER GA 302 -41.95 39.51 -74.50
CA SER GA 302 -41.87 40.70 -75.34
C SER GA 302 -41.54 41.96 -74.56
N GLY GA 303 -41.61 41.96 -73.23
CA GLY GA 303 -41.33 43.14 -72.46
C GLY GA 303 -40.90 42.76 -71.05
N LEU GA 304 -40.70 43.78 -70.23
CA LEU GA 304 -40.24 43.61 -68.85
C LEU GA 304 -41.24 44.32 -67.94
N ASP GA 305 -42.11 43.54 -67.29
CA ASP GA 305 -43.07 44.13 -66.36
C ASP GA 305 -42.32 44.83 -65.22
N LEU GA 306 -42.74 46.05 -64.91
CA LEU GA 306 -42.09 46.88 -63.92
C LEU GA 306 -43.07 47.27 -62.83
N VAL GA 307 -42.54 47.46 -61.62
CA VAL GA 307 -43.36 47.78 -60.46
C VAL GA 307 -43.29 49.28 -60.18
N ARG GA 308 -42.16 49.89 -60.50
CA ARG GA 308 -41.96 51.31 -60.27
C ARG GA 308 -41.80 52.03 -61.62
N PRO GA 309 -42.54 53.10 -61.86
CA PRO GA 309 -42.40 53.80 -63.14
C PRO GA 309 -41.03 54.43 -63.31
N VAL GA 310 -40.59 54.51 -64.55
CA VAL GA 310 -39.32 55.13 -64.89
C VAL GA 310 -39.48 56.65 -64.81
N GLN GA 311 -38.56 57.31 -64.13
CA GLN GA 311 -38.67 58.75 -63.85
C GLN GA 311 -37.95 59.61 -64.88
N ALA GA 312 -37.40 59.02 -65.93
CA ALA GA 312 -36.73 59.81 -66.97
C ALA GA 312 -36.76 59.02 -68.26
N ALA GA 313 -37.00 59.72 -69.37
CA ALA GA 313 -37.19 59.10 -70.68
C ALA GA 313 -35.89 59.12 -71.46
N TRP GA 314 -35.50 57.95 -71.98
CA TRP GA 314 -34.36 57.82 -72.88
C TRP GA 314 -34.87 57.33 -74.22
N GLY GA 315 -34.45 57.98 -75.29
CA GLY GA 315 -34.87 57.63 -76.63
C GLY GA 315 -34.09 56.45 -77.18
N THR GA 316 -34.30 56.20 -78.47
CA THR GA 316 -33.59 55.11 -79.14
C THR GA 316 -32.09 55.33 -79.04
N GLY GA 317 -31.36 54.23 -78.81
CA GLY GA 317 -29.91 54.26 -78.67
C GLY GA 317 -29.42 54.01 -77.28
N SER GA 318 -30.25 54.24 -76.26
CA SER GA 318 -29.84 53.95 -74.89
C SER GA 318 -29.68 52.46 -74.68
N ARG GA 319 -28.64 52.07 -73.95
CA ARG GA 319 -28.33 50.67 -73.74
C ARG GA 319 -29.15 50.10 -72.59
N LEU GA 320 -29.51 48.82 -72.72
CA LEU GA 320 -30.21 48.07 -71.69
C LEU GA 320 -29.33 46.90 -71.25
N TYR GA 321 -29.14 46.78 -69.94
CA TYR GA 321 -28.24 45.77 -69.38
C TYR GA 321 -28.98 44.97 -68.32
N PRO GA 322 -28.97 43.63 -68.38
CA PRO GA 322 -29.36 42.85 -67.21
C PRO GA 322 -28.38 43.10 -66.06
N VAL GA 323 -28.90 43.06 -64.84
CA VAL GA 323 -28.13 43.39 -63.65
C VAL GA 323 -28.13 42.19 -62.71
N ARG GA 324 -26.94 41.83 -62.22
CA ARG GA 324 -26.77 40.77 -61.24
C ARG GA 324 -25.81 41.26 -60.16
N THR GA 325 -26.07 40.87 -58.92
CA THR GA 325 -25.19 41.25 -57.83
C THR GA 325 -23.81 40.65 -58.04
N ALA GA 326 -22.78 41.46 -57.79
CA ALA GA 326 -21.40 41.02 -57.99
C ALA GA 326 -20.51 41.69 -56.96
N GLN GA 327 -19.34 41.08 -56.73
CA GLN GA 327 -18.37 41.60 -55.80
C GLN GA 327 -16.98 41.53 -56.42
N LEU GA 328 -16.14 42.50 -56.07
CA LEU GA 328 -14.77 42.55 -56.59
C LEU GA 328 -13.93 41.46 -55.94
N THR GA 329 -13.58 40.42 -56.70
CA THR GA 329 -12.75 39.36 -56.15
C THR GA 329 -11.39 39.88 -55.74
N GLU GA 330 -10.79 40.75 -56.55
CA GLU GA 330 -9.52 41.37 -56.22
C GLU GA 330 -9.55 42.81 -56.72
N GLN GA 331 -8.99 43.71 -55.94
CA GLN GA 331 -8.99 45.11 -56.31
C GLN GA 331 -8.10 45.32 -57.53
N PRO GA 332 -8.61 45.95 -58.59
CA PRO GA 332 -7.81 46.08 -59.81
C PRO GA 332 -6.57 46.94 -59.59
N THR GA 333 -5.52 46.61 -60.34
CA THR GA 333 -4.29 47.40 -60.35
C THR GA 333 -4.35 48.35 -61.53
N LEU GA 334 -4.54 49.64 -61.24
CA LEU GA 334 -4.76 50.64 -62.28
C LEU GA 334 -3.43 51.05 -62.89
N THR GA 335 -3.35 51.00 -64.22
CA THR GA 335 -2.14 51.35 -64.96
C THR GA 335 -2.30 52.76 -65.50
N ARG GA 336 -1.50 53.69 -65.00
CA ARG GA 336 -1.58 55.07 -65.44
C ARG GA 336 -1.02 55.20 -66.85
N LEU GA 337 -1.85 55.67 -67.78
CA LEU GA 337 -1.42 55.89 -69.16
C LEU GA 337 -0.97 57.32 -69.42
N THR GA 338 -1.57 58.30 -68.76
CA THR GA 338 -1.16 59.69 -68.87
C THR GA 338 -1.65 60.43 -67.63
N ASP GA 339 -1.64 61.77 -67.68
CA ASP GA 339 -2.05 62.56 -66.53
C ASP GA 339 -3.42 62.12 -66.01
N THR GA 340 -4.38 61.96 -66.92
CA THR GA 340 -5.72 61.49 -66.58
C THR GA 340 -6.06 60.34 -67.51
N ALA GA 341 -5.62 59.13 -67.15
CA ALA GA 341 -5.94 57.93 -67.89
C ALA GA 341 -5.48 56.71 -67.12
N GLN GA 342 -6.35 55.71 -66.95
CA GLN GA 342 -6.00 54.52 -66.19
C GLN GA 342 -6.76 53.33 -66.75
N SER GA 343 -6.02 52.30 -67.15
CA SER GA 343 -6.60 51.05 -67.62
C SER GA 343 -6.62 50.05 -66.47
N ALA GA 344 -7.75 49.38 -66.29
CA ALA GA 344 -7.93 48.46 -65.18
C ALA GA 344 -8.39 47.10 -65.70
N ARG GA 345 -7.95 46.05 -65.00
CA ARG GA 345 -8.38 44.68 -65.27
C ARG GA 345 -9.29 44.26 -64.12
N VAL GA 346 -10.58 44.54 -64.28
CA VAL GA 346 -11.56 44.28 -63.22
C VAL GA 346 -12.12 42.88 -63.38
N SER GA 347 -12.21 42.16 -62.27
CA SER GA 347 -12.78 40.82 -62.23
C SER GA 347 -13.90 40.78 -61.21
N PHE GA 348 -15.05 40.23 -61.60
CA PHE GA 348 -16.24 40.23 -60.75
C PHE GA 348 -16.77 38.82 -60.59
N LEU GA 349 -17.35 38.57 -59.42
CA LEU GA 349 -17.98 37.29 -59.09
C LEU GA 349 -19.41 37.55 -58.66
N VAL GA 350 -20.35 36.84 -59.27
CA VAL GA 350 -21.77 37.04 -58.99
C VAL GA 350 -22.15 36.24 -57.76
N MET GA 351 -22.77 36.91 -56.78
CA MET GA 351 -23.18 36.29 -55.53
C MET GA 351 -24.66 35.94 -55.52
N GLU GA 352 -25.22 35.56 -56.67
CA GLU GA 352 -26.60 35.11 -56.75
C GLU GA 352 -26.66 33.91 -57.68
N PRO GA 353 -27.51 32.92 -57.39
CA PRO GA 353 -27.66 31.80 -58.32
C PRO GA 353 -28.12 32.27 -59.68
N SER GA 354 -27.59 31.63 -60.72
CA SER GA 354 -27.89 31.98 -62.11
C SER GA 354 -28.76 30.85 -62.69
N ALA GA 355 -30.07 30.98 -62.53
CA ALA GA 355 -30.99 29.98 -63.07
C ALA GA 355 -30.96 30.01 -64.59
N TRP GA 356 -30.99 28.82 -65.19
CA TRP GA 356 -30.98 28.71 -66.64
C TRP GA 356 -31.47 27.31 -67.01
N PRO GA 357 -32.30 27.17 -68.04
CA PRO GA 357 -32.78 25.83 -68.41
C PRO GA 357 -31.62 24.91 -68.77
N GLU GA 358 -31.77 23.64 -68.39
CA GLU GA 358 -30.77 22.61 -68.68
C GLU GA 358 -31.36 21.69 -69.74
N LEU GA 359 -30.75 21.71 -70.93
CA LEU GA 359 -31.21 20.90 -72.06
C LEU GA 359 -30.03 20.13 -72.65
N MET GA 360 -30.28 18.88 -73.00
CA MET GA 360 -29.29 17.99 -73.56
C MET GA 360 -29.50 17.85 -75.06
N PRO GA 361 -28.53 17.27 -75.78
CA PRO GA 361 -28.70 17.07 -77.22
C PRO GA 361 -29.91 16.22 -77.52
N ALA GA 362 -30.56 16.51 -78.66
CA ALA GA 362 -31.78 15.80 -79.03
C ALA GA 362 -31.53 14.31 -79.20
N THR GA 363 -30.44 13.95 -79.87
CA THR GA 363 -30.15 12.54 -80.11
C THR GA 363 -29.95 11.80 -78.80
N THR GA 364 -30.40 10.55 -78.76
CA THR GA 364 -30.26 9.70 -77.59
C THR GA 364 -29.76 8.34 -78.02
N TYR GA 365 -28.87 7.75 -77.21
CA TYR GA 365 -28.31 6.44 -77.50
C TYR GA 365 -28.23 5.66 -76.20
N ARG GA 366 -28.88 4.50 -76.16
CA ARG GA 366 -28.91 3.66 -74.96
C ARG GA 366 -29.38 4.46 -73.75
N GLY GA 367 -30.38 5.31 -73.96
CA GLY GA 367 -30.91 6.11 -72.89
C GLY GA 367 -29.98 7.18 -72.38
N ARG GA 368 -29.00 7.60 -73.18
CA ARG GA 368 -28.05 8.62 -72.79
C ARG GA 368 -27.90 9.64 -73.91
N PRO GA 369 -27.49 10.87 -73.58
CA PRO GA 369 -27.29 11.88 -74.62
C PRO GA 369 -26.09 11.57 -75.50
N VAL GA 370 -26.13 12.09 -76.71
CA VAL GA 370 -25.06 11.93 -77.69
C VAL GA 370 -24.64 13.31 -78.17
N LEU GA 371 -23.34 13.57 -78.17
CA LEU GA 371 -22.80 14.87 -78.59
C LEU GA 371 -22.58 14.82 -80.10
N GLU GA 372 -23.51 15.42 -80.84
CA GLU GA 372 -23.43 15.45 -82.29
C GLU GA 372 -22.68 16.65 -82.84
N GLN GA 373 -22.30 17.61 -82.00
CA GLN GA 373 -21.58 18.78 -82.47
C GLN GA 373 -20.20 18.39 -82.94
N ARG GA 374 -19.77 18.99 -84.07
CA ARG GA 374 -18.47 18.68 -84.64
C ARG GA 374 -17.45 19.69 -84.11
N PRO GA 375 -16.37 19.25 -83.44
CA PRO GA 375 -15.45 20.20 -82.83
C PRO GA 375 -14.73 21.05 -83.87
N ASP GA 376 -14.40 22.27 -83.48
CA ASP GA 376 -13.60 23.16 -84.32
C ASP GA 376 -12.17 22.64 -84.42
N GLU GA 377 -11.60 22.72 -85.62
CA GLU GA 377 -10.25 22.24 -85.88
C GLU GA 377 -9.26 23.39 -86.02
N SER GA 378 -9.62 24.60 -85.60
CA SER GA 378 -8.71 25.74 -85.72
C SER GA 378 -7.42 25.49 -84.95
N GLU GA 379 -7.53 24.96 -83.73
CA GLU GA 379 -6.38 24.61 -82.92
C GLU GA 379 -6.29 23.10 -82.83
N ASP GA 380 -5.14 22.55 -83.20
CA ASP GA 380 -4.95 21.11 -83.17
C ASP GA 380 -5.20 20.58 -81.77
N LEU GA 381 -5.98 19.50 -81.68
CA LEU GA 381 -6.41 18.93 -80.42
C LEU GA 381 -5.69 17.60 -80.18
N THR GA 382 -5.82 17.09 -78.96
CA THR GA 382 -5.09 15.90 -78.53
C THR GA 382 -6.03 14.89 -77.88
N SER GA 383 -5.62 13.63 -77.95
CA SER GA 383 -6.31 12.54 -77.28
C SER GA 383 -5.29 11.69 -76.52
N SER GA 384 -5.64 11.30 -75.31
CA SER GA 384 -4.76 10.52 -74.45
C SER GA 384 -5.55 9.43 -73.75
N TYR GA 385 -4.86 8.36 -73.38
CA TYR GA 385 -5.44 7.20 -72.72
C TYR GA 385 -4.94 7.19 -71.27
N GLN GA 386 -5.65 7.88 -70.39
CA GLN GA 386 -5.28 7.88 -68.98
C GLN GA 386 -5.67 6.56 -68.33
N ARG GA 387 -4.77 6.01 -67.54
CA ARG GA 387 -4.98 4.74 -66.86
C ARG GA 387 -4.61 4.88 -65.39
N LEU GA 388 -5.25 4.06 -64.55
CA LEU GA 388 -4.89 3.98 -63.13
C LEU GA 388 -3.66 3.09 -62.99
N LEU GA 389 -2.55 3.59 -63.52
CA LEU GA 389 -1.30 2.84 -63.62
C LEU GA 389 -0.32 3.20 -62.51
N SER GA 390 -0.82 3.49 -61.31
CA SER GA 390 0.04 3.84 -60.20
C SER GA 390 0.74 2.58 -59.67
N THR GA 391 1.49 2.75 -58.58
CA THR GA 391 2.21 1.66 -57.94
C THR GA 391 3.26 1.07 -58.88
N LEU GA 392 4.12 1.96 -59.39
CA LEU GA 392 5.22 1.52 -60.24
C LEU GA 392 6.28 0.75 -59.46
N ASP GA 393 6.39 0.99 -58.15
CA ASP GA 393 7.30 0.25 -57.29
C ASP GA 393 8.71 0.20 -57.87
N ASN GA 394 9.30 1.38 -58.01
CA ASN GA 394 10.67 1.52 -58.49
C ASN GA 394 11.61 1.40 -57.29
N GLY GA 395 12.32 0.28 -57.19
CA GLY GA 395 13.21 0.04 -56.08
C GLY GA 395 14.65 0.40 -56.41
N SER GA 396 15.48 -0.62 -56.58
CA SER GA 396 16.89 -0.42 -56.91
C SER GA 396 17.32 -1.16 -58.17
N ALA GA 397 16.81 -2.36 -58.40
CA ALA GA 397 17.25 -3.14 -59.55
C ALA GA 397 16.51 -2.71 -60.83
N ILE GA 398 15.19 -2.90 -60.86
CA ILE GA 398 14.38 -2.55 -62.02
C ILE GA 398 12.96 -2.25 -61.56
N PRO GA 399 12.17 -1.50 -62.32
CA PRO GA 399 10.78 -1.25 -61.93
C PRO GA 399 9.84 -2.32 -62.47
N ARG GA 400 8.61 -2.35 -61.96
CA ARG GA 400 7.58 -3.24 -62.48
C ARG GA 400 6.23 -2.58 -62.27
N VAL GA 401 5.40 -2.62 -63.31
CA VAL GA 401 4.09 -1.99 -63.30
C VAL GA 401 3.01 -3.06 -63.37
N THR GA 402 2.00 -2.94 -62.52
CA THR GA 402 0.88 -3.87 -62.47
C THR GA 402 -0.40 -3.14 -62.83
N ASP GA 403 -1.11 -3.64 -63.83
CA ASP GA 403 -2.37 -3.05 -64.26
C ASP GA 403 -3.43 -3.35 -63.19
N VAL GA 404 -3.78 -2.33 -62.42
CA VAL GA 404 -4.76 -2.52 -61.35
C VAL GA 404 -6.12 -2.90 -61.94
N ALA GA 405 -6.51 -2.26 -63.03
CA ALA GA 405 -7.76 -2.55 -63.70
C ALA GA 405 -7.62 -3.04 -65.13
N GLY GA 406 -6.50 -2.75 -65.79
CA GLY GA 406 -6.32 -3.16 -67.17
C GLY GA 406 -7.32 -2.56 -68.13
N MET GA 407 -7.73 -1.31 -67.89
CA MET GA 407 -8.67 -0.62 -68.76
C MET GA 407 -8.14 0.78 -69.05
N ALA GA 408 -8.44 1.28 -70.24
CA ALA GA 408 -8.03 2.61 -70.68
C ALA GA 408 -9.26 3.47 -70.88
N LEU GA 409 -9.24 4.66 -70.30
CA LEU GA 409 -10.32 5.63 -70.46
C LEU GA 409 -9.83 6.77 -71.34
N PRO GA 410 -10.28 6.88 -72.59
CA PRO GA 410 -9.75 7.92 -73.47
C PRO GA 410 -10.16 9.31 -73.02
N VAL GA 411 -9.36 10.30 -73.42
CA VAL GA 411 -9.59 11.70 -73.13
C VAL GA 411 -9.64 12.46 -74.45
N ILE GA 412 -10.65 13.32 -74.60
CA ILE GA 412 -10.89 14.02 -75.85
C ILE GA 412 -11.12 15.50 -75.55
N GLY GA 413 -10.50 16.36 -76.35
CA GLY GA 413 -10.72 17.79 -76.26
C GLY GA 413 -11.74 18.25 -77.28
N HIS GA 414 -12.42 19.35 -76.96
CA HIS GA 414 -13.51 19.86 -77.80
C HIS GA 414 -13.45 21.37 -77.86
N ARG GA 415 -13.72 21.92 -79.05
CA ARG GA 415 -13.82 23.35 -79.25
C ARG GA 415 -14.99 23.64 -80.18
N TRP GA 416 -15.56 24.84 -80.06
CA TRP GA 416 -16.74 25.19 -80.84
C TRP GA 416 -16.80 26.70 -81.01
N ILE GA 417 -17.62 27.13 -81.95
CA ILE GA 417 -17.84 28.55 -82.25
C ILE GA 417 -19.35 28.81 -82.24
N GLY GA 418 -19.75 29.89 -81.58
CA GLY GA 418 -21.16 30.19 -81.41
C GLY GA 418 -21.83 30.74 -82.65
N MET GA 419 -21.39 31.91 -83.11
CA MET GA 419 -21.90 32.55 -84.32
C MET GA 419 -23.37 32.93 -84.19
N GLY GA 420 -23.91 32.99 -82.97
CA GLY GA 420 -25.31 33.31 -82.78
C GLY GA 420 -25.77 33.20 -81.35
N ARG GA 421 -26.97 33.75 -81.08
CA ARG GA 421 -27.50 33.70 -79.72
C ARG GA 421 -28.03 32.32 -79.37
N ALA GA 422 -28.72 31.67 -80.31
CA ALA GA 422 -29.32 30.38 -80.01
C ALA GA 422 -28.26 29.34 -79.66
N GLU GA 423 -27.18 29.29 -80.42
CA GLU GA 423 -26.12 28.32 -80.14
C GLU GA 423 -25.50 28.57 -78.78
N ARG GA 424 -25.27 29.83 -78.42
CA ARG GA 424 -24.69 30.15 -77.13
C ARG GA 424 -25.64 29.75 -75.99
N SER GA 425 -26.93 30.01 -76.16
CA SER GA 425 -27.90 29.60 -75.15
C SER GA 425 -27.92 28.08 -75.00
N ALA GA 426 -27.86 27.36 -76.12
CA ALA GA 426 -27.84 25.91 -76.07
C ALA GA 426 -26.59 25.41 -75.36
N PHE GA 427 -25.45 26.02 -75.63
CA PHE GA 427 -24.22 25.62 -74.96
C PHE GA 427 -24.29 25.89 -73.46
N ARG GA 428 -24.85 27.03 -73.07
CA ARG GA 428 -25.01 27.32 -71.65
C ARG GA 428 -25.94 26.31 -70.99
N SER GA 429 -27.03 25.95 -71.67
CA SER GA 429 -27.93 24.94 -71.12
C SER GA 429 -27.21 23.60 -70.97
N LEU GA 430 -26.39 23.23 -71.96
CA LEU GA 430 -25.63 21.98 -71.85
C LEU GA 430 -24.67 22.04 -70.67
N VAL GA 431 -23.98 23.16 -70.49
CA VAL GA 431 -23.04 23.29 -69.38
C VAL GA 431 -23.77 23.15 -68.06
N TYR GA 432 -24.92 23.80 -67.93
CA TYR GA 432 -25.69 23.69 -66.70
C TYR GA 432 -26.15 22.25 -66.47
N ALA GA 433 -26.57 21.57 -67.54
CA ALA GA 433 -26.99 20.18 -67.42
C ALA GA 433 -25.85 19.27 -67.00
N LEU GA 434 -24.62 19.58 -67.44
CA LEU GA 434 -23.48 18.74 -67.09
C LEU GA 434 -23.24 18.74 -65.59
N ARG GA 435 -23.38 19.90 -64.94
CA ARG GA 435 -23.12 20.04 -63.52
C ARG GA 435 -21.70 19.60 -63.18
N GLY GA 436 -20.76 19.98 -64.04
CA GLY GA 436 -19.37 19.58 -63.86
C GLY GA 436 -19.13 18.22 -64.47
N GLN GA 437 -18.55 17.31 -63.69
CA GLN GA 437 -18.29 15.95 -64.14
C GLN GA 437 -19.43 15.00 -63.80
N GLN GA 438 -20.45 15.47 -63.09
CA GLN GA 438 -21.50 14.58 -62.59
C GLN GA 438 -22.22 13.87 -63.73
N LYS GA 439 -22.92 14.63 -64.56
CA LYS GA 439 -23.74 14.03 -65.61
C LYS GA 439 -22.87 13.62 -66.79
N PRO GA 440 -22.88 12.35 -67.18
CA PRO GA 440 -22.09 11.93 -68.35
C PRO GA 440 -22.91 12.02 -69.63
N LEU GA 441 -22.21 11.82 -70.75
CA LEU GA 441 -22.83 11.80 -72.06
C LEU GA 441 -21.82 11.30 -73.08
N TRP GA 442 -22.32 10.54 -74.07
CA TRP GA 442 -21.44 9.99 -75.09
C TRP GA 442 -20.74 11.11 -75.85
N VAL GA 443 -19.47 10.90 -76.17
CA VAL GA 443 -18.70 11.86 -76.97
C VAL GA 443 -18.12 11.13 -78.17
N PRO GA 444 -18.84 11.06 -79.30
CA PRO GA 444 -18.27 10.40 -80.47
C PRO GA 444 -16.97 11.07 -80.92
N THR GA 445 -16.02 10.24 -81.34
CA THR GA 445 -14.81 10.75 -81.96
C THR GA 445 -15.14 11.21 -83.38
N HIS GA 446 -14.12 11.62 -84.13
CA HIS GA 446 -14.30 12.03 -85.52
C HIS GA 446 -13.15 11.53 -86.38
N ALA GA 447 -12.68 10.31 -86.08
CA ALA GA 447 -11.59 9.71 -86.84
C ALA GA 447 -12.16 8.80 -87.93
N ASP GA 448 -11.29 8.06 -88.60
CA ASP GA 448 -11.67 7.09 -89.63
C ASP GA 448 -11.06 5.73 -89.32
N ASP GA 449 -11.25 5.28 -88.07
CA ASP GA 449 -10.56 4.08 -87.61
C ASP GA 449 -10.89 2.87 -88.49
N LEU GA 450 -12.16 2.71 -88.86
CA LEU GA 450 -12.61 1.56 -89.62
C LEU GA 450 -13.12 2.00 -90.98
N THR GA 451 -12.75 1.24 -92.01
CA THR GA 451 -13.21 1.49 -93.37
C THR GA 451 -13.68 0.18 -93.99
N LEU GA 452 -14.81 0.22 -94.68
CA LEU GA 452 -15.37 -0.99 -95.27
C LEU GA 452 -14.56 -1.43 -96.47
N VAL GA 453 -14.52 -2.75 -96.68
CA VAL GA 453 -13.88 -3.35 -97.84
C VAL GA 453 -14.82 -4.26 -98.61
N ALA GA 454 -16.05 -4.46 -98.13
CA ALA GA 454 -17.03 -5.28 -98.82
C ALA GA 454 -18.42 -4.86 -98.39
N THR GA 455 -19.33 -4.78 -99.35
CA THR GA 455 -20.69 -4.37 -99.05
C THR GA 455 -21.36 -5.38 -98.12
N VAL GA 456 -22.32 -4.89 -97.34
CA VAL GA 456 -23.01 -5.69 -96.33
C VAL GA 456 -24.51 -5.56 -96.56
N SER GA 457 -25.20 -6.68 -96.54
CA SER GA 457 -26.65 -6.68 -96.69
C SER GA 457 -27.32 -6.07 -95.47
N GLN GA 458 -28.57 -5.65 -95.64
CA GLN GA 458 -29.30 -5.03 -94.54
C GLN GA 458 -29.44 -5.99 -93.37
N LEU GA 459 -29.77 -7.25 -93.63
CA LEU GA 459 -29.96 -8.22 -92.56
C LEU GA 459 -28.65 -8.79 -92.05
N SER GA 460 -27.55 -8.60 -92.77
CA SER GA 460 -26.28 -9.15 -92.35
C SER GA 460 -25.73 -8.38 -91.15
N THR GA 461 -25.03 -9.11 -90.28
CA THR GA 461 -24.38 -8.56 -89.10
C THR GA 461 -22.92 -8.97 -89.05
N ALA GA 462 -22.25 -8.94 -90.21
CA ALA GA 462 -20.89 -9.42 -90.37
C ALA GA 462 -20.04 -8.35 -91.07
N LEU GA 463 -20.08 -7.13 -90.56
CA LEU GA 463 -19.33 -6.03 -91.15
C LEU GA 463 -17.89 -6.44 -91.40
N ASP GA 464 -17.42 -6.19 -92.62
CA ASP GA 464 -16.06 -6.51 -93.04
C ASP GA 464 -15.23 -5.24 -93.09
N VAL GA 465 -14.12 -5.23 -92.37
CA VAL GA 465 -13.20 -4.11 -92.34
C VAL GA 465 -11.77 -4.64 -92.47
N ARG GA 466 -10.89 -3.79 -93.00
CA ARG GA 466 -9.51 -4.21 -93.21
C ARG GA 466 -8.83 -4.46 -91.87
N ASN GA 467 -7.97 -5.48 -91.83
CA ASN GA 467 -7.36 -5.90 -90.59
C ASN GA 467 -6.49 -4.79 -90.01
N ILE GA 468 -6.80 -4.40 -88.77
CA ILE GA 468 -6.02 -3.40 -88.05
C ILE GA 468 -5.64 -3.96 -86.69
N GLY GA 469 -5.56 -5.28 -86.58
CA GLY GA 469 -5.30 -5.91 -85.31
C GLY GA 469 -6.43 -5.77 -84.32
N TYR GA 470 -7.65 -5.50 -84.79
CA TYR GA 470 -8.77 -5.29 -83.88
C TYR GA 470 -9.05 -6.54 -83.06
N ALA GA 471 -9.03 -7.72 -83.68
CA ALA GA 471 -9.35 -8.94 -82.97
C ALA GA 471 -8.35 -9.21 -81.85
N ARG GA 472 -7.06 -8.98 -82.12
CA ARG GA 472 -6.04 -9.24 -81.11
C ARG GA 472 -6.18 -8.30 -79.91
N PHE GA 473 -6.60 -7.06 -80.15
CA PHE GA 473 -6.69 -6.05 -79.10
C PHE GA 473 -8.11 -5.78 -78.64
N ALA GA 474 -9.05 -5.66 -79.56
CA ALA GA 474 -10.44 -5.32 -79.26
C ALA GA 474 -11.31 -6.53 -79.55
N ASN GA 475 -11.93 -7.10 -78.50
CA ASN GA 475 -12.79 -8.26 -78.62
C ASN GA 475 -14.02 -8.13 -77.72
N GLY GA 476 -14.36 -6.90 -77.35
CA GLY GA 476 -15.54 -6.62 -76.54
C GLY GA 476 -15.17 -6.38 -75.09
N ARG GA 477 -15.00 -5.11 -74.74
CA ARG GA 477 -14.58 -4.72 -73.40
C ARG GA 477 -14.62 -3.20 -73.36
N PRO GA 478 -15.03 -2.58 -72.26
CA PRO GA 478 -15.46 -1.18 -72.33
C PRO GA 478 -14.34 -0.25 -72.76
N GLY GA 479 -14.68 0.69 -73.64
CA GLY GA 479 -13.75 1.66 -74.18
C GLY GA 479 -13.68 1.57 -75.70
N ARG GA 480 -13.64 0.35 -76.20
CA ARG GA 480 -13.79 -0.01 -77.60
C ARG GA 480 -15.28 -0.03 -77.93
N ARG GA 481 -15.65 -0.71 -79.02
CA ARG GA 481 -17.03 -0.98 -79.40
C ARG GA 481 -17.80 0.32 -79.63
N ASP GA 482 -19.04 0.21 -80.09
CA ASP GA 482 -19.87 1.36 -80.46
C ASP GA 482 -19.43 1.89 -81.81
N ILE GA 483 -20.40 2.11 -82.72
CA ILE GA 483 -20.12 2.45 -84.11
C ILE GA 483 -21.12 3.50 -84.58
N ARG GA 484 -20.64 4.44 -85.40
CA ARG GA 484 -21.48 5.42 -86.08
C ARG GA 484 -21.16 5.37 -87.57
N ILE GA 485 -22.12 4.90 -88.37
CA ILE GA 485 -21.87 4.72 -89.79
C ILE GA 485 -21.68 6.07 -90.48
N GLU GA 486 -22.59 7.01 -90.24
CA GLU GA 486 -22.51 8.36 -90.81
C GLU GA 486 -22.45 8.29 -92.34
N LEU GA 487 -23.55 7.82 -92.92
CA LEU GA 487 -23.65 7.69 -94.36
C LEU GA 487 -23.46 9.03 -95.05
N TYR GA 488 -23.32 8.98 -96.38
CA TYR GA 488 -23.10 10.19 -97.16
C TYR GA 488 -24.28 11.14 -97.05
N ASP GA 489 -25.51 10.61 -97.14
CA ASP GA 489 -26.69 11.47 -97.14
C ASP GA 489 -26.81 12.25 -95.85
N GLY GA 490 -26.52 11.62 -94.72
CA GLY GA 490 -26.59 12.28 -93.43
C GLY GA 490 -27.13 11.40 -92.33
N THR GA 491 -27.84 10.34 -92.71
CA THR GA 491 -28.38 9.41 -91.71
C THR GA 491 -27.24 8.65 -91.06
N VAL GA 492 -27.28 8.57 -89.72
CA VAL GA 492 -26.25 7.92 -88.94
C VAL GA 492 -26.88 6.79 -88.14
N TYR GA 493 -26.24 5.62 -88.17
CA TYR GA 493 -26.71 4.44 -87.45
C TYR GA 493 -25.78 4.16 -86.29
N HIS GA 494 -26.37 3.99 -85.10
CA HIS GA 494 -25.62 3.65 -83.90
C HIS GA 494 -25.74 2.15 -83.66
N ARG GA 495 -24.59 1.48 -83.60
CA ARG GA 495 -24.53 0.04 -83.41
C ARG GA 495 -23.69 -0.28 -82.18
N ARG GA 496 -23.60 -1.57 -81.86
CA ARG GA 496 -22.89 -2.04 -80.68
C ARG GA 496 -22.12 -3.30 -81.06
N ILE GA 497 -20.78 -3.22 -81.01
CA ILE GA 497 -19.97 -4.38 -81.35
C ILE GA 497 -20.22 -5.49 -80.33
N LEU GA 498 -20.22 -6.73 -80.82
CA LEU GA 498 -20.40 -7.90 -79.97
C LEU GA 498 -19.15 -8.75 -79.84
N THR GA 499 -18.45 -9.03 -80.94
CA THR GA 499 -17.22 -9.79 -80.91
C THR GA 499 -16.57 -9.72 -82.29
N SER GA 500 -15.25 -9.64 -82.31
CA SER GA 500 -14.48 -9.54 -83.54
C SER GA 500 -13.67 -10.80 -83.74
N THR GA 501 -13.72 -11.34 -84.96
CA THR GA 501 -13.01 -12.56 -85.32
C THR GA 501 -12.09 -12.28 -86.48
N GLU GA 502 -10.85 -12.75 -86.39
CA GLU GA 502 -9.88 -12.56 -87.47
C GLU GA 502 -10.22 -13.48 -88.64
N LEU GA 503 -10.21 -12.93 -89.84
CA LEU GA 503 -10.51 -13.67 -91.06
C LEU GA 503 -9.33 -13.78 -92.00
N ASP GA 504 -8.55 -12.71 -92.14
CA ASP GA 504 -7.40 -12.72 -93.04
C ASP GA 504 -6.41 -11.67 -92.54
N ALA GA 505 -5.19 -11.76 -93.06
CA ALA GA 505 -4.17 -10.78 -92.70
C ALA GA 505 -4.55 -9.37 -93.12
N ASP GA 506 -5.51 -9.23 -94.04
CA ASP GA 506 -5.92 -7.93 -94.54
C ASP GA 506 -7.40 -7.62 -94.33
N THR GA 507 -8.22 -8.58 -93.94
CA THR GA 507 -9.64 -8.36 -93.76
C THR GA 507 -10.14 -9.08 -92.51
N GLU GA 508 -11.21 -8.57 -91.94
CA GLU GA 508 -11.84 -9.12 -90.74
C GLU GA 508 -13.34 -9.22 -90.96
N ARG GA 509 -14.03 -9.78 -89.97
CA ARG GA 509 -15.49 -9.95 -90.02
C ARG GA 509 -16.11 -9.52 -88.69
N VAL GA 510 -15.75 -8.32 -88.22
CA VAL GA 510 -16.27 -7.83 -86.96
C VAL GA 510 -17.80 -7.85 -87.00
N ALA GA 511 -18.40 -8.25 -85.89
CA ALA GA 511 -19.84 -8.41 -85.78
C ALA GA 511 -20.48 -7.18 -85.15
N ILE GA 512 -21.81 -7.13 -85.20
CA ILE GA 512 -22.61 -6.05 -84.65
C ILE GA 512 -23.72 -6.65 -83.81
N ASP GA 513 -24.59 -5.77 -83.30
CA ASP GA 513 -25.65 -6.20 -82.40
C ASP GA 513 -26.92 -6.63 -83.15
N ALA GA 514 -27.44 -5.77 -84.03
CA ALA GA 514 -28.69 -6.11 -84.73
C ALA GA 514 -28.84 -5.22 -85.96
N ALA GA 515 -28.84 -5.84 -87.14
CA ALA GA 515 -29.21 -5.17 -88.39
C ALA GA 515 -28.33 -3.97 -88.70
N LEU GA 516 -28.50 -3.39 -89.88
CA LEU GA 516 -27.76 -2.20 -90.28
C LEU GA 516 -28.71 -1.10 -90.75
N GLY GA 517 -29.85 -1.49 -91.34
CA GLY GA 517 -30.84 -0.57 -91.83
C GLY GA 517 -31.08 -0.66 -93.33
N ARG GA 518 -30.02 -0.96 -94.09
CA ARG GA 518 -30.13 -1.09 -95.54
C ARG GA 518 -28.79 -1.62 -96.04
N LEU GA 519 -28.74 -1.89 -97.35
CA LEU GA 519 -27.51 -2.34 -97.99
C LEU GA 519 -26.65 -1.13 -98.32
N VAL GA 520 -25.46 -1.06 -97.74
CA VAL GA 520 -24.53 0.06 -97.93
C VAL GA 520 -23.25 -0.50 -98.52
N GLU GA 521 -22.84 0.05 -99.66
CA GLU GA 521 -21.59 -0.35 -100.28
C GLU GA 521 -20.42 0.39 -99.63
N PRO GA 522 -19.19 -0.12 -99.78
CA PRO GA 522 -18.04 0.58 -99.19
C PRO GA 522 -17.90 2.01 -99.68
N THR GA 523 -18.34 2.30 -100.90
CA THR GA 523 -18.24 3.64 -101.45
C THR GA 523 -19.18 4.63 -100.76
N ASP GA 524 -20.16 4.15 -100.00
CA ASP GA 524 -21.18 4.99 -99.39
C ASP GA 524 -21.03 5.08 -97.88
N VAL GA 525 -19.78 5.10 -97.39
CA VAL GA 525 -19.50 5.26 -95.97
C VAL GA 525 -18.45 6.35 -95.81
N ALA GA 526 -18.71 7.30 -94.91
CA ALA GA 526 -17.78 8.40 -94.66
C ALA GA 526 -16.77 8.04 -93.59
N ARG GA 527 -17.23 7.54 -92.43
CA ARG GA 527 -16.35 7.22 -91.33
C ARG GA 527 -17.08 6.32 -90.35
N ILE GA 528 -16.40 5.97 -89.26
CA ILE GA 528 -16.94 5.09 -88.24
C ILE GA 528 -16.87 5.80 -86.90
N CYS GA 529 -15.73 6.43 -86.60
CA CYS GA 529 -15.59 7.37 -85.49
C CYS GA 529 -16.07 6.75 -84.18
N PHE GA 530 -15.30 5.75 -83.73
CA PHE GA 530 -15.58 5.03 -82.50
C PHE GA 530 -16.15 5.94 -81.41
N MET GA 531 -17.27 5.52 -80.84
CA MET GA 531 -17.92 6.24 -79.75
C MET GA 531 -17.35 5.80 -78.41
N ALA GA 532 -17.62 6.61 -77.39
CA ALA GA 532 -17.20 6.28 -76.03
C ALA GA 532 -17.89 7.18 -75.01
N LEU GA 533 -18.46 6.59 -73.97
CA LEU GA 533 -19.07 7.39 -72.91
C LEU GA 533 -17.99 8.15 -72.16
N CYS GA 534 -18.24 9.43 -71.89
CA CYS GA 534 -17.27 10.28 -71.23
C CYS GA 534 -17.99 11.38 -70.48
N SER GA 535 -17.25 12.04 -69.59
CA SER GA 535 -17.73 13.22 -68.87
C SER GA 535 -16.61 14.24 -68.85
N ALA GA 536 -16.94 15.44 -68.38
CA ALA GA 536 -15.95 16.52 -68.35
C ALA GA 536 -14.76 16.13 -67.50
N ALA GA 537 -13.58 16.60 -67.90
CA ALA GA 537 -12.36 16.37 -67.15
C ALA GA 537 -12.02 17.50 -66.19
N SER GA 538 -12.40 18.74 -66.52
CA SER GA 538 -12.20 19.88 -65.65
C SER GA 538 -13.54 20.59 -65.48
N ASP GA 539 -13.90 20.86 -64.22
CA ASP GA 539 -15.19 21.47 -63.94
C ASP GA 539 -15.28 22.89 -64.51
N VAL GA 540 -14.21 23.67 -64.36
CA VAL GA 540 -14.24 25.06 -64.78
C VAL GA 540 -14.38 25.13 -66.30
N VAL GA 541 -15.29 25.99 -66.76
CA VAL GA 541 -15.52 26.21 -68.18
C VAL GA 541 -15.39 27.70 -68.45
N GLU GA 542 -14.59 28.05 -69.45
CA GLU GA 542 -14.33 29.44 -69.82
C GLU GA 542 -15.09 29.74 -71.11
N ILE GA 543 -16.07 30.64 -71.02
CA ILE GA 543 -16.86 31.07 -72.17
C ILE GA 543 -16.32 32.45 -72.55
N GLU GA 544 -15.50 32.49 -73.59
CA GLU GA 544 -14.83 33.72 -74.02
C GLU GA 544 -15.77 34.50 -74.93
N HIS GA 545 -16.47 35.48 -74.37
CA HIS GA 545 -17.30 36.36 -75.19
C HIS GA 545 -16.42 37.32 -75.97
N VAL GA 546 -16.65 37.40 -77.27
CA VAL GA 546 -15.83 38.22 -78.18
C VAL GA 546 -16.58 39.47 -78.61
N THR GA 547 -17.70 39.30 -79.30
CA THR GA 547 -18.42 40.44 -79.89
C THR GA 547 -19.61 40.88 -79.06
N ASP GA 548 -20.57 39.98 -78.84
CA ASP GA 548 -21.82 40.32 -78.18
C ASP GA 548 -22.64 39.04 -78.08
N SER GA 549 -23.75 39.12 -77.34
CA SER GA 549 -24.68 38.00 -77.25
C SER GA 549 -25.07 37.52 -78.64
N GLU GA 550 -25.38 38.44 -79.55
CA GLU GA 550 -25.68 38.11 -80.94
C GLU GA 550 -24.41 38.14 -81.79
N GLY GA 551 -23.37 37.44 -81.33
CA GLY GA 551 -22.07 37.46 -81.99
C GLY GA 551 -21.41 36.11 -81.93
N VAL GA 552 -20.11 36.11 -81.62
CA VAL GA 552 -19.27 34.91 -81.65
C VAL GA 552 -18.60 34.76 -80.29
N ALA GA 553 -18.58 33.52 -79.79
CA ALA GA 553 -17.88 33.20 -78.56
C ALA GA 553 -17.06 31.93 -78.77
N THR GA 554 -15.98 31.83 -78.00
CA THR GA 554 -15.06 30.70 -78.09
C THR GA 554 -14.92 30.04 -76.72
N ALA GA 555 -14.79 28.72 -76.73
CA ALA GA 555 -14.63 27.97 -75.50
C ALA GA 555 -13.95 26.65 -75.81
N ALA GA 556 -13.42 26.00 -74.77
CA ALA GA 556 -12.74 24.73 -74.89
C ALA GA 556 -13.27 23.78 -73.83
N LEU GA 557 -13.56 22.55 -74.23
CA LEU GA 557 -14.07 21.51 -73.33
C LEU GA 557 -13.27 20.24 -73.51
N THR GA 558 -13.08 19.51 -72.41
CA THR GA 558 -12.34 18.26 -72.40
C THR GA 558 -13.21 17.17 -71.78
N PHE GA 559 -13.28 16.03 -72.44
CA PHE GA 559 -14.08 14.89 -71.99
C PHE GA 559 -13.19 13.68 -71.75
N LYS GA 560 -13.46 12.96 -70.67
CA LYS GA 560 -12.68 11.79 -70.28
C LYS GA 560 -13.61 10.60 -70.10
N GLY GA 561 -13.15 9.43 -70.54
CA GLY GA 561 -13.94 8.23 -70.40
C GLY GA 561 -14.22 7.91 -68.95
N VAL GA 562 -15.43 7.38 -68.70
CA VAL GA 562 -15.85 6.99 -67.36
C VAL GA 562 -16.74 5.77 -67.47
N ARG GA 563 -16.58 4.83 -66.54
CA ARG GA 563 -17.41 3.63 -66.50
C ARG GA 563 -18.72 3.98 -65.81
N ASP GA 564 -19.81 4.03 -66.57
CA ASP GA 564 -21.10 4.41 -66.05
C ASP GA 564 -22.17 3.68 -66.85
N ASP GA 565 -23.41 4.14 -66.78
CA ASP GA 565 -24.52 3.51 -67.47
C ASP GA 565 -24.78 2.12 -66.91
N GLU GA 566 -25.02 2.04 -65.60
CA GLU GA 566 -25.40 0.83 -64.88
C GLU GA 566 -24.26 -0.18 -64.75
N PHE GA 567 -23.07 0.13 -65.23
CA PHE GA 567 -21.95 -0.80 -65.13
C PHE GA 567 -20.62 -0.06 -65.10
N GLY HA 10 5.56 -98.01 76.15
CA GLY HA 10 4.73 -97.19 75.28
C GLY HA 10 5.48 -96.03 74.67
N LEU HA 11 5.77 -96.13 73.38
CA LEU HA 11 6.44 -95.08 72.64
C LEU HA 11 5.73 -94.91 71.30
N LEU HA 12 5.99 -93.77 70.66
CA LEU HA 12 5.18 -93.37 69.52
C LEU HA 12 5.99 -92.47 68.58
N ILE HA 13 5.61 -92.53 67.30
CA ILE HA 13 6.29 -91.79 66.23
C ILE HA 13 5.27 -91.08 65.34
N ASN HA 14 4.07 -90.82 65.86
CA ASN HA 14 3.01 -90.27 65.03
C ASN HA 14 3.13 -88.76 64.90
N GLY HA 15 2.36 -88.20 63.97
CA GLY HA 15 2.26 -86.76 63.81
C GLY HA 15 3.53 -86.10 63.32
N LEU HA 16 4.20 -86.71 62.36
CA LEU HA 16 5.40 -86.12 61.81
C LEU HA 16 5.03 -84.86 61.04
N PRO HA 17 5.69 -83.72 61.27
CA PRO HA 17 5.51 -82.59 60.36
C PRO HA 17 5.90 -82.98 58.94
N GLY HA 18 4.96 -82.83 58.01
CA GLY HA 18 5.15 -83.32 56.66
C GLY HA 18 6.32 -82.72 55.92
N GLU HA 19 6.97 -81.69 56.47
CA GLU HA 19 8.17 -81.17 55.82
C GLU HA 19 9.29 -82.20 55.79
N GLY HA 20 9.50 -82.90 56.91
CA GLY HA 20 10.48 -83.97 56.96
C GLY HA 20 9.86 -85.31 56.68
N HIS HA 21 8.88 -85.33 55.75
CA HIS HA 21 8.12 -86.55 55.49
C HIS HA 21 8.95 -87.59 54.74
N TYR HA 22 9.91 -87.14 53.93
CA TYR HA 22 10.68 -88.09 53.13
C TYR HA 22 11.56 -88.97 54.00
N SER HA 23 12.13 -88.42 55.07
CA SER HA 23 12.93 -89.23 55.98
C SER HA 23 12.08 -90.33 56.62
N ASP HA 24 10.87 -89.98 57.04
CA ASP HA 24 9.98 -90.98 57.61
C ASP HA 24 9.54 -92.00 56.55
N LEU HA 25 9.42 -91.56 55.30
CA LEU HA 25 9.13 -92.50 54.22
C LEU HA 25 10.25 -93.52 54.06
N ILE HA 26 11.50 -93.04 54.11
CA ILE HA 26 12.64 -93.95 54.05
C ILE HA 26 12.64 -94.88 55.27
N ARG HA 27 12.23 -94.36 56.44
CA ARG HA 27 12.12 -95.20 57.62
C ARG HA 27 11.12 -96.33 57.40
N MET HA 28 9.92 -95.99 56.91
CA MET HA 28 8.92 -97.01 56.64
C MET HA 28 9.41 -98.00 55.61
N TRP HA 29 10.18 -97.54 54.62
CA TRP HA 29 10.76 -98.47 53.66
C TRP HA 29 11.73 -99.44 54.32
N ARG HA 30 12.71 -98.92 55.06
CA ARG HA 30 13.80 -99.74 55.56
C ARG HA 30 13.36 -100.69 56.68
N TRP HA 31 12.61 -100.21 57.66
CA TRP HA 31 12.17 -101.10 58.73
C TRP HA 31 11.24 -102.18 58.19
N ASP HA 32 10.31 -101.80 57.30
CA ASP HA 32 9.43 -102.79 56.69
C ASP HA 32 10.22 -103.83 55.91
N ASP HA 33 11.26 -103.39 55.18
CA ASP HA 33 12.11 -104.33 54.48
C ASP HA 33 12.80 -105.28 55.45
N PHE HA 34 13.27 -104.76 56.59
CA PHE HA 34 13.94 -105.60 57.57
C PHE HA 34 12.98 -106.59 58.22
N LEU HA 35 11.69 -106.27 58.29
CA LEU HA 35 10.76 -107.13 59.03
C LEU HA 35 10.45 -108.46 58.33
N ARG HA 36 11.10 -108.89 57.25
CA ARG HA 36 10.76 -110.18 56.66
C ARG HA 36 11.03 -111.32 57.63
N GLN HA 37 12.18 -111.28 58.31
CA GLN HA 37 12.54 -112.30 59.28
C GLN HA 37 13.47 -111.69 60.34
N PRO HA 38 13.03 -111.54 61.59
CA PRO HA 38 13.92 -110.95 62.60
C PRO HA 38 15.00 -111.92 63.07
N VAL HA 39 16.11 -111.98 62.33
CA VAL HA 39 17.19 -112.92 62.60
C VAL HA 39 18.46 -112.13 62.91
N VAL HA 40 19.22 -112.62 63.88
CA VAL HA 40 20.48 -112.01 64.28
C VAL HA 40 21.61 -113.02 64.04
N LYS HA 41 22.66 -112.57 63.34
CA LYS HA 41 23.78 -113.46 63.06
C LYS HA 41 24.56 -113.79 64.33
N GLY HA 42 24.40 -113.02 65.39
CA GLY HA 42 25.10 -113.27 66.63
C GLY HA 42 25.16 -112.03 67.49
N ARG HA 43 25.28 -112.26 68.79
CA ARG HA 43 25.38 -111.17 69.75
C ARG HA 43 26.79 -110.60 69.78
N VAL HA 44 26.89 -109.28 69.80
CA VAL HA 44 28.16 -108.57 69.80
C VAL HA 44 28.13 -107.50 70.88
N ALA HA 45 29.22 -107.41 71.64
CA ALA HA 45 29.39 -106.35 72.62
C ALA HA 45 29.96 -105.08 72.01
N THR HA 46 30.27 -105.09 70.71
CA THR HA 46 30.76 -103.90 70.02
C THR HA 46 30.26 -103.94 68.59
N LEU HA 47 30.08 -102.76 68.01
CA LEU HA 47 29.63 -102.68 66.62
C LEU HA 47 30.73 -103.21 65.71
N PRO HA 48 30.43 -104.18 64.82
CA PRO HA 48 31.45 -104.65 63.89
C PRO HA 48 31.98 -103.53 63.01
N THR HA 49 33.27 -103.18 63.18
CA THR HA 49 33.85 -102.08 62.43
C THR HA 49 34.18 -102.47 60.99
N THR HA 50 34.24 -103.76 60.67
CA THR HA 50 34.59 -104.21 59.33
C THR HA 50 33.85 -105.49 59.03
N GLY HA 51 33.75 -105.80 57.74
CA GLY HA 51 33.11 -107.03 57.30
C GLY HA 51 31.62 -107.11 57.57
N GLN HA 52 30.90 -106.02 57.31
CA GLN HA 52 29.45 -105.99 57.46
C GLN HA 52 28.83 -105.35 56.23
N ALA HA 53 27.62 -105.79 55.89
CA ALA HA 53 26.90 -105.28 54.74
C ALA HA 53 25.41 -105.43 55.00
N GLU HA 54 24.60 -105.22 53.97
CA GLU HA 54 23.17 -105.38 54.11
C GLU HA 54 22.83 -106.82 54.43
N GLY HA 55 21.84 -107.01 55.32
CA GLY HA 55 21.46 -108.32 55.77
C GLY HA 55 22.19 -108.80 57.01
N ASP HA 56 23.21 -108.07 57.46
CA ASP HA 56 23.96 -108.45 58.66
C ASP HA 56 23.33 -107.77 59.86
N THR HA 57 22.87 -108.56 60.83
CA THR HA 57 22.24 -108.07 62.04
C THR HA 57 22.93 -108.70 63.24
N TYR HA 58 23.56 -107.87 64.07
CA TYR HA 58 24.21 -108.31 65.29
C TYR HA 58 23.61 -107.56 66.48
N ILE HA 59 23.39 -108.28 67.57
CA ILE HA 59 22.81 -107.69 68.77
C ILE HA 59 23.91 -106.91 69.48
N PHE HA 60 23.84 -105.59 69.42
CA PHE HA 60 24.82 -104.72 70.08
C PHE HA 60 24.47 -104.64 71.55
N THR HA 61 25.16 -105.45 72.37
CA THR HA 61 24.97 -105.48 73.81
C THR HA 61 26.17 -104.92 74.56
N GLY HA 62 26.91 -104.00 73.92
CA GLY HA 62 28.03 -103.38 74.58
C GLY HA 62 27.60 -102.50 75.74
N SER HA 63 28.45 -102.46 76.77
CA SER HA 63 28.10 -101.79 78.01
C SER HA 63 27.63 -100.37 77.75
N GLY HA 64 26.51 -100.00 78.35
CA GLY HA 64 25.89 -98.71 78.17
C GLY HA 64 24.38 -98.85 78.16
N SER HA 65 23.71 -97.79 77.70
CA SER HA 65 22.26 -97.79 77.63
C SER HA 65 21.74 -98.39 76.33
N ASN HA 66 22.62 -98.77 75.40
CA ASN HA 66 22.21 -99.36 74.14
C ASN HA 66 22.19 -100.89 74.18
N GLN HA 67 21.98 -101.47 75.35
CA GLN HA 67 21.91 -102.92 75.46
C GLN HA 67 20.79 -103.47 74.60
N ASN HA 68 21.09 -104.56 73.88
CA ASN HA 68 20.14 -105.30 73.04
C ASN HA 68 19.73 -104.52 71.80
N ARG HA 69 20.17 -103.28 71.61
CA ARG HA 69 19.87 -102.56 70.39
C ARG HA 69 20.53 -103.25 69.21
N LEU HA 70 19.76 -103.50 68.16
CA LEU HA 70 20.29 -104.17 66.99
C LEU HA 70 21.13 -103.21 66.15
N ALA HA 71 22.01 -103.78 65.33
CA ALA HA 71 23.06 -103.03 64.66
C ALA HA 71 23.11 -103.39 63.17
N ARG HA 72 21.96 -103.36 62.52
CA ARG HA 72 21.92 -103.65 61.08
C ARG HA 72 22.68 -102.58 60.31
N TRP HA 73 23.58 -103.03 59.42
CA TRP HA 73 24.32 -102.14 58.54
C TRP HA 73 23.62 -102.04 57.20
N TRP HA 74 23.38 -100.81 56.75
CA TRP HA 74 22.61 -100.54 55.53
C TRP HA 74 23.49 -99.74 54.57
N ALA HA 75 24.19 -100.47 53.69
CA ALA HA 75 25.09 -99.86 52.71
C ALA HA 75 24.68 -100.14 51.27
N THR HA 76 24.39 -101.39 50.94
CA THR HA 76 24.03 -101.73 49.58
C THR HA 76 22.83 -100.91 49.13
N GLY HA 77 22.94 -100.30 47.95
CA GLY HA 77 21.85 -99.49 47.44
C GLY HA 77 21.44 -98.38 48.39
N ALA HA 78 22.41 -97.72 49.01
CA ALA HA 78 22.15 -96.71 50.03
C ALA HA 78 23.01 -95.48 49.76
N THR HA 79 22.53 -94.34 50.25
CA THR HA 79 23.28 -93.10 50.13
C THR HA 79 24.39 -93.04 51.18
N THR HA 80 24.03 -93.10 52.45
CA THR HA 80 25.00 -93.14 53.55
C THR HA 80 24.58 -94.22 54.53
N ALA HA 81 25.52 -95.09 54.89
CA ALA HA 81 25.25 -96.21 55.77
C ALA HA 81 25.38 -95.78 57.23
N ILE HA 82 24.38 -96.11 58.03
CA ILE HA 82 24.36 -95.79 59.45
C ILE HA 82 23.91 -97.02 60.22
N TRP HA 83 24.33 -97.09 61.48
CA TRP HA 83 23.94 -98.20 62.37
C TRP HA 83 22.55 -97.90 62.92
N GLU HA 84 21.53 -98.33 62.18
CA GLU HA 84 20.16 -98.15 62.65
C GLU HA 84 19.96 -98.92 63.96
N TYR HA 85 19.35 -98.25 64.94
CA TYR HA 85 19.17 -98.81 66.27
C TYR HA 85 17.70 -99.09 66.52
N MET HA 86 17.44 -100.28 67.08
CA MET HA 86 16.09 -100.78 67.33
C MET HA 86 16.00 -101.16 68.80
N PRO HA 87 15.77 -100.19 69.68
CA PRO HA 87 15.67 -100.49 71.12
C PRO HA 87 14.53 -101.45 71.41
N PRO HA 88 14.81 -102.62 71.96
CA PRO HA 88 13.73 -103.54 72.31
C PRO HA 88 13.14 -103.23 73.68
N ARG HA 89 11.82 -103.13 73.72
CA ARG HA 89 11.09 -102.95 74.97
C ARG HA 89 10.34 -104.25 75.25
N LEU HA 90 10.79 -104.98 76.27
CA LEU HA 90 10.18 -106.25 76.66
C LEU HA 90 10.26 -107.25 75.49
N GLY HA 91 11.50 -107.55 75.10
CA GLY HA 91 11.75 -108.40 73.94
C GLY HA 91 11.08 -109.75 74.03
N TRP HA 92 11.19 -110.54 72.96
CA TRP HA 92 10.50 -111.83 72.89
C TRP HA 92 11.27 -112.74 71.95
N ARG HA 93 10.62 -113.85 71.55
CA ARG HA 93 11.28 -114.89 70.78
C ARG HA 93 11.97 -114.31 69.55
N VAL HA 94 13.25 -114.59 69.41
CA VAL HA 94 14.04 -114.20 68.25
C VAL HA 94 14.81 -115.42 67.78
N GLN HA 95 14.63 -115.77 66.51
CA GLN HA 95 15.26 -116.97 65.96
C GLN HA 95 16.73 -116.74 65.65
N VAL HA 96 17.49 -117.83 65.65
CA VAL HA 96 18.92 -117.82 65.33
C VAL HA 96 19.20 -118.95 64.36
N ALA HA 97 20.07 -118.69 63.39
CA ALA HA 97 20.26 -119.59 62.25
C ALA HA 97 21.60 -120.33 62.29
N ASN HA 98 22.70 -119.61 62.44
CA ASN HA 98 24.02 -120.20 62.20
C ASN HA 98 24.24 -121.43 63.09
N GLU HA 99 23.83 -121.36 64.35
CA GLU HA 99 24.00 -122.45 65.29
C GLU HA 99 22.65 -123.07 65.64
N THR HA 100 22.63 -124.39 65.80
CA THR HA 100 21.42 -125.11 66.11
C THR HA 100 21.76 -126.32 66.97
N THR HA 101 20.75 -126.82 67.68
CA THR HA 101 20.96 -127.95 68.57
C THR HA 101 21.11 -129.24 67.77
N PRO HA 102 21.65 -130.30 68.39
CA PRO HA 102 21.82 -131.56 67.66
C PRO HA 102 20.51 -132.12 67.11
N SER HA 103 19.40 -131.90 67.81
CA SER HA 103 18.10 -132.43 67.39
C SER HA 103 17.44 -131.58 66.31
N GLY HA 104 18.17 -130.64 65.71
CA GLY HA 104 17.62 -129.80 64.66
C GLY HA 104 16.88 -128.58 65.13
N GLN HA 105 16.74 -128.38 66.44
CA GLN HA 105 16.07 -127.19 66.95
C GLN HA 105 16.90 -125.95 66.63
N VAL HA 106 16.26 -124.92 66.12
CA VAL HA 106 16.93 -123.66 65.83
C VAL HA 106 17.01 -122.83 67.10
N LYS HA 107 18.22 -122.39 67.45
CA LYS HA 107 18.41 -121.63 68.68
C LYS HA 107 17.53 -120.38 68.66
N THR HA 108 16.87 -120.12 69.78
CA THR HA 108 15.97 -118.98 69.92
C THR HA 108 16.06 -118.45 71.34
N TYR HA 109 16.59 -117.23 71.48
CA TYR HA 109 16.71 -116.57 72.77
C TYR HA 109 15.49 -115.68 72.95
N GLU HA 110 14.50 -116.16 73.71
CA GLU HA 110 13.32 -115.36 74.02
C GLU HA 110 13.66 -114.43 75.18
N TYR HA 111 13.78 -113.14 74.89
CA TYR HA 111 14.17 -112.16 75.90
C TYR HA 111 12.99 -111.95 76.85
N SER HA 112 13.20 -112.27 78.13
CA SER HA 112 12.15 -112.14 79.14
C SER HA 112 12.06 -110.74 79.72
N GLY HA 113 12.63 -109.74 79.05
CA GLY HA 113 12.64 -108.38 79.55
C GLY HA 113 13.83 -108.03 80.40
N THR HA 114 14.55 -109.04 80.90
CA THR HA 114 15.75 -108.82 81.69
C THR HA 114 16.93 -109.69 81.28
N ALA HA 115 16.69 -110.82 80.61
CA ALA HA 115 17.78 -111.71 80.19
C ALA HA 115 17.33 -112.48 78.97
N TRP HA 116 18.31 -113.06 78.27
CA TRP HA 116 18.05 -113.85 77.08
C TRP HA 116 17.75 -115.28 77.50
N VAL HA 117 16.48 -115.67 77.41
CA VAL HA 117 16.02 -116.98 77.86
C VAL HA 117 15.81 -117.88 76.65
N GLU HA 118 15.97 -119.18 76.86
CA GLU HA 118 15.79 -120.15 75.79
C GLU HA 118 14.30 -120.39 75.54
N LEU HA 119 13.99 -120.75 74.29
CA LEU HA 119 12.61 -121.08 73.95
C LEU HA 119 12.18 -122.35 74.68
N VAL HA 120 10.90 -122.40 75.05
CA VAL HA 120 10.35 -123.50 75.82
C VAL HA 120 9.05 -123.95 75.18
N GLY HA 121 8.71 -125.21 75.43
CA GLY HA 121 7.45 -125.78 74.96
C GLY HA 121 6.78 -126.63 76.02
N GLY HA 122 6.31 -127.82 75.63
CA GLY HA 122 5.74 -128.75 76.58
C GLY HA 122 4.25 -128.96 76.41
N MET HA 123 3.82 -130.22 76.44
CA MET HA 123 2.41 -130.57 76.37
C MET HA 123 1.93 -131.36 77.58
N SER HA 124 2.73 -132.29 78.08
CA SER HA 124 2.31 -133.19 79.14
C SER HA 124 3.09 -132.90 80.43
N ASP HA 125 2.38 -132.91 81.54
CA ASP HA 125 2.97 -132.82 82.86
C ASP HA 125 2.32 -133.87 83.75
N ALA HA 126 3.13 -134.65 84.45
CA ALA HA 126 2.59 -135.74 85.25
C ALA HA 126 1.68 -135.17 86.34
N PRO HA 127 0.50 -135.74 86.55
CA PRO HA 127 -0.35 -135.26 87.65
C PRO HA 127 0.37 -135.39 88.99
N SER HA 128 0.13 -134.42 89.86
CA SER HA 128 0.76 -134.39 91.19
C SER HA 128 -0.06 -135.24 92.15
N ASP HA 129 0.01 -136.56 91.93
CA ASP HA 129 -0.70 -137.53 92.76
C ASP HA 129 0.25 -138.57 93.33
N GLY HA 130 1.56 -138.33 93.29
CA GLY HA 130 2.52 -139.22 93.89
C GLY HA 130 2.87 -140.45 93.09
N LYS HA 131 2.46 -140.53 91.83
CA LYS HA 131 2.69 -141.70 90.99
C LYS HA 131 3.58 -141.30 89.82
N ALA HA 132 4.62 -142.08 89.56
CA ALA HA 132 5.53 -141.78 88.48
C ALA HA 132 4.96 -142.24 87.14
N TYR HA 133 5.13 -141.42 86.11
CA TYR HA 133 4.58 -141.63 84.79
C TYR HA 133 5.68 -141.81 83.76
N ALA HA 134 5.47 -142.74 82.83
CA ALA HA 134 6.38 -142.96 81.71
C ALA HA 134 5.59 -142.99 80.42
N ARG HA 135 6.21 -142.50 79.35
CA ARG HA 135 5.55 -142.45 78.06
C ARG HA 135 5.27 -143.86 77.54
N GLU HA 136 4.10 -144.04 76.93
CA GLU HA 136 3.69 -145.34 76.41
C GLU HA 136 2.71 -145.11 75.27
N SER HA 137 3.15 -145.41 74.04
CA SER HA 137 2.29 -145.31 72.86
C SER HA 137 1.66 -143.92 72.76
N GLY HA 138 2.47 -142.89 73.01
CA GLY HA 138 2.00 -141.52 72.92
C GLY HA 138 1.22 -141.04 74.12
N ALA HA 139 1.16 -141.83 75.20
CA ALA HA 139 0.46 -141.43 76.42
C ALA HA 139 1.32 -141.76 77.62
N TRP HA 140 1.13 -141.00 78.69
CA TRP HA 140 1.89 -141.19 79.92
C TRP HA 140 1.17 -142.19 80.81
N THR HA 141 1.86 -143.26 81.19
CA THR HA 141 1.31 -144.33 82.00
C THR HA 141 2.06 -144.40 83.32
N GLU HA 142 1.32 -144.69 84.38
CA GLU HA 142 1.90 -144.74 85.72
C GLU HA 142 2.86 -145.92 85.83
N LEU HA 143 3.83 -145.80 86.73
CA LEU HA 143 4.77 -146.85 87.02
C LEU HA 143 4.56 -147.36 88.45
N GLY HA 144 4.99 -148.60 88.68
CA GLY HA 144 4.86 -149.22 89.98
C GLY HA 144 5.98 -148.82 90.92
N SER HA 145 5.87 -149.30 92.15
CA SER HA 145 6.88 -148.99 93.16
C SER HA 145 8.20 -149.71 92.87
N ALA HA 146 8.15 -150.90 92.28
CA ALA HA 146 9.37 -151.66 92.04
C ALA HA 146 10.35 -150.93 91.13
N ALA HA 147 9.87 -150.00 90.31
CA ALA HA 147 10.76 -149.27 89.42
C ALA HA 147 11.79 -148.47 90.21
N LYS HA 148 11.37 -147.84 91.30
CA LYS HA 148 12.29 -147.02 92.08
C LYS HA 148 13.36 -147.86 92.75
N SER HA 149 12.99 -149.04 93.24
CA SER HA 149 13.92 -149.87 93.98
C SER HA 149 15.01 -150.43 93.07
N ALA HA 150 16.21 -150.57 93.64
CA ALA HA 150 17.34 -151.14 92.91
C ALA HA 150 17.30 -152.66 93.03
N LEU HA 151 18.40 -153.32 92.62
CA LEU HA 151 18.49 -154.77 92.68
C LEU HA 151 19.55 -155.28 93.66
N ASN HA 152 20.47 -154.44 94.11
CA ASN HA 152 21.50 -154.88 95.04
C ASN HA 152 20.95 -155.16 96.43
N VAL HA 153 19.70 -154.80 96.71
CA VAL HA 153 19.11 -154.96 98.03
C VAL HA 153 18.04 -156.03 98.08
N LEU HA 154 17.54 -156.49 96.94
CA LEU HA 154 16.47 -157.48 96.95
C LEU HA 154 16.96 -158.77 97.60
N PRO HA 155 16.24 -159.32 98.57
CA PRO HA 155 16.73 -160.52 99.29
C PRO HA 155 16.36 -161.84 98.62
N PHE HA 156 17.05 -162.16 97.53
CA PHE HA 156 16.93 -163.47 96.91
C PHE HA 156 17.75 -164.49 97.68
N MET HA 157 17.57 -165.76 97.35
CA MET HA 157 18.09 -166.86 98.14
C MET HA 157 19.15 -167.64 97.36
N ASN HA 158 20.16 -168.09 98.08
CA ASN HA 158 21.22 -168.90 97.48
C ASN HA 158 20.73 -170.33 97.25
N LEU HA 159 21.24 -170.95 96.19
CA LEU HA 159 20.93 -172.33 95.89
C LEU HA 159 21.90 -173.33 96.54
N MET HA 160 22.95 -172.84 97.19
CA MET HA 160 23.88 -173.74 97.86
C MET HA 160 23.35 -174.10 99.25
N PRO HA 161 23.47 -175.37 99.68
CA PRO HA 161 22.97 -175.74 101.01
C PRO HA 161 23.97 -175.45 102.12
N ASP HA 162 25.26 -175.41 101.79
CA ASP HA 162 26.31 -175.20 102.78
C ASP HA 162 26.84 -173.77 102.80
N MET HA 163 26.32 -172.89 101.95
CA MET HA 163 26.69 -171.47 101.89
C MET HA 163 28.08 -171.25 101.33
N GLY HA 164 28.77 -172.30 100.88
CA GLY HA 164 30.16 -172.18 100.51
C GLY HA 164 31.12 -172.19 101.68
N ARG HA 165 30.62 -172.32 102.90
CA ARG HA 165 31.47 -172.41 104.09
C ARG HA 165 32.23 -173.73 104.16
N PHE HA 166 31.90 -174.69 103.29
CA PHE HA 166 32.57 -176.00 103.27
C PHE HA 166 32.48 -176.65 104.64
N ALA HA 167 31.31 -176.56 105.27
CA ALA HA 167 31.06 -177.16 106.57
C ALA HA 167 29.95 -178.19 106.55
N GLY HA 168 29.33 -178.44 105.40
CA GLY HA 168 28.27 -179.42 105.30
C GLY HA 168 26.89 -178.81 105.47
N THR HA 169 25.89 -179.51 104.93
CA THR HA 169 24.51 -179.04 105.02
C THR HA 169 23.98 -179.09 106.45
N ALA HA 170 24.55 -179.94 107.30
CA ALA HA 170 24.07 -180.04 108.67
C ALA HA 170 24.30 -178.73 109.43
N ALA HA 171 25.31 -177.95 109.04
CA ALA HA 171 25.58 -176.69 109.71
C ALA HA 171 24.44 -175.72 109.46
N ASN HA 172 24.10 -174.94 110.49
CA ASN HA 172 23.00 -173.99 110.37
C ASN HA 172 23.49 -172.72 109.66
N PRO HA 173 22.95 -172.39 108.48
CA PRO HA 173 23.35 -171.13 107.85
C PRO HA 173 22.89 -169.89 108.61
N LEU HA 174 21.92 -170.04 109.52
CA LEU HA 174 21.39 -168.90 110.27
C LEU HA 174 22.26 -168.51 111.44
N ALA HA 175 23.26 -169.31 111.78
CA ALA HA 175 24.13 -169.05 112.93
C ALA HA 175 25.43 -168.40 112.48
N THR HA 176 25.81 -167.32 113.18
CA THR HA 176 27.08 -166.66 112.87
C THR HA 176 28.25 -167.59 113.13
N MET HA 177 28.21 -168.34 114.21
CA MET HA 177 29.29 -169.24 114.62
C MET HA 177 28.87 -170.68 114.38
N PHE HA 178 29.79 -171.46 113.81
CA PHE HA 178 29.58 -172.89 113.61
C PHE HA 178 30.81 -173.64 114.11
N THR HA 179 30.57 -174.83 114.67
CA THR HA 179 31.63 -175.66 115.21
C THR HA 179 32.01 -176.84 114.31
N THR HA 180 31.25 -177.09 113.26
CA THR HA 180 31.55 -178.20 112.38
C THR HA 180 32.86 -177.96 111.64
N SER HA 181 33.58 -179.05 111.39
CA SER HA 181 34.88 -178.98 110.72
C SER HA 181 34.69 -178.77 109.22
N TRP HA 182 35.81 -178.69 108.50
CA TRP HA 182 35.76 -178.51 107.07
C TRP HA 182 35.10 -179.71 106.40
N THR HA 183 34.34 -179.45 105.33
CA THR HA 183 33.62 -180.47 104.62
C THR HA 183 33.56 -180.08 103.15
N PRO HA 184 33.85 -180.98 102.22
CA PRO HA 184 33.76 -180.62 100.80
C PRO HA 184 32.34 -180.30 100.39
N SER HA 185 32.22 -179.42 99.40
CA SER HA 185 30.93 -178.98 98.90
C SER HA 185 30.66 -179.65 97.56
N SER HA 186 29.46 -180.25 97.42
CA SER HA 186 29.11 -180.92 96.18
C SER HA 186 29.00 -179.96 95.00
N PHE HA 187 28.85 -178.66 95.27
CA PHE HA 187 28.73 -177.68 94.19
C PHE HA 187 30.04 -177.46 93.44
N LEU HA 188 31.17 -177.85 94.02
CA LEU HA 188 32.48 -177.72 93.37
C LEU HA 188 33.08 -179.12 93.25
N ASN HA 189 33.03 -179.67 92.04
CA ASN HA 189 33.58 -181.00 91.76
C ASN HA 189 34.84 -180.84 90.92
N GLY HA 190 35.92 -181.49 91.36
CA GLY HA 190 37.16 -181.39 90.62
C GLY HA 190 37.06 -182.00 89.24
N TRP HA 191 37.78 -181.40 88.29
CA TRP HA 191 37.81 -181.86 86.92
C TRP HA 191 39.24 -181.93 86.44
N ASN HA 192 39.49 -182.81 85.46
CA ASN HA 192 40.83 -183.03 84.93
C ASN HA 192 41.81 -183.38 86.04
N GLY HA 193 41.33 -184.15 87.01
CA GLY HA 193 42.17 -184.56 88.13
C GLY HA 193 42.44 -183.48 89.16
N ALA HA 194 41.69 -182.37 89.11
CA ALA HA 194 41.93 -181.29 90.06
C ALA HA 194 41.65 -181.74 91.49
N THR HA 195 42.46 -181.24 92.42
CA THR HA 195 42.33 -181.56 93.83
C THR HA 195 41.93 -180.30 94.59
N VAL HA 196 40.96 -180.43 95.50
CA VAL HA 196 40.46 -179.33 96.31
C VAL HA 196 40.83 -179.60 97.76
N ALA HA 197 41.50 -178.63 98.39
CA ALA HA 197 41.95 -178.77 99.76
C ALA HA 197 41.65 -177.50 100.53
N ASP HA 198 41.56 -177.63 101.85
CA ASP HA 198 41.30 -176.49 102.71
C ASP HA 198 42.42 -175.46 102.59
N GLY HA 199 42.05 -174.19 102.56
CA GLY HA 199 43.00 -173.11 102.43
C GLY HA 199 43.10 -172.25 103.67
N GLY HA 200 41.99 -172.11 104.39
CA GLY HA 200 41.99 -171.30 105.59
C GLY HA 200 40.58 -171.15 106.12
N LYS HA 201 40.49 -170.43 107.24
CA LYS HA 201 39.21 -170.20 107.90
C LYS HA 201 39.29 -168.90 108.68
N PHE HA 202 38.17 -168.16 108.70
CA PHE HA 202 38.03 -166.95 109.50
C PHE HA 202 37.15 -167.27 110.70
N ALA HA 203 37.63 -166.96 111.89
CA ALA HA 203 36.98 -167.32 113.14
C ALA HA 203 36.40 -166.09 113.81
N PHE HA 204 35.18 -166.23 114.34
CA PHE HA 204 34.61 -165.15 115.13
C PHE HA 204 35.44 -164.92 116.39
N ASP HA 205 35.55 -163.65 116.78
CA ASP HA 205 36.37 -163.29 117.94
C ASP HA 205 37.80 -163.79 117.77
N ASN HA 206 38.35 -163.60 116.58
CA ASN HA 206 39.70 -164.08 116.29
C ASN HA 206 40.72 -163.32 117.12
N SER HA 207 41.84 -164.00 117.40
CA SER HA 207 42.90 -163.41 118.21
C SER HA 207 43.83 -162.50 117.44
N THR HA 208 43.73 -162.48 116.10
CA THR HA 208 44.61 -161.60 115.32
C THR HA 208 44.35 -160.14 115.64
N ASN HA 209 43.12 -159.79 116.04
CA ASN HA 209 42.73 -158.41 116.31
C ASN HA 209 42.46 -158.20 117.80
N GLY HA 210 43.26 -158.83 118.66
CA GLY HA 210 43.16 -158.63 120.08
C GLY HA 210 42.22 -159.55 120.81
N GLY HA 211 41.80 -160.65 120.19
CA GLY HA 211 40.90 -161.61 120.80
C GLY HA 211 41.62 -162.80 121.40
N ALA HA 212 40.92 -163.92 121.46
CA ALA HA 212 41.49 -165.16 121.96
C ALA HA 212 41.21 -166.36 121.05
N GLY HA 213 40.61 -166.15 119.89
CA GLY HA 213 40.29 -167.23 119.00
C GLY HA 213 41.41 -167.56 118.03
N PRO HA 214 41.13 -168.42 117.06
CA PRO HA 214 42.16 -168.78 116.07
C PRO HA 214 42.63 -167.57 115.29
N ALA HA 215 43.91 -167.59 114.91
CA ALA HA 215 44.49 -166.51 114.14
C ALA HA 215 44.10 -166.63 112.68
N LEU HA 216 44.40 -165.57 111.92
CA LEU HA 216 44.07 -165.49 110.51
C LEU HA 216 45.35 -165.56 109.68
N ASN HA 217 45.33 -166.37 108.63
CA ASN HA 217 46.49 -166.54 107.77
C ASN HA 217 46.49 -165.47 106.67
N ALA HA 218 47.63 -165.37 105.98
CA ALA HA 218 47.85 -164.27 105.04
C ALA HA 218 46.71 -164.14 104.03
N ARG HA 219 46.18 -165.27 103.56
CA ARG HA 219 45.10 -165.22 102.59
C ARG HA 219 43.89 -164.49 103.14
N VAL HA 220 43.60 -164.68 104.44
CA VAL HA 220 42.44 -164.03 105.04
C VAL HA 220 42.63 -162.52 105.10
N GLN HA 221 43.83 -162.06 105.50
CA GLN HA 221 44.08 -160.62 105.49
C GLN HA 221 43.99 -160.05 104.08
N ALA HA 222 44.52 -160.77 103.09
CA ALA HA 222 44.43 -160.29 101.72
C ALA HA 222 42.99 -160.15 101.28
N LEU HA 223 42.16 -161.16 101.58
CA LEU HA 223 40.75 -161.09 101.24
C LEU HA 223 40.07 -159.91 101.94
N LEU HA 224 40.30 -159.76 103.24
CA LEU HA 224 39.64 -158.70 104.00
C LEU HA 224 40.04 -157.33 103.48
N ALA HA 225 41.31 -157.15 103.15
CA ALA HA 225 41.74 -155.90 102.53
C ALA HA 225 41.04 -155.69 101.19
N ALA HA 226 40.89 -156.76 100.41
CA ALA HA 226 40.11 -156.66 99.18
C ALA HA 226 38.66 -156.31 99.48
N MET HA 227 38.10 -156.89 100.55
CA MET HA 227 36.73 -156.57 100.95
C MET HA 227 36.58 -155.12 101.38
N GLY HA 228 37.68 -154.47 101.79
CA GLY HA 228 37.58 -153.21 102.48
C GLY HA 228 37.25 -153.32 103.95
N ARG HA 229 37.18 -154.55 104.48
CA ARG HA 229 36.88 -154.79 105.89
C ARG HA 229 38.16 -154.58 106.69
N THR HA 230 38.50 -153.30 106.88
CA THR HA 230 39.68 -152.92 107.65
C THR HA 230 39.35 -152.41 109.03
N TRP HA 231 38.14 -151.89 109.25
CA TRP HA 231 37.74 -151.38 110.55
C TRP HA 231 37.53 -152.52 111.53
N THR HA 232 37.71 -152.21 112.82
CA THR HA 232 37.58 -153.23 113.85
C THR HA 232 36.16 -153.82 113.86
N SER HA 233 35.14 -152.96 113.74
CA SER HA 233 33.77 -153.45 113.80
C SER HA 233 33.48 -154.46 112.70
N VAL HA 234 34.21 -154.41 111.59
CA VAL HA 234 33.97 -155.29 110.46
C VAL HA 234 35.14 -156.25 110.20
N SER HA 235 36.36 -155.90 110.59
CA SER HA 235 37.52 -156.76 110.42
C SER HA 235 37.78 -157.66 111.61
N ARG HA 236 37.61 -157.14 112.82
CA ARG HA 236 37.81 -157.91 114.04
C ARG HA 236 36.69 -158.92 114.29
N TYR HA 237 35.53 -158.73 113.66
CA TYR HA 237 34.40 -159.64 113.79
C TYR HA 237 33.96 -160.08 112.40
N GLY HA 238 33.00 -161.00 112.37
CA GLY HA 238 32.41 -161.43 111.12
C GLY HA 238 31.86 -162.84 111.25
N VAL HA 239 31.32 -163.31 110.12
CA VAL HA 239 30.75 -164.65 110.03
C VAL HA 239 31.84 -165.63 109.63
N GLU HA 240 31.73 -166.86 110.14
CA GLU HA 240 32.74 -167.87 109.91
C GLU HA 240 32.51 -168.59 108.59
N PHE HA 241 33.58 -169.09 108.01
CA PHE HA 241 33.55 -169.85 106.76
C PHE HA 241 34.94 -170.36 106.47
N PHE HA 242 35.02 -171.43 105.69
CA PHE HA 242 36.29 -172.02 105.28
C PHE HA 242 36.66 -171.57 103.88
N THR HA 243 37.96 -171.59 103.60
CA THR HA 243 38.49 -171.30 102.28
C THR HA 243 39.20 -172.54 101.75
N ALA HA 244 39.17 -172.70 100.43
CA ALA HA 244 39.77 -173.86 99.78
C ALA HA 244 40.61 -173.42 98.59
N VAL HA 245 41.64 -174.19 98.29
CA VAL HA 245 42.53 -173.94 97.17
C VAL HA 245 42.48 -175.16 96.25
N LEU HA 246 42.21 -174.92 94.97
CA LEU HA 246 42.09 -175.99 93.98
C LEU HA 246 43.35 -176.03 93.13
N THR HA 247 43.96 -177.21 93.04
CA THR HA 247 45.16 -177.42 92.25
C THR HA 247 44.76 -178.14 90.96
N ALA HA 248 45.03 -177.50 89.82
CA ALA HA 248 44.69 -178.10 88.53
C ALA HA 248 45.46 -179.41 88.34
N GLY HA 249 44.77 -180.43 87.87
CA GLY HA 249 45.37 -181.73 87.66
C GLY HA 249 46.18 -181.79 86.38
N SER HA 250 46.81 -182.95 86.18
CA SER HA 250 47.66 -183.16 85.01
C SER HA 250 46.89 -183.53 83.76
N GLN HA 251 45.58 -183.80 83.87
CA GLN HA 251 44.79 -184.18 82.71
C GLN HA 251 44.65 -182.99 81.76
N THR HA 252 44.46 -183.31 80.47
CA THR HA 252 44.45 -182.32 79.40
C THR HA 252 43.21 -182.48 78.53
N THR HA 253 42.05 -182.56 79.18
CA THR HA 253 40.77 -182.71 78.48
C THR HA 253 40.00 -181.39 78.50
N THR HA 254 39.19 -181.18 77.46
CA THR HA 254 38.39 -179.97 77.29
C THR HA 254 39.28 -178.73 77.21
N GLY HA 255 40.08 -178.70 76.14
CA GLY HA 255 40.96 -177.57 75.92
C GLY HA 255 40.20 -176.31 75.56
N SER HA 256 40.82 -175.17 75.87
CA SER HA 256 40.24 -173.87 75.57
C SER HA 256 41.34 -172.82 75.65
N ALA HA 257 41.21 -171.78 74.84
CA ALA HA 257 42.16 -170.69 74.78
C ALA HA 257 41.49 -169.39 75.21
N GLY HA 258 42.24 -168.55 75.94
CA GLY HA 258 41.74 -167.29 76.42
C GLY HA 258 41.95 -166.16 75.42
N ALA HA 259 41.72 -164.94 75.90
CA ALA HA 259 41.89 -163.76 75.05
C ALA HA 259 43.34 -163.57 74.64
N ASP HA 260 44.28 -164.03 75.47
CA ASP HA 260 45.70 -163.91 75.16
C ASP HA 260 46.22 -165.05 74.29
N GLY HA 261 45.37 -166.00 73.93
CA GLY HA 261 45.78 -167.11 73.08
C GLY HA 261 46.48 -168.24 73.80
N VAL HA 262 46.46 -168.26 75.13
CA VAL HA 262 47.11 -169.31 75.90
C VAL HA 262 46.09 -170.40 76.19
N THR HA 263 46.42 -171.63 75.80
CA THR HA 263 45.52 -172.76 75.99
C THR HA 263 45.46 -173.15 77.47
N ARG HA 264 44.26 -173.54 77.91
CA ARG HA 264 44.07 -173.98 79.29
C ARG HA 264 42.95 -175.01 79.31
N TYR HA 265 42.91 -175.78 80.41
CA TYR HA 265 41.98 -176.89 80.55
C TYR HA 265 41.09 -176.68 81.77
N LEU HA 266 39.86 -177.16 81.65
CA LEU HA 266 38.90 -177.02 82.75
C LEU HA 266 39.41 -177.77 83.98
N CYS HA 267 39.18 -177.18 85.15
CA CYS HA 267 39.67 -177.72 86.41
C CYS HA 267 38.56 -178.11 87.38
N CYS HA 268 37.37 -177.51 87.29
CA CYS HA 268 36.29 -177.79 88.21
C CYS HA 268 34.97 -177.87 87.46
N SER HA 269 34.02 -178.59 88.03
CA SER HA 269 32.69 -178.74 87.46
C SER HA 269 31.66 -178.73 88.59
N ASN HA 270 30.42 -178.40 88.22
CA ASN HA 270 29.33 -178.31 89.19
C ASN HA 270 28.59 -179.63 89.39
N GLY HA 271 28.98 -180.68 88.69
CA GLY HA 271 28.26 -181.95 88.77
C GLY HA 271 26.87 -181.89 88.18
N SER HA 272 26.67 -181.12 87.11
CA SER HA 272 25.41 -181.07 86.38
C SER HA 272 24.25 -180.67 87.30
N LYS HA 273 24.33 -179.45 87.81
CA LYS HA 273 23.27 -178.90 88.65
C LYS HA 273 22.12 -178.40 87.79
N THR HA 274 20.92 -178.51 88.33
CA THR HA 274 19.70 -178.09 87.62
C THR HA 274 19.40 -176.61 87.92
N VAL HA 275 20.27 -175.75 87.39
CA VAL HA 275 20.14 -174.32 87.62
C VAL HA 275 19.65 -173.56 86.38
N PHE HA 276 19.65 -174.19 85.21
CA PHE HA 276 19.24 -173.53 83.97
C PHE HA 276 17.74 -173.76 83.74
N ASN HA 277 16.93 -173.10 84.55
CA ASN HA 277 15.48 -173.24 84.48
C ASN HA 277 14.76 -171.93 84.19
N ALA HA 278 15.08 -170.86 84.93
CA ALA HA 278 14.36 -169.61 84.78
C ALA HA 278 14.73 -168.95 83.46
N GLY HA 279 13.94 -169.21 82.42
CA GLY HA 279 14.26 -168.70 81.10
C GLY HA 279 15.63 -169.11 80.62
N GLY HA 280 16.15 -170.23 81.13
CA GLY HA 280 17.50 -170.64 80.81
C GLY HA 280 18.58 -169.77 81.40
N TRP HA 281 18.22 -168.81 82.24
CA TRP HA 281 19.17 -167.85 82.78
C TRP HA 281 19.83 -168.40 84.05
N ALA HA 282 21.09 -168.02 84.23
CA ALA HA 282 21.86 -168.45 85.39
C ALA HA 282 22.77 -167.30 85.83
N THR HA 283 23.19 -167.36 87.09
CA THR HA 283 24.10 -166.36 87.64
C THR HA 283 25.01 -167.04 88.65
N VAL HA 284 26.30 -166.77 88.54
CA VAL HA 284 27.30 -167.32 89.46
C VAL HA 284 28.18 -166.16 89.94
N VAL HA 285 28.31 -166.04 91.25
CA VAL HA 285 29.11 -164.99 91.88
C VAL HA 285 30.04 -165.65 92.89
N MET HA 286 31.33 -165.34 92.80
CA MET HA 286 32.31 -165.89 93.73
C MET HA 286 33.51 -164.96 93.80
N TRP HA 287 34.32 -165.18 94.83
CA TRP HA 287 35.55 -164.43 95.06
C TRP HA 287 36.73 -165.39 94.94
N LEU HA 288 37.73 -165.00 94.15
CA LEU HA 288 38.87 -165.87 93.91
C LEU HA 288 40.14 -165.05 93.77
N ARG HA 289 41.26 -165.70 94.00
CA ARG HA 289 42.58 -165.09 93.87
C ARG HA 289 43.54 -166.14 93.33
N VAL HA 290 44.43 -165.72 92.44
CA VAL HA 290 45.39 -166.62 91.81
C VAL HA 290 46.66 -166.63 92.66
N GLU HA 291 47.01 -167.81 93.17
CA GLU HA 291 48.25 -167.96 93.92
C GLU HA 291 49.40 -168.42 93.04
N SER HA 292 49.11 -169.13 91.96
CA SER HA 292 50.15 -169.55 91.01
C SER HA 292 49.50 -169.81 89.67
N GLY HA 293 50.33 -169.82 88.62
CA GLY HA 293 49.81 -170.09 87.29
C GLY HA 293 48.98 -168.94 86.77
N SER HA 294 48.20 -169.26 85.72
CA SER HA 294 47.34 -168.29 85.07
C SER HA 294 46.02 -168.95 84.72
N ALA HA 295 44.98 -168.13 84.60
CA ALA HA 295 43.65 -168.61 84.25
C ALA HA 295 42.89 -167.50 83.53
N HIS HA 296 41.84 -167.91 82.81
CA HIS HA 296 40.98 -166.98 82.09
C HIS HA 296 39.54 -167.44 82.23
N ILE HA 297 38.64 -166.74 81.56
CA ILE HA 297 37.21 -166.96 81.69
C ILE HA 297 36.66 -167.40 80.33
N SER HA 298 35.88 -168.48 80.34
CA SER HA 298 35.25 -168.98 79.11
C SER HA 298 36.31 -169.36 78.08
N SER HA 299 35.92 -169.46 76.82
CA SER HA 299 36.84 -169.64 75.71
C SER HA 299 36.89 -168.45 74.78
N ALA HA 300 35.73 -167.84 74.51
CA ALA HA 300 35.63 -166.65 73.68
C ALA HA 300 34.18 -166.18 73.68
N PRO HA 301 33.88 -165.00 73.16
CA PRO HA 301 32.48 -164.58 73.05
C PRO HA 301 31.62 -165.60 72.31
N TYR HA 302 30.70 -166.24 73.03
CA TYR HA 302 29.81 -167.24 72.46
C TYR HA 302 28.44 -167.10 73.10
N THR HA 303 27.41 -167.25 72.28
CA THR HA 303 26.02 -167.10 72.74
C THR HA 303 25.91 -165.76 73.46
N THR HA 304 25.00 -165.64 74.41
CA THR HA 304 24.83 -164.42 75.18
C THR HA 304 25.65 -164.50 76.46
N HIS HA 305 26.44 -163.46 76.71
CA HIS HA 305 27.34 -163.44 77.87
C HIS HA 305 27.54 -162.00 78.33
N ARG HA 306 27.90 -161.86 79.59
CA ARG HA 306 28.21 -160.55 80.17
C ARG HA 306 28.97 -160.77 81.47
N LEU HA 307 30.22 -160.29 81.52
CA LEU HA 307 31.08 -160.48 82.67
C LEU HA 307 31.32 -159.14 83.36
N TRP HA 308 31.13 -159.11 84.67
CA TRP HA 308 31.42 -157.94 85.49
C TRP HA 308 32.59 -158.25 86.40
N ILE HA 309 33.58 -157.37 86.41
CA ILE HA 309 34.79 -157.54 87.21
C ILE HA 309 34.81 -156.39 88.21
N ASN HA 310 34.44 -156.68 89.46
CA ASN HA 310 34.35 -155.67 90.51
C ASN HA 310 33.47 -154.51 90.05
N GLY HA 311 32.36 -154.84 89.41
CA GLY HA 311 31.44 -153.84 88.89
C GLY HA 311 31.80 -153.27 87.54
N ALA HA 312 32.86 -153.77 86.90
CA ALA HA 312 33.30 -153.31 85.59
C ALA HA 312 33.06 -154.41 84.57
N VAL HA 313 32.40 -154.06 83.46
CA VAL HA 313 32.12 -155.04 82.43
C VAL HA 313 33.42 -155.57 81.84
N ALA HA 314 33.45 -156.88 81.57
CA ALA HA 314 34.64 -157.54 81.03
C ALA HA 314 34.22 -158.49 79.92
N ALA HA 315 35.18 -158.83 79.07
CA ALA HA 315 34.97 -159.71 77.94
C ALA HA 315 35.52 -161.10 78.22
N PRO HA 316 35.00 -162.13 77.55
CA PRO HA 316 35.52 -163.49 77.78
C PRO HA 316 36.98 -163.60 77.39
N GLY HA 317 37.68 -164.48 78.09
CA GLY HA 317 39.09 -164.73 77.83
C GLY HA 317 40.04 -163.80 78.54
N VAL HA 318 39.54 -162.81 79.27
CA VAL HA 318 40.41 -161.89 79.99
C VAL HA 318 41.19 -162.67 81.04
N VAL HA 319 42.51 -162.51 81.05
CA VAL HA 319 43.35 -163.17 82.04
C VAL HA 319 43.31 -162.34 83.32
N LEU HA 320 42.81 -162.94 84.40
CA LEU HA 320 42.71 -162.24 85.66
C LEU HA 320 44.11 -161.97 86.21
N PRO HA 321 44.36 -160.79 86.78
CA PRO HA 321 45.69 -160.51 87.33
C PRO HA 321 46.04 -161.48 88.44
N ALA HA 322 47.31 -161.84 88.51
CA ALA HA 322 47.78 -162.83 89.46
C ALA HA 322 47.89 -162.23 90.86
N ASN HA 323 47.40 -162.98 91.85
CA ASN HA 323 47.53 -162.60 93.27
C ASN HA 323 46.69 -161.35 93.58
N GLN HA 324 45.44 -161.36 93.13
CA GLN HA 324 44.49 -160.31 93.49
C GLN HA 324 43.10 -160.90 93.58
N TRP HA 325 42.33 -160.43 94.56
CA TRP HA 325 40.95 -160.88 94.73
C TRP HA 325 40.04 -160.15 93.75
N VAL HA 326 39.21 -160.90 93.03
CA VAL HA 326 38.40 -160.36 91.95
C VAL HA 326 36.96 -160.84 92.12
N HIS HA 327 36.02 -159.94 91.87
CA HIS HA 327 34.59 -160.24 91.89
C HIS HA 327 34.13 -160.47 90.45
N LEU HA 328 33.59 -161.66 90.18
CA LEU HA 328 33.13 -162.01 88.85
C LEU HA 328 31.65 -162.37 88.90
N ARG HA 329 30.90 -161.89 87.91
CA ARG HA 329 29.46 -162.14 87.79
C ARG HA 329 29.19 -162.61 86.37
N PHE HA 330 29.11 -163.93 86.19
CA PHE HA 330 28.85 -164.51 84.88
C PHE HA 330 27.37 -164.88 84.80
N SER HA 331 26.64 -164.18 83.94
CA SER HA 331 25.22 -164.43 83.71
C SER HA 331 25.00 -164.70 82.23
N MET HA 332 24.36 -165.82 81.92
CA MET HA 332 24.11 -166.22 80.54
C MET HA 332 22.77 -166.96 80.49
N GLN HA 333 22.39 -167.37 79.28
CA GLN HA 333 21.13 -168.05 79.05
C GLN HA 333 21.37 -169.39 78.36
N SER HA 334 20.62 -170.41 78.77
CA SER HA 334 20.72 -171.73 78.17
C SER HA 334 19.42 -172.48 78.41
N TYR HA 335 18.73 -172.85 77.34
CA TYR HA 335 17.48 -173.60 77.44
C TYR HA 335 17.72 -175.10 77.57
N ASN HA 336 18.97 -175.55 77.56
CA ASN HA 336 19.26 -176.98 77.65
C ASN HA 336 18.74 -177.58 78.95
N GLY HA 337 18.56 -176.78 80.00
CA GLY HA 337 18.03 -177.25 81.25
C GLY HA 337 19.05 -177.70 82.27
N TYR HA 338 20.32 -177.81 81.88
CA TYR HA 338 21.37 -178.23 82.81
C TYR HA 338 22.72 -178.02 82.13
N ASP HA 339 23.78 -178.12 82.94
CA ASP HA 339 25.14 -178.04 82.43
C ASP HA 339 26.09 -178.42 83.56
N ASN HA 340 27.14 -179.16 83.23
CA ASN HA 340 28.13 -179.57 84.22
C ASN HA 340 29.32 -178.63 84.28
N ALA HA 341 29.67 -178.00 83.15
CA ALA HA 341 30.78 -177.06 83.07
C ALA HA 341 30.31 -175.62 82.98
N CYS HA 342 29.26 -175.28 83.71
CA CYS HA 342 28.70 -173.93 83.65
C CYS HA 342 29.75 -172.83 83.83
N PRO HA 343 30.68 -172.91 84.79
CA PRO HA 343 31.63 -171.80 84.97
C PRO HA 343 32.44 -171.50 83.71
N TYR HA 344 32.76 -172.52 82.91
CA TYR HA 344 33.59 -172.33 81.71
C TYR HA 344 34.92 -171.66 82.06
N ILE HA 345 35.47 -172.02 83.22
CA ILE HA 345 36.72 -171.45 83.71
C ILE HA 345 37.83 -172.46 83.47
N TYR HA 346 38.86 -172.05 82.74
CA TYR HA 346 39.99 -172.89 82.40
C TYR HA 346 41.25 -172.31 83.02
N ALA HA 347 42.03 -173.17 83.68
CA ALA HA 347 43.26 -172.76 84.35
C ALA HA 347 44.40 -173.66 83.92
N SER HA 348 45.60 -173.09 83.88
CA SER HA 348 46.78 -173.84 83.49
C SER HA 348 47.08 -174.92 84.52
N ALA HA 349 47.66 -176.02 84.03
CA ALA HA 349 48.01 -177.12 84.92
C ALA HA 349 48.97 -176.65 86.01
N GLY HA 350 48.72 -177.09 87.23
CA GLY HA 350 49.53 -176.72 88.37
C GLY HA 350 49.24 -175.36 88.96
N ALA HA 351 48.25 -174.64 88.44
CA ALA HA 351 47.91 -173.34 88.98
C ALA HA 351 47.18 -173.49 90.31
N GLN HA 352 47.62 -172.71 91.31
CA GLN HA 352 46.99 -172.71 92.63
C GLN HA 352 46.01 -171.54 92.67
N ILE HA 353 44.72 -171.85 92.68
CA ILE HA 353 43.65 -170.85 92.67
C ILE HA 353 42.98 -170.87 94.04
N ALA HA 354 42.87 -169.68 94.64
CA ALA HA 354 42.21 -169.52 95.93
C ALA HA 354 40.84 -168.90 95.71
N PHE HA 355 39.82 -169.48 96.35
CA PHE HA 355 38.45 -169.01 96.22
C PHE HA 355 37.75 -169.11 97.57
N ALA HA 356 36.73 -168.28 97.75
CA ALA HA 356 35.98 -168.26 99.01
C ALA HA 356 34.59 -167.70 98.76
N CYS HA 357 33.63 -168.21 99.53
CA CYS HA 357 32.25 -167.74 99.50
C CYS HA 357 31.65 -167.72 98.09
N PRO HA 358 31.56 -168.86 97.41
CA PRO HA 358 30.85 -168.90 96.14
C PRO HA 358 29.36 -168.62 96.32
N ALA HA 359 28.76 -168.05 95.29
CA ALA HA 359 27.34 -167.69 95.32
C ALA HA 359 26.74 -167.91 93.95
N TRP HA 360 25.72 -168.77 93.87
CA TRP HA 360 25.03 -169.07 92.62
C TRP HA 360 23.55 -168.75 92.76
N PHE HA 361 22.92 -168.42 91.63
CA PHE HA 361 21.51 -168.09 91.59
C PHE HA 361 20.87 -168.77 90.38
N GLY HA 362 19.54 -168.87 90.42
CA GLY HA 362 18.80 -169.52 89.37
C GLY HA 362 18.35 -168.56 88.27
N GLY HA 363 18.95 -167.39 88.22
CA GLY HA 363 18.58 -166.41 87.22
C GLY HA 363 19.45 -165.17 87.33
N LEU HA 364 19.13 -164.18 86.50
CA LEU HA 364 19.87 -162.93 86.49
C LEU HA 364 19.53 -162.11 87.72
N VAL HA 365 20.53 -161.85 88.55
CA VAL HA 365 20.37 -161.02 89.74
C VAL HA 365 21.56 -160.05 89.79
N ASP HA 366 21.35 -158.92 90.45
CA ASP HA 366 22.38 -157.90 90.60
C ASP HA 366 22.54 -157.58 92.08
N PRO HA 367 23.22 -158.45 92.82
CA PRO HA 367 23.40 -158.23 94.26
C PRO HA 367 24.57 -157.34 94.63
N GLY HA 368 25.25 -156.73 93.67
CA GLY HA 368 26.41 -155.92 93.98
C GLY HA 368 27.62 -156.79 94.33
N ILE HA 369 28.61 -156.13 94.92
CA ILE HA 369 29.81 -156.80 95.40
C ILE HA 369 29.49 -157.36 96.79
N HIS HA 370 29.10 -158.63 96.83
CA HIS HA 370 28.67 -159.23 98.08
C HIS HA 370 29.86 -159.43 99.02
N VAL HA 371 29.55 -159.49 100.32
CA VAL HA 371 30.55 -159.72 101.34
C VAL HA 371 30.44 -161.11 101.96
N ALA HA 372 29.26 -161.69 102.01
CA ALA HA 372 29.04 -163.01 102.58
C ALA HA 372 28.10 -163.79 101.67
N PRO HA 373 28.14 -165.12 101.73
CA PRO HA 373 27.21 -165.91 100.92
C PRO HA 373 25.76 -165.66 101.30
N ILE HA 374 24.88 -165.73 100.31
CA ILE HA 374 23.46 -165.52 100.56
C ILE HA 374 22.89 -166.72 101.29
N LEU HA 375 21.92 -166.48 102.17
CA LEU HA 375 21.39 -167.52 103.03
C LEU HA 375 20.29 -168.31 102.32
N THR HA 376 19.82 -169.35 103.01
CA THR HA 376 18.68 -170.16 102.57
C THR HA 376 18.05 -170.78 103.81
N ILE HA 377 17.14 -171.73 103.60
CA ILE HA 377 16.47 -172.43 104.69
C ILE HA 377 16.55 -173.94 104.43
N ASN HA 378 16.85 -174.70 105.48
CA ASN HA 378 16.93 -176.14 105.39
C ASN HA 378 16.46 -176.73 106.73
N GLY HA 379 16.56 -178.05 106.84
CA GLY HA 379 16.18 -178.70 108.09
C GLY HA 379 17.02 -178.25 109.27
N ALA HA 380 18.31 -177.98 109.05
CA ALA HA 380 19.21 -177.55 110.10
C ALA HA 380 19.26 -176.04 110.27
N SER HA 381 18.43 -175.30 109.53
CA SER HA 381 18.45 -173.85 109.62
C SER HA 381 17.93 -173.33 110.96
N ALA HA 382 17.24 -174.16 111.73
CA ALA HA 382 16.72 -173.73 113.03
C ALA HA 382 17.81 -173.74 114.08
N GLY IA 10 -9.96 -113.36 54.31
CA GLY IA 10 -9.42 -112.50 53.28
C GLY IA 10 -9.97 -111.10 53.32
N LEU IA 11 -9.08 -110.11 53.42
CA LEU IA 11 -9.49 -108.71 53.47
C LEU IA 11 -8.32 -107.87 52.95
N LEU IA 12 -8.63 -106.63 52.59
CA LEU IA 12 -7.64 -105.73 52.03
C LEU IA 12 -8.01 -104.29 52.36
N ILE IA 13 -7.01 -103.41 52.26
CA ILE IA 13 -7.20 -101.98 52.47
C ILE IA 13 -6.63 -101.23 51.28
N ASN IA 14 -6.66 -101.85 50.09
CA ASN IA 14 -6.08 -101.23 48.90
C ASN IA 14 -6.99 -100.12 48.37
N GLY IA 15 -8.22 -100.49 47.98
CA GLY IA 15 -9.10 -99.56 47.31
C GLY IA 15 -9.46 -98.34 48.12
N LEU IA 16 -8.92 -97.18 47.73
CA LEU IA 16 -9.27 -95.91 48.35
C LEU IA 16 -8.65 -94.78 47.55
N PRO IA 17 -9.28 -93.61 47.52
CA PRO IA 17 -8.74 -92.50 46.72
C PRO IA 17 -7.49 -91.90 47.36
N GLY IA 18 -6.79 -91.10 46.56
CA GLY IA 18 -5.65 -90.36 47.05
C GLY IA 18 -5.98 -89.15 47.86
N GLU IA 19 -7.26 -88.96 48.19
CA GLU IA 19 -7.68 -87.79 48.96
C GLU IA 19 -7.62 -88.07 50.47
N GLY IA 20 -8.29 -89.14 50.90
CA GLY IA 20 -8.43 -89.41 52.32
C GLY IA 20 -7.54 -90.52 52.84
N HIS IA 21 -6.28 -90.53 52.40
CA HIS IA 21 -5.31 -91.54 52.81
C HIS IA 21 -4.34 -91.06 53.88
N TYR IA 22 -4.46 -89.81 54.33
CA TYR IA 22 -3.63 -89.38 55.46
C TYR IA 22 -3.98 -90.20 56.69
N SER IA 23 -5.25 -90.52 56.89
CA SER IA 23 -5.63 -91.42 57.97
C SER IA 23 -5.01 -92.80 57.75
N ASP IA 24 -4.96 -93.26 56.50
CA ASP IA 24 -4.35 -94.55 56.20
C ASP IA 24 -2.89 -94.58 56.62
N LEU IA 25 -2.14 -93.51 56.33
CA LEU IA 25 -0.74 -93.49 56.73
C LEU IA 25 -0.59 -93.25 58.23
N ILE IA 26 -1.50 -92.51 58.84
CA ILE IA 26 -1.51 -92.45 60.30
C ILE IA 26 -1.59 -93.86 60.86
N ARG IA 27 -2.49 -94.66 60.30
CA ARG IA 27 -2.64 -96.05 60.74
C ARG IA 27 -1.42 -96.87 60.40
N MET IA 28 -0.73 -96.56 59.30
CA MET IA 28 0.50 -97.26 58.98
C MET IA 28 1.61 -96.94 59.98
N TRP IA 29 1.65 -95.70 60.47
CA TRP IA 29 2.61 -95.35 61.51
C TRP IA 29 2.23 -95.98 62.84
N ARG IA 30 0.93 -96.18 63.08
CA ARG IA 30 0.48 -96.73 64.35
C ARG IA 30 0.65 -98.24 64.41
N TRP IA 31 0.06 -98.96 63.45
CA TRP IA 31 0.11 -100.42 63.44
C TRP IA 31 1.54 -100.95 63.38
N ASP IA 32 2.34 -100.41 62.46
CA ASP IA 32 3.70 -100.92 62.29
C ASP IA 32 4.51 -100.76 63.58
N ASP IA 33 4.47 -99.56 64.17
CA ASP IA 33 5.21 -99.32 65.40
C ASP IA 33 4.65 -100.17 66.55
N PHE IA 34 3.33 -100.33 66.59
CA PHE IA 34 2.70 -101.15 67.62
C PHE IA 34 3.10 -102.62 67.50
N LEU IA 35 3.38 -103.06 66.27
CA LEU IA 35 3.70 -104.46 66.03
C LEU IA 35 5.15 -104.80 66.33
N ARG IA 36 5.88 -103.92 67.02
CA ARG IA 36 7.23 -104.22 67.46
C ARG IA 36 7.21 -105.56 68.20
N GLN IA 37 6.21 -105.74 69.05
CA GLN IA 37 6.02 -106.95 69.84
C GLN IA 37 4.54 -107.10 70.16
N PRO IA 38 3.82 -108.04 69.55
CA PRO IA 38 2.38 -108.14 69.80
C PRO IA 38 2.07 -108.70 71.18
N VAL IA 39 2.07 -107.82 72.18
CA VAL IA 39 1.91 -108.18 73.58
C VAL IA 39 0.63 -107.54 74.11
N VAL IA 40 -0.09 -108.29 74.93
CA VAL IA 40 -1.31 -107.81 75.57
C VAL IA 40 -1.10 -107.85 77.08
N LYS IA 41 -1.38 -106.73 77.75
CA LYS IA 41 -1.22 -106.68 79.20
C LYS IA 41 -2.22 -107.57 79.91
N GLY IA 42 -3.29 -107.97 79.25
CA GLY IA 42 -4.28 -108.84 79.86
C GLY IA 42 -5.58 -108.78 79.10
N ARG IA 43 -6.39 -109.82 79.30
CA ARG IA 43 -7.69 -109.92 78.66
C ARG IA 43 -8.73 -109.16 79.47
N VAL IA 44 -9.55 -108.37 78.77
CA VAL IA 44 -10.58 -107.57 79.41
C VAL IA 44 -11.89 -107.76 78.65
N ALA IA 45 -12.98 -107.96 79.39
CA ALA IA 45 -14.30 -108.04 78.81
C ALA IA 45 -14.94 -106.68 78.60
N THR IA 46 -14.30 -105.61 79.08
CA THR IA 46 -14.80 -104.25 78.91
C THR IA 46 -13.62 -103.32 78.68
N LEU IA 47 -13.83 -102.30 77.86
CA LEU IA 47 -12.75 -101.36 77.58
C LEU IA 47 -12.36 -100.62 78.86
N PRO IA 48 -11.07 -100.60 79.23
CA PRO IA 48 -10.68 -99.83 80.41
C PRO IA 48 -11.03 -98.36 80.28
N THR IA 49 -11.94 -97.89 81.13
CA THR IA 49 -12.40 -96.50 81.05
C THR IA 49 -11.43 -95.52 81.69
N THR IA 50 -10.47 -96.00 82.49
CA THR IA 50 -9.52 -95.12 83.16
C THR IA 50 -8.20 -95.85 83.33
N GLY IA 51 -7.14 -95.07 83.53
CA GLY IA 51 -5.82 -95.63 83.76
C GLY IA 51 -5.23 -96.36 82.57
N GLN IA 52 -5.37 -95.78 81.37
CA GLN IA 52 -4.77 -96.35 80.16
C GLN IA 52 -4.08 -95.24 79.38
N ALA IA 53 -2.99 -95.62 78.72
CA ALA IA 53 -2.20 -94.68 77.93
C ALA IA 53 -1.54 -95.45 76.79
N GLU IA 54 -0.65 -94.78 76.07
CA GLU IA 54 0.09 -95.45 75.01
C GLU IA 54 0.93 -96.59 75.58
N GLY IA 55 0.99 -97.70 74.85
CA GLY IA 55 1.66 -98.88 75.30
C GLY IA 55 0.78 -99.87 76.03
N ASP IA 56 -0.47 -99.52 76.32
CA ASP IA 56 -1.40 -100.40 77.01
C ASP IA 56 -2.24 -101.13 75.97
N THR IA 57 -2.20 -102.46 75.99
CA THR IA 57 -2.98 -103.29 75.09
C THR IA 57 -3.71 -104.34 75.91
N TYR IA 58 -5.05 -104.34 75.82
CA TYR IA 58 -5.89 -105.32 76.47
C TYR IA 58 -6.81 -105.96 75.43
N ILE IA 59 -6.97 -107.27 75.53
CA ILE IA 59 -7.82 -108.01 74.60
C ILE IA 59 -9.27 -107.74 75.00
N PHE IA 60 -9.96 -106.91 74.22
CA PHE IA 60 -11.36 -106.62 74.49
C PHE IA 60 -12.21 -107.82 74.09
N THR IA 61 -12.51 -108.70 75.05
CA THR IA 61 -13.26 -109.92 74.81
C THR IA 61 -14.67 -109.84 75.37
N GLY IA 62 -15.28 -108.66 75.36
CA GLY IA 62 -16.64 -108.52 75.81
C GLY IA 62 -17.63 -109.21 74.88
N SER IA 63 -18.79 -109.54 75.44
CA SER IA 63 -19.82 -110.23 74.67
C SER IA 63 -20.25 -109.38 73.48
N GLY IA 64 -20.37 -110.02 72.33
CA GLY IA 64 -20.79 -109.37 71.10
C GLY IA 64 -19.86 -109.73 69.97
N SER IA 65 -20.04 -109.04 68.85
CA SER IA 65 -19.18 -109.24 67.68
C SER IA 65 -17.80 -108.63 67.84
N ASN IA 66 -17.57 -107.88 68.92
CA ASN IA 66 -16.28 -107.24 69.18
C ASN IA 66 -15.33 -108.13 69.98
N GLN IA 67 -15.49 -109.44 69.88
CA GLN IA 67 -14.68 -110.37 70.65
C GLN IA 67 -13.27 -110.47 70.07
N ASN IA 68 -12.27 -110.50 70.95
CA ASN IA 68 -10.86 -110.67 70.64
C ASN IA 68 -10.23 -109.43 70.02
N ARG IA 69 -10.99 -108.39 69.72
CA ARG IA 69 -10.41 -107.18 69.14
C ARG IA 69 -9.53 -106.47 70.16
N LEU IA 70 -8.40 -105.96 69.69
CA LEU IA 70 -7.50 -105.23 70.56
C LEU IA 70 -8.07 -103.86 70.91
N ALA IA 71 -7.59 -103.31 72.02
CA ALA IA 71 -8.10 -102.05 72.57
C ALA IA 71 -6.95 -101.13 72.96
N ARG IA 72 -5.99 -100.95 72.06
CA ARG IA 72 -4.86 -100.08 72.35
C ARG IA 72 -5.34 -98.63 72.41
N TRP IA 73 -4.95 -97.94 73.48
CA TRP IA 73 -5.26 -96.53 73.67
C TRP IA 73 -4.11 -95.68 73.16
N TRP IA 74 -4.43 -94.71 72.31
CA TRP IA 74 -3.43 -93.88 71.62
C TRP IA 74 -3.70 -92.42 72.01
N ALA IA 75 -3.08 -91.97 73.09
CA ALA IA 75 -3.28 -90.62 73.61
C ALA IA 75 -1.99 -89.80 73.62
N THR IA 76 -0.87 -90.38 74.05
CA THR IA 76 0.38 -89.64 74.10
C THR IA 76 0.70 -89.09 72.71
N GLY IA 77 1.29 -87.89 72.68
CA GLY IA 77 1.64 -87.27 71.41
C GLY IA 77 0.59 -87.44 70.34
N ALA IA 78 -0.68 -87.40 70.72
CA ALA IA 78 -1.78 -87.64 69.81
C ALA IA 78 -2.78 -86.50 69.92
N THR IA 79 -3.56 -86.30 68.85
CA THR IA 79 -4.58 -85.27 68.86
C THR IA 79 -5.80 -85.71 69.65
N THR IA 80 -6.44 -86.80 69.21
CA THR IA 80 -7.59 -87.38 69.89
C THR IA 80 -7.39 -88.88 69.97
N ALA IA 81 -7.59 -89.45 71.15
CA ALA IA 81 -7.36 -90.87 71.38
C ALA IA 81 -8.64 -91.66 71.08
N ILE IA 82 -8.48 -92.75 70.34
CA ILE IA 82 -9.59 -93.63 69.99
C ILE IA 82 -9.15 -95.06 70.26
N TRP IA 83 -10.14 -95.93 70.52
CA TRP IA 83 -9.88 -97.35 70.74
C TRP IA 83 -9.73 -98.03 69.39
N GLU IA 84 -8.52 -98.04 68.85
CA GLU IA 84 -8.26 -98.74 67.61
C GLU IA 84 -8.55 -100.22 67.77
N TYR IA 85 -9.29 -100.78 66.81
CA TYR IA 85 -9.76 -102.16 66.86
C TYR IA 85 -9.03 -102.98 65.81
N MET IA 86 -8.63 -104.20 66.21
CA MET IA 86 -7.86 -105.10 65.35
C MET IA 86 -8.55 -106.45 65.33
N PRO IA 87 -9.57 -106.61 64.49
CA PRO IA 87 -10.28 -107.91 64.42
C PRO IA 87 -9.32 -109.02 64.02
N PRO IA 88 -9.11 -110.01 64.89
CA PRO IA 88 -8.26 -111.14 64.51
C PRO IA 88 -9.04 -112.19 63.73
N ARG IA 89 -8.49 -112.56 62.58
CA ARG IA 89 -9.04 -113.63 61.75
C ARG IA 89 -8.11 -114.83 61.86
N LEU IA 90 -8.55 -115.86 62.57
CA LEU IA 90 -7.76 -117.07 62.76
C LEU IA 90 -6.44 -116.73 63.46
N GLY IA 91 -6.57 -116.21 64.68
CA GLY IA 91 -5.42 -115.74 65.45
C GLY IA 91 -4.37 -116.81 65.68
N TRP IA 92 -3.28 -116.44 66.34
CA TRP IA 92 -2.15 -117.36 66.53
C TRP IA 92 -1.39 -116.95 67.78
N ARG IA 93 -0.18 -117.49 67.93
CA ARG IA 93 0.62 -117.29 69.13
C ARG IA 93 0.75 -115.81 69.46
N VAL IA 94 0.38 -115.46 70.69
CA VAL IA 94 0.53 -114.10 71.21
C VAL IA 94 1.18 -114.21 72.59
N GLN IA 95 2.32 -113.54 72.75
CA GLN IA 95 3.07 -113.61 73.99
C GLN IA 95 2.42 -112.76 75.08
N VAL IA 96 2.69 -113.14 76.33
CA VAL IA 96 2.21 -112.42 77.50
C VAL IA 96 3.38 -112.25 78.46
N ALA IA 97 3.44 -111.10 79.14
CA ALA IA 97 4.61 -110.69 79.91
C ALA IA 97 4.39 -110.73 81.41
N ASN IA 98 3.32 -110.12 81.90
CA ASN IA 98 3.19 -109.88 83.34
C ASN IA 98 3.25 -111.18 84.14
N GLU IA 99 2.56 -112.21 83.66
CA GLU IA 99 2.53 -113.49 84.35
C GLU IA 99 3.28 -114.54 83.53
N THR IA 100 4.00 -115.42 84.22
CA THR IA 100 4.81 -116.43 83.56
C THR IA 100 4.80 -117.69 84.41
N THR IA 101 5.12 -118.82 83.77
CA THR IA 101 5.11 -120.10 84.45
C THR IA 101 6.31 -120.21 85.39
N PRO IA 102 6.25 -121.12 86.36
CA PRO IA 102 7.38 -121.25 87.31
C PRO IA 102 8.70 -121.57 86.64
N SER IA 103 8.69 -122.32 85.54
CA SER IA 103 9.91 -122.73 84.85
C SER IA 103 10.45 -121.66 83.92
N GLY IA 104 9.99 -120.41 84.05
CA GLY IA 104 10.46 -119.33 83.21
C GLY IA 104 9.76 -119.23 81.88
N GLN IA 105 8.85 -120.14 81.55
CA GLN IA 105 8.10 -120.04 80.31
C GLN IA 105 7.18 -118.83 80.36
N VAL IA 106 7.18 -118.05 79.29
CA VAL IA 106 6.32 -116.87 79.19
C VAL IA 106 4.97 -117.29 78.65
N LYS IA 107 3.91 -116.89 79.35
CA LYS IA 107 2.56 -117.28 78.95
C LYS IA 107 2.27 -116.83 77.53
N THR IA 108 1.68 -117.73 76.74
CA THR IA 108 1.36 -117.45 75.34
C THR IA 108 0.05 -118.16 75.02
N TYR IA 109 -0.99 -117.38 74.71
CA TYR IA 109 -2.29 -117.92 74.32
C TYR IA 109 -2.36 -117.95 72.80
N GLU IA 110 -2.05 -119.11 72.22
CA GLU IA 110 -2.19 -119.30 70.78
C GLU IA 110 -3.67 -119.51 70.46
N TYR IA 111 -4.25 -118.57 69.72
CA TYR IA 111 -5.67 -118.64 69.38
C TYR IA 111 -5.84 -119.61 68.21
N SER IA 112 -6.53 -120.71 68.45
CA SER IA 112 -6.74 -121.73 67.42
C SER IA 112 -7.90 -121.41 66.49
N GLY IA 113 -8.35 -120.16 66.47
CA GLY IA 113 -9.48 -119.75 65.66
C GLY IA 113 -10.83 -119.84 66.35
N THR IA 114 -10.90 -120.56 67.47
CA THR IA 114 -12.13 -120.67 68.25
C THR IA 114 -11.92 -120.48 69.74
N ALA IA 115 -10.72 -120.70 70.27
CA ALA IA 115 -10.45 -120.56 71.68
C ALA IA 115 -8.98 -120.21 71.87
N TRP IA 116 -8.67 -119.68 73.05
CA TRP IA 116 -7.31 -119.31 73.41
C TRP IA 116 -6.58 -120.55 73.92
N VAL IA 117 -5.71 -121.12 73.09
CA VAL IA 117 -5.00 -122.36 73.41
C VAL IA 117 -3.60 -122.00 73.91
N GLU IA 118 -3.04 -122.90 74.71
CA GLU IA 118 -1.70 -122.71 75.23
C GLU IA 118 -0.65 -123.14 74.22
N LEU IA 119 0.51 -122.50 74.28
CA LEU IA 119 1.62 -122.87 73.40
C LEU IA 119 2.06 -124.30 73.71
N VAL IA 120 2.47 -125.02 72.67
CA VAL IA 120 2.81 -126.43 72.77
C VAL IA 120 4.15 -126.67 72.10
N GLY IA 121 4.82 -127.72 72.53
CA GLY IA 121 6.11 -128.13 71.98
C GLY IA 121 6.26 -129.62 72.01
N GLY IA 122 7.49 -130.09 72.22
CA GLY IA 122 7.78 -131.51 72.29
C GLY IA 122 8.57 -132.01 71.10
N MET IA 123 9.68 -132.69 71.37
CA MET IA 123 10.56 -133.22 70.33
C MET IA 123 10.69 -134.73 70.35
N SER IA 124 10.04 -135.42 71.29
CA SER IA 124 10.19 -136.86 71.40
C SER IA 124 8.84 -137.48 71.75
N ASP IA 125 8.50 -138.56 71.07
CA ASP IA 125 7.31 -139.35 71.35
C ASP IA 125 7.68 -140.82 71.37
N ALA IA 126 7.26 -141.52 72.41
CA ALA IA 126 7.62 -142.92 72.55
C ALA IA 126 7.08 -143.72 71.37
N PRO IA 127 7.89 -144.58 70.74
CA PRO IA 127 7.35 -145.41 69.65
C PRO IA 127 6.19 -146.27 70.16
N SER IA 128 5.19 -146.42 69.30
CA SER IA 128 3.99 -147.20 69.63
C SER IA 128 4.24 -148.68 69.35
N ASP IA 129 5.00 -149.29 70.26
CA ASP IA 129 5.34 -150.71 70.15
C ASP IA 129 5.19 -151.43 71.48
N GLY IA 130 4.47 -150.84 72.44
CA GLY IA 130 4.18 -151.51 73.69
C GLY IA 130 5.26 -151.43 74.75
N LYS IA 131 6.33 -150.69 74.50
CA LYS IA 131 7.43 -150.55 75.45
C LYS IA 131 7.39 -149.18 76.10
N ALA IA 132 7.66 -149.13 77.40
CA ALA IA 132 7.73 -147.88 78.14
C ALA IA 132 9.16 -147.35 78.10
N TYR IA 133 9.29 -146.05 77.84
CA TYR IA 133 10.58 -145.41 77.69
C TYR IA 133 10.74 -144.28 78.70
N ALA IA 134 11.96 -144.12 79.21
CA ALA IA 134 12.30 -143.03 80.11
C ALA IA 134 13.56 -142.35 79.59
N ARG IA 135 13.68 -141.06 79.89
CA ARG IA 135 14.82 -140.29 79.43
C ARG IA 135 16.12 -140.82 80.04
N GLU IA 136 17.17 -140.87 79.22
CA GLU IA 136 18.46 -141.39 79.66
C GLU IA 136 19.54 -140.69 78.86
N SER IA 137 20.29 -139.80 79.51
CA SER IA 137 21.39 -139.08 78.88
C SER IA 137 20.93 -138.40 77.59
N GLY IA 138 19.75 -137.79 77.64
CA GLY IA 138 19.20 -137.10 76.49
C GLY IA 138 18.52 -137.99 75.48
N ALA IA 139 18.32 -139.27 75.80
CA ALA IA 139 17.67 -140.20 74.89
C ALA IA 139 16.67 -141.04 75.68
N TRP IA 140 15.63 -141.50 74.98
CA TRP IA 140 14.58 -142.31 75.59
C TRP IA 140 14.96 -143.78 75.50
N THR IA 141 15.03 -144.45 76.64
CA THR IA 141 15.42 -145.84 76.74
C THR IA 141 14.25 -146.68 77.23
N GLU IA 142 14.05 -147.84 76.61
CA GLU IA 142 12.94 -148.71 76.98
C GLU IA 142 13.13 -149.25 78.39
N LEU IA 143 12.01 -149.57 79.04
CA LEU IA 143 12.00 -150.11 80.39
C LEU IA 143 11.50 -151.55 80.39
N GLY IA 144 11.82 -152.25 81.47
CA GLY IA 144 11.39 -153.62 81.63
C GLY IA 144 10.00 -153.74 82.23
N SER IA 145 9.53 -154.99 82.31
CA SER IA 145 8.20 -155.24 82.87
C SER IA 145 8.17 -154.99 84.37
N ALA IA 146 9.28 -155.24 85.07
CA ALA IA 146 9.29 -155.08 86.52
C ALA IA 146 9.00 -153.66 86.95
N ALA IA 147 9.23 -152.67 86.08
CA ALA IA 147 9.00 -151.28 86.47
C ALA IA 147 7.53 -151.03 86.80
N LYS IA 148 6.63 -151.59 86.01
CA LYS IA 148 5.21 -151.36 86.24
C LYS IA 148 4.71 -152.06 87.50
N SER IA 149 5.28 -153.22 87.82
CA SER IA 149 4.82 -153.98 88.97
C SER IA 149 5.16 -153.24 90.27
N ALA IA 150 4.30 -153.41 91.27
CA ALA IA 150 4.51 -152.83 92.59
C ALA IA 150 5.39 -153.77 93.41
N LEU IA 151 5.51 -153.50 94.72
CA LEU IA 151 6.31 -154.32 95.60
C LEU IA 151 5.52 -155.01 96.69
N ASN IA 152 4.27 -154.61 96.93
CA ASN IA 152 3.46 -155.25 97.96
C ASN IA 152 3.00 -156.65 97.59
N VAL IA 153 3.24 -157.08 96.35
CA VAL IA 153 2.71 -158.34 95.87
C VAL IA 153 3.80 -159.38 95.60
N LEU IA 154 5.05 -158.98 95.48
CA LEU IA 154 6.11 -159.93 95.13
C LEU IA 154 6.23 -161.00 96.22
N PRO IA 155 6.25 -162.29 95.86
CA PRO IA 155 6.30 -163.36 96.88
C PRO IA 155 7.71 -163.72 97.36
N PHE IA 156 8.26 -162.86 98.21
CA PHE IA 156 9.54 -163.16 98.84
C PHE IA 156 9.34 -164.15 99.99
N MET IA 157 10.43 -164.82 100.35
CA MET IA 157 10.38 -165.88 101.36
C MET IA 157 10.82 -165.36 102.72
N ASN IA 158 10.13 -165.82 103.76
CA ASN IA 158 10.46 -165.46 105.12
C ASN IA 158 11.68 -166.24 105.61
N LEU IA 159 12.37 -165.66 106.60
CA LEU IA 159 13.51 -166.30 107.22
C LEU IA 159 13.15 -167.01 108.53
N MET IA 160 11.90 -166.90 108.98
CA MET IA 160 11.48 -167.55 110.21
C MET IA 160 11.06 -168.99 109.91
N PRO IA 161 11.64 -169.99 110.59
CA PRO IA 161 11.24 -171.37 110.30
C PRO IA 161 9.87 -171.73 110.85
N ASP IA 162 9.44 -171.10 111.93
CA ASP IA 162 8.18 -171.43 112.59
C ASP IA 162 7.06 -170.46 112.23
N MET IA 163 7.30 -169.54 111.29
CA MET IA 163 6.32 -168.56 110.82
C MET IA 163 5.95 -167.54 111.91
N GLY IA 164 6.56 -167.59 113.07
CA GLY IA 164 6.11 -166.78 114.18
C GLY IA 164 4.89 -167.33 114.89
N ARG IA 165 4.40 -168.49 114.47
CA ARG IA 165 3.26 -169.13 115.12
C ARG IA 165 3.61 -169.68 116.50
N PHE IA 166 4.89 -169.68 116.87
CA PHE IA 166 5.32 -170.24 118.16
C PHE IA 166 4.86 -171.68 118.30
N ALA IA 167 4.93 -172.43 117.19
CA ALA IA 167 4.50 -173.82 117.15
C ALA IA 167 5.64 -174.78 116.87
N GLY IA 168 6.86 -174.30 116.68
CA GLY IA 168 7.98 -175.18 116.39
C GLY IA 168 8.18 -175.39 114.91
N THR IA 169 9.42 -175.67 114.54
CA THR IA 169 9.75 -175.90 113.13
C THR IA 169 9.10 -177.18 112.59
N ALA IA 170 8.78 -178.14 113.48
CA ALA IA 170 8.16 -179.38 113.02
C ALA IA 170 6.79 -179.12 112.41
N ALA IA 171 6.11 -178.06 112.84
CA ALA IA 171 4.81 -177.74 112.28
C ALA IA 171 4.93 -177.36 110.81
N ASN IA 172 3.98 -177.83 110.01
CA ASN IA 172 3.99 -177.53 108.59
C ASN IA 172 3.45 -176.12 108.36
N PRO IA 173 4.23 -175.20 107.81
CA PRO IA 173 3.68 -173.87 107.49
C PRO IA 173 2.71 -173.88 106.32
N LEU IA 174 2.70 -174.95 105.52
CA LEU IA 174 1.82 -175.02 104.35
C LEU IA 174 0.40 -175.42 104.71
N ALA IA 175 0.14 -175.81 105.96
CA ALA IA 175 -1.18 -176.24 106.39
C ALA IA 175 -1.90 -175.10 107.10
N THR IA 176 -3.18 -174.92 106.77
CA THR IA 176 -3.98 -173.88 107.42
C THR IA 176 -4.08 -174.14 108.91
N MET IA 177 -4.28 -175.40 109.30
CA MET IA 177 -4.48 -175.78 110.69
C MET IA 177 -3.31 -176.61 111.18
N PHE IA 178 -2.98 -176.43 112.47
CA PHE IA 178 -1.95 -177.22 113.13
C PHE IA 178 -2.48 -177.70 114.48
N THR IA 179 -1.98 -178.85 114.92
CA THR IA 179 -2.39 -179.44 116.19
C THR IA 179 -1.33 -179.33 117.28
N THR IA 180 -0.09 -178.98 116.93
CA THR IA 180 0.96 -178.89 117.93
C THR IA 180 0.69 -177.76 118.91
N SER IA 181 1.19 -177.92 120.13
CA SER IA 181 0.98 -176.95 121.19
C SER IA 181 1.93 -175.76 121.03
N TRP IA 182 1.84 -174.81 121.95
CA TRP IA 182 2.68 -173.63 121.90
C TRP IA 182 4.15 -174.01 122.08
N THR IA 183 5.03 -173.28 121.40
CA THR IA 183 6.45 -173.55 121.43
C THR IA 183 7.19 -172.22 121.32
N PRO IA 184 8.20 -171.97 122.17
CA PRO IA 184 8.95 -170.72 122.07
C PRO IA 184 9.73 -170.65 120.76
N SER IA 185 9.93 -169.42 120.29
CA SER IA 185 10.64 -169.16 119.03
C SER IA 185 12.03 -168.63 119.34
N SER IA 186 13.04 -169.22 118.73
CA SER IA 186 14.41 -168.79 118.93
C SER IA 186 14.66 -167.38 118.42
N PHE IA 187 13.87 -166.92 117.44
CA PHE IA 187 14.08 -165.59 116.88
C PHE IA 187 13.82 -164.48 117.88
N LEU IA 188 13.08 -164.75 118.95
CA LEU IA 188 12.78 -163.78 119.99
C LEU IA 188 13.37 -164.29 121.29
N ASN IA 189 14.53 -163.76 121.67
CA ASN IA 189 15.21 -164.15 122.90
C ASN IA 189 15.05 -163.05 123.94
N GLY IA 190 14.61 -163.42 125.14
CA GLY IA 190 14.42 -162.45 126.18
C GLY IA 190 15.72 -161.77 126.57
N TRP IA 191 15.62 -160.49 126.91
CA TRP IA 191 16.77 -159.70 127.31
C TRP IA 191 16.44 -158.94 128.59
N ASN IA 192 17.48 -158.66 129.37
CA ASN IA 192 17.32 -157.95 130.65
C ASN IA 192 16.33 -158.68 131.55
N GLY IA 193 16.36 -160.01 131.50
CA GLY IA 193 15.47 -160.81 132.31
C GLY IA 193 14.04 -160.87 131.84
N ALA IA 194 13.76 -160.41 130.62
CA ALA IA 194 12.40 -160.41 130.12
C ALA IA 194 11.87 -161.84 130.01
N THR IA 195 10.58 -162.01 130.33
CA THR IA 195 9.91 -163.29 130.27
C THR IA 195 8.88 -163.27 129.17
N VAL IA 196 8.83 -164.34 128.36
CA VAL IA 196 7.89 -164.47 127.26
C VAL IA 196 6.93 -165.60 127.59
N ALA IA 197 5.64 -165.32 127.49
CA ALA IA 197 4.60 -166.31 127.81
C ALA IA 197 3.53 -166.29 126.73
N ASP IA 198 2.84 -167.41 126.61
CA ASP IA 198 1.75 -167.51 125.63
C ASP IA 198 0.65 -166.52 125.98
N GLY IA 199 0.10 -165.89 124.95
CA GLY IA 199 -0.92 -164.88 125.13
C GLY IA 199 -2.28 -165.30 124.61
N GLY IA 200 -2.30 -166.09 123.55
CA GLY IA 200 -3.56 -166.53 122.98
C GLY IA 200 -3.33 -167.29 121.69
N LYS IA 201 -4.44 -167.69 121.08
CA LYS IA 201 -4.40 -168.46 119.85
C LYS IA 201 -5.70 -168.25 119.09
N PHE IA 202 -5.60 -168.22 117.76
CA PHE IA 202 -6.77 -168.16 116.88
C PHE IA 202 -6.95 -169.52 116.23
N ALA IA 203 -8.16 -170.05 116.31
CA ALA IA 203 -8.45 -171.41 115.88
C ALA IA 203 -9.33 -171.41 114.64
N PHE IA 204 -9.02 -172.31 113.71
CA PHE IA 204 -9.85 -172.50 112.54
C PHE IA 204 -11.24 -172.97 112.95
N ASP IA 205 -12.27 -172.40 112.32
CA ASP IA 205 -13.66 -172.73 112.64
C ASP IA 205 -13.95 -172.47 114.11
N ASN IA 206 -13.54 -171.31 114.59
CA ASN IA 206 -13.71 -170.96 116.00
C ASN IA 206 -15.19 -170.82 116.34
N SER IA 207 -15.52 -171.11 117.60
CA SER IA 207 -16.90 -171.05 118.07
C SER IA 207 -17.38 -169.63 118.38
N THR IA 208 -16.47 -168.66 118.45
CA THR IA 208 -16.90 -167.29 118.73
C THR IA 208 -17.81 -166.76 117.64
N ASN IA 209 -17.66 -167.25 116.41
CA ASN IA 209 -18.46 -166.81 115.27
C ASN IA 209 -19.47 -167.88 114.83
N GLY IA 210 -19.99 -168.65 115.78
CA GLY IA 210 -21.02 -169.62 115.48
C GLY IA 210 -20.53 -171.02 115.16
N GLY IA 211 -19.27 -171.33 115.46
CA GLY IA 211 -18.70 -172.63 115.20
C GLY IA 211 -18.70 -173.52 116.42
N ALA IA 212 -17.77 -174.48 116.44
CA ALA IA 212 -17.63 -175.41 117.54
C ALA IA 212 -16.20 -175.50 118.08
N GLY IA 213 -15.28 -174.69 117.57
CA GLY IA 213 -13.90 -174.72 118.00
C GLY IA 213 -13.64 -173.83 119.20
N PRO IA 214 -12.36 -173.67 119.56
CA PRO IA 214 -12.02 -172.83 120.70
C PRO IA 214 -12.47 -171.38 120.48
N ALA IA 215 -12.82 -170.73 121.58
CA ALA IA 215 -13.25 -169.34 121.54
C ALA IA 215 -12.04 -168.42 121.42
N LEU IA 216 -12.30 -167.14 121.15
CA LEU IA 216 -11.28 -166.13 120.97
C LEU IA 216 -11.32 -165.14 122.13
N ASN IA 217 -10.15 -164.78 122.63
CA ASN IA 217 -10.04 -163.85 123.75
C ASN IA 217 -9.94 -162.41 123.25
N ALA IA 218 -10.08 -161.46 124.19
CA ALA IA 218 -10.20 -160.05 123.84
C ALA IA 218 -9.07 -159.60 122.93
N ARG IA 219 -7.85 -160.07 123.17
CA ARG IA 219 -6.72 -159.66 122.36
C ARG IA 219 -6.93 -160.03 120.90
N VAL IA 220 -7.52 -161.21 120.64
CA VAL IA 220 -7.73 -161.65 119.27
C VAL IA 220 -8.74 -160.75 118.56
N GLN IA 221 -9.84 -160.40 119.24
CA GLN IA 221 -10.79 -159.48 118.62
C GLN IA 221 -10.16 -158.12 118.37
N ALA IA 222 -9.34 -157.64 119.31
CA ALA IA 222 -8.68 -156.36 119.10
C ALA IA 222 -7.78 -156.41 117.86
N LEU IA 223 -7.00 -157.48 117.73
CA LEU IA 223 -6.12 -157.62 116.57
C LEU IA 223 -6.93 -157.68 115.29
N LEU IA 224 -8.00 -158.46 115.28
CA LEU IA 224 -8.80 -158.62 114.07
C LEU IA 224 -9.45 -157.29 113.67
N ALA IA 225 -9.97 -156.54 114.65
CA ALA IA 225 -10.53 -155.23 114.35
C ALA IA 225 -9.47 -154.30 113.81
N ALA IA 226 -8.26 -154.33 114.39
CA ALA IA 226 -7.16 -153.55 113.83
C ALA IA 226 -6.82 -154.05 112.42
N MET IA 227 -6.83 -155.37 112.22
CA MET IA 227 -6.53 -155.93 110.90
C MET IA 227 -7.60 -155.58 109.88
N GLY IA 228 -8.81 -155.23 110.32
CA GLY IA 228 -9.92 -154.98 109.42
C GLY IA 228 -10.66 -156.23 109.00
N ARG IA 229 -10.27 -157.40 109.48
CA ARG IA 229 -10.94 -158.66 109.14
C ARG IA 229 -12.17 -158.81 110.05
N THR IA 230 -13.20 -158.04 109.72
CA THR IA 230 -14.46 -158.08 110.46
C THR IA 230 -15.53 -158.94 109.80
N TRP IA 231 -15.41 -159.19 108.49
CA TRP IA 231 -16.39 -159.99 107.80
C TRP IA 231 -16.25 -161.46 108.17
N THR IA 232 -17.35 -162.20 108.00
CA THR IA 232 -17.34 -163.62 108.36
C THR IA 232 -16.33 -164.40 107.54
N SER IA 233 -16.23 -164.10 106.25
CA SER IA 233 -15.31 -164.84 105.38
C SER IA 233 -13.86 -164.67 105.83
N VAL IA 234 -13.54 -163.57 106.49
CA VAL IA 234 -12.17 -163.30 106.94
C VAL IA 234 -12.04 -163.26 108.46
N SER IA 235 -13.13 -163.14 109.21
CA SER IA 235 -13.08 -163.15 110.67
C SER IA 235 -13.41 -164.50 111.27
N ARG IA 236 -14.40 -165.20 110.71
CA ARG IA 236 -14.77 -166.53 111.18
C ARG IA 236 -13.86 -167.62 110.64
N TYR IA 237 -13.04 -167.32 109.63
CA TYR IA 237 -12.11 -168.28 109.06
C TYR IA 237 -10.72 -167.66 109.00
N GLY IA 238 -9.71 -168.51 109.01
CA GLY IA 238 -8.34 -168.05 108.92
C GLY IA 238 -7.37 -169.14 109.30
N VAL IA 239 -6.09 -168.77 109.27
CA VAL IA 239 -5.00 -169.68 109.60
C VAL IA 239 -4.72 -169.59 111.09
N GLU IA 240 -4.31 -170.72 111.67
CA GLU IA 240 -4.05 -170.79 113.10
C GLU IA 240 -2.66 -170.25 113.42
N PHE IA 241 -2.53 -169.70 114.63
CA PHE IA 241 -1.25 -169.20 115.12
C PHE IA 241 -1.43 -168.78 116.57
N PHE IA 242 -0.32 -168.80 117.30
CA PHE IA 242 -0.32 -168.41 118.71
C PHE IA 242 0.12 -166.95 118.86
N THR IA 243 -0.14 -166.41 120.04
CA THR IA 243 0.31 -165.08 120.41
C THR IA 243 1.01 -165.17 121.76
N ALA IA 244 1.99 -164.30 121.97
CA ALA IA 244 2.78 -164.29 123.19
C ALA IA 244 2.91 -162.87 123.72
N VAL IA 245 3.07 -162.78 125.04
CA VAL IA 245 3.22 -161.50 125.73
C VAL IA 245 4.57 -161.52 126.46
N LEU IA 246 5.37 -160.48 126.23
CA LEU IA 246 6.69 -160.37 126.85
C LEU IA 246 6.62 -159.35 127.98
N THR IA 247 7.09 -159.75 129.15
CA THR IA 247 7.14 -158.88 130.32
C THR IA 247 8.59 -158.42 130.53
N ALA IA 248 8.80 -157.11 130.53
CA ALA IA 248 10.14 -156.57 130.72
C ALA IA 248 10.67 -156.98 132.09
N GLY IA 249 11.94 -157.40 132.11
CA GLY IA 249 12.57 -157.83 133.34
C GLY IA 249 13.02 -156.66 134.20
N SER IA 250 13.58 -156.99 135.36
CA SER IA 250 14.04 -155.99 136.30
C SER IA 250 15.45 -155.48 136.00
N GLN IA 251 16.16 -156.10 135.08
CA GLN IA 251 17.51 -155.65 134.75
C GLN IA 251 17.47 -154.30 134.04
N THR IA 252 18.54 -153.54 134.18
CA THR IA 252 18.64 -152.18 133.66
C THR IA 252 19.92 -152.01 132.84
N THR IA 253 20.15 -152.94 131.92
CA THR IA 253 21.31 -152.90 131.05
C THR IA 253 20.91 -152.37 129.67
N THR IA 254 21.87 -151.75 128.99
CA THR IA 254 21.64 -151.17 127.66
C THR IA 254 20.55 -150.10 127.70
N GLY IA 255 20.82 -149.05 128.47
CA GLY IA 255 19.88 -147.96 128.59
C GLY IA 255 19.73 -147.17 127.29
N SER IA 256 18.57 -146.55 127.15
CA SER IA 256 18.26 -145.76 125.96
C SER IA 256 17.09 -144.85 126.27
N ALA IA 257 17.02 -143.73 125.55
CA ALA IA 257 15.97 -142.74 125.71
C ALA IA 257 15.24 -142.55 124.39
N GLY IA 258 13.93 -142.37 124.46
CA GLY IA 258 13.11 -142.18 123.29
C GLY IA 258 12.98 -140.72 122.91
N ALA IA 259 12.07 -140.47 121.96
CA ALA IA 259 11.86 -139.09 121.48
C ALA IA 259 11.33 -138.21 122.60
N ASP IA 260 10.59 -138.77 123.55
CA ASP IA 260 10.04 -138.01 124.67
C ASP IA 260 11.04 -137.85 125.81
N GLY IA 261 12.23 -138.41 125.70
CA GLY IA 261 13.24 -138.29 126.74
C GLY IA 261 13.08 -139.25 127.89
N VAL IA 262 12.21 -140.25 127.78
CA VAL IA 262 12.00 -141.22 128.83
C VAL IA 262 12.96 -142.39 128.62
N THR IA 263 13.79 -142.66 129.62
CA THR IA 263 14.78 -143.72 129.51
C THR IA 263 14.11 -145.10 129.57
N ARG IA 264 14.64 -146.03 128.77
CA ARG IA 264 14.13 -147.40 128.74
C ARG IA 264 15.28 -148.33 128.42
N TYR IA 265 15.02 -149.63 128.57
CA TYR IA 265 16.04 -150.65 128.41
C TYR IA 265 15.55 -151.73 127.47
N LEU IA 266 16.49 -152.37 126.77
CA LEU IA 266 16.15 -153.43 125.84
C LEU IA 266 15.51 -154.61 126.57
N CYS IA 267 14.48 -155.19 125.94
CA CYS IA 267 13.74 -156.29 126.54
C CYS IA 267 13.82 -157.59 125.76
N CYS IA 268 14.31 -157.57 124.52
CA CYS IA 268 14.39 -158.79 123.72
C CYS IA 268 15.57 -158.68 122.76
N SER IA 269 16.01 -159.83 122.29
CA SER IA 269 17.11 -159.90 121.34
C SER IA 269 16.86 -161.06 120.39
N ASN IA 270 17.48 -160.99 119.21
CA ASN IA 270 17.31 -162.00 118.18
C ASN IA 270 18.29 -163.14 118.29
N GLY IA 271 19.22 -163.09 119.24
CA GLY IA 271 20.24 -164.13 119.34
C GLY IA 271 21.32 -164.02 118.28
N SER IA 272 21.55 -162.82 117.74
CA SER IA 272 22.59 -162.59 116.75
C SER IA 272 22.34 -163.42 115.49
N LYS IA 273 21.19 -163.18 114.88
CA LYS IA 273 20.84 -163.86 113.63
C LYS IA 273 21.67 -163.30 112.48
N THR IA 274 22.01 -164.17 111.53
CA THR IA 274 22.81 -163.78 110.37
C THR IA 274 21.87 -163.34 109.25
N VAL IA 275 21.39 -162.10 109.37
CA VAL IA 275 20.44 -161.54 108.41
C VAL IA 275 21.02 -160.37 107.64
N PHE IA 276 22.06 -159.70 108.15
CA PHE IA 276 22.65 -158.55 107.48
C PHE IA 276 23.65 -159.03 106.42
N ASN IA 277 23.10 -159.57 105.34
CA ASN IA 277 23.90 -160.14 104.26
C ASN IA 277 23.71 -159.42 102.94
N ALA IA 278 22.48 -159.09 102.56
CA ALA IA 278 22.19 -158.42 101.29
C ALA IA 278 22.55 -156.96 101.43
N GLY IA 279 23.80 -156.63 101.11
CA GLY IA 279 24.27 -155.27 101.23
C GLY IA 279 24.13 -154.68 102.62
N GLY IA 280 24.12 -155.52 103.64
CA GLY IA 280 23.89 -155.05 104.99
C GLY IA 280 22.46 -154.63 105.27
N TRP IA 281 21.56 -154.79 104.31
CA TRP IA 281 20.19 -154.35 104.47
C TRP IA 281 19.37 -155.40 105.22
N ALA IA 282 18.40 -154.92 105.99
CA ALA IA 282 17.52 -155.79 106.76
C ALA IA 282 16.13 -155.18 106.81
N THR IA 283 15.15 -156.02 107.11
CA THR IA 283 13.77 -155.59 107.21
C THR IA 283 13.04 -156.43 108.25
N VAL IA 284 12.37 -155.78 109.18
CA VAL IA 284 11.61 -156.44 110.23
C VAL IA 284 10.20 -155.88 110.23
N VAL IA 285 9.21 -156.77 110.16
CA VAL IA 285 7.81 -156.40 110.18
C VAL IA 285 7.11 -157.26 111.24
N MET IA 286 6.36 -156.62 112.12
CA MET IA 286 5.70 -157.34 113.20
C MET IA 286 4.58 -156.48 113.76
N TRP IA 287 3.53 -157.15 114.24
CA TRP IA 287 2.37 -156.51 114.84
C TRP IA 287 2.48 -156.57 116.35
N LEU IA 288 2.21 -155.46 117.02
CA LEU IA 288 2.33 -155.40 118.47
C LEU IA 288 1.27 -154.47 119.04
N ARG IA 289 0.98 -154.65 120.33
CA ARG IA 289 0.06 -153.81 121.06
C ARG IA 289 0.55 -153.71 122.50
N VAL IA 290 0.47 -152.50 123.06
CA VAL IA 290 0.95 -152.25 124.41
C VAL IA 290 -0.19 -152.47 125.39
N GLU IA 291 -0.01 -153.43 126.31
CA GLU IA 291 -1.00 -153.67 127.34
C GLU IA 291 -0.71 -152.92 128.63
N SER IA 292 0.56 -152.59 128.88
CA SER IA 292 0.93 -151.81 130.06
C SER IA 292 2.28 -151.15 129.79
N GLY IA 293 2.56 -150.12 130.59
CA GLY IA 293 3.83 -149.43 130.45
C GLY IA 293 3.90 -148.62 129.17
N SER IA 294 5.13 -148.26 128.80
CA SER IA 294 5.39 -147.48 127.60
C SER IA 294 6.65 -148.01 126.93
N ALA IA 295 6.75 -147.74 125.63
CA ALA IA 295 7.89 -148.19 124.85
C ALA IA 295 8.10 -147.24 123.68
N HIS IA 296 9.31 -147.27 123.11
CA HIS IA 296 9.66 -146.45 121.96
C HIS IA 296 10.55 -147.27 121.04
N ILE IA 297 10.95 -146.66 119.93
CA ILE IA 297 11.70 -147.34 118.87
C ILE IA 297 13.09 -146.73 118.80
N SER IA 298 14.11 -147.59 118.74
CA SER IA 298 15.49 -147.15 118.62
C SER IA 298 15.91 -146.33 119.83
N SER IA 299 17.05 -145.65 119.74
CA SER IA 299 17.49 -144.72 120.76
C SER IA 299 17.55 -143.29 120.26
N ALA IA 300 18.22 -143.07 119.13
CA ALA IA 300 18.28 -141.76 118.48
C ALA IA 300 18.64 -141.98 117.02
N PRO IA 301 18.34 -141.02 116.14
CA PRO IA 301 18.69 -141.19 114.73
C PRO IA 301 20.16 -141.53 114.55
N TYR IA 302 20.45 -142.74 114.09
CA TYR IA 302 21.81 -143.22 113.87
C TYR IA 302 21.91 -143.87 112.50
N THR IA 303 22.97 -143.56 111.78
CA THR IA 303 23.19 -144.12 110.45
C THR IA 303 21.95 -143.83 109.60
N THR IA 304 21.59 -144.77 108.72
CA THR IA 304 20.39 -144.66 107.91
C THR IA 304 19.23 -145.39 108.59
N HIS IA 305 18.04 -144.82 108.50
CA HIS IA 305 16.87 -145.45 109.11
C HIS IA 305 15.60 -144.92 108.46
N ARG IA 306 14.53 -145.69 108.59
CA ARG IA 306 13.23 -145.30 108.06
C ARG IA 306 12.19 -146.21 108.69
N LEU IA 307 11.21 -145.63 109.39
CA LEU IA 307 10.17 -146.38 110.08
C LEU IA 307 8.81 -146.03 109.50
N TRP IA 308 8.03 -147.05 109.19
CA TRP IA 308 6.66 -146.89 108.71
C TRP IA 308 5.70 -147.44 109.75
N ILE IA 309 4.73 -146.63 110.16
CA ILE IA 309 3.71 -147.02 111.11
C ILE IA 309 2.40 -147.10 110.36
N ASN IA 310 1.95 -148.33 110.08
CA ASN IA 310 0.72 -148.55 109.31
C ASN IA 310 0.79 -147.83 107.97
N GLY IA 311 1.97 -147.88 107.33
CA GLY IA 311 2.19 -147.21 106.07
C GLY IA 311 2.54 -145.75 106.17
N ALA IA 312 2.69 -145.21 107.37
CA ALA IA 312 3.03 -143.81 107.57
C ALA IA 312 4.44 -143.71 108.13
N VAL IA 313 5.27 -142.88 107.50
CA VAL IA 313 6.65 -142.74 107.93
C VAL IA 313 6.70 -142.24 109.37
N ALA IA 314 7.69 -142.73 110.12
CA ALA IA 314 7.86 -142.35 111.52
C ALA IA 314 9.35 -142.16 111.80
N ALA IA 315 9.63 -141.39 112.84
CA ALA IA 315 10.98 -141.06 113.25
C ALA IA 315 11.38 -141.86 114.48
N PRO IA 316 12.68 -142.01 114.74
CA PRO IA 316 13.11 -142.78 115.90
C PRO IA 316 12.63 -142.16 117.20
N GLY IA 317 12.35 -143.01 118.18
CA GLY IA 317 11.94 -142.58 119.50
C GLY IA 317 10.46 -142.30 119.66
N VAL IA 318 9.66 -142.46 118.61
CA VAL IA 318 8.24 -142.19 118.71
C VAL IA 318 7.61 -143.15 119.71
N VAL IA 319 6.90 -142.61 120.69
CA VAL IA 319 6.24 -143.42 121.70
C VAL IA 319 4.92 -143.93 121.11
N LEU IA 320 4.84 -145.22 120.87
CA LEU IA 320 3.64 -145.79 120.28
C LEU IA 320 2.47 -145.62 121.26
N PRO IA 321 1.27 -145.33 120.75
CA PRO IA 321 0.12 -145.19 121.65
C PRO IA 321 -0.17 -146.51 122.37
N ALA IA 322 -0.62 -146.39 123.61
CA ALA IA 322 -0.85 -147.56 124.45
C ALA IA 322 -2.16 -148.24 124.10
N ASN IA 323 -2.11 -149.58 124.00
CA ASN IA 323 -3.30 -150.40 123.75
C ASN IA 323 -3.84 -150.19 122.34
N GLN IA 324 -2.95 -150.13 121.35
CA GLN IA 324 -3.34 -150.08 119.95
C GLN IA 324 -2.39 -150.94 119.13
N TRP IA 325 -2.91 -151.50 118.05
CA TRP IA 325 -2.14 -152.34 117.14
C TRP IA 325 -1.49 -151.48 116.07
N VAL IA 326 -0.17 -151.60 115.93
CA VAL IA 326 0.61 -150.78 115.01
C VAL IA 326 1.46 -151.68 114.13
N HIS IA 327 1.47 -151.39 112.84
CA HIS IA 327 2.28 -152.12 111.87
C HIS IA 327 3.60 -151.37 111.68
N LEU IA 328 4.70 -152.00 112.08
CA LEU IA 328 6.02 -151.39 112.00
C LEU IA 328 6.84 -152.06 110.92
N ARG IA 329 7.69 -151.28 110.25
CA ARG IA 329 8.60 -151.78 109.22
C ARG IA 329 9.91 -150.99 109.35
N PHE IA 330 10.85 -151.55 110.10
CA PHE IA 330 12.15 -150.93 110.35
C PHE IA 330 13.16 -151.54 109.40
N SER IA 331 13.68 -150.74 108.47
CA SER IA 331 14.68 -151.18 107.51
C SER IA 331 15.93 -150.34 107.69
N MET IA 332 17.09 -151.01 107.79
CA MET IA 332 18.36 -150.32 107.97
C MET IA 332 19.47 -151.14 107.33
N GLN IA 333 20.57 -150.44 107.01
CA GLN IA 333 21.75 -151.05 106.44
C GLN IA 333 22.85 -151.13 107.50
N SER IA 334 23.48 -152.30 107.59
CA SER IA 334 24.63 -152.48 108.47
C SER IA 334 25.54 -153.52 107.84
N TYR IA 335 26.77 -153.12 107.54
CA TYR IA 335 27.73 -153.98 106.87
C TYR IA 335 28.48 -154.91 107.83
N ASN IA 336 28.20 -154.82 109.13
CA ASN IA 336 28.89 -155.66 110.10
C ASN IA 336 28.64 -157.14 109.82
N GLY IA 337 27.47 -157.48 109.27
CA GLY IA 337 27.13 -158.85 108.94
C GLY IA 337 26.24 -159.55 109.94
N TYR IA 338 25.99 -158.95 111.10
CA TYR IA 338 25.16 -159.58 112.12
C TYR IA 338 24.82 -158.54 113.17
N ASP IA 339 23.85 -158.87 114.03
CA ASP IA 339 23.49 -158.05 115.17
C ASP IA 339 22.52 -158.82 116.04
N ASN IA 340 22.67 -158.69 117.36
CA ASN IA 340 21.78 -159.36 118.30
C ASN IA 340 20.61 -158.48 118.73
N ALA IA 341 20.83 -157.17 118.80
CA ALA IA 341 19.79 -156.22 119.20
C ALA IA 341 19.23 -155.47 118.00
N CYS IA 342 19.07 -156.14 116.87
CA CYS IA 342 18.60 -155.47 115.66
C CYS IA 342 17.32 -154.67 115.86
N PRO IA 343 16.30 -155.16 116.58
CA PRO IA 343 15.07 -154.35 116.73
C PRO IA 343 15.33 -152.99 117.35
N TYR IA 344 16.29 -152.87 118.26
CA TYR IA 344 16.57 -151.59 118.93
C TYR IA 344 15.33 -151.05 119.61
N ILE IA 345 14.53 -151.94 120.20
CA ILE IA 345 13.28 -151.59 120.86
C ILE IA 345 13.52 -151.64 122.36
N TYR IA 346 13.23 -150.53 123.03
CA TYR IA 346 13.39 -150.40 124.48
C TYR IA 346 12.04 -150.13 125.11
N ALA IA 347 11.71 -150.91 126.14
CA ALA IA 347 10.43 -150.80 126.83
C ALA IA 347 10.66 -150.61 128.33
N SER IA 348 9.74 -149.89 128.97
CA SER IA 348 9.85 -149.63 130.39
C SER IA 348 9.70 -150.93 131.18
N ALA IA 349 10.36 -150.97 132.34
CA ALA IA 349 10.29 -152.15 133.20
C ALA IA 349 8.85 -152.42 133.61
N GLY IA 350 8.45 -153.69 133.54
CA GLY IA 350 7.10 -154.08 133.88
C GLY IA 350 6.07 -153.88 132.79
N ALA IA 351 6.48 -153.34 131.63
CA ALA IA 351 5.54 -153.12 130.54
C ALA IA 351 5.14 -154.45 129.92
N GLN IA 352 3.83 -154.63 129.72
CA GLN IA 352 3.29 -155.82 129.07
C GLN IA 352 3.06 -155.49 127.60
N ILE IA 353 3.85 -156.10 126.73
CA ILE IA 353 3.80 -155.86 125.29
C ILE IA 353 3.24 -157.11 124.62
N ALA IA 354 2.19 -156.92 123.82
CA ALA IA 354 1.59 -158.00 123.05
C ALA IA 354 2.11 -157.94 121.61
N PHE IA 355 2.37 -159.10 121.03
CA PHE IA 355 2.91 -159.18 119.68
C PHE IA 355 2.43 -160.46 119.03
N ALA IA 356 2.28 -160.41 117.70
CA ALA IA 356 1.85 -161.58 116.95
C ALA IA 356 2.34 -161.45 115.52
N CYS IA 357 2.55 -162.61 114.88
CA CYS IA 357 2.95 -162.69 113.49
C CYS IA 357 4.16 -161.80 113.17
N PRO IA 358 5.30 -162.02 113.81
CA PRO IA 358 6.53 -161.33 113.39
C PRO IA 358 6.97 -161.81 112.02
N ALA IA 359 7.66 -160.93 111.29
CA ALA IA 359 8.14 -161.26 109.95
C ALA IA 359 9.44 -160.51 109.70
N TRP IA 360 10.50 -161.25 109.34
CA TRP IA 360 11.79 -160.68 109.04
C TRP IA 360 12.20 -161.05 107.62
N PHE IA 361 12.99 -160.18 106.99
CA PHE IA 361 13.49 -160.41 105.65
C PHE IA 361 14.96 -160.03 105.59
N GLY IA 362 15.65 -160.59 104.60
CA GLY IA 362 17.07 -160.38 104.44
C GLY IA 362 17.45 -159.10 103.71
N GLY IA 363 16.48 -158.26 103.38
CA GLY IA 363 16.77 -157.01 102.69
C GLY IA 363 15.53 -156.16 102.58
N LEU IA 364 15.73 -154.96 102.04
CA LEU IA 364 14.63 -154.02 101.85
C LEU IA 364 13.51 -154.63 101.03
N VAL IA 365 12.34 -154.78 101.64
CA VAL IA 365 11.14 -155.23 100.95
C VAL IA 365 9.96 -154.40 101.43
N ASP IA 366 8.95 -154.31 100.58
CA ASP IA 366 7.76 -153.50 100.83
C ASP IA 366 6.52 -154.36 100.61
N PRO IA 367 6.23 -155.28 101.54
CA PRO IA 367 5.02 -156.10 101.40
C PRO IA 367 3.74 -155.42 101.85
N GLY IA 368 3.79 -154.14 102.23
CA GLY IA 368 2.62 -153.47 102.72
C GLY IA 368 2.26 -153.94 104.12
N ILE IA 369 0.99 -153.73 104.47
CA ILE IA 369 0.47 -154.15 105.77
C ILE IA 369 0.05 -155.62 105.63
N HIS IA 370 0.93 -156.52 106.07
CA HIS IA 370 0.67 -157.94 105.94
C HIS IA 370 -0.43 -158.38 106.90
N VAL IA 371 -1.06 -159.51 106.57
CA VAL IA 371 -2.09 -160.10 107.42
C VAL IA 371 -1.66 -161.44 108.01
N ALA IA 372 -0.64 -162.09 107.47
CA ALA IA 372 -0.18 -163.36 107.99
C ALA IA 372 1.32 -163.46 107.73
N PRO IA 373 2.02 -164.30 108.50
CA PRO IA 373 3.47 -164.44 108.28
C PRO IA 373 3.78 -165.00 106.91
N ILE IA 374 4.88 -164.55 106.33
CA ILE IA 374 5.28 -165.00 105.00
C ILE IA 374 5.82 -166.42 105.10
N LEU IA 375 5.51 -167.23 104.09
CA LEU IA 375 5.79 -168.66 104.14
C LEU IA 375 7.23 -168.96 103.74
N THR IA 376 7.64 -170.20 104.00
CA THR IA 376 8.94 -170.72 103.62
C THR IA 376 8.79 -172.20 103.33
N ILE IA 377 9.90 -172.89 103.13
CA ILE IA 377 9.92 -174.34 102.87
C ILE IA 377 10.91 -174.99 103.81
N ASN IA 378 10.51 -176.13 104.39
CA ASN IA 378 11.37 -176.88 105.28
C ASN IA 378 11.04 -178.36 105.12
N GLY IA 379 11.70 -179.20 105.93
CA GLY IA 379 11.46 -180.63 105.86
C GLY IA 379 10.03 -181.00 106.20
N ALA IA 380 9.41 -180.25 107.12
CA ALA IA 380 8.04 -180.52 107.53
C ALA IA 380 7.01 -179.75 106.70
N SER IA 381 7.45 -179.03 105.67
CA SER IA 381 6.53 -178.27 104.83
C SER IA 381 5.63 -179.16 103.99
N ALA IA 382 5.98 -180.42 103.80
CA ALA IA 382 5.19 -181.33 102.99
C ALA IA 382 3.96 -181.81 103.77
N GLY JA 10 20.70 -110.58 52.44
CA GLY JA 10 20.62 -109.12 52.48
C GLY JA 10 20.04 -108.53 51.21
N LEU JA 11 18.96 -107.77 51.36
CA LEU JA 11 18.30 -107.13 50.23
C LEU JA 11 17.56 -105.90 50.74
N LEU JA 12 17.22 -105.02 49.80
CA LEU JA 12 16.56 -103.77 50.15
C LEU JA 12 15.64 -103.33 49.01
N ILE JA 13 14.73 -102.42 49.35
CA ILE JA 13 13.80 -101.85 48.39
C ILE JA 13 13.85 -100.33 48.52
N ASN JA 14 14.98 -99.81 49.00
CA ASN JA 14 15.09 -98.41 49.37
C ASN JA 14 15.43 -97.55 48.16
N GLY JA 15 15.27 -96.24 48.34
CA GLY JA 15 15.75 -95.25 47.39
C GLY JA 15 15.24 -95.39 45.98
N LEU JA 16 13.92 -95.50 45.81
CA LEU JA 16 13.35 -95.51 44.47
C LEU JA 16 13.15 -94.09 43.97
N PRO JA 17 13.13 -93.86 42.67
CA PRO JA 17 12.77 -92.54 42.15
C PRO JA 17 11.37 -92.16 42.58
N GLY JA 18 11.24 -91.00 43.21
CA GLY JA 18 9.96 -90.57 43.75
C GLY JA 18 8.83 -90.58 42.75
N GLU JA 19 9.15 -90.55 41.45
CA GLU JA 19 8.09 -90.54 40.45
C GLU JA 19 7.23 -91.80 40.54
N GLY JA 20 7.86 -92.96 40.74
CA GLY JA 20 7.15 -94.22 40.77
C GLY JA 20 6.83 -94.72 42.16
N HIS JA 21 6.87 -93.83 43.16
CA HIS JA 21 6.65 -94.26 44.53
C HIS JA 21 5.26 -94.85 44.74
N TYR JA 22 4.30 -94.52 43.87
CA TYR JA 22 2.95 -95.04 44.06
C TYR JA 22 2.91 -96.55 43.98
N SER JA 23 3.60 -97.13 43.01
CA SER JA 23 3.59 -98.58 42.84
C SER JA 23 4.10 -99.26 44.10
N ASP JA 24 5.27 -98.83 44.61
CA ASP JA 24 5.84 -99.48 45.77
C ASP JA 24 5.11 -99.12 47.05
N LEU JA 25 4.38 -98.00 47.08
CA LEU JA 25 3.55 -97.73 48.24
C LEU JA 25 2.35 -98.65 48.29
N ILE JA 26 1.69 -98.87 47.15
CA ILE JA 26 0.62 -99.86 47.09
C ILE JA 26 1.18 -101.24 47.43
N ARG JA 27 2.39 -101.52 46.98
CA ARG JA 27 3.12 -102.74 47.31
C ARG JA 27 3.20 -102.92 48.82
N MET JA 28 3.89 -101.99 49.49
CA MET JA 28 4.04 -102.09 50.94
C MET JA 28 2.70 -102.10 51.65
N TRP JA 29 1.69 -101.43 51.10
CA TRP JA 29 0.35 -101.50 51.68
C TRP JA 29 -0.18 -102.92 51.66
N ARG JA 30 -0.08 -103.59 50.51
CA ARG JA 30 -0.57 -104.95 50.41
C ARG JA 30 0.20 -105.88 51.35
N TRP JA 31 1.52 -105.73 51.40
CA TRP JA 31 2.32 -106.58 52.27
C TRP JA 31 1.98 -106.35 53.74
N ASP JA 32 1.83 -105.09 54.14
CA ASP JA 32 1.44 -104.79 55.53
C ASP JA 32 0.07 -105.38 55.83
N ASP JA 33 -0.87 -105.28 54.89
CA ASP JA 33 -2.19 -105.87 55.10
C ASP JA 33 -2.07 -107.38 55.29
N PHE JA 34 -1.20 -108.03 54.51
CA PHE JA 34 -1.04 -109.47 54.65
C PHE JA 34 -0.33 -109.85 55.95
N LEU JA 35 0.50 -108.97 56.49
CA LEU JA 35 1.28 -109.34 57.68
C LEU JA 35 0.44 -109.51 58.94
N ARG JA 36 -0.90 -109.48 58.92
CA ARG JA 36 -1.64 -109.71 60.15
C ARG JA 36 -1.35 -111.08 60.74
N GLN JA 37 -1.32 -112.11 59.88
CA GLN JA 37 -1.00 -113.47 60.30
C GLN JA 37 -0.40 -114.22 59.12
N PRO JA 38 0.89 -114.58 59.16
CA PRO JA 38 1.49 -115.29 58.02
C PRO JA 38 1.06 -116.75 57.97
N VAL JA 39 -0.10 -117.02 57.39
CA VAL JA 39 -0.70 -118.35 57.35
C VAL JA 39 -0.78 -118.80 55.90
N VAL JA 40 -0.47 -120.07 55.67
CA VAL JA 40 -0.58 -120.70 54.35
C VAL JA 40 -1.62 -121.80 54.44
N LYS JA 41 -2.60 -121.76 53.54
CA LYS JA 41 -3.62 -122.80 53.51
C LYS JA 41 -3.04 -124.16 53.16
N GLY JA 42 -1.86 -124.20 52.56
CA GLY JA 42 -1.23 -125.46 52.22
C GLY JA 42 -0.07 -125.23 51.28
N ARG JA 43 0.61 -126.33 50.96
CA ARG JA 43 1.74 -126.31 50.04
C ARG JA 43 1.29 -126.82 48.69
N VAL JA 44 1.64 -126.09 47.63
CA VAL JA 44 1.25 -126.42 46.26
C VAL JA 44 2.48 -126.40 45.38
N ALA JA 45 2.63 -127.42 44.53
CA ALA JA 45 3.69 -127.44 43.54
C ALA JA 45 3.32 -126.69 42.27
N THR JA 46 2.09 -126.19 42.18
CA THR JA 46 1.65 -125.42 41.02
C THR JA 46 0.67 -124.36 41.50
N LEU JA 47 0.68 -123.22 40.81
CA LEU JA 47 -0.20 -122.13 41.17
C LEU JA 47 -1.66 -122.56 40.94
N PRO JA 48 -2.54 -122.43 41.94
CA PRO JA 48 -3.95 -122.77 41.71
C PRO JA 48 -4.56 -121.92 40.60
N THR JA 49 -4.94 -122.56 39.49
CA THR JA 49 -5.50 -121.84 38.36
C THR JA 49 -6.96 -121.46 38.54
N THR JA 50 -7.64 -122.03 39.54
CA THR JA 50 -9.05 -121.74 39.75
C THR JA 50 -9.37 -121.88 41.24
N GLY JA 51 -10.48 -121.27 41.64
CA GLY JA 51 -10.93 -121.36 43.02
C GLY JA 51 -10.01 -120.68 44.03
N GLN JA 52 -9.52 -119.50 43.72
CA GLN JA 52 -8.69 -118.73 44.63
C GLN JA 52 -9.18 -117.28 44.66
N ALA JA 53 -9.02 -116.64 45.82
CA ALA JA 53 -9.44 -115.26 46.00
C ALA JA 53 -8.55 -114.63 47.06
N GLU JA 54 -8.93 -113.43 47.51
CA GLU JA 54 -8.17 -112.76 48.56
C GLU JA 54 -8.20 -113.59 49.84
N GLY JA 55 -7.07 -113.62 50.53
CA GLY JA 55 -6.92 -114.41 51.74
C GLY JA 55 -6.43 -115.83 51.51
N ASP JA 56 -6.30 -116.26 50.26
CA ASP JA 56 -5.81 -117.59 49.95
C ASP JA 56 -4.30 -117.53 49.71
N THR JA 57 -3.54 -118.25 50.53
CA THR JA 57 -2.09 -118.28 50.42
C THR JA 57 -1.65 -119.73 50.36
N TYR JA 58 -0.95 -120.09 49.28
CA TYR JA 58 -0.40 -121.43 49.09
C TYR JA 58 1.09 -121.30 48.80
N ILE JA 59 1.88 -122.20 49.38
CA ILE JA 59 3.32 -122.19 49.20
C ILE JA 59 3.64 -122.81 47.84
N PHE JA 60 4.03 -121.98 46.88
CA PHE JA 60 4.38 -122.45 45.54
C PHE JA 60 5.76 -123.06 45.59
N THR JA 61 5.81 -124.38 45.76
CA THR JA 61 7.06 -125.13 45.84
C THR JA 61 7.29 -125.98 44.60
N GLY JA 62 6.80 -125.52 43.45
CA GLY JA 62 7.03 -126.24 42.21
C GLY JA 62 8.48 -126.20 41.79
N SER JA 63 8.86 -127.17 40.96
CA SER JA 63 10.23 -127.27 40.48
C SER JA 63 10.64 -125.98 39.79
N GLY JA 64 11.80 -125.45 40.15
CA GLY JA 64 12.31 -124.22 39.59
C GLY JA 64 12.92 -123.37 40.68
N SER JA 65 13.26 -122.14 40.31
CA SER JA 65 13.87 -121.20 41.25
C SER JA 65 12.86 -120.51 42.15
N ASN JA 66 11.56 -120.68 41.90
CA ASN JA 66 10.51 -120.06 42.70
C ASN JA 66 10.04 -120.95 43.85
N GLN JA 67 10.90 -121.86 44.32
CA GLN JA 67 10.52 -122.73 45.42
C GLN JA 67 10.25 -121.91 46.68
N ASN JA 68 9.19 -122.30 47.40
CA ASN JA 68 8.76 -121.70 48.66
C ASN JA 68 8.19 -120.30 48.49
N ARG JA 69 8.16 -119.75 47.27
CA ARG JA 69 7.56 -118.44 47.05
C ARG JA 69 6.06 -118.51 47.29
N LEU JA 70 5.53 -117.50 47.98
CA LEU JA 70 4.10 -117.46 48.25
C LEU JA 70 3.32 -117.13 46.98
N ALA JA 71 2.05 -117.50 46.98
CA ALA JA 71 1.18 -117.38 45.81
C ALA JA 71 -0.15 -116.75 46.20
N ARG JA 72 -0.10 -115.67 46.96
CA ARG JA 72 -1.33 -114.98 47.36
C ARG JA 72 -2.00 -114.37 46.15
N TRP JA 73 -3.29 -114.65 45.99
CA TRP JA 73 -4.10 -114.08 44.91
C TRP JA 73 -4.83 -112.84 45.43
N TRP JA 74 -4.70 -111.73 44.70
CA TRP JA 74 -5.22 -110.44 45.12
C TRP JA 74 -6.21 -109.96 44.06
N ALA JA 75 -7.48 -110.32 44.24
CA ALA JA 75 -8.54 -109.97 43.30
C ALA JA 75 -9.60 -109.06 43.91
N THR JA 76 -10.12 -109.40 45.09
CA THR JA 76 -11.15 -108.59 45.71
C THR JA 76 -10.66 -107.16 45.90
N GLY JA 77 -11.48 -106.21 45.46
CA GLY JA 77 -11.10 -104.81 45.58
C GLY JA 77 -9.78 -104.50 44.92
N ALA JA 78 -9.55 -105.05 43.72
CA ALA JA 78 -8.29 -104.90 43.02
C ALA JA 78 -8.53 -104.53 41.57
N THR JA 79 -7.56 -103.82 40.98
CA THR JA 79 -7.64 -103.48 39.57
C THR JA 79 -7.28 -104.67 38.69
N THR JA 80 -6.17 -105.34 39.00
CA THR JA 80 -5.74 -106.52 38.27
C THR JA 80 -5.04 -107.46 39.24
N ALA JA 81 -5.48 -108.71 39.28
CA ALA JA 81 -4.92 -109.68 40.21
C ALA JA 81 -3.67 -110.33 39.64
N ILE JA 82 -2.62 -110.39 40.46
CA ILE JA 82 -1.36 -111.01 40.08
C ILE JA 82 -0.88 -111.89 41.23
N TRP JA 83 -0.08 -112.90 40.89
CA TRP JA 83 0.49 -113.81 41.87
C TRP JA 83 1.72 -113.16 42.50
N GLU JA 84 1.47 -112.30 43.50
CA GLU JA 84 2.56 -111.66 44.21
C GLU JA 84 3.48 -112.72 44.83
N TYR JA 85 4.78 -112.54 44.64
CA TYR JA 85 5.77 -113.53 45.04
C TYR JA 85 6.57 -113.04 46.24
N MET JA 86 6.83 -113.96 47.17
CA MET JA 86 7.55 -113.66 48.41
C MET JA 86 8.70 -114.63 48.57
N PRO JA 87 9.83 -114.39 47.90
CA PRO JA 87 10.97 -115.29 48.05
C PRO JA 87 11.46 -115.33 49.49
N PRO JA 88 11.37 -116.48 50.16
CA PRO JA 88 11.88 -116.56 51.52
C PRO JA 88 13.37 -116.81 51.55
N ARG JA 89 14.08 -116.00 52.34
CA ARG JA 89 15.50 -116.16 52.58
C ARG JA 89 15.68 -116.64 54.01
N LEU JA 90 16.07 -117.90 54.18
CA LEU JA 90 16.29 -118.48 55.50
C LEU JA 90 15.00 -118.43 56.32
N GLY JA 91 13.98 -119.13 55.81
CA GLY JA 91 12.65 -119.10 56.40
C GLY JA 91 12.62 -119.50 57.86
N TRP JA 92 11.46 -119.41 58.48
CA TRP JA 92 11.31 -119.67 59.92
C TRP JA 92 9.89 -120.13 60.20
N ARG JA 93 9.54 -120.14 61.49
CA ARG JA 93 8.26 -120.68 61.93
C ARG JA 93 7.10 -120.07 61.15
N VAL JA 94 6.35 -120.92 60.46
CA VAL JA 94 5.15 -120.51 59.74
C VAL JA 94 4.01 -121.42 60.16
N GLN JA 95 2.91 -120.83 60.62
CA GLN JA 95 1.81 -121.58 61.18
C GLN JA 95 0.90 -122.14 60.09
N VAL JA 96 0.17 -123.20 60.45
CA VAL JA 96 -0.80 -123.83 59.57
C VAL JA 96 -2.07 -124.09 60.37
N ALA JA 97 -3.23 -123.86 59.74
CA ALA JA 97 -4.50 -123.84 60.43
C ALA JA 97 -5.37 -125.06 60.13
N ASN JA 98 -5.58 -125.38 58.85
CA ASN JA 98 -6.60 -126.35 58.49
C ASN JA 98 -6.40 -127.68 59.21
N GLU JA 99 -5.16 -128.15 59.28
CA GLU JA 99 -4.85 -129.42 59.92
C GLU JA 99 -4.06 -129.19 61.20
N THR JA 100 -4.33 -130.01 62.22
CA THR JA 100 -3.69 -129.88 63.51
C THR JA 100 -3.51 -131.26 64.12
N THR JA 101 -2.61 -131.35 65.08
CA THR JA 101 -2.31 -132.61 65.74
C THR JA 101 -3.44 -132.99 66.70
N PRO JA 102 -3.50 -134.27 67.11
CA PRO JA 102 -4.58 -134.67 68.02
C PRO JA 102 -4.58 -133.91 69.34
N SER JA 103 -3.42 -133.51 69.84
CA SER JA 103 -3.31 -132.82 71.12
C SER JA 103 -3.58 -131.32 71.01
N GLY JA 104 -4.18 -130.86 69.92
CA GLY JA 104 -4.48 -129.45 69.74
C GLY JA 104 -3.33 -128.61 69.27
N GLN JA 105 -2.14 -129.20 69.05
CA GLN JA 105 -1.01 -128.44 68.57
C GLN JA 105 -1.20 -128.10 67.09
N VAL JA 106 -1.03 -126.83 66.75
CA VAL JA 106 -1.21 -126.38 65.38
C VAL JA 106 0.06 -126.69 64.59
N LYS JA 107 -0.11 -127.29 63.42
CA LYS JA 107 1.03 -127.62 62.58
C LYS JA 107 1.79 -126.36 62.18
N THR JA 108 3.12 -126.44 62.26
CA THR JA 108 3.98 -125.29 61.95
C THR JA 108 5.26 -125.83 61.34
N TYR JA 109 5.47 -125.56 60.06
CA TYR JA 109 6.68 -126.00 59.34
C TYR JA 109 7.75 -124.92 59.48
N GLU JA 110 8.63 -125.10 60.46
CA GLU JA 110 9.79 -124.21 60.61
C GLU JA 110 10.79 -124.53 59.50
N TYR JA 111 10.93 -123.62 58.54
CA TYR JA 111 11.88 -123.80 57.46
C TYR JA 111 13.27 -123.50 57.97
N SER JA 112 14.13 -124.50 57.99
CA SER JA 112 15.50 -124.37 58.50
C SER JA 112 16.47 -123.84 57.45
N GLY JA 113 15.97 -123.22 56.39
CA GLY JA 113 16.80 -122.73 55.31
C GLY JA 113 17.07 -123.73 54.21
N THR JA 114 16.83 -125.02 54.47
CA THR JA 114 16.98 -126.06 53.46
C THR JA 114 15.81 -127.03 53.41
N ALA JA 115 15.03 -127.16 54.48
CA ALA JA 115 13.90 -128.08 54.51
C ALA JA 115 12.86 -127.55 55.50
N TRP JA 116 11.64 -128.06 55.36
CA TRP JA 116 10.54 -127.67 56.24
C TRP JA 116 10.60 -128.52 57.51
N VAL JA 117 11.01 -127.92 58.61
CA VAL JA 117 11.20 -128.62 59.88
C VAL JA 117 10.01 -128.33 60.79
N GLU JA 118 9.60 -129.34 61.56
CA GLU JA 118 8.49 -129.19 62.48
C GLU JA 118 8.88 -128.31 63.66
N LEU JA 119 7.89 -127.62 64.22
CA LEU JA 119 8.11 -126.82 65.41
C LEU JA 119 8.47 -127.73 66.59
N VAL JA 120 9.30 -127.21 67.49
CA VAL JA 120 9.85 -127.99 68.59
C VAL JA 120 9.77 -127.19 69.88
N GLY JA 121 9.83 -127.91 70.99
CA GLY JA 121 9.86 -127.30 72.31
C GLY JA 121 10.66 -128.16 73.26
N GLY JA 122 10.24 -128.19 74.52
CA GLY JA 122 10.91 -128.98 75.54
C GLY JA 122 11.63 -128.14 76.57
N MET JA 123 11.42 -128.45 77.86
CA MET JA 123 12.04 -127.71 78.94
C MET JA 123 12.96 -128.56 79.81
N SER JA 124 12.87 -129.88 79.76
CA SER JA 124 13.62 -130.74 80.66
C SER JA 124 14.38 -131.79 79.86
N ASP JA 125 15.63 -132.03 80.26
CA ASP JA 125 16.45 -133.08 79.68
C ASP JA 125 17.14 -133.83 80.81
N ALA JA 126 17.18 -135.15 80.70
CA ALA JA 126 17.80 -135.97 81.73
C ALA JA 126 19.28 -135.62 81.84
N PRO JA 127 19.80 -135.37 83.03
CA PRO JA 127 21.26 -135.20 83.16
C PRO JA 127 22.00 -136.42 82.63
N SER JA 128 23.12 -136.16 81.96
CA SER JA 128 23.91 -137.23 81.36
C SER JA 128 24.90 -137.77 82.38
N ASP JA 129 24.37 -138.61 83.28
CA ASP JA 129 25.16 -139.21 84.34
C ASP JA 129 24.82 -140.69 84.50
N GLY JA 130 24.29 -141.32 83.45
CA GLY JA 130 23.99 -142.73 83.48
C GLY JA 130 22.81 -143.12 84.34
N LYS JA 131 21.89 -142.19 84.60
CA LYS JA 131 20.74 -142.43 85.45
C LYS JA 131 19.45 -142.15 84.68
N ALA JA 132 18.43 -142.97 84.93
CA ALA JA 132 17.16 -142.88 84.22
C ALA JA 132 16.12 -142.21 85.12
N TYR JA 133 15.47 -141.18 84.58
CA TYR JA 133 14.56 -140.34 85.35
C TYR JA 133 13.14 -140.44 84.79
N ALA JA 134 12.17 -140.26 85.67
CA ALA JA 134 10.76 -140.28 85.31
C ALA JA 134 10.06 -139.09 85.93
N ARG JA 135 9.03 -138.59 85.25
CA ARG JA 135 8.29 -137.44 85.73
C ARG JA 135 7.57 -137.77 87.03
N GLU JA 136 7.59 -136.83 87.97
CA GLU JA 136 6.95 -137.02 89.27
C GLU JA 136 6.57 -135.64 89.82
N SER JA 137 5.26 -135.38 89.90
CA SER JA 137 4.76 -134.13 90.48
C SER JA 137 5.39 -132.92 89.82
N GLY JA 138 5.50 -132.97 88.49
CA GLY JA 138 6.09 -131.87 87.74
C GLY JA 138 7.60 -131.83 87.75
N ALA JA 139 8.25 -132.85 88.31
CA ALA JA 139 9.71 -132.92 88.34
C ALA JA 139 10.15 -134.32 87.95
N TRP JA 140 11.34 -134.40 87.36
CA TRP JA 140 11.91 -135.66 86.93
C TRP JA 140 12.63 -136.32 88.09
N THR JA 141 12.22 -137.54 88.42
CA THR JA 141 12.76 -138.28 89.56
C THR JA 141 13.52 -139.51 89.06
N GLU JA 142 14.62 -139.82 89.71
CA GLU JA 142 15.47 -140.93 89.29
C GLU JA 142 14.78 -142.27 89.55
N LEU JA 143 14.96 -143.20 88.61
CA LEU JA 143 14.43 -144.55 88.72
C LEU JA 143 15.52 -145.52 89.16
N GLY JA 144 15.10 -146.65 89.72
CA GLY JA 144 16.01 -147.67 90.16
C GLY JA 144 16.42 -148.62 89.05
N SER JA 145 17.37 -149.50 89.38
CA SER JA 145 17.83 -150.48 88.40
C SER JA 145 16.76 -151.52 88.10
N ALA JA 146 15.94 -151.88 89.09
CA ALA JA 146 14.93 -152.90 88.88
C ALA JA 146 13.93 -152.51 87.79
N ALA JA 147 13.78 -151.22 87.50
CA ALA JA 147 12.84 -150.80 86.48
C ALA JA 147 13.21 -151.36 85.11
N LYS JA 148 14.50 -151.31 84.77
CA LYS JA 148 14.94 -151.79 83.46
C LYS JA 148 14.76 -153.31 83.34
N SER JA 149 15.03 -154.04 84.40
CA SER JA 149 14.95 -155.49 84.34
C SER JA 149 13.52 -155.96 84.14
N ALA JA 150 13.38 -157.09 83.45
CA ALA JA 150 12.08 -157.68 83.16
C ALA JA 150 11.66 -158.57 84.34
N LEU JA 151 10.59 -159.35 84.13
CA LEU JA 151 10.07 -160.24 85.16
C LEU JA 151 10.18 -161.71 84.82
N ASN JA 152 10.53 -162.07 83.59
CA ASN JA 152 10.64 -163.46 83.19
C ASN JA 152 11.94 -164.10 83.65
N VAL JA 153 12.91 -163.32 84.11
CA VAL JA 153 14.23 -163.84 84.45
C VAL JA 153 14.42 -163.88 85.96
N LEU JA 154 13.56 -163.19 86.69
CA LEU JA 154 13.71 -163.12 88.13
C LEU JA 154 13.60 -164.52 88.74
N PRO JA 155 14.60 -164.95 89.52
CA PRO JA 155 14.60 -166.34 90.05
C PRO JA 155 13.80 -166.52 91.35
N PHE JA 156 12.48 -166.60 91.21
CA PHE JA 156 11.62 -166.84 92.35
C PHE JA 156 11.53 -168.34 92.64
N MET JA 157 10.79 -168.68 93.68
CA MET JA 157 10.80 -170.03 94.25
C MET JA 157 9.45 -170.71 94.10
N ASN JA 158 9.48 -171.98 93.71
CA ASN JA 158 8.27 -172.79 93.69
C ASN JA 158 7.88 -173.19 95.11
N LEU JA 159 6.58 -173.25 95.36
CA LEU JA 159 6.06 -173.73 96.63
C LEU JA 159 5.85 -175.24 96.64
N MET JA 160 6.10 -175.92 95.52
CA MET JA 160 5.97 -177.37 95.42
C MET JA 160 7.22 -178.04 95.96
N PRO JA 161 7.11 -178.97 96.91
CA PRO JA 161 8.31 -179.66 97.39
C PRO JA 161 8.89 -180.66 96.39
N ASP JA 162 8.04 -181.35 95.61
CA ASP JA 162 8.49 -182.35 94.67
C ASP JA 162 8.53 -181.84 93.24
N MET JA 163 8.37 -180.53 93.03
CA MET JA 163 8.44 -179.87 91.74
C MET JA 163 7.37 -180.32 90.76
N GLY JA 164 6.40 -181.12 91.19
CA GLY JA 164 5.45 -181.70 90.26
C GLY JA 164 5.96 -182.92 89.52
N ARG JA 165 7.17 -183.37 89.82
CA ARG JA 165 7.71 -184.58 89.22
C ARG JA 165 7.01 -185.84 89.70
N PHE JA 166 6.15 -185.74 90.71
CA PHE JA 166 5.42 -186.89 91.23
C PHE JA 166 6.38 -188.00 91.64
N ALA JA 167 7.49 -187.61 92.26
CA ALA JA 167 8.51 -188.55 92.74
C ALA JA 167 8.73 -188.47 94.24
N GLY JA 168 8.00 -187.61 94.94
CA GLY JA 168 8.14 -187.48 96.38
C GLY JA 168 9.13 -186.40 96.77
N THR JA 169 8.95 -185.90 98.00
CA THR JA 169 9.85 -184.87 98.52
C THR JA 169 11.25 -185.40 98.78
N ALA JA 170 11.40 -186.71 98.97
CA ALA JA 170 12.72 -187.27 99.22
C ALA JA 170 13.63 -187.09 98.01
N ALA JA 171 13.06 -187.04 96.81
CA ALA JA 171 13.88 -186.86 95.61
C ALA JA 171 14.56 -185.49 95.64
N ASN JA 172 15.82 -185.47 95.22
CA ASN JA 172 16.60 -184.23 95.27
C ASN JA 172 16.15 -183.30 94.16
N PRO JA 173 15.66 -182.09 94.46
CA PRO JA 173 15.34 -181.14 93.39
C PRO JA 173 16.55 -180.68 92.59
N LEU JA 174 17.75 -180.80 93.15
CA LEU JA 174 18.95 -180.22 92.53
C LEU JA 174 19.61 -181.17 91.54
N ALA JA 175 19.10 -182.38 91.36
CA ALA JA 175 19.68 -183.37 90.46
C ALA JA 175 18.89 -183.45 89.17
N THR JA 176 19.62 -183.52 88.05
CA THR JA 176 18.97 -183.66 86.75
C THR JA 176 18.18 -184.97 86.67
N MET JA 177 18.77 -186.05 87.16
CA MET JA 177 18.19 -187.38 87.08
C MET JA 177 17.78 -187.87 88.46
N PHE JA 178 16.68 -188.61 88.51
CA PHE JA 178 16.20 -189.23 89.74
C PHE JA 178 15.84 -190.69 89.46
N THR JA 179 16.09 -191.53 90.47
CA THR JA 179 15.78 -192.96 90.36
C THR JA 179 14.51 -193.34 91.10
N THR JA 180 13.92 -192.42 91.87
CA THR JA 180 12.70 -192.73 92.61
C THR JA 180 11.54 -192.95 91.65
N SER JA 181 10.62 -193.84 92.04
CA SER JA 181 9.47 -194.17 91.22
C SER JA 181 8.40 -193.09 91.34
N TRP JA 182 7.29 -193.31 90.65
CA TRP JA 182 6.18 -192.36 90.69
C TRP JA 182 5.61 -192.29 92.10
N THR JA 183 5.17 -191.08 92.47
CA THR JA 183 4.62 -190.84 93.80
C THR JA 183 3.56 -189.74 93.69
N PRO JA 184 2.39 -189.91 94.26
CA PRO JA 184 1.37 -188.85 94.19
C PRO JA 184 1.82 -187.60 94.91
N SER JA 185 1.35 -186.46 94.40
CA SER JA 185 1.68 -185.16 94.95
C SER JA 185 0.50 -184.63 95.75
N SER JA 186 0.77 -184.17 96.98
CA SER JA 186 -0.30 -183.67 97.84
C SER JA 186 -0.92 -182.40 97.28
N PHE JA 187 -0.17 -181.61 96.51
CA PHE JA 187 -0.70 -180.36 95.98
C PHE JA 187 -1.88 -180.58 95.04
N LEU JA 188 -2.02 -181.78 94.49
CA LEU JA 188 -3.19 -182.14 93.70
C LEU JA 188 -3.98 -183.18 94.47
N ASN JA 189 -5.27 -182.93 94.65
CA ASN JA 189 -6.17 -183.83 95.37
C ASN JA 189 -7.42 -184.05 94.54
N GLY JA 190 -7.75 -185.32 94.30
CA GLY JA 190 -8.92 -185.61 93.49
C GLY JA 190 -10.19 -185.08 94.12
N TRP JA 191 -11.07 -184.54 93.28
CA TRP JA 191 -12.36 -184.02 93.72
C TRP JA 191 -13.47 -184.64 92.89
N ASN JA 192 -14.65 -184.77 93.50
CA ASN JA 192 -15.80 -185.39 92.86
C ASN JA 192 -15.46 -186.80 92.40
N GLY JA 193 -14.65 -187.50 93.19
CA GLY JA 193 -14.26 -188.86 92.86
C GLY JA 193 -13.20 -188.97 91.78
N ALA JA 194 -12.52 -187.87 91.45
CA ALA JA 194 -11.52 -187.92 90.39
C ALA JA 194 -10.37 -188.84 90.77
N THR JA 195 -9.85 -189.55 89.77
CA THR JA 195 -8.74 -190.48 89.95
C THR JA 195 -7.53 -189.96 89.18
N VAL JA 196 -6.37 -189.96 89.84
CA VAL JA 196 -5.12 -189.49 89.25
C VAL JA 196 -4.19 -190.69 89.10
N ALA JA 197 -3.69 -190.90 87.88
CA ALA JA 197 -2.83 -192.02 87.57
C ALA JA 197 -1.64 -191.54 86.74
N ASP JA 198 -0.55 -192.30 86.83
CA ASP JA 198 0.65 -191.97 86.07
C ASP JA 198 0.36 -192.06 84.57
N GLY JA 199 0.88 -191.09 83.82
CA GLY JA 199 0.66 -191.03 82.39
C GLY JA 199 1.90 -191.29 81.57
N GLY JA 200 3.05 -190.91 82.09
CA GLY JA 200 4.29 -191.11 81.37
C GLY JA 200 5.46 -190.51 82.12
N LYS JA 201 6.64 -190.66 81.52
CA LYS JA 201 7.87 -190.15 82.12
C LYS JA 201 8.87 -189.85 81.01
N PHE JA 202 9.63 -188.78 81.19
CA PHE JA 202 10.73 -188.44 80.30
C PHE JA 202 12.04 -188.76 81.00
N ALA JA 203 12.89 -189.54 80.34
CA ALA JA 203 14.12 -190.04 80.92
C ALA JA 203 15.33 -189.41 80.25
N PHE JA 204 16.33 -189.07 81.05
CA PHE JA 204 17.59 -188.57 80.51
C PHE JA 204 18.27 -189.69 79.72
N ASP JA 205 18.96 -189.30 78.65
CA ASP JA 205 19.61 -190.26 77.76
C ASP JA 205 18.60 -191.27 77.20
N ASN JA 206 17.43 -190.77 76.81
CA ASN JA 206 16.37 -191.63 76.31
C ASN JA 206 16.77 -192.26 74.98
N SER JA 207 16.23 -193.46 74.73
CA SER JA 207 16.56 -194.22 73.53
C SER JA 207 15.78 -193.77 72.31
N THR JA 208 14.72 -192.96 72.48
CA THR JA 208 13.95 -192.50 71.33
C THR JA 208 14.80 -191.67 70.39
N ASN JA 209 15.83 -191.01 70.90
CA ASN JA 209 16.69 -190.14 70.10
C ASN JA 209 18.10 -190.72 69.93
N GLY JA 210 18.19 -192.04 69.83
CA GLY JA 210 19.46 -192.70 69.59
C GLY JA 210 20.23 -193.09 70.84
N GLY JA 211 19.60 -193.08 72.01
CA GLY JA 211 20.24 -193.44 73.25
C GLY JA 211 20.01 -194.89 73.63
N ALA JA 212 20.09 -195.15 74.94
CA ALA JA 212 19.85 -196.48 75.48
C ALA JA 212 18.87 -196.48 76.64
N GLY JA 213 18.26 -195.34 76.96
CA GLY JA 213 17.35 -195.27 78.08
C GLY JA 213 15.92 -195.58 77.69
N PRO JA 214 14.97 -195.35 78.61
CA PRO JA 214 13.57 -195.61 78.31
C PRO JA 214 13.07 -194.76 77.14
N ALA JA 215 12.15 -195.33 76.38
CA ALA JA 215 11.55 -194.63 75.26
C ALA JA 215 10.51 -193.63 75.73
N LEU JA 216 10.11 -192.75 74.82
CA LEU JA 216 9.14 -191.70 75.10
C LEU JA 216 7.82 -192.02 74.39
N ASN JA 217 6.72 -191.95 75.12
CA ASN JA 217 5.41 -192.21 74.56
C ASN JA 217 4.86 -190.98 73.85
N ALA JA 218 3.79 -191.19 73.09
CA ALA JA 218 3.27 -190.14 72.20
C ALA JA 218 3.05 -188.82 72.95
N ARG JA 219 2.57 -188.90 74.19
CA ARG JA 219 2.30 -187.68 74.95
C ARG JA 219 3.57 -186.85 75.12
N VAL JA 220 4.70 -187.51 75.33
CA VAL JA 220 5.95 -186.78 75.54
C VAL JA 220 6.38 -186.07 74.26
N GLN JA 221 6.28 -186.74 73.10
CA GLN JA 221 6.59 -186.06 71.84
C GLN JA 221 5.65 -184.88 71.61
N ALA JA 222 4.36 -185.05 71.90
CA ALA JA 222 3.43 -183.95 71.71
C ALA JA 222 3.80 -182.76 72.58
N LEU JA 223 4.12 -183.03 73.85
CA LEU JA 223 4.52 -181.95 74.75
C LEU JA 223 5.78 -181.26 74.24
N LEU JA 224 6.79 -182.04 73.86
CA LEU JA 224 8.05 -181.46 73.42
C LEU JA 224 7.85 -180.62 72.16
N ALA JA 225 7.03 -181.09 71.23
CA ALA JA 225 6.70 -180.28 70.06
C ALA JA 225 6.01 -178.99 70.47
N ALA JA 226 5.09 -179.07 71.44
CA ALA JA 226 4.45 -177.87 71.94
C ALA JA 226 5.47 -176.94 72.60
N MET JA 227 6.40 -177.50 73.38
CA MET JA 227 7.43 -176.69 74.02
C MET JA 227 8.38 -176.06 73.01
N GLY JA 228 8.45 -176.59 71.80
CA GLY JA 228 9.44 -176.15 70.83
C GLY JA 228 10.80 -176.77 71.00
N ARG JA 229 10.97 -177.69 71.96
CA ARG JA 229 12.25 -178.36 72.19
C ARG JA 229 12.38 -179.52 71.20
N THR JA 230 12.63 -179.16 69.94
CA THR JA 230 12.77 -180.14 68.87
C THR JA 230 14.23 -180.44 68.54
N TRP JA 231 15.16 -179.55 68.88
CA TRP JA 231 16.56 -179.80 68.61
C TRP JA 231 17.10 -180.89 69.52
N THR JA 232 18.18 -181.54 69.06
CA THR JA 232 18.76 -182.64 69.81
C THR JA 232 19.25 -182.16 71.19
N SER JA 233 19.87 -180.98 71.24
CA SER JA 233 20.41 -180.49 72.50
C SER JA 233 19.31 -180.29 73.54
N VAL JA 234 18.08 -180.00 73.10
CA VAL JA 234 16.97 -179.75 74.02
C VAL JA 234 15.91 -180.84 73.96
N SER JA 235 15.88 -181.67 72.91
CA SER JA 235 14.94 -182.76 72.80
C SER JA 235 15.53 -184.10 73.22
N ARG JA 236 16.79 -184.35 72.87
CA ARG JA 236 17.47 -185.59 73.23
C ARG JA 236 17.95 -185.58 74.68
N TYR JA 237 18.05 -184.42 75.31
CA TYR JA 237 18.46 -184.29 76.71
C TYR JA 237 17.42 -183.46 77.46
N GLY JA 238 17.38 -183.65 78.77
CA GLY JA 238 16.48 -182.86 79.61
C GLY JA 238 16.39 -183.46 80.99
N VAL JA 239 15.64 -182.75 81.84
CA VAL JA 239 15.44 -183.15 83.23
C VAL JA 239 14.28 -184.13 83.29
N GLU JA 240 14.42 -185.13 84.17
CA GLU JA 240 13.40 -186.15 84.30
C GLU JA 240 12.22 -185.66 85.13
N PHE JA 241 11.05 -186.25 84.86
CA PHE JA 241 9.82 -185.93 85.58
C PHE JA 241 8.74 -186.88 85.09
N PHE JA 242 7.70 -187.03 85.91
CA PHE JA 242 6.57 -187.88 85.58
C PHE JA 242 5.38 -187.04 85.13
N THR JA 243 4.49 -187.68 84.36
CA THR JA 243 3.24 -187.09 83.92
C THR JA 243 2.09 -187.94 84.41
N ALA JA 244 0.98 -187.28 84.75
CA ALA JA 244 -0.19 -187.95 85.29
C ALA JA 244 -1.44 -187.49 84.55
N VAL JA 245 -2.43 -188.38 84.47
CA VAL JA 245 -3.70 -188.10 83.81
C VAL JA 245 -4.80 -188.26 84.85
N LEU JA 246 -5.66 -187.24 84.98
CA LEU JA 246 -6.75 -187.24 85.93
C LEU JA 246 -8.05 -187.52 85.21
N THR JA 247 -8.81 -188.50 85.71
CA THR JA 247 -10.10 -188.87 85.16
C THR JA 247 -11.20 -188.31 86.06
N ALA JA 248 -12.09 -187.50 85.49
CA ALA JA 248 -13.16 -186.91 86.28
C ALA JA 248 -14.08 -188.00 86.81
N GLY JA 249 -14.46 -187.87 88.09
CA GLY JA 249 -15.31 -188.84 88.73
C GLY JA 249 -16.77 -188.63 88.38
N SER JA 250 -17.60 -189.57 88.85
CA SER JA 250 -19.02 -189.55 88.57
C SER JA 250 -19.81 -188.60 89.46
N GLN JA 251 -19.18 -188.05 90.50
CA GLN JA 251 -19.88 -187.13 91.38
C GLN JA 251 -20.20 -185.83 90.65
N THR JA 252 -21.27 -185.17 91.11
CA THR JA 252 -21.79 -183.96 90.46
C THR JA 252 -21.96 -182.85 91.49
N THR JA 253 -20.92 -182.62 92.29
CA THR JA 253 -20.92 -181.58 93.30
C THR JA 253 -20.16 -180.36 92.80
N THR JA 254 -20.56 -179.18 93.28
CA THR JA 254 -19.94 -177.92 92.90
C THR JA 254 -20.06 -177.69 91.40
N GLY JA 255 -21.31 -177.58 90.93
CA GLY JA 255 -21.55 -177.34 89.53
C GLY JA 255 -21.16 -175.93 89.10
N SER JA 256 -20.84 -175.80 87.82
CA SER JA 256 -20.44 -174.54 87.24
C SER JA 256 -20.59 -174.61 85.74
N ALA JA 257 -20.71 -173.44 85.12
CA ALA JA 257 -20.86 -173.31 83.67
C ALA JA 257 -19.77 -172.41 83.12
N GLY JA 258 -19.30 -172.74 81.91
CA GLY JA 258 -18.27 -171.99 81.25
C GLY JA 258 -18.82 -170.91 80.34
N ALA JA 259 -17.93 -170.36 79.51
CA ALA JA 259 -18.33 -169.30 78.59
C ALA JA 259 -19.29 -169.81 77.53
N ASP JA 260 -19.22 -171.10 77.19
CA ASP JA 260 -20.10 -171.69 76.20
C ASP JA 260 -21.43 -172.16 76.77
N GLY JA 261 -21.64 -171.99 78.09
CA GLY JA 261 -22.89 -172.39 78.71
C GLY JA 261 -23.01 -173.86 79.03
N VAL JA 262 -21.92 -174.60 78.99
CA VAL JA 262 -21.93 -176.04 79.28
C VAL JA 262 -21.57 -176.23 80.74
N THR JA 263 -22.44 -176.90 81.48
CA THR JA 263 -22.21 -177.12 82.91
C THR JA 263 -21.14 -178.18 83.12
N ARG JA 264 -20.31 -177.96 84.14
CA ARG JA 264 -19.26 -178.91 84.48
C ARG JA 264 -19.06 -178.88 86.00
N TYR JA 265 -18.24 -179.81 86.48
CA TYR JA 265 -18.01 -179.98 87.91
C TYR JA 265 -16.52 -180.03 88.20
N LEU JA 266 -16.14 -179.57 89.40
CA LEU JA 266 -14.75 -179.56 89.80
C LEU JA 266 -14.21 -180.99 89.89
N CYS JA 267 -12.95 -181.17 89.48
CA CYS JA 267 -12.33 -182.47 89.46
C CYS JA 267 -11.10 -182.58 90.36
N CYS JA 268 -10.43 -181.48 90.69
CA CYS JA 268 -9.22 -181.52 91.50
C CYS JA 268 -9.23 -180.37 92.49
N SER JA 269 -8.52 -180.56 93.60
CA SER JA 269 -8.40 -179.55 94.64
C SER JA 269 -6.99 -179.59 95.21
N ASN JA 270 -6.58 -178.47 95.81
CA ASN JA 270 -5.24 -178.33 96.37
C ASN JA 270 -5.15 -178.77 97.82
N GLY JA 271 -6.24 -179.22 98.43
CA GLY JA 271 -6.23 -179.57 99.83
C GLY JA 271 -6.02 -178.38 100.75
N SER JA 272 -6.56 -177.22 100.40
CA SER JA 272 -6.54 -176.04 101.26
C SER JA 272 -5.11 -175.64 101.61
N LYS JA 273 -4.34 -175.28 100.58
CA LYS JA 273 -2.99 -174.78 100.78
C LYS JA 273 -3.01 -173.33 101.24
N THR JA 274 -2.00 -172.97 102.05
CA THR JA 274 -1.89 -171.62 102.59
C THR JA 274 -1.06 -170.75 101.65
N VAL JA 275 -1.63 -170.46 100.49
CA VAL JA 275 -0.94 -169.70 99.46
C VAL JA 275 -1.46 -168.27 99.33
N PHE JA 276 -2.62 -167.95 99.89
CA PHE JA 276 -3.21 -166.61 99.77
C PHE JA 276 -2.75 -165.74 100.95
N ASN JA 277 -1.46 -165.39 100.93
CA ASN JA 277 -0.86 -164.60 101.99
C ASN JA 277 -0.37 -163.25 101.52
N ALA JA 278 0.45 -163.20 100.47
CA ALA JA 278 1.05 -161.94 100.03
C ALA JA 278 -0.03 -161.05 99.41
N GLY JA 279 -0.63 -160.18 100.20
CA GLY JA 279 -1.70 -159.35 99.71
C GLY JA 279 -2.87 -160.14 99.18
N GLY JA 280 -3.03 -161.39 99.59
CA GLY JA 280 -4.06 -162.25 99.06
C GLY JA 280 -3.82 -162.70 97.63
N TRP JA 281 -2.67 -162.37 97.06
CA TRP JA 281 -2.39 -162.69 95.66
C TRP JA 281 -1.89 -164.11 95.52
N ALA JA 282 -2.25 -164.73 94.39
CA ALA JA 282 -1.83 -166.09 94.09
C ALA JA 282 -1.56 -166.20 92.60
N THR JA 283 -0.74 -167.19 92.23
CA THR JA 283 -0.40 -167.44 90.84
C THR JA 283 -0.25 -168.94 90.64
N VAL JA 284 -0.84 -169.45 89.56
CA VAL JA 284 -0.77 -170.87 89.22
C VAL JA 284 -0.36 -170.99 87.77
N VAL JA 285 0.70 -171.76 87.51
CA VAL JA 285 1.20 -172.01 86.16
C VAL JA 285 1.35 -173.51 85.99
N MET JA 286 0.76 -174.06 84.94
CA MET JA 286 0.78 -175.50 84.71
C MET JA 286 0.45 -175.78 83.26
N TRP JA 287 1.06 -176.84 82.73
CA TRP JA 287 0.85 -177.28 81.36
C TRP JA 287 -0.15 -178.43 81.35
N LEU JA 288 -1.10 -178.37 80.43
CA LEU JA 288 -2.14 -179.41 80.34
C LEU JA 288 -2.53 -179.63 78.89
N ARG JA 289 -3.13 -180.80 78.65
CA ARG JA 289 -3.66 -181.16 77.34
C ARG JA 289 -4.88 -182.03 77.56
N VAL JA 290 -5.92 -181.82 76.75
CA VAL JA 290 -7.17 -182.54 76.88
C VAL JA 290 -7.12 -183.77 75.97
N GLU JA 291 -7.22 -184.95 76.58
CA GLU JA 291 -7.28 -186.18 75.81
C GLU JA 291 -8.71 -186.61 75.48
N SER JA 292 -9.67 -186.20 76.31
CA SER JA 292 -11.07 -186.52 76.06
C SER JA 292 -11.95 -185.53 76.81
N GLY JA 293 -13.21 -185.45 76.40
CA GLY JA 293 -14.15 -184.57 77.05
C GLY JA 293 -13.88 -183.10 76.77
N SER JA 294 -14.43 -182.25 77.63
CA SER JA 294 -14.27 -180.82 77.52
C SER JA 294 -14.15 -180.21 78.91
N ALA JA 295 -13.51 -179.05 78.97
CA ALA JA 295 -13.31 -178.35 80.23
C ALA JA 295 -13.19 -176.86 79.96
N HIS JA 296 -13.36 -176.07 81.02
CA HIS JA 296 -13.24 -174.62 80.93
C HIS JA 296 -12.60 -174.11 82.22
N ILE JA 297 -12.42 -172.79 82.31
CA ILE JA 297 -11.71 -172.16 83.41
C ILE JA 297 -12.70 -171.31 84.20
N SER JA 298 -12.67 -171.46 85.52
CA SER JA 298 -13.52 -170.69 86.42
C SER JA 298 -15.00 -170.96 86.16
N SER JA 299 -15.88 -170.14 86.72
CA SER JA 299 -17.31 -170.22 86.48
C SER JA 299 -17.84 -168.99 85.75
N ALA JA 300 -17.56 -167.81 86.28
CA ALA JA 300 -17.95 -166.55 85.66
C ALA JA 300 -17.07 -165.45 86.22
N PRO JA 301 -16.94 -164.31 85.52
CA PRO JA 301 -16.10 -163.24 86.03
C PRO JA 301 -16.46 -162.84 87.46
N TYR JA 302 -15.54 -163.10 88.39
CA TYR JA 302 -15.75 -162.80 89.81
C TYR JA 302 -14.50 -162.14 90.37
N THR JA 303 -14.70 -161.11 91.18
CA THR JA 303 -13.60 -160.40 91.83
C THR JA 303 -12.60 -159.98 90.74
N THR JA 304 -11.31 -159.98 91.06
CA THR JA 304 -10.27 -159.63 90.10
C THR JA 304 -9.66 -160.92 89.56
N HIS JA 305 -9.49 -160.97 88.24
CA HIS JA 305 -8.95 -162.15 87.58
C HIS JA 305 -8.25 -161.73 86.29
N ARG JA 306 -7.36 -162.58 85.81
CA ARG JA 306 -6.68 -162.36 84.54
C ARG JA 306 -6.03 -163.66 84.11
N LEU JA 307 -6.41 -164.16 82.93
CA LEU JA 307 -5.92 -165.43 82.42
C LEU JA 307 -5.05 -165.18 81.19
N TRP JA 308 -3.87 -165.78 81.18
CA TRP JA 308 -2.97 -165.74 80.03
C TRP JA 308 -2.85 -167.15 79.45
N ILE JA 309 -3.10 -167.28 78.15
CA ILE JA 309 -3.00 -168.56 77.45
C ILE JA 309 -1.84 -168.45 76.47
N ASN JA 310 -0.72 -169.10 76.81
CA ASN JA 310 0.49 -169.03 75.99
C ASN JA 310 0.90 -167.59 75.75
N GLY JA 311 0.78 -166.76 76.80
CA GLY JA 311 1.11 -165.36 76.71
C GLY JA 311 0.01 -164.48 76.15
N ALA JA 312 -1.16 -165.04 75.84
CA ALA JA 312 -2.28 -164.29 75.30
C ALA JA 312 -3.37 -164.18 76.36
N VAL JA 313 -3.85 -162.95 76.58
CA VAL JA 313 -4.87 -162.74 77.60
C VAL JA 313 -6.13 -163.52 77.25
N ALA JA 314 -6.76 -164.09 78.27
CA ALA JA 314 -7.98 -164.89 78.09
C ALA JA 314 -8.99 -164.52 79.16
N ALA JA 315 -10.25 -164.79 78.86
CA ALA JA 315 -11.36 -164.49 79.76
C ALA JA 315 -11.88 -165.76 80.40
N PRO JA 316 -12.59 -165.63 81.53
CA PRO JA 316 -13.12 -166.83 82.20
C PRO JA 316 -14.09 -167.59 81.31
N GLY JA 317 -14.11 -168.91 81.48
CA GLY JA 317 -15.03 -169.77 80.76
C GLY JA 317 -14.58 -170.21 79.39
N VAL JA 318 -13.42 -169.76 78.92
CA VAL JA 318 -12.95 -170.16 77.60
C VAL JA 318 -12.74 -171.66 77.57
N VAL JA 319 -13.35 -172.32 76.58
CA VAL JA 319 -13.21 -173.76 76.43
C VAL JA 319 -11.89 -174.03 75.72
N LEU JA 320 -10.94 -174.60 76.46
CA LEU JA 320 -9.63 -174.87 75.88
C LEU JA 320 -9.77 -175.87 74.73
N PRO JA 321 -9.01 -175.70 73.64
CA PRO JA 321 -9.10 -176.65 72.53
C PRO JA 321 -8.66 -178.04 72.96
N ALA JA 322 -9.28 -179.04 72.35
CA ALA JA 322 -9.04 -180.43 72.73
C ALA JA 322 -7.78 -180.97 72.08
N ASN JA 323 -6.97 -181.67 72.87
CA ASN JA 323 -5.75 -182.34 72.39
C ASN JA 323 -4.68 -181.33 71.96
N GLN JA 324 -4.53 -180.25 72.74
CA GLN JA 324 -3.46 -179.29 72.53
C GLN JA 324 -2.90 -178.86 73.87
N TRP JA 325 -1.61 -178.54 73.87
CA TRP JA 325 -0.92 -178.08 75.07
C TRP JA 325 -1.08 -176.56 75.19
N VAL JA 326 -1.56 -176.12 76.36
CA VAL JA 326 -1.85 -174.70 76.60
C VAL JA 326 -1.17 -174.28 77.89
N HIS JA 327 -0.50 -173.13 77.85
CA HIS JA 327 0.14 -172.55 79.03
C HIS JA 327 -0.83 -171.60 79.71
N LEU JA 328 -1.29 -171.97 80.90
CA LEU JA 328 -2.23 -171.15 81.66
C LEU JA 328 -1.50 -170.47 82.81
N ARG JA 329 -1.90 -169.24 83.10
CA ARG JA 329 -1.36 -168.47 84.23
C ARG JA 329 -2.54 -167.71 84.83
N PHE JA 330 -3.19 -168.31 85.82
CA PHE JA 330 -4.33 -167.71 86.49
C PHE JA 330 -3.86 -167.02 87.76
N SER JA 331 -4.11 -165.72 87.85
CA SER JA 331 -3.70 -164.92 88.99
C SER JA 331 -4.90 -164.13 89.50
N MET JA 332 -5.06 -164.09 90.82
CA MET JA 332 -6.17 -163.38 91.44
C MET JA 332 -5.77 -162.98 92.85
N GLN JA 333 -6.68 -162.31 93.55
CA GLN JA 333 -6.46 -161.85 94.90
C GLN JA 333 -7.56 -162.39 95.81
N SER JA 334 -7.20 -162.71 97.05
CA SER JA 334 -8.16 -163.21 98.02
C SER JA 334 -7.58 -163.03 99.41
N TYR JA 335 -8.24 -162.24 100.24
CA TYR JA 335 -7.79 -161.99 101.61
C TYR JA 335 -8.25 -163.04 102.60
N ASN JA 336 -9.00 -164.05 102.14
CA ASN JA 336 -9.48 -165.08 103.05
C ASN JA 336 -8.33 -165.83 103.71
N GLY JA 337 -7.17 -165.89 103.06
CA GLY JA 337 -6.00 -166.53 103.60
C GLY JA 337 -5.80 -167.96 103.17
N TYR JA 338 -6.80 -168.59 102.56
CA TYR JA 338 -6.69 -169.97 102.12
C TYR JA 338 -7.83 -170.27 101.16
N ASP JA 339 -7.70 -171.38 100.44
CA ASP JA 339 -8.76 -171.87 99.57
C ASP JA 339 -8.39 -173.27 99.09
N ASN JA 340 -9.39 -174.14 99.01
CA ASN JA 340 -9.16 -175.51 98.58
C ASN JA 340 -9.36 -175.70 97.08
N ALA JA 341 -10.26 -174.92 96.47
CA ALA JA 341 -10.55 -175.01 95.04
C ALA JA 341 -9.93 -173.85 94.28
N CYS JA 342 -8.72 -173.44 94.63
CA CYS JA 342 -8.09 -172.29 94.00
C CYS JA 342 -8.09 -172.35 92.48
N PRO JA 343 -7.76 -173.48 91.83
CA PRO JA 343 -7.73 -173.49 90.36
C PRO JA 343 -9.05 -173.10 89.73
N TYR JA 344 -10.19 -173.44 90.36
CA TYR JA 344 -11.51 -173.15 89.80
C TYR JA 344 -11.66 -173.74 88.40
N ILE JA 345 -11.12 -174.94 88.21
CA ILE JA 345 -11.14 -175.63 86.93
C ILE JA 345 -12.18 -176.74 87.01
N TYR JA 346 -13.16 -176.68 86.10
CA TYR JA 346 -14.24 -177.66 86.03
C TYR JA 346 -14.14 -178.43 84.72
N ALA JA 347 -14.21 -179.75 84.79
CA ALA JA 347 -14.12 -180.61 83.63
C ALA JA 347 -15.32 -181.53 83.57
N SER JA 348 -15.73 -181.87 82.35
CA SER JA 348 -16.88 -182.75 82.16
C SER JA 348 -16.57 -184.15 82.67
N ALA JA 349 -17.61 -184.84 83.13
CA ALA JA 349 -17.43 -186.19 83.65
C ALA JA 349 -16.86 -187.10 82.57
N GLY JA 350 -15.87 -187.90 82.95
CA GLY JA 350 -15.22 -188.80 82.04
C GLY JA 350 -14.13 -188.19 81.18
N ALA JA 351 -13.85 -186.91 81.34
CA ALA JA 351 -12.83 -186.25 80.55
C ALA JA 351 -11.44 -186.65 81.01
N GLN JA 352 -10.59 -187.05 80.07
CA GLN JA 352 -9.20 -187.42 80.35
C GLN JA 352 -8.32 -186.19 80.10
N ILE JA 353 -7.75 -185.65 81.17
CA ILE JA 353 -6.93 -184.45 81.11
C ILE JA 353 -5.50 -184.83 81.43
N ALA JA 354 -4.57 -184.44 80.55
CA ALA JA 354 -3.15 -184.71 80.73
C ALA JA 354 -2.45 -183.42 81.18
N PHE JA 355 -1.66 -183.53 82.24
CA PHE JA 355 -0.96 -182.38 82.81
C PHE JA 355 0.46 -182.78 83.20
N ALA JA 356 1.36 -181.80 83.18
CA ALA JA 356 2.75 -182.05 83.53
C ALA JA 356 3.39 -180.74 83.98
N CYS JA 357 4.39 -180.88 84.84
CA CYS JA 357 5.18 -179.76 85.33
C CYS JA 357 4.33 -178.60 85.85
N PRO JA 358 3.49 -178.84 86.85
CA PRO JA 358 2.80 -177.71 87.51
C PRO JA 358 3.76 -176.85 88.30
N ALA JA 359 3.37 -175.59 88.49
CA ALA JA 359 4.14 -174.65 89.29
C ALA JA 359 3.20 -173.67 89.97
N TRP JA 360 3.45 -173.41 91.25
CA TRP JA 360 2.63 -172.49 92.04
C TRP JA 360 3.50 -171.44 92.71
N PHE JA 361 2.93 -170.25 92.87
CA PHE JA 361 3.61 -169.14 93.51
C PHE JA 361 2.66 -168.46 94.49
N GLY JA 362 3.23 -167.79 95.49
CA GLY JA 362 2.43 -167.14 96.51
C GLY JA 362 2.07 -165.71 96.18
N GLY JA 363 2.23 -165.32 94.92
CA GLY JA 363 1.94 -163.95 94.52
C GLY JA 363 2.02 -163.82 93.02
N LEU JA 364 1.86 -162.59 92.56
CA LEU JA 364 1.89 -162.29 91.14
C LEU JA 364 3.32 -162.35 90.63
N VAL JA 365 3.56 -163.22 89.65
CA VAL JA 365 4.85 -163.35 88.99
C VAL JA 365 4.63 -163.61 87.52
N ASP JA 366 5.62 -163.24 86.71
CA ASP JA 366 5.57 -163.39 85.26
C ASP JA 366 6.84 -164.09 84.79
N PRO JA 367 6.94 -165.40 85.01
CA PRO JA 367 8.11 -166.15 84.53
C PRO JA 367 8.04 -166.51 83.05
N GLY JA 368 7.01 -166.08 82.34
CA GLY JA 368 6.87 -166.43 80.94
C GLY JA 368 6.42 -167.87 80.77
N ILE JA 369 6.68 -168.40 79.57
CA ILE JA 369 6.34 -169.78 79.24
C ILE JA 369 7.48 -170.66 79.73
N HIS JA 370 7.30 -171.27 80.90
CA HIS JA 370 8.36 -172.07 81.51
C HIS JA 370 8.53 -173.39 80.76
N VAL JA 371 9.72 -173.97 80.92
CA VAL JA 371 10.03 -175.27 80.34
C VAL JA 371 10.28 -176.33 81.39
N ALA JA 372 10.39 -175.97 82.67
CA ALA JA 372 10.59 -176.93 83.74
C ALA JA 372 10.07 -176.32 85.03
N PRO JA 373 9.70 -177.13 86.01
CA PRO JA 373 9.21 -176.58 87.28
C PRO JA 373 10.31 -175.81 88.01
N ILE JA 374 9.91 -174.76 88.72
CA ILE JA 374 10.87 -173.93 89.42
C ILE JA 374 11.37 -174.66 90.66
N LEU JA 375 12.64 -174.45 90.99
CA LEU JA 375 13.32 -175.19 92.03
C LEU JA 375 12.99 -174.64 93.42
N THR JA 376 13.38 -175.41 94.43
CA THR JA 376 13.29 -175.00 95.83
C THR JA 376 14.40 -175.71 96.60
N ILE JA 377 14.37 -175.59 97.92
CA ILE JA 377 15.37 -176.21 98.78
C ILE JA 377 14.66 -176.98 99.89
N ASN JA 378 15.16 -178.18 100.17
CA ASN JA 378 14.59 -179.04 101.21
C ASN JA 378 15.73 -179.82 101.86
N GLY JA 379 15.36 -180.72 102.76
CA GLY JA 379 16.37 -181.56 103.41
C GLY JA 379 17.11 -182.45 102.44
N ALA JA 380 16.44 -182.91 101.39
CA ALA JA 380 17.02 -183.80 100.41
C ALA JA 380 17.65 -183.06 99.23
N SER JA 381 17.70 -181.73 99.28
CA SER JA 381 18.23 -180.94 98.18
C SER JA 381 19.74 -181.12 98.01
N ALA JA 382 20.43 -181.69 98.99
CA ALA JA 382 21.88 -181.88 98.89
C ALA JA 382 22.21 -183.11 98.07
N GLY KA 2 -6.59 -19.45 54.62
CA GLY KA 2 -8.02 -19.69 54.80
C GLY KA 2 -8.54 -20.83 53.96
N ALA KA 3 -9.47 -20.52 53.05
CA ALA KA 3 -10.05 -21.51 52.16
C ALA KA 3 -10.30 -20.85 50.81
N LYS KA 4 -10.89 -21.62 49.90
CA LYS KA 4 -11.16 -21.09 48.57
C LYS KA 4 -12.14 -19.92 48.67
N PRO KA 5 -11.98 -18.87 47.88
CA PRO KA 5 -12.97 -17.79 47.88
C PRO KA 5 -14.34 -18.31 47.47
N LYS KA 6 -15.38 -17.68 48.03
CA LYS KA 6 -16.75 -18.09 47.70
C LYS KA 6 -16.99 -18.08 46.20
N ALA KA 7 -16.43 -17.10 45.51
CA ALA KA 7 -16.52 -17.05 44.06
C ALA KA 7 -15.25 -16.40 43.51
N GLN KA 8 -14.92 -16.72 42.27
CA GLN KA 8 -13.73 -16.22 41.61
C GLN KA 8 -14.11 -15.50 40.32
N THR KA 9 -13.48 -14.35 40.08
CA THR KA 9 -13.70 -13.57 38.87
C THR KA 9 -12.60 -13.94 37.88
N VAL KA 10 -12.85 -14.98 37.10
CA VAL KA 10 -11.84 -15.43 36.13
C VAL KA 10 -11.83 -14.55 34.89
N GLY KA 11 -12.99 -14.03 34.48
CA GLY KA 11 -13.07 -13.21 33.29
C GLY KA 11 -14.33 -12.38 33.29
N TRP KA 12 -14.42 -11.51 32.28
CA TRP KA 12 -15.55 -10.61 32.12
C TRP KA 12 -16.17 -10.79 30.74
N ARG KA 13 -17.46 -10.51 30.64
CA ARG KA 13 -18.20 -10.57 29.39
C ARG KA 13 -18.51 -9.14 28.96
N TYR KA 14 -18.12 -8.78 27.74
CA TYR KA 14 -18.25 -7.42 27.24
C TYR KA 14 -19.42 -7.34 26.26
N TYR KA 15 -20.28 -6.34 26.48
CA TYR KA 15 -21.45 -6.10 25.65
C TYR KA 15 -21.31 -4.74 24.98
N PHE KA 16 -21.55 -4.69 23.67
CA PHE KA 16 -21.48 -3.45 22.92
C PHE KA 16 -22.63 -3.38 21.94
N ASP KA 17 -23.19 -2.19 21.77
CA ASP KA 17 -24.25 -1.93 20.80
C ASP KA 17 -23.68 -1.04 19.71
N ILE KA 18 -23.58 -1.58 18.50
CA ILE KA 18 -22.94 -0.91 17.37
C ILE KA 18 -23.93 -0.80 16.23
N HIS KA 19 -23.98 0.37 15.61
CA HIS KA 19 -24.78 0.63 14.43
C HIS KA 19 -23.85 0.87 13.24
N PHE KA 20 -24.06 0.12 12.16
CA PHE KA 20 -23.19 0.18 10.99
C PHE KA 20 -24.03 0.03 9.74
N ALA KA 21 -23.47 0.50 8.62
CA ALA KA 21 -24.11 0.44 7.33
C ALA KA 21 -23.24 -0.36 6.37
N LEU KA 22 -23.88 -1.20 5.56
CA LEU KA 22 -23.19 -2.03 4.58
C LEU KA 22 -23.08 -1.37 3.21
N GLY KA 23 -23.54 -0.12 3.06
CA GLY KA 23 -23.48 0.59 1.80
C GLY KA 23 -24.87 1.04 1.36
N LYS KA 24 -25.11 0.97 0.06
CA LYS KA 24 -26.40 1.37 -0.49
C LYS KA 24 -27.39 0.23 -0.31
N LYS KA 25 -28.57 0.34 -0.94
CA LYS KA 25 -29.62 -0.63 -0.74
C LYS KA 25 -29.13 -2.05 -1.05
N VAL KA 26 -29.50 -2.99 -0.18
CA VAL KA 26 -29.16 -4.40 -0.34
C VAL KA 26 -30.44 -5.20 -0.34
N ASP KA 27 -30.40 -6.36 -1.01
CA ASP KA 27 -31.59 -7.19 -1.16
C ASP KA 27 -31.69 -8.25 -0.06
N GLU KA 28 -30.59 -8.95 0.22
CA GLU KA 28 -30.63 -10.09 1.13
C GLU KA 28 -29.27 -10.27 1.77
N VAL KA 29 -29.27 -10.62 3.05
CA VAL KA 29 -28.07 -10.92 3.81
C VAL KA 29 -28.08 -12.40 4.13
N CYS KA 30 -27.00 -13.10 3.75
CA CYS KA 30 -26.98 -14.55 3.82
C CYS KA 30 -26.38 -15.07 5.12
N ALA KA 31 -25.17 -14.65 5.46
CA ALA KA 31 -24.46 -15.23 6.59
C ALA KA 31 -23.46 -14.23 7.14
N ILE KA 32 -22.99 -14.51 8.36
CA ILE KA 32 -21.97 -13.72 9.03
C ILE KA 32 -20.85 -14.65 9.47
N ARG KA 33 -19.62 -14.32 9.09
CA ARG KA 33 -18.45 -15.12 9.41
C ARG KA 33 -17.44 -14.27 10.16
N ALA KA 34 -16.94 -14.80 11.28
CA ALA KA 34 -15.96 -14.11 12.09
C ALA KA 34 -14.89 -15.09 12.53
N SER KA 35 -13.62 -14.72 12.32
CA SER KA 35 -12.48 -15.53 12.75
C SER KA 35 -12.52 -16.93 12.15
N GLY KA 36 -13.04 -17.06 10.93
CA GLY KA 36 -13.09 -18.34 10.26
C GLY KA 36 -14.17 -19.27 10.73
N LYS KA 37 -15.08 -18.81 11.58
CA LYS KA 37 -16.17 -19.63 12.09
C LYS KA 37 -17.51 -19.04 11.64
N THR KA 38 -18.40 -19.92 11.18
CA THR KA 38 -19.72 -19.50 10.71
C THR KA 38 -20.59 -19.20 11.94
N ALA KA 39 -20.74 -17.91 12.25
CA ALA KA 39 -21.53 -17.51 13.40
C ALA KA 39 -23.02 -17.69 13.14
N TRP KA 40 -23.48 -17.29 11.96
CA TRP KA 40 -24.89 -17.36 11.62
C TRP KA 40 -25.04 -17.52 10.11
N LYS KA 41 -25.94 -18.42 9.71
CA LYS KA 41 -26.25 -18.65 8.30
C LYS KA 41 -27.76 -18.67 8.12
N GLY KA 42 -28.24 -18.03 7.06
CA GLY KA 42 -29.67 -17.97 6.81
C GLY KA 42 -29.99 -17.02 5.69
N SER KA 43 -31.14 -16.35 5.82
CA SER KA 43 -31.58 -15.41 4.80
C SER KA 43 -32.72 -14.54 5.32
N ILE KA 44 -32.61 -13.23 5.14
CA ILE KA 44 -33.66 -12.28 5.50
C ILE KA 44 -33.85 -11.31 4.34
N THR KA 45 -35.11 -11.06 3.98
CA THR KA 45 -35.45 -10.19 2.87
C THR KA 45 -36.29 -8.99 3.29
N SER KA 46 -36.60 -8.84 4.57
CA SER KA 46 -37.40 -7.74 5.06
C SER KA 46 -36.86 -7.27 6.40
N ASN KA 47 -37.15 -6.02 6.74
CA ASN KA 47 -36.65 -5.46 7.98
C ASN KA 47 -37.20 -6.25 9.16
N GLY KA 48 -36.32 -6.63 10.08
CA GLY KA 48 -36.75 -7.43 11.21
C GLY KA 48 -35.59 -7.83 12.08
N GLN KA 49 -35.88 -8.66 13.07
CA GLN KA 49 -34.89 -9.13 14.02
C GLN KA 49 -34.42 -10.53 13.65
N VAL KA 50 -33.17 -10.84 14.03
CA VAL KA 50 -32.57 -12.15 13.81
C VAL KA 50 -31.94 -12.61 15.11
N ARG KA 51 -32.20 -13.86 15.49
CA ARG KA 51 -31.66 -14.43 16.73
C ARG KA 51 -30.36 -15.16 16.39
N ILE KA 52 -29.24 -14.50 16.64
CA ILE KA 52 -27.92 -15.11 16.46
C ILE KA 52 -27.53 -15.75 17.79
N ASN KA 53 -27.29 -17.07 17.76
CA ASN KA 53 -27.00 -17.84 18.96
C ASN KA 53 -25.64 -18.50 18.79
N ALA KA 54 -24.60 -17.89 19.34
CA ALA KA 54 -23.27 -18.49 19.34
C ALA KA 54 -22.49 -17.97 20.55
N PRO KA 55 -23.01 -18.14 21.76
CA PRO KA 55 -22.28 -17.63 22.94
C PRO KA 55 -20.95 -18.31 23.19
N GLU KA 56 -20.73 -19.51 22.66
CA GLU KA 56 -19.52 -20.27 22.90
C GLU KA 56 -18.70 -20.45 21.62
N LEU KA 57 -18.81 -19.49 20.69
CA LEU KA 57 -18.11 -19.62 19.41
C LEU KA 57 -16.60 -19.68 19.61
N PHE KA 58 -16.06 -18.82 20.47
CA PHE KA 58 -14.64 -18.76 20.75
C PHE KA 58 -14.26 -19.54 22.01
N GLY KA 59 -14.96 -20.63 22.30
CA GLY KA 59 -14.71 -21.40 23.50
C GLY KA 59 -15.43 -20.93 24.73
N GLY KA 60 -16.25 -19.88 24.62
CA GLY KA 60 -16.98 -19.42 25.78
C GLY KA 60 -16.06 -18.84 26.84
N ASP KA 61 -16.46 -19.02 28.10
CA ASP KA 61 -15.66 -18.50 29.21
C ASP KA 61 -14.27 -19.14 29.23
N LYS KA 62 -14.20 -20.45 28.98
CA LYS KA 62 -12.91 -21.13 28.95
C LYS KA 62 -12.06 -20.73 27.75
N GLY KA 63 -12.64 -20.05 26.76
CA GLY KA 63 -11.90 -19.62 25.59
C GLY KA 63 -11.77 -18.11 25.50
N GLU KA 64 -12.32 -17.52 24.44
CA GLU KA 64 -12.29 -16.08 24.24
C GLU KA 64 -13.68 -15.48 24.13
N GLY KA 65 -14.73 -16.26 24.32
CA GLY KA 65 -16.09 -15.76 24.26
C GLY KA 65 -16.88 -16.29 23.09
N GLY KA 66 -17.77 -15.48 22.55
CA GLY KA 66 -18.59 -15.91 21.44
C GLY KA 66 -19.38 -14.75 20.88
N LEU KA 67 -20.38 -15.10 20.05
CA LEU KA 67 -21.27 -14.12 19.43
C LEU KA 67 -22.70 -14.46 19.83
N ASP KA 68 -23.25 -13.71 20.78
CA ASP KA 68 -24.62 -13.88 21.23
C ASP KA 68 -25.28 -12.51 21.31
N GLY KA 69 -26.47 -12.38 20.73
CA GLY KA 69 -27.16 -11.12 20.77
C GLY KA 69 -28.34 -11.12 19.81
N THR KA 70 -28.85 -9.93 19.52
CA THR KA 70 -29.97 -9.73 18.62
C THR KA 70 -29.56 -8.75 17.53
N LEU KA 71 -29.82 -9.11 16.28
CA LEU KA 71 -29.44 -8.31 15.12
C LEU KA 71 -30.69 -7.82 14.40
N ASP KA 72 -30.75 -6.53 14.15
CA ASP KA 72 -31.84 -5.91 13.42
C ASP KA 72 -31.29 -5.24 12.17
N VAL KA 73 -31.94 -5.48 11.03
CA VAL KA 73 -31.46 -5.01 9.73
C VAL KA 73 -32.49 -4.04 9.16
N LEU KA 74 -32.02 -2.85 8.79
CA LEU KA 74 -32.85 -1.86 8.10
C LEU KA 74 -32.27 -1.66 6.70
N PHE KA 75 -32.96 -2.19 5.70
CA PHE KA 75 -32.46 -2.13 4.33
C PHE KA 75 -32.62 -0.76 3.69
N GLY KA 76 -33.50 0.08 4.22
CA GLY KA 76 -33.67 1.42 3.68
C GLY KA 76 -34.63 1.48 2.51
N GLU KA 77 -35.83 0.93 2.69
CA GLU KA 77 -36.84 0.97 1.64
C GLU KA 77 -37.29 2.42 1.40
N GLU KA 78 -38.15 2.58 0.39
CA GLU KA 78 -38.71 3.91 0.12
C GLU KA 78 -39.59 4.37 1.27
N ASP KA 79 -40.35 3.45 1.87
CA ASP KA 79 -41.27 3.77 2.95
C ASP KA 79 -40.76 3.31 4.31
N GLN KA 80 -39.47 2.99 4.42
CA GLN KA 80 -38.92 2.53 5.68
C GLN KA 80 -39.16 3.55 6.79
N GLY KA 81 -39.64 3.07 7.93
CA GLY KA 81 -39.89 3.91 9.08
C GLY KA 81 -38.72 3.92 10.05
N VAL KA 82 -38.85 4.77 11.07
CA VAL KA 82 -37.82 4.90 12.09
C VAL KA 82 -37.99 3.79 13.12
N LEU KA 83 -36.90 3.11 13.43
CA LEU KA 83 -36.94 2.03 14.41
C LEU KA 83 -36.98 2.63 15.82
N PRO KA 84 -38.02 2.38 16.60
CA PRO KA 84 -38.08 2.99 17.94
C PRO KA 84 -36.89 2.64 18.83
N ARG KA 85 -36.40 1.40 18.76
CA ARG KA 85 -35.32 0.99 19.66
C ARG KA 85 -34.05 1.78 19.39
N LEU KA 86 -33.67 1.92 18.12
CA LEU KA 86 -32.45 2.63 17.78
C LEU KA 86 -32.51 4.08 18.24
N ALA KA 87 -33.63 4.75 17.93
CA ALA KA 87 -33.77 6.15 18.31
C ALA KA 87 -33.78 6.31 19.83
N ALA KA 88 -34.47 5.41 20.54
CA ALA KA 88 -34.51 5.50 21.99
C ALA KA 88 -33.13 5.30 22.59
N MET KA 89 -32.36 4.33 22.08
CA MET KA 89 -31.03 4.08 22.62
C MET KA 89 -30.09 5.24 22.33
N LEU KA 90 -30.01 5.67 21.07
CA LEU KA 90 -29.11 6.75 20.70
C LEU KA 90 -29.64 8.10 21.16
N GLY KA 91 -30.93 8.36 20.96
CA GLY KA 91 -31.51 9.63 21.33
C GLY KA 91 -31.18 10.73 20.33
N GLY KA 92 -31.63 11.93 20.67
CA GLY KA 92 -31.38 13.07 19.81
C GLY KA 92 -32.23 13.03 18.55
N LEU KA 93 -31.81 13.82 17.56
CA LEU KA 93 -32.49 13.89 16.27
C LEU KA 93 -32.06 12.68 15.44
N VAL KA 94 -32.87 11.64 15.45
CA VAL KA 94 -32.57 10.37 14.80
C VAL KA 94 -33.44 10.27 13.53
N PRO KA 95 -32.85 10.34 12.34
CA PRO KA 95 -33.65 10.22 11.12
C PRO KA 95 -34.02 8.76 10.86
N ALA KA 96 -34.68 8.53 9.72
CA ALA KA 96 -35.10 7.20 9.33
C ALA KA 96 -34.00 6.39 8.66
N PHE KA 97 -32.85 7.00 8.36
CA PHE KA 97 -31.77 6.31 7.68
C PHE KA 97 -32.25 5.68 6.37
N ARG KA 98 -33.07 6.44 5.65
CA ARG KA 98 -33.67 5.95 4.42
C ARG KA 98 -32.64 5.92 3.28
N GLY KA 99 -32.79 4.93 2.40
CA GLY KA 99 -31.99 4.85 1.20
C GLY KA 99 -30.70 4.08 1.34
N VAL KA 100 -30.34 3.64 2.54
CA VAL KA 100 -29.09 2.93 2.78
C VAL KA 100 -29.38 1.76 3.71
N THR KA 101 -28.77 0.61 3.43
CA THR KA 101 -28.93 -0.55 4.29
C THR KA 101 -28.13 -0.36 5.57
N THR KA 102 -28.78 -0.56 6.71
CA THR KA 102 -28.14 -0.40 8.01
C THR KA 102 -28.56 -1.55 8.91
N CYS KA 103 -27.69 -1.87 9.88
CA CYS KA 103 -27.93 -2.95 10.82
C CYS KA 103 -27.65 -2.47 12.24
N PHE KA 104 -28.36 -3.07 13.19
CA PHE KA 104 -28.25 -2.70 14.61
C PHE KA 104 -28.04 -3.98 15.41
N TYR KA 105 -26.83 -4.14 15.94
CA TYR KA 105 -26.46 -5.32 16.72
C TYR KA 105 -26.39 -4.94 18.20
N SER KA 106 -26.87 -5.84 19.06
CA SER KA 106 -26.86 -5.61 20.49
C SER KA 106 -26.71 -6.96 21.19
N GLY KA 107 -25.60 -7.15 21.89
CA GLY KA 107 -25.37 -8.38 22.61
C GLY KA 107 -23.89 -8.61 22.85
N LEU KA 108 -23.58 -9.81 23.29
CA LEU KA 108 -22.19 -10.18 23.58
C LEU KA 108 -21.36 -10.15 22.30
N VAL KA 109 -20.14 -9.62 22.42
CA VAL KA 109 -19.20 -9.57 21.30
C VAL KA 109 -17.95 -10.40 21.56
N THR KA 110 -17.46 -10.39 22.80
CA THR KA 110 -16.26 -11.16 23.15
C THR KA 110 -16.20 -11.28 24.66
N SER KA 111 -15.18 -11.98 25.15
CA SER KA 111 -15.00 -12.20 26.58
C SER KA 111 -13.52 -12.43 26.85
N VAL KA 112 -13.17 -12.38 28.14
CA VAL KA 112 -11.80 -12.60 28.60
C VAL KA 112 -10.93 -11.42 28.17
N ASN KA 113 -10.72 -11.26 26.86
CA ASN KA 113 -9.91 -10.16 26.37
C ASN KA 113 -10.80 -9.07 25.78
N PRO KA 114 -10.38 -7.79 25.90
CA PRO KA 114 -11.24 -6.70 25.42
C PRO KA 114 -11.02 -6.36 23.96
N TYR KA 115 -10.37 -7.25 23.20
CA TYR KA 115 -10.04 -6.97 21.81
C TYR KA 115 -11.00 -7.70 20.88
N PRO KA 116 -12.09 -7.05 20.45
CA PRO KA 116 -13.01 -7.72 19.51
C PRO KA 116 -12.36 -8.00 18.18
N LYS KA 117 -12.85 -9.05 17.51
CA LYS KA 117 -12.31 -9.50 16.25
C LYS KA 117 -13.07 -8.92 15.07
N LYS KA 118 -12.36 -8.76 13.95
CA LYS KA 118 -12.97 -8.26 12.73
C LYS KA 118 -13.98 -9.27 12.19
N TRP KA 119 -15.03 -8.76 11.58
CA TRP KA 119 -16.12 -9.58 11.04
C TRP KA 119 -16.09 -9.57 9.52
N GLU KA 120 -16.74 -10.57 8.94
CA GLU KA 120 -16.95 -10.65 7.50
C GLU KA 120 -18.38 -11.07 7.26
N ILE KA 121 -19.11 -10.29 6.46
CA ILE KA 121 -20.53 -10.51 6.22
C ILE KA 121 -20.74 -10.68 4.72
N LEU KA 122 -21.47 -11.73 4.34
CA LEU KA 122 -21.84 -11.96 2.96
C LEU KA 122 -23.23 -11.41 2.70
N ARG KA 123 -23.40 -10.71 1.58
CA ARG KA 123 -24.66 -10.07 1.26
C ARG KA 123 -24.91 -10.16 -0.24
N ARG KA 124 -26.15 -10.51 -0.60
CA ARG KA 124 -26.58 -10.56 -1.99
C ARG KA 124 -27.49 -9.37 -2.28
N GLY KA 125 -27.36 -8.82 -3.48
CA GLY KA 125 -28.13 -7.65 -3.87
C GLY KA 125 -28.45 -7.65 -5.34
N GLY KA 126 -29.30 -6.71 -5.74
CA GLY KA 126 -29.68 -6.56 -7.12
C GLY KA 126 -31.15 -6.25 -7.32
N ASN KA 127 -32.00 -6.76 -6.43
CA ASN KA 127 -33.43 -6.51 -6.54
C ASN KA 127 -33.84 -5.22 -5.86
N ARG KA 128 -33.26 -4.91 -4.69
CA ARG KA 128 -33.59 -3.67 -4.01
C ARG KA 128 -33.08 -2.45 -4.76
N LEU KA 129 -32.24 -2.63 -5.76
CA LEU KA 129 -31.81 -1.54 -6.63
C LEU KA 129 -32.94 -1.24 -7.61
N TRP KA 130 -32.65 -0.45 -8.65
CA TRP KA 130 -33.64 -0.03 -9.64
C TRP KA 130 -34.71 0.88 -9.04
N ASP KA 131 -34.42 1.49 -7.89
CA ASP KA 131 -35.37 2.38 -7.24
C ASP KA 131 -36.68 1.65 -6.97
N GLY KA 132 -37.67 1.79 -7.86
CA GLY KA 132 -38.96 1.16 -7.65
C GLY KA 132 -39.51 0.47 -8.88
N ASN KA 133 -38.83 0.58 -10.01
CA ASN KA 133 -39.28 0.01 -11.28
C ASN KA 133 -38.19 -0.90 -11.84
N PRO KA 134 -38.17 -2.18 -11.45
CA PRO KA 134 -37.23 -3.11 -12.06
C PRO KA 134 -37.49 -3.28 -13.55
N TRP KA 135 -36.42 -3.52 -14.29
CA TRP KA 135 -36.48 -3.65 -15.75
C TRP KA 135 -36.24 -5.11 -16.12
N TYR KA 136 -37.18 -5.70 -16.84
CA TYR KA 136 -37.09 -7.08 -17.30
C TYR KA 136 -36.69 -8.01 -16.15
N PRO KA 137 -37.44 -8.00 -15.05
CA PRO KA 137 -37.03 -8.79 -13.87
C PRO KA 137 -37.01 -10.28 -14.13
N GLU KA 138 -37.69 -10.77 -15.16
CA GLU KA 138 -37.73 -12.21 -15.41
C GLU KA 138 -36.35 -12.80 -15.64
N LYS KA 139 -35.38 -11.99 -16.06
CA LYS KA 139 -34.03 -12.47 -16.34
C LYS KA 139 -32.99 -11.63 -15.59
N GLN KA 140 -33.38 -11.03 -14.47
CA GLN KA 140 -32.45 -10.18 -13.73
C GLN KA 140 -31.31 -10.98 -13.13
N PHE KA 141 -31.60 -12.16 -12.58
CA PHE KA 141 -30.63 -12.95 -11.84
C PHE KA 141 -30.36 -14.26 -12.55
N VAL KA 142 -29.14 -14.77 -12.38
CA VAL KA 142 -28.72 -16.06 -12.93
C VAL KA 142 -28.32 -16.94 -11.77
N TRP KA 143 -28.86 -18.15 -11.73
CA TRP KA 143 -28.61 -19.10 -10.64
C TRP KA 143 -27.48 -20.04 -11.03
N LEU KA 144 -26.53 -20.22 -10.11
CA LEU KA 144 -25.38 -21.09 -10.34
C LEU KA 144 -25.14 -21.96 -9.12
N ALA KA 145 -24.55 -23.13 -9.35
CA ALA KA 145 -24.17 -24.06 -8.30
C ALA KA 145 -25.35 -24.40 -7.40
N ASP KA 146 -26.37 -25.00 -8.02
CA ASP KA 146 -27.55 -25.47 -7.29
C ASP KA 146 -28.19 -24.34 -6.49
N GLY KA 147 -28.19 -23.13 -7.07
CA GLY KA 147 -28.78 -21.99 -6.43
C GLY KA 147 -27.94 -21.34 -5.35
N GLN KA 148 -26.73 -21.84 -5.10
CA GLN KA 148 -25.89 -21.26 -4.07
C GLN KA 148 -25.49 -19.84 -4.40
N ILE KA 149 -25.16 -19.58 -5.66
CA ILE KA 149 -24.68 -18.26 -6.10
C ILE KA 149 -25.77 -17.62 -6.93
N LYS KA 150 -26.25 -16.45 -6.47
CA LYS KA 150 -27.30 -15.70 -7.16
C LYS KA 150 -26.63 -14.59 -7.97
N ALA KA 151 -26.07 -14.99 -9.11
CA ALA KA 151 -25.39 -14.03 -9.98
C ALA KA 151 -26.41 -13.13 -10.67
N MET KA 152 -25.93 -11.96 -11.09
CA MET KA 152 -26.76 -10.97 -11.79
C MET KA 152 -26.31 -10.85 -13.24
N ASN KA 153 -27.28 -10.64 -14.13
CA ASN KA 153 -26.97 -10.50 -15.54
C ASN KA 153 -26.16 -9.23 -15.78
N PRO KA 154 -25.00 -9.31 -16.45
CA PRO KA 154 -24.23 -8.08 -16.68
C PRO KA 154 -25.00 -7.02 -17.46
N ALA KA 155 -25.87 -7.43 -18.38
CA ALA KA 155 -26.68 -6.45 -19.11
C ALA KA 155 -27.51 -5.61 -18.16
N HIS KA 156 -28.06 -6.25 -17.11
CA HIS KA 156 -28.80 -5.50 -16.11
C HIS KA 156 -27.91 -4.52 -15.37
N ILE KA 157 -26.66 -4.91 -15.09
CA ILE KA 157 -25.72 -4.01 -14.44
C ILE KA 157 -25.50 -2.77 -15.30
N LEU KA 158 -25.24 -2.99 -16.59
CA LEU KA 158 -24.99 -1.87 -17.48
C LEU KA 158 -26.22 -0.99 -17.61
N TYR KA 159 -27.41 -1.60 -17.71
CA TYR KA 159 -28.63 -0.81 -17.83
C TYR KA 159 -28.87 0.02 -16.58
N LEU KA 160 -28.64 -0.56 -15.40
CA LEU KA 160 -28.79 0.20 -14.17
C LEU KA 160 -27.79 1.35 -14.11
N VAL KA 161 -26.54 1.11 -14.49
CA VAL KA 161 -25.53 2.16 -14.44
C VAL KA 161 -25.92 3.29 -15.39
N TYR KA 162 -26.39 2.95 -16.59
CA TYR KA 162 -26.75 3.97 -17.57
C TYR KA 162 -28.00 4.73 -17.18
N THR KA 163 -28.99 4.06 -16.58
CA THR KA 163 -30.26 4.69 -16.26
C THR KA 163 -30.52 4.85 -14.76
N GLY KA 164 -29.70 4.25 -13.90
CA GLY KA 164 -29.92 4.36 -12.47
C GLY KA 164 -29.91 5.79 -11.98
N ARG KA 165 -31.00 6.19 -11.31
CA ARG KA 165 -31.07 7.55 -10.78
C ARG KA 165 -29.98 7.79 -9.75
N ASP KA 166 -29.72 6.81 -8.89
CA ASP KA 166 -28.73 6.98 -7.83
C ASP KA 166 -27.31 7.10 -8.38
N PHE KA 167 -26.96 6.34 -9.42
CA PHE KA 167 -25.58 6.37 -9.90
C PHE KA 167 -25.33 7.58 -10.78
N ARG KA 168 -25.94 7.62 -11.97
CA ARG KA 168 -25.89 8.80 -12.81
C ARG KA 168 -27.30 9.31 -13.11
N GLY KA 169 -28.11 8.45 -13.73
CA GLY KA 169 -29.49 8.77 -14.02
C GLY KA 169 -29.67 9.36 -15.40
N LEU KA 170 -30.13 8.55 -16.35
CA LEU KA 170 -30.49 9.00 -17.68
C LEU KA 170 -31.88 8.50 -18.04
N ALA KA 171 -32.56 9.26 -18.90
CA ALA KA 171 -33.92 8.90 -19.29
C ALA KA 171 -33.95 7.51 -19.91
N ARG KA 172 -34.93 6.71 -19.48
CA ARG KA 172 -35.10 5.37 -20.02
C ARG KA 172 -35.49 5.37 -21.48
N THR KA 173 -35.90 6.51 -22.03
CA THR KA 173 -36.29 6.61 -23.42
C THR KA 173 -35.11 6.65 -24.38
N ARG KA 174 -33.89 6.83 -23.88
CA ARG KA 174 -32.70 6.95 -24.72
C ARG KA 174 -32.04 5.60 -25.00
N MET KA 175 -32.60 4.50 -24.51
CA MET KA 175 -32.01 3.18 -24.65
C MET KA 175 -32.84 2.35 -25.63
N ASP KA 176 -32.17 1.73 -26.59
CA ASP KA 176 -32.82 0.85 -27.54
C ASP KA 176 -33.25 -0.42 -26.82
N GLU KA 177 -34.55 -0.54 -26.54
CA GLU KA 177 -35.02 -1.66 -25.72
C GLU KA 177 -34.75 -3.00 -26.39
N ALA KA 178 -34.92 -3.08 -27.70
CA ALA KA 178 -34.81 -4.36 -28.39
C ALA KA 178 -33.42 -4.96 -28.22
N SER KA 179 -32.38 -4.16 -28.47
CA SER KA 179 -31.01 -4.68 -28.41
C SER KA 179 -30.66 -5.13 -27.00
N TRP KA 180 -31.00 -4.32 -26.00
CA TRP KA 180 -30.68 -4.68 -24.62
C TRP KA 180 -31.45 -5.92 -24.18
N ARG KA 181 -32.73 -6.03 -24.56
CA ARG KA 181 -33.49 -7.22 -24.22
C ARG KA 181 -32.89 -8.46 -24.87
N ALA KA 182 -32.49 -8.34 -26.14
CA ALA KA 182 -31.86 -9.48 -26.81
C ALA KA 182 -30.57 -9.88 -26.13
N ALA KA 183 -29.75 -8.89 -25.74
CA ALA KA 183 -28.50 -9.21 -25.06
C ALA KA 183 -28.76 -9.89 -23.72
N ALA KA 184 -29.74 -9.40 -22.97
CA ALA KA 184 -30.07 -10.02 -21.69
C ALA KA 184 -30.56 -11.44 -21.88
N ASP KA 185 -31.41 -11.67 -22.88
CA ASP KA 185 -31.90 -13.01 -23.16
C ASP KA 185 -30.75 -13.95 -23.51
N THR KA 186 -29.84 -13.48 -24.36
CA THR KA 186 -28.70 -14.33 -24.76
C THR KA 186 -27.83 -14.64 -23.56
N LEU KA 187 -27.55 -13.65 -22.72
CA LEU KA 187 -26.70 -13.88 -21.55
C LEU KA 187 -27.37 -14.86 -20.59
N TYR KA 188 -28.67 -14.71 -20.36
CA TYR KA 188 -29.37 -15.63 -19.47
C TYR KA 188 -29.34 -17.05 -20.03
N ALA KA 189 -29.55 -17.19 -21.34
CA ALA KA 189 -29.49 -18.51 -21.96
C ALA KA 189 -28.11 -19.12 -21.81
N GLU KA 190 -27.06 -18.31 -21.98
CA GLU KA 190 -25.70 -18.79 -21.80
C GLU KA 190 -25.33 -18.98 -20.33
N GLY KA 191 -26.16 -18.52 -19.40
CA GLY KA 191 -25.85 -18.65 -17.99
C GLY KA 191 -24.57 -17.93 -17.62
N PHE KA 192 -24.42 -16.70 -18.09
CA PHE KA 192 -23.21 -15.91 -17.92
C PHE KA 192 -23.49 -14.78 -16.94
N GLY KA 193 -23.29 -15.06 -15.65
CA GLY KA 193 -23.49 -14.07 -14.61
C GLY KA 193 -22.19 -13.63 -13.97
N LEU KA 194 -22.22 -12.47 -13.31
CA LEU KA 194 -21.01 -11.93 -12.68
C LEU KA 194 -21.41 -11.20 -11.40
N CYS KA 195 -20.43 -11.05 -10.50
CA CYS KA 195 -20.60 -10.34 -9.25
C CYS KA 195 -19.49 -9.31 -9.10
N PHE KA 196 -19.84 -8.15 -8.56
CA PHE KA 196 -18.89 -7.06 -8.43
C PHE KA 196 -19.18 -6.28 -7.15
N GLU KA 197 -18.19 -5.52 -6.71
CA GLU KA 197 -18.32 -4.61 -5.58
C GLU KA 197 -17.70 -3.27 -5.94
N TRP KA 198 -18.35 -2.20 -5.50
CA TRP KA 198 -17.95 -0.84 -5.86
C TRP KA 198 -17.24 -0.20 -4.67
N THR KA 199 -15.91 -0.12 -4.74
CA THR KA 199 -15.12 0.62 -3.77
C THR KA 199 -14.01 1.42 -4.41
N ARG KA 200 -13.83 1.34 -5.73
CA ARG KA 200 -12.74 2.05 -6.39
C ARG KA 200 -13.03 3.55 -6.51
N SER KA 201 -14.31 3.94 -6.54
CA SER KA 201 -14.68 5.33 -6.69
C SER KA 201 -14.09 5.94 -7.97
N ASP KA 202 -14.12 5.17 -9.05
CA ASP KA 202 -13.54 5.58 -10.32
C ASP KA 202 -14.65 6.03 -11.27
N SER KA 203 -14.23 6.49 -12.45
CA SER KA 203 -15.19 6.97 -13.45
C SER KA 203 -16.03 5.81 -13.98
N PHE KA 204 -17.25 6.15 -14.43
CA PHE KA 204 -18.12 5.13 -15.01
C PHE KA 204 -17.44 4.42 -16.17
N LYS KA 205 -16.57 5.13 -16.90
CA LYS KA 205 -15.96 4.53 -18.08
C LYS KA 205 -15.13 3.30 -17.71
N ASN KA 206 -14.37 3.37 -16.62
CA ASN KA 206 -13.53 2.23 -16.24
C ASN KA 206 -14.38 1.01 -15.92
N PHE KA 207 -15.41 1.18 -15.10
CA PHE KA 207 -16.27 0.06 -14.74
C PHE KA 207 -16.98 -0.51 -15.96
N CYS KA 208 -17.47 0.37 -16.84
CA CYS KA 208 -18.14 -0.10 -18.04
C CYS KA 208 -17.19 -0.87 -18.94
N GLU KA 209 -15.95 -0.41 -19.06
CA GLU KA 209 -14.96 -1.13 -19.86
C GLU KA 209 -14.65 -2.49 -19.26
N THR KA 210 -14.52 -2.57 -17.94
CA THR KA 210 -14.30 -3.86 -17.31
C THR KA 210 -15.45 -4.81 -17.59
N VAL KA 211 -16.70 -4.33 -17.46
CA VAL KA 211 -17.85 -5.17 -17.73
C VAL KA 211 -17.84 -5.63 -19.18
N LYS KA 212 -17.58 -4.71 -20.11
CA LYS KA 212 -17.58 -5.08 -21.53
C LYS KA 212 -16.51 -6.13 -21.82
N SER KA 213 -15.32 -5.96 -21.27
CA SER KA 213 -14.27 -6.95 -21.48
C SER KA 213 -14.67 -8.29 -20.90
N HIS KA 214 -15.34 -8.28 -19.74
CA HIS KA 214 -15.80 -9.54 -19.16
C HIS KA 214 -16.81 -10.24 -20.06
N ILE KA 215 -17.77 -9.50 -20.61
CA ILE KA 215 -18.80 -10.10 -21.44
C ILE KA 215 -18.45 -10.10 -22.92
N GLY KA 216 -17.56 -9.22 -23.36
CA GLY KA 216 -17.23 -9.10 -24.77
C GLY KA 216 -18.35 -8.47 -25.56
N ALA KA 217 -18.67 -7.22 -25.25
CA ALA KA 217 -19.73 -6.49 -25.93
C ALA KA 217 -19.30 -5.04 -26.12
N GLU KA 218 -19.94 -4.39 -27.10
CA GLU KA 218 -19.66 -2.99 -27.42
C GLU KA 218 -20.90 -2.16 -27.17
N VAL KA 219 -20.73 -1.02 -26.49
CA VAL KA 219 -21.81 -0.08 -26.23
C VAL KA 219 -21.46 1.22 -26.94
N TYR KA 220 -22.32 1.64 -27.86
CA TYR KA 220 -22.10 2.82 -28.66
C TYR KA 220 -23.41 3.59 -28.81
N PRO KA 221 -23.35 4.91 -28.98
CA PRO KA 221 -24.57 5.68 -29.26
C PRO KA 221 -24.91 5.60 -30.75
N ASN KA 222 -26.05 5.01 -31.06
CA ASN KA 222 -26.44 4.83 -32.45
C ASN KA 222 -26.49 6.16 -33.16
N ARG KA 223 -25.81 6.24 -34.32
CA ARG KA 223 -25.75 7.49 -35.06
C ARG KA 223 -27.10 7.87 -35.63
N GLN KA 224 -27.88 6.88 -36.08
CA GLN KA 224 -29.15 7.16 -36.76
C GLN KA 224 -30.24 7.54 -35.76
N THR KA 225 -30.59 6.61 -34.87
CA THR KA 225 -31.68 6.84 -33.93
C THR KA 225 -31.24 7.57 -32.68
N GLY KA 226 -29.94 7.60 -32.37
CA GLY KA 226 -29.43 8.36 -31.25
C GLY KA 226 -29.46 7.64 -29.91
N GLN KA 227 -30.03 6.45 -29.85
CA GLN KA 227 -30.12 5.71 -28.59
C GLN KA 227 -28.87 4.87 -28.37
N ILE KA 228 -28.71 4.42 -27.13
CA ILE KA 228 -27.58 3.58 -26.76
C ILE KA 228 -27.88 2.15 -27.18
N SER KA 229 -26.98 1.56 -27.95
CA SER KA 229 -27.14 0.20 -28.46
C SER KA 229 -26.01 -0.68 -27.99
N ILE KA 230 -26.31 -1.95 -27.74
CA ILE KA 230 -25.35 -2.94 -27.28
C ILE KA 230 -25.32 -4.08 -28.28
N ARG KA 231 -24.12 -4.46 -28.71
CA ARG KA 231 -23.92 -5.55 -29.66
C ARG KA 231 -22.97 -6.58 -29.06
N LEU KA 232 -23.36 -7.84 -29.11
CA LEU KA 232 -22.54 -8.93 -28.60
C LEU KA 232 -21.70 -9.52 -29.71
N LEU KA 233 -20.45 -9.85 -29.38
CA LEU KA 233 -19.52 -10.46 -30.34
C LEU KA 233 -19.71 -11.97 -30.28
N ARG KA 234 -20.66 -12.47 -31.06
CA ARG KA 234 -20.97 -13.89 -31.11
C ARG KA 234 -21.17 -14.31 -32.55
N ASP KA 235 -20.94 -15.60 -32.82
CA ASP KA 235 -21.14 -16.18 -34.15
C ASP KA 235 -22.61 -16.56 -34.33
N ASP KA 236 -23.46 -15.53 -34.25
CA ASP KA 236 -24.91 -15.67 -34.36
C ASP KA 236 -25.44 -14.90 -35.57
N TYR KA 237 -24.75 -15.02 -36.70
CA TYR KA 237 -25.09 -14.29 -37.91
C TYR KA 237 -25.23 -15.26 -39.08
N ASN KA 238 -26.04 -14.86 -40.05
CA ASN KA 238 -26.20 -15.58 -41.30
C ASN KA 238 -25.30 -14.96 -42.36
N VAL KA 239 -24.61 -15.81 -43.13
CA VAL KA 239 -23.67 -15.30 -44.11
C VAL KA 239 -24.38 -14.50 -45.19
N ALA KA 240 -25.54 -14.98 -45.64
CA ALA KA 240 -26.23 -14.36 -46.77
C ALA KA 240 -26.69 -12.94 -46.43
N ASP KA 241 -27.34 -12.77 -45.29
CA ASP KA 241 -27.99 -11.50 -45.01
C ASP KA 241 -26.99 -10.37 -44.78
N LEU KA 242 -25.78 -10.70 -44.35
CA LEU KA 242 -24.80 -9.66 -44.08
C LEU KA 242 -24.43 -8.93 -45.37
N PRO KA 243 -24.22 -7.61 -45.30
CA PRO KA 243 -23.86 -6.88 -46.53
C PRO KA 243 -22.49 -7.27 -47.05
N LEU KA 244 -22.34 -7.16 -48.37
CA LEU KA 244 -21.10 -7.45 -49.06
C LEU KA 244 -20.56 -6.18 -49.70
N PHE KA 245 -19.26 -5.99 -49.60
CA PHE KA 245 -18.59 -4.82 -50.17
C PHE KA 245 -17.47 -5.29 -51.09
N ASP KA 246 -17.41 -4.69 -52.28
CA ASP KA 246 -16.46 -5.08 -53.31
C ASP KA 246 -15.94 -3.83 -54.00
N GLU KA 247 -14.88 -3.99 -54.79
CA GLU KA 247 -14.31 -2.85 -55.52
C GLU KA 247 -15.37 -2.19 -56.39
N ASP KA 248 -16.24 -2.99 -57.01
CA ASP KA 248 -17.33 -2.47 -57.81
C ASP KA 248 -18.62 -2.31 -57.03
N SER KA 249 -18.65 -2.71 -55.75
CA SER KA 249 -19.86 -2.68 -54.94
C SER KA 249 -19.78 -1.68 -53.79
N GLY KA 250 -18.73 -0.87 -53.72
CA GLY KA 250 -18.65 0.17 -52.72
C GLY KA 250 -17.33 0.24 -51.97
N LEU KA 251 -16.33 -0.51 -52.42
CA LEU KA 251 -15.00 -0.48 -51.83
C LEU KA 251 -14.08 0.34 -52.70
N LEU KA 252 -13.40 1.33 -52.10
CA LEU KA 252 -12.52 2.21 -52.85
C LEU KA 252 -11.09 1.67 -52.89
N GLU KA 253 -10.48 1.49 -51.72
CA GLU KA 253 -9.10 1.00 -51.66
C GLU KA 253 -8.85 0.41 -50.28
N ILE KA 254 -8.13 -0.70 -50.26
CA ILE KA 254 -7.74 -1.38 -49.02
C ILE KA 254 -6.22 -1.31 -48.93
N THR KA 255 -5.71 -0.69 -47.87
CA THR KA 255 -4.29 -0.44 -47.72
C THR KA 255 -3.63 -1.42 -46.75
N GLN KA 256 -4.12 -1.47 -45.51
CA GLN KA 256 -3.48 -2.26 -44.46
C GLN KA 256 -4.05 -3.67 -44.44
N GLU KA 257 -3.18 -4.63 -44.11
CA GLU KA 257 -3.57 -6.04 -44.01
C GLU KA 257 -3.22 -6.65 -42.66
N LYS KA 258 -2.06 -6.30 -42.10
CA LYS KA 258 -1.63 -6.80 -40.79
C LYS KA 258 -1.85 -8.31 -40.68
N THR KA 259 -1.15 -9.04 -41.53
CA THR KA 259 -1.28 -10.50 -41.52
C THR KA 259 -0.90 -11.09 -40.17
N GLY KA 260 -0.01 -10.43 -39.43
CA GLY KA 260 0.37 -10.90 -38.12
C GLY KA 260 1.37 -12.03 -38.17
N SER KA 261 1.63 -12.59 -37.00
CA SER KA 261 2.55 -13.71 -36.86
C SER KA 261 2.01 -14.68 -35.81
N THR KA 262 2.49 -15.91 -35.87
CA THR KA 262 2.06 -16.97 -34.96
C THR KA 262 3.18 -17.55 -34.11
N SER KA 263 4.44 -17.47 -34.55
CA SER KA 263 5.53 -17.98 -33.74
C SER KA 263 5.59 -17.29 -32.37
N LEU KA 264 5.20 -16.01 -32.30
CA LEU KA 264 5.07 -15.30 -31.05
C LEU KA 264 3.71 -15.68 -30.47
N ALA KA 265 3.26 -14.97 -29.42
CA ALA KA 265 1.98 -15.18 -28.76
C ALA KA 265 2.16 -16.28 -27.71
N PRO KA 266 1.41 -16.26 -26.60
CA PRO KA 266 1.62 -17.24 -25.52
C PRO KA 266 1.46 -18.67 -25.95
N SER KA 267 1.95 -19.56 -25.08
CA SER KA 267 1.61 -20.98 -25.11
C SER KA 267 0.87 -21.44 -23.87
N GLN KA 268 0.82 -20.63 -22.82
CA GLN KA 268 0.09 -20.97 -21.61
C GLN KA 268 -0.56 -19.71 -21.07
N LEU KA 269 -1.81 -19.83 -20.62
CA LEU KA 269 -2.57 -18.70 -20.12
C LEU KA 269 -3.10 -19.06 -18.73
N ILE KA 270 -2.90 -18.14 -17.78
CA ILE KA 270 -3.33 -18.33 -16.41
C ILE KA 270 -4.46 -17.34 -16.13
N VAL KA 271 -5.60 -17.86 -15.70
CA VAL KA 271 -6.77 -17.05 -15.38
C VAL KA 271 -7.00 -17.10 -13.87
N LYS KA 272 -7.10 -15.93 -13.25
CA LYS KA 272 -7.33 -15.82 -11.81
C LYS KA 272 -8.72 -15.26 -11.58
N TYR KA 273 -9.51 -15.96 -10.76
CA TYR KA 273 -10.87 -15.55 -10.44
C TYR KA 273 -11.10 -15.71 -8.95
N ILE KA 274 -12.18 -15.10 -8.46
CA ILE KA 274 -12.56 -15.18 -7.06
C ILE KA 274 -13.86 -15.98 -6.95
N ASP KA 275 -13.89 -16.91 -6.01
CA ASP KA 275 -15.07 -17.73 -5.76
C ASP KA 275 -15.95 -17.01 -4.75
N GLN KA 276 -17.21 -16.75 -5.14
CA GLN KA 276 -18.10 -15.98 -4.28
C GLN KA 276 -18.61 -16.79 -3.09
N ILE KA 277 -18.50 -18.12 -3.13
CA ILE KA 277 -18.95 -18.93 -2.00
C ILE KA 277 -18.13 -18.59 -0.76
N ASP KA 278 -16.82 -18.48 -0.91
CA ASP KA 278 -15.92 -18.19 0.20
C ASP KA 278 -15.12 -16.90 -0.01
N GLY KA 279 -15.10 -16.34 -1.21
CA GLY KA 279 -14.33 -15.14 -1.45
C GLY KA 279 -12.83 -15.36 -1.51
N ALA KA 280 -12.39 -16.58 -1.77
CA ALA KA 280 -10.97 -16.91 -1.80
C ALA KA 280 -10.47 -16.88 -3.25
N GLN KA 281 -9.24 -16.39 -3.41
CA GLN KA 281 -8.65 -16.33 -4.74
C GLN KA 281 -8.47 -17.74 -5.31
N ARG KA 282 -8.89 -17.93 -6.55
CA ARG KA 282 -8.73 -19.19 -7.25
C ARG KA 282 -8.29 -18.90 -8.68
N GLN KA 283 -7.66 -19.88 -9.31
CA GLN KA 283 -7.15 -19.72 -10.66
C GLN KA 283 -7.34 -21.01 -11.43
N ILE KA 284 -7.38 -20.87 -12.76
CA ILE KA 284 -7.45 -21.99 -13.69
C ILE KA 284 -6.39 -21.77 -14.76
N ILE KA 285 -6.04 -22.85 -15.45
CA ILE KA 285 -4.98 -22.83 -16.44
C ILE KA 285 -5.57 -23.25 -17.79
N VAL KA 286 -5.39 -22.39 -18.79
CA VAL KA 286 -5.77 -22.70 -20.17
C VAL KA 286 -4.47 -22.93 -20.94
N ASN KA 287 -4.32 -24.11 -21.51
CA ASN KA 287 -3.07 -24.54 -22.11
C ASN KA 287 -3.16 -24.50 -23.63
N ASN KA 288 -2.00 -24.30 -24.28
CA ASN KA 288 -1.87 -24.28 -25.73
C ASN KA 288 -0.73 -25.22 -26.10
N ASN KA 289 -1.08 -26.49 -26.37
CA ASN KA 289 -0.06 -27.51 -26.56
C ASN KA 289 0.68 -27.33 -27.89
N ALA KA 290 -0.05 -27.04 -28.96
CA ALA KA 290 0.57 -26.94 -30.27
C ALA KA 290 1.57 -25.79 -30.33
N VAL KA 291 1.13 -24.59 -29.95
CA VAL KA 291 2.02 -23.44 -29.96
C VAL KA 291 3.14 -23.65 -28.95
N ALA KA 292 2.86 -24.35 -27.86
CA ALA KA 292 3.92 -24.69 -26.90
C ALA KA 292 4.99 -25.52 -27.58
N ALA KA 293 4.60 -26.51 -28.37
CA ALA KA 293 5.58 -27.28 -29.14
C ALA KA 293 6.34 -26.38 -30.10
N SER KA 294 5.64 -25.43 -30.74
CA SER KA 294 6.33 -24.48 -31.59
C SER KA 294 7.32 -23.64 -30.81
N GLN KA 295 6.95 -23.22 -29.60
CA GLN KA 295 7.80 -22.36 -28.78
C GLN KA 295 8.96 -23.16 -28.21
N GLY KA 296 10.19 -22.75 -28.53
CA GLY KA 296 11.36 -23.34 -27.91
C GLY KA 296 11.58 -22.88 -26.48
N ARG KA 297 11.01 -21.74 -26.11
CA ARG KA 297 11.07 -21.22 -24.74
C ARG KA 297 9.65 -21.03 -24.24
N ARG KA 298 9.37 -21.53 -23.04
CA ARG KA 298 8.04 -21.43 -22.48
C ARG KA 298 7.66 -19.97 -22.22
N SER KA 299 6.37 -19.68 -22.35
CA SER KA 299 5.84 -18.35 -22.12
C SER KA 299 4.50 -18.46 -21.40
N SER KA 300 4.19 -17.45 -20.60
CA SER KA 300 2.94 -17.45 -19.85
C SER KA 300 2.55 -16.02 -19.50
N GLU KA 301 1.25 -15.78 -19.41
CA GLU KA 301 0.71 -14.50 -19.01
C GLU KA 301 -0.40 -14.72 -17.98
N GLU KA 302 -0.62 -13.70 -17.15
CA GLU KA 302 -1.62 -13.75 -16.10
C GLU KA 302 -2.70 -12.71 -16.38
N ILE KA 303 -3.95 -13.15 -16.39
CA ILE KA 303 -5.10 -12.29 -16.61
C ILE KA 303 -6.06 -12.46 -15.44
N GLU KA 304 -6.54 -11.35 -14.88
CA GLU KA 304 -7.41 -11.37 -13.72
C GLU KA 304 -8.85 -11.09 -14.14
N PHE KA 305 -9.75 -12.00 -13.77
CA PHE KA 305 -11.16 -11.90 -14.12
C PHE KA 305 -11.99 -11.95 -12.84
N LEU KA 306 -11.63 -11.14 -11.85
CA LEU KA 306 -12.27 -11.20 -10.54
C LEU KA 306 -13.79 -11.14 -10.62
N GLY KA 307 -14.35 -10.68 -11.73
CA GLY KA 307 -15.80 -10.68 -11.86
C GLY KA 307 -16.41 -12.06 -12.00
N VAL KA 308 -15.62 -13.05 -12.38
CA VAL KA 308 -16.12 -14.40 -12.63
C VAL KA 308 -16.35 -15.11 -11.31
N PRO KA 309 -17.55 -15.62 -11.03
CA PRO KA 309 -17.79 -16.31 -9.76
C PRO KA 309 -17.61 -17.82 -9.79
N THR KA 310 -17.46 -18.43 -10.96
CA THR KA 310 -17.36 -19.88 -11.07
C THR KA 310 -16.21 -20.26 -11.98
N GLY KA 311 -15.60 -21.40 -11.70
CA GLY KA 311 -14.43 -21.83 -12.46
C GLY KA 311 -14.77 -22.15 -13.92
N GLU KA 312 -15.94 -22.74 -14.16
CA GLU KA 312 -16.30 -23.11 -15.53
C GLU KA 312 -16.46 -21.88 -16.40
N LEU KA 313 -17.12 -20.84 -15.89
CA LEU KA 313 -17.28 -19.61 -16.65
C LEU KA 313 -15.92 -18.98 -16.95
N ALA KA 314 -15.03 -18.96 -15.95
CA ALA KA 314 -13.68 -18.46 -16.18
C ALA KA 314 -12.98 -19.26 -17.26
N GLY KA 315 -13.15 -20.59 -17.24
CA GLY KA 315 -12.55 -21.41 -18.27
C GLY KA 315 -13.08 -21.09 -19.66
N ARG KA 316 -14.39 -20.87 -19.77
CA ARG KA 316 -14.98 -20.53 -21.06
C ARG KA 316 -14.39 -19.22 -21.58
N VAL KA 317 -14.34 -18.19 -20.74
CA VAL KA 317 -13.82 -16.91 -21.20
C VAL KA 317 -12.33 -17.02 -21.51
N GLY KA 318 -11.59 -17.81 -20.74
CA GLY KA 318 -10.18 -18.01 -21.04
C GLY KA 318 -9.96 -18.72 -22.37
N GLU KA 319 -10.80 -19.70 -22.67
CA GLU KA 319 -10.73 -20.34 -23.98
C GLU KA 319 -11.00 -19.32 -25.08
N ARG KA 320 -11.98 -18.45 -24.87
CA ARG KA 320 -12.24 -17.41 -25.87
C ARG KA 320 -11.04 -16.51 -26.05
N GLU KA 321 -10.40 -16.10 -24.95
CA GLU KA 321 -9.25 -15.21 -25.04
C GLU KA 321 -8.08 -15.88 -25.75
N MET KA 322 -7.82 -17.16 -25.43
CA MET KA 322 -6.75 -17.88 -26.11
C MET KA 322 -7.07 -18.03 -27.59
N ARG KA 323 -8.32 -18.36 -27.91
CA ARG KA 323 -8.79 -18.41 -29.30
C ARG KA 323 -8.46 -17.12 -30.04
N LEU KA 324 -8.80 -15.99 -29.44
CA LEU KA 324 -8.51 -14.70 -30.08
C LEU KA 324 -7.02 -14.48 -30.23
N LYS KA 325 -6.25 -14.74 -29.17
CA LYS KA 325 -4.86 -14.32 -29.12
C LYS KA 325 -3.91 -15.21 -29.91
N THR KA 326 -4.32 -16.45 -30.23
CA THR KA 326 -3.43 -17.39 -30.91
C THR KA 326 -3.98 -17.90 -32.22
N THR KA 327 -5.03 -17.28 -32.77
CA THR KA 327 -5.56 -17.68 -34.06
C THR KA 327 -5.01 -16.86 -35.22
N GLY KA 328 -4.25 -15.81 -34.94
CA GLY KA 328 -3.63 -15.02 -36.00
C GLY KA 328 -4.61 -14.17 -36.77
N LEU KA 329 -5.19 -13.17 -36.10
CA LEU KA 329 -6.19 -12.32 -36.76
C LEU KA 329 -5.54 -11.48 -37.84
N LYS KA 330 -6.33 -11.17 -38.88
CA LYS KA 330 -5.92 -10.28 -39.95
C LYS KA 330 -6.72 -8.99 -39.82
N ARG KA 331 -6.02 -7.87 -39.67
CA ARG KA 331 -6.64 -6.57 -39.46
C ARG KA 331 -6.53 -5.76 -40.75
N TYR KA 332 -7.67 -5.35 -41.30
CA TYR KA 332 -7.72 -4.61 -42.55
C TYR KA 332 -8.15 -3.17 -42.30
N LYS KA 333 -7.63 -2.26 -43.11
CA LYS KA 333 -7.97 -0.83 -43.08
C LYS KA 333 -8.48 -0.47 -44.47
N GLY KA 334 -9.77 -0.64 -44.71
CA GLY KA 334 -10.34 -0.38 -46.01
C GLY KA 334 -10.89 1.02 -46.15
N VAL KA 335 -11.07 1.43 -47.40
CA VAL KA 335 -11.66 2.72 -47.76
C VAL KA 335 -12.92 2.44 -48.57
N PHE KA 336 -14.03 3.03 -48.13
CA PHE KA 336 -15.34 2.75 -48.73
C PHE KA 336 -16.00 4.05 -49.15
N ASP KA 337 -16.94 3.92 -50.09
CA ASP KA 337 -17.76 5.03 -50.54
C ASP KA 337 -19.04 5.07 -49.70
N ARG KA 338 -20.05 5.82 -50.16
CA ARG KA 338 -21.26 6.02 -49.37
C ARG KA 338 -21.97 4.71 -49.05
N ARG KA 339 -21.69 3.63 -49.80
CA ARG KA 339 -22.40 2.37 -49.58
C ARG KA 339 -22.21 1.84 -48.16
N ALA KA 340 -21.15 2.25 -47.46
CA ALA KA 340 -20.90 1.83 -46.09
C ALA KA 340 -21.37 2.88 -45.08
N ARG KA 341 -22.43 3.60 -45.41
CA ARG KA 341 -22.90 4.69 -44.55
C ARG KA 341 -23.64 4.19 -43.32
N SER KA 342 -24.37 3.09 -43.43
CA SER KA 342 -25.24 2.62 -42.37
C SER KA 342 -24.56 1.70 -41.37
N LEU KA 343 -23.28 1.41 -41.55
CA LEU KA 343 -22.57 0.51 -40.64
C LEU KA 343 -22.36 1.17 -39.30
N ASN KA 344 -22.28 0.34 -38.26
CA ASN KA 344 -22.09 0.77 -36.88
C ASN KA 344 -21.02 -0.08 -36.23
N PRO KA 345 -20.43 0.38 -35.13
CA PRO KA 345 -19.36 -0.38 -34.48
C PRO KA 345 -19.83 -1.78 -34.11
N GLY KA 346 -18.97 -2.76 -34.34
CA GLY KA 346 -19.27 -4.14 -34.02
C GLY KA 346 -20.11 -4.86 -35.04
N GLN KA 347 -20.52 -4.19 -36.12
CA GLN KA 347 -21.37 -4.80 -37.13
C GLN KA 347 -20.50 -5.61 -38.11
N PRO KA 348 -20.71 -6.92 -38.25
CA PRO KA 348 -19.91 -7.68 -39.20
C PRO KA 348 -20.44 -7.55 -40.62
N PHE KA 349 -19.51 -7.62 -41.57
CA PHE KA 349 -19.87 -7.55 -42.98
C PHE KA 349 -18.75 -8.18 -43.80
N LEU KA 350 -19.07 -8.48 -45.06
CA LEU KA 350 -18.16 -9.18 -45.95
C LEU KA 350 -17.45 -8.21 -46.88
N ILE KA 351 -16.21 -8.56 -47.25
CA ILE KA 351 -15.41 -7.78 -48.17
C ILE KA 351 -14.76 -8.73 -49.17
N ARG KA 352 -14.76 -8.34 -50.44
CA ARG KA 352 -14.14 -9.12 -51.50
C ARG KA 352 -13.32 -8.20 -52.39
N SER KA 353 -12.10 -8.63 -52.73
CA SER KA 353 -11.24 -7.87 -53.63
C SER KA 353 -10.39 -8.89 -54.39
N THR KA 354 -10.85 -9.28 -55.58
CA THR KA 354 -10.13 -10.28 -56.35
C THR KA 354 -8.71 -9.87 -56.68
N PRO KA 355 -8.41 -8.63 -57.09
CA PRO KA 355 -7.02 -8.31 -57.44
C PRO KA 355 -6.04 -8.56 -56.30
N ARG KA 356 -6.46 -8.32 -55.06
CA ARG KA 356 -5.61 -8.54 -53.90
C ARG KA 356 -5.53 -10.01 -53.49
N GLY KA 357 -6.33 -10.88 -54.11
CA GLY KA 357 -6.30 -12.28 -53.73
C GLY KA 357 -6.97 -12.57 -52.41
N ILE KA 358 -7.85 -11.69 -51.94
CA ILE KA 358 -8.56 -11.87 -50.68
C ILE KA 358 -9.94 -12.43 -51.00
N PRO KA 359 -10.25 -13.67 -50.64
CA PRO KA 359 -11.60 -14.19 -50.90
C PRO KA 359 -12.62 -13.56 -49.97
N GLU KA 360 -13.90 -13.92 -50.13
CA GLU KA 360 -14.93 -13.40 -49.26
C GLU KA 360 -14.57 -13.68 -47.81
N THR KA 361 -14.42 -12.62 -47.01
CA THR KA 361 -13.99 -12.72 -45.63
C THR KA 361 -14.96 -11.97 -44.73
N VAL KA 362 -15.18 -12.50 -43.54
CA VAL KA 362 -16.07 -11.90 -42.56
C VAL KA 362 -15.23 -11.08 -41.59
N VAL KA 363 -15.53 -9.78 -41.49
CA VAL KA 363 -14.79 -8.87 -40.64
C VAL KA 363 -15.77 -8.08 -39.79
N ARG KA 364 -15.29 -7.58 -38.66
CA ARG KA 364 -16.08 -6.79 -37.73
C ARG KA 364 -15.57 -5.36 -37.71
N VAL KA 365 -16.50 -4.40 -37.75
CA VAL KA 365 -16.13 -3.00 -37.84
C VAL KA 365 -15.42 -2.56 -36.56
N GLY KA 366 -14.44 -1.67 -36.71
CA GLY KA 366 -13.73 -1.10 -35.58
C GLY KA 366 -13.88 0.41 -35.52
N ARG KA 367 -12.76 1.12 -35.63
CA ARG KA 367 -12.81 2.58 -35.66
C ARG KA 367 -13.45 3.06 -36.95
N ILE KA 368 -14.27 4.10 -36.85
CA ILE KA 368 -15.02 4.65 -37.97
C ILE KA 368 -14.67 6.12 -38.12
N GLU KA 369 -14.30 6.52 -39.34
CA GLU KA 369 -14.13 7.92 -39.69
C GLU KA 369 -14.73 8.14 -41.07
N ASP KA 370 -15.71 9.04 -41.16
CA ASP KA 370 -16.40 9.32 -42.40
C ASP KA 370 -16.48 10.83 -42.61
N ASN KA 371 -16.54 11.23 -43.89
CA ASN KA 371 -16.59 12.63 -44.27
C ASN KA 371 -17.70 12.78 -45.32
N PHE KA 372 -18.89 13.17 -44.87
CA PHE KA 372 -20.03 13.28 -45.78
C PHE KA 372 -19.91 14.50 -46.67
N LEU KA 373 -19.42 15.62 -46.13
CA LEU KA 373 -19.32 16.88 -46.86
C LEU KA 373 -17.86 17.29 -46.95
N GLY KA 374 -17.42 17.60 -48.17
CA GLY KA 374 -16.03 17.95 -48.40
C GLY KA 374 -15.29 16.89 -49.18
N ASP KA 375 -14.39 16.17 -48.51
CA ASP KA 375 -13.59 15.16 -49.20
C ASP KA 375 -14.44 14.00 -49.69
N GLY KA 376 -15.52 13.67 -48.98
CA GLY KA 376 -16.33 12.53 -49.36
C GLY KA 376 -15.69 11.20 -49.07
N LYS KA 377 -14.73 11.15 -48.15
CA LYS KA 377 -13.96 9.96 -47.85
C LYS KA 377 -14.54 9.25 -46.65
N ILE KA 378 -14.95 8.00 -46.82
CA ILE KA 378 -15.40 7.15 -45.73
C ILE KA 378 -14.38 6.04 -45.55
N THR KA 379 -13.66 6.06 -44.43
CA THR KA 379 -12.60 5.11 -44.14
C THR KA 379 -12.96 4.33 -42.88
N LEU KA 380 -12.84 3.02 -42.95
CA LEU KA 380 -13.20 2.14 -41.85
C LEU KA 380 -12.02 1.24 -41.50
N THR KA 381 -11.89 0.93 -40.22
CA THR KA 381 -10.91 -0.04 -39.73
C THR KA 381 -11.66 -1.26 -39.23
N VAL KA 382 -11.30 -2.43 -39.76
CA VAL KA 382 -12.02 -3.67 -39.50
C VAL KA 382 -11.03 -4.74 -39.06
N VAL KA 383 -11.55 -5.75 -38.38
CA VAL KA 383 -10.77 -6.89 -37.92
C VAL KA 383 -11.49 -8.17 -38.33
N GLN KA 384 -10.72 -9.24 -38.49
CA GLN KA 384 -11.31 -10.53 -38.84
C GLN KA 384 -12.19 -11.02 -37.70
N ASP KA 385 -13.29 -11.69 -38.07
CA ASP KA 385 -14.26 -12.16 -37.08
C ASP KA 385 -13.74 -13.44 -36.44
N GLN KA 386 -13.30 -13.34 -35.18
CA GLN KA 386 -12.82 -14.49 -34.43
C GLN KA 386 -13.31 -14.45 -32.99
N PHE KA 387 -14.42 -13.76 -32.73
CA PHE KA 387 -14.97 -13.62 -31.39
C PHE KA 387 -16.13 -14.59 -31.20
N ASN KA 388 -16.04 -15.41 -30.16
CA ASN KA 388 -17.10 -16.37 -29.86
C ASN KA 388 -16.88 -16.90 -28.46
N LEU KA 389 -17.95 -16.99 -27.69
CA LEU KA 389 -17.89 -17.46 -26.31
C LEU KA 389 -18.45 -18.87 -26.23
N PRO KA 390 -17.60 -19.91 -26.13
CA PRO KA 390 -18.12 -21.27 -26.08
C PRO KA 390 -18.93 -21.51 -24.81
N ALA KA 391 -19.95 -22.36 -24.93
CA ALA KA 391 -20.80 -22.71 -23.81
C ALA KA 391 -20.29 -23.88 -23.00
N THR KA 392 -19.21 -24.53 -23.44
CA THR KA 392 -18.63 -25.67 -22.73
C THR KA 392 -17.12 -25.54 -22.70
N THR KA 393 -16.53 -25.92 -21.58
CA THR KA 393 -15.09 -25.89 -21.40
C THR KA 393 -14.58 -27.29 -21.05
N GLY KA 394 -13.26 -27.45 -21.10
CA GLY KA 394 -12.64 -28.73 -20.80
C GLY KA 394 -12.13 -28.82 -19.37
N VAL KA 395 -11.44 -27.77 -18.92
CA VAL KA 395 -10.90 -27.77 -17.57
C VAL KA 395 -12.04 -27.69 -16.56
N ALA KA 396 -11.81 -28.26 -15.37
CA ALA KA 396 -12.79 -28.26 -14.30
C ALA KA 396 -12.15 -27.73 -13.02
N PRO KA 397 -12.93 -27.12 -12.13
CA PRO KA 397 -12.35 -26.61 -10.88
C PRO KA 397 -12.35 -27.68 -9.80
N PRO KA 398 -11.21 -27.94 -9.18
CA PRO KA 398 -11.16 -28.97 -8.13
C PRO KA 398 -11.79 -28.46 -6.84
N PRO KA 399 -12.06 -29.35 -5.89
CA PRO KA 399 -12.85 -28.97 -4.71
C PRO KA 399 -12.08 -28.09 -3.73
N PRO KA 400 -10.82 -28.39 -3.44
CA PRO KA 400 -10.23 -27.89 -2.18
C PRO KA 400 -10.32 -26.38 -2.05
N GLY KA 401 -10.90 -25.93 -0.94
CA GLY KA 401 -11.01 -24.51 -0.65
C GLY KA 401 -10.24 -24.16 0.61
N TRP KA 402 -10.96 -23.87 1.70
CA TRP KA 402 -10.33 -23.57 2.98
C TRP KA 402 -10.16 -24.79 3.86
N THR KA 403 -10.92 -25.87 3.61
CA THR KA 403 -10.82 -27.09 4.40
C THR KA 403 -10.97 -26.76 5.89
N PRO KA 404 -12.14 -26.31 6.32
CA PRO KA 404 -12.31 -25.91 7.72
C PRO KA 404 -12.07 -27.09 8.65
N PRO KA 405 -11.46 -26.85 9.81
CA PRO KA 405 -11.34 -27.93 10.80
C PRO KA 405 -12.71 -28.38 11.29
N ASP KA 406 -12.81 -29.67 11.58
CA ASP KA 406 -14.06 -30.27 12.06
C ASP KA 406 -13.94 -30.45 13.57
N ARG KA 407 -14.38 -29.42 14.31
CA ARG KA 407 -14.37 -29.51 15.76
C ARG KA 407 -15.58 -30.27 16.29
N THR KA 408 -16.78 -29.71 16.09
CA THR KA 408 -18.05 -30.40 16.31
C THR KA 408 -17.95 -31.40 17.46
N PRO KA 409 -17.78 -30.94 18.69
CA PRO KA 409 -17.42 -31.83 19.80
C PRO KA 409 -18.23 -33.12 19.84
N ARG KA 410 -17.54 -34.23 20.06
CA ARG KA 410 -18.15 -35.54 20.20
C ARG KA 410 -18.25 -35.93 21.67
N ALA KA 411 -19.12 -36.89 21.95
CA ALA KA 411 -19.25 -37.45 23.28
C ALA KA 411 -18.10 -38.39 23.59
N ILE KA 412 -17.64 -38.36 24.84
CA ILE KA 412 -16.52 -39.20 25.24
C ILE KA 412 -16.93 -40.66 25.17
N THR KA 413 -16.08 -41.48 24.56
CA THR KA 413 -16.35 -42.91 24.40
C THR KA 413 -15.72 -43.74 25.51
N VAL KA 414 -14.52 -43.38 25.95
CA VAL KA 414 -13.78 -44.10 26.98
C VAL KA 414 -13.74 -43.23 28.23
N ARG KA 415 -14.09 -43.83 29.37
CA ARG KA 415 -14.19 -43.11 30.63
C ARG KA 415 -14.27 -44.14 31.76
N ARG KA 416 -14.36 -43.64 32.99
CA ARG KA 416 -14.50 -44.50 34.15
C ARG KA 416 -14.74 -43.64 35.38
N LEU KA 417 -15.38 -44.22 36.38
CA LEU KA 417 -15.58 -43.61 37.68
C LEU KA 417 -14.91 -44.47 38.74
N ILE KA 418 -14.34 -43.81 39.76
CA ILE KA 418 -13.63 -44.49 40.83
C ILE KA 418 -13.90 -43.77 42.15
N GLU KA 419 -13.49 -44.41 43.24
CA GLU KA 419 -13.53 -43.84 44.58
C GLU KA 419 -12.11 -43.53 45.02
N ALA KA 420 -11.90 -42.33 45.53
CA ALA KA 420 -10.57 -41.91 45.93
C ALA KA 420 -10.12 -42.67 47.17
N PRO KA 421 -9.01 -43.39 47.14
CA PRO KA 421 -8.51 -44.06 48.34
C PRO KA 421 -7.84 -43.06 49.28
N TYR KA 422 -7.41 -43.57 50.44
CA TYR KA 422 -6.85 -42.71 51.47
C TYR KA 422 -5.55 -42.04 51.03
N ARG KA 423 -4.87 -42.59 50.02
CA ARG KA 423 -3.59 -42.03 49.61
C ARG KA 423 -3.73 -40.59 49.14
N GLU KA 424 -4.65 -40.35 48.21
CA GLU KA 424 -4.79 -39.01 47.64
C GLU KA 424 -5.35 -38.04 48.67
N LEU KA 425 -6.28 -38.50 49.52
CA LEU KA 425 -6.79 -37.64 50.58
C LEU KA 425 -5.68 -37.23 51.53
N ALA KA 426 -4.82 -38.18 51.90
CA ALA KA 426 -3.68 -37.85 52.76
C ALA KA 426 -2.75 -36.86 52.07
N GLY KA 427 -2.52 -37.04 50.78
CA GLY KA 427 -1.62 -36.17 50.05
C GLY KA 427 -2.19 -34.85 49.59
N VAL KA 428 -3.49 -34.61 49.77
CA VAL KA 428 -4.12 -33.42 49.23
C VAL KA 428 -4.92 -32.67 50.30
N ILE KA 429 -5.18 -33.31 51.43
CA ILE KA 429 -5.97 -32.72 52.51
C ILE KA 429 -5.07 -32.50 53.72
N ASP KA 430 -5.15 -31.31 54.30
CA ASP KA 430 -4.30 -30.98 55.43
C ASP KA 430 -4.64 -31.87 56.63
N PRO KA 431 -3.68 -32.12 57.52
CA PRO KA 431 -3.96 -33.02 58.65
C PRO KA 431 -5.09 -32.55 59.53
N ALA KA 432 -5.24 -31.24 59.75
CA ALA KA 432 -6.26 -30.75 60.68
C ALA KA 432 -7.65 -31.14 60.21
N ASN KA 433 -7.93 -30.97 58.92
CA ASN KA 433 -9.23 -31.37 58.38
C ASN KA 433 -9.32 -32.88 58.19
N LEU KA 434 -8.21 -33.54 57.85
CA LEU KA 434 -8.24 -34.97 57.61
C LEU KA 434 -8.58 -35.74 58.88
N GLN KA 435 -7.99 -35.37 60.01
CA GLN KA 435 -8.21 -36.13 61.24
C GLN KA 435 -9.67 -36.12 61.65
N LEU KA 436 -10.38 -35.02 61.39
CA LEU KA 436 -11.80 -34.93 61.74
C LEU KA 436 -12.69 -35.72 60.78
N LEU KA 437 -12.15 -36.21 59.68
CA LEU KA 437 -12.95 -36.96 58.72
C LEU KA 437 -13.37 -38.30 59.33
N ASP KA 438 -14.66 -38.62 59.23
CA ASP KA 438 -15.16 -39.87 59.76
C ASP KA 438 -14.78 -41.03 58.85
N VAL KA 439 -14.86 -42.24 59.41
CA VAL KA 439 -14.47 -43.44 58.67
C VAL KA 439 -15.37 -43.66 57.46
N SER KA 440 -16.60 -43.17 57.49
CA SER KA 440 -17.57 -43.40 56.42
C SER KA 440 -17.43 -42.41 55.26
N ALA KA 441 -16.49 -41.46 55.34
CA ALA KA 441 -16.33 -40.47 54.29
C ALA KA 441 -15.91 -41.13 52.99
N SER KA 442 -16.39 -40.58 51.87
CA SER KA 442 -16.05 -41.07 50.55
C SER KA 442 -15.97 -39.91 49.58
N TYR KA 443 -15.13 -40.06 48.56
CA TYR KA 443 -14.95 -39.05 47.53
C TYR KA 443 -15.05 -39.70 46.16
N LEU KA 444 -15.48 -38.91 45.18
CA LEU KA 444 -15.72 -39.38 43.83
C LEU KA 444 -14.72 -38.75 42.86
N ALA KA 445 -14.26 -39.55 41.91
CA ALA KA 445 -13.34 -39.08 40.87
C ALA KA 445 -13.69 -39.76 39.56
N ALA KA 446 -13.33 -39.11 38.45
CA ALA KA 446 -13.64 -39.60 37.13
C ALA KA 446 -12.41 -39.49 36.23
N LEU KA 447 -12.33 -40.38 35.25
CA LEU KA 447 -11.25 -40.39 34.28
C LEU KA 447 -11.84 -40.54 32.89
N ALA KA 448 -11.16 -39.94 31.91
CA ALA KA 448 -11.66 -39.93 30.54
C ALA KA 448 -10.51 -39.87 29.56
N GLU KA 449 -10.80 -40.24 28.32
CA GLU KA 449 -9.84 -40.20 27.22
C GLU KA 449 -10.35 -39.25 26.15
N ALA KA 450 -9.44 -38.45 25.59
CA ALA KA 450 -9.82 -37.49 24.58
C ALA KA 450 -10.37 -38.20 23.35
N PRO KA 451 -11.56 -37.83 22.87
CA PRO KA 451 -12.05 -38.46 21.62
C PRO KA 451 -11.34 -37.93 20.39
N THR KA 452 -10.95 -36.66 20.37
CA THR KA 452 -10.27 -36.06 19.24
C THR KA 452 -9.15 -35.17 19.74
N SER KA 453 -8.14 -34.97 18.89
CA SER KA 453 -7.02 -34.11 19.26
C SER KA 453 -7.45 -32.65 19.42
N LEU KA 454 -8.62 -32.28 18.93
CA LEU KA 454 -9.10 -30.91 19.02
C LEU KA 454 -9.88 -30.63 20.30
N SER KA 455 -9.99 -31.61 21.20
CA SER KA 455 -10.66 -31.43 22.48
C SER KA 455 -9.62 -31.08 23.54
N GLN KA 456 -9.87 -29.99 24.26
CA GLN KA 456 -8.93 -29.52 25.28
C GLN KA 456 -9.17 -30.20 26.62
N SER KA 457 -10.38 -30.10 27.14
CA SER KA 457 -10.72 -30.70 28.43
C SER KA 457 -12.21 -31.05 28.43
N TYR KA 458 -12.68 -31.58 29.55
CA TYR KA 458 -14.07 -31.98 29.70
C TYR KA 458 -14.61 -31.48 31.03
N THR KA 459 -15.93 -31.25 31.07
CA THR KA 459 -16.60 -30.77 32.26
C THR KA 459 -17.26 -31.93 32.99
N LEU KA 460 -17.32 -31.83 34.31
CA LEU KA 460 -17.90 -32.86 35.16
C LEU KA 460 -19.26 -32.39 35.65
N THR KA 461 -20.28 -33.22 35.43
CA THR KA 461 -21.64 -32.95 35.88
C THR KA 461 -22.16 -34.19 36.59
N ASP KA 462 -22.76 -33.98 37.78
CA ASP KA 462 -23.22 -35.09 38.59
C ASP KA 462 -24.41 -34.64 39.42
N ARG KA 463 -25.16 -35.63 39.92
CA ARG KA 463 -26.30 -35.38 40.79
C ARG KA 463 -26.48 -36.58 41.71
N VAL KA 464 -27.17 -36.34 42.82
CA VAL KA 464 -27.42 -37.39 43.80
C VAL KA 464 -28.64 -38.18 43.38
N GLY KA 465 -28.51 -39.51 43.34
CA GLY KA 465 -29.64 -40.34 42.97
C GLY KA 465 -29.97 -40.21 41.49
N SER KA 466 -31.18 -40.66 41.16
CA SER KA 466 -31.67 -40.65 39.79
C SER KA 466 -32.53 -39.44 39.48
N SER KA 467 -32.67 -38.51 40.42
CA SER KA 467 -33.48 -37.32 40.23
C SER KA 467 -32.73 -36.09 40.71
N GLY KA 468 -33.08 -34.95 40.15
CA GLY KA 468 -32.44 -33.69 40.45
C GLY KA 468 -31.76 -33.09 39.24
N ALA KA 469 -31.22 -31.89 39.45
CA ALA KA 469 -30.54 -31.14 38.41
C ALA KA 469 -29.03 -31.24 38.59
N PHE KA 470 -28.32 -31.49 37.49
CA PHE KA 470 -26.87 -31.61 37.56
C PHE KA 470 -26.25 -30.29 38.00
N VAL KA 471 -25.24 -30.38 38.85
CA VAL KA 471 -24.51 -29.22 39.35
C VAL KA 471 -23.08 -29.34 38.87
N ASP KA 472 -22.59 -28.31 38.18
CA ASP KA 472 -21.23 -28.33 37.66
C ASP KA 472 -20.24 -28.44 38.81
N ARG KA 473 -19.27 -29.34 38.66
CA ARG KA 473 -18.27 -29.60 39.69
C ARG KA 473 -16.86 -29.18 39.30
N GLY KA 474 -16.60 -28.96 38.02
CA GLY KA 474 -15.31 -28.54 37.55
C GLY KA 474 -14.95 -29.24 36.26
N THR KA 475 -13.67 -29.12 35.90
CA THR KA 475 -13.14 -29.70 34.68
C THR KA 475 -11.83 -30.42 34.98
N GLY KA 476 -11.52 -31.42 34.16
CA GLY KA 476 -10.30 -32.18 34.32
C GLY KA 476 -9.67 -32.49 32.97
N ASP KA 477 -8.38 -32.82 33.01
CA ASP KA 477 -7.63 -33.13 31.82
C ASP KA 477 -7.77 -34.62 31.47
N TRP KA 478 -7.23 -34.99 30.32
CA TRP KA 478 -7.34 -36.36 29.83
C TRP KA 478 -6.34 -37.26 30.54
N CYS KA 479 -6.79 -38.46 30.88
CA CYS KA 479 -5.96 -39.42 31.61
C CYS KA 479 -5.25 -40.35 30.64
N PRO KA 480 -3.92 -40.40 30.62
CA PRO KA 480 -3.24 -41.36 29.74
C PRO KA 480 -3.66 -42.78 30.06
N THR KA 481 -3.81 -43.59 29.02
CA THR KA 481 -4.28 -44.96 29.19
C THR KA 481 -3.77 -45.82 28.05
N GLY KA 482 -3.86 -47.13 28.25
CA GLY KA 482 -3.43 -48.09 27.24
C GLY KA 482 -4.13 -49.42 27.45
N LEU KA 483 -3.89 -50.33 26.50
CA LEU KA 483 -4.48 -51.65 26.52
C LEU KA 483 -3.39 -52.71 26.67
N LEU KA 484 -3.66 -53.70 27.51
CA LEU KA 484 -2.69 -54.77 27.76
C LEU KA 484 -2.71 -55.74 26.59
N ALA KA 485 -1.55 -55.96 25.97
CA ALA KA 485 -1.45 -56.89 24.85
C ALA KA 485 -1.49 -58.34 25.32
N ALA KA 486 -1.00 -58.63 26.52
CA ALA KA 486 -0.95 -59.98 27.05
C ALA KA 486 -1.47 -59.99 28.48
N GLU KA 487 -1.93 -61.16 28.91
CA GLU KA 487 -2.49 -61.29 30.25
C GLU KA 487 -1.44 -60.99 31.30
N LEU KA 488 -1.91 -60.46 32.44
CA LEU KA 488 -1.03 -60.14 33.56
C LEU KA 488 -1.20 -61.21 34.62
N PRO KA 489 -0.23 -62.11 34.81
CA PRO KA 489 -0.40 -63.19 35.79
C PRO KA 489 -0.36 -62.67 37.23
N LEU KA 490 -0.91 -63.49 38.12
CA LEU KA 490 -0.93 -63.17 39.55
C LEU KA 490 0.47 -63.41 40.11
N ALA KA 491 1.23 -62.34 40.26
CA ALA KA 491 2.58 -62.44 40.79
C ALA KA 491 2.99 -61.10 41.38
N ALA KA 492 3.54 -61.13 42.60
CA ALA KA 492 3.98 -59.92 43.25
C ALA KA 492 5.29 -59.43 42.63
N GLY KA 493 5.65 -58.18 42.93
CA GLY KA 493 6.87 -57.60 42.44
C GLY KA 493 6.71 -57.04 41.04
N PRO KA 494 7.80 -56.48 40.49
CA PRO KA 494 7.72 -55.86 39.17
C PRO KA 494 7.37 -56.88 38.09
N ASN KA 495 6.63 -56.43 37.09
CA ASN KA 495 6.25 -57.26 35.96
C ASN KA 495 6.29 -56.42 34.69
N VAL KA 496 6.84 -57.01 33.63
CA VAL KA 496 6.97 -56.34 32.35
C VAL KA 496 5.73 -56.62 31.51
N VAL KA 497 5.08 -55.57 31.05
CA VAL KA 497 3.86 -55.68 30.24
C VAL KA 497 3.95 -54.70 29.09
N THR KA 498 3.55 -55.15 27.90
CA THR KA 498 3.52 -54.31 26.71
C THR KA 498 2.11 -53.74 26.53
N LEU KA 499 2.04 -52.47 26.15
CA LEU KA 499 0.79 -51.76 26.00
C LEU KA 499 0.54 -51.47 24.52
N THR KA 500 -0.73 -51.59 24.12
CA THR KA 500 -1.15 -51.31 22.75
C THR KA 500 -2.17 -50.19 22.76
N ASN KA 501 -2.18 -49.39 21.69
CA ASN KA 501 -3.07 -48.25 21.56
C ASN KA 501 -2.86 -47.23 22.68
N ALA KA 502 -1.62 -47.12 23.16
CA ALA KA 502 -1.32 -46.20 24.24
C ALA KA 502 -1.55 -44.75 23.80
N THR KA 503 -2.06 -43.93 24.72
CA THR KA 503 -2.31 -42.52 24.47
C THR KA 503 -1.60 -41.69 25.52
N ARG KA 504 -0.93 -40.62 25.08
CA ARG KA 504 -0.20 -39.73 25.97
C ARG KA 504 0.84 -40.50 26.79
N LEU KA 505 1.45 -41.51 26.18
CA LEU KA 505 2.48 -42.28 26.86
C LEU KA 505 3.68 -41.42 27.22
N GLU KA 506 3.94 -40.38 26.42
CA GLU KA 506 5.11 -39.54 26.67
C GLU KA 506 5.01 -38.84 28.03
N ASP KA 507 3.83 -38.34 28.37
CA ASP KA 507 3.65 -37.57 29.58
C ASP KA 507 3.72 -38.43 30.85
N VAL KA 508 3.68 -39.75 30.73
CA VAL KA 508 3.74 -40.60 31.91
C VAL KA 508 5.09 -40.42 32.59
N THR KA 509 5.08 -40.52 33.92
CA THR KA 509 6.28 -40.34 34.73
C THR KA 509 6.39 -41.50 35.72
N VAL KA 510 7.64 -41.85 36.05
CA VAL KA 510 7.87 -42.94 36.99
C VAL KA 510 7.41 -42.52 38.38
N GLY KA 511 6.97 -43.51 39.17
CA GLY KA 511 6.48 -43.27 40.50
C GLY KA 511 5.01 -42.93 40.59
N GLN KA 512 4.32 -42.80 39.45
CA GLN KA 512 2.90 -42.48 39.48
C GLN KA 512 2.09 -43.70 39.92
N ALA KA 513 0.84 -43.44 40.27
CA ALA KA 513 -0.10 -44.48 40.68
C ALA KA 513 -1.04 -44.79 39.52
N ALA KA 514 -1.08 -46.06 39.11
CA ALA KA 514 -1.92 -46.51 38.02
C ALA KA 514 -2.91 -47.55 38.53
N VAL KA 515 -4.15 -47.46 38.06
CA VAL KA 515 -5.23 -48.34 38.49
C VAL KA 515 -5.79 -49.06 37.28
N VAL KA 516 -5.92 -50.38 37.38
CA VAL KA 516 -6.52 -51.21 36.34
C VAL KA 516 -7.53 -52.12 37.01
N ASP KA 517 -8.72 -52.23 36.42
CA ASP KA 517 -9.79 -53.04 36.99
C ASP KA 517 -10.08 -52.60 38.42
N ASP KA 518 -9.49 -53.30 39.41
CA ASP KA 518 -9.62 -52.90 40.80
C ASP KA 518 -8.28 -53.01 41.53
N GLU KA 519 -7.17 -52.91 40.82
CA GLU KA 519 -5.84 -53.01 41.40
C GLU KA 519 -5.07 -51.73 41.13
N ILE KA 520 -4.37 -51.24 42.15
CA ILE KA 520 -3.54 -50.05 42.05
C ILE KA 520 -2.08 -50.48 41.99
N VAL KA 521 -1.37 -50.03 40.96
CA VAL KA 521 0.00 -50.44 40.72
C VAL KA 521 0.87 -49.20 40.54
N ARG KA 522 2.18 -49.40 40.71
CA ARG KA 522 3.17 -48.35 40.58
C ARG KA 522 4.08 -48.65 39.39
N VAL KA 523 4.37 -47.61 38.61
CA VAL KA 523 5.22 -47.74 37.43
C VAL KA 523 6.68 -47.60 37.85
N ASP KA 524 7.52 -48.53 37.42
CA ASP KA 524 8.94 -48.53 37.72
C ASP KA 524 9.80 -48.05 36.56
N ALA KA 525 9.46 -48.46 35.33
CA ALA KA 525 10.22 -48.07 34.16
C ALA KA 525 9.26 -47.85 33.00
N VAL KA 526 9.69 -47.06 32.03
CA VAL KA 526 8.87 -46.72 30.87
C VAL KA 526 9.72 -46.79 29.62
N ASN KA 527 9.13 -47.30 28.53
CA ASN KA 527 9.76 -47.35 27.22
C ASN KA 527 8.84 -46.64 26.23
N TYR KA 528 9.21 -45.40 25.87
CA TYR KA 528 8.35 -44.60 25.01
C TYR KA 528 8.15 -45.28 23.65
N ALA KA 529 9.25 -45.71 23.02
CA ALA KA 529 9.15 -46.23 21.66
C ALA KA 529 8.30 -47.49 21.61
N SER KA 530 8.60 -48.47 22.46
CA SER KA 530 7.93 -49.75 22.43
C SER KA 530 6.71 -49.82 23.34
N GLY KA 531 6.47 -48.79 24.15
CA GLY KA 531 5.30 -48.80 25.03
C GLY KA 531 5.31 -49.93 26.03
N THR KA 532 6.48 -50.30 26.53
CA THR KA 532 6.62 -51.34 27.55
C THR KA 532 6.96 -50.69 28.87
N VAL KA 533 6.20 -51.05 29.92
CA VAL KA 533 6.36 -50.46 31.24
C VAL KA 533 6.41 -51.58 32.27
N THR KA 534 7.02 -51.27 33.41
CA THR KA 534 7.12 -52.19 34.54
C THR KA 534 6.18 -51.72 35.64
N LEU KA 535 5.32 -52.63 36.11
CA LEU KA 535 4.30 -52.32 37.11
C LEU KA 535 4.57 -53.11 38.39
N ALA KA 536 4.41 -52.44 39.52
CA ALA KA 536 4.49 -53.09 40.82
C ALA KA 536 3.09 -53.56 41.22
N ARG KA 537 2.97 -54.86 41.47
CA ARG KA 537 1.66 -55.46 41.74
C ARG KA 537 1.36 -55.41 43.23
N GLY KA 538 0.08 -55.22 43.56
CA GLY KA 538 -0.36 -55.21 44.93
C GLY KA 538 0.18 -54.03 45.72
N CYS KA 539 -0.28 -52.83 45.38
CA CYS KA 539 0.14 -51.60 46.04
C CYS KA 539 -1.08 -50.86 46.58
N ALA KA 540 -0.82 -50.03 47.60
CA ALA KA 540 -1.86 -49.23 48.25
C ALA KA 540 -2.82 -50.19 48.94
N ASP KA 541 -4.12 -50.14 48.65
CA ASP KA 541 -5.12 -50.99 49.30
C ASP KA 541 -5.68 -52.03 48.34
N THR KA 542 -4.82 -52.61 47.51
CA THR KA 542 -5.24 -53.57 46.50
C THR KA 542 -4.37 -54.82 46.57
N VAL KA 543 -4.86 -55.87 45.92
CA VAL KA 543 -4.15 -57.15 45.86
C VAL KA 543 -4.11 -57.62 44.41
N PRO KA 544 -3.10 -58.40 44.00
CA PRO KA 544 -3.03 -58.82 42.60
C PRO KA 544 -4.23 -59.67 42.20
N ALA KA 545 -4.62 -59.54 40.94
CA ALA KA 545 -5.73 -60.31 40.39
C ALA KA 545 -5.49 -60.53 38.90
N LYS KA 546 -6.12 -61.57 38.37
CA LYS KA 546 -5.97 -61.88 36.95
C LYS KA 546 -6.60 -60.78 36.11
N HIS KA 547 -5.87 -60.34 35.07
CA HIS KA 547 -6.35 -59.33 34.13
C HIS KA 547 -6.18 -59.87 32.74
N LEU KA 548 -7.29 -60.20 32.08
CA LEU KA 548 -7.24 -60.74 30.73
C LEU KA 548 -6.77 -59.67 29.75
N ALA KA 549 -6.31 -60.13 28.59
CA ALA KA 549 -5.87 -59.21 27.55
C ALA KA 549 -7.01 -58.27 27.17
N GLY KA 550 -6.66 -57.00 26.98
CA GLY KA 550 -7.63 -55.97 26.66
C GLY KA 550 -8.06 -55.12 27.83
N ALA KA 551 -7.58 -55.41 29.04
CA ALA KA 551 -7.91 -54.59 30.19
C ALA KA 551 -7.34 -53.18 30.01
N ARG KA 552 -8.05 -52.19 30.54
CA ARG KA 552 -7.68 -50.79 30.39
C ARG KA 552 -6.90 -50.34 31.61
N VAL KA 553 -5.76 -49.72 31.38
CA VAL KA 553 -4.88 -49.22 32.44
C VAL KA 553 -4.98 -47.69 32.45
N TRP KA 554 -5.28 -47.14 33.62
CA TRP KA 554 -5.42 -45.70 33.80
C TRP KA 554 -4.31 -45.18 34.72
N PHE KA 555 -3.59 -44.18 34.24
CA PHE KA 555 -2.59 -43.50 35.07
C PHE KA 555 -3.22 -42.25 35.68
N TYR KA 556 -4.14 -42.50 36.61
CA TYR KA 556 -4.97 -41.43 37.16
C TYR KA 556 -4.16 -40.40 37.94
N ASP KA 557 -2.95 -40.73 38.36
CA ASP KA 557 -2.16 -39.80 39.15
C ASP KA 557 -1.93 -38.50 38.41
N THR KA 558 -2.49 -37.40 38.91
CA THR KA 558 -2.38 -36.05 38.36
C THR KA 558 -3.23 -35.85 37.11
N PHE KA 559 -4.16 -36.76 36.82
CA PHE KA 559 -4.98 -36.65 35.61
C PHE KA 559 -6.43 -37.01 35.89
N GLU KA 560 -6.94 -36.68 37.08
CA GLU KA 560 -8.28 -37.06 37.48
C GLU KA 560 -9.09 -35.82 37.86
N ALA KA 561 -10.39 -35.89 37.59
CA ALA KA 561 -11.33 -34.84 37.97
C ALA KA 561 -12.03 -35.25 39.27
N VAL KA 562 -11.96 -34.39 40.27
CA VAL KA 562 -12.41 -34.70 41.62
C VAL KA 562 -13.53 -33.73 42.00
N ASP KA 563 -14.59 -34.27 42.58
CA ASP KA 563 -15.68 -33.48 43.12
C ASP KA 563 -15.43 -33.25 44.61
N GLU KA 564 -15.27 -31.98 45.00
CA GLU KA 564 -14.86 -31.68 46.37
C GLU KA 564 -15.93 -32.01 47.39
N THR KA 565 -17.19 -32.15 46.97
CA THR KA 565 -18.26 -32.43 47.92
C THR KA 565 -18.08 -33.81 48.53
N VAL KA 566 -18.41 -33.92 49.81
CA VAL KA 566 -18.28 -35.18 50.56
C VAL KA 566 -19.62 -35.89 50.52
N TYR KA 567 -19.58 -37.18 50.19
CA TYR KA 567 -20.77 -38.01 50.10
C TYR KA 567 -20.63 -39.23 51.00
N SER KA 568 -21.71 -39.59 51.69
CA SER KA 568 -21.69 -40.75 52.56
C SER KA 568 -21.78 -42.04 51.76
N GLN KA 569 -21.36 -43.12 52.39
CA GLN KA 569 -21.36 -44.43 51.74
C GLN KA 569 -22.79 -44.89 51.48
N GLY KA 570 -22.95 -45.67 50.40
CA GLY KA 570 -24.22 -46.24 50.04
C GLY KA 570 -25.07 -45.40 49.11
N VAL KA 571 -24.63 -44.21 48.76
CA VAL KA 571 -25.40 -43.32 47.89
C VAL KA 571 -25.01 -43.60 46.45
N THR KA 572 -26.02 -43.69 45.58
CA THR KA 572 -25.81 -43.92 44.16
C THR KA 572 -25.86 -42.59 43.42
N LEU KA 573 -24.89 -42.37 42.54
CA LEU KA 573 -24.76 -41.12 41.81
C LEU KA 573 -24.95 -41.36 40.31
N GLN KA 574 -25.35 -40.31 39.62
CA GLN KA 574 -25.41 -40.30 38.16
C GLN KA 574 -24.64 -39.08 37.67
N ALA KA 575 -23.59 -39.33 36.89
CA ALA KA 575 -22.71 -38.27 36.42
C ALA KA 575 -22.46 -38.42 34.93
N ARG KA 576 -22.17 -37.30 34.28
CA ARG KA 576 -21.87 -37.27 32.86
C ARG KA 576 -20.64 -36.40 32.62
N LEU KA 577 -19.91 -36.71 31.57
CA LEU KA 577 -18.72 -35.96 31.18
C LEU KA 577 -18.99 -35.25 29.86
N LEU KA 578 -18.80 -33.94 29.84
CA LEU KA 578 -19.07 -33.10 28.68
C LEU KA 578 -17.74 -32.59 28.13
N THR KA 579 -17.49 -32.85 26.84
CA THR KA 579 -16.27 -32.41 26.21
C THR KA 579 -16.29 -30.90 25.99
N ASN KA 580 -15.11 -30.30 26.03
CA ASN KA 580 -14.95 -28.86 25.83
C ASN KA 580 -13.95 -28.62 24.71
N THR KA 581 -14.31 -27.74 23.78
CA THR KA 581 -13.44 -27.37 22.66
C THR KA 581 -13.54 -25.87 22.44
N SER KA 582 -12.63 -25.35 21.61
CA SER KA 582 -12.65 -23.92 21.30
C SER KA 582 -13.95 -23.52 20.63
N GLU KA 583 -14.67 -24.45 20.01
CA GLU KA 583 -15.95 -24.15 19.39
C GLU KA 583 -17.09 -24.09 20.39
N GLY KA 584 -16.91 -24.59 21.60
CA GLY KA 584 -17.91 -24.54 22.62
C GLY KA 584 -17.90 -25.79 23.47
N GLN KA 585 -19.03 -26.08 24.10
CA GLN KA 585 -19.19 -27.22 24.98
C GLN KA 585 -20.21 -28.19 24.40
N LEU KA 586 -20.02 -29.48 24.69
CA LEU KA 586 -20.92 -30.50 24.20
C LEU KA 586 -22.30 -30.37 24.85
N ALA KA 587 -23.33 -30.61 24.05
CA ALA KA 587 -24.70 -30.50 24.53
C ALA KA 587 -25.03 -31.68 25.44
N PRO KA 588 -25.52 -31.45 26.65
CA PRO KA 588 -25.69 -32.59 27.59
C PRO KA 588 -26.52 -33.73 27.03
N ALA KA 589 -27.42 -33.46 26.09
CA ALA KA 589 -28.28 -34.52 25.57
C ALA KA 589 -27.47 -35.65 24.94
N LEU KA 590 -26.29 -35.35 24.41
CA LEU KA 590 -25.47 -36.35 23.75
C LEU KA 590 -24.45 -37.02 24.67
N ALA KA 591 -24.44 -36.66 25.96
CA ALA KA 591 -23.44 -37.19 26.88
C ALA KA 591 -23.91 -38.50 27.48
N ALA KA 592 -22.98 -39.46 27.57
CA ALA KA 592 -23.29 -40.76 28.15
C ALA KA 592 -23.47 -40.65 29.66
N THR KA 593 -24.28 -41.56 30.20
CA THR KA 593 -24.60 -41.58 31.62
C THR KA 593 -24.01 -42.84 32.26
N ASP KA 594 -23.72 -42.75 33.56
CA ASP KA 594 -23.19 -43.87 34.31
C ASP KA 594 -23.58 -43.72 35.77
N SER KA 595 -23.52 -44.82 36.50
CA SER KA 595 -23.85 -44.86 37.91
C SER KA 595 -22.78 -45.60 38.69
N LEU KA 596 -22.57 -45.18 39.93
CA LEU KA 596 -21.60 -45.79 40.82
C LEU KA 596 -22.18 -45.85 42.22
N THR KA 597 -21.78 -46.89 42.97
CA THR KA 597 -22.21 -47.09 44.35
C THR KA 597 -21.02 -46.91 45.26
N LEU KA 598 -21.09 -45.92 46.15
CA LEU KA 598 -19.99 -45.68 47.08
C LEU KA 598 -19.90 -46.80 48.11
N THR KA 599 -18.67 -47.06 48.55
CA THR KA 599 -18.44 -48.15 49.50
C THR KA 599 -17.48 -47.77 50.62
N GLY KA 600 -17.19 -46.49 50.83
CA GLY KA 600 -16.28 -46.09 51.89
C GLY KA 600 -14.90 -46.70 51.72
N ARG KA 601 -14.34 -46.58 50.51
CA ARG KA 601 -13.05 -47.21 50.22
C ARG KA 601 -11.97 -46.71 51.16
N GLN KA 602 -11.94 -45.40 51.42
CA GLN KA 602 -10.92 -44.86 52.32
C GLN KA 602 -11.11 -45.38 53.74
N GLY KA 603 -12.36 -45.61 54.16
CA GLY KA 603 -12.60 -46.04 55.53
C GLY KA 603 -12.03 -47.42 55.82
N LYS KA 604 -12.19 -48.35 54.90
CA LYS KA 604 -11.80 -49.72 55.16
C LYS KA 604 -10.29 -49.84 55.35
N PRO KA 605 -9.82 -50.69 56.26
CA PRO KA 605 -8.38 -50.84 56.45
C PRO KA 605 -7.73 -51.58 55.29
N TYR KA 606 -6.43 -51.33 55.12
CA TYR KA 606 -5.68 -51.98 54.05
C TYR KA 606 -5.57 -53.48 54.34
N PRO KA 607 -5.52 -54.31 53.31
CA PRO KA 607 -5.33 -55.74 53.52
C PRO KA 607 -3.87 -56.06 53.81
N PRO KA 608 -3.57 -57.30 54.21
CA PRO KA 608 -2.18 -57.67 54.44
C PRO KA 608 -1.36 -57.61 53.17
N GLY KA 609 -0.05 -57.41 53.34
CA GLY KA 609 0.84 -57.22 52.21
C GLY KA 609 1.52 -58.49 51.76
N GLN KA 610 2.80 -58.65 52.11
CA GLN KA 610 3.57 -59.80 51.68
C GLN KA 610 2.87 -61.10 52.09
N PHE KA 611 2.38 -61.85 51.11
CA PHE KA 611 1.63 -63.08 51.35
C PHE KA 611 2.46 -64.24 50.81
N ARG KA 612 3.31 -64.79 51.67
CA ARG KA 612 4.23 -65.86 51.31
C ARG KA 612 3.85 -67.12 52.08
N ILE KA 613 3.74 -68.24 51.36
CA ILE KA 613 3.37 -69.52 51.95
C ILE KA 613 4.58 -70.44 51.86
N ASN KA 614 5.10 -70.85 53.01
CA ASN KA 614 6.25 -71.75 53.07
C ASN KA 614 7.42 -71.19 52.26
N GLY KA 615 7.59 -69.87 52.29
CA GLY KA 615 8.65 -69.23 51.55
C GLY KA 615 8.39 -69.02 50.09
N SER KA 616 7.18 -69.34 49.60
CA SER KA 616 6.82 -69.18 48.20
C SER KA 616 5.58 -68.30 48.09
N ALA KA 617 5.52 -67.53 47.01
CA ALA KA 617 4.40 -66.64 46.73
C ALA KA 617 3.41 -67.36 45.81
N TYR KA 618 2.18 -67.50 46.27
CA TYR KA 618 1.12 -68.18 45.53
C TYR KA 618 1.59 -69.55 45.02
N PRO KA 619 2.05 -70.43 45.91
CA PRO KA 619 2.49 -71.76 45.47
C PRO KA 619 1.35 -72.75 45.38
N THR KA 620 1.44 -73.61 44.36
CA THR KA 620 0.52 -74.74 44.21
C THR KA 620 1.09 -76.04 44.78
N LYS KA 621 2.28 -75.98 45.37
CA LYS KA 621 2.93 -77.17 45.92
C LYS KA 621 3.48 -76.82 47.30
N VAL KA 622 2.99 -77.52 48.32
CA VAL KA 622 3.50 -77.38 49.68
C VAL KA 622 3.77 -78.78 50.23
N TYR KA 623 4.94 -78.97 50.83
CA TYR KA 623 5.36 -80.27 51.32
C TYR KA 623 5.03 -80.36 52.81
N GLY KA 624 3.79 -80.74 53.11
CA GLY KA 624 3.40 -81.04 54.47
C GLY KA 624 2.99 -79.84 55.30
N ALA KA 625 3.84 -79.44 56.25
CA ALA KA 625 3.50 -78.39 57.18
C ALA KA 625 3.14 -77.11 56.44
N LEU KA 626 2.08 -76.46 56.89
CA LEU KA 626 1.56 -75.25 56.25
C LEU KA 626 2.03 -74.04 57.06
N SER KA 627 2.76 -73.14 56.40
CA SER KA 627 3.19 -71.89 57.00
C SER KA 627 2.77 -70.74 56.09
N VAL KA 628 2.02 -69.79 56.65
CA VAL KA 628 1.53 -68.63 55.93
C VAL KA 628 2.03 -67.39 56.64
N SER KA 629 2.64 -66.48 55.88
CA SER KA 629 3.17 -65.23 56.42
C SER KA 629 2.46 -64.06 55.77
N TRP KA 630 2.10 -63.07 56.58
CA TRP KA 630 1.42 -61.87 56.10
C TRP KA 630 2.07 -60.64 56.73
N ALA KA 631 1.89 -59.51 56.06
CA ALA KA 631 2.44 -58.24 56.50
C ALA KA 631 1.34 -57.36 57.06
N LYS KA 632 1.70 -56.50 58.00
CA LYS KA 632 0.77 -55.58 58.65
C LYS KA 632 0.92 -54.20 58.02
N ARG KA 633 -0.20 -53.65 57.54
CA ARG KA 633 -0.22 -52.36 56.87
C ARG KA 633 -1.08 -51.39 57.67
N ASP KA 634 -0.53 -50.20 57.93
CA ASP KA 634 -1.26 -49.12 58.57
C ASP KA 634 -1.42 -47.99 57.56
N ARG KA 635 -2.68 -47.62 57.27
CA ARG KA 635 -2.93 -46.59 56.26
C ARG KA 635 -2.38 -45.24 56.72
N ILE KA 636 -2.51 -44.92 58.01
CA ILE KA 636 -2.11 -43.61 58.49
C ILE KA 636 -0.61 -43.43 58.33
N GLY KA 637 0.17 -44.44 58.70
CA GLY KA 637 1.62 -44.32 58.61
C GLY KA 637 2.12 -44.17 57.19
N GLN KA 638 1.55 -44.95 56.26
CA GLN KA 638 2.00 -44.89 54.88
C GLN KA 638 1.72 -43.52 54.27
N ALA KA 639 0.56 -42.95 54.56
CA ALA KA 639 0.16 -41.63 54.05
C ALA KA 639 0.13 -41.71 52.52
N ASP KA 640 0.91 -40.92 51.80
CA ASP KA 640 0.86 -40.89 50.35
C ASP KA 640 1.88 -41.81 49.69
N GLN KA 641 2.65 -42.56 50.47
CA GLN KA 641 3.69 -43.43 49.90
C GLN KA 641 3.07 -44.72 49.40
N LEU KA 642 3.51 -45.14 48.21
CA LEU KA 642 3.07 -46.40 47.62
C LEU KA 642 4.03 -47.50 48.04
N ILE KA 643 3.52 -48.49 48.76
CA ILE KA 643 4.30 -49.63 49.22
C ILE KA 643 3.67 -50.90 48.67
N ASP KA 644 4.49 -51.71 48.00
CA ASP KA 644 4.01 -52.95 47.38
C ASP KA 644 4.04 -54.08 48.39
N THR KA 645 3.71 -55.29 47.92
CA THR KA 645 3.64 -56.44 48.81
C THR KA 645 5.04 -56.94 49.20
N THR KA 646 6.03 -56.75 48.31
CA THR KA 646 7.36 -57.27 48.59
C THR KA 646 8.00 -56.62 49.81
N VAL KA 647 7.55 -55.42 50.19
CA VAL KA 647 8.14 -54.74 51.34
C VAL KA 647 7.70 -55.45 52.62
N GLY KA 648 8.51 -55.30 53.67
CA GLY KA 648 8.26 -55.96 54.93
C GLY KA 648 7.24 -55.23 55.79
N ASN KA 649 7.17 -55.63 57.04
CA ASN KA 649 6.21 -55.05 57.97
C ASN KA 649 6.45 -53.56 58.13
N ILE KA 650 5.35 -52.80 58.23
CA ILE KA 650 5.39 -51.37 58.44
C ILE KA 650 4.64 -50.99 59.72
N GLY KA 651 4.44 -51.95 60.62
CA GLY KA 651 3.73 -51.70 61.85
C GLY KA 651 2.24 -51.82 61.67
N PRO KA 652 1.51 -52.11 62.76
CA PRO KA 652 0.05 -52.23 62.65
C PRO KA 652 -0.66 -50.89 62.80
N GLU KA 653 -1.99 -50.92 62.72
CA GLU KA 653 -2.83 -49.74 62.90
C GLU KA 653 -3.60 -49.86 64.20
N ASP KA 654 -3.83 -48.72 64.84
CA ASP KA 654 -4.52 -48.69 66.13
C ASP KA 654 -5.87 -49.37 66.03
N GLY KA 655 -6.04 -50.49 66.74
CA GLY KA 655 -7.30 -51.22 66.72
C GLY KA 655 -7.52 -52.09 65.51
N ALA KA 656 -6.49 -52.34 64.70
CA ALA KA 656 -6.61 -53.16 63.51
C ALA KA 656 -5.96 -54.51 63.75
N THR KA 657 -6.66 -55.58 63.39
CA THR KA 657 -6.17 -56.95 63.54
C THR KA 657 -6.33 -57.69 62.22
N VAL KA 658 -5.97 -58.96 62.22
CA VAL KA 658 -6.02 -59.81 61.04
C VAL KA 658 -6.95 -60.98 61.31
N THR KA 659 -7.78 -61.30 60.31
CA THR KA 659 -8.72 -62.41 60.39
C THR KA 659 -8.49 -63.35 59.22
N LEU KA 660 -8.57 -64.65 59.49
CA LEU KA 660 -8.35 -65.68 58.48
C LEU KA 660 -9.52 -66.63 58.48
N GLN KA 661 -9.97 -67.00 57.27
CA GLN KA 661 -11.06 -67.97 57.09
C GLN KA 661 -10.50 -69.20 56.39
N VAL KA 662 -10.84 -70.38 56.91
CA VAL KA 662 -10.40 -71.65 56.35
C VAL KA 662 -11.63 -72.36 55.79
N TYR KA 663 -11.55 -72.72 54.51
CA TYR KA 663 -12.64 -73.38 53.81
C TYR KA 663 -12.20 -74.75 53.31
N SER KA 664 -13.19 -75.58 53.00
CA SER KA 664 -12.97 -76.91 52.44
C SER KA 664 -13.26 -76.93 50.95
N GLY KA 665 -12.91 -75.86 50.25
CA GLY KA 665 -13.22 -75.72 48.82
C GLY KA 665 -14.50 -74.97 48.57
N THR KA 666 -15.58 -75.38 49.24
CA THR KA 666 -16.87 -74.70 49.12
C THR KA 666 -17.42 -74.35 50.50
N THR KA 667 -17.17 -75.21 51.48
CA THR KA 667 -17.75 -75.07 52.82
C THR KA 667 -16.74 -74.44 53.77
N LEU KA 668 -17.26 -73.70 54.73
CA LEU KA 668 -16.45 -73.09 55.78
C LEU KA 668 -16.30 -74.06 56.95
N LYS KA 669 -15.07 -74.34 57.33
CA LYS KA 669 -14.78 -75.28 58.42
C LYS KA 669 -14.20 -74.60 59.64
N ARG KA 670 -13.16 -73.79 59.48
CA ARG KA 670 -12.52 -73.11 60.60
C ARG KA 670 -12.34 -71.63 60.27
N THR KA 671 -12.40 -70.80 61.31
CA THR KA 671 -12.26 -69.36 61.17
C THR KA 671 -11.47 -68.84 62.36
N TYR KA 672 -10.32 -68.23 62.10
CA TYR KA 672 -9.47 -67.66 63.13
C TYR KA 672 -9.49 -66.14 63.00
N ALA KA 673 -9.85 -65.47 64.08
CA ALA KA 673 -9.96 -64.02 64.11
C ALA KA 673 -9.07 -63.46 65.22
N GLY KA 674 -8.79 -62.16 65.12
CA GLY KA 674 -7.96 -61.51 66.12
C GLY KA 674 -6.48 -61.80 66.01
N LEU KA 675 -6.03 -62.29 64.87
CA LEU KA 675 -4.61 -62.61 64.70
C LEU KA 675 -3.79 -61.33 64.71
N THR KA 676 -2.72 -61.33 65.51
CA THR KA 676 -1.83 -60.17 65.61
C THR KA 676 -0.40 -60.48 65.21
N SER KA 677 -0.04 -61.75 65.03
CA SER KA 677 1.31 -62.12 64.65
C SER KA 677 1.51 -61.93 63.14
N SER KA 678 2.69 -62.32 62.66
CA SER KA 678 3.03 -62.25 61.26
C SER KA 678 3.03 -63.62 60.59
N SER KA 679 2.62 -64.66 61.29
CA SER KA 679 2.57 -65.99 60.72
C SER KA 679 1.53 -66.82 61.47
N TRP KA 680 1.01 -67.83 60.80
CA TRP KA 680 0.01 -68.71 61.38
C TRP KA 680 0.22 -70.12 60.85
N SER KA 681 0.01 -71.11 61.70
CA SER KA 681 0.14 -72.52 61.34
C SER KA 681 -1.13 -73.25 61.75
N TYR KA 682 -1.52 -74.22 60.94
CA TYR KA 682 -2.73 -74.99 61.22
C TYR KA 682 -2.50 -75.87 62.45
N PRO KA 683 -3.26 -75.71 63.53
CA PRO KA 683 -3.03 -76.56 64.70
C PRO KA 683 -3.26 -78.02 64.39
N LEU KA 684 -2.46 -78.87 65.03
CA LEU KA 684 -2.57 -80.31 64.82
C LEU KA 684 -3.89 -80.87 65.32
N ALA KA 685 -4.58 -80.17 66.22
CA ALA KA 685 -5.82 -80.70 66.79
C ALA KA 685 -6.89 -80.86 65.72
N GLU KA 686 -7.06 -79.86 64.86
CA GLU KA 686 -8.12 -79.90 63.86
C GLU KA 686 -7.73 -80.67 62.60
N ASP KA 687 -6.46 -81.04 62.45
CA ASP KA 687 -6.05 -81.79 61.26
C ASP KA 687 -6.74 -83.13 61.18
N MET KA 688 -6.80 -83.87 62.29
CA MET KA 688 -7.54 -85.13 62.30
C MET KA 688 -9.03 -84.90 62.09
N ALA KA 689 -9.61 -83.92 62.79
CA ALA KA 689 -11.06 -83.70 62.68
C ALA KA 689 -11.46 -83.40 61.25
N ASP KA 690 -10.75 -82.49 60.58
CA ASP KA 690 -10.98 -82.19 59.18
C ASP KA 690 -10.27 -83.17 58.25
N GLY KA 691 -9.36 -83.99 58.77
CA GLY KA 691 -8.65 -84.95 57.95
C GLY KA 691 -7.75 -84.27 56.94
N PRO KA 692 -7.29 -85.03 55.94
CA PRO KA 692 -6.49 -84.41 54.87
C PRO KA 692 -7.36 -83.50 54.01
N LEU KA 693 -6.83 -82.32 53.70
CA LEU KA 693 -7.49 -81.34 52.84
C LEU KA 693 -6.59 -81.11 51.64
N GLN KA 694 -6.77 -81.93 50.59
CA GLN KA 694 -5.97 -81.75 49.39
C GLN KA 694 -6.22 -80.38 48.76
N ASP KA 695 -7.49 -79.98 48.67
CA ASP KA 695 -7.88 -78.70 48.10
C ASP KA 695 -8.22 -77.75 49.25
N VAL KA 696 -7.31 -76.82 49.55
CA VAL KA 696 -7.46 -75.88 50.64
C VAL KA 696 -7.58 -74.48 50.06
N ARG KA 697 -8.63 -73.76 50.44
CA ARG KA 697 -8.83 -72.38 50.03
C ARG KA 697 -8.41 -71.47 51.19
N LEU KA 698 -7.50 -70.54 50.91
CA LEU KA 698 -6.98 -69.61 51.90
C LEU KA 698 -7.56 -68.24 51.64
N VAL KA 699 -8.22 -67.67 52.63
CA VAL KA 699 -8.82 -66.34 52.54
C VAL KA 699 -8.20 -65.48 53.65
N LEU KA 700 -7.63 -64.34 53.25
CA LEU KA 700 -6.95 -63.44 54.17
C LEU KA 700 -7.53 -62.04 54.02
N ARG KA 701 -7.78 -61.39 55.16
CA ARG KA 701 -8.31 -60.03 55.17
C ARG KA 701 -8.00 -59.40 56.52
N SER KA 702 -8.11 -58.08 56.56
CA SER KA 702 -7.90 -57.31 57.77
C SER KA 702 -9.22 -56.68 58.20
N VAL KA 703 -9.50 -56.73 59.50
CA VAL KA 703 -10.76 -56.22 60.05
C VAL KA 703 -10.46 -55.39 61.29
N ARG KA 704 -11.12 -54.24 61.40
CA ARG KA 704 -11.04 -53.40 62.58
C ARG KA 704 -12.44 -52.88 62.88
N ASP KA 705 -12.90 -53.08 64.12
CA ASP KA 705 -14.22 -52.64 64.55
C ASP KA 705 -15.28 -53.17 63.57
N GLY KA 706 -15.11 -54.40 63.12
CA GLY KA 706 -16.05 -55.02 62.23
C GLY KA 706 -16.06 -54.43 60.83
N ILE KA 707 -14.98 -53.79 60.41
CA ILE KA 707 -14.86 -53.19 59.08
C ILE KA 707 -13.90 -54.06 58.28
N ASP KA 708 -14.44 -54.77 57.29
CA ASP KA 708 -13.65 -55.65 56.45
C ASP KA 708 -13.06 -54.88 55.28
N SER KA 709 -11.85 -55.28 54.88
CA SER KA 709 -11.19 -54.64 53.75
C SER KA 709 -11.97 -54.89 52.47
N TRP KA 710 -11.91 -53.91 51.56
CA TRP KA 710 -12.66 -54.02 50.32
C TRP KA 710 -12.23 -55.22 49.51
N GLN KA 711 -10.91 -55.45 49.41
CA GLN KA 711 -10.36 -56.58 48.68
C GLN KA 711 -9.76 -57.58 49.66
N GLN KA 712 -9.46 -58.77 49.13
CA GLN KA 712 -8.93 -59.85 49.95
C GLN KA 712 -8.20 -60.84 49.06
N HIS KA 713 -7.40 -61.69 49.70
CA HIS KA 713 -6.71 -62.77 49.00
C HIS KA 713 -7.56 -64.03 48.99
N ASP KA 714 -7.46 -64.78 47.90
CA ASP KA 714 -8.22 -66.03 47.77
C ASP KA 714 -7.54 -66.91 46.73
N ILE KA 715 -7.04 -68.06 47.16
CA ILE KA 715 -6.43 -69.03 46.26
C ILE KA 715 -6.66 -70.42 46.82
N THR KA 716 -6.84 -71.39 45.93
CA THR KA 716 -6.99 -72.79 46.30
C THR KA 716 -5.67 -73.50 46.04
N ILE KA 717 -5.03 -73.96 47.10
CA ILE KA 717 -3.69 -74.55 47.01
C ILE KA 717 -3.81 -76.06 47.11
N GLU KA 718 -2.77 -76.74 46.62
CA GLU KA 718 -2.69 -78.20 46.63
C GLU KA 718 -1.55 -78.63 47.54
N ARG KA 719 -1.82 -79.60 48.41
CA ARG KA 719 -0.87 -80.06 49.41
C ARG KA 719 -0.24 -81.37 48.98
N HIS KA 720 1.05 -81.51 49.27
CA HIS KA 720 1.80 -82.72 48.99
C HIS KA 720 2.63 -83.11 50.20
N GLY KA 721 3.01 -84.37 50.26
CA GLY KA 721 3.78 -84.92 51.35
C GLY KA 721 3.20 -86.25 51.78
N LEU KA 722 3.70 -86.76 52.91
CA LEU KA 722 3.18 -88.02 53.43
C LEU KA 722 1.71 -87.87 53.80
N GLY KA 723 0.88 -88.74 53.23
CA GLY KA 723 -0.54 -88.74 53.50
C GLY KA 723 -1.32 -87.79 52.63
N PHE KA 724 -0.69 -87.16 51.64
CA PHE KA 724 -1.36 -86.26 50.72
C PHE KA 724 -0.99 -86.65 49.29
N ARG KA 725 -1.99 -87.07 48.51
CA ARG KA 725 -1.83 -87.39 47.09
C ARG KA 725 -0.81 -88.52 46.89
N LEU KA 726 -1.18 -89.70 47.42
CA LEU KA 726 -0.44 -90.92 47.14
C LEU KA 726 -1.22 -91.86 46.22
N GLY KA 727 -2.31 -91.39 45.62
CA GLY KA 727 -2.85 -92.09 44.47
C GLY KA 727 -1.85 -92.17 43.34
N GLU KA 728 -0.87 -91.27 43.32
CA GLU KA 728 0.23 -91.32 42.38
C GLU KA 728 1.53 -90.91 43.08
N ALA LA 2 -122.10 57.27 -20.16
CA ALA LA 2 -122.21 56.53 -21.41
C ALA LA 2 -120.92 56.61 -22.22
N THR LA 3 -120.10 57.61 -21.92
CA THR LA 3 -118.82 57.80 -22.60
C THR LA 3 -117.73 57.99 -21.55
N GLU LA 4 -116.57 57.40 -21.80
CA GLU LA 4 -115.44 57.51 -20.89
C GLU LA 4 -114.14 57.47 -21.68
N PHE LA 5 -113.29 58.47 -21.46
CA PHE LA 5 -111.97 58.55 -22.07
C PHE LA 5 -110.92 58.49 -20.96
N GLY LA 6 -109.97 57.59 -21.11
CA GLY LA 6 -108.93 57.45 -20.11
C GLY LA 6 -107.87 56.48 -20.55
N THR LA 7 -106.99 56.13 -19.61
CA THR LA 7 -105.87 55.23 -19.86
C THR LA 7 -105.90 54.12 -18.82
N ALA LA 8 -105.95 52.87 -19.29
CA ALA LA 8 -105.96 51.71 -18.42
C ALA LA 8 -104.55 51.15 -18.31
N VAL LA 9 -104.09 50.95 -17.07
CA VAL LA 9 -102.70 50.55 -16.86
C VAL LA 9 -102.39 49.23 -17.52
N ASN LA 10 -103.40 48.38 -17.71
CA ASN LA 10 -103.18 47.08 -18.34
C ASN LA 10 -104.52 46.52 -18.79
N HIS LA 11 -104.46 45.38 -19.48
CA HIS LA 11 -105.68 44.76 -20.01
C HIS LA 11 -106.63 44.39 -18.89
N ALA LA 12 -106.11 43.82 -17.80
CA ALA LA 12 -106.95 43.49 -16.66
C ALA LA 12 -107.61 44.75 -16.09
N ASP LA 13 -106.82 45.80 -15.92
CA ASP LA 13 -107.39 47.07 -15.46
C ASP LA 13 -108.33 47.66 -16.50
N LEU LA 14 -108.09 47.42 -17.79
CA LEU LA 14 -109.01 47.90 -18.82
C LEU LA 14 -110.37 47.25 -18.67
N VAL LA 15 -110.40 45.92 -18.50
CA VAL LA 15 -111.68 45.23 -18.31
C VAL LA 15 -112.31 45.67 -16.99
N GLU LA 16 -111.49 45.89 -15.97
CA GLU LA 16 -112.00 46.39 -14.69
C GLU LA 16 -112.72 47.72 -14.88
N ARG LA 17 -112.06 48.66 -15.55
CA ARG LA 17 -112.66 49.96 -15.79
C ARG LA 17 -113.90 49.84 -16.65
N LEU LA 18 -113.90 48.92 -17.61
CA LEU LA 18 -115.08 48.73 -18.44
C LEU LA 18 -116.26 48.28 -17.59
N VAL LA 19 -116.05 47.32 -16.69
CA VAL LA 19 -117.16 46.83 -15.88
C VAL LA 19 -117.63 47.91 -14.90
N GLN LA 20 -116.70 48.68 -14.33
CA GLN LA 20 -117.12 49.76 -13.44
C GLN LA 20 -117.87 50.84 -14.19
N PHE LA 21 -117.49 51.12 -15.44
CA PHE LA 21 -118.23 52.06 -16.26
C PHE LA 21 -119.64 51.55 -16.54
N LEU LA 22 -119.76 50.25 -16.85
CA LEU LA 22 -121.09 49.69 -17.11
C LEU LA 22 -121.95 49.69 -15.86
N THR LA 23 -121.35 49.53 -14.69
CA THR LA 23 -122.12 49.49 -13.44
C THR LA 23 -122.47 50.88 -12.93
N ALA LA 24 -121.47 51.72 -12.64
CA ALA LA 24 -121.67 52.94 -11.86
C ALA LA 24 -121.64 54.20 -12.70
N SER LA 25 -121.74 54.10 -14.03
CA SER LA 25 -121.82 55.30 -14.85
C SER LA 25 -123.05 56.11 -14.42
N PRO LA 26 -122.90 57.41 -14.17
CA PRO LA 26 -124.06 58.16 -13.65
C PRO LA 26 -125.29 58.07 -14.53
N ASP LA 27 -125.09 58.12 -15.86
CA ASP LA 27 -126.23 58.00 -16.77
C ASP LA 27 -126.89 56.64 -16.66
N LEU LA 28 -126.09 55.58 -16.59
CA LEU LA 28 -126.64 54.23 -16.52
C LEU LA 28 -127.42 54.02 -15.22
N VAL LA 29 -126.84 54.42 -14.09
CA VAL LA 29 -127.48 54.18 -12.80
C VAL LA 29 -128.71 55.06 -12.66
N ALA LA 30 -128.62 56.33 -13.06
CA ALA LA 30 -129.76 57.23 -12.93
C ALA LA 30 -130.94 56.75 -13.74
N ALA LA 31 -130.69 56.28 -14.96
CA ALA LA 31 -131.74 55.77 -15.84
C ALA LA 31 -132.04 54.29 -15.60
N GLY LA 32 -131.33 53.65 -14.68
CA GLY LA 32 -131.58 52.24 -14.40
C GLY LA 32 -131.32 51.34 -15.59
N GLN LA 33 -130.27 51.63 -16.36
CA GLN LA 33 -129.91 50.84 -17.53
C GLN LA 33 -128.68 49.97 -17.28
N ALA LA 34 -128.22 49.86 -16.03
CA ALA LA 34 -127.02 49.10 -15.74
C ALA LA 34 -127.24 47.62 -16.04
N TYR LA 35 -126.16 46.97 -16.46
CA TYR LA 35 -126.21 45.54 -16.77
C TYR LA 35 -126.01 44.73 -15.49
N GLU LA 36 -126.36 43.44 -15.57
CA GLU LA 36 -126.26 42.52 -14.45
C GLU LA 36 -125.25 41.44 -14.78
N LYS LA 37 -124.42 41.09 -13.80
CA LYS LA 37 -123.36 40.09 -14.00
C LYS LA 37 -123.88 38.74 -13.51
N VAL LA 38 -124.18 37.86 -14.47
CA VAL LA 38 -124.72 36.55 -14.14
C VAL LA 38 -123.64 35.49 -13.94
N PHE LA 39 -122.39 35.79 -14.30
CA PHE LA 39 -121.31 34.82 -14.15
C PHE LA 39 -119.98 35.55 -14.14
N ASP LA 40 -119.05 35.04 -13.32
CA ASP LA 40 -117.69 35.56 -13.30
C ASP LA 40 -116.81 34.49 -12.68
N ASN LA 41 -115.89 33.94 -13.47
CA ASN LA 41 -115.10 32.80 -13.02
C ASN LA 41 -113.76 32.80 -13.75
N THR LA 42 -112.80 32.09 -13.15
CA THR LA 42 -111.47 31.87 -13.72
C THR LA 42 -111.19 30.37 -13.60
N ILE LA 43 -111.59 29.62 -14.62
CA ILE LA 43 -111.52 28.15 -14.57
C ILE LA 43 -110.11 27.64 -14.82
N PRO LA 44 -109.34 28.19 -15.76
CA PRO LA 44 -108.08 27.54 -16.13
C PRO LA 44 -106.98 27.78 -15.12
N ALA LA 45 -106.01 26.86 -15.13
CA ALA LA 45 -104.81 26.97 -14.32
C ALA LA 45 -103.70 27.52 -15.22
N SER LA 46 -103.43 28.80 -15.08
CA SER LA 46 -102.45 29.46 -15.95
C SER LA 46 -101.08 28.83 -15.77
N GLY LA 47 -100.43 28.53 -16.89
CA GLY LA 47 -99.06 28.06 -16.88
C GLY LA 47 -98.11 29.17 -17.30
N THR LA 48 -97.59 29.09 -18.52
CA THR LA 48 -96.81 30.18 -19.11
C THR LA 48 -97.73 31.18 -19.81
N ALA LA 49 -98.76 31.63 -19.09
CA ALA LA 49 -99.76 32.50 -19.66
C ALA LA 49 -100.39 33.33 -18.54
N ILE LA 50 -101.06 34.41 -18.94
CA ILE LA 50 -101.71 35.30 -17.99
C ILE LA 50 -103.02 34.68 -17.52
N ALA LA 51 -103.48 35.12 -16.36
CA ALA LA 51 -104.75 34.65 -15.83
C ALA LA 51 -105.89 34.99 -16.79
N VAL LA 52 -106.85 34.06 -16.90
CA VAL LA 52 -107.96 34.19 -17.81
C VAL LA 52 -109.20 34.58 -17.01
N ARG LA 53 -109.82 35.69 -17.37
CA ARG LA 53 -111.03 36.16 -16.72
C ARG LA 53 -112.22 35.95 -17.64
N GLN LA 54 -113.27 35.33 -17.09
CA GLN LA 54 -114.51 35.07 -17.82
C GLN LA 54 -115.63 35.85 -17.16
N VAL LA 55 -116.41 36.57 -17.97
CA VAL LA 55 -117.50 37.40 -17.47
C VAL LA 55 -118.70 37.22 -18.39
N THR LA 56 -119.87 37.08 -17.77
CA THR LA 56 -121.14 37.05 -18.49
C THR LA 56 -122.06 38.09 -17.86
N LEU LA 57 -122.69 38.92 -18.70
CA LEU LA 57 -123.51 40.02 -18.22
C LEU LA 57 -124.82 40.06 -18.99
N ARG LA 58 -125.85 40.62 -18.34
CA ARG LA 58 -127.19 40.71 -18.91
C ARG LA 58 -127.59 42.17 -19.02
N ALA LA 59 -128.15 42.55 -20.17
CA ALA LA 59 -128.59 43.91 -20.41
C ALA LA 59 -130.10 43.93 -20.57
N PRO LA 60 -130.82 44.82 -19.86
CA PRO LA 60 -132.29 44.82 -19.95
C PRO LA 60 -132.81 45.63 -21.12
N GLY LA 61 -131.98 46.54 -21.65
CA GLY LA 61 -132.40 47.42 -22.72
C GLY LA 61 -133.02 48.70 -22.21
N LEU LA 62 -133.29 49.61 -23.16
CA LEU LA 62 -133.85 50.90 -22.79
C LEU LA 62 -135.22 50.76 -22.15
N GLY LA 63 -136.08 49.91 -22.70
CA GLY LA 63 -137.44 49.75 -22.20
C GLY LA 63 -137.57 48.87 -20.98
N GLY LA 64 -136.54 48.08 -20.66
CA GLY LA 64 -136.58 47.19 -19.53
C GLY LA 64 -137.34 45.91 -19.75
N THR LA 65 -137.85 45.68 -20.96
CA THR LA 65 -138.59 44.47 -21.29
C THR LA 65 -137.81 43.50 -22.17
N ASP LA 66 -136.58 43.86 -22.56
CA ASP LA 66 -135.77 43.01 -23.42
C ASP LA 66 -134.85 42.13 -22.59
N ALA LA 67 -134.38 41.05 -23.22
CA ALA LA 67 -133.47 40.10 -22.59
C ALA LA 67 -132.24 39.98 -23.48
N ILE LA 68 -131.12 40.55 -23.03
CA ILE LA 68 -129.87 40.54 -23.78
C ILE LA 68 -128.80 39.90 -22.90
N TYR LA 69 -128.04 38.97 -23.48
CA TYR LA 69 -126.99 38.26 -22.77
C TYR LA 69 -125.69 38.39 -23.55
N MET LA 70 -124.59 38.64 -22.83
CA MET LA 70 -123.28 38.86 -23.43
C MET LA 70 -122.21 38.21 -22.57
N GLY LA 71 -121.06 37.97 -23.17
CA GLY LA 71 -119.93 37.40 -22.46
C GLY LA 71 -118.63 38.00 -22.94
N ILE LA 72 -117.69 38.13 -22.01
CA ILE LA 72 -116.36 38.69 -22.28
C ILE LA 72 -115.32 37.78 -21.67
N GLN LA 73 -114.26 37.50 -22.44
CA GLN LA 73 -113.16 36.67 -21.98
C GLN LA 73 -111.84 37.40 -22.22
N SER LA 74 -110.93 37.30 -21.24
CA SER LA 74 -109.59 37.88 -21.34
C SER LA 74 -108.59 36.74 -21.43
N TYR LA 75 -108.22 36.37 -22.65
CA TYR LA 75 -107.28 35.28 -22.91
C TYR LA 75 -105.95 35.87 -23.33
N GLY LA 76 -104.87 35.41 -22.71
CA GLY LA 76 -103.55 35.92 -23.01
C GLY LA 76 -102.47 34.88 -22.83
N ASP LA 77 -101.30 35.17 -23.41
CA ASP LA 77 -100.14 34.29 -23.32
C ASP LA 77 -98.91 35.16 -23.23
N THR LA 78 -98.26 35.16 -22.05
CA THR LA 78 -97.11 36.04 -21.83
C THR LA 78 -95.96 35.68 -22.77
N ALA LA 79 -95.67 34.39 -22.93
CA ALA LA 79 -94.56 33.96 -23.77
C ALA LA 79 -94.73 34.42 -25.22
N LEU LA 80 -95.97 34.58 -25.67
CA LEU LA 80 -96.26 35.20 -26.97
C LEU LA 80 -96.70 36.65 -26.84
N ASP LA 81 -97.06 37.08 -25.63
CA ASP LA 81 -97.35 38.49 -25.34
C ASP LA 81 -98.54 39.00 -26.15
N TYR LA 82 -99.63 38.23 -26.13
CA TYR LA 82 -100.93 38.72 -26.52
C TYR LA 82 -101.87 38.54 -25.34
N TYR LA 83 -102.69 39.56 -25.08
CA TYR LA 83 -103.64 39.52 -23.98
C TYR LA 83 -105.05 39.70 -24.54
N ASN LA 84 -105.33 38.94 -25.59
CA ASN LA 84 -106.58 39.05 -26.34
C ASN LA 84 -107.78 39.12 -25.40
N LEU LA 85 -108.81 39.83 -25.84
CA LEU LA 85 -110.07 39.97 -25.11
C LEU LA 85 -111.19 39.50 -26.03
N ARG LA 86 -111.71 38.30 -25.77
CA ARG LA 86 -112.70 37.68 -26.65
C ARG LA 86 -114.11 38.08 -26.24
N LEU LA 87 -114.98 38.23 -27.24
CA LEU LA 87 -116.36 38.65 -27.04
C LEU LA 87 -117.29 37.71 -27.80
N MET LA 88 -118.50 37.54 -27.26
CA MET LA 88 -119.53 36.75 -27.91
C MET LA 88 -120.87 37.10 -27.27
N GLY LA 89 -121.94 36.68 -27.94
CA GLY LA 89 -123.28 37.00 -27.48
C GLY LA 89 -124.19 35.79 -27.53
N GLY LA 90 -125.34 35.93 -26.89
CA GLY LA 90 -126.31 34.85 -26.86
C GLY LA 90 -127.62 35.32 -26.28
N THR LA 91 -128.52 34.35 -26.07
CA THR LA 91 -129.87 34.65 -25.59
C THR LA 91 -130.15 34.12 -24.19
N ALA LA 92 -129.40 33.11 -23.72
CA ALA LA 92 -129.61 32.58 -22.39
C ALA LA 92 -128.30 32.02 -21.87
N PHE LA 93 -128.21 31.94 -20.54
CA PHE LA 93 -127.04 31.40 -19.86
C PHE LA 93 -127.47 30.31 -18.89
N ASN LA 94 -126.55 29.39 -18.61
CA ASN LA 94 -126.83 28.27 -17.74
C ASN LA 94 -125.52 27.73 -17.16
N PRO LA 95 -125.12 28.16 -15.96
CA PRO LA 95 -123.80 27.78 -15.45
C PRO LA 95 -123.58 26.28 -15.36
N GLY LA 96 -124.63 25.53 -15.02
CA GLY LA 96 -124.50 24.08 -14.93
C GLY LA 96 -124.26 23.40 -16.25
N ALA LA 97 -124.46 24.10 -17.37
CA ALA LA 97 -124.26 23.53 -18.70
C ALA LA 97 -122.80 23.57 -19.14
N ILE LA 98 -121.87 23.82 -18.23
CA ILE LA 98 -120.45 23.78 -18.54
C ILE LA 98 -119.96 22.34 -18.34
N PRO LA 99 -119.34 21.71 -19.33
CA PRO LA 99 -118.88 20.34 -19.14
C PRO LA 99 -117.67 20.32 -18.24
N PRO LA 100 -117.38 19.18 -17.59
CA PRO LA 100 -116.10 19.05 -16.89
C PRO LA 100 -114.94 19.31 -17.84
N GLY LA 101 -114.18 20.37 -17.57
CA GLY LA 101 -113.22 20.85 -18.54
C GLY LA 101 -113.91 21.69 -19.61
N GLY LA 102 -113.37 21.63 -20.83
CA GLY LA 102 -113.98 22.37 -21.92
C GLY LA 102 -114.05 23.85 -21.62
N ASP LA 103 -115.20 24.45 -21.90
CA ASP LA 103 -115.41 25.87 -21.68
C ASP LA 103 -116.88 26.13 -21.40
N TYR LA 104 -117.19 27.38 -21.03
CA TYR LA 104 -118.54 27.77 -20.69
C TYR LA 104 -119.28 28.49 -21.81
N TRP LA 105 -118.56 29.08 -22.77
CA TRP LA 105 -119.23 29.81 -23.84
C TRP LA 105 -120.15 28.91 -24.65
N THR LA 106 -119.92 27.59 -24.63
CA THR LA 106 -120.83 26.68 -25.31
C THR LA 106 -122.17 26.59 -24.62
N ALA LA 107 -122.21 26.87 -23.31
CA ALA LA 107 -123.46 26.80 -22.57
C ALA LA 107 -124.48 27.85 -23.04
N PHE LA 108 -124.02 28.90 -23.72
CA PHE LA 108 -124.93 29.92 -24.21
C PHE LA 108 -125.97 29.30 -25.14
N ALA LA 109 -127.24 29.66 -24.90
CA ALA LA 109 -128.29 29.27 -25.82
C ALA LA 109 -128.13 30.03 -27.13
N ASN LA 110 -128.18 29.31 -28.25
CA ASN LA 110 -127.91 29.89 -29.56
C ASN LA 110 -126.53 30.55 -29.57
N TYR LA 111 -125.52 29.75 -29.21
CA TYR LA 111 -124.16 30.25 -29.13
C TYR LA 111 -123.67 30.68 -30.51
N SER LA 112 -122.76 31.65 -30.51
CA SER LA 112 -122.21 32.20 -31.74
C SER LA 112 -120.69 32.21 -31.66
N PRO LA 113 -120.00 32.17 -32.81
CA PRO LA 113 -118.54 32.26 -32.79
C PRO LA 113 -118.07 33.56 -32.18
N ARG LA 114 -116.92 33.50 -31.51
CA ARG LA 114 -116.43 34.63 -30.75
C ARG LA 114 -115.68 35.62 -31.63
N VAL LA 115 -115.81 36.90 -31.29
CA VAL LA 115 -114.95 37.96 -31.82
C VAL LA 115 -114.06 38.40 -30.67
N GLN LA 116 -113.10 39.27 -30.92
CA GLN LA 116 -112.11 39.57 -29.89
C GLN LA 116 -111.54 40.97 -30.06
N LEU LA 117 -110.76 41.38 -29.07
CA LEU LA 117 -110.05 42.64 -29.04
C LEU LA 117 -108.59 42.39 -28.67
N LEU LA 118 -107.68 43.08 -29.33
CA LEU LA 118 -106.25 42.83 -29.18
C LEU LA 118 -105.58 43.99 -28.45
N ALA LA 119 -104.78 43.65 -27.44
CA ALA LA 119 -104.01 44.60 -26.65
C ALA LA 119 -102.99 43.81 -25.85
N TRP LA 120 -102.29 44.46 -24.93
CA TRP LA 120 -101.34 43.76 -24.08
C TRP LA 120 -101.13 44.54 -22.80
N ASN LA 121 -100.47 43.89 -21.83
CA ASN LA 121 -100.36 44.38 -20.46
C ASN LA 121 -99.36 45.53 -20.41
N GLN LA 122 -99.89 46.74 -20.59
CA GLN LA 122 -99.11 47.97 -20.46
C GLN LA 122 -100.12 49.12 -20.54
N PRO LA 123 -99.87 50.24 -19.86
CA PRO LA 123 -100.87 51.32 -19.87
C PRO LA 123 -101.34 51.65 -21.28
N MET LA 124 -102.65 51.81 -21.43
CA MET LA 124 -103.28 51.88 -22.75
C MET LA 124 -104.42 52.90 -22.72
N PRO LA 125 -104.38 53.94 -23.56
CA PRO LA 125 -105.55 54.80 -23.69
C PRO LA 125 -106.73 54.03 -24.26
N TYR LA 126 -107.93 54.44 -23.85
CA TYR LA 126 -109.14 53.71 -24.21
C TYR LA 126 -110.28 54.68 -24.47
N TRP LA 127 -111.27 54.22 -25.23
CA TRP LA 127 -112.49 54.96 -25.50
C TRP LA 127 -113.66 53.99 -25.37
N PHE LA 128 -114.50 54.19 -24.35
CA PHE LA 128 -115.65 53.34 -24.10
C PHE LA 128 -116.94 54.08 -24.39
N PHE LA 129 -117.77 53.50 -25.24
CA PHE LA 129 -119.12 53.97 -25.52
C PHE LA 129 -120.11 52.86 -25.18
N ALA LA 130 -121.19 53.22 -24.50
CA ALA LA 130 -122.16 52.21 -24.09
C ALA LA 130 -123.56 52.80 -24.07
N ASN LA 131 -124.54 51.94 -24.27
CA ASN LA 131 -125.95 52.31 -24.16
C ASN LA 131 -126.73 51.04 -23.85
N GLY LA 132 -127.96 51.22 -23.39
CA GLY LA 132 -128.78 50.11 -22.97
C GLY LA 132 -128.90 48.99 -23.99
N ARG LA 133 -128.68 49.29 -25.27
CA ARG LA 133 -128.87 48.32 -26.33
C ARG LA 133 -127.59 47.91 -27.05
N ARG LA 134 -126.52 48.68 -26.93
CA ARG LA 134 -125.27 48.35 -27.60
C ARG LA 134 -124.10 49.01 -26.88
N PHE LA 135 -122.91 48.47 -27.10
CA PHE LA 135 -121.69 49.01 -26.54
C PHE LA 135 -120.60 49.00 -27.61
N TRP LA 136 -119.68 49.95 -27.50
CA TRP LA 136 -118.56 50.07 -28.43
C TRP LA 136 -117.28 50.28 -27.65
N ILE LA 137 -116.23 49.55 -28.02
CA ILE LA 137 -114.93 49.63 -27.39
C ILE LA 137 -113.90 49.98 -28.46
N VAL LA 138 -113.06 50.98 -28.18
CA VAL LA 138 -112.00 51.39 -29.08
C VAL LA 138 -110.75 51.67 -28.25
N VAL LA 139 -109.62 51.12 -28.69
CA VAL LA 139 -108.35 51.28 -28.01
C VAL LA 139 -107.31 51.72 -29.04
N LYS LA 140 -106.51 52.71 -28.67
CA LYS LA 140 -105.44 53.22 -29.54
C LYS LA 140 -104.17 52.44 -29.21
N VAL LA 141 -103.86 51.45 -30.03
CA VAL LA 141 -102.67 50.62 -29.84
C VAL LA 141 -101.58 51.24 -30.70
N SER LA 142 -100.86 52.21 -30.12
CA SER LA 142 -99.74 52.85 -30.81
C SER LA 142 -100.11 53.23 -32.23
N THR LA 143 -99.38 52.72 -33.22
CA THR LA 143 -99.68 53.02 -34.62
C THR LA 143 -101.05 52.49 -35.02
N ILE LA 144 -101.58 51.53 -34.27
CA ILE LA 144 -102.79 50.82 -34.66
C ILE LA 144 -103.96 51.27 -33.80
N TYR LA 145 -105.06 51.60 -34.45
CA TYR LA 145 -106.35 51.79 -33.80
C TYR LA 145 -107.14 50.50 -33.96
N GLU LA 146 -107.67 49.98 -32.85
CA GLU LA 146 -108.47 48.77 -32.88
C GLU LA 146 -109.82 49.07 -32.27
N SER LA 147 -110.84 48.33 -32.68
CA SER LA 147 -112.20 48.59 -32.21
C SER LA 147 -113.04 47.34 -32.34
N ALA LA 148 -114.16 47.32 -31.61
CA ALA LA 148 -115.10 46.20 -31.63
C ALA LA 148 -116.33 46.62 -30.85
N GLY LA 149 -117.32 45.74 -30.84
CA GLY LA 149 -118.55 46.00 -30.11
C GLY LA 149 -119.65 45.05 -30.54
N ALA LA 150 -120.80 45.23 -29.92
CA ALA LA 150 -121.97 44.39 -30.19
C ALA LA 150 -123.21 45.09 -29.63
N GLY LA 151 -124.37 44.63 -30.09
CA GLY LA 151 -125.62 45.18 -29.60
C GLY LA 151 -126.75 44.91 -30.59
N PHE LA 152 -127.81 45.70 -30.44
CA PHE LA 152 -129.00 45.58 -31.28
C PHE LA 152 -128.95 46.61 -32.41
N ILE LA 153 -129.21 46.14 -33.62
CA ILE LA 153 -129.39 47.01 -34.79
C ILE LA 153 -130.82 47.55 -34.76
N LEU LA 154 -131.11 48.51 -35.64
CA LEU LA 154 -132.43 49.15 -35.72
C LEU LA 154 -133.13 48.73 -37.00
N PRO LA 155 -133.87 47.63 -37.02
CA PRO LA 155 -134.64 47.26 -38.21
C PRO LA 155 -135.79 48.22 -38.44
N PRO LA 156 -136.30 48.29 -39.67
CA PRO LA 156 -137.44 49.17 -39.96
C PRO LA 156 -138.80 48.57 -39.62
N CYS LA 157 -138.86 47.39 -39.01
CA CYS LA 157 -140.10 46.71 -38.70
C CYS LA 157 -140.41 46.76 -37.21
N PRO LA 158 -141.65 46.58 -36.83
CA PRO LA 158 -142.01 46.62 -35.40
C PRO LA 158 -141.24 45.58 -34.62
N PRO LA 159 -140.82 45.88 -33.38
CA PRO LA 159 -140.10 44.88 -32.58
C PRO LA 159 -140.97 43.70 -32.15
N SER LA 160 -142.28 43.73 -32.42
CA SER LA 160 -143.15 42.68 -31.93
C SER LA 160 -142.77 41.32 -32.50
N GLN LA 161 -142.37 41.28 -33.77
CA GLN LA 161 -142.09 40.03 -34.46
C GLN LA 161 -140.60 39.71 -34.55
N TYR LA 162 -139.72 40.70 -34.42
CA TYR LA 162 -138.28 40.50 -34.49
C TYR LA 162 -137.62 41.18 -33.29
N PRO LA 163 -137.77 40.60 -32.10
CA PRO LA 163 -137.29 41.25 -30.88
C PRO LA 163 -135.83 41.00 -30.53
N TYR LA 164 -135.09 40.25 -31.34
CA TYR LA 164 -133.70 39.90 -31.04
C TYR LA 164 -132.81 40.19 -32.25
N PRO LA 165 -132.62 41.48 -32.57
CA PRO LA 165 -131.69 41.85 -33.65
C PRO LA 165 -130.26 42.01 -33.13
N LEU LA 166 -129.75 40.97 -32.48
CA LEU LA 166 -128.44 41.03 -31.84
C LEU LA 166 -127.33 40.95 -32.88
N ALA LA 167 -126.35 41.84 -32.76
CA ALA LA 167 -125.21 41.90 -33.68
C ALA LA 167 -123.93 41.92 -32.86
N VAL LA 168 -122.94 41.17 -33.34
CA VAL LA 168 -121.60 41.14 -32.74
C VAL LA 168 -120.58 41.41 -33.84
N VAL LA 169 -119.67 42.34 -33.58
CA VAL LA 169 -118.65 42.72 -34.55
C VAL LA 169 -117.32 42.88 -33.84
N GLY LA 170 -116.25 42.42 -34.50
CA GLY LA 170 -114.90 42.57 -33.97
C GLY LA 170 -113.92 42.78 -35.10
N SER LA 171 -112.69 43.12 -34.71
CA SER LA 171 -111.66 43.40 -35.71
C SER LA 171 -111.16 42.13 -36.40
N TYR LA 172 -111.28 40.98 -35.73
CA TYR LA 172 -110.80 39.73 -36.29
C TYR LA 172 -111.60 38.57 -35.70
N ARG LA 173 -111.58 37.44 -36.40
CA ARG LA 173 -112.27 36.25 -35.93
C ARG LA 173 -111.63 35.74 -34.64
N GLY LA 174 -112.47 35.27 -33.72
CA GLY LA 174 -112.03 34.78 -32.44
C GLY LA 174 -111.67 33.31 -32.39
N ASP LA 175 -111.68 32.62 -33.54
CA ASP LA 175 -111.37 31.19 -33.56
C ASP LA 175 -109.88 30.90 -33.50
N VAL LA 176 -109.03 31.91 -33.66
CA VAL LA 176 -107.58 31.72 -33.63
C VAL LA 176 -106.96 32.83 -32.78
N ALA LA 177 -105.75 32.54 -32.27
CA ALA LA 177 -105.01 33.50 -31.47
C ALA LA 177 -104.09 34.31 -32.38
N THR LA 178 -104.03 35.61 -32.12
CA THR LA 178 -103.29 36.54 -32.96
C THR LA 178 -102.51 37.52 -32.10
N ARG LA 179 -101.38 37.97 -32.65
CA ARG LA 179 -100.56 39.02 -32.04
C ARG LA 179 -100.94 40.35 -32.66
N TRP LA 180 -101.14 41.37 -31.81
CA TRP LA 180 -101.68 42.64 -32.30
C TRP LA 180 -100.80 43.30 -33.34
N SER LA 181 -99.61 42.77 -33.62
CA SER LA 181 -98.78 43.23 -34.73
C SER LA 181 -98.99 42.40 -35.99
N ASP LA 182 -100.19 41.85 -36.20
CA ASP LA 182 -100.45 41.04 -37.37
C ASP LA 182 -100.34 41.87 -38.63
N VAL LA 183 -100.02 41.21 -39.75
CA VAL LA 183 -99.80 41.88 -41.02
C VAL LA 183 -100.72 41.28 -42.08
N SER LA 184 -101.87 40.77 -41.66
CA SER LA 184 -102.84 40.17 -42.57
C SER LA 184 -103.98 41.14 -42.84
N ASP LA 185 -104.51 41.06 -44.07
CA ASP LA 185 -105.63 41.93 -44.44
C ASP LA 185 -106.89 41.63 -43.66
N ARG LA 186 -106.97 40.47 -43.02
CA ARG LA 186 -108.16 40.08 -42.26
C ARG LA 186 -108.33 40.89 -40.98
N HIS LA 187 -107.28 41.59 -40.53
CA HIS LA 187 -107.34 42.40 -39.32
C HIS LA 187 -107.75 43.82 -39.72
N ARG LA 188 -109.01 44.16 -39.49
CA ARG LA 188 -109.56 45.45 -39.91
C ARG LA 188 -110.65 45.86 -38.92
N GLY LA 189 -111.46 46.85 -39.30
CA GLY LA 189 -112.39 47.49 -38.39
C GLY LA 189 -113.83 47.04 -38.56
N ILE LA 190 -114.72 47.75 -37.89
CA ILE LA 190 -116.14 47.40 -37.87
C ILE LA 190 -116.78 47.71 -39.20
N SER LA 191 -116.54 48.91 -39.74
CA SER LA 191 -117.23 49.34 -40.95
C SER LA 191 -117.08 48.34 -42.08
N SER LA 192 -115.89 47.74 -42.18
CA SER LA 192 -115.60 46.72 -43.18
C SER LA 192 -115.21 45.43 -42.46
N PRO LA 193 -116.14 44.50 -42.26
CA PRO LA 193 -115.75 43.17 -41.77
C PRO LA 193 -115.14 42.33 -42.88
N TYR LA 194 -114.38 41.32 -42.47
CA TYR LA 194 -113.76 40.41 -43.43
C TYR LA 194 -113.33 39.15 -42.69
N GLU LA 195 -113.67 37.99 -43.26
CA GLU LA 195 -113.28 36.70 -42.70
C GLU LA 195 -113.80 36.54 -41.27
N ARG LA 196 -115.13 36.52 -41.15
CA ARG LA 196 -115.80 36.29 -39.88
C ARG LA 196 -115.45 37.37 -38.86
N SER LA 197 -115.71 38.63 -39.23
CA SER LA 197 -115.45 39.76 -38.35
C SER LA 197 -116.73 40.44 -37.85
N CYS LA 198 -117.88 40.10 -38.40
CA CYS LA 198 -119.14 40.71 -37.98
C CYS LA 198 -120.27 39.71 -38.20
N TYR LA 199 -120.92 39.31 -37.10
CA TYR LA 199 -122.01 38.35 -37.15
C TYR LA 199 -123.30 39.03 -36.72
N LEU LA 200 -124.41 38.68 -37.39
CA LEU LA 200 -125.73 39.21 -37.08
C LEU LA 200 -126.72 38.07 -36.97
N ARG LA 201 -127.58 38.14 -35.96
CA ARG LA 201 -128.58 37.10 -35.73
C ARG LA 201 -129.78 37.34 -36.63
N ASP LA 202 -130.03 36.41 -37.55
CA ASP LA 202 -131.16 36.52 -38.44
C ASP LA 202 -132.46 36.32 -37.66
N PRO LA 203 -133.58 36.88 -38.12
CA PRO LA 203 -134.86 36.64 -37.45
C PRO LA 203 -135.18 35.16 -37.29
N ALA LA 204 -134.57 34.32 -38.13
CA ALA LA 204 -134.66 32.88 -37.98
C ALA LA 204 -133.57 32.31 -37.07
N GLY LA 205 -133.04 33.13 -36.16
CA GLY LA 205 -132.07 32.64 -35.20
C GLY LA 205 -130.80 32.12 -35.82
N ARG LA 206 -130.50 32.48 -37.06
CA ARG LA 206 -129.29 32.04 -37.74
C ARG LA 206 -128.31 33.20 -37.78
N TRP LA 207 -127.14 33.01 -37.18
CA TRP LA 207 -126.11 34.05 -37.12
C TRP LA 207 -125.48 34.17 -38.50
N LEU LA 208 -125.81 35.25 -39.21
CA LEU LA 208 -125.30 35.49 -40.55
C LEU LA 208 -124.18 36.51 -40.48
N GLY LA 209 -122.97 36.10 -40.88
CA GLY LA 209 -121.87 37.03 -40.96
C GLY LA 209 -121.90 37.84 -42.24
N PHE LA 210 -121.34 39.05 -42.16
CA PHE LA 210 -121.30 39.98 -43.27
C PHE LA 210 -119.84 40.33 -43.57
N THR LA 211 -119.49 40.33 -44.86
CA THR LA 211 -118.15 40.69 -45.29
C THR LA 211 -118.26 41.62 -46.50
N VAL LA 212 -117.55 42.74 -46.45
CA VAL LA 212 -117.58 43.67 -47.58
C VAL LA 212 -116.92 43.06 -48.80
N ASP LA 213 -115.88 42.26 -48.61
CA ASP LA 213 -115.16 41.64 -49.71
C ASP LA 213 -115.20 40.13 -49.57
N GLY LA 214 -115.24 39.44 -50.71
CA GLY LA 214 -115.32 37.99 -50.70
C GLY LA 214 -114.01 37.35 -50.30
N GLY LA 215 -114.10 36.05 -50.03
CA GLY LA 215 -112.94 35.27 -49.64
C GLY LA 215 -113.12 33.79 -49.89
N ALA LA 216 -112.11 33.15 -50.48
CA ALA LA 216 -112.20 31.72 -50.75
C ALA LA 216 -112.31 30.93 -49.45
N ALA LA 217 -111.54 31.32 -48.44
CA ALA LA 217 -111.57 30.60 -47.16
C ALA LA 217 -112.95 30.67 -46.53
N ASN LA 218 -113.59 31.84 -46.59
CA ASN LA 218 -114.92 32.00 -46.01
C ASN LA 218 -115.94 31.15 -46.76
N GLU LA 219 -117.03 30.84 -46.08
CA GLU LA 219 -118.07 30.01 -46.67
C GLU LA 219 -118.74 30.72 -47.83
N SER LA 220 -119.22 29.93 -48.80
CA SER LA 220 -119.81 30.50 -50.00
C SER LA 220 -121.09 31.26 -49.69
N ASP LA 221 -121.83 30.85 -48.64
CA ASP LA 221 -123.11 31.48 -48.35
C ASP LA 221 -122.95 32.96 -48.03
N TYR LA 222 -121.92 33.32 -47.27
CA TYR LA 222 -121.75 34.70 -46.81
C TYR LA 222 -121.26 35.64 -47.91
N ASN LA 223 -120.85 35.12 -49.07
CA ASN LA 223 -120.35 35.98 -50.12
C ASN LA 223 -121.43 36.92 -50.63
N ASN LA 224 -122.67 36.43 -50.77
CA ASN LA 224 -123.73 37.21 -51.38
C ASN LA 224 -124.33 38.25 -50.45
N ARG LA 225 -124.08 38.16 -49.14
CA ARG LA 225 -124.56 39.14 -48.17
C ARG LA 225 -123.38 39.98 -47.72
N THR LA 226 -123.51 41.30 -47.87
CA THR LA 226 -122.39 42.22 -47.62
C THR LA 226 -122.93 43.53 -47.07
N LEU LA 227 -122.02 44.44 -46.74
CA LEU LA 227 -122.34 45.80 -46.31
C LEU LA 227 -122.22 46.72 -47.51
N LEU LA 228 -123.35 47.25 -47.96
CA LEU LA 228 -123.40 47.96 -49.24
C LEU LA 228 -122.51 49.19 -49.28
N PRO LA 229 -122.54 50.09 -48.28
CA PRO LA 229 -121.76 51.34 -48.41
C PRO LA 229 -120.32 51.13 -48.83
N LEU LA 230 -119.62 50.19 -48.21
CA LEU LA 230 -118.25 49.87 -48.58
C LEU LA 230 -118.19 48.72 -49.58
N GLY LA 231 -119.33 48.14 -49.94
CA GLY LA 231 -119.38 47.07 -50.92
C GLY LA 231 -119.97 47.53 -52.24
N CYS LA 232 -119.69 48.78 -52.63
CA CYS LA 232 -120.20 49.31 -53.88
C CYS LA 232 -119.61 48.62 -55.10
N GLY LA 233 -118.54 47.85 -54.94
CA GLY LA 233 -117.92 47.17 -56.07
C GLY LA 233 -118.78 46.10 -56.70
N ARG LA 234 -119.84 45.66 -56.02
CA ARG LA 234 -120.70 44.64 -56.58
C ARG LA 234 -121.33 45.10 -57.89
N TYR LA 235 -121.79 46.34 -57.95
CA TYR LA 235 -122.45 46.88 -59.12
C TYR LA 235 -121.56 47.78 -59.96
N ALA LA 236 -120.63 48.50 -59.34
CA ALA LA 236 -119.73 49.37 -60.09
C ALA LA 236 -118.83 48.54 -61.00
N GLY LA 237 -118.56 49.06 -62.20
CA GLY LA 237 -117.74 48.37 -63.16
C GLY LA 237 -116.30 48.83 -63.19
N SER LA 238 -115.87 49.55 -62.15
CA SER LA 238 -114.51 50.06 -62.05
C SER LA 238 -114.03 49.93 -60.62
N SER LA 239 -112.70 49.78 -60.47
CA SER LA 239 -112.11 49.67 -59.14
C SER LA 239 -112.31 50.96 -58.35
N ASP LA 240 -112.12 52.11 -59.01
CA ASP LA 240 -112.28 53.41 -58.36
C ASP LA 240 -113.72 53.86 -58.49
N THR LA 241 -114.34 54.19 -57.36
CA THR LA 241 -115.73 54.60 -57.30
C THR LA 241 -115.85 55.89 -56.49
N VAL LA 242 -117.07 56.39 -56.38
CA VAL LA 242 -117.31 57.65 -55.68
C VAL LA 242 -116.99 57.52 -54.20
N VAL LA 243 -117.37 56.39 -53.58
CA VAL LA 243 -117.19 56.24 -52.15
C VAL LA 243 -115.71 56.33 -51.77
N LYS LA 244 -114.84 55.69 -52.57
CA LYS LA 244 -113.41 55.77 -52.29
C LYS LA 244 -112.92 57.21 -52.35
N GLN LA 245 -113.51 58.04 -53.21
CA GLN LA 245 -113.09 59.41 -53.40
C GLN LA 245 -113.95 60.40 -52.62
N LEU LA 246 -114.73 59.92 -51.65
CA LEU LA 246 -115.57 60.81 -50.86
C LEU LA 246 -114.72 61.85 -50.13
N ARG LA 247 -115.24 63.06 -50.03
CA ARG LA 247 -114.53 64.15 -49.37
C ARG LA 247 -115.55 65.08 -48.73
N ASP LA 248 -115.09 65.85 -47.74
CA ASP LA 248 -115.94 66.79 -47.07
C ASP LA 248 -116.37 67.90 -48.03
N SER LA 249 -117.42 68.63 -47.62
CA SER LA 249 -118.01 69.69 -48.44
C SER LA 249 -117.91 71.01 -47.67
N PHE LA 250 -116.96 71.86 -48.08
CA PHE LA 250 -116.82 73.20 -47.49
C PHE LA 250 -116.68 73.13 -45.98
N GLY LA 251 -115.88 72.18 -45.50
CA GLY LA 251 -115.64 72.02 -44.08
C GLY LA 251 -116.67 71.19 -43.34
N LYS LA 252 -117.73 70.76 -44.01
CA LYS LA 252 -118.76 69.92 -43.40
C LYS LA 252 -118.51 68.48 -43.81
N PHE LA 253 -118.27 67.61 -42.81
CA PHE LA 253 -118.00 66.21 -43.07
C PHE LA 253 -119.33 65.46 -43.11
N PRO LA 254 -119.73 64.90 -44.24
CA PRO LA 254 -121.00 64.16 -44.27
C PRO LA 254 -120.88 62.79 -43.60
N LEU LA 255 -121.90 62.44 -42.83
CA LEU LA 255 -121.95 61.16 -42.12
C LEU LA 255 -122.90 60.23 -42.86
N LYS LA 256 -122.41 59.05 -43.21
CA LYS LA 256 -123.18 58.05 -43.95
C LYS LA 256 -123.43 56.86 -43.04
N ALA LA 257 -124.69 56.46 -42.92
CA ALA LA 257 -125.04 55.31 -42.10
C ALA LA 257 -124.55 54.01 -42.73
N LEU LA 258 -124.14 53.08 -41.89
CA LEU LA 258 -123.69 51.77 -42.34
C LEU LA 258 -124.88 50.83 -42.50
N GLN LA 259 -124.74 49.85 -43.39
CA GLN LA 259 -125.89 49.14 -43.94
C GLN LA 259 -125.76 47.64 -43.72
N PHE LA 260 -126.89 46.99 -43.50
CA PHE LA 260 -127.03 45.54 -43.53
C PHE LA 260 -128.01 45.18 -44.63
N VAL LA 261 -127.60 44.30 -45.52
CA VAL LA 261 -128.46 43.82 -46.60
C VAL LA 261 -128.02 42.43 -46.99
N THR LA 262 -129.01 41.58 -47.31
CA THR LA 262 -128.75 40.23 -47.79
C THR LA 262 -129.49 40.03 -49.10
N ARG LA 263 -128.75 39.64 -50.14
CA ARG LA 263 -129.29 39.42 -51.48
C ARG LA 263 -128.92 38.00 -51.89
N GLU LA 264 -129.75 37.04 -51.52
CA GLU LA 264 -129.54 35.63 -51.85
C GLU LA 264 -130.51 35.21 -52.94
N THR LA 265 -130.35 33.96 -53.39
CA THR LA 265 -131.26 33.42 -54.39
C THR LA 265 -132.69 33.34 -53.86
N GLU LA 266 -132.84 32.95 -52.60
CA GLU LA 266 -134.19 32.77 -52.04
C GLU LA 266 -134.96 34.08 -52.02
N GLY LA 267 -134.32 35.17 -51.61
CA GLY LA 267 -135.02 36.44 -51.52
C GLY LA 267 -134.10 37.52 -51.00
N ARG LA 268 -134.69 38.70 -50.82
CA ARG LA 268 -133.98 39.89 -50.36
C ARG LA 268 -134.67 40.44 -49.12
N ARG LA 269 -133.92 41.19 -48.31
CA ARG LA 269 -134.50 41.78 -47.12
C ARG LA 269 -133.56 42.84 -46.56
N TYR LA 270 -134.15 43.84 -45.92
CA TYR LA 270 -133.41 44.92 -45.28
C TYR LA 270 -133.41 44.65 -43.79
N LEU LA 271 -132.22 44.55 -43.19
CA LEU LA 271 -132.15 44.14 -41.79
C LEU LA 271 -132.08 45.32 -40.82
N GLY LA 272 -131.13 46.22 -41.00
CA GLY LA 272 -131.04 47.36 -40.10
C GLY LA 272 -129.79 48.17 -40.38
N ASP LA 273 -129.53 49.11 -39.47
CA ASP LA 273 -128.39 50.01 -39.58
C ASP LA 273 -127.61 50.03 -38.27
N PHE LA 274 -126.35 50.40 -38.37
CA PHE LA 274 -125.52 50.58 -37.18
C PHE LA 274 -126.01 51.79 -36.39
N ASP LA 275 -126.12 51.63 -35.09
CA ASP LA 275 -126.59 52.71 -34.21
C ASP LA 275 -125.38 53.43 -33.65
N GLY LA 276 -125.08 54.60 -34.18
CA GLY LA 276 -123.97 55.42 -33.71
C GLY LA 276 -122.68 55.26 -34.46
N ALA LA 277 -122.67 54.55 -35.59
CA ALA LA 277 -121.49 54.39 -36.42
C ALA LA 277 -121.79 54.82 -37.84
N PHE LA 278 -120.86 55.58 -38.42
CA PHE LA 278 -121.03 56.12 -39.76
C PHE LA 278 -119.70 56.09 -40.50
N TYR LA 279 -119.78 56.27 -41.81
CA TYR LA 279 -118.61 56.31 -42.68
C TYR LA 279 -118.29 57.75 -43.06
N VAL LA 280 -117.01 58.11 -42.94
CA VAL LA 280 -116.56 59.47 -43.25
C VAL LA 280 -115.21 59.40 -43.96
N PRO LA 281 -114.81 60.47 -44.63
CA PRO LA 281 -113.54 60.47 -45.35
C PRO LA 281 -112.35 60.64 -44.42
N THR LA 282 -111.16 60.54 -45.02
CA THR LA 282 -109.90 60.66 -44.29
C THR LA 282 -109.20 62.00 -44.53
N LEU LA 283 -109.58 62.72 -45.58
CA LEU LA 283 -108.81 63.87 -46.02
C LEU LA 283 -108.88 65.00 -45.01
N ASN LA 284 -107.73 65.66 -44.79
CA ASN LA 284 -107.63 66.80 -43.87
C ASN LA 284 -108.18 66.44 -42.50
N SER LA 285 -108.11 65.16 -42.13
CA SER LA 285 -108.66 64.69 -40.87
C SER LA 285 -108.03 63.34 -40.55
N GLY LA 286 -108.52 62.71 -39.50
CA GLY LA 286 -107.97 61.42 -39.08
C GLY LA 286 -108.55 61.03 -37.73
N ALA LA 287 -107.84 60.15 -37.04
CA ALA LA 287 -108.28 59.70 -35.74
C ALA LA 287 -108.32 60.86 -34.75
N GLU LA 288 -108.84 60.57 -33.55
CA GLU LA 288 -108.95 61.54 -32.45
C GLU LA 288 -109.46 62.90 -32.92
N ASP LA 289 -110.28 62.92 -33.97
CA ASP LA 289 -110.91 64.15 -34.45
C ASP LA 289 -112.38 64.15 -34.04
N VAL LA 290 -112.86 65.33 -33.64
CA VAL LA 290 -114.23 65.50 -33.17
C VAL LA 290 -114.94 66.47 -34.08
N ILE LA 291 -116.12 66.08 -34.57
CA ILE LA 291 -116.95 66.91 -35.43
C ILE LA 291 -118.35 66.98 -34.82
N VAL LA 292 -118.93 68.18 -34.81
CA VAL LA 292 -120.23 68.42 -34.19
C VAL LA 292 -121.26 68.61 -35.29
N GLU LA 293 -122.35 67.84 -35.22
CA GLU LA 293 -123.46 67.94 -36.16
C GLU LA 293 -124.76 68.06 -35.36
N ASP LA 294 -125.45 69.19 -35.53
CA ASP LA 294 -126.72 69.43 -34.85
C ASP LA 294 -126.57 69.28 -33.33
N GLY LA 295 -125.45 69.75 -32.80
CA GLY LA 295 -125.19 69.67 -31.38
C GLY LA 295 -124.77 68.30 -30.89
N VAL LA 296 -124.52 67.36 -31.79
CA VAL LA 296 -124.09 66.01 -31.44
C VAL LA 296 -122.68 65.80 -32.00
N ASP LA 297 -121.77 65.36 -31.14
CA ASP LA 297 -120.37 65.18 -31.52
C ASP LA 297 -120.13 63.77 -32.02
N HIS LA 298 -119.13 63.62 -32.86
CA HIS LA 298 -118.75 62.32 -33.41
C HIS LA 298 -117.22 62.21 -33.42
N VAL LA 299 -116.72 61.06 -32.97
CA VAL LA 299 -115.28 60.81 -32.97
C VAL LA 299 -114.93 60.08 -34.26
N VAL LA 300 -113.66 60.18 -34.65
CA VAL LA 300 -113.15 59.59 -35.89
C VAL LA 300 -112.12 58.55 -35.53
N PHE LA 301 -112.25 57.36 -36.14
CA PHE LA 301 -111.33 56.26 -35.93
C PHE LA 301 -111.01 55.60 -37.26
N GLN LA 302 -109.86 54.93 -37.32
CA GLN LA 302 -109.39 54.29 -38.53
C GLN LA 302 -109.07 52.82 -38.24
N THR LA 303 -109.17 52.00 -39.27
CA THR LA 303 -108.94 50.57 -39.11
C THR LA 303 -107.46 50.29 -38.88
N ALA LA 304 -107.19 49.10 -38.33
CA ALA LA 304 -105.81 48.70 -38.07
C ALA LA 304 -105.03 48.53 -39.37
N TRP LA 305 -105.66 47.94 -40.39
CA TRP LA 305 -104.96 47.69 -41.66
C TRP LA 305 -104.28 48.95 -42.18
N ARG LA 306 -105.08 49.97 -42.50
CA ARG LA 306 -104.56 51.25 -42.97
C ARG LA 306 -105.56 52.33 -42.59
N SER LA 307 -105.22 53.57 -42.93
CA SER LA 307 -106.09 54.72 -42.70
C SER LA 307 -106.70 55.23 -44.01
N GLY LA 308 -106.81 54.37 -45.01
CA GLY LA 308 -107.36 54.77 -46.29
C GLY LA 308 -108.82 55.18 -46.16
N ASN LA 309 -109.31 55.80 -47.24
CA ASN LA 309 -110.67 56.33 -47.24
C ASN LA 309 -111.67 55.22 -46.91
N PRO LA 310 -111.64 54.07 -47.60
CA PRO LA 310 -112.53 52.99 -47.20
C PRO LA 310 -112.25 52.50 -45.79
N TRP LA 311 -111.02 52.69 -45.34
CA TRP LA 311 -110.57 52.20 -44.03
C TRP LA 311 -110.70 53.28 -42.96
N LEU LA 312 -111.90 53.83 -42.79
CA LEU LA 312 -112.12 54.85 -41.77
C LEU LA 312 -113.61 54.96 -41.48
N TYR LA 313 -113.93 55.19 -40.21
CA TYR LA 313 -115.31 55.35 -39.77
C TYR LA 313 -115.34 56.24 -38.54
N ALA LA 314 -116.54 56.75 -38.24
CA ALA LA 314 -116.76 57.61 -37.08
C ALA LA 314 -117.85 57.02 -36.21
N ILE LA 315 -117.74 57.27 -34.90
CA ILE LA 315 -118.66 56.73 -33.91
C ILE LA 315 -119.28 57.89 -33.15
N ARG LA 316 -120.61 57.87 -33.02
CA ARG LA 316 -121.31 58.89 -32.25
C ARG LA 316 -120.96 58.77 -30.78
N LYS LA 317 -120.78 59.92 -30.13
CA LYS LA 317 -120.41 59.95 -28.72
C LYS LA 317 -121.50 60.47 -27.80
N ASP LA 318 -122.54 61.10 -28.34
CA ASP LA 318 -123.63 61.61 -27.53
C ASP LA 318 -123.16 62.75 -26.61
N ALA MA 2 -151.85 70.45 -53.58
CA ALA MA 2 -150.87 69.47 -53.12
C ALA MA 2 -150.78 68.30 -54.09
N TYR MA 3 -151.88 67.58 -54.25
CA TYR MA 3 -151.96 66.44 -55.15
C TYR MA 3 -153.13 66.65 -56.10
N PHE MA 4 -152.85 66.64 -57.41
CA PHE MA 4 -153.85 66.88 -58.42
C PHE MA 4 -153.79 65.78 -59.48
N THR MA 5 -154.94 65.51 -60.09
CA THR MA 5 -155.05 64.52 -61.15
C THR MA 5 -155.94 65.07 -62.25
N GLY MA 6 -155.74 64.58 -63.46
CA GLY MA 6 -156.53 65.02 -64.59
C GLY MA 6 -156.12 64.33 -65.86
N THR MA 7 -156.66 64.83 -66.97
CA THR MA 7 -156.39 64.27 -68.29
C THR MA 7 -156.06 65.41 -69.26
N ALA MA 8 -155.32 65.06 -70.31
CA ALA MA 8 -154.88 66.05 -71.29
C ALA MA 8 -154.72 65.36 -72.64
N ASN MA 9 -155.43 65.86 -73.65
CA ASN MA 9 -155.33 65.28 -74.99
C ASN MA 9 -154.05 65.71 -75.70
N ASN MA 10 -153.47 66.84 -75.31
CA ASN MA 10 -152.26 67.37 -75.92
C ASN MA 10 -151.35 67.94 -74.85
N PRO MA 11 -150.06 68.07 -75.13
CA PRO MA 11 -149.15 68.65 -74.12
C PRO MA 11 -149.52 70.07 -73.73
N ALA MA 12 -150.11 70.84 -74.65
CA ALA MA 12 -150.53 72.20 -74.31
C ALA MA 12 -151.57 72.19 -73.19
N ASP MA 13 -152.41 71.15 -73.13
CA ASP MA 13 -153.39 71.05 -72.05
C ASP MA 13 -152.68 70.92 -70.71
N LEU MA 14 -151.70 70.02 -70.62
CA LEU MA 14 -150.91 69.90 -69.40
C LEU MA 14 -150.23 71.22 -69.07
N LEU MA 15 -149.70 71.89 -70.09
CA LEU MA 15 -149.07 73.19 -69.90
C LEU MA 15 -150.04 74.16 -69.20
N ALA MA 16 -151.25 74.29 -69.75
CA ALA MA 16 -152.23 75.21 -69.20
C ALA MA 16 -152.60 74.83 -67.77
N LYS MA 17 -152.87 73.54 -67.55
CA LYS MA 17 -153.32 73.13 -66.21
C LYS MA 17 -152.22 73.34 -65.17
N VAL MA 18 -150.97 73.01 -65.51
CA VAL MA 18 -149.91 73.16 -64.51
C VAL MA 18 -149.64 74.64 -64.24
N ARG MA 19 -149.70 75.49 -65.26
CA ARG MA 19 -149.54 76.92 -64.96
C ARG MA 19 -150.68 77.43 -64.10
N VAL MA 20 -151.91 76.97 -64.36
CA VAL MA 20 -153.04 77.40 -63.55
C VAL MA 20 -152.82 76.99 -62.10
N HIS MA 21 -152.38 75.75 -61.88
CA HIS MA 21 -152.14 75.28 -60.51
C HIS MA 21 -151.03 76.09 -59.84
N ALA MA 22 -149.93 76.32 -60.56
CA ALA MA 22 -148.82 77.07 -59.99
C ALA MA 22 -149.24 78.48 -59.61
N GLU MA 23 -149.98 79.16 -60.51
CA GLU MA 23 -150.44 80.50 -60.21
C GLU MA 23 -151.39 80.50 -59.02
N SER MA 24 -152.30 79.52 -58.95
CA SER MA 24 -153.18 79.42 -57.80
C SER MA 24 -152.42 79.16 -56.51
N LEU MA 25 -151.23 78.56 -56.60
CA LEU MA 25 -150.41 78.29 -55.42
C LEU MA 25 -149.41 79.40 -55.15
N GLY MA 26 -149.45 80.50 -55.91
CA GLY MA 26 -148.61 81.65 -55.65
C GLY MA 26 -147.33 81.72 -56.44
N TRP MA 27 -147.06 80.75 -57.31
CA TRP MA 27 -145.85 80.78 -58.12
C TRP MA 27 -145.82 82.05 -58.97
N VAL MA 28 -144.64 82.64 -59.07
CA VAL MA 28 -144.45 83.88 -59.81
C VAL MA 28 -143.99 83.54 -61.22
N THR MA 29 -144.76 83.96 -62.22
CA THR MA 29 -144.44 83.76 -63.63
C THR MA 29 -144.07 85.11 -64.23
N ASP MA 30 -142.79 85.31 -64.53
CA ASP MA 30 -142.35 86.57 -65.11
C ASP MA 30 -143.00 86.81 -66.46
N ARG MA 31 -143.08 85.77 -67.29
CA ARG MA 31 -143.73 85.85 -68.59
C ARG MA 31 -144.43 84.54 -68.88
N ALA MA 32 -145.62 84.62 -69.47
CA ALA MA 32 -146.42 83.45 -69.79
C ALA MA 32 -146.93 83.54 -71.22
N SER MA 33 -147.15 82.38 -71.82
CA SER MA 33 -147.69 82.30 -73.17
C SER MA 33 -148.36 80.94 -73.32
N ALA MA 34 -148.94 80.71 -74.50
CA ALA MA 34 -149.62 79.44 -74.77
C ALA MA 34 -148.65 78.30 -74.93
N SER MA 35 -147.36 78.57 -75.20
CA SER MA 35 -146.39 77.52 -75.41
C SER MA 35 -145.05 77.74 -74.72
N GLU MA 36 -144.76 78.93 -74.21
CA GLU MA 36 -143.46 79.24 -73.61
C GLU MA 36 -143.67 79.84 -72.23
N TRP MA 37 -142.71 79.57 -71.34
CA TRP MA 37 -142.76 80.08 -69.97
C TRP MA 37 -141.40 80.63 -69.56
N LEU MA 38 -141.43 81.68 -68.75
CA LEU MA 38 -140.25 82.20 -68.05
C LEU MA 38 -140.71 82.52 -66.64
N CYS MA 39 -140.61 81.53 -65.75
CA CYS MA 39 -141.10 81.64 -64.38
C CYS MA 39 -139.93 81.54 -63.41
N HIS MA 40 -140.21 81.87 -62.15
CA HIS MA 40 -139.19 81.87 -61.11
C HIS MA 40 -139.88 81.82 -59.75
N ASN MA 41 -139.07 81.57 -58.72
CA ASN MA 41 -139.53 81.57 -57.34
C ASN MA 41 -138.42 82.13 -56.48
N ALA MA 42 -138.56 81.98 -55.16
CA ALA MA 42 -137.53 82.45 -54.23
C ALA MA 42 -136.25 81.66 -54.34
N ASP MA 43 -136.26 80.50 -55.00
CA ASP MA 43 -135.09 79.63 -55.10
C ASP MA 43 -134.31 79.83 -56.40
N GLY MA 44 -135.00 79.87 -57.54
CA GLY MA 44 -134.31 80.00 -58.79
C GLY MA 44 -135.26 80.35 -59.92
N TYR MA 45 -134.71 80.35 -61.13
CA TYR MA 45 -135.45 80.68 -62.34
C TYR MA 45 -135.45 79.49 -63.28
N TRP MA 46 -136.57 79.27 -63.96
CA TRP MA 46 -136.70 78.19 -64.91
C TRP MA 46 -137.42 78.67 -66.16
N SER MA 47 -137.14 78.02 -67.28
CA SER MA 47 -137.78 78.32 -68.56
C SER MA 47 -138.22 77.02 -69.20
N PHE MA 48 -139.42 77.02 -69.75
CA PHE MA 48 -140.00 75.83 -70.37
C PHE MA 48 -140.61 76.19 -71.71
N ASN MA 49 -140.55 75.23 -72.64
CA ASN MA 49 -141.15 75.37 -73.96
C ASN MA 49 -141.78 74.04 -74.35
N ALA MA 50 -142.98 74.10 -74.91
CA ALA MA 50 -143.73 72.91 -75.29
C ALA MA 50 -143.65 72.71 -76.80
N GLY MA 51 -143.08 71.57 -77.21
CA GLY MA 51 -143.00 71.21 -78.61
C GLY MA 51 -144.23 70.44 -79.07
N ALA MA 52 -144.14 69.93 -80.29
CA ALA MA 52 -145.25 69.14 -80.83
C ALA MA 52 -145.48 67.88 -80.01
N ASN MA 53 -144.41 67.20 -79.61
CA ASN MA 53 -144.53 65.97 -78.83
C ASN MA 53 -143.48 65.89 -77.73
N GLN MA 54 -142.95 67.01 -77.26
CA GLN MA 54 -141.93 67.00 -76.24
C GLN MA 54 -141.87 68.36 -75.57
N PHE MA 55 -141.23 68.40 -74.40
CA PHE MA 55 -141.00 69.63 -73.65
C PHE MA 55 -139.52 69.96 -73.64
N GLN MA 56 -139.21 71.25 -73.76
CA GLN MA 56 -137.85 71.76 -73.67
C GLN MA 56 -137.75 72.62 -72.43
N MET MA 57 -136.81 72.27 -71.54
CA MET MA 57 -136.63 72.96 -70.28
C MET MA 57 -135.19 73.41 -70.15
N ALA MA 58 -134.99 74.52 -69.43
CA ALA MA 58 -133.66 75.06 -69.22
C ALA MA 58 -133.67 75.92 -67.96
N GLY MA 59 -132.56 75.89 -67.23
CA GLY MA 59 -132.42 76.74 -66.07
C GLY MA 59 -132.10 78.17 -66.46
N ASN MA 60 -132.10 79.04 -65.45
CA ASN MA 60 -131.87 80.46 -65.69
C ASN MA 60 -131.39 81.13 -64.41
N THR MA 61 -130.71 82.25 -64.59
CA THR MA 61 -130.25 83.07 -63.48
C THR MA 61 -130.70 84.52 -63.55
N GLY MA 62 -130.95 85.06 -64.75
CA GLY MA 62 -131.49 86.39 -64.89
C GLY MA 62 -132.62 86.38 -65.91
N PHE MA 63 -133.26 87.54 -66.06
CA PHE MA 63 -134.41 87.68 -66.94
C PHE MA 63 -134.15 88.75 -67.99
N ASP MA 64 -134.63 88.50 -69.21
CA ASP MA 64 -134.58 89.48 -70.29
C ASP MA 64 -135.68 89.14 -71.28
N ASN MA 65 -136.72 89.95 -71.31
CA ASN MA 65 -137.88 89.66 -72.16
C ASN MA 65 -137.53 89.68 -73.64
N SER MA 66 -136.44 90.34 -74.02
CA SER MA 66 -136.06 90.44 -75.42
C SER MA 66 -135.27 89.23 -75.92
N LEU MA 67 -134.94 88.29 -75.05
CA LEU MA 67 -134.17 87.11 -75.41
C LEU MA 67 -135.09 85.91 -75.59
N ALA MA 68 -134.67 84.99 -76.44
CA ALA MA 68 -135.47 83.81 -76.74
C ALA MA 68 -135.58 82.92 -75.50
N TRP MA 69 -136.37 81.85 -75.63
CA TRP MA 69 -136.59 80.95 -74.50
C TRP MA 69 -135.29 80.27 -74.08
N ASN MA 70 -134.36 80.05 -75.01
CA ASN MA 70 -133.09 79.39 -74.74
C ASN MA 70 -131.92 80.37 -74.82
N ALA MA 71 -132.15 81.63 -74.46
CA ALA MA 71 -131.09 82.64 -74.50
C ALA MA 71 -131.11 83.55 -73.29
N GLN MA 72 -131.69 83.11 -72.17
CA GLN MA 72 -131.73 83.95 -70.98
C GLN MA 72 -130.33 84.06 -70.36
N PRO MA 73 -130.10 85.09 -69.55
CA PRO MA 73 -128.80 85.23 -68.90
C PRO MA 73 -128.47 83.99 -68.07
N GLY MA 74 -127.21 83.56 -68.15
CA GLY MA 74 -126.79 82.38 -67.41
C GLY MA 74 -127.57 81.14 -67.77
N ASN MA 75 -127.88 80.96 -69.05
CA ASN MA 75 -128.62 79.79 -69.48
C ASN MA 75 -127.72 78.55 -69.50
N SER MA 76 -128.34 77.39 -69.28
CA SER MA 76 -127.59 76.14 -69.24
C SER MA 76 -127.05 75.74 -70.61
N VAL MA 77 -127.60 76.29 -71.69
CA VAL MA 77 -127.18 75.88 -73.03
C VAL MA 77 -125.71 76.20 -73.26
N GLN MA 78 -125.29 77.41 -72.88
CA GLN MA 78 -123.93 77.87 -73.13
C GLN MA 78 -122.99 77.68 -71.94
N ASN MA 79 -123.54 77.46 -70.74
CA ASN MA 79 -122.75 77.37 -69.52
C ASN MA 79 -122.59 75.93 -69.03
N ASN MA 80 -122.44 74.98 -69.94
CA ASN MA 80 -122.26 73.59 -69.58
C ASN MA 80 -121.02 73.02 -70.24
N PRO MA 81 -120.39 72.00 -69.64
CA PRO MA 81 -119.18 71.43 -70.24
C PRO MA 81 -119.42 70.80 -71.61
N TYR MA 82 -120.67 70.44 -71.94
CA TYR MA 82 -120.94 69.80 -73.22
C TYR MA 82 -120.53 70.71 -74.36
N SER MA 83 -119.92 70.11 -75.39
CA SER MA 83 -119.60 70.85 -76.61
C SER MA 83 -120.83 71.06 -77.46
N SER MA 84 -121.82 70.17 -77.38
CA SER MA 84 -123.04 70.30 -78.18
C SER MA 84 -123.83 71.53 -77.77
N LYS MA 85 -123.84 71.85 -76.47
CA LYS MA 85 -124.57 73.01 -75.95
C LYS MA 85 -126.07 72.85 -76.20
N GLY MA 86 -126.64 71.79 -75.63
CA GLY MA 86 -128.05 71.52 -75.76
C GLY MA 86 -128.77 71.63 -74.43
N PRO MA 87 -130.03 72.06 -74.44
CA PRO MA 87 -130.80 72.19 -73.20
C PRO MA 87 -131.44 70.87 -72.82
N THR MA 88 -132.09 70.87 -71.66
CA THR MA 88 -132.80 69.69 -71.18
C THR MA 88 -133.98 69.38 -72.10
N VAL MA 89 -134.23 68.08 -72.31
CA VAL MA 89 -135.27 67.63 -73.22
C VAL MA 89 -136.05 66.49 -72.55
N ALA MA 90 -137.38 66.53 -72.69
CA ALA MA 90 -138.26 65.48 -72.23
C ALA MA 90 -139.10 65.03 -73.41
N GLN MA 91 -138.82 63.82 -73.91
CA GLN MA 91 -139.48 63.32 -75.11
C GLN MA 91 -140.76 62.59 -74.72
N LEU MA 92 -141.89 63.04 -75.30
CA LEU MA 92 -143.20 62.44 -75.06
C LEU MA 92 -143.78 61.98 -76.40
N SER MA 93 -145.04 61.56 -76.34
CA SER MA 93 -145.75 61.09 -77.53
C SER MA 93 -146.56 62.22 -78.15
N GLY MA 94 -147.42 61.85 -79.10
CA GLY MA 94 -148.21 62.81 -79.85
C GLY MA 94 -148.99 63.78 -79.00
N GLY MA 95 -149.39 63.37 -77.80
CA GLY MA 95 -150.14 64.22 -76.91
C GLY MA 95 -151.25 63.52 -76.16
N PRO MA 96 -151.89 62.50 -76.76
CA PRO MA 96 -152.90 61.73 -76.01
C PRO MA 96 -152.35 61.19 -74.71
N PHE MA 97 -152.91 61.64 -73.59
CA PHE MA 97 -152.44 61.24 -72.25
C PHE MA 97 -153.60 60.59 -71.51
N THR MA 98 -153.36 59.39 -70.98
CA THR MA 98 -154.36 58.70 -70.18
C THR MA 98 -154.71 59.52 -68.94
N ARG MA 99 -153.69 60.00 -68.24
CA ARG MA 99 -153.89 60.76 -67.01
C ARG MA 99 -152.55 61.37 -66.61
N TYR MA 100 -152.61 62.36 -65.73
CA TYR MA 100 -151.42 62.99 -65.18
C TYR MA 100 -151.60 63.21 -63.69
N HIS MA 101 -150.54 62.93 -62.94
CA HIS MA 101 -150.52 63.16 -61.49
C HIS MA 101 -149.51 64.26 -61.19
N LEU MA 102 -149.96 65.29 -60.50
CA LEU MA 102 -149.17 66.49 -60.26
C LEU MA 102 -148.99 66.71 -58.77
N PHE MA 103 -147.74 66.96 -58.36
CA PHE MA 103 -147.40 67.32 -56.99
C PHE MA 103 -146.82 68.73 -57.02
N ALA MA 104 -147.44 69.65 -56.29
CA ALA MA 104 -147.07 71.06 -56.33
C ALA MA 104 -146.73 71.55 -54.93
N THR MA 105 -145.64 72.32 -54.85
CA THR MA 105 -145.23 72.95 -53.60
C THR MA 105 -144.60 74.30 -53.94
N ALA MA 106 -144.39 75.11 -52.90
CA ALA MA 106 -143.79 76.42 -53.10
C ALA MA 106 -142.33 76.34 -53.52
N ALA MA 107 -141.68 75.18 -53.32
CA ALA MA 107 -140.26 75.04 -53.60
C ALA MA 107 -139.95 74.12 -54.76
N TYR MA 108 -140.85 73.21 -55.12
CA TYR MA 108 -140.58 72.26 -56.19
C TYR MA 108 -141.89 71.85 -56.84
N LEU MA 109 -141.77 71.35 -58.08
CA LEU MA 109 -142.90 70.85 -58.84
C LEU MA 109 -142.53 69.49 -59.42
N HIS MA 110 -143.41 68.51 -59.22
CA HIS MA 110 -143.20 67.16 -59.72
C HIS MA 110 -144.41 66.75 -60.55
N LEU MA 111 -144.16 66.12 -61.70
CA LEU MA 111 -145.22 65.69 -62.59
C LEU MA 111 -144.96 64.28 -63.07
N HIS MA 112 -146.03 63.50 -63.21
CA HIS MA 112 -145.95 62.13 -63.73
C HIS MA 112 -147.16 61.92 -64.63
N VAL MA 113 -146.92 61.81 -65.93
CA VAL MA 113 -147.97 61.73 -66.93
C VAL MA 113 -147.98 60.33 -67.51
N GLU MA 114 -149.16 59.70 -67.54
CA GLU MA 114 -149.34 58.40 -68.18
C GLU MA 114 -149.80 58.65 -69.61
N ILE MA 115 -148.84 58.68 -70.53
CA ILE MA 115 -149.17 59.01 -71.92
C ILE MA 115 -150.06 57.94 -72.52
N ALA MA 116 -149.85 56.68 -72.14
CA ALA MA 116 -150.65 55.58 -72.65
C ALA MA 116 -150.66 54.47 -71.61
N ALA MA 117 -151.42 53.41 -71.88
CA ALA MA 117 -151.50 52.29 -70.97
C ALA MA 117 -150.12 51.70 -70.73
N GLY MA 118 -149.61 51.84 -69.50
CA GLY MA 118 -148.30 51.35 -69.14
C GLY MA 118 -147.15 52.28 -69.47
N GLN MA 119 -147.42 53.40 -70.13
CA GLN MA 119 -146.39 54.36 -70.50
C GLN MA 119 -146.47 55.56 -69.57
N PHE MA 120 -145.36 55.91 -68.93
CA PHE MA 120 -145.30 57.02 -67.99
C PHE MA 120 -144.04 57.83 -68.27
N ARG MA 121 -144.14 59.14 -68.06
CA ARG MA 121 -143.03 60.06 -68.32
C ARG MA 121 -142.92 61.05 -67.17
N PRO MA 122 -141.87 60.97 -66.35
CA PRO MA 122 -141.72 61.92 -65.24
C PRO MA 122 -141.05 63.22 -65.66
N VAL MA 123 -141.44 64.29 -64.97
CA VAL MA 123 -140.85 65.61 -65.14
C VAL MA 123 -140.57 66.18 -63.76
N MET MA 124 -139.35 66.68 -63.55
CA MET MA 124 -138.91 67.10 -62.22
C MET MA 124 -138.32 68.51 -62.28
N ILE MA 125 -138.79 69.37 -61.37
CA ILE MA 125 -138.24 70.70 -61.18
C ILE MA 125 -138.23 71.01 -59.69
N GLY MA 126 -137.16 71.65 -59.23
CA GLY MA 126 -137.09 72.03 -57.83
C GLY MA 126 -135.64 72.30 -57.42
N SER MA 127 -135.42 72.27 -56.11
CA SER MA 127 -134.10 72.48 -55.52
C SER MA 127 -133.85 71.42 -54.46
N LEU MA 128 -132.59 70.99 -54.37
CA LEU MA 128 -132.20 70.00 -53.37
C LEU MA 128 -132.26 70.61 -51.97
N ASN MA 129 -132.60 69.76 -50.99
CA ASN MA 129 -132.57 70.18 -49.59
C ASN MA 129 -131.13 70.36 -49.16
N LYS MA 130 -130.77 71.58 -48.74
CA LYS MA 130 -129.40 71.86 -48.36
C LYS MA 130 -128.97 71.03 -47.16
N ARG MA 131 -129.89 70.75 -46.24
CA ARG MA 131 -129.58 69.97 -45.04
C ARG MA 131 -128.43 70.58 -44.26
N GLY MA 132 -128.42 71.91 -44.18
CA GLY MA 132 -127.38 72.62 -43.46
C GLY MA 132 -126.08 72.81 -44.21
N VAL MA 133 -125.99 72.35 -45.45
CA VAL MA 133 -124.78 72.47 -46.25
C VAL MA 133 -124.81 73.82 -46.97
N GLY MA 134 -123.72 74.58 -46.81
CA GLY MA 134 -123.66 75.91 -47.39
C GLY MA 134 -123.14 75.92 -48.82
N TYR MA 135 -124.06 76.05 -49.79
CA TYR MA 135 -123.69 76.11 -51.18
C TYR MA 135 -124.77 76.88 -51.93
N THR MA 136 -124.36 77.56 -52.99
CA THR MA 136 -125.26 78.36 -53.82
C THR MA 136 -125.72 77.55 -55.02
N GLY MA 137 -127.01 77.65 -55.32
CA GLY MA 137 -127.59 76.89 -56.43
C GLY MA 137 -128.50 75.79 -55.94
N GLY MA 138 -128.26 74.56 -56.42
CA GLY MA 138 -129.04 73.42 -56.02
C GLY MA 138 -130.31 73.19 -56.82
N GLN MA 139 -130.66 74.10 -57.74
CA GLN MA 139 -131.83 73.92 -58.57
C GLN MA 139 -131.60 72.78 -59.56
N TYR MA 140 -132.62 71.94 -59.75
CA TYR MA 140 -132.52 70.79 -60.63
C TYR MA 140 -133.73 70.75 -61.55
N VAL MA 141 -133.48 70.45 -62.83
CA VAL MA 141 -134.53 70.27 -63.82
C VAL MA 141 -134.21 68.99 -64.60
N CYS MA 142 -135.18 68.08 -64.67
CA CYS MA 142 -134.98 66.79 -65.31
C CYS MA 142 -136.08 66.53 -66.33
N GLY MA 143 -135.77 65.66 -67.28
CA GLY MA 143 -136.73 65.22 -68.27
C GLY MA 143 -136.58 63.74 -68.53
N SER MA 144 -137.47 63.22 -69.38
CA SER MA 144 -137.49 61.81 -69.75
C SER MA 144 -137.20 61.69 -71.23
N PHE MA 145 -136.19 60.90 -71.58
CA PHE MA 145 -135.79 60.67 -72.96
C PHE MA 145 -135.89 59.19 -73.28
N ILE MA 146 -136.39 58.88 -74.48
CA ILE MA 146 -136.51 57.52 -74.96
C ILE MA 146 -135.61 57.36 -76.18
N TYR MA 147 -134.86 56.26 -76.22
CA TYR MA 147 -133.90 56.06 -77.30
C TYR MA 147 -134.62 55.76 -78.61
N THR MA 148 -135.34 54.64 -78.67
CA THR MA 148 -136.03 54.24 -79.89
C THR MA 148 -137.23 53.35 -79.55
N PRO MA 149 -138.44 53.73 -79.95
CA PRO MA 149 -139.60 52.84 -79.72
C PRO MA 149 -139.42 51.52 -80.47
N GLY MA 150 -139.90 50.46 -79.87
CA GLY MA 150 -139.81 49.12 -80.46
C GLY MA 150 -138.58 48.34 -80.06
N GLN MA 151 -137.41 48.97 -80.14
CA GLN MA 151 -136.16 48.34 -79.76
C GLN MA 151 -135.97 48.49 -78.26
N ALA MA 152 -134.77 48.17 -77.75
CA ALA MA 152 -134.49 48.30 -76.33
C ALA MA 152 -134.81 49.70 -75.87
N LEU MA 153 -135.84 49.85 -75.03
CA LEU MA 153 -136.28 51.18 -74.62
C LEU MA 153 -135.31 51.80 -73.62
N THR MA 154 -134.76 50.99 -72.71
CA THR MA 154 -133.82 51.46 -71.70
C THR MA 154 -132.38 51.16 -72.11
N ASN MA 155 -132.07 51.28 -73.39
CA ASN MA 155 -130.74 50.99 -73.90
C ASN MA 155 -129.71 51.87 -73.18
N ASN MA 156 -128.44 51.53 -73.38
CA ASN MA 156 -127.36 52.26 -72.73
C ASN MA 156 -127.37 53.73 -73.13
N TRP MA 157 -127.61 54.00 -74.41
CA TRP MA 157 -127.61 55.38 -74.88
C TRP MA 157 -128.71 56.21 -74.26
N SER MA 158 -129.74 55.57 -73.69
CA SER MA 158 -130.84 56.29 -73.09
C SER MA 158 -130.38 57.08 -71.87
N SER MA 159 -131.13 58.14 -71.56
CA SER MA 159 -130.87 58.96 -70.39
C SER MA 159 -132.16 59.15 -69.62
N HIS MA 160 -132.05 59.21 -68.30
CA HIS MA 160 -133.20 59.29 -67.40
C HIS MA 160 -132.89 60.32 -66.32
N PRO MA 161 -133.93 60.81 -65.63
CA PRO MA 161 -133.69 61.79 -64.56
C PRO MA 161 -132.71 61.26 -63.52
N PHE MA 162 -131.77 62.12 -63.11
CA PHE MA 162 -130.74 61.74 -62.14
C PHE MA 162 -129.90 60.57 -62.62
N ASP MA 163 -129.81 60.34 -63.93
CA ASP MA 163 -129.11 59.16 -64.42
C ASP MA 163 -127.63 59.21 -64.05
N GLY MA 164 -127.07 58.04 -63.81
CA GLY MA 164 -125.66 57.92 -63.48
C GLY MA 164 -124.85 57.21 -64.56
N TYR MA 165 -125.50 56.87 -65.67
CA TYR MA 165 -124.83 56.16 -66.76
C TYR MA 165 -125.62 56.36 -68.04
N HIS MA 166 -125.03 57.03 -69.01
CA HIS MA 166 -125.67 57.23 -70.31
C HIS MA 166 -124.61 57.53 -71.34
N ILE MA 167 -124.98 57.35 -72.61
CA ILE MA 167 -124.10 57.59 -73.74
C ILE MA 167 -124.84 58.49 -74.72
N GLN MA 168 -124.46 59.77 -74.77
CA GLN MA 168 -125.09 60.72 -75.67
C GLN MA 168 -124.26 62.00 -75.70
N TYR MA 169 -124.06 62.53 -76.90
CA TYR MA 169 -123.22 63.72 -77.09
C TYR MA 169 -124.02 64.98 -77.40
N SER MA 170 -125.35 64.89 -77.52
CA SER MA 170 -126.18 66.01 -77.93
C SER MA 170 -127.05 66.55 -76.81
N ASN MA 171 -127.83 65.71 -76.14
CA ASN MA 171 -128.81 66.14 -75.16
C ASN MA 171 -128.61 65.42 -73.85
N SER MA 172 -129.07 66.04 -72.78
CA SER MA 172 -129.01 65.47 -71.43
C SER MA 172 -130.41 65.43 -70.83
N SER MA 173 -130.68 64.38 -70.06
CA SER MA 173 -132.01 64.22 -69.47
C SER MA 173 -132.23 65.16 -68.29
N CYS MA 174 -131.19 65.43 -67.50
CA CYS MA 174 -131.35 66.30 -66.34
C CYS MA 174 -130.03 67.01 -66.05
N MET MA 175 -130.11 68.05 -65.24
CA MET MA 175 -128.98 68.89 -64.90
C MET MA 175 -129.00 69.18 -63.41
N LEU MA 176 -127.98 69.91 -62.94
CA LEU MA 176 -127.88 70.30 -61.54
C LEU MA 176 -126.99 71.52 -61.44
N ARG MA 177 -127.43 72.53 -60.70
CA ARG MA 177 -126.68 73.77 -60.58
C ARG MA 177 -125.77 73.72 -59.34
N LEU MA 178 -124.50 74.06 -59.54
CA LEU MA 178 -123.53 74.12 -58.45
C LEU MA 178 -122.61 75.30 -58.74
N ASP MA 179 -122.86 76.42 -58.07
CA ASP MA 179 -122.17 77.67 -58.38
C ASP MA 179 -120.78 77.69 -57.73
N GLY MA 180 -119.84 78.32 -58.43
CA GLY MA 180 -118.51 78.52 -57.88
C GLY MA 180 -117.75 77.25 -57.61
N LEU MA 181 -117.91 76.22 -58.44
CA LEU MA 181 -117.19 74.98 -58.24
C LEU MA 181 -115.76 75.12 -58.76
N ASP MA 182 -114.79 74.79 -57.90
CA ASP MA 182 -113.38 74.80 -58.27
C ASP MA 182 -112.95 76.17 -58.78
N GLY MA 183 -113.47 77.23 -58.15
CA GLY MA 183 -113.03 78.57 -58.44
C GLY MA 183 -113.50 79.14 -59.76
N GLY MA 184 -114.45 78.49 -60.42
CA GLY MA 184 -114.96 78.98 -61.69
C GLY MA 184 -116.01 80.05 -61.50
N PRO MA 185 -116.47 80.60 -62.62
CA PRO MA 185 -117.54 81.61 -62.55
C PRO MA 185 -118.79 81.04 -61.89
N SER MA 186 -119.51 81.90 -61.19
CA SER MA 186 -120.69 81.46 -60.46
C SER MA 186 -121.69 80.70 -61.33
N PRO MA 187 -122.01 81.13 -62.55
CA PRO MA 187 -122.99 80.37 -63.35
C PRO MA 187 -122.43 79.06 -63.84
N GLU MA 188 -122.87 77.95 -63.24
CA GLU MA 188 -122.39 76.62 -63.60
C GLU MA 188 -123.56 75.65 -63.53
N TRP MA 189 -123.85 74.98 -64.64
CA TRP MA 189 -124.93 74.01 -64.74
C TRP MA 189 -124.29 72.65 -64.99
N LEU MA 190 -124.20 71.83 -63.95
CA LEU MA 190 -123.53 70.54 -64.03
C LEU MA 190 -124.48 69.46 -64.51
N PRO MA 191 -124.23 68.85 -65.67
CA PRO MA 191 -125.11 67.78 -66.15
C PRO MA 191 -124.78 66.44 -65.51
N PHE MA 192 -125.72 65.51 -65.66
CA PHE MA 192 -125.57 64.16 -65.13
C PHE MA 192 -124.90 63.30 -66.21
N ASP MA 193 -123.57 63.27 -66.18
CA ASP MA 193 -122.79 62.50 -67.13
C ASP MA 193 -121.62 61.86 -66.41
N TYR MA 194 -121.16 60.72 -66.93
CA TYR MA 194 -120.09 59.97 -66.29
C TYR MA 194 -118.96 59.62 -67.27
N THR MA 195 -119.31 59.40 -68.53
CA THR MA 195 -118.34 58.89 -69.51
C THR MA 195 -117.57 60.00 -70.23
N THR MA 196 -117.96 61.26 -70.07
CA THR MA 196 -117.27 62.34 -70.77
C THR MA 196 -115.93 62.68 -70.13
N ASN MA 197 -115.66 62.22 -68.91
CA ASN MA 197 -114.41 62.51 -68.21
C ASN MA 197 -114.17 64.01 -68.07
N VAL MA 198 -115.22 64.81 -68.11
CA VAL MA 198 -115.10 66.25 -67.92
C VAL MA 198 -114.63 66.51 -66.50
N PRO MA 199 -113.87 67.58 -66.24
CA PRO MA 199 -113.37 67.78 -64.88
C PRO MA 199 -114.46 67.89 -63.83
N ARG MA 200 -115.59 68.52 -64.18
CA ARG MA 200 -116.68 68.74 -63.25
C ARG MA 200 -117.95 68.11 -63.80
N ARG MA 201 -118.63 67.31 -62.98
CA ARG MA 201 -119.84 66.62 -63.37
C ARG MA 201 -120.55 66.12 -62.12
N VAL MA 202 -121.77 65.62 -62.31
CA VAL MA 202 -122.60 65.12 -61.21
C VAL MA 202 -123.18 63.78 -61.61
N VAL MA 203 -123.56 63.00 -60.60
CA VAL MA 203 -124.09 61.65 -60.79
C VAL MA 203 -125.22 61.42 -59.79
N GLY MA 204 -126.14 60.52 -60.15
CA GLY MA 204 -127.26 60.21 -59.29
C GLY MA 204 -127.79 58.80 -59.48
N PRO MA 205 -128.68 58.36 -58.58
CA PRO MA 205 -129.24 57.00 -58.68
C PRO MA 205 -130.33 56.85 -59.74
N GLY MA 206 -130.45 57.83 -60.63
CA GLY MA 206 -131.57 57.90 -61.56
C GLY MA 206 -132.06 56.59 -62.14
N ARG MA 207 -131.16 55.85 -62.79
CA ARG MA 207 -131.57 54.64 -63.50
C ARG MA 207 -132.09 53.56 -62.56
N GLY MA 208 -131.79 53.65 -61.27
CA GLY MA 208 -132.28 52.68 -60.31
C GLY MA 208 -131.28 51.58 -60.00
N ASN MA 209 -131.55 50.37 -60.48
CA ASN MA 209 -130.71 49.21 -60.24
C ASN MA 209 -130.23 48.61 -61.56
N TYR MA 210 -129.79 49.48 -62.46
CA TYR MA 210 -129.21 49.03 -63.71
C TYR MA 210 -127.85 48.39 -63.45
N SER MA 211 -127.43 47.52 -64.39
CA SER MA 211 -126.21 46.76 -64.18
C SER MA 211 -125.00 47.66 -64.01
N SER MA 212 -124.88 48.69 -64.84
CA SER MA 212 -123.75 49.60 -64.83
C SER MA 212 -124.12 50.96 -64.23
N GLN MA 213 -124.97 50.96 -63.21
CA GLN MA 213 -125.34 52.19 -62.52
C GLN MA 213 -124.27 52.51 -61.49
N TYR MA 214 -123.85 53.77 -61.45
CA TYR MA 214 -122.76 54.21 -60.57
C TYR MA 214 -123.35 54.94 -59.38
N HIS MA 215 -123.59 54.21 -58.30
CA HIS MA 215 -124.01 54.79 -57.03
C HIS MA 215 -123.92 53.74 -55.93
N PRO MA 216 -123.50 54.09 -54.71
CA PRO MA 216 -123.33 53.08 -53.68
C PRO MA 216 -124.64 52.61 -53.04
N ASP MA 217 -125.74 53.33 -53.24
CA ASP MA 217 -127.03 52.94 -52.68
C ASP MA 217 -127.78 51.96 -53.57
N VAL MA 218 -127.27 51.67 -54.77
CA VAL MA 218 -127.97 50.77 -55.67
C VAL MA 218 -128.40 49.50 -54.93
N GLY MA 219 -127.58 49.06 -53.97
CA GLY MA 219 -127.99 47.93 -53.15
C GLY MA 219 -129.19 48.25 -52.28
N LEU MA 220 -129.23 49.46 -51.71
CA LEU MA 220 -130.39 49.85 -50.91
C LEU MA 220 -131.66 49.84 -51.75
N ILE MA 221 -131.60 50.39 -52.95
CA ILE MA 221 -132.76 50.33 -53.84
C ILE MA 221 -133.09 48.88 -54.19
N ASP MA 222 -132.08 48.05 -54.43
CA ASP MA 222 -132.36 46.65 -54.78
C ASP MA 222 -133.07 45.93 -53.64
N ALA MA 223 -132.68 46.20 -52.40
CA ALA MA 223 -133.21 45.53 -51.24
C ALA MA 223 -134.33 46.31 -50.55
N SER MA 224 -134.83 47.38 -51.17
CA SER MA 224 -135.87 48.20 -50.53
C SER MA 224 -137.05 47.35 -50.09
N ALA MA 225 -137.42 46.32 -50.85
CA ALA MA 225 -138.52 45.45 -50.51
C ALA MA 225 -138.05 44.38 -49.53
N ASN MA 226 -138.76 44.22 -48.43
CA ASN MA 226 -138.43 43.25 -47.39
C ASN MA 226 -139.25 41.99 -47.60
N GLU MA 227 -138.56 40.85 -47.66
CA GLU MA 227 -139.25 39.58 -47.82
C GLU MA 227 -139.81 39.05 -46.50
N LEU MA 228 -139.40 39.62 -45.37
CA LEU MA 228 -139.89 39.15 -44.08
C LEU MA 228 -141.36 39.52 -43.90
N ASN MA 229 -141.67 40.81 -43.91
CA ASN MA 229 -143.01 41.31 -43.67
C ASN MA 229 -143.60 42.02 -44.87
N SER MA 230 -142.99 41.89 -46.05
CA SER MA 230 -143.46 42.58 -47.25
C SER MA 230 -143.45 44.09 -47.07
N SER MA 231 -142.55 44.58 -46.20
CA SER MA 231 -142.46 46.00 -45.92
C SER MA 231 -141.48 46.68 -46.87
N THR MA 232 -141.78 47.92 -47.22
CA THR MA 232 -140.94 48.72 -48.11
C THR MA 232 -140.54 50.00 -47.41
N THR MA 233 -139.30 50.44 -47.64
CA THR MA 233 -138.75 51.62 -47.01
C THR MA 233 -138.34 52.64 -48.08
N THR MA 234 -138.20 53.88 -47.64
CA THR MA 234 -137.79 54.97 -48.51
C THR MA 234 -136.28 55.16 -48.39
N VAL MA 235 -135.60 55.23 -49.53
CA VAL MA 235 -134.16 55.43 -49.59
C VAL MA 235 -133.90 56.84 -50.11
N PRO MA 236 -133.25 57.72 -49.35
CA PRO MA 236 -132.95 59.05 -49.87
C PRO MA 236 -132.12 58.97 -51.13
N CYS MA 237 -132.40 59.88 -52.07
CA CYS MA 237 -131.73 59.91 -53.37
C CYS MA 237 -130.55 60.89 -53.28
N ALA MA 238 -129.47 60.41 -52.68
CA ALA MA 238 -128.28 61.24 -52.53
C ALA MA 238 -127.66 61.52 -53.90
N ILE MA 239 -127.07 62.70 -54.02
CA ILE MA 239 -126.43 63.13 -55.26
C ILE MA 239 -124.95 63.39 -54.99
N TYR MA 240 -124.12 63.10 -55.99
CA TYR MA 240 -122.69 63.25 -55.88
C TYR MA 240 -122.18 64.18 -56.97
N ALA MA 241 -121.21 65.03 -56.61
CA ALA MA 241 -120.57 65.95 -57.54
C ALA MA 241 -119.08 65.72 -57.53
N PHE MA 242 -118.47 65.63 -58.71
CA PHE MA 242 -117.06 65.35 -58.85
C PHE MA 242 -116.29 66.64 -59.10
N GLY MA 243 -115.21 66.83 -58.35
CA GLY MA 243 -114.41 68.03 -58.45
C GLY MA 243 -113.44 67.99 -59.62
N ALA MA 244 -112.63 69.04 -59.69
CA ALA MA 244 -111.71 69.19 -60.83
C ALA MA 244 -110.81 67.97 -61.00
N GLN MA 245 -110.47 67.29 -59.92
CA GLN MA 245 -109.59 66.14 -60.00
C GLN MA 245 -110.21 64.91 -59.35
N GLN MA 246 -111.46 64.61 -59.71
CA GLN MA 246 -112.10 63.35 -59.36
C GLN MA 246 -112.27 63.19 -57.85
N ARG MA 247 -112.44 64.30 -57.14
CA ARG MA 247 -112.72 64.28 -55.72
C ARG MA 247 -114.21 64.60 -55.52
N SER MA 248 -114.95 63.62 -55.00
CA SER MA 248 -116.40 63.75 -54.90
C SER MA 248 -116.79 64.53 -53.65
N ARG MA 249 -117.96 65.16 -53.71
CA ARG MA 249 -118.52 65.90 -52.58
C ARG MA 249 -120.02 65.67 -52.56
N TYR MA 250 -120.50 65.02 -51.50
CA TYR MA 250 -121.94 64.84 -51.32
C TYR MA 250 -122.63 66.19 -51.24
N VAL MA 251 -123.73 66.35 -51.98
CA VAL MA 251 -124.37 67.63 -52.13
C VAL MA 251 -125.75 67.70 -51.47
N GLY MA 252 -126.48 66.58 -51.39
CA GLY MA 252 -127.76 66.59 -50.74
C GLY MA 252 -128.65 65.47 -51.24
N GLU MA 253 -129.92 65.54 -50.84
CA GLU MA 253 -130.91 64.53 -51.17
C GLU MA 253 -132.12 65.18 -51.81
N VAL MA 254 -132.83 64.41 -52.63
CA VAL MA 254 -133.98 64.93 -53.38
C VAL MA 254 -135.15 65.10 -52.43
N PRO MA 255 -135.72 66.30 -52.30
CA PRO MA 255 -136.82 66.48 -51.34
C PRO MA 255 -138.02 65.60 -51.69
N ASP MA 256 -138.66 65.07 -50.64
CA ASP MA 256 -139.89 64.31 -50.78
C ASP MA 256 -139.84 63.33 -51.94
N PHE MA 257 -138.72 62.63 -52.09
CA PHE MA 257 -138.54 61.70 -53.19
C PHE MA 257 -137.72 60.50 -52.73
N GLY MA 258 -138.14 59.31 -53.16
CA GLY MA 258 -137.39 58.11 -52.91
C GLY MA 258 -137.55 57.18 -54.10
N ILE MA 259 -136.60 56.26 -54.24
CA ILE MA 259 -136.61 55.28 -55.32
C ILE MA 259 -136.72 53.90 -54.69
N CYS MA 260 -137.68 53.11 -55.14
CA CYS MA 260 -138.11 51.92 -54.43
C CYS MA 260 -138.50 50.83 -55.43
N ASN MA 261 -138.38 49.58 -54.99
CA ASN MA 261 -138.64 48.44 -55.85
C ASN MA 261 -140.13 48.12 -55.87
N MET MA 262 -140.62 47.67 -57.01
CA MET MA 262 -142.02 47.26 -57.18
C MET MA 262 -142.17 45.78 -57.47
N ALA MA 263 -141.27 44.93 -56.97
CA ALA MA 263 -141.44 43.51 -57.20
C ALA MA 263 -142.79 43.02 -56.72
N PHE MA 264 -143.34 43.65 -55.68
CA PHE MA 264 -144.53 43.16 -54.97
C PHE MA 264 -145.56 44.26 -54.80
N LEU MA 265 -145.58 45.25 -55.69
CA LEU MA 265 -146.50 46.37 -55.57
C LEU MA 265 -146.98 46.80 -56.95
N ALA MA 266 -148.21 47.32 -56.99
CA ALA MA 266 -148.83 47.82 -58.22
C ALA MA 266 -148.68 49.33 -58.33
N PRO MA 267 -148.85 49.89 -59.52
CA PRO MA 267 -148.76 51.35 -59.67
C PRO MA 267 -149.80 52.06 -58.81
N GLY MA 268 -149.32 52.92 -57.92
CA GLY MA 268 -150.17 53.76 -57.11
C GLY MA 268 -150.66 53.13 -55.82
N ASP MA 269 -150.29 51.89 -55.52
CA ASP MA 269 -150.75 51.26 -54.30
C ASP MA 269 -150.21 52.03 -53.09
N PRO MA 270 -150.98 52.14 -52.01
CA PRO MA 270 -150.50 52.85 -50.83
C PRO MA 270 -149.83 51.93 -49.81
N LEU MA 271 -148.79 52.44 -49.18
CA LEU MA 271 -148.14 51.77 -48.05
C LEU MA 271 -147.68 52.88 -47.09
N VAL MA 272 -148.49 53.14 -46.07
CA VAL MA 272 -148.21 54.22 -45.13
C VAL MA 272 -147.09 53.79 -44.21
N VAL MA 273 -146.02 54.59 -44.15
CA VAL MA 273 -144.90 54.36 -43.25
C VAL MA 273 -144.86 55.55 -42.30
N GLY MA 274 -145.19 55.32 -41.03
CA GLY MA 274 -145.28 56.41 -40.09
C GLY MA 274 -146.52 57.26 -40.36
N SER MA 275 -146.51 58.47 -39.80
CA SER MA 275 -147.61 59.40 -40.00
C SER MA 275 -147.70 59.92 -41.42
N ASP MA 276 -146.66 59.75 -42.22
CA ASP MA 276 -146.65 60.23 -43.60
C ASP MA 276 -147.12 59.13 -44.54
N THR MA 277 -147.76 59.55 -45.62
CA THR MA 277 -148.29 58.64 -46.64
C THR MA 277 -147.45 58.73 -47.90
N TRP MA 278 -147.29 57.59 -48.58
CA TRP MA 278 -146.42 57.47 -49.74
C TRP MA 278 -147.22 57.04 -50.95
N ARG MA 279 -146.93 57.68 -52.09
CA ARG MA 279 -147.52 57.34 -53.38
C ARG MA 279 -146.41 56.83 -54.28
N VAL MA 280 -146.66 55.72 -54.98
CA VAL MA 280 -145.64 55.01 -55.73
C VAL MA 280 -146.16 54.78 -57.15
N TYR MA 281 -145.42 55.26 -58.15
CA TYR MA 281 -145.78 55.10 -59.55
C TYR MA 281 -144.54 54.78 -60.38
N PRO MA 282 -144.65 53.87 -61.36
CA PRO MA 282 -143.45 53.38 -62.04
C PRO MA 282 -142.83 54.45 -62.94
N LEU MA 283 -141.53 54.30 -63.17
CA LEU MA 283 -140.81 55.26 -63.99
C LEU MA 283 -141.35 55.29 -65.41
N LEU MA 284 -141.20 54.18 -66.14
CA LEU MA 284 -141.64 54.10 -67.53
C LEU MA 284 -142.68 53.01 -67.75
N GLN MA 285 -142.38 51.77 -67.37
CA GLN MA 285 -143.27 50.65 -67.61
C GLN MA 285 -142.74 49.44 -66.86
N ARG MA 286 -143.64 48.71 -66.20
CA ARG MA 286 -143.24 47.55 -65.43
C ARG MA 286 -142.96 46.35 -66.34
N GLY MA 287 -141.93 45.58 -65.98
CA GLY MA 287 -141.61 44.35 -66.68
C GLY MA 287 -141.27 43.24 -65.72
N THR MA 288 -140.29 42.41 -66.08
CA THR MA 288 -139.79 41.39 -65.19
C THR MA 288 -138.53 41.89 -64.48
N ALA MA 289 -137.92 41.00 -63.69
CA ALA MA 289 -136.73 41.40 -62.94
C ALA MA 289 -135.58 41.78 -63.87
N THR MA 290 -135.38 41.01 -64.94
CA THR MA 290 -134.23 41.17 -65.81
C THR MA 290 -134.52 41.94 -67.09
N ASP MA 291 -135.71 42.53 -67.21
CA ASP MA 291 -136.09 43.28 -68.40
C ASP MA 291 -135.59 44.72 -68.26
N PHE MA 292 -134.29 44.88 -68.52
CA PHE MA 292 -133.64 46.19 -68.50
C PHE MA 292 -133.50 46.80 -69.88
N ASP MA 293 -134.10 46.19 -70.90
CA ASP MA 293 -134.01 46.66 -72.28
C ASP MA 293 -135.34 47.17 -72.83
N SER MA 294 -136.40 46.38 -72.71
CA SER MA 294 -137.69 46.73 -73.27
C SER MA 294 -138.55 47.57 -72.35
N THR MA 295 -138.23 47.63 -71.06
CA THR MA 295 -139.02 48.39 -70.10
C THR MA 295 -138.08 48.93 -69.03
N SER MA 296 -138.65 49.41 -67.93
CA SER MA 296 -137.90 49.98 -66.83
C SER MA 296 -137.76 49.02 -65.66
N ALA MA 297 -137.98 47.72 -65.88
CA ALA MA 297 -137.85 46.69 -64.84
C ALA MA 297 -138.83 47.07 -63.72
N TRP MA 298 -138.41 47.14 -62.47
CA TRP MA 298 -139.30 47.42 -61.34
C TRP MA 298 -138.89 48.66 -60.55
N VAL MA 299 -138.07 49.53 -61.15
CA VAL MA 299 -137.69 50.75 -60.44
C VAL MA 299 -138.94 51.56 -60.14
N GLY MA 300 -139.02 52.07 -58.93
CA GLY MA 300 -140.22 52.78 -58.49
C GLY MA 300 -139.89 54.14 -57.93
N TYR MA 301 -140.86 55.05 -58.03
CA TYR MA 301 -140.74 56.41 -57.51
C TYR MA 301 -141.69 56.56 -56.32
N CYS MA 302 -141.18 56.28 -55.12
CA CYS MA 302 -141.95 56.50 -53.89
C CYS MA 302 -141.90 57.97 -53.54
N PHE MA 303 -143.06 58.62 -53.55
CA PHE MA 303 -143.21 60.02 -53.17
C PHE MA 303 -143.99 60.13 -51.86
N ARG MA 304 -143.92 61.31 -51.27
CA ARG MA 304 -144.67 61.64 -50.06
C ARG MA 304 -145.85 62.53 -50.45
N VAL MA 305 -147.05 62.10 -50.10
CA VAL MA 305 -148.27 62.84 -50.43
C VAL MA 305 -148.75 63.59 -49.21
N VAL MA 306 -149.09 64.86 -49.39
CA VAL MA 306 -149.58 65.70 -48.30
C VAL MA 306 -150.79 66.49 -48.76
N ALA NA 2 -77.83 69.10 -31.87
CA ALA NA 2 -77.79 67.97 -32.80
C ALA NA 2 -79.13 67.26 -32.85
N THR NA 3 -80.05 67.64 -31.97
CA THR NA 3 -81.39 67.07 -31.92
C THR NA 3 -82.40 68.19 -31.84
N GLU NA 4 -83.48 68.08 -32.63
CA GLU NA 4 -84.55 69.09 -32.68
C GLU NA 4 -85.89 68.38 -32.62
N PHE NA 5 -86.40 68.20 -31.41
CA PHE NA 5 -87.72 67.60 -31.20
C PHE NA 5 -88.77 68.70 -31.06
N GLY NA 6 -89.97 68.43 -31.55
CA GLY NA 6 -91.04 69.40 -31.46
C GLY NA 6 -92.18 69.07 -32.39
N THR NA 7 -92.98 70.09 -32.69
CA THR NA 7 -94.16 69.95 -33.53
C THR NA 7 -94.20 71.10 -34.53
N ALA NA 8 -94.32 70.76 -35.81
CA ALA NA 8 -94.33 71.75 -36.88
C ALA NA 8 -95.76 71.98 -37.34
N VAL NA 9 -96.14 73.26 -37.47
CA VAL NA 9 -97.51 73.59 -37.82
C VAL NA 9 -97.86 73.11 -39.23
N ASN NA 10 -96.88 73.05 -40.12
CA ASN NA 10 -97.13 72.58 -41.48
C ASN NA 10 -95.80 72.17 -42.12
N HIS NA 11 -95.91 71.61 -43.32
CA HIS NA 11 -94.71 71.11 -44.01
C HIS NA 11 -93.74 72.25 -44.31
N ALA NA 12 -94.25 73.40 -44.74
CA ALA NA 12 -93.37 74.54 -44.99
C ALA NA 12 -92.67 74.98 -43.72
N ASP NA 13 -93.43 75.07 -42.61
CA ASP NA 13 -92.81 75.38 -41.34
C ASP NA 13 -91.85 74.28 -40.90
N LEU NA 14 -92.14 73.03 -41.24
CA LEU NA 14 -91.21 71.95 -40.92
C LEU NA 14 -89.88 72.14 -41.63
N VAL NA 15 -89.93 72.50 -42.92
CA VAL NA 15 -88.69 72.72 -43.67
C VAL NA 15 -87.97 73.95 -43.13
N GLU NA 16 -88.72 74.99 -42.76
CA GLU NA 16 -88.10 76.17 -42.17
C GLU NA 16 -87.37 75.82 -40.89
N ARG NA 17 -88.01 75.02 -40.03
CA ARG NA 17 -87.36 74.60 -38.79
C ARG NA 17 -86.15 73.73 -39.08
N LEU NA 18 -86.24 72.86 -40.08
CA LEU NA 18 -85.10 72.04 -40.45
C LEU NA 18 -83.90 72.89 -40.83
N VAL NA 19 -84.12 73.87 -41.71
CA VAL NA 19 -83.01 74.72 -42.15
C VAL NA 19 -82.49 75.58 -41.00
N GLN NA 20 -83.39 76.08 -40.16
CA GLN NA 20 -82.95 76.89 -39.03
C GLN NA 20 -82.09 76.07 -38.07
N PHE NA 21 -82.49 74.82 -37.82
CA PHE NA 21 -81.67 73.94 -36.97
C PHE NA 21 -80.32 73.66 -37.62
N LEU NA 22 -80.32 73.38 -38.93
CA LEU NA 22 -79.07 73.10 -39.61
C LEU NA 22 -78.13 74.30 -39.62
N THR NA 23 -78.66 75.51 -39.59
CA THR NA 23 -77.85 76.71 -39.71
C THR NA 23 -77.54 77.40 -38.38
N ALA NA 24 -78.27 77.09 -37.31
CA ALA NA 24 -78.14 77.82 -36.05
C ALA NA 24 -78.14 76.92 -34.82
N SER NA 25 -78.01 75.61 -34.99
CA SER NA 25 -77.96 74.74 -33.83
C SER NA 25 -76.74 75.09 -32.98
N PRO NA 26 -76.87 75.18 -31.66
CA PRO NA 26 -75.71 75.57 -30.85
C PRO NA 26 -74.51 74.65 -31.03
N ASP NA 27 -74.74 73.33 -31.11
CA ASP NA 27 -73.64 72.41 -31.32
C ASP NA 27 -73.00 72.61 -32.69
N LEU NA 28 -73.82 72.78 -33.73
CA LEU NA 28 -73.28 72.96 -35.07
C LEU NA 28 -72.48 74.25 -35.19
N VAL NA 29 -73.01 75.35 -34.64
CA VAL NA 29 -72.33 76.63 -34.75
C VAL NA 29 -71.08 76.65 -33.90
N ALA NA 30 -71.14 76.10 -32.68
CA ALA NA 30 -69.97 76.09 -31.82
C ALA NA 30 -68.83 75.28 -32.43
N ALA NA 31 -69.15 74.14 -33.02
CA ALA NA 31 -68.15 73.28 -33.66
C ALA NA 31 -67.90 73.68 -35.10
N GLY NA 32 -68.62 74.66 -35.63
CA GLY NA 32 -68.42 75.06 -37.02
C GLY NA 32 -68.74 73.97 -38.02
N GLN NA 33 -69.78 73.18 -37.76
CA GLN NA 33 -70.19 72.09 -38.64
C GLN NA 33 -71.46 72.43 -39.41
N ALA NA 34 -71.89 73.68 -39.40
CA ALA NA 34 -73.12 74.07 -40.07
C ALA NA 34 -72.99 73.89 -41.58
N TYR NA 35 -74.12 73.61 -42.23
CA TYR NA 35 -74.17 73.44 -43.67
C TYR NA 35 -74.41 74.80 -44.34
N GLU NA 36 -73.93 74.92 -45.58
CA GLU NA 36 -74.05 76.15 -46.35
C GLU NA 36 -75.10 75.97 -47.43
N LYS NA 37 -76.06 76.90 -47.47
CA LYS NA 37 -77.12 76.88 -48.48
C LYS NA 37 -76.59 77.49 -49.77
N VAL NA 38 -76.33 76.65 -50.76
CA VAL NA 38 -75.78 77.13 -52.02
C VAL NA 38 -76.85 77.53 -53.02
N PHE NA 39 -78.09 77.10 -52.83
CA PHE NA 39 -79.16 77.42 -53.77
C PHE NA 39 -80.50 77.40 -53.04
N ASP NA 40 -81.40 78.30 -53.47
CA ASP NA 40 -82.74 78.36 -52.92
C ASP NA 40 -83.62 79.11 -53.90
N ASN NA 41 -84.62 78.43 -54.45
CA ASN NA 41 -85.45 79.03 -55.49
C ASN NA 41 -86.82 78.35 -55.50
N THR NA 42 -87.77 79.03 -56.13
CA THR NA 42 -89.13 78.52 -56.34
C THR NA 42 -89.47 78.78 -57.81
N ILE NA 43 -89.13 77.83 -58.68
CA ILE NA 43 -89.26 78.02 -60.11
C ILE NA 43 -90.70 77.85 -60.59
N PRO NA 44 -91.46 76.87 -60.12
CA PRO NA 44 -92.75 76.58 -60.75
C PRO NA 44 -93.81 77.61 -60.41
N ALA NA 45 -94.77 77.74 -61.32
CA ALA NA 45 -95.94 78.61 -61.12
C ALA NA 45 -97.08 77.72 -60.63
N SER NA 46 -97.30 77.72 -59.32
CA SER NA 46 -98.29 76.83 -58.74
C SER NA 46 -99.68 77.14 -59.29
N GLY NA 47 -100.38 76.08 -59.71
CA GLY NA 47 -101.76 76.20 -60.14
C GLY NA 47 -102.69 75.67 -59.07
N THR NA 48 -103.17 74.44 -59.25
CA THR NA 48 -103.93 73.75 -58.22
C THR NA 48 -103.01 72.91 -57.33
N ALA NA 49 -101.96 73.56 -56.82
CA ALA NA 49 -100.95 72.86 -56.04
C ALA NA 49 -100.26 73.86 -55.10
N ILE NA 50 -99.57 73.31 -54.11
CA ILE NA 50 -98.85 74.14 -53.15
C ILE NA 50 -97.54 74.64 -53.75
N ALA NA 51 -97.07 75.78 -53.25
CA ALA NA 51 -95.80 76.31 -53.69
C ALA NA 51 -94.68 75.31 -53.44
N VAL NA 52 -93.79 75.17 -54.41
CA VAL NA 52 -92.71 74.19 -54.38
C VAL NA 52 -91.41 74.91 -54.03
N ARG NA 53 -90.76 74.46 -52.96
CA ARG NA 53 -89.52 75.05 -52.49
C ARG NA 53 -88.36 74.13 -52.82
N GLN NA 54 -87.31 74.70 -53.42
CA GLN NA 54 -86.10 73.96 -53.78
C GLN NA 54 -84.91 74.58 -53.05
N VAL NA 55 -84.14 73.73 -52.38
CA VAL NA 55 -82.96 74.17 -51.64
C VAL NA 55 -81.84 73.17 -51.86
N THR NA 56 -80.62 73.69 -52.05
CA THR NA 56 -79.42 72.88 -52.14
C THR NA 56 -78.44 73.37 -51.07
N LEU NA 57 -77.88 72.43 -50.31
CA LEU NA 57 -77.02 72.77 -49.18
C LEU NA 57 -75.74 71.96 -49.26
N ARG NA 58 -74.66 72.54 -48.72
CA ARG NA 58 -73.34 71.93 -48.72
C ARG NA 58 -72.93 71.64 -47.28
N ALA NA 59 -72.41 70.44 -47.04
CA ALA NA 59 -71.95 70.02 -45.74
C ALA NA 59 -70.44 69.80 -45.78
N PRO NA 60 -69.66 70.44 -44.91
CA PRO NA 60 -68.19 70.30 -44.98
C PRO NA 60 -67.66 69.06 -44.26
N GLY NA 61 -68.47 68.37 -43.48
CA GLY NA 61 -68.01 67.23 -42.71
C GLY NA 61 -67.41 67.65 -41.38
N LEU NA 62 -67.11 66.65 -40.56
CA LEU NA 62 -66.54 66.92 -39.24
C LEU NA 62 -65.20 67.63 -39.34
N GLY NA 63 -64.35 67.17 -40.27
CA GLY NA 63 -63.02 67.76 -40.40
C GLY NA 63 -62.96 69.06 -41.16
N GLY NA 64 -64.00 69.36 -41.94
CA GLY NA 64 -63.98 70.54 -42.78
C GLY NA 64 -63.25 70.37 -44.09
N THR NA 65 -62.72 69.17 -44.36
CA THR NA 65 -62.01 68.90 -45.60
C THR NA 65 -62.85 68.16 -46.63
N ASP NA 66 -64.06 67.73 -46.26
CA ASP NA 66 -64.92 67.01 -47.17
C ASP NA 66 -65.84 67.97 -47.93
N ALA NA 67 -66.43 67.47 -49.01
CA ALA NA 67 -67.35 68.23 -49.85
C ALA NA 67 -68.60 67.39 -50.05
N ILE NA 68 -69.67 67.73 -49.35
CA ILE NA 68 -70.94 67.02 -49.42
C ILE NA 68 -71.99 67.98 -49.96
N TYR NA 69 -72.69 67.56 -51.00
CA TYR NA 69 -73.76 68.35 -51.61
C TYR NA 69 -75.06 67.57 -51.50
N MET NA 70 -76.10 68.23 -50.98
CA MET NA 70 -77.40 67.62 -50.79
C MET NA 70 -78.48 68.57 -51.27
N GLY NA 71 -79.64 68.01 -51.60
CA GLY NA 71 -80.77 68.80 -52.04
C GLY NA 71 -82.05 68.34 -51.38
N ILE NA 72 -82.95 69.29 -51.18
CA ILE NA 72 -84.26 69.03 -50.59
C ILE NA 72 -85.31 69.74 -51.41
N GLN NA 73 -86.41 69.05 -51.72
CA GLN NA 73 -87.50 69.61 -52.50
C GLN NA 73 -88.81 69.40 -51.75
N SER NA 74 -89.70 70.38 -51.85
CA SER NA 74 -91.02 70.33 -51.21
C SER NA 74 -92.07 70.37 -52.32
N TYR NA 75 -92.47 69.21 -52.80
CA TYR NA 75 -93.47 69.09 -53.87
C TYR NA 75 -94.79 68.63 -53.27
N GLY NA 76 -95.87 69.32 -53.63
CA GLY NA 76 -97.17 68.98 -53.10
C GLY NA 76 -98.28 69.30 -54.08
N ASP NA 77 -99.44 68.72 -53.82
CA ASP NA 77 -100.64 68.94 -54.64
C ASP NA 77 -101.84 69.01 -53.71
N THR NA 78 -102.45 70.19 -53.61
CA THR NA 78 -103.60 70.35 -52.73
C THR NA 78 -104.78 69.49 -53.18
N ALA NA 79 -105.03 69.42 -54.48
CA ALA NA 79 -106.14 68.62 -54.99
C ALA NA 79 -105.97 67.13 -54.69
N LEU NA 80 -104.75 66.68 -54.39
CA LEU NA 80 -104.51 65.36 -53.85
C LEU NA 80 -104.04 65.39 -52.40
N ASP NA 81 -103.78 66.58 -51.86
CA ASP NA 81 -103.49 66.75 -50.44
C ASP NA 81 -102.28 65.93 -50.00
N TYR NA 82 -101.27 65.86 -50.87
CA TYR NA 82 -99.96 65.37 -50.49
C TYR NA 82 -98.96 66.50 -50.65
N TYR NA 83 -98.03 66.59 -49.71
CA TYR NA 83 -97.02 67.65 -49.66
C TYR NA 83 -95.63 67.04 -49.54
N ASN NA 84 -95.35 66.07 -50.40
CA ASN NA 84 -94.13 65.28 -50.29
C ASN NA 84 -92.89 66.17 -50.18
N LEU NA 85 -91.88 65.65 -49.48
CA LEU NA 85 -90.56 66.28 -49.38
C LEU NA 85 -89.56 65.36 -50.04
N ARG NA 86 -88.99 65.78 -51.16
CA ARG NA 86 -88.09 64.96 -51.95
C ARG NA 86 -86.64 65.25 -51.58
N LEU NA 87 -85.84 64.19 -51.45
CA LEU NA 87 -84.43 64.31 -51.10
C LEU NA 87 -83.58 63.66 -52.18
N MET NA 88 -82.41 64.26 -52.42
CA MET NA 88 -81.44 63.72 -53.36
C MET NA 88 -80.05 64.21 -52.96
N GLY NA 89 -79.03 63.55 -53.51
CA GLY NA 89 -77.66 63.88 -53.20
C GLY NA 89 -76.81 63.93 -54.45
N GLY NA 90 -75.65 64.57 -54.31
CA GLY NA 90 -74.73 64.69 -55.42
C GLY NA 90 -73.37 65.15 -54.96
N THR NA 91 -72.50 65.44 -55.93
CA THR NA 91 -71.14 65.85 -55.65
C THR NA 91 -70.79 67.24 -56.16
N ALA NA 92 -71.53 67.78 -57.12
CA ALA NA 92 -71.25 69.11 -57.65
C ALA NA 92 -72.56 69.79 -58.04
N PHE NA 93 -72.53 71.12 -58.04
CA PHE NA 93 -73.69 71.91 -58.40
C PHE NA 93 -73.27 73.07 -59.28
N ASN NA 94 -74.08 73.39 -60.28
CA ASN NA 94 -73.81 74.49 -61.20
C ASN NA 94 -75.12 75.04 -61.79
N PRO NA 95 -75.58 76.20 -61.33
CA PRO NA 95 -76.88 76.70 -61.83
C PRO NA 95 -76.92 76.92 -63.33
N GLY NA 96 -75.78 77.20 -63.96
CA GLY NA 96 -75.77 77.47 -65.38
C GLY NA 96 -76.00 76.26 -66.25
N ALA NA 97 -75.74 75.06 -65.73
CA ALA NA 97 -75.91 73.84 -66.51
C ALA NA 97 -77.36 73.40 -66.62
N ILE NA 98 -78.26 74.01 -65.87
CA ILE NA 98 -79.68 73.62 -65.97
C ILE NA 98 -80.18 73.92 -67.38
N PRO NA 99 -80.73 72.95 -68.09
CA PRO NA 99 -81.30 73.23 -69.42
C PRO NA 99 -82.52 74.13 -69.30
N PRO NA 100 -82.92 74.79 -70.38
CA PRO NA 100 -84.10 75.65 -70.31
C PRO NA 100 -85.31 74.88 -69.80
N GLY NA 101 -86.07 75.50 -68.90
CA GLY NA 101 -87.16 74.79 -68.26
C GLY NA 101 -86.64 73.59 -67.51
N GLY NA 102 -87.37 72.48 -67.61
CA GLY NA 102 -86.94 71.27 -66.95
C GLY NA 102 -86.83 71.46 -65.45
N ASP NA 103 -85.75 70.91 -64.87
CA ASP NA 103 -85.52 71.00 -63.44
C ASP NA 103 -84.02 71.11 -63.19
N TYR NA 104 -83.68 71.52 -61.97
CA TYR NA 104 -82.28 71.76 -61.60
C TYR NA 104 -81.57 70.50 -61.10
N TRP NA 105 -82.30 69.50 -60.62
CA TRP NA 105 -81.66 68.33 -60.06
C TRP NA 105 -80.82 67.58 -61.09
N THR NA 106 -81.12 67.77 -62.39
CA THR NA 106 -80.28 67.18 -63.42
C THR NA 106 -78.89 67.80 -63.46
N ALA NA 107 -78.75 69.04 -62.98
CA ALA NA 107 -77.46 69.72 -63.03
C ALA NA 107 -76.43 69.07 -62.11
N PHE NA 108 -76.87 68.30 -61.12
CA PHE NA 108 -75.93 67.65 -60.21
C PHE NA 108 -75.02 66.70 -60.98
N ALA NA 109 -73.72 66.79 -60.71
CA ALA NA 109 -72.77 65.86 -61.29
C ALA NA 109 -73.01 64.47 -60.71
N ASN NA 110 -73.09 63.46 -61.57
CA ASN NA 110 -73.41 62.10 -61.15
C ASN NA 110 -74.70 62.09 -60.33
N TYR NA 111 -75.73 62.72 -60.88
CA TYR NA 111 -77.00 62.83 -60.17
C TYR NA 111 -77.55 61.46 -59.83
N SER NA 112 -78.38 61.41 -58.80
CA SER NA 112 -78.97 60.17 -58.31
C SER NA 112 -80.49 60.28 -58.23
N PRO NA 113 -81.21 59.18 -58.34
CA PRO NA 113 -82.67 59.23 -58.21
C PRO NA 113 -83.09 59.75 -56.84
N ARG NA 114 -84.24 60.42 -56.83
CA ARG NA 114 -84.72 61.11 -55.62
C ARG NA 114 -85.51 60.15 -54.73
N VAL NA 115 -85.40 60.39 -53.42
CA VAL NA 115 -86.26 59.74 -52.44
C VAL NA 115 -87.09 60.85 -51.79
N GLN NA 116 -88.04 60.49 -50.93
CA GLN NA 116 -88.91 61.50 -50.34
C GLN NA 116 -89.48 61.00 -49.02
N LEU NA 117 -90.10 61.91 -48.29
CA LEU NA 117 -90.87 61.62 -47.10
C LEU NA 117 -92.26 62.20 -47.27
N LEU NA 118 -93.25 61.53 -46.68
CA LEU NA 118 -94.66 61.86 -46.90
C LEU NA 118 -95.20 62.62 -45.69
N ALA NA 119 -95.87 63.75 -45.97
CA ALA NA 119 -96.47 64.57 -44.94
C ALA NA 119 -97.52 65.46 -45.60
N TRP NA 120 -98.12 66.36 -44.82
CA TRP NA 120 -99.11 67.27 -45.34
C TRP NA 120 -99.18 68.50 -44.44
N ASN NA 121 -100.08 69.42 -44.78
CA ASN NA 121 -100.20 70.71 -44.08
C ASN NA 121 -101.09 70.53 -42.86
N GLN NA 122 -100.45 70.42 -41.69
CA GLN NA 122 -101.13 70.21 -40.42
C GLN NA 122 -100.09 70.23 -39.31
N PRO NA 123 -100.47 70.51 -38.06
CA PRO NA 123 -99.52 70.28 -36.97
C PRO NA 123 -99.04 68.83 -36.96
N MET NA 124 -97.73 68.65 -36.80
CA MET NA 124 -97.12 67.33 -36.92
C MET NA 124 -95.91 67.21 -35.99
N PRO NA 125 -95.93 66.30 -35.02
CA PRO NA 125 -94.71 66.06 -34.24
C PRO NA 125 -93.59 65.56 -35.15
N TYR NA 126 -92.37 66.02 -34.87
CA TYR NA 126 -91.21 65.66 -35.67
C TYR NA 126 -90.04 65.30 -34.76
N TRP NA 127 -89.17 64.44 -35.28
CA TRP NA 127 -87.95 64.02 -34.58
C TRP NA 127 -86.78 64.22 -35.54
N PHE NA 128 -85.85 65.10 -35.17
CA PHE NA 128 -84.75 65.50 -36.03
C PHE NA 128 -83.42 65.08 -35.42
N PHE NA 129 -82.55 64.50 -36.25
CA PHE NA 129 -81.17 64.21 -35.88
C PHE NA 129 -80.27 64.69 -37.01
N ALA NA 130 -79.08 65.17 -36.65
CA ALA NA 130 -78.14 65.67 -37.65
C ALA NA 130 -76.73 65.62 -37.11
N ASN NA 131 -75.77 65.51 -38.04
CA ASN NA 131 -74.35 65.56 -37.71
C ASN NA 131 -73.60 66.00 -38.96
N GLY NA 132 -72.35 66.41 -38.77
CA GLY NA 132 -71.54 66.95 -39.85
C GLY NA 132 -71.43 66.08 -41.07
N ARG NA 133 -71.73 64.79 -40.93
CA ARG NA 133 -71.62 63.85 -42.04
C ARG NA 133 -72.96 63.29 -42.52
N ARG NA 134 -73.96 63.23 -41.65
CA ARG NA 134 -75.25 62.66 -42.03
C ARG NA 134 -76.36 63.37 -41.27
N PHE NA 135 -77.57 63.30 -41.82
CA PHE NA 135 -78.76 63.84 -41.18
C PHE NA 135 -79.88 62.84 -41.30
N TRP NA 136 -80.73 62.78 -40.27
CA TRP NA 136 -81.87 61.88 -40.24
C TRP NA 136 -83.13 62.67 -39.95
N ILE NA 137 -84.20 62.35 -40.68
CA ILE NA 137 -85.50 62.97 -40.50
C ILE NA 137 -86.51 61.87 -40.19
N VAL NA 138 -87.25 62.05 -39.10
CA VAL NA 138 -88.33 61.16 -38.72
C VAL NA 138 -89.55 62.01 -38.44
N VAL NA 139 -90.62 61.81 -39.21
CA VAL NA 139 -91.86 62.55 -39.05
C VAL NA 139 -92.93 61.58 -38.55
N LYS NA 140 -93.52 61.89 -37.41
CA LYS NA 140 -94.56 61.06 -36.82
C LYS NA 140 -95.90 61.52 -37.39
N VAL NA 141 -96.52 60.67 -38.22
CA VAL NA 141 -97.81 60.99 -38.80
C VAL NA 141 -98.93 60.85 -37.78
N SER NA 142 -98.59 60.60 -36.51
CA SER NA 142 -99.61 60.52 -35.47
C SER NA 142 -100.51 59.32 -35.73
N THR NA 143 -100.01 58.12 -35.39
CA THR NA 143 -100.60 56.83 -35.72
C THR NA 143 -100.11 56.31 -37.08
N ILE NA 144 -99.09 56.96 -37.63
CA ILE NA 144 -98.19 56.39 -38.63
C ILE NA 144 -96.84 57.06 -38.44
N TYR NA 145 -95.75 56.36 -38.74
CA TYR NA 145 -94.41 56.88 -38.57
C TYR NA 145 -93.67 56.83 -39.91
N GLU NA 146 -93.08 57.96 -40.30
CA GLU NA 146 -92.27 58.05 -41.50
C GLU NA 146 -90.84 58.43 -41.13
N SER NA 147 -89.90 58.13 -42.03
CA SER NA 147 -88.50 58.35 -41.74
C SER NA 147 -87.72 58.39 -43.04
N ALA NA 148 -86.57 59.07 -43.00
CA ALA NA 148 -85.68 59.16 -44.16
C ALA NA 148 -84.39 59.84 -43.69
N GLY NA 149 -83.43 59.93 -44.60
CA GLY NA 149 -82.16 60.56 -44.29
C GLY NA 149 -81.12 60.24 -45.34
N ALA NA 150 -79.93 60.78 -45.13
CA ALA NA 150 -78.82 60.57 -46.04
C ALA NA 150 -77.54 61.04 -45.36
N GLY NA 151 -76.41 60.64 -45.93
CA GLY NA 151 -75.13 61.04 -45.40
C GLY NA 151 -74.05 60.04 -45.79
N PHE NA 152 -72.97 60.05 -45.01
CA PHE NA 152 -71.82 59.18 -45.23
C PHE NA 152 -71.89 57.97 -44.33
N ILE NA 153 -71.78 56.78 -44.92
CA ILE NA 153 -71.60 55.54 -44.17
C ILE NA 153 -70.16 55.49 -43.70
N LEU NA 154 -69.83 54.53 -42.84
CA LEU NA 154 -68.49 54.38 -42.29
C LEU NA 154 -67.84 53.12 -42.87
N PRO NA 155 -67.09 53.22 -43.96
CA PRO NA 155 -66.49 52.01 -44.55
C PRO NA 155 -65.26 51.58 -43.79
N PRO NA 156 -64.76 50.36 -44.05
CA PRO NA 156 -63.53 49.90 -43.40
C PRO NA 156 -62.25 50.20 -44.17
N CYS NA 157 -62.31 51.03 -45.21
CA CYS NA 157 -61.18 51.30 -46.09
C CYS NA 157 -60.76 52.75 -45.96
N PRO NA 158 -59.54 53.08 -46.38
CA PRO NA 158 -59.05 54.46 -46.23
C PRO NA 158 -59.95 55.43 -46.98
N PRO NA 159 -60.33 56.56 -46.34
CA PRO NA 159 -61.01 57.61 -47.11
C PRO NA 159 -60.14 58.20 -48.20
N SER NA 160 -58.82 58.08 -48.09
CA SER NA 160 -57.94 58.57 -49.14
C SER NA 160 -58.28 57.94 -50.48
N GLN NA 161 -58.71 56.68 -50.48
CA GLN NA 161 -59.08 55.99 -51.72
C GLN NA 161 -60.58 55.98 -51.97
N TYR NA 162 -61.40 56.10 -50.93
CA TYR NA 162 -62.86 56.12 -51.06
C TYR NA 162 -63.41 57.26 -50.21
N PRO NA 163 -63.19 58.51 -50.65
CA PRO NA 163 -63.58 59.66 -49.82
C PRO NA 163 -65.03 60.07 -49.92
N TYR NA 164 -65.84 59.39 -50.73
CA TYR NA 164 -67.24 59.77 -50.96
C TYR NA 164 -68.15 58.56 -50.79
N PRO NA 165 -68.31 58.07 -49.57
CA PRO NA 165 -69.27 56.98 -49.30
C PRO NA 165 -70.67 57.52 -49.02
N LEU NA 166 -71.22 58.23 -50.00
CA LEU NA 166 -72.51 58.90 -49.81
C LEU NA 166 -73.66 57.90 -49.93
N ALA NA 167 -74.60 57.98 -49.01
CA ALA NA 167 -75.78 57.12 -48.99
C ALA NA 167 -77.03 57.97 -48.83
N VAL NA 168 -78.08 57.61 -49.55
CA VAL NA 168 -79.38 58.28 -49.45
C VAL NA 168 -80.45 57.21 -49.31
N VAL NA 169 -81.35 57.41 -48.36
CA VAL NA 169 -82.41 56.45 -48.07
C VAL NA 169 -83.71 57.20 -47.82
N GLY NA 170 -84.82 56.64 -48.31
CA GLY NA 170 -86.13 57.21 -48.09
C GLY NA 170 -87.17 56.12 -47.95
N SER NA 171 -88.35 56.52 -47.49
CA SER NA 171 -89.41 55.55 -47.25
C SER NA 171 -89.99 55.01 -48.56
N TYR NA 172 -89.92 55.79 -49.64
CA TYR NA 172 -90.51 55.38 -50.91
C TYR NA 172 -89.77 56.09 -52.03
N ARG NA 173 -89.77 55.46 -53.21
CA ARG NA 173 -89.06 56.01 -54.35
C ARG NA 173 -89.65 57.35 -54.76
N GLY NA 174 -88.77 58.30 -55.09
CA GLY NA 174 -89.18 59.64 -55.46
C GLY NA 174 -89.54 59.84 -56.91
N ASP NA 175 -89.54 58.79 -57.72
CA ASP NA 175 -89.86 58.92 -59.13
C ASP NA 175 -91.35 59.12 -59.39
N VAL NA 176 -92.20 58.80 -58.42
CA VAL NA 176 -93.65 58.90 -58.59
C VAL NA 176 -94.24 59.63 -57.38
N ALA NA 177 -95.44 60.15 -57.57
CA ALA NA 177 -96.17 60.84 -56.51
C ALA NA 177 -97.08 59.85 -55.79
N THR NA 178 -96.98 59.82 -54.46
CA THR NA 178 -97.72 58.88 -53.65
C THR NA 178 -98.42 59.59 -52.51
N ARG NA 179 -99.60 59.09 -52.16
CA ARG NA 179 -100.37 59.60 -51.04
C ARG NA 179 -99.95 58.87 -49.77
N TRP NA 180 -99.78 59.63 -48.68
CA TRP NA 180 -99.21 59.04 -47.47
C TRP NA 180 -100.10 57.95 -46.88
N SER NA 181 -101.35 57.86 -47.29
CA SER NA 181 -102.24 56.78 -46.89
C SER NA 181 -102.11 55.56 -47.81
N ASP NA 182 -100.98 55.41 -48.47
CA ASP NA 182 -100.79 54.30 -49.40
C ASP NA 182 -100.88 52.96 -48.67
N VAL NA 183 -101.31 51.93 -49.41
CA VAL NA 183 -101.54 50.61 -48.85
C VAL NA 183 -100.67 49.58 -49.56
N SER NA 184 -99.51 50.01 -50.06
CA SER NA 184 -98.58 49.13 -50.74
C SER NA 184 -97.42 48.76 -49.83
N ASP NA 185 -96.92 47.54 -50.00
CA ASP NA 185 -95.80 47.06 -49.19
C ASP NA 185 -94.55 47.89 -49.40
N ARG NA 186 -94.47 48.64 -50.51
CA ARG NA 186 -93.27 49.39 -50.83
C ARG NA 186 -93.02 50.56 -49.88
N HIS NA 187 -94.00 50.93 -49.06
CA HIS NA 187 -93.85 52.01 -48.10
C HIS NA 187 -93.31 51.43 -46.79
N ARG NA 188 -92.03 51.70 -46.51
CA ARG NA 188 -91.38 51.17 -45.33
C ARG NA 188 -90.28 52.14 -44.91
N GLY NA 189 -89.39 51.69 -44.01
CA GLY NA 189 -88.42 52.56 -43.38
C GLY NA 189 -86.98 52.31 -43.84
N ILE NA 190 -86.05 52.87 -43.07
CA ILE NA 190 -84.65 52.84 -43.44
C ILE NA 190 -84.03 51.47 -43.22
N SER NA 191 -84.56 50.69 -42.27
CA SER NA 191 -83.97 49.40 -41.96
C SER NA 191 -84.20 48.41 -43.10
N SER NA 192 -85.31 48.52 -43.81
CA SER NA 192 -85.70 47.56 -44.84
C SER NA 192 -86.07 48.30 -46.13
N PRO NA 193 -85.09 48.80 -46.86
CA PRO NA 193 -85.39 49.38 -48.18
C PRO NA 193 -86.03 48.35 -49.10
N TYR NA 194 -86.94 48.81 -49.95
CA TYR NA 194 -87.58 47.96 -50.95
C TYR NA 194 -88.07 48.83 -52.10
N GLU NA 195 -87.85 48.34 -53.32
CA GLU NA 195 -88.31 49.01 -54.53
C GLU NA 195 -87.79 50.45 -54.59
N ARG NA 196 -86.46 50.57 -54.69
CA ARG NA 196 -85.80 51.86 -54.86
C ARG NA 196 -86.05 52.76 -53.65
N SER NA 197 -85.65 52.26 -52.48
CA SER NA 197 -85.78 53.01 -51.24
C SER NA 197 -84.44 53.41 -50.63
N CYS NA 198 -83.32 52.90 -51.17
CA CYS NA 198 -82.00 53.22 -50.62
C CYS NA 198 -80.97 53.13 -51.74
N TYR NA 199 -80.07 54.11 -51.78
CA TYR NA 199 -78.98 54.13 -52.75
C TYR NA 199 -77.67 54.42 -52.05
N LEU NA 200 -76.60 53.76 -52.52
CA LEU NA 200 -75.25 54.01 -52.05
C LEU NA 200 -74.35 54.18 -53.26
N ARG NA 201 -73.36 55.06 -53.12
CA ARG NA 201 -72.46 55.37 -54.22
C ARG NA 201 -71.23 54.45 -54.17
N ASP NA 202 -71.03 53.69 -55.23
CA ASP NA 202 -69.87 52.81 -55.31
C ASP NA 202 -68.59 53.64 -55.43
N PRO NA 203 -67.46 53.13 -54.94
CA PRO NA 203 -66.20 53.86 -55.14
C PRO NA 203 -65.90 54.12 -56.61
N ALA NA 204 -66.38 53.28 -57.51
CA ALA NA 204 -66.22 53.52 -58.94
C ALA NA 204 -67.03 54.71 -59.43
N GLY NA 205 -67.94 55.25 -58.61
CA GLY NA 205 -68.76 56.38 -58.98
C GLY NA 205 -70.15 56.02 -59.49
N ARG NA 206 -70.53 54.75 -59.45
CA ARG NA 206 -71.84 54.30 -59.91
C ARG NA 206 -72.72 53.99 -58.71
N TRP NA 207 -73.90 54.59 -58.68
CA TRP NA 207 -74.82 54.41 -57.56
C TRP NA 207 -75.48 53.04 -57.65
N LEU NA 208 -75.51 52.33 -56.53
CA LEU NA 208 -76.07 50.99 -56.45
C LEU NA 208 -77.24 51.00 -55.46
N GLY NA 209 -78.36 50.41 -55.87
CA GLY NA 209 -79.51 50.29 -55.00
C GLY NA 209 -79.47 49.01 -54.18
N PHE NA 210 -79.97 49.10 -52.96
CA PHE NA 210 -80.00 47.98 -52.02
C PHE NA 210 -81.42 47.70 -51.60
N THR NA 211 -81.81 46.42 -51.64
CA THR NA 211 -83.15 46.00 -51.24
C THR NA 211 -83.03 44.76 -50.37
N VAL NA 212 -83.78 44.74 -49.26
CA VAL NA 212 -83.77 43.59 -48.38
C VAL NA 212 -84.55 42.43 -48.96
N ASP NA 213 -85.50 42.71 -49.86
CA ASP NA 213 -86.31 41.68 -50.50
C ASP NA 213 -86.27 41.87 -52.00
N GLY NA 214 -86.43 40.77 -52.73
CA GLY NA 214 -86.42 40.83 -54.17
C GLY NA 214 -87.71 41.40 -54.74
N GLY NA 215 -87.63 41.83 -56.00
CA GLY NA 215 -88.78 42.37 -56.68
C GLY NA 215 -88.65 42.28 -58.19
N ALA NA 216 -89.67 41.73 -58.85
CA ALA NA 216 -89.62 41.59 -60.30
C ALA NA 216 -89.53 42.96 -60.98
N ALA NA 217 -90.27 43.95 -60.48
CA ALA NA 217 -90.24 45.27 -61.09
C ALA NA 217 -88.84 45.87 -61.01
N ASN NA 218 -88.15 45.67 -59.90
CA ASN NA 218 -86.81 46.23 -59.74
C ASN NA 218 -85.83 45.53 -60.67
N GLU NA 219 -84.71 46.19 -60.90
CA GLU NA 219 -83.69 45.67 -61.81
C GLU NA 219 -83.05 44.41 -61.23
N SER NA 220 -82.62 43.53 -62.14
CA SER NA 220 -82.00 42.27 -61.71
C SER NA 220 -80.67 42.48 -61.00
N ASP NA 221 -79.97 43.56 -61.33
CA ASP NA 221 -78.64 43.78 -60.76
C ASP NA 221 -78.70 43.95 -59.25
N TYR NA 222 -79.69 44.69 -58.75
CA TYR NA 222 -79.76 44.98 -57.32
C TYR NA 222 -80.19 43.78 -56.48
N ASN NA 223 -80.65 42.70 -57.11
CA ASN NA 223 -81.07 41.52 -56.33
C ASN NA 223 -79.90 40.93 -55.56
N ASN NA 224 -78.72 40.86 -56.18
CA ASN NA 224 -77.57 40.25 -55.54
C ASN NA 224 -77.06 41.06 -54.35
N ARG NA 225 -77.40 42.34 -54.28
CA ARG NA 225 -76.93 43.23 -53.22
C ARG NA 225 -78.11 43.55 -52.30
N THR NA 226 -77.94 43.27 -51.02
CA THR NA 226 -79.01 43.43 -50.04
C THR NA 226 -78.42 43.88 -48.71
N LEU NA 227 -79.30 44.02 -47.72
CA LEU NA 227 -78.91 44.32 -46.34
C LEU NA 227 -79.00 43.02 -45.54
N LEU NA 228 -77.84 42.51 -45.13
CA LEU NA 228 -77.78 41.18 -44.53
C LEU NA 228 -78.58 41.06 -43.24
N PRO NA 229 -78.46 41.98 -42.27
CA PRO NA 229 -79.21 41.81 -41.00
C PRO NA 229 -80.67 41.43 -41.20
N LEU NA 230 -81.40 42.17 -42.04
CA LEU NA 230 -82.79 41.84 -42.31
C LEU NA 230 -82.96 40.94 -43.53
N GLY NA 231 -81.88 40.57 -44.21
CA GLY NA 231 -81.94 39.68 -45.35
C GLY NA 231 -81.41 38.31 -45.05
N CYS NA 232 -81.66 37.81 -43.84
CA CYS NA 232 -81.17 36.49 -43.45
C CYS NA 232 -81.81 35.37 -44.25
N GLY NA 233 -82.91 35.65 -44.95
CA GLY NA 233 -83.57 34.63 -45.75
C GLY NA 233 -82.75 34.10 -46.91
N ARG NA 234 -81.67 34.79 -47.27
CA ARG NA 234 -80.84 34.31 -48.38
C ARG NA 234 -80.22 32.95 -48.06
N TYR NA 235 -79.78 32.77 -46.81
CA TYR NA 235 -79.10 31.54 -46.41
C TYR NA 235 -79.98 30.61 -45.59
N ALA NA 236 -80.91 31.16 -44.80
CA ALA NA 236 -81.79 30.32 -44.00
C ALA NA 236 -82.76 29.56 -44.90
N GLY NA 237 -83.07 28.32 -44.51
CA GLY NA 237 -83.94 27.48 -45.30
C GLY NA 237 -85.38 27.44 -44.79
N SER NA 238 -85.73 28.39 -43.92
CA SER NA 238 -87.08 28.46 -43.38
C SER NA 238 -87.52 29.92 -43.34
N SER NA 239 -88.84 30.12 -43.41
CA SER NA 239 -89.38 31.48 -43.37
C SER NA 239 -89.09 32.13 -42.02
N ASP NA 240 -89.25 31.38 -40.94
CA ASP NA 240 -89.01 31.90 -39.59
C ASP NA 240 -87.54 31.70 -39.22
N THR NA 241 -86.91 32.76 -38.72
CA THR NA 241 -85.50 32.74 -38.36
C THR NA 241 -85.32 33.44 -37.02
N VAL NA 242 -84.06 33.52 -36.58
CA VAL NA 242 -83.76 34.15 -35.30
C VAL NA 242 -84.13 35.62 -35.31
N VAL NA 243 -83.84 36.31 -36.43
CA VAL NA 243 -84.02 37.75 -36.48
C VAL NA 243 -85.47 38.14 -36.21
N LYS NA 244 -86.41 37.42 -36.81
CA LYS NA 244 -87.82 37.75 -36.63
C LYS NA 244 -88.27 37.51 -35.19
N GLN NA 245 -87.62 36.59 -34.48
CA GLN NA 245 -87.99 36.23 -33.12
C GLN NA 245 -87.09 36.88 -32.06
N LEU NA 246 -86.32 37.90 -32.44
CA LEU NA 246 -85.43 38.54 -31.48
C LEU NA 246 -86.23 39.19 -30.35
N ARG NA 247 -85.63 39.20 -29.16
CA ARG NA 247 -86.29 39.72 -27.98
C ARG NA 247 -85.25 40.25 -27.01
N ASP NA 248 -85.69 41.13 -26.11
CA ASP NA 248 -84.82 41.67 -25.09
C ASP NA 248 -84.45 40.59 -24.08
N SER NA 249 -83.31 40.78 -23.42
CA SER NA 249 -82.77 39.81 -22.48
C SER NA 249 -82.80 40.42 -21.08
N PHE NA 250 -83.69 39.90 -20.23
CA PHE NA 250 -83.77 40.30 -18.83
C PHE NA 250 -83.90 41.81 -18.70
N GLY NA 251 -84.83 42.39 -19.46
CA GLY NA 251 -85.07 43.81 -19.41
C GLY NA 251 -84.04 44.65 -20.11
N LYS NA 252 -83.22 44.07 -20.98
CA LYS NA 252 -82.18 44.79 -21.70
C LYS NA 252 -82.37 44.56 -23.19
N PHE NA 253 -82.39 45.65 -23.97
CA PHE NA 253 -82.71 45.57 -25.38
C PHE NA 253 -81.43 45.56 -26.21
N PRO NA 254 -81.08 44.44 -26.86
CA PRO NA 254 -79.89 44.46 -27.72
C PRO NA 254 -80.09 45.35 -28.93
N LEU NA 255 -78.98 45.94 -29.38
CA LEU NA 255 -78.95 46.79 -30.57
C LEU NA 255 -78.08 46.14 -31.63
N LYS NA 256 -78.63 45.96 -32.83
CA LYS NA 256 -77.91 45.34 -33.93
C LYS NA 256 -77.74 46.36 -35.05
N ALA NA 257 -76.51 46.50 -35.53
CA ALA NA 257 -76.23 47.46 -36.58
C ALA NA 257 -76.77 46.98 -37.91
N LEU NA 258 -76.79 47.89 -38.88
CA LEU NA 258 -77.23 47.61 -40.23
C LEU NA 258 -76.03 47.62 -41.17
N GLN NA 259 -75.90 46.57 -41.98
CA GLN NA 259 -74.71 46.34 -42.79
C GLN NA 259 -75.01 46.60 -44.27
N PHE NA 260 -74.01 47.09 -44.97
CA PHE NA 260 -74.05 47.29 -46.41
C PHE NA 260 -73.13 46.26 -47.07
N VAL NA 261 -73.71 45.30 -47.77
CA VAL NA 261 -72.94 44.20 -48.36
C VAL NA 261 -73.44 43.96 -49.78
N THR NA 262 -72.51 43.59 -50.66
CA THR NA 262 -72.80 43.24 -52.04
C THR NA 262 -72.14 41.91 -52.35
N ARG NA 263 -72.88 41.03 -53.02
CA ARG NA 263 -72.36 39.73 -53.46
C ARG NA 263 -72.52 39.68 -54.97
N GLU NA 264 -71.52 40.16 -55.70
CA GLU NA 264 -71.55 40.23 -57.14
C GLU NA 264 -70.72 39.09 -57.74
N THR NA 265 -71.06 38.71 -58.97
CA THR NA 265 -70.33 37.65 -59.64
C THR NA 265 -68.86 38.01 -59.83
N GLU NA 266 -68.59 39.27 -60.19
CA GLU NA 266 -67.20 39.70 -60.35
C GLU NA 266 -66.44 39.56 -59.04
N GLY NA 267 -67.04 39.97 -57.92
CA GLY NA 267 -66.39 39.85 -56.64
C GLY NA 267 -67.30 40.33 -55.53
N ARG NA 268 -66.84 40.12 -54.31
CA ARG NA 268 -67.54 40.52 -53.10
C ARG NA 268 -66.87 41.74 -52.49
N ARG NA 269 -67.63 42.47 -51.67
CA ARG NA 269 -67.07 43.62 -50.98
C ARG NA 269 -68.00 44.09 -49.86
N TYR NA 270 -67.42 44.40 -48.70
CA TYR NA 270 -68.17 44.92 -47.56
C TYR NA 270 -68.01 46.43 -47.51
N LEU NA 271 -69.12 47.15 -47.55
CA LEU NA 271 -69.10 48.59 -47.76
C LEU NA 271 -69.06 49.40 -46.47
N GLY NA 272 -69.92 49.10 -45.51
CA GLY NA 272 -69.92 49.85 -44.27
C GLY NA 272 -71.21 49.60 -43.50
N ASP NA 273 -71.40 50.45 -42.48
CA ASP NA 273 -72.53 50.32 -41.56
C ASP NA 273 -73.28 51.65 -41.49
N PHE NA 274 -74.54 51.56 -41.07
CA PHE NA 274 -75.32 52.74 -40.78
C PHE NA 274 -74.78 53.42 -39.53
N ASP NA 275 -74.62 54.74 -39.58
CA ASP NA 275 -74.12 55.50 -38.44
C ASP NA 275 -75.31 56.00 -37.63
N GLY NA 276 -75.59 55.32 -36.52
CA GLY NA 276 -76.63 55.73 -35.61
C GLY NA 276 -77.97 55.04 -35.77
N ALA NA 277 -78.06 54.03 -36.63
CA ALA NA 277 -79.29 53.28 -36.84
C ALA NA 277 -79.06 51.81 -36.52
N PHE NA 278 -80.02 51.21 -35.81
CA PHE NA 278 -79.89 49.83 -35.36
C PHE NA 278 -81.25 49.15 -35.40
N TYR NA 279 -81.22 47.82 -35.42
CA TYR NA 279 -82.41 47.00 -35.40
C TYR NA 279 -82.68 46.53 -33.98
N VAL NA 280 -83.92 46.67 -33.53
CA VAL NA 280 -84.31 46.28 -32.17
C VAL NA 280 -85.64 45.54 -32.23
N PRO NA 281 -85.93 44.73 -31.22
CA PRO NA 281 -87.19 43.97 -31.21
C PRO NA 281 -88.37 44.88 -30.90
N THR NA 282 -89.57 44.35 -31.13
CA THR NA 282 -90.80 45.08 -30.90
C THR NA 282 -91.47 44.73 -29.57
N LEU NA 283 -91.17 43.57 -29.00
CA LEU NA 283 -91.91 43.10 -27.84
C LEU NA 283 -91.79 44.08 -26.69
N ASN NA 284 -92.91 44.28 -25.98
CA ASN NA 284 -92.94 45.09 -24.76
C ASN NA 284 -92.38 46.48 -24.98
N SER NA 285 -92.36 46.93 -26.23
CA SER NA 285 -91.79 48.22 -26.59
C SER NA 285 -92.38 48.65 -27.92
N GLY NA 286 -91.88 49.78 -28.43
CA GLY NA 286 -92.40 50.32 -29.67
C GLY NA 286 -91.87 51.72 -29.90
N ALA NA 287 -92.66 52.52 -30.62
CA ALA NA 287 -92.23 53.85 -31.01
C ALA NA 287 -91.97 54.71 -29.77
N GLU NA 288 -91.33 55.86 -30.01
CA GLU NA 288 -91.04 56.88 -28.99
C GLU NA 288 -90.45 56.29 -27.72
N ASP NA 289 -89.82 55.11 -27.81
CA ASP NA 289 -89.14 54.52 -26.66
C ASP NA 289 -87.67 54.95 -26.67
N VAL NA 290 -87.20 55.40 -25.52
CA VAL NA 290 -85.83 55.89 -25.38
C VAL NA 290 -85.04 54.83 -24.63
N ILE NA 291 -84.06 54.24 -25.32
CA ILE NA 291 -83.20 53.20 -24.77
C ILE NA 291 -81.80 53.78 -24.61
N VAL NA 292 -81.25 53.68 -23.41
CA VAL NA 292 -79.94 54.22 -23.11
C VAL NA 292 -78.88 53.15 -23.37
N GLU NA 293 -77.64 53.59 -23.59
CA GLU NA 293 -76.52 52.69 -23.80
C GLU NA 293 -75.23 53.45 -23.54
N ASP NA 294 -74.48 53.04 -22.51
CA ASP NA 294 -73.20 53.68 -22.19
C ASP NA 294 -73.38 55.19 -22.04
N GLY NA 295 -74.50 55.59 -21.45
CA GLY NA 295 -74.84 57.00 -21.35
C GLY NA 295 -75.37 57.62 -22.63
N VAL NA 296 -75.59 56.82 -23.67
CA VAL NA 296 -76.08 57.29 -24.97
C VAL NA 296 -77.50 56.80 -25.13
N ASP NA 297 -78.40 57.72 -25.47
CA ASP NA 297 -79.81 57.39 -25.66
C ASP NA 297 -80.10 57.15 -27.13
N HIS NA 298 -80.98 56.19 -27.40
CA HIS NA 298 -81.43 55.88 -28.75
C HIS NA 298 -82.95 55.84 -28.76
N VAL NA 299 -83.55 56.44 -29.79
CA VAL NA 299 -85.00 56.47 -29.94
C VAL NA 299 -85.43 55.29 -30.80
N VAL NA 300 -86.66 54.81 -30.57
CA VAL NA 300 -87.22 53.68 -31.29
C VAL NA 300 -88.27 54.18 -32.26
N PHE NA 301 -88.33 53.54 -33.43
CA PHE NA 301 -89.31 53.91 -34.45
C PHE NA 301 -89.72 52.66 -35.21
N GLN NA 302 -90.86 52.75 -35.89
CA GLN NA 302 -91.41 51.63 -36.65
C GLN NA 302 -91.79 52.10 -38.04
N THR NA 303 -91.75 51.16 -38.99
CA THR NA 303 -92.01 51.48 -40.38
C THR NA 303 -93.50 51.76 -40.59
N ALA NA 304 -93.80 52.47 -41.68
CA ALA NA 304 -95.19 52.78 -42.01
C ALA NA 304 -95.97 51.51 -42.33
N TRP NA 305 -95.35 50.56 -43.02
CA TRP NA 305 -96.03 49.32 -43.38
C TRP NA 305 -96.71 48.68 -42.17
N ARG NA 306 -95.92 48.30 -41.18
CA ARG NA 306 -96.43 47.71 -39.95
C ARG NA 306 -95.46 48.03 -38.82
N SER NA 307 -95.70 47.44 -37.64
CA SER NA 307 -94.87 47.64 -36.47
C SER NA 307 -94.42 46.31 -35.87
N GLY NA 308 -94.11 45.33 -36.71
CA GLY NA 308 -93.68 44.03 -36.24
C GLY NA 308 -92.19 43.94 -35.98
N ASN NA 309 -91.75 42.74 -35.63
CA ASN NA 309 -90.36 42.55 -35.22
C ASN NA 309 -89.37 42.93 -36.32
N PRO NA 310 -89.49 42.44 -37.55
CA PRO NA 310 -88.48 42.75 -38.57
C PRO NA 310 -88.63 44.10 -39.24
N TRP NA 311 -89.64 44.89 -38.88
CA TRP NA 311 -89.87 46.22 -39.44
C TRP NA 311 -89.82 47.28 -38.35
N LEU NA 312 -88.84 47.19 -37.45
CA LEU NA 312 -88.67 48.15 -36.36
C LEU NA 312 -87.20 48.40 -36.13
N TYR NA 313 -86.85 49.67 -35.92
CA TYR NA 313 -85.46 50.09 -35.79
C TYR NA 313 -85.35 51.22 -34.78
N ALA NA 314 -84.14 51.42 -34.27
CA ALA NA 314 -83.83 52.49 -33.33
C ALA NA 314 -82.78 53.41 -33.94
N ILE NA 315 -82.84 54.68 -33.55
CA ILE NA 315 -81.93 55.70 -34.06
C ILE NA 315 -81.24 56.36 -32.88
N ARG NA 316 -79.92 56.53 -32.98
CA ARG NA 316 -79.15 57.15 -31.91
C ARG NA 316 -79.43 58.64 -31.86
N LYS NA 317 -79.70 59.18 -30.67
CA LYS NA 317 -79.90 60.60 -30.47
C LYS NA 317 -78.71 61.29 -29.81
N ASP NA 318 -77.71 60.54 -29.37
CA ASP NA 318 -76.51 61.12 -28.75
C ASP NA 318 -76.86 61.82 -27.45
N ALA OA 2 -49.11 33.71 -23.31
CA ALA OA 2 -50.02 34.33 -24.27
C ALA OA 2 -50.13 33.49 -25.53
N TYR OA 3 -49.03 33.39 -26.27
CA TYR OA 3 -48.97 32.64 -27.52
C TYR OA 3 -47.87 31.59 -27.39
N PHE OA 4 -48.22 30.33 -27.66
CA PHE OA 4 -47.29 29.23 -27.52
C PHE OA 4 -47.42 28.27 -28.69
N THR OA 5 -46.30 27.62 -29.01
CA THR OA 5 -46.23 26.67 -30.11
C THR OA 5 -45.41 25.47 -29.66
N GLY OA 6 -45.68 24.32 -30.29
CA GLY OA 6 -44.95 23.11 -29.95
C GLY OA 6 -45.41 21.95 -30.79
N THR OA 7 -44.85 20.78 -30.48
CA THR OA 7 -45.15 19.55 -31.19
C THR OA 7 -45.41 18.45 -30.16
N ALA OA 8 -46.27 17.50 -30.54
CA ALA OA 8 -46.64 16.41 -29.65
C ALA OA 8 -46.84 15.14 -30.46
N ASN OA 9 -46.09 14.09 -30.13
CA ASN OA 9 -46.24 12.83 -30.84
C ASN OA 9 -47.56 12.15 -30.49
N ASN OA 10 -48.01 12.30 -29.25
CA ASN OA 10 -49.26 11.73 -28.79
C ASN OA 10 -50.06 12.79 -28.07
N PRO OA 11 -51.38 12.59 -27.92
CA PRO OA 11 -52.18 13.59 -27.19
C PRO OA 11 -51.68 13.83 -25.77
N ALA OA 12 -51.17 12.79 -25.10
CA ALA OA 12 -50.75 12.95 -23.71
C ALA OA 12 -49.69 14.03 -23.58
N ASP OA 13 -48.79 14.14 -24.56
CA ASP OA 13 -47.81 15.21 -24.54
C ASP OA 13 -48.50 16.57 -24.59
N LEU OA 14 -49.52 16.71 -25.43
CA LEU OA 14 -50.28 17.95 -25.47
C LEU OA 14 -50.93 18.23 -24.11
N LEU OA 15 -51.50 17.20 -23.49
CA LEU OA 15 -52.06 17.36 -22.15
C LEU OA 15 -51.02 17.93 -21.20
N ALA OA 16 -49.85 17.30 -21.16
CA ALA OA 16 -48.80 17.74 -20.23
C ALA OA 16 -48.39 19.18 -20.51
N LYS OA 17 -48.17 19.51 -21.78
CA LYS OA 17 -47.69 20.86 -22.10
C LYS OA 17 -48.74 21.92 -21.77
N VAL OA 18 -50.00 21.68 -22.13
CA VAL OA 18 -51.01 22.70 -21.88
C VAL OA 18 -51.28 22.84 -20.39
N ARG OA 19 -51.24 21.73 -19.64
CA ARG OA 19 -51.39 21.84 -18.19
C ARG OA 19 -50.22 22.59 -17.57
N VAL OA 20 -49.01 22.35 -18.05
CA VAL OA 20 -47.85 23.08 -17.54
C VAL OA 20 -48.02 24.57 -17.79
N HIS OA 21 -48.45 24.93 -19.00
CA HIS OA 21 -48.67 26.34 -19.31
C HIS OA 21 -49.74 26.95 -18.43
N ALA OA 22 -50.85 26.23 -18.24
CA ALA OA 22 -51.94 26.74 -17.40
C ALA OA 22 -51.47 26.95 -15.97
N GLU OA 23 -50.74 25.99 -15.41
CA GLU OA 23 -50.23 26.13 -14.05
C GLU OA 23 -49.25 27.29 -13.95
N SER OA 24 -48.37 27.44 -14.94
CA SER OA 24 -47.44 28.57 -14.93
C SER OA 24 -48.17 29.90 -15.01
N LEU OA 25 -49.32 29.93 -15.69
CA LEU OA 25 -50.13 31.14 -15.80
C LEU OA 25 -50.98 31.39 -14.57
N GLY OA 26 -51.03 30.44 -13.62
CA GLY OA 26 -51.78 30.61 -12.40
C GLY OA 26 -53.11 29.90 -12.35
N TRP OA 27 -53.46 29.12 -13.38
CA TRP OA 27 -54.72 28.39 -13.36
C TRP OA 27 -54.72 27.36 -12.24
N VAL OA 28 -55.87 27.24 -11.57
CA VAL OA 28 -56.00 26.36 -10.42
C VAL OA 28 -56.55 25.01 -10.89
N THR OA 29 -55.80 23.94 -10.63
CA THR OA 29 -56.20 22.58 -10.97
C THR OA 29 -56.57 21.86 -9.68
N ASP OA 30 -57.87 21.59 -9.51
CA ASP OA 30 -58.31 20.89 -8.31
C ASP OA 30 -57.68 19.52 -8.21
N ARG OA 31 -57.62 18.78 -9.33
CA ARG OA 31 -56.97 17.49 -9.38
C ARG OA 31 -56.31 17.32 -10.75
N ALA OA 32 -55.13 16.71 -10.76
CA ALA OA 32 -54.36 16.52 -11.97
C ALA OA 32 -53.92 15.06 -12.07
N SER OA 33 -53.85 14.58 -13.31
CA SER OA 33 -53.40 13.21 -13.56
C SER OA 33 -52.85 13.16 -14.98
N ALA OA 34 -52.21 12.03 -15.30
CA ALA OA 34 -51.60 11.88 -16.61
C ALA OA 34 -52.62 11.94 -17.73
N SER OA 35 -53.88 11.57 -17.46
CA SER OA 35 -54.90 11.53 -18.49
C SER OA 35 -56.23 12.14 -18.07
N GLU OA 36 -56.47 12.40 -16.79
CA GLU OA 36 -57.73 12.95 -16.32
C GLU OA 36 -57.50 14.24 -15.57
N TRP OA 37 -58.30 15.25 -15.87
CA TRP OA 37 -58.16 16.58 -15.29
C TRP OA 37 -59.47 17.05 -14.68
N LEU OA 38 -59.37 17.70 -13.53
CA LEU OA 38 -60.49 18.42 -12.91
C LEU OA 38 -59.94 19.78 -12.48
N CYS OA 39 -60.05 20.77 -13.36
CA CYS OA 39 -59.54 22.11 -13.11
C CYS OA 39 -60.68 23.11 -13.08
N HIS OA 40 -60.34 24.34 -12.69
CA HIS OA 40 -61.34 25.39 -12.54
C HIS OA 40 -60.64 26.74 -12.50
N ASN OA 41 -61.45 27.79 -12.51
CA ASN OA 41 -60.97 29.16 -12.38
C ASN OA 41 -62.05 29.97 -11.67
N ALA OA 42 -61.90 31.31 -11.72
CA ALA OA 42 -62.87 32.19 -11.08
C ALA OA 42 -64.21 32.23 -11.81
N ASP OA 43 -64.30 31.65 -13.00
CA ASP OA 43 -65.51 31.71 -13.82
C ASP OA 43 -66.34 30.44 -13.74
N GLY OA 44 -65.73 29.28 -13.96
CA GLY OA 44 -66.48 28.04 -13.96
C GLY OA 44 -65.58 26.84 -13.75
N TYR OA 45 -66.21 25.68 -13.67
CA TYR OA 45 -65.54 24.40 -13.44
C TYR OA 45 -65.58 23.58 -14.72
N TRP OA 46 -64.53 22.78 -14.95
CA TRP OA 46 -64.45 21.95 -16.14
C TRP OA 46 -63.67 20.69 -15.85
N SER OA 47 -63.88 19.68 -16.69
CA SER OA 47 -63.17 18.41 -16.59
C SER OA 47 -62.83 17.92 -17.98
N PHE OA 48 -61.66 17.30 -18.13
CA PHE OA 48 -61.22 16.78 -19.40
C PHE OA 48 -60.60 15.40 -19.21
N ASN OA 49 -60.77 14.56 -20.23
CA ASN OA 49 -60.16 13.24 -20.26
C ASN OA 49 -59.54 13.01 -21.62
N ALA OA 50 -58.36 12.39 -21.64
CA ALA OA 50 -57.64 12.12 -22.88
C ALA OA 50 -57.77 10.64 -23.22
N GLY OA 51 -58.36 10.36 -24.38
CA GLY OA 51 -58.50 9.00 -24.86
C GLY OA 51 -57.33 8.60 -25.74
N ALA OA 52 -57.48 7.45 -26.39
CA ALA OA 52 -56.44 6.96 -27.29
C ALA OA 52 -56.23 7.92 -28.45
N ASN OA 53 -57.31 8.42 -29.05
CA ASN OA 53 -57.21 9.30 -30.20
C ASN OA 53 -58.24 10.42 -30.16
N GLN OA 54 -58.72 10.79 -28.98
CA GLN OA 54 -59.74 11.82 -28.86
C GLN OA 54 -59.76 12.37 -27.45
N PHE OA 55 -60.39 13.53 -27.29
CA PHE OA 55 -60.62 14.16 -26.01
C PHE OA 55 -62.08 13.99 -25.60
N GLN OA 56 -62.32 13.94 -24.29
CA GLN OA 56 -63.65 13.99 -23.72
C GLN OA 56 -63.72 15.14 -22.73
N MET OA 57 -64.55 16.14 -23.04
CA MET OA 57 -64.70 17.32 -22.20
C MET OA 57 -66.12 17.40 -21.68
N ALA OA 58 -66.27 17.97 -20.48
CA ALA OA 58 -67.58 18.11 -19.86
C ALA OA 58 -67.52 19.26 -18.87
N GLY OA 59 -68.58 20.06 -18.85
CA GLY OA 59 -68.67 21.14 -17.89
C GLY OA 59 -68.95 20.63 -16.50
N ASN OA 60 -68.82 21.53 -15.52
CA ASN OA 60 -68.99 21.17 -14.13
C ASN OA 60 -69.44 22.38 -13.33
N THR OA 61 -70.06 22.11 -12.18
CA THR OA 61 -70.44 23.15 -11.23
C THR OA 61 -69.93 22.91 -9.82
N GLY OA 62 -69.71 21.65 -9.42
CA GLY OA 62 -69.13 21.35 -8.13
C GLY OA 62 -68.03 20.32 -8.27
N PHE OA 63 -67.35 20.05 -7.16
CA PHE OA 63 -66.22 19.13 -7.13
C PHE OA 63 -66.48 17.99 -6.16
N ASP OA 64 -66.09 16.79 -6.56
CA ASP OA 64 -66.15 15.61 -5.69
C ASP OA 64 -65.09 14.64 -6.17
N ASN OA 65 -64.01 14.49 -5.41
CA ASN OA 65 -62.89 13.66 -5.84
C ASN OA 65 -63.27 12.19 -5.97
N SER OA 66 -64.34 11.76 -5.30
CA SER OA 66 -64.75 10.36 -5.33
C SER OA 66 -65.62 10.01 -6.52
N LEU OA 67 -65.97 10.98 -7.37
CA LEU OA 67 -66.82 10.74 -8.52
C LEU OA 67 -65.98 10.67 -9.79
N ALA OA 68 -66.50 9.96 -10.78
CA ALA OA 68 -65.79 9.79 -12.04
C ALA OA 68 -65.67 11.12 -12.78
N TRP OA 69 -64.91 11.11 -13.87
CA TRP OA 69 -64.71 12.32 -14.65
C TRP OA 69 -66.01 12.84 -15.24
N ASN OA 70 -66.96 11.94 -15.50
CA ASN OA 70 -68.24 12.29 -16.09
C ASN OA 70 -69.39 12.15 -15.09
N ALA OA 71 -69.11 12.35 -13.80
CA ALA OA 71 -70.11 12.23 -12.75
C ALA OA 71 -70.01 13.34 -11.72
N GLN OA 72 -69.36 14.46 -12.07
CA GLN OA 72 -69.21 15.56 -11.13
C GLN OA 72 -70.57 16.21 -10.87
N PRO OA 73 -70.71 16.92 -9.75
CA PRO OA 73 -71.99 17.58 -9.47
C PRO OA 73 -72.35 18.56 -10.58
N GLY OA 74 -73.64 18.58 -10.93
CA GLY OA 74 -74.09 19.45 -11.99
C GLY OA 74 -73.39 19.21 -13.31
N ASN OA 75 -73.13 17.95 -13.65
CA ASN OA 75 -72.44 17.62 -14.88
C ASN OA 75 -73.38 17.79 -16.06
N SER OA 76 -72.79 18.04 -17.23
CA SER OA 76 -73.57 18.25 -18.44
C SER OA 76 -74.28 16.97 -18.88
N VAL OA 77 -73.69 15.81 -18.59
CA VAL OA 77 -74.20 14.56 -19.14
C VAL OA 77 -75.66 14.36 -18.74
N GLN OA 78 -75.97 14.61 -17.46
CA GLN OA 78 -77.32 14.39 -16.94
C GLN OA 78 -78.19 15.63 -16.96
N ASN OA 79 -77.61 16.81 -17.14
CA ASN OA 79 -78.35 18.08 -17.10
C ASN OA 79 -78.49 18.68 -18.50
N ASN OA 80 -78.71 17.83 -19.50
CA ASN OA 80 -78.88 18.27 -20.88
C ASN OA 80 -80.16 17.68 -21.46
N PRO OA 81 -80.81 18.38 -22.39
CA PRO OA 81 -82.04 17.84 -22.98
C PRO OA 81 -81.83 16.54 -23.73
N TYR OA 82 -80.63 16.26 -24.22
CA TYR OA 82 -80.40 15.07 -25.02
C TYR OA 82 -80.78 13.82 -24.25
N SER OA 83 -81.49 12.91 -24.93
CA SER OA 83 -81.81 11.62 -24.35
C SER OA 83 -80.60 10.70 -24.30
N SER OA 84 -79.63 10.90 -25.19
CA SER OA 84 -78.42 10.07 -25.17
C SER OA 84 -77.60 10.33 -23.92
N LYS OA 85 -77.59 11.58 -23.44
CA LYS OA 85 -76.84 11.95 -22.25
C LYS OA 85 -75.34 11.71 -22.45
N GLY OA 86 -74.80 12.36 -23.48
CA GLY OA 86 -73.40 12.24 -23.81
C GLY OA 86 -72.65 13.55 -23.64
N PRO OA 87 -71.37 13.46 -23.23
CA PRO OA 87 -70.60 14.70 -23.04
C PRO OA 87 -69.97 15.21 -24.33
N THR OA 88 -69.27 16.34 -24.24
CA THR OA 88 -68.59 16.87 -25.41
C THR OA 88 -67.46 15.94 -25.84
N VAL OA 89 -67.24 15.86 -27.14
CA VAL OA 89 -66.23 14.97 -27.72
C VAL OA 89 -65.46 15.73 -28.79
N ALA OA 90 -64.13 15.59 -28.77
CA ALA OA 90 -63.26 16.14 -29.80
C ALA OA 90 -62.47 15.00 -30.40
N GLN OA 91 -62.80 14.63 -31.64
CA GLN OA 91 -62.16 13.51 -32.30
C GLN OA 91 -60.83 13.95 -32.91
N LEU OA 92 -59.77 13.18 -32.65
CA LEU OA 92 -58.46 13.42 -33.25
C LEU OA 92 -57.95 12.16 -33.93
N SER OA 93 -56.69 12.19 -34.35
CA SER OA 93 -55.99 11.05 -34.92
C SER OA 93 -54.97 10.53 -33.92
N GLY OA 94 -54.38 9.39 -34.24
CA GLY OA 94 -53.35 8.77 -33.42
C GLY OA 94 -51.99 8.91 -34.09
N GLY OA 95 -50.99 9.24 -33.29
CA GLY OA 95 -49.64 9.42 -33.80
C GLY OA 95 -49.25 10.88 -33.90
N PRO OA 96 -48.31 11.20 -34.78
CA PRO OA 96 -47.72 12.55 -34.78
C PRO OA 96 -48.74 13.67 -34.96
N PHE OA 97 -48.56 14.74 -34.19
CA PHE OA 97 -49.27 16.00 -34.40
C PHE OA 97 -48.23 16.98 -34.91
N THR OA 98 -48.40 17.46 -36.15
CA THR OA 98 -47.40 18.29 -36.79
C THR OA 98 -47.02 19.48 -35.91
N ARG OA 99 -48.01 20.15 -35.33
CA ARG OA 99 -47.75 21.32 -34.49
C ARG OA 99 -49.06 21.73 -33.83
N TYR OA 100 -48.94 22.32 -32.64
CA TYR OA 100 -50.08 22.84 -31.90
C TYR OA 100 -49.82 24.28 -31.50
N HIS OA 101 -50.83 25.13 -31.67
CA HIS OA 101 -50.75 26.54 -31.31
C HIS OA 101 -51.73 26.82 -30.18
N LEU OA 102 -51.21 27.34 -29.07
CA LEU OA 102 -51.99 27.52 -27.85
C LEU OA 102 -52.05 29.00 -27.50
N PHE OA 103 -53.27 29.49 -27.25
CA PHE OA 103 -53.49 30.83 -26.75
C PHE OA 103 -53.98 30.72 -25.31
N ALA OA 104 -53.27 31.36 -24.38
CA ALA OA 104 -53.54 31.21 -22.96
C ALA OA 104 -53.84 32.56 -22.32
N THR OA 105 -54.88 32.58 -21.50
CA THR OA 105 -55.25 33.77 -20.73
C THR OA 105 -55.80 33.32 -19.38
N ALA OA 106 -56.22 34.28 -18.57
CA ALA OA 106 -56.76 33.99 -17.25
C ALA OA 106 -58.23 33.58 -17.29
N ALA OA 107 -58.92 33.80 -18.40
CA ALA OA 107 -60.35 33.50 -18.50
C ALA OA 107 -60.69 32.45 -19.54
N TYR OA 108 -59.81 32.15 -20.48
CA TYR OA 108 -60.14 31.21 -21.55
C TYR OA 108 -58.86 30.59 -22.09
N LEU OA 109 -59.01 29.42 -22.69
CA LEU OA 109 -57.93 28.72 -23.38
C LEU OA 109 -58.39 28.40 -24.79
N HIS OA 110 -57.55 28.72 -25.78
CA HIS OA 110 -57.82 28.38 -27.17
C HIS OA 110 -56.64 27.60 -27.72
N LEU OA 111 -56.94 26.49 -28.40
CA LEU OA 111 -55.92 25.59 -28.93
C LEU OA 111 -56.23 25.24 -30.37
N HIS OA 112 -55.19 25.12 -31.18
CA HIS OA 112 -55.32 24.73 -32.59
C HIS OA 112 -54.18 23.76 -32.90
N VAL OA 113 -54.53 22.51 -33.16
CA VAL OA 113 -53.56 21.44 -33.34
C VAL OA 113 -53.55 21.00 -34.80
N GLU OA 114 -52.37 20.96 -35.39
CA GLU OA 114 -52.17 20.45 -36.75
C GLU OA 114 -51.76 18.99 -36.62
N ILE OA 115 -52.75 18.09 -36.67
CA ILE OA 115 -52.45 16.67 -36.53
C ILE OA 115 -51.60 16.18 -37.69
N ALA OA 116 -51.82 16.71 -38.89
CA ALA OA 116 -51.06 16.34 -40.06
C ALA OA 116 -51.07 17.50 -41.04
N ALA OA 117 -50.35 17.34 -42.15
CA ALA OA 117 -50.27 18.37 -43.17
C ALA OA 117 -51.66 18.72 -43.69
N GLY OA 118 -52.10 19.94 -43.44
CA GLY OA 118 -53.40 20.39 -43.89
C GLY OA 118 -54.57 20.02 -43.00
N GLN OA 119 -54.33 19.23 -41.95
CA GLN OA 119 -55.38 18.82 -41.03
C GLN OA 119 -55.25 19.61 -39.73
N PHE OA 120 -56.34 20.24 -39.31
CA PHE OA 120 -56.36 21.06 -38.10
C PHE OA 120 -57.56 20.69 -37.25
N ARG OA 121 -57.35 20.65 -35.93
CA ARG OA 121 -58.40 20.29 -34.99
C ARG OA 121 -58.44 21.34 -33.88
N PRO OA 122 -59.47 22.19 -33.83
CA PRO OA 122 -59.52 23.22 -32.78
C PRO OA 122 -60.17 22.72 -31.50
N VAL OA 123 -59.65 23.21 -30.38
CA VAL OA 123 -60.23 22.96 -29.06
C VAL OA 123 -60.44 24.32 -28.40
N MET OA 124 -61.68 24.61 -28.00
CA MET OA 124 -62.06 25.92 -27.52
C MET OA 124 -62.70 25.79 -26.14
N ILE OA 125 -62.26 26.62 -25.20
CA ILE OA 125 -62.79 26.63 -23.84
C ILE OA 125 -62.64 28.03 -23.27
N GLY OA 126 -63.61 28.44 -22.47
CA GLY OA 126 -63.58 29.76 -21.86
C GLY OA 126 -64.97 30.17 -21.40
N SER OA 127 -65.14 31.48 -21.26
CA SER OA 127 -66.43 32.07 -20.90
C SER OA 127 -66.70 33.25 -21.81
N LEU OA 128 -67.95 33.37 -22.26
CA LEU OA 128 -68.33 34.45 -23.16
C LEU OA 128 -68.25 35.80 -22.45
N ASN OA 129 -67.83 36.81 -23.19
CA ASN OA 129 -67.84 38.17 -22.67
C ASN OA 129 -69.26 38.58 -22.31
N LYS OA 130 -69.47 38.92 -21.04
CA LYS OA 130 -70.83 39.24 -20.60
C LYS OA 130 -71.37 40.49 -21.28
N ARG OA 131 -70.50 41.41 -21.66
CA ARG OA 131 -70.90 42.63 -22.36
C ARG OA 131 -71.99 43.36 -21.59
N GLY OA 132 -71.83 43.46 -20.28
CA GLY OA 132 -72.80 44.14 -19.46
C GLY OA 132 -74.13 43.45 -19.33
N VAL OA 133 -74.25 42.22 -19.83
CA VAL OA 133 -75.49 41.47 -19.74
C VAL OA 133 -75.50 40.67 -18.45
N GLY OA 134 -76.55 40.82 -17.66
CA GLY OA 134 -76.65 40.13 -16.40
C GLY OA 134 -77.23 38.74 -16.52
N TYR OA 135 -76.37 37.73 -16.49
CA TYR OA 135 -76.80 36.35 -16.60
C TYR OA 135 -75.76 35.45 -15.97
N THR OA 136 -76.20 34.38 -15.32
CA THR OA 136 -75.31 33.44 -14.66
C THR OA 136 -74.91 32.34 -15.63
N GLY OA 137 -73.61 32.11 -15.77
CA GLY OA 137 -73.11 31.10 -16.68
C GLY OA 137 -72.16 31.67 -17.71
N GLY OA 138 -72.42 31.39 -18.98
CA GLY OA 138 -71.58 31.85 -20.07
C GLY OA 138 -70.40 30.97 -20.39
N GLN OA 139 -70.19 29.89 -19.65
CA GLN OA 139 -69.08 28.98 -19.92
C GLN OA 139 -69.39 28.12 -21.14
N TYR OA 140 -68.44 28.03 -22.07
CA TYR OA 140 -68.60 27.27 -23.29
C TYR OA 140 -67.42 26.35 -23.50
N VAL OA 141 -67.71 25.10 -23.87
CA VAL OA 141 -66.69 24.11 -24.20
C VAL OA 141 -67.05 23.52 -25.56
N CYS OA 142 -66.10 23.53 -26.49
CA CYS OA 142 -66.33 23.07 -27.85
C CYS OA 142 -65.29 22.03 -28.25
N GLY OA 143 -65.67 21.16 -29.19
CA GLY OA 143 -64.78 20.16 -29.72
C GLY OA 143 -64.98 19.99 -31.21
N SER OA 144 -64.10 19.20 -31.81
CA SER OA 144 -64.10 18.95 -33.24
C SER OA 144 -64.45 17.49 -33.50
N PHE OA 145 -65.43 17.26 -34.36
CA PHE OA 145 -65.89 15.92 -34.71
C PHE OA 145 -65.82 15.73 -36.22
N ILE OA 146 -65.38 14.54 -36.63
CA ILE OA 146 -65.32 14.15 -38.04
C ILE OA 146 -66.29 13.00 -38.24
N TYR OA 147 -67.07 13.07 -39.33
CA TYR OA 147 -68.06 12.02 -39.58
C TYR OA 147 -67.38 10.74 -40.04
N THR OA 148 -66.68 10.77 -41.17
CA THR OA 148 -66.02 9.59 -41.71
C THR OA 148 -64.85 10.00 -42.59
N PRO OA 149 -63.64 9.51 -42.33
CA PRO OA 149 -62.52 9.76 -43.25
C PRO OA 149 -62.78 9.12 -44.60
N GLY OA 150 -62.22 9.72 -45.64
CA GLY OA 150 -62.39 9.24 -47.00
C GLY OA 150 -63.61 9.80 -47.71
N GLN OA 151 -64.77 9.67 -47.09
CA GLN OA 151 -65.99 10.24 -47.62
C GLN OA 151 -66.01 11.73 -47.32
N ALA OA 152 -67.14 12.39 -47.58
CA ALA OA 152 -67.26 13.81 -47.27
C ALA OA 152 -66.98 14.06 -45.79
N LEU OA 153 -65.98 14.88 -45.52
CA LEU OA 153 -65.58 15.14 -44.13
C LEU OA 153 -66.53 16.09 -43.43
N THR OA 154 -67.20 16.97 -44.18
CA THR OA 154 -68.09 17.98 -43.61
C THR OA 154 -69.54 17.68 -43.93
N ASN OA 155 -69.92 16.41 -43.86
CA ASN OA 155 -71.30 16.01 -44.12
C ASN OA 155 -72.25 16.75 -43.18
N ASN OA 156 -73.55 16.63 -43.48
CA ASN OA 156 -74.57 17.26 -42.66
C ASN OA 156 -74.53 16.71 -41.23
N TRP OA 157 -74.34 15.40 -41.09
CA TRP OA 157 -74.31 14.78 -39.76
C TRP OA 157 -73.15 15.28 -38.92
N SER OA 158 -72.11 15.84 -39.54
CA SER OA 158 -70.97 16.32 -38.78
C SER OA 158 -71.37 17.45 -37.85
N SER OA 159 -70.57 17.65 -36.81
CA SER OA 159 -70.76 18.75 -35.87
C SER OA 159 -69.45 19.46 -35.66
N HIS OA 160 -69.52 20.77 -35.47
CA HIS OA 160 -68.35 21.62 -35.35
C HIS OA 160 -68.56 22.60 -34.20
N PRO OA 161 -67.50 23.22 -33.70
CA PRO OA 161 -67.64 24.20 -32.62
C PRO OA 161 -68.64 25.29 -32.99
N PHE OA 162 -69.53 25.61 -32.06
CA PHE OA 162 -70.56 26.63 -32.26
C PHE OA 162 -71.47 26.33 -33.43
N ASP OA 163 -71.58 25.06 -33.83
CA ASP OA 163 -72.32 24.72 -35.03
C ASP OA 163 -73.79 25.11 -34.89
N GLY OA 164 -74.37 25.58 -35.99
CA GLY OA 164 -75.76 26.00 -36.01
C GLY OA 164 -76.67 25.04 -36.74
N TYR OA 165 -76.11 23.93 -37.19
CA TYR OA 165 -76.85 22.93 -37.95
C TYR OA 165 -76.09 21.62 -37.88
N HIS OA 166 -76.72 20.56 -37.38
CA HIS OA 166 -76.08 19.26 -37.35
C HIS OA 166 -77.13 18.19 -37.15
N ILE OA 167 -76.76 16.95 -37.50
CA ILE OA 167 -77.62 15.78 -37.35
C ILE OA 167 -76.83 14.74 -36.58
N GLN OA 168 -77.19 14.53 -35.32
CA GLN OA 168 -76.53 13.53 -34.47
C GLN OA 168 -77.34 13.38 -33.20
N TYR OA 169 -77.47 12.15 -32.72
CA TYR OA 169 -78.30 11.83 -31.57
C TYR OA 169 -77.49 11.41 -30.35
N SER OA 170 -76.17 11.29 -30.47
CA SER OA 170 -75.34 10.77 -29.40
C SER OA 170 -74.44 11.82 -28.75
N ASN OA 171 -73.67 12.56 -29.55
CA ASN OA 171 -72.67 13.48 -29.02
C ASN OA 171 -72.86 14.86 -29.62
N SER OA 172 -72.36 15.86 -28.90
CA SER OA 172 -72.43 17.25 -29.31
C SER OA 172 -71.02 17.84 -29.36
N SER OA 173 -70.74 18.63 -30.40
CA SER OA 173 -69.41 19.19 -30.57
C SER OA 173 -69.13 20.30 -29.57
N CYS OA 174 -70.13 21.14 -29.27
CA CYS OA 174 -69.92 22.25 -28.35
C CYS OA 174 -71.22 22.52 -27.60
N MET OA 175 -71.10 23.30 -26.53
CA MET OA 175 -72.19 23.50 -25.59
C MET OA 175 -72.01 24.84 -24.90
N LEU OA 176 -73.01 25.23 -24.10
CA LEU OA 176 -73.01 26.51 -23.42
C LEU OA 176 -73.87 26.40 -22.16
N ARG OA 177 -73.55 27.24 -21.17
CA ARG OA 177 -74.29 27.28 -19.92
C ARG OA 177 -75.14 28.55 -19.86
N LEU OA 178 -76.43 28.36 -19.52
CA LEU OA 178 -77.35 29.48 -19.31
C LEU OA 178 -78.25 29.08 -18.14
N ASP OA 179 -77.92 29.56 -16.95
CA ASP OA 179 -78.59 29.13 -15.74
C ASP OA 179 -79.93 29.83 -15.57
N GLY OA 180 -80.89 29.10 -15.00
CA GLY OA 180 -82.19 29.67 -14.72
C GLY OA 180 -82.97 30.08 -15.96
N LEU OA 181 -82.91 29.29 -17.02
CA LEU OA 181 -83.66 29.61 -18.23
C LEU OA 181 -85.12 29.18 -18.07
N ASP OA 182 -86.03 30.10 -18.29
CA ASP OA 182 -87.47 29.83 -18.22
C ASP OA 182 -87.85 29.22 -16.87
N GLY OA 183 -87.21 29.71 -15.80
CA GLY OA 183 -87.55 29.28 -14.47
C GLY OA 183 -87.08 27.89 -14.10
N GLY OA 184 -86.22 27.28 -14.90
CA GLY OA 184 -85.73 25.95 -14.60
C GLY OA 184 -84.64 25.98 -13.55
N PRO OA 185 -84.20 24.79 -13.14
CA PRO OA 185 -83.12 24.70 -12.16
C PRO OA 185 -81.86 25.37 -12.68
N SER OA 186 -81.09 25.96 -11.75
CA SER OA 186 -79.89 26.69 -12.15
C SER OA 186 -78.94 25.87 -13.00
N PRO OA 187 -78.66 24.60 -12.70
CA PRO OA 187 -77.72 23.85 -13.56
C PRO OA 187 -78.33 23.52 -14.91
N GLU OA 188 -77.89 24.22 -15.95
CA GLU OA 188 -78.40 24.00 -17.31
C GLU OA 188 -77.23 24.12 -18.27
N TRP OA 189 -77.01 23.07 -19.06
CA TRP OA 189 -75.91 23.01 -20.02
C TRP OA 189 -76.53 22.87 -21.41
N LEU OA 190 -76.76 24.00 -22.06
CA LEU OA 190 -77.47 24.02 -23.32
C LEU OA 190 -76.55 23.59 -24.46
N PRO OA 191 -76.94 22.62 -25.27
CA PRO OA 191 -76.13 22.25 -26.44
C PRO OA 191 -76.52 23.04 -27.68
N PHE OA 192 -75.61 23.04 -28.65
CA PHE OA 192 -75.80 23.73 -29.92
C PHE OA 192 -76.50 22.77 -30.88
N ASP OA 193 -77.84 22.78 -30.86
CA ASP OA 193 -78.64 21.95 -31.72
C ASP OA 193 -79.79 22.77 -32.29
N TYR OA 194 -80.29 22.35 -33.46
CA TYR OA 194 -81.36 23.07 -34.15
C TYR OA 194 -82.49 22.18 -34.63
N THR OA 195 -82.25 20.89 -34.87
CA THR OA 195 -83.27 20.00 -35.42
C THR OA 195 -84.00 19.19 -34.36
N THR OA 196 -83.61 19.29 -33.09
CA THR OA 196 -84.24 18.50 -32.05
C THR OA 196 -85.55 19.09 -31.56
N ASN OA 197 -85.84 20.34 -31.89
CA ASN OA 197 -87.07 21.02 -31.46
C ASN OA 197 -87.21 21.04 -29.94
N VAL OA 198 -86.10 20.92 -29.22
CA VAL OA 198 -86.15 21.03 -27.76
C VAL OA 198 -86.58 22.44 -27.39
N PRO OA 199 -87.38 22.64 -26.34
CA PRO OA 199 -87.82 24.02 -26.02
C PRO OA 199 -86.67 24.97 -25.81
N ARG OA 200 -85.57 24.53 -25.19
CA ARG OA 200 -84.42 25.38 -24.90
C ARG OA 200 -83.21 24.87 -25.67
N ARG OA 201 -82.58 25.76 -26.43
CA ARG OA 201 -81.40 25.40 -27.22
C ARG OA 201 -80.66 26.68 -27.59
N VAL OA 202 -79.44 26.49 -28.12
CA VAL OA 202 -78.60 27.59 -28.54
C VAL OA 202 -78.08 27.31 -29.95
N VAL OA 203 -77.65 28.36 -30.63
CA VAL OA 203 -77.17 28.27 -32.01
C VAL OA 203 -76.00 29.23 -32.18
N GLY OA 204 -75.11 28.91 -33.13
CA GLY OA 204 -73.95 29.73 -33.38
C GLY OA 204 -73.50 29.68 -34.83
N PRO OA 205 -72.57 30.58 -35.21
CA PRO OA 205 -72.06 30.60 -36.59
C PRO OA 205 -71.03 29.52 -36.88
N GLY OA 206 -70.93 28.52 -36.01
CA GLY OA 206 -69.86 27.54 -36.06
C GLY OA 206 -69.41 27.10 -37.44
N ARG OA 207 -70.34 26.57 -38.25
CA ARG OA 207 -69.96 26.04 -39.55
C ARG OA 207 -69.43 27.11 -40.50
N GLY OA 208 -69.68 28.39 -40.20
CA GLY OA 208 -69.19 29.46 -41.04
C GLY OA 208 -70.20 29.91 -42.07
N ASN OA 209 -70.05 29.42 -43.31
CA ASN OA 209 -70.92 29.82 -44.42
C ASN OA 209 -71.49 28.60 -45.12
N TYR OA 210 -71.98 27.64 -44.34
CA TYR OA 210 -72.61 26.48 -44.94
C TYR OA 210 -73.97 26.87 -45.51
N SER OA 211 -74.44 26.05 -46.47
CA SER OA 211 -75.66 26.39 -47.19
C SER OA 211 -76.85 26.53 -46.24
N SER OA 212 -77.00 25.57 -45.32
CA SER OA 212 -78.11 25.56 -44.36
C SER OA 212 -77.67 26.01 -42.98
N GLN OA 213 -76.72 26.94 -42.90
CA GLN OA 213 -76.32 27.50 -41.62
C GLN OA 213 -77.34 28.54 -41.17
N TYR OA 214 -77.72 28.48 -39.90
CA TYR OA 214 -78.77 29.33 -39.34
C TYR OA 214 -78.11 30.41 -38.47
N HIS OA 215 -77.82 31.55 -39.08
CA HIS OA 215 -77.31 32.71 -38.36
C HIS OA 215 -77.37 33.92 -39.29
N PRO OA 216 -77.78 35.09 -38.79
CA PRO OA 216 -77.95 36.25 -39.69
C PRO OA 216 -76.64 36.86 -40.16
N ASP OA 217 -75.51 36.47 -39.60
CA ASP OA 217 -74.22 37.05 -39.96
C ASP OA 217 -73.48 36.23 -41.01
N VAL OA 218 -74.08 35.13 -41.49
CA VAL OA 218 -73.41 34.30 -42.48
C VAL OA 218 -72.98 35.13 -43.67
N GLY OA 219 -73.79 36.11 -44.06
CA GLY OA 219 -73.39 37.02 -45.12
C GLY OA 219 -72.16 37.84 -44.75
N LEU OA 220 -72.07 38.27 -43.49
CA LEU OA 220 -70.89 39.00 -43.05
C LEU OA 220 -69.65 38.13 -43.15
N ILE OA 221 -69.74 36.87 -42.72
CA ILE OA 221 -68.60 35.97 -42.85
C ILE OA 221 -68.23 35.79 -44.32
N ASP OA 222 -69.23 35.64 -45.18
CA ASP OA 222 -68.95 35.49 -46.61
C ASP OA 222 -68.25 36.71 -47.18
N ALA OA 223 -68.70 37.90 -46.80
CA ALA OA 223 -68.19 39.15 -47.36
C ALA OA 223 -67.07 39.75 -46.52
N SER OA 224 -66.49 38.99 -45.60
CA SER OA 224 -65.42 39.53 -44.76
C SER OA 224 -64.27 40.08 -45.60
N ALA OA 225 -64.03 39.50 -46.78
CA ALA OA 225 -62.92 39.91 -47.64
C ALA OA 225 -63.42 40.93 -48.67
N ASN OA 226 -62.66 42.00 -48.84
CA ASN OA 226 -62.99 43.07 -49.78
C ASN OA 226 -62.12 42.94 -51.02
N GLU OA 227 -62.76 42.87 -52.19
CA GLU OA 227 -62.00 42.73 -53.43
C GLU OA 227 -61.28 44.01 -53.81
N LEU OA 228 -61.91 45.17 -53.58
CA LEU OA 228 -61.37 46.42 -54.08
C LEU OA 228 -60.00 46.73 -53.48
N ASN OA 229 -59.84 46.52 -52.17
CA ASN OA 229 -58.60 46.84 -51.48
C ASN OA 229 -57.98 45.63 -50.80
N SER OA 230 -58.55 44.44 -51.00
CA SER OA 230 -58.01 43.21 -50.42
C SER OA 230 -57.95 43.28 -48.89
N SER OA 231 -58.85 44.05 -48.29
CA SER OA 231 -58.90 44.19 -46.84
C SER OA 231 -59.88 43.18 -46.25
N THR OA 232 -59.52 42.63 -45.10
CA THR OA 232 -60.33 41.65 -44.40
C THR OA 232 -60.73 42.20 -43.04
N THR OA 233 -62.00 42.01 -42.68
CA THR OA 233 -62.53 42.46 -41.40
C THR OA 233 -63.06 41.26 -40.62
N THR OA 234 -62.84 41.29 -39.32
CA THR OA 234 -63.30 40.21 -38.45
C THR OA 234 -64.78 40.39 -38.11
N VAL OA 235 -65.43 39.28 -37.79
CA VAL OA 235 -66.84 39.28 -37.43
C VAL OA 235 -67.00 38.60 -36.06
N PRO OA 236 -67.40 39.32 -35.03
CA PRO OA 236 -67.68 38.65 -33.75
C PRO OA 236 -68.74 37.58 -33.90
N CYS OA 237 -68.56 36.47 -33.19
CA CYS OA 237 -69.45 35.32 -33.31
C CYS OA 237 -70.60 35.48 -32.32
N ALA OA 238 -71.71 36.02 -32.81
CA ALA OA 238 -72.89 36.19 -31.98
C ALA OA 238 -73.57 34.85 -31.73
N ILE OA 239 -73.94 34.61 -30.47
CA ILE OA 239 -74.60 33.39 -30.05
C ILE OA 239 -76.03 33.74 -29.67
N TYR OA 240 -76.97 32.88 -30.08
CA TYR OA 240 -78.39 33.08 -29.80
C TYR OA 240 -78.93 31.88 -29.05
N ALA OA 241 -79.82 32.15 -28.10
CA ALA OA 241 -80.46 31.11 -27.28
C ALA OA 241 -81.96 31.21 -27.45
N PHE OA 242 -82.61 30.07 -27.67
CA PHE OA 242 -84.05 30.01 -27.90
C PHE OA 242 -84.77 29.70 -26.60
N GLY OA 243 -85.84 30.44 -26.33
CA GLY OA 243 -86.64 30.25 -25.14
C GLY OA 243 -87.66 29.13 -25.32
N ALA OA 244 -88.49 28.97 -24.29
CA ALA OA 244 -89.46 27.88 -24.28
C ALA OA 244 -90.40 27.94 -25.47
N GLN OA 245 -90.73 29.15 -25.95
CA GLN OA 245 -91.66 29.33 -27.06
C GLN OA 245 -90.96 29.96 -28.25
N GLN OA 246 -89.77 29.46 -28.57
CA GLN OA 246 -89.03 29.88 -29.76
C GLN OA 246 -88.82 31.39 -29.80
N ARG OA 247 -88.50 31.98 -28.66
CA ARG OA 247 -88.17 33.40 -28.58
C ARG OA 247 -86.68 33.54 -28.29
N SER OA 248 -85.95 34.10 -29.24
CA SER OA 248 -84.50 34.19 -29.13
C SER OA 248 -84.08 35.34 -28.25
N ARG OA 249 -82.95 35.15 -27.55
CA ARG OA 249 -82.37 36.18 -26.70
C ARG OA 249 -80.86 36.15 -26.92
N TYR OA 250 -80.32 37.23 -27.50
CA TYR OA 250 -78.88 37.31 -27.69
C TYR OA 250 -78.17 37.22 -26.34
N VAL OA 251 -77.12 36.41 -26.28
CA VAL OA 251 -76.44 36.10 -25.04
C VAL OA 251 -75.06 36.76 -24.95
N GLY OA 252 -74.27 36.72 -26.01
CA GLY OA 252 -72.95 37.29 -25.97
C GLY OA 252 -72.16 36.93 -27.21
N GLU OA 253 -70.85 37.21 -27.13
CA GLU OA 253 -69.92 36.97 -28.22
C GLU OA 253 -68.70 36.22 -27.67
N VAL OA 254 -67.99 35.54 -28.58
CA VAL OA 254 -66.82 34.77 -28.21
C VAL OA 254 -65.65 35.73 -28.02
N PRO OA 255 -65.03 35.80 -26.83
CA PRO OA 255 -63.96 36.77 -26.62
C PRO OA 255 -62.77 36.49 -27.53
N ASP OA 256 -62.16 37.58 -28.02
CA ASP OA 256 -60.89 37.50 -28.75
C ASP OA 256 -60.97 36.46 -29.87
N PHE OA 257 -62.09 36.47 -30.61
CA PHE OA 257 -62.32 35.49 -31.65
C PHE OA 257 -63.08 36.14 -32.79
N GLY OA 258 -62.82 35.68 -34.01
CA GLY OA 258 -63.52 36.17 -35.17
C GLY OA 258 -63.34 35.24 -36.35
N ILE OA 259 -64.21 35.41 -37.34
CA ILE OA 259 -64.23 34.56 -38.53
C ILE OA 259 -64.05 35.44 -39.76
N CYS OA 260 -63.52 34.86 -40.82
CA CYS OA 260 -63.33 35.57 -42.08
C CYS OA 260 -63.18 34.53 -43.19
N ASN OA 261 -63.07 35.01 -44.42
CA ASN OA 261 -62.87 34.17 -45.59
C ASN OA 261 -61.40 34.12 -45.96
N MET OA 262 -60.89 32.92 -46.24
CA MET OA 262 -59.50 32.70 -46.57
C MET OA 262 -59.27 32.64 -48.08
N ALA OA 263 -60.12 33.31 -48.87
CA ALA OA 263 -59.97 33.25 -50.31
C ALA OA 263 -58.63 33.82 -50.76
N PHE OA 264 -58.20 34.92 -50.16
CA PHE OA 264 -56.98 35.62 -50.55
C PHE OA 264 -55.92 35.60 -49.46
N LEU OA 265 -56.00 34.64 -48.52
CA LEU OA 265 -55.02 34.51 -47.45
C LEU OA 265 -54.61 33.06 -47.32
N ALA OA 266 -53.30 32.83 -47.24
CA ALA OA 266 -52.74 31.51 -46.99
C ALA OA 266 -52.75 31.20 -45.51
N PRO OA 267 -52.64 29.94 -45.12
CA PRO OA 267 -52.67 29.59 -43.70
C PRO OA 267 -51.60 30.35 -42.92
N GLY OA 268 -52.01 30.97 -41.82
CA GLY OA 268 -51.09 31.72 -40.99
C GLY OA 268 -50.70 33.07 -41.53
N ASP OA 269 -51.29 33.51 -42.63
CA ASP OA 269 -50.91 34.79 -43.22
C ASP OA 269 -51.27 35.93 -42.25
N PRO OA 270 -50.33 36.83 -41.95
CA PRO OA 270 -50.64 37.90 -40.99
C PRO OA 270 -51.19 39.15 -41.67
N LEU OA 271 -52.21 39.73 -41.04
CA LEU OA 271 -52.78 41.01 -41.44
C LEU OA 271 -52.90 41.86 -40.18
N VAL OA 272 -51.83 42.58 -39.86
CA VAL OA 272 -51.82 43.42 -38.66
C VAL OA 272 -52.68 44.65 -38.93
N VAL OA 273 -53.86 44.69 -38.32
CA VAL OA 273 -54.75 45.84 -38.45
C VAL OA 273 -54.69 46.63 -37.16
N GLY OA 274 -53.78 47.60 -37.11
CA GLY OA 274 -53.66 48.47 -35.96
C GLY OA 274 -52.67 48.00 -34.92
N SER OA 275 -52.86 48.45 -33.68
CA SER OA 275 -51.93 48.13 -32.60
C SER OA 275 -52.03 46.68 -32.16
N ASP OA 276 -53.13 45.99 -32.47
CA ASP OA 276 -53.33 44.61 -32.09
C ASP OA 276 -53.23 43.71 -33.31
N THR OA 277 -52.48 42.62 -33.18
CA THR OA 277 -52.22 41.70 -34.26
C THR OA 277 -53.16 40.51 -34.17
N TRP OA 278 -53.43 39.89 -35.32
CA TRP OA 278 -54.37 38.78 -35.41
C TRP OA 278 -53.74 37.62 -36.17
N ARG OA 279 -54.08 36.41 -35.76
CA ARG OA 279 -53.63 35.19 -36.43
C ARG OA 279 -54.86 34.49 -37.03
N VAL OA 280 -54.73 34.08 -38.29
CA VAL OA 280 -55.80 33.41 -39.02
C VAL OA 280 -55.32 32.04 -39.45
N TYR OA 281 -56.09 31.00 -39.14
CA TYR OA 281 -55.79 29.65 -39.54
C TYR OA 281 -57.04 28.96 -40.08
N PRO OA 282 -56.88 28.00 -40.98
CA PRO OA 282 -58.06 27.28 -41.48
C PRO OA 282 -58.66 26.39 -40.42
N LEU OA 283 -59.97 26.13 -40.57
CA LEU OA 283 -60.67 25.30 -39.60
C LEU OA 283 -60.21 23.86 -39.68
N LEU OA 284 -60.38 23.23 -40.84
CA LEU OA 284 -60.02 21.83 -41.03
C LEU OA 284 -58.90 21.68 -42.06
N GLN OA 285 -59.09 22.20 -43.28
CA GLN OA 285 -58.12 22.03 -44.34
C GLN OA 285 -58.38 23.06 -45.42
N ARG OA 286 -57.34 23.35 -46.19
CA ARG OA 286 -57.46 24.27 -47.31
C ARG OA 286 -58.11 23.56 -48.50
N GLY OA 287 -59.10 24.21 -49.10
CA GLY OA 287 -59.80 23.67 -50.25
C GLY OA 287 -60.21 24.77 -51.19
N THR OA 288 -61.35 24.58 -51.85
CA THR OA 288 -61.91 25.55 -52.78
C THR OA 288 -63.17 26.17 -52.19
N ALA OA 289 -63.76 27.10 -52.93
CA ALA OA 289 -64.91 27.85 -52.42
C ALA OA 289 -66.10 26.93 -52.15
N THR OA 290 -66.37 26.00 -53.06
CA THR OA 290 -67.57 25.18 -53.00
C THR OA 290 -67.32 23.79 -52.43
N ASP OA 291 -66.12 23.51 -51.93
CA ASP OA 291 -65.82 22.19 -51.37
C ASP OA 291 -66.29 22.17 -49.91
N PHE OA 292 -67.60 22.03 -49.75
CA PHE OA 292 -68.23 21.95 -48.44
C PHE OA 292 -68.42 20.51 -47.98
N ASP OA 293 -67.91 19.53 -48.72
CA ASP OA 293 -68.07 18.12 -48.38
C ASP OA 293 -66.77 17.46 -47.96
N SER OA 294 -65.68 17.69 -48.72
CA SER OA 294 -64.41 17.04 -48.43
C SER OA 294 -63.50 17.87 -47.53
N THR OA 295 -63.76 19.18 -47.41
CA THR OA 295 -62.93 20.06 -46.59
C THR OA 295 -63.85 21.11 -45.96
N SER OA 296 -63.23 22.11 -45.32
CA SER OA 296 -63.96 23.18 -44.66
C SER OA 296 -64.09 24.43 -45.52
N ALA OA 297 -63.97 24.28 -46.84
CA ALA OA 297 -64.09 25.41 -47.78
C ALA OA 297 -62.99 26.42 -47.43
N TRP OA 298 -63.29 27.71 -47.31
CA TRP OA 298 -62.29 28.73 -47.01
C TRP OA 298 -62.55 29.42 -45.68
N VAL OA 299 -63.32 28.79 -44.79
CA VAL OA 299 -63.62 29.39 -43.50
C VAL OA 299 -62.34 29.43 -42.66
N GLY OA 300 -62.07 30.58 -42.07
CA GLY OA 300 -60.87 30.77 -41.27
C GLY OA 300 -61.20 31.32 -39.90
N TYR OA 301 -60.51 30.78 -38.89
CA TYR OA 301 -60.67 31.24 -37.52
C TYR OA 301 -59.62 32.29 -37.20
N CYS OA 302 -60.06 33.40 -36.62
CA CYS OA 302 -59.18 34.53 -36.32
C CYS OA 302 -59.03 34.65 -34.80
N PHE OA 303 -57.78 34.66 -34.35
CA PHE OA 303 -57.44 34.83 -32.94
C PHE OA 303 -56.60 36.08 -32.77
N ARG OA 304 -56.85 36.81 -31.68
CA ARG OA 304 -56.07 37.99 -31.35
C ARG OA 304 -54.83 37.55 -30.58
N VAL OA 305 -53.66 37.92 -31.08
CA VAL OA 305 -52.39 37.53 -30.47
C VAL OA 305 -51.85 38.71 -29.68
N VAL OA 306 -51.41 38.45 -28.45
CA VAL OA 306 -50.90 39.49 -27.58
C VAL OA 306 -49.67 38.98 -26.83
N ALA PA 2 -164.26 17.14 -47.15
CA ALA PA 2 -162.82 17.25 -46.97
C ALA PA 2 -162.08 16.25 -47.86
N THR PA 3 -162.80 15.21 -48.29
CA THR PA 3 -162.24 14.19 -49.15
C THR PA 3 -163.20 13.91 -50.30
N GLU PA 4 -162.64 13.57 -51.46
CA GLU PA 4 -163.43 13.30 -52.65
C GLU PA 4 -162.66 12.37 -53.57
N PHE PA 5 -163.31 11.31 -54.03
CA PHE PA 5 -162.74 10.36 -54.96
C PHE PA 5 -163.63 10.26 -56.20
N GLY PA 6 -163.02 10.27 -57.37
CA GLY PA 6 -163.78 10.23 -58.59
C GLY PA 6 -162.88 10.25 -59.81
N THR PA 7 -163.49 10.45 -60.97
CA THR PA 7 -162.80 10.46 -62.25
C THR PA 7 -163.16 11.74 -63.00
N ALA PA 8 -162.13 12.47 -63.43
CA ALA PA 8 -162.31 13.72 -64.16
C ALA PA 8 -162.02 13.49 -65.64
N VAL PA 9 -162.94 13.95 -66.50
CA VAL PA 9 -162.83 13.65 -67.92
C VAL PA 9 -161.61 14.30 -68.57
N ASN PA 10 -161.03 15.32 -67.95
CA ASN PA 10 -159.85 15.98 -68.50
C ASN PA 10 -159.27 16.89 -67.43
N HIS PA 11 -158.11 17.49 -67.76
CA HIS PA 11 -157.42 18.34 -66.80
C HIS PA 11 -158.28 19.53 -66.40
N ALA PA 12 -158.95 20.15 -67.36
CA ALA PA 12 -159.87 21.22 -67.03
C ALA PA 12 -160.93 20.72 -66.06
N ASP PA 13 -161.61 19.64 -66.44
CA ASP PA 13 -162.61 19.03 -65.57
C ASP PA 13 -162.04 18.83 -64.17
N LEU PA 14 -160.79 18.39 -64.09
CA LEU PA 14 -160.16 18.21 -62.80
C LEU PA 14 -160.09 19.54 -62.05
N VAL PA 15 -159.70 20.62 -62.72
CA VAL PA 15 -159.49 21.86 -61.97
C VAL PA 15 -160.81 22.46 -61.48
N GLU PA 16 -161.86 22.44 -62.31
CA GLU PA 16 -163.11 22.97 -61.74
C GLU PA 16 -163.72 22.00 -60.74
N ARG PA 17 -163.45 20.69 -60.86
CA ARG PA 17 -163.85 19.79 -59.78
C ARG PA 17 -163.17 20.17 -58.48
N LEU PA 18 -161.87 20.47 -58.53
CA LEU PA 18 -161.15 20.88 -57.34
C LEU PA 18 -161.74 22.18 -56.77
N VAL PA 19 -162.01 23.16 -57.63
CA VAL PA 19 -162.48 24.44 -57.10
C VAL PA 19 -163.87 24.29 -56.49
N GLN PA 20 -164.75 23.51 -57.12
CA GLN PA 20 -166.07 23.30 -56.54
C GLN PA 20 -165.97 22.52 -55.23
N PHE PA 21 -165.04 21.56 -55.15
CA PHE PA 21 -164.86 20.85 -53.89
C PHE PA 21 -164.38 21.79 -52.79
N LEU PA 22 -163.45 22.69 -53.13
CA LEU PA 22 -162.93 23.63 -52.14
C LEU PA 22 -164.01 24.61 -51.68
N THR PA 23 -164.85 25.09 -52.60
CA THR PA 23 -165.79 26.15 -52.30
C THR PA 23 -167.18 25.66 -51.90
N ALA PA 24 -167.46 24.36 -52.01
CA ALA PA 24 -168.81 23.88 -51.75
C ALA PA 24 -168.84 22.54 -51.00
N SER PA 25 -167.71 22.05 -50.52
CA SER PA 25 -167.72 20.80 -49.76
C SER PA 25 -168.57 20.99 -48.50
N PRO PA 26 -169.44 20.03 -48.17
CA PRO PA 26 -170.34 20.25 -47.02
C PRO PA 26 -169.60 20.57 -45.74
N ASP PA 27 -168.48 19.89 -45.46
CA ASP PA 27 -167.71 20.18 -44.26
C ASP PA 27 -167.13 21.59 -44.33
N LEU PA 28 -166.59 21.97 -45.50
CA LEU PA 28 -165.97 23.28 -45.62
C LEU PA 28 -166.99 24.40 -45.41
N VAL PA 29 -168.15 24.28 -46.04
CA VAL PA 29 -169.16 25.34 -45.93
C VAL PA 29 -169.77 25.35 -44.54
N ALA PA 30 -170.06 24.16 -43.97
CA ALA PA 30 -170.67 24.11 -42.65
C ALA PA 30 -169.75 24.70 -41.59
N ALA PA 31 -168.46 24.40 -41.69
CA ALA PA 31 -167.47 24.91 -40.73
C ALA PA 31 -166.93 26.28 -41.10
N GLY PA 32 -167.39 26.87 -42.19
CA GLY PA 32 -166.89 28.16 -42.61
C GLY PA 32 -165.42 28.15 -42.96
N GLN PA 33 -164.94 27.07 -43.57
CA GLN PA 33 -163.55 26.91 -43.95
C GLN PA 33 -163.35 27.02 -45.46
N ALA PA 34 -164.38 27.39 -46.21
CA ALA PA 34 -164.27 27.46 -47.65
C ALA PA 34 -163.28 28.55 -48.05
N TYR PA 35 -162.60 28.33 -49.18
CA TYR PA 35 -161.60 29.28 -49.65
C TYR PA 35 -162.25 30.30 -50.58
N GLU PA 36 -161.62 31.46 -50.67
CA GLU PA 36 -162.12 32.57 -51.46
C GLU PA 36 -161.24 32.76 -52.68
N LYS PA 37 -161.86 32.93 -53.84
CA LYS PA 37 -161.14 33.14 -55.09
C LYS PA 37 -160.91 34.64 -55.27
N VAL PA 38 -159.65 35.06 -55.30
CA VAL PA 38 -159.31 36.47 -55.43
C VAL PA 38 -158.84 36.84 -56.83
N PHE PA 39 -158.57 35.86 -57.69
CA PHE PA 39 -158.12 36.16 -59.05
C PHE PA 39 -158.40 34.95 -59.93
N ASP PA 40 -158.88 35.22 -61.14
CA ASP PA 40 -159.14 34.16 -62.11
C ASP PA 40 -159.12 34.79 -63.50
N ASN PA 41 -158.08 34.51 -64.27
CA ASN PA 41 -157.90 35.12 -65.58
C ASN PA 41 -157.27 34.12 -66.53
N THR PA 42 -157.32 34.44 -67.82
CA THR PA 42 -156.65 33.68 -68.87
C THR PA 42 -155.99 34.71 -69.79
N ILE PA 43 -154.74 35.05 -69.48
CA ILE PA 43 -154.03 36.13 -70.15
C ILE PA 43 -153.50 35.70 -71.52
N PRO PA 44 -152.94 34.50 -71.68
CA PRO PA 44 -152.23 34.20 -72.92
C PRO PA 44 -153.18 33.90 -74.08
N ALA PA 45 -152.68 34.15 -75.28
CA ALA PA 45 -153.40 33.84 -76.52
C ALA PA 45 -152.86 32.50 -77.03
N SER PA 46 -153.58 31.43 -76.71
CA SER PA 46 -153.10 30.09 -77.05
C SER PA 46 -152.94 29.94 -78.56
N GLY PA 47 -151.79 29.42 -78.96
CA GLY PA 47 -151.54 29.08 -80.36
C GLY PA 47 -151.69 27.60 -80.59
N THR PA 48 -150.56 26.89 -80.67
CA THR PA 48 -150.57 25.43 -80.71
C THR PA 48 -150.51 24.86 -79.29
N ALA PA 49 -151.40 25.33 -78.42
CA ALA PA 49 -151.39 24.95 -77.03
C ALA PA 49 -152.80 25.07 -76.45
N ILE PA 50 -153.02 24.40 -75.33
CA ILE PA 50 -154.31 24.43 -74.66
C ILE PA 50 -154.46 25.75 -73.92
N ALA PA 51 -155.71 26.17 -73.72
CA ALA PA 51 -155.97 27.39 -72.96
C ALA PA 51 -155.38 27.29 -71.56
N VAL PA 52 -154.79 28.38 -71.11
CA VAL PA 52 -154.13 28.44 -69.80
C VAL PA 52 -155.07 29.12 -68.82
N ARG PA 53 -155.39 28.42 -67.73
CA ARG PA 53 -156.24 28.95 -66.67
C ARG PA 53 -155.39 29.31 -65.47
N GLN PA 54 -155.56 30.53 -64.97
CA GLN PA 54 -154.83 31.03 -63.82
C GLN PA 54 -155.81 31.33 -62.70
N VAL PA 55 -155.56 30.75 -61.53
CA VAL PA 55 -156.44 30.92 -60.37
C VAL PA 55 -155.59 31.15 -59.14
N THR PA 56 -155.97 32.15 -58.34
CA THR PA 56 -155.37 32.40 -57.03
C THR PA 56 -156.49 32.43 -56.01
N LEU PA 57 -156.31 31.71 -54.91
CA LEU PA 57 -157.35 31.57 -53.89
C LEU PA 57 -156.81 31.95 -52.52
N ARG PA 58 -157.72 32.46 -51.69
CA ARG PA 58 -157.42 32.95 -50.35
C ARG PA 58 -157.78 31.89 -49.31
N ALA PA 59 -157.16 31.99 -48.14
CA ALA PA 59 -157.29 30.95 -47.13
C ALA PA 59 -157.26 31.52 -45.72
N PRO PA 60 -158.30 31.26 -44.89
CA PRO PA 60 -158.31 31.80 -43.53
C PRO PA 60 -157.63 30.89 -42.50
N GLY PA 61 -157.57 29.60 -42.79
CA GLY PA 61 -157.14 28.63 -41.81
C GLY PA 61 -158.27 28.20 -40.90
N LEU PA 62 -157.96 27.25 -40.01
CA LEU PA 62 -158.99 26.72 -39.11
C LEU PA 62 -159.54 27.80 -38.19
N GLY PA 63 -158.66 28.63 -37.61
CA GLY PA 63 -159.08 29.63 -36.65
C GLY PA 63 -159.70 30.87 -37.25
N GLY PA 64 -159.56 31.08 -38.55
CA GLY PA 64 -160.11 32.25 -39.20
C GLY PA 64 -159.27 33.50 -39.05
N THR PA 65 -158.12 33.44 -38.39
CA THR PA 65 -157.28 34.59 -38.16
C THR PA 65 -156.01 34.58 -39.02
N ASP PA 66 -155.80 33.56 -39.83
CA ASP PA 66 -154.62 33.43 -40.66
C ASP PA 66 -154.89 33.98 -42.06
N ALA PA 67 -153.80 34.42 -42.72
CA ALA PA 67 -153.86 34.94 -44.08
C ALA PA 67 -152.93 34.09 -44.93
N ILE PA 68 -153.52 33.23 -45.78
CA ILE PA 68 -152.77 32.29 -46.60
C ILE PA 68 -153.23 32.45 -48.04
N TYR PA 69 -152.29 32.58 -48.96
CA TYR PA 69 -152.57 32.80 -50.37
C TYR PA 69 -151.84 31.76 -51.22
N MET PA 70 -152.55 31.16 -52.16
CA MET PA 70 -151.97 30.21 -53.11
C MET PA 70 -152.16 30.72 -54.54
N GLY PA 71 -151.66 29.92 -55.47
CA GLY PA 71 -151.93 30.14 -56.88
C GLY PA 71 -151.88 28.83 -57.62
N ILE PA 72 -152.71 28.72 -58.65
CA ILE PA 72 -152.78 27.52 -59.48
C ILE PA 72 -152.82 27.94 -60.94
N GLN PA 73 -152.05 27.24 -61.78
CA GLN PA 73 -151.99 27.50 -63.21
C GLN PA 73 -152.10 26.19 -63.97
N SER PA 74 -152.75 26.25 -65.13
CA SER PA 74 -152.86 25.12 -66.04
C SER PA 74 -152.14 25.47 -67.33
N TYR PA 75 -151.13 24.66 -67.68
CA TYR PA 75 -150.29 24.91 -68.84
C TYR PA 75 -150.12 23.61 -69.61
N GLY PA 76 -150.27 23.67 -70.93
CA GLY PA 76 -150.13 22.50 -71.76
C GLY PA 76 -149.69 22.84 -73.16
N ASP PA 77 -149.26 21.81 -73.89
CA ASP PA 77 -148.84 21.95 -75.28
C ASP PA 77 -149.28 20.72 -76.05
N THR PA 78 -150.02 20.94 -77.15
CA THR PA 78 -150.55 19.81 -77.92
C THR PA 78 -149.43 19.08 -78.65
N ALA PA 79 -148.47 19.81 -79.20
CA ALA PA 79 -147.40 19.18 -79.96
C ALA PA 79 -146.64 18.17 -79.11
N LEU PA 80 -146.26 18.57 -77.89
CA LEU PA 80 -145.59 17.68 -76.95
C LEU PA 80 -146.57 16.86 -76.12
N ASP PA 81 -147.86 17.16 -76.17
CA ASP PA 81 -148.90 16.38 -75.51
C ASP PA 81 -148.69 16.34 -74.00
N TYR PA 82 -148.73 17.52 -73.38
CA TYR PA 82 -148.75 17.63 -71.93
C TYR PA 82 -149.68 18.76 -71.53
N TYR PA 83 -150.26 18.65 -70.34
CA TYR PA 83 -151.21 19.60 -69.79
C TYR PA 83 -150.86 19.92 -68.35
N ASN PA 84 -149.61 20.29 -68.12
CA ASN PA 84 -149.08 20.46 -66.77
C ASN PA 84 -149.94 21.42 -65.96
N LEU PA 85 -150.10 21.11 -64.67
CA LEU PA 85 -150.76 21.98 -63.72
C LEU PA 85 -149.72 22.47 -62.72
N ARG PA 86 -149.50 23.78 -62.69
CA ARG PA 86 -148.48 24.38 -61.84
C ARG PA 86 -149.10 24.95 -60.56
N LEU PA 87 -148.30 24.99 -59.50
CA LEU PA 87 -148.73 25.48 -58.20
C LEU PA 87 -147.67 26.41 -57.62
N MET PA 88 -148.11 27.30 -56.75
CA MET PA 88 -147.20 28.20 -56.04
C MET PA 88 -147.93 28.79 -54.84
N GLY PA 89 -147.17 29.51 -54.01
CA GLY PA 89 -147.74 30.11 -52.82
C GLY PA 89 -147.20 31.51 -52.62
N GLY PA 90 -147.78 32.20 -51.64
CA GLY PA 90 -147.36 33.56 -51.32
C GLY PA 90 -148.09 34.05 -50.09
N THR PA 91 -147.76 35.28 -49.69
CA THR PA 91 -148.37 35.91 -48.54
C THR PA 91 -149.22 37.12 -48.88
N ALA PA 92 -149.11 37.68 -50.08
CA ALA PA 92 -149.94 38.79 -50.50
C ALA PA 92 -150.13 38.71 -52.01
N PHE PA 93 -151.24 39.27 -52.49
CA PHE PA 93 -151.51 39.35 -53.91
C PHE PA 93 -151.89 40.78 -54.28
N ASN PA 94 -151.62 41.14 -55.53
CA ASN PA 94 -151.84 42.50 -56.00
C ASN PA 94 -152.02 42.49 -57.52
N PRO PA 95 -153.26 42.43 -58.02
CA PRO PA 95 -153.44 42.25 -59.47
C PRO PA 95 -152.80 43.34 -60.30
N GLY PA 96 -152.79 44.58 -59.82
CA GLY PA 96 -152.16 45.66 -60.57
C GLY PA 96 -150.66 45.52 -60.72
N ALA PA 97 -150.04 44.62 -59.95
CA ALA PA 97 -148.60 44.42 -59.99
C ALA PA 97 -148.17 43.44 -61.08
N ILE PA 98 -149.00 43.25 -62.10
CA ILE PA 98 -148.66 42.40 -63.24
C ILE PA 98 -148.13 43.31 -64.35
N PRO PA 99 -146.91 43.11 -64.82
CA PRO PA 99 -146.38 43.98 -65.88
C PRO PA 99 -147.09 43.73 -67.20
N PRO PA 100 -147.10 44.69 -68.11
CA PRO PA 100 -147.60 44.40 -69.47
C PRO PA 100 -146.90 43.18 -70.04
N GLY PA 101 -147.69 42.14 -70.34
CA GLY PA 101 -147.10 40.86 -70.68
C GLY PA 101 -146.59 40.15 -69.45
N GLY PA 102 -145.49 39.41 -69.62
CA GLY PA 102 -144.91 38.70 -68.50
C GLY PA 102 -145.90 37.73 -67.90
N ASP PA 103 -146.02 37.75 -66.58
CA ASP PA 103 -146.94 36.89 -65.86
C ASP PA 103 -147.33 37.55 -64.56
N TYR PA 104 -148.28 36.91 -63.85
CA TYR PA 104 -148.81 37.44 -62.61
C TYR PA 104 -148.20 36.81 -61.36
N TRP PA 105 -147.64 35.59 -61.47
CA TRP PA 105 -147.11 34.92 -60.29
C TRP PA 105 -146.03 35.73 -59.61
N THR PA 106 -145.35 36.62 -60.34
CA THR PA 106 -144.33 37.46 -59.73
C THR PA 106 -144.92 38.46 -58.75
N ALA PA 107 -146.20 38.83 -58.91
CA ALA PA 107 -146.81 39.81 -58.01
C ALA PA 107 -146.98 39.28 -56.60
N PHE PA 108 -147.00 37.96 -56.42
CA PHE PA 108 -147.18 37.40 -55.09
C PHE PA 108 -146.07 37.88 -54.16
N ALA PA 109 -146.45 38.31 -52.97
CA ALA PA 109 -145.46 38.65 -51.95
C ALA PA 109 -144.70 37.40 -51.54
N ASN PA 110 -143.40 37.55 -51.31
CA ASN PA 110 -142.47 36.43 -51.17
C ASN PA 110 -142.81 35.32 -52.16
N TYR PA 111 -142.78 35.69 -53.44
CA TYR PA 111 -143.03 34.71 -54.49
C TYR PA 111 -142.01 33.59 -54.39
N SER PA 112 -142.48 32.36 -54.67
CA SER PA 112 -141.64 31.18 -54.56
C SER PA 112 -141.65 30.41 -55.88
N PRO PA 113 -140.57 29.68 -56.18
CA PRO PA 113 -140.57 28.88 -57.41
C PRO PA 113 -141.71 27.88 -57.43
N ARG PA 114 -142.24 27.65 -58.62
CA ARG PA 114 -143.46 26.88 -58.80
C ARG PA 114 -143.18 25.38 -58.81
N VAL PA 115 -144.11 24.63 -58.25
CA VAL PA 115 -144.16 23.19 -58.42
C VAL PA 115 -145.36 22.86 -59.32
N GLN PA 116 -145.45 21.61 -59.74
CA GLN PA 116 -146.44 21.26 -60.75
C GLN PA 116 -146.87 19.80 -60.60
N LEU PA 117 -148.01 19.49 -61.20
CA LEU PA 117 -148.53 18.13 -61.30
C LEU PA 117 -148.71 17.79 -62.77
N LEU PA 118 -148.41 16.56 -63.13
CA LEU PA 118 -148.42 16.12 -64.53
C LEU PA 118 -149.71 15.37 -64.82
N ALA PA 119 -150.37 15.72 -65.92
CA ALA PA 119 -151.61 15.09 -66.34
C ALA PA 119 -151.87 15.46 -67.80
N TRP PA 120 -152.96 14.95 -68.35
CA TRP PA 120 -153.32 15.27 -69.72
C TRP PA 120 -154.82 15.11 -69.90
N ASN PA 121 -155.31 15.50 -71.08
CA ASN PA 121 -156.74 15.54 -71.38
C ASN PA 121 -157.24 14.11 -71.62
N GLN PA 122 -157.84 13.52 -70.60
CA GLN PA 122 -158.35 12.16 -70.65
C GLN PA 122 -159.07 11.88 -69.34
N PRO PA 123 -160.00 10.92 -69.29
CA PRO PA 123 -160.56 10.52 -67.98
C PRO PA 123 -159.48 10.01 -67.05
N MET PA 124 -159.29 10.72 -65.93
CA MET PA 124 -158.30 10.36 -64.92
C MET PA 124 -158.99 10.14 -63.58
N PRO PA 125 -158.86 8.98 -62.94
CA PRO PA 125 -159.28 8.86 -61.54
C PRO PA 125 -158.46 9.81 -60.67
N TYR PA 126 -159.10 10.39 -59.67
CA TYR PA 126 -158.46 11.40 -58.83
C TYR PA 126 -158.79 11.16 -57.37
N TRP PA 127 -158.03 11.83 -56.50
CA TRP PA 127 -158.28 11.82 -55.06
C TRP PA 127 -157.99 13.22 -54.53
N PHE PA 128 -158.99 13.84 -53.89
CA PHE PA 128 -158.84 15.16 -53.30
C PHE PA 128 -158.85 15.06 -51.78
N PHE PA 129 -157.90 15.74 -51.14
CA PHE PA 129 -157.87 15.92 -49.70
C PHE PA 129 -157.61 17.39 -49.40
N ALA PA 130 -158.43 17.96 -48.53
CA ALA PA 130 -158.32 19.40 -48.25
C ALA PA 130 -158.72 19.67 -46.80
N ASN PA 131 -158.20 20.77 -46.28
CA ASN PA 131 -158.53 21.25 -44.95
C ASN PA 131 -158.21 22.73 -44.90
N GLY PA 132 -158.70 23.40 -43.86
CA GLY PA 132 -158.54 24.83 -43.74
C GLY PA 132 -157.10 25.30 -43.83
N ARG PA 133 -156.14 24.43 -43.49
CA ARG PA 133 -154.74 24.81 -43.46
C ARG PA 133 -153.90 24.20 -44.57
N ARG PA 134 -154.31 23.09 -45.15
CA ARG PA 134 -153.52 22.45 -46.20
C ARG PA 134 -154.43 21.68 -47.13
N PHE PA 135 -153.91 21.40 -48.33
CA PHE PA 135 -154.61 20.60 -49.32
C PHE PA 135 -153.62 19.67 -50.00
N TRP PA 136 -154.11 18.50 -50.40
CA TRP PA 136 -153.28 17.49 -51.06
C TRP PA 136 -153.99 17.02 -52.32
N ILE PA 137 -153.21 16.78 -53.38
CA ILE PA 137 -153.72 16.31 -54.66
C ILE PA 137 -153.02 15.02 -55.02
N VAL PA 138 -153.80 14.02 -55.43
CA VAL PA 138 -153.26 12.74 -55.89
C VAL PA 138 -154.03 12.34 -57.14
N VAL PA 139 -153.31 11.94 -58.18
CA VAL PA 139 -153.89 11.50 -59.44
C VAL PA 139 -153.29 10.15 -59.81
N LYS PA 140 -154.15 9.20 -60.15
CA LYS PA 140 -153.72 7.85 -60.53
C LYS PA 140 -153.57 7.80 -62.06
N VAL PA 141 -152.33 7.69 -62.52
CA VAL PA 141 -152.03 7.64 -63.95
C VAL PA 141 -151.62 6.23 -64.33
N SER PA 142 -152.59 5.44 -64.81
CA SER PA 142 -152.34 4.05 -65.19
C SER PA 142 -151.71 3.30 -64.02
N THR PA 143 -150.43 2.95 -64.13
CA THR PA 143 -149.68 2.36 -63.03
C THR PA 143 -148.84 3.38 -62.28
N ILE PA 144 -148.92 4.66 -62.66
CA ILE PA 144 -148.16 5.72 -62.04
C ILE PA 144 -149.10 6.57 -61.19
N TYR PA 145 -148.63 7.00 -60.03
CA TYR PA 145 -149.39 7.86 -59.13
C TYR PA 145 -148.68 9.20 -59.04
N GLU PA 146 -149.42 10.27 -59.33
CA GLU PA 146 -148.90 11.63 -59.29
C GLU PA 146 -149.53 12.36 -58.10
N SER PA 147 -148.72 13.15 -57.40
CA SER PA 147 -149.20 13.79 -56.18
C SER PA 147 -148.45 15.10 -55.97
N ALA PA 148 -149.04 15.96 -55.14
CA ALA PA 148 -148.48 17.26 -54.77
C ALA PA 148 -149.35 17.84 -53.67
N GLY PA 149 -148.98 19.04 -53.22
CA GLY PA 149 -149.77 19.72 -52.20
C GLY PA 149 -149.01 20.87 -51.60
N ALA PA 150 -149.69 21.54 -50.66
CA ALA PA 150 -149.12 22.67 -49.94
C ALA PA 150 -150.01 22.96 -48.75
N GLY PA 151 -149.47 23.75 -47.82
CA GLY PA 151 -150.23 24.14 -46.64
C GLY PA 151 -149.29 24.49 -45.49
N PHE PA 152 -149.84 24.40 -44.28
CA PHE PA 152 -149.10 24.73 -43.06
C PHE PA 152 -148.62 23.47 -42.35
N ILE PA 153 -147.36 23.50 -41.95
CA ILE PA 153 -146.76 22.46 -41.12
C ILE PA 153 -147.11 22.77 -39.67
N LEU PA 154 -146.87 21.82 -38.76
CA LEU PA 154 -147.14 21.99 -37.33
C LEU PA 154 -145.83 22.11 -36.56
N PRO PA 155 -145.28 23.30 -36.39
CA PRO PA 155 -144.07 23.47 -35.57
C PRO PA 155 -144.38 23.22 -34.10
N PRO PA 156 -143.38 22.85 -33.31
CA PRO PA 156 -143.58 22.70 -31.86
C PRO PA 156 -143.51 24.01 -31.09
N CYS PA 157 -143.49 25.15 -31.77
CA CYS PA 157 -143.41 26.46 -31.16
C CYS PA 157 -144.74 27.19 -31.32
N PRO PA 158 -145.04 28.14 -30.43
CA PRO PA 158 -146.33 28.83 -30.50
C PRO PA 158 -146.47 29.58 -31.82
N PRO PA 159 -147.67 29.61 -32.40
CA PRO PA 159 -147.85 30.36 -33.67
C PRO PA 159 -147.67 31.85 -33.52
N SER PA 160 -147.56 32.38 -32.30
CA SER PA 160 -147.46 33.82 -32.13
C SER PA 160 -146.24 34.39 -32.82
N GLN PA 161 -145.10 33.72 -32.69
CA GLN PA 161 -143.85 34.21 -33.27
C GLN PA 161 -143.55 33.63 -34.65
N TYR PA 162 -144.19 32.52 -35.02
CA TYR PA 162 -144.01 31.90 -36.33
C TYR PA 162 -145.38 31.61 -36.93
N PRO PA 163 -146.10 32.65 -37.36
CA PRO PA 163 -147.48 32.46 -37.83
C PRO PA 163 -147.62 32.01 -39.27
N TYR PA 164 -146.53 31.89 -40.03
CA TYR PA 164 -146.58 31.54 -41.44
C TYR PA 164 -145.64 30.38 -41.73
N PRO PA 165 -145.99 29.16 -41.29
CA PRO PA 165 -145.22 27.97 -41.66
C PRO PA 165 -145.70 27.34 -42.97
N LEU PA 166 -145.71 28.16 -44.03
CA LEU PA 166 -146.23 27.72 -45.32
C LEU PA 166 -145.24 26.78 -46.00
N ALA PA 167 -145.76 25.68 -46.55
CA ALA PA 167 -144.96 24.69 -47.26
C ALA PA 167 -145.61 24.36 -48.58
N VAL PA 168 -144.79 24.23 -49.62
CA VAL PA 168 -145.25 23.84 -50.95
C VAL PA 168 -144.37 22.70 -51.44
N VAL PA 169 -145.01 21.64 -51.93
CA VAL PA 169 -144.29 20.45 -52.39
C VAL PA 169 -144.93 19.96 -53.69
N GLY PA 170 -144.10 19.46 -54.60
CA GLY PA 170 -144.57 18.86 -55.83
C GLY PA 170 -143.63 17.77 -56.29
N SER PA 171 -144.11 16.98 -57.25
CA SER PA 171 -143.31 15.87 -57.75
C SER PA 171 -142.05 16.36 -58.45
N TYR PA 172 -142.16 17.42 -59.24
CA TYR PA 172 -141.05 17.91 -60.04
C TYR PA 172 -141.03 19.43 -60.02
N ARG PA 173 -139.85 19.99 -60.27
CA ARG PA 173 -139.69 21.44 -60.31
C ARG PA 173 -140.55 22.04 -61.42
N GLY PA 174 -141.20 23.17 -61.12
CA GLY PA 174 -142.05 23.84 -62.06
C GLY PA 174 -141.35 24.84 -62.95
N ASP PA 175 -140.02 24.94 -62.88
CA ASP PA 175 -139.29 25.88 -63.70
C ASP PA 175 -139.19 25.44 -65.16
N VAL PA 176 -139.41 24.15 -65.44
CA VAL PA 176 -139.29 23.63 -66.80
C VAL PA 176 -140.53 22.81 -67.12
N ALA PA 177 -140.82 22.71 -68.42
CA ALA PA 177 -141.94 21.92 -68.90
C ALA PA 177 -141.49 20.49 -69.13
N THR PA 178 -142.27 19.53 -68.63
CA THR PA 178 -141.89 18.13 -68.70
C THR PA 178 -143.10 17.30 -69.12
N ARG PA 179 -142.82 16.15 -69.73
CA ARG PA 179 -143.83 15.21 -70.18
C ARG PA 179 -144.01 14.12 -69.13
N TRP PA 180 -145.26 13.78 -68.86
CA TRP PA 180 -145.57 12.84 -67.78
C TRP PA 180 -144.96 11.45 -68.03
N SER PA 181 -144.64 11.12 -69.27
CA SER PA 181 -144.05 9.82 -69.59
C SER PA 181 -142.59 9.72 -69.20
N ASP PA 182 -142.00 10.78 -68.63
CA ASP PA 182 -140.59 10.74 -68.25
C ASP PA 182 -140.36 9.64 -67.20
N VAL PA 183 -139.19 9.02 -67.29
CA VAL PA 183 -138.80 7.93 -66.40
C VAL PA 183 -137.60 8.32 -65.54
N SER PA 184 -137.19 9.58 -65.57
CA SER PA 184 -136.02 10.02 -64.81
C SER PA 184 -136.29 9.92 -63.32
N ASP PA 185 -135.20 9.70 -62.56
CA ASP PA 185 -135.32 9.56 -61.11
C ASP PA 185 -135.78 10.84 -60.43
N ARG PA 186 -135.55 12.00 -61.05
CA ARG PA 186 -135.94 13.26 -60.43
C ARG PA 186 -137.43 13.36 -60.20
N HIS PA 187 -138.22 12.54 -60.88
CA HIS PA 187 -139.67 12.55 -60.77
C HIS PA 187 -140.08 11.57 -59.66
N ARG PA 188 -140.51 12.10 -58.53
CA ARG PA 188 -140.85 11.29 -57.36
C ARG PA 188 -142.03 11.95 -56.64
N GLY PA 189 -142.32 11.46 -55.44
CA GLY PA 189 -143.46 11.92 -54.67
C GLY PA 189 -143.08 12.92 -53.58
N ILE PA 190 -144.02 13.13 -52.66
CA ILE PA 190 -143.83 14.12 -51.61
C ILE PA 190 -142.78 13.66 -50.61
N SER PA 191 -142.81 12.37 -50.24
CA SER PA 191 -141.95 11.89 -49.17
C SER PA 191 -140.47 12.06 -49.51
N SER PA 192 -140.12 12.07 -50.80
CA SER PA 192 -138.73 12.10 -51.25
C SER PA 192 -138.53 13.24 -52.24
N PRO PA 193 -138.45 14.47 -51.76
CA PRO PA 193 -138.16 15.58 -52.67
C PRO PA 193 -136.75 15.50 -53.23
N TYR PA 194 -136.59 15.99 -54.45
CA TYR PA 194 -135.29 16.00 -55.10
C TYR PA 194 -135.29 17.04 -56.21
N GLU PA 195 -134.25 17.86 -56.25
CA GLU PA 195 -134.08 18.89 -57.29
C GLU PA 195 -135.28 19.84 -57.30
N ARG PA 196 -135.41 20.57 -56.19
CA ARG PA 196 -136.42 21.62 -56.05
C ARG PA 196 -137.83 21.04 -56.17
N SER PA 197 -138.12 20.09 -55.28
CA SER PA 197 -139.43 19.45 -55.22
C SER PA 197 -140.21 19.78 -53.96
N CYS PA 198 -139.59 20.44 -52.97
CA CYS PA 198 -140.27 20.78 -51.73
C CYS PA 198 -139.68 22.06 -51.19
N TYR PA 199 -140.49 23.11 -51.09
CA TYR PA 199 -140.07 24.40 -50.57
C TYR PA 199 -140.87 24.73 -49.32
N LEU PA 200 -140.19 25.36 -48.36
CA LEU PA 200 -140.79 25.70 -47.07
C LEU PA 200 -140.36 27.10 -46.69
N ARG PA 201 -141.30 27.86 -46.11
CA ARG PA 201 -141.02 29.25 -45.73
C ARG PA 201 -140.31 29.25 -44.38
N ASP PA 202 -139.03 29.61 -44.38
CA ASP PA 202 -138.30 29.77 -43.14
C ASP PA 202 -138.90 30.93 -42.34
N PRO PA 203 -138.98 30.81 -41.01
CA PRO PA 203 -139.48 31.93 -40.20
C PRO PA 203 -138.89 33.28 -40.60
N ALA PA 204 -137.71 33.27 -41.22
CA ALA PA 204 -137.11 34.47 -41.78
C ALA PA 204 -137.56 34.73 -43.21
N GLY PA 205 -138.73 34.22 -43.59
CA GLY PA 205 -139.24 34.47 -44.93
C GLY PA 205 -138.35 33.96 -46.03
N ARG PA 206 -137.67 32.84 -45.81
CA ARG PA 206 -136.78 32.24 -46.79
C ARG PA 206 -137.34 30.90 -47.23
N TRP PA 207 -137.50 30.72 -48.54
CA TRP PA 207 -138.02 29.45 -49.07
C TRP PA 207 -136.86 28.49 -49.23
N LEU PA 208 -136.59 27.73 -48.17
CA LEU PA 208 -135.51 26.76 -48.17
C LEU PA 208 -135.99 25.44 -48.73
N GLY PA 209 -135.27 24.94 -49.74
CA GLY PA 209 -135.63 23.67 -50.35
C GLY PA 209 -135.05 22.50 -49.56
N PHE PA 210 -135.83 21.43 -49.49
CA PHE PA 210 -135.42 20.19 -48.81
C PHE PA 210 -135.30 19.08 -49.84
N THR PA 211 -134.15 18.40 -49.84
CA THR PA 211 -133.90 17.28 -50.73
C THR PA 211 -133.40 16.10 -49.90
N VAL PA 212 -134.05 14.94 -50.08
CA VAL PA 212 -133.65 13.76 -49.33
C VAL PA 212 -132.26 13.30 -49.77
N ASP PA 213 -131.91 13.51 -51.03
CA ASP PA 213 -130.62 13.11 -51.57
C ASP PA 213 -129.93 14.30 -52.22
N GLY PA 214 -128.61 14.29 -52.18
CA GLY PA 214 -127.85 15.40 -52.72
C GLY PA 214 -127.84 15.42 -54.23
N GLY PA 215 -127.43 16.56 -54.78
CA GLY PA 215 -127.36 16.73 -56.22
C GLY PA 215 -126.43 17.85 -56.61
N ALA PA 216 -125.55 17.59 -57.59
CA ALA PA 216 -124.61 18.61 -58.04
C ALA PA 216 -125.34 19.80 -58.64
N ALA PA 217 -126.39 19.54 -59.42
CA ALA PA 217 -127.12 20.63 -60.06
C ALA PA 217 -127.74 21.55 -59.02
N ASN PA 218 -128.29 21.00 -57.95
CA ASN PA 218 -128.92 21.81 -56.92
C ASN PA 218 -127.88 22.63 -56.16
N GLU PA 219 -128.34 23.71 -55.55
CA GLU PA 219 -127.44 24.60 -54.83
C GLU PA 219 -126.87 23.91 -53.59
N SER PA 220 -125.64 24.28 -53.24
CA SER PA 220 -124.97 23.66 -52.10
C SER PA 220 -125.68 23.93 -50.79
N ASP PA 221 -126.46 25.01 -50.70
CA ASP PA 221 -127.08 25.37 -49.44
C ASP PA 221 -128.05 24.29 -48.97
N TYR PA 222 -128.85 23.74 -49.89
CA TYR PA 222 -129.90 22.81 -49.52
C TYR PA 222 -129.38 21.41 -49.20
N ASN PA 223 -128.12 21.11 -49.52
CA ASN PA 223 -127.60 19.78 -49.23
C ASN PA 223 -127.53 19.52 -47.73
N ASN PA 224 -127.36 20.56 -46.92
CA ASN PA 224 -127.27 20.40 -45.48
C ASN PA 224 -128.62 20.29 -44.79
N ARG PA 225 -129.71 20.62 -45.48
CA ARG PA 225 -131.06 20.50 -44.95
C ARG PA 225 -131.81 19.44 -45.75
N THR PA 226 -132.30 18.41 -45.05
CA THR PA 226 -132.93 17.28 -45.72
C THR PA 226 -134.06 16.75 -44.85
N LEU PA 227 -134.79 15.79 -45.39
CA LEU PA 227 -135.85 15.09 -44.66
C LEU PA 227 -135.22 13.86 -44.02
N LEU PA 228 -135.06 13.91 -42.70
CA LEU PA 228 -134.33 12.85 -41.99
C LEU PA 228 -134.93 11.48 -42.19
N PRO PA 229 -136.24 11.27 -42.01
CA PRO PA 229 -136.76 9.89 -42.00
C PRO PA 229 -136.38 9.08 -43.23
N LEU PA 230 -136.37 9.69 -44.41
CA LEU PA 230 -135.85 9.03 -45.61
C LEU PA 230 -134.40 9.37 -45.89
N GLY PA 231 -133.81 10.30 -45.14
CA GLY PA 231 -132.42 10.67 -45.34
C GLY PA 231 -131.50 10.09 -44.29
N CYS PA 232 -131.78 8.85 -43.87
CA CYS PA 232 -130.96 8.20 -42.86
C CYS PA 232 -129.55 7.92 -43.34
N GLY PA 233 -129.30 8.00 -44.64
CA GLY PA 233 -127.98 7.69 -45.17
C GLY PA 233 -126.89 8.63 -44.69
N ARG PA 234 -127.26 9.80 -44.16
CA ARG PA 234 -126.26 10.76 -43.72
C ARG PA 234 -125.40 10.19 -42.60
N TYR PA 235 -126.03 9.46 -41.66
CA TYR PA 235 -125.32 8.88 -40.53
C TYR PA 235 -124.97 7.41 -40.73
N ALA PA 236 -125.84 6.64 -41.38
CA ALA PA 236 -125.57 5.22 -41.58
C ALA PA 236 -124.35 5.04 -42.49
N GLY PA 237 -123.53 4.05 -42.15
CA GLY PA 237 -122.32 3.79 -42.90
C GLY PA 237 -122.50 2.70 -43.95
N SER PA 238 -123.75 2.34 -44.25
CA SER PA 238 -124.06 1.32 -45.23
C SER PA 238 -125.23 1.77 -46.08
N SER PA 239 -125.25 1.30 -47.33
CA SER PA 239 -126.35 1.65 -48.23
C SER PA 239 -127.67 1.10 -47.72
N ASP PA 240 -127.67 -0.14 -47.24
CA ASP PA 240 -128.88 -0.77 -46.73
C ASP PA 240 -129.06 -0.41 -45.26
N THR PA 241 -130.25 0.09 -44.92
CA THR PA 241 -130.56 0.49 -43.56
C THR PA 241 -131.93 -0.07 -43.18
N VAL PA 242 -132.34 0.20 -41.94
CA VAL PA 242 -133.61 -0.34 -41.44
C VAL PA 242 -134.79 0.25 -42.22
N VAL PA 243 -134.69 1.52 -42.60
CA VAL PA 243 -135.83 2.19 -43.25
C VAL PA 243 -136.19 1.48 -44.55
N LYS PA 244 -135.18 1.14 -45.35
CA LYS PA 244 -135.45 0.48 -46.62
C LYS PA 244 -136.04 -0.91 -46.43
N GLN PA 245 -135.73 -1.56 -45.31
CA GLN PA 245 -136.20 -2.92 -45.04
C GLN PA 245 -137.37 -2.94 -44.06
N LEU PA 246 -138.02 -1.80 -43.83
CA LEU PA 246 -139.15 -1.77 -42.92
C LEU PA 246 -140.27 -2.65 -43.44
N ARG PA 247 -140.99 -3.30 -42.52
CA ARG PA 247 -142.08 -4.18 -42.88
C ARG PA 247 -143.12 -4.14 -41.77
N ASP PA 248 -144.34 -4.54 -42.11
CA ASP PA 248 -145.44 -4.54 -41.14
C ASP PA 248 -145.10 -5.44 -39.95
N SER PA 249 -145.93 -5.33 -38.90
CA SER PA 249 -145.76 -6.11 -37.68
C SER PA 249 -147.07 -6.86 -37.42
N PHE PA 250 -147.09 -8.14 -37.76
CA PHE PA 250 -148.26 -8.99 -37.52
C PHE PA 250 -149.52 -8.40 -38.13
N GLY PA 251 -149.39 -7.89 -39.35
CA GLY PA 251 -150.51 -7.34 -40.07
C GLY PA 251 -150.80 -5.87 -39.79
N LYS PA 252 -150.06 -5.25 -38.87
CA LYS PA 252 -150.26 -3.84 -38.53
C LYS PA 252 -149.21 -3.00 -39.25
N PHE PA 253 -149.67 -1.97 -39.96
CA PHE PA 253 -148.77 -1.13 -40.74
C PHE PA 253 -148.36 0.06 -39.87
N PRO PA 254 -147.10 0.17 -39.45
CA PRO PA 254 -146.70 1.33 -38.66
C PRO PA 254 -146.61 2.58 -39.51
N LEU PA 255 -147.20 3.67 -39.01
CA LEU PA 255 -147.17 4.96 -39.69
C LEU PA 255 -146.10 5.83 -39.04
N LYS PA 256 -145.12 6.24 -39.83
CA LYS PA 256 -143.97 6.99 -39.36
C LYS PA 256 -144.05 8.42 -39.86
N ALA PA 257 -143.93 9.38 -38.96
CA ALA PA 257 -144.06 10.79 -39.29
C ALA PA 257 -142.86 11.27 -40.11
N LEU PA 258 -143.13 12.21 -41.00
CA LEU PA 258 -142.10 12.83 -41.84
C LEU PA 258 -141.72 14.18 -41.23
N GLN PA 259 -140.41 14.38 -41.03
CA GLN PA 259 -139.90 15.49 -40.25
C GLN PA 259 -139.22 16.52 -41.15
N PHE PA 260 -139.17 17.75 -40.67
CA PHE PA 260 -138.40 18.82 -41.29
C PHE PA 260 -137.27 19.22 -40.35
N VAL PA 261 -136.04 19.18 -40.85
CA VAL PA 261 -134.86 19.47 -40.06
C VAL PA 261 -133.79 20.08 -40.95
N THR PA 262 -133.03 21.01 -40.38
CA THR PA 262 -131.91 21.66 -41.07
C THR PA 262 -130.71 21.67 -40.14
N ARG PA 263 -129.54 21.38 -40.68
CA ARG PA 263 -128.29 21.31 -39.90
C ARG PA 263 -127.19 21.97 -40.72
N GLU PA 264 -126.99 23.27 -40.50
CA GLU PA 264 -125.96 24.04 -41.16
C GLU PA 264 -124.89 24.41 -40.15
N THR PA 265 -123.89 25.17 -40.61
CA THR PA 265 -122.81 25.59 -39.73
C THR PA 265 -123.33 26.54 -38.65
N GLU PA 266 -124.26 27.43 -39.01
CA GLU PA 266 -124.70 28.46 -38.07
C GLU PA 266 -125.44 27.86 -36.89
N GLY PA 267 -126.38 26.96 -37.14
CA GLY PA 267 -127.17 26.41 -36.06
C GLY PA 267 -128.10 25.31 -36.54
N ARG PA 268 -128.84 24.76 -35.58
CA ARG PA 268 -129.75 23.65 -35.82
C ARG PA 268 -131.14 24.01 -35.32
N ARG PA 269 -132.16 23.53 -36.03
CA ARG PA 269 -133.53 23.77 -35.60
C ARG PA 269 -134.44 22.73 -36.20
N TYR PA 270 -135.48 22.37 -35.46
CA TYR PA 270 -136.52 21.45 -35.90
C TYR PA 270 -137.77 22.25 -36.23
N LEU PA 271 -138.31 22.05 -37.44
CA LEU PA 271 -139.33 22.94 -37.98
C LEU PA 271 -140.76 22.41 -37.82
N GLY PA 272 -141.03 21.16 -38.18
CA GLY PA 272 -142.36 20.63 -38.04
C GLY PA 272 -142.53 19.32 -38.79
N ASP PA 273 -143.78 18.87 -38.85
CA ASP PA 273 -144.13 17.58 -39.42
C ASP PA 273 -145.28 17.71 -40.40
N PHE PA 274 -145.29 16.85 -41.41
CA PHE PA 274 -146.42 16.79 -42.33
C PHE PA 274 -147.71 16.52 -41.57
N ASP PA 275 -148.78 17.19 -41.98
CA ASP PA 275 -150.10 17.00 -41.39
C ASP PA 275 -150.88 16.04 -42.29
N GLY PA 276 -150.83 14.76 -41.95
CA GLY PA 276 -151.57 13.74 -42.66
C GLY PA 276 -150.79 12.91 -43.65
N ALA PA 277 -149.46 13.05 -43.69
CA ALA PA 277 -148.60 12.26 -44.56
C ALA PA 277 -147.67 11.41 -43.73
N PHE PA 278 -147.61 10.12 -44.04
CA PHE PA 278 -146.79 9.17 -43.30
C PHE PA 278 -146.16 8.17 -44.26
N TYR PA 279 -145.05 7.58 -43.82
CA TYR PA 279 -144.32 6.59 -44.59
C TYR PA 279 -144.74 5.20 -44.15
N VAL PA 280 -144.83 4.28 -45.12
CA VAL PA 280 -145.26 2.91 -44.84
C VAL PA 280 -144.50 1.95 -45.75
N PRO PA 281 -144.41 0.66 -45.42
CA PRO PA 281 -143.66 -0.27 -46.27
C PRO PA 281 -144.39 -0.62 -47.55
N THR PA 282 -143.84 -1.54 -48.33
CA THR PA 282 -144.39 -1.94 -49.62
C THR PA 282 -144.78 -3.40 -49.68
N LEU PA 283 -143.99 -4.30 -49.08
CA LEU PA 283 -144.25 -5.72 -49.20
C LEU PA 283 -145.66 -6.06 -48.72
N ASN PA 284 -146.34 -6.90 -49.48
CA ASN PA 284 -147.70 -7.36 -49.16
C ASN PA 284 -148.69 -6.21 -49.14
N SER PA 285 -148.38 -5.10 -49.80
CA SER PA 285 -149.26 -3.94 -49.84
C SER PA 285 -148.95 -3.14 -51.09
N GLY PA 286 -149.64 -2.01 -51.24
CA GLY PA 286 -149.45 -1.17 -52.40
C GLY PA 286 -150.43 -0.02 -52.39
N ALA PA 287 -150.49 0.68 -53.53
CA ALA PA 287 -151.35 1.85 -53.65
C ALA PA 287 -152.81 1.44 -53.57
N GLU PA 288 -153.66 2.43 -53.27
CA GLU PA 288 -155.11 2.25 -53.18
C GLU PA 288 -155.50 1.52 -51.90
N ASP PA 289 -154.52 1.04 -51.14
CA ASP PA 289 -154.79 0.32 -49.92
C ASP PA 289 -155.24 1.29 -48.82
N VAL PA 290 -156.21 0.86 -48.03
CA VAL PA 290 -156.75 1.65 -46.92
C VAL PA 290 -156.52 0.87 -45.64
N ILE PA 291 -155.90 1.52 -44.66
CA ILE PA 291 -155.61 0.92 -43.36
C ILE PA 291 -156.22 1.80 -42.28
N VAL PA 292 -156.85 1.17 -41.30
CA VAL PA 292 -157.56 1.86 -40.22
C VAL PA 292 -156.72 1.75 -38.96
N GLU PA 293 -156.41 2.90 -38.35
CA GLU PA 293 -155.66 2.95 -37.10
C GLU PA 293 -156.38 3.90 -36.16
N ASP PA 294 -156.91 3.36 -35.05
CA ASP PA 294 -157.62 4.16 -34.06
C ASP PA 294 -158.81 4.90 -34.67
N GLY PA 295 -159.47 4.28 -35.65
CA GLY PA 295 -160.69 4.82 -36.21
C GLY PA 295 -160.50 5.83 -37.33
N VAL PA 296 -159.26 6.15 -37.71
CA VAL PA 296 -158.99 7.06 -38.82
C VAL PA 296 -158.31 6.27 -39.93
N ASP PA 297 -158.81 6.43 -41.15
CA ASP PA 297 -158.32 5.68 -42.29
C ASP PA 297 -157.19 6.42 -42.98
N HIS PA 298 -156.31 5.66 -43.63
CA HIS PA 298 -155.18 6.22 -44.35
C HIS PA 298 -155.04 5.50 -45.69
N VAL PA 299 -154.82 6.27 -46.75
CA VAL PA 299 -154.67 5.73 -48.09
C VAL PA 299 -153.19 5.54 -48.37
N VAL PA 300 -152.88 4.69 -49.34
CA VAL PA 300 -151.52 4.34 -49.69
C VAL PA 300 -151.24 4.79 -51.12
N PHE PA 301 -150.05 5.35 -51.33
CA PHE PA 301 -149.65 5.81 -52.65
C PHE PA 301 -148.14 5.60 -52.81
N GLN PA 302 -147.69 5.58 -54.06
CA GLN PA 302 -146.30 5.31 -54.39
C GLN PA 302 -145.82 6.33 -55.41
N THR PA 303 -144.51 6.58 -55.41
CA THR PA 303 -143.90 7.53 -56.32
C THR PA 303 -143.88 6.97 -57.74
N ALA PA 304 -143.90 7.88 -58.72
CA ALA PA 304 -143.93 7.47 -60.12
C ALA PA 304 -142.67 6.71 -60.52
N TRP PA 305 -141.50 7.18 -60.08
CA TRP PA 305 -140.25 6.58 -60.52
C TRP PA 305 -140.23 5.08 -60.24
N ARG PA 306 -140.33 4.70 -58.98
CA ARG PA 306 -140.34 3.29 -58.58
C ARG PA 306 -141.29 3.11 -57.40
N SER PA 307 -141.73 1.88 -57.21
CA SER PA 307 -142.61 1.50 -56.11
C SER PA 307 -141.85 0.79 -55.00
N GLY PA 308 -140.62 1.21 -54.73
CA GLY PA 308 -139.81 0.55 -53.73
C GLY PA 308 -140.20 0.93 -52.31
N ASN PA 309 -139.57 0.24 -51.36
CA ASN PA 309 -139.86 0.49 -49.96
C ASN PA 309 -139.63 1.95 -49.56
N PRO PA 310 -138.51 2.58 -49.90
CA PRO PA 310 -138.28 3.97 -49.48
C PRO PA 310 -139.03 5.00 -50.31
N TRP PA 311 -139.82 4.57 -51.28
CA TRP PA 311 -140.58 5.47 -52.16
C TRP PA 311 -142.07 5.16 -52.09
N LEU PA 312 -142.58 4.94 -50.88
CA LEU PA 312 -143.99 4.63 -50.67
C LEU PA 312 -144.46 5.36 -49.42
N TYR PA 313 -145.58 6.08 -49.54
CA TYR PA 313 -146.09 6.89 -48.45
C TYR PA 313 -147.61 6.72 -48.36
N ALA PA 314 -148.15 7.00 -47.18
CA ALA PA 314 -149.58 6.99 -46.92
C ALA PA 314 -150.05 8.38 -46.51
N ILE PA 315 -151.27 8.71 -46.91
CA ILE PA 315 -151.85 10.02 -46.65
C ILE PA 315 -153.16 9.83 -45.87
N ARG PA 316 -153.31 10.59 -44.79
CA ARG PA 316 -154.53 10.53 -44.00
C ARG PA 316 -155.71 11.07 -44.80
N LYS PA 317 -156.84 10.37 -44.71
CA LYS PA 317 -158.05 10.77 -45.42
C LYS PA 317 -159.14 11.32 -44.48
N ASP PA 318 -158.99 11.14 -43.18
CA ASP PA 318 -159.98 11.63 -42.21
C ASP PA 318 -161.34 10.98 -42.44
N ALA QA 2 -142.89 8.25 -6.68
CA ALA QA 2 -142.72 8.64 -8.08
C ALA QA 2 -141.28 9.07 -8.35
N TYR QA 3 -140.84 10.11 -7.64
CA TYR QA 3 -139.49 10.66 -7.79
C TYR QA 3 -138.82 10.66 -6.43
N PHE QA 4 -137.65 10.03 -6.35
CA PHE QA 4 -136.92 9.88 -5.09
C PHE QA 4 -135.46 10.23 -5.31
N THR QA 5 -134.82 10.70 -4.24
CA THR QA 5 -133.41 11.07 -4.28
C THR QA 5 -132.78 10.74 -2.93
N GLY QA 6 -131.46 10.63 -2.93
CA GLY QA 6 -130.74 10.32 -1.72
C GLY QA 6 -129.27 10.10 -1.99
N THR QA 7 -128.60 9.44 -1.05
CA THR QA 7 -127.18 9.15 -1.16
C THR QA 7 -126.92 7.70 -0.76
N ALA QA 8 -125.81 7.16 -1.25
CA ALA QA 8 -125.45 5.77 -0.98
C ALA QA 8 -123.93 5.64 -1.05
N ASN QA 9 -123.33 5.09 0.01
CA ASN QA 9 -121.90 4.88 0.04
C ASN QA 9 -121.49 3.66 -0.81
N ASN QA 10 -122.30 2.62 -0.80
CA ASN QA 10 -122.02 1.38 -1.50
C ASN QA 10 -123.22 0.96 -2.32
N PRO QA 11 -123.02 0.10 -3.33
CA PRO QA 11 -124.18 -0.36 -4.11
C PRO QA 11 -125.23 -1.06 -3.29
N ALA QA 12 -124.83 -1.68 -2.17
CA ALA QA 12 -125.80 -2.38 -1.33
C ALA QA 12 -126.83 -1.41 -0.74
N ASP QA 13 -126.41 -0.19 -0.41
CA ASP QA 13 -127.36 0.80 0.09
C ASP QA 13 -128.41 1.15 -0.96
N LEU QA 14 -127.97 1.34 -2.21
CA LEU QA 14 -128.92 1.58 -3.29
C LEU QA 14 -129.86 0.39 -3.44
N LEU QA 15 -129.31 -0.82 -3.38
CA LEU QA 15 -130.11 -2.03 -3.48
C LEU QA 15 -131.20 -2.04 -2.40
N ALA QA 16 -130.80 -1.76 -1.16
CA ALA QA 16 -131.75 -1.80 -0.04
C ALA QA 16 -132.83 -0.74 -0.21
N LYS QA 17 -132.44 0.49 -0.55
CA LYS QA 17 -133.43 1.55 -0.62
C LYS QA 17 -134.37 1.34 -1.79
N VAL QA 18 -133.87 0.84 -2.92
CA VAL QA 18 -134.77 0.62 -4.06
C VAL QA 18 -135.70 -0.56 -3.80
N ARG QA 19 -135.23 -1.61 -3.11
CA ARG QA 19 -136.18 -2.65 -2.73
C ARG QA 19 -137.24 -2.12 -1.77
N VAL QA 20 -136.83 -1.27 -0.83
CA VAL QA 20 -137.80 -0.67 0.08
C VAL QA 20 -138.85 0.11 -0.70
N HIS QA 21 -138.39 0.92 -1.66
CA HIS QA 21 -139.32 1.71 -2.47
C HIS QA 21 -140.24 0.81 -3.27
N ALA QA 22 -139.70 -0.24 -3.89
CA ALA QA 22 -140.51 -1.13 -4.71
C ALA QA 22 -141.57 -1.83 -3.86
N GLU QA 23 -141.19 -2.31 -2.67
CA GLU QA 23 -142.16 -2.95 -1.80
C GLU QA 23 -143.22 -1.95 -1.33
N SER QA 24 -142.81 -0.72 -1.04
CA SER QA 24 -143.79 0.30 -0.66
C SER QA 24 -144.77 0.58 -1.80
N LEU QA 25 -144.29 0.54 -3.05
CA LEU QA 25 -145.16 0.75 -4.20
C LEU QA 25 -146.06 -0.43 -4.49
N GLY QA 26 -145.74 -1.62 -3.98
CA GLY QA 26 -146.51 -2.81 -4.23
C GLY QA 26 -145.85 -3.84 -5.13
N TRP QA 27 -144.59 -3.64 -5.49
CA TRP QA 27 -143.88 -4.62 -6.31
C TRP QA 27 -143.78 -5.95 -5.56
N VAL QA 28 -143.98 -7.04 -6.31
CA VAL QA 28 -143.94 -8.37 -5.73
C VAL QA 28 -142.52 -8.92 -5.88
N THR QA 29 -141.88 -9.25 -4.77
CA THR QA 29 -140.54 -9.82 -4.75
C THR QA 29 -140.65 -11.27 -4.29
N ASP QA 30 -140.48 -12.20 -5.23
CA ASP QA 30 -140.59 -13.61 -4.88
C ASP QA 30 -139.52 -14.01 -3.88
N ARG QA 31 -138.29 -13.54 -4.07
CA ARG QA 31 -137.21 -13.76 -3.12
C ARG QA 31 -136.44 -12.46 -2.93
N ALA QA 32 -136.07 -12.18 -1.69
CA ALA QA 32 -135.32 -10.99 -1.33
C ALA QA 32 -134.12 -11.38 -0.49
N SER QA 33 -132.97 -10.74 -0.74
CA SER QA 33 -131.75 -10.99 0.01
C SER QA 33 -130.89 -9.73 -0.04
N ALA QA 34 -129.82 -9.74 0.74
CA ALA QA 34 -128.94 -8.58 0.82
C ALA QA 34 -128.24 -8.29 -0.50
N SER QA 35 -128.08 -9.29 -1.36
CA SER QA 35 -127.37 -9.09 -2.63
C SER QA 35 -128.03 -9.73 -3.84
N GLU QA 36 -129.00 -10.63 -3.67
CA GLU QA 36 -129.62 -11.33 -4.79
C GLU QA 36 -131.13 -11.21 -4.71
N TRP QA 37 -131.76 -10.92 -5.85
CA TRP QA 37 -133.21 -10.76 -5.93
C TRP QA 37 -133.78 -11.67 -6.99
N LEU QA 38 -135.03 -12.07 -6.78
CA LEU QA 38 -135.85 -12.72 -7.81
C LEU QA 38 -137.24 -12.12 -7.68
N CYS QA 39 -137.50 -11.03 -8.40
CA CYS QA 39 -138.73 -10.29 -8.31
C CYS QA 39 -139.50 -10.37 -9.63
N HIS QA 40 -140.77 -9.99 -9.57
CA HIS QA 40 -141.63 -10.05 -10.74
C HIS QA 40 -142.81 -9.10 -10.53
N ASN QA 41 -143.51 -8.82 -11.62
CA ASN QA 41 -144.72 -8.01 -11.60
C ASN QA 41 -145.71 -8.63 -12.58
N ALA QA 42 -146.78 -7.89 -12.88
CA ALA QA 42 -147.78 -8.37 -13.82
C ALA QA 42 -147.27 -8.46 -15.24
N ASP QA 43 -146.11 -7.87 -15.54
CA ASP QA 43 -145.56 -7.84 -16.89
C ASP QA 43 -144.53 -8.94 -17.14
N GLY QA 44 -143.55 -9.08 -16.25
CA GLY QA 44 -142.50 -10.07 -16.45
C GLY QA 44 -141.75 -10.33 -15.17
N TYR QA 45 -140.70 -11.14 -15.30
CA TYR QA 45 -139.86 -11.56 -14.19
C TYR QA 45 -138.43 -11.09 -14.42
N TRP QA 46 -137.79 -10.61 -13.36
CA TRP QA 46 -136.42 -10.13 -13.43
C TRP QA 46 -135.63 -10.67 -12.24
N SER QA 47 -134.32 -10.80 -12.43
CA SER QA 47 -133.40 -11.21 -11.39
C SER QA 47 -132.17 -10.31 -11.43
N PHE QA 48 -131.73 -9.86 -10.25
CA PHE QA 48 -130.59 -8.97 -10.12
C PHE QA 48 -129.65 -9.47 -9.04
N ASN QA 49 -128.35 -9.24 -9.26
CA ASN QA 49 -127.32 -9.55 -8.30
C ASN QA 49 -126.37 -8.37 -8.19
N ALA QA 50 -125.94 -8.07 -6.96
CA ALA QA 50 -125.05 -6.94 -6.70
C ALA QA 50 -123.64 -7.46 -6.45
N GLY QA 51 -122.69 -6.99 -7.26
CA GLY QA 51 -121.30 -7.33 -7.09
C GLY QA 51 -120.56 -6.31 -6.25
N ALA QA 52 -119.24 -6.47 -6.20
CA ALA QA 52 -118.41 -5.54 -5.44
C ALA QA 52 -118.49 -4.14 -6.01
N ASN QA 53 -118.42 -4.01 -7.34
CA ASN QA 53 -118.44 -2.71 -7.99
C ASN QA 53 -119.27 -2.72 -9.26
N GLN QA 54 -120.31 -3.55 -9.31
CA GLN QA 54 -121.16 -3.63 -10.50
C GLN QA 54 -122.41 -4.42 -10.13
N PHE QA 55 -123.41 -4.32 -11.01
CA PHE QA 55 -124.66 -5.05 -10.88
C PHE QA 55 -124.79 -6.04 -12.02
N GLN QA 56 -125.30 -7.23 -11.71
CA GLN QA 56 -125.56 -8.27 -12.71
C GLN QA 56 -127.07 -8.47 -12.82
N MET QA 57 -127.61 -8.31 -14.02
CA MET QA 57 -129.03 -8.39 -14.28
C MET QA 57 -129.31 -9.46 -15.33
N ALA QA 58 -130.47 -10.10 -15.21
CA ALA QA 58 -130.88 -11.13 -16.16
C ALA QA 58 -132.39 -11.24 -16.15
N GLY QA 59 -132.96 -11.47 -17.33
CA GLY QA 59 -134.39 -11.67 -17.44
C GLY QA 59 -134.81 -13.05 -16.98
N ASN QA 60 -136.12 -13.24 -16.86
CA ASN QA 60 -136.66 -14.50 -16.38
C ASN QA 60 -138.07 -14.70 -16.90
N THR QA 61 -138.49 -15.96 -16.94
CA THR QA 61 -139.84 -16.34 -17.32
C THR QA 61 -140.55 -17.20 -16.29
N GLY QA 62 -139.81 -17.85 -15.39
CA GLY QA 62 -140.39 -18.66 -14.35
C GLY QA 62 -139.54 -18.58 -13.10
N PHE QA 63 -140.01 -19.21 -12.02
CA PHE QA 63 -139.36 -19.15 -10.73
C PHE QA 63 -138.99 -20.55 -10.26
N ASP QA 64 -137.82 -20.66 -9.63
CA ASP QA 64 -137.41 -21.89 -8.96
C ASP QA 64 -136.39 -21.52 -7.91
N ASN QA 65 -136.79 -21.57 -6.63
CA ASN QA 65 -135.92 -21.12 -5.56
C ASN QA 65 -134.65 -21.95 -5.45
N SER QA 66 -134.65 -23.18 -5.95
CA SER QA 66 -133.50 -24.05 -5.83
C SER QA 66 -132.41 -23.74 -6.86
N LEU QA 67 -132.66 -22.84 -7.80
CA LEU QA 67 -131.70 -22.52 -8.84
C LEU QA 67 -131.00 -21.20 -8.51
N ALA QA 68 -129.80 -21.04 -9.07
CA ALA QA 68 -128.98 -19.87 -8.80
C ALA QA 68 -129.64 -18.63 -9.42
N TRP QA 69 -129.02 -17.48 -9.15
CA TRP QA 69 -129.56 -16.21 -9.66
C TRP QA 69 -129.55 -16.18 -11.18
N ASN QA 70 -128.63 -16.89 -11.82
CA ASN QA 70 -128.49 -16.91 -13.28
C ASN QA 70 -128.90 -18.25 -13.88
N ALA QA 71 -129.78 -19.00 -13.21
CA ALA QA 71 -130.23 -20.29 -13.71
C ALA QA 71 -131.74 -20.45 -13.62
N GLN QA 72 -132.49 -19.35 -13.61
CA GLN QA 72 -133.93 -19.43 -13.56
C GLN QA 72 -134.48 -19.94 -14.88
N PRO QA 73 -135.69 -20.50 -14.88
CA PRO QA 73 -136.28 -20.99 -16.12
C PRO QA 73 -136.39 -19.88 -17.17
N GLY QA 74 -136.11 -20.24 -18.42
CA GLY QA 74 -136.14 -19.26 -19.49
C GLY QA 74 -135.18 -18.11 -19.28
N ASN QA 75 -134.00 -18.40 -18.73
CA ASN QA 75 -133.01 -17.35 -18.48
C ASN QA 75 -132.43 -16.85 -19.79
N SER QA 76 -131.98 -15.59 -19.77
CA SER QA 76 -131.40 -14.98 -20.96
C SER QA 76 -129.98 -15.47 -21.24
N VAL QA 77 -129.31 -16.04 -20.25
CA VAL QA 77 -127.92 -16.47 -20.45
C VAL QA 77 -127.87 -17.59 -21.49
N GLN QA 78 -128.78 -18.55 -21.42
CA GLN QA 78 -128.78 -19.70 -22.32
C GLN QA 78 -129.71 -19.53 -23.51
N ASN QA 79 -130.65 -18.59 -23.46
CA ASN QA 79 -131.65 -18.39 -24.50
C ASN QA 79 -131.33 -17.18 -25.38
N ASN QA 80 -130.06 -16.94 -25.67
CA ASN QA 80 -129.65 -15.83 -26.52
C ASN QA 80 -128.77 -16.30 -27.65
N PRO QA 81 -128.74 -15.58 -28.77
CA PRO QA 81 -127.89 -16.00 -29.89
C PRO QA 81 -126.41 -16.01 -29.56
N TYR QA 82 -125.97 -15.27 -28.54
CA TYR QA 82 -124.55 -15.18 -28.24
C TYR QA 82 -124.00 -16.57 -27.90
N SER QA 83 -122.78 -16.83 -28.38
CA SER QA 83 -122.08 -18.05 -27.99
C SER QA 83 -121.49 -17.93 -26.58
N SER QA 84 -121.18 -16.70 -26.15
CA SER QA 84 -120.62 -16.50 -24.81
C SER QA 84 -121.62 -16.90 -23.73
N LYS QA 85 -122.90 -16.60 -23.94
CA LYS QA 85 -123.95 -16.90 -22.96
C LYS QA 85 -123.70 -16.14 -21.65
N GLY QA 86 -123.67 -14.81 -21.77
CA GLY QA 86 -123.46 -13.95 -20.63
C GLY QA 86 -124.67 -13.08 -20.34
N PRO QA 87 -124.91 -12.76 -19.06
CA PRO QA 87 -126.06 -11.91 -18.72
C PRO QA 87 -125.76 -10.43 -18.83
N THR QA 88 -126.78 -9.60 -18.59
CA THR QA 88 -126.58 -8.15 -18.61
C THR QA 88 -125.68 -7.72 -17.46
N VAL QA 89 -124.88 -6.69 -17.70
CA VAL QA 89 -123.92 -6.19 -16.72
C VAL QA 89 -123.95 -4.67 -16.73
N ALA QA 90 -123.90 -4.07 -15.54
CA ALA QA 90 -123.79 -2.62 -15.38
C ALA QA 90 -122.59 -2.35 -14.50
N GLN QA 91 -121.54 -1.77 -15.08
CA GLN QA 91 -120.28 -1.58 -14.37
C GLN QA 91 -120.31 -0.26 -13.62
N LEU QA 92 -120.43 -0.34 -12.31
CA LEU QA 92 -120.41 0.82 -11.42
C LEU QA 92 -119.05 0.93 -10.74
N SER QA 93 -118.94 1.86 -9.79
CA SER QA 93 -117.75 1.99 -8.97
C SER QA 93 -117.96 1.33 -7.62
N GLY QA 94 -116.87 1.17 -6.88
CA GLY QA 94 -116.92 0.57 -5.56
C GLY QA 94 -116.68 1.60 -4.47
N GLY QA 95 -117.17 2.82 -4.67
CA GLY QA 95 -116.98 3.89 -3.73
C GLY QA 95 -118.26 4.65 -3.46
N PRO QA 96 -118.16 5.73 -2.69
CA PRO QA 96 -119.37 6.51 -2.36
C PRO QA 96 -119.96 7.17 -3.60
N PHE QA 97 -121.23 6.88 -3.85
CA PHE QA 97 -121.94 7.48 -4.97
C PHE QA 97 -122.52 8.82 -4.53
N THR QA 98 -122.21 9.88 -5.28
CA THR QA 98 -122.60 11.23 -4.90
C THR QA 98 -124.11 11.34 -4.69
N ARG QA 99 -124.88 10.87 -5.65
CA ARG QA 99 -126.34 10.95 -5.56
C ARG QA 99 -126.94 10.05 -6.62
N TYR QA 100 -128.24 9.80 -6.49
CA TYR QA 100 -129.00 9.00 -7.43
C TYR QA 100 -130.40 9.59 -7.56
N HIS QA 101 -131.08 9.23 -8.64
CA HIS QA 101 -132.45 9.65 -8.88
C HIS QA 101 -133.24 8.44 -9.36
N LEU QA 102 -134.33 8.12 -8.66
CA LEU QA 102 -135.12 6.93 -8.90
C LEU QA 102 -136.51 7.32 -9.38
N PHE QA 103 -136.94 6.72 -10.50
CA PHE QA 103 -138.30 6.84 -10.99
C PHE QA 103 -138.96 5.47 -10.88
N ALA QA 104 -139.97 5.37 -10.03
CA ALA QA 104 -140.61 4.10 -9.71
C ALA QA 104 -142.06 4.13 -10.17
N THR QA 105 -142.48 3.07 -10.86
CA THR QA 105 -143.86 2.90 -11.29
C THR QA 105 -144.22 1.42 -11.21
N ALA QA 106 -145.51 1.15 -11.38
CA ALA QA 106 -146.00 -0.23 -11.32
C ALA QA 106 -145.56 -1.06 -12.52
N ALA QA 107 -145.09 -0.42 -13.60
CA ALA QA 107 -144.73 -1.13 -14.82
C ALA QA 107 -143.25 -1.05 -15.17
N TYR QA 108 -142.51 -0.07 -14.63
CA TYR QA 108 -141.12 0.09 -14.98
C TYR QA 108 -140.38 0.78 -13.84
N LEU QA 109 -139.06 0.65 -13.84
CA LEU QA 109 -138.21 1.28 -12.84
C LEU QA 109 -136.99 1.87 -13.54
N HIS QA 110 -136.75 3.16 -13.32
CA HIS QA 110 -135.61 3.85 -13.91
C HIS QA 110 -134.74 4.41 -12.79
N LEU QA 111 -133.44 4.18 -12.88
CA LEU QA 111 -132.48 4.67 -11.91
C LEU QA 111 -131.35 5.41 -12.61
N HIS QA 112 -130.92 6.52 -12.01
CA HIS QA 112 -129.82 7.34 -12.52
C HIS QA 112 -128.93 7.69 -11.35
N VAL QA 113 -127.74 7.08 -11.29
CA VAL QA 113 -126.84 7.19 -10.15
C VAL QA 113 -125.65 8.05 -10.54
N GLU QA 114 -125.40 9.09 -9.74
CA GLU QA 114 -124.20 9.93 -9.90
C GLU QA 114 -123.12 9.37 -8.99
N ILE QA 115 -122.29 8.48 -9.54
CA ILE QA 115 -121.25 7.85 -8.73
C ILE QA 115 -120.24 8.87 -8.25
N ALA QA 116 -119.94 9.88 -9.08
CA ALA QA 116 -118.99 10.91 -8.72
C ALA QA 116 -119.35 12.19 -9.45
N ALA QA 117 -118.62 13.26 -9.14
CA ALA QA 117 -118.85 14.55 -9.78
C ALA QA 117 -118.67 14.42 -11.29
N GLY QA 118 -119.76 14.56 -12.04
CA GLY QA 118 -119.72 14.42 -13.47
C GLY QA 118 -119.80 13.00 -13.99
N GLN QA 119 -119.83 12.01 -13.10
CA GLN QA 119 -119.93 10.61 -13.47
C GLN QA 119 -121.33 10.10 -13.13
N PHE QA 120 -121.98 9.47 -14.11
CA PHE QA 120 -123.33 8.96 -13.94
C PHE QA 120 -123.44 7.57 -14.55
N ARG QA 121 -124.29 6.75 -13.94
CA ARG QA 121 -124.51 5.37 -14.40
C ARG QA 121 -126.00 5.07 -14.36
N PRO QA 122 -126.72 5.19 -15.47
CA PRO QA 122 -128.16 4.90 -15.45
C PRO QA 122 -128.48 3.42 -15.58
N VAL QA 123 -129.60 3.04 -14.98
CA VAL QA 123 -130.10 1.67 -15.02
C VAL QA 123 -131.59 1.72 -15.34
N MET QA 124 -132.02 0.93 -16.32
CA MET QA 124 -133.40 0.90 -16.77
C MET QA 124 -133.96 -0.51 -16.72
N ILE QA 125 -135.15 -0.65 -16.16
CA ILE QA 125 -135.91 -1.90 -16.19
C ILE QA 125 -137.37 -1.55 -16.44
N GLY QA 126 -138.03 -2.32 -17.30
CA GLY QA 126 -139.43 -2.08 -17.58
C GLY QA 126 -139.86 -2.82 -18.83
N SER QA 127 -141.05 -2.44 -19.32
CA SER QA 127 -141.64 -3.03 -20.52
C SER QA 127 -142.05 -1.93 -21.47
N LEU QA 128 -141.81 -2.15 -22.76
CA LEU QA 128 -142.16 -1.17 -23.77
C LEU QA 128 -143.67 -1.01 -23.90
N ASN QA 129 -144.10 0.20 -24.21
CA ASN QA 129 -145.52 0.45 -24.47
C ASN QA 129 -145.93 -0.27 -25.75
N LYS QA 130 -146.94 -1.14 -25.64
CA LYS QA 130 -147.36 -1.92 -26.80
C LYS QA 130 -147.99 -1.03 -27.87
N ARG QA 131 -148.65 0.05 -27.47
CA ARG QA 131 -149.30 0.97 -28.41
C ARG QA 131 -150.30 0.22 -29.29
N GLY QA 132 -150.97 -0.77 -28.70
CA GLY QA 132 -151.94 -1.57 -29.41
C GLY QA 132 -151.37 -2.67 -30.26
N VAL QA 133 -150.05 -2.81 -30.31
CA VAL QA 133 -149.42 -3.86 -31.11
C VAL QA 133 -149.48 -5.17 -30.32
N GLY QA 134 -149.97 -6.23 -30.96
CA GLY QA 134 -150.13 -7.50 -30.29
C GLY QA 134 -148.89 -8.36 -30.35
N TYR QA 135 -148.11 -8.37 -29.27
CA TYR QA 135 -146.94 -9.23 -29.18
C TYR QA 135 -146.70 -9.57 -27.73
N THR QA 136 -146.07 -10.72 -27.51
CA THR QA 136 -145.80 -11.23 -26.17
C THR QA 136 -144.37 -10.89 -25.78
N GLY QA 137 -144.20 -10.36 -24.58
CA GLY QA 137 -142.89 -9.97 -24.09
C GLY QA 137 -142.74 -8.47 -23.97
N GLY QA 138 -141.70 -7.91 -24.58
CA GLY QA 138 -141.45 -6.49 -24.52
C GLY QA 138 -140.70 -6.02 -23.29
N GLN QA 139 -140.35 -6.92 -22.39
CA GLN QA 139 -139.58 -6.53 -21.20
C GLN QA 139 -138.14 -6.24 -21.59
N TYR QA 140 -137.63 -5.11 -21.14
CA TYR QA 140 -136.27 -4.67 -21.44
C TYR QA 140 -135.51 -4.41 -20.15
N VAL QA 141 -134.27 -4.85 -20.10
CA VAL QA 141 -133.36 -4.61 -18.99
C VAL QA 141 -132.05 -4.08 -19.57
N CYS QA 142 -131.61 -2.92 -19.09
CA CYS QA 142 -130.44 -2.26 -19.63
C CYS QA 142 -129.41 -2.01 -18.52
N GLY QA 143 -128.14 -1.96 -18.92
CA GLY QA 143 -127.06 -1.65 -18.02
C GLY QA 143 -126.07 -0.72 -18.67
N SER QA 144 -125.14 -0.21 -17.86
CA SER QA 144 -124.12 0.73 -18.31
C SER QA 144 -122.75 0.06 -18.21
N PHE QA 145 -122.02 0.06 -19.32
CA PHE QA 145 -120.70 -0.56 -19.40
C PHE QA 145 -119.66 0.48 -19.83
N ILE QA 146 -118.49 0.41 -19.20
CA ILE QA 146 -117.38 1.31 -19.50
C ILE QA 146 -116.22 0.46 -19.99
N TYR QA 147 -115.61 0.87 -21.10
CA TYR QA 147 -114.55 0.07 -21.71
C TYR QA 147 -113.28 0.08 -20.86
N THR QA 148 -112.69 1.26 -20.67
CA THR QA 148 -111.45 1.38 -19.91
C THR QA 148 -111.32 2.79 -19.35
N PRO QA 149 -111.15 2.95 -18.02
CA PRO QA 149 -110.93 4.29 -17.47
C PRO QA 149 -109.62 4.88 -18.00
N GLY QA 150 -109.61 6.20 -18.12
CA GLY QA 150 -108.44 6.92 -18.61
C GLY QA 150 -108.41 7.08 -20.11
N GLN QA 151 -108.57 5.98 -20.84
CA GLN QA 151 -108.59 6.02 -22.30
C GLN QA 151 -109.97 6.47 -22.76
N ALA QA 152 -110.24 6.36 -24.07
CA ALA QA 152 -111.54 6.72 -24.61
C ALA QA 152 -112.63 5.94 -23.90
N LEU QA 153 -113.49 6.66 -23.15
CA LEU QA 153 -114.53 6.00 -22.37
C LEU QA 153 -115.67 5.51 -23.25
N THR QA 154 -115.99 6.23 -24.32
CA THR QA 154 -117.05 5.86 -25.24
C THR QA 154 -116.49 5.21 -26.50
N ASN QA 155 -115.44 4.41 -26.35
CA ASN QA 155 -114.81 3.77 -27.49
C ASN QA 155 -115.81 2.86 -28.22
N ASN QA 156 -115.40 2.39 -29.40
CA ASN QA 156 -116.29 1.58 -30.22
C ASN QA 156 -116.69 0.30 -29.49
N TRP QA 157 -115.75 -0.34 -28.80
CA TRP QA 157 -116.04 -1.57 -28.09
C TRP QA 157 -117.04 -1.37 -26.95
N SER QA 158 -117.28 -0.13 -26.52
CA SER QA 158 -118.19 0.13 -25.42
C SER QA 158 -119.63 -0.19 -25.83
N SER QA 159 -120.44 -0.49 -24.82
CA SER QA 159 -121.86 -0.77 -25.01
C SER QA 159 -122.66 0.06 -24.03
N HIS QA 160 -123.83 0.51 -24.45
CA HIS QA 160 -124.69 1.39 -23.69
C HIS QA 160 -126.12 0.90 -23.75
N PRO QA 161 -127.00 1.42 -22.88
CA PRO QA 161 -128.42 1.06 -22.97
C PRO QA 161 -128.98 1.37 -24.35
N PHE QA 162 -129.74 0.43 -24.89
CA PHE QA 162 -130.40 0.60 -26.19
C PHE QA 162 -129.41 0.89 -27.30
N ASP QA 163 -128.15 0.46 -27.14
CA ASP QA 163 -127.13 0.76 -28.12
C ASP QA 163 -127.43 0.08 -29.44
N GLY QA 164 -126.99 0.72 -30.54
CA GLY QA 164 -127.20 0.19 -31.87
C GLY QA 164 -125.93 -0.20 -32.58
N TYR QA 165 -124.78 0.03 -31.95
CA TYR QA 165 -123.50 -0.32 -32.55
C TYR QA 165 -122.48 -0.52 -31.44
N HIS QA 166 -122.07 -1.77 -31.22
CA HIS QA 166 -121.05 -2.07 -30.23
C HIS QA 166 -120.25 -3.27 -30.70
N ILE QA 167 -119.02 -3.37 -30.19
CA ILE QA 167 -118.12 -4.49 -30.51
C ILE QA 167 -117.79 -5.18 -29.20
N GLN QA 168 -118.28 -6.39 -29.02
CA GLN QA 168 -118.01 -7.17 -27.81
C GLN QA 168 -118.57 -8.58 -28.03
N TYR QA 169 -117.85 -9.57 -27.51
CA TYR QA 169 -118.21 -10.97 -27.69
C TYR QA 169 -118.63 -11.65 -26.38
N SER QA 170 -118.51 -10.97 -25.24
CA SER QA 170 -118.77 -11.57 -23.94
C SER QA 170 -120.05 -11.05 -23.28
N ASN QA 171 -120.19 -9.73 -23.15
CA ASN QA 171 -121.29 -9.14 -22.39
C ASN QA 171 -122.07 -8.17 -23.26
N SER QA 172 -123.33 -7.95 -22.87
CA SER QA 172 -124.21 -6.99 -23.53
C SER QA 172 -124.74 -6.00 -22.50
N SER QA 173 -124.81 -4.73 -22.88
CA SER QA 173 -125.24 -3.70 -21.96
C SER QA 173 -126.74 -3.74 -21.71
N CYS QA 174 -127.55 -4.07 -22.72
CA CYS QA 174 -128.99 -4.13 -22.56
C CYS QA 174 -129.53 -5.26 -23.41
N MET QA 175 -130.80 -5.58 -23.19
CA MET QA 175 -131.43 -6.73 -23.85
C MET QA 175 -132.92 -6.50 -23.92
N LEU QA 176 -133.58 -7.24 -24.81
CA LEU QA 176 -135.01 -7.13 -25.03
C LEU QA 176 -135.61 -8.52 -25.25
N ARG QA 177 -136.88 -8.66 -24.89
CA ARG QA 177 -137.60 -9.92 -25.05
C ARG QA 177 -138.60 -9.80 -26.19
N LEU QA 178 -138.57 -10.78 -27.10
CA LEU QA 178 -139.51 -10.86 -28.22
C LEU QA 178 -139.83 -12.34 -28.44
N ASP QA 179 -141.00 -12.76 -28.01
CA ASP QA 179 -141.34 -14.18 -28.01
C ASP QA 179 -141.89 -14.62 -29.36
N GLY QA 180 -141.61 -15.87 -29.71
CA GLY QA 180 -142.17 -16.46 -30.91
C GLY QA 180 -141.76 -15.78 -32.19
N LEU QA 181 -140.49 -15.42 -32.33
CA LEU QA 181 -140.00 -14.78 -33.54
C LEU QA 181 -139.59 -15.85 -34.56
N ASP QA 182 -140.10 -15.70 -35.79
CA ASP QA 182 -139.75 -16.61 -36.89
C ASP QA 182 -140.04 -18.06 -36.51
N GLY QA 183 -141.11 -18.27 -35.75
CA GLY QA 183 -141.53 -19.61 -35.40
C GLY QA 183 -140.69 -20.31 -34.36
N GLY QA 184 -139.78 -19.60 -33.70
CA GLY QA 184 -138.94 -20.22 -32.70
C GLY QA 184 -139.65 -20.40 -31.39
N PRO QA 185 -138.97 -21.03 -30.44
CA PRO QA 185 -139.56 -21.22 -29.11
C PRO QA 185 -139.92 -19.89 -28.47
N SER QA 186 -140.99 -19.90 -27.68
CA SER QA 186 -141.46 -18.66 -27.05
C SER QA 186 -140.38 -17.96 -26.24
N PRO QA 187 -139.56 -18.64 -25.44
CA PRO QA 187 -138.53 -17.93 -24.67
C PRO QA 187 -137.41 -17.43 -25.57
N GLU QA 188 -137.38 -16.12 -25.83
CA GLU QA 188 -136.36 -15.52 -26.66
C GLU QA 188 -135.98 -14.16 -26.06
N TRP QA 189 -134.69 -13.97 -25.82
CA TRP QA 189 -134.17 -12.74 -25.20
C TRP QA 189 -133.20 -12.11 -26.20
N LEU QA 190 -133.73 -11.28 -27.08
CA LEU QA 190 -132.92 -10.69 -28.14
C LEU QA 190 -132.02 -9.59 -27.58
N PRO QA 191 -130.71 -9.64 -27.82
CA PRO QA 191 -129.82 -8.56 -27.36
C PRO QA 191 -129.70 -7.45 -28.40
N PHE QA 192 -129.08 -6.35 -27.96
CA PHE QA 192 -128.83 -5.20 -28.83
C PHE QA 192 -127.47 -5.38 -29.48
N ASP QA 193 -127.45 -5.97 -30.67
CA ASP QA 193 -126.23 -6.16 -31.44
C ASP QA 193 -126.52 -5.94 -32.91
N TYR QA 194 -125.50 -5.50 -33.65
CA TYR QA 194 -125.65 -5.19 -35.06
C TYR QA 194 -124.59 -5.89 -35.92
N THR QA 195 -123.39 -6.07 -35.37
CA THR QA 195 -122.27 -6.60 -36.15
C THR QA 195 -122.17 -8.11 -36.12
N THR QA 196 -122.95 -8.79 -35.29
CA THR QA 196 -122.88 -10.24 -35.20
C THR QA 196 -123.55 -10.94 -36.38
N ASN QA 197 -124.36 -10.22 -37.17
CA ASN QA 197 -125.03 -10.78 -38.34
C ASN QA 197 -125.94 -11.96 -37.98
N VAL QA 198 -126.39 -12.03 -36.73
CA VAL QA 198 -127.28 -13.10 -36.29
C VAL QA 198 -128.61 -12.94 -37.00
N PRO QA 199 -129.35 -14.03 -37.26
CA PRO QA 199 -130.63 -13.89 -37.96
C PRO QA 199 -131.63 -13.03 -37.22
N ARG QA 200 -131.61 -13.04 -35.88
CA ARG QA 200 -132.53 -12.27 -35.07
C ARG QA 200 -131.75 -11.36 -34.12
N ARG QA 201 -132.11 -10.09 -34.09
CA ARG QA 201 -131.45 -9.11 -33.23
C ARG QA 201 -132.32 -7.87 -33.17
N VAL QA 202 -131.95 -6.96 -32.26
CA VAL QA 202 -132.67 -5.71 -32.07
C VAL QA 202 -131.65 -4.57 -32.01
N VAL QA 203 -132.13 -3.36 -32.30
CA VAL QA 203 -131.29 -2.17 -32.31
C VAL QA 203 -132.08 -1.01 -31.72
N GLY QA 204 -131.35 0.00 -31.25
CA GLY QA 204 -131.97 1.16 -30.64
C GLY QA 204 -131.12 2.42 -30.75
N PRO QA 205 -131.71 3.58 -30.41
CA PRO QA 205 -130.95 4.84 -30.50
C PRO QA 205 -130.02 5.09 -29.31
N GLY QA 206 -129.75 4.05 -28.54
CA GLY QA 206 -129.01 4.19 -27.29
C GLY QA 206 -127.88 5.19 -27.29
N ARG QA 207 -126.92 5.02 -28.19
CA ARG QA 207 -125.71 5.85 -28.15
C ARG QA 207 -126.01 7.32 -28.42
N GLY QA 208 -127.16 7.64 -29.02
CA GLY QA 208 -127.51 9.03 -29.26
C GLY QA 208 -127.19 9.50 -30.65
N ASN QA 209 -126.09 10.23 -30.79
CA ASN QA 209 -125.67 10.83 -32.06
C ASN QA 209 -124.24 10.43 -32.40
N TYR QA 210 -123.92 9.15 -32.23
CA TYR QA 210 -122.60 8.68 -32.58
C TYR QA 210 -122.45 8.65 -34.11
N SER QA 211 -121.19 8.66 -34.56
CA SER QA 211 -120.93 8.72 -35.99
C SER QA 211 -121.50 7.51 -36.72
N SER QA 212 -121.36 6.32 -36.14
CA SER QA 212 -121.77 5.08 -36.76
C SER QA 212 -122.98 4.45 -36.06
N GLN QA 213 -123.92 5.30 -35.63
CA GLN QA 213 -125.14 4.83 -34.99
C GLN QA 213 -126.18 4.52 -36.05
N TYR QA 214 -126.85 3.37 -35.89
CA TYR QA 214 -127.77 2.84 -36.89
C TYR QA 214 -129.21 3.05 -36.40
N HIS QA 215 -129.78 4.20 -36.77
CA HIS QA 215 -131.18 4.50 -36.48
C HIS QA 215 -131.59 5.74 -37.27
N PRO QA 216 -132.81 5.77 -37.83
CA PRO QA 216 -133.20 6.94 -38.64
C PRO QA 216 -133.51 8.19 -37.84
N ASP QA 217 -133.69 8.09 -36.53
CA ASP QA 217 -134.02 9.23 -35.68
C ASP QA 217 -132.79 9.89 -35.08
N VAL QA 218 -131.59 9.44 -35.44
CA VAL QA 218 -130.38 10.07 -34.92
C VAL QA 218 -130.37 11.56 -35.29
N GLY QA 219 -130.86 11.88 -36.49
CA GLY QA 219 -131.00 13.28 -36.85
C GLY QA 219 -131.99 14.02 -35.98
N LEU QA 220 -133.08 13.36 -35.61
CA LEU QA 220 -134.05 13.99 -34.72
C LEU QA 220 -133.42 14.34 -33.39
N ILE QA 221 -132.66 13.40 -32.82
CA ILE QA 221 -131.93 13.70 -31.59
C ILE QA 221 -130.91 14.81 -31.83
N ASP QA 222 -130.28 14.83 -33.00
CA ASP QA 222 -129.32 15.88 -33.32
C ASP QA 222 -129.97 17.25 -33.31
N ALA QA 223 -131.18 17.35 -33.86
CA ALA QA 223 -131.89 18.61 -33.98
C ALA QA 223 -132.90 18.84 -32.86
N SER QA 224 -132.86 18.04 -31.80
CA SER QA 224 -133.80 18.22 -30.70
C SER QA 224 -133.75 19.65 -30.15
N ALA QA 225 -132.60 20.30 -30.20
CA ALA QA 225 -132.46 21.67 -29.72
C ALA QA 225 -132.74 22.65 -30.86
N ASN QA 226 -133.55 23.66 -30.57
CA ASN QA 226 -133.96 24.64 -31.56
C ASN QA 226 -133.15 25.92 -31.38
N GLU QA 227 -132.50 26.36 -32.46
CA GLU QA 227 -131.76 27.62 -32.43
C GLU QA 227 -132.69 28.83 -32.38
N LEU QA 228 -133.98 28.64 -32.67
CA LEU QA 228 -134.90 29.78 -32.76
C LEU QA 228 -135.27 30.29 -31.37
N ASN QA 229 -135.92 29.46 -30.56
CA ASN QA 229 -136.50 29.87 -29.30
C ASN QA 229 -135.92 29.11 -28.11
N SER QA 230 -134.78 28.44 -28.29
CA SER QA 230 -134.17 27.65 -27.24
C SER QA 230 -135.13 26.59 -26.71
N SER QA 231 -135.98 26.06 -27.60
CA SER QA 231 -136.98 25.08 -27.23
C SER QA 231 -136.49 23.68 -27.57
N THR QA 232 -136.78 22.73 -26.68
CA THR QA 232 -136.39 21.34 -26.84
C THR QA 232 -137.63 20.47 -26.90
N THR QA 233 -137.59 19.43 -27.74
CA THR QA 233 -138.71 18.53 -27.93
C THR QA 233 -138.29 17.11 -27.62
N THR QA 234 -139.23 16.34 -27.07
CA THR QA 234 -138.99 14.93 -26.75
C THR QA 234 -139.17 14.09 -28.00
N VAL QA 235 -138.21 13.22 -28.26
CA VAL QA 235 -138.21 12.33 -29.42
C VAL QA 235 -138.51 10.92 -28.93
N PRO QA 236 -139.60 10.28 -29.36
CA PRO QA 236 -139.84 8.90 -28.95
C PRO QA 236 -138.67 8.01 -29.37
N CYS QA 237 -138.31 7.09 -28.48
CA CYS QA 237 -137.17 6.19 -28.70
C CYS QA 237 -137.71 4.89 -29.26
N ALA QA 238 -137.81 4.82 -30.59
CA ALA QA 238 -138.31 3.63 -31.26
C ALA QA 238 -137.27 2.52 -31.24
N ILE QA 239 -137.74 1.29 -31.09
CA ILE QA 239 -136.90 0.10 -31.14
C ILE QA 239 -137.27 -0.70 -32.38
N TYR QA 240 -136.25 -1.17 -33.10
CA TYR QA 240 -136.44 -1.94 -34.31
C TYR QA 240 -135.89 -3.35 -34.10
N ALA QA 241 -136.53 -4.32 -34.74
CA ALA QA 241 -136.14 -5.72 -34.64
C ALA QA 241 -135.92 -6.29 -36.02
N PHE QA 242 -134.95 -7.20 -36.15
CA PHE QA 242 -134.59 -7.81 -37.41
C PHE QA 242 -134.97 -9.29 -37.42
N GLY QA 243 -135.59 -9.72 -38.50
CA GLY QA 243 -135.99 -11.10 -38.66
C GLY QA 243 -134.97 -11.93 -39.43
N ALA QA 244 -135.32 -13.19 -39.64
CA ALA QA 244 -134.43 -14.10 -40.37
C ALA QA 244 -134.22 -13.63 -41.80
N GLN QA 245 -135.29 -13.14 -42.44
CA GLN QA 245 -135.23 -12.69 -43.82
C GLN QA 245 -134.76 -11.24 -43.95
N GLN QA 246 -134.12 -10.70 -42.91
CA GLN QA 246 -133.58 -9.33 -42.94
C GLN QA 246 -134.67 -8.31 -43.21
N ARG QA 247 -135.88 -8.57 -42.73
CA ARG QA 247 -136.99 -7.64 -42.83
C ARG QA 247 -137.30 -7.11 -41.43
N SER QA 248 -137.17 -5.79 -41.27
CA SER QA 248 -137.32 -5.18 -39.95
C SER QA 248 -138.79 -4.99 -39.61
N ARG QA 249 -139.07 -4.88 -38.31
CA ARG QA 249 -140.42 -4.71 -37.80
C ARG QA 249 -140.37 -3.78 -36.59
N TYR QA 250 -141.04 -2.64 -36.70
CA TYR QA 250 -141.17 -1.73 -35.56
C TYR QA 250 -141.87 -2.45 -34.42
N VAL QA 251 -141.36 -2.28 -33.20
CA VAL QA 251 -141.86 -3.01 -32.05
C VAL QA 251 -142.49 -2.09 -31.00
N GLY QA 252 -142.03 -0.85 -30.87
CA GLY QA 252 -142.61 0.06 -29.90
C GLY QA 252 -141.62 1.14 -29.50
N GLU QA 253 -141.98 1.84 -28.43
CA GLU QA 253 -141.18 2.93 -27.88
C GLU QA 253 -141.11 2.79 -26.37
N VAL QA 254 -140.07 3.38 -25.79
CA VAL QA 254 -139.85 3.28 -24.35
C VAL QA 254 -140.81 4.22 -23.62
N PRO QA 255 -141.56 3.74 -22.64
CA PRO QA 255 -142.50 4.64 -21.94
C PRO QA 255 -141.76 5.74 -21.20
N ASP QA 256 -142.34 6.94 -21.25
CA ASP QA 256 -141.88 8.08 -20.45
C ASP QA 256 -140.36 8.24 -20.54
N PHE QA 257 -139.85 8.27 -21.76
CA PHE QA 257 -138.41 8.38 -21.95
C PHE QA 257 -138.14 9.00 -23.32
N GLY QA 258 -137.24 9.98 -23.35
CA GLY QA 258 -136.84 10.62 -24.59
C GLY QA 258 -135.38 11.01 -24.52
N ILE QA 259 -134.85 11.40 -25.68
CA ILE QA 259 -133.47 11.86 -25.82
C ILE QA 259 -133.49 13.26 -26.39
N CYS QA 260 -132.57 14.10 -25.91
CA CYS QA 260 -132.44 15.46 -26.41
C CYS QA 260 -131.00 15.92 -26.23
N ASN QA 261 -130.63 16.95 -27.00
CA ASN QA 261 -129.30 17.51 -26.89
C ASN QA 261 -129.22 18.44 -25.68
N MET QA 262 -128.12 18.30 -24.92
CA MET QA 262 -127.86 19.14 -23.75
C MET QA 262 -126.96 20.32 -24.08
N ALA QA 263 -126.98 20.76 -25.34
CA ALA QA 263 -126.08 21.83 -25.76
C ALA QA 263 -126.34 23.13 -25.01
N PHE QA 264 -127.58 23.34 -24.56
CA PHE QA 264 -127.98 24.60 -23.96
C PHE QA 264 -128.76 24.39 -22.67
N LEU QA 265 -128.43 23.34 -21.91
CA LEU QA 265 -129.08 23.08 -20.63
C LEU QA 265 -128.10 22.39 -19.70
N ALA QA 266 -128.35 22.55 -18.40
CA ALA QA 266 -127.53 21.93 -17.36
C ALA QA 266 -128.15 20.62 -16.90
N PRO QA 267 -127.37 19.75 -16.27
CA PRO QA 267 -127.95 18.52 -15.70
C PRO QA 267 -129.09 18.83 -14.75
N GLY QA 268 -130.28 18.32 -15.09
CA GLY QA 268 -131.44 18.50 -14.26
C GLY QA 268 -132.22 19.77 -14.48
N ASP QA 269 -131.87 20.58 -15.47
CA ASP QA 269 -132.59 21.81 -15.72
C ASP QA 269 -134.03 21.50 -16.15
N PRO QA 270 -135.01 22.28 -15.69
CA PRO QA 270 -136.41 22.00 -16.08
C PRO QA 270 -136.84 22.76 -17.33
N LEU QA 271 -137.60 22.06 -18.16
CA LEU QA 271 -138.23 22.68 -19.33
C LEU QA 271 -139.60 22.01 -19.51
N VAL QA 272 -140.64 22.64 -18.96
CA VAL QA 272 -141.98 22.07 -18.98
C VAL QA 272 -142.58 22.27 -20.37
N VAL QA 273 -142.75 21.18 -21.09
CA VAL QA 273 -143.41 21.20 -22.40
C VAL QA 273 -144.83 20.67 -22.20
N GLY QA 274 -145.80 21.55 -22.32
CA GLY QA 274 -147.17 21.16 -22.07
C GLY QA 274 -147.43 20.97 -20.58
N SER QA 275 -148.54 20.28 -20.29
CA SER QA 275 -148.92 20.04 -18.91
C SER QA 275 -147.96 19.08 -18.20
N ASP QA 276 -147.13 18.37 -18.94
CA ASP QA 276 -146.21 17.40 -18.36
C ASP QA 276 -144.86 18.04 -18.09
N THR QA 277 -144.19 17.55 -17.06
CA THR QA 277 -142.89 18.05 -16.64
C THR QA 277 -141.81 17.03 -16.97
N TRP QA 278 -140.62 17.54 -17.34
CA TRP QA 278 -139.53 16.70 -17.81
C TRP QA 278 -138.29 16.95 -16.96
N ARG QA 279 -137.57 15.86 -16.66
CA ARG QA 279 -136.29 15.91 -15.99
C ARG QA 279 -135.22 15.38 -16.94
N VAL QA 280 -134.17 16.17 -17.15
CA VAL QA 280 -133.12 15.85 -18.12
C VAL QA 280 -131.80 15.75 -17.37
N TYR QA 281 -131.08 14.66 -17.60
CA TYR QA 281 -129.76 14.45 -17.01
C TYR QA 281 -128.83 13.83 -18.06
N PRO QA 282 -127.53 14.06 -17.94
CA PRO QA 282 -126.60 13.48 -18.92
C PRO QA 282 -126.46 11.98 -18.73
N LEU QA 283 -126.09 11.30 -19.82
CA LEU QA 283 -125.92 9.85 -19.76
C LEU QA 283 -124.76 9.46 -18.87
N LEU QA 284 -123.54 9.86 -19.26
CA LEU QA 284 -122.33 9.53 -18.53
C LEU QA 284 -121.60 10.76 -18.04
N GLN QA 285 -121.29 11.69 -18.93
CA GLN QA 285 -120.48 12.87 -18.60
C GLN QA 285 -120.55 13.83 -19.77
N ARG QA 286 -120.74 15.11 -19.48
CA ARG QA 286 -120.82 16.11 -20.53
C ARG QA 286 -119.43 16.47 -21.04
N GLY QA 287 -119.35 16.83 -22.31
CA GLY QA 287 -118.11 17.26 -22.93
C GLY QA 287 -118.38 18.36 -23.93
N THR QA 288 -117.68 18.29 -25.05
CA THR QA 288 -117.91 19.17 -26.18
C THR QA 288 -118.71 18.42 -27.25
N ALA QA 289 -118.97 19.10 -28.36
CA ALA QA 289 -119.79 18.49 -29.41
C ALA QA 289 -119.14 17.24 -29.97
N THR QA 290 -117.82 17.28 -30.19
CA THR QA 290 -117.12 16.20 -30.86
C THR QA 290 -116.40 15.26 -29.89
N ASP QA 291 -116.63 15.40 -28.59
CA ASP QA 291 -115.98 14.55 -27.60
C ASP QA 291 -116.78 13.25 -27.47
N PHE QA 292 -116.59 12.37 -28.46
CA PHE QA 292 -117.23 11.08 -28.50
C PHE QA 292 -116.33 9.95 -28.01
N ASP QA 293 -115.17 10.30 -27.43
CA ASP QA 293 -114.21 9.31 -26.95
C ASP QA 293 -114.05 9.34 -25.44
N SER QA 294 -113.83 10.52 -24.86
CA SER QA 294 -113.58 10.62 -23.43
C SER QA 294 -114.84 10.81 -22.61
N THR QA 295 -115.95 11.19 -23.23
CA THR QA 295 -117.20 11.42 -22.51
C THR QA 295 -118.36 10.97 -23.40
N SER QA 296 -119.57 11.36 -23.02
CA SER QA 296 -120.79 11.00 -23.74
C SER QA 296 -121.33 12.15 -24.57
N ALA QA 297 -120.50 13.13 -24.89
CA ALA QA 297 -120.90 14.28 -25.71
C ALA QA 297 -122.03 15.00 -24.99
N TRP QA 298 -123.13 15.36 -25.66
CA TRP QA 298 -124.22 16.10 -25.04
C TRP QA 298 -125.53 15.32 -25.04
N VAL QA 299 -125.46 13.99 -25.19
CA VAL QA 299 -126.68 13.19 -25.17
C VAL QA 299 -127.32 13.30 -23.79
N GLY QA 300 -128.61 13.60 -23.76
CA GLY QA 300 -129.33 13.79 -22.52
C GLY QA 300 -130.51 12.85 -22.42
N TYR QA 301 -130.71 12.27 -21.24
CA TYR QA 301 -131.82 11.36 -20.97
C TYR QA 301 -132.94 12.15 -20.30
N CYS QA 302 -134.12 12.16 -20.90
CA CYS QA 302 -135.27 12.89 -20.40
C CYS QA 302 -136.28 11.92 -19.82
N PHE QA 303 -136.72 12.18 -18.59
CA PHE QA 303 -137.73 11.39 -17.92
C PHE QA 303 -138.91 12.29 -17.55
N ARG QA 304 -140.12 11.78 -17.75
CA ARG QA 304 -141.33 12.50 -17.39
C ARG QA 304 -141.59 12.32 -15.91
N VAL QA 305 -141.50 13.41 -15.15
CA VAL QA 305 -141.67 13.37 -13.70
C VAL QA 305 -143.14 13.56 -13.38
N VAL QA 306 -143.66 12.72 -12.49
CA VAL QA 306 -145.05 12.80 -12.06
C VAL QA 306 -145.16 12.63 -10.55
N THR RA 5 -3.93 25.04 -126.77
CA THR RA 5 -3.30 24.63 -125.52
C THR RA 5 -2.60 25.82 -124.86
N TYR RA 6 -3.05 27.03 -125.18
CA TYR RA 6 -2.54 28.25 -124.60
C TYR RA 6 -3.71 29.12 -124.16
N PHE RA 7 -3.49 29.93 -123.13
CA PHE RA 7 -4.57 30.68 -122.50
C PHE RA 7 -4.26 32.17 -122.51
N TYR RA 8 -5.21 32.96 -123.01
CA TYR RA 8 -5.22 34.41 -122.87
C TYR RA 8 -6.70 34.81 -122.82
N GLY RA 9 -7.23 34.93 -121.61
CA GLY RA 9 -8.67 34.96 -121.40
C GLY RA 9 -9.22 36.36 -121.22
N GLN RA 10 -10.40 36.58 -121.81
CA GLN RA 10 -11.18 37.79 -121.59
C GLN RA 10 -12.65 37.38 -121.54
N GLY RA 11 -13.46 38.14 -120.81
CA GLY RA 11 -14.88 37.84 -120.79
C GLY RA 11 -15.60 38.46 -119.61
N GLU RA 12 -16.61 37.73 -119.14
CA GLU RA 12 -17.63 38.24 -118.23
C GLU RA 12 -17.60 37.46 -116.92
N ILE RA 13 -18.10 38.09 -115.85
CA ILE RA 13 -18.23 37.45 -114.56
C ILE RA 13 -19.65 37.69 -114.05
N ASP RA 14 -20.27 36.63 -113.52
CA ASP RA 14 -21.61 36.69 -112.95
C ASP RA 14 -21.57 36.20 -111.52
N ALA RA 15 -22.33 36.84 -110.64
CA ALA RA 15 -22.39 36.48 -109.24
C ALA RA 15 -23.84 36.30 -108.81
N ALA RA 16 -24.06 35.36 -107.88
CA ALA RA 16 -25.38 35.12 -107.31
C ALA RA 16 -25.23 35.12 -105.79
N PRO RA 17 -25.85 36.07 -105.08
CA PRO RA 17 -25.75 36.07 -103.62
C PRO RA 17 -26.35 34.79 -103.03
N ILE RA 18 -25.75 34.32 -101.96
CA ILE RA 18 -26.21 33.14 -101.24
C ILE RA 18 -26.76 33.58 -99.90
N VAL RA 19 -28.06 33.40 -99.70
CA VAL RA 19 -28.74 33.76 -98.46
C VAL RA 19 -29.32 32.49 -97.87
N ASN RA 20 -28.91 32.16 -96.64
CA ASN RA 20 -29.42 30.99 -95.93
C ASN RA 20 -29.34 29.73 -96.78
N GLY RA 21 -28.41 29.70 -97.73
CA GLY RA 21 -28.17 28.53 -98.54
C GLY RA 21 -29.02 28.41 -99.79
N VAL RA 22 -29.92 29.35 -100.05
CA VAL RA 22 -30.78 29.30 -101.23
C VAL RA 22 -30.16 30.19 -102.31
N LEU RA 23 -30.08 29.66 -103.53
CA LEU RA 23 -29.47 30.39 -104.63
C LEU RA 23 -30.27 31.65 -104.94
N GLY RA 24 -29.55 32.75 -105.17
CA GLY RA 24 -30.16 34.01 -105.53
C GLY RA 24 -30.26 34.18 -107.04
N LYS RA 25 -30.55 35.42 -107.44
CA LYS RA 25 -30.66 35.78 -108.85
C LYS RA 25 -29.31 36.31 -109.33
N TRP RA 26 -28.80 35.72 -110.41
CA TRP RA 26 -27.49 36.09 -110.92
C TRP RA 26 -27.53 37.47 -111.57
N ARG RA 27 -26.42 38.18 -111.50
CA ARG RA 27 -26.29 39.50 -112.11
C ARG RA 27 -24.87 39.69 -112.62
N TRP RA 28 -24.71 40.62 -113.55
CA TRP RA 28 -23.40 40.94 -114.09
C TRP RA 28 -22.71 41.94 -113.17
N ILE RA 29 -21.41 41.74 -112.97
CA ILE RA 29 -20.61 42.58 -112.08
C ILE RA 29 -19.96 43.69 -112.90
N GLN RA 30 -20.50 43.96 -114.09
CA GLN RA 30 -19.97 45.00 -114.96
C GLN RA 30 -18.53 44.70 -115.33
N ASP RA 31 -17.84 45.67 -115.94
CA ASP RA 31 -16.50 45.44 -116.45
C ASP RA 31 -15.56 45.00 -115.33
N VAL RA 32 -14.70 44.03 -115.65
CA VAL RA 32 -13.71 43.50 -114.73
C VAL RA 32 -12.37 43.47 -115.47
N SER RA 33 -11.31 43.92 -114.80
CA SER RA 33 -10.00 44.05 -115.43
C SER RA 33 -9.04 42.92 -115.10
N ALA RA 34 -9.16 42.30 -113.93
CA ALA RA 34 -8.22 41.27 -113.54
C ALA RA 34 -8.88 40.29 -112.56
N MET RA 35 -8.64 39.00 -112.79
CA MET RA 35 -9.09 37.94 -111.91
C MET RA 35 -7.95 36.95 -111.76
N SER RA 36 -7.64 36.57 -110.52
CA SER RA 36 -6.62 35.55 -110.27
C SER RA 36 -7.08 34.64 -109.14
N ILE RA 37 -6.71 33.37 -109.24
CA ILE RA 37 -7.05 32.35 -108.26
C ILE RA 37 -5.76 31.73 -107.76
N GLN RA 38 -5.61 31.67 -106.43
CA GLN RA 38 -4.40 31.16 -105.79
C GLN RA 38 -4.76 29.99 -104.88
N LEU RA 39 -3.93 28.95 -104.93
CA LEU RA 39 -4.14 27.73 -104.14
C LEU RA 39 -3.00 27.59 -103.14
N ALA RA 40 -3.36 27.31 -101.89
CA ALA RA 40 -2.39 27.11 -100.81
C ALA RA 40 -2.67 25.78 -100.13
N VAL RA 41 -1.61 25.03 -99.84
CA VAL RA 41 -1.72 23.73 -99.20
C VAL RA 41 -0.62 23.61 -98.16
N GLU RA 42 -0.98 23.13 -96.97
CA GLU RA 42 -0.03 22.88 -95.90
C GLU RA 42 0.29 21.39 -95.84
N LYS RA 43 1.57 21.07 -95.65
CA LYS RA 43 2.05 19.70 -95.72
C LYS RA 43 2.89 19.37 -94.50
N VAL RA 44 2.75 18.16 -94.00
CA VAL RA 44 3.57 17.61 -92.92
C VAL RA 44 4.48 16.55 -93.52
N GLU RA 45 5.76 16.64 -93.23
CA GLU RA 45 6.79 15.85 -93.91
C GLU RA 45 7.32 14.76 -93.00
N HIS RA 46 7.47 13.56 -93.56
CA HIS RA 46 8.05 12.41 -92.87
C HIS RA 46 9.37 12.05 -93.53
N LYS RA 47 10.38 11.76 -92.70
CA LYS RA 47 11.72 11.47 -93.17
C LYS RA 47 12.19 10.13 -92.63
N GLU RA 48 13.13 9.51 -93.36
CA GLU RA 48 13.74 8.25 -92.97
C GLU RA 48 15.24 8.45 -92.90
N SER RA 49 15.89 7.77 -91.95
CA SER RA 49 17.28 8.07 -91.59
C SER RA 49 18.25 6.95 -91.94
N TYR RA 50 17.80 5.89 -92.61
CA TYR RA 50 18.70 4.75 -92.83
C TYR RA 50 19.88 5.10 -93.71
N SER RA 51 19.72 6.09 -94.60
CA SER RA 51 20.77 6.42 -95.55
C SER RA 51 21.85 7.33 -94.96
N GLY RA 52 21.59 7.99 -93.84
CA GLY RA 52 22.53 8.95 -93.31
C GLY RA 52 22.54 10.28 -94.03
N GLN RA 53 21.66 10.47 -95.01
CA GLN RA 53 21.60 11.69 -95.80
C GLN RA 53 20.58 12.69 -95.25
N LYS RA 54 19.86 12.33 -94.19
CA LYS RA 54 18.90 13.21 -93.54
C LYS RA 54 18.08 14.01 -94.55
N ALA RA 55 17.34 13.30 -95.41
CA ALA RA 55 16.59 13.95 -96.48
C ALA RA 55 15.13 13.54 -96.40
N LEU RA 56 14.29 14.33 -97.07
CA LEU RA 56 12.86 14.08 -97.08
C LEU RA 56 12.54 12.76 -97.78
N VAL RA 57 11.57 12.02 -97.24
CA VAL RA 57 11.16 10.75 -97.82
C VAL RA 57 9.67 10.66 -98.08
N ARG RA 58 8.82 11.43 -97.40
CA ARG RA 58 7.39 11.39 -97.67
C ARG RA 58 6.76 12.69 -97.17
N SER RA 59 5.63 13.04 -97.77
CA SER RA 59 4.91 14.25 -97.39
C SER RA 59 3.44 14.06 -97.73
N PHE RA 60 2.56 14.39 -96.78
CA PHE RA 60 1.13 14.27 -96.97
C PHE RA 60 0.47 15.63 -96.68
N PRO RA 61 -0.36 16.14 -97.57
CA PRO RA 61 -0.96 17.46 -97.33
C PRO RA 61 -1.93 17.43 -96.15
N ILE RA 62 -2.03 18.56 -95.47
CA ILE RA 62 -2.94 18.74 -94.34
C ILE RA 62 -3.90 19.90 -94.59
N GLY RA 63 -3.37 21.06 -94.98
CA GLY RA 63 -4.20 22.22 -95.24
C GLY RA 63 -4.62 22.33 -96.69
N LYS RA 64 -5.79 22.93 -96.91
CA LYS RA 64 -6.32 23.12 -98.25
C LYS RA 64 -7.17 24.36 -98.26
N THR RA 65 -6.74 25.38 -99.01
CA THR RA 65 -7.46 26.64 -99.08
C THR RA 65 -7.28 27.23 -100.47
N ALA RA 66 -8.16 28.17 -100.80
CA ALA RA 66 -8.11 28.88 -102.07
C ALA RA 66 -8.62 30.29 -101.87
N THR RA 67 -8.01 31.25 -102.58
CA THR RA 67 -8.42 32.64 -102.52
C THR RA 67 -8.56 33.18 -103.94
N VAL RA 68 -9.49 34.11 -104.11
CA VAL RA 68 -9.76 34.74 -105.40
C VAL RA 68 -9.68 36.24 -105.23
N ASN RA 69 -8.96 36.90 -106.14
CA ASN RA 69 -8.86 38.35 -106.17
C ASN RA 69 -9.49 38.86 -107.46
N ILE RA 70 -10.28 39.92 -107.35
CA ILE RA 70 -11.01 40.48 -108.49
C ILE RA 70 -10.84 41.99 -108.47
N THR RA 71 -10.54 42.55 -109.64
CA THR RA 71 -10.39 44.00 -109.81
C THR RA 71 -11.49 44.49 -110.73
N LEU RA 72 -12.48 45.19 -110.17
CA LEU RA 72 -13.60 45.72 -110.93
C LEU RA 72 -13.53 47.24 -110.97
N HIS RA 73 -13.90 47.82 -112.10
CA HIS RA 73 -13.86 49.26 -112.30
C HIS RA 73 -15.25 49.89 -112.28
N SER RA 74 -16.26 49.15 -111.82
CA SER RA 74 -17.63 49.63 -111.81
C SER RA 74 -18.00 50.12 -110.42
N ILE RA 75 -18.55 51.33 -110.35
CA ILE RA 75 -18.99 51.93 -109.10
C ILE RA 75 -20.52 51.93 -109.01
N GLY RA 76 -21.17 51.01 -109.72
CA GLY RA 76 -22.60 50.90 -109.69
C GLY RA 76 -23.10 50.59 -108.29
N PRO RA 77 -24.30 51.06 -107.96
CA PRO RA 77 -24.81 50.85 -106.59
C PRO RA 77 -24.90 49.37 -106.19
N ASP RA 78 -25.24 48.48 -107.12
CA ASP RA 78 -25.28 47.06 -106.79
C ASP RA 78 -23.90 46.55 -106.42
N ASN RA 79 -22.89 46.89 -107.23
CA ASN RA 79 -21.52 46.49 -106.89
C ASN RA 79 -21.05 47.15 -105.62
N LEU RA 80 -21.45 48.40 -105.37
CA LEU RA 80 -21.11 49.06 -104.12
C LEU RA 80 -21.68 48.31 -102.93
N ALA RA 81 -22.94 47.88 -103.04
CA ALA RA 81 -23.54 47.09 -101.97
C ALA RA 81 -22.80 45.78 -101.78
N LEU RA 82 -22.41 45.14 -102.88
CA LEU RA 82 -21.67 43.88 -102.78
C LEU RA 82 -20.33 44.06 -102.08
N THR RA 83 -19.63 45.15 -102.39
CA THR RA 83 -18.26 45.33 -101.91
C THR RA 83 -18.17 46.10 -100.60
N LEU RA 84 -19.09 47.02 -100.34
CA LEU RA 84 -19.06 47.85 -99.14
C LEU RA 84 -19.87 47.26 -98.00
N TYR RA 85 -20.39 46.05 -98.14
CA TYR RA 85 -21.25 45.44 -97.14
C TYR RA 85 -22.48 46.32 -96.89
N GLY RA 86 -22.98 46.95 -97.95
CA GLY RA 86 -24.09 47.87 -97.86
C GLY RA 86 -25.34 47.33 -98.54
N LYS RA 87 -26.43 48.06 -98.34
CA LYS RA 87 -27.72 47.74 -98.94
C LYS RA 87 -28.22 48.97 -99.67
N VAL RA 88 -28.61 48.79 -100.95
CA VAL RA 88 -29.03 49.93 -101.76
C VAL RA 88 -30.29 50.54 -101.19
N VAL RA 89 -30.36 51.87 -101.22
CA VAL RA 89 -31.54 52.61 -100.78
C VAL RA 89 -31.98 53.51 -101.93
N ALA RA 90 -33.25 53.41 -102.30
CA ALA RA 90 -33.81 54.20 -103.39
C ALA RA 90 -34.71 55.28 -102.80
N LYS RA 91 -34.41 56.54 -103.14
CA LYS RA 91 -35.21 57.69 -102.71
C LYS RA 91 -35.89 58.27 -103.94
N ALA RA 92 -37.21 58.38 -103.87
CA ALA RA 92 -37.98 58.90 -105.00
C ALA RA 92 -37.94 60.42 -105.04
N ALA RA 93 -38.08 60.96 -106.23
CA ALA RA 93 -38.09 62.42 -106.39
C ALA RA 93 -39.29 63.02 -105.68
N GLY RA 94 -39.08 64.20 -105.10
CA GLY RA 94 -40.13 64.84 -104.35
C GLY RA 94 -39.90 66.33 -104.24
N SER RA 95 -40.67 66.96 -103.36
CA SER RA 95 -40.66 68.40 -103.18
C SER RA 95 -40.57 68.74 -101.71
N VAL RA 96 -40.09 69.95 -101.44
CA VAL RA 96 -40.02 70.50 -100.09
C VAL RA 96 -40.73 71.84 -100.09
N THR RA 97 -41.47 72.13 -99.02
CA THR RA 97 -42.30 73.32 -98.95
C THR RA 97 -41.92 74.26 -97.81
N GLY RA 98 -41.54 73.74 -96.65
CA GLY RA 98 -41.32 74.59 -95.49
C GLY RA 98 -40.00 74.37 -94.79
N GLU RA 99 -38.95 74.03 -95.54
CA GLU RA 99 -37.63 73.89 -94.95
C GLU RA 99 -37.16 75.23 -94.41
N VAL RA 100 -36.65 75.23 -93.18
CA VAL RA 100 -36.17 76.44 -92.51
C VAL RA 100 -34.67 76.52 -92.67
N LEU RA 101 -34.19 77.66 -93.15
CA LEU RA 101 -32.77 77.88 -93.36
C LEU RA 101 -32.13 78.44 -92.11
N PRO RA 102 -30.80 78.36 -92.00
CA PRO RA 102 -30.13 78.90 -90.81
C PRO RA 102 -30.36 80.39 -90.66
N ALA RA 103 -30.36 80.85 -89.41
CA ALA RA 103 -30.56 82.27 -89.11
C ALA RA 103 -29.25 83.02 -89.26
N ASP RA 104 -29.23 84.28 -88.82
CA ASP RA 104 -28.06 85.14 -88.87
C ASP RA 104 -27.28 85.01 -90.17
N LEU RA 105 -27.98 84.94 -91.29
CA LEU RA 105 -27.32 84.86 -92.58
C LEU RA 105 -26.85 86.23 -93.03
N VAL RA 106 -25.75 86.24 -93.77
CA VAL RA 106 -25.18 87.46 -94.36
C VAL RA 106 -24.57 87.10 -95.70
N ALA RA 107 -24.32 88.13 -96.51
CA ALA RA 107 -23.74 87.91 -97.83
C ALA RA 107 -22.41 87.18 -97.71
N GLY RA 108 -22.22 86.18 -98.57
CA GLY RA 108 -21.04 85.36 -98.57
C GLY RA 108 -21.22 84.00 -97.90
N ASP RA 109 -22.28 83.85 -97.11
CA ASP RA 109 -22.56 82.56 -96.49
C ASP RA 109 -23.06 81.56 -97.52
N VAL RA 110 -22.73 80.29 -97.29
CA VAL RA 110 -23.13 79.19 -98.16
C VAL RA 110 -24.07 78.28 -97.37
N ILE RA 111 -25.27 78.09 -97.86
CA ILE RA 111 -26.28 77.26 -97.21
C ILE RA 111 -26.41 75.96 -97.98
N ARG RA 112 -26.71 74.88 -97.26
CA ARG RA 112 -26.79 73.54 -97.83
C ARG RA 112 -28.16 72.94 -97.55
N LEU RA 113 -28.72 72.29 -98.56
CA LEU RA 113 -30.04 71.69 -98.48
C LEU RA 113 -29.92 70.19 -98.28
N ALA RA 114 -30.91 69.62 -97.59
CA ALA RA 114 -30.87 68.21 -97.23
C ALA RA 114 -30.99 67.27 -98.42
N ASN RA 115 -31.33 67.79 -99.61
CA ASN RA 115 -31.51 66.98 -100.80
C ASN RA 115 -30.69 67.56 -101.94
N PHE RA 116 -30.36 66.70 -102.90
CA PHE RA 116 -29.54 67.08 -104.04
C PHE RA 116 -30.40 67.27 -105.28
N GLY RA 117 -29.77 67.80 -106.33
CA GLY RA 117 -30.47 68.05 -107.58
C GLY RA 117 -31.60 69.04 -107.41
N VAL RA 118 -31.35 70.13 -106.71
CA VAL RA 118 -32.40 71.12 -106.42
C VAL RA 118 -32.74 71.88 -107.69
N SER RA 119 -34.02 72.18 -107.86
CA SER RA 119 -34.50 72.95 -109.00
C SER RA 119 -35.72 73.75 -108.58
N GLU RA 120 -36.00 74.81 -109.34
CA GLU RA 120 -37.14 75.68 -109.06
C GLU RA 120 -37.11 76.20 -107.64
N LEU RA 121 -35.91 76.56 -107.18
CA LEU RA 121 -35.74 77.00 -105.80
C LEU RA 121 -36.54 78.28 -105.56
N VAL RA 122 -37.28 78.31 -104.45
CA VAL RA 122 -38.05 79.48 -104.04
C VAL RA 122 -37.82 79.70 -102.56
N ILE RA 123 -37.44 80.93 -102.19
CA ILE RA 123 -37.22 81.31 -100.81
C ILE RA 123 -38.22 82.42 -100.48
N THR RA 124 -39.14 82.13 -99.56
CA THR RA 124 -40.16 83.08 -99.16
C THR RA 124 -39.73 83.82 -97.90
N ASP RA 125 -39.90 85.13 -97.91
CA ASP RA 125 -39.58 85.93 -96.73
C ASP RA 125 -40.58 85.64 -95.62
N SER RA 126 -40.09 85.65 -94.39
CA SER RA 126 -40.91 85.42 -93.21
C SER RA 126 -41.55 86.75 -92.79
N ALA RA 127 -42.86 86.85 -92.98
CA ALA RA 127 -43.59 88.06 -92.64
C ALA RA 127 -45.07 87.77 -92.79
N SER RA 128 -45.90 88.69 -92.28
CA SER RA 128 -47.34 88.55 -92.42
C SER RA 128 -47.75 88.50 -93.89
N SER RA 129 -47.06 89.26 -94.74
CA SER RA 129 -47.29 89.23 -96.18
C SER RA 129 -46.12 88.53 -96.86
N PRO RA 130 -46.30 87.30 -97.36
CA PRO RA 130 -45.17 86.62 -98.01
C PRO RA 130 -44.65 87.44 -99.19
N ALA RA 131 -43.32 87.41 -99.35
CA ALA RA 131 -42.65 88.16 -100.40
C ALA RA 131 -41.43 87.38 -100.86
N PRO RA 132 -41.57 86.54 -101.89
CA PRO RA 132 -40.41 85.79 -102.39
C PRO RA 132 -39.27 86.72 -102.76
N LEU RA 133 -38.06 86.30 -102.40
CA LEU RA 133 -36.88 87.11 -102.67
C LEU RA 133 -36.52 87.09 -104.15
N ASP RA 134 -35.84 88.13 -104.59
CA ASP RA 134 -35.43 88.22 -105.98
C ASP RA 134 -34.44 87.11 -106.30
N PRO RA 135 -34.58 86.42 -107.44
CA PRO RA 135 -33.59 85.40 -107.80
C PRO RA 135 -32.18 85.96 -107.93
N GLN RA 136 -32.05 87.22 -108.34
CA GLN RA 136 -30.73 87.81 -108.52
C GLN RA 136 -29.94 87.89 -107.23
N TYR RA 137 -30.60 87.79 -106.07
CA TYR RA 137 -29.93 87.92 -104.78
C TYR RA 137 -29.33 86.61 -104.28
N TYR RA 138 -29.45 85.52 -105.03
CA TYR RA 138 -28.82 84.27 -104.65
C TYR RA 138 -28.40 83.52 -105.90
N ALA RA 139 -27.45 82.62 -105.73
CA ALA RA 139 -26.92 81.81 -106.82
C ALA RA 139 -26.82 80.36 -106.38
N LEU RA 140 -26.86 79.47 -107.36
CA LEU RA 140 -26.74 78.02 -107.13
C LEU RA 140 -25.37 77.57 -107.63
N ARG RA 141 -24.58 76.99 -106.73
CA ARG RA 141 -23.27 76.49 -107.08
C ARG RA 141 -23.37 75.08 -107.63
N ALA RA 142 -22.52 74.78 -108.62
CA ALA RA 142 -22.51 73.47 -109.27
C ALA RA 142 -23.88 73.13 -109.86
N ASP RA 143 -24.59 74.15 -110.32
CA ASP RA 143 -25.92 73.96 -110.91
C ASP RA 143 -26.86 73.25 -109.94
N GLY RA 144 -26.75 73.59 -108.66
CA GLY RA 144 -27.62 73.03 -107.66
C GLY RA 144 -27.53 71.52 -107.52
N ALA RA 145 -26.45 70.92 -107.99
CA ALA RA 145 -26.25 69.49 -107.81
C ALA RA 145 -25.83 69.12 -106.40
N TYR RA 146 -25.10 69.99 -105.71
CA TYR RA 146 -24.64 69.76 -104.35
C TYR RA 146 -25.56 70.36 -103.31
N GLY RA 147 -26.71 70.90 -103.73
CA GLY RA 147 -27.61 71.54 -102.79
C GLY RA 147 -27.00 72.74 -102.10
N GLU RA 148 -26.13 73.46 -102.78
CA GLU RA 148 -25.46 74.63 -102.22
C GLU RA 148 -25.99 75.89 -102.89
N VAL RA 149 -26.34 76.88 -102.07
CA VAL RA 149 -26.82 78.17 -102.54
C VAL RA 149 -25.98 79.26 -101.88
N GLN RA 150 -25.54 80.23 -102.69
CA GLN RA 150 -24.69 81.31 -102.22
C GLN RA 150 -25.45 82.63 -102.27
N LEU RA 151 -25.26 83.45 -101.24
CA LEU RA 151 -25.93 84.75 -101.17
C LEU RA 151 -25.11 85.79 -101.92
N LEU RA 152 -25.75 86.45 -102.89
CA LEU RA 152 -25.09 87.50 -103.67
C LEU RA 152 -25.30 88.88 -103.07
N GLY RA 153 -26.38 89.09 -102.34
CA GLY RA 153 -26.62 90.38 -101.71
C GLY RA 153 -27.99 90.38 -101.06
N LEU RA 154 -28.21 91.41 -100.25
CA LEU RA 154 -29.47 91.60 -99.55
C LEU RA 154 -29.98 93.02 -99.78
N PRO RA 155 -31.30 93.21 -99.80
CA PRO RA 155 -31.83 94.58 -99.95
C PRO RA 155 -31.45 95.46 -98.76
N THR RA 156 -31.33 96.76 -99.02
CA THR RA 156 -31.06 97.71 -97.95
C THR RA 156 -32.03 97.59 -96.79
N PRO RA 157 -33.35 97.54 -97.01
CA PRO RA 157 -34.27 97.23 -95.90
C PRO RA 157 -34.26 95.73 -95.58
N ALA RA 158 -33.26 95.33 -94.77
CA ALA RA 158 -33.00 93.94 -94.45
C ALA RA 158 -34.29 93.20 -94.12
N PRO RA 159 -34.67 92.17 -94.89
CA PRO RA 159 -35.89 91.42 -94.59
C PRO RA 159 -35.67 90.49 -93.40
N THR RA 160 -36.75 89.83 -93.00
CA THR RA 160 -36.70 88.92 -91.87
C THR RA 160 -35.63 87.86 -92.10
N GLN RA 161 -34.78 87.66 -91.10
CA GLN RA 161 -33.63 86.77 -91.28
C GLN RA 161 -34.04 85.32 -91.52
N PRO RA 162 -34.89 84.70 -90.71
CA PRO RA 162 -35.29 83.32 -91.00
C PRO RA 162 -35.99 83.22 -92.35
N PHE RA 163 -35.74 82.13 -93.05
CA PHE RA 163 -36.24 81.94 -94.41
C PHE RA 163 -36.91 80.58 -94.53
N LYS RA 164 -37.82 80.49 -95.50
CA LYS RA 164 -38.52 79.24 -95.83
C LYS RA 164 -38.22 78.91 -97.28
N ALA RA 165 -37.55 77.79 -97.51
CA ALA RA 165 -37.12 77.39 -98.84
C ALA RA 165 -37.96 76.21 -99.34
N ALA RA 166 -38.44 76.32 -100.58
CA ALA RA 166 -39.18 75.26 -101.24
C ALA RA 166 -38.58 75.02 -102.61
N TYR RA 167 -38.47 73.74 -102.98
CA TYR RA 167 -37.82 73.36 -104.22
C TYR RA 167 -38.22 71.93 -104.55
N GLU RA 168 -37.58 71.37 -105.59
CA GLU RA 168 -37.80 69.99 -106.02
C GLU RA 168 -36.46 69.25 -106.00
N TYR RA 169 -36.48 68.02 -105.52
CA TYR RA 169 -35.29 67.17 -105.46
C TYR RA 169 -35.52 65.90 -106.25
N ALA RA 170 -34.51 65.49 -106.99
CA ALA RA 170 -34.60 64.32 -107.86
C ALA RA 170 -34.34 63.04 -107.07
N ALA RA 171 -34.68 61.92 -107.70
CA ALA RA 171 -34.46 60.62 -107.09
C ALA RA 171 -32.97 60.28 -107.05
N THR RA 172 -32.59 59.48 -106.06
CA THR RA 172 -31.19 59.12 -105.88
C THR RA 172 -31.11 57.72 -105.27
N LYS RA 173 -29.94 57.11 -105.41
CA LYS RA 173 -29.67 55.78 -104.88
C LYS RA 173 -28.54 55.87 -103.87
N GLN RA 174 -28.75 55.29 -102.69
CA GLN RA 174 -27.78 55.36 -101.61
C GLN RA 174 -27.30 53.96 -101.26
N VAL RA 175 -26.06 53.89 -100.76
CA VAL RA 175 -25.45 52.64 -100.32
C VAL RA 175 -24.86 52.87 -98.94
N GLY RA 176 -25.19 51.98 -98.00
CA GLY RA 176 -24.61 52.04 -96.67
C GLY RA 176 -23.24 51.41 -96.63
N MET RA 177 -22.58 51.56 -95.48
CA MET RA 177 -21.25 51.01 -95.25
C MET RA 177 -21.31 50.10 -94.04
N PHE RA 178 -20.92 48.84 -94.22
CA PHE RA 178 -20.97 47.84 -93.16
C PHE RA 178 -22.38 47.71 -92.59
N THR RA 179 -23.39 47.95 -93.42
CA THR RA 179 -24.78 47.83 -93.02
C THR RA 179 -25.38 46.48 -93.39
N ALA RA 180 -24.61 45.60 -94.03
CA ALA RA 180 -25.09 44.29 -94.45
C ALA RA 180 -24.11 43.21 -93.98
N PRO RA 181 -24.60 41.99 -93.78
CA PRO RA 181 -23.71 40.91 -93.35
C PRO RA 181 -22.79 40.46 -94.48
N GLN RA 182 -21.80 39.67 -94.10
CA GLN RA 182 -20.80 39.18 -95.06
C GLN RA 182 -21.50 38.48 -96.22
N PRO RA 183 -21.51 39.08 -97.41
CA PRO RA 183 -22.16 38.41 -98.55
C PRO RA 183 -21.42 37.14 -98.93
N THR RA 184 -22.19 36.16 -99.40
CA THR RA 184 -21.66 34.90 -99.91
C THR RA 184 -22.20 34.73 -101.33
N VAL RA 185 -21.29 34.78 -102.31
CA VAL RA 185 -21.66 34.87 -103.71
C VAL RA 185 -21.03 33.70 -104.47
N ALA RA 186 -21.80 33.10 -105.37
CA ALA RA 186 -21.30 32.10 -106.29
C ALA RA 186 -20.93 32.76 -107.61
N LEU RA 187 -19.71 32.53 -108.08
CA LEU RA 187 -19.17 33.22 -109.23
C LEU RA 187 -19.14 32.30 -110.45
N ARG RA 188 -19.51 32.84 -111.59
CA ARG RA 188 -19.47 32.12 -112.87
C ARG RA 188 -18.68 32.96 -113.87
N TYR RA 189 -17.45 32.56 -114.14
CA TYR RA 189 -16.61 33.25 -115.11
C TYR RA 189 -16.80 32.61 -116.48
N LYS RA 190 -17.17 33.44 -117.45
CA LYS RA 190 -17.38 33.01 -118.84
C LYS RA 190 -16.41 33.82 -119.71
N GLY RA 191 -15.27 33.22 -120.02
CA GLY RA 191 -14.24 33.90 -120.79
C GLY RA 191 -13.98 33.20 -122.10
N ILE RA 192 -13.32 33.94 -123.00
CA ILE RA 192 -12.96 33.45 -124.33
C ILE RA 192 -11.45 33.39 -124.43
N ASN RA 193 -10.94 32.23 -124.85
CA ASN RA 193 -9.50 32.01 -125.01
C ASN RA 193 -9.11 32.39 -126.43
N LEU RA 194 -8.49 33.56 -126.59
CA LEU RA 194 -8.11 34.02 -127.92
C LEU RA 194 -7.00 33.17 -128.53
N ALA RA 195 -6.17 32.53 -127.71
CA ALA RA 195 -5.04 31.77 -128.22
C ALA RA 195 -5.48 30.57 -129.06
N GLU RA 196 -6.74 30.15 -128.95
CA GLU RA 196 -7.28 29.02 -129.70
C GLU RA 196 -8.43 29.47 -130.58
N GLY RA 197 -8.26 30.62 -131.24
CA GLY RA 197 -9.31 31.13 -132.08
C GLY RA 197 -10.54 31.58 -131.33
N GLY RA 198 -10.43 31.78 -130.01
CA GLY RA 198 -11.57 32.19 -129.21
C GLY RA 198 -12.36 31.01 -128.69
N ALA RA 199 -11.67 29.99 -128.17
CA ALA RA 199 -12.36 28.81 -127.67
C ALA RA 199 -13.10 29.15 -126.38
N PRO RA 200 -14.20 28.44 -126.10
CA PRO RA 200 -14.98 28.74 -124.89
C PRO RA 200 -14.39 28.07 -123.65
N VAL RA 201 -14.35 28.83 -122.57
CA VAL RA 201 -13.88 28.35 -121.28
C VAL RA 201 -14.82 28.86 -120.20
N ILE RA 202 -15.15 27.99 -119.24
CA ILE RA 202 -16.06 28.34 -118.15
C ILE RA 202 -15.41 27.90 -116.84
N VAL RA 203 -15.50 28.77 -115.83
CA VAL RA 203 -15.00 28.48 -114.49
C VAL RA 203 -16.16 28.68 -113.51
N GLU RA 204 -16.38 27.70 -112.65
CA GLU RA 204 -17.48 27.71 -111.70
C GLU RA 204 -16.92 27.77 -110.29
N LEU RA 205 -17.49 28.64 -109.45
CA LEU RA 205 -17.12 28.75 -108.04
C LEU RA 205 -18.40 28.72 -107.21
N TYR RA 206 -18.60 27.65 -106.45
CA TYR RA 206 -19.88 27.44 -105.78
C TYR RA 206 -20.10 28.43 -104.65
N LYS RA 207 -19.10 28.60 -103.77
CA LYS RA 207 -19.25 29.43 -102.58
C LYS RA 207 -18.00 30.26 -102.41
N VAL RA 208 -18.16 31.57 -102.33
CA VAL RA 208 -17.06 32.51 -102.16
C VAL RA 208 -17.45 33.54 -101.12
N ALA RA 209 -16.59 33.75 -100.13
CA ALA RA 209 -16.77 34.78 -99.12
C ALA RA 209 -15.82 35.93 -99.44
N THR RA 210 -16.38 37.11 -99.63
CA THR RA 210 -15.61 38.26 -100.09
C THR RA 210 -15.04 39.05 -98.91
N ASP RA 211 -14.06 39.88 -99.22
CA ASP RA 211 -13.46 40.81 -98.28
C ASP RA 211 -13.65 42.23 -98.78
N PRO RA 212 -14.10 43.18 -97.93
CA PRO RA 212 -14.33 44.55 -98.41
C PRO RA 212 -13.16 45.11 -99.19
N LEU RA 213 -13.42 46.17 -99.97
CA LEU RA 213 -12.38 46.76 -100.78
C LEU RA 213 -11.23 47.23 -99.91
N GLN RA 214 -10.01 47.13 -100.44
CA GLN RA 214 -8.84 47.57 -99.70
C GLN RA 214 -8.66 49.08 -99.80
N GLU RA 215 -8.77 49.64 -101.00
CA GLU RA 215 -8.57 51.06 -101.22
C GLU RA 215 -9.57 51.57 -102.23
N LEU RA 216 -9.86 52.88 -102.13
CA LEU RA 216 -10.77 53.53 -103.08
C LEU RA 216 -10.35 55.00 -103.16
N ALA RA 217 -9.62 55.35 -104.21
CA ALA RA 217 -9.11 56.71 -104.40
C ALA RA 217 -10.19 57.54 -105.09
N LEU RA 218 -10.84 58.41 -104.31
CA LEU RA 218 -11.92 59.23 -104.87
C LEU RA 218 -11.37 60.28 -105.84
N ILE RA 219 -10.22 60.86 -105.52
CA ILE RA 219 -9.55 61.82 -106.39
C ILE RA 219 -8.37 61.11 -107.03
N SER RA 220 -8.44 60.92 -108.35
CA SER RA 220 -7.44 60.15 -109.08
C SER RA 220 -6.53 61.07 -109.88
N ASP RA 221 -5.28 60.66 -110.02
CA ASP RA 221 -4.27 61.39 -110.78
C ASP RA 221 -3.70 60.47 -111.86
N GLY RA 222 -3.55 61.02 -113.06
CA GLY RA 222 -3.02 60.25 -114.18
C GLY RA 222 -4.07 59.93 -115.21
N ASN RA 223 -3.86 58.85 -115.97
CA ASN RA 223 -4.79 58.40 -117.00
C ASN RA 223 -5.33 57.01 -116.72
N THR RA 224 -5.29 56.57 -115.47
CA THR RA 224 -5.74 55.24 -115.08
C THR RA 224 -7.09 55.34 -114.39
N VAL RA 225 -8.05 54.54 -114.87
CA VAL RA 225 -9.38 54.56 -114.28
C VAL RA 225 -9.33 54.00 -112.86
N ALA RA 226 -10.19 54.53 -111.99
CA ALA RA 226 -10.24 54.07 -110.62
C ALA RA 226 -10.55 52.58 -110.58
N GLY RA 227 -9.79 51.85 -109.77
CA GLY RA 227 -9.93 50.40 -109.66
C GLY RA 227 -10.37 49.99 -108.28
N MET RA 228 -11.24 48.98 -108.22
CA MET RA 228 -11.72 48.40 -106.97
C MET RA 228 -11.21 46.96 -106.91
N GLN RA 229 -10.39 46.67 -105.90
CA GLN RA 229 -9.84 45.33 -105.71
C GLN RA 229 -10.55 44.66 -104.55
N ILE RA 230 -11.02 43.43 -104.76
CA ILE RA 230 -11.73 42.67 -103.74
C ILE RA 230 -11.08 41.30 -103.64
N SER RA 231 -10.82 40.86 -102.41
CA SER RA 231 -10.25 39.55 -102.13
C SER RA 231 -11.29 38.69 -101.43
N GLY RA 232 -11.28 37.40 -101.75
CA GLY RA 232 -12.24 36.47 -101.17
C GLY RA 232 -11.68 35.07 -101.11
N GLY RA 233 -12.16 34.30 -100.14
CA GLY RA 233 -11.76 32.93 -99.95
C GLY RA 233 -12.88 31.98 -100.36
N ILE RA 234 -12.53 30.99 -101.16
CA ILE RA 234 -13.49 30.01 -101.67
C ILE RA 234 -13.73 28.99 -100.57
N LEU RA 235 -14.92 29.03 -99.97
CA LEU RA 235 -15.27 28.12 -98.89
C LEU RA 235 -15.64 26.75 -99.45
N LEU RA 236 -15.76 25.77 -98.55
CA LEU RA 236 -16.11 24.41 -98.92
C LEU RA 236 -17.62 24.24 -98.88
N ASP RA 237 -18.22 23.97 -100.03
CA ASP RA 237 -19.66 23.72 -100.11
C ASP RA 237 -19.96 22.32 -99.60
N THR RA 238 -20.90 22.22 -98.67
CA THR RA 238 -21.24 20.96 -98.04
C THR RA 238 -22.47 20.29 -98.66
N SER RA 239 -23.03 20.87 -99.72
CA SER RA 239 -24.23 20.31 -100.34
C SER RA 239 -23.91 19.42 -101.53
N LYS RA 240 -22.78 19.63 -102.20
CA LYS RA 240 -22.43 18.81 -103.35
C LYS RA 240 -21.99 17.42 -102.88
N PRO RA 241 -22.17 16.40 -103.73
CA PRO RA 241 -21.73 15.06 -103.35
C PRO RA 241 -20.24 15.01 -103.06
N ASP RA 242 -19.86 14.25 -102.03
CA ASP RA 242 -18.45 14.12 -101.69
C ASP RA 242 -17.70 13.34 -102.77
N THR RA 243 -18.27 12.22 -103.22
CA THR RA 243 -17.65 11.44 -104.28
C THR RA 243 -17.92 12.02 -105.66
N GLY RA 244 -18.75 13.05 -105.75
CA GLY RA 244 -19.00 13.66 -107.04
C GLY RA 244 -17.73 14.18 -107.67
N ASP RA 245 -17.57 13.92 -108.98
CA ASP RA 245 -16.36 14.32 -109.68
C ASP RA 245 -16.21 15.84 -109.78
N LEU RA 246 -17.29 16.59 -109.59
CA LEU RA 246 -17.25 18.03 -109.77
C LEU RA 246 -16.56 18.75 -108.61
N GLY RA 247 -16.25 18.06 -107.52
CA GLY RA 247 -15.57 18.72 -106.42
C GLY RA 247 -16.54 19.55 -105.57
N ARG RA 248 -15.95 20.37 -104.71
CA ARG RA 248 -16.73 21.20 -103.80
C ARG RA 248 -16.28 22.65 -103.72
N PHE RA 249 -15.16 23.02 -104.32
CA PHE RA 249 -14.68 24.40 -104.31
C PHE RA 249 -15.02 25.15 -105.58
N GLY RA 250 -14.61 24.63 -106.73
CA GLY RA 250 -14.91 25.23 -108.02
C GLY RA 250 -14.85 24.21 -109.11
N ARG RA 251 -14.71 24.67 -110.34
CA ARG RA 251 -14.63 23.77 -111.49
C ARG RA 251 -14.20 24.57 -112.71
N ILE RA 252 -13.70 23.85 -113.71
CA ILE RA 252 -13.34 24.41 -115.00
C ILE RA 252 -13.96 23.53 -116.08
N ILE RA 253 -14.61 24.16 -117.05
CA ILE RA 253 -15.23 23.46 -118.18
C ILE RA 253 -14.59 23.95 -119.46
N GLN RA 254 -14.13 23.00 -120.29
CA GLN RA 254 -13.54 23.31 -121.58
C GLN RA 254 -14.20 22.42 -122.63
N LEU RA 255 -14.66 23.02 -123.72
CA LEU RA 255 -15.30 22.26 -124.78
C LEU RA 255 -14.26 21.71 -125.74
N GLY RA 256 -14.29 20.40 -125.94
CA GLY RA 256 -13.34 19.74 -126.82
C GLY RA 256 -13.53 18.24 -126.87
N THR SA 5 -20.73 54.15 -115.52
CA THR SA 5 -20.34 53.09 -114.58
C THR SA 5 -18.82 53.05 -114.40
N TYR SA 6 -18.15 54.14 -114.76
CA TYR SA 6 -16.72 54.29 -114.56
C TYR SA 6 -16.47 55.56 -113.77
N PHE SA 7 -15.38 55.57 -113.01
CA PHE SA 7 -15.12 56.62 -112.04
C PHE SA 7 -13.75 57.24 -112.27
N TYR SA 8 -13.72 58.56 -112.39
CA TYR SA 8 -12.49 59.34 -112.36
C TYR SA 8 -12.85 60.67 -111.71
N GLY SA 9 -12.64 60.76 -110.40
CA GLY SA 9 -13.25 61.81 -109.59
C GLY SA 9 -12.35 63.02 -109.39
N GLN SA 10 -12.95 64.20 -109.53
CA GLN SA 10 -12.35 65.46 -109.12
C GLN SA 10 -13.44 66.26 -108.40
N GLY SA 11 -13.01 67.15 -107.51
CA GLY SA 11 -13.98 67.98 -106.80
C GLY SA 11 -13.37 68.62 -105.57
N GLU SA 12 -14.24 68.97 -104.63
CA GLU SA 12 -13.86 69.68 -103.42
C GLU SA 12 -14.28 68.88 -102.20
N ILE SA 13 -13.82 69.34 -101.04
CA ILE SA 13 -14.07 68.68 -99.76
C ILE SA 13 -14.45 69.73 -98.73
N ASP SA 14 -15.46 69.42 -97.92
CA ASP SA 14 -15.92 70.29 -96.86
C ASP SA 14 -15.80 69.58 -95.52
N ALA SA 15 -15.36 70.31 -94.50
CA ALA SA 15 -15.16 69.76 -93.16
C ALA SA 15 -15.86 70.64 -92.14
N ALA SA 16 -16.49 69.99 -91.15
CA ALA SA 16 -17.17 70.70 -90.08
C ALA SA 16 -16.70 70.13 -88.75
N PRO SA 17 -16.08 70.92 -87.87
CA PRO SA 17 -15.62 70.38 -86.59
C PRO SA 17 -16.80 69.94 -85.73
N ILE SA 18 -16.55 68.92 -84.90
CA ILE SA 18 -17.51 68.41 -83.95
C ILE SA 18 -16.99 68.75 -82.55
N VAL SA 19 -17.73 69.56 -81.81
CA VAL SA 19 -17.32 70.02 -80.49
C VAL SA 19 -18.41 69.60 -79.52
N ASN SA 20 -18.20 68.47 -78.85
CA ASN SA 20 -19.15 67.89 -77.90
C ASN SA 20 -20.39 67.34 -78.60
N GLY SA 21 -20.30 67.03 -79.90
CA GLY SA 21 -21.36 66.41 -80.63
C GLY SA 21 -22.25 67.35 -81.41
N VAL SA 22 -22.17 68.66 -81.15
CA VAL SA 22 -22.99 69.63 -81.89
C VAL SA 22 -22.28 69.97 -83.19
N LEU SA 23 -23.02 69.88 -84.30
CA LEU SA 23 -22.43 70.15 -85.61
C LEU SA 23 -21.91 71.57 -85.68
N GLY SA 24 -20.70 71.72 -86.23
CA GLY SA 24 -20.10 73.02 -86.41
C GLY SA 24 -20.47 73.64 -87.75
N LYS SA 25 -19.75 74.71 -88.08
CA LYS SA 25 -19.96 75.42 -89.33
C LYS SA 25 -19.04 74.85 -90.40
N TRP SA 26 -19.63 74.36 -91.48
CA TRP SA 26 -18.84 73.75 -92.56
C TRP SA 26 -17.92 74.79 -93.19
N ARG SA 27 -16.72 74.34 -93.58
CA ARG SA 27 -15.78 75.19 -94.28
C ARG SA 27 -15.09 74.36 -95.37
N TRP SA 28 -14.71 75.04 -96.44
CA TRP SA 28 -13.96 74.40 -97.51
C TRP SA 28 -12.53 74.12 -97.05
N ILE SA 29 -12.00 72.97 -97.45
CA ILE SA 29 -10.66 72.57 -97.05
C ILE SA 29 -9.67 72.97 -98.15
N GLN SA 30 -10.09 73.90 -99.02
CA GLN SA 30 -9.21 74.41 -100.07
C GLN SA 30 -8.76 73.27 -100.98
N ASP SA 31 -7.71 73.50 -101.75
CA ASP SA 31 -7.29 72.53 -102.76
C ASP SA 31 -6.85 71.23 -102.10
N VAL SA 32 -7.20 70.11 -102.75
CA VAL SA 32 -6.82 68.77 -102.32
C VAL SA 32 -6.36 67.99 -103.53
N SER SA 33 -5.31 67.18 -103.36
CA SER SA 33 -4.73 66.42 -104.45
C SER SA 33 -5.04 64.94 -104.42
N ALA SA 34 -5.27 64.36 -103.24
CA ALA SA 34 -5.51 62.93 -103.15
C ALA SA 34 -6.38 62.61 -101.95
N MET SA 35 -7.41 61.80 -102.16
CA MET SA 35 -8.26 61.28 -101.09
C MET SA 35 -8.42 59.79 -101.29
N SER SA 36 -8.18 59.02 -100.23
CA SER SA 36 -8.28 57.58 -100.27
C SER SA 36 -9.02 57.09 -99.03
N ILE SA 37 -9.84 56.05 -99.21
CA ILE SA 37 -10.56 55.41 -98.12
C ILE SA 37 -10.18 53.93 -98.12
N GLN SA 38 -9.75 53.43 -96.96
CA GLN SA 38 -9.32 52.05 -96.79
C GLN SA 38 -10.22 51.37 -95.77
N LEU SA 39 -10.65 50.16 -96.08
CA LEU SA 39 -11.48 49.36 -95.18
C LEU SA 39 -10.70 48.12 -94.75
N ALA SA 40 -10.71 47.84 -93.45
CA ALA SA 40 -10.04 46.68 -92.88
C ALA SA 40 -11.04 45.91 -92.03
N VAL SA 41 -11.09 44.59 -92.26
CA VAL SA 41 -12.02 43.71 -91.54
C VAL SA 41 -11.23 42.50 -91.04
N GLU SA 42 -11.40 42.18 -89.77
CA GLU SA 42 -10.79 41.01 -89.15
C GLU SA 42 -11.83 39.91 -89.05
N LYS SA 43 -11.42 38.68 -89.31
CA LYS SA 43 -12.32 37.54 -89.36
C LYS SA 43 -11.78 36.38 -88.54
N VAL SA 44 -12.69 35.61 -87.96
CA VAL SA 44 -12.38 34.38 -87.24
C VAL SA 44 -12.98 33.23 -88.03
N GLU SA 45 -12.16 32.21 -88.29
CA GLU SA 45 -12.51 31.14 -89.20
C GLU SA 45 -12.81 29.85 -88.44
N HIS SA 46 -13.77 29.09 -88.98
CA HIS SA 46 -14.13 27.77 -88.49
C HIS SA 46 -13.80 26.75 -89.57
N LYS SA 47 -13.11 25.68 -89.19
CA LYS SA 47 -12.64 24.67 -90.14
C LYS SA 47 -13.25 23.33 -89.79
N GLU SA 48 -13.92 22.72 -90.76
CA GLU SA 48 -14.37 21.35 -90.59
C GLU SA 48 -13.22 20.39 -90.89
N SER SA 49 -13.42 19.12 -90.55
CA SER SA 49 -12.41 18.10 -90.79
C SER SA 49 -13.02 16.78 -91.27
N TYR SA 50 -14.28 16.80 -91.70
CA TYR SA 50 -14.94 15.56 -92.09
C TYR SA 50 -14.56 15.08 -93.49
N SER SA 51 -13.98 15.95 -94.31
CA SER SA 51 -13.61 15.60 -95.68
C SER SA 51 -12.16 15.16 -95.80
N GLY SA 52 -11.39 15.18 -94.71
CA GLY SA 52 -9.98 14.86 -94.76
C GLY SA 52 -9.09 15.97 -95.26
N GLN SA 53 -9.65 17.14 -95.57
CA GLN SA 53 -8.88 18.27 -96.07
C GLN SA 53 -8.63 19.34 -95.01
N LYS SA 54 -9.49 19.43 -94.00
CA LYS SA 54 -9.37 20.46 -92.96
C LYS SA 54 -9.43 21.85 -93.59
N ALA SA 55 -10.12 21.95 -94.73
CA ALA SA 55 -10.24 23.21 -95.45
C ALA SA 55 -11.19 24.16 -94.75
N LEU SA 56 -11.03 25.44 -95.05
CA LEU SA 56 -11.91 26.46 -94.49
C LEU SA 56 -13.35 26.23 -94.94
N VAL SA 57 -14.29 26.29 -93.99
CA VAL SA 57 -15.68 25.99 -94.28
C VAL SA 57 -16.56 27.21 -94.02
N ARG SA 58 -16.19 28.02 -93.02
CA ARG SA 58 -17.01 29.14 -92.60
C ARG SA 58 -16.10 30.23 -92.04
N SER SA 59 -16.61 31.46 -92.07
CA SER SA 59 -15.87 32.61 -91.57
C SER SA 59 -16.83 33.76 -91.38
N PHE SA 60 -16.76 34.42 -90.23
CA PHE SA 60 -17.64 35.53 -89.91
C PHE SA 60 -16.80 36.74 -89.51
N PRO SA 61 -17.09 37.93 -90.03
CA PRO SA 61 -16.26 39.09 -89.70
C PRO SA 61 -16.49 39.56 -88.28
N ILE SA 62 -15.39 39.86 -87.59
CA ILE SA 62 -15.43 40.35 -86.22
C ILE SA 62 -14.94 41.80 -86.13
N GLY SA 63 -13.90 42.13 -86.88
CA GLY SA 63 -13.41 43.50 -86.89
C GLY SA 63 -14.02 44.31 -88.01
N LYS SA 64 -13.99 45.62 -87.84
CA LYS SA 64 -14.46 46.54 -88.87
C LYS SA 64 -13.93 47.93 -88.58
N THR SA 65 -13.13 48.47 -89.49
CA THR SA 65 -12.58 49.80 -89.33
C THR SA 65 -12.31 50.40 -90.70
N ALA SA 66 -12.39 51.72 -90.77
CA ALA SA 66 -12.15 52.46 -92.01
C ALA SA 66 -11.18 53.59 -91.74
N THR SA 67 -10.20 53.74 -92.63
CA THR SA 67 -9.21 54.81 -92.55
C THR SA 67 -9.28 55.65 -93.81
N VAL SA 68 -9.13 56.97 -93.65
CA VAL SA 68 -9.20 57.92 -94.75
C VAL SA 68 -7.92 58.73 -94.77
N ASN SA 69 -7.33 58.87 -95.95
CA ASN SA 69 -6.11 59.64 -96.14
C ASN SA 69 -6.40 60.78 -97.09
N ILE SA 70 -5.94 61.98 -96.73
CA ILE SA 70 -6.18 63.19 -97.52
C ILE SA 70 -4.84 63.90 -97.70
N THR SA 71 -4.60 64.37 -98.93
CA THR SA 71 -3.42 65.15 -99.26
C THR SA 71 -3.87 66.55 -99.68
N LEU SA 72 -3.55 67.54 -98.86
CA LEU SA 72 -3.92 68.94 -99.12
C LEU SA 72 -2.66 69.77 -99.29
N HIS SA 73 -2.75 70.77 -100.17
CA HIS SA 73 -1.62 71.63 -100.49
C HIS SA 73 -1.80 73.06 -99.99
N SER SA 74 -2.72 73.28 -99.06
CA SER SA 74 -3.05 74.62 -98.58
C SER SA 74 -2.41 74.84 -97.21
N ILE SA 75 -1.73 75.98 -97.06
CA ILE SA 75 -1.06 76.33 -95.81
C ILE SA 75 -1.87 77.43 -95.13
N GLY SA 76 -3.17 77.47 -95.39
CA GLY SA 76 -4.03 78.42 -94.75
C GLY SA 76 -4.07 78.20 -93.25
N PRO SA 77 -4.17 79.28 -92.47
CA PRO SA 77 -4.14 79.12 -91.00
C PRO SA 77 -5.23 78.20 -90.48
N ASP SA 78 -6.41 78.18 -91.10
CA ASP SA 78 -7.46 77.26 -90.66
C ASP SA 78 -7.02 75.81 -90.85
N ASN SA 79 -6.42 75.50 -92.00
CA ASN SA 79 -5.93 74.15 -92.23
C ASN SA 79 -4.78 73.81 -91.31
N LEU SA 80 -3.92 74.79 -91.01
CA LEU SA 80 -2.85 74.55 -90.03
C LEU SA 80 -3.43 74.20 -88.67
N ALA SA 81 -4.47 74.93 -88.24
CA ALA SA 81 -5.13 74.61 -86.98
C ALA SA 81 -5.74 73.23 -87.01
N LEU SA 82 -6.38 72.86 -88.13
CA LEU SA 82 -7.01 71.55 -88.23
C LEU SA 82 -5.98 70.42 -88.25
N THR SA 83 -4.78 70.69 -88.76
CA THR SA 83 -3.78 69.66 -88.98
C THR SA 83 -2.70 69.63 -87.92
N LEU SA 84 -2.36 70.77 -87.31
CA LEU SA 84 -1.31 70.84 -86.31
C LEU SA 84 -1.84 70.81 -84.89
N TYR SA 85 -3.12 70.51 -84.70
CA TYR SA 85 -3.74 70.54 -83.37
C TYR SA 85 -3.56 71.91 -82.73
N GLY SA 86 -3.69 72.96 -83.54
CA GLY SA 86 -3.52 74.32 -83.09
C GLY SA 86 -4.80 75.13 -83.18
N LYS SA 87 -4.73 76.34 -82.64
CA LYS SA 87 -5.84 77.30 -82.70
C LYS SA 87 -5.30 78.64 -83.18
N VAL SA 88 -6.02 79.27 -84.09
CA VAL SA 88 -5.53 80.47 -84.73
C VAL SA 88 -5.52 81.63 -83.76
N VAL SA 89 -4.49 82.48 -83.87
CA VAL SA 89 -4.34 83.69 -83.07
C VAL SA 89 -4.20 84.86 -84.02
N ALA SA 90 -5.02 85.90 -83.82
CA ALA SA 90 -5.02 87.08 -84.67
C ALA SA 90 -4.46 88.26 -83.87
N LYS SA 91 -3.42 88.90 -84.39
CA LYS SA 91 -2.80 90.06 -83.78
C LYS SA 91 -3.08 91.27 -84.66
N ALA SA 92 -3.68 92.30 -84.09
CA ALA SA 92 -4.00 93.51 -84.83
C ALA SA 92 -2.76 94.38 -85.00
N ALA SA 93 -2.73 95.14 -86.09
CA ALA SA 93 -1.62 96.04 -86.34
C ALA SA 93 -1.57 97.14 -85.28
N GLY SA 94 -0.37 97.59 -84.97
CA GLY SA 94 -0.17 98.57 -83.93
C GLY SA 94 1.17 99.26 -84.07
N SER SA 95 1.58 99.91 -82.98
CA SER SA 95 2.83 100.65 -82.95
C SER SA 95 3.55 100.39 -81.63
N VAL SA 96 4.85 100.62 -81.65
CA VAL SA 96 5.70 100.50 -80.47
C VAL SA 96 6.48 101.79 -80.32
N THR SA 97 6.80 102.13 -79.07
CA THR SA 97 7.46 103.40 -78.76
C THR SA 97 8.70 103.27 -77.89
N GLY SA 98 8.78 102.25 -77.03
CA GLY SA 98 9.85 102.18 -76.06
C GLY SA 98 10.59 100.87 -75.98
N GLU SA 99 10.75 100.19 -77.12
CA GLU SA 99 11.56 98.97 -77.14
C GLU SA 99 13.03 99.31 -76.95
N VAL SA 100 13.71 98.50 -76.16
CA VAL SA 100 15.12 98.68 -75.85
C VAL SA 100 15.93 97.62 -76.59
N LEU SA 101 16.93 98.06 -77.34
CA LEU SA 101 17.76 97.16 -78.11
C LEU SA 101 18.89 96.60 -77.26
N PRO SA 102 19.51 95.49 -77.68
CA PRO SA 102 20.64 94.94 -76.92
C PRO SA 102 21.79 95.94 -76.82
N ALA SA 103 22.49 95.89 -75.69
CA ALA SA 103 23.60 96.80 -75.45
C ALA SA 103 24.88 96.26 -76.09
N ASP SA 104 25.97 97.00 -75.92
CA ASP SA 104 27.26 96.61 -76.49
C ASP SA 104 27.17 96.36 -77.99
N LEU SA 105 26.43 97.24 -78.68
CA LEU SA 105 26.22 97.08 -80.11
C LEU SA 105 27.37 97.70 -80.89
N VAL SA 106 27.79 97.00 -81.95
CA VAL SA 106 28.85 97.47 -82.83
C VAL SA 106 28.44 97.16 -84.28
N ALA SA 107 29.22 97.69 -85.22
CA ALA SA 107 28.95 97.45 -86.63
C ALA SA 107 29.09 95.97 -86.95
N GLY SA 108 28.19 95.46 -87.77
CA GLY SA 108 28.16 94.06 -88.16
C GLY SA 108 27.14 93.23 -87.40
N ASP SA 109 26.66 93.70 -86.26
CA ASP SA 109 25.65 92.98 -85.50
C ASP SA 109 24.29 93.11 -86.17
N VAL SA 110 23.43 92.14 -85.89
CA VAL SA 110 22.06 92.12 -86.40
C VAL SA 110 21.11 92.14 -85.21
N ILE SA 111 20.11 93.02 -85.29
CA ILE SA 111 19.12 93.16 -84.23
C ILE SA 111 17.79 92.62 -84.73
N ARG SA 112 17.04 92.00 -83.83
CA ARG SA 112 15.76 91.37 -84.15
C ARG SA 112 14.68 92.00 -83.28
N LEU SA 113 13.58 92.39 -83.92
CA LEU SA 113 12.45 93.01 -83.24
C LEU SA 113 11.37 91.97 -82.95
N ALA SA 114 10.62 92.20 -81.87
CA ALA SA 114 9.62 91.25 -81.44
C ALA SA 114 8.46 91.12 -82.43
N ASN SA 115 8.32 92.07 -83.35
CA ASN SA 115 7.20 92.07 -84.30
C ASN SA 115 7.75 92.11 -85.73
N PHE SA 116 6.91 91.70 -86.66
CA PHE SA 116 7.24 91.62 -88.07
C PHE SA 116 6.56 92.74 -88.83
N GLY SA 117 6.92 92.86 -90.11
CA GLY SA 117 6.35 93.92 -90.94
C GLY SA 117 6.67 95.31 -90.45
N VAL SA 118 7.91 95.53 -90.00
CA VAL SA 118 8.29 96.82 -89.44
C VAL SA 118 8.39 97.85 -90.55
N SER SA 119 7.93 99.06 -90.25
CA SER SA 119 8.04 100.17 -91.18
C SER SA 119 8.09 101.47 -90.38
N GLU SA 120 8.62 102.51 -91.02
CA GLU SA 120 8.82 103.80 -90.36
C GLU SA 120 9.68 103.64 -89.12
N LEU SA 121 10.74 102.83 -89.23
CA LEU SA 121 11.59 102.56 -88.09
C LEU SA 121 12.36 103.81 -87.69
N VAL SA 122 12.32 104.12 -86.40
CA VAL SA 122 13.06 105.25 -85.83
C VAL SA 122 13.79 104.77 -84.58
N ILE SA 123 15.06 105.14 -84.46
CA ILE SA 123 15.88 104.79 -83.31
C ILE SA 123 16.32 106.10 -82.68
N THR SA 124 15.79 106.39 -81.49
CA THR SA 124 16.14 107.61 -80.77
C THR SA 124 17.29 107.31 -79.81
N ASP SA 125 18.31 108.16 -79.84
CA ASP SA 125 19.46 107.98 -78.96
C ASP SA 125 19.12 108.36 -77.53
N SER SA 126 19.71 107.63 -76.59
CA SER SA 126 19.47 107.85 -75.17
C SER SA 126 20.36 108.99 -74.69
N ALA SA 127 19.76 110.10 -74.31
CA ALA SA 127 20.48 111.26 -73.81
C ALA SA 127 19.46 112.28 -73.32
N SER SA 128 19.97 113.28 -72.58
CA SER SA 128 19.09 114.35 -72.13
C SER SA 128 18.43 115.07 -73.29
N SER SA 129 19.12 115.14 -74.43
CA SER SA 129 18.56 115.71 -75.66
C SER SA 129 18.39 114.59 -76.67
N PRO SA 130 17.17 114.12 -76.92
CA PRO SA 130 16.99 113.05 -77.92
C PRO SA 130 17.53 113.46 -79.27
N ALA SA 131 18.16 112.50 -79.95
CA ALA SA 131 18.79 112.73 -81.26
C ALA SA 131 18.61 111.49 -82.11
N PRO SA 132 17.53 111.41 -82.89
CA PRO SA 132 17.33 110.23 -83.73
C PRO SA 132 18.53 109.98 -84.62
N LEU SA 133 18.95 108.72 -84.70
CA LEU SA 133 20.09 108.37 -85.51
C LEU SA 133 19.79 108.53 -86.99
N ASP SA 134 20.85 108.78 -87.76
CA ASP SA 134 20.68 108.95 -89.20
C ASP SA 134 20.25 107.64 -89.83
N PRO SA 135 19.29 107.65 -90.76
CA PRO SA 135 18.88 106.38 -91.39
C PRO SA 135 20.00 105.67 -92.13
N GLN SA 136 20.97 106.40 -92.70
CA GLN SA 136 22.01 105.73 -93.49
C GLN SA 136 22.93 104.86 -92.65
N TYR SA 137 22.87 104.96 -91.31
CA TYR SA 137 23.73 104.15 -90.46
C TYR SA 137 23.12 102.78 -90.13
N TYR SA 138 21.94 102.47 -90.66
CA TYR SA 138 21.36 101.14 -90.48
C TYR SA 138 20.60 100.76 -91.73
N ALA SA 139 20.39 99.45 -91.89
CA ALA SA 139 19.67 98.91 -93.04
C ALA SA 139 18.67 97.87 -92.56
N LEU SA 140 17.62 97.68 -93.36
CA LEU SA 140 16.55 96.73 -93.06
C LEU SA 140 16.67 95.54 -94.02
N ARG SA 141 17.13 94.41 -93.50
CA ARG SA 141 17.20 93.20 -94.31
C ARG SA 141 15.81 92.65 -94.54
N ALA SA 142 15.58 92.12 -95.74
CA ALA SA 142 14.29 91.58 -96.13
C ALA SA 142 13.18 92.62 -95.94
N ASP SA 143 13.46 93.84 -96.39
CA ASP SA 143 12.52 94.96 -96.36
C ASP SA 143 11.70 95.00 -95.07
N GLY SA 144 12.34 94.73 -93.94
CA GLY SA 144 11.64 94.77 -92.67
C GLY SA 144 10.61 93.68 -92.48
N ALA SA 145 10.74 92.57 -93.20
CA ALA SA 145 9.78 91.48 -93.06
C ALA SA 145 9.95 90.70 -91.76
N TYR SA 146 11.08 90.87 -91.07
CA TYR SA 146 11.33 90.18 -89.82
C TYR SA 146 11.92 91.08 -88.74
N GLY SA 147 11.93 92.39 -88.95
CA GLY SA 147 12.49 93.30 -87.97
C GLY SA 147 13.99 93.17 -87.86
N GLU SA 148 14.62 92.53 -88.85
CA GLU SA 148 16.06 92.38 -88.86
C GLU SA 148 16.71 93.68 -89.29
N VAL SA 149 17.49 94.28 -88.40
CA VAL SA 149 18.15 95.56 -88.65
C VAL SA 149 19.66 95.36 -88.57
N GLN SA 150 20.36 95.80 -89.59
CA GLN SA 150 21.81 95.67 -89.69
C GLN SA 150 22.46 97.03 -89.56
N LEU SA 151 23.51 97.10 -88.75
CA LEU SA 151 24.22 98.36 -88.50
C LEU SA 151 25.29 98.57 -89.57
N LEU SA 152 25.16 99.66 -90.32
CA LEU SA 152 26.15 100.01 -91.34
C LEU SA 152 27.36 100.71 -90.76
N GLY SA 153 27.18 101.52 -89.72
CA GLY SA 153 28.29 102.22 -89.11
C GLY SA 153 27.78 103.09 -87.97
N LEU SA 154 28.73 103.62 -87.22
CA LEU SA 154 28.44 104.49 -86.09
C LEU SA 154 29.27 105.76 -86.19
N PRO SA 155 28.73 106.90 -85.74
CA PRO SA 155 29.52 108.13 -85.79
C PRO SA 155 30.78 108.02 -84.95
N THR SA 156 31.82 108.73 -85.38
CA THR SA 156 33.08 108.73 -84.63
C THR SA 156 32.89 109.10 -83.17
N PRO SA 157 32.12 110.13 -82.81
CA PRO SA 157 31.76 110.33 -81.40
C PRO SA 157 30.66 109.36 -80.98
N ALA SA 158 31.10 108.14 -80.61
CA ALA SA 158 30.22 107.04 -80.28
C ALA SA 158 29.08 107.50 -79.38
N PRO SA 159 27.82 107.46 -79.85
CA PRO SA 159 26.71 107.94 -79.01
C PRO SA 159 26.39 106.97 -77.88
N THR SA 160 25.40 107.31 -77.05
CA THR SA 160 25.02 106.44 -75.96
C THR SA 160 24.60 105.08 -76.49
N GLN SA 161 25.17 104.03 -75.92
CA GLN SA 161 24.98 102.69 -76.48
C GLN SA 161 23.52 102.23 -76.46
N PRO SA 162 22.81 102.26 -75.33
CA PRO SA 162 21.41 101.81 -75.35
C PRO SA 162 20.56 102.65 -76.28
N PHE SA 163 19.62 101.99 -76.97
CA PHE SA 163 18.79 102.62 -77.97
C PHE SA 163 17.32 102.38 -77.64
N LYS SA 164 16.47 103.30 -78.12
CA LYS SA 164 15.03 103.21 -77.96
C LYS SA 164 14.40 103.22 -79.36
N ALA SA 165 13.83 102.09 -79.75
CA ALA SA 165 13.32 101.90 -81.11
C ALA SA 165 11.80 101.95 -81.11
N ALA SA 166 11.25 102.70 -82.07
CA ALA SA 166 9.82 102.80 -82.26
C ALA SA 166 9.50 102.53 -83.73
N TYR SA 167 8.36 101.91 -83.99
CA TYR SA 167 7.97 101.52 -85.33
C TYR SA 167 6.52 101.04 -85.30
N GLU SA 168 6.05 100.58 -86.44
CA GLU SA 168 4.71 100.01 -86.59
C GLU SA 168 4.82 98.59 -87.10
N TYR SA 169 3.94 97.72 -86.62
CA TYR SA 169 3.90 96.32 -87.03
C TYR SA 169 2.54 96.01 -87.63
N ALA SA 170 2.52 95.14 -88.63
CA ALA SA 170 1.29 94.78 -89.31
C ALA SA 170 0.62 93.60 -88.61
N ALA SA 171 -0.66 93.40 -88.91
CA ALA SA 171 -1.41 92.30 -88.33
C ALA SA 171 -0.96 90.97 -88.94
N THR SA 172 -1.13 89.91 -88.16
CA THR SA 172 -0.65 88.60 -88.57
C THR SA 172 -1.51 87.52 -87.91
N LYS SA 173 -1.40 86.31 -88.44
CA LYS SA 173 -2.11 85.14 -87.93
C LYS SA 173 -1.10 84.09 -87.53
N GLN SA 174 -1.28 83.51 -86.34
CA GLN SA 174 -0.34 82.56 -85.77
C GLN SA 174 -1.05 81.27 -85.40
N VAL SA 175 -0.32 80.16 -85.50
CA VAL SA 175 -0.84 78.84 -85.17
C VAL SA 175 0.18 78.15 -84.25
N GLY SA 176 -0.29 77.68 -83.10
CA GLY SA 176 0.58 76.96 -82.18
C GLY SA 176 0.71 75.49 -82.53
N MET SA 177 1.55 74.81 -81.76
CA MET SA 177 1.81 73.38 -81.93
C MET SA 177 1.16 72.61 -80.78
N PHE SA 178 0.32 71.64 -81.14
CA PHE SA 178 -0.32 70.77 -80.15
C PHE SA 178 -1.04 71.57 -79.08
N THR SA 179 -1.64 72.70 -79.48
CA THR SA 179 -2.34 73.58 -78.56
C THR SA 179 -3.84 73.36 -78.54
N ALA SA 180 -4.35 72.38 -79.28
CA ALA SA 180 -5.78 72.10 -79.33
C ALA SA 180 -6.02 70.60 -79.22
N PRO SA 181 -7.18 70.19 -78.74
CA PRO SA 181 -7.46 68.76 -78.61
C PRO SA 181 -7.71 68.11 -79.97
N GLN SA 182 -7.74 66.78 -79.95
CA GLN SA 182 -7.94 66.00 -81.17
C GLN SA 182 -9.22 66.43 -81.87
N PRO SA 183 -9.12 67.08 -83.03
CA PRO SA 183 -10.35 67.48 -83.74
C PRO SA 183 -11.13 66.28 -84.23
N THR SA 184 -12.46 66.43 -84.23
CA THR SA 184 -13.38 65.46 -84.80
C THR SA 184 -14.23 66.20 -85.83
N VAL SA 185 -14.04 65.84 -87.11
CA VAL SA 185 -14.62 66.59 -88.22
C VAL SA 185 -15.39 65.64 -89.12
N ALA SA 186 -16.60 66.04 -89.49
CA ALA SA 186 -17.36 65.34 -90.51
C ALA SA 186 -16.95 65.85 -91.89
N LEU SA 187 -16.82 64.93 -92.84
CA LEU SA 187 -16.32 65.25 -94.17
C LEU SA 187 -17.41 65.05 -95.21
N ARG SA 188 -17.48 65.99 -96.16
CA ARG SA 188 -18.38 65.90 -97.30
C ARG SA 188 -17.56 66.13 -98.55
N TYR SA 189 -17.51 65.13 -99.44
CA TYR SA 189 -16.76 65.22 -100.67
C TYR SA 189 -17.71 65.47 -101.84
N LYS SA 190 -17.22 66.23 -102.82
CA LYS SA 190 -18.05 66.74 -103.92
C LYS SA 190 -17.45 66.33 -105.25
N GLY SA 191 -17.10 65.05 -105.37
CA GLY SA 191 -16.51 64.55 -106.59
C GLY SA 191 -17.44 64.58 -107.79
N ILE SA 192 -16.96 65.16 -108.90
CA ILE SA 192 -17.66 65.09 -110.17
C ILE SA 192 -16.99 64.01 -111.01
N ASN SA 193 -17.79 63.06 -111.51
CA ASN SA 193 -17.26 61.92 -112.24
C ASN SA 193 -17.17 62.28 -113.73
N LEU SA 194 -15.96 62.41 -114.23
CA LEU SA 194 -15.78 62.80 -115.64
C LEU SA 194 -16.10 61.65 -116.58
N ALA SA 195 -15.95 60.40 -116.12
CA ALA SA 195 -16.16 59.26 -117.01
C ALA SA 195 -17.60 59.14 -117.48
N GLU SA 196 -18.54 59.81 -116.82
CA GLU SA 196 -19.94 59.79 -117.20
C GLU SA 196 -20.44 61.19 -117.54
N GLY SA 197 -19.58 61.99 -118.18
CA GLY SA 197 -19.96 63.33 -118.57
C GLY SA 197 -20.04 64.32 -117.43
N GLY SA 198 -19.37 64.03 -116.31
CA GLY SA 198 -19.40 64.93 -115.16
C GLY SA 198 -20.59 64.66 -114.27
N ALA SA 199 -20.86 63.38 -113.99
CA ALA SA 199 -22.00 63.00 -113.17
C ALA SA 199 -21.71 63.32 -111.70
N PRO SA 200 -22.58 64.07 -111.02
CA PRO SA 200 -22.36 64.34 -109.60
C PRO SA 200 -22.30 63.07 -108.78
N VAL SA 201 -21.42 63.07 -107.78
CA VAL SA 201 -21.29 61.97 -106.83
C VAL SA 201 -20.99 62.56 -105.45
N ILE SA 202 -21.66 62.05 -104.42
CA ILE SA 202 -21.56 62.59 -103.08
C ILE SA 202 -20.99 61.51 -102.16
N VAL SA 203 -20.07 61.91 -101.28
CA VAL SA 203 -19.58 61.05 -100.22
C VAL SA 203 -19.58 61.86 -98.94
N GLU SA 204 -20.22 61.33 -97.89
CA GLU SA 204 -20.25 61.97 -96.58
C GLU SA 204 -19.70 61.01 -95.53
N LEU SA 205 -18.86 61.54 -94.65
CA LEU SA 205 -18.30 60.79 -93.54
C LEU SA 205 -18.76 61.47 -92.26
N TYR SA 206 -19.58 60.76 -91.47
CA TYR SA 206 -20.22 61.39 -90.32
C TYR SA 206 -19.19 61.81 -89.27
N LYS SA 207 -18.32 60.89 -88.88
CA LYS SA 207 -17.34 61.16 -87.82
C LYS SA 207 -15.98 60.66 -88.26
N VAL SA 208 -14.99 61.53 -88.23
CA VAL SA 208 -13.62 61.19 -88.60
C VAL SA 208 -12.68 61.82 -87.58
N ALA SA 209 -11.73 61.04 -87.10
CA ALA SA 209 -10.69 61.52 -86.20
C ALA SA 209 -9.37 61.57 -86.97
N THR SA 210 -8.78 62.75 -87.06
CA THR SA 210 -7.59 62.95 -87.86
C THR SA 210 -6.33 62.65 -87.06
N ASP SA 211 -5.23 62.49 -87.79
CA ASP SA 211 -3.91 62.28 -87.21
C ASP SA 211 -2.99 63.42 -87.63
N PRO SA 212 -2.18 63.98 -86.72
CA PRO SA 212 -1.32 65.11 -87.10
C PRO SA 212 -0.48 64.83 -88.33
N LEU SA 213 0.04 65.90 -88.94
CA LEU SA 213 0.80 65.78 -90.17
C LEU SA 213 2.05 64.92 -89.96
N GLN SA 214 2.40 64.13 -90.98
CA GLN SA 214 3.56 63.27 -90.90
C GLN SA 214 4.86 63.99 -91.27
N GLU SA 215 4.82 64.83 -92.29
CA GLU SA 215 6.02 65.54 -92.73
C GLU SA 215 5.64 66.88 -93.33
N LEU SA 216 6.57 67.84 -93.23
CA LEU SA 216 6.36 69.17 -93.79
C LEU SA 216 7.72 69.69 -94.24
N ALA SA 217 7.95 69.68 -95.55
CA ALA SA 217 9.21 70.15 -96.13
C ALA SA 217 9.13 71.65 -96.31
N LEU SA 218 9.68 72.40 -95.35
CA LEU SA 218 9.66 73.86 -95.43
C LEU SA 218 10.43 74.34 -96.65
N ILE SA 219 11.61 73.75 -96.91
CA ILE SA 219 12.41 74.06 -98.08
C ILE SA 219 12.29 72.89 -99.04
N SER SA 220 11.71 73.13 -100.20
CA SER SA 220 11.42 72.09 -101.18
C SER SA 220 12.39 72.16 -102.34
N ASP SA 221 12.67 71.00 -102.92
CA ASP SA 221 13.55 70.87 -104.07
C ASP SA 221 12.78 70.20 -105.21
N GLY SA 222 12.81 70.81 -106.38
CA GLY SA 222 12.09 70.31 -107.54
C GLY SA 222 11.02 71.28 -108.00
N ASN SA 223 10.05 70.74 -108.75
CA ASN SA 223 8.94 71.51 -109.28
C ASN SA 223 7.61 71.03 -108.70
N THR SA 224 7.64 70.48 -107.48
CA THR SA 224 6.46 69.94 -106.83
C THR SA 224 6.01 70.89 -105.72
N VAL SA 225 4.71 71.19 -105.72
CA VAL SA 225 4.14 72.00 -104.64
C VAL SA 225 4.16 71.19 -103.35
N ALA SA 226 4.45 71.86 -102.24
CA ALA SA 226 4.53 71.18 -100.95
C ALA SA 226 3.21 70.47 -100.66
N GLY SA 227 3.30 69.23 -100.22
CA GLY SA 227 2.13 68.40 -99.94
C GLY SA 227 2.00 68.11 -98.46
N MET SA 228 0.76 68.05 -98.00
CA MET SA 228 0.44 67.76 -96.61
C MET SA 228 -0.49 66.55 -96.56
N GLN SA 229 -0.01 65.46 -95.97
CA GLN SA 229 -0.76 64.22 -95.89
C GLN SA 229 -1.31 64.05 -94.49
N ILE SA 230 -2.61 63.75 -94.40
CA ILE SA 230 -3.28 63.58 -93.11
C ILE SA 230 -4.01 62.24 -93.14
N SER SA 231 -3.86 61.47 -92.07
CA SER SA 231 -4.53 60.20 -91.91
C SER SA 231 -5.58 60.30 -90.80
N GLY SA 232 -6.70 59.63 -90.99
CA GLY SA 232 -7.77 59.66 -90.01
C GLY SA 232 -8.60 58.41 -90.07
N GLY SA 233 -9.15 58.03 -88.92
CA GLY SA 233 -10.00 56.86 -88.81
C GLY SA 233 -11.46 57.27 -88.66
N ILE SA 234 -12.33 56.59 -89.39
CA ILE SA 234 -13.75 56.89 -89.36
C ILE SA 234 -14.35 56.18 -88.14
N LEU SA 235 -14.78 56.96 -87.16
CA LEU SA 235 -15.37 56.40 -85.96
C LEU SA 235 -16.84 56.03 -86.21
N LEU SA 236 -17.39 55.28 -85.26
CA LEU SA 236 -18.78 54.83 -85.35
C LEU SA 236 -19.67 55.84 -84.63
N ASP SA 237 -20.56 56.49 -85.38
CA ASP SA 237 -21.47 57.47 -84.80
C ASP SA 237 -22.65 56.76 -84.15
N THR SA 238 -22.90 57.09 -82.88
CA THR SA 238 -23.95 56.44 -82.10
C THR SA 238 -25.27 57.17 -82.16
N SER SA 239 -25.35 58.29 -82.88
CA SER SA 239 -26.59 59.08 -82.93
C SER SA 239 -27.53 58.62 -84.04
N LYS SA 240 -26.99 58.13 -85.15
CA LYS SA 240 -27.83 57.75 -86.27
C LYS SA 240 -28.62 56.48 -85.94
N PRO SA 241 -29.79 56.30 -86.55
CA PRO SA 241 -30.56 55.07 -86.30
C PRO SA 241 -29.75 53.83 -86.67
N ASP SA 242 -29.90 52.79 -85.85
CA ASP SA 242 -29.17 51.54 -86.09
C ASP SA 242 -29.77 50.79 -87.28
N THR SA 243 -31.09 50.69 -87.33
CA THR SA 243 -31.75 50.00 -88.44
C THR SA 243 -31.80 50.85 -89.71
N GLY SA 244 -31.53 52.13 -89.61
CA GLY SA 244 -31.50 52.96 -90.82
C GLY SA 244 -30.47 52.44 -91.81
N ASP SA 245 -30.88 52.36 -93.07
CA ASP SA 245 -30.02 51.84 -94.12
C ASP SA 245 -28.85 52.77 -94.44
N LEU SA 246 -28.88 54.01 -93.93
CA LEU SA 246 -27.79 54.95 -94.19
C LEU SA 246 -26.50 54.60 -93.47
N GLY SA 247 -26.54 53.68 -92.51
CA GLY SA 247 -25.32 53.29 -91.82
C GLY SA 247 -24.89 54.30 -90.77
N ARG SA 248 -23.70 54.06 -90.22
CA ARG SA 248 -23.15 54.89 -89.16
C ARG SA 248 -21.74 55.38 -89.43
N PHE SA 249 -21.06 54.87 -90.46
CA PHE SA 249 -19.74 55.35 -90.84
C PHE SA 249 -19.84 56.43 -91.91
N GLY SA 250 -20.47 56.12 -93.03
CA GLY SA 250 -20.65 57.07 -94.10
C GLY SA 250 -21.70 56.56 -95.06
N ARG SA 251 -21.71 57.12 -96.27
CA ARG SA 251 -22.59 56.67 -97.34
C ARG SA 251 -22.18 57.38 -98.61
N ILE SA 252 -22.68 56.87 -99.74
CA ILE SA 252 -22.39 57.42 -101.06
C ILE SA 252 -23.70 57.61 -101.79
N ILE SA 253 -23.85 58.75 -102.46
CA ILE SA 253 -25.05 59.10 -103.20
C ILE SA 253 -24.69 59.26 -104.66
N GLN SA 254 -25.41 58.57 -105.54
CA GLN SA 254 -25.20 58.67 -106.98
C GLN SA 254 -26.57 58.89 -107.64
N LEU SA 255 -26.79 60.11 -108.14
CA LEU SA 255 -28.05 60.42 -108.80
C LEU SA 255 -28.23 59.55 -110.03
N GLY SA 256 -29.45 59.05 -110.21
CA GLY SA 256 -29.75 58.19 -111.34
C GLY SA 256 -31.00 57.35 -111.11
#